data_7NQL
#
_entry.id   7NQL
#
_cell.length_a   1.00
_cell.length_b   1.00
_cell.length_c   1.00
_cell.angle_alpha   90.00
_cell.angle_beta   90.00
_cell.angle_gamma   90.00
#
_symmetry.space_group_name_H-M   'P 1'
#
loop_
_entity.id
_entity.type
_entity.pdbx_description
1 polymer 'Mitochondrial ribosomal protein L34'
2 polymer 'Mitochondrial ribosomal protein L35'
3 polymer 'Ribosomal protein'
4 polymer '16S rRNA'
5 polymer 'CP tRNAPhe'
6 polymer uL2m
7 polymer ICT1
8 polymer 'Mitochondrial ribosomal protein L4'
9 polymer 'Mitochondrial ribosomal protein L9'
10 polymer 'Mitochondrial ribosomal protein L10'
11 polymer 'Mitochondrial ribosomal protein L11'
12 polymer 'Peptidyl-tRNA hydrolase ICT1, mitochondrial'
13 polymer uL13m
14 polymer uL14m
15 polymer uL15m
16 polymer uL16m
17 polymer bL17m
18 polymer 'Mitochondrial ribosomal protein L18'
19 polymer 'Mitochondrial ribosomal protein L19'
20 polymer 'Mitochondrial ribosomal protein L20'
21 polymer 'Mitochondrial ribosomal protein L21'
22 polymer uL22m
23 polymer uL23m
24 polymer uL24m
25 polymer 'Mitochondrial ribosomal protein L37'
26 polymer 'Mitochondrial ribosomal protein L38'
27 polymer 'Mitochondrial ribosomal protein L39'
28 polymer 'Mitochondrial ribosomal protein L40'
29 polymer 'Mitochondrial ribosomal protein L41'
30 polymer mL42
31 polymer 'Mitochondrial ribosomal protein L43'
32 polymer mL44
33 polymer 'Mitochondrial ribosomal protein L45'
34 polymer 'Mitochondrial ribosomal protein L46'
35 polymer '39S ribosomal protein L48, mitochondrial'
36 polymer Mrpl34
37 polymer 'Mitochondrial ribosomal protein L50'
38 polymer 'Mitochondrial ribosomal protein L51'
39 polymer mL52
40 polymer mL53
41 polymer mL54
42 polymer 'Mitochondrial ribosomal protein L57'
43 polymer 'mL62 (ICT1)'
44 polymer mL64
45 polymer '39S ribosomal protein S30, mitochondrial'
46 polymer 'Mitochondrial ribosomal protein S18A'
47 polymer '12S rRNA'
48 polymer 'Mitochondrial ribosomal protein L12'
49 polymer 'Mitochondrial ribosomal protein S2'
50 polymer 'Mitochondrial ribosomal protein S24'
51 polymer 'Mitochondrial ribosomal protein S5'
52 polymer bS6m
53 polymer 'Mitochondrial ribosomal protein S7'
54 polymer uS9m
55 polymer 'Mitochondrial ribosomal protein S10'
56 polymer uS11m
57 polymer 'Mitochondrial ribosomal protein S12'
58 polymer 'Mitochondrial ribosomal protein S14'
59 polymer uS15m
60 polymer '28S ribosomal protein S16, mitochondrial'
61 polymer uS17m
62 polymer 'Mitochondrial ribosomal protein S18C'
63 polymer bS21m
64 polymer 'fMet-tRNAMet (P site)'
65 polymer mRNA
66 polymer unknown
67 polymer 'Mitochondrial ribosomal protein S22'
68 polymer mS23
69 polymer 'Mitochondrial ribosomal protein S25'
70 polymer 'Mitochondrial ribosomal protein S26'
71 polymer 'Mitochondrial ribosomal protein S27'
72 polymer 'Mitoribosomal protein ms28, mrps28'
73 polymer 'Death associated protein 3'
74 polymer 'Mitochondrial ribosomal protein S31'
75 polymer mS33
76 polymer mS34
77 polymer 'Mitochondrial ribosomal protein S35'
78 polymer mS37
79 polymer 'Aurora kinase A interacting protein 1'
80 polymer 'Pentatricopeptide repeat domain 3'
81 polymer '28S ribosomal protein S18b, mitochondrial'
82 polymer 'Mitochondrial ribosomal protein L27'
83 polymer 'Mitochondrial ribosomal protein L28'
84 polymer 'Mitochondrial ribosomal protein L47'
85 polymer uL30m
86 polymer bL31m
87 polymer bL32m
88 polymer bL33m
89 non-polymer 'ZINC ION'
90 non-polymer 'MAGNESIUM ION'
91 non-polymer "GUANOSINE-5'-MONOPHOSPHATE"
92 non-polymer SPERMINE
93 non-polymer "GUANOSINE-5'-TRIPHOSPHATE"
94 water water
#
loop_
_entity_poly.entity_id
_entity_poly.type
_entity_poly.pdbx_seq_one_letter_code
_entity_poly.pdbx_strand_id
1 'polypeptide(L)'
;MAFLARSVGRLLDPVSRSAALVGGRWLQPQAWLGFPDTWGLPAMQQTRGKARGNEYQPSNIKRKHKHGWVRRLRTPTGVQ
VILRRMHKGRKSLSH
;
B7
2 'polypeptide(L)'
;MAASAFAGAVRAATGILRPLHILASSAYQNCAKNACLSSVLSSRHFSHIQTSALLSAPRLITSVRNLMCGPTAPVLNRVA
PLLPHVLKPPVRTVTYFSSRKGKRKTVKAVIYRFLRLHSGLWLRRKAGYKKKLWKKTAARKRRLREFVFCNKTQSKLLDK
MTTSFWKRRNWYADDPYQKYQDRTNLKV
;
B8
3 'polypeptide(L)'
;MATAFLRTVLSAVGPLLHLGGRPLSTFAAGPPRAALAVGAQPSPAAALLSARPLLGPQPALGFKTKGVLKKRCRDCYLVK
RRGRWFIYCKTNPKHKQRQM
;
B9
4 'polyribonucleotide'
;ACCAAAGCUAGCUCAACAUACUAAACAAAUACAAAAAUACACCAAAAUAAAAUAAAACAUUCACCUAACAUUAAAGUAUA
GGAGAUAGAAAUUUUUAUCCUGACGCUAUAGAGAUAGUACCGUAAGGGAAAGAUGAAAGAAUAAAAUAAAAGUAAAAAAA
AGCAAAGAUUACCCCUUCUACCUUUUGCAUAAUGGUUUAACCAGAAAAAAUCUAACAAAGAGAACUUUAGCUAGAUACCC
CGAAACCAGACGAGCUACCCAUGAGCAGUUUAAAAGAACCAACUCAUCUAUGUGGCAAAAUAGUGAGAAGACUUGUAGGU
AGAGGUGAAAAGCCUAACGAGCCUGGUGAUAGCUGGUUGUCCGAGAAAGAAUUUUAGUUCAACCUUAAAAAUACCCCAAA
AACCCUAAAUUCCAAUGUAUUUUUAAGAGAUAGUCUAAAAAGGUACAGCUUUUUAGAAACGGAUACAACCUUGACUAGAG
AGUAAAAUCUUAAUACUACCAUAGUAGGCCUAAAAGCAGCCAUCAAUUGAGAAAGCGUUAAAGCUCAACAAAUUCACCAA
CAUAAUCCCAAAAACUAAUAACAAACUCCUAGCCCAAUACCGGACUAAUCUAUUGAAACAUAGAAGCAAUAAUGUUAAUA
UGAGUAACAAGAAGCCUUUCUCCUCGCACACGCUUACAUCAGUAACUAAUAAUAUACUGAUAAUUAACAACCAAUAAACC
AAAACAACACUAAAACGUUUAUUAAUUACAUUGUUAACCCAACACAGGAGUGCACCAAGGAAAGAUUAAAAGAAGUAAAA
GGAACUCGGCAAACACAAACCCCGCCUGUUUACCAAAAACAUCACCUCUAGCAUUACUAGUAUUAGAGGCAAUGCCUGCC
CAGUGACACCAGUUUAACGGCCGCGGUAUUCUGACCGUGCAAAGGUAGCAUAAUCACUUGUUCUCCAAAUAAGGACUUGU
AUGAAUGGCCACACGAGGGUUUUACUGUCUCUUACUUCCAAUCAGUGAAAUUAACCUUCCCGUGAAGAGGCGGGAAUAAA
AAAAUAAGACGAGAAGACCCUAUGGAGCUUUAAUUAACUAUUCCAAAAGUUAAACAACUCAACCACAAAGGGAUAAAACA
UAACUUAACAUGGACUAGCAAUUUCGGUUGGGGUGACCUCGGAGUACAAAAAACCCUCCGAGUGAUUUUAAUCUAGACAA
ACCAGUCAAAAUAACCAUAACAUCACUUAUUGAUCCAAAAUUUUGAUCAACGGAACAAGUUACCCUAGGGAUAACAGCGC
AAUCCUGUUCUAGAGUUCCUAUCGACAAUAGGGUUUACGACCUCGAUGUUGGAUCAGGACACCCAAAUGGUGCAACCGCU
AUUAAAGGUUCGUUUGUUCAACGAUUAAAGUCCUACGUGAUCUGAGUUCAGACCGGAGCAAUCCAGGUCGGUUUCUAUCU
AUUAUAAAUUUCUCCCAGUACGAAAGGACAAGAGAAAUGGGACCAACCUCACAAACGCGUCUCAGAGAUAAUUAAUGAUU
UAAUCUUAACCUAAUUAACUCAUAAUAAAUCCAGCCCUAGAACAGGGCACA
;
BA
5 'polyribonucleotide' GUUAAUGUAGCUUAAAUUAUCAAAGCAAGGCACUGAAAAUGCCUAGAUGAGCCUCACAGCUCCAUAAACACCA BB
6 'polypeptide(L)'
;MALRVLTRALSSLSLTPRIAVAPGLNLLPAVQVTNNVLLTLPSGLMSLPCRPILTSVALSATSVSWKSRTKYTVMPVKMR
KSGGRNHTGQIQVHGIGGGHKQRYRMIDFLRFRPEHESKPGPFEEKVIAVRYDPCRSADIALVAGGNRKRWIIATENMKA
GDTVLNSDHIGRMAVAAREGDAHPLGALPVGTLINNVESEPGRGAQYIRAAGTCGVLLRKVNGTAIIQLPSKRQMQVLET
CIATVGRVSNVDHNKRVIGKAGRNRWLGKRPNSGLWQRKGGWAGRKIRPLPPMKSYVKLPSAAAQS
;
BD
7 'polypeptide(L)'
;MAPAALLPSWGQRGAAAGGGGKAWEGRRRNALKAEWRGAQRCSGRALLGLTMPGWGLLGRAGARVLGCGADGLGASRGLG
NRTDICLLVRSLHGKSVTWWDEHLSEENVPFVKQLVSDENKAQLASKLCPLKDEPWPIHPWEPGSSRVGLIALKLGMMPL
WTKDGQKHVVTLLQVQDCHVLKYTPKENHNGRMAALTVGGKTVSHFHKSASILEFYQELGLPPKQKVKIFNVTENAVIKP
GTPLYAAHFRPGQYVDVTAKTIGKGFQGVMRRWGFKGQPATHGQTKTHRRPGAISTGDVARVWPGTKMPGQLGNIDRTAF
GLKVWRINTKHNIIYVNGSVPGHKNCLVKIKDSKLPAYKDFCKNLPFPTYFPDGDEEALPEDLYDENVCQPGAPSITFT
;
BE
8 'polypeptide(L)'
;MLQLVRAGARTWFRPSGCRGLNTLAEEAVQQAEKPESVASLGLQPPVLRKCELPVPAHRRPVQAWIESLRGYEQERVGLT
ELHPDVFSTAPRLDILHQVAIWQKNFKRISYAKTKTRAEVRGGGRKPWVQKGSGRARHGSIRSPIWRGGGVAHGPRGPTS
YYYMLPMKVRVQGLKVALTVKLAQDDLHIVDSLELPTADPQYLIELARYRRWGDSVLLVDLEHEDMPQNVVAATSGLKTF
NLVPAVGLNVHSMLKHQTLVLTLPTVAFLEEKLLWHNSRYTPLYPFRLPYCDFP
;
BF
9 'polypeptide(L)'
;MAAAACTAAGGGLLRAGLERLLRGGVRALLRPRLEGVTPRSERAFSLSLSRSTVIVERWWKVPLAGEGRKPRLHRRHRVY
KLVEDTKHRPKDNLELVLTQSVEELGVRGDLVSVKKSVGRNRLLPQGLAVYASPENKKLFEEEKLLRQEGKLEKLQTKAG
EATVKFLRRCHLEVGMKNNVKWELNPEIVARHFLRNLGVVVAPHALKLPEEPITQRGEYWCEVTVNGLDTVRVPMSVVNF
ERPKTKRYKYWLAQQAAKGDVPTSSQMI
;
BI
10 'polypeptide(L)'
;MAAVVAGMLRGGLLPQAGRLPTFQTVRYGSKAVTRHRRVMHFERQKLMAVTEYIPPKPTINPRCLPPPPTPPQEETGLVR
LLRREIAAVFRDNRMIAVCQHVALSAEDKLLLRHQLRKHKILMKIFPNQVLKPFLEESKYQNLLPLFVGHNLLLVSEEPK
VKEMVRILKGIPFLPLLGGCIDDTILSRQGFINYSKLPSLALVQGELVGGLTFLTAQTYSMLQHQPRQLTALLDQYVKQQ
QEGHPAVPASGQPEPPDPVPDP
;
BJ
11 'polypeptide(L)'
;MSKLSRATRALKKPEASGMIRAIVRAGQARPGPPLGPILGQRGVSINQFCKEFNEKTKDIKEGIPLPTKIFVKPDRTFEI
KIGQPTVSYFLKAAAGIEKGARHTGKEVAGLVTLKHVYEIARVKAQDDAFALQDVPLSSVVRSIIGSARSLGIRVVKDLS
SEELAAFQKERALFLAAQREADLAAQAEAAKK
;
BK
12 'polypeptide(L)'
;SGGSGSGLHKQKDGTEFKSIYSLDKLYPESQGSDTAWRVPNGAKQADSDIPLDRLTISYCRSSGPGGQNVNKVNSKAEVR
FHLATAEWIAEPVRQKIAITHKNKINRLGELILTSESSRYQFRNLADCLQKIRDMITEASQTPKEPTKEDVKLHRIRIEN
MNRERLRQKRIHSAVKTSRRVDMD
;
BL
13 'polypeptide(L)'
;MSSFSKAPQQWATFARVWYLLDGKMQPPGKLAAMASVKLQGLHKPVYHQLSDCGDHVVIMNTRHIAFSGNKWEQKVYSSH
TGYPGGFRQVTAAQLHQKDPVAIVKLAIYGMLPKNLHRRTMMQRLHLFPDEDIPEDILKNLVEELPQPRKVPRRLDEYTQ
EEIEAFPRVWSPPEDYRL
;
BN
14 'polypeptide(L)'
;MAFCTGLRGPFAQVSRALSQRCFSTTGSLSAIQKMTRVRVVDNSALGTTPYHRPPRCIHVYNKTGVGKVGDRILLAIRGQ
KKKALIVGHRMPGPRMTPRFDSNNVVLLEDNGNPVGTRIKTPIPSSLRQREGEFSKVLAIAQNFV
;
BO
15 'polypeptide(L)'
;MGGPVQGGGPRALDLLRALPRVSLANLKPNPGSRKPERRPRGRRRGRKCGRGHKGERQRGTRPRLGFEGGQTPFYLRIPK
YGFNEGHSFRHQYQPLSLNRLQYLIDLGRVDPTQPIDLTQLVNGRGVTIQPSKRDYGVQLVEEGADTFKAKVNIEVQMAS
ELAIAAIEKNGGVVTTAFYDPRSLEILCKPVPFFLRGQPIPKRMLPPEALVPYYTDAKNRGYLADPARFPEARLELARKY
GYVLPDITKDELFKMLSTRKDPRQIFFGLAPGWVVNMADKKILKPTDENLLKYYSS
;
BP
16 'polypeptide(L)'
;MWRLLARACAPLLRAPLSDSWAAPSATAGFKTLLPVPTFEDVAIPEKPKLRFVERVPLVPKVRRERKNLSDIRGPSTEAT
EFTEGRFAILALGGGYLHWGHFEMMRLTINRSMDPKNMFALWRVPAPFKPITRKGMGQRMGGGKGAIDHYVTPVKAGRLI
VEMGGRCEFKEVQGFLDLVAHKLPFPAKAVSRETLEKMRKDQEERERNNQNPWTFERIATANMLGIRKVLSPYDLTHKGR
YWGKFYTPERV
;
BQ
17 'polypeptide(L)'
;MRLSVAAAISHGRVFRRLGLGPESRIHLLQNLLTGLVRHERIEASWARVDELRGYAEKLIDYGKLGDTNERAMRMADFWL
TEKDLIPKLFQVLAPRFQGQNGGYTRMLQIPNRNEQDRAKMAVIEYKGNCLPPLPLPRRDSNLTLLNQLLQGLRQDQEAS
SHTAQTPAV
;
BR
18 'polypeptide(L)'
;MALRSRFWALLSICRNPGCRAAALSTSCKPATNPETDPVENEAVAPEFTNRNPRNLELLAVARKERGWGTVWPSREFWHR
LRVIRTQHHIEALVEHRNGQVVVSASTREWAIKKHLYSTRNVVACESVGRVLAERCLEAGINFMVYHPTPWEAASDSIKR
LQHAMTEGGVVLREPRRIYE
;
BS
19 'polypeptide(L)'
;MAASITRGSWAAVGLGQSFPPTRALLPAPASVICRTLAGSGRQQVTGSSEPGAFQPPPKPVIVDKRRPQRPETRFLSPEF
IPPRGRTNPLKFQIERKDMLERRKILHIPEFYVGSILRVTTADPYASAKTSQFLGICIQRSGSGLGATFILRNTIEGQGV
EICFELYNPRIQEIQVVKLEKRLDNSLLYLRDALPEYSTFDVNMKPITQEFNQEVPVNQLKVKMKPKPWSKRWERPKFNI
KGIRFDLCLTEEQMREAQKWSQPWLEFDMMREYDTSKIEAAIWDEIEASKNS
;
BT
20 'polypeptide(L)'
;MVFLTVPLWLRSRVTDRYWRVQEVLKHARHFRGRKNRCYRLAVRAVTRAFVKCTRARRLKKRSLRTLWINRITAASQEHG
LKYPAFIINLIKCQVELNRKVLADLAIYEPKTFKSLAALAKRRREEGFAAALGDGKEPDGIFSRVVQHR
;
BU
21 'polypeptide(L)'
;MAAAVAASVLQGTFGRLVSAYSRSVLRTSRPGTAPPWSAPRRLSSQHTSSLRGCVPKTSLGSPPWPDIVLPDPVEETRHH
AEVVGQVNELIAAGRYGRLFAVVHFAGHQWKVTAEDLILIENELDVACGERIRLEKVLLVGADNFTLLGKPLLGKELVRV
EATVIEKTESWPKINMKFQKRKNYQRKRITVNPQTVLRINSIEIAPCLC
;
BV
22 'polypeptide(L)'
;MAAAVLERLGGLWMQNLRGKLALRLLSSHSILPQSHIHTSASVEISRKWEKKNKIVYPPQLPGEPRRPAEIYHCRRQIKY
SKDKMWYLAKLIRGMSIDQALAQLEFSDKKGAQIIKEVLLEAQDMAVRDHNVEFRSNLYVAESTSGRGQYLKRIRYHGRG
RFGIMEKVFCHYFVKLVEGPPPPREAPKTAVAHAREYIQELRNRTITHAL
;
BW
23 'polypeptide(L)'
;MARNVLYPLYQLGNPQLRVFRTNFFIQLVRPGTAQPEDTVQFRIPMEMTRVDLRNYLERIYNVPVAAVRTRVQYGSNRRR
DHRNIRIKKPDYKVAYVQLALGQTFTFPDLFPERKGASVDVDVRDQVLEDQRQKHSPDPRRGGVPGWFGL
;
BX
24 'polypeptide(L)'
;MRLSALLALASKVTLPPNYRYGMSRPGSLSDKRKNPPGTRRRRVPVEPISDEDWHLFCGDKVEILEGKDAGKQGKVVQVI
RQRNWVVVEGLNTHYRYVGKTVDYRGTMIPSEAPLLHNQVKLVDPTDRKPTDVEWRFTEAGERVRVSTRSGRIIPKPEFP
RADGIVPETWIDGPKDTSVEDALEKTYVPRLKTLEEEVMEAMGIQETRRHKKVYWY
;
BY
25 'polypeptide(L)'
;MALASGPARRALARLGRLGLGGCGAPRRGAYEWGVRSTRKPEPPPLDRVYEIPGLEPITYAGKMHFMPGLARPVFPPWDP
GWTHPKFRRLPPLHEHPLYKDQACYVFHQRCRLLEGVKQALWLTKTQLIEGLPEKVLRLADDPRNHIENQDERVLNAISH
ARLWHSTEDIPKRETYCPVIVDSLIQLCKSQILKHPSLARRICAQNNTLSATWNRESILLQVHGSSGARLNAKDPLPPVA
SQEEVEATKNHVLETFYPISPTMGLQECNVYDVNDDTGFQEGYPYPCPHTLYFLESANLRPRRFQPDQLRAKMILFAFGS
ALAQARLLYGNDSKVLEQPVVVQSVGTDGRLFQFLVLQLNTTDLASDEGVKNLAWVDSDQLLYQHFWCLPVIKKKVVVEP
VGPIGFQPETFRKFLALYLHGAV
;
Ba
26 'polypeptide(L)'
;MAAPWWRAALCASRRWRGFSTSAALSRRAAPLGPMPNEDIDVSDLERLKKYRSFDRYRRRAEQEARKPHWWRTYREHFGE
ESGPKDRVDIGLPPPKVSRTQQLLERKQALRELRANVEEERAARLQTARIPLEAVRAEWERTCGPYHKQRLAEYCGLYRD
LFHGATFVPRVPLHVAYAVGEDDLMPVYHGNEVTPTEAAQAPEVTYEADEGSLWTLLLTNLDGHLLEPDAEYVHWLVTNI
PGNRVTEGQETCPYLPPFPARGSGFHRFAFLLFKQDKRIDFSGDTRPSPCYQLAQRTFHTFDFYKKHQDAMTPAGLAFFQ
CRWDDSVTRVFHQLLDMREPVFEFVRPPPYHPKQKRFPHRQPLRYLDRYRDSHEPTYGIY
;
Bb
27 'polypeptide(L)'
;MAMGAWGLRLWRAVPRGEAGWRLIATSPASQLSPTELIEMQNDLFNKEKNRQLSLTPRTEKIEVKHVGKTDPGTVFVMNK
NISTPYSCAMHLSEWYCRKSILALVDGQPWDMYKPLTKSCEIKFLTFKDDDPGEVNKAYWRSCAMMMGCVIERAFKDEYV
VSLVRAPEVPVIAGAFCYDVVLDKRLDEWMPTKENLHSFTKDARALIYKDLPFETLEVEAKVALEIFQHNKYKLDFIEEK
ASQNPERIVKLHRFGDFIDVSEGPLIPRTSICFQYEVSAVHNLQTQSSLVRRFQGLSLPVHLRAHFTIWNKLLERSRKMV
TEDKTKPTEESAST
;
Bc
28 'polypeptide(L)'
;MAAAALGAASRTLRPASRLVGAWPTQTRDAHERGSLFSFWGLVPMRAEPLRKKKKVDPKKDQAAKDRLKKRIRRLEKASQ
ELIPIEDFITPVKFLNKERQRPPVELPFEESERRALLLKRWSLYKQREHEMERSAIRSLLEAQEEALQELRLSSPELHAE
ATKRDPSLFPFERQGPDYTPPISDYQPPEGRYQDITKVYTQVEFKK
;
Bd
29 'polypeptide(L)'
;MGLLSGAARALVRGADRMSKWTSKRGPRTFCKGRGAKGTGFHGRDGKFVQIKEMIPELVVPELAGFKLKPYVNYRAPEGT
DTPLTAKQLFLETAAPAIEKDFKAGTFDPEHLEKYGFEPTQEGKLFQLYPKNFPR
;
Be
30 'polypeptide(L)'
;MALAAVKWVISSRTILKHLFPIQNSASYCVCHKSTYSSLPDDYNCKVELALTSDGRTIVCYHPSVDIPYEHTKPIPRPDP
VHNIEETHDLVLKTRLEEKGEHLEQGPMIEQLSKMFFTTKHRWYPRGQYHRRRRKPNPPKDR
;
Bf
31 'polypeptide(L)'
;MTARGTASRFLTSVLHNGLGRYVQQLQRLSFSLSRDAPSSRGAREFVEREVTDFARRNPGVVIYVNPRPCCVPRVVAEYL
NGAVREESIHCKSVEEIAALVQKLADQSGLDVIRIRKPFHTDSPSIQGQWHPFTNKPTTLGGLRPREVQDPAPAQVQAQ
;
Bg
32 'polypeptide(L)'
;MASGLVRLLQWGPRRLLAPAAPTLAPPVRGAKKGFRAAYRFQKELERWRLLRCPPPPVRRSEKPNWDYHAEIQAFGHRLQ
ETFSLDLLKTAFVNSCYIKSEEAKRQKLGIDKEAALLNLKDNQELSEQGISFSQTCLTQFFEDAFPDLPTEGVTSLVDFL
TSEEVVCHVARNLAVEQLALSAEFPVPPPVLRQTFFAVIGALLQSSGPERTALFIRDFLITQMTGKELFEMWTITNPMGL
LVEELKKRKISAPESRLTRQSGSTTALPVYFVGLYCDRKLIAEGPGETVLVAEEEAARVALRKLFGFTENRRPWDYSKPK
EHVRAEKTITAS
;
Bh
33 'polypeptide(L)'
;MAAPVTRGLSCLPRVLGWWSRQPVLVTQSTAVVPVRTKKRFTPPTYQPKYKSEKEFVEHARKAGLVIPHERLERPIHLAC
TAGIFDAYVPPEGDARISSLSKEGLAQRAERLKKNVASQLSIRKIRESDPNFKIKDFPEKAKDIFIEAHLCLNNSDHDRL
HTLVTENCFPDMVWDIRYKTVRWSFVESLEPPQVVQVRCSSLMNQGNIYGQVTVRMHTRQTLAIYDRFGRLMYGQEDVPR
DVLEYVVFEKHLVDPYGSWRMHGKIIPPWAPPKQPILKTVMIPGPQLKPWEEFEEPQGEVHKPQPA
;
Bi
34 'polypeptide(L)'
;MAAPVRRTMLRVVRGWRRFEGPWAHSLGSRNLALAVAPSSSSSPWRLLGALCLQRPPLVTKPLTPLQEEMADLLQQIEIE
RSLYSDHELRALDEAQQLAKKKSDLYEEEDEQNILLAQDLEDMWEQKFLHFKLGARLTEADKKDDRTSLHRKLDRNLILL
VREKLGDQDIWMLPQSDWQPGETLRQTAERTLATLSENNMEAKFLGNAPCGHYKFKFPQAMRTETSLGAKVFFFKALLLT
GDFSQAGKKGHHVWVSKEELGDYLKPKYLAQVRRFLLDL
;
Bj
35 'polypeptide(L)'
;MSEAAGTKVLRELNASRSDIVTGPDQGRSVSIFRPPGIAAAWADLQLARLHTTRQQRMNGALGKALCLRNDTVLKQALSL
IRVRASGESPICSAGGILLSTSRHYRSKPTHGIGRYKHLVKAQEPKKKKGKVEVRPINLGTDYEYGVLNIHLIAYDMALA
ESYAQYVHNLCNHLAIKVEESYAMPTKTMEVLQLQEQGSKMFLDAVLTTHERVVQISGLSATFAEIFLEIIHSNLPEGVK
LSVREHTEEDFKGRFKARPELEELLAKLN
;
Bk
36 'polypeptide(L)'
;MAATVLCGVLRAWRTGVPLGCGLRRLSQTQGTPEYPSFVESVDEYHFVERLLPPASIPRPPKHEHYPTPSGWQPPRDPAP
SLPYFVRRSRMHNIPVYRDITHGNRQMTVIRKVEGDIWALQKDVEDFLSPLLGKTPVTQVNEVTGTLRVKGYFDQQLKAW
LLEKGF
;
Bl
37 'polypeptide(L)'
;MVRLRGKRECLTLSLRLIGWSWRVTAGGGRCFVSKFSSKMAARWVSGLARRSLTCAVSGAPRREFWSPFRKEKQPVVAET
VEEVKKEPILVCPPIQSRTYIPPEDLQSRLESHVKEVFGSSVPSNWQDISLEDVHLKFSFLARLANDLRHAVPNSRLHQM
CRVRDVLDFYNVPVQDRSKFDELIASNLPHNLKITWGY
;
Bm
38 'polypeptide(L)'
;MAGSLSWVTGRGLWGRLPLTCRSFSLGIPRLFHVRVTLPPRKVVDRWNEKRAMFGVYDNIGILGNFEKHPKELIKGPIWL
RGWKGNELQRCIRKKRMVGNRMFIDDLHNLNKRISYLYKHFNRHGKYR
;
Bn
39 'polypeptide(L)'
;MAAWGILLSTGVRRLHCGTAAQAGSQWRLQQGFAANPSGYGPLTELPDWSYADGRPAPPMKGQLRRKAQREKFARRVVLL
SQEMDAGLQAWQLRQQEKLQEEEGKQKNALKSKGALLQNPQPSQ
;
Bo
40 'polypeptide(L)'
;MAAALARLGLRAVKQVRVQFCPFEKNVESTRTFLQAVSSEKVRCTNLNCSVIADVRHDGSEPCVDVLFGDGHRLIMRGAH
LTAQEMLTAFASHIQARGAAGSGDKPSASTGR
;
Bp
41 'polypeptide(L)'
;MAARRLFGAARSWAAWRAWELSDAAVSGRLHVRNYAKRPVIKGGKGGKGAVVGEALKDPEVCTDPFRLTTHAMGVNIYKE
GQDVVLKPDSEYPEWLFEMNVGPPKKLEELDPETREYWRLLRKHNIWRHNRLSKNRKF
;
Bq
42 'polypeptide(L)'
;MFLTALLRRNRIPGRQWIGKHRRPRPVSAQAKQNMIRRLETEAENQYWLSRPFLTAEQERGHAAVRRAAAFQALKAAQAA
RFPAHRRLEEQLGHLLVTRKWS
;
Bt
43 'polypeptide(L)'
;MAAARCLRWGLNRAGAWLLPSPTRYPRRALHKQVEGTEFQSIYSLDKLYPESRGSDTAWRLPDDAKQANDIPVDRLTISY
CRSSGPGGQNVNKVNSKAEVRFHLASADWIAEPVRLKLAVKHKNRINRSGELILTSECSRYQFRNLADCLQKLRDMIAEA
SQPAKEPSREDAELRRSRIENMNRERLRKKRISSAIKTSRRVDVD
;
Bu
44 'polypeptide(L)'
;MAAPVQQARTLLRLVTTLGQGSRGYRARPPPRRSQEPRWPDPDDPLTPRWQLSPRYAAKQFARHGAASGVAAGSLWPSQE
QLRELEAEEREWYPSLAAMQESLRVQQLAEEQKRQAREQLIEECMAKMPQMIENWRQQQQERREKEQADKDRRARLQAEA
QERLGYHVDPRSARFQELLQDMEKQHRKRLKEEKQRKKKEARAAAMAAAAAQDPADSETPSS
;
Bv
45 'polypeptide(L)'
;MAAARCWRFPLRGAGLSLHTAAKAAVTAPEVTGPDVPATPVARYPPIVASLTAKSKAARQRRVEQWQATVHAAKSVDEKL
RILTKMQFMKYVVYPQTFALNADNWYQSFTKTVFLSGLPPTPAKLEPEPTLDITALREAVCDCLLQEHFFLRRKKRAPVI
QDREAIASPFLDQLVASLTGLLSVHNPVLAAAALDCKRPVHFFWLRGEEIIPRGHRKGRVDALRYQINDKPHNQIRISRQ
LPEFVPLDYSIPIEVPVMSCKPDKLPLFKRQYENTIFIGSKTADPLCYGHTQFHLLPDKLKREKLLKQNCADQIEVVFRA
NAIASLFAWTGAQAMYQGFWSEADVTRPFVSQGVITDGKYFSFFCYQLNTLALTAQADQNNPRKNICWGTQSKPLYETIE
DNNVKGFNDDVLLQLVQFLLNRPKEDKSQLLEN
;
Bw
46 'polypeptide(L)'
;MVGLNVLVSGCGRLLRGLLAGPAATSWARPPSRGFREVVEILDGKTTIIEGRITETPQESPNPPNPTGQCPICRWNLKHK
YNYEDVLLLSQFIRPHGGMLPRRITGLCQEEHLKIEECVKMAHRAGLLPNHRPKLPEGFVPKSKPRLNRYLTRWSPRSVK
PIYNKGHRWNKVRMPVGSPLLKDNVSYSGRPLLLYH
;
Bx
47 'polyribonucleotide'
;ACACAGGUUUGGUCCUGGCCUUUCUAUUAAUUCUUAAUAAAAUUACACAUGCAAGUAUCCGCGCCCCGGUGAGAAUGCCC
UCCAGAUCUUAAAGAUCAAAAGGAGCAGGUAUCAAGCACACCUAUAACGGUAGCUCAUAACGCCUUGCUCAACCACACCC
CCACGGGAAACAGCAGUGAUAAAAAUUAAGCCAUGAACGAAAGUUUGACUAAGUUAUAUUAAUUAGAGUUGGUAAAUCUC
GUGCCAGCCACCGCGGUCAUACGAUUAACCCAAAUUAAUAGAUCCACGGCGUAAAGAGUGUUUAAGAAAAAAAAUCACAA
UAGAGUUAAAUUAUAACUAAGCUGUAAAAAGCCCUAGUUAAAAUAAAAUAACCCACGAAAGUGACUCUAAUAAUCCUGAC
ACACGAUAGCUAGGACCCAAACUGGGAUUAGAUACCCCACUAUGCCUAGCCCUAAACCCAAAUAGUUACAUAACAAAACU
AUUCGCCAGAGUACUACUCGCAACUGCCUAAAACUCAAAGGACUUGGCGGUGCUUCACAUCCACCUAGAGGAGCCUGUUC
UAUAAUCGAUAAACCCCGAUAGACCUUACCAACCCUUGCCAAUUCAGCCUAUAUACCGCCAUCUUCAGCAAACCCUAAAA
AGGAACAAUAGUAAGCACAAUCAUAGCACAUAAAAACGUUAGGUCAAGGUGUAGCUUAUGGGUUGGAAAGAAAUGGGCUA
CAUUUUCUACAUAAGAAUAUCCACCACACGAAAGUUUUUAUGAAACUAAAAACCAAAGGAGGAUUUAGCAGUAAAUCAAG
AAUAGAGUGCUUGAUUGAAUAAGGCCAUGAAGCACGCACACACCGCCCGUCACCCUCCUCAAGCAUGUAGUAAUAAAAAU
AACCUAUAUUCAAUUACACAACCAUGCAAGAAGAGACAAGUCGUAACAAGGUAAGCAUACUGGAAAGUGUGCUUGGAUUA
CC
;
AA
48 'polypeptide(L)'
;MLPAAASSLWGPCFGLRAAALRVARHQGPRLCGVRLMRCSSHRKGEALAGAPLDNAPKEYPPKIQQLVQDIASLTLLEIS
DLNELLKKTLKIQDVGFMPMGAVAPGAPPAAAAPEAAEEDLPKRKEQTHFTVRLTEAKPVDKVKLIKEIKSHIQGINLVQ
AKKLVESLPQEIKANVPKAEAEKIKAALEAVGGTVVLE
;
CL,DL,EL,FL,GL,HL
49 'polypeptide(L)'
;MASGPLLPRLLGAGAPRRPLRLHLVPTATPGPAGPTGRTLGSNAAPAAREPELGNDLRDRILSEPLKHADFFNLKELFSV
RSLFDARVHLGHKAGCRHRFMEPYLFGSRLGQDIIDLEQTAAHLQLALNFTAHVAYREGIILFVSRHRQFAHLIETTARD
CGEYAHTRYFKGGLLTNAPLLLGPGVRLPDLIIFLHTLNNVFEPHVAVRDAAKMNIPTVGIVDTNCNPALITYPVPGNDD
SPPAVRLFCRLFQVAISRAKEKRRQVEALYRLQGPAGAERGPAAPPPPE
;
AB
50 'polypeptide(L)'
;MVASVCGGGLRPLVLSWSRELPCAWRALHISAVCAKNRAARVRVSKGDKPVTYEEAHAPHYIAHRKGWLSLHTGNLDGED
HAAERTVEDVFLRKFMLGTFPGCLADQLVLKRRANQLEICALVLRQLPPHKFYFLVGYSETLLSHFYKCPVHLHLQTVPS
KVVYKYI
;
AC
51 'polypeptide(L)'
;MAAAVRAAGFFPGLFGASAGNLWSRQLYLNTFPAASILTSKTFPSNGPLSPPGTRDNHHFTSLACALQTQCSISSPSNWM
GQQYRSYSFFTKLTADELWKGALAESGAGARKGRGKRTKKKRRKDLNRGQIIGEGRHGFLWPGLNIPLMRNGAVQTIAQR
SKEDQEKVEADMVQQREEWDRRRKMKVKRERGWSGNTWGGVSLGPPDPGPNGETYDDFDTRILEVRNVFNMTAKEGRKRS
VRVLVAVGNGKGAAGFAIGKATERADAFRKAKNRAVHYLHYIERYEDHTIYHDISLKFKRTHIKMKKQPRGYGLHCHRAI
MTICRLIGIKDLYAKVSGSVNMLNLTRGLFLGLSRQETHQQLADKKSLHVVEFREECGPLPIVVASPQGALRKDPEPEDE
VPDITLDWEDVKAAQGMKRSVWSGLKRAAT
;
AE
52 'polypeptide(L)'
;MRRKAWKVPAGSRTIRSKRGGSGSCRVGGVCSSRWQLAEGTRGAALLQWLPGQGAGPRAGCRPQRAGLSRGRGAAALRRG
RGVARGGAWLGEGAWRPVCAAARAFKPGLARPERAFAAWEPSGPAVRQVSAVPALFHPGRRFREEPRAVHSGMPRYELAL
ILKAMQRPETAAALKRTLEALMDRGAVVRNLENLGERMLPYKISAHNQRHSRGGYFLVDFYAPATTVESMMEHLSRDIDV
IRPNIVKHPLTQEVKECEGIVPVPLEEKLYSTKKRK
;
AF
53 'polypeptide(L)'
;MAAPAVKAARGWSCSALGVRIAVLRFPGLTQVRWSRYGPEYKDPQIDKEYYRKPLAEQTEEEKYERDFKKTQLIKAAPAT
KTSSVFEDPVISKFTNMMMKGGNKVLARSLMTQTLEAVKRKQFAKYHAASAEEQATIERNPYTIFHQALKNCEPVIGLVP
ILKGGHFYQVPVPLADRRRRFLAMKWMIAECREKKHRRVLMPEKLSQELLEAFHNQGPVIKRKHDMHKMAEANRALAHYR
WW
;
AG
54 'polypeptide(L)'
;MAAPCVFCGAAVSYRLFLGCRVSFARGQVLWKAAAPELQAGARCQILRLRHTAVVTTKKNVAASRRETYTVDFIKKQIEE
FNIGKRHLANMMGEDPETFTQEDIDRAIAYLFPSGLFEKRARPIMKHPEEIFPKQRAIQWGEDGRPFHFLFYTGKQSYYS
LMHDTYGKLLDVEKHHNQLRAKDLLAEKTKILKDPIGSRWLIKEELEEMLVEKLSDQDYAQFIRLLERLSALPCGATEED
FVNRFRRSIPIQSKKQLIEPLQYDEQGMAFSRGEGKRKTAKAEVVVYGQGSGRIDVNGVDYLLYFPVTQDREQLMFPLHF
LDRLGKHDMTCAVSGGGRSAQAGAVRLAMARALCSFVTEDEVEWMRQAGLLTADPRVRERKKPGQEGARRKFTWKKR
;
AI
55 'polypeptide(L)'
;MAARTAFGALARRLWQGSRNFSVSSSRSSTAKNGGFLLTTMKWVQFSNLHVDVPKDMTKPEITISDEPDTLYKRLSVLVK
GHDKAVLDSYEYFAVLAAKELGISIKVHEPPRKIERFTLLKSVHIFKKHRVQYEMRTLYRCLELEHLTGSTADVYLEYIQ
RNLPEGVAMEVTKTKLEQLPEHIRKPIWETMPEEKEESKS
;
AJ
56 'polypeptide(L)'
;MQVVRNAGSRLLQSWAWPPKTRIVAGLPASTIHRSAPHLQDAAAKLDIEDKEEARTPSHSSFSIYPPIPGQENSLRWAGK
KFEEIPIAHIKASYNNTQIQVVSAAHQPLAHASCGTEGFRNAKKGTGIAAQTAGIAAAAKATGKGVTHVRVVVKGLGPGR
LSAIKGLTMGGLEVISITDNTPIPHNGCRPRKARRL
;
AK
57 'polypeptide(L)'
;MSWSGLLRGLGTSLNCGLALVPRPWATRPMATLNQMHRLGPPKHPPGKMGPTAGRPQLKGVVLRTFIRKPKKPNSANRKC
CRVRLSTGREAVCFIPGEGHSLQEHHVVLVQGGRTQDLPGVKLTVVRGKYDCGHVQKKK
;
AL
58 'polypeptide(L)'
;MAASMLGFLLRTVRQMVPSSASGQVRSYYVDWKMLRDVKRRKMAYEYADERLRINSLRKNTILPKDLQEVADEEIASLPR
DSCPVRIRNRCVMTSRPRGVKRRWRLSRIVFRHLADHGQLSGVQRAMW
;
AN
59 'polypeptide(L)'
;MLRAAWRALSSIRTQAVTQAPVLGLPGGGCARFPSVQRALPSRPAGLILRAARGYAAQKPVQPNQDDPPPSMLLLDYQNV
PGIHKVDDVVKRLLSLEMANQKEKLKIKKMQLMNKVLENPEDTSSLEARIVALTVKIRNYEEHMQKHRKDKAHKRFLLMS
IDQRKKMLKNLRETNYAVFEKICKELGIEYTFPPPYHRKAHRRWVTKKALCTQVFREVQKLKKQKRALRAAAVAAHKQG
;
AO
60 'polypeptide(L)'
;MVQLTTVLCRAYRGGHLTIRLALGGCTNRPFYRIVAAHSKCPRDGRFVEQLGSYDPLPNSHGEKLVALNFDRIRHWIGCG
AHLSKPVEKLLGLSGFYPLHPMMITNAERLRRKRAREVLLASQKTDTEATETKAS
;
AP
61 'polypeptide(L)'
;MSIARSSVHAKWVVGKVIGTAMQKTAKVRVTRLVLDPYLLKYFNKRKTYFAHDALQQCTVGDIVLLKALPVPRTKHVKHE
LAEIIFKVGQVIDPVTGKPCAGTTYLESPISPESTRLTKNLEALQLSSTQ
;
AQ
62 'polypeptide(L)'
;MAAVVSLCSRLGRRKSTDFVNAAVCLTDPGTHAVLWRSCSQYKQVASNEDLPVPMENPYKEPLKKCILCEKHVDYKNVQL
LSQFISPFTGCIYGRHITGLCGKKQKEITKAIKRAQILGFMPVTYKDPAYLKDPKVCNIKYRE
;
AR
63 'polypeptide(L)'
;MANHLKFIARTVMVQEGNVEGAYRTLNRILTMDGLIEDIKRRRYYEKPCRRRQRESYETCRRIYNMEMARKINFLMRKNR
ADPWQGC
;
AU
64 'polyribonucleotide' AGUAAGGUCAGCUAAAUAAGCUAUCGGGCCCAUACCCCGAAAAUGUUGGUUAUACCCUUCCCGUACUACCA AV
65 'polyribonucleotide' AAAAUG AX
66 'polypeptide(L)' AAAAAAAAAAAAAAAAAA AZ
67 'polypeptide(L)'
;MPHEPRETRNLSLPLPALVARIIMATLKASALLRSLQTNSCGTGRVCFPVRARPRPRALLQPLPGASGTGTLCRGLGSES
ESGNSEIRKPTFMDEEVQNILIKMTGLDLQKIFKPALQELKPPTYKLMTQAQLEEATKQAVEAAKVRLKMPPVLEERAPI
NDVLAEDKILEGTETAKYVFTDISYSIPHRERFIVVREPSGTLRKASWEERDRMIQVYFPREGRRILTPVIFKEENLQTM
YSQDQHVDVLNLCVAQFEPDSAEYIKIHHHTYEDIDKCGKYDLLRSTRHFGGMAWYFVNKKKIDGLLIDQIQRDLVSDAT
SLVHLYHILHPDGQSAQEAKKQGAEGLHLIKVFAKTEAQKGAYIELTLQAYQEAFITHSAAS
;
Aa
68 'polypeptide(L)'
;MAGSRLETVGSIFSRTRDLIRAGVLKEKPLWLDIYNAFPPLREPVFRRPRLRYGKAKAAVQDIFYHEDRIRAKFYSAYGS
GPKAFDLFNPNFKSTCQRFVEKYIELQRLGETDEEKLFVEAGKALLAEGVTLRRVGEARTQQEGSPISRKSEPTGIKPQT
AVEENQPWKEVPQDQPLEAPEKESKGLPPP
;
Ab
69 'polypeptide(L)'
;MPMKGRFPIRRTLQYLGQGDVVFKDSVKVMTVNYNTHGELGEGARKFVFFNIPQIQYKNPWVQITMFKNMTPSPFLRFYL
DSGEQVLVDVESKSNKEIVEHIRKILGKNEETLEKEEQEKKQLSHPAHFGPRKYCLRECMCEVEGQVPCPGLVPLPKEMT
GKYKAALKATAQD
;
Ac
70 'polypeptide(L)'
;MLRVLGGLGARPAGRLPAPLLLPTRGRKTRHDPPAKSKAGRVATPPAVDPTEFFVLTERYRQYRQTVRALRLEFMSEVRK
KLHEARAGVQAERKAQEDAAEHRELMAWNQAENQRLHELRLARLRQEALEQERRQAEEAVLQAREAQAWAQLKEQEVLQL
QEEAKTFITRENLEARVEEALDSPKSYNWAITREGLVVRPQQKGS
;
Ad
71 'polypeptide(L)'
;MLSRAAPTEGTGGGRRSVDSTPPPRLPATPAPAFPLVCSKMASSIVRRGILRARKVSLPQLSLAGRRCLLSAAYVDSHKW
EARDKEDCHLADLASLMDKTYERKLPVSSLTISRFVDNIASREDIDHAEYYLYKFRHSPNCWYLRDWTIHTWIRQCLKYG
AQDKALYTLKNKVQYGIFPDNYTFNLLMDYFIKKENYKDALSVVFEIMMQEAFEVPSTQLLSLYVLYHCLAEKTDLSWEE
ERNFGASLLLPGLKQKNSVGLSSQLYGYALLGKVELQQGLRAVYCNMPLLWQPGYLHRALQVMEKVASSPEDGQLCGEAL
DVLDRVLKAVTAPAQGTSEEQPQEGEESQRSEELVEQLDVEETEQSKLPQYLERFEALRSKLQALGKVESESLLTLSTQL
AKAQLPTCEAEDIAVYEQRLQQWHGERVRLIQREQEQRERARQDYEARRAAKASA
;
Ae
72 'polypeptide(L)'
;MAALCRTRAVTAKSHFLRVFFFSRPCRGTGTESGSGSESSESTEPKQRPGGFASALERHSELQQKAEFGRMRGSPKNVES
FASMLRHSPLTQMGPAKNKLVIGQIFHIVEDDLYIDFGGKFHCVCKRPEVDGEKYQKGTRVRLRLLDLELTSRFLGATTD
TTILEADAVLLGLQESKDSKSKEERHEK
;
Af
73 'polypeptide(L)'
;MAQLLANLTSIQVMLKGVTRLISRVHKLDPGHVLYMGTQAPQSLAAHLDNQVPVKSPRAISRTSEDDPAKHREQHEGQHY
NISLQELKTVFPHGLPPRFAMQVKTFNEACLMVRKPALELLHYLKNTNFAHPAVRYVLYGEKGTGKTLSLCHILHFCAKQ
NWLILHIPDAHIWVKNCRDLLQSNYNKQRFDQPLEASTWLKNFKTANEHFLSQIKVQEKYVWNKRESTEKGRPLGEVVEQ
GIMRVRNATDAVGIVLKELKRQSSLGIFHLLVAVDGVNALWGRTTLKREDKSPIAPEELALIHNLRKMVKNDWQGGAIVL
TVSQTGSLFKPRNAYLPQELLGKEGFDALDPFIPILVSNYNPKEFESCIQYYLENNWLQHEKAHTEEGKKELLFLSNRNP
GQLERLCAYL
;
Ag
74 'polypeptide(L)'
;MLPRVSAVIPLRPLSRLPLCSGGPEASAAAILLLDSLRGTVRTENNIQRYFGTNNLVYSKKDEQSGPTCEISKETESKGS
VKENSKKDLLNIIKGMKVELSTVNVQTTKPSNKRQLKNLETAIGRIKKAPEDTPQKRSESLSSELVAAVSAVADSLPFDR
RMTKSELLRQLQKHEEDSR(UNK)QKDGEKPKISFSNIISDMKVARSATARVSTRPVHQIQFDEGTDDFADQEKTLNLKK
SFRKNIFKGRRLNIFEPQAVTEEAPETEAVPSLWDIEFAKQLAAVTERPFQNGFEEMIQWTKEGKLWEFPINNEAGFDDD
GSEFHEHIFLDKYLQDFPKQGPIRHFMELVTCGLSKNPYLSVKQKVEHIEWFRNYFNEKRVILKESGIQLN
;
Ah
75 'polypeptide(L)'
;MSSLSEYAVRMSRLSARLFGEVARPTDSKSMKVVKLFSEQPLAKRKETYDWYPNHNTYFALMGTLRFLGLYRDEHQDFRD
EQLRLKKLRGKGKPRKGEGKRAMKKK
;
Ai
76 'polypeptide(L)'
;MARKKVRPRLIAELARRVRALREQRERPRDSQRYALDYETMMRPHSGNRLPMRAWADVRHESRLLQLLNRLPLFGLGRLV
TRKSWLWQHDEPCYWRLTRVRPDYAAENLDHGKAWGILTFKGKTESEAREIEQVMYHDWRLVPKHEEEAFTAFTLVPEDT
PLSVPYPPLLRAMILAQRQKYGDTSTEEPMLNLERARIDPWDYPAKLEAKTKTKGAAV
;
Aj
77 'polypeptide(L)'
;MAATSLPAWLILKSRAGTFRAFSTAMSPATRSPRPALRTTERTSKPERALRRKALPPRTEKMAVDQDWPSVYPVAAPFKP
SAVPLPVRMGYPVKRGVPMAKEGNLELLKIPNFLHLTPVAIKRHCEALKDFCTEWPAALDSDEKCEKHFPIEIDTADYVS
AGPSIRNPKARVVTLRVKLSSLNLDDHAKKKLIKLVGDRYCKSTDVLTIKTDRCPLKRQNYDYAVYLLTVLYHESWKTEE
WEKKKTEADMEEYIWENSTSEKNILETLLQIKAAEKNLELSKEELLGTKEVEDYRKSVVSLKNEGDNENTLSQYKESVKR
LLNLA
;
Ak
78 'polypeptide(L)'
;MATPSLRGRLARLGNPRRPILKPNKPLILANHVGERRREKGEATCITEMSVMMACWKQNEFRDEACRKEIQDFFDCASRA
EAARKMRSIQENLGELGSLPPKKLNKLLHRFPNKPHVS
;
Am
79 'polypeptide(L)'
;MFLVRLTSQLLRAVPGAGRSGSPRVSEVLGRHACRPRYSTQPPGPSGIASLPGKHVHPELEEMLVPRKMSISPLESWLTI
RYLLPRLGAGTPGTVSPAQLYQCPPSQVGEGVKQGDKEVRDTPQMQCKNILKIRRRKMNHHKYRKLVKRTRFLRRKVREG
RLRQKQVKFERDLKRIWQKAGLKEAPAGWQTPKIYLKNQ
;
An
80 'polypeptide(L)'
;MAAVASARWLGVRSGLCLPLTGRRVGPCGRTPRSRFYSGSAAHPEVEGANVTGIEEVVIPKKKTWDKVAILQALASTVHR
DSTAAPYVFQDDPYLIPTSSVESHSFLLAKKSGENAAKFIINSYPKYFQKDIAEPHIPCLMPEYFEPQIEDVSEAALQER
IKLRKVKASVDMFDQLLQAGTTVSLETTNSLLDLLCYYGNQEPSANYNFQQREQSEELEEATEADNEKSKTKAGHHLGVT
WRTKNNAERIFALMPEKNAHSYCTMIRGMVKHQAPTQALNLYTVLLNNRLRADVYTFNSLIEATALVVNEKFEEKWNNIL
DLLKQMVTQNVKPNLQTFNTILKCLRRFYAFGKLPALQTLREMKAIGIEPSLATYHYVIQLFYQHESPSKGSSLIIYDIM
NEVMGKRFSPRDPDDDMFFQSAMRVCSSLRDLELAYQVHGLLNTGDNWKLIGSDHRRNFYYSKFFNLLCFMEQIDVTLKW
YKDLIPSVFFPHSQTMIDLLQALDVANRLDMVPQIWKVLFCFSQDSKEYGHTFRNELKEEILMLMARDQHPPELQVAFAD
CAADIKSTYESQDARQTAPEWPASSLNYVAVLFLRAGRTQEAWKMLGLFRKHNKIPRAELLNEFLDSAKASSSPAQAIEL
VKLASAFSLPVCEGLTRRVMAEFTLTQEQREALGELTALTSDSSSDSDSDSDSDISEGK
;
Ao
81 'polypeptide(L)'
;MAASILNVLLRRLPGVSPFRGAYGVQVLLQTLCTKAPPEDDSLPQVPISPYKDEPWKYLDSEEYQNRYGSRPVWADYRRN
HKGGIPPQRTRKMCIRGNKVAGNPCPICRDQKLHVDFRNVKLLEQFVCAHTGIIFHAPYTGVCMKQHKKLTQAIQKARDH
GLLRYHIPQVEPRDLDFSTTHGAVSSTPPAPTLVSGDPWYPWYSWKQPPERELSRLRRLYQGRLREESGPPPELMPEVPL
TAPAEASSTEPGAPQSAL
;
Ap
82 'polypeptide(L)'
;MALAVLALRTRAAVTALLSPPQAAALAVRYASKKTGGSSKNLGGKSPGKRFGIKKMEGHYVHAGNILATQRHFRWHPGAH
VGLGKNKCLYALEEGVVRYTKEVYVPNPSNSEAVDLVTRLPQGAVLYKTFVHVVPAKPEGTFKLVAML
;
B0
83 'polypeptide(L)'
;MPLHKVPVGLWKQLRLWEGIYSRLPRHYLRSLEEARTPTPVHYRPHGAKFKINPKNWQRERVEDVPIPVHYPPESQLGLW
GGEGWVLGHRYVNNDKLSKRVRKVWKPQLFQRELYSEILDKRFTVTVTMRTLDLIDQACGFDFYILKTPKEDLCSKFGMD
LKRGMLLRLARQDPQLHPDDPARRAAIYDRYKAFVIPEAEAEWVGLTLDEAVEKQRLLEEKDPIPLFKIFVEELLGQLQQ
QALSEPAVVQTRASRK
;
B1
84 'polypeptide(L)'
;MAAAGLAVFCRRVSAALKACRLLIRPQAPPSTSCRFSPSLLPKNTPNVTSFHQFRIFHTTFSRRGLEEFFDDPKNWGEEK
VKSGASWTCQQLRNKSNEDLHKLWYVLLKERNMLLTLEQEAKRQRLPMPSPERLEKVVDSMDALDKVVQEREDALRLLQT
GQEKARPGAWRRDIFGRIIWHKFKQWPIPWYLNKKYNRKRFFAMPYVERFVRMRIEKQARIKARKRSLERKKEKFLQEKF
PHLSETQKSSHV
;
B2
85 'polypeptide(L)'
;HPPRQDFLVRRQPHRNRTVTKGMESLICTDWIRHKFTRSRIPDKVFQPSPEDHEKYGGDPQYPHKLHIVTRIKSTKRRPY
WEKDIIKMLGLEKAHTPQVHKNIPSVNAKLKVVKHLIRIKPLKLPQGLPTEEDMANTCLKSNGELVVRWLLNPANQEARK
S
;
B3
86 'polypeptide(L)'
;MAAKGSLLRLLWQRVVTGAAPESCRHLYTSSWRADCNRALLTRLHRQTYARLYPVLLVKQDGSTIHIRYREPRRMLTMPV
DLDSLSPEERRARFRKREAKFKEKKEEPELSDDFDVEQYKRFWTKK
;
B4
87 'polypeptide(L)'
;MASAMLVLVVPPWPAARGLLRNWWEQLQRKLQHNRLGLPLHPWGPALAVQGPAICTEPANDTNGSKAISSLLDSVFWMAA
PKNRRSIEVNRCRRRNPQKLIKVKNNIDVCPECGHLKQKHILCGYCYEKVRKETAEIRRQMGKQEGGPFRAPTTETVVLY
SGETPSEQDQGKRIIERERKRPSWFTQN
;
B5
88 'polypeptide(L)' MFLSAVTFAKSKSKTILVKMMSQAGTGFSFNTKRSRLREKLTLLHYDPVVKKKVLFVEQKKIRSL B6
#
loop_
_chem_comp.id
_chem_comp.type
_chem_comp.name
_chem_comp.formula
5GP non-polymer GUANOSINE-5'-MONOPHOSPHATE 'C10 H14 N5 O8 P'
A RNA linking ADENOSINE-5'-MONOPHOSPHATE 'C10 H14 N5 O7 P'
C RNA linking CYTIDINE-5'-MONOPHOSPHATE 'C9 H14 N3 O8 P'
G RNA linking GUANOSINE-5'-MONOPHOSPHATE 'C10 H14 N5 O8 P'
GTP non-polymer GUANOSINE-5'-TRIPHOSPHATE 'C10 H16 N5 O14 P3'
MG non-polymer 'MAGNESIUM ION' 'Mg 2'
SPM non-polymer SPERMINE 'C10 H26 N4'
U RNA linking URIDINE-5'-MONOPHOSPHATE 'C9 H13 N2 O9 P'
ZN non-polymer 'ZINC ION' 'Zn 2'
#
# COMPACT_ATOMS: atom_id res chain seq x y z
N LYS A 50 2.96 46.82 10.24
CA LYS A 50 2.87 46.40 11.63
C LYS A 50 1.75 47.14 12.35
N ALA A 51 2.02 48.39 12.72
CA ALA A 51 1.02 49.22 13.37
C ALA A 51 0.36 50.12 12.33
N ARG A 52 -0.96 50.14 12.33
CA ARG A 52 -1.75 50.90 11.36
C ARG A 52 -2.48 52.04 12.06
N GLY A 53 -3.27 52.78 11.29
CA GLY A 53 -4.01 53.93 11.76
C GLY A 53 -3.34 55.25 11.47
N ASN A 54 -2.04 55.26 11.18
CA ASN A 54 -1.31 56.47 10.83
C ASN A 54 -1.09 56.58 9.34
N GLU A 55 -2.06 56.12 8.54
CA GLU A 55 -1.92 56.14 7.09
C GLU A 55 -1.93 57.55 6.51
N TYR A 56 -2.32 58.56 7.28
CA TYR A 56 -2.38 59.93 6.78
C TYR A 56 -1.09 60.64 7.14
N GLN A 57 -0.19 60.78 6.17
CA GLN A 57 1.02 61.57 6.34
C GLN A 57 0.82 62.91 5.67
N PRO A 58 0.68 64.00 6.42
CA PRO A 58 0.28 65.27 5.81
C PRO A 58 1.32 65.81 4.83
N SER A 59 0.84 66.46 3.79
CA SER A 59 1.69 67.12 2.81
C SER A 59 0.84 68.13 2.06
N ASN A 60 1.16 69.41 2.18
CA ASN A 60 0.35 70.46 1.56
C ASN A 60 0.38 70.35 0.05
N ILE A 61 1.54 70.04 -0.53
CA ILE A 61 1.65 69.92 -1.97
C ILE A 61 0.74 68.81 -2.48
N LYS A 62 0.80 67.64 -1.83
CA LYS A 62 -0.06 66.54 -2.23
C LYS A 62 -1.53 66.87 -2.03
N ARG A 63 -1.86 67.53 -0.92
CA ARG A 63 -3.25 67.90 -0.67
C ARG A 63 -3.79 68.82 -1.75
N LYS A 64 -2.99 69.83 -2.14
CA LYS A 64 -3.43 70.78 -3.15
C LYS A 64 -3.41 70.17 -4.55
N HIS A 65 -2.56 69.18 -4.80
CA HIS A 65 -2.52 68.55 -6.12
C HIS A 65 -3.55 67.45 -6.28
N LYS A 66 -4.09 66.92 -5.19
CA LYS A 66 -5.10 65.88 -5.27
C LYS A 66 -6.52 66.40 -5.05
N HIS A 67 -6.71 67.31 -4.09
CA HIS A 67 -8.05 67.83 -3.79
C HIS A 67 -8.10 69.35 -3.87
N GLY A 68 -7.17 69.97 -4.59
CA GLY A 68 -7.17 71.41 -4.72
C GLY A 68 -8.22 71.91 -5.69
N TRP A 69 -8.37 73.23 -5.72
CA TRP A 69 -9.39 73.84 -6.57
C TRP A 69 -9.07 73.66 -8.05
N VAL A 70 -7.80 73.87 -8.43
CA VAL A 70 -7.41 73.70 -9.82
C VAL A 70 -7.56 72.24 -10.25
N ARG A 71 -7.18 71.31 -9.37
CA ARG A 71 -7.36 69.90 -9.66
C ARG A 71 -8.83 69.54 -9.81
N ARG A 72 -9.70 70.12 -8.98
CA ARG A 72 -11.13 69.88 -9.12
C ARG A 72 -11.66 70.40 -10.44
N LEU A 73 -11.27 71.62 -10.82
CA LEU A 73 -11.84 72.24 -12.02
C LEU A 73 -11.21 71.78 -13.32
N ARG A 74 -10.06 71.10 -13.27
CA ARG A 74 -9.43 70.64 -14.50
C ARG A 74 -10.14 69.46 -15.14
N THR A 75 -11.10 68.84 -14.45
CA THR A 75 -11.84 67.71 -15.00
C THR A 75 -13.34 67.98 -14.84
N PRO A 76 -14.15 67.55 -15.80
CA PRO A 76 -15.61 67.74 -15.66
C PRO A 76 -16.19 67.05 -14.44
N THR A 77 -15.64 65.89 -14.06
CA THR A 77 -16.15 65.19 -12.88
C THR A 77 -15.91 66.01 -11.60
N GLY A 78 -14.75 66.64 -11.48
CA GLY A 78 -14.52 67.53 -10.37
C GLY A 78 -15.45 68.74 -10.40
N VAL A 79 -15.77 69.23 -11.60
CA VAL A 79 -16.73 70.33 -11.71
C VAL A 79 -18.08 69.88 -11.20
N GLN A 80 -18.51 68.66 -11.53
CA GLN A 80 -19.77 68.14 -11.01
C GLN A 80 -19.71 67.96 -9.50
N VAL A 81 -18.56 67.56 -8.98
CA VAL A 81 -18.40 67.46 -7.52
C VAL A 81 -18.59 68.83 -6.87
N ILE A 82 -17.98 69.87 -7.45
CA ILE A 82 -18.14 71.22 -6.92
C ILE A 82 -19.59 71.66 -7.02
N LEU A 83 -20.26 71.31 -8.12
CA LEU A 83 -21.68 71.65 -8.27
C LEU A 83 -22.52 70.98 -7.19
N ARG A 84 -22.27 69.70 -6.91
CA ARG A 84 -22.99 69.01 -5.85
C ARG A 84 -22.73 69.64 -4.48
N ARG A 85 -21.48 70.00 -4.20
CA ARG A 85 -21.18 70.64 -2.92
C ARG A 85 -21.87 72.00 -2.79
N MET A 86 -21.87 72.80 -3.85
CA MET A 86 -22.58 74.09 -3.80
C MET A 86 -24.08 73.89 -3.62
N HIS A 87 -24.66 72.90 -4.30
CA HIS A 87 -26.09 72.64 -4.14
C HIS A 87 -26.40 72.22 -2.72
N LYS A 88 -25.56 71.38 -2.12
CA LYS A 88 -25.75 71.01 -0.73
C LYS A 88 -25.52 72.19 0.21
N GLY A 89 -24.71 73.17 -0.19
CA GLY A 89 -24.45 74.32 0.64
C GLY A 89 -23.22 74.20 1.50
N ARG A 90 -22.18 73.52 1.02
CA ARG A 90 -20.98 73.31 1.82
C ARG A 90 -20.23 74.62 2.00
N LYS A 91 -19.71 74.83 3.22
CA LYS A 91 -18.94 76.03 3.49
C LYS A 91 -17.58 75.99 2.82
N SER A 92 -17.00 74.80 2.65
CA SER A 92 -15.72 74.61 1.98
C SER A 92 -15.92 73.69 0.79
N LEU A 93 -15.77 74.22 -0.42
CA LEU A 93 -15.94 73.40 -1.62
C LEU A 93 -14.74 72.48 -1.82
N SER A 94 -13.53 72.99 -1.59
CA SER A 94 -12.32 72.20 -1.76
C SER A 94 -11.27 72.70 -0.76
N HIS A 95 -10.11 72.06 -0.78
CA HIS A 95 -9.02 72.45 0.08
C HIS A 95 -8.43 73.78 -0.38
N VAL B 94 -52.37 38.62 -11.44
CA VAL B 94 -53.41 39.59 -11.79
C VAL B 94 -53.04 40.96 -11.25
N THR B 95 -53.19 41.98 -12.09
CA THR B 95 -52.88 43.36 -11.72
C THR B 95 -54.13 43.97 -11.11
N TYR B 96 -54.16 44.08 -9.78
CA TYR B 96 -55.31 44.68 -9.11
C TYR B 96 -55.39 46.17 -9.35
N PHE B 97 -54.24 46.84 -9.48
CA PHE B 97 -54.20 48.27 -9.75
C PHE B 97 -53.17 48.52 -10.85
N SER B 98 -53.65 48.96 -12.02
CA SER B 98 -52.77 49.19 -13.14
C SER B 98 -51.90 50.44 -12.89
N SER B 99 -50.87 50.58 -13.73
CA SER B 99 -49.95 51.69 -13.60
C SER B 99 -50.40 52.92 -14.39
N ARG B 100 -51.02 52.71 -15.55
CA ARG B 100 -51.45 53.85 -16.37
C ARG B 100 -52.74 54.45 -15.86
N LYS B 101 -53.80 53.64 -15.79
CA LYS B 101 -55.12 54.13 -15.41
C LYS B 101 -55.51 53.77 -13.98
N GLY B 102 -54.78 52.86 -13.34
CA GLY B 102 -55.12 52.47 -11.99
C GLY B 102 -56.30 51.53 -11.87
N LYS B 103 -56.77 50.97 -12.98
CA LYS B 103 -57.90 50.06 -12.96
C LYS B 103 -57.41 48.64 -12.69
N ARG B 104 -58.31 47.67 -12.82
CA ARG B 104 -58.00 46.27 -12.59
C ARG B 104 -57.94 45.56 -13.93
N LYS B 105 -56.79 44.99 -14.26
CA LYS B 105 -56.61 44.31 -15.53
C LYS B 105 -57.17 42.90 -15.46
N THR B 106 -57.15 42.23 -16.61
CA THR B 106 -57.61 40.85 -16.72
C THR B 106 -56.58 40.01 -17.46
N VAL B 107 -56.57 38.72 -17.16
CA VAL B 107 -55.66 37.77 -17.80
C VAL B 107 -56.30 37.30 -19.10
N LYS B 108 -55.53 37.31 -20.17
CA LYS B 108 -56.05 36.96 -21.48
C LYS B 108 -56.21 35.47 -21.67
N ALA B 109 -55.51 34.65 -20.88
CA ALA B 109 -55.64 33.19 -21.03
C ALA B 109 -57.06 32.73 -20.74
N VAL B 110 -57.68 33.29 -19.70
CA VAL B 110 -59.03 32.88 -19.32
C VAL B 110 -60.01 33.21 -20.44
N ILE B 111 -59.92 34.41 -21.01
CA ILE B 111 -60.85 34.77 -22.08
C ILE B 111 -60.53 33.98 -23.36
N TYR B 112 -59.29 33.56 -23.53
CA TYR B 112 -58.93 32.79 -24.71
C TYR B 112 -59.43 31.36 -24.65
N ARG B 113 -59.41 30.74 -23.46
CA ARG B 113 -59.77 29.33 -23.33
C ARG B 113 -61.00 29.10 -22.45
N PHE B 114 -61.84 30.12 -22.28
CA PHE B 114 -63.04 29.98 -21.46
C PHE B 114 -64.16 30.84 -22.02
N LEU B 115 -65.39 30.50 -21.62
CA LEU B 115 -66.56 31.28 -21.99
C LEU B 115 -67.46 31.38 -20.77
N ARG B 116 -67.89 32.60 -20.43
CA ARG B 116 -68.73 32.84 -19.26
C ARG B 116 -70.16 33.08 -19.71
N LEU B 117 -71.09 32.33 -19.14
CA LEU B 117 -72.51 32.57 -19.35
C LEU B 117 -73.02 33.58 -18.32
N HIS B 118 -74.09 34.29 -18.68
CA HIS B 118 -74.60 35.33 -17.81
C HIS B 118 -75.22 34.78 -16.54
N SER B 119 -75.50 33.48 -16.49
CA SER B 119 -76.02 32.86 -15.28
C SER B 119 -74.95 32.62 -14.22
N GLY B 120 -73.69 32.91 -14.52
CA GLY B 120 -72.59 32.68 -13.62
C GLY B 120 -71.75 31.46 -13.94
N LEU B 121 -72.24 30.58 -14.80
CA LEU B 121 -71.48 29.39 -15.19
C LEU B 121 -70.38 29.76 -16.18
N TRP B 122 -69.36 28.91 -16.24
CA TRP B 122 -68.26 29.07 -17.18
C TRP B 122 -68.17 27.83 -18.06
N LEU B 123 -67.81 28.04 -19.32
CA LEU B 123 -67.72 26.98 -20.31
C LEU B 123 -66.28 26.76 -20.71
N ARG B 124 -65.90 25.50 -20.90
CA ARG B 124 -64.53 25.14 -21.23
C ARG B 124 -64.51 23.84 -21.99
N ARG B 125 -63.40 23.58 -22.66
CA ARG B 125 -63.20 22.36 -23.42
C ARG B 125 -62.47 21.32 -22.56
N LYS B 126 -62.68 20.05 -22.91
CA LYS B 126 -61.97 18.97 -22.23
C LYS B 126 -60.50 18.99 -22.62
N ALA B 127 -59.65 18.71 -21.64
CA ALA B 127 -58.21 18.71 -21.86
C ALA B 127 -57.79 17.46 -22.62
N GLY B 128 -57.03 17.64 -23.69
CA GLY B 128 -56.54 16.53 -24.48
C GLY B 128 -57.46 16.06 -25.58
N TYR B 129 -58.34 16.92 -26.10
CA TYR B 129 -59.28 16.51 -27.13
C TYR B 129 -58.69 16.54 -28.53
N LYS B 130 -57.43 16.95 -28.68
CA LYS B 130 -56.77 16.97 -29.98
C LYS B 130 -55.47 16.19 -29.99
N LYS B 131 -55.18 15.43 -28.93
CA LYS B 131 -53.91 14.73 -28.78
C LYS B 131 -54.15 13.22 -28.88
N LYS B 132 -53.49 12.58 -29.84
CA LYS B 132 -53.44 11.13 -29.95
C LYS B 132 -54.85 10.53 -30.01
N LEU B 133 -55.59 10.90 -31.06
CA LEU B 133 -56.94 10.38 -31.24
C LEU B 133 -56.95 8.94 -31.72
N TRP B 134 -55.86 8.46 -32.33
CA TRP B 134 -55.80 7.08 -32.78
C TRP B 134 -55.62 6.10 -31.64
N LYS B 135 -55.17 6.57 -30.48
CA LYS B 135 -54.91 5.71 -29.33
C LYS B 135 -56.08 5.62 -28.38
N LYS B 136 -57.18 6.31 -28.65
CA LYS B 136 -58.29 6.41 -27.71
C LYS B 136 -59.56 5.81 -28.29
N THR B 137 -60.43 5.38 -27.37
CA THR B 137 -61.70 4.78 -27.73
C THR B 137 -62.67 5.84 -28.23
N ALA B 138 -63.69 5.40 -28.97
CA ALA B 138 -64.68 6.33 -29.51
C ALA B 138 -65.43 7.06 -28.40
N ALA B 139 -65.80 6.35 -27.33
CA ALA B 139 -66.47 7.00 -26.21
C ALA B 139 -65.56 8.02 -25.53
N ARG B 140 -64.28 7.68 -25.36
CA ARG B 140 -63.34 8.63 -24.78
C ARG B 140 -63.18 9.86 -25.68
N LYS B 141 -63.14 9.65 -27.00
CA LYS B 141 -63.05 10.77 -27.92
C LYS B 141 -64.29 11.65 -27.86
N ARG B 142 -65.47 11.04 -27.72
CA ARG B 142 -66.70 11.82 -27.56
C ARG B 142 -66.65 12.64 -26.28
N ARG B 143 -66.19 12.04 -25.19
CA ARG B 143 -66.07 12.77 -23.93
C ARG B 143 -65.09 13.93 -24.06
N LEU B 144 -63.97 13.72 -24.75
CA LEU B 144 -63.02 14.80 -24.97
C LEU B 144 -63.61 15.91 -25.83
N ARG B 145 -64.36 15.55 -26.87
CA ARG B 145 -64.95 16.57 -27.74
C ARG B 145 -66.09 17.33 -27.05
N GLU B 146 -66.73 16.73 -26.05
CA GLU B 146 -67.87 17.37 -25.42
C GLU B 146 -67.44 18.51 -24.50
N PHE B 147 -68.24 19.57 -24.49
CA PHE B 147 -68.05 20.70 -23.60
C PHE B 147 -68.38 20.31 -22.16
N VAL B 148 -67.72 20.99 -21.21
CA VAL B 148 -67.95 20.76 -19.78
C VAL B 148 -68.00 22.10 -19.05
N PHE B 149 -68.54 22.06 -17.84
CA PHE B 149 -68.69 23.23 -16.99
C PHE B 149 -67.61 23.26 -15.91
N CYS B 150 -67.59 24.35 -15.16
CA CYS B 150 -66.67 24.53 -14.04
C CYS B 150 -67.44 24.71 -12.74
N ASN B 151 -66.88 24.25 -11.64
CA ASN B 151 -67.58 24.28 -10.36
C ASN B 151 -67.43 25.66 -9.72
N LYS B 152 -67.85 25.77 -8.46
CA LYS B 152 -67.87 27.07 -7.79
C LYS B 152 -66.47 27.64 -7.62
N THR B 153 -65.50 26.81 -7.24
CA THR B 153 -64.15 27.33 -6.97
C THR B 153 -63.51 27.89 -8.23
N GLN B 154 -63.54 27.13 -9.32
CA GLN B 154 -62.95 27.62 -10.56
C GLN B 154 -63.75 28.80 -11.11
N SER B 155 -65.08 28.78 -10.95
CA SER B 155 -65.88 29.92 -11.41
C SER B 155 -65.51 31.19 -10.65
N LYS B 156 -65.34 31.09 -9.33
CA LYS B 156 -64.94 32.26 -8.54
C LYS B 156 -63.53 32.71 -8.92
N LEU B 157 -62.63 31.76 -9.17
CA LEU B 157 -61.27 32.12 -9.59
C LEU B 157 -61.31 32.90 -10.90
N LEU B 158 -62.08 32.41 -11.87
CA LEU B 158 -62.17 33.10 -13.16
C LEU B 158 -62.84 34.46 -13.03
N ASP B 159 -63.86 34.56 -12.16
CA ASP B 159 -64.49 35.85 -11.93
C ASP B 159 -63.51 36.85 -11.32
N LYS B 160 -62.68 36.40 -10.38
CA LYS B 160 -61.65 37.27 -9.80
C LYS B 160 -60.63 37.67 -10.85
N MET B 161 -60.23 36.74 -11.72
CA MET B 161 -59.19 36.99 -12.70
C MET B 161 -59.68 37.76 -13.92
N THR B 162 -60.99 37.89 -14.12
CA THR B 162 -61.54 38.62 -15.25
C THR B 162 -62.26 39.87 -14.77
N THR B 163 -62.21 40.92 -15.58
CA THR B 163 -62.86 42.18 -15.27
C THR B 163 -64.36 42.06 -15.53
N SER B 164 -65.13 43.00 -14.99
CA SER B 164 -66.59 43.01 -15.12
C SER B 164 -67.06 43.23 -16.55
N PHE B 165 -66.18 43.64 -17.46
CA PHE B 165 -66.58 43.79 -18.86
C PHE B 165 -67.04 42.47 -19.46
N TRP B 166 -66.39 41.37 -19.09
CA TRP B 166 -66.75 40.06 -19.62
C TRP B 166 -67.97 39.46 -18.92
N LYS B 167 -68.47 40.10 -17.87
CA LYS B 167 -69.66 39.63 -17.16
C LYS B 167 -70.92 40.36 -17.60
N ARG B 168 -70.83 41.20 -18.63
CA ARG B 168 -71.98 41.95 -19.12
C ARG B 168 -72.94 41.02 -19.86
N ARG B 169 -74.16 41.52 -20.08
CA ARG B 169 -75.14 40.82 -20.90
C ARG B 169 -74.82 41.07 -22.36
N ASN B 170 -74.77 40.00 -23.14
CA ASN B 170 -74.36 40.06 -24.54
C ASN B 170 -75.48 39.56 -25.44
N TRP B 171 -75.85 40.36 -26.42
CA TRP B 171 -76.86 40.00 -27.41
C TRP B 171 -76.18 39.97 -28.78
N TYR B 172 -75.58 38.84 -29.12
CA TYR B 172 -74.97 38.67 -30.43
C TYR B 172 -76.00 38.26 -31.45
N ALA B 173 -75.69 38.49 -32.72
CA ALA B 173 -76.54 38.03 -33.82
C ALA B 173 -76.25 36.57 -34.09
N ASP B 174 -77.28 35.74 -34.07
CA ASP B 174 -77.17 34.30 -34.29
C ASP B 174 -76.18 33.67 -33.29
N ASP B 175 -76.33 34.06 -32.03
CA ASP B 175 -75.45 33.53 -30.99
C ASP B 175 -75.89 32.14 -30.58
N PRO B 176 -75.04 31.12 -30.72
CA PRO B 176 -75.45 29.77 -30.31
C PRO B 176 -75.72 29.65 -28.82
N TYR B 177 -75.02 30.41 -27.98
CA TYR B 177 -75.14 30.30 -26.54
C TYR B 177 -76.15 31.26 -25.95
N GLN B 178 -76.89 31.99 -26.78
CA GLN B 178 -77.92 32.89 -26.29
C GLN B 178 -79.00 32.12 -25.54
N LYS B 179 -79.29 30.89 -25.96
CA LYS B 179 -80.26 30.07 -25.25
C LYS B 179 -79.72 29.59 -23.91
N TYR B 180 -78.41 29.46 -23.77
CA TYR B 180 -77.79 29.03 -22.53
C TYR B 180 -77.38 30.19 -21.63
N GLN B 181 -77.58 31.43 -22.09
CA GLN B 181 -77.18 32.59 -21.29
C GLN B 181 -77.95 32.65 -19.97
N ASP B 182 -79.20 32.21 -19.95
CA ASP B 182 -80.05 32.33 -18.78
C ASP B 182 -80.28 30.98 -18.13
N ARG B 183 -80.80 31.01 -16.90
CA ARG B 183 -81.07 29.83 -16.11
C ARG B 183 -82.56 29.75 -15.78
N THR B 184 -83.11 28.54 -15.82
CA THR B 184 -84.52 28.31 -15.56
C THR B 184 -84.69 27.16 -14.58
N ASN B 185 -85.76 27.24 -13.78
CA ASN B 185 -86.16 26.17 -12.86
C ASN B 185 -85.04 25.81 -11.89
N LEU B 186 -84.44 26.82 -11.28
CA LEU B 186 -83.39 26.63 -10.29
C LEU B 186 -84.02 26.79 -8.91
N LYS B 187 -84.40 25.68 -8.29
CA LYS B 187 -85.03 25.67 -6.98
C LYS B 187 -83.92 25.62 -5.93
N VAL B 188 -83.49 26.80 -5.50
CA VAL B 188 -82.44 26.90 -4.48
C VAL B 188 -82.84 27.90 -3.41
N PHE C 63 -15.54 -23.33 50.29
CA PHE C 63 -16.96 -23.11 49.99
C PHE C 63 -17.18 -22.77 48.53
N LYS C 64 -18.34 -23.12 48.01
CA LYS C 64 -18.80 -22.67 46.71
C LYS C 64 -20.15 -21.99 46.86
N THR C 65 -20.27 -20.76 46.37
CA THR C 65 -21.54 -20.03 46.44
C THR C 65 -22.39 -20.41 45.23
N LYS C 66 -23.59 -20.94 45.49
CA LYS C 66 -24.48 -21.40 44.43
C LYS C 66 -25.89 -20.91 44.70
N GLY C 67 -26.70 -20.92 43.65
CA GLY C 67 -28.09 -20.55 43.76
C GLY C 67 -28.98 -21.75 44.04
N VAL C 68 -28.61 -22.91 43.51
CA VAL C 68 -29.33 -24.16 43.73
C VAL C 68 -28.36 -25.14 44.37
N LEU C 69 -28.77 -25.71 45.51
CA LEU C 69 -27.92 -26.61 46.27
C LEU C 69 -28.42 -28.04 46.15
N LYS C 70 -27.49 -28.98 46.01
CA LYS C 70 -27.81 -30.39 45.94
C LYS C 70 -26.74 -31.18 46.66
N LYS C 71 -27.09 -32.39 47.09
CA LYS C 71 -26.14 -33.26 47.77
C LYS C 71 -25.34 -34.06 46.75
N ARG C 72 -24.02 -33.93 46.79
CA ARG C 72 -23.15 -34.71 45.92
C ARG C 72 -22.79 -36.07 46.51
N CYS C 73 -23.14 -36.33 47.76
CA CYS C 73 -22.93 -37.62 48.38
C CYS C 73 -23.94 -37.79 49.51
N ARG C 74 -24.09 -39.03 49.97
CA ARG C 74 -25.06 -39.35 51.00
C ARG C 74 -24.67 -38.82 52.38
N ASP C 75 -23.43 -38.36 52.56
CA ASP C 75 -22.98 -37.86 53.85
C ASP C 75 -23.10 -36.35 53.98
N CYS C 76 -23.54 -35.66 52.93
CA CYS C 76 -23.78 -34.22 53.01
C CYS C 76 -25.05 -33.96 53.81
N TYR C 77 -25.07 -32.86 54.56
CA TYR C 77 -26.26 -32.46 55.30
C TYR C 77 -26.53 -30.98 55.07
N LEU C 78 -27.81 -30.63 55.02
CA LEU C 78 -28.26 -29.27 54.75
C LEU C 78 -28.73 -28.62 56.04
N VAL C 79 -28.16 -27.46 56.36
CA VAL C 79 -28.46 -26.76 57.60
C VAL C 79 -28.65 -25.28 57.30
N LYS C 80 -29.62 -24.65 57.98
CA LYS C 80 -29.87 -23.23 57.83
C LYS C 80 -29.07 -22.49 58.90
N ARG C 81 -28.11 -21.67 58.44
CA ARG C 81 -27.25 -20.91 59.34
C ARG C 81 -27.06 -19.52 58.79
N ARG C 82 -27.03 -18.53 59.69
CA ARG C 82 -26.78 -17.13 59.34
C ARG C 82 -27.73 -16.62 58.27
N GLY C 83 -28.95 -17.16 58.24
CA GLY C 83 -29.95 -16.73 57.28
C GLY C 83 -29.83 -17.37 55.91
N ARG C 84 -28.88 -18.27 55.70
CA ARG C 84 -28.70 -18.93 54.42
C ARG C 84 -28.75 -20.44 54.62
N TRP C 85 -28.72 -21.17 53.51
CA TRP C 85 -28.65 -22.62 53.53
C TRP C 85 -27.23 -23.07 53.23
N PHE C 86 -26.81 -24.16 53.88
CA PHE C 86 -25.45 -24.64 53.75
C PHE C 86 -25.47 -26.15 53.60
N ILE C 87 -24.90 -26.64 52.49
CA ILE C 87 -24.64 -28.05 52.31
C ILE C 87 -23.22 -28.30 52.85
N TYR C 88 -23.14 -29.01 53.97
CA TYR C 88 -21.88 -29.29 54.64
C TYR C 88 -21.55 -30.77 54.48
N CYS C 89 -20.29 -31.07 54.18
CA CYS C 89 -19.82 -32.43 54.05
C CYS C 89 -18.55 -32.61 54.87
N LYS C 90 -18.47 -33.71 55.60
CA LYS C 90 -17.29 -34.02 56.40
C LYS C 90 -16.33 -34.94 55.68
N THR C 91 -16.85 -35.94 54.96
CA THR C 91 -15.99 -36.89 54.27
C THR C 91 -15.27 -36.21 53.10
N ASN C 92 -16.00 -35.47 52.28
CA ASN C 92 -15.42 -34.77 51.14
C ASN C 92 -15.67 -33.28 51.31
N PRO C 93 -14.68 -32.51 51.80
CA PRO C 93 -14.92 -31.09 52.09
C PRO C 93 -15.18 -30.24 50.85
N LYS C 94 -14.94 -30.76 49.64
CA LYS C 94 -15.21 -29.98 48.44
C LYS C 94 -16.69 -29.84 48.13
N HIS C 95 -17.55 -30.57 48.84
CA HIS C 95 -18.99 -30.51 48.66
C HIS C 95 -19.64 -29.38 49.44
N LYS C 96 -18.85 -28.45 49.99
CA LYS C 96 -19.38 -27.40 50.84
C LYS C 96 -19.99 -26.30 49.96
N GLN C 97 -21.32 -26.16 50.05
CA GLN C 97 -22.07 -25.24 49.21
C GLN C 97 -22.84 -24.25 50.08
N ARG C 98 -22.93 -23.01 49.60
CA ARG C 98 -23.59 -21.93 50.33
C ARG C 98 -24.63 -21.28 49.42
N GLN C 99 -25.85 -21.13 49.93
CA GLN C 99 -26.94 -20.56 49.16
C GLN C 99 -26.78 -19.05 49.09
N MET C 100 -26.70 -18.51 47.88
CA MET C 100 -26.55 -17.07 47.71
C MET C 100 -27.91 -16.38 47.72
N ALA F 61 -2.58 60.89 -15.86
CA ALA F 61 -1.83 61.89 -16.61
C ALA F 61 -1.03 61.24 -17.73
N THR F 62 -0.64 62.04 -18.72
CA THR F 62 0.12 61.56 -19.87
C THR F 62 1.57 62.04 -19.76
N SER F 63 2.50 61.10 -19.92
CA SER F 63 3.92 61.41 -19.83
C SER F 63 4.46 61.82 -21.18
N VAL F 64 5.58 62.55 -21.15
CA VAL F 64 6.25 63.04 -22.35
C VAL F 64 7.54 62.27 -22.55
N SER F 65 7.78 61.83 -23.78
CA SER F 65 8.97 61.04 -24.09
C SER F 65 10.23 61.90 -23.95
N TRP F 66 11.35 61.23 -23.67
CA TRP F 66 12.63 61.88 -23.45
C TRP F 66 13.40 62.13 -24.74
N LYS F 67 12.88 61.67 -25.88
CA LYS F 67 13.63 61.66 -27.14
C LYS F 67 13.50 62.98 -27.90
N SER F 68 13.23 64.08 -27.21
CA SER F 68 13.11 65.40 -27.85
C SER F 68 14.49 65.97 -28.07
N ARG F 69 15.10 65.61 -29.21
CA ARG F 69 16.40 66.18 -29.59
C ARG F 69 16.53 66.08 -31.10
N THR F 70 16.30 67.19 -31.79
CA THR F 70 16.38 67.20 -33.25
C THR F 70 17.83 67.20 -33.74
N LYS F 71 18.71 67.93 -33.06
CA LYS F 71 20.09 68.07 -33.51
C LYS F 71 20.91 66.87 -33.08
N TYR F 72 21.82 66.45 -33.96
CA TYR F 72 22.73 65.35 -33.65
C TYR F 72 23.84 65.82 -32.72
N THR F 73 24.09 65.03 -31.68
CA THR F 73 25.10 65.36 -30.68
C THR F 73 26.02 64.15 -30.48
N VAL F 74 27.33 64.39 -30.53
CA VAL F 74 28.29 63.31 -30.30
C VAL F 74 28.28 62.91 -28.83
N MET F 75 28.18 63.88 -27.92
CA MET F 75 28.23 63.58 -26.50
C MET F 75 27.01 62.77 -26.07
N PRO F 76 27.16 61.91 -25.07
CA PRO F 76 26.02 61.11 -24.62
C PRO F 76 24.96 61.99 -23.97
N VAL F 77 23.72 61.84 -24.43
CA VAL F 77 22.59 62.58 -23.90
C VAL F 77 21.89 61.72 -22.86
N LYS F 78 21.47 62.34 -21.76
CA LYS F 78 20.81 61.61 -20.69
C LYS F 78 19.42 61.17 -21.13
N MET F 79 19.02 59.99 -20.68
CA MET F 79 17.76 59.39 -21.05
C MET F 79 16.97 59.00 -19.81
N ARG F 80 15.65 59.05 -19.93
CA ARG F 80 14.74 58.67 -18.84
C ARG F 80 14.11 57.33 -19.20
N LYS F 81 14.57 56.26 -18.54
CA LYS F 81 14.02 54.94 -18.79
C LYS F 81 12.60 54.84 -18.25
N SER F 82 11.79 54.02 -18.91
CA SER F 82 10.42 53.76 -18.48
C SER F 82 10.20 52.26 -18.52
N GLY F 83 9.85 51.68 -17.38
CA GLY F 83 9.73 50.23 -17.30
C GLY F 83 8.36 49.71 -17.69
N GLY F 84 8.22 49.32 -18.95
CA GLY F 84 6.99 48.71 -19.44
C GLY F 84 5.78 49.62 -19.42
N ARG F 85 5.98 50.91 -19.21
CA ARG F 85 4.88 51.86 -19.13
C ARG F 85 4.72 52.61 -20.44
N ASN F 86 3.48 52.66 -20.92
CA ASN F 86 3.15 53.43 -22.11
C ASN F 86 2.94 54.89 -21.72
N HIS F 87 2.41 55.70 -22.64
CA HIS F 87 2.14 57.10 -22.34
C HIS F 87 1.02 57.27 -21.32
N THR F 88 0.22 56.22 -21.08
CA THR F 88 -0.86 56.32 -20.09
C THR F 88 -0.33 56.09 -18.68
N GLY F 89 0.37 54.98 -18.46
CA GLY F 89 0.91 54.67 -17.16
C GLY F 89 0.76 53.21 -16.77
N GLN F 90 0.10 52.45 -17.61
CA GLN F 90 -0.12 51.02 -17.35
C GLN F 90 1.06 50.20 -17.88
N ILE F 91 1.22 49.02 -17.30
CA ILE F 91 2.28 48.12 -17.74
C ILE F 91 1.89 47.48 -19.07
N GLN F 92 2.73 47.68 -20.09
CA GLN F 92 2.56 47.03 -21.37
C GLN F 92 3.57 45.92 -21.63
N VAL F 93 4.79 46.06 -21.12
CA VAL F 93 5.81 45.02 -21.19
C VAL F 93 6.22 44.69 -19.76
N HIS F 94 6.12 43.42 -19.40
CA HIS F 94 6.47 42.99 -18.06
C HIS F 94 7.95 42.66 -17.96
N GLY F 95 8.49 42.76 -16.74
CA GLY F 95 9.88 42.42 -16.50
C GLY F 95 10.88 43.47 -16.89
N ILE F 96 10.49 44.74 -16.93
CA ILE F 96 11.39 45.84 -17.27
C ILE F 96 11.24 46.92 -16.20
N GLY F 97 12.35 47.39 -15.67
CA GLY F 97 12.35 48.47 -14.70
C GLY F 97 13.45 48.30 -13.68
N GLY F 98 13.81 49.41 -13.03
CA GLY F 98 14.80 49.41 -11.98
C GLY F 98 16.20 49.06 -12.44
N GLY F 99 16.61 49.62 -13.58
CA GLY F 99 17.93 49.38 -14.13
C GLY F 99 18.96 50.37 -13.61
N HIS F 100 20.14 50.31 -14.21
CA HIS F 100 21.22 51.23 -13.90
C HIS F 100 21.06 52.51 -14.71
N LYS F 101 21.50 53.62 -14.14
CA LYS F 101 21.44 54.90 -14.84
C LYS F 101 22.32 54.85 -16.09
N GLN F 102 21.75 55.25 -17.23
CA GLN F 102 22.43 55.17 -18.50
C GLN F 102 22.24 56.46 -19.29
N ARG F 103 23.21 56.75 -20.14
CA ARG F 103 23.10 57.80 -21.15
C ARG F 103 22.90 57.16 -22.51
N TYR F 104 22.45 57.98 -23.46
CA TYR F 104 22.23 57.51 -24.83
C TYR F 104 23.24 58.14 -25.76
N ARG F 105 23.93 57.30 -26.54
CA ARG F 105 24.88 57.75 -27.54
C ARG F 105 24.18 57.76 -28.90
N MET F 106 24.16 58.92 -29.54
CA MET F 106 23.42 59.07 -30.80
C MET F 106 24.18 58.37 -31.93
N ILE F 107 23.55 57.37 -32.52
CA ILE F 107 24.19 56.53 -33.54
C ILE F 107 23.63 56.92 -34.91
N ASP F 108 24.52 57.23 -35.85
CA ASP F 108 24.13 57.55 -37.22
C ASP F 108 24.16 56.26 -38.03
N PHE F 109 22.98 55.66 -38.21
CA PHE F 109 22.90 54.40 -38.92
C PHE F 109 23.05 54.59 -40.43
N LEU F 110 22.68 55.76 -40.94
CA LEU F 110 22.90 56.07 -42.36
C LEU F 110 24.39 56.33 -42.55
N ARG F 111 25.11 55.30 -43.00
CA ARG F 111 26.56 55.38 -43.07
C ARG F 111 27.02 56.37 -44.13
N PHE F 112 26.46 56.27 -45.34
CA PHE F 112 26.83 57.16 -46.43
C PHE F 112 26.04 58.45 -46.28
N ARG F 113 26.64 59.43 -45.59
CA ARG F 113 26.02 60.72 -45.34
C ARG F 113 27.06 61.82 -45.53
N PRO F 114 27.17 62.38 -46.73
CA PRO F 114 28.15 63.44 -46.96
C PRO F 114 27.85 64.68 -46.13
N GLU F 115 28.93 65.38 -45.76
CA GLU F 115 28.79 66.59 -44.95
C GLU F 115 28.09 67.70 -45.73
N HIS F 116 28.64 68.06 -46.88
CA HIS F 116 28.11 69.12 -47.72
C HIS F 116 27.56 68.54 -49.02
N GLU F 117 26.47 69.13 -49.50
CA GLU F 117 25.85 68.70 -50.74
C GLU F 117 26.64 69.10 -51.98
N SER F 118 27.66 69.95 -51.83
CA SER F 118 28.47 70.34 -52.97
C SER F 118 29.26 69.16 -53.53
N LYS F 119 29.75 68.28 -52.64
CA LYS F 119 30.53 67.11 -53.03
C LYS F 119 29.80 65.84 -52.59
N PRO F 120 29.02 65.23 -53.47
CA PRO F 120 28.30 64.00 -53.12
C PRO F 120 29.07 62.71 -53.37
N GLY F 121 30.37 62.78 -53.62
CA GLY F 121 31.16 61.60 -53.92
C GLY F 121 31.49 60.77 -52.70
N PRO F 122 32.10 59.61 -52.91
CA PRO F 122 32.52 58.78 -51.78
C PRO F 122 33.54 59.50 -50.91
N PHE F 123 33.50 59.22 -49.62
CA PHE F 123 34.35 59.93 -48.67
C PHE F 123 35.01 58.99 -47.68
N GLU F 124 36.19 59.40 -47.21
CA GLU F 124 37.00 58.62 -46.30
C GLU F 124 37.05 59.31 -44.95
N GLU F 125 36.87 58.54 -43.89
CA GLU F 125 36.88 59.02 -42.51
C GLU F 125 37.88 58.21 -41.69
N LYS F 126 38.11 58.66 -40.46
CA LYS F 126 39.10 58.04 -39.60
C LYS F 126 38.45 57.64 -38.27
N VAL F 127 38.79 56.45 -37.80
CA VAL F 127 38.30 55.96 -36.52
C VAL F 127 39.11 56.59 -35.40
N ILE F 128 38.43 57.12 -34.39
CA ILE F 128 39.06 57.77 -33.26
C ILE F 128 39.12 56.85 -32.05
N ALA F 129 37.98 56.30 -31.63
CA ALA F 129 37.94 55.46 -30.44
C ALA F 129 36.81 54.45 -30.55
N VAL F 130 37.06 53.25 -30.05
CA VAL F 130 36.04 52.21 -29.96
C VAL F 130 35.68 52.05 -28.49
N ARG F 131 34.44 52.36 -28.15
CA ARG F 131 33.98 52.42 -26.77
C ARG F 131 32.76 51.52 -26.57
N TYR F 132 32.44 51.30 -25.30
CA TYR F 132 31.28 50.52 -24.91
C TYR F 132 30.03 51.39 -24.95
N ASP F 133 28.91 50.76 -25.31
CA ASP F 133 27.62 51.43 -25.34
C ASP F 133 26.65 50.59 -24.51
N PRO F 134 26.11 51.11 -23.41
CA PRO F 134 25.17 50.34 -22.60
C PRO F 134 23.80 50.15 -23.24
N CYS F 135 23.46 50.93 -24.26
CA CYS F 135 22.14 50.83 -24.87
C CYS F 135 21.99 49.53 -25.65
N ARG F 136 22.99 49.19 -26.46
CA ARG F 136 22.93 47.99 -27.30
C ARG F 136 24.05 47.02 -26.91
N SER F 137 23.90 45.79 -27.38
CA SER F 137 24.87 44.74 -27.09
C SER F 137 26.19 44.92 -27.84
N ALA F 138 26.21 45.76 -28.87
CA ALA F 138 27.41 45.97 -29.66
C ALA F 138 28.29 47.05 -29.02
N ASP F 139 29.50 47.17 -29.53
CA ASP F 139 30.45 48.21 -29.12
C ASP F 139 30.49 49.25 -30.22
N ILE F 140 30.39 50.52 -29.85
CA ILE F 140 30.26 51.59 -30.83
C ILE F 140 31.62 52.25 -31.04
N ALA F 141 31.72 53.04 -32.10
CA ALA F 141 32.98 53.68 -32.47
C ALA F 141 32.72 55.11 -32.91
N LEU F 142 33.52 56.04 -32.39
CA LEU F 142 33.47 57.41 -32.86
C LEU F 142 34.35 57.57 -34.09
N VAL F 143 33.76 58.10 -35.16
CA VAL F 143 34.45 58.26 -36.44
C VAL F 143 34.30 59.72 -36.87
N ALA F 144 35.41 60.33 -37.26
CA ALA F 144 35.45 61.73 -37.63
C ALA F 144 35.90 61.87 -39.09
N GLY F 145 35.15 62.66 -39.86
CA GLY F 145 35.49 62.93 -41.24
C GLY F 145 34.88 64.22 -41.72
N GLY F 146 35.71 65.10 -42.27
CA GLY F 146 35.24 66.40 -42.71
C GLY F 146 35.28 67.42 -41.57
N ASN F 147 34.11 67.91 -41.17
CA ASN F 147 34.01 68.87 -40.09
C ASN F 147 33.17 68.37 -38.91
N ARG F 148 32.63 67.16 -38.98
CA ARG F 148 31.75 66.64 -37.95
C ARG F 148 32.15 65.21 -37.59
N LYS F 149 31.89 64.86 -36.32
CA LYS F 149 32.09 63.51 -35.81
C LYS F 149 30.75 62.80 -35.72
N ARG F 150 30.79 61.47 -35.65
CA ARG F 150 29.57 60.71 -35.49
C ARG F 150 29.87 59.34 -34.89
N TRP F 151 28.87 58.78 -34.21
CA TRP F 151 28.98 57.44 -33.66
C TRP F 151 28.41 56.44 -34.65
N ILE F 152 29.17 55.38 -34.93
CA ILE F 152 28.72 54.29 -35.78
C ILE F 152 28.90 52.98 -35.03
N ILE F 153 28.37 51.92 -35.61
CA ILE F 153 28.50 50.58 -35.01
C ILE F 153 29.82 49.99 -35.47
N ALA F 154 30.73 49.74 -34.52
CA ALA F 154 32.03 49.18 -34.83
C ALA F 154 31.89 47.70 -35.21
N THR F 155 32.64 47.31 -36.24
CA THR F 155 32.64 45.93 -36.68
C THR F 155 33.64 45.14 -35.84
N GLU F 156 33.95 43.92 -36.27
CA GLU F 156 34.67 42.97 -35.40
C GLU F 156 36.06 43.48 -35.04
N ASN F 157 36.90 43.76 -36.05
CA ASN F 157 38.30 44.05 -35.83
C ASN F 157 38.64 45.52 -36.05
N MET F 158 37.71 46.43 -35.81
CA MET F 158 38.02 47.85 -35.86
C MET F 158 38.75 48.28 -34.60
N LYS F 159 39.84 49.01 -34.78
CA LYS F 159 40.66 49.52 -33.69
C LYS F 159 40.77 51.03 -33.80
N ALA F 160 41.34 51.64 -32.76
CA ALA F 160 41.57 53.07 -32.79
C ALA F 160 42.61 53.43 -33.84
N GLY F 161 42.36 54.52 -34.57
CA GLY F 161 43.26 54.93 -35.62
C GLY F 161 43.19 54.04 -36.84
N ASP F 162 42.01 53.90 -37.43
CA ASP F 162 41.78 53.06 -38.60
C ASP F 162 41.16 53.93 -39.70
N THR F 163 41.19 53.43 -40.93
CA THR F 163 40.66 54.11 -42.09
C THR F 163 39.33 53.49 -42.49
N VAL F 164 38.34 54.33 -42.76
CA VAL F 164 37.01 53.90 -43.18
C VAL F 164 36.68 54.59 -44.49
N LEU F 165 36.14 53.84 -45.45
CA LEU F 165 35.71 54.38 -46.72
C LEU F 165 34.21 54.15 -46.88
N ASN F 166 33.49 55.18 -47.29
CA ASN F 166 32.05 55.11 -47.50
C ASN F 166 31.76 55.55 -48.92
N SER F 167 31.24 54.62 -49.74
CA SER F 167 31.02 54.86 -51.15
C SER F 167 29.64 54.37 -51.54
N ASP F 168 29.08 55.00 -52.58
CA ASP F 168 27.83 54.57 -53.18
C ASP F 168 27.98 54.23 -54.66
N HIS F 169 29.20 54.27 -55.18
CA HIS F 169 29.43 54.03 -56.60
C HIS F 169 29.35 52.53 -56.90
N ILE F 170 28.64 52.19 -57.98
CA ILE F 170 28.53 50.83 -58.46
C ILE F 170 29.17 50.74 -59.84
N GLY F 171 30.06 49.77 -60.01
CA GLY F 171 30.75 49.59 -61.27
C GLY F 171 30.72 48.12 -61.68
N ARG F 172 31.22 47.87 -62.89
CA ARG F 172 31.26 46.50 -63.38
C ARG F 172 32.23 45.64 -62.58
N MET F 173 33.14 46.26 -61.83
CA MET F 173 34.13 45.54 -61.05
C MET F 173 33.79 45.63 -59.57
N ALA F 174 33.79 44.48 -58.90
CA ALA F 174 33.58 44.45 -57.46
C ALA F 174 34.79 45.06 -56.75
N VAL F 175 34.52 45.72 -55.64
CA VAL F 175 35.54 46.38 -54.83
C VAL F 175 36.02 45.39 -53.78
N ALA F 176 37.34 45.34 -53.57
CA ALA F 176 37.90 44.49 -52.53
C ALA F 176 37.37 44.97 -51.19
N ALA F 177 36.51 44.16 -50.58
CA ALA F 177 35.78 44.58 -49.39
C ALA F 177 36.66 44.39 -48.15
N ARG F 178 37.08 45.50 -47.55
CA ARG F 178 37.73 45.47 -46.26
C ARG F 178 36.63 45.44 -45.19
N GLU F 179 37.00 45.53 -43.93
CA GLU F 179 36.04 45.43 -42.83
C GLU F 179 35.38 46.77 -42.50
N GLY F 180 36.08 47.88 -42.73
CA GLY F 180 35.51 49.19 -42.43
C GLY F 180 34.72 49.81 -43.55
N ASP F 181 34.76 49.23 -44.74
CA ASP F 181 34.11 49.83 -45.90
C ASP F 181 32.59 49.81 -45.78
N ALA F 182 31.95 50.76 -46.45
CA ALA F 182 30.50 50.79 -46.61
C ALA F 182 30.20 51.02 -48.08
N HIS F 183 29.93 49.93 -48.80
CA HIS F 183 29.63 49.96 -50.22
C HIS F 183 28.23 49.43 -50.47
N PRO F 184 27.57 49.85 -51.54
CA PRO F 184 26.26 49.28 -51.87
C PRO F 184 26.37 47.80 -52.22
N LEU F 185 25.26 47.09 -52.04
CA LEU F 185 25.23 45.65 -52.26
C LEU F 185 25.59 45.28 -53.69
N GLY F 186 25.36 46.18 -54.66
CA GLY F 186 25.71 45.87 -56.03
C GLY F 186 27.19 45.87 -56.32
N ALA F 187 27.99 46.57 -55.52
CA ALA F 187 29.42 46.64 -55.72
C ALA F 187 30.19 45.60 -54.92
N LEU F 188 29.51 44.79 -54.12
CA LEU F 188 30.21 43.80 -53.32
C LEU F 188 30.23 42.45 -54.02
N PRO F 189 31.24 41.62 -53.74
CA PRO F 189 31.27 40.27 -54.30
C PRO F 189 30.07 39.45 -53.87
N VAL F 190 29.87 38.34 -54.58
CA VAL F 190 28.64 37.54 -54.46
C VAL F 190 28.47 36.89 -53.09
N GLY F 191 29.55 36.64 -52.35
CA GLY F 191 29.44 35.85 -51.14
C GLY F 191 30.06 36.46 -49.89
N THR F 192 29.95 37.77 -49.73
CA THR F 192 30.60 38.42 -48.60
C THR F 192 29.71 38.42 -47.37
N LEU F 193 30.33 38.72 -46.22
CA LEU F 193 29.62 38.86 -44.96
C LEU F 193 29.37 40.34 -44.69
N ILE F 194 28.13 40.68 -44.37
CA ILE F 194 27.68 42.06 -44.29
C ILE F 194 26.83 42.26 -43.04
N ASN F 195 26.62 43.52 -42.69
CA ASN F 195 25.81 43.92 -41.55
C ASN F 195 25.33 45.35 -41.75
N ASN F 196 24.37 45.76 -40.92
CA ASN F 196 23.72 47.06 -41.04
C ASN F 196 23.14 47.24 -42.44
N VAL F 197 22.48 46.20 -42.93
CA VAL F 197 21.89 46.22 -44.26
C VAL F 197 20.67 47.14 -44.25
N GLU F 198 20.32 47.62 -45.44
CA GLU F 198 19.30 48.64 -45.61
C GLU F 198 18.12 48.09 -46.41
N SER F 199 16.93 48.65 -46.14
CA SER F 199 15.69 48.21 -46.77
C SER F 199 15.41 48.91 -48.10
N GLU F 200 15.39 50.24 -48.11
CA GLU F 200 15.22 51.04 -49.30
C GLU F 200 16.38 52.01 -49.39
N PRO F 201 16.80 52.37 -50.61
CA PRO F 201 17.97 53.27 -50.75
C PRO F 201 17.74 54.62 -50.09
N GLY F 202 18.57 54.93 -49.10
CA GLY F 202 18.45 56.15 -48.33
C GLY F 202 17.61 56.04 -47.07
N ARG F 203 17.01 54.88 -46.81
CA ARG F 203 16.14 54.74 -45.64
C ARG F 203 16.92 54.68 -44.34
N GLY F 204 18.05 54.01 -44.35
CA GLY F 204 18.82 53.83 -43.13
C GLY F 204 18.90 52.36 -42.73
N ALA F 205 19.89 52.05 -41.90
CA ALA F 205 20.16 50.67 -41.51
C ALA F 205 19.33 50.32 -40.28
N GLN F 206 18.14 49.75 -40.51
CA GLN F 206 17.33 49.22 -39.44
C GLN F 206 17.73 47.81 -39.04
N TYR F 207 18.18 47.02 -40.01
CA TYR F 207 18.52 45.61 -39.84
C TYR F 207 19.91 45.46 -39.24
N ILE F 208 20.52 44.29 -39.42
CA ILE F 208 21.43 43.65 -38.48
C ILE F 208 22.32 44.63 -37.74
N ARG F 209 22.26 44.59 -36.40
CA ARG F 209 23.07 45.44 -35.54
C ARG F 209 23.67 44.73 -34.34
N ALA F 210 23.15 43.59 -33.92
CA ALA F 210 23.55 42.97 -32.66
C ALA F 210 25.00 42.49 -32.73
N ALA F 211 25.60 42.38 -31.55
CA ALA F 211 27.01 42.00 -31.44
C ALA F 211 27.20 40.56 -31.92
N GLY F 212 28.11 40.39 -32.89
CA GLY F 212 28.42 39.09 -33.42
C GLY F 212 27.52 38.62 -34.56
N THR F 213 26.38 39.27 -34.75
CA THR F 213 25.46 38.89 -35.82
C THR F 213 25.88 39.50 -37.14
N CYS F 214 25.75 38.72 -38.21
CA CYS F 214 26.11 39.18 -39.55
C CYS F 214 25.38 38.33 -40.58
N GLY F 215 24.85 38.97 -41.61
CA GLY F 215 24.22 38.28 -42.71
C GLY F 215 25.22 38.03 -43.81
N VAL F 216 24.79 37.30 -44.83
CA VAL F 216 25.66 36.94 -45.95
C VAL F 216 24.97 37.24 -47.26
N LEU F 217 25.67 37.93 -48.16
CA LEU F 217 25.12 38.19 -49.48
C LEU F 217 25.09 36.89 -50.28
N LEU F 218 23.96 36.59 -50.93
CA LEU F 218 23.80 35.34 -51.65
C LEU F 218 24.01 35.50 -53.14
N ARG F 219 23.24 36.39 -53.78
CA ARG F 219 23.33 36.58 -55.22
C ARG F 219 22.71 37.94 -55.57
N LYS F 220 23.06 38.41 -56.76
CA LYS F 220 22.52 39.66 -57.31
C LYS F 220 21.97 39.37 -58.69
N VAL F 221 20.65 39.44 -58.85
CA VAL F 221 19.98 39.13 -60.11
C VAL F 221 19.10 40.31 -60.50
N ASN F 222 19.18 40.70 -61.78
CA ASN F 222 18.30 41.71 -62.37
C ASN F 222 18.32 43.02 -61.57
N GLY F 223 19.52 43.47 -61.23
CA GLY F 223 19.65 44.70 -60.47
C GLY F 223 18.99 44.63 -59.10
N THR F 224 19.19 43.52 -58.39
CA THR F 224 18.50 43.31 -57.12
C THR F 224 19.33 42.33 -56.29
N ALA F 225 19.61 42.70 -55.06
CA ALA F 225 20.49 41.95 -54.19
C ALA F 225 19.70 41.14 -53.17
N ILE F 226 20.10 39.88 -52.99
CA ILE F 226 19.47 38.96 -52.04
C ILE F 226 20.49 38.64 -50.96
N ILE F 227 20.07 38.74 -49.71
CA ILE F 227 20.93 38.46 -48.57
C ILE F 227 20.26 37.43 -47.67
N GLN F 228 21.05 36.84 -46.79
CA GLN F 228 20.58 35.89 -45.79
C GLN F 228 20.80 36.52 -44.42
N LEU F 229 19.72 36.63 -43.65
CA LEU F 229 19.74 37.24 -42.33
C LEU F 229 20.16 36.22 -41.28
N PRO F 230 20.49 36.67 -40.06
CA PRO F 230 20.86 35.71 -39.01
C PRO F 230 19.77 34.70 -38.70
N SER F 231 18.50 35.02 -38.94
CA SER F 231 17.41 34.08 -38.76
C SER F 231 17.28 33.10 -39.92
N LYS F 232 18.30 33.02 -40.77
CA LYS F 232 18.33 32.11 -41.92
C LYS F 232 17.17 32.38 -42.88
N ARG F 233 16.73 33.63 -42.96
CA ARG F 233 15.66 34.04 -43.86
C ARG F 233 16.25 34.91 -44.96
N GLN F 234 15.71 34.78 -46.17
CA GLN F 234 16.25 35.49 -47.31
C GLN F 234 15.51 36.80 -47.55
N MET F 235 16.29 37.86 -47.74
CA MET F 235 15.80 39.23 -47.84
C MET F 235 16.21 39.79 -49.19
N GLN F 236 15.24 40.29 -49.94
CA GLN F 236 15.46 40.81 -51.28
C GLN F 236 15.30 42.33 -51.27
N VAL F 237 16.34 43.05 -51.67
CA VAL F 237 16.34 44.51 -51.68
C VAL F 237 17.03 44.99 -52.95
N LEU F 238 17.02 46.31 -53.14
CA LEU F 238 17.70 46.90 -54.28
C LEU F 238 19.21 46.84 -54.08
N GLU F 239 19.93 46.78 -55.20
CA GLU F 239 21.39 46.71 -55.16
C GLU F 239 22.03 48.02 -54.72
N THR F 240 21.27 49.10 -54.68
CA THR F 240 21.78 50.41 -54.28
C THR F 240 21.91 50.54 -52.76
N CYS F 241 21.24 49.68 -51.99
CA CYS F 241 21.26 49.79 -50.54
C CYS F 241 22.67 49.69 -50.00
N ILE F 242 23.05 50.63 -49.13
CA ILE F 242 24.39 50.68 -48.57
C ILE F 242 24.47 49.71 -47.40
N ALA F 243 25.53 48.90 -47.37
CA ALA F 243 25.74 47.94 -46.29
C ALA F 243 27.22 47.95 -45.90
N THR F 244 27.47 47.54 -44.66
CA THR F 244 28.82 47.45 -44.13
C THR F 244 29.30 46.00 -44.14
N VAL F 245 30.56 45.80 -44.51
CA VAL F 245 31.14 44.47 -44.68
C VAL F 245 31.78 44.03 -43.36
N GLY F 246 31.50 42.81 -42.94
CA GLY F 246 32.12 42.22 -41.77
C GLY F 246 31.11 41.92 -40.69
N ARG F 247 31.61 41.39 -39.59
CA ARG F 247 30.80 41.05 -38.42
C ARG F 247 30.82 42.18 -37.42
N VAL F 248 29.76 42.29 -36.64
CA VAL F 248 29.64 43.32 -35.62
C VAL F 248 30.57 42.98 -34.46
N SER F 249 31.07 44.02 -33.79
CA SER F 249 32.03 43.84 -32.71
C SER F 249 31.43 43.05 -31.55
N ASN F 250 32.29 42.67 -30.60
CA ASN F 250 31.91 41.95 -29.39
C ASN F 250 31.24 40.61 -29.74
N VAL F 251 31.99 39.78 -30.47
CA VAL F 251 31.46 38.50 -30.93
C VAL F 251 31.22 37.54 -29.77
N ASP F 252 31.87 37.76 -28.62
CA ASP F 252 31.75 36.86 -27.48
C ASP F 252 30.59 37.23 -26.56
N HIS F 253 29.63 38.03 -27.05
CA HIS F 253 28.48 38.37 -26.22
C HIS F 253 27.60 37.17 -25.94
N ASN F 254 27.50 36.25 -26.90
CA ASN F 254 26.72 35.03 -26.69
C ASN F 254 27.34 34.16 -25.61
N LYS F 255 28.66 34.15 -25.49
CA LYS F 255 29.37 33.30 -24.55
C LYS F 255 29.48 33.90 -23.16
N ARG F 256 28.99 35.13 -22.95
CA ARG F 256 29.04 35.71 -21.62
C ARG F 256 28.09 34.96 -20.68
N VAL F 257 28.43 34.98 -19.39
CA VAL F 257 27.65 34.30 -18.37
C VAL F 257 27.24 35.35 -17.33
N ILE F 258 25.97 35.33 -16.96
CA ILE F 258 25.48 36.19 -15.88
C ILE F 258 25.79 35.52 -14.56
N GLY F 259 26.57 36.22 -13.71
CA GLY F 259 27.08 35.58 -12.51
C GLY F 259 26.05 35.35 -11.42
N LYS F 260 24.99 36.15 -11.37
CA LYS F 260 24.05 36.09 -10.26
C LYS F 260 22.73 36.72 -10.71
N ALA F 261 21.74 36.64 -9.83
CA ALA F 261 20.46 37.31 -10.09
C ALA F 261 20.61 38.83 -10.05
N GLY F 262 21.64 39.34 -9.38
CA GLY F 262 21.80 40.79 -9.28
C GLY F 262 22.24 41.43 -10.58
N ARG F 263 22.95 40.69 -11.43
CA ARG F 263 23.38 41.28 -12.70
C ARG F 263 22.18 41.52 -13.62
N ASN F 264 21.17 40.65 -13.57
CA ASN F 264 19.95 40.90 -14.32
C ASN F 264 19.26 42.18 -13.85
N ARG F 265 19.22 42.41 -12.53
CA ARG F 265 18.67 43.66 -12.01
C ARG F 265 19.50 44.86 -12.44
N TRP F 266 20.83 44.71 -12.47
CA TRP F 266 21.67 45.78 -12.97
C TRP F 266 21.34 46.12 -14.43
N LEU F 267 21.16 45.09 -15.25
CA LEU F 267 20.74 45.31 -16.63
C LEU F 267 19.32 45.86 -16.73
N GLY F 268 18.49 45.64 -15.72
CA GLY F 268 17.15 46.19 -15.70
C GLY F 268 16.07 45.20 -16.05
N LYS F 269 16.16 43.99 -15.52
CA LYS F 269 15.20 42.92 -15.79
C LYS F 269 14.56 42.48 -14.48
N ARG F 270 13.31 42.88 -14.28
CA ARG F 270 12.56 42.43 -13.11
C ARG F 270 12.28 40.94 -13.22
N PRO F 271 12.36 40.20 -12.12
CA PRO F 271 12.14 38.76 -12.16
C PRO F 271 10.73 38.41 -12.60
N ASN F 272 10.61 37.24 -13.22
CA ASN F 272 9.33 36.78 -13.75
C ASN F 272 8.35 36.48 -12.63
N SER F 273 7.06 36.51 -12.98
CA SER F 273 6.01 36.26 -12.01
C SER F 273 6.03 34.80 -11.55
N GLY F 274 5.55 34.58 -10.34
CA GLY F 274 5.51 33.25 -9.74
C GLY F 274 4.29 32.43 -10.07
N LEU F 275 3.39 32.93 -10.92
CA LEU F 275 2.19 32.18 -11.26
C LEU F 275 2.56 31.00 -12.15
N TRP F 276 2.22 29.80 -11.69
CA TRP F 276 2.50 28.59 -12.47
C TRP F 276 1.42 28.42 -13.53
N GLN F 277 1.82 28.50 -14.80
CA GLN F 277 0.91 28.37 -15.92
C GLN F 277 1.19 27.07 -16.65
N ARG F 278 0.17 26.23 -16.78
CA ARG F 278 0.32 24.98 -17.50
C ARG F 278 0.54 25.24 -18.99
N LYS F 279 1.45 24.47 -19.57
CA LYS F 279 1.76 24.65 -20.99
C LYS F 279 0.57 24.27 -21.85
N GLY F 280 0.31 25.09 -22.87
CA GLY F 280 -0.76 24.85 -23.81
C GLY F 280 -0.27 24.15 -25.06
N GLY F 281 -1.05 24.31 -26.14
CA GLY F 281 -0.68 23.72 -27.41
C GLY F 281 0.51 24.38 -28.08
N TRP F 282 0.79 25.64 -27.73
CA TRP F 282 1.93 26.33 -28.33
C TRP F 282 3.25 25.68 -27.95
N ALA F 283 3.31 25.05 -26.78
CA ALA F 283 4.55 24.42 -26.32
C ALA F 283 4.87 23.20 -27.16
N GLY F 284 6.16 22.87 -27.23
CA GLY F 284 6.65 21.76 -28.01
C GLY F 284 7.61 22.21 -29.09
N ARG F 285 8.22 21.21 -29.72
CA ARG F 285 9.20 21.43 -30.78
C ARG F 285 8.46 21.54 -32.11
N LYS F 286 8.33 22.76 -32.61
CA LYS F 286 7.65 23.01 -33.88
C LYS F 286 8.68 23.12 -34.99
N ILE F 287 8.73 22.09 -35.84
CA ILE F 287 9.66 22.04 -36.98
C ILE F 287 8.93 22.65 -38.16
N ARG F 288 9.25 23.89 -38.45
CA ARG F 288 8.48 24.48 -39.54
C ARG F 288 9.31 24.59 -40.81
N PRO F 289 8.66 24.68 -41.97
CA PRO F 289 9.38 25.09 -43.17
C PRO F 289 9.84 26.53 -43.06
N LEU F 290 10.92 26.83 -43.78
CA LEU F 290 11.46 28.18 -43.80
C LEU F 290 10.47 29.14 -44.44
N PRO F 291 10.29 30.35 -43.89
CA PRO F 291 9.35 31.30 -44.49
C PRO F 291 9.84 31.76 -45.85
N PRO F 292 8.93 32.20 -46.73
CA PRO F 292 9.35 32.64 -48.06
C PRO F 292 10.20 33.90 -47.99
N MET F 293 10.88 34.18 -49.11
CA MET F 293 11.73 35.36 -49.21
C MET F 293 10.93 36.62 -48.96
N LYS F 294 11.48 37.53 -48.16
CA LYS F 294 10.85 38.82 -47.94
C LYS F 294 11.43 39.85 -48.89
N SER F 295 10.60 40.32 -49.84
CA SER F 295 11.05 41.18 -50.91
C SER F 295 10.56 42.60 -50.66
N TYR F 296 11.45 43.57 -50.86
CA TYR F 296 11.11 44.98 -50.71
C TYR F 296 11.17 45.74 -52.03
N VAL F 297 11.59 45.10 -53.11
CA VAL F 297 11.63 45.74 -54.42
C VAL F 297 10.21 45.80 -54.96
N LYS F 298 9.71 47.01 -55.20
CA LYS F 298 8.34 47.21 -55.64
C LYS F 298 8.27 47.04 -57.14
N LEU F 299 7.83 45.87 -57.58
CA LEU F 299 7.69 45.61 -59.01
C LEU F 299 6.53 46.42 -59.58
N PRO F 300 6.72 47.10 -60.72
CA PRO F 300 5.67 47.92 -61.34
C PRO F 300 4.52 47.08 -61.89
N HIS G 93 -22.32 61.54 77.48
CA HIS G 93 -21.01 61.46 78.12
C HIS G 93 -20.01 60.73 77.24
N GLY G 94 -19.39 61.47 76.31
CA GLY G 94 -18.39 60.90 75.43
C GLY G 94 -17.03 60.81 76.09
N LYS G 95 -16.89 59.87 77.03
CA LYS G 95 -15.63 59.74 77.76
C LYS G 95 -14.51 59.27 76.84
N SER G 96 -13.33 59.83 77.03
CA SER G 96 -12.17 59.45 76.25
C SER G 96 -11.48 58.25 76.88
N VAL G 97 -10.51 57.70 76.15
CA VAL G 97 -9.70 56.60 76.67
C VAL G 97 -8.65 57.15 77.61
N THR G 98 -8.26 56.35 78.60
CA THR G 98 -7.27 56.76 79.59
C THR G 98 -6.42 55.56 79.96
N TRP G 99 -5.10 55.71 79.86
CA TRP G 99 -4.14 54.71 80.29
C TRP G 99 -3.48 55.19 81.57
N TRP G 100 -2.67 54.30 82.17
CA TRP G 100 -2.11 54.57 83.48
C TRP G 100 -0.97 55.59 83.44
N ASP G 101 -0.44 55.91 82.26
CA ASP G 101 0.64 56.87 82.14
C ASP G 101 0.18 58.26 81.74
N GLU G 102 -1.12 58.47 81.55
CA GLU G 102 -1.60 59.75 81.05
C GLU G 102 -1.64 60.80 82.15
N HIS G 103 -2.26 60.49 83.29
CA HIS G 103 -2.47 61.46 84.35
C HIS G 103 -1.37 61.44 85.41
N LEU G 104 -0.36 60.59 85.25
CA LEU G 104 0.74 60.56 86.21
C LEU G 104 1.80 61.60 85.83
N SER G 105 2.60 61.98 86.83
CA SER G 105 3.67 62.95 86.64
C SER G 105 5.01 62.24 86.51
N GLU G 106 6.04 63.02 86.18
CA GLU G 106 7.38 62.48 86.04
C GLU G 106 7.92 61.93 87.35
N GLU G 107 7.42 62.41 88.48
CA GLU G 107 7.89 61.97 89.79
C GLU G 107 7.18 60.71 90.28
N ASN G 108 5.94 60.50 89.86
CA ASN G 108 5.13 59.41 90.40
C ASN G 108 5.22 58.13 89.59
N VAL G 109 5.59 58.20 88.31
CA VAL G 109 5.69 57.01 87.46
C VAL G 109 6.72 56.03 88.02
N PRO G 110 7.96 56.46 88.34
CA PRO G 110 8.87 55.51 88.99
C PRO G 110 8.36 55.03 90.34
N PHE G 111 7.67 55.88 91.10
CA PHE G 111 7.08 55.44 92.36
C PHE G 111 6.04 54.35 92.15
N VAL G 112 5.18 54.51 91.15
CA VAL G 112 4.18 53.49 90.85
C VAL G 112 4.85 52.19 90.41
N LYS G 113 5.87 52.31 89.55
CA LYS G 113 6.58 51.11 89.10
C LYS G 113 7.20 50.36 90.26
N GLN G 114 7.86 51.08 91.17
CA GLN G 114 8.43 50.44 92.36
C GLN G 114 7.36 49.86 93.27
N LEU G 115 6.24 50.57 93.45
CA LEU G 115 5.18 50.10 94.32
C LEU G 115 4.51 48.85 93.78
N VAL G 116 4.54 48.65 92.47
CA VAL G 116 4.05 47.40 91.90
C VAL G 116 5.12 46.30 91.96
N SER G 117 6.37 46.64 91.69
CA SER G 117 7.43 45.64 91.67
C SER G 117 7.65 45.03 93.05
N ASP G 118 7.71 45.86 94.09
CA ASP G 118 7.90 45.32 95.43
C ASP G 118 6.72 44.50 95.91
N GLU G 119 5.49 44.92 95.58
CA GLU G 119 4.33 44.10 95.90
C GLU G 119 4.39 42.75 95.21
N ASN G 120 4.78 42.72 93.93
CA ASN G 120 4.88 41.45 93.24
C ASN G 120 5.96 40.57 93.85
N LYS G 121 7.10 41.16 94.23
CA LYS G 121 8.15 40.40 94.89
C LYS G 121 7.66 39.81 96.20
N ALA G 122 6.97 40.60 97.02
CA ALA G 122 6.44 40.11 98.29
C ALA G 122 5.39 39.03 98.10
N GLN G 123 4.51 39.20 97.12
CA GLN G 123 3.48 38.19 96.87
C GLN G 123 4.08 36.88 96.38
N LEU G 124 5.10 36.95 95.52
CA LEU G 124 5.78 35.75 95.06
C LEU G 124 6.55 35.07 96.19
N ALA G 125 7.15 35.86 97.09
CA ALA G 125 7.85 35.30 98.23
C ALA G 125 6.91 34.68 99.25
N SER G 126 5.69 35.20 99.36
CA SER G 126 4.74 34.66 100.34
C SER G 126 4.37 33.22 100.03
N LYS G 127 4.23 32.89 98.75
CA LYS G 127 3.84 31.54 98.33
C LYS G 127 5.02 30.60 98.18
N LEU G 128 6.23 31.05 98.53
CA LEU G 128 7.43 30.23 98.34
C LEU G 128 7.48 29.02 99.26
N CYS G 129 6.65 28.97 100.30
CA CYS G 129 6.61 27.85 101.23
C CYS G 129 5.16 27.38 101.36
N PRO G 130 4.69 26.59 100.41
CA PRO G 130 3.28 26.20 100.41
C PRO G 130 2.96 25.05 101.36
N LEU G 131 3.96 24.19 101.64
CA LEU G 131 3.70 23.01 102.43
C LEU G 131 3.54 23.32 103.91
N LYS G 132 3.95 24.51 104.37
CA LYS G 132 3.84 24.86 105.77
C LYS G 132 2.68 25.82 106.07
N ASP G 133 2.01 26.35 105.05
CA ASP G 133 0.90 27.27 105.30
C ASP G 133 -0.38 26.50 105.62
N GLU G 134 -0.91 25.77 104.63
CA GLU G 134 -2.07 24.91 104.82
C GLU G 134 -2.18 23.92 103.67
N PRO G 135 -1.33 22.90 103.61
CA PRO G 135 -1.37 21.97 102.48
C PRO G 135 -2.61 21.09 102.51
N TRP G 136 -3.15 20.82 101.33
CA TRP G 136 -4.23 19.85 101.21
C TRP G 136 -3.69 18.44 101.44
N PRO G 137 -4.52 17.52 101.91
CA PRO G 137 -4.04 16.16 102.16
C PRO G 137 -3.50 15.52 100.89
N ILE G 138 -2.39 14.80 101.04
CA ILE G 138 -1.75 14.13 99.91
C ILE G 138 -2.24 12.69 99.85
N HIS G 139 -2.82 12.32 98.72
CA HIS G 139 -3.37 10.97 98.59
C HIS G 139 -2.32 10.03 97.99
N PRO G 140 -2.39 8.74 98.33
CA PRO G 140 -1.46 7.78 97.74
C PRO G 140 -1.70 7.61 96.25
N TRP G 141 -0.62 7.29 95.54
CA TRP G 141 -0.68 7.13 94.09
C TRP G 141 -1.47 5.88 93.73
N GLU G 142 -2.35 6.01 92.74
CA GLU G 142 -3.14 4.90 92.23
C GLU G 142 -2.80 4.64 90.76
N PRO G 143 -2.95 3.39 90.29
CA PRO G 143 -2.62 3.10 88.89
C PRO G 143 -3.47 3.85 87.88
N GLY G 144 -4.66 4.29 88.24
CA GLY G 144 -5.51 5.01 87.32
C GLY G 144 -5.47 6.52 87.50
N SER G 145 -4.41 7.02 88.11
CA SER G 145 -4.29 8.43 88.46
C SER G 145 -3.51 9.19 87.39
N SER G 146 -3.76 10.49 87.33
CA SER G 146 -3.10 11.40 86.40
C SER G 146 -2.55 12.59 87.17
N ARG G 147 -1.57 13.25 86.56
CA ARG G 147 -0.78 14.27 87.23
C ARG G 147 -0.91 15.61 86.52
N VAL G 148 -0.69 16.68 87.28
CA VAL G 148 -0.80 18.03 86.78
C VAL G 148 0.46 18.39 86.01
N GLY G 149 0.33 19.35 85.08
CA GLY G 149 1.41 19.81 84.26
C GLY G 149 1.91 21.19 84.65
N LEU G 150 2.72 21.75 83.77
CA LEU G 150 3.35 23.05 83.96
C LEU G 150 3.21 23.90 82.70
N ILE G 151 3.62 25.17 82.82
CA ILE G 151 3.66 26.09 81.68
C ILE G 151 5.03 26.77 81.70
N ALA G 152 5.91 26.36 80.80
CA ALA G 152 7.28 26.84 80.75
C ALA G 152 7.47 27.80 79.58
N LEU G 153 8.71 28.26 79.43
CA LEU G 153 9.09 29.18 78.35
C LEU G 153 10.16 28.49 77.50
N LYS G 154 9.94 28.45 76.19
CA LYS G 154 10.87 27.78 75.29
C LYS G 154 12.08 28.68 75.06
N LEU G 155 13.24 28.26 75.54
CA LEU G 155 14.46 29.07 75.41
C LEU G 155 15.10 28.88 74.04
N GLY G 156 15.49 27.66 73.72
CA GLY G 156 16.17 27.41 72.47
C GLY G 156 16.43 25.93 72.28
N MET G 157 17.42 25.62 71.45
CA MET G 157 17.78 24.23 71.16
C MET G 157 19.27 24.02 71.44
N MET G 158 19.60 22.81 71.88
CA MET G 158 20.98 22.46 72.19
C MET G 158 21.24 21.04 71.72
N PRO G 159 22.49 20.71 71.41
CA PRO G 159 22.85 19.30 71.16
C PRO G 159 23.11 18.57 72.47
N LEU G 160 22.99 17.24 72.41
CA LEU G 160 23.20 16.41 73.60
C LEU G 160 23.61 15.03 73.12
N TRP G 161 24.77 14.56 73.57
CA TRP G 161 25.27 13.27 73.11
C TRP G 161 25.00 12.18 74.14
N THR G 162 24.77 10.98 73.63
CA THR G 162 24.44 9.82 74.44
C THR G 162 25.67 8.92 74.56
N LYS G 163 25.67 8.07 75.60
CA LYS G 163 26.82 7.22 75.88
C LYS G 163 27.10 6.22 74.77
N ASP G 164 26.15 5.98 73.88
CA ASP G 164 26.35 5.08 72.74
C ASP G 164 26.89 5.80 71.52
N GLY G 165 27.23 7.08 71.64
CA GLY G 165 27.79 7.85 70.54
C GLY G 165 26.78 8.58 69.68
N GLN G 166 25.49 8.39 69.91
CA GLN G 166 24.47 9.08 69.13
C GLN G 166 24.32 10.52 69.60
N LYS G 167 23.79 11.35 68.71
CA LYS G 167 23.57 12.77 68.99
C LYS G 167 22.08 13.06 68.90
N HIS G 168 21.51 13.60 69.97
CA HIS G 168 20.13 14.04 70.01
C HIS G 168 20.10 15.55 70.15
N VAL G 169 18.92 16.13 69.90
CA VAL G 169 18.72 17.57 70.00
C VAL G 169 17.63 17.80 71.03
N VAL G 170 17.93 18.63 72.03
CA VAL G 170 16.99 18.93 73.10
C VAL G 170 16.53 20.37 72.96
N THR G 171 15.31 20.62 73.43
CA THR G 171 14.72 21.95 73.47
C THR G 171 14.60 22.37 74.94
N LEU G 172 14.86 23.65 75.20
CA LEU G 172 14.98 24.17 76.55
C LEU G 172 13.64 24.76 76.98
N LEU G 173 13.02 24.22 78.01
CA LEU G 173 11.76 24.74 78.51
C LEU G 173 11.98 25.26 79.93
N GLN G 174 11.89 26.57 80.11
CA GLN G 174 12.21 27.20 81.38
C GLN G 174 10.92 27.49 82.14
N VAL G 175 10.79 26.89 83.32
CA VAL G 175 9.65 27.09 84.20
C VAL G 175 9.94 28.35 85.01
N GLN G 176 9.42 29.49 84.56
CA GLN G 176 9.66 30.74 85.27
C GLN G 176 8.71 30.90 86.44
N ASP G 177 7.40 30.97 86.16
CA ASP G 177 6.38 31.17 87.19
C ASP G 177 5.20 30.26 86.87
N CYS G 178 5.08 29.14 87.58
CA CYS G 178 3.91 28.29 87.50
C CYS G 178 3.23 28.27 88.85
N HIS G 179 1.96 28.70 88.89
CA HIS G 179 1.18 28.68 90.11
C HIS G 179 -0.21 28.15 89.80
N VAL G 180 -0.75 27.37 90.72
CA VAL G 180 -2.12 26.90 90.58
C VAL G 180 -3.07 28.04 90.91
N LEU G 181 -3.90 28.41 89.94
CA LEU G 181 -4.77 29.57 90.07
C LEU G 181 -6.13 29.20 90.69
N LYS G 182 -6.84 28.27 90.05
CA LYS G 182 -8.16 27.86 90.52
C LYS G 182 -8.30 26.36 90.34
N TYR G 183 -9.26 25.79 91.08
CA TYR G 183 -9.54 24.36 91.03
C TYR G 183 -11.01 24.16 90.72
N THR G 184 -11.29 23.42 89.65
CA THR G 184 -12.67 23.12 89.27
C THR G 184 -12.98 21.66 89.59
N PRO G 185 -14.06 21.38 90.32
CA PRO G 185 -14.35 20.00 90.72
C PRO G 185 -14.75 19.15 89.53
N LYS G 186 -14.68 17.83 89.76
CA LYS G 186 -14.90 16.86 88.69
C LYS G 186 -16.30 16.99 88.10
N GLU G 187 -17.33 16.96 88.95
CA GLU G 187 -18.70 17.01 88.45
C GLU G 187 -19.05 18.36 87.83
N ASN G 188 -18.38 19.43 88.23
CA ASN G 188 -18.63 20.75 87.67
C ASN G 188 -17.75 21.07 86.46
N HIS G 189 -16.79 20.21 86.13
CA HIS G 189 -15.93 20.43 84.97
C HIS G 189 -16.19 19.42 83.87
N ASN G 190 -16.13 18.12 84.17
CA ASN G 190 -16.29 17.08 83.17
C ASN G 190 -17.08 15.86 83.63
N GLY G 191 -17.14 15.60 84.93
CA GLY G 191 -17.81 14.42 85.43
C GLY G 191 -16.95 13.18 85.52
N ARG G 192 -15.73 13.21 84.98
CA ARG G 192 -14.81 12.08 85.05
C ARG G 192 -13.50 12.45 85.74
N MET G 193 -12.94 13.61 85.44
CA MET G 193 -11.69 14.06 86.05
C MET G 193 -11.80 15.55 86.38
N ALA G 194 -11.20 15.93 87.51
CA ALA G 194 -11.17 17.32 87.92
C ALA G 194 -10.22 18.12 87.03
N ALA G 195 -10.27 19.44 87.16
CA ALA G 195 -9.43 20.33 86.38
C ALA G 195 -8.68 21.27 87.31
N LEU G 196 -7.37 21.40 87.11
CA LEU G 196 -6.58 22.41 87.79
C LEU G 196 -6.07 23.43 86.78
N THR G 197 -6.19 24.70 87.12
CA THR G 197 -5.79 25.78 86.25
C THR G 197 -4.41 26.26 86.67
N VAL G 198 -3.51 26.43 85.71
CA VAL G 198 -2.13 26.79 85.95
C VAL G 198 -1.80 28.08 85.19
N GLY G 199 -1.11 29.00 85.86
CA GLY G 199 -0.68 30.24 85.25
C GLY G 199 0.79 30.21 84.86
N GLY G 200 1.13 31.04 83.88
CA GLY G 200 2.49 31.12 83.36
C GLY G 200 3.25 32.33 83.82
N LYS G 201 4.05 32.89 82.91
CA LYS G 201 4.97 33.96 83.25
C LYS G 201 4.20 35.22 83.67
N THR G 202 4.79 35.92 84.64
CA THR G 202 4.20 37.14 85.18
C THR G 202 4.17 38.26 84.12
N VAL G 203 3.10 39.04 84.16
CA VAL G 203 2.93 40.19 83.29
C VAL G 203 2.58 41.40 84.15
N SER G 204 2.38 42.54 83.50
CA SER G 204 2.11 43.80 84.18
C SER G 204 0.63 43.94 84.50
N HIS G 205 0.36 44.66 85.59
CA HIS G 205 -1.02 44.92 86.00
C HIS G 205 -1.71 45.98 85.17
N PHE G 206 -0.94 46.84 84.49
CA PHE G 206 -1.50 48.01 83.83
C PHE G 206 -2.13 47.71 82.48
N HIS G 207 -2.03 46.48 81.98
CA HIS G 207 -2.58 46.13 80.68
C HIS G 207 -3.54 44.94 80.73
N LYS G 208 -3.97 44.54 81.92
CA LYS G 208 -4.95 43.47 82.08
C LYS G 208 -6.32 44.07 82.37
N SER G 209 -7.36 43.26 82.18
CA SER G 209 -8.72 43.70 82.37
C SER G 209 -9.07 43.76 83.86
N ALA G 210 -10.20 44.40 84.15
CA ALA G 210 -10.62 44.57 85.54
C ALA G 210 -10.94 43.23 86.19
N SER G 211 -11.62 42.33 85.47
CA SER G 211 -11.99 41.04 86.04
C SER G 211 -10.78 40.16 86.30
N ILE G 212 -9.81 40.15 85.37
CA ILE G 212 -8.60 39.38 85.57
C ILE G 212 -7.81 39.91 86.77
N LEU G 213 -7.69 41.23 86.88
CA LEU G 213 -7.01 41.82 88.03
C LEU G 213 -7.74 41.52 89.33
N GLU G 214 -9.07 41.52 89.32
CA GLU G 214 -9.83 41.14 90.52
C GLU G 214 -9.59 39.68 90.90
N PHE G 215 -9.55 38.78 89.91
CA PHE G 215 -9.27 37.38 90.19
C PHE G 215 -7.89 37.21 90.80
N TYR G 216 -6.88 37.85 90.22
CA TYR G 216 -5.54 37.75 90.78
C TYR G 216 -5.40 38.49 92.11
N GLN G 217 -6.22 39.51 92.36
CA GLN G 217 -6.22 40.17 93.66
C GLN G 217 -6.77 39.25 94.73
N GLU G 218 -7.88 38.56 94.44
CA GLU G 218 -8.42 37.59 95.40
C GLU G 218 -7.48 36.41 95.57
N LEU G 219 -6.74 36.04 94.53
CA LEU G 219 -5.78 34.94 94.64
C LEU G 219 -4.54 35.34 95.44
N GLY G 220 -4.10 36.58 95.32
CA GLY G 220 -2.89 37.01 95.99
C GLY G 220 -1.63 36.92 95.16
N LEU G 221 -1.75 36.75 93.85
CA LEU G 221 -0.60 36.60 92.98
C LEU G 221 -0.65 37.60 91.83
N PRO G 222 0.49 37.98 91.28
CA PRO G 222 0.51 38.89 90.12
C PRO G 222 -0.04 38.19 88.89
N PRO G 223 -0.53 38.95 87.91
CA PRO G 223 -1.16 38.32 86.74
C PRO G 223 -0.18 37.49 85.93
N LYS G 224 -0.70 36.46 85.28
CA LYS G 224 0.08 35.57 84.44
C LYS G 224 -0.27 35.80 82.97
N GLN G 225 0.66 35.39 82.10
CA GLN G 225 0.45 35.57 80.66
C GLN G 225 -0.44 34.49 80.08
N LYS G 226 -0.02 33.24 80.18
CA LYS G 226 -0.76 32.11 79.63
C LYS G 226 -1.42 31.33 80.75
N VAL G 227 -2.73 31.13 80.66
CA VAL G 227 -3.50 30.44 81.68
C VAL G 227 -4.10 29.22 81.03
N LYS G 228 -3.76 28.03 81.54
CA LYS G 228 -4.18 26.79 80.91
C LYS G 228 -4.87 25.89 81.93
N ILE G 229 -5.58 24.89 81.42
CA ILE G 229 -6.36 23.96 82.23
C ILE G 229 -5.82 22.56 82.00
N PHE G 230 -5.54 21.84 83.10
CA PHE G 230 -5.02 20.49 83.06
C PHE G 230 -6.05 19.55 83.67
N ASN G 231 -6.35 18.47 82.96
CA ASN G 231 -7.30 17.46 83.43
C ASN G 231 -6.56 16.46 84.30
N VAL G 232 -6.86 16.48 85.61
CA VAL G 232 -6.20 15.62 86.59
C VAL G 232 -7.25 14.76 87.26
N THR G 233 -6.80 13.70 87.92
CA THR G 233 -7.71 12.87 88.70
C THR G 233 -7.98 13.52 90.05
N GLU G 234 -9.01 13.00 90.73
CA GLU G 234 -9.47 13.57 91.99
C GLU G 234 -8.48 13.38 93.13
N ASN G 235 -7.54 12.44 93.01
CA ASN G 235 -6.57 12.18 94.07
C ASN G 235 -5.29 13.00 93.92
N ALA G 236 -5.14 13.75 92.84
CA ALA G 236 -3.94 14.54 92.60
C ALA G 236 -4.23 16.05 92.64
N VAL G 237 -5.31 16.45 93.29
CA VAL G 237 -5.67 17.86 93.37
C VAL G 237 -4.73 18.58 94.33
N ILE G 238 -4.39 19.82 93.98
CA ILE G 238 -3.49 20.64 94.78
C ILE G 238 -4.18 21.97 95.07
N LYS G 239 -3.94 22.51 96.26
CA LYS G 239 -4.55 23.77 96.66
C LYS G 239 -4.13 24.88 95.69
N PRO G 240 -5.06 25.73 95.25
CA PRO G 240 -4.67 26.85 94.38
C PRO G 240 -3.73 27.80 95.10
N GLY G 241 -2.86 28.44 94.33
CA GLY G 241 -1.80 29.25 94.88
C GLY G 241 -0.51 28.53 95.13
N THR G 242 -0.45 27.22 94.88
CA THR G 242 0.75 26.42 95.05
C THR G 242 1.69 26.62 93.87
N PRO G 243 2.97 26.90 94.12
CA PRO G 243 3.93 26.99 93.02
C PRO G 243 4.40 25.62 92.55
N LEU G 244 4.83 25.58 91.29
CA LEU G 244 5.35 24.38 90.66
C LEU G 244 6.74 24.65 90.11
N TYR G 245 7.61 23.65 90.18
CA TYR G 245 9.00 23.78 89.76
C TYR G 245 9.33 22.75 88.69
N ALA G 246 10.37 23.05 87.93
CA ALA G 246 10.78 22.19 86.82
C ALA G 246 11.26 20.82 87.27
N ALA G 247 11.61 20.66 88.53
CA ALA G 247 11.94 19.34 89.07
C ALA G 247 10.72 18.46 89.25
N HIS G 248 9.53 18.96 88.87
CA HIS G 248 8.33 18.13 88.91
C HIS G 248 8.48 16.96 87.95
N PHE G 249 9.21 17.15 86.85
CA PHE G 249 9.56 16.07 85.94
C PHE G 249 10.97 15.60 86.25
N ARG G 250 11.17 14.28 86.27
CA ARG G 250 12.45 13.70 86.64
C ARG G 250 13.22 13.24 85.40
N PRO G 251 14.56 13.15 85.46
CA PRO G 251 15.32 12.76 84.27
C PRO G 251 15.00 11.34 83.83
N GLY G 252 14.39 11.24 82.65
CA GLY G 252 13.89 9.98 82.12
C GLY G 252 12.39 9.90 82.30
N GLN G 253 11.66 10.31 81.27
CA GLN G 253 10.21 10.45 81.30
C GLN G 253 9.79 10.89 79.89
N TYR G 254 8.51 10.78 79.60
CA TYR G 254 7.96 11.20 78.32
C TYR G 254 6.86 12.22 78.56
N VAL G 255 7.00 13.40 77.98
CA VAL G 255 6.07 14.50 78.18
C VAL G 255 5.43 14.87 76.85
N ASP G 256 4.27 15.49 76.95
CA ASP G 256 3.53 16.04 75.82
C ASP G 256 3.56 17.56 75.89
N VAL G 257 3.80 18.18 74.73
CA VAL G 257 4.05 19.60 74.60
C VAL G 257 2.97 20.23 73.73
N THR G 258 2.24 21.20 74.29
CA THR G 258 1.17 21.88 73.56
C THR G 258 1.52 23.35 73.44
N ALA G 259 1.41 23.89 72.23
CA ALA G 259 1.68 25.30 72.03
C ALA G 259 1.17 25.74 70.67
N LYS G 260 1.07 27.06 70.49
CA LYS G 260 0.72 27.62 69.19
C LYS G 260 1.96 27.64 68.31
N THR G 261 1.87 26.99 67.15
CA THR G 261 3.02 26.90 66.26
C THR G 261 3.31 28.25 65.62
N ILE G 262 4.46 28.32 64.95
CA ILE G 262 4.88 29.54 64.27
C ILE G 262 3.86 29.86 63.18
N GLY G 263 3.14 30.96 63.35
CA GLY G 263 2.13 31.35 62.39
C GLY G 263 2.71 31.99 61.15
N LYS G 264 2.57 31.34 60.01
CA LYS G 264 3.09 31.83 58.75
C LYS G 264 2.08 32.68 57.99
N GLY G 265 0.91 32.94 58.58
CA GLY G 265 -0.06 33.81 57.96
C GLY G 265 -0.79 33.15 56.81
N PHE G 266 -1.37 33.99 55.96
CA PHE G 266 -2.12 33.53 54.79
C PHE G 266 -1.11 33.03 53.76
N GLN G 267 -0.89 31.72 53.74
CA GLN G 267 0.09 31.11 52.85
C GLN G 267 -0.61 30.37 51.72
N GLY G 268 0.11 30.22 50.61
CA GLY G 268 -0.43 29.56 49.44
C GLY G 268 -0.59 28.07 49.66
N VAL G 269 -1.25 27.44 48.68
CA VAL G 269 -1.57 26.03 48.79
C VAL G 269 -0.31 25.14 48.78
N MET G 270 0.72 25.52 48.01
CA MET G 270 1.94 24.71 47.97
C MET G 270 2.64 24.66 49.32
N ARG G 271 2.71 25.79 50.02
CA ARG G 271 3.36 25.79 51.34
C ARG G 271 2.43 25.29 52.43
N ARG G 272 1.12 25.41 52.24
CA ARG G 272 0.19 25.01 53.30
C ARG G 272 -0.08 23.50 53.26
N TRP G 273 -0.41 22.97 52.09
CA TRP G 273 -0.78 21.57 51.97
C TRP G 273 0.26 20.70 51.28
N GLY G 274 1.28 21.30 50.68
CA GLY G 274 2.33 20.54 50.02
C GLY G 274 2.01 20.11 48.60
N PHE G 275 1.08 20.78 47.93
CA PHE G 275 0.74 20.42 46.56
C PHE G 275 1.91 20.70 45.63
N LYS G 276 2.08 19.83 44.63
CA LYS G 276 3.07 20.08 43.59
C LYS G 276 2.60 21.19 42.67
N GLY G 277 3.55 22.02 42.23
CA GLY G 277 3.25 23.07 41.29
C GLY G 277 3.35 22.60 39.85
N GLN G 278 3.03 23.51 38.94
CA GLN G 278 3.13 23.27 37.51
C GLN G 278 4.54 23.58 37.02
N PRO G 279 4.95 23.00 35.88
CA PRO G 279 6.29 23.27 35.36
C PRO G 279 6.50 24.76 35.09
N ALA G 280 7.72 25.21 35.36
CA ALA G 280 8.00 26.64 35.42
C ALA G 280 8.16 27.30 34.06
N THR G 281 8.60 26.57 33.03
CA THR G 281 8.99 27.23 31.80
C THR G 281 8.50 26.54 30.52
N HIS G 282 7.62 25.55 30.61
CA HIS G 282 7.17 24.81 29.44
C HIS G 282 5.92 25.40 28.80
N GLY G 283 5.74 26.72 28.90
CA GLY G 283 4.61 27.40 28.30
C GLY G 283 3.53 27.79 29.29
N GLN G 284 3.60 27.32 30.53
CA GLN G 284 2.58 27.63 31.52
C GLN G 284 2.46 29.13 31.73
N THR G 285 1.23 29.63 31.72
CA THR G 285 0.94 31.06 31.82
C THR G 285 0.22 31.32 33.13
N LYS G 286 0.91 32.00 34.05
CA LYS G 286 0.33 32.45 35.31
C LYS G 286 -0.29 31.29 36.10
N THR G 287 0.43 30.16 36.12
CA THR G 287 -0.09 28.96 36.75
C THR G 287 0.98 28.18 37.52
N HIS G 288 2.19 28.72 37.69
CA HIS G 288 3.27 27.96 38.28
C HIS G 288 2.99 27.51 39.71
N ARG G 289 2.14 28.24 40.45
CA ARG G 289 1.85 27.87 41.83
C ARG G 289 0.35 27.73 42.11
N ARG G 290 -0.50 27.74 41.08
CA ARG G 290 -1.93 27.65 41.30
C ARG G 290 -2.33 26.24 41.75
N PRO G 291 -3.38 26.12 42.56
CA PRO G 291 -3.82 24.78 42.98
C PRO G 291 -4.37 23.92 41.86
N GLY G 292 -4.77 24.51 40.74
CA GLY G 292 -5.33 23.75 39.65
C GLY G 292 -6.80 23.44 39.84
N ALA G 293 -7.23 22.25 39.44
CA ALA G 293 -8.62 21.85 39.62
C ALA G 293 -8.93 21.69 41.10
N ILE G 294 -10.15 22.09 41.48
CA ILE G 294 -10.56 22.02 42.87
C ILE G 294 -11.72 21.07 43.11
N SER G 295 -12.49 20.70 42.09
CA SER G 295 -13.62 19.80 42.28
C SER G 295 -13.93 19.12 40.95
N THR G 296 -15.09 18.50 40.87
CA THR G 296 -15.50 17.71 39.72
C THR G 296 -16.70 18.35 39.03
N GLY G 297 -16.75 18.20 37.71
CA GLY G 297 -17.77 18.84 36.89
C GLY G 297 -19.20 18.45 37.20
N ASP G 298 -19.44 17.15 37.44
CA ASP G 298 -20.80 16.70 37.71
C ASP G 298 -21.31 17.18 39.07
N VAL G 299 -20.43 17.29 40.06
CA VAL G 299 -20.87 17.70 41.39
C VAL G 299 -21.40 19.13 41.37
N ALA G 300 -20.89 19.97 40.46
CA ALA G 300 -21.30 21.37 40.31
C ALA G 300 -21.04 22.18 41.57
N ARG G 301 -20.13 21.72 42.43
CA ARG G 301 -19.80 22.39 43.67
C ARG G 301 -18.48 21.83 44.17
N VAL G 302 -17.92 22.48 45.19
CA VAL G 302 -16.69 22.03 45.82
C VAL G 302 -17.02 21.49 47.20
N TRP G 303 -16.35 20.40 47.56
CA TRP G 303 -16.63 19.75 48.83
C TRP G 303 -16.06 20.57 49.99
N PRO G 304 -16.66 20.44 51.18
CA PRO G 304 -16.13 21.18 52.34
C PRO G 304 -14.71 20.80 52.72
N GLY G 305 -14.25 19.61 52.34
CA GLY G 305 -12.91 19.19 52.67
C GLY G 305 -11.86 19.57 51.65
N THR G 306 -12.21 20.50 50.76
CA THR G 306 -11.28 20.92 49.72
C THR G 306 -10.10 21.68 50.33
N LYS G 307 -8.90 21.33 49.90
CA LYS G 307 -7.68 21.97 50.39
C LYS G 307 -7.39 23.20 49.56
N MET G 308 -7.25 24.36 50.21
CA MET G 308 -7.07 25.62 49.53
C MET G 308 -6.26 26.57 50.41
N PRO G 309 -5.69 27.63 49.82
CA PRO G 309 -4.88 28.56 50.61
C PRO G 309 -5.67 29.21 51.73
N GLY G 310 -4.97 29.47 52.83
CA GLY G 310 -5.61 30.10 53.97
C GLY G 310 -4.61 30.29 55.09
N GLN G 311 -5.13 30.48 56.30
CA GLN G 311 -4.27 30.65 57.47
C GLN G 311 -3.47 29.39 57.74
N LEU G 312 -2.20 29.56 58.07
CA LEU G 312 -1.29 28.44 58.32
C LEU G 312 -0.34 28.79 59.46
N GLY G 313 -0.38 27.99 60.52
CA GLY G 313 0.62 28.10 61.57
C GLY G 313 0.11 28.55 62.92
N ASN G 314 -0.78 29.54 62.96
CA ASN G 314 -1.25 30.10 64.23
C ASN G 314 -2.41 29.26 64.76
N ILE G 315 -2.04 28.06 65.25
CA ILE G 315 -3.00 27.12 65.79
C ILE G 315 -2.29 26.25 66.82
N ASP G 316 -3.04 25.74 67.78
CA ASP G 316 -2.48 25.00 68.91
C ASP G 316 -2.24 23.55 68.49
N ARG G 317 -0.97 23.15 68.46
CA ARG G 317 -0.57 21.78 68.15
C ARG G 317 0.13 21.16 69.34
N THR G 318 0.10 19.82 69.36
CA THR G 318 0.67 19.03 70.45
C THR G 318 1.64 18.01 69.88
N ALA G 319 2.82 17.95 70.47
CA ALA G 319 3.81 16.92 70.18
C ALA G 319 3.84 15.91 71.31
N PHE G 320 3.75 14.64 70.96
CA PHE G 320 3.59 13.55 71.93
C PHE G 320 4.89 12.77 72.08
N GLY G 321 5.07 12.18 73.26
CA GLY G 321 6.19 11.29 73.51
C GLY G 321 7.55 11.94 73.41
N LEU G 322 7.72 13.15 73.93
CA LEU G 322 9.01 13.82 73.92
C LEU G 322 9.77 13.43 75.18
N LYS G 323 10.90 12.76 75.01
CA LYS G 323 11.68 12.29 76.16
C LYS G 323 12.40 13.46 76.83
N VAL G 324 12.49 13.40 78.15
CA VAL G 324 13.25 14.38 78.92
C VAL G 324 14.57 13.75 79.33
N TRP G 325 15.66 14.46 79.06
CA TRP G 325 17.01 13.98 79.37
C TRP G 325 17.61 14.64 80.59
N ARG G 326 17.33 15.93 80.81
CA ARG G 326 18.03 16.73 81.79
C ARG G 326 17.06 17.65 82.52
N ILE G 327 17.31 17.82 83.82
CA ILE G 327 16.53 18.74 84.65
C ILE G 327 17.51 19.65 85.39
N ASN G 328 17.56 20.92 85.02
CA ASN G 328 18.37 21.90 85.73
C ASN G 328 17.51 22.56 86.80
N THR G 329 17.91 22.36 88.07
CA THR G 329 17.10 22.79 89.19
C THR G 329 17.29 24.27 89.55
N LYS G 330 18.51 24.79 89.44
CA LYS G 330 18.76 26.17 89.82
C LYS G 330 18.00 27.15 88.94
N HIS G 331 18.07 26.96 87.62
CA HIS G 331 17.37 27.81 86.67
C HIS G 331 16.00 27.29 86.28
N ASN G 332 15.62 26.11 86.78
CA ASN G 332 14.32 25.50 86.47
C ASN G 332 14.14 25.32 84.96
N ILE G 333 14.98 24.45 84.39
CA ILE G 333 15.00 24.19 82.96
C ILE G 333 14.81 22.70 82.72
N ILE G 334 14.01 22.37 81.71
CA ILE G 334 13.76 20.99 81.29
C ILE G 334 14.31 20.83 79.89
N TYR G 335 15.06 19.75 79.65
CA TYR G 335 15.58 19.52 78.30
C TYR G 335 14.71 18.42 77.71
N VAL G 336 13.86 18.78 76.75
CA VAL G 336 12.93 17.81 76.15
C VAL G 336 13.46 17.41 74.78
N ASN G 337 13.53 16.11 74.53
CA ASN G 337 14.05 15.63 73.25
C ASN G 337 13.16 16.07 72.10
N GLY G 338 13.80 16.32 70.96
CA GLY G 338 13.07 16.65 69.75
C GLY G 338 12.64 18.10 69.70
N SER G 339 11.92 18.42 68.63
CA SER G 339 11.44 19.77 68.40
C SER G 339 10.17 20.04 69.21
N VAL G 340 9.99 21.29 69.58
CA VAL G 340 8.82 21.75 70.33
C VAL G 340 8.02 22.68 69.43
N PRO G 341 6.72 22.44 69.25
CA PRO G 341 5.92 23.31 68.38
C PRO G 341 5.85 24.73 68.95
N GLY G 342 6.16 25.71 68.11
CA GLY G 342 6.12 27.10 68.53
C GLY G 342 7.47 27.79 68.44
N HIS G 343 7.45 29.11 68.31
CA HIS G 343 8.69 29.87 68.22
C HIS G 343 9.37 29.92 69.58
N LYS G 344 10.61 30.41 69.58
CA LYS G 344 11.34 30.55 70.83
C LYS G 344 10.74 31.66 71.68
N ASN G 345 10.98 31.57 72.99
CA ASN G 345 10.48 32.54 73.97
C ASN G 345 8.96 32.64 73.96
N CYS G 346 8.28 31.51 73.79
CA CYS G 346 6.83 31.44 73.88
C CYS G 346 6.42 30.55 75.05
N LEU G 347 5.16 30.67 75.44
CA LEU G 347 4.63 29.86 76.54
C LEU G 347 4.22 28.49 76.04
N VAL G 348 4.60 27.46 76.79
CA VAL G 348 4.49 26.07 76.38
C VAL G 348 3.83 25.27 77.50
N LYS G 349 2.79 24.52 77.16
CA LYS G 349 2.07 23.70 78.13
C LYS G 349 2.67 22.30 78.13
N ILE G 350 3.26 21.91 79.26
CA ILE G 350 3.91 20.61 79.40
C ILE G 350 3.06 19.72 80.28
N LYS G 351 2.84 18.48 79.85
CA LYS G 351 2.12 17.52 80.69
C LYS G 351 2.75 16.15 80.49
N ASP G 352 2.25 15.17 81.23
CA ASP G 352 2.73 13.81 81.07
C ASP G 352 2.31 13.26 79.71
N SER G 353 2.97 12.18 79.29
CA SER G 353 2.57 11.51 78.05
C SER G 353 1.33 10.67 78.29
N LYS G 354 0.31 10.88 77.45
CA LYS G 354 -0.92 10.12 77.52
C LYS G 354 -0.93 8.93 76.57
N LEU G 355 0.19 8.65 75.91
CA LEU G 355 0.26 7.51 75.02
C LEU G 355 0.08 6.21 75.79
N PRO G 356 -0.60 5.23 75.19
CA PRO G 356 -0.86 3.97 75.92
C PRO G 356 0.39 3.23 76.35
N ALA G 357 1.52 3.42 75.65
CA ALA G 357 2.74 2.73 76.04
C ALA G 357 3.36 3.34 77.30
N TYR G 358 3.09 4.61 77.57
CA TYR G 358 3.69 5.35 78.68
C TYR G 358 2.60 5.85 79.63
N LYS G 359 1.66 4.96 79.97
CA LYS G 359 0.51 5.39 80.76
C LYS G 359 0.82 5.40 82.25
N ASP G 360 1.66 4.48 82.72
CA ASP G 360 1.86 4.25 84.15
C ASP G 360 3.29 4.48 84.60
N PHE G 361 3.92 5.56 84.14
CA PHE G 361 5.24 5.92 84.61
C PHE G 361 5.21 6.99 85.69
N CYS G 362 4.03 7.35 86.19
CA CYS G 362 3.91 8.33 87.27
C CYS G 362 4.11 7.71 88.66
N LYS G 363 4.38 6.40 88.71
CA LYS G 363 4.54 5.72 90.00
C LYS G 363 5.77 6.21 90.75
N ASN G 364 6.93 6.22 90.08
CA ASN G 364 8.17 6.63 90.73
C ASN G 364 8.29 8.14 90.86
N LEU G 365 7.50 8.90 90.12
CA LEU G 365 7.56 10.34 90.12
C LEU G 365 6.77 10.91 91.29
N PRO G 366 7.12 12.11 91.75
CA PRO G 366 6.33 12.74 92.83
C PRO G 366 4.88 12.91 92.42
N PHE G 367 3.98 12.26 93.18
CA PHE G 367 2.60 12.16 92.72
C PHE G 367 1.88 13.50 92.74
N PRO G 368 1.73 14.20 93.89
CA PRO G 368 1.02 15.49 93.84
C PRO G 368 1.79 16.50 93.01
N THR G 369 3.02 16.78 93.42
CA THR G 369 3.96 17.65 92.71
C THR G 369 5.30 17.55 93.44
N TYR G 370 6.27 18.34 93.01
CA TYR G 370 7.57 18.41 93.69
C TYR G 370 7.51 19.48 94.77
N PHE G 371 7.65 19.07 96.03
CA PHE G 371 7.73 20.00 97.14
C PHE G 371 9.17 20.11 97.59
N PRO G 372 9.87 21.21 97.31
CA PRO G 372 11.25 21.34 97.78
C PRO G 372 11.37 21.37 99.30
N ASP G 373 10.36 21.84 100.01
CA ASP G 373 10.39 21.91 101.46
C ASP G 373 10.04 20.60 102.14
N GLY G 374 9.45 19.65 101.41
CA GLY G 374 9.07 18.38 101.98
C GLY G 374 10.25 17.47 102.28
N ASP G 375 11.23 17.45 101.37
CA ASP G 375 12.40 16.61 101.53
C ASP G 375 13.46 17.22 102.44
N GLU G 376 13.48 18.55 102.55
CA GLU G 376 14.50 19.28 103.34
C GLU G 376 15.91 18.94 102.86
N GLU G 377 16.06 18.66 101.57
CA GLU G 377 17.35 18.32 100.99
C GLU G 377 17.44 18.96 99.61
N ALA G 378 18.52 19.68 99.36
CA ALA G 378 18.69 20.34 98.08
C ALA G 378 19.06 19.34 97.00
N LEU G 379 18.30 19.35 95.90
CA LEU G 379 18.60 18.49 94.77
C LEU G 379 19.87 18.95 94.07
N PRO G 380 20.53 18.05 93.33
CA PRO G 380 21.71 18.47 92.57
C PRO G 380 21.34 19.49 91.51
N GLU G 381 22.34 20.27 91.09
CA GLU G 381 22.10 21.34 90.12
C GLU G 381 21.55 20.79 88.82
N ASP G 382 22.11 19.68 88.33
CA ASP G 382 21.66 19.06 87.10
C ASP G 382 21.33 17.60 87.38
N LEU G 383 20.10 17.20 87.06
CA LEU G 383 19.66 15.81 87.14
C LEU G 383 19.76 15.21 85.76
N TYR G 384 20.52 14.13 85.64
CA TYR G 384 20.92 13.51 84.39
C TYR G 384 20.19 12.19 84.21
N ASP G 385 20.07 11.77 82.95
CA ASP G 385 19.57 10.43 82.66
C ASP G 385 20.72 9.43 82.72
N GLU G 386 20.37 8.15 82.74
CA GLU G 386 21.38 7.10 82.81
C GLU G 386 22.17 6.95 81.52
N ASN G 387 21.75 7.62 80.45
CA ASN G 387 22.43 7.51 79.16
C ASN G 387 23.04 8.82 78.67
N VAL G 388 22.73 9.95 79.30
CA VAL G 388 23.25 11.23 78.83
C VAL G 388 24.73 11.33 79.13
N CYS G 389 25.52 11.67 78.11
CA CYS G 389 26.94 11.89 78.31
C CYS G 389 27.13 13.25 78.95
N GLN G 390 27.61 13.24 80.19
CA GLN G 390 27.70 14.46 80.97
C GLN G 390 28.80 15.38 80.44
N PRO G 391 28.68 16.69 80.67
CA PRO G 391 29.80 17.58 80.36
C PRO G 391 31.06 17.21 81.11
N GLY G 392 30.94 16.75 82.35
CA GLY G 392 32.06 16.14 83.04
C GLY G 392 32.07 14.64 82.81
N ALA G 393 32.84 14.20 81.83
CA ALA G 393 32.89 12.82 81.41
C ALA G 393 34.33 12.45 81.10
N PRO G 394 34.68 11.17 81.18
CA PRO G 394 36.07 10.78 80.93
C PRO G 394 36.41 10.71 79.44
N SER G 395 35.58 11.33 78.59
CA SER G 395 35.75 11.27 77.14
C SER G 395 35.71 9.82 76.66
N ILE G 396 34.51 9.25 76.81
CA ILE G 396 34.32 7.80 76.71
C ILE G 396 34.95 7.26 75.44
N THR G 397 35.55 6.07 75.56
CA THR G 397 36.14 5.36 74.45
C THR G 397 35.60 3.95 74.39
N PHE G 398 35.45 3.42 73.18
CA PHE G 398 34.93 2.08 72.99
C PHE G 398 35.98 1.04 73.34
N THR G 399 35.49 -0.17 73.63
CA THR G 399 36.37 -1.28 74.00
C THR G 399 36.03 -2.53 73.20
N PRO H 45 -105.85 93.89 4.04
CA PRO H 45 -106.12 93.03 2.90
C PRO H 45 -105.57 91.62 3.08
N PRO H 46 -106.44 90.62 3.05
CA PRO H 46 -105.99 89.22 3.19
C PRO H 46 -105.20 88.80 1.97
N VAL H 47 -104.02 88.24 2.20
CA VAL H 47 -103.17 87.71 1.13
C VAL H 47 -103.17 86.18 1.22
N LEU H 48 -103.50 85.53 0.13
CA LEU H 48 -103.64 84.09 0.07
C LEU H 48 -102.75 83.52 -1.03
N ARG H 49 -102.06 82.43 -0.72
CA ARG H 49 -101.19 81.75 -1.66
C ARG H 49 -101.76 80.38 -1.96
N LYS H 50 -102.04 80.11 -3.23
CA LYS H 50 -102.57 78.84 -3.70
C LYS H 50 -101.46 78.02 -4.35
N CYS H 51 -101.57 76.71 -4.25
CA CYS H 51 -100.59 75.81 -4.86
C CYS H 51 -100.69 75.89 -6.38
N GLU H 52 -99.56 76.08 -7.04
CA GLU H 52 -99.49 76.16 -8.48
C GLU H 52 -99.19 74.83 -9.14
N LEU H 53 -99.11 73.75 -8.37
CA LEU H 53 -98.83 72.42 -8.89
C LEU H 53 -99.90 71.45 -8.39
N PRO H 54 -100.23 70.43 -9.18
CA PRO H 54 -101.29 69.50 -8.78
C PRO H 54 -100.87 68.68 -7.58
N VAL H 55 -101.77 68.58 -6.60
CA VAL H 55 -101.54 67.79 -5.41
C VAL H 55 -102.17 66.41 -5.61
N PRO H 56 -101.68 65.36 -4.94
CA PRO H 56 -102.33 64.06 -5.05
C PRO H 56 -103.76 64.09 -4.52
N ALA H 57 -104.60 63.26 -5.12
CA ALA H 57 -106.02 63.25 -4.75
C ALA H 57 -106.23 62.74 -3.33
N HIS H 58 -105.37 61.83 -2.86
CA HIS H 58 -105.56 61.22 -1.55
C HIS H 58 -104.93 62.03 -0.42
N ARG H 59 -104.17 63.07 -0.73
CA ARG H 59 -103.51 63.90 0.28
C ARG H 59 -103.99 65.34 0.12
N ARG H 60 -104.31 65.97 1.24
CA ARG H 60 -104.69 67.37 1.23
C ARG H 60 -103.48 68.24 1.59
N PRO H 61 -103.31 69.39 0.94
CA PRO H 61 -102.15 70.24 1.23
C PRO H 61 -102.22 70.81 2.63
N VAL H 62 -101.09 71.34 3.08
CA VAL H 62 -100.95 71.84 4.45
C VAL H 62 -100.96 73.37 4.44
N GLN H 63 -101.68 73.95 5.37
CA GLN H 63 -101.83 75.40 5.44
C GLN H 63 -100.81 75.98 6.42
N ALA H 64 -100.38 77.21 6.12
CA ALA H 64 -99.45 77.90 7.00
C ALA H 64 -99.81 79.38 7.03
N TRP H 65 -99.42 80.05 8.11
CA TRP H 65 -99.62 81.48 8.22
C TRP H 65 -98.62 82.22 7.32
N ILE H 66 -99.01 83.43 6.92
CA ILE H 66 -98.15 84.32 6.17
C ILE H 66 -97.89 85.54 7.05
N GLU H 67 -96.66 85.66 7.53
CA GLU H 67 -96.24 86.77 8.38
C GLU H 67 -95.68 87.89 7.54
N SER H 68 -95.43 89.03 8.19
CA SER H 68 -94.79 90.17 7.55
C SER H 68 -93.69 90.69 8.46
N LEU H 69 -92.61 91.18 7.84
CA LEU H 69 -91.41 91.59 8.57
C LEU H 69 -91.41 93.08 8.90
N ARG H 70 -92.50 93.79 8.62
CA ARG H 70 -92.53 95.23 8.81
C ARG H 70 -93.02 95.62 10.21
N GLY H 71 -94.13 95.06 10.65
CA GLY H 71 -94.75 95.44 11.90
C GLY H 71 -94.44 94.49 13.04
N TYR H 72 -94.30 95.05 14.25
CA TYR H 72 -94.11 94.24 15.44
C TYR H 72 -95.34 93.39 15.73
N GLU H 73 -96.53 93.99 15.65
CA GLU H 73 -97.75 93.34 16.11
C GLU H 73 -98.47 92.53 15.04
N GLN H 74 -97.99 92.57 13.80
CA GLN H 74 -98.67 91.87 12.72
C GLN H 74 -97.92 90.57 12.40
N GLU H 75 -98.49 89.46 12.87
CA GLU H 75 -98.00 88.13 12.55
C GLU H 75 -98.93 87.37 11.64
N ARG H 76 -100.22 87.34 11.94
CA ARG H 76 -101.23 86.70 11.10
C ARG H 76 -101.68 87.70 10.05
N VAL H 77 -100.97 87.72 8.92
CA VAL H 77 -101.30 88.60 7.82
C VAL H 77 -102.00 87.87 6.67
N GLY H 78 -101.57 86.66 6.35
CA GLY H 78 -102.21 85.91 5.28
C GLY H 78 -102.20 84.41 5.47
N LEU H 79 -102.62 83.67 4.45
CA LEU H 79 -102.66 82.21 4.52
C LEU H 79 -102.06 81.62 3.25
N THR H 80 -101.14 80.66 3.41
CA THR H 80 -100.46 80.04 2.29
C THR H 80 -100.72 78.54 2.28
N GLU H 81 -100.73 77.98 1.07
CA GLU H 81 -100.96 76.55 0.86
C GLU H 81 -99.66 75.90 0.40
N LEU H 82 -99.28 74.82 1.06
CA LEU H 82 -98.03 74.13 0.79
C LEU H 82 -98.30 72.68 0.41
N HIS H 83 -97.49 72.18 -0.52
CA HIS H 83 -97.66 70.84 -1.03
C HIS H 83 -97.40 69.82 0.07
N PRO H 84 -98.17 68.73 0.13
CA PRO H 84 -97.87 67.67 1.11
C PRO H 84 -96.62 66.88 0.76
N ASP H 85 -96.25 66.82 -0.51
CA ASP H 85 -95.07 66.09 -0.96
C ASP H 85 -93.79 66.91 -0.86
N VAL H 86 -93.86 68.12 -0.32
CA VAL H 86 -92.68 68.93 -0.01
C VAL H 86 -92.64 69.32 1.46
N PHE H 87 -93.77 69.76 2.00
CA PHE H 87 -93.85 70.21 3.38
C PHE H 87 -94.60 69.26 4.30
N SER H 88 -95.06 68.11 3.79
CA SER H 88 -95.75 67.15 4.64
C SER H 88 -95.36 65.71 4.32
N THR H 89 -94.13 65.51 3.82
CA THR H 89 -93.61 64.16 3.66
C THR H 89 -93.30 63.53 5.02
N ALA H 90 -93.02 62.23 4.99
CA ALA H 90 -92.62 61.54 6.22
C ALA H 90 -91.26 62.04 6.66
N PRO H 91 -91.01 62.16 7.97
CA PRO H 91 -89.70 62.65 8.42
C PRO H 91 -88.63 61.59 8.36
N ARG H 92 -87.71 61.71 7.40
CA ARG H 92 -86.61 60.76 7.24
C ARG H 92 -85.35 61.38 7.86
N LEU H 93 -85.23 61.22 9.19
CA LEU H 93 -84.03 61.65 9.88
C LEU H 93 -82.79 60.96 9.36
N ASP H 94 -82.94 59.74 8.85
CA ASP H 94 -81.80 59.03 8.27
C ASP H 94 -81.26 59.76 7.05
N ILE H 95 -82.15 60.15 6.13
CA ILE H 95 -81.72 60.91 4.96
C ILE H 95 -81.22 62.29 5.37
N LEU H 96 -81.84 62.88 6.40
CA LEU H 96 -81.32 64.14 6.93
C LEU H 96 -79.86 63.99 7.36
N HIS H 97 -79.56 62.93 8.12
CA HIS H 97 -78.19 62.66 8.54
C HIS H 97 -77.26 62.39 7.36
N GLN H 98 -77.73 61.63 6.37
CA GLN H 98 -76.90 61.38 5.19
C GLN H 98 -76.52 62.68 4.50
N VAL H 99 -77.48 63.56 4.26
CA VAL H 99 -77.18 64.82 3.57
C VAL H 99 -76.32 65.73 4.44
N ALA H 100 -76.58 65.76 5.75
CA ALA H 100 -75.77 66.61 6.63
C ALA H 100 -74.32 66.15 6.65
N ILE H 101 -74.09 64.84 6.71
CA ILE H 101 -72.73 64.31 6.67
C ILE H 101 -72.10 64.56 5.31
N TRP H 102 -72.86 64.41 4.22
CA TRP H 102 -72.32 64.63 2.89
C TRP H 102 -71.86 66.06 2.70
N GLN H 103 -72.67 67.03 3.14
CA GLN H 103 -72.29 68.44 2.98
C GLN H 103 -71.04 68.77 3.78
N LYS H 104 -70.84 68.11 4.92
CA LYS H 104 -69.63 68.34 5.70
C LYS H 104 -68.41 67.67 5.07
N ASN H 105 -68.59 66.51 4.43
CA ASN H 105 -67.45 65.71 4.01
C ASN H 105 -67.01 65.96 2.58
N PHE H 106 -67.93 66.16 1.63
CA PHE H 106 -67.53 66.16 0.23
C PHE H 106 -66.61 67.33 -0.11
N LYS H 107 -66.65 68.41 0.68
CA LYS H 107 -65.78 69.55 0.46
C LYS H 107 -64.41 69.40 1.11
N ARG H 108 -64.20 68.32 1.87
CA ARG H 108 -62.94 68.13 2.60
C ARG H 108 -61.82 67.70 1.66
N ILE H 109 -60.66 68.33 1.82
CA ILE H 109 -59.40 67.88 1.23
C ILE H 109 -58.34 68.03 2.33
N SER H 110 -57.89 66.90 2.87
CA SER H 110 -56.97 66.95 3.99
C SER H 110 -55.55 67.17 3.48
N TYR H 111 -54.95 68.29 3.89
CA TYR H 111 -53.58 68.62 3.48
C TYR H 111 -52.58 68.14 4.53
N ALA H 112 -52.64 66.84 4.82
CA ALA H 112 -51.76 66.19 5.79
C ALA H 112 -50.88 65.20 5.05
N LYS H 113 -49.59 65.52 4.94
CA LYS H 113 -48.62 64.66 4.26
C LYS H 113 -47.39 64.54 5.14
N THR H 114 -47.08 63.32 5.58
CA THR H 114 -45.88 63.04 6.33
C THR H 114 -44.87 62.31 5.46
N LYS H 115 -43.61 62.38 5.85
CA LYS H 115 -42.51 61.82 5.06
C LYS H 115 -42.25 60.39 5.49
N THR H 116 -42.28 59.46 4.53
CA THR H 116 -41.93 58.08 4.78
C THR H 116 -40.41 57.93 4.83
N ARG H 117 -39.96 56.70 5.07
CA ARG H 117 -38.52 56.45 5.18
C ARG H 117 -37.79 56.70 3.87
N ALA H 118 -38.49 56.68 2.74
CA ALA H 118 -37.87 56.96 1.45
C ALA H 118 -37.79 58.45 1.15
N GLU H 119 -38.52 59.29 1.87
CA GLU H 119 -38.52 60.72 1.62
C GLU H 119 -37.69 61.51 2.62
N VAL H 120 -37.22 60.87 3.70
CA VAL H 120 -36.36 61.57 4.64
C VAL H 120 -34.99 61.81 4.01
N ARG H 121 -34.30 62.85 4.50
CA ARG H 121 -33.10 63.35 3.83
C ARG H 121 -32.02 62.28 3.70
N GLY H 122 -31.52 61.79 4.82
CA GLY H 122 -30.35 60.91 4.83
C GLY H 122 -30.71 59.45 4.83
N GLY H 123 -29.97 58.67 5.61
CA GLY H 123 -30.21 57.24 5.73
C GLY H 123 -29.90 56.46 4.46
N GLY H 124 -28.78 56.77 3.82
CA GLY H 124 -28.44 56.13 2.57
C GLY H 124 -27.54 54.91 2.68
N ARG H 125 -26.95 54.69 3.86
CA ARG H 125 -26.01 53.60 4.06
C ARG H 125 -26.30 52.88 5.37
N LYS H 126 -25.76 51.67 5.48
CA LYS H 126 -25.85 50.92 6.72
C LYS H 126 -24.99 51.57 7.79
N PRO H 127 -25.50 51.76 9.00
CA PRO H 127 -24.67 52.41 10.03
C PRO H 127 -23.56 51.52 10.55
N TRP H 128 -23.79 50.21 10.63
CA TRP H 128 -22.77 49.28 11.10
C TRP H 128 -22.95 47.94 10.39
N VAL H 129 -21.88 47.15 10.40
CA VAL H 129 -21.90 45.85 9.75
C VAL H 129 -22.87 44.92 10.47
N GLN H 130 -23.32 43.88 9.75
CA GLN H 130 -24.37 43.00 10.25
C GLN H 130 -23.93 42.27 11.52
N LYS H 131 -22.73 41.69 11.51
CA LYS H 131 -22.29 40.83 12.60
C LYS H 131 -21.06 41.40 13.28
N GLY H 132 -20.89 41.03 14.55
CA GLY H 132 -19.72 41.33 15.34
C GLY H 132 -19.85 42.57 16.21
N SER H 133 -20.78 43.46 15.89
CA SER H 133 -20.95 44.67 16.69
C SER H 133 -21.61 44.35 18.03
N GLY H 134 -22.49 43.35 18.07
CA GLY H 134 -23.21 43.00 19.27
C GLY H 134 -24.52 43.74 19.47
N ARG H 135 -24.83 44.71 18.62
CA ARG H 135 -26.07 45.46 18.70
C ARG H 135 -27.05 44.95 17.66
N ALA H 136 -28.25 45.53 17.66
CA ALA H 136 -29.30 45.10 16.73
C ALA H 136 -28.93 45.47 15.30
N ARG H 137 -29.43 44.67 14.37
CA ARG H 137 -29.20 44.88 12.95
C ARG H 137 -30.14 45.96 12.42
N HIS H 138 -29.60 46.85 11.59
CA HIS H 138 -30.39 47.94 11.03
C HIS H 138 -29.92 48.21 9.61
N GLY H 139 -30.83 48.78 8.80
CA GLY H 139 -30.51 49.16 7.45
C GLY H 139 -30.34 50.65 7.32
N SER H 140 -31.36 51.34 6.82
CA SER H 140 -31.33 52.79 6.76
C SER H 140 -31.55 53.38 8.14
N ILE H 141 -30.80 54.44 8.46
CA ILE H 141 -30.98 55.14 9.73
C ILE H 141 -32.25 55.96 9.78
N ARG H 142 -32.97 56.06 8.66
CA ARG H 142 -34.27 56.73 8.61
C ARG H 142 -35.43 55.75 8.73
N SER H 143 -35.18 54.57 9.29
CA SER H 143 -36.24 53.59 9.50
C SER H 143 -37.25 54.14 10.51
N PRO H 144 -38.52 53.72 10.41
CA PRO H 144 -39.53 54.20 11.37
C PRO H 144 -39.21 53.87 12.82
N ILE H 145 -38.39 52.85 13.08
CA ILE H 145 -37.97 52.57 14.44
C ILE H 145 -37.06 53.68 14.96
N TRP H 146 -36.20 54.22 14.11
CA TRP H 146 -35.22 55.21 14.54
C TRP H 146 -35.91 56.51 14.94
N ARG H 147 -35.15 57.36 15.64
CA ARG H 147 -35.70 58.61 16.16
C ARG H 147 -36.07 59.56 15.03
N GLY H 148 -35.10 59.90 14.18
CA GLY H 148 -35.32 60.86 13.13
C GLY H 148 -35.83 60.24 11.84
N GLY H 149 -36.32 59.00 11.91
CA GLY H 149 -36.79 58.31 10.74
C GLY H 149 -38.18 58.74 10.32
N GLY H 150 -38.62 58.21 9.18
CA GLY H 150 -39.93 58.53 8.66
C GLY H 150 -41.03 57.78 9.37
N VAL H 151 -42.26 58.13 9.02
CA VAL H 151 -43.45 57.50 9.58
C VAL H 151 -43.79 56.26 8.77
N ALA H 152 -44.26 55.21 9.45
CA ALA H 152 -44.56 53.96 8.78
C ALA H 152 -45.68 54.13 7.76
N HIS H 153 -46.85 54.54 8.22
CA HIS H 153 -47.99 54.78 7.32
C HIS H 153 -48.37 56.26 7.28
N GLY H 154 -48.74 56.83 8.42
CA GLY H 154 -49.05 58.25 8.51
C GLY H 154 -50.10 58.72 7.53
N PRO H 155 -50.28 60.03 7.45
CA PRO H 155 -51.09 60.61 6.37
C PRO H 155 -50.23 60.87 5.13
N ARG H 156 -50.74 60.45 3.98
CA ARG H 156 -49.98 60.47 2.73
C ARG H 156 -50.64 61.42 1.75
N GLY H 157 -50.01 62.58 1.53
CA GLY H 157 -50.41 63.51 0.52
C GLY H 157 -51.75 64.16 0.80
N PRO H 158 -52.19 65.05 -0.11
CA PRO H 158 -53.54 65.61 0.00
C PRO H 158 -54.58 64.54 -0.25
N THR H 159 -55.44 64.32 0.73
CA THR H 159 -56.49 63.31 0.65
C THR H 159 -57.82 63.99 0.33
N SER H 160 -58.42 63.60 -0.80
CA SER H 160 -59.66 64.20 -1.25
C SER H 160 -60.83 63.30 -0.86
N TYR H 161 -61.59 63.74 0.14
CA TYR H 161 -62.81 63.05 0.56
C TYR H 161 -63.97 63.60 -0.26
N TYR H 162 -64.27 62.94 -1.38
CA TYR H 162 -65.28 63.43 -2.31
C TYR H 162 -66.19 62.28 -2.72
N TYR H 163 -67.49 62.45 -2.51
CA TYR H 163 -68.48 61.51 -3.01
C TYR H 163 -69.79 62.25 -3.22
N MET H 164 -70.58 61.77 -4.17
CA MET H 164 -71.83 62.42 -4.56
C MET H 164 -73.00 61.51 -4.18
N LEU H 165 -73.89 62.02 -3.33
CA LEU H 165 -75.13 61.33 -3.05
C LEU H 165 -76.06 61.46 -4.24
N PRO H 166 -76.98 60.52 -4.42
CA PRO H 166 -77.92 60.61 -5.55
C PRO H 166 -78.85 61.80 -5.46
N MET H 167 -79.33 62.21 -6.63
CA MET H 167 -80.18 63.40 -6.75
C MET H 167 -81.45 63.25 -5.92
N LYS H 168 -82.10 62.10 -6.03
CA LYS H 168 -83.35 61.86 -5.33
C LYS H 168 -83.15 61.63 -3.83
N VAL H 169 -81.91 61.47 -3.37
CA VAL H 169 -81.61 61.47 -1.96
C VAL H 169 -81.36 62.88 -1.44
N ARG H 170 -80.61 63.69 -2.19
CA ARG H 170 -80.41 65.07 -1.77
C ARG H 170 -81.71 65.86 -1.77
N VAL H 171 -82.53 65.71 -2.81
CA VAL H 171 -83.81 66.41 -2.87
C VAL H 171 -84.73 65.92 -1.74
N GLN H 172 -84.73 64.62 -1.47
CA GLN H 172 -85.53 64.09 -0.39
C GLN H 172 -85.06 64.63 0.96
N GLY H 173 -83.74 64.77 1.15
CA GLY H 173 -83.24 65.38 2.37
C GLY H 173 -83.67 66.81 2.53
N LEU H 174 -83.65 67.59 1.45
CA LEU H 174 -84.19 68.95 1.50
C LEU H 174 -85.67 68.96 1.88
N LYS H 175 -86.46 68.06 1.27
CA LYS H 175 -87.88 67.98 1.61
C LYS H 175 -88.09 67.63 3.07
N VAL H 176 -87.31 66.69 3.60
CA VAL H 176 -87.46 66.29 4.99
C VAL H 176 -87.06 67.42 5.92
N ALA H 177 -86.00 68.16 5.59
CA ALA H 177 -85.62 69.30 6.42
C ALA H 177 -86.72 70.34 6.45
N LEU H 178 -87.28 70.68 5.29
CA LEU H 178 -88.40 71.62 5.26
C LEU H 178 -89.60 71.10 6.06
N THR H 179 -89.90 69.81 5.93
CA THR H 179 -91.04 69.23 6.61
C THR H 179 -90.87 69.27 8.13
N VAL H 180 -89.70 68.90 8.64
CA VAL H 180 -89.50 68.92 10.08
C VAL H 180 -89.49 70.36 10.60
N LYS H 181 -88.91 71.29 9.83
CA LYS H 181 -88.96 72.69 10.25
C LYS H 181 -90.39 73.21 10.33
N LEU H 182 -91.24 72.84 9.36
CA LEU H 182 -92.64 73.22 9.41
C LEU H 182 -93.36 72.55 10.59
N ALA H 183 -93.07 71.27 10.83
CA ALA H 183 -93.79 70.53 11.85
C ALA H 183 -93.45 70.98 13.26
N GLN H 184 -92.20 71.36 13.53
CA GLN H 184 -91.78 71.76 14.86
C GLN H 184 -92.05 73.23 15.14
N ASP H 185 -92.95 73.86 14.38
CA ASP H 185 -93.33 75.25 14.58
C ASP H 185 -92.11 76.18 14.53
N ASP H 186 -91.20 75.89 13.59
CA ASP H 186 -89.97 76.67 13.44
C ASP H 186 -89.86 77.29 12.06
N LEU H 187 -90.85 77.09 11.19
CA LEU H 187 -90.87 77.62 9.84
C LEU H 187 -91.89 78.74 9.75
N HIS H 188 -91.48 79.89 9.22
CA HIS H 188 -92.35 81.06 9.09
C HIS H 188 -92.29 81.58 7.67
N ILE H 189 -93.46 81.87 7.10
CA ILE H 189 -93.57 82.39 5.75
C ILE H 189 -93.80 83.90 5.84
N VAL H 190 -92.86 84.68 5.31
CA VAL H 190 -92.96 86.13 5.30
C VAL H 190 -93.10 86.58 3.85
N ASP H 191 -93.81 87.67 3.64
CA ASP H 191 -94.12 88.16 2.30
C ASP H 191 -93.21 89.33 1.95
N SER H 192 -92.49 89.21 0.83
CA SER H 192 -91.75 90.28 0.18
C SER H 192 -90.53 90.74 0.98
N LEU H 193 -90.36 90.21 2.20
CA LEU H 193 -89.18 90.47 3.01
C LEU H 193 -88.88 91.96 3.12
N GLU H 194 -89.92 92.76 3.37
CA GLU H 194 -89.75 94.19 3.47
C GLU H 194 -89.36 94.60 4.89
N LEU H 195 -88.57 95.67 4.99
CA LEU H 195 -88.03 96.09 6.25
C LEU H 195 -88.16 97.60 6.42
N PRO H 196 -88.75 98.07 7.53
CA PRO H 196 -88.98 99.52 7.67
C PRO H 196 -87.70 100.34 7.83
N THR H 197 -86.69 99.81 8.51
CA THR H 197 -85.47 100.57 8.76
C THR H 197 -84.28 99.63 8.74
N ALA H 198 -83.10 100.19 8.51
CA ALA H 198 -81.86 99.43 8.41
C ALA H 198 -81.24 99.15 9.76
N ASP H 199 -82.02 99.22 10.83
CA ASP H 199 -81.50 98.94 12.17
C ASP H 199 -81.33 97.44 12.36
N PRO H 200 -80.11 96.94 12.58
CA PRO H 200 -79.95 95.51 12.86
C PRO H 200 -80.61 95.07 14.15
N GLN H 201 -80.73 95.98 15.12
CA GLN H 201 -81.32 95.68 16.42
C GLN H 201 -82.84 95.55 16.33
N TYR H 202 -83.46 96.19 15.33
CA TYR H 202 -84.89 96.02 15.10
C TYR H 202 -85.26 94.57 14.81
N LEU H 203 -84.46 93.90 13.98
CA LEU H 203 -84.70 92.49 13.68
C LEU H 203 -84.59 91.63 14.93
N ILE H 204 -83.61 91.92 15.79
CA ILE H 204 -83.45 91.16 17.02
C ILE H 204 -84.67 91.32 17.91
N GLU H 205 -85.16 92.56 18.06
CA GLU H 205 -86.38 92.76 18.84
C GLU H 205 -87.59 92.08 18.22
N LEU H 206 -87.74 92.13 16.90
CA LEU H 206 -88.87 91.47 16.26
C LEU H 206 -88.84 89.97 16.51
N ALA H 207 -87.66 89.35 16.36
CA ALA H 207 -87.53 87.92 16.61
C ALA H 207 -87.80 87.58 18.07
N ARG H 208 -87.30 88.40 19.00
CA ARG H 208 -87.55 88.14 20.42
C ARG H 208 -89.03 88.26 20.75
N TYR H 209 -89.73 89.26 20.19
CA TYR H 209 -91.15 89.41 20.45
C TYR H 209 -91.95 88.24 19.86
N ARG H 210 -91.57 87.80 18.67
CA ARG H 210 -92.29 86.68 18.05
C ARG H 210 -91.83 85.32 18.55
N ARG H 211 -90.83 85.28 19.44
CA ARG H 211 -90.32 84.05 20.03
C ARG H 211 -89.84 83.08 18.94
N TRP H 212 -89.04 83.62 18.03
CA TRP H 212 -88.47 82.81 16.96
C TRP H 212 -87.30 81.95 17.42
N GLY H 213 -86.56 82.38 18.43
CA GLY H 213 -85.41 81.63 18.90
C GLY H 213 -84.14 82.45 18.91
N ASP H 214 -82.98 81.78 18.83
CA ASP H 214 -81.70 82.47 18.86
C ASP H 214 -81.20 82.79 17.45
N SER H 215 -81.36 81.86 16.52
CA SER H 215 -80.85 82.01 15.16
C SER H 215 -81.99 81.95 14.17
N VAL H 216 -81.90 82.79 13.13
CA VAL H 216 -82.92 82.88 12.10
C VAL H 216 -82.25 82.92 10.74
N LEU H 217 -82.72 82.08 9.81
CA LEU H 217 -82.23 82.05 8.44
C LEU H 217 -83.30 82.62 7.52
N LEU H 218 -83.07 83.82 7.02
CA LEU H 218 -83.93 84.48 6.04
C LEU H 218 -83.51 83.98 4.66
N VAL H 219 -84.48 83.60 3.84
CA VAL H 219 -84.21 83.11 2.49
C VAL H 219 -84.92 84.02 1.50
N ASP H 220 -84.16 84.55 0.55
CA ASP H 220 -84.68 85.43 -0.49
C ASP H 220 -84.70 84.70 -1.82
N LEU H 221 -85.50 85.22 -2.77
CA LEU H 221 -85.63 84.59 -4.07
C LEU H 221 -84.37 84.77 -4.92
N GLU H 222 -83.88 86.00 -5.02
CA GLU H 222 -82.75 86.33 -5.88
C GLU H 222 -81.69 87.08 -5.09
N HIS H 223 -80.51 87.22 -5.69
CA HIS H 223 -79.38 87.89 -5.06
C HIS H 223 -79.37 89.39 -5.33
N GLU H 224 -79.52 89.79 -6.59
CA GLU H 224 -79.49 91.21 -6.93
C GLU H 224 -80.79 91.92 -6.60
N ASP H 225 -81.85 91.18 -6.28
CA ASP H 225 -83.15 91.77 -5.98
C ASP H 225 -83.43 91.88 -4.48
N MET H 226 -82.41 91.64 -3.64
CA MET H 226 -82.59 91.76 -2.21
C MET H 226 -82.80 93.22 -1.82
N PRO H 227 -83.67 93.50 -0.86
CA PRO H 227 -83.83 94.89 -0.39
C PRO H 227 -82.61 95.34 0.40
N GLN H 228 -82.15 96.56 0.09
CA GLN H 228 -80.97 97.10 0.74
C GLN H 228 -81.14 97.27 2.24
N ASN H 229 -82.37 97.52 2.71
CA ASN H 229 -82.61 97.58 4.15
C ASN H 229 -82.28 96.26 4.83
N VAL H 230 -82.80 95.15 4.30
CA VAL H 230 -82.49 93.83 4.87
C VAL H 230 -81.01 93.50 4.70
N VAL H 231 -80.42 93.88 3.56
CA VAL H 231 -78.99 93.62 3.36
C VAL H 231 -78.16 94.30 4.44
N ALA H 232 -78.41 95.59 4.67
CA ALA H 232 -77.67 96.33 5.68
C ALA H 232 -77.96 95.84 7.09
N ALA H 233 -79.21 95.41 7.35
CA ALA H 233 -79.55 94.93 8.68
C ALA H 233 -78.85 93.61 8.99
N THR H 234 -78.81 92.69 8.02
CA THR H 234 -78.22 91.38 8.26
C THR H 234 -76.72 91.33 7.99
N SER H 235 -76.14 92.39 7.42
CA SER H 235 -74.69 92.41 7.24
C SER H 235 -73.93 92.56 8.56
N GLY H 236 -74.60 92.97 9.63
CA GLY H 236 -73.94 93.16 10.91
C GLY H 236 -74.37 92.18 11.98
N LEU H 237 -75.25 91.25 11.64
CA LEU H 237 -75.77 90.27 12.57
C LEU H 237 -75.17 88.90 12.29
N LYS H 238 -74.93 88.13 13.35
CA LYS H 238 -74.35 86.79 13.25
C LYS H 238 -75.41 85.71 13.21
N THR H 239 -76.35 85.72 14.15
CA THR H 239 -77.36 84.67 14.23
C THR H 239 -78.45 84.84 13.19
N PHE H 240 -78.56 86.02 12.56
CA PHE H 240 -79.51 86.25 11.49
C PHE H 240 -78.77 86.23 10.17
N ASN H 241 -79.10 85.26 9.31
CA ASN H 241 -78.35 85.01 8.09
C ASN H 241 -79.26 85.10 6.88
N LEU H 242 -78.89 85.94 5.93
CA LEU H 242 -79.66 86.15 4.71
C LEU H 242 -79.03 85.36 3.57
N VAL H 243 -79.80 84.47 2.95
CA VAL H 243 -79.29 83.66 1.85
C VAL H 243 -80.26 83.69 0.69
N PRO H 244 -79.80 83.52 -0.56
CA PRO H 244 -80.73 83.46 -1.69
C PRO H 244 -81.44 82.11 -1.79
N ALA H 245 -82.31 81.96 -2.78
CA ALA H 245 -83.05 80.71 -2.93
C ALA H 245 -82.14 79.55 -3.31
N VAL H 246 -81.11 79.80 -4.12
CA VAL H 246 -80.18 78.75 -4.52
C VAL H 246 -79.20 78.40 -3.41
N GLY H 247 -79.24 79.08 -2.28
CA GLY H 247 -78.33 78.82 -1.19
C GLY H 247 -78.94 78.04 -0.04
N LEU H 248 -80.06 77.38 -0.28
CA LEU H 248 -80.71 76.58 0.75
C LEU H 248 -80.03 75.23 0.88
N ASN H 249 -79.72 74.85 2.13
CA ASN H 249 -79.01 73.60 2.38
C ASN H 249 -79.42 73.04 3.74
N VAL H 250 -79.33 71.72 3.85
CA VAL H 250 -79.73 71.03 5.07
C VAL H 250 -78.86 71.46 6.25
N HIS H 251 -77.55 71.61 6.03
CA HIS H 251 -76.66 71.99 7.12
C HIS H 251 -77.04 73.36 7.69
N SER H 252 -77.29 74.34 6.83
CA SER H 252 -77.70 75.65 7.32
C SER H 252 -79.08 75.62 7.93
N MET H 253 -80.01 74.83 7.37
CA MET H 253 -81.35 74.77 7.94
C MET H 253 -81.35 74.12 9.32
N LEU H 254 -80.44 73.19 9.57
CA LEU H 254 -80.30 72.59 10.89
C LEU H 254 -79.47 73.45 11.84
N LYS H 255 -78.54 74.24 11.30
CA LYS H 255 -77.74 75.14 12.13
C LYS H 255 -78.57 76.29 12.66
N HIS H 256 -79.41 76.88 11.82
CA HIS H 256 -80.27 77.99 12.24
C HIS H 256 -81.54 77.45 12.87
N GLN H 257 -81.91 78.04 14.02
CA GLN H 257 -83.05 77.55 14.78
C GLN H 257 -84.38 77.76 14.05
N THR H 258 -84.56 78.91 13.40
CA THR H 258 -85.82 79.26 12.77
C THR H 258 -85.58 79.53 11.29
N LEU H 259 -86.50 79.08 10.45
CA LEU H 259 -86.42 79.36 9.02
C LEU H 259 -87.49 80.39 8.65
N VAL H 260 -87.10 81.34 7.80
CA VAL H 260 -88.01 82.35 7.26
C VAL H 260 -87.92 82.27 5.74
N LEU H 261 -89.06 82.01 5.09
CA LEU H 261 -89.12 81.91 3.64
C LEU H 261 -90.05 82.97 3.08
N THR H 262 -89.60 83.62 2.01
CA THR H 262 -90.46 84.52 1.24
C THR H 262 -91.41 83.68 0.37
N LEU H 263 -92.56 84.26 0.04
CA LEU H 263 -93.56 83.52 -0.72
C LEU H 263 -93.10 83.13 -2.12
N PRO H 264 -92.51 84.01 -2.94
CA PRO H 264 -91.94 83.54 -4.21
C PRO H 264 -90.86 82.49 -4.02
N THR H 265 -90.07 82.58 -2.95
CA THR H 265 -89.11 81.52 -2.65
C THR H 265 -89.80 80.20 -2.33
N VAL H 266 -90.92 80.24 -1.63
CA VAL H 266 -91.67 79.03 -1.34
C VAL H 266 -92.15 78.40 -2.64
N ALA H 267 -92.70 79.22 -3.55
CA ALA H 267 -93.12 78.71 -4.84
C ALA H 267 -91.96 78.14 -5.65
N PHE H 268 -90.81 78.83 -5.65
CA PHE H 268 -89.62 78.36 -6.35
C PHE H 268 -89.13 77.02 -5.82
N LEU H 269 -89.03 76.89 -4.49
CA LEU H 269 -88.59 75.63 -3.89
C LEU H 269 -89.60 74.53 -4.17
N GLU H 270 -90.89 74.84 -4.11
CA GLU H 270 -91.93 73.87 -4.43
C GLU H 270 -91.76 73.33 -5.84
N GLU H 271 -91.61 74.23 -6.82
CA GLU H 271 -91.51 73.81 -8.21
C GLU H 271 -90.20 73.08 -8.48
N LYS H 272 -89.12 73.45 -7.76
CA LYS H 272 -87.85 72.74 -7.92
C LYS H 272 -87.93 71.33 -7.36
N LEU H 273 -88.47 71.17 -6.15
CA LEU H 273 -88.46 69.87 -5.49
C LEU H 273 -89.51 68.93 -6.06
N LEU H 274 -90.61 69.44 -6.61
CA LEU H 274 -91.64 68.55 -7.14
C LEU H 274 -91.32 68.02 -8.52
N TRP H 275 -90.30 68.55 -9.20
CA TRP H 275 -89.99 68.08 -10.54
C TRP H 275 -89.32 66.71 -10.52
N HIS H 276 -88.56 66.40 -9.48
CA HIS H 276 -87.83 65.14 -9.43
C HIS H 276 -88.72 63.94 -9.12
N ASN H 277 -89.98 64.16 -8.76
CA ASN H 277 -90.86 63.05 -8.45
C ASN H 277 -91.32 62.31 -9.70
N SER H 278 -91.40 62.99 -10.83
CA SER H 278 -91.91 62.43 -12.08
C SER H 278 -91.00 62.79 -13.25
N ARG H 279 -89.70 62.57 -13.08
CA ARG H 279 -88.72 62.90 -14.12
C ARG H 279 -88.02 61.65 -14.62
N TYR H 280 -87.47 61.76 -15.82
CA TYR H 280 -86.70 60.70 -16.45
C TYR H 280 -85.29 60.65 -15.87
N THR H 281 -84.58 59.54 -16.15
CA THR H 281 -83.15 59.54 -15.91
C THR H 281 -82.45 60.39 -16.97
N PRO H 282 -81.41 61.14 -16.58
CA PRO H 282 -80.76 62.03 -17.54
C PRO H 282 -80.00 61.28 -18.63
N LEU H 283 -80.50 61.35 -19.86
CA LEU H 283 -79.78 60.78 -20.99
C LEU H 283 -78.45 61.51 -21.18
N TYR H 284 -78.48 62.84 -21.08
CA TYR H 284 -77.32 63.69 -20.98
C TYR H 284 -77.58 64.66 -19.83
N PRO H 285 -76.55 65.33 -19.32
CA PRO H 285 -76.76 66.24 -18.18
C PRO H 285 -77.81 67.30 -18.50
N PHE H 286 -78.61 67.63 -17.48
CA PHE H 286 -79.73 68.56 -17.62
C PHE H 286 -79.28 69.97 -17.99
N ARG H 287 -77.98 70.24 -18.01
CA ARG H 287 -77.48 71.53 -18.45
C ARG H 287 -77.81 71.82 -19.90
N LEU H 288 -77.65 70.84 -20.78
CA LEU H 288 -77.94 70.99 -22.20
C LEU H 288 -79.44 71.06 -22.44
N PRO H 289 -79.87 71.70 -23.54
CA PRO H 289 -81.31 71.90 -23.76
C PRO H 289 -82.06 70.58 -23.87
N TYR H 290 -83.26 70.54 -23.29
CA TYR H 290 -84.17 69.41 -23.34
C TYR H 290 -85.44 69.82 -24.09
N CYS H 291 -86.41 68.91 -24.10
CA CYS H 291 -87.69 69.20 -24.74
C CYS H 291 -88.49 70.18 -23.90
N ASP H 292 -88.78 69.82 -22.64
CA ASP H 292 -89.53 70.68 -21.74
C ASP H 292 -88.67 71.39 -20.72
N PHE H 293 -87.49 70.85 -20.40
CA PHE H 293 -86.56 71.43 -19.43
C PHE H 293 -85.68 72.47 -20.11
N PRO H 294 -85.50 73.65 -19.49
CA PRO H 294 -84.66 74.73 -20.03
C PRO H 294 -83.21 74.30 -20.23
N THR I 53 -26.05 52.24 -46.71
CA THR I 53 -27.23 52.52 -45.88
C THR I 53 -27.92 51.23 -45.46
N VAL I 54 -28.14 51.07 -44.16
CA VAL I 54 -28.80 49.90 -43.63
C VAL I 54 -30.28 50.20 -43.43
N ILE I 55 -31.11 49.17 -43.54
CA ILE I 55 -32.54 49.28 -43.35
C ILE I 55 -32.95 48.35 -42.23
N VAL I 56 -33.50 48.91 -41.15
CA VAL I 56 -33.84 48.14 -39.97
C VAL I 56 -35.32 48.33 -39.66
N GLU I 57 -35.88 47.33 -38.96
CA GLU I 57 -37.28 47.33 -38.59
C GLU I 57 -37.43 46.97 -37.12
N ARG I 58 -38.47 47.49 -36.49
CA ARG I 58 -38.71 47.22 -35.08
C ARG I 58 -39.28 45.82 -34.88
N TRP I 59 -38.73 45.10 -33.90
CA TRP I 59 -39.24 43.78 -33.55
C TRP I 59 -40.61 43.87 -32.89
N TRP I 60 -40.82 44.88 -32.06
CA TRP I 60 -42.06 45.05 -31.32
C TRP I 60 -42.89 46.18 -31.92
N LYS I 61 -44.21 46.07 -31.76
CA LYS I 61 -45.14 47.07 -32.27
C LYS I 61 -45.20 48.27 -31.32
N VAL I 62 -45.35 49.46 -31.90
CA VAL I 62 -45.43 50.69 -31.13
C VAL I 62 -46.90 51.07 -30.98
N PRO I 63 -47.37 51.43 -29.78
CA PRO I 63 -48.76 51.86 -29.62
C PRO I 63 -49.05 53.13 -30.42
N LEU I 64 -50.29 53.24 -30.87
CA LEU I 64 -50.70 54.32 -31.74
C LEU I 64 -50.82 55.63 -30.96
N ALA I 65 -50.69 56.74 -31.71
CA ALA I 65 -50.90 58.08 -31.16
C ALA I 65 -51.34 58.96 -32.33
N GLY I 66 -52.64 59.19 -32.45
CA GLY I 66 -53.22 59.84 -33.61
C GLY I 66 -53.48 61.32 -33.49
N GLU I 67 -53.29 61.92 -32.32
CA GLU I 67 -53.54 63.35 -32.13
C GLU I 67 -52.28 64.19 -32.31
N GLY I 68 -51.32 63.72 -33.12
CA GLY I 68 -50.10 64.45 -33.33
C GLY I 68 -49.08 64.35 -32.22
N ARG I 69 -49.34 63.53 -31.20
CA ARG I 69 -48.41 63.38 -30.10
C ARG I 69 -47.27 62.43 -30.48
N LYS I 70 -46.12 62.65 -29.85
CA LYS I 70 -44.99 61.77 -30.07
C LYS I 70 -45.28 60.38 -29.49
N PRO I 71 -44.95 59.31 -30.20
CA PRO I 71 -45.21 57.97 -29.68
C PRO I 71 -44.44 57.71 -28.39
N ARG I 72 -45.07 56.99 -27.48
CA ARG I 72 -44.44 56.61 -26.22
C ARG I 72 -43.55 55.42 -26.46
N LEU I 73 -42.23 55.61 -26.37
CA LEU I 73 -41.27 54.57 -26.65
C LEU I 73 -40.86 53.86 -25.37
N HIS I 74 -40.39 52.63 -25.54
CA HIS I 74 -39.91 51.80 -24.45
C HIS I 74 -38.56 51.21 -24.85
N ARG I 75 -37.83 50.67 -23.86
CA ARG I 75 -36.53 50.10 -24.16
C ARG I 75 -36.64 48.87 -25.06
N ARG I 76 -37.79 48.18 -25.03
CA ARG I 76 -37.96 47.02 -25.90
C ARG I 76 -38.16 47.40 -27.36
N HIS I 77 -38.38 48.68 -27.65
CA HIS I 77 -38.52 49.15 -29.02
C HIS I 77 -37.17 49.40 -29.69
N ARG I 78 -36.07 49.27 -28.96
CA ARG I 78 -34.75 49.44 -29.52
C ARG I 78 -34.24 48.19 -30.24
N VAL I 79 -34.98 47.08 -30.15
CA VAL I 79 -34.57 45.84 -30.80
C VAL I 79 -34.87 45.97 -32.29
N TYR I 80 -33.82 45.99 -33.10
CA TYR I 80 -33.93 46.20 -34.54
C TYR I 80 -33.49 44.95 -35.30
N LYS I 81 -34.21 44.63 -36.37
CA LYS I 81 -33.84 43.56 -37.29
C LYS I 81 -33.43 44.18 -38.62
N LEU I 82 -32.27 43.78 -39.12
CA LEU I 82 -31.75 44.30 -40.39
C LEU I 82 -32.51 43.61 -41.52
N VAL I 83 -33.49 44.31 -42.09
CA VAL I 83 -34.34 43.70 -43.11
C VAL I 83 -33.79 43.86 -44.52
N GLU I 84 -33.02 44.92 -44.79
CA GLU I 84 -32.44 45.13 -46.10
C GLU I 84 -31.19 45.98 -45.97
N ASP I 85 -30.34 45.91 -47.00
CA ASP I 85 -29.10 46.67 -47.03
C ASP I 85 -28.88 47.17 -48.45
N THR I 86 -28.71 48.48 -48.59
CA THR I 86 -28.66 49.08 -49.93
C THR I 86 -27.42 48.66 -50.71
N LYS I 87 -26.26 48.55 -50.04
CA LYS I 87 -25.03 48.23 -50.75
C LYS I 87 -25.02 46.80 -51.29
N HIS I 88 -25.91 45.93 -50.81
CA HIS I 88 -25.97 44.56 -51.29
C HIS I 88 -26.91 44.38 -52.47
N ARG I 89 -27.88 45.25 -52.65
CA ARG I 89 -28.78 45.16 -53.79
C ARG I 89 -28.04 45.51 -55.08
N PRO I 90 -28.41 44.88 -56.20
CA PRO I 90 -27.82 45.27 -57.49
C PRO I 90 -28.09 46.73 -57.80
N LYS I 91 -27.01 47.51 -57.87
CA LYS I 91 -27.15 48.94 -58.11
C LYS I 91 -27.57 49.21 -59.56
N ASP I 92 -28.33 50.29 -59.74
CA ASP I 92 -28.79 50.68 -61.06
C ASP I 92 -27.68 51.38 -61.84
N ASN I 93 -27.96 51.67 -63.10
CA ASN I 93 -27.01 52.37 -63.96
C ASN I 93 -27.41 53.84 -64.09
N LEU I 94 -26.42 54.70 -64.25
CA LEU I 94 -26.62 56.14 -64.35
C LEU I 94 -26.68 56.55 -65.81
N GLU I 95 -27.72 57.29 -66.17
CA GLU I 95 -27.90 57.77 -67.54
C GLU I 95 -27.35 59.18 -67.66
N LEU I 96 -26.55 59.41 -68.69
CA LEU I 96 -25.91 60.71 -68.93
C LEU I 96 -26.01 61.04 -70.42
N VAL I 97 -25.83 62.32 -70.72
CA VAL I 97 -25.79 62.82 -72.08
C VAL I 97 -24.40 63.38 -72.35
N LEU I 98 -23.80 62.95 -73.45
CA LEU I 98 -22.40 63.25 -73.70
C LEU I 98 -22.21 64.70 -74.11
N THR I 99 -21.11 65.31 -73.66
CA THR I 99 -20.74 66.66 -74.04
C THR I 99 -19.48 66.71 -74.89
N GLN I 100 -18.80 65.59 -75.08
CA GLN I 100 -17.63 65.50 -75.95
C GLN I 100 -17.69 64.17 -76.69
N SER I 101 -16.62 63.84 -77.42
CA SER I 101 -16.53 62.61 -78.18
C SER I 101 -15.65 61.62 -77.41
N VAL I 102 -16.30 60.61 -76.81
CA VAL I 102 -15.60 59.58 -76.05
C VAL I 102 -15.40 58.37 -76.95
N GLU I 103 -14.23 57.72 -76.78
CA GLU I 103 -13.88 56.59 -77.62
C GLU I 103 -14.85 55.42 -77.44
N GLU I 104 -15.13 55.05 -76.19
CA GLU I 104 -15.93 53.87 -75.94
C GLU I 104 -17.43 54.17 -75.89
N LEU I 105 -17.81 55.37 -75.47
CA LEU I 105 -19.22 55.66 -75.26
C LEU I 105 -19.93 56.00 -76.57
N GLY I 106 -19.49 57.05 -77.24
CA GLY I 106 -20.10 57.41 -78.52
C GLY I 106 -19.74 58.84 -78.91
N VAL I 107 -20.52 59.35 -79.85
CA VAL I 107 -20.31 60.69 -80.42
C VAL I 107 -20.94 61.71 -79.49
N ARG I 108 -20.53 62.97 -79.60
CA ARG I 108 -21.10 64.04 -78.79
C ARG I 108 -22.61 64.12 -78.98
N GLY I 109 -23.33 64.25 -77.87
CA GLY I 109 -24.77 64.39 -77.90
C GLY I 109 -25.51 63.07 -77.96
N ASP I 110 -25.10 62.11 -77.14
CA ASP I 110 -25.75 60.81 -77.05
C ASP I 110 -26.16 60.53 -75.62
N LEU I 111 -27.31 59.87 -75.45
CA LEU I 111 -27.79 59.47 -74.14
C LEU I 111 -27.38 58.01 -73.92
N VAL I 112 -26.58 57.78 -72.88
CA VAL I 112 -26.03 56.46 -72.60
C VAL I 112 -26.19 56.15 -71.12
N SER I 113 -26.47 54.88 -70.82
CA SER I 113 -26.56 54.40 -69.44
C SER I 113 -25.27 53.66 -69.11
N VAL I 114 -24.43 54.27 -68.27
CA VAL I 114 -23.15 53.70 -67.91
C VAL I 114 -23.13 53.52 -66.39
N LYS I 115 -22.17 52.72 -65.92
CA LYS I 115 -22.14 52.38 -64.50
C LYS I 115 -21.71 53.57 -63.66
N LYS I 116 -22.15 53.55 -62.39
CA LYS I 116 -22.00 54.70 -61.51
C LYS I 116 -20.54 55.05 -61.26
N SER I 117 -19.67 54.06 -61.13
CA SER I 117 -18.28 54.34 -60.78
C SER I 117 -17.63 55.25 -61.83
N VAL I 118 -17.66 54.83 -63.09
CA VAL I 118 -17.07 55.64 -64.15
C VAL I 118 -17.88 56.91 -64.37
N GLY I 119 -19.21 56.83 -64.28
CA GLY I 119 -20.02 58.01 -64.48
C GLY I 119 -19.72 59.11 -63.47
N ARG I 120 -19.30 58.72 -62.27
CA ARG I 120 -19.02 59.67 -61.20
C ARG I 120 -17.57 60.12 -61.21
N ASN I 121 -16.64 59.25 -61.60
CA ASN I 121 -15.23 59.53 -61.47
C ASN I 121 -14.58 60.09 -62.72
N ARG I 122 -15.12 59.79 -63.90
CA ARG I 122 -14.49 60.23 -65.15
C ARG I 122 -15.35 61.23 -65.91
N LEU I 123 -16.59 60.88 -66.24
CA LEU I 123 -17.38 61.72 -67.15
C LEU I 123 -17.74 63.06 -66.49
N LEU I 124 -18.29 63.02 -65.28
CA LEU I 124 -18.68 64.25 -64.62
C LEU I 124 -17.49 65.14 -64.23
N PRO I 125 -16.45 64.65 -63.54
CA PRO I 125 -15.36 65.57 -63.17
C PRO I 125 -14.63 66.17 -64.36
N GLN I 126 -14.49 65.42 -65.44
CA GLN I 126 -13.75 65.87 -66.61
C GLN I 126 -14.63 66.54 -67.65
N GLY I 127 -15.94 66.63 -67.41
CA GLY I 127 -16.81 67.31 -68.33
C GLY I 127 -17.19 66.56 -69.58
N LEU I 128 -16.90 65.26 -69.64
CA LEU I 128 -17.24 64.47 -70.83
C LEU I 128 -18.74 64.29 -70.98
N ALA I 129 -19.51 64.43 -69.91
CA ALA I 129 -20.95 64.29 -69.98
C ALA I 129 -21.59 65.02 -68.81
N VAL I 130 -22.89 65.29 -68.94
CA VAL I 130 -23.66 65.95 -67.89
C VAL I 130 -24.91 65.14 -67.61
N TYR I 131 -25.76 65.64 -66.73
CA TYR I 131 -26.93 64.92 -66.27
C TYR I 131 -28.00 64.85 -67.36
N ALA I 132 -28.95 63.94 -67.18
CA ALA I 132 -30.05 63.73 -68.11
C ALA I 132 -31.32 64.45 -67.68
N SER I 133 -31.18 65.56 -66.95
CA SER I 133 -32.34 66.34 -66.57
C SER I 133 -32.99 66.98 -67.79
N PRO I 134 -34.30 67.25 -67.74
CA PRO I 134 -34.95 67.90 -68.89
C PRO I 134 -34.36 69.26 -69.24
N GLU I 135 -33.91 70.03 -68.24
CA GLU I 135 -33.30 71.32 -68.52
C GLU I 135 -32.01 71.16 -69.34
N ASN I 136 -31.19 70.17 -69.00
CA ASN I 136 -29.99 69.89 -69.78
C ASN I 136 -30.31 69.19 -71.09
N LYS I 137 -31.48 68.56 -71.19
CA LYS I 137 -31.88 67.88 -72.42
C LYS I 137 -32.44 68.84 -73.45
N LYS I 138 -33.03 69.96 -73.01
CA LYS I 138 -33.57 70.93 -73.94
C LYS I 138 -32.49 71.53 -74.83
N LEU I 139 -31.32 71.84 -74.25
CA LEU I 139 -30.21 72.38 -75.02
C LEU I 139 -29.74 71.38 -76.07
N PHE I 140 -29.64 70.11 -75.70
CA PHE I 140 -29.23 69.10 -76.67
C PHE I 140 -30.30 68.88 -77.73
N GLU I 141 -31.58 69.00 -77.37
CA GLU I 141 -32.65 68.88 -78.36
C GLU I 141 -32.57 69.99 -79.39
N GLU I 142 -32.40 71.24 -78.93
CA GLU I 142 -32.28 72.33 -79.89
C GLU I 142 -30.98 72.23 -80.69
N GLU I 143 -29.91 71.70 -80.10
CA GLU I 143 -28.69 71.47 -80.86
C GLU I 143 -28.89 70.43 -81.95
N LYS I 144 -29.62 69.35 -81.64
CA LYS I 144 -29.94 68.36 -82.67
C LYS I 144 -30.81 68.96 -83.76
N LEU I 145 -31.78 69.81 -83.39
CA LEU I 145 -32.62 70.46 -84.38
C LEU I 145 -31.79 71.35 -85.30
N LEU I 146 -30.83 72.10 -84.74
CA LEU I 146 -30.01 73.02 -85.52
C LEU I 146 -28.96 72.29 -86.36
N ARG I 147 -28.41 71.18 -85.88
CA ARG I 147 -27.30 70.53 -86.56
C ARG I 147 -27.71 69.93 -87.90
N GLN I 148 -28.86 69.24 -87.95
CA GLN I 148 -29.28 68.57 -89.16
C GLN I 148 -29.79 69.54 -90.23
N GLU I 149 -30.17 70.76 -89.85
CA GLU I 149 -30.64 71.72 -90.86
C GLU I 149 -29.50 72.23 -91.71
N GLY I 150 -28.37 72.56 -91.09
CA GLY I 150 -27.22 73.06 -91.82
C GLY I 150 -25.89 72.55 -91.27
N GLY J 29 -43.41 2.44 21.47
CA GLY J 29 -44.39 1.49 20.98
C GLY J 29 -43.83 0.09 20.82
N SER J 30 -44.31 -0.84 21.66
CA SER J 30 -43.85 -2.21 21.64
C SER J 30 -44.80 -3.08 20.82
N LYS J 31 -44.32 -4.28 20.48
CA LYS J 31 -45.11 -5.23 19.73
C LYS J 31 -46.17 -5.86 20.64
N ALA J 32 -47.07 -6.64 20.03
CA ALA J 32 -48.07 -7.35 20.81
C ALA J 32 -47.45 -8.45 21.66
N VAL J 33 -46.40 -9.09 21.17
CA VAL J 33 -45.70 -10.14 21.89
C VAL J 33 -44.27 -9.70 22.11
N THR J 34 -43.83 -9.69 23.38
CA THR J 34 -42.49 -9.26 23.73
C THR J 34 -41.93 -10.22 24.78
N ARG J 35 -40.68 -9.97 25.19
CA ARG J 35 -40.02 -10.81 26.18
C ARG J 35 -40.00 -10.20 27.58
N HIS J 36 -40.22 -8.90 27.70
CA HIS J 36 -40.10 -8.20 28.98
C HIS J 36 -41.42 -8.17 29.75
N ARG J 37 -42.32 -9.13 29.49
CA ARG J 37 -43.57 -9.31 30.22
C ARG J 37 -44.58 -8.22 29.92
N ARG J 38 -44.17 -7.19 29.18
CA ARG J 38 -45.07 -6.16 28.67
C ARG J 38 -45.96 -5.59 29.78
N VAL J 39 -45.32 -4.82 30.66
CA VAL J 39 -45.99 -4.20 31.81
C VAL J 39 -47.34 -3.63 31.40
N MET J 40 -48.36 -3.94 32.19
CA MET J 40 -49.74 -3.84 31.74
C MET J 40 -50.35 -2.49 32.13
N HIS J 41 -51.40 -2.11 31.40
CA HIS J 41 -52.11 -0.88 31.66
C HIS J 41 -52.85 -0.99 33.00
N PHE J 42 -52.97 0.14 33.69
CA PHE J 42 -53.41 0.12 35.08
C PHE J 42 -54.81 -0.46 35.25
N GLU J 43 -55.72 -0.16 34.32
CA GLU J 43 -57.08 -0.68 34.44
C GLU J 43 -57.11 -2.18 34.20
N ARG J 44 -56.28 -2.68 33.29
CA ARG J 44 -56.16 -4.13 33.12
C ARG J 44 -55.55 -4.78 34.36
N GLN J 45 -54.58 -4.11 35.00
CA GLN J 45 -54.03 -4.63 36.25
C GLN J 45 -55.12 -4.72 37.32
N LYS J 46 -55.94 -3.68 37.43
CA LYS J 46 -57.04 -3.69 38.38
C LYS J 46 -58.04 -4.80 38.04
N LEU J 47 -58.32 -5.00 36.75
CA LEU J 47 -59.21 -6.07 36.34
C LEU J 47 -58.66 -7.43 36.74
N MET J 48 -57.37 -7.66 36.51
CA MET J 48 -56.76 -8.93 36.90
C MET J 48 -56.82 -9.13 38.41
N ALA J 49 -56.52 -8.08 39.17
CA ALA J 49 -56.58 -8.18 40.62
C ALA J 49 -57.99 -8.49 41.11
N VAL J 50 -59.00 -7.87 40.49
CA VAL J 50 -60.38 -8.15 40.87
C VAL J 50 -60.76 -9.57 40.51
N THR J 51 -60.38 -10.04 39.32
CA THR J 51 -60.76 -11.36 38.83
C THR J 51 -59.81 -12.46 39.27
N GLU J 52 -58.90 -12.18 40.20
CA GLU J 52 -58.04 -13.22 40.75
C GLU J 52 -58.89 -14.33 41.38
N TYR J 53 -58.38 -15.55 41.30
CA TYR J 53 -59.11 -16.73 41.78
C TYR J 53 -59.22 -16.72 43.30
N ILE J 54 -60.40 -17.07 43.80
CA ILE J 54 -60.65 -17.18 45.23
C ILE J 54 -61.07 -18.60 45.55
N PRO J 55 -60.24 -19.38 46.24
CA PRO J 55 -60.59 -20.77 46.53
C PRO J 55 -61.72 -20.85 47.55
N PRO J 56 -62.53 -21.91 47.49
CA PRO J 56 -63.60 -22.07 48.49
C PRO J 56 -63.02 -22.48 49.84
N LYS J 57 -63.35 -21.73 50.88
CA LYS J 57 -62.84 -21.99 52.22
C LYS J 57 -63.97 -22.52 53.10
N PRO J 58 -63.86 -23.76 53.59
CA PRO J 58 -64.91 -24.30 54.47
C PRO J 58 -64.87 -23.65 55.84
N THR J 59 -66.00 -23.75 56.54
CA THR J 59 -66.13 -23.15 57.87
C THR J 59 -65.21 -23.82 58.87
N ILE J 60 -65.10 -25.15 58.82
CA ILE J 60 -64.32 -25.92 59.78
C ILE J 60 -63.28 -26.74 59.02
N ASN J 61 -62.05 -26.71 59.52
CA ASN J 61 -60.96 -27.46 58.90
C ASN J 61 -61.24 -28.95 59.02
N PRO J 62 -61.30 -29.69 57.91
CA PRO J 62 -61.68 -31.11 58.00
C PRO J 62 -60.55 -32.05 58.42
N ARG J 63 -59.35 -31.54 58.71
CA ARG J 63 -58.23 -32.42 59.03
C ARG J 63 -58.54 -33.21 60.30
N CYS J 64 -58.64 -32.52 61.43
CA CYS J 64 -59.05 -33.15 62.67
C CYS J 64 -60.43 -32.68 63.13
N LEU J 65 -61.31 -32.34 62.18
CA LEU J 65 -62.75 -32.50 62.32
C LEU J 65 -63.00 -34.00 62.40
N PRO J 66 -64.06 -34.44 63.08
CA PRO J 66 -64.36 -35.87 63.17
C PRO J 66 -64.18 -36.57 61.84
N PRO J 67 -63.24 -37.50 61.75
CA PRO J 67 -62.86 -38.08 60.45
C PRO J 67 -63.95 -38.98 59.90
N PRO J 68 -63.98 -39.18 58.59
CA PRO J 68 -64.90 -40.14 57.98
C PRO J 68 -64.77 -41.52 58.61
N PRO J 69 -65.76 -42.39 58.45
CA PRO J 69 -65.67 -43.74 59.02
C PRO J 69 -64.49 -44.53 58.46
N THR J 70 -64.28 -45.69 59.04
CA THR J 70 -63.11 -46.52 58.74
C THR J 70 -63.23 -47.11 57.33
N PRO J 71 -62.24 -46.90 56.47
CA PRO J 71 -62.16 -47.67 55.21
C PRO J 71 -61.48 -49.02 55.44
N PRO J 72 -62.25 -50.05 55.81
CA PRO J 72 -61.62 -51.28 56.33
C PRO J 72 -60.66 -51.91 55.33
N GLN J 73 -59.56 -52.42 55.85
CA GLN J 73 -58.54 -53.04 55.02
C GLN J 73 -58.99 -54.45 54.59
N GLU J 74 -58.49 -54.87 53.43
CA GLU J 74 -58.80 -56.18 52.88
C GLU J 74 -57.66 -57.16 53.13
N GLU J 75 -58.03 -58.40 53.43
CA GLU J 75 -57.05 -59.45 53.65
C GLU J 75 -56.42 -59.87 52.33
N THR J 76 -55.12 -60.14 52.36
CA THR J 76 -54.36 -60.50 51.17
C THR J 76 -53.83 -61.93 51.28
N GLY J 77 -53.31 -62.41 50.15
CA GLY J 77 -52.77 -63.75 50.10
C GLY J 77 -51.61 -63.96 51.06
N LEU J 78 -50.73 -62.98 51.18
CA LEU J 78 -49.56 -63.12 52.06
C LEU J 78 -49.99 -63.24 53.52
N VAL J 79 -50.92 -62.37 53.96
CA VAL J 79 -51.34 -62.43 55.36
C VAL J 79 -52.15 -63.70 55.61
N ARG J 80 -52.98 -64.13 54.65
CA ARG J 80 -53.70 -65.39 54.84
C ARG J 80 -52.74 -66.57 54.91
N LEU J 81 -51.69 -66.55 54.09
CA LEU J 81 -50.67 -67.60 54.14
C LEU J 81 -49.96 -67.60 55.48
N LEU J 82 -49.63 -66.42 56.00
CA LEU J 82 -49.01 -66.34 57.31
C LEU J 82 -49.94 -66.89 58.39
N ARG J 83 -51.23 -66.56 58.31
CA ARG J 83 -52.19 -67.06 59.28
C ARG J 83 -52.25 -68.59 59.26
N ARG J 84 -52.38 -69.17 58.07
CA ARG J 84 -52.49 -70.63 57.98
C ARG J 84 -51.18 -71.30 58.40
N GLU J 85 -50.04 -70.66 58.09
CA GLU J 85 -48.76 -71.20 58.51
C GLU J 85 -48.64 -71.22 60.03
N ILE J 86 -49.00 -70.12 60.69
CA ILE J 86 -48.90 -70.08 62.14
C ILE J 86 -49.91 -71.05 62.78
N ALA J 87 -51.08 -71.20 62.17
CA ALA J 87 -52.04 -72.19 62.66
C ALA J 87 -51.47 -73.59 62.57
N ALA J 88 -50.81 -73.92 61.45
CA ALA J 88 -50.16 -75.22 61.34
C ALA J 88 -49.05 -75.37 62.37
N VAL J 89 -48.30 -74.29 62.64
CA VAL J 89 -47.25 -74.34 63.65
C VAL J 89 -47.83 -74.70 65.00
N PHE J 90 -48.90 -74.02 65.40
CA PHE J 90 -49.48 -74.26 66.72
C PHE J 90 -50.34 -75.51 66.78
N ARG J 91 -50.66 -76.12 65.64
CA ARG J 91 -51.42 -77.36 65.63
C ARG J 91 -50.52 -78.60 65.62
N ASP J 92 -49.58 -78.67 64.68
CA ASP J 92 -48.88 -79.93 64.42
C ASP J 92 -47.86 -80.25 65.50
N ASN J 93 -46.84 -79.40 65.65
CA ASN J 93 -45.70 -79.71 66.49
C ASN J 93 -46.05 -79.60 67.97
N ARG J 94 -45.16 -80.13 68.81
CA ARG J 94 -45.36 -80.15 70.25
C ARG J 94 -44.58 -79.07 70.97
N MET J 95 -43.26 -79.01 70.80
CA MET J 95 -42.45 -78.04 71.52
C MET J 95 -42.34 -76.76 70.71
N ILE J 96 -42.89 -75.67 71.26
CA ILE J 96 -42.86 -74.35 70.64
C ILE J 96 -42.11 -73.44 71.60
N ALA J 97 -40.80 -73.28 71.39
CA ALA J 97 -39.98 -72.45 72.26
C ALA J 97 -39.93 -71.03 71.71
N VAL J 98 -39.90 -70.05 72.61
CA VAL J 98 -39.85 -68.64 72.26
C VAL J 98 -38.51 -68.10 72.73
N CYS J 99 -37.69 -67.65 71.77
CA CYS J 99 -36.35 -67.17 72.05
C CYS J 99 -36.17 -65.78 71.45
N GLN J 100 -35.20 -65.05 71.99
CA GLN J 100 -34.89 -63.71 71.50
C GLN J 100 -33.96 -63.82 70.30
N HIS J 101 -34.42 -63.36 69.14
CA HIS J 101 -33.60 -63.40 67.94
C HIS J 101 -32.48 -62.38 68.07
N VAL J 102 -31.25 -62.87 68.20
CA VAL J 102 -30.07 -62.02 68.33
C VAL J 102 -29.49 -61.80 66.94
N ALA J 103 -29.15 -60.55 66.63
CA ALA J 103 -28.60 -60.21 65.32
C ALA J 103 -27.20 -60.80 65.23
N LEU J 104 -27.10 -62.02 64.72
CA LEU J 104 -25.85 -62.77 64.66
C LEU J 104 -25.38 -62.87 63.22
N SER J 105 -24.14 -63.32 63.06
CA SER J 105 -23.53 -63.40 61.74
C SER J 105 -24.16 -64.51 60.93
N ALA J 106 -24.05 -64.39 59.60
CA ALA J 106 -24.67 -65.39 58.72
C ALA J 106 -24.02 -66.76 58.89
N GLU J 107 -22.69 -66.81 58.99
CA GLU J 107 -22.01 -68.10 59.13
C GLU J 107 -22.37 -68.77 60.44
N ASP J 108 -22.36 -68.02 61.55
CA ASP J 108 -22.74 -68.60 62.83
C ASP J 108 -24.21 -68.99 62.87
N LYS J 109 -25.08 -68.21 62.22
CA LYS J 109 -26.48 -68.55 62.15
C LYS J 109 -26.70 -69.85 61.39
N LEU J 110 -26.01 -70.02 60.26
CA LEU J 110 -26.12 -71.28 59.51
C LEU J 110 -25.53 -72.45 60.28
N LEU J 111 -24.44 -72.22 61.02
CA LEU J 111 -23.89 -73.27 61.87
C LEU J 111 -24.89 -73.68 62.95
N LEU J 112 -25.59 -72.70 63.53
CA LEU J 112 -26.62 -73.01 64.51
C LEU J 112 -27.79 -73.76 63.86
N ARG J 113 -28.14 -73.39 62.63
CA ARG J 113 -29.18 -74.13 61.90
C ARG J 113 -28.77 -75.58 61.72
N HIS J 114 -27.51 -75.83 61.35
CA HIS J 114 -27.03 -77.20 61.21
C HIS J 114 -27.03 -77.94 62.55
N GLN J 115 -26.59 -77.27 63.61
CA GLN J 115 -26.54 -77.89 64.92
C GLN J 115 -27.93 -78.09 65.52
N LEU J 116 -28.94 -77.46 64.93
CA LEU J 116 -30.32 -77.73 65.32
C LEU J 116 -30.93 -78.83 64.46
N ARG J 117 -30.61 -78.84 63.17
CA ARG J 117 -31.14 -79.88 62.29
C ARG J 117 -30.51 -81.24 62.57
N LYS J 118 -29.33 -81.28 63.20
CA LYS J 118 -28.81 -82.57 63.64
C LYS J 118 -29.74 -83.21 64.66
N HIS J 119 -30.46 -82.41 65.43
CA HIS J 119 -31.50 -82.88 66.34
C HIS J 119 -32.89 -82.76 65.74
N LYS J 120 -33.01 -82.26 64.51
CA LYS J 120 -34.26 -82.16 63.75
C LYS J 120 -35.22 -81.12 64.34
N ILE J 121 -34.68 -80.09 64.98
CA ILE J 121 -35.46 -78.96 65.46
C ILE J 121 -35.28 -77.79 64.50
N LEU J 122 -36.37 -77.12 64.16
CA LEU J 122 -36.37 -76.03 63.19
C LEU J 122 -36.51 -74.70 63.92
N MET J 123 -36.06 -73.63 63.27
CA MET J 123 -36.25 -72.28 63.77
C MET J 123 -36.91 -71.42 62.69
N LYS J 124 -37.89 -70.61 63.11
CA LYS J 124 -38.68 -69.80 62.19
C LYS J 124 -38.94 -68.43 62.81
N ILE J 125 -39.25 -67.46 61.95
CA ILE J 125 -39.52 -66.09 62.38
C ILE J 125 -40.79 -65.62 61.69
N PHE J 126 -41.72 -65.06 62.47
CA PHE J 126 -42.96 -64.48 61.97
C PHE J 126 -43.06 -63.02 62.40
N PRO J 127 -43.49 -62.12 61.51
CA PRO J 127 -43.62 -60.72 61.89
C PRO J 127 -44.64 -60.51 63.00
N ASN J 128 -44.33 -59.55 63.89
CA ASN J 128 -45.22 -59.27 65.00
C ASN J 128 -46.58 -58.75 64.53
N GLN J 129 -46.60 -57.96 63.45
CA GLN J 129 -47.84 -57.39 62.96
C GLN J 129 -48.87 -58.46 62.64
N VAL J 130 -48.42 -59.66 62.27
CA VAL J 130 -49.34 -60.77 62.02
C VAL J 130 -49.37 -61.76 63.18
N LEU J 131 -48.36 -61.76 64.05
CA LEU J 131 -48.30 -62.73 65.13
C LEU J 131 -49.10 -62.32 66.37
N LYS J 132 -49.09 -61.02 66.71
CA LYS J 132 -49.80 -60.58 67.93
C LYS J 132 -51.30 -60.83 67.86
N PRO J 133 -52.03 -60.43 66.80
CA PRO J 133 -53.48 -60.66 66.81
C PRO J 133 -53.85 -62.13 66.85
N PHE J 134 -53.15 -62.98 66.10
CA PHE J 134 -53.43 -64.40 66.14
C PHE J 134 -53.21 -64.97 67.54
N LEU J 135 -52.13 -64.55 68.20
CA LEU J 135 -51.83 -65.06 69.53
C LEU J 135 -52.84 -64.59 70.56
N GLU J 136 -53.27 -63.33 70.49
CA GLU J 136 -54.29 -62.88 71.45
C GLU J 136 -55.66 -63.46 71.16
N GLU J 137 -55.93 -63.86 69.92
CA GLU J 137 -57.17 -64.57 69.63
C GLU J 137 -57.10 -66.05 70.06
N SER J 138 -55.91 -66.65 70.00
CA SER J 138 -55.76 -68.06 70.34
C SER J 138 -55.64 -68.23 71.85
N LYS J 139 -55.27 -69.42 72.29
CA LYS J 139 -55.16 -69.75 73.71
C LYS J 139 -53.78 -69.46 74.27
N TYR J 140 -52.86 -68.93 73.47
CA TYR J 140 -51.51 -68.59 73.93
C TYR J 140 -51.34 -67.10 74.14
N GLN J 141 -52.37 -66.43 74.65
CA GLN J 141 -52.29 -64.99 74.89
C GLN J 141 -51.35 -64.63 76.03
N ASN J 142 -50.94 -65.60 76.85
CA ASN J 142 -49.97 -65.36 77.91
C ASN J 142 -48.56 -65.13 77.38
N LEU J 143 -48.33 -65.37 76.10
CA LEU J 143 -47.03 -65.19 75.47
C LEU J 143 -46.83 -63.77 74.93
N LEU J 144 -47.80 -62.89 75.16
CA LEU J 144 -47.73 -61.54 74.58
C LEU J 144 -46.49 -60.76 74.98
N PRO J 145 -46.08 -60.71 76.26
CA PRO J 145 -44.87 -59.93 76.60
C PRO J 145 -43.59 -60.48 75.98
N LEU J 146 -43.58 -61.74 75.54
CA LEU J 146 -42.37 -62.33 74.95
C LEU J 146 -42.14 -61.87 73.52
N PHE J 147 -43.18 -61.37 72.86
CA PHE J 147 -43.15 -61.07 71.42
C PHE J 147 -43.18 -59.57 71.16
N VAL J 148 -42.46 -58.80 71.97
CA VAL J 148 -42.39 -57.35 71.78
C VAL J 148 -41.25 -56.97 70.83
N GLY J 149 -40.07 -57.53 71.05
CA GLY J 149 -38.90 -57.27 70.22
C GLY J 149 -38.66 -58.38 69.22
N HIS J 150 -37.39 -58.58 68.88
CA HIS J 150 -37.02 -59.65 67.96
C HIS J 150 -37.37 -61.01 68.54
N ASN J 151 -37.83 -61.91 67.67
CA ASN J 151 -38.41 -63.16 68.12
C ASN J 151 -37.91 -64.32 67.27
N LEU J 152 -37.94 -65.51 67.87
CA LEU J 152 -37.56 -66.75 67.20
C LEU J 152 -38.41 -67.88 67.75
N LEU J 153 -39.12 -68.58 66.88
CA LEU J 153 -39.95 -69.71 67.27
C LEU J 153 -39.19 -71.00 66.95
N LEU J 154 -38.89 -71.77 67.98
CA LEU J 154 -38.22 -73.05 67.85
C LEU J 154 -39.26 -74.15 67.82
N VAL J 155 -39.37 -74.83 66.69
CA VAL J 155 -40.38 -75.86 66.45
C VAL J 155 -39.71 -77.21 66.56
N SER J 156 -40.23 -78.07 67.44
CA SER J 156 -39.70 -79.42 67.57
C SER J 156 -40.86 -80.41 67.76
N GLU J 157 -40.90 -81.41 66.89
CA GLU J 157 -41.79 -82.56 67.07
C GLU J 157 -41.05 -83.62 67.88
N GLU J 158 -41.80 -84.29 68.78
CA GLU J 158 -41.21 -85.22 69.74
C GLU J 158 -40.10 -84.50 70.51
N PRO J 159 -40.46 -83.62 71.44
CA PRO J 159 -39.47 -82.73 72.05
C PRO J 159 -38.40 -83.48 72.83
N LYS J 160 -37.18 -82.95 72.77
CA LYS J 160 -36.05 -83.40 73.59
C LYS J 160 -35.26 -82.16 73.98
N VAL J 161 -35.58 -81.58 75.13
CA VAL J 161 -35.04 -80.28 75.54
C VAL J 161 -33.58 -80.37 75.96
N LYS J 162 -33.07 -81.57 76.24
CA LYS J 162 -31.71 -81.71 76.75
C LYS J 162 -30.69 -81.21 75.72
N GLU J 163 -30.78 -81.71 74.49
CA GLU J 163 -29.84 -81.29 73.44
C GLU J 163 -30.04 -79.82 73.08
N MET J 164 -31.27 -79.32 73.15
CA MET J 164 -31.50 -77.91 72.85
C MET J 164 -30.82 -77.02 73.88
N VAL J 165 -30.93 -77.36 75.16
CA VAL J 165 -30.23 -76.61 76.20
C VAL J 165 -28.72 -76.76 76.04
N ARG J 166 -28.27 -77.94 75.66
CA ARG J 166 -26.84 -78.15 75.43
C ARG J 166 -26.31 -77.25 74.34
N ILE J 167 -27.04 -77.12 73.24
CA ILE J 167 -26.57 -76.29 72.14
C ILE J 167 -26.79 -74.81 72.44
N LEU J 168 -27.75 -74.46 73.30
CA LEU J 168 -27.94 -73.07 73.66
C LEU J 168 -26.90 -72.57 74.65
N LYS J 169 -26.41 -73.44 75.54
CA LYS J 169 -25.39 -73.02 76.50
C LYS J 169 -24.08 -72.67 75.81
N GLY J 170 -23.84 -73.18 74.60
CA GLY J 170 -22.65 -72.83 73.87
C GLY J 170 -22.55 -71.38 73.48
N ILE J 171 -23.67 -70.67 73.49
CA ILE J 171 -23.71 -69.24 73.19
C ILE J 171 -24.24 -68.52 74.42
N PRO J 172 -23.48 -67.57 74.99
CA PRO J 172 -23.88 -66.99 76.29
C PRO J 172 -24.94 -65.89 76.20
N PHE J 173 -24.94 -65.12 75.11
CA PHE J 173 -25.83 -63.98 74.98
C PHE J 173 -27.02 -64.24 74.08
N LEU J 174 -27.45 -65.50 73.96
CA LEU J 174 -28.66 -65.87 73.22
C LEU J 174 -29.63 -66.47 74.22
N PRO J 175 -30.54 -65.67 74.78
CA PRO J 175 -31.35 -66.15 75.90
C PRO J 175 -32.67 -66.79 75.47
N LEU J 176 -32.99 -67.92 76.12
CA LEU J 176 -34.27 -68.56 75.95
C LEU J 176 -35.30 -67.82 76.79
N LEU J 177 -36.31 -67.23 76.13
CA LEU J 177 -37.30 -66.46 76.86
C LEU J 177 -38.33 -67.37 77.54
N GLY J 178 -38.99 -68.23 76.77
CA GLY J 178 -39.98 -69.14 77.32
C GLY J 178 -40.46 -70.13 76.28
N GLY J 179 -41.74 -70.47 76.36
CA GLY J 179 -42.33 -71.37 75.38
C GLY J 179 -43.33 -72.34 75.98
N CYS J 180 -43.74 -73.32 75.18
CA CYS J 180 -44.70 -74.33 75.63
C CYS J 180 -44.24 -75.72 75.24
N ILE J 181 -44.34 -76.64 76.19
CA ILE J 181 -44.00 -78.05 76.03
C ILE J 181 -45.31 -78.81 76.13
N ASP J 182 -45.96 -79.06 75.00
CA ASP J 182 -47.27 -79.74 74.97
C ASP J 182 -48.29 -78.99 75.84
N ASP J 183 -48.55 -77.75 75.43
CA ASP J 183 -49.52 -76.88 76.12
C ASP J 183 -49.13 -76.60 77.58
N THR J 184 -47.84 -76.52 77.85
CA THR J 184 -47.34 -76.19 79.19
C THR J 184 -46.43 -74.98 79.06
N ILE J 185 -46.99 -73.80 79.32
CA ILE J 185 -46.23 -72.55 79.21
C ILE J 185 -45.19 -72.53 80.33
N LEU J 186 -43.92 -72.43 79.96
CA LEU J 186 -42.82 -72.47 80.91
C LEU J 186 -41.80 -71.38 80.59
N SER J 187 -41.10 -70.94 81.62
CA SER J 187 -40.04 -69.96 81.48
C SER J 187 -38.71 -70.69 81.22
N ARG J 188 -37.60 -69.95 81.29
CA ARG J 188 -36.29 -70.58 81.10
C ARG J 188 -36.00 -71.60 82.21
N GLN J 189 -36.32 -71.25 83.46
CA GLN J 189 -36.12 -72.19 84.55
C GLN J 189 -37.01 -73.42 84.39
N GLY J 190 -38.24 -73.22 83.93
CA GLY J 190 -39.12 -74.35 83.66
C GLY J 190 -38.57 -75.25 82.56
N PHE J 191 -37.99 -74.65 81.52
CA PHE J 191 -37.36 -75.43 80.47
C PHE J 191 -36.17 -76.23 81.01
N ILE J 192 -35.36 -75.61 81.87
CA ILE J 192 -34.23 -76.32 82.47
C ILE J 192 -34.71 -77.49 83.32
N ASN J 193 -35.76 -77.26 84.11
CA ASN J 193 -36.32 -78.35 84.93
C ASN J 193 -36.86 -79.48 84.06
N TYR J 194 -37.56 -79.13 82.98
CA TYR J 194 -38.06 -80.16 82.07
C TYR J 194 -36.93 -80.94 81.42
N SER J 195 -35.85 -80.27 81.03
CA SER J 195 -34.70 -80.96 80.45
C SER J 195 -34.05 -81.89 81.47
N LYS J 196 -33.89 -81.43 82.71
CA LYS J 196 -33.29 -82.26 83.74
C LYS J 196 -34.19 -83.43 84.14
N LEU J 197 -35.51 -83.29 83.99
CA LEU J 197 -36.44 -84.35 84.35
C LEU J 197 -36.28 -85.53 83.40
N PRO J 198 -36.38 -86.77 83.89
CA PRO J 198 -36.23 -87.94 83.03
C PRO J 198 -37.38 -88.12 82.04
N SER J 199 -37.33 -89.21 81.27
CA SER J 199 -38.24 -89.41 80.15
C SER J 199 -39.59 -89.96 80.61
N LEU J 200 -40.54 -89.94 79.67
CA LEU J 200 -41.89 -90.40 79.95
C LEU J 200 -41.93 -91.88 80.31
N ALA J 201 -41.19 -92.71 79.56
CA ALA J 201 -41.17 -94.14 79.86
C ALA J 201 -40.61 -94.39 81.26
N LEU J 202 -39.52 -93.71 81.61
CA LEU J 202 -38.92 -93.91 82.92
C LEU J 202 -39.85 -93.45 84.04
N VAL J 203 -40.51 -92.30 83.87
CA VAL J 203 -41.38 -91.81 84.94
C VAL J 203 -42.62 -92.71 85.08
N GLN J 204 -43.14 -93.22 83.96
CA GLN J 204 -44.27 -94.14 84.06
C GLN J 204 -43.86 -95.46 84.70
N GLY J 205 -42.65 -95.94 84.41
CA GLY J 205 -42.16 -97.13 85.09
C GLY J 205 -41.99 -96.92 86.58
N GLU J 206 -41.49 -95.74 86.97
CA GLU J 206 -41.32 -95.43 88.38
C GLU J 206 -42.63 -95.15 89.10
N LEU J 207 -43.67 -94.72 88.37
CA LEU J 207 -44.97 -94.47 88.99
C LEU J 207 -45.56 -95.75 89.58
N VAL J 208 -45.50 -96.85 88.83
CA VAL J 208 -46.03 -98.12 89.31
C VAL J 208 -45.21 -98.60 90.50
N GLY J 209 -43.88 -98.42 90.46
CA GLY J 209 -43.06 -98.76 91.60
C GLY J 209 -43.41 -97.97 92.84
N GLY J 210 -43.64 -96.67 92.67
CA GLY J 210 -44.07 -95.85 93.80
C GLY J 210 -45.43 -96.24 94.35
N LEU J 211 -46.35 -96.65 93.46
CA LEU J 211 -47.66 -97.08 93.91
C LEU J 211 -47.59 -98.40 94.66
N THR J 212 -46.75 -99.33 94.21
CA THR J 212 -46.57 -100.60 94.91
C THR J 212 -45.58 -100.49 96.06
N PHE J 213 -44.97 -99.31 96.26
CA PHE J 213 -44.03 -99.11 97.36
C PHE J 213 -44.68 -99.38 98.72
N LEU J 214 -45.95 -99.02 98.88
CA LEU J 214 -46.61 -99.26 100.16
C LEU J 214 -46.68 -100.75 100.47
N THR J 215 -47.13 -101.55 99.50
CA THR J 215 -47.20 -103.00 99.71
C THR J 215 -45.81 -103.61 99.88
N ALA J 216 -44.83 -103.11 99.11
CA ALA J 216 -43.47 -103.63 99.23
C ALA J 216 -42.89 -103.35 100.61
N GLN J 217 -43.11 -102.14 101.14
CA GLN J 217 -42.64 -101.80 102.47
C GLN J 217 -43.38 -102.59 103.54
N THR J 218 -44.68 -102.85 103.33
CA THR J 218 -45.42 -103.70 104.27
C THR J 218 -44.83 -105.09 104.32
N TYR J 219 -44.56 -105.67 103.15
CA TYR J 219 -43.97 -107.01 103.09
C TYR J 219 -42.57 -107.00 103.71
N SER J 220 -41.84 -105.91 103.51
CA SER J 220 -40.51 -105.79 104.11
C SER J 220 -40.58 -105.76 105.63
N MET J 221 -41.49 -104.97 106.21
CA MET J 221 -41.53 -104.95 107.68
C MET J 221 -41.99 -106.29 108.22
N LEU J 222 -43.00 -106.90 107.58
CA LEU J 222 -43.46 -108.21 108.04
C LEU J 222 -42.42 -109.30 107.82
N GLN J 223 -41.43 -109.04 106.97
CA GLN J 223 -40.32 -109.97 106.77
C GLN J 223 -39.04 -109.51 107.47
N HIS J 224 -38.91 -108.22 107.79
CA HIS J 224 -37.78 -107.74 108.59
C HIS J 224 -37.81 -108.28 110.01
N GLN J 225 -38.98 -108.71 110.50
CA GLN J 225 -39.05 -109.25 111.86
C GLN J 225 -38.20 -110.50 112.04
N PRO J 226 -38.27 -111.52 111.19
CA PRO J 226 -37.31 -112.63 111.31
C PRO J 226 -35.90 -112.26 110.89
N ARG J 227 -35.74 -111.21 110.08
CA ARG J 227 -34.41 -110.78 109.66
C ARG J 227 -33.63 -110.12 110.78
N GLN J 228 -34.33 -109.46 111.71
CA GLN J 228 -33.64 -108.77 112.80
C GLN J 228 -32.92 -109.77 113.71
N LEU J 229 -33.55 -110.92 113.98
CA LEU J 229 -32.89 -111.94 114.78
C LEU J 229 -31.64 -112.46 114.08
N THR J 230 -31.72 -112.70 112.77
CA THR J 230 -30.55 -113.16 112.03
C THR J 230 -29.44 -112.12 112.06
N ALA J 231 -29.80 -110.85 111.92
CA ALA J 231 -28.80 -109.79 112.01
C ALA J 231 -28.13 -109.75 113.37
N LEU J 232 -28.93 -109.86 114.45
CA LEU J 232 -28.34 -109.94 115.78
C LEU J 232 -27.52 -111.20 115.96
N LEU J 233 -28.00 -112.33 115.42
CA LEU J 233 -27.22 -113.55 115.45
C LEU J 233 -25.91 -113.40 114.68
N ASP J 234 -25.97 -112.73 113.52
CA ASP J 234 -24.75 -112.51 112.74
C ASP J 234 -23.84 -111.50 113.41
N GLN J 235 -24.40 -110.52 114.12
CA GLN J 235 -23.57 -109.59 114.86
C GLN J 235 -22.81 -110.30 115.97
N TYR J 236 -23.47 -111.22 116.68
CA TYR J 236 -22.76 -112.04 117.66
C TYR J 236 -21.72 -112.92 116.99
N VAL J 237 -21.95 -113.31 115.74
CA VAL J 237 -20.95 -114.08 115.00
C VAL J 237 -19.72 -113.22 114.73
N LYS J 238 -19.92 -111.99 114.27
CA LYS J 238 -18.79 -111.13 113.95
C LYS J 238 -18.08 -110.64 115.20
N GLN J 239 -18.77 -110.62 116.34
CA GLN J 239 -18.12 -110.22 117.59
C GLN J 239 -17.03 -111.19 118.00
N GLN J 240 -17.24 -112.49 117.77
CA GLN J 240 -16.26 -113.50 118.10
C GLN J 240 -15.86 -114.31 116.88
N SER K 17 -5.99 -62.60 57.65
CA SER K 17 -5.92 -61.47 56.73
C SER K 17 -7.19 -61.35 55.90
N GLY K 18 -7.78 -62.49 55.55
CA GLY K 18 -9.01 -62.48 54.80
C GLY K 18 -9.26 -63.82 54.13
N MET K 19 -10.11 -63.79 53.10
CA MET K 19 -10.53 -64.98 52.37
C MET K 19 -10.42 -64.72 50.87
N ILE K 20 -10.01 -65.76 50.14
CA ILE K 20 -9.86 -65.68 48.69
C ILE K 20 -10.57 -66.87 48.06
N ARG K 21 -11.39 -66.60 47.04
CA ARG K 21 -12.03 -67.66 46.27
C ARG K 21 -11.23 -67.92 45.00
N ALA K 22 -10.83 -69.17 44.79
CA ALA K 22 -9.98 -69.52 43.65
C ALA K 22 -10.57 -70.74 42.96
N ILE K 23 -10.82 -70.63 41.64
CA ILE K 23 -11.25 -71.76 40.84
C ILE K 23 -10.03 -72.31 40.13
N VAL K 24 -9.61 -73.52 40.52
CA VAL K 24 -8.36 -74.11 40.06
C VAL K 24 -8.64 -75.50 39.51
N ARG K 25 -7.97 -75.85 38.41
CA ARG K 25 -8.07 -77.18 37.85
C ARG K 25 -7.51 -78.21 38.83
N ALA K 26 -8.14 -79.39 38.84
CA ALA K 26 -7.76 -80.43 39.78
C ALA K 26 -6.32 -80.90 39.56
N GLY K 27 -5.95 -81.15 38.30
CA GLY K 27 -4.63 -81.62 37.97
C GLY K 27 -3.61 -80.55 37.67
N GLN K 28 -3.95 -79.28 37.80
CA GLN K 28 -3.06 -78.18 37.48
C GLN K 28 -2.85 -77.33 38.72
N ALA K 29 -1.59 -77.01 39.01
CA ALA K 29 -1.23 -76.15 40.14
C ALA K 29 0.09 -75.47 39.77
N ARG K 30 0.02 -74.20 39.38
CA ARG K 30 1.20 -73.49 38.93
C ARG K 30 1.40 -72.21 39.74
N PRO K 31 2.65 -71.81 39.98
CA PRO K 31 2.92 -70.54 40.68
C PRO K 31 2.90 -69.34 39.73
N GLY K 32 1.75 -69.12 39.10
CA GLY K 32 1.61 -68.05 38.15
C GLY K 32 0.23 -67.42 38.19
N PRO K 33 -0.08 -66.60 37.17
CA PRO K 33 -1.38 -65.94 37.16
C PRO K 33 -2.49 -66.93 36.83
N PRO K 34 -3.71 -66.69 37.34
CA PRO K 34 -4.06 -65.55 38.19
C PRO K 34 -3.78 -65.80 39.66
N LEU K 35 -3.23 -66.98 39.96
CA LEU K 35 -2.91 -67.32 41.35
C LEU K 35 -1.70 -66.57 41.87
N GLY K 36 -0.92 -65.95 40.98
CA GLY K 36 0.32 -65.31 41.38
C GLY K 36 0.12 -64.08 42.25
N PRO K 37 -0.41 -63.00 41.66
CA PRO K 37 -0.55 -61.74 42.43
C PRO K 37 -1.46 -61.85 43.64
N ILE K 38 -2.52 -62.67 43.57
CA ILE K 38 -3.48 -62.74 44.67
C ILE K 38 -2.83 -63.32 45.93
N LEU K 39 -1.91 -64.28 45.78
CA LEU K 39 -1.15 -64.77 46.91
C LEU K 39 0.08 -63.94 47.21
N GLY K 40 0.67 -63.29 46.21
CA GLY K 40 1.82 -62.44 46.44
C GLY K 40 1.50 -61.21 47.28
N GLN K 41 0.32 -60.62 47.07
CA GLN K 41 -0.11 -59.51 47.91
C GLN K 41 -0.35 -59.95 49.35
N ARG K 42 -0.90 -61.14 49.55
CA ARG K 42 -1.10 -61.68 50.89
C ARG K 42 0.19 -62.14 51.54
N GLY K 43 1.24 -62.40 50.77
CA GLY K 43 2.52 -62.80 51.31
C GLY K 43 2.69 -64.28 51.56
N VAL K 44 1.66 -65.09 51.28
CA VAL K 44 1.75 -66.53 51.49
C VAL K 44 2.64 -67.14 50.41
N SER K 45 3.54 -68.03 50.83
CA SER K 45 4.42 -68.70 49.88
C SER K 45 3.61 -69.58 48.94
N ILE K 46 3.77 -69.34 47.64
CA ILE K 46 2.97 -70.05 46.65
C ILE K 46 3.40 -71.51 46.51
N ASN K 47 4.70 -71.79 46.71
CA ASN K 47 5.19 -73.15 46.58
C ASN K 47 4.52 -74.08 47.59
N GLN K 48 4.40 -73.63 48.84
CA GLN K 48 3.67 -74.43 49.82
C GLN K 48 2.26 -74.71 49.35
N PHE K 49 1.48 -73.65 49.08
CA PHE K 49 0.09 -73.81 48.69
C PHE K 49 -0.06 -74.78 47.52
N CYS K 50 0.85 -74.70 46.54
CA CYS K 50 0.84 -75.66 45.45
C CYS K 50 1.09 -77.08 45.95
N LYS K 51 2.01 -77.23 46.91
CA LYS K 51 2.32 -78.58 47.43
C LYS K 51 1.10 -79.19 48.12
N GLU K 52 0.47 -78.45 49.03
CA GLU K 52 -0.73 -79.00 49.67
C GLU K 52 -1.89 -79.17 48.69
N PHE K 53 -1.98 -78.30 47.67
CA PHE K 53 -3.02 -78.49 46.68
C PHE K 53 -2.83 -79.79 45.91
N ASN K 54 -1.59 -80.09 45.51
CA ASN K 54 -1.31 -81.36 44.85
C ASN K 54 -1.57 -82.53 45.80
N GLU K 55 -1.17 -82.40 47.07
CA GLU K 55 -1.38 -83.49 48.02
C GLU K 55 -2.85 -83.76 48.27
N LYS K 56 -3.70 -82.74 48.22
CA LYS K 56 -5.11 -82.91 48.50
C LYS K 56 -5.93 -83.23 47.26
N THR K 57 -5.45 -82.91 46.06
CA THR K 57 -6.18 -83.16 44.84
C THR K 57 -5.56 -84.27 43.98
N LYS K 58 -4.51 -84.93 44.45
CA LYS K 58 -3.97 -86.05 43.69
C LYS K 58 -4.83 -87.30 43.81
N ASP K 59 -5.75 -87.35 44.77
CA ASP K 59 -6.62 -88.51 44.94
C ASP K 59 -7.75 -88.54 43.92
N ILE K 60 -8.06 -87.41 43.29
CA ILE K 60 -9.09 -87.34 42.26
C ILE K 60 -8.40 -87.30 40.90
N LYS K 61 -8.69 -88.30 40.06
CA LYS K 61 -8.12 -88.40 38.73
C LYS K 61 -9.09 -87.97 37.63
N GLU K 62 -10.27 -87.47 38.00
CA GLU K 62 -11.24 -87.05 37.01
C GLU K 62 -10.81 -85.77 36.29
N GLY K 63 -10.01 -84.92 36.93
CA GLY K 63 -9.55 -83.69 36.32
C GLY K 63 -10.66 -82.69 36.09
N ILE K 64 -11.33 -82.29 37.17
CA ILE K 64 -12.46 -81.37 37.11
C ILE K 64 -12.06 -80.09 37.82
N PRO K 65 -12.20 -78.92 37.18
CA PRO K 65 -11.86 -77.67 37.87
C PRO K 65 -12.81 -77.40 39.02
N LEU K 66 -12.27 -76.99 40.16
CA LEU K 66 -13.09 -76.82 41.34
C LEU K 66 -12.83 -75.47 42.01
N PRO K 67 -13.84 -74.89 42.65
CA PRO K 67 -13.61 -73.71 43.49
C PRO K 67 -13.19 -74.09 44.90
N THR K 68 -12.34 -73.24 45.48
CA THR K 68 -11.83 -73.46 46.81
C THR K 68 -11.70 -72.12 47.52
N LYS K 69 -11.70 -72.19 48.86
CA LYS K 69 -11.62 -71.03 49.73
C LYS K 69 -10.30 -71.08 50.48
N ILE K 70 -9.50 -70.02 50.35
CA ILE K 70 -8.22 -69.90 51.04
C ILE K 70 -8.40 -68.86 52.15
N PHE K 71 -8.22 -69.28 53.40
CA PHE K 71 -8.37 -68.41 54.56
C PHE K 71 -6.97 -68.02 55.01
N VAL K 72 -6.57 -66.79 54.68
CA VAL K 72 -5.25 -66.29 55.06
C VAL K 72 -5.36 -65.61 56.41
N LYS K 73 -4.55 -66.06 57.37
CA LYS K 73 -4.47 -65.51 58.71
C LYS K 73 -3.53 -64.32 58.74
N PRO K 74 -3.64 -63.47 59.77
CA PRO K 74 -2.73 -62.31 59.85
C PRO K 74 -1.26 -62.67 59.96
N ASP K 75 -0.94 -63.89 60.40
CA ASP K 75 0.45 -64.33 60.52
C ASP K 75 0.99 -64.98 59.24
N ARG K 76 0.39 -64.63 58.09
CA ARG K 76 0.78 -65.13 56.77
C ARG K 76 0.61 -66.64 56.64
N THR K 77 -0.17 -67.26 57.51
CA THR K 77 -0.50 -68.67 57.39
C THR K 77 -1.91 -68.82 56.80
N PHE K 78 -2.12 -69.93 56.11
CA PHE K 78 -3.30 -70.11 55.28
C PHE K 78 -3.92 -71.49 55.52
N GLU K 79 -5.24 -71.56 55.34
CA GLU K 79 -5.99 -72.80 55.45
C GLU K 79 -6.80 -73.02 54.18
N ILE K 80 -7.03 -74.29 53.86
CA ILE K 80 -7.71 -74.69 52.63
C ILE K 80 -8.96 -75.48 53.01
N LYS K 81 -10.08 -75.14 52.39
CA LYS K 81 -11.29 -75.97 52.45
C LYS K 81 -11.66 -76.32 51.02
N ILE K 82 -11.54 -77.59 50.67
CA ILE K 82 -11.79 -78.06 49.31
C ILE K 82 -13.30 -78.21 49.14
N GLY K 83 -13.79 -77.98 47.92
CA GLY K 83 -15.20 -77.99 47.64
C GLY K 83 -15.54 -78.76 46.39
N GLN K 84 -16.85 -78.88 46.15
CA GLN K 84 -17.35 -79.59 44.98
C GLN K 84 -17.04 -78.77 43.72
N PRO K 85 -16.63 -79.44 42.63
CA PRO K 85 -16.27 -78.70 41.42
C PRO K 85 -17.43 -77.99 40.74
N THR K 86 -17.15 -77.32 39.62
CA THR K 86 -18.05 -76.32 39.07
C THR K 86 -19.22 -76.96 38.33
N VAL K 87 -20.40 -76.34 38.52
CA VAL K 87 -21.63 -76.82 37.87
C VAL K 87 -21.53 -76.70 36.37
N SER K 88 -20.90 -75.63 35.86
CA SER K 88 -20.78 -75.48 34.41
C SER K 88 -19.99 -76.63 33.81
N TYR K 89 -18.85 -76.98 34.43
CA TYR K 89 -18.06 -78.09 33.93
C TYR K 89 -18.80 -79.42 34.10
N PHE K 90 -19.55 -79.56 35.20
CA PHE K 90 -20.34 -80.78 35.38
C PHE K 90 -21.36 -80.96 34.26
N LEU K 91 -22.09 -79.89 33.93
CA LEU K 91 -23.07 -79.98 32.86
C LEU K 91 -22.40 -80.19 31.50
N LYS K 92 -21.26 -79.54 31.27
CA LYS K 92 -20.55 -79.75 30.02
C LYS K 92 -20.09 -81.19 29.87
N ALA K 93 -19.59 -81.78 30.95
CA ALA K 93 -19.19 -83.19 30.91
C ALA K 93 -20.40 -84.10 30.71
N ALA K 94 -21.53 -83.79 31.34
CA ALA K 94 -22.72 -84.62 31.20
C ALA K 94 -23.34 -84.52 29.82
N ALA K 95 -23.18 -83.38 29.14
CA ALA K 95 -23.80 -83.17 27.85
C ALA K 95 -22.89 -83.46 26.66
N GLY K 96 -21.57 -83.37 26.84
CA GLY K 96 -20.65 -83.64 25.76
C GLY K 96 -20.28 -82.44 24.90
N ILE K 97 -20.35 -81.23 25.45
CA ILE K 97 -20.04 -80.01 24.70
C ILE K 97 -18.95 -79.24 25.43
N GLU K 98 -17.95 -78.80 24.67
CA GLU K 98 -16.74 -78.18 25.21
C GLU K 98 -16.98 -76.80 25.79
N LYS K 99 -17.81 -75.97 25.14
CA LYS K 99 -18.07 -74.61 25.60
C LYS K 99 -19.55 -74.31 25.53
N GLY K 100 -20.00 -73.41 26.41
CA GLY K 100 -21.39 -73.03 26.47
C GLY K 100 -21.81 -72.12 25.33
N ALA K 101 -23.12 -71.98 25.19
CA ALA K 101 -23.68 -71.16 24.13
C ALA K 101 -23.42 -69.68 24.38
N ARG K 102 -23.22 -68.94 23.30
CA ARG K 102 -22.98 -67.50 23.41
C ARG K 102 -24.26 -66.77 23.79
N HIS K 103 -25.30 -66.90 22.98
CA HIS K 103 -26.58 -66.23 23.21
C HIS K 103 -27.54 -67.27 23.77
N THR K 104 -27.68 -67.29 25.10
CA THR K 104 -28.58 -68.22 25.74
C THR K 104 -30.04 -67.83 25.46
N GLY K 105 -30.85 -68.83 25.12
CA GLY K 105 -32.24 -68.64 24.78
C GLY K 105 -32.53 -68.64 23.29
N LYS K 106 -31.61 -68.10 22.48
CA LYS K 106 -31.76 -68.12 21.04
C LYS K 106 -31.22 -69.39 20.40
N GLU K 107 -30.22 -70.02 21.02
CA GLU K 107 -29.63 -71.24 20.51
C GLU K 107 -29.51 -72.25 21.63
N VAL K 108 -29.45 -73.52 21.24
CA VAL K 108 -29.36 -74.63 22.18
C VAL K 108 -27.89 -75.07 22.29
N ALA K 109 -27.38 -75.15 23.51
CA ALA K 109 -26.00 -75.53 23.75
C ALA K 109 -25.82 -77.04 23.82
N GLY K 110 -26.77 -77.74 24.42
CA GLY K 110 -26.66 -79.17 24.55
C GLY K 110 -27.98 -79.79 24.95
N LEU K 111 -27.91 -81.08 25.30
CA LEU K 111 -29.10 -81.84 25.68
C LEU K 111 -28.74 -82.83 26.78
N VAL K 112 -29.46 -82.77 27.88
CA VAL K 112 -29.34 -83.76 28.97
C VAL K 112 -30.74 -84.12 29.44
N THR K 113 -30.81 -85.12 30.31
CA THR K 113 -32.06 -85.55 30.92
C THR K 113 -31.98 -85.32 32.43
N LEU K 114 -33.03 -85.75 33.13
CA LEU K 114 -33.08 -85.58 34.57
C LEU K 114 -32.05 -86.45 35.29
N LYS K 115 -31.56 -87.50 34.64
CA LYS K 115 -30.63 -88.42 35.30
C LYS K 115 -29.31 -87.73 35.63
N HIS K 116 -28.74 -87.01 34.66
CA HIS K 116 -27.49 -86.30 34.89
C HIS K 116 -27.66 -85.23 35.95
N VAL K 117 -28.79 -84.51 35.91
CA VAL K 117 -29.04 -83.45 36.89
C VAL K 117 -29.17 -84.04 38.29
N TYR K 118 -29.85 -85.19 38.41
CA TYR K 118 -29.98 -85.86 39.70
C TYR K 118 -28.64 -86.34 40.22
N GLU K 119 -27.80 -86.91 39.34
CA GLU K 119 -26.46 -87.34 39.74
C GLU K 119 -25.63 -86.14 40.23
N ILE K 120 -25.71 -85.02 39.50
CA ILE K 120 -24.97 -83.82 39.90
C ILE K 120 -25.49 -83.31 41.24
N ALA K 121 -26.81 -83.37 41.45
CA ALA K 121 -27.37 -82.94 42.73
C ALA K 121 -26.87 -83.81 43.88
N ARG K 122 -26.84 -85.13 43.68
CA ARG K 122 -26.32 -86.00 44.74
C ARG K 122 -24.85 -85.78 45.00
N VAL K 123 -24.03 -85.53 43.97
CA VAL K 123 -22.61 -85.34 44.24
C VAL K 123 -22.34 -83.94 44.80
N LYS K 124 -23.22 -82.98 44.55
CA LYS K 124 -23.06 -81.63 45.08
C LYS K 124 -23.73 -81.42 46.42
N ALA K 125 -24.53 -82.37 46.89
CA ALA K 125 -25.16 -82.22 48.20
C ALA K 125 -24.17 -82.24 49.35
N GLN K 126 -22.91 -82.62 49.11
CA GLN K 126 -21.89 -82.69 50.15
C GLN K 126 -20.92 -81.52 50.11
N ASP K 127 -21.18 -80.49 49.31
CA ASP K 127 -20.27 -79.36 49.25
C ASP K 127 -20.44 -78.46 50.47
N ASP K 128 -19.46 -77.57 50.66
CA ASP K 128 -19.52 -76.63 51.78
C ASP K 128 -20.67 -75.64 51.63
N ALA K 129 -21.18 -75.43 50.41
CA ALA K 129 -22.25 -74.46 50.21
C ALA K 129 -23.60 -75.04 50.62
N PHE K 130 -23.93 -76.23 50.13
CA PHE K 130 -25.22 -76.84 50.40
C PHE K 130 -25.19 -77.80 51.59
N ALA K 131 -24.04 -77.94 52.25
CA ALA K 131 -23.98 -78.79 53.45
C ALA K 131 -24.63 -78.10 54.64
N LEU K 132 -24.41 -76.79 54.79
CA LEU K 132 -24.99 -76.08 55.92
C LEU K 132 -26.51 -76.01 55.82
N GLN K 133 -27.04 -75.74 54.62
CA GLN K 133 -28.48 -75.81 54.42
C GLN K 133 -28.93 -77.26 54.43
N ASP K 134 -30.14 -77.50 54.94
CA ASP K 134 -30.65 -78.85 55.11
C ASP K 134 -31.97 -79.04 54.37
N VAL K 135 -32.11 -78.40 53.22
CA VAL K 135 -33.22 -78.62 52.30
C VAL K 135 -33.02 -79.97 51.60
N PRO K 136 -34.07 -80.59 51.06
CA PRO K 136 -33.87 -81.87 50.37
C PRO K 136 -33.18 -81.71 49.03
N LEU K 137 -33.02 -82.82 48.30
CA LEU K 137 -32.36 -82.77 47.01
C LEU K 137 -33.18 -82.03 45.95
N SER K 138 -34.45 -81.75 46.23
CA SER K 138 -35.27 -81.02 45.27
C SER K 138 -34.75 -79.61 45.05
N SER K 139 -34.32 -78.94 46.12
CA SER K 139 -33.75 -77.60 45.96
C SER K 139 -32.46 -77.65 45.14
N VAL K 140 -31.63 -78.67 45.37
CA VAL K 140 -30.38 -78.79 44.63
C VAL K 140 -30.66 -79.05 43.14
N VAL K 141 -31.63 -79.92 42.85
CA VAL K 141 -31.95 -80.20 41.45
C VAL K 141 -32.55 -78.96 40.78
N ARG K 142 -33.34 -78.18 41.53
CA ARG K 142 -33.85 -76.92 41.00
C ARG K 142 -32.71 -75.96 40.69
N SER K 143 -31.73 -75.86 41.59
CA SER K 143 -30.59 -74.98 41.36
C SER K 143 -29.78 -75.42 40.15
N ILE K 144 -29.57 -76.72 39.99
CA ILE K 144 -28.81 -77.22 38.86
C ILE K 144 -29.56 -76.99 37.55
N ILE K 145 -30.89 -77.13 37.58
CA ILE K 145 -31.67 -76.89 36.37
C ILE K 145 -31.65 -75.41 36.01
N GLY K 146 -31.67 -74.52 37.01
CA GLY K 146 -31.50 -73.11 36.72
C GLY K 146 -30.13 -72.77 36.16
N SER K 147 -29.09 -73.40 36.70
CA SER K 147 -27.75 -73.20 36.17
C SER K 147 -27.66 -73.68 34.72
N ALA K 148 -28.28 -74.81 34.41
CA ALA K 148 -28.32 -75.29 33.03
C ALA K 148 -29.15 -74.37 32.16
N ARG K 149 -30.21 -73.77 32.71
CA ARG K 149 -30.98 -72.76 31.97
C ARG K 149 -30.08 -71.60 31.55
N SER K 150 -29.29 -71.08 32.49
CA SER K 150 -28.35 -70.02 32.15
C SER K 150 -27.27 -70.51 31.20
N LEU K 151 -26.87 -71.77 31.32
CA LEU K 151 -25.85 -72.34 30.44
C LEU K 151 -26.34 -72.46 29.00
N GLY K 152 -27.64 -72.71 28.81
CA GLY K 152 -28.19 -72.98 27.51
C GLY K 152 -28.45 -74.44 27.22
N ILE K 153 -28.08 -75.33 28.12
CA ILE K 153 -28.33 -76.76 27.95
C ILE K 153 -29.82 -77.02 28.16
N ARG K 154 -30.43 -77.73 27.21
CA ARG K 154 -31.84 -78.07 27.29
C ARG K 154 -32.01 -79.40 28.01
N VAL K 155 -33.06 -79.50 28.83
CA VAL K 155 -33.37 -80.71 29.59
C VAL K 155 -34.75 -81.20 29.16
N VAL K 156 -34.88 -82.52 29.06
CA VAL K 156 -36.14 -83.15 28.65
C VAL K 156 -36.54 -84.15 29.72
N LYS K 157 -37.84 -84.42 29.80
CA LYS K 157 -38.37 -85.25 30.86
C LYS K 157 -38.09 -86.73 30.62
N ASP K 158 -38.42 -87.23 29.43
CA ASP K 158 -38.29 -88.66 29.12
C ASP K 158 -37.98 -88.81 27.63
N LEU K 159 -36.69 -88.93 27.31
CA LEU K 159 -36.27 -89.20 25.94
C LEU K 159 -35.13 -90.21 25.91
N SER K 160 -35.18 -91.23 26.77
CA SER K 160 -34.09 -92.19 26.86
C SER K 160 -33.91 -92.95 25.55
N SER K 161 -35.02 -93.37 24.93
CA SER K 161 -34.92 -94.10 23.67
C SER K 161 -34.56 -93.19 22.50
N GLU K 162 -34.91 -91.92 22.57
CA GLU K 162 -34.65 -90.96 21.50
C GLU K 162 -33.36 -90.20 21.69
N GLU K 163 -32.74 -90.26 22.88
CA GLU K 163 -31.55 -89.47 23.16
C GLU K 163 -30.41 -89.80 22.19
N LEU K 164 -30.31 -91.05 21.75
CA LEU K 164 -29.29 -91.40 20.76
C LEU K 164 -29.56 -90.71 19.44
N ALA K 165 -30.81 -90.73 18.97
CA ALA K 165 -31.17 -89.96 17.79
C ALA K 165 -31.04 -88.47 18.05
N ALA K 166 -31.43 -88.03 19.24
CA ALA K 166 -31.26 -86.63 19.62
C ALA K 166 -29.78 -86.25 19.58
N PHE K 167 -28.92 -87.11 20.09
CA PHE K 167 -27.48 -86.86 20.02
C PHE K 167 -27.01 -86.78 18.57
N GLN K 168 -27.41 -87.75 17.75
CA GLN K 168 -26.88 -87.81 16.38
C GLN K 168 -27.38 -86.65 15.53
N LYS K 169 -28.50 -86.04 15.90
CA LYS K 169 -28.95 -84.88 15.14
C LYS K 169 -28.41 -83.58 15.72
N GLU K 170 -28.35 -83.46 17.05
CA GLU K 170 -27.84 -82.24 17.66
C GLU K 170 -26.35 -82.06 17.45
N ARG K 171 -25.59 -83.16 17.34
CA ARG K 171 -24.17 -83.01 17.04
C ARG K 171 -23.96 -82.39 15.67
N ALA K 172 -24.73 -82.84 14.68
CA ALA K 172 -24.64 -82.24 13.35
C ALA K 172 -25.09 -80.78 13.36
N LEU K 173 -26.20 -80.48 14.06
CA LEU K 173 -26.65 -79.10 14.14
C LEU K 173 -25.62 -78.21 14.81
N PHE K 174 -25.00 -78.70 15.88
CA PHE K 174 -24.02 -77.89 16.61
C PHE K 174 -22.74 -77.70 15.81
N LEU K 175 -22.30 -78.72 15.06
CA LEU K 175 -21.12 -78.53 14.22
C LEU K 175 -21.40 -77.56 13.09
N ALA K 176 -22.61 -77.61 12.51
CA ALA K 176 -22.96 -76.63 11.49
C ALA K 176 -22.99 -75.22 12.07
N ALA K 177 -23.57 -75.07 13.26
CA ALA K 177 -23.62 -73.76 13.91
C ALA K 177 -22.21 -73.25 14.24
N GLN K 178 -21.34 -74.16 14.69
CA GLN K 178 -19.96 -73.78 14.99
C GLN K 178 -19.22 -73.35 13.73
N ARG K 179 -19.44 -74.05 12.61
CA ARG K 179 -18.83 -73.63 11.35
C ARG K 179 -19.32 -72.26 10.92
N GLU K 180 -20.62 -72.01 11.05
CA GLU K 180 -21.17 -70.70 10.70
C GLU K 180 -20.59 -69.62 11.61
N ALA K 181 -20.46 -69.92 12.91
CA ALA K 181 -19.90 -68.94 13.84
C ALA K 181 -18.44 -68.67 13.53
N ASP K 182 -17.68 -69.70 13.15
CA ASP K 182 -16.28 -69.50 12.79
C ASP K 182 -16.16 -68.65 11.54
N LEU K 183 -17.02 -68.89 10.55
CA LEU K 183 -17.01 -68.05 9.34
C LEU K 183 -17.35 -66.61 9.67
N ALA K 184 -18.35 -66.40 10.53
CA ALA K 184 -18.73 -65.04 10.91
C ALA K 184 -17.60 -64.35 11.68
N ALA K 185 -16.94 -65.09 12.57
CA ALA K 185 -15.82 -64.51 13.32
C ALA K 185 -14.66 -64.16 12.40
N GLN K 186 -14.36 -65.01 11.42
CA GLN K 186 -13.31 -64.70 10.46
C GLN K 186 -13.67 -63.46 9.65
N ALA K 187 -14.93 -63.36 9.22
CA ALA K 187 -15.36 -62.17 8.48
C ALA K 187 -15.24 -60.91 9.33
N GLU K 188 -15.64 -61.01 10.61
CA GLU K 188 -15.53 -59.85 11.50
C GLU K 188 -14.08 -59.45 11.72
N ALA K 189 -13.20 -60.43 11.89
CA ALA K 189 -11.78 -60.13 12.05
C ALA K 189 -11.20 -59.48 10.81
N ALA K 190 -11.58 -59.98 9.62
CA ALA K 190 -11.11 -59.36 8.38
C ALA K 190 -11.63 -57.93 8.23
N LYS K 191 -12.90 -57.70 8.58
CA LYS K 191 -13.48 -56.37 8.43
C LYS K 191 -12.93 -55.38 9.44
N LYS K 192 -12.65 -55.82 10.66
CA LYS K 192 -12.14 -54.93 11.71
C LYS K 192 -10.71 -54.50 11.42
N SER L 48 -17.34 -20.21 11.36
CA SER L 48 -16.62 -20.06 12.61
C SER L 48 -15.15 -20.42 12.45
N ASP L 49 -14.46 -19.70 11.56
CA ASP L 49 -13.04 -19.96 11.31
C ASP L 49 -12.19 -19.59 12.51
N ILE L 50 -12.43 -18.44 13.11
CA ILE L 50 -11.67 -17.95 14.25
C ILE L 50 -12.62 -17.75 15.42
N PRO L 51 -12.49 -18.51 16.51
CA PRO L 51 -13.37 -18.31 17.67
C PRO L 51 -13.00 -17.03 18.41
N LEU L 52 -14.02 -16.28 18.81
CA LEU L 52 -13.81 -15.03 19.54
C LEU L 52 -13.76 -15.23 21.04
N ASP L 53 -13.98 -16.45 21.53
CA ASP L 53 -13.95 -16.70 22.96
C ASP L 53 -12.52 -16.71 23.51
N ARG L 54 -11.57 -17.15 22.71
CA ARG L 54 -10.17 -17.23 23.12
C ARG L 54 -9.37 -15.99 22.76
N LEU L 55 -10.02 -14.95 22.24
CA LEU L 55 -9.35 -13.71 21.88
C LEU L 55 -9.67 -12.63 22.91
N THR L 56 -8.68 -11.78 23.17
CA THR L 56 -8.82 -10.65 24.09
C THR L 56 -8.88 -9.38 23.23
N ILE L 57 -10.12 -8.92 22.99
CA ILE L 57 -10.32 -7.79 22.10
C ILE L 57 -10.36 -6.49 22.88
N SER L 58 -9.65 -5.48 22.37
CA SER L 58 -9.59 -4.18 23.02
C SER L 58 -9.81 -3.09 21.97
N TYR L 59 -10.34 -1.95 22.41
CA TYR L 59 -10.58 -0.81 21.56
C TYR L 59 -9.95 0.44 22.16
N CYS L 60 -9.37 1.27 21.31
CA CYS L 60 -8.67 2.47 21.74
C CYS L 60 -8.96 3.60 20.76
N ARG L 61 -8.29 4.73 20.94
CA ARG L 61 -8.46 5.90 20.07
C ARG L 61 -7.47 5.80 18.92
N SER L 62 -7.99 5.74 17.71
CA SER L 62 -7.13 5.64 16.54
C SER L 62 -6.45 6.97 16.23
N SER L 63 -5.38 6.89 15.45
CA SER L 63 -4.66 8.08 15.00
C SER L 63 -5.12 8.48 13.61
N GLY L 64 -4.97 9.77 13.31
CA GLY L 64 -5.32 10.30 12.01
C GLY L 64 -6.33 11.42 12.08
N PRO L 65 -6.63 12.03 10.94
CA PRO L 65 -7.57 13.15 10.91
C PRO L 65 -9.03 12.74 10.86
N GLY L 66 -9.76 12.98 11.94
CA GLY L 66 -11.20 12.77 11.95
C GLY L 66 -11.92 13.79 12.82
N GLY L 67 -11.19 14.78 13.33
CA GLY L 67 -11.80 15.79 14.16
C GLY L 67 -12.29 15.25 15.48
N GLN L 68 -13.41 15.79 15.95
CA GLN L 68 -13.99 15.34 17.20
C GLN L 68 -14.33 13.86 17.15
N ASN L 69 -14.65 13.35 15.95
CA ASN L 69 -14.99 11.95 15.78
C ASN L 69 -13.83 11.05 16.18
N VAL L 70 -12.64 11.30 15.63
CA VAL L 70 -11.48 10.50 15.98
C VAL L 70 -11.05 10.80 17.42
N ASN L 71 -11.29 12.05 17.86
CA ASN L 71 -10.90 12.42 19.21
C ASN L 71 -11.66 11.61 20.26
N LYS L 72 -12.95 11.40 20.05
CA LYS L 72 -13.81 10.83 21.09
C LYS L 72 -14.58 9.60 20.62
N VAL L 73 -14.09 8.88 19.62
CA VAL L 73 -14.68 7.62 19.19
C VAL L 73 -13.60 6.53 19.23
N ASN L 74 -13.91 5.43 19.91
CA ASN L 74 -12.99 4.30 20.02
C ASN L 74 -13.15 3.44 18.77
N SER L 75 -12.27 3.64 17.80
CA SER L 75 -12.34 2.95 16.52
C SER L 75 -11.05 2.22 16.18
N LYS L 76 -10.12 2.13 17.12
CA LYS L 76 -8.88 1.37 16.94
C LYS L 76 -9.05 -0.01 17.56
N ALA L 77 -8.91 -1.05 16.75
CA ALA L 77 -9.15 -2.41 17.22
C ALA L 77 -7.83 -3.10 17.50
N GLU L 78 -7.82 -3.97 18.52
CA GLU L 78 -6.63 -4.73 18.86
C GLU L 78 -7.06 -6.13 19.30
N VAL L 79 -6.48 -7.15 18.67
CA VAL L 79 -6.76 -8.54 19.01
C VAL L 79 -5.47 -9.15 19.53
N ARG L 80 -5.49 -9.60 20.78
CA ARG L 80 -4.34 -10.19 21.44
C ARG L 80 -4.71 -11.55 21.99
N PHE L 81 -3.88 -12.55 21.72
CA PHE L 81 -4.18 -13.89 22.22
C PHE L 81 -2.91 -14.71 22.34
N HIS L 82 -2.93 -15.66 23.28
CA HIS L 82 -1.78 -16.52 23.50
C HIS L 82 -1.66 -17.56 22.40
N LEU L 83 -0.43 -17.85 21.98
CA LEU L 83 -0.18 -18.80 20.90
C LEU L 83 0.08 -20.21 21.40
N ALA L 84 0.79 -20.36 22.52
CA ALA L 84 1.14 -21.70 23.00
C ALA L 84 -0.09 -22.51 23.35
N THR L 85 -1.06 -21.89 24.01
CA THR L 85 -2.28 -22.58 24.44
C THR L 85 -3.39 -22.50 23.42
N ALA L 86 -3.16 -21.87 22.27
CA ALA L 86 -4.20 -21.77 21.24
C ALA L 86 -4.37 -23.10 20.53
N GLU L 87 -5.31 -23.92 21.00
CA GLU L 87 -5.53 -25.26 20.48
C GLU L 87 -6.32 -25.27 19.17
N TRP L 88 -6.82 -24.12 18.74
CA TRP L 88 -7.58 -24.02 17.50
C TRP L 88 -6.70 -23.83 16.28
N ILE L 89 -5.37 -23.88 16.45
CA ILE L 89 -4.42 -23.79 15.36
C ILE L 89 -3.49 -24.98 15.44
N ALA L 90 -3.15 -25.54 14.28
CA ALA L 90 -2.27 -26.71 14.22
C ALA L 90 -0.90 -26.38 14.79
N GLU L 91 -0.25 -27.41 15.35
CA GLU L 91 1.04 -27.20 16.01
C GLU L 91 2.12 -26.69 15.05
N PRO L 92 2.37 -27.32 13.89
CA PRO L 92 3.40 -26.77 13.00
C PRO L 92 3.10 -25.36 12.53
N VAL L 93 1.82 -25.06 12.29
CA VAL L 93 1.44 -23.70 11.92
C VAL L 93 1.76 -22.73 13.05
N ARG L 94 1.48 -23.13 14.28
CA ARG L 94 1.80 -22.28 15.43
C ARG L 94 3.29 -22.02 15.52
N GLN L 95 4.12 -23.06 15.34
CA GLN L 95 5.56 -22.84 15.35
C GLN L 95 6.00 -21.92 14.22
N LYS L 96 5.41 -22.08 13.04
CA LYS L 96 5.79 -21.25 11.90
C LYS L 96 5.45 -19.78 12.15
N ILE L 97 4.26 -19.51 12.71
CA ILE L 97 3.91 -18.13 13.06
C ILE L 97 4.85 -17.60 14.13
N ALA L 98 5.12 -18.40 15.16
CA ALA L 98 6.03 -17.97 16.21
C ALA L 98 7.42 -17.65 15.68
N ILE L 99 7.83 -18.30 14.59
CA ILE L 99 9.14 -18.02 14.00
C ILE L 99 9.09 -16.78 13.13
N THR L 100 8.12 -16.70 12.21
CA THR L 100 8.15 -15.63 11.22
C THR L 100 7.66 -14.29 11.78
N HIS L 101 6.68 -14.31 12.69
CA HIS L 101 6.10 -13.09 13.25
C HIS L 101 6.56 -12.86 14.68
N LYS L 102 7.81 -13.18 14.98
CA LYS L 102 8.32 -12.99 16.34
C LYS L 102 8.37 -11.52 16.75
N ASN L 103 8.40 -10.61 15.79
CA ASN L 103 8.40 -9.18 16.12
C ASN L 103 7.07 -8.73 16.70
N LYS L 104 5.97 -9.37 16.29
CA LYS L 104 4.65 -9.01 16.78
C LYS L 104 4.28 -9.72 18.08
N ILE L 105 5.10 -10.66 18.54
CA ILE L 105 4.85 -11.40 19.78
C ILE L 105 5.70 -10.81 20.88
N ASN L 106 5.08 -10.54 22.03
CA ASN L 106 5.78 -10.02 23.18
C ASN L 106 6.45 -11.17 23.94
N ARG L 107 6.98 -10.86 25.12
CA ARG L 107 7.70 -11.86 25.90
C ARG L 107 6.77 -12.83 26.64
N LEU L 108 5.50 -12.48 26.83
CA LEU L 108 4.56 -13.39 27.48
C LEU L 108 3.96 -14.40 26.52
N GLY L 109 4.39 -14.40 25.25
CA GLY L 109 3.87 -15.31 24.27
C GLY L 109 2.59 -14.87 23.59
N GLU L 110 2.05 -13.72 23.98
CA GLU L 110 0.80 -13.22 23.45
C GLU L 110 1.07 -12.52 22.12
N LEU L 111 0.39 -12.96 21.07
CA LEU L 111 0.48 -12.30 19.77
C LEU L 111 -0.54 -11.17 19.69
N ILE L 112 -0.12 -10.03 19.14
CA ILE L 112 -0.93 -8.82 19.05
C ILE L 112 -1.09 -8.45 17.59
N LEU L 113 -2.31 -8.13 17.19
CA LEU L 113 -2.59 -7.51 15.90
C LEU L 113 -3.45 -6.28 16.14
N THR L 114 -3.26 -5.26 15.30
CA THR L 114 -3.97 -4.00 15.48
C THR L 114 -4.53 -3.53 14.15
N SER L 115 -5.64 -2.81 14.20
CA SER L 115 -6.28 -2.24 13.02
C SER L 115 -6.66 -0.80 13.30
N GLU L 116 -6.26 0.10 12.39
CA GLU L 116 -6.52 1.53 12.52
C GLU L 116 -7.09 2.13 11.24
N SER L 117 -7.00 1.42 10.11
CA SER L 117 -7.29 2.04 8.81
C SER L 117 -8.77 2.44 8.70
N SER L 118 -9.67 1.50 8.96
CA SER L 118 -11.08 1.78 8.77
C SER L 118 -11.63 2.68 9.87
N ARG L 119 -12.61 3.51 9.50
CA ARG L 119 -13.25 4.39 10.46
C ARG L 119 -14.15 3.62 11.43
N TYR L 120 -14.73 2.52 10.99
CA TYR L 120 -15.71 1.79 11.78
C TYR L 120 -15.02 0.72 12.64
N GLN L 121 -15.47 0.63 13.89
CA GLN L 121 -14.88 -0.33 14.83
C GLN L 121 -15.12 -1.76 14.39
N PHE L 122 -16.33 -2.07 13.92
CA PHE L 122 -16.61 -3.43 13.47
C PHE L 122 -15.78 -3.78 12.24
N ARG L 123 -15.59 -2.83 11.33
CA ARG L 123 -14.74 -3.07 10.18
C ARG L 123 -13.28 -3.26 10.58
N ASN L 124 -12.81 -2.52 11.58
CA ASN L 124 -11.45 -2.73 12.08
C ASN L 124 -11.30 -4.11 12.71
N LEU L 125 -12.31 -4.56 13.46
CA LEU L 125 -12.27 -5.91 14.03
C LEU L 125 -12.26 -6.96 12.92
N ALA L 126 -13.07 -6.75 11.88
CA ALA L 126 -13.05 -7.67 10.75
C ALA L 126 -11.70 -7.67 10.06
N ASP L 127 -11.05 -6.50 9.97
CA ASP L 127 -9.71 -6.43 9.40
C ASP L 127 -8.71 -7.21 10.24
N CYS L 128 -8.81 -7.10 11.57
CA CYS L 128 -7.92 -7.87 12.44
C CYS L 128 -8.13 -9.37 12.25
N LEU L 129 -9.39 -9.80 12.19
CA LEU L 129 -9.67 -11.22 11.98
C LEU L 129 -9.16 -11.68 10.62
N GLN L 130 -9.31 -10.85 9.59
CA GLN L 130 -8.81 -11.18 8.26
C GLN L 130 -7.28 -11.26 8.27
N LYS L 131 -6.61 -10.38 9.02
CA LYS L 131 -5.17 -10.46 9.14
C LYS L 131 -4.75 -11.77 9.80
N ILE L 132 -5.46 -12.17 10.86
CA ILE L 132 -5.16 -13.44 11.51
C ILE L 132 -5.34 -14.60 10.53
N ARG L 133 -6.44 -14.57 9.77
CA ARG L 133 -6.69 -15.63 8.79
C ARG L 133 -5.61 -15.66 7.70
N ASP L 134 -5.17 -14.48 7.25
CA ASP L 134 -4.12 -14.42 6.24
C ASP L 134 -2.81 -14.99 6.77
N MET L 135 -2.46 -14.65 8.02
CA MET L 135 -1.26 -15.23 8.61
C MET L 135 -1.38 -16.75 8.73
N ILE L 136 -2.55 -17.24 9.14
CA ILE L 136 -2.74 -18.68 9.29
C ILE L 136 -2.57 -19.37 7.94
N THR L 137 -3.22 -18.84 6.90
CA THR L 137 -3.12 -19.46 5.58
C THR L 137 -1.74 -19.36 4.98
N GLU L 138 -1.02 -18.26 5.23
CA GLU L 138 0.35 -18.15 4.75
C GLU L 138 1.30 -19.09 5.48
N ALA L 139 1.11 -19.28 6.78
CA ALA L 139 1.94 -20.21 7.54
C ALA L 139 1.60 -21.67 7.26
N SER L 140 0.37 -21.96 6.84
CA SER L 140 -0.04 -23.33 6.57
C SER L 140 0.35 -23.80 5.17
N GLN L 141 0.98 -22.95 4.38
CA GLN L 141 1.42 -23.36 3.05
C GLN L 141 2.46 -24.47 3.15
N THR L 142 2.25 -25.53 2.37
CA THR L 142 3.18 -26.66 2.47
C THR L 142 4.10 -26.71 1.25
N PRO L 143 5.34 -27.16 1.42
CA PRO L 143 6.23 -27.32 0.27
C PRO L 143 5.73 -28.41 -0.67
N LYS L 144 6.03 -28.23 -1.95
CA LYS L 144 5.61 -29.17 -2.98
C LYS L 144 6.62 -30.31 -3.08
N GLU L 145 6.19 -31.51 -2.73
CA GLU L 145 7.08 -32.66 -2.77
C GLU L 145 7.35 -33.08 -4.22
N PRO L 146 8.53 -33.62 -4.50
CA PRO L 146 8.84 -34.04 -5.87
C PRO L 146 7.97 -35.20 -6.31
N THR L 147 7.71 -35.25 -7.61
CA THR L 147 6.89 -36.29 -8.21
C THR L 147 7.67 -37.59 -8.29
N LYS L 148 6.93 -38.72 -8.31
CA LYS L 148 7.56 -40.01 -8.54
C LYS L 148 8.26 -40.05 -9.90
N GLU L 149 7.66 -39.42 -10.91
CA GLU L 149 8.33 -39.29 -12.20
C GLU L 149 9.60 -38.46 -12.05
N ASP L 150 9.57 -37.42 -11.23
CA ASP L 150 10.76 -36.60 -11.00
C ASP L 150 11.87 -37.41 -10.36
N VAL L 151 11.55 -38.23 -9.35
CA VAL L 151 12.59 -39.01 -8.70
C VAL L 151 13.11 -40.11 -9.63
N LYS L 152 12.23 -40.69 -10.46
CA LYS L 152 12.68 -41.67 -11.45
C LYS L 152 13.64 -41.03 -12.45
N LEU L 153 13.29 -39.85 -12.95
CA LEU L 153 14.18 -39.13 -13.85
C LEU L 153 15.50 -38.77 -13.19
N HIS L 154 15.46 -38.40 -11.90
CA HIS L 154 16.68 -38.13 -11.16
C HIS L 154 17.56 -39.36 -11.11
N ARG L 155 16.99 -40.53 -10.81
CA ARG L 155 17.76 -41.75 -10.75
C ARG L 155 18.36 -42.09 -12.12
N ILE L 156 17.57 -41.93 -13.19
CA ILE L 156 18.08 -42.18 -14.52
C ILE L 156 19.23 -41.24 -14.86
N ARG L 157 19.12 -39.97 -14.47
CA ARG L 157 20.17 -39.01 -14.74
C ARG L 157 21.46 -39.35 -14.00
N ILE L 158 21.35 -39.73 -12.72
CA ILE L 158 22.57 -40.12 -12.00
C ILE L 158 23.18 -41.39 -12.59
N GLU L 159 22.34 -42.33 -13.02
CA GLU L 159 22.86 -43.55 -13.63
C GLU L 159 23.59 -43.24 -14.93
N ASN L 160 23.03 -42.36 -15.76
CA ASN L 160 23.69 -41.95 -16.99
C ASN L 160 24.99 -41.22 -16.70
N MET L 161 25.00 -40.37 -15.66
CA MET L 161 26.23 -39.69 -15.27
C MET L 161 27.31 -40.71 -14.88
N ASN L 162 26.94 -41.70 -14.07
CA ASN L 162 27.91 -42.71 -13.66
C ASN L 162 28.42 -43.49 -14.87
N ARG L 163 27.53 -43.85 -15.80
CA ARG L 163 27.97 -44.55 -17.00
C ARG L 163 28.95 -43.70 -17.81
N GLU L 164 28.62 -42.43 -18.03
CA GLU L 164 29.50 -41.56 -18.81
C GLU L 164 30.83 -41.34 -18.12
N ARG L 165 30.83 -41.18 -16.80
CA ARG L 165 32.08 -41.02 -16.06
C ARG L 165 32.94 -42.27 -16.18
N LEU L 166 32.33 -43.44 -16.07
CA LEU L 166 33.09 -44.69 -16.21
C LEU L 166 33.65 -44.85 -17.61
N ARG L 167 32.86 -44.54 -18.65
CA ARG L 167 33.30 -44.76 -20.02
C ARG L 167 34.54 -43.94 -20.37
N GLN L 168 34.52 -42.63 -20.05
CA GLN L 168 35.66 -41.80 -20.38
C GLN L 168 36.88 -42.13 -19.54
N LYS L 169 36.67 -42.56 -18.29
CA LYS L 169 37.80 -42.95 -17.45
C LYS L 169 38.52 -44.16 -18.03
N ARG L 170 37.77 -45.15 -18.53
CA ARG L 170 38.40 -46.29 -19.17
C ARG L 170 39.08 -45.91 -20.48
N ILE L 171 38.54 -44.91 -21.20
CA ILE L 171 39.21 -44.44 -22.40
C ILE L 171 40.56 -43.81 -22.06
N HIS L 172 40.60 -42.98 -21.01
CA HIS L 172 41.86 -42.40 -20.58
C HIS L 172 42.82 -43.49 -20.09
N SER L 173 42.29 -44.50 -19.42
CA SER L 173 43.11 -45.63 -18.98
C SER L 173 43.73 -46.35 -20.17
N ALA L 174 42.93 -46.56 -21.22
CA ALA L 174 43.44 -47.22 -22.43
C ALA L 174 44.50 -46.37 -23.10
N VAL L 175 44.30 -45.05 -23.14
CA VAL L 175 45.30 -44.16 -23.72
C VAL L 175 46.61 -44.24 -22.96
N LYS L 176 46.53 -44.20 -21.62
CA LYS L 176 47.73 -44.28 -20.81
C LYS L 176 48.42 -45.64 -20.94
N THR L 177 47.65 -46.72 -21.05
CA THR L 177 48.24 -48.04 -21.24
C THR L 177 48.91 -48.15 -22.60
N SER L 178 48.30 -47.58 -23.64
CA SER L 178 48.92 -47.59 -24.96
C SER L 178 50.20 -46.75 -24.98
N ARG L 179 50.24 -45.68 -24.19
CA ARG L 179 51.47 -44.90 -24.06
C ARG L 179 52.57 -45.66 -23.34
N ARG L 180 52.24 -46.75 -22.66
CA ARG L 180 53.21 -47.56 -21.94
C ARG L 180 53.91 -48.55 -22.86
N VAL L 181 55.04 -49.06 -22.39
CA VAL L 181 55.76 -50.14 -23.05
C VAL L 181 55.79 -51.32 -22.08
N ASP L 182 55.44 -52.50 -22.56
CA ASP L 182 55.23 -53.66 -21.71
C ASP L 182 56.27 -54.74 -21.96
N MET L 183 56.51 -55.56 -20.93
CA MET L 183 57.42 -56.70 -21.00
C MET L 183 58.82 -56.28 -21.43
N ASP L 184 59.43 -55.43 -20.61
CA ASP L 184 60.76 -54.91 -20.91
C ASP L 184 61.84 -55.71 -20.20
N SER M 2 -66.72 31.06 83.16
CA SER M 2 -67.37 31.56 81.96
C SER M 2 -67.31 33.09 81.91
N SER M 3 -67.61 33.72 83.04
CA SER M 3 -67.64 35.17 83.14
C SER M 3 -66.30 35.69 83.66
N PHE M 4 -65.29 35.53 82.82
CA PHE M 4 -63.94 36.00 83.11
C PHE M 4 -63.65 37.29 82.36
N SER M 5 -62.68 38.04 82.87
CA SER M 5 -62.22 39.22 82.15
C SER M 5 -61.43 38.78 80.91
N LYS M 6 -61.17 39.75 80.02
CA LYS M 6 -60.59 39.42 78.72
C LYS M 6 -59.21 38.81 78.87
N ALA M 7 -58.33 39.46 79.65
CA ALA M 7 -56.96 38.94 79.80
C ALA M 7 -56.92 37.58 80.48
N PRO M 8 -57.58 37.36 81.63
CA PRO M 8 -57.56 36.01 82.21
C PRO M 8 -58.22 34.97 81.33
N GLN M 9 -59.27 35.33 80.58
CA GLN M 9 -59.88 34.38 79.65
C GLN M 9 -58.91 34.00 78.55
N GLN M 10 -58.18 34.98 78.01
CA GLN M 10 -57.17 34.71 77.00
C GLN M 10 -56.07 33.80 77.55
N TRP M 11 -55.61 34.08 78.76
CA TRP M 11 -54.57 33.26 79.36
C TRP M 11 -55.04 31.83 79.60
N ALA M 12 -56.27 31.67 80.09
CA ALA M 12 -56.82 30.34 80.30
C ALA M 12 -56.98 29.59 78.98
N THR M 13 -57.43 30.28 77.93
CA THR M 13 -57.66 29.61 76.66
C THR M 13 -56.36 29.17 76.02
N PHE M 14 -55.33 30.04 76.02
CA PHE M 14 -54.08 29.76 75.34
C PHE M 14 -52.95 29.39 76.30
N ALA M 15 -53.29 28.89 77.47
CA ALA M 15 -52.27 28.43 78.42
C ALA M 15 -51.58 27.18 77.90
N ARG M 16 -50.31 27.04 78.27
CA ARG M 16 -49.52 25.88 77.90
C ARG M 16 -49.68 24.78 78.95
N VAL M 17 -49.62 23.54 78.49
CA VAL M 17 -49.82 22.37 79.33
C VAL M 17 -48.63 21.44 79.19
N TRP M 18 -48.19 20.88 80.32
CA TRP M 18 -47.10 19.91 80.34
C TRP M 18 -47.68 18.52 80.51
N TYR M 19 -47.37 17.63 79.56
CA TYR M 19 -47.82 16.26 79.58
C TYR M 19 -46.65 15.33 79.89
N LEU M 20 -46.97 14.19 80.51
CA LEU M 20 -45.99 13.17 80.80
C LEU M 20 -46.25 11.93 79.94
N LEU M 21 -45.19 11.25 79.54
CA LEU M 21 -45.32 10.09 78.67
C LEU M 21 -44.28 9.05 79.07
N ASP M 22 -44.73 7.91 79.58
CA ASP M 22 -43.83 6.81 79.92
C ASP M 22 -43.44 6.07 78.65
N GLY M 23 -42.16 5.74 78.53
CA GLY M 23 -41.65 5.11 77.33
C GLY M 23 -41.15 3.70 77.51
N LYS M 24 -41.46 3.08 78.65
CA LYS M 24 -40.98 1.73 78.93
C LYS M 24 -41.82 0.71 78.17
N MET M 25 -41.14 -0.11 77.36
CA MET M 25 -41.79 -1.15 76.56
C MET M 25 -42.86 -0.57 75.64
N GLN M 26 -42.56 0.58 75.02
CA GLN M 26 -43.48 1.23 74.12
C GLN M 26 -42.81 1.50 72.78
N PRO M 27 -43.53 1.35 71.67
CA PRO M 27 -42.93 1.59 70.36
C PRO M 27 -42.68 3.07 70.12
N PRO M 28 -41.53 3.41 69.54
CA PRO M 28 -41.24 4.83 69.28
C PRO M 28 -42.25 5.50 68.37
N GLY M 29 -42.75 4.79 67.37
CA GLY M 29 -43.71 5.40 66.46
C GLY M 29 -45.01 5.75 67.17
N LYS M 30 -45.55 4.81 67.95
CA LYS M 30 -46.79 5.07 68.65
C LYS M 30 -46.64 6.11 69.75
N LEU M 31 -45.50 6.12 70.45
CA LEU M 31 -45.25 7.19 71.41
C LEU M 31 -45.16 8.55 70.72
N ALA M 32 -44.33 8.64 69.69
CA ALA M 32 -44.01 9.92 69.09
C ALA M 32 -45.14 10.44 68.22
N ALA M 33 -46.07 9.59 67.79
CA ALA M 33 -47.23 10.09 67.06
C ALA M 33 -48.11 10.96 67.95
N MET M 34 -48.48 10.45 69.13
CA MET M 34 -49.23 11.26 70.07
C MET M 34 -48.39 12.40 70.62
N ALA M 35 -47.07 12.20 70.73
CA ALA M 35 -46.20 13.31 71.10
C ALA M 35 -46.29 14.44 70.08
N SER M 36 -46.21 14.11 68.80
CA SER M 36 -46.30 15.12 67.75
C SER M 36 -47.66 15.78 67.74
N VAL M 37 -48.72 15.01 68.00
CA VAL M 37 -50.05 15.59 68.12
C VAL M 37 -50.08 16.65 69.22
N LYS M 38 -49.52 16.32 70.38
CA LYS M 38 -49.51 17.28 71.48
C LYS M 38 -48.64 18.50 71.18
N LEU M 39 -47.47 18.31 70.58
CA LEU M 39 -46.62 19.44 70.23
C LEU M 39 -47.26 20.36 69.20
N GLN M 40 -47.92 19.81 68.18
CA GLN M 40 -48.66 20.66 67.24
C GLN M 40 -49.83 21.36 67.92
N GLY M 41 -50.52 20.67 68.82
CA GLY M 41 -51.73 21.21 69.40
C GLY M 41 -52.99 20.77 68.70
N LEU M 42 -52.95 19.65 67.97
CA LEU M 42 -54.12 19.11 67.30
C LEU M 42 -55.15 18.54 68.26
N HIS M 43 -54.88 18.56 69.56
CA HIS M 43 -55.85 18.14 70.57
C HIS M 43 -56.66 19.30 71.14
N LYS M 44 -56.45 20.51 70.62
CA LYS M 44 -57.17 21.69 71.07
C LYS M 44 -58.16 22.14 70.01
N PRO M 45 -59.43 22.32 70.34
CA PRO M 45 -60.38 22.90 69.38
C PRO M 45 -60.06 24.33 69.01
N VAL M 46 -59.16 25.00 69.72
CA VAL M 46 -58.75 26.36 69.40
C VAL M 46 -57.49 26.36 68.52
N TYR M 47 -57.13 25.22 67.95
CA TYR M 47 -55.88 25.10 67.22
C TYR M 47 -55.92 25.90 65.92
N HIS M 48 -54.78 26.49 65.57
CA HIS M 48 -54.60 27.12 64.27
C HIS M 48 -53.11 27.09 63.93
N GLN M 49 -52.82 27.04 62.63
CA GLN M 49 -51.43 26.98 62.18
C GLN M 49 -50.67 28.25 62.54
N LEU M 50 -51.28 29.42 62.35
CA LEU M 50 -50.63 30.68 62.66
C LEU M 50 -50.50 30.93 64.16
N SER M 51 -51.43 30.46 64.97
CA SER M 51 -51.34 30.63 66.41
C SER M 51 -50.21 29.78 66.97
N ASP M 52 -49.70 30.21 68.14
CA ASP M 52 -48.61 29.53 68.81
C ASP M 52 -49.09 28.47 69.81
N CYS M 53 -50.28 27.90 69.58
CA CYS M 53 -50.83 26.90 70.48
C CYS M 53 -49.97 25.64 70.43
N GLY M 54 -49.22 25.39 71.50
CA GLY M 54 -48.36 24.22 71.59
C GLY M 54 -48.04 23.88 73.02
N ASP M 55 -48.03 22.59 73.34
CA ASP M 55 -47.83 22.13 74.71
C ASP M 55 -46.54 21.35 74.83
N HIS M 56 -46.02 21.30 76.06
CA HIS M 56 -44.78 20.60 76.33
C HIS M 56 -45.05 19.14 76.64
N VAL M 57 -44.13 18.27 76.21
CA VAL M 57 -44.24 16.84 76.43
C VAL M 57 -42.92 16.36 77.02
N VAL M 58 -42.99 15.64 78.14
CA VAL M 58 -41.83 15.06 78.80
C VAL M 58 -41.94 13.55 78.68
N ILE M 59 -41.05 12.94 77.92
CA ILE M 59 -41.04 11.50 77.71
C ILE M 59 -39.92 10.90 78.56
N MET M 60 -40.28 9.93 79.40
CA MET M 60 -39.34 9.26 80.26
C MET M 60 -39.19 7.80 79.85
N ASN M 61 -38.24 7.12 80.50
CA ASN M 61 -37.93 5.72 80.22
C ASN M 61 -37.62 5.50 78.74
N THR M 62 -36.81 6.40 78.19
CA THR M 62 -36.43 6.31 76.78
C THR M 62 -35.51 5.13 76.51
N ARG M 63 -34.61 4.82 77.44
CA ARG M 63 -33.65 3.73 77.22
C ARG M 63 -34.35 2.38 77.10
N HIS M 64 -35.51 2.21 77.73
CA HIS M 64 -36.24 0.95 77.73
C HIS M 64 -37.22 0.84 76.58
N ILE M 65 -36.94 1.50 75.45
CA ILE M 65 -37.85 1.47 74.32
C ILE M 65 -37.81 0.08 73.66
N ALA M 66 -38.85 -0.19 72.87
CA ALA M 66 -39.00 -1.47 72.19
C ALA M 66 -39.31 -1.25 70.72
N PHE M 67 -38.69 -2.05 69.86
CA PHE M 67 -38.97 -2.05 68.43
C PHE M 67 -39.74 -3.32 68.06
N SER M 68 -40.76 -3.18 67.22
CA SER M 68 -41.50 -4.32 66.74
C SER M 68 -40.72 -5.00 65.61
N GLY M 69 -40.63 -6.33 65.70
CA GLY M 69 -39.90 -7.06 64.68
C GLY M 69 -38.39 -7.00 64.89
N ASN M 70 -37.66 -7.13 63.79
CA ASN M 70 -36.20 -7.07 63.78
C ASN M 70 -35.70 -5.67 63.46
N LYS M 71 -36.46 -4.64 63.84
CA LYS M 71 -36.06 -3.28 63.54
C LYS M 71 -34.77 -2.90 64.27
N TRP M 72 -34.50 -3.51 65.42
CA TRP M 72 -33.28 -3.20 66.16
C TRP M 72 -32.05 -3.48 65.32
N GLU M 73 -32.07 -4.52 64.50
CA GLU M 73 -30.93 -4.88 63.66
C GLU M 73 -31.08 -4.46 62.21
N GLN M 74 -32.30 -4.14 61.75
CA GLN M 74 -32.51 -3.79 60.36
C GLN M 74 -32.63 -2.29 60.12
N LYS M 75 -33.27 -1.56 61.02
CA LYS M 75 -33.47 -0.12 60.81
C LYS M 75 -32.14 0.61 60.92
N VAL M 76 -31.87 1.49 59.95
CA VAL M 76 -30.63 2.24 59.91
C VAL M 76 -30.94 3.72 59.94
N TYR M 77 -29.96 4.49 60.39
CA TYR M 77 -30.01 5.94 60.39
C TYR M 77 -28.77 6.46 59.68
N SER M 78 -28.97 7.23 58.62
CA SER M 78 -27.89 7.69 57.76
C SER M 78 -27.71 9.19 57.92
N SER M 79 -26.46 9.60 58.16
CA SER M 79 -26.11 11.00 58.27
C SER M 79 -24.87 11.26 57.44
N HIS M 80 -24.63 12.54 57.14
CA HIS M 80 -23.44 12.93 56.40
C HIS M 80 -22.88 14.20 57.01
N THR M 81 -21.57 14.22 57.22
CA THR M 81 -20.89 15.38 57.80
C THR M 81 -20.59 16.46 56.76
N GLY M 82 -20.94 16.23 55.51
CA GLY M 82 -20.66 17.16 54.42
C GLY M 82 -19.32 16.91 53.76
N TYR M 83 -18.31 16.55 54.54
CA TYR M 83 -16.99 16.28 53.99
C TYR M 83 -17.03 15.00 53.17
N PRO M 84 -16.20 14.92 52.12
CA PRO M 84 -16.16 13.68 51.33
C PRO M 84 -15.73 12.50 52.18
N GLY M 85 -16.39 11.37 51.97
CA GLY M 85 -16.11 10.20 52.77
C GLY M 85 -16.66 10.25 54.17
N GLY M 86 -17.50 11.24 54.48
CA GLY M 86 -18.05 11.38 55.81
C GLY M 86 -19.51 11.01 55.89
N PHE M 87 -19.89 9.94 55.19
CA PHE M 87 -21.26 9.44 55.18
C PHE M 87 -21.33 8.21 56.08
N ARG M 88 -22.09 8.31 57.16
CA ARG M 88 -22.19 7.26 58.16
C ARG M 88 -23.60 6.67 58.16
N GLN M 89 -23.68 5.36 58.38
CA GLN M 89 -24.95 4.65 58.52
C GLN M 89 -24.85 3.81 59.79
N VAL M 90 -25.60 4.19 60.82
CA VAL M 90 -25.56 3.52 62.11
C VAL M 90 -26.85 2.72 62.29
N THR M 91 -26.71 1.47 62.72
CA THR M 91 -27.87 0.64 62.99
C THR M 91 -28.65 1.22 64.17
N ALA M 92 -29.93 0.84 64.26
CA ALA M 92 -30.77 1.34 65.35
C ALA M 92 -30.23 0.93 66.71
N ALA M 93 -29.74 -0.30 66.82
CA ALA M 93 -29.17 -0.76 68.09
C ALA M 93 -27.96 0.06 68.49
N GLN M 94 -27.05 0.31 67.53
CA GLN M 94 -25.86 1.11 67.83
C GLN M 94 -26.23 2.54 68.19
N LEU M 95 -27.21 3.12 67.48
CA LEU M 95 -27.63 4.48 67.79
C LEU M 95 -28.26 4.55 69.18
N HIS M 96 -29.06 3.56 69.55
CA HIS M 96 -29.64 3.53 70.88
C HIS M 96 -28.59 3.37 71.96
N GLN M 97 -27.56 2.55 71.70
CA GLN M 97 -26.50 2.38 72.68
C GLN M 97 -25.66 3.65 72.81
N LYS M 98 -25.49 4.38 71.72
CA LYS M 98 -24.73 5.63 71.79
C LYS M 98 -25.53 6.72 72.51
N ASP M 99 -26.73 6.99 72.04
CA ASP M 99 -27.59 8.02 72.62
C ASP M 99 -29.01 7.45 72.71
N PRO M 100 -29.52 7.15 73.91
CA PRO M 100 -30.89 6.64 74.02
C PRO M 100 -31.94 7.63 73.53
N VAL M 101 -31.71 8.93 73.71
CA VAL M 101 -32.69 9.94 73.34
C VAL M 101 -32.87 10.01 71.82
N ALA M 102 -31.81 9.71 71.07
CA ALA M 102 -31.79 10.01 69.64
C ALA M 102 -32.92 9.32 68.87
N ILE M 103 -33.31 8.11 69.29
CA ILE M 103 -34.35 7.38 68.55
C ILE M 103 -35.67 8.13 68.57
N VAL M 104 -36.16 8.44 69.78
CA VAL M 104 -37.43 9.16 69.90
C VAL M 104 -37.29 10.57 69.36
N LYS M 105 -36.12 11.20 69.55
CA LYS M 105 -35.92 12.54 69.03
C LYS M 105 -36.08 12.57 67.51
N LEU M 106 -35.46 11.61 66.81
CA LEU M 106 -35.57 11.55 65.37
C LEU M 106 -36.96 11.17 64.92
N ALA M 107 -37.64 10.29 65.65
CA ALA M 107 -39.02 9.93 65.28
C ALA M 107 -39.94 11.15 65.38
N ILE M 108 -39.83 11.90 66.47
CA ILE M 108 -40.65 13.10 66.64
C ILE M 108 -40.29 14.14 65.59
N TYR M 109 -38.99 14.31 65.31
CA TYR M 109 -38.58 15.25 64.28
C TYR M 109 -39.14 14.88 62.92
N GLY M 110 -39.16 13.57 62.60
CA GLY M 110 -39.73 13.13 61.34
C GLY M 110 -41.22 13.36 61.23
N MET M 111 -41.97 13.07 62.30
CA MET M 111 -43.42 13.23 62.21
C MET M 111 -43.89 14.66 62.46
N LEU M 112 -43.02 15.55 62.93
CA LEU M 112 -43.38 16.95 63.03
C LEU M 112 -43.41 17.58 61.63
N PRO M 113 -44.16 18.66 61.45
CA PRO M 113 -44.28 19.26 60.11
C PRO M 113 -42.95 19.82 59.63
N LYS M 114 -42.81 19.85 58.31
CA LYS M 114 -41.58 20.29 57.67
C LYS M 114 -41.49 21.81 57.53
N ASN M 115 -42.24 22.54 58.35
CA ASN M 115 -42.22 24.00 58.36
C ASN M 115 -41.16 24.52 59.32
N LEU M 116 -41.07 25.84 59.43
CA LEU M 116 -40.09 26.45 60.33
C LEU M 116 -40.51 26.33 61.79
N HIS M 117 -41.79 26.08 62.07
CA HIS M 117 -42.24 25.91 63.44
C HIS M 117 -41.76 24.61 64.06
N ARG M 118 -41.18 23.70 63.27
CA ARG M 118 -40.73 22.43 63.81
C ARG M 118 -39.67 22.61 64.88
N ARG M 119 -38.70 23.51 64.63
CA ARG M 119 -37.68 23.77 65.63
C ARG M 119 -38.27 24.35 66.91
N THR M 120 -39.24 25.26 66.76
CA THR M 120 -39.86 25.87 67.92
C THR M 120 -40.59 24.83 68.77
N MET M 121 -41.35 23.93 68.12
CA MET M 121 -42.05 22.92 68.91
C MET M 121 -41.12 21.83 69.42
N MET M 122 -40.00 21.58 68.75
CA MET M 122 -38.99 20.66 69.27
C MET M 122 -38.32 21.22 70.51
N GLN M 123 -38.11 22.53 70.57
CA GLN M 123 -37.50 23.13 71.75
C GLN M 123 -38.38 22.99 72.99
N ARG M 124 -39.67 22.71 72.81
CA ARG M 124 -40.56 22.46 73.93
C ARG M 124 -40.66 20.99 74.30
N LEU M 125 -39.85 20.14 73.66
CA LEU M 125 -39.86 18.71 73.92
C LEU M 125 -38.69 18.33 74.80
N HIS M 126 -38.97 17.54 75.84
CA HIS M 126 -37.95 17.09 76.79
C HIS M 126 -37.99 15.57 76.85
N LEU M 127 -36.84 14.94 76.61
CA LEU M 127 -36.72 13.49 76.59
C LEU M 127 -35.66 13.06 77.61
N PHE M 128 -35.99 12.06 78.41
CA PHE M 128 -35.09 11.57 79.45
C PHE M 128 -34.92 10.07 79.36
N PRO M 129 -33.69 9.56 79.41
CA PRO M 129 -33.49 8.11 79.28
C PRO M 129 -34.15 7.31 80.38
N ASP M 130 -34.20 7.83 81.60
CA ASP M 130 -34.74 7.07 82.73
C ASP M 130 -35.70 7.92 83.56
N GLU M 131 -36.12 7.40 84.71
CA GLU M 131 -37.02 8.12 85.61
C GLU M 131 -36.26 9.09 86.50
N ASP M 132 -35.47 9.96 85.85
CA ASP M 132 -34.66 10.97 86.52
C ASP M 132 -35.01 12.31 85.88
N ILE M 133 -36.04 12.95 86.40
CA ILE M 133 -36.54 14.23 85.87
C ILE M 133 -36.23 15.32 86.88
N PRO M 134 -35.72 16.47 86.46
CA PRO M 134 -35.47 17.55 87.42
C PRO M 134 -36.76 18.03 88.06
N GLU M 135 -36.64 18.51 89.30
CA GLU M 135 -37.81 18.96 90.03
C GLU M 135 -38.48 20.16 89.37
N ASP M 136 -37.70 21.03 88.74
CA ASP M 136 -38.28 22.18 88.06
C ASP M 136 -39.22 21.77 86.93
N ILE M 137 -38.93 20.65 86.27
CA ILE M 137 -39.81 20.12 85.25
C ILE M 137 -40.94 19.28 85.86
N LEU M 138 -40.63 18.52 86.91
CA LEU M 138 -41.65 17.71 87.56
C LEU M 138 -42.77 18.57 88.14
N LYS M 139 -42.45 19.76 88.62
CA LYS M 139 -43.47 20.66 89.15
C LYS M 139 -44.38 21.23 88.08
N ASN M 140 -44.07 21.04 86.81
CA ASN M 140 -44.88 21.56 85.71
C ASN M 140 -45.88 20.55 85.16
N LEU M 141 -45.70 19.27 85.45
CA LEU M 141 -46.53 18.23 84.84
C LEU M 141 -47.99 18.40 85.25
N VAL M 142 -48.89 18.25 84.27
CA VAL M 142 -50.31 18.37 84.52
C VAL M 142 -50.93 16.98 84.59
N GLU M 143 -50.82 16.22 83.51
CA GLU M 143 -51.34 14.85 83.47
C GLU M 143 -50.35 13.96 82.72
N GLU M 144 -50.58 12.66 82.82
CA GLU M 144 -49.79 11.65 82.13
C GLU M 144 -50.65 10.96 81.10
N LEU M 145 -50.21 10.98 79.85
CA LEU M 145 -50.95 10.34 78.77
C LEU M 145 -50.84 8.82 78.87
N PRO M 146 -51.89 8.09 78.54
CA PRO M 146 -51.83 6.63 78.60
C PRO M 146 -50.86 6.06 77.58
N GLN M 147 -50.29 4.91 77.92
CA GLN M 147 -49.37 4.23 77.02
C GLN M 147 -50.13 3.71 75.79
N PRO M 148 -49.59 3.92 74.59
CA PRO M 148 -50.32 3.48 73.39
C PRO M 148 -50.32 1.97 73.18
N ARG M 149 -49.40 1.24 73.81
CA ARG M 149 -49.31 -0.21 73.63
C ARG M 149 -49.39 -0.89 74.99
N LYS M 150 -50.23 -1.92 75.08
CA LYS M 150 -50.35 -2.69 76.32
C LYS M 150 -49.15 -3.60 76.47
N VAL M 151 -48.40 -3.42 77.56
CA VAL M 151 -47.21 -4.22 77.82
C VAL M 151 -47.64 -5.62 78.24
N PRO M 152 -47.22 -6.66 77.53
CA PRO M 152 -47.60 -8.02 77.93
C PRO M 152 -46.82 -8.49 79.15
N ARG M 153 -47.49 -9.29 79.98
CA ARG M 153 -46.84 -9.85 81.15
C ARG M 153 -46.01 -11.08 80.76
N ARG M 154 -45.00 -11.36 81.58
CA ARG M 154 -44.19 -12.55 81.39
C ARG M 154 -44.87 -13.73 82.09
N LEU M 155 -44.27 -14.91 81.98
CA LEU M 155 -44.82 -16.08 82.66
C LEU M 155 -44.77 -15.94 84.18
N ASP M 156 -43.67 -15.43 84.72
CA ASP M 156 -43.55 -15.28 86.17
C ASP M 156 -44.42 -14.18 86.73
N GLU M 157 -44.79 -13.19 85.91
CA GLU M 157 -45.65 -12.10 86.36
C GLU M 157 -47.11 -12.51 86.49
N TYR M 158 -47.49 -13.67 85.98
CA TYR M 158 -48.86 -14.15 86.08
C TYR M 158 -49.15 -14.67 87.48
N THR M 159 -50.35 -14.39 87.96
CA THR M 159 -50.76 -14.83 89.29
C THR M 159 -51.10 -16.31 89.28
N GLN M 160 -50.86 -16.96 90.43
CA GLN M 160 -51.08 -18.40 90.53
C GLN M 160 -52.55 -18.77 90.36
N GLU M 161 -53.46 -17.96 90.89
CA GLU M 161 -54.88 -18.26 90.70
C GLU M 161 -55.26 -18.19 89.23
N GLU M 162 -54.72 -17.22 88.49
CA GLU M 162 -54.97 -17.17 87.05
C GLU M 162 -54.35 -18.37 86.33
N ILE M 163 -53.17 -18.80 86.77
CA ILE M 163 -52.53 -19.96 86.16
C ILE M 163 -53.40 -21.21 86.34
N GLU M 164 -53.91 -21.41 87.55
CA GLU M 164 -54.79 -22.57 87.78
C GLU M 164 -56.13 -22.41 87.08
N ALA M 165 -56.61 -21.17 86.92
CA ALA M 165 -57.86 -20.96 86.21
C ALA M 165 -57.73 -21.27 84.73
N PHE M 166 -56.57 -20.98 84.14
CA PHE M 166 -56.35 -21.30 82.73
C PHE M 166 -56.29 -22.82 82.57
N PRO M 167 -57.11 -23.41 81.71
CA PRO M 167 -57.18 -24.87 81.62
C PRO M 167 -55.95 -25.47 80.95
N ARG M 168 -55.72 -26.74 81.27
CA ARG M 168 -54.65 -27.52 80.63
C ARG M 168 -55.22 -28.16 79.37
N VAL M 169 -54.75 -27.70 78.21
CA VAL M 169 -55.34 -28.15 76.94
C VAL M 169 -55.00 -29.61 76.67
N TRP M 170 -53.80 -30.05 77.03
CA TRP M 170 -53.35 -31.38 76.71
C TRP M 170 -52.77 -32.07 77.95
N SER M 171 -52.78 -33.39 77.93
CA SER M 171 -52.30 -34.20 79.04
C SER M 171 -51.00 -34.89 78.67
N PRO M 172 -49.86 -34.50 79.25
CA PRO M 172 -48.59 -35.16 78.95
C PRO M 172 -48.58 -36.59 79.49
N PRO M 173 -47.97 -37.52 78.75
CA PRO M 173 -47.88 -38.90 79.24
C PRO M 173 -46.84 -39.05 80.34
N GLU M 174 -47.05 -40.07 81.17
CA GLU M 174 -46.14 -40.32 82.29
C GLU M 174 -44.81 -40.94 81.85
N ASP M 175 -44.80 -41.66 80.73
CA ASP M 175 -43.59 -42.32 80.28
C ASP M 175 -42.60 -41.38 79.61
N TYR M 176 -43.04 -40.19 79.22
CA TYR M 176 -42.16 -39.24 78.56
C TYR M 176 -41.23 -38.57 79.58
N ARG M 177 -40.08 -38.12 79.09
CA ARG M 177 -39.07 -37.46 79.90
C ARG M 177 -38.83 -36.06 79.36
N LEU M 178 -38.80 -35.08 80.25
CA LEU M 178 -38.52 -33.71 79.85
C LEU M 178 -37.11 -33.29 80.25
N ALA N 31 24.37 11.91 47.85
CA ALA N 31 23.14 11.75 47.11
C ALA N 31 23.41 11.32 45.68
N ILE N 32 23.32 10.02 45.43
CA ILE N 32 23.53 9.45 44.10
C ILE N 32 22.22 8.86 43.63
N GLN N 33 21.72 9.34 42.50
CA GLN N 33 20.41 8.96 41.98
C GLN N 33 20.52 8.50 40.53
N LYS N 34 19.38 8.36 39.86
CA LYS N 34 19.38 7.96 38.46
C LYS N 34 20.15 8.96 37.61
N MET N 35 20.78 8.46 36.55
CA MET N 35 21.52 9.25 35.57
C MET N 35 22.72 9.98 36.17
N THR N 36 23.34 9.44 37.22
CA THR N 36 24.55 10.02 37.79
C THR N 36 25.78 9.36 37.20
N ARG N 37 26.73 10.15 36.69
CA ARG N 37 28.01 9.59 36.30
C ARG N 37 28.84 9.37 37.56
N VAL N 38 29.17 8.11 37.84
CA VAL N 38 29.93 7.74 39.02
C VAL N 38 31.33 7.33 38.58
N ARG N 39 32.20 7.10 39.58
CA ARG N 39 33.59 6.70 39.35
C ARG N 39 33.80 5.33 39.97
N VAL N 40 34.24 4.37 39.14
CA VAL N 40 34.45 3.01 39.63
C VAL N 40 35.83 2.92 40.27
N VAL N 41 35.88 2.36 41.48
CA VAL N 41 37.10 2.32 42.27
C VAL N 41 37.86 1.01 42.11
N ASP N 42 37.17 -0.13 42.19
CA ASP N 42 37.86 -1.41 42.17
C ASP N 42 38.47 -1.68 40.81
N ASN N 43 39.64 -2.32 40.82
CA ASN N 43 40.38 -2.61 39.60
C ASN N 43 39.71 -3.75 38.84
N SER N 44 38.89 -3.41 37.86
CA SER N 44 38.21 -4.38 37.02
C SER N 44 38.34 -3.96 35.57
N ALA N 45 38.04 -4.90 34.67
CA ALA N 45 38.09 -4.59 33.24
C ALA N 45 37.11 -3.48 32.88
N LEU N 46 35.89 -3.55 33.42
CA LEU N 46 34.90 -2.52 33.16
C LEU N 46 35.33 -1.18 33.73
N GLY N 47 35.91 -1.18 34.94
CA GLY N 47 36.28 0.07 35.59
C GLY N 47 37.56 0.69 35.07
N THR N 48 38.39 -0.08 34.35
CA THR N 48 39.66 0.43 33.85
C THR N 48 39.65 0.68 32.35
N THR N 49 39.00 -0.19 31.57
CA THR N 49 38.99 -0.01 30.13
C THR N 49 38.17 1.21 29.74
N PRO N 50 38.72 2.11 28.94
CA PRO N 50 37.98 3.33 28.58
C PRO N 50 36.78 3.03 27.68
N TYR N 51 35.82 3.95 27.73
CA TYR N 51 34.60 3.86 26.93
C TYR N 51 34.14 5.27 26.63
N HIS N 52 33.33 5.42 25.58
CA HIS N 52 32.98 6.74 25.09
C HIS N 52 31.79 7.36 25.82
N ARG N 53 31.23 6.68 26.82
CA ARG N 53 30.16 7.20 27.64
C ARG N 53 30.49 6.92 29.10
N PRO N 54 30.36 7.90 29.99
CA PRO N 54 30.67 7.66 31.40
C PRO N 54 29.70 6.67 32.00
N PRO N 55 30.11 5.91 33.01
CA PRO N 55 29.20 4.94 33.64
C PRO N 55 28.09 5.62 34.43
N ARG N 56 26.86 5.52 33.94
CA ARG N 56 25.72 6.18 34.56
C ARG N 56 24.94 5.20 35.43
N CYS N 57 24.24 5.76 36.42
CA CYS N 57 23.38 4.96 37.27
C CYS N 57 22.06 4.67 36.57
N ILE N 58 21.57 3.45 36.74
CA ILE N 58 20.29 3.03 36.17
C ILE N 58 19.17 3.14 37.19
N HIS N 59 19.31 2.48 38.33
CA HIS N 59 18.23 2.43 39.31
C HIS N 59 18.84 2.25 40.70
N VAL N 60 18.29 2.95 41.67
CA VAL N 60 18.72 2.86 43.06
C VAL N 60 17.79 1.91 43.79
N TYR N 61 18.35 0.90 44.45
CA TYR N 61 17.56 -0.14 45.08
C TYR N 61 16.91 0.30 46.38
N ASN N 62 17.21 1.50 46.87
CA ASN N 62 16.50 2.05 48.01
C ASN N 62 15.07 2.40 47.64
N LYS N 63 14.20 2.40 48.65
CA LYS N 63 12.81 2.79 48.41
C LYS N 63 12.71 4.25 47.98
N THR N 64 13.63 5.08 48.43
CA THR N 64 13.73 6.45 47.95
C THR N 64 14.63 6.49 46.72
N GLY N 65 14.38 7.47 45.84
CA GLY N 65 15.12 7.56 44.61
C GLY N 65 16.54 8.08 44.77
N VAL N 66 16.94 8.37 46.01
CA VAL N 66 18.26 8.88 46.31
C VAL N 66 18.98 7.85 47.17
N GLY N 67 20.19 7.47 46.74
CA GLY N 67 20.99 6.50 47.45
C GLY N 67 22.09 7.14 48.27
N LYS N 68 22.47 6.46 49.35
CA LYS N 68 23.51 6.95 50.24
C LYS N 68 24.67 5.96 50.29
N VAL N 69 25.65 6.20 51.16
CA VAL N 69 26.78 5.29 51.30
C VAL N 69 26.28 3.98 51.87
N GLY N 70 26.60 2.88 51.19
CA GLY N 70 26.18 1.58 51.63
C GLY N 70 24.86 1.10 51.05
N ASP N 71 24.54 1.52 49.82
CA ASP N 71 23.29 1.14 49.17
C ASP N 71 23.60 0.48 47.83
N ARG N 72 22.99 -0.67 47.59
CA ARG N 72 23.16 -1.34 46.30
C ARG N 72 22.51 -0.52 45.20
N ILE N 73 23.20 -0.43 44.05
CA ILE N 73 22.77 0.43 42.96
C ILE N 73 23.06 -0.28 41.64
N LEU N 74 22.44 0.20 40.57
CA LEU N 74 22.56 -0.39 39.25
C LEU N 74 23.24 0.60 38.31
N LEU N 75 24.16 0.09 37.48
CA LEU N 75 25.00 0.91 36.61
C LEU N 75 24.95 0.37 35.19
N ALA N 76 25.13 1.27 34.23
CA ALA N 76 25.23 0.93 32.81
C ALA N 76 26.67 1.19 32.39
N ILE N 77 27.52 0.18 32.54
CA ILE N 77 28.94 0.30 32.23
C ILE N 77 29.23 -0.45 30.93
N ARG N 78 29.84 0.23 29.97
CA ARG N 78 30.27 -0.36 28.71
C ARG N 78 29.11 -1.03 27.97
N GLY N 79 27.92 -0.43 28.04
CA GLY N 79 26.79 -0.95 27.31
C GLY N 79 26.11 -2.16 27.93
N GLN N 80 26.44 -2.50 29.17
CA GLN N 80 25.83 -3.63 29.84
C GLN N 80 25.51 -3.26 31.28
N LYS N 81 24.46 -3.88 31.81
CA LYS N 81 24.05 -3.62 33.18
C LYS N 81 24.94 -4.35 34.17
N LYS N 82 25.18 -3.69 35.31
CA LYS N 82 25.99 -4.26 36.37
C LYS N 82 25.51 -3.72 37.70
N LYS N 83 25.81 -4.44 38.77
CA LYS N 83 25.49 -3.98 40.11
C LYS N 83 26.71 -3.34 40.75
N ALA N 84 26.45 -2.44 41.70
CA ALA N 84 27.53 -1.69 42.31
C ALA N 84 27.12 -1.29 43.72
N LEU N 85 28.11 -0.89 44.50
CA LEU N 85 27.92 -0.48 45.89
C LEU N 85 28.44 0.94 46.04
N ILE N 86 27.69 1.77 46.76
CA ILE N 86 28.09 3.16 46.97
C ILE N 86 29.23 3.20 47.98
N VAL N 87 30.31 3.88 47.61
CA VAL N 87 31.45 4.05 48.52
C VAL N 87 31.47 5.43 49.14
N GLY N 88 31.39 6.47 48.31
CA GLY N 88 31.36 7.83 48.80
C GLY N 88 30.65 8.74 47.83
N HIS N 89 30.07 9.81 48.37
CA HIS N 89 29.36 10.79 47.56
C HIS N 89 29.77 12.19 48.01
N ARG N 90 29.55 13.15 47.12
CA ARG N 90 29.99 14.53 47.35
C ARG N 90 29.05 15.34 48.22
N MET N 91 27.85 14.84 48.50
CA MET N 91 26.95 15.61 49.35
C MET N 91 27.31 15.42 50.81
N PRO N 92 27.30 16.50 51.60
CA PRO N 92 27.56 16.35 53.04
C PRO N 92 26.48 15.50 53.71
N GLY N 93 26.91 14.75 54.72
CA GLY N 93 26.01 13.91 55.46
C GLY N 93 26.02 14.22 56.94
N PRO N 94 25.90 13.20 57.78
CA PRO N 94 25.96 13.42 59.23
C PRO N 94 27.35 13.88 59.65
N ARG N 95 27.42 14.33 60.91
CA ARG N 95 28.67 14.87 61.43
C ARG N 95 29.72 13.77 61.57
N MET N 96 30.97 14.14 61.32
CA MET N 96 32.12 13.24 61.34
C MET N 96 31.99 12.09 60.34
N THR N 97 31.19 12.29 59.29
CA THR N 97 31.13 11.34 58.20
C THR N 97 31.97 11.85 57.04
N PRO N 98 32.94 11.07 56.55
CA PRO N 98 33.82 11.58 55.49
C PRO N 98 33.05 11.95 54.23
N ARG N 99 33.47 13.04 53.61
CA ARG N 99 32.87 13.53 52.38
C ARG N 99 33.93 13.55 51.29
N PHE N 100 33.68 12.86 50.20
CA PHE N 100 34.65 12.70 49.13
C PHE N 100 34.35 13.68 48.00
N ASP N 101 35.32 13.81 47.09
CA ASP N 101 35.23 14.71 45.96
C ASP N 101 34.70 14.04 44.70
N SER N 102 34.28 12.78 44.79
CA SER N 102 33.73 12.07 43.64
C SER N 102 32.72 11.04 44.13
N ASN N 103 31.82 10.65 43.24
CA ASN N 103 30.79 9.66 43.54
C ASN N 103 31.39 8.28 43.32
N ASN N 104 32.04 7.75 44.36
CA ASN N 104 32.78 6.50 44.26
C ASN N 104 31.83 5.31 44.35
N VAL N 105 32.01 4.33 43.46
CA VAL N 105 31.25 3.09 43.49
C VAL N 105 32.21 1.93 43.24
N VAL N 106 31.94 0.82 43.92
CA VAL N 106 32.67 -0.42 43.74
C VAL N 106 31.75 -1.43 43.09
N LEU N 107 32.26 -2.10 42.05
CA LEU N 107 31.44 -3.04 41.29
C LEU N 107 31.07 -4.25 42.15
N LEU N 108 29.85 -4.72 41.98
CA LEU N 108 29.33 -5.83 42.76
C LEU N 108 28.58 -6.79 41.85
N GLU N 109 28.59 -8.06 42.21
CA GLU N 109 27.87 -9.08 41.45
C GLU N 109 26.52 -9.38 42.10
N ASP N 110 25.68 -10.12 41.37
CA ASP N 110 24.34 -10.43 41.85
C ASP N 110 24.36 -11.29 43.11
N ASN N 111 25.40 -12.09 43.31
CA ASN N 111 25.50 -12.91 44.52
C ASN N 111 25.97 -12.12 45.73
N GLY N 112 26.48 -10.91 45.54
CA GLY N 112 26.91 -10.08 46.65
C GLY N 112 28.40 -9.95 46.87
N ASN N 113 29.23 -10.53 45.99
CA ASN N 113 30.66 -10.35 46.21
C ASN N 113 31.24 -9.37 45.20
N PRO N 114 32.30 -8.64 45.57
CA PRO N 114 32.92 -7.72 44.60
C PRO N 114 33.61 -8.48 43.48
N VAL N 115 33.63 -7.86 42.29
CA VAL N 115 34.31 -8.47 41.16
C VAL N 115 35.76 -8.01 41.09
N GLY N 116 36.08 -6.83 41.63
CA GLY N 116 37.44 -6.35 41.65
C GLY N 116 38.29 -7.08 42.69
N THR N 117 39.59 -6.91 42.56
CA THR N 117 40.54 -7.58 43.45
C THR N 117 40.91 -6.71 44.65
N ARG N 118 41.00 -5.40 44.45
CA ARG N 118 41.55 -4.52 45.48
C ARG N 118 40.99 -3.12 45.31
N ILE N 119 40.79 -2.44 46.44
CA ILE N 119 40.27 -1.08 46.47
C ILE N 119 41.37 -0.17 47.02
N LYS N 120 41.69 0.89 46.28
CA LYS N 120 42.79 1.77 46.65
C LYS N 120 42.33 2.99 47.44
N THR N 121 41.35 3.72 46.92
CA THR N 121 40.93 4.96 47.55
C THR N 121 40.25 4.68 48.89
N PRO N 122 40.29 5.64 49.82
CA PRO N 122 39.72 5.40 51.14
C PRO N 122 38.22 5.15 51.10
N ILE N 123 37.76 4.37 52.07
CA ILE N 123 36.35 4.02 52.22
C ILE N 123 35.90 4.48 53.60
N PRO N 124 34.69 5.00 53.76
CA PRO N 124 34.22 5.41 55.10
C PRO N 124 34.24 4.25 56.07
N SER N 125 34.59 4.54 57.33
CA SER N 125 34.65 3.50 58.34
C SER N 125 33.26 3.04 58.77
N SER N 126 32.20 3.74 58.37
CA SER N 126 30.85 3.35 58.77
C SER N 126 30.37 2.11 58.05
N LEU N 127 31.03 1.72 56.97
CA LEU N 127 30.61 0.53 56.24
C LEU N 127 30.81 -0.75 57.04
N ARG N 128 31.74 -0.74 58.02
CA ARG N 128 31.94 -1.94 58.83
C ARG N 128 30.84 -2.15 59.87
N GLN N 129 29.95 -1.16 60.08
CA GLN N 129 28.87 -1.31 61.05
C GLN N 129 28.03 -2.52 60.70
N ARG N 130 27.81 -2.74 59.42
CA ARG N 130 27.17 -3.93 58.88
C ARG N 130 28.28 -4.79 58.28
N GLU N 131 28.45 -6.01 58.82
CA GLU N 131 29.51 -6.90 58.38
C GLU N 131 29.01 -8.12 57.64
N GLY N 132 27.77 -8.55 57.88
CA GLY N 132 27.29 -9.77 57.24
C GLY N 132 27.13 -9.64 55.74
N GLU N 133 26.66 -8.49 55.27
CA GLU N 133 26.36 -8.27 53.86
C GLU N 133 27.43 -7.48 53.11
N PHE N 134 28.38 -6.87 53.83
CA PHE N 134 29.56 -6.22 53.26
C PHE N 134 30.85 -6.96 53.59
N SER N 135 30.77 -8.26 53.88
CA SER N 135 31.95 -8.99 54.33
C SER N 135 33.05 -8.99 53.27
N LYS N 136 32.79 -9.63 52.13
CA LYS N 136 33.81 -9.73 51.09
C LYS N 136 34.08 -8.40 50.40
N VAL N 137 33.15 -7.45 50.48
CA VAL N 137 33.40 -6.12 49.94
C VAL N 137 34.44 -5.40 50.78
N LEU N 138 34.30 -5.45 52.11
CA LEU N 138 35.25 -4.80 52.99
C LEU N 138 36.54 -5.59 53.14
N ALA N 139 36.54 -6.88 52.80
CA ALA N 139 37.76 -7.67 52.92
C ALA N 139 38.86 -7.24 51.96
N ILE N 140 38.52 -6.58 50.85
CA ILE N 140 39.50 -6.29 49.80
C ILE N 140 40.00 -4.85 49.84
N ALA N 141 39.48 -4.03 50.73
CA ALA N 141 39.84 -2.60 50.76
C ALA N 141 40.92 -2.32 51.80
N GLN N 142 41.83 -1.39 51.47
CA GLN N 142 42.99 -1.07 52.31
C GLN N 142 42.69 0.05 53.29
N ASN N 143 42.33 1.22 52.78
CA ASN N 143 42.32 2.47 53.54
C ASN N 143 40.89 2.81 53.94
N PHE N 144 40.70 3.10 55.23
CA PHE N 144 39.37 3.38 55.77
C PHE N 144 39.34 4.71 56.51
N VAL N 145 38.41 5.56 56.10
CA VAL N 145 38.32 6.90 56.67
C VAL N 145 36.89 7.18 57.14
N GLY O 9 -102.60 61.33 8.25
CA GLY O 9 -101.79 60.30 7.63
C GLY O 9 -100.46 60.07 8.32
N PRO O 10 -99.48 60.94 8.07
CA PRO O 10 -98.15 60.80 8.69
C PRO O 10 -98.13 61.27 10.15
N ARG O 11 -98.51 60.35 11.03
CA ARG O 11 -98.57 60.65 12.47
C ARG O 11 -97.21 60.97 13.07
N ALA O 12 -96.12 60.64 12.38
CA ALA O 12 -94.80 61.04 12.86
C ALA O 12 -94.67 62.56 12.90
N LEU O 13 -95.31 63.25 11.97
CA LEU O 13 -95.31 64.71 12.00
C LEU O 13 -95.98 65.24 13.26
N ASP O 14 -97.12 64.65 13.65
CA ASP O 14 -97.77 65.05 14.89
C ASP O 14 -96.92 64.70 16.10
N LEU O 15 -96.27 63.54 16.07
CA LEU O 15 -95.42 63.15 17.20
C LEU O 15 -94.20 64.06 17.34
N LEU O 16 -93.74 64.64 16.23
CA LEU O 16 -92.57 65.51 16.26
C LEU O 16 -92.78 66.79 17.07
N ARG O 17 -94.03 67.18 17.32
CA ARG O 17 -94.29 68.42 18.03
C ARG O 17 -93.77 68.36 19.46
N ALA O 18 -94.02 67.25 20.16
CA ALA O 18 -93.56 67.13 21.54
C ALA O 18 -92.05 66.92 21.62
N LEU O 19 -91.46 66.31 20.59
CA LEU O 19 -90.03 66.07 20.59
C LEU O 19 -89.27 67.40 20.45
N PRO O 20 -88.05 67.47 20.99
CA PRO O 20 -87.30 68.73 20.89
C PRO O 20 -86.82 69.04 19.49
N ARG O 21 -86.07 70.14 19.34
CA ARG O 21 -85.64 70.59 18.02
C ARG O 21 -84.71 69.58 17.38
N VAL O 22 -84.91 69.34 16.09
CA VAL O 22 -84.02 68.48 15.31
C VAL O 22 -82.88 69.34 14.77
N SER O 23 -81.66 69.09 15.27
CA SER O 23 -80.50 69.87 14.89
C SER O 23 -79.34 68.93 14.64
N LEU O 24 -78.15 69.50 14.47
CA LEU O 24 -76.95 68.70 14.23
C LEU O 24 -76.45 68.01 15.49
N ALA O 25 -76.94 68.40 16.66
CA ALA O 25 -76.49 67.77 17.91
C ALA O 25 -77.03 66.35 18.06
N ASN O 26 -78.23 66.09 17.54
CA ASN O 26 -78.90 64.80 17.66
C ASN O 26 -79.22 64.26 16.28
N LEU O 27 -78.25 63.56 15.70
CA LEU O 27 -78.41 62.92 14.39
C LEU O 27 -77.79 61.54 14.44
N LYS O 28 -78.61 60.51 14.21
CA LYS O 28 -78.14 59.14 14.28
C LYS O 28 -78.41 58.43 12.96
N PRO O 29 -77.42 57.73 12.39
CA PRO O 29 -77.65 56.97 11.16
C PRO O 29 -78.49 55.73 11.42
N ASN O 30 -78.76 55.01 10.35
CA ASN O 30 -79.53 53.77 10.45
C ASN O 30 -78.77 52.74 11.29
N PRO O 31 -79.43 52.07 12.23
CA PRO O 31 -78.78 50.96 12.93
C PRO O 31 -78.51 49.81 11.97
N GLY O 32 -77.23 49.53 11.74
CA GLY O 32 -76.81 48.53 10.80
C GLY O 32 -76.35 49.05 9.47
N SER O 33 -76.46 50.36 9.23
CA SER O 33 -75.99 50.93 7.97
C SER O 33 -74.46 50.99 7.90
N ARG O 34 -73.80 51.13 9.04
CA ARG O 34 -72.35 51.28 9.11
C ARG O 34 -71.78 50.17 9.97
N LYS O 35 -71.11 49.22 9.35
CA LYS O 35 -70.42 48.17 10.08
C LYS O 35 -69.12 48.73 10.66
N PRO O 36 -68.92 48.64 11.98
CA PRO O 36 -67.73 49.25 12.57
C PRO O 36 -66.46 48.57 12.11
N GLU O 37 -65.45 49.38 11.79
CA GLU O 37 -64.15 48.85 11.41
C GLU O 37 -63.43 48.30 12.64
N ARG O 38 -62.67 47.24 12.42
CA ARG O 38 -61.94 46.57 13.50
C ARG O 38 -60.45 46.72 13.25
N ARG O 39 -59.72 47.14 14.28
CA ARG O 39 -58.30 47.39 14.15
C ARG O 39 -57.49 46.37 14.95
N PRO O 40 -56.27 46.06 14.53
CA PRO O 40 -55.46 45.09 15.28
C PRO O 40 -54.93 45.65 16.58
N ARG O 41 -55.81 45.89 17.54
CA ARG O 41 -55.44 46.36 18.86
C ARG O 41 -56.15 45.53 19.92
N GLY O 42 -55.43 45.17 20.97
CA GLY O 42 -55.98 44.43 22.07
C GLY O 42 -55.52 42.99 22.09
N ARG O 43 -56.07 42.24 23.04
CA ARG O 43 -55.71 40.83 23.20
C ARG O 43 -56.30 39.96 22.10
N ARG O 44 -57.49 40.27 21.62
CA ARG O 44 -58.16 39.40 20.65
C ARG O 44 -57.65 39.63 19.24
N ARG O 45 -57.68 40.87 18.77
CA ARG O 45 -57.31 41.18 17.40
C ARG O 45 -55.81 41.45 17.23
N GLY O 46 -55.03 41.32 18.30
CA GLY O 46 -53.59 41.35 18.22
C GLY O 46 -52.99 39.98 18.05
N ARG O 47 -51.68 39.88 18.32
CA ARG O 47 -50.96 38.61 18.31
C ARG O 47 -51.06 37.96 16.92
N LYS O 48 -50.38 38.59 15.97
CA LYS O 48 -50.31 38.29 14.53
C LYS O 48 -51.50 38.90 13.77
N CYS O 49 -52.44 39.53 14.47
CA CYS O 49 -53.43 40.41 13.84
C CYS O 49 -54.22 39.73 12.74
N GLY O 50 -54.54 38.45 12.91
CA GLY O 50 -55.31 37.74 11.92
C GLY O 50 -54.54 37.24 10.72
N ARG O 51 -53.20 37.33 10.75
CA ARG O 51 -52.37 36.90 9.64
C ARG O 51 -51.87 35.46 9.77
N GLY O 52 -52.16 34.79 10.88
CA GLY O 52 -51.69 33.43 11.06
C GLY O 52 -50.23 33.37 11.48
N HIS O 53 -49.71 32.16 11.45
CA HIS O 53 -48.33 31.90 11.84
C HIS O 53 -47.39 32.16 10.66
N LYS O 54 -46.13 31.74 10.78
CA LYS O 54 -45.14 32.05 9.78
C LYS O 54 -45.49 31.42 8.43
N GLY O 55 -44.81 31.89 7.39
CA GLY O 55 -45.03 31.48 6.03
C GLY O 55 -45.20 32.68 5.12
N GLU O 56 -45.68 32.39 3.91
CA GLU O 56 -45.95 33.47 2.97
C GLU O 56 -47.20 34.26 3.32
N ARG O 57 -48.17 33.65 4.00
CA ARG O 57 -49.42 34.34 4.30
C ARG O 57 -49.20 35.48 5.29
N GLN O 58 -48.44 35.23 6.36
CA GLN O 58 -48.21 36.29 7.35
C GLN O 58 -47.30 37.37 6.80
N ARG O 59 -46.31 37.00 6.00
CA ARG O 59 -45.36 37.95 5.44
C ARG O 59 -45.85 38.61 4.17
N GLY O 60 -47.04 38.24 3.68
CA GLY O 60 -47.62 38.89 2.52
C GLY O 60 -46.86 38.67 1.23
N THR O 61 -46.44 37.43 0.97
CA THR O 61 -45.70 37.12 -0.23
C THR O 61 -46.25 35.85 -0.89
N ARG O 62 -47.53 35.57 -0.71
CA ARG O 62 -48.16 34.42 -1.35
C ARG O 62 -48.28 34.67 -2.85
N PRO O 63 -48.34 33.59 -3.65
CA PRO O 63 -48.41 33.77 -5.11
C PRO O 63 -49.72 34.36 -5.60
N ARG O 64 -49.85 34.47 -6.92
CA ARG O 64 -51.00 35.12 -7.53
C ARG O 64 -52.23 34.22 -7.42
N LEU O 65 -53.32 34.61 -8.10
CA LEU O 65 -54.58 33.89 -7.98
C LEU O 65 -54.49 32.51 -8.61
N GLY O 66 -54.19 32.45 -9.91
CA GLY O 66 -54.23 31.19 -10.63
C GLY O 66 -53.09 30.25 -10.32
N PHE O 67 -52.06 30.72 -9.62
CA PHE O 67 -50.93 29.87 -9.27
C PHE O 67 -51.35 28.81 -8.25
N GLU O 68 -50.89 27.59 -8.44
CA GLU O 68 -51.25 26.47 -7.57
C GLU O 68 -50.04 25.80 -6.95
N GLY O 69 -48.92 26.51 -6.85
CA GLY O 69 -47.73 25.97 -6.21
C GLY O 69 -46.87 25.13 -7.14
N GLY O 70 -46.49 25.69 -8.28
CA GLY O 70 -45.69 24.99 -9.26
C GLY O 70 -46.46 24.04 -10.15
N GLN O 71 -47.58 23.50 -9.68
CA GLN O 71 -48.43 22.66 -10.51
C GLN O 71 -48.99 23.47 -11.67
N THR O 72 -49.19 22.81 -12.80
CA THR O 72 -49.75 23.48 -13.97
C THR O 72 -51.14 23.99 -13.63
N PRO O 73 -51.40 25.29 -13.78
CA PRO O 73 -52.69 25.84 -13.32
C PRO O 73 -53.85 25.36 -14.17
N PHE O 74 -55.04 25.42 -13.57
CA PHE O 74 -56.25 25.06 -14.29
C PHE O 74 -56.51 26.02 -15.45
N TYR O 75 -56.27 27.31 -15.24
CA TYR O 75 -56.48 28.29 -16.29
C TYR O 75 -55.38 28.30 -17.34
N LEU O 76 -54.36 27.46 -17.19
CA LEU O 76 -53.30 27.33 -18.18
C LEU O 76 -53.18 25.93 -18.77
N ARG O 77 -53.88 24.94 -18.21
CA ARG O 77 -53.82 23.59 -18.74
C ARG O 77 -54.93 23.31 -19.76
N ILE O 78 -56.06 23.99 -19.65
CA ILE O 78 -57.18 23.76 -20.57
C ILE O 78 -56.79 24.30 -21.95
N PRO O 79 -56.99 23.52 -23.01
CA PRO O 79 -56.60 23.99 -24.35
C PRO O 79 -57.44 25.18 -24.81
N LYS O 80 -56.81 26.03 -25.60
CA LYS O 80 -57.50 27.19 -26.15
C LYS O 80 -58.53 26.77 -27.19
N TYR O 81 -59.68 27.44 -27.17
CA TYR O 81 -60.71 27.22 -28.18
C TYR O 81 -61.43 28.54 -28.43
N GLY O 82 -61.94 28.70 -29.63
CA GLY O 82 -62.63 29.93 -29.97
C GLY O 82 -63.96 30.08 -29.26
N PHE O 83 -64.00 30.94 -28.26
CA PHE O 83 -65.23 31.34 -27.59
C PHE O 83 -65.49 32.82 -27.73
N ASN O 84 -64.48 33.65 -27.45
CA ASN O 84 -64.54 35.08 -27.66
C ASN O 84 -63.72 35.51 -28.88
N GLU O 85 -63.45 34.58 -29.79
CA GLU O 85 -62.67 34.88 -30.99
C GLU O 85 -63.41 35.90 -31.84
N GLY O 86 -62.85 37.10 -31.96
CA GLY O 86 -63.52 38.16 -32.68
C GLY O 86 -64.80 38.63 -32.03
N HIS O 87 -64.86 38.62 -30.70
CA HIS O 87 -66.06 39.06 -30.00
C HIS O 87 -66.25 40.57 -30.10
N SER O 88 -65.19 41.32 -30.35
CA SER O 88 -65.25 42.77 -30.47
C SER O 88 -65.63 43.23 -31.86
N PHE O 89 -65.92 42.30 -32.77
CA PHE O 89 -66.32 42.63 -34.14
C PHE O 89 -67.64 41.99 -34.53
N ARG O 90 -68.31 41.31 -33.60
CA ARG O 90 -69.63 40.76 -33.86
C ARG O 90 -70.69 41.83 -33.59
N HIS O 91 -71.64 41.98 -34.51
CA HIS O 91 -72.68 42.99 -34.36
C HIS O 91 -73.67 42.57 -33.28
N GLN O 92 -74.03 43.51 -32.42
CA GLN O 92 -74.96 43.28 -31.32
C GLN O 92 -76.24 44.08 -31.54
N TYR O 93 -77.37 43.48 -31.18
CA TYR O 93 -78.68 44.10 -31.36
C TYR O 93 -79.48 43.95 -30.08
N GLN O 94 -79.84 45.06 -29.47
CA GLN O 94 -80.66 45.02 -28.25
C GLN O 94 -82.07 44.55 -28.59
N PRO O 95 -82.58 43.52 -27.94
CA PRO O 95 -83.92 43.03 -28.26
C PRO O 95 -85.01 43.92 -27.67
N LEU O 96 -86.09 44.08 -28.42
CA LEU O 96 -87.26 44.82 -27.95
C LEU O 96 -88.48 43.94 -28.18
N SER O 97 -89.17 43.58 -27.10
CA SER O 97 -90.33 42.72 -27.19
C SER O 97 -91.56 43.51 -27.59
N LEU O 98 -92.47 42.83 -28.29
CA LEU O 98 -93.74 43.46 -28.63
C LEU O 98 -94.53 43.79 -27.37
N ASN O 99 -94.39 43.00 -26.32
CA ASN O 99 -95.03 43.33 -25.05
C ASN O 99 -94.49 44.65 -24.49
N ARG O 100 -93.16 44.85 -24.55
CA ARG O 100 -92.59 46.10 -24.07
C ARG O 100 -92.99 47.27 -24.97
N LEU O 101 -93.04 47.06 -26.29
CA LEU O 101 -93.48 48.11 -27.19
C LEU O 101 -94.92 48.51 -26.89
N GLN O 102 -95.79 47.53 -26.64
CA GLN O 102 -97.16 47.80 -26.25
C GLN O 102 -97.22 48.55 -24.93
N TYR O 103 -96.37 48.17 -23.97
CA TYR O 103 -96.34 48.86 -22.69
C TYR O 103 -95.97 50.33 -22.87
N LEU O 104 -94.94 50.59 -23.70
CA LEU O 104 -94.55 51.97 -23.97
C LEU O 104 -95.67 52.75 -24.63
N ILE O 105 -96.30 52.17 -25.65
CA ILE O 105 -97.36 52.88 -26.37
C ILE O 105 -98.52 53.20 -25.43
N ASP O 106 -98.94 52.24 -24.60
CA ASP O 106 -100.11 52.46 -23.78
C ASP O 106 -99.82 53.30 -22.54
N LEU O 107 -98.56 53.39 -22.09
CA LEU O 107 -98.20 54.36 -21.08
C LEU O 107 -97.85 55.72 -21.67
N GLY O 108 -97.81 55.84 -23.00
CA GLY O 108 -97.63 57.12 -23.64
C GLY O 108 -96.21 57.57 -23.83
N ARG O 109 -95.24 56.70 -23.53
CA ARG O 109 -93.83 57.06 -23.76
C ARG O 109 -93.56 57.27 -25.24
N VAL O 110 -94.14 56.44 -26.09
CA VAL O 110 -94.05 56.58 -27.54
C VAL O 110 -95.45 56.63 -28.12
N ASP O 111 -95.60 57.36 -29.21
CA ASP O 111 -96.91 57.58 -29.83
C ASP O 111 -96.95 56.93 -31.20
N PRO O 112 -97.91 56.05 -31.46
CA PRO O 112 -98.02 55.44 -32.80
C PRO O 112 -98.48 56.39 -33.89
N THR O 113 -99.02 57.56 -33.52
CA THR O 113 -99.46 58.52 -34.53
C THR O 113 -98.30 59.04 -35.35
N GLN O 114 -97.13 59.19 -34.75
CA GLN O 114 -95.93 59.62 -35.43
C GLN O 114 -95.04 58.42 -35.75
N PRO O 115 -94.20 58.52 -36.77
CA PRO O 115 -93.27 57.41 -37.06
C PRO O 115 -92.31 57.18 -35.90
N ILE O 116 -92.24 55.94 -35.44
CA ILE O 116 -91.42 55.57 -34.29
C ILE O 116 -90.10 55.03 -34.80
N ASP O 117 -89.01 55.64 -34.36
CA ASP O 117 -87.66 55.27 -34.75
C ASP O 117 -86.88 54.87 -33.51
N LEU O 118 -85.63 54.45 -33.72
CA LEU O 118 -84.76 54.17 -32.58
C LEU O 118 -84.53 55.44 -31.77
N THR O 119 -84.51 56.60 -32.44
CA THR O 119 -84.47 57.87 -31.72
C THR O 119 -85.67 58.00 -30.78
N GLN O 120 -86.87 57.71 -31.28
CA GLN O 120 -88.07 57.84 -30.46
C GLN O 120 -88.05 56.85 -29.30
N LEU O 121 -87.59 55.61 -29.55
CA LEU O 121 -87.50 54.64 -28.48
C LEU O 121 -86.53 55.08 -27.40
N VAL O 122 -85.37 55.61 -27.81
CA VAL O 122 -84.39 56.11 -26.83
C VAL O 122 -84.97 57.27 -26.05
N ASN O 123 -85.68 58.18 -26.73
CA ASN O 123 -86.29 59.32 -26.05
C ASN O 123 -87.34 58.86 -25.04
N GLY O 124 -88.13 57.85 -25.40
CA GLY O 124 -89.11 57.27 -24.50
C GLY O 124 -88.55 56.28 -23.51
N ARG O 125 -87.24 56.04 -23.52
CA ARG O 125 -86.56 55.18 -22.56
C ARG O 125 -87.05 53.73 -22.65
N GLY O 126 -87.47 53.32 -23.83
CA GLY O 126 -87.86 51.94 -24.02
C GLY O 126 -86.66 51.03 -24.17
N VAL O 127 -85.61 51.54 -24.82
CA VAL O 127 -84.37 50.78 -25.04
C VAL O 127 -83.19 51.70 -24.73
N THR O 128 -82.04 51.08 -24.51
CA THR O 128 -80.78 51.79 -24.31
C THR O 128 -79.73 51.17 -25.22
N ILE O 129 -79.04 52.00 -26.01
CA ILE O 129 -78.08 51.55 -26.99
C ILE O 129 -76.72 52.12 -26.64
N GLN O 130 -75.70 51.24 -26.60
CA GLN O 130 -74.33 51.65 -26.34
C GLN O 130 -73.49 51.36 -27.58
N PRO O 131 -73.28 52.35 -28.46
CA PRO O 131 -72.52 52.07 -29.69
C PRO O 131 -71.10 51.61 -29.46
N SER O 132 -70.44 52.08 -28.39
CA SER O 132 -69.06 51.68 -28.14
C SER O 132 -68.95 50.21 -27.78
N LYS O 133 -70.03 49.58 -27.35
CA LYS O 133 -70.04 48.14 -27.05
C LYS O 133 -70.44 47.30 -28.25
N ARG O 134 -70.18 47.80 -29.46
CA ARG O 134 -70.46 47.11 -30.72
C ARG O 134 -71.95 46.85 -30.94
N ASP O 135 -72.80 47.58 -30.23
CA ASP O 135 -74.24 47.51 -30.49
C ASP O 135 -74.54 48.16 -31.83
N TYR O 136 -75.38 47.48 -32.63
CA TYR O 136 -75.75 47.97 -33.95
C TYR O 136 -77.21 48.36 -34.03
N GLY O 137 -77.87 48.55 -32.89
CA GLY O 137 -79.25 49.00 -32.90
C GLY O 137 -80.21 48.10 -32.14
N VAL O 138 -81.48 48.14 -32.52
CA VAL O 138 -82.54 47.43 -31.83
C VAL O 138 -83.14 46.40 -32.78
N GLN O 139 -83.26 45.16 -32.31
CA GLN O 139 -83.94 44.10 -33.04
C GLN O 139 -85.31 43.85 -32.43
N LEU O 140 -86.18 43.24 -33.24
CA LEU O 140 -87.55 42.96 -32.82
C LEU O 140 -87.71 41.47 -32.54
N VAL O 141 -88.27 41.16 -31.38
CA VAL O 141 -88.61 39.79 -31.00
C VAL O 141 -90.12 39.70 -30.82
N GLU O 142 -90.60 38.48 -30.59
CA GLU O 142 -92.02 38.19 -30.57
C GLU O 142 -92.46 37.64 -29.22
N GLU O 143 -91.94 38.21 -28.14
CA GLU O 143 -92.30 37.73 -26.80
C GLU O 143 -93.77 37.96 -26.52
N GLY O 144 -94.29 39.13 -26.89
CA GLY O 144 -95.68 39.46 -26.62
C GLY O 144 -96.51 39.69 -27.87
N ALA O 145 -96.29 38.87 -28.89
CA ALA O 145 -97.02 39.03 -30.16
C ALA O 145 -98.48 38.59 -30.06
N ASP O 146 -98.86 37.89 -28.99
CA ASP O 146 -100.24 37.43 -28.86
C ASP O 146 -101.19 38.57 -28.49
N THR O 147 -100.73 39.52 -27.67
CA THR O 147 -101.57 40.61 -27.20
C THR O 147 -101.16 41.97 -27.77
N PHE O 148 -100.44 41.97 -28.90
CA PHE O 148 -100.03 43.22 -29.54
C PHE O 148 -101.18 43.72 -30.40
N LYS O 149 -101.77 44.84 -30.01
CA LYS O 149 -102.94 45.38 -30.69
C LYS O 149 -102.76 46.80 -31.21
N ALA O 150 -101.54 47.31 -31.24
CA ALA O 150 -101.29 48.68 -31.67
C ALA O 150 -100.92 48.73 -33.15
N LYS O 151 -101.34 49.80 -33.81
CA LYS O 151 -101.01 50.08 -35.21
C LYS O 151 -99.90 51.12 -35.21
N VAL O 152 -98.67 50.67 -35.45
CA VAL O 152 -97.50 51.51 -35.31
C VAL O 152 -96.54 51.26 -36.46
N ASN O 153 -95.90 52.33 -36.93
CA ASN O 153 -94.86 52.25 -37.95
C ASN O 153 -93.51 52.12 -37.24
N ILE O 154 -92.94 50.92 -37.29
CA ILE O 154 -91.72 50.58 -36.57
C ILE O 154 -90.55 50.52 -37.54
N GLU O 155 -89.45 51.17 -37.17
CA GLU O 155 -88.19 51.08 -37.90
C GLU O 155 -87.13 50.53 -36.95
N VAL O 156 -86.60 49.35 -37.26
CA VAL O 156 -85.57 48.71 -36.46
C VAL O 156 -84.41 48.31 -37.37
N GLN O 157 -83.44 47.58 -36.81
CA GLN O 157 -82.32 47.08 -37.59
C GLN O 157 -82.43 45.59 -37.90
N MET O 158 -83.18 44.84 -37.09
CA MET O 158 -83.40 43.41 -37.31
C MET O 158 -84.82 43.09 -36.88
N ALA O 159 -85.49 42.25 -37.67
CA ALA O 159 -86.85 41.88 -37.36
C ALA O 159 -87.05 40.39 -37.64
N SER O 160 -87.96 39.78 -36.88
CA SER O 160 -88.31 38.39 -37.05
C SER O 160 -89.66 38.28 -37.78
N GLU O 161 -89.87 37.12 -38.42
CA GLU O 161 -91.08 36.93 -39.21
C GLU O 161 -92.33 37.00 -38.33
N LEU O 162 -92.27 36.44 -37.13
CA LEU O 162 -93.43 36.47 -36.25
C LEU O 162 -93.77 37.90 -35.83
N ALA O 163 -92.76 38.69 -35.47
CA ALA O 163 -93.00 40.09 -35.10
C ALA O 163 -93.55 40.88 -36.28
N ILE O 164 -92.99 40.66 -37.47
CA ILE O 164 -93.48 41.36 -38.66
C ILE O 164 -94.93 41.00 -38.92
N ALA O 165 -95.28 39.72 -38.82
CA ALA O 165 -96.66 39.29 -39.03
C ALA O 165 -97.59 39.88 -37.98
N ALA O 166 -97.15 39.92 -36.72
CA ALA O 166 -97.97 40.49 -35.67
C ALA O 166 -98.23 41.97 -35.90
N ILE O 167 -97.22 42.71 -36.36
CA ILE O 167 -97.43 44.13 -36.66
C ILE O 167 -98.35 44.30 -37.86
N GLU O 168 -98.14 43.52 -38.92
CA GLU O 168 -98.95 43.65 -40.12
C GLU O 168 -100.39 43.24 -39.90
N LYS O 169 -100.66 42.34 -38.96
CA LYS O 169 -102.04 41.99 -38.65
C LYS O 169 -102.81 43.19 -38.12
N ASN O 170 -102.18 43.98 -37.25
CA ASN O 170 -102.79 45.23 -36.81
C ASN O 170 -102.79 46.28 -37.91
N GLY O 171 -101.81 46.25 -38.80
CA GLY O 171 -101.79 47.16 -39.93
C GLY O 171 -100.69 48.20 -39.86
N GLY O 172 -99.56 47.84 -39.28
CA GLY O 172 -98.41 48.71 -39.20
C GLY O 172 -97.47 48.53 -40.37
N VAL O 173 -96.30 49.17 -40.25
CA VAL O 173 -95.25 49.09 -41.27
C VAL O 173 -93.95 48.74 -40.57
N VAL O 174 -93.26 47.72 -41.07
CA VAL O 174 -91.98 47.27 -40.54
C VAL O 174 -90.91 47.49 -41.61
N THR O 175 -89.79 48.08 -41.21
CA THR O 175 -88.69 48.33 -42.12
C THR O 175 -87.39 48.26 -41.34
N THR O 176 -86.43 47.50 -41.87
CA THR O 176 -85.13 47.32 -41.24
C THR O 176 -84.06 48.04 -42.04
N ALA O 177 -83.33 48.94 -41.38
CA ALA O 177 -82.25 49.68 -42.00
C ALA O 177 -80.93 49.39 -41.29
N PHE O 178 -79.86 49.96 -41.82
CA PHE O 178 -78.51 49.76 -41.29
C PHE O 178 -77.94 51.09 -40.82
N TYR O 179 -77.09 51.00 -39.81
CA TYR O 179 -76.39 52.17 -39.27
C TYR O 179 -74.98 51.78 -38.86
N ASP O 180 -73.98 52.38 -39.49
CA ASP O 180 -72.63 52.24 -39.00
C ASP O 180 -72.50 52.96 -37.66
N PRO O 181 -71.50 52.60 -36.85
CA PRO O 181 -71.48 53.10 -35.46
C PRO O 181 -71.55 54.62 -35.33
N ARG O 182 -70.96 55.38 -36.25
CA ARG O 182 -71.01 56.83 -36.13
C ARG O 182 -72.43 57.36 -36.33
N SER O 183 -73.09 56.94 -37.40
CA SER O 183 -74.48 57.36 -37.60
C SER O 183 -75.37 56.84 -36.49
N LEU O 184 -75.05 55.66 -35.95
CA LEU O 184 -75.83 55.11 -34.86
C LEU O 184 -75.73 55.97 -33.60
N GLU O 185 -74.51 56.37 -33.23
CA GLU O 185 -74.39 57.20 -32.03
C GLU O 185 -75.02 58.57 -32.25
N ILE O 186 -74.89 59.11 -33.47
CA ILE O 186 -75.56 60.37 -33.79
C ILE O 186 -77.07 60.22 -33.62
N LEU O 187 -77.63 59.09 -34.06
CA LEU O 187 -79.07 58.91 -33.98
C LEU O 187 -79.54 58.67 -32.54
N CYS O 188 -78.76 57.95 -31.73
CA CYS O 188 -79.13 57.77 -30.33
C CYS O 188 -79.07 59.08 -29.56
N LYS O 189 -78.03 59.88 -29.80
CA LYS O 189 -77.82 61.14 -29.08
C LYS O 189 -77.69 62.26 -30.11
N PRO O 190 -78.81 62.73 -30.66
CA PRO O 190 -78.75 63.79 -31.67
C PRO O 190 -78.39 65.14 -31.07
N VAL O 191 -78.90 65.42 -29.86
CA VAL O 191 -78.65 66.68 -29.18
C VAL O 191 -77.15 66.82 -28.89
N PRO O 192 -76.49 65.84 -28.28
CA PRO O 192 -75.03 65.96 -28.09
C PRO O 192 -74.27 66.05 -29.41
N PHE O 193 -74.80 65.51 -30.50
CA PHE O 193 -74.21 65.71 -31.81
C PHE O 193 -74.50 67.10 -32.37
N PHE O 194 -75.69 67.64 -32.09
CA PHE O 194 -76.04 68.96 -32.59
C PHE O 194 -75.26 70.06 -31.88
N LEU O 195 -74.91 69.88 -30.61
CA LEU O 195 -73.98 70.81 -29.97
C LEU O 195 -72.52 70.48 -30.22
N ARG O 196 -72.22 69.45 -31.03
CA ARG O 196 -70.84 69.17 -31.36
C ARG O 196 -70.26 70.17 -32.35
N GLY O 197 -71.08 70.67 -33.27
CA GLY O 197 -70.64 71.66 -34.23
C GLY O 197 -70.15 71.12 -35.54
N GLN O 198 -70.69 70.01 -36.01
CA GLN O 198 -70.29 69.42 -37.27
C GLN O 198 -71.51 69.13 -38.14
N PRO O 199 -71.35 69.19 -39.46
CA PRO O 199 -72.47 68.83 -40.34
C PRO O 199 -72.81 67.36 -40.24
N ILE O 200 -74.08 67.06 -40.51
CA ILE O 200 -74.57 65.68 -40.44
C ILE O 200 -73.92 64.86 -41.55
N PRO O 201 -73.20 63.80 -41.22
CA PRO O 201 -72.55 62.99 -42.26
C PRO O 201 -73.53 62.05 -42.95
N LYS O 202 -73.06 61.44 -44.02
CA LYS O 202 -73.85 60.48 -44.76
C LYS O 202 -73.95 59.17 -44.00
N ARG O 203 -74.98 58.38 -44.33
CA ARG O 203 -75.16 57.06 -43.75
C ARG O 203 -74.45 56.04 -44.63
N MET O 204 -73.44 55.36 -44.07
CA MET O 204 -72.67 54.41 -44.84
C MET O 204 -73.48 53.16 -45.17
N LEU O 205 -73.16 52.55 -46.30
CA LEU O 205 -73.82 51.34 -46.76
C LEU O 205 -73.44 50.16 -45.86
N PRO O 206 -74.32 49.16 -45.74
CA PRO O 206 -73.98 47.99 -44.95
C PRO O 206 -72.88 47.18 -45.62
N PRO O 207 -72.08 46.46 -44.83
CA PRO O 207 -71.02 45.63 -45.43
C PRO O 207 -71.58 44.43 -46.17
N GLU O 208 -70.72 43.71 -46.90
CA GLU O 208 -71.17 42.58 -47.70
C GLU O 208 -71.83 41.50 -46.87
N ALA O 209 -71.55 41.44 -45.57
CA ALA O 209 -72.21 40.45 -44.71
C ALA O 209 -73.68 40.80 -44.49
N LEU O 210 -74.03 42.07 -44.57
CA LEU O 210 -75.39 42.52 -44.30
C LEU O 210 -76.13 43.02 -45.53
N VAL O 211 -75.46 43.14 -46.68
CA VAL O 211 -76.16 43.52 -47.91
C VAL O 211 -77.28 42.53 -48.26
N PRO O 212 -77.06 41.21 -48.27
CA PRO O 212 -78.18 40.30 -48.59
C PRO O 212 -79.32 40.38 -47.60
N TYR O 213 -79.06 40.69 -46.33
CA TYR O 213 -80.13 40.76 -45.35
C TYR O 213 -81.05 41.94 -45.59
N TYR O 214 -80.50 43.08 -46.04
CA TYR O 214 -81.28 44.28 -46.30
C TYR O 214 -81.72 44.41 -47.75
N THR O 215 -81.26 43.53 -48.63
CA THR O 215 -81.67 43.53 -50.02
C THR O 215 -82.93 42.70 -50.27
N ASP O 216 -83.27 41.80 -49.34
CA ASP O 216 -84.42 40.92 -49.50
C ASP O 216 -85.69 41.59 -48.98
N ALA O 217 -86.84 41.06 -49.42
CA ALA O 217 -88.12 41.63 -49.06
C ALA O 217 -88.76 40.96 -47.86
N LYS O 218 -88.42 39.69 -47.59
CA LYS O 218 -89.04 38.98 -46.48
C LYS O 218 -88.67 39.58 -45.12
N ASN O 219 -87.50 40.17 -45.00
CA ASN O 219 -87.10 40.86 -43.78
C ASN O 219 -87.39 42.35 -43.82
N ARG O 220 -88.08 42.83 -44.85
CA ARG O 220 -88.43 44.24 -45.01
C ARG O 220 -87.17 45.12 -45.04
N GLY O 221 -86.30 44.79 -46.00
CA GLY O 221 -85.07 45.56 -46.13
C GLY O 221 -85.33 46.94 -46.70
N TYR O 222 -84.60 47.92 -46.18
CA TYR O 222 -84.76 49.29 -46.65
C TYR O 222 -84.17 49.50 -48.03
N LEU O 223 -83.26 48.62 -48.46
CA LEU O 223 -82.69 48.69 -49.80
C LEU O 223 -83.33 47.68 -50.74
N ALA O 224 -84.39 47.01 -50.31
CA ALA O 224 -85.05 46.00 -51.13
C ALA O 224 -85.94 46.65 -52.18
N ASP O 225 -86.38 45.84 -53.13
CA ASP O 225 -87.26 46.32 -54.18
C ASP O 225 -88.66 46.55 -53.62
N PRO O 226 -89.18 47.77 -53.65
CA PRO O 226 -90.52 48.02 -53.08
C PRO O 226 -91.64 47.27 -53.76
N ALA O 227 -91.48 46.88 -55.04
CA ALA O 227 -92.54 46.17 -55.73
C ALA O 227 -92.64 44.72 -55.26
N ARG O 228 -91.57 44.17 -54.70
CA ARG O 228 -91.59 42.86 -54.07
C ARG O 228 -92.26 42.88 -52.70
N PHE O 229 -92.43 44.07 -52.11
CA PHE O 229 -92.98 44.14 -50.74
C PHE O 229 -94.39 43.57 -50.64
N PRO O 230 -95.36 43.94 -51.50
CA PRO O 230 -96.70 43.36 -51.36
C PRO O 230 -96.72 41.85 -51.51
N GLU O 231 -95.85 41.29 -52.36
CA GLU O 231 -95.77 39.85 -52.49
C GLU O 231 -95.41 39.19 -51.16
N ALA O 232 -94.37 39.69 -50.50
CA ALA O 232 -93.95 39.12 -49.22
C ALA O 232 -94.99 39.36 -48.13
N ARG O 233 -95.64 40.52 -48.15
CA ARG O 233 -96.72 40.79 -47.20
C ARG O 233 -97.84 39.77 -47.36
N LEU O 234 -98.22 39.48 -48.61
CA LEU O 234 -99.28 38.51 -48.86
C LEU O 234 -98.84 37.10 -48.49
N GLU O 235 -97.55 36.78 -48.70
CA GLU O 235 -97.02 35.49 -48.27
C GLU O 235 -97.15 35.33 -46.76
N LEU O 236 -96.73 36.33 -46.00
CA LEU O 236 -96.86 36.25 -44.54
C LEU O 236 -98.32 36.17 -44.12
N ALA O 237 -99.19 36.94 -44.79
CA ALA O 237 -100.61 36.91 -44.46
C ALA O 237 -101.21 35.52 -44.68
N ARG O 238 -100.92 34.91 -45.84
CA ARG O 238 -101.46 33.58 -46.09
C ARG O 238 -100.83 32.54 -45.18
N LYS O 239 -99.58 32.75 -44.76
CA LYS O 239 -98.92 31.76 -43.91
C LYS O 239 -99.48 31.80 -42.49
N TYR O 240 -99.71 32.99 -41.95
CA TYR O 240 -100.19 33.12 -40.57
C TYR O 240 -101.71 33.20 -40.48
N GLY O 241 -102.42 33.16 -41.61
CA GLY O 241 -103.87 33.07 -41.56
C GLY O 241 -104.58 34.28 -41.00
N TYR O 242 -104.09 35.48 -41.29
CA TYR O 242 -104.75 36.71 -40.90
C TYR O 242 -105.06 37.54 -42.14
N VAL O 243 -106.21 38.22 -42.11
CA VAL O 243 -106.62 39.04 -43.25
C VAL O 243 -105.68 40.23 -43.38
N LEU O 244 -105.20 40.46 -44.60
CA LEU O 244 -104.28 41.56 -44.84
C LEU O 244 -105.08 42.85 -45.03
N PRO O 245 -104.92 43.84 -44.16
CA PRO O 245 -105.72 45.06 -44.28
C PRO O 245 -105.32 45.89 -45.50
N ASP O 246 -106.27 46.65 -46.01
CA ASP O 246 -106.02 47.58 -47.10
C ASP O 246 -105.41 48.84 -46.51
N ILE O 247 -104.08 48.87 -46.43
CA ILE O 247 -103.37 49.96 -45.77
C ILE O 247 -103.43 51.25 -46.58
N THR O 248 -103.60 51.18 -47.90
CA THR O 248 -103.64 52.38 -48.72
C THR O 248 -104.86 53.25 -48.43
N LYS O 249 -105.90 52.70 -47.80
CA LYS O 249 -107.13 53.43 -47.54
C LYS O 249 -107.20 53.98 -46.13
N ASP O 250 -106.11 53.94 -45.38
CA ASP O 250 -106.08 54.47 -44.04
C ASP O 250 -105.76 55.96 -44.04
N GLU O 251 -106.21 56.65 -43.00
CA GLU O 251 -105.97 58.09 -42.89
C GLU O 251 -104.52 58.42 -42.60
N LEU O 252 -103.77 57.49 -42.00
CA LEU O 252 -102.37 57.69 -41.67
C LEU O 252 -101.44 57.02 -42.67
N PHE O 253 -101.87 56.92 -43.94
CA PHE O 253 -101.07 56.23 -44.94
C PHE O 253 -99.75 56.95 -45.20
N LYS O 254 -99.77 58.29 -45.24
CA LYS O 254 -98.54 59.04 -45.45
C LYS O 254 -97.57 58.83 -44.29
N MET O 255 -98.06 58.83 -43.05
CA MET O 255 -97.21 58.55 -41.90
C MET O 255 -96.63 57.15 -41.97
N LEU O 256 -97.45 56.16 -42.35
CA LEU O 256 -96.97 54.79 -42.44
C LEU O 256 -95.95 54.61 -43.56
N SER O 257 -96.09 55.38 -44.64
CA SER O 257 -95.18 55.27 -45.78
C SER O 257 -94.00 56.23 -45.70
N THR O 258 -93.93 57.07 -44.67
CA THR O 258 -92.81 57.99 -44.50
C THR O 258 -91.53 57.17 -44.32
N ARG O 259 -90.57 57.36 -45.22
CA ARG O 259 -89.30 56.65 -45.21
C ARG O 259 -88.13 57.61 -44.98
N LYS O 260 -86.96 57.00 -44.79
CA LYS O 260 -85.69 57.69 -44.73
C LYS O 260 -84.85 57.30 -45.94
N ASP O 261 -84.14 58.27 -46.49
CA ASP O 261 -83.18 57.99 -47.54
C ASP O 261 -82.06 57.11 -46.98
N PRO O 262 -81.52 56.19 -47.78
CA PRO O 262 -80.43 55.33 -47.27
C PRO O 262 -79.21 56.11 -46.81
N ARG O 263 -78.98 57.31 -47.33
CA ARG O 263 -77.92 58.18 -46.84
C ARG O 263 -78.38 59.15 -45.77
N GLN O 264 -79.68 59.18 -45.47
CA GLN O 264 -80.23 60.11 -44.50
C GLN O 264 -80.25 59.50 -43.11
N ILE O 265 -80.07 60.33 -42.09
CA ILE O 265 -80.00 59.87 -40.71
C ILE O 265 -81.36 60.07 -40.04
N PHE O 266 -81.83 61.32 -39.99
CA PHE O 266 -83.02 61.68 -39.25
C PHE O 266 -84.23 61.76 -40.19
N PHE O 267 -85.37 62.20 -39.65
CA PHE O 267 -86.59 62.39 -40.42
C PHE O 267 -86.67 63.84 -40.88
N GLY O 268 -86.69 64.04 -42.20
CA GLY O 268 -86.84 65.37 -42.76
C GLY O 268 -85.57 66.17 -42.91
N LEU O 269 -84.47 65.73 -42.28
CA LEU O 269 -83.20 66.42 -42.41
C LEU O 269 -82.40 65.83 -43.56
N ALA O 270 -81.29 66.48 -43.89
CA ALA O 270 -80.43 66.03 -44.97
C ALA O 270 -78.99 66.05 -44.50
N PRO O 271 -78.15 65.14 -45.02
CA PRO O 271 -76.72 65.17 -44.66
C PRO O 271 -76.08 66.47 -45.12
N GLY O 272 -75.24 67.02 -44.25
CA GLY O 272 -74.55 68.27 -44.51
C GLY O 272 -75.16 69.49 -43.85
N TRP O 273 -76.35 69.38 -43.27
CA TRP O 273 -76.98 70.50 -42.59
C TRP O 273 -76.41 70.68 -41.20
N VAL O 274 -76.18 71.93 -40.81
CA VAL O 274 -75.72 72.28 -39.48
C VAL O 274 -76.89 72.88 -38.73
N VAL O 275 -77.27 72.25 -37.62
CA VAL O 275 -78.43 72.68 -36.84
C VAL O 275 -77.92 73.59 -35.72
N ASN O 276 -78.05 74.90 -35.91
CA ASN O 276 -77.68 75.88 -34.89
C ASN O 276 -78.86 76.02 -33.95
N MET O 277 -78.78 75.35 -32.79
CA MET O 277 -79.88 75.35 -31.85
C MET O 277 -80.00 76.65 -31.06
N ALA O 278 -78.92 77.41 -30.92
CA ALA O 278 -78.99 78.68 -30.21
C ALA O 278 -79.83 79.70 -30.96
N ASP O 279 -79.68 79.77 -32.28
CA ASP O 279 -80.44 80.69 -33.11
C ASP O 279 -81.64 80.03 -33.78
N LYS O 280 -81.88 78.74 -33.53
CA LYS O 280 -82.97 78.00 -34.15
C LYS O 280 -82.90 78.07 -35.68
N LYS O 281 -81.70 77.83 -36.21
CA LYS O 281 -81.44 77.96 -37.63
C LYS O 281 -80.85 76.68 -38.20
N ILE O 282 -80.98 76.54 -39.51
CA ILE O 282 -80.39 75.44 -40.26
C ILE O 282 -79.49 76.02 -41.33
N LEU O 283 -78.24 75.58 -41.36
CA LEU O 283 -77.26 76.02 -42.35
C LEU O 283 -77.06 74.90 -43.36
N LYS O 284 -77.32 75.19 -44.64
CA LYS O 284 -77.21 74.20 -45.69
C LYS O 284 -76.09 74.54 -46.65
N PRO O 285 -75.29 73.56 -47.07
CA PRO O 285 -74.25 73.83 -48.06
C PRO O 285 -74.84 74.17 -49.42
N THR O 286 -74.08 74.99 -50.16
CA THR O 286 -74.47 75.40 -51.50
C THR O 286 -73.44 75.01 -52.55
N ASP O 287 -72.17 74.83 -52.16
CA ASP O 287 -71.13 74.48 -53.11
C ASP O 287 -71.46 73.18 -53.85
N GLU O 288 -71.13 73.16 -55.14
CA GLU O 288 -71.44 72.00 -55.97
C GLU O 288 -70.72 70.76 -55.46
N ASN O 289 -69.44 70.89 -55.10
CA ASN O 289 -68.69 69.75 -54.62
C ASN O 289 -69.22 69.25 -53.28
N LEU O 290 -69.57 70.18 -52.39
CA LEU O 290 -70.14 69.79 -51.09
C LEU O 290 -71.46 69.06 -51.28
N LEU O 291 -72.32 69.57 -52.15
CA LEU O 291 -73.60 68.92 -52.40
C LEU O 291 -73.42 67.55 -53.03
N LYS O 292 -72.48 67.43 -53.98
CA LYS O 292 -72.21 66.14 -54.60
C LYS O 292 -71.69 65.13 -53.58
N TYR O 293 -70.79 65.56 -52.70
CA TYR O 293 -70.26 64.68 -51.67
C TYR O 293 -71.36 64.25 -50.70
N TYR O 294 -72.23 65.18 -50.30
CA TYR O 294 -73.27 64.87 -49.33
C TYR O 294 -74.42 64.08 -49.92
N SER O 295 -74.60 64.11 -51.24
CA SER O 295 -75.66 63.36 -51.90
C SER O 295 -75.16 62.12 -52.62
N SER O 296 -73.86 61.86 -52.61
CA SER O 296 -73.32 60.68 -53.28
C SER O 296 -73.72 59.40 -52.54
N PHE P 30 -42.02 -55.25 58.51
CA PHE P 30 -42.92 -55.90 57.56
C PHE P 30 -43.71 -54.86 56.77
N LYS P 31 -43.81 -55.07 55.45
CA LYS P 31 -44.55 -54.17 54.58
C LYS P 31 -45.35 -54.98 53.58
N THR P 32 -46.43 -54.37 53.10
CA THR P 32 -47.34 -55.06 52.19
C THR P 32 -46.83 -54.98 50.75
N LEU P 33 -46.89 -56.11 50.06
CA LEU P 33 -46.50 -56.17 48.65
C LEU P 33 -47.60 -55.60 47.77
N LEU P 34 -47.18 -54.92 46.70
CA LEU P 34 -48.12 -54.34 45.75
C LEU P 34 -47.83 -54.86 44.34
N PRO P 35 -48.87 -55.10 43.55
CA PRO P 35 -48.66 -55.68 42.21
C PRO P 35 -48.01 -54.68 41.26
N VAL P 36 -47.26 -55.21 40.30
CA VAL P 36 -46.63 -54.42 39.25
C VAL P 36 -47.56 -54.30 38.04
N PRO P 37 -47.81 -53.09 37.54
CA PRO P 37 -48.41 -52.95 36.20
C PRO P 37 -47.40 -53.41 35.15
N THR P 38 -47.71 -54.52 34.49
CA THR P 38 -46.83 -55.07 33.46
C THR P 38 -47.27 -54.56 32.10
N PHE P 39 -46.31 -54.17 31.27
CA PHE P 39 -46.58 -53.55 29.98
C PHE P 39 -46.33 -54.58 28.89
N GLU P 40 -47.41 -55.30 28.53
CA GLU P 40 -47.33 -56.33 27.50
C GLU P 40 -47.84 -55.88 26.14
N ASP P 41 -48.65 -54.83 26.09
CA ASP P 41 -49.21 -54.32 24.83
C ASP P 41 -48.35 -53.22 24.21
N VAL P 42 -47.09 -53.11 24.61
CA VAL P 42 -46.18 -52.09 24.11
C VAL P 42 -45.17 -52.76 23.19
N ALA P 43 -45.12 -52.31 21.94
CA ALA P 43 -44.17 -52.81 20.96
C ALA P 43 -43.22 -51.69 20.58
N ILE P 44 -41.92 -51.92 20.78
CA ILE P 44 -40.90 -50.93 20.46
C ILE P 44 -40.63 -50.95 18.96
N PRO P 45 -40.85 -49.86 18.25
CA PRO P 45 -40.62 -49.85 16.80
C PRO P 45 -39.13 -49.76 16.47
N GLU P 46 -38.84 -49.99 15.20
CA GLU P 46 -37.47 -49.86 14.72
C GLU P 46 -37.02 -48.41 14.78
N LYS P 47 -35.72 -48.23 15.04
CA LYS P 47 -35.11 -46.91 15.20
C LYS P 47 -35.83 -46.13 16.29
N PRO P 48 -35.71 -46.54 17.56
CA PRO P 48 -36.40 -45.81 18.63
C PRO P 48 -35.79 -44.45 18.94
N LYS P 49 -34.59 -44.18 18.47
CA LYS P 49 -33.92 -42.92 18.79
C LYS P 49 -34.47 -41.78 17.92
N LEU P 50 -34.27 -40.56 18.39
CA LEU P 50 -34.76 -39.39 17.67
C LEU P 50 -33.99 -39.20 16.37
N ARG P 51 -34.72 -38.81 15.33
CA ARG P 51 -34.11 -38.63 14.02
C ARG P 51 -33.40 -37.28 13.93
N PHE P 52 -32.35 -37.26 13.13
CA PHE P 52 -31.58 -36.03 12.92
C PHE P 52 -32.40 -35.01 12.15
N VAL P 53 -32.33 -33.75 12.58
CA VAL P 53 -33.04 -32.65 11.94
C VAL P 53 -32.02 -31.69 11.34
N GLU P 54 -32.40 -31.10 10.21
CA GLU P 54 -31.52 -30.22 9.47
C GLU P 54 -31.74 -28.77 9.91
N ARG P 55 -30.64 -28.01 9.97
CA ARG P 55 -30.73 -26.59 10.31
C ARG P 55 -31.55 -25.83 9.28
N VAL P 56 -31.43 -26.19 8.00
CA VAL P 56 -32.12 -25.52 6.91
C VAL P 56 -32.84 -26.59 6.10
N PRO P 57 -34.09 -26.39 5.71
CA PRO P 57 -34.77 -27.39 4.87
C PRO P 57 -34.10 -27.53 3.52
N LEU P 58 -34.34 -28.68 2.89
CA LEU P 58 -33.72 -28.97 1.60
C LEU P 58 -34.10 -27.94 0.55
N VAL P 59 -35.30 -27.38 0.65
CA VAL P 59 -35.71 -26.28 -0.23
C VAL P 59 -35.75 -25.00 0.60
N PRO P 60 -34.80 -24.09 0.41
CA PRO P 60 -34.77 -22.88 1.25
C PRO P 60 -35.77 -21.84 0.77
N LYS P 61 -36.37 -21.13 1.72
CA LYS P 61 -37.35 -20.11 1.39
C LYS P 61 -36.63 -18.88 0.84
N VAL P 62 -36.82 -18.61 -0.46
CA VAL P 62 -36.14 -17.49 -1.08
C VAL P 62 -36.85 -16.17 -0.77
N ARG P 63 -38.16 -16.21 -0.53
CA ARG P 63 -38.91 -14.99 -0.25
C ARG P 63 -38.95 -14.74 1.25
N ARG P 64 -38.39 -13.62 1.68
CA ARG P 64 -38.42 -13.26 3.09
C ARG P 64 -39.84 -12.94 3.52
N GLU P 65 -40.24 -13.43 4.70
CA GLU P 65 -41.59 -13.25 5.20
C GLU P 65 -41.57 -12.43 6.48
N ARG P 66 -42.72 -11.81 6.76
CA ARG P 66 -42.89 -11.03 7.98
C ARG P 66 -42.93 -11.93 9.20
N LYS P 67 -42.38 -11.45 10.31
CA LYS P 67 -42.32 -12.23 11.54
C LYS P 67 -43.67 -12.11 12.25
N ASN P 68 -44.60 -12.98 11.88
CA ASN P 68 -45.89 -13.02 12.56
C ASN P 68 -45.70 -13.56 13.97
N LEU P 69 -46.24 -12.83 14.95
CA LEU P 69 -46.21 -13.24 16.34
C LEU P 69 -47.48 -13.96 16.77
N SER P 70 -48.47 -14.07 15.88
CA SER P 70 -49.67 -14.83 16.18
C SER P 70 -49.40 -16.33 16.28
N ASP P 71 -48.30 -16.80 15.67
CA ASP P 71 -47.91 -18.19 15.83
C ASP P 71 -47.35 -18.50 17.20
N ILE P 72 -47.08 -17.48 18.01
CA ILE P 72 -46.73 -17.66 19.41
C ILE P 72 -47.88 -17.26 20.33
N ARG P 73 -48.56 -16.16 20.04
CA ARG P 73 -49.61 -15.66 20.92
C ARG P 73 -50.79 -16.64 20.94
N GLY P 74 -51.34 -16.86 22.13
CA GLY P 74 -52.52 -17.68 22.29
C GLY P 74 -52.20 -19.14 22.54
N PRO P 75 -53.24 -19.91 22.90
CA PRO P 75 -53.05 -21.34 23.14
C PRO P 75 -52.79 -22.11 21.86
N SER P 76 -52.15 -23.26 22.02
CA SER P 76 -51.85 -24.13 20.90
C SER P 76 -53.08 -24.92 20.48
N THR P 77 -53.29 -25.02 19.16
CA THR P 77 -54.40 -25.79 18.61
C THR P 77 -53.98 -27.17 18.13
N GLU P 78 -52.76 -27.31 17.63
CA GLU P 78 -52.26 -28.59 17.13
C GLU P 78 -51.27 -29.20 18.11
N ALA P 79 -51.10 -30.51 17.99
CA ALA P 79 -50.15 -31.29 18.81
C ALA P 79 -50.44 -31.09 20.30
N THR P 80 -51.72 -31.15 20.66
CA THR P 80 -52.13 -30.97 22.05
C THR P 80 -52.46 -32.29 22.75
N GLU P 81 -52.49 -33.40 22.03
CA GLU P 81 -52.83 -34.70 22.59
C GLU P 81 -51.79 -35.74 22.19
N PHE P 82 -51.71 -36.80 22.99
CA PHE P 82 -50.78 -37.89 22.73
C PHE P 82 -51.22 -38.70 21.51
N THR P 83 -50.25 -39.14 20.72
CA THR P 83 -50.53 -39.94 19.52
C THR P 83 -50.32 -41.43 19.78
N GLU P 84 -49.11 -41.84 20.15
CA GLU P 84 -48.85 -43.23 20.46
C GLU P 84 -48.01 -43.36 21.73
N GLY P 85 -47.34 -42.29 22.13
CA GLY P 85 -46.55 -42.29 23.33
C GLY P 85 -47.38 -42.14 24.58
N ARG P 86 -46.70 -42.20 25.73
CA ARG P 86 -47.34 -42.07 27.02
C ARG P 86 -46.81 -40.91 27.85
N PHE P 87 -45.63 -40.38 27.53
CA PHE P 87 -45.10 -39.21 28.20
C PHE P 87 -44.78 -38.16 27.15
N ALA P 88 -44.63 -36.91 27.59
CA ALA P 88 -44.35 -35.82 26.66
C ALA P 88 -43.74 -34.65 27.41
N ILE P 89 -43.18 -33.73 26.64
CA ILE P 89 -42.69 -32.45 27.15
C ILE P 89 -43.75 -31.40 26.82
N LEU P 90 -44.49 -30.97 27.84
CA LEU P 90 -45.55 -29.98 27.67
C LEU P 90 -44.99 -28.59 27.88
N ALA P 91 -45.32 -27.68 26.95
CA ALA P 91 -44.84 -26.31 26.99
C ALA P 91 -45.91 -25.42 27.63
N LEU P 92 -45.55 -24.74 28.72
CA LEU P 92 -46.46 -23.82 29.39
C LEU P 92 -46.37 -22.40 28.83
N GLY P 93 -45.55 -22.16 27.81
CA GLY P 93 -45.43 -20.85 27.21
C GLY P 93 -45.05 -20.96 25.75
N GLY P 94 -44.99 -19.81 25.09
CA GLY P 94 -44.65 -19.76 23.68
C GLY P 94 -43.19 -19.44 23.45
N GLY P 95 -42.69 -19.75 22.25
CA GLY P 95 -41.30 -19.47 21.95
C GLY P 95 -40.93 -19.97 20.57
N TYR P 96 -39.63 -19.91 20.31
CA TYR P 96 -39.04 -20.37 19.06
C TYR P 96 -38.00 -21.46 19.36
N LEU P 97 -38.05 -22.55 18.60
CA LEU P 97 -37.10 -23.64 18.75
C LEU P 97 -36.25 -23.72 17.49
N HIS P 98 -34.95 -23.48 17.64
CA HIS P 98 -34.04 -23.51 16.51
C HIS P 98 -33.11 -24.73 16.62
N TRP P 99 -32.15 -24.80 15.70
CA TRP P 99 -31.33 -26.00 15.56
C TRP P 99 -30.54 -26.31 16.83
N GLY P 100 -30.13 -25.29 17.58
CA GLY P 100 -29.42 -25.55 18.82
C GLY P 100 -30.28 -26.30 19.82
N HIS P 101 -31.52 -25.84 20.01
CA HIS P 101 -32.45 -26.55 20.90
C HIS P 101 -32.75 -27.94 20.37
N PHE P 102 -32.94 -28.06 19.06
CA PHE P 102 -33.26 -29.37 18.49
C PHE P 102 -32.13 -30.36 18.73
N GLU P 103 -30.88 -29.93 18.50
CA GLU P 103 -29.74 -30.80 18.74
C GLU P 103 -29.59 -31.12 20.22
N MET P 104 -29.81 -30.13 21.09
CA MET P 104 -29.74 -30.38 22.53
C MET P 104 -30.70 -31.50 22.93
N MET P 105 -31.97 -31.35 22.55
CA MET P 105 -32.97 -32.35 22.92
C MET P 105 -32.65 -33.71 22.30
N ARG P 106 -32.28 -33.73 21.02
CA ARG P 106 -32.00 -34.99 20.35
C ARG P 106 -30.85 -35.73 21.04
N LEU P 107 -29.73 -35.05 21.26
CA LEU P 107 -28.58 -35.70 21.88
C LEU P 107 -28.89 -36.13 23.31
N THR P 108 -29.58 -35.29 24.08
CA THR P 108 -29.88 -35.64 25.46
C THR P 108 -30.77 -36.87 25.54
N ILE P 109 -31.83 -36.91 24.73
CA ILE P 109 -32.73 -38.05 24.74
C ILE P 109 -32.01 -39.32 24.26
N ASN P 110 -31.21 -39.20 23.19
CA ASN P 110 -30.52 -40.37 22.67
C ASN P 110 -29.55 -40.93 23.69
N ARG P 111 -28.83 -40.07 24.41
CA ARG P 111 -27.85 -40.53 25.38
C ARG P 111 -28.48 -41.02 26.68
N SER P 112 -29.64 -40.46 27.08
CA SER P 112 -30.24 -40.81 28.37
C SER P 112 -31.45 -41.71 28.24
N MET P 113 -31.74 -42.25 27.05
CA MET P 113 -32.89 -43.10 26.84
C MET P 113 -32.46 -44.53 26.52
N ASP P 114 -33.19 -45.49 27.05
CA ASP P 114 -32.95 -46.90 26.80
C ASP P 114 -33.51 -47.27 25.43
N PRO P 115 -32.69 -47.71 24.48
CA PRO P 115 -33.20 -48.05 23.15
C PRO P 115 -34.01 -49.33 23.11
N LYS P 116 -33.87 -50.22 24.09
CA LYS P 116 -34.57 -51.50 24.07
C LYS P 116 -35.96 -51.40 24.68
N ASN P 117 -36.21 -50.43 25.55
CA ASN P 117 -37.47 -50.34 26.26
C ASN P 117 -38.19 -49.01 26.07
N MET P 118 -37.56 -48.03 25.42
CA MET P 118 -38.18 -46.72 25.23
C MET P 118 -37.98 -46.25 23.81
N PHE P 119 -38.88 -45.37 23.36
CA PHE P 119 -38.77 -44.73 22.06
C PHE P 119 -39.28 -43.32 22.17
N ALA P 120 -38.74 -42.43 21.34
CA ALA P 120 -39.05 -41.01 21.35
C ALA P 120 -39.46 -40.54 19.97
N LEU P 121 -40.24 -39.46 19.94
CA LEU P 121 -40.77 -38.92 18.69
C LEU P 121 -40.84 -37.40 18.80
N TRP P 122 -40.62 -36.74 17.66
CA TRP P 122 -40.83 -35.31 17.56
C TRP P 122 -42.30 -35.00 17.41
N ARG P 123 -42.74 -33.90 18.02
CA ARG P 123 -44.07 -33.36 17.82
C ARG P 123 -44.04 -31.96 17.21
N VAL P 124 -42.85 -31.41 17.01
CA VAL P 124 -42.67 -30.11 16.37
C VAL P 124 -41.94 -30.34 15.05
N PRO P 125 -42.33 -29.67 13.97
CA PRO P 125 -41.64 -29.89 12.69
C PRO P 125 -40.26 -29.26 12.67
N ALA P 126 -39.52 -29.50 11.59
CA ALA P 126 -38.20 -28.92 11.44
C ALA P 126 -38.30 -27.41 11.31
N PRO P 127 -37.25 -26.68 11.71
CA PRO P 127 -37.29 -25.21 11.60
C PRO P 127 -37.53 -24.76 10.17
N PHE P 128 -38.65 -24.05 9.97
CA PHE P 128 -39.06 -23.62 8.64
C PHE P 128 -39.29 -22.12 8.52
N LYS P 129 -39.47 -21.40 9.62
CA LYS P 129 -39.71 -19.95 9.53
C LYS P 129 -38.38 -19.21 9.47
N PRO P 130 -38.08 -18.54 8.36
CA PRO P 130 -36.81 -17.80 8.28
C PRO P 130 -36.83 -16.55 9.15
N ILE P 131 -35.65 -16.22 9.67
CA ILE P 131 -35.45 -15.01 10.47
C ILE P 131 -34.38 -14.17 9.80
N THR P 132 -34.68 -12.90 9.56
CA THR P 132 -33.77 -12.00 8.87
C THR P 132 -32.98 -11.16 9.88
N ARG P 133 -31.68 -11.05 9.62
CA ARG P 133 -30.78 -10.28 10.48
C ARG P 133 -30.07 -9.24 9.63
N LYS P 134 -29.72 -8.12 10.27
CA LYS P 134 -28.98 -7.05 9.64
C LYS P 134 -27.63 -6.88 10.32
N GLY P 135 -26.59 -6.67 9.51
CA GLY P 135 -25.26 -6.51 10.05
C GLY P 135 -25.11 -5.23 10.84
N MET P 136 -24.12 -5.23 11.73
CA MET P 136 -23.86 -4.08 12.58
C MET P 136 -23.34 -2.91 11.75
N GLY P 137 -23.74 -1.71 12.14
CA GLY P 137 -23.35 -0.50 11.44
C GLY P 137 -24.32 -0.02 10.39
N GLN P 138 -25.40 -0.74 10.14
CA GLN P 138 -26.40 -0.34 9.16
C GLN P 138 -27.48 0.50 9.85
N ARG P 139 -27.73 1.69 9.31
CA ARG P 139 -28.82 2.51 9.81
C ARG P 139 -30.15 1.86 9.47
N MET P 140 -31.21 2.36 10.09
CA MET P 140 -32.52 1.75 9.91
C MET P 140 -33.09 2.07 8.54
N GLY P 141 -33.89 1.15 8.03
CA GLY P 141 -34.40 1.24 6.68
C GLY P 141 -33.54 0.45 5.70
N GLY P 142 -33.71 0.79 4.42
CA GLY P 142 -32.97 0.14 3.37
C GLY P 142 -33.59 -1.14 2.84
N GLY P 143 -34.52 -1.74 3.58
CA GLY P 143 -35.20 -2.94 3.19
C GLY P 143 -35.03 -4.02 4.22
N LYS P 144 -35.44 -5.24 3.84
CA LYS P 144 -35.30 -6.39 4.72
C LYS P 144 -33.84 -6.83 4.78
N GLY P 145 -33.51 -7.53 5.87
CA GLY P 145 -32.17 -8.05 6.06
C GLY P 145 -31.94 -9.32 5.27
N ALA P 146 -31.00 -10.12 5.75
CA ALA P 146 -30.66 -11.40 5.14
C ALA P 146 -31.09 -12.54 6.05
N ILE P 147 -31.57 -13.63 5.46
CA ILE P 147 -32.05 -14.77 6.22
C ILE P 147 -30.86 -15.39 6.94
N ASP P 148 -30.91 -15.40 8.27
CA ASP P 148 -29.81 -15.92 9.08
C ASP P 148 -30.03 -17.39 9.43
N HIS P 149 -31.15 -17.71 10.07
CA HIS P 149 -31.44 -19.07 10.48
C HIS P 149 -32.94 -19.30 10.43
N TYR P 150 -33.36 -20.50 10.81
CA TYR P 150 -34.76 -20.89 10.80
C TYR P 150 -35.16 -21.38 12.19
N VAL P 151 -36.43 -21.15 12.53
CA VAL P 151 -36.96 -21.53 13.83
C VAL P 151 -38.32 -22.20 13.64
N THR P 152 -38.76 -22.89 14.67
CA THR P 152 -40.11 -23.47 14.73
C THR P 152 -40.89 -22.73 15.81
N PRO P 153 -41.99 -22.05 15.46
CA PRO P 153 -42.81 -21.41 16.50
C PRO P 153 -43.60 -22.45 17.28
N VAL P 154 -43.62 -22.29 18.60
CA VAL P 154 -44.33 -23.19 19.49
C VAL P 154 -45.22 -22.35 20.40
N LYS P 155 -46.49 -22.73 20.51
CA LYS P 155 -47.43 -22.06 21.40
C LYS P 155 -47.44 -22.75 22.76
N ALA P 156 -48.22 -22.20 23.68
CA ALA P 156 -48.37 -22.80 25.00
C ALA P 156 -49.31 -23.98 24.93
N GLY P 157 -48.93 -25.08 25.58
CA GLY P 157 -49.74 -26.29 25.59
C GLY P 157 -49.43 -27.28 24.51
N ARG P 158 -48.36 -27.08 23.73
CA ARG P 158 -47.99 -27.96 22.65
C ARG P 158 -46.85 -28.87 23.08
N LEU P 159 -46.98 -30.16 22.76
CA LEU P 159 -45.95 -31.13 23.08
C LEU P 159 -44.75 -30.98 22.15
N ILE P 160 -43.56 -31.21 22.70
CA ILE P 160 -42.32 -31.08 21.93
C ILE P 160 -41.77 -32.45 21.60
N VAL P 161 -41.51 -33.25 22.63
CA VAL P 161 -41.03 -34.62 22.47
C VAL P 161 -42.01 -35.55 23.17
N GLU P 162 -42.45 -36.58 22.46
CA GLU P 162 -43.38 -37.56 23.00
C GLU P 162 -42.70 -38.93 23.03
N MET P 163 -42.74 -39.57 24.19
CA MET P 163 -42.04 -40.84 24.39
C MET P 163 -43.00 -41.92 24.84
N GLY P 164 -42.63 -43.17 24.55
CA GLY P 164 -43.38 -44.32 24.99
C GLY P 164 -42.45 -45.48 25.26
N GLY P 165 -43.03 -46.56 25.76
CA GLY P 165 -42.28 -47.77 26.02
C GLY P 165 -42.84 -48.49 27.23
N ARG P 166 -42.04 -49.46 27.71
CA ARG P 166 -42.41 -50.29 28.84
C ARG P 166 -41.79 -49.82 30.15
N CYS P 167 -41.58 -48.51 30.30
CA CYS P 167 -40.97 -47.94 31.49
C CYS P 167 -42.01 -47.18 32.31
N GLU P 168 -41.61 -46.81 33.52
CA GLU P 168 -42.46 -46.04 34.41
C GLU P 168 -42.36 -44.56 34.09
N PHE P 169 -43.00 -43.73 34.92
CA PHE P 169 -43.00 -42.30 34.71
C PHE P 169 -41.88 -41.58 35.46
N LYS P 170 -41.34 -42.18 36.52
CA LYS P 170 -40.36 -41.49 37.35
C LYS P 170 -39.06 -41.22 36.60
N GLU P 171 -38.53 -42.23 35.90
CA GLU P 171 -37.24 -42.07 35.22
C GLU P 171 -37.35 -41.14 34.02
N VAL P 172 -38.42 -41.27 33.22
CA VAL P 172 -38.58 -40.40 32.06
C VAL P 172 -38.77 -38.96 32.51
N GLN P 173 -39.55 -38.74 33.57
CA GLN P 173 -39.66 -37.39 34.12
C GLN P 173 -38.32 -36.89 34.61
N GLY P 174 -37.54 -37.77 35.25
CA GLY P 174 -36.26 -37.36 35.79
C GLY P 174 -35.30 -36.88 34.71
N PHE P 175 -35.22 -37.59 33.60
CA PHE P 175 -34.28 -37.18 32.54
C PHE P 175 -34.93 -36.30 31.48
N LEU P 176 -36.23 -36.00 31.60
CA LEU P 176 -36.88 -35.03 30.74
C LEU P 176 -37.01 -33.65 31.38
N ASP P 177 -36.94 -33.57 32.71
CA ASP P 177 -36.99 -32.27 33.37
C ASP P 177 -35.81 -31.40 32.99
N LEU P 178 -34.64 -32.00 32.79
CA LEU P 178 -33.48 -31.23 32.35
C LEU P 178 -33.71 -30.61 30.98
N VAL P 179 -34.27 -31.39 30.06
CA VAL P 179 -34.57 -30.87 28.72
C VAL P 179 -35.62 -29.78 28.81
N ALA P 180 -36.65 -29.99 29.63
CA ALA P 180 -37.68 -28.97 29.78
C ALA P 180 -37.11 -27.67 30.33
N HIS P 181 -36.23 -27.77 31.33
CA HIS P 181 -35.60 -26.57 31.89
C HIS P 181 -34.71 -25.88 30.86
N LYS P 182 -33.93 -26.64 30.11
CA LYS P 182 -33.06 -26.04 29.11
C LYS P 182 -33.83 -25.47 27.92
N LEU P 183 -35.08 -25.87 27.74
CA LEU P 183 -35.91 -25.28 26.71
C LEU P 183 -36.16 -23.80 27.02
N PRO P 184 -36.32 -22.97 25.98
CA PRO P 184 -36.54 -21.52 26.22
C PRO P 184 -37.80 -21.24 27.02
N PHE P 185 -38.94 -21.71 26.50
CA PHE P 185 -40.19 -21.54 27.23
C PHE P 185 -40.22 -22.48 28.43
N PRO P 186 -40.99 -22.14 29.47
CA PRO P 186 -41.18 -23.09 30.57
C PRO P 186 -41.85 -24.36 30.06
N ALA P 187 -41.40 -25.49 30.59
CA ALA P 187 -41.91 -26.78 30.15
C ALA P 187 -41.83 -27.78 31.30
N LYS P 188 -42.62 -28.84 31.20
CA LYS P 188 -42.64 -29.90 32.18
C LYS P 188 -42.69 -31.27 31.51
N ALA P 189 -42.22 -32.28 32.24
CA ALA P 189 -42.28 -33.67 31.78
C ALA P 189 -43.59 -34.27 32.29
N VAL P 190 -44.60 -34.28 31.42
CA VAL P 190 -45.92 -34.74 31.80
C VAL P 190 -46.17 -36.10 31.18
N SER P 191 -47.25 -36.74 31.61
CA SER P 191 -47.74 -37.99 31.04
C SER P 191 -49.21 -37.82 30.72
N ARG P 192 -49.84 -38.90 30.24
CA ARG P 192 -51.28 -38.87 30.02
C ARG P 192 -52.02 -38.61 31.33
N GLU P 193 -51.65 -39.34 32.38
CA GLU P 193 -52.30 -39.19 33.67
C GLU P 193 -52.05 -37.79 34.26
N THR P 194 -50.82 -37.31 34.17
CA THR P 194 -50.51 -35.99 34.71
C THR P 194 -51.24 -34.88 33.95
N LEU P 195 -51.27 -34.98 32.63
CA LEU P 195 -51.97 -33.97 31.83
C LEU P 195 -53.46 -33.98 32.15
N GLU P 196 -54.05 -35.17 32.24
CA GLU P 196 -55.47 -35.26 32.59
C GLU P 196 -55.72 -34.70 33.98
N LYS P 197 -54.85 -35.02 34.94
CA LYS P 197 -55.02 -34.52 36.30
C LYS P 197 -54.98 -33.00 36.33
N MET P 198 -54.03 -32.40 35.62
CA MET P 198 -53.96 -30.94 35.60
C MET P 198 -55.16 -30.33 34.92
N ARG P 199 -55.63 -30.91 33.81
CA ARG P 199 -56.80 -30.33 33.14
C ARG P 199 -58.04 -30.41 34.02
N LYS P 200 -58.24 -31.53 34.70
CA LYS P 200 -59.37 -31.62 35.62
C LYS P 200 -59.21 -30.67 36.81
N ASP P 201 -57.98 -30.48 37.30
CA ASP P 201 -57.78 -29.53 38.40
C ASP P 201 -58.11 -28.11 37.96
N GLN P 202 -57.70 -27.73 36.75
CA GLN P 202 -58.05 -26.42 36.21
C GLN P 202 -59.55 -26.27 36.05
N GLU P 203 -60.21 -27.30 35.54
CA GLU P 203 -61.67 -27.26 35.40
C GLU P 203 -62.34 -27.10 36.75
N GLU P 204 -61.89 -27.86 37.75
CA GLU P 204 -62.47 -27.76 39.09
C GLU P 204 -62.25 -26.38 39.68
N ARG P 205 -61.06 -25.81 39.50
CA ARG P 205 -60.79 -24.47 40.02
C ARG P 205 -61.69 -23.43 39.36
N GLU P 206 -61.80 -23.46 38.03
CA GLU P 206 -62.61 -22.46 37.36
C GLU P 206 -64.11 -22.70 37.56
N ARG P 207 -64.50 -23.89 38.00
CA ARG P 207 -65.90 -24.15 38.32
C ARG P 207 -66.26 -23.79 39.76
N ASN P 208 -65.33 -23.95 40.71
CA ASN P 208 -65.59 -23.61 42.09
C ASN P 208 -65.01 -22.26 42.49
N ASN P 209 -64.58 -21.45 41.52
CA ASN P 209 -64.18 -20.07 41.79
C ASN P 209 -65.29 -19.35 42.55
N GLN P 210 -64.90 -18.63 43.61
CA GLN P 210 -65.88 -18.05 44.52
C GLN P 210 -66.33 -16.67 44.12
N ASN P 211 -65.42 -15.80 43.70
CA ASN P 211 -65.79 -14.44 43.36
C ASN P 211 -66.67 -14.41 42.11
N PRO P 212 -67.79 -13.68 42.15
CA PRO P 212 -68.70 -13.68 40.98
C PRO P 212 -68.10 -13.02 39.75
N TRP P 213 -67.05 -12.21 39.89
CA TRP P 213 -66.48 -11.47 38.78
C TRP P 213 -65.33 -12.28 38.18
N THR P 214 -65.44 -12.56 36.87
CA THR P 214 -64.41 -13.28 36.14
C THR P 214 -64.03 -12.51 34.89
N PHE P 215 -62.79 -12.77 34.43
CA PHE P 215 -62.30 -12.11 33.23
C PHE P 215 -63.18 -12.41 32.03
N GLU P 216 -63.58 -13.66 31.86
CA GLU P 216 -64.44 -14.02 30.75
C GLU P 216 -65.76 -13.26 30.80
N ARG P 217 -66.41 -13.26 31.95
CA ARG P 217 -67.71 -12.57 32.07
C ARG P 217 -67.58 -11.09 31.78
N ILE P 218 -66.58 -10.44 32.39
CA ILE P 218 -66.44 -8.99 32.22
C ILE P 218 -66.09 -8.65 30.77
N ALA P 219 -65.16 -9.39 30.17
CA ALA P 219 -64.77 -9.10 28.80
C ALA P 219 -65.92 -9.33 27.82
N THR P 220 -66.67 -10.42 28.00
CA THR P 220 -67.78 -10.68 27.08
C THR P 220 -68.94 -9.71 27.29
N ALA P 221 -69.12 -9.20 28.50
CA ALA P 221 -70.22 -8.29 28.76
C ALA P 221 -69.86 -6.82 28.62
N ASN P 222 -68.59 -6.50 28.35
CA ASN P 222 -68.12 -5.12 28.28
C ASN P 222 -68.47 -4.36 29.57
N MET P 223 -68.21 -5.00 30.69
CA MET P 223 -68.36 -4.32 31.97
C MET P 223 -67.30 -3.23 32.09
N LEU P 224 -67.71 -2.07 32.60
CA LEU P 224 -66.84 -0.93 32.85
C LEU P 224 -66.21 -0.37 31.59
N GLY P 225 -66.66 -0.79 30.41
CA GLY P 225 -66.00 -0.38 29.18
C GLY P 225 -64.57 -0.85 29.09
N ILE P 226 -64.30 -2.08 29.57
CA ILE P 226 -62.94 -2.57 29.68
C ILE P 226 -62.34 -2.99 28.35
N ARG P 227 -63.16 -3.14 27.30
CA ARG P 227 -62.65 -3.48 25.98
C ARG P 227 -61.79 -2.37 25.38
N LYS P 228 -61.91 -1.14 25.90
CA LYS P 228 -61.03 -0.07 25.46
C LYS P 228 -59.59 -0.38 25.83
N VAL P 229 -59.36 -0.92 27.03
CA VAL P 229 -58.03 -1.32 27.45
C VAL P 229 -57.66 -2.70 26.92
N LEU P 230 -58.64 -3.60 26.84
CA LEU P 230 -58.39 -4.96 26.40
C LEU P 230 -58.13 -5.03 24.90
N SER P 231 -57.74 -6.20 24.43
CA SER P 231 -57.49 -6.55 23.05
C SER P 231 -58.57 -7.49 22.53
N PRO P 232 -58.84 -7.50 21.22
CA PRO P 232 -59.86 -8.42 20.70
C PRO P 232 -59.53 -9.89 20.92
N TYR P 233 -58.26 -10.24 21.10
CA TYR P 233 -57.88 -11.62 21.39
C TYR P 233 -58.14 -12.01 22.84
N ASP P 234 -58.38 -11.03 23.72
CA ASP P 234 -58.67 -11.37 25.11
C ASP P 234 -60.02 -12.05 25.28
N LEU P 235 -60.96 -11.84 24.34
CA LEU P 235 -62.23 -12.55 24.42
C LEU P 235 -62.04 -14.05 24.29
N THR P 236 -60.99 -14.49 23.57
CA THR P 236 -60.68 -15.91 23.46
C THR P 236 -59.66 -16.35 24.51
N HIS P 237 -58.73 -15.48 24.87
CA HIS P 237 -57.72 -15.86 25.85
C HIS P 237 -58.29 -15.95 27.26
N LYS P 238 -59.35 -15.21 27.54
CA LYS P 238 -60.04 -15.23 28.84
C LYS P 238 -59.09 -14.86 29.99
N GLY P 239 -58.14 -13.99 29.69
CA GLY P 239 -57.23 -13.48 30.70
C GLY P 239 -56.13 -14.43 31.14
N ARG P 240 -56.06 -15.62 30.56
CA ARG P 240 -55.02 -16.58 30.93
C ARG P 240 -53.73 -16.38 30.15
N TYR P 241 -53.81 -15.85 28.93
CA TYR P 241 -52.67 -15.67 28.07
C TYR P 241 -52.42 -14.17 27.89
N TRP P 242 -51.20 -13.72 28.19
CA TRP P 242 -50.80 -12.34 28.02
C TRP P 242 -49.52 -12.34 27.20
N GLY P 243 -49.64 -12.00 25.92
CA GLY P 243 -48.48 -12.11 25.03
C GLY P 243 -48.13 -13.56 24.83
N LYS P 244 -46.85 -13.89 24.99
CA LYS P 244 -46.38 -15.27 24.89
C LYS P 244 -46.39 -16.00 26.22
N PHE P 245 -46.76 -15.33 27.30
CA PHE P 245 -46.74 -15.93 28.63
C PHE P 245 -48.12 -16.48 28.98
N TYR P 246 -48.13 -17.69 29.54
CA TYR P 246 -49.36 -18.35 29.95
C TYR P 246 -49.26 -18.70 31.43
N THR P 247 -50.20 -18.20 32.22
CA THR P 247 -50.25 -18.50 33.65
C THR P 247 -51.42 -19.44 33.92
N PRO P 248 -51.18 -20.70 34.27
CA PRO P 248 -52.30 -21.65 34.46
C PRO P 248 -53.10 -21.42 35.72
N GLU P 249 -52.67 -20.52 36.61
CA GLU P 249 -53.37 -20.28 37.86
C GLU P 249 -54.38 -19.15 37.79
N ARG P 250 -54.56 -18.54 36.61
CA ARG P 250 -55.45 -17.40 36.45
C ARG P 250 -56.80 -17.78 35.90
N VAL P 251 -57.29 -18.99 36.21
CA VAL P 251 -58.62 -19.43 35.81
C VAL P 251 -58.81 -19.34 34.30
N ILE Q 9 5.77 35.81 55.06
CA ILE Q 9 6.53 35.60 56.29
C ILE Q 9 7.67 36.60 56.39
N SER Q 10 7.51 37.58 57.28
CA SER Q 10 8.51 38.60 57.53
C SER Q 10 8.97 38.57 58.98
N HIS Q 11 9.14 37.37 59.52
CA HIS Q 11 9.58 37.22 60.90
C HIS Q 11 11.03 37.64 61.05
N GLY Q 12 11.33 38.36 62.11
CA GLY Q 12 12.70 38.77 62.40
C GLY Q 12 13.31 39.70 61.39
N ARG Q 13 12.54 40.65 60.87
CA ARG Q 13 13.04 41.66 59.95
C ARG Q 13 13.01 43.02 60.63
N VAL Q 14 14.11 43.77 60.52
CA VAL Q 14 14.20 45.07 61.15
C VAL Q 14 14.22 46.21 60.14
N PHE Q 15 14.64 45.96 58.90
CA PHE Q 15 14.70 46.99 57.87
C PHE Q 15 13.46 46.90 56.99
N ARG Q 16 12.72 48.00 56.91
CA ARG Q 16 11.55 48.06 56.05
C ARG Q 16 11.97 48.43 54.63
N ARG Q 17 11.10 48.10 53.68
CA ARG Q 17 11.41 48.32 52.27
C ARG Q 17 11.05 49.75 51.88
N LEU Q 18 12.02 50.48 51.34
CA LEU Q 18 11.84 51.85 50.92
C LEU Q 18 12.50 52.07 49.57
N GLY Q 19 11.99 53.04 48.82
CA GLY Q 19 12.59 53.38 47.55
C GLY Q 19 12.44 52.29 46.51
N LEU Q 20 13.45 52.19 45.63
CA LEU Q 20 13.45 51.26 44.52
C LEU Q 20 14.27 50.00 44.81
N GLY Q 21 14.65 49.79 46.06
CA GLY Q 21 15.44 48.63 46.44
C GLY Q 21 16.37 48.94 47.59
N PRO Q 22 17.31 48.06 47.86
CA PRO Q 22 18.25 48.29 48.97
C PRO Q 22 19.14 49.51 48.74
N GLU Q 23 19.71 49.64 47.55
CA GLU Q 23 20.60 50.76 47.26
C GLU Q 23 19.83 52.08 47.25
N SER Q 24 18.65 52.10 46.65
CA SER Q 24 17.84 53.32 46.66
C SER Q 24 17.41 53.68 48.08
N ARG Q 25 17.07 52.68 48.88
CA ARG Q 25 16.75 52.92 50.29
C ARG Q 25 17.92 53.51 51.04
N ILE Q 26 19.12 52.99 50.80
CA ILE Q 26 20.32 53.53 51.43
C ILE Q 26 20.55 54.97 51.00
N HIS Q 27 20.35 55.26 49.72
CA HIS Q 27 20.53 56.62 49.23
C HIS Q 27 19.52 57.58 49.85
N LEU Q 28 18.27 57.14 49.98
CA LEU Q 28 17.24 57.98 50.61
C LEU Q 28 17.59 58.26 52.07
N LEU Q 29 18.02 57.22 52.80
CA LEU Q 29 18.44 57.43 54.18
C LEU Q 29 19.65 58.34 54.26
N GLN Q 30 20.56 58.24 53.30
CA GLN Q 30 21.74 59.09 53.27
C GLN Q 30 21.36 60.56 53.05
N ASN Q 31 20.44 60.81 52.13
CA ASN Q 31 19.96 62.17 51.91
C ASN Q 31 19.27 62.72 53.17
N LEU Q 32 18.44 61.89 53.80
CA LEU Q 32 17.77 62.33 55.02
C LEU Q 32 18.77 62.63 56.12
N LEU Q 33 19.79 61.79 56.26
CA LEU Q 33 20.81 62.01 57.29
C LEU Q 33 21.62 63.28 57.00
N THR Q 34 21.95 63.52 55.73
CA THR Q 34 22.64 64.76 55.38
C THR Q 34 21.80 65.97 55.73
N GLY Q 35 20.50 65.93 55.40
CA GLY Q 35 19.63 67.04 55.76
C GLY Q 35 19.52 67.24 57.27
N LEU Q 36 19.42 66.12 58.01
CA LEU Q 36 19.33 66.21 59.46
C LEU Q 36 20.60 66.80 60.06
N VAL Q 37 21.76 66.38 59.58
CA VAL Q 37 23.01 66.93 60.09
C VAL Q 37 23.13 68.41 59.75
N ARG Q 38 22.71 68.80 58.55
CA ARG Q 38 22.84 70.20 58.14
C ARG Q 38 21.89 71.11 58.93
N HIS Q 39 20.64 70.70 59.14
CA HIS Q 39 19.64 71.59 59.69
C HIS Q 39 19.33 71.37 61.16
N GLU Q 40 19.85 70.29 61.77
CA GLU Q 40 19.67 69.93 63.18
C GLU Q 40 18.24 69.54 63.51
N ARG Q 41 17.30 69.65 62.57
CA ARG Q 41 15.92 69.22 62.79
C ARG Q 41 15.24 69.14 61.43
N ILE Q 42 14.73 67.96 61.08
CA ILE Q 42 14.05 67.76 59.80
C ILE Q 42 12.75 67.00 60.04
N GLU Q 43 11.93 66.93 59.00
CA GLU Q 43 10.65 66.24 59.04
C GLU Q 43 10.49 65.41 57.78
N ALA Q 44 9.92 64.21 57.94
CA ALA Q 44 9.68 63.34 56.80
C ALA Q 44 8.50 62.45 57.13
N SER Q 45 8.31 61.39 56.35
CA SER Q 45 7.30 60.40 56.66
C SER Q 45 7.68 59.66 57.95
N TRP Q 46 6.66 59.14 58.64
CA TRP Q 46 6.90 58.50 59.93
C TRP Q 46 7.81 57.29 59.78
N ALA Q 47 7.61 56.48 58.75
CA ALA Q 47 8.48 55.33 58.53
C ALA Q 47 9.90 55.75 58.21
N ARG Q 48 10.06 56.76 57.35
CA ARG Q 48 11.40 57.20 56.99
C ARG Q 48 12.14 57.77 58.18
N VAL Q 49 11.46 58.59 58.99
CA VAL Q 49 12.10 59.16 60.18
C VAL Q 49 12.41 58.06 61.19
N ASP Q 50 11.50 57.08 61.35
CA ASP Q 50 11.74 55.97 62.26
C ASP Q 50 12.99 55.20 61.85
N GLU Q 51 13.15 54.94 60.56
CA GLU Q 51 14.34 54.22 60.10
C GLU Q 51 15.60 55.08 60.21
N LEU Q 52 15.48 56.39 59.98
CA LEU Q 52 16.62 57.29 60.08
C LEU Q 52 17.06 57.51 61.51
N ARG Q 53 16.19 57.26 62.48
CA ARG Q 53 16.55 57.48 63.89
C ARG Q 53 17.77 56.65 64.29
N GLY Q 54 17.77 55.36 63.95
CA GLY Q 54 18.90 54.53 64.32
C GLY Q 54 20.20 54.95 63.62
N TYR Q 55 20.10 55.33 62.35
CA TYR Q 55 21.29 55.74 61.62
C TYR Q 55 21.86 57.03 62.20
N ALA Q 56 20.98 57.97 62.57
CA ALA Q 56 21.44 59.20 63.21
C ALA Q 56 22.04 58.93 64.58
N GLU Q 57 21.48 57.96 65.32
CA GLU Q 57 22.09 57.58 66.59
C GLU Q 57 23.48 57.00 66.39
N LYS Q 58 23.66 56.18 65.37
CA LYS Q 58 24.97 55.56 65.12
C LYS Q 58 25.98 56.54 64.57
N LEU Q 59 25.53 57.56 63.83
CA LEU Q 59 26.46 58.54 63.27
C LEU Q 59 27.16 59.33 64.37
N ILE Q 60 26.41 59.71 65.42
CA ILE Q 60 27.01 60.41 66.54
C ILE Q 60 28.02 59.53 67.25
N ASP Q 61 27.68 58.24 67.42
CA ASP Q 61 28.63 57.31 68.03
C ASP Q 61 29.90 57.21 67.21
N TYR Q 62 29.78 57.11 65.89
CA TYR Q 62 30.97 57.05 65.03
C TYR Q 62 31.78 58.34 65.13
N GLY Q 63 31.11 59.50 65.16
CA GLY Q 63 31.82 60.76 65.30
C GLY Q 63 32.53 60.89 66.62
N LYS Q 64 32.01 60.24 67.66
CA LYS Q 64 32.65 60.26 68.97
C LYS Q 64 33.94 59.45 69.03
N LEU Q 65 34.22 58.62 68.02
CA LEU Q 65 35.48 57.89 67.96
C LEU Q 65 36.67 58.78 67.67
N GLY Q 66 36.46 60.02 67.26
CA GLY Q 66 37.54 60.94 67.01
C GLY Q 66 37.71 61.23 65.53
N ASP Q 67 38.41 62.34 65.25
CA ASP Q 67 38.62 62.78 63.88
C ASP Q 67 39.62 61.88 63.15
N THR Q 68 40.67 61.44 63.84
CA THR Q 68 41.74 60.68 63.23
C THR Q 68 41.36 59.24 62.91
N ASN Q 69 40.20 58.77 63.36
CA ASN Q 69 39.76 57.41 63.07
C ASN Q 69 39.41 57.31 61.60
N GLU Q 70 40.16 56.47 60.86
CA GLU Q 70 39.95 56.37 59.42
C GLU Q 70 38.60 55.74 59.08
N ARG Q 71 38.15 54.77 59.89
CA ARG Q 71 36.86 54.15 59.63
C ARG Q 71 35.72 55.17 59.76
N ALA Q 72 35.74 55.95 60.84
CA ALA Q 72 34.73 56.99 61.00
C ALA Q 72 34.88 58.07 59.93
N MET Q 73 36.12 58.36 59.52
CA MET Q 73 36.36 59.31 58.44
C MET Q 73 35.67 58.87 57.16
N ARG Q 74 35.87 57.62 56.75
CA ARG Q 74 35.25 57.14 55.52
C ARG Q 74 33.75 56.99 55.67
N MET Q 75 33.28 56.63 56.88
CA MET Q 75 31.84 56.54 57.11
C MET Q 75 31.18 57.90 56.92
N ALA Q 76 31.76 58.94 57.50
CA ALA Q 76 31.23 60.29 57.33
C ALA Q 76 31.34 60.74 55.88
N ASP Q 77 32.45 60.40 55.21
CA ASP Q 77 32.59 60.76 53.81
C ASP Q 77 31.50 60.14 52.95
N PHE Q 78 31.17 58.88 53.22
CA PHE Q 78 30.11 58.22 52.47
C PHE Q 78 28.75 58.82 52.78
N TRP Q 79 28.44 59.02 54.07
CA TRP Q 79 27.08 59.37 54.45
C TRP Q 79 26.78 60.85 54.22
N LEU Q 80 27.60 61.73 54.79
CA LEU Q 80 27.40 63.16 54.62
C LEU Q 80 27.76 63.54 53.19
N THR Q 81 26.75 63.65 52.34
CA THR Q 81 27.00 63.97 50.93
C THR Q 81 27.62 65.35 50.77
N GLU Q 82 27.15 66.33 51.53
CA GLU Q 82 27.77 67.65 51.53
C GLU Q 82 28.99 67.61 52.44
N LYS Q 83 30.17 67.82 51.85
CA LYS Q 83 31.41 67.59 52.58
C LYS Q 83 31.71 68.63 53.65
N ASP Q 84 31.00 69.76 53.64
CA ASP Q 84 31.18 70.75 54.69
C ASP Q 84 30.55 70.35 56.01
N LEU Q 85 29.73 69.31 56.02
CA LEU Q 85 29.08 68.85 57.23
C LEU Q 85 29.95 67.91 58.05
N ILE Q 86 30.94 67.27 57.43
CA ILE Q 86 31.82 66.34 58.13
C ILE Q 86 32.62 67.08 59.21
N PRO Q 87 33.26 68.22 58.91
CA PRO Q 87 33.86 68.99 60.01
C PRO Q 87 32.82 69.41 61.04
N LYS Q 88 31.62 69.77 60.59
CA LYS Q 88 30.55 70.10 61.53
C LYS Q 88 30.21 68.90 62.40
N LEU Q 89 30.07 67.72 61.79
CA LEU Q 89 29.74 66.53 62.56
C LEU Q 89 30.82 66.21 63.58
N PHE Q 90 32.10 66.36 63.20
CA PHE Q 90 33.19 65.97 64.06
C PHE Q 90 33.58 67.03 65.07
N GLN Q 91 33.12 68.28 64.92
CA GLN Q 91 33.53 69.35 65.81
C GLN Q 91 32.38 70.11 66.47
N VAL Q 92 31.12 69.73 66.21
CA VAL Q 92 30.00 70.37 66.89
C VAL Q 92 29.12 69.31 67.53
N LEU Q 93 28.65 68.36 66.72
CA LEU Q 93 27.73 67.34 67.22
C LEU Q 93 28.43 66.38 68.16
N ALA Q 94 29.60 65.86 67.76
CA ALA Q 94 30.34 64.92 68.58
C ALA Q 94 30.81 65.53 69.90
N PRO Q 95 31.43 66.72 69.90
CA PRO Q 95 31.85 67.31 71.19
C PRO Q 95 30.69 67.58 72.14
N ARG Q 96 29.54 67.99 71.61
CA ARG Q 96 28.41 68.31 72.48
C ARG Q 96 27.66 67.08 72.95
N PHE Q 97 27.90 65.92 72.35
CA PHE Q 97 27.34 64.66 72.81
C PHE Q 97 28.50 63.84 73.38
N GLN Q 98 28.82 64.09 74.64
CA GLN Q 98 29.91 63.39 75.31
C GLN Q 98 29.43 62.59 76.52
N GLY Q 99 28.71 63.23 77.45
CA GLY Q 99 28.15 62.51 78.58
C GLY Q 99 26.94 61.68 78.25
N GLN Q 100 26.25 61.99 77.15
CA GLN Q 100 25.07 61.24 76.75
C GLN Q 100 25.48 59.93 76.07
N ASN Q 101 24.76 58.86 76.39
CA ASN Q 101 25.07 57.55 75.83
C ASN Q 101 24.27 57.25 74.57
N GLY Q 102 22.95 57.43 74.63
CA GLY Q 102 22.10 57.13 73.49
C GLY Q 102 20.96 58.10 73.28
N GLY Q 103 20.95 59.19 74.05
CA GLY Q 103 19.92 60.19 73.91
C GLY Q 103 20.30 61.30 72.96
N TYR Q 104 20.63 60.96 71.72
CA TYR Q 104 21.10 61.94 70.75
C TYR Q 104 19.99 62.56 69.92
N THR Q 105 18.93 61.80 69.62
CA THR Q 105 17.87 62.26 68.74
C THR Q 105 16.52 62.17 69.44
N ARG Q 106 15.60 63.04 69.03
CA ARG Q 106 14.23 63.04 69.52
C ARG Q 106 13.29 63.01 68.33
N MET Q 107 12.34 62.08 68.35
CA MET Q 107 11.40 61.87 67.26
C MET Q 107 9.98 62.06 67.77
N LEU Q 108 9.17 62.81 67.03
CA LEU Q 108 7.80 63.10 67.44
C LEU Q 108 6.89 63.07 66.22
N GLN Q 109 5.72 62.45 66.37
CA GLN Q 109 4.76 62.39 65.29
C GLN Q 109 3.99 63.71 65.19
N ILE Q 110 4.04 64.33 64.02
CA ILE Q 110 3.35 65.59 63.79
C ILE Q 110 2.05 65.28 63.05
N PRO Q 111 1.10 66.21 62.96
CA PRO Q 111 -0.14 65.92 62.22
C PRO Q 111 0.14 65.61 60.76
N ASN Q 112 -0.86 65.00 60.11
CA ASN Q 112 -0.71 64.53 58.75
C ASN Q 112 -0.50 65.70 57.79
N ARG Q 113 0.16 65.39 56.67
CA ARG Q 113 0.46 66.41 55.67
C ARG Q 113 -0.82 66.98 55.09
N ASN Q 114 -0.82 68.29 54.83
CA ASN Q 114 -1.98 68.96 54.26
C ASN Q 114 -2.23 68.57 52.81
N GLU Q 115 -1.29 67.90 52.16
CA GLU Q 115 -1.51 67.45 50.79
C GLU Q 115 -2.54 66.34 50.75
N GLN Q 116 -2.94 65.94 49.53
CA GLN Q 116 -4.01 64.97 49.40
C GLN Q 116 -3.58 63.56 49.81
N ASP Q 117 -2.27 63.30 49.88
CA ASP Q 117 -1.82 61.97 50.26
C ASP Q 117 -2.10 61.66 51.72
N ARG Q 118 -2.10 62.69 52.58
CA ARG Q 118 -2.37 62.54 54.00
C ARG Q 118 -1.44 61.52 54.64
N ALA Q 119 -0.14 61.73 54.43
CA ALA Q 119 0.87 60.84 54.95
C ALA Q 119 1.05 61.03 56.45
N LYS Q 120 1.52 59.97 57.11
CA LYS Q 120 1.83 60.01 58.53
C LYS Q 120 3.25 60.57 58.67
N MET Q 121 3.36 61.77 59.25
CA MET Q 121 4.60 62.51 59.24
C MET Q 121 5.21 62.59 60.65
N ALA Q 122 6.53 62.56 60.69
CA ALA Q 122 7.29 62.66 61.93
C ALA Q 122 8.39 63.69 61.76
N VAL Q 123 8.84 64.23 62.89
CA VAL Q 123 9.92 65.19 62.95
C VAL Q 123 11.02 64.62 63.85
N ILE Q 124 12.25 64.68 63.36
CA ILE Q 124 13.42 64.23 64.12
C ILE Q 124 14.32 65.43 64.34
N GLU Q 125 14.94 65.47 65.52
CA GLU Q 125 15.71 66.64 65.93
C GLU Q 125 16.86 66.21 66.83
N TYR Q 126 18.05 66.73 66.55
CA TYR Q 126 19.18 66.51 67.44
C TYR Q 126 19.02 67.35 68.69
N LYS Q 127 19.20 66.71 69.85
CA LYS Q 127 19.00 67.40 71.12
C LYS Q 127 20.07 68.48 71.32
N GLY Q 128 19.67 69.55 72.03
CA GLY Q 128 20.59 70.64 72.29
C GLY Q 128 20.83 71.56 71.11
N ASN Q 129 19.93 71.57 70.14
CA ASN Q 129 20.09 72.43 68.97
C ASN Q 129 19.66 73.86 69.28
N CYS Q 130 20.03 74.77 68.38
CA CYS Q 130 19.73 76.19 68.53
C CYS Q 130 18.45 76.55 67.79
N LEU Q 131 17.38 75.86 68.13
CA LEU Q 131 16.09 76.04 67.49
C LEU Q 131 15.01 76.14 68.56
N PRO Q 132 13.88 76.77 68.26
CA PRO Q 132 12.79 76.86 69.22
C PRO Q 132 12.33 75.49 69.68
N PRO Q 133 12.04 75.31 70.96
CA PRO Q 133 11.63 73.99 71.44
C PRO Q 133 10.27 73.60 70.89
N LEU Q 134 10.16 72.34 70.51
CA LEU Q 134 8.91 71.81 69.99
C LEU Q 134 7.88 71.73 71.13
N PRO Q 135 6.59 71.71 70.78
CA PRO Q 135 5.57 71.50 71.82
C PRO Q 135 5.59 70.08 72.36
N LEU Q 136 6.58 69.76 73.18
CA LEU Q 136 6.70 68.43 73.75
C LEU Q 136 5.48 68.12 74.63
N PRO Q 137 5.01 66.87 74.64
CA PRO Q 137 3.92 66.51 75.55
C PRO Q 137 4.40 66.46 77.01
N ARG Q 138 4.01 67.45 77.79
CA ARG Q 138 4.42 67.55 79.18
C ARG Q 138 3.46 66.80 80.08
N ARG Q 139 4.00 66.12 81.08
CA ARG Q 139 3.18 65.40 82.05
C ARG Q 139 2.49 66.39 82.99
N ASP Q 140 1.48 65.88 83.70
CA ASP Q 140 0.74 66.70 84.63
C ASP Q 140 1.61 67.07 85.83
N SER Q 141 1.25 68.18 86.48
CA SER Q 141 1.97 68.61 87.67
C SER Q 141 1.61 67.74 88.87
N ASN Q 142 2.48 67.76 89.88
CA ASN Q 142 2.25 67.00 91.09
C ASN Q 142 1.10 67.55 91.93
N LEU Q 143 0.59 68.74 91.61
CA LEU Q 143 -0.51 69.34 92.35
C LEU Q 143 -1.88 68.83 91.90
N THR Q 144 -1.93 67.96 90.90
CA THR Q 144 -3.18 67.35 90.46
C THR Q 144 -3.72 66.44 91.57
N LEU Q 145 -5.01 66.10 91.48
CA LEU Q 145 -5.62 65.24 92.49
C LEU Q 145 -4.93 63.88 92.58
N LEU Q 146 -4.81 63.20 91.43
CA LEU Q 146 -4.23 61.85 91.42
C LEU Q 146 -2.77 61.88 91.82
N ASN Q 147 -2.01 62.83 91.27
CA ASN Q 147 -0.59 62.91 91.60
C ASN Q 147 -0.39 63.31 93.05
N GLN Q 148 -1.32 64.08 93.62
CA GLN Q 148 -1.18 64.47 95.01
C GLN Q 148 -1.46 63.30 95.93
N LEU Q 149 -2.45 62.47 95.57
CA LEU Q 149 -2.67 61.22 96.30
C LEU Q 149 -1.48 60.30 96.21
N LEU Q 150 -0.84 60.22 95.02
CA LEU Q 150 0.37 59.43 94.88
C LEU Q 150 1.51 59.99 95.72
N GLN Q 151 1.61 61.32 95.83
CA GLN Q 151 2.60 61.93 96.72
C GLN Q 151 2.32 61.58 98.17
N GLY Q 152 1.05 61.51 98.55
CA GLY Q 152 0.71 61.04 99.88
C GLY Q 152 1.14 59.60 100.13
N LEU Q 153 0.92 58.73 99.14
CA LEU Q 153 1.43 57.36 99.23
C LEU Q 153 2.94 57.35 99.41
N ARG Q 154 3.65 58.17 98.63
CA ARG Q 154 5.10 58.21 98.73
C ARG Q 154 5.55 58.69 100.10
N GLN Q 155 4.88 59.71 100.64
CA GLN Q 155 5.23 60.22 101.96
C GLN Q 155 4.99 59.17 103.04
N ASP Q 156 3.87 58.44 102.94
CA ASP Q 156 3.63 57.37 103.90
C ASP Q 156 4.69 56.27 103.79
N GLN Q 157 5.07 55.91 102.56
CA GLN Q 157 6.10 54.90 102.39
C GLN Q 157 7.43 55.35 102.96
N GLU Q 158 7.79 56.62 102.76
CA GLU Q 158 9.03 57.14 103.32
C GLU Q 158 8.98 57.17 104.83
N ALA Q 159 7.85 57.56 105.42
CA ALA Q 159 7.72 57.58 106.87
C ALA Q 159 7.70 56.19 107.47
N SER Q 160 7.28 55.18 106.70
CA SER Q 160 7.26 53.81 107.20
C SER Q 160 8.65 53.20 107.34
N SER Q 161 9.69 53.86 106.84
CA SER Q 161 11.06 53.36 106.97
C SER Q 161 11.97 54.41 107.58
N PRO R 38 -125.80 16.33 -18.66
CA PRO R 38 -125.55 15.79 -20.00
C PRO R 38 -125.99 14.33 -20.12
N VAL R 39 -125.47 13.63 -21.14
CA VAL R 39 -125.82 12.24 -21.33
C VAL R 39 -125.17 11.39 -20.26
N GLU R 40 -125.95 10.50 -19.66
CA GLU R 40 -125.43 9.65 -18.58
C GLU R 40 -124.31 8.74 -19.06
N ASN R 41 -124.28 8.42 -20.36
CA ASN R 41 -123.29 7.51 -20.91
C ASN R 41 -121.97 8.19 -21.26
N GLU R 42 -121.90 9.52 -21.18
CA GLU R 42 -120.70 10.27 -21.53
C GLU R 42 -119.62 10.23 -20.46
N ALA R 43 -119.90 9.67 -19.29
CA ALA R 43 -118.90 9.58 -18.24
C ALA R 43 -117.74 8.69 -18.68
N VAL R 44 -116.52 9.17 -18.51
CA VAL R 44 -115.34 8.53 -19.08
C VAL R 44 -114.35 8.06 -18.01
N ALA R 45 -114.16 8.84 -16.95
CA ALA R 45 -113.09 8.59 -15.98
C ALA R 45 -111.76 8.45 -16.73
N PRO R 46 -111.18 9.58 -17.17
CA PRO R 46 -110.06 9.54 -18.14
C PRO R 46 -108.92 8.60 -17.78
N GLU R 47 -108.75 8.29 -16.50
CA GLU R 47 -107.74 7.32 -16.06
C GLU R 47 -108.35 5.93 -16.23
N PHE R 48 -108.18 5.37 -17.43
CA PHE R 48 -108.74 4.07 -17.76
C PHE R 48 -107.77 2.97 -17.34
N THR R 49 -108.29 1.95 -16.67
CA THR R 49 -107.49 0.82 -16.20
C THR R 49 -107.85 -0.41 -17.02
N ASN R 50 -106.85 -0.99 -17.69
CA ASN R 50 -107.02 -2.21 -18.48
C ASN R 50 -106.41 -3.35 -17.69
N ARG R 51 -107.27 -4.18 -17.09
CA ARG R 51 -106.82 -5.25 -16.21
C ARG R 51 -106.33 -6.48 -16.96
N ASN R 52 -106.42 -6.51 -18.28
CA ASN R 52 -106.00 -7.68 -19.03
C ASN R 52 -104.49 -7.85 -18.95
N PRO R 53 -103.98 -8.98 -18.43
CA PRO R 53 -102.52 -9.16 -18.35
C PRO R 53 -101.86 -9.31 -19.71
N ARG R 54 -102.57 -9.75 -20.74
CA ARG R 54 -102.02 -9.93 -22.07
C ARG R 54 -101.94 -8.64 -22.86
N ASN R 55 -102.50 -7.55 -22.34
CA ASN R 55 -102.67 -6.32 -23.11
C ASN R 55 -101.34 -5.75 -23.56
N LEU R 56 -100.42 -5.56 -22.62
CA LEU R 56 -99.15 -4.92 -22.95
C LEU R 56 -98.29 -5.83 -23.82
N GLU R 57 -98.34 -7.15 -23.58
CA GLU R 57 -97.60 -8.08 -24.45
C GLU R 57 -98.13 -8.03 -25.88
N LEU R 58 -99.45 -7.95 -26.05
CA LEU R 58 -100.00 -7.88 -27.40
C LEU R 58 -99.65 -6.56 -28.08
N LEU R 59 -99.66 -5.45 -27.34
CA LEU R 59 -99.17 -4.19 -27.89
C LEU R 59 -97.66 -4.12 -28.00
N ALA R 60 -96.92 -5.11 -27.51
CA ALA R 60 -95.47 -5.16 -27.60
C ALA R 60 -94.80 -4.02 -26.84
N VAL R 61 -95.50 -3.44 -25.86
CA VAL R 61 -94.94 -2.43 -24.98
C VAL R 61 -94.70 -2.96 -23.59
N ALA R 62 -94.91 -4.25 -23.35
CA ALA R 62 -94.67 -4.84 -22.05
C ALA R 62 -93.18 -4.87 -21.73
N ARG R 63 -92.88 -5.00 -20.44
CA ARG R 63 -91.49 -4.97 -19.98
C ARG R 63 -90.85 -6.33 -20.22
N LYS R 64 -90.03 -6.42 -21.25
CA LYS R 64 -89.20 -7.60 -21.42
C LYS R 64 -88.16 -7.67 -20.31
N GLU R 65 -87.86 -8.90 -19.89
CA GLU R 65 -86.94 -9.11 -18.77
C GLU R 65 -85.50 -9.10 -19.29
N ARG R 66 -85.04 -7.90 -19.64
CA ARG R 66 -83.63 -7.70 -19.92
C ARG R 66 -82.80 -8.02 -18.68
N GLY R 67 -81.51 -8.23 -18.87
CA GLY R 67 -80.76 -8.70 -17.72
C GLY R 67 -79.56 -9.61 -17.97
N TRP R 68 -79.65 -10.83 -17.43
CA TRP R 68 -78.51 -11.63 -16.99
C TRP R 68 -77.27 -11.54 -17.89
N GLY R 69 -77.39 -12.01 -19.13
CA GLY R 69 -76.26 -11.92 -20.03
C GLY R 69 -75.16 -12.92 -19.74
N THR R 70 -75.00 -13.28 -18.48
CA THR R 70 -73.97 -14.23 -18.04
C THR R 70 -74.46 -15.66 -18.04
N VAL R 71 -75.71 -15.91 -17.70
CA VAL R 71 -76.27 -17.24 -17.66
C VAL R 71 -77.09 -17.47 -18.93
N TRP R 72 -77.47 -18.73 -19.15
CA TRP R 72 -78.18 -19.14 -20.35
C TRP R 72 -79.38 -19.99 -19.96
N PRO R 73 -80.50 -19.87 -20.68
CA PRO R 73 -80.74 -18.94 -21.79
C PRO R 73 -81.14 -17.54 -21.33
N SER R 74 -81.06 -16.57 -22.24
CA SER R 74 -81.49 -15.22 -21.93
C SER R 74 -82.98 -15.20 -21.66
N ARG R 75 -83.38 -14.51 -20.59
CA ARG R 75 -84.77 -14.49 -20.16
C ARG R 75 -85.51 -13.23 -20.62
N GLU R 76 -85.08 -12.62 -21.72
CA GLU R 76 -85.72 -11.42 -22.25
C GLU R 76 -86.76 -11.84 -23.27
N PHE R 77 -87.97 -12.13 -22.79
CA PHE R 77 -89.05 -12.57 -23.65
C PHE R 77 -90.37 -12.42 -22.91
N TRP R 78 -91.46 -12.61 -23.66
CA TRP R 78 -92.78 -12.77 -23.07
C TRP R 78 -93.28 -14.21 -23.14
N HIS R 79 -92.86 -14.95 -24.17
CA HIS R 79 -93.16 -16.36 -24.29
C HIS R 79 -91.94 -17.08 -24.86
N ARG R 80 -91.71 -18.29 -24.39
CA ARG R 80 -90.53 -19.06 -24.76
C ARG R 80 -90.91 -20.50 -25.09
N LEU R 81 -90.32 -21.03 -26.16
CA LEU R 81 -90.52 -22.42 -26.51
C LEU R 81 -89.45 -23.29 -25.86
N ARG R 82 -89.89 -24.39 -25.23
CA ARG R 82 -88.99 -25.29 -24.51
C ARG R 82 -89.29 -26.71 -24.94
N VAL R 83 -88.32 -27.37 -25.58
CA VAL R 83 -88.49 -28.73 -26.07
C VAL R 83 -87.71 -29.66 -25.16
N ILE R 84 -88.41 -30.63 -24.57
CA ILE R 84 -87.80 -31.62 -23.70
C ILE R 84 -87.90 -32.96 -24.42
N ARG R 85 -86.76 -33.56 -24.72
CA ARG R 85 -86.68 -34.82 -25.43
C ARG R 85 -86.10 -35.86 -24.47
N THR R 86 -86.98 -36.52 -23.73
CA THR R 86 -86.56 -37.64 -22.90
C THR R 86 -86.26 -38.85 -23.78
N GLN R 87 -85.90 -39.97 -23.14
CA GLN R 87 -85.60 -41.16 -23.91
C GLN R 87 -86.86 -41.87 -24.41
N HIS R 88 -88.03 -41.48 -23.91
CA HIS R 88 -89.29 -42.12 -24.28
C HIS R 88 -90.26 -41.15 -24.96
N HIS R 89 -90.46 -39.97 -24.38
CA HIS R 89 -91.48 -39.04 -24.85
C HIS R 89 -90.86 -37.70 -25.21
N ILE R 90 -91.62 -36.91 -25.96
CA ILE R 90 -91.20 -35.59 -26.42
C ILE R 90 -92.28 -34.59 -26.02
N GLU R 91 -91.88 -33.52 -25.33
CA GLU R 91 -92.81 -32.58 -24.73
C GLU R 91 -92.38 -31.16 -25.09
N ALA R 92 -93.25 -30.41 -25.75
CA ALA R 92 -92.98 -29.03 -26.14
C ALA R 92 -93.87 -28.10 -25.34
N LEU R 93 -93.25 -27.18 -24.60
CA LEU R 93 -93.95 -26.21 -23.78
C LEU R 93 -93.79 -24.80 -24.34
N VAL R 94 -94.79 -23.96 -24.09
CA VAL R 94 -94.67 -22.53 -24.26
C VAL R 94 -94.83 -21.93 -22.87
N GLU R 95 -93.78 -21.30 -22.37
CA GLU R 95 -93.74 -20.81 -21.00
C GLU R 95 -93.66 -19.29 -20.99
N HIS R 96 -94.37 -18.69 -20.03
CA HIS R 96 -94.28 -17.27 -19.75
C HIS R 96 -93.06 -16.99 -18.89
N ARG R 97 -92.70 -15.71 -18.76
CA ARG R 97 -91.49 -15.37 -18.03
C ARG R 97 -91.56 -15.71 -16.55
N ASN R 98 -92.75 -15.91 -15.98
CA ASN R 98 -92.83 -16.33 -14.58
C ASN R 98 -92.64 -17.83 -14.43
N GLY R 99 -92.72 -18.61 -15.50
CA GLY R 99 -92.45 -20.03 -15.47
C GLY R 99 -93.65 -20.92 -15.67
N GLN R 100 -94.86 -20.37 -15.67
CA GLN R 100 -96.04 -21.20 -15.85
C GLN R 100 -96.16 -21.66 -17.30
N VAL R 101 -96.94 -22.72 -17.50
CA VAL R 101 -97.11 -23.33 -18.81
C VAL R 101 -98.31 -22.71 -19.50
N VAL R 102 -98.10 -22.22 -20.73
CA VAL R 102 -99.18 -21.60 -21.48
C VAL R 102 -99.90 -22.66 -22.33
N VAL R 103 -99.17 -23.28 -23.25
CA VAL R 103 -99.71 -24.34 -24.10
C VAL R 103 -98.62 -25.40 -24.28
N SER R 104 -99.02 -26.66 -24.23
CA SER R 104 -98.08 -27.77 -24.32
C SER R 104 -98.59 -28.80 -25.32
N ALA R 105 -97.64 -29.45 -25.99
CA ALA R 105 -97.91 -30.56 -26.89
C ALA R 105 -96.97 -31.70 -26.51
N SER R 106 -97.53 -32.81 -26.04
CA SER R 106 -96.75 -33.91 -25.50
C SER R 106 -97.10 -35.21 -26.20
N THR R 107 -96.08 -36.03 -26.45
CA THR R 107 -96.34 -37.38 -26.94
C THR R 107 -96.98 -38.27 -25.88
N ARG R 108 -96.90 -37.89 -24.60
CA ARG R 108 -97.61 -38.62 -23.55
C ARG R 108 -99.11 -38.49 -23.68
N GLU R 109 -99.60 -37.45 -24.36
CA GLU R 109 -101.03 -37.28 -24.55
C GLU R 109 -101.57 -38.39 -25.45
N TRP R 110 -102.77 -38.89 -25.11
CA TRP R 110 -103.34 -40.01 -25.84
C TRP R 110 -103.63 -39.66 -27.29
N ALA R 111 -103.98 -38.40 -27.57
CA ALA R 111 -104.34 -38.00 -28.93
C ALA R 111 -103.19 -38.23 -29.90
N ILE R 112 -101.97 -37.85 -29.50
CA ILE R 112 -100.81 -38.11 -30.35
C ILE R 112 -100.30 -39.53 -30.16
N LYS R 113 -100.45 -40.10 -28.96
CA LYS R 113 -99.91 -41.42 -28.69
C LYS R 113 -100.59 -42.49 -29.55
N LYS R 114 -101.92 -42.45 -29.65
CA LYS R 114 -102.62 -43.49 -30.41
C LYS R 114 -102.56 -43.27 -31.92
N HIS R 115 -102.26 -42.06 -32.38
CA HIS R 115 -102.16 -41.78 -33.79
C HIS R 115 -100.73 -41.89 -34.33
N LEU R 116 -99.73 -41.86 -33.45
CA LEU R 116 -98.34 -41.85 -33.87
C LEU R 116 -97.60 -43.03 -33.26
N TYR R 117 -96.78 -43.69 -34.07
CA TYR R 117 -95.88 -44.78 -33.69
C TYR R 117 -94.49 -44.27 -33.34
N SER R 118 -93.90 -44.87 -32.31
CA SER R 118 -92.51 -44.64 -31.91
C SER R 118 -92.27 -43.14 -31.66
N THR R 119 -92.85 -42.69 -30.55
CA THR R 119 -93.02 -41.27 -30.25
C THR R 119 -91.70 -40.54 -30.04
N ARG R 120 -90.57 -41.20 -30.31
CA ARG R 120 -89.27 -40.57 -30.17
C ARG R 120 -88.64 -40.12 -31.48
N ASN R 121 -89.31 -40.28 -32.61
CA ASN R 121 -88.67 -40.06 -33.90
C ASN R 121 -88.66 -38.58 -34.29
N VAL R 122 -87.96 -38.32 -35.40
CA VAL R 122 -88.03 -37.02 -36.05
C VAL R 122 -89.46 -36.71 -36.48
N VAL R 123 -90.17 -37.72 -36.98
CA VAL R 123 -91.57 -37.54 -37.31
C VAL R 123 -92.38 -37.21 -36.06
N ALA R 124 -91.99 -37.79 -34.92
CA ALA R 124 -92.66 -37.44 -33.67
C ALA R 124 -92.43 -35.98 -33.31
N CYS R 125 -91.19 -35.50 -33.45
CA CYS R 125 -90.93 -34.09 -33.19
C CYS R 125 -91.72 -33.19 -34.13
N GLU R 126 -91.79 -33.58 -35.42
CA GLU R 126 -92.53 -32.77 -36.38
C GLU R 126 -94.03 -32.74 -36.05
N SER R 127 -94.59 -33.89 -35.67
CA SER R 127 -96.00 -33.92 -35.30
C SER R 127 -96.26 -33.10 -34.04
N VAL R 128 -95.37 -33.18 -33.06
CA VAL R 128 -95.52 -32.37 -31.85
C VAL R 128 -95.46 -30.89 -32.19
N GLY R 129 -94.53 -30.51 -33.08
CA GLY R 129 -94.45 -29.12 -33.49
C GLY R 129 -95.70 -28.65 -34.21
N ARG R 130 -96.25 -29.47 -35.10
CA ARG R 130 -97.48 -29.11 -35.80
C ARG R 130 -98.63 -28.94 -34.82
N VAL R 131 -98.78 -29.88 -33.88
CA VAL R 131 -99.86 -29.79 -32.91
C VAL R 131 -99.70 -28.55 -32.04
N LEU R 132 -98.47 -28.26 -31.61
CA LEU R 132 -98.23 -27.08 -30.78
C LEU R 132 -98.50 -25.79 -31.56
N ALA R 133 -98.13 -25.75 -32.84
CA ALA R 133 -98.43 -24.57 -33.65
C ALA R 133 -99.93 -24.37 -33.81
N GLU R 134 -100.67 -25.45 -34.05
CA GLU R 134 -102.12 -25.34 -34.14
C GLU R 134 -102.72 -24.86 -32.83
N ARG R 135 -102.24 -25.40 -31.70
CA ARG R 135 -102.76 -24.98 -30.40
C ARG R 135 -102.39 -23.54 -30.09
N CYS R 136 -101.21 -23.09 -30.51
CA CYS R 136 -100.85 -21.69 -30.32
C CYS R 136 -101.76 -20.77 -31.15
N LEU R 137 -102.07 -21.19 -32.38
CA LEU R 137 -103.03 -20.41 -33.17
C LEU R 137 -104.40 -20.37 -32.51
N GLU R 138 -104.84 -21.49 -31.93
CA GLU R 138 -106.09 -21.46 -31.18
C GLU R 138 -106.00 -20.51 -29.99
N ALA R 139 -104.87 -20.54 -29.27
CA ALA R 139 -104.68 -19.70 -28.09
C ALA R 139 -104.47 -18.24 -28.42
N GLY R 140 -104.20 -17.91 -29.68
CA GLY R 140 -104.01 -16.52 -30.07
C GLY R 140 -102.61 -16.00 -29.89
N ILE R 141 -101.63 -16.86 -29.63
CA ILE R 141 -100.23 -16.48 -29.50
C ILE R 141 -99.54 -16.75 -30.82
N ASN R 142 -98.79 -15.76 -31.30
CA ASN R 142 -98.17 -15.83 -32.62
C ASN R 142 -96.66 -15.63 -32.58
N PHE R 143 -96.11 -15.10 -31.49
CA PHE R 143 -94.68 -14.81 -31.40
C PHE R 143 -94.12 -15.48 -30.15
N MET R 144 -92.98 -16.15 -30.31
CA MET R 144 -92.26 -16.74 -29.19
C MET R 144 -90.79 -16.87 -29.57
N VAL R 145 -89.95 -17.07 -28.57
CA VAL R 145 -88.51 -17.18 -28.76
C VAL R 145 -88.10 -18.63 -28.54
N TYR R 146 -87.12 -19.08 -29.31
CA TYR R 146 -86.52 -20.40 -29.14
C TYR R 146 -85.02 -20.25 -29.10
N HIS R 147 -84.39 -20.78 -28.05
CA HIS R 147 -82.96 -20.65 -27.81
C HIS R 147 -82.38 -22.04 -27.59
N PRO R 148 -82.11 -22.78 -28.67
CA PRO R 148 -81.56 -24.13 -28.54
C PRO R 148 -80.05 -24.09 -28.33
N THR R 149 -79.51 -25.23 -27.90
CA THR R 149 -78.08 -25.38 -27.80
C THR R 149 -77.48 -25.50 -29.20
N PRO R 150 -76.17 -25.24 -29.35
CA PRO R 150 -75.55 -25.40 -30.68
C PRO R 150 -75.68 -26.80 -31.25
N TRP R 151 -75.63 -27.84 -30.42
CA TRP R 151 -75.81 -29.20 -30.91
C TRP R 151 -77.28 -29.56 -31.08
N GLU R 152 -78.19 -28.76 -30.53
CA GLU R 152 -79.62 -28.99 -30.69
C GLU R 152 -80.17 -28.30 -31.93
N ALA R 153 -79.62 -27.14 -32.31
CA ALA R 153 -80.08 -26.45 -33.51
C ALA R 153 -79.66 -27.16 -34.79
N ALA R 154 -78.62 -27.99 -34.73
CA ALA R 154 -78.13 -28.72 -35.89
C ALA R 154 -78.73 -30.11 -36.02
N SER R 155 -79.64 -30.49 -35.12
CA SER R 155 -80.27 -31.80 -35.19
C SER R 155 -81.29 -31.84 -36.32
N ASP R 156 -81.70 -33.05 -36.68
CA ASP R 156 -82.70 -33.25 -37.73
C ASP R 156 -84.12 -33.13 -37.20
N SER R 157 -84.39 -33.68 -36.00
CA SER R 157 -85.74 -33.68 -35.47
C SER R 157 -86.21 -32.27 -35.16
N ILE R 158 -85.35 -31.45 -34.55
CA ILE R 158 -85.78 -30.15 -34.09
C ILE R 158 -85.69 -29.11 -35.20
N LYS R 159 -84.82 -29.33 -36.19
CA LYS R 159 -84.86 -28.48 -37.38
C LYS R 159 -86.20 -28.61 -38.07
N ARG R 160 -86.68 -29.84 -38.26
CA ARG R 160 -87.99 -30.04 -38.85
C ARG R 160 -89.11 -29.62 -37.91
N LEU R 161 -88.88 -29.70 -36.59
CA LEU R 161 -89.86 -29.17 -35.64
C LEU R 161 -90.04 -27.66 -35.83
N GLN R 162 -88.92 -26.94 -35.96
CA GLN R 162 -88.99 -25.51 -36.23
C GLN R 162 -89.63 -25.21 -37.57
N HIS R 163 -89.30 -26.01 -38.59
CA HIS R 163 -89.91 -25.83 -39.91
C HIS R 163 -91.42 -26.02 -39.84
N ALA R 164 -91.88 -27.06 -39.13
CA ALA R 164 -93.31 -27.29 -38.98
C ALA R 164 -93.97 -26.17 -38.20
N MET R 165 -93.31 -25.67 -37.16
CA MET R 165 -93.86 -24.56 -36.38
C MET R 165 -94.02 -23.32 -37.24
N THR R 166 -93.02 -23.02 -38.08
CA THR R 166 -93.12 -21.87 -38.97
C THR R 166 -94.23 -22.06 -40.01
N GLU R 167 -94.32 -23.27 -40.57
CA GLU R 167 -95.36 -23.52 -41.59
C GLU R 167 -96.76 -23.52 -40.98
N GLY R 168 -96.87 -23.79 -39.68
CA GLY R 168 -98.17 -23.79 -39.04
C GLY R 168 -98.71 -22.42 -38.70
N GLY R 169 -97.95 -21.36 -38.93
CA GLY R 169 -98.37 -20.00 -38.66
C GLY R 169 -97.65 -19.34 -37.51
N VAL R 170 -97.00 -20.12 -36.65
CA VAL R 170 -96.27 -19.55 -35.51
C VAL R 170 -94.90 -19.12 -36.00
N VAL R 171 -94.56 -17.84 -35.79
CA VAL R 171 -93.28 -17.28 -36.20
C VAL R 171 -92.46 -16.96 -34.97
N LEU R 172 -91.18 -17.32 -35.01
CA LEU R 172 -90.26 -17.04 -33.91
C LEU R 172 -89.78 -15.60 -34.03
N ARG R 173 -88.74 -15.25 -33.26
CA ARG R 173 -88.19 -13.90 -33.22
C ARG R 173 -89.28 -12.89 -32.81
N GLU R 174 -89.68 -13.01 -31.56
CA GLU R 174 -90.65 -12.15 -30.90
C GLU R 174 -90.32 -10.68 -31.18
N PRO R 175 -91.31 -9.83 -31.46
CA PRO R 175 -91.00 -8.47 -31.92
C PRO R 175 -90.31 -7.64 -30.86
N ARG R 176 -89.52 -6.67 -31.34
CA ARG R 176 -88.79 -5.79 -30.45
C ARG R 176 -89.75 -4.91 -29.65
N ARG R 177 -89.38 -4.66 -28.40
CA ARG R 177 -90.22 -3.87 -27.50
C ARG R 177 -90.17 -2.41 -27.91
N ILE R 178 -91.35 -1.78 -27.97
CA ILE R 178 -91.43 -0.36 -28.28
C ILE R 178 -90.92 0.43 -27.07
N TYR R 179 -89.94 1.30 -27.30
CA TYR R 179 -89.26 2.03 -26.23
C TYR R 179 -88.71 1.06 -25.19
N GLU R 180 -87.76 0.23 -25.65
CA GLU R 180 -87.20 -0.87 -24.87
C GLU R 180 -86.44 -0.38 -23.64
N ALA S 53 78.14 8.08 80.73
CA ALA S 53 76.81 8.45 80.28
C ALA S 53 76.62 9.96 80.30
N PHE S 54 76.98 10.62 79.19
CA PHE S 54 76.88 12.06 79.10
C PHE S 54 75.49 12.49 78.65
N GLN S 55 75.06 13.66 79.13
CA GLN S 55 73.79 14.26 78.75
C GLN S 55 74.03 15.60 78.08
N PRO S 56 73.55 15.80 76.85
CA PRO S 56 73.79 17.08 76.17
C PRO S 56 73.14 18.22 76.91
N PRO S 57 73.76 19.39 76.94
CA PRO S 57 73.14 20.57 77.56
C PRO S 57 71.84 20.94 76.86
N PRO S 58 70.83 21.38 77.61
CA PRO S 58 69.53 21.65 77.01
C PRO S 58 69.53 22.93 76.20
N LYS S 59 68.41 23.17 75.52
CA LYS S 59 68.24 24.38 74.73
C LYS S 59 67.91 25.56 75.63
N PRO S 60 68.74 26.59 75.67
CA PRO S 60 68.48 27.73 76.56
C PRO S 60 67.77 28.86 75.82
N VAL S 61 67.42 29.90 76.59
CA VAL S 61 66.80 31.11 76.07
C VAL S 61 67.69 32.28 76.52
N ILE S 62 68.46 32.84 75.60
CA ILE S 62 69.37 33.94 75.89
C ILE S 62 68.78 35.30 75.53
N VAL S 63 67.51 35.34 75.13
CA VAL S 63 66.88 36.59 74.75
C VAL S 63 66.67 37.49 75.96
N ASP S 64 66.86 38.78 75.76
CA ASP S 64 66.67 39.78 76.80
C ASP S 64 65.65 40.81 76.32
N LYS S 65 64.69 41.14 77.18
CA LYS S 65 63.63 42.08 76.83
C LYS S 65 64.04 43.53 76.97
N ARG S 66 65.24 43.77 77.54
CA ARG S 66 65.77 45.16 77.63
C ARG S 66 65.75 45.75 76.23
N ARG S 67 65.84 44.92 75.20
CA ARG S 67 65.76 45.40 73.80
C ARG S 67 64.30 45.68 73.45
N PRO S 68 63.48 44.63 73.35
CA PRO S 68 62.05 44.80 73.00
C PRO S 68 61.22 43.71 73.68
N GLN S 69 59.94 43.99 73.97
CA GLN S 69 59.04 42.99 74.59
C GLN S 69 57.79 42.83 73.71
N ARG S 70 56.85 41.99 74.14
CA ARG S 70 55.64 41.68 73.32
C ARG S 70 54.39 41.64 74.22
N PRO S 71 53.32 42.39 73.90
CA PRO S 71 52.07 42.32 74.68
C PRO S 71 51.28 41.03 74.43
N GLU S 72 50.32 40.72 75.30
CA GLU S 72 49.57 39.49 75.14
C GLU S 72 48.16 39.82 74.68
N THR S 73 47.75 39.24 73.55
CA THR S 73 46.44 39.50 72.98
C THR S 73 45.48 38.38 73.34
N ARG S 74 44.30 38.76 73.84
CA ARG S 74 43.29 37.77 74.21
C ARG S 74 42.71 37.13 72.96
N PHE S 75 42.57 35.81 72.99
CA PHE S 75 41.94 35.05 71.91
C PHE S 75 40.68 34.41 72.43
N LEU S 76 39.53 34.82 71.90
CA LEU S 76 38.24 34.22 72.23
C LEU S 76 37.84 33.31 71.08
N SER S 77 37.56 32.06 71.39
CA SER S 77 37.19 31.11 70.36
C SER S 77 35.85 31.52 69.73
N PRO S 78 35.70 31.38 68.41
CA PRO S 78 34.50 31.90 67.75
C PRO S 78 33.20 31.30 68.24
N GLU S 79 33.21 30.06 68.74
CA GLU S 79 31.97 29.44 69.19
C GLU S 79 31.39 30.12 70.43
N PHE S 80 32.20 30.84 71.19
CA PHE S 80 31.70 31.58 72.34
C PHE S 80 30.83 32.77 71.95
N ILE S 81 30.99 33.29 70.74
CA ILE S 81 30.22 34.44 70.29
C ILE S 81 28.77 34.02 70.03
N PRO S 82 27.79 34.61 70.71
CA PRO S 82 26.41 34.22 70.47
C PRO S 82 25.93 34.74 69.12
N PRO S 83 24.95 34.07 68.51
CA PRO S 83 24.38 34.58 67.25
C PRO S 83 23.66 35.91 67.44
N ARG S 84 23.15 36.49 66.35
CA ARG S 84 22.57 37.82 66.44
C ARG S 84 21.09 37.80 66.79
N GLY S 85 20.50 36.62 66.94
CA GLY S 85 19.08 36.51 67.19
C GLY S 85 18.69 37.01 68.57
N ARG S 86 17.37 37.00 68.81
CA ARG S 86 16.79 37.47 70.06
C ARG S 86 16.61 36.34 71.06
N THR S 87 17.47 35.32 71.01
CA THR S 87 17.42 34.24 71.97
C THR S 87 17.75 34.74 73.37
N ASN S 88 17.06 34.18 74.37
CA ASN S 88 17.28 34.59 75.74
C ASN S 88 18.72 34.28 76.16
N PRO S 89 19.38 35.22 76.87
CA PRO S 89 20.77 34.98 77.28
C PRO S 89 20.94 33.82 78.25
N LEU S 90 19.87 33.35 78.89
CA LEU S 90 20.00 32.22 79.80
C LEU S 90 20.47 30.97 79.06
N LYS S 91 19.95 30.74 77.86
CA LYS S 91 20.41 29.60 77.06
C LYS S 91 21.89 29.73 76.73
N PHE S 92 22.33 30.93 76.35
CA PHE S 92 23.74 31.14 76.05
C PHE S 92 24.61 30.89 77.28
N GLN S 93 24.17 31.36 78.44
CA GLN S 93 24.92 31.14 79.68
C GLN S 93 25.01 29.66 80.02
N ILE S 94 23.90 28.94 79.89
CA ILE S 94 23.90 27.51 80.19
C ILE S 94 24.82 26.76 79.23
N GLU S 95 24.73 27.09 77.94
CA GLU S 95 25.60 26.46 76.95
C GLU S 95 27.06 26.75 77.24
N ARG S 96 27.37 27.99 77.63
CA ARG S 96 28.75 28.35 77.95
C ARG S 96 29.26 27.57 79.16
N LYS S 97 28.41 27.42 80.19
CA LYS S 97 28.81 26.63 81.35
C LYS S 97 29.10 25.19 80.95
N ASP S 98 28.22 24.60 80.13
CA ASP S 98 28.42 23.21 79.71
C ASP S 98 29.68 23.06 78.88
N MET S 99 29.94 23.97 77.94
CA MET S 99 31.11 23.82 77.09
C MET S 99 32.39 24.08 77.87
N LEU S 100 32.36 24.97 78.86
CA LEU S 100 33.53 25.13 79.72
C LEU S 100 33.79 23.90 80.57
N GLU S 101 32.72 23.27 81.08
CA GLU S 101 32.89 22.01 81.80
C GLU S 101 33.50 20.95 80.90
N ARG S 102 33.06 20.88 79.64
CA ARG S 102 33.67 19.95 78.69
C ARG S 102 35.13 20.29 78.42
N ARG S 103 35.43 21.57 78.25
CA ARG S 103 36.80 22.02 77.98
C ARG S 103 37.73 21.73 79.14
N LYS S 104 37.22 21.68 80.37
CA LYS S 104 38.05 21.30 81.51
C LYS S 104 38.69 19.93 81.29
N ILE S 105 38.00 19.04 80.58
CA ILE S 105 38.51 17.69 80.39
C ILE S 105 39.17 17.56 79.02
N LEU S 106 38.50 18.00 77.96
CA LEU S 106 39.06 17.98 76.62
C LEU S 106 39.74 19.31 76.34
N HIS S 107 41.05 19.27 76.14
CA HIS S 107 41.83 20.49 75.89
C HIS S 107 41.68 20.88 74.43
N ILE S 108 40.85 21.89 74.17
CA ILE S 108 40.66 22.42 72.83
C ILE S 108 41.64 23.58 72.63
N PRO S 109 42.63 23.46 71.75
CA PRO S 109 43.66 24.50 71.63
C PRO S 109 43.17 25.66 70.76
N GLU S 110 44.06 26.61 70.56
CA GLU S 110 43.80 27.77 69.71
C GLU S 110 44.20 27.45 68.28
N PHE S 111 43.25 27.53 67.35
CA PHE S 111 43.53 27.28 65.96
C PHE S 111 42.58 28.11 65.12
N TYR S 112 43.11 28.70 64.04
CA TYR S 112 42.35 29.54 63.13
C TYR S 112 42.04 28.76 61.85
N VAL S 113 41.30 29.43 60.96
CA VAL S 113 40.96 28.82 59.68
C VAL S 113 42.19 28.87 58.79
N GLY S 114 42.66 27.71 58.36
CA GLY S 114 43.88 27.57 57.58
C GLY S 114 44.98 26.81 58.29
N SER S 115 44.85 26.58 59.60
CA SER S 115 45.82 25.79 60.33
C SER S 115 45.57 24.30 60.08
N ILE S 116 46.59 23.49 60.35
CA ILE S 116 46.53 22.06 60.12
C ILE S 116 46.40 21.35 61.46
N LEU S 117 45.40 20.48 61.56
CA LEU S 117 45.03 19.82 62.81
C LEU S 117 45.07 18.32 62.63
N ARG S 118 45.17 17.61 63.75
CA ARG S 118 45.05 16.16 63.81
C ARG S 118 44.09 15.81 64.92
N VAL S 119 43.03 15.08 64.59
CA VAL S 119 41.96 14.75 65.51
C VAL S 119 41.94 13.25 65.72
N THR S 120 41.87 12.84 66.99
CA THR S 120 41.72 11.44 67.37
C THR S 120 40.26 11.20 67.74
N THR S 121 39.64 10.23 67.09
CA THR S 121 38.22 9.94 67.25
C THR S 121 38.05 8.48 67.66
N ALA S 122 37.11 8.26 68.59
CA ALA S 122 36.75 6.91 69.03
C ALA S 122 35.94 6.25 67.92
N ASP S 123 36.51 5.21 67.31
CA ASP S 123 35.86 4.46 66.26
C ASP S 123 35.73 3.00 66.68
N PRO S 124 34.51 2.47 66.86
CA PRO S 124 34.39 1.08 67.32
C PRO S 124 34.82 0.05 66.30
N TYR S 125 34.72 0.36 65.01
CA TYR S 125 34.84 -0.65 63.97
C TYR S 125 36.24 -0.72 63.38
N ALA S 126 37.17 0.12 63.83
CA ALA S 126 38.53 0.06 63.32
C ALA S 126 39.30 -1.05 64.05
N SER S 127 40.52 -1.32 63.57
CA SER S 127 41.37 -2.31 64.24
C SER S 127 41.66 -1.88 65.67
N ALA S 128 42.07 -0.64 65.85
CA ALA S 128 42.20 -0.02 67.16
C ALA S 128 41.09 1.00 67.35
N LYS S 129 40.71 1.21 68.61
CA LYS S 129 39.61 2.11 68.92
C LYS S 129 39.91 3.57 68.60
N THR S 130 41.17 3.91 68.35
CA THR S 130 41.54 5.28 67.97
C THR S 130 41.62 5.40 66.46
N SER S 131 41.11 6.50 65.93
CA SER S 131 41.21 6.81 64.51
C SER S 131 41.79 8.22 64.37
N GLN S 132 42.90 8.34 63.64
CA GLN S 132 43.56 9.61 63.45
C GLN S 132 43.17 10.22 62.12
N PHE S 133 42.91 11.53 62.12
CA PHE S 133 42.66 12.25 60.87
C PHE S 133 43.38 13.59 60.91
N LEU S 134 44.27 13.81 59.94
CA LEU S 134 45.02 15.05 59.84
C LEU S 134 44.60 15.81 58.60
N GLY S 135 44.39 17.11 58.75
CA GLY S 135 43.99 17.92 57.60
C GLY S 135 43.96 19.39 57.95
N ILE S 136 43.81 20.20 56.90
CA ILE S 136 43.74 21.64 57.05
C ILE S 136 42.31 22.05 57.38
N CYS S 137 42.17 23.09 58.22
CA CYS S 137 40.86 23.55 58.67
C CYS S 137 40.23 24.41 57.58
N ILE S 138 39.25 23.85 56.86
CA ILE S 138 38.57 24.59 55.81
C ILE S 138 37.75 25.73 56.39
N GLN S 139 36.94 25.43 57.41
CA GLN S 139 36.06 26.45 57.98
C GLN S 139 35.62 26.01 59.37
N ARG S 140 35.29 27.01 60.20
CA ARG S 140 34.71 26.79 61.50
C ARG S 140 33.38 27.52 61.57
N SER S 141 32.33 26.82 62.01
CA SER S 141 31.01 27.41 62.03
C SER S 141 30.19 26.81 63.17
N GLY S 142 29.26 27.60 63.69
CA GLY S 142 28.42 27.20 64.79
C GLY S 142 28.60 28.10 66.00
N SER S 143 27.66 27.96 66.93
CA SER S 143 27.69 28.75 68.15
C SER S 143 27.32 27.87 69.33
N GLY S 144 28.11 27.93 70.39
CA GLY S 144 27.83 27.15 71.58
C GLY S 144 28.35 25.73 71.51
N LEU S 145 27.57 24.80 72.07
CA LEU S 145 28.01 23.41 72.20
C LEU S 145 28.06 22.67 70.87
N GLY S 146 27.53 23.24 69.79
CA GLY S 146 27.47 22.54 68.53
C GLY S 146 28.45 23.00 67.49
N ALA S 147 29.51 23.69 67.90
CA ALA S 147 30.49 24.21 66.95
C ALA S 147 31.16 23.07 66.18
N THR S 148 31.42 23.31 64.90
CA THR S 148 32.03 22.32 64.02
C THR S 148 33.15 22.98 63.23
N PHE S 149 34.13 22.15 62.85
CA PHE S 149 35.22 22.57 61.99
C PHE S 149 35.46 21.49 60.94
N ILE S 150 35.80 21.92 59.73
CA ILE S 150 35.95 21.02 58.59
C ILE S 150 37.43 20.82 58.30
N LEU S 151 37.86 19.56 58.23
CA LEU S 151 39.23 19.20 57.92
C LEU S 151 39.29 18.50 56.57
N ARG S 152 40.18 18.97 55.70
CA ARG S 152 40.32 18.46 54.35
C ARG S 152 41.71 17.89 54.15
N ASN S 153 41.80 16.72 53.54
CA ASN S 153 43.09 16.12 53.23
C ASN S 153 42.93 15.21 52.02
N THR S 154 43.91 15.25 51.11
CA THR S 154 43.89 14.40 49.92
C THR S 154 44.66 13.12 50.24
N ILE S 155 43.95 12.00 50.26
CA ILE S 155 44.52 10.70 50.55
C ILE S 155 44.52 9.89 49.25
N GLU S 156 45.72 9.65 48.72
CA GLU S 156 45.91 8.83 47.51
C GLU S 156 45.08 9.37 46.34
N GLY S 157 45.07 10.70 46.20
CA GLY S 157 44.41 11.33 45.08
C GLY S 157 42.94 11.64 45.29
N GLN S 158 42.35 11.21 46.39
CA GLN S 158 40.93 11.46 46.67
C GLN S 158 40.83 12.38 47.88
N GLY S 159 40.37 13.61 47.65
CA GLY S 159 40.20 14.54 48.74
C GLY S 159 39.04 14.13 49.63
N VAL S 160 39.28 14.14 50.94
CA VAL S 160 38.28 13.79 51.94
C VAL S 160 38.12 14.97 52.89
N GLU S 161 36.87 15.37 53.13
CA GLU S 161 36.53 16.44 54.05
C GLU S 161 35.64 15.87 55.15
N ILE S 162 36.03 16.08 56.40
CA ILE S 162 35.28 15.60 57.55
C ILE S 162 34.92 16.79 58.43
N CYS S 163 33.65 16.87 58.82
CA CYS S 163 33.14 17.96 59.66
C CYS S 163 33.07 17.45 61.09
N PHE S 164 34.09 17.77 61.88
CA PHE S 164 34.16 17.35 63.28
C PHE S 164 33.43 18.34 64.17
N GLU S 165 32.85 17.83 65.25
CA GLU S 165 32.22 18.65 66.28
C GLU S 165 33.19 18.86 67.42
N LEU S 166 33.36 20.12 67.83
CA LEU S 166 34.37 20.46 68.83
C LEU S 166 34.09 19.79 70.16
N TYR S 167 32.83 19.76 70.58
CA TYR S 167 32.46 19.28 71.90
C TYR S 167 31.78 17.92 71.86
N ASN S 168 32.05 17.13 70.83
CA ASN S 168 31.61 15.74 70.80
C ASN S 168 32.45 14.90 71.75
N PRO S 169 31.84 14.05 72.57
CA PRO S 169 32.62 13.22 73.50
C PRO S 169 33.47 12.16 72.83
N ARG S 170 33.27 11.89 71.54
CA ARG S 170 34.03 10.86 70.85
C ARG S 170 35.42 11.31 70.44
N ILE S 171 35.76 12.58 70.62
CA ILE S 171 37.08 13.08 70.29
C ILE S 171 38.00 12.89 71.49
N GLN S 172 39.16 12.29 71.25
CA GLN S 172 40.13 12.04 72.32
C GLN S 172 41.17 13.14 72.43
N GLU S 173 41.70 13.61 71.30
CA GLU S 173 42.76 14.62 71.33
C GLU S 173 42.73 15.42 70.05
N ILE S 174 42.76 16.74 70.18
CA ILE S 174 42.91 17.66 69.06
C ILE S 174 44.30 18.28 69.16
N GLN S 175 45.11 18.11 68.12
CA GLN S 175 46.52 18.50 68.15
C GLN S 175 46.80 19.37 66.93
N VAL S 176 47.12 20.64 67.16
CA VAL S 176 47.47 21.54 66.06
C VAL S 176 48.91 21.28 65.66
N VAL S 177 49.13 20.78 64.45
CA VAL S 177 50.49 20.48 64.01
C VAL S 177 51.15 21.67 63.31
N LYS S 178 50.37 22.63 62.83
CA LYS S 178 50.93 23.84 62.24
C LYS S 178 49.92 24.97 62.45
N LEU S 179 50.12 25.75 63.50
CA LEU S 179 49.25 26.89 63.78
C LEU S 179 49.59 27.99 62.79
N GLU S 180 48.65 28.30 61.91
CA GLU S 180 48.92 29.22 60.81
C GLU S 180 47.63 29.85 60.33
N LYS S 181 47.63 31.17 60.16
CA LYS S 181 46.51 31.90 59.59
C LYS S 181 46.71 32.07 58.09
N ARG S 182 45.60 32.33 57.39
CA ARG S 182 45.63 32.49 55.94
C ARG S 182 44.89 33.76 55.56
N LEU S 183 44.93 34.10 54.27
CA LEU S 183 44.36 35.33 53.76
C LEU S 183 42.84 35.37 53.81
N ASP S 184 42.17 34.24 54.01
CA ASP S 184 40.72 34.17 53.94
C ASP S 184 40.17 33.56 55.23
N ASN S 185 39.08 34.15 55.72
CA ASN S 185 38.43 33.65 56.92
C ASN S 185 37.79 32.29 56.73
N SER S 186 37.52 31.89 55.49
CA SER S 186 36.87 30.60 55.23
C SER S 186 37.24 30.19 53.80
N LEU S 187 38.17 29.24 53.68
CA LEU S 187 38.69 28.83 52.37
C LEU S 187 38.01 27.54 51.93
N LEU S 188 36.82 27.70 51.35
CA LEU S 188 36.08 26.57 50.78
C LEU S 188 36.49 26.26 49.35
N TYR S 189 37.42 27.03 48.78
CA TYR S 189 37.82 26.86 47.39
C TYR S 189 38.90 25.81 47.21
N LEU S 190 39.34 25.15 48.27
CA LEU S 190 40.36 24.11 48.14
C LEU S 190 39.84 22.89 47.36
N ARG S 191 38.52 22.71 47.30
CA ARG S 191 37.98 21.68 46.42
C ARG S 191 38.28 22.00 44.96
N ASP S 192 38.16 23.26 44.58
CA ASP S 192 38.40 23.70 43.22
C ASP S 192 39.86 24.05 42.95
N ALA S 193 40.69 24.10 43.99
CA ALA S 193 42.10 24.38 43.85
C ALA S 193 42.85 23.13 43.39
N LEU S 194 44.11 23.32 43.03
CA LEU S 194 44.96 22.20 42.63
C LEU S 194 45.18 21.26 43.81
N PRO S 195 45.36 19.97 43.54
CA PRO S 195 45.49 19.00 44.66
C PRO S 195 46.68 19.28 45.56
N GLU S 196 47.73 19.93 45.07
CA GLU S 196 48.93 20.15 45.87
C GLU S 196 48.63 21.01 47.11
N TYR S 197 47.60 21.84 47.05
CA TYR S 197 47.20 22.64 48.22
C TYR S 197 46.31 21.88 49.18
N SER S 198 45.81 20.70 48.78
CA SER S 198 45.02 19.86 49.66
C SER S 198 45.78 18.64 50.16
N THR S 199 46.95 18.35 49.58
CA THR S 199 47.77 17.23 50.03
C THR S 199 48.62 17.67 51.21
N PHE S 200 48.48 16.96 52.33
CA PHE S 200 49.30 17.18 53.51
C PHE S 200 49.72 15.82 54.07
N ASP S 201 50.98 15.71 54.48
CA ASP S 201 51.49 14.45 54.98
C ASP S 201 50.81 14.08 56.29
N VAL S 202 50.33 12.84 56.38
CA VAL S 202 49.66 12.40 57.60
C VAL S 202 50.65 12.29 58.75
N ASN S 203 51.87 11.83 58.48
CA ASN S 203 52.88 11.59 59.50
C ASN S 203 53.81 12.79 59.70
N MET S 204 53.32 14.00 59.42
CA MET S 204 54.14 15.19 59.62
C MET S 204 54.29 15.48 61.10
N LYS S 205 55.38 16.16 61.45
CA LYS S 205 55.62 16.46 62.85
C LYS S 205 55.02 17.81 63.23
N PRO S 206 54.53 17.93 64.46
CA PRO S 206 54.00 19.22 64.91
C PRO S 206 55.10 20.28 64.95
N ILE S 207 54.71 21.52 64.69
CA ILE S 207 55.64 22.64 64.65
C ILE S 207 55.29 23.58 65.80
N THR S 208 56.28 23.86 66.64
CA THR S 208 56.11 24.75 67.79
C THR S 208 56.70 26.12 67.46
N GLN S 209 55.96 27.17 67.82
CA GLN S 209 56.35 28.53 67.51
C GLN S 209 56.35 29.38 68.78
N GLU S 210 57.14 30.45 68.74
CA GLU S 210 57.19 31.39 69.85
C GLU S 210 55.91 32.23 69.90
N PHE S 211 55.58 32.69 71.10
CA PHE S 211 54.39 33.52 71.27
C PHE S 211 54.54 34.86 70.58
N ASN S 212 55.76 35.38 70.48
CA ASN S 212 55.98 36.69 69.87
C ASN S 212 55.75 36.71 68.36
N GLN S 213 55.63 35.54 67.73
CA GLN S 213 55.35 35.52 66.30
C GLN S 213 53.91 35.96 66.01
N GLU S 214 53.02 35.82 67.00
CA GLU S 214 51.65 36.34 66.91
C GLU S 214 50.89 35.77 65.72
N VAL S 215 50.88 34.45 65.61
CA VAL S 215 50.10 33.72 64.62
C VAL S 215 50.44 34.25 63.23
N PRO S 216 51.60 33.90 62.67
CA PRO S 216 51.96 34.43 61.35
C PRO S 216 50.98 33.97 60.28
N VAL S 217 50.41 34.95 59.58
CA VAL S 217 49.44 34.67 58.52
C VAL S 217 50.20 34.28 57.25
N ASN S 218 49.64 33.33 56.51
CA ASN S 218 50.29 32.78 55.32
C ASN S 218 49.70 33.45 54.08
N GLN S 219 50.49 34.28 53.42
CA GLN S 219 50.08 34.95 52.17
C GLN S 219 50.46 34.04 51.01
N LEU S 220 49.58 33.09 50.69
CA LEU S 220 49.82 32.15 49.60
C LEU S 220 48.70 32.28 48.58
N LYS S 221 49.06 32.65 47.35
CA LYS S 221 48.10 32.69 46.25
C LYS S 221 47.95 31.30 45.68
N VAL S 222 46.71 30.84 45.58
CA VAL S 222 46.40 29.45 45.22
C VAL S 222 46.00 29.40 43.75
N LYS S 223 46.58 28.45 43.02
CA LYS S 223 46.17 28.21 41.65
C LYS S 223 44.78 27.57 41.62
N MET S 224 44.13 27.66 40.46
CA MET S 224 42.74 27.25 40.32
C MET S 224 42.60 26.28 39.16
N LYS S 225 41.67 25.34 39.31
CA LYS S 225 41.28 24.48 38.20
C LYS S 225 40.48 25.27 37.19
N PRO S 226 40.41 24.81 35.94
CA PRO S 226 39.60 25.51 34.94
C PRO S 226 38.12 25.49 35.30
N LYS S 227 37.41 26.49 34.79
CA LYS S 227 35.98 26.61 35.05
C LYS S 227 35.24 25.41 34.45
N PRO S 228 34.09 25.03 35.01
CA PRO S 228 33.39 25.63 36.15
C PRO S 228 33.94 25.22 37.52
N TRP S 229 33.50 25.90 38.56
CA TRP S 229 33.92 25.64 39.94
C TRP S 229 32.71 25.23 40.78
N SER S 230 32.98 24.88 42.03
CA SER S 230 31.90 24.58 42.97
C SER S 230 31.02 25.79 43.23
N LYS S 231 31.62 26.97 43.36
CA LYS S 231 30.90 28.22 43.53
C LYS S 231 31.51 29.27 42.62
N ARG S 232 30.96 30.48 42.68
CA ARG S 232 31.49 31.60 41.89
C ARG S 232 32.37 32.43 42.81
N TRP S 233 33.61 31.98 42.97
CA TRP S 233 34.56 32.65 43.86
C TRP S 233 34.92 34.06 43.37
N GLU S 234 34.62 34.37 42.11
CA GLU S 234 34.91 35.69 41.56
C GLU S 234 33.92 36.76 42.01
N ARG S 235 32.80 36.37 42.61
CA ARG S 235 31.82 37.35 43.04
C ARG S 235 32.31 38.12 44.27
N PRO S 236 31.94 39.40 44.39
CA PRO S 236 32.39 40.18 45.56
C PRO S 236 31.83 39.69 46.88
N LYS S 237 30.75 38.91 46.88
CA LYS S 237 30.16 38.47 48.13
C LYS S 237 31.06 37.51 48.89
N PHE S 238 32.04 36.89 48.22
CA PHE S 238 32.97 35.99 48.89
C PHE S 238 34.18 36.72 49.44
N ASN S 239 34.63 37.77 48.75
CA ASN S 239 35.77 38.59 49.20
C ASN S 239 37.00 37.73 49.43
N ILE S 240 37.48 37.11 48.36
CA ILE S 240 38.60 36.19 48.40
C ILE S 240 39.84 36.90 47.88
N LYS S 241 40.90 36.90 48.69
CA LYS S 241 42.18 37.46 48.30
C LYS S 241 43.26 36.39 48.14
N GLY S 242 42.97 35.15 48.50
CA GLY S 242 43.95 34.08 48.43
C GLY S 242 43.98 33.29 47.14
N ILE S 243 43.20 33.70 46.14
CA ILE S 243 43.15 33.01 44.85
C ILE S 243 43.81 33.88 43.80
N ARG S 244 44.75 33.30 43.06
CA ARG S 244 45.46 34.01 42.00
C ARG S 244 44.53 34.11 40.79
N PHE S 245 43.76 35.20 40.74
CA PHE S 245 42.75 35.36 39.70
C PHE S 245 43.34 35.79 38.36
N ASP S 246 44.48 36.49 38.37
CA ASP S 246 44.97 37.10 37.13
C ASP S 246 45.44 36.08 36.11
N LEU S 247 45.77 34.85 36.53
CA LEU S 247 46.17 33.81 35.60
C LEU S 247 45.03 32.90 35.19
N CYS S 248 43.89 32.94 35.89
CA CYS S 248 42.78 32.05 35.60
C CYS S 248 41.58 32.74 34.96
N LEU S 249 41.39 34.03 35.22
CA LEU S 249 40.28 34.79 34.66
C LEU S 249 40.80 35.89 33.76
N THR S 250 39.90 36.43 32.95
CA THR S 250 40.24 37.50 32.02
C THR S 250 39.63 38.83 32.49
N GLU S 251 40.02 39.91 31.80
CA GLU S 251 39.56 41.23 32.18
C GLU S 251 38.05 41.37 32.01
N GLU S 252 37.50 40.80 30.94
CA GLU S 252 36.06 40.89 30.73
C GLU S 252 35.30 40.16 31.83
N GLN S 253 35.77 38.98 32.24
CA GLN S 253 35.10 38.25 33.32
C GLN S 253 35.25 38.99 34.64
N MET S 254 36.42 39.59 34.89
CA MET S 254 36.58 40.38 36.10
C MET S 254 35.64 41.58 36.13
N ARG S 255 35.46 42.24 34.98
CA ARG S 255 34.50 43.34 34.91
C ARG S 255 33.07 42.87 35.13
N GLU S 256 32.72 41.71 34.54
CA GLU S 256 31.38 41.17 34.74
C GLU S 256 31.13 40.78 36.19
N ALA S 257 32.17 40.35 36.90
CA ALA S 257 32.00 39.96 38.30
C ALA S 257 31.58 41.11 39.20
N GLN S 258 31.88 42.35 38.83
CA GLN S 258 31.60 43.50 39.67
C GLN S 258 30.15 43.97 39.59
N LYS S 259 29.34 43.39 38.70
CA LYS S 259 27.94 43.79 38.63
C LYS S 259 27.14 43.31 39.84
N TRP S 260 27.67 42.35 40.59
CA TRP S 260 27.02 41.85 41.80
C TRP S 260 27.56 42.51 43.06
N SER S 261 28.46 43.49 42.92
CA SER S 261 29.00 44.19 44.08
C SER S 261 27.93 45.08 44.70
N GLN S 262 27.94 45.16 46.03
CA GLN S 262 27.00 45.96 46.80
C GLN S 262 27.79 46.85 47.74
N PRO S 263 28.26 48.02 47.27
CA PRO S 263 29.13 48.85 48.11
C PRO S 263 28.46 49.41 49.35
N TRP S 264 27.13 49.50 49.38
CA TRP S 264 26.46 50.13 50.51
C TRP S 264 26.51 49.28 51.78
N LEU S 265 26.76 47.97 51.65
CA LEU S 265 26.86 47.13 52.83
C LEU S 265 28.06 47.49 53.69
N GLU S 266 29.15 47.96 53.07
CA GLU S 266 30.34 48.34 53.84
C GLU S 266 30.06 49.54 54.75
N PHE S 267 29.17 50.44 54.34
CA PHE S 267 28.88 51.64 55.10
C PHE S 267 27.43 51.69 55.57
N ASP S 268 26.76 50.54 55.68
CA ASP S 268 25.37 50.53 56.15
C ASP S 268 25.26 51.05 57.58
N MET S 269 26.22 50.68 58.43
CA MET S 269 26.32 51.09 59.84
C MET S 269 25.30 50.44 60.75
N MET S 270 24.43 49.56 60.24
CA MET S 270 23.41 48.94 61.07
C MET S 270 23.38 47.42 61.01
N ARG S 271 23.81 46.80 59.91
CA ARG S 271 23.92 45.35 59.88
C ARG S 271 25.11 44.84 60.67
N GLU S 272 26.00 45.72 61.11
CA GLU S 272 27.15 45.30 61.91
C GLU S 272 26.69 44.78 63.26
N TYR S 273 27.46 43.84 63.80
CA TYR S 273 27.15 43.20 65.08
C TYR S 273 28.24 43.57 66.07
N ASP S 274 27.86 44.38 67.07
CA ASP S 274 28.78 44.83 68.10
C ASP S 274 28.67 43.92 69.31
N THR S 275 29.79 43.37 69.76
CA THR S 275 29.79 42.39 70.84
C THR S 275 30.82 42.73 71.92
N SER S 276 31.14 44.00 72.10
CA SER S 276 32.17 44.36 73.08
C SER S 276 31.75 43.93 74.49
N LYS S 277 30.56 44.32 74.91
CA LYS S 277 30.08 43.98 76.24
C LYS S 277 29.87 42.47 76.39
N ILE S 278 29.37 41.81 75.34
CA ILE S 278 29.14 40.37 75.41
C ILE S 278 30.45 39.62 75.56
N GLU S 279 31.46 39.99 74.78
CA GLU S 279 32.78 39.36 74.91
C GLU S 279 33.39 39.65 76.27
N ALA S 280 33.18 40.86 76.80
CA ALA S 280 33.69 41.15 78.14
C ALA S 280 33.04 40.25 79.19
N ALA S 281 31.72 40.07 79.09
CA ALA S 281 31.02 39.21 80.04
C ALA S 281 31.46 37.76 79.91
N ILE S 282 31.64 37.29 78.67
CA ILE S 282 32.09 35.92 78.45
C ILE S 282 33.50 35.72 78.98
N TRP S 283 34.37 36.72 78.80
CA TRP S 283 35.71 36.65 79.36
C TRP S 283 35.69 36.59 80.88
N ASP S 284 34.82 37.39 81.51
CA ASP S 284 34.70 37.34 82.96
C ASP S 284 34.21 35.97 83.42
N GLU S 285 33.23 35.40 82.72
CA GLU S 285 32.73 34.08 83.08
C GLU S 285 33.81 33.01 82.90
N ILE S 286 34.60 33.12 81.83
CA ILE S 286 35.68 32.16 81.60
C ILE S 286 36.72 32.26 82.71
N GLU S 287 37.09 33.47 83.10
CA GLU S 287 38.04 33.64 84.19
C GLU S 287 37.50 33.08 85.50
N ALA S 288 36.20 33.31 85.77
CA ALA S 288 35.59 32.76 86.97
C ALA S 288 35.61 31.24 86.95
N SER S 289 35.31 30.64 85.79
CA SER S 289 35.33 29.18 85.68
C SER S 289 36.75 28.64 85.89
N LYS S 290 37.76 29.30 85.31
CA LYS S 290 39.13 28.85 85.49
C LYS S 290 39.56 28.98 86.94
N ASN S 291 39.17 30.06 87.62
CA ASN S 291 39.51 30.22 89.03
C ASN S 291 38.75 29.24 89.92
N SER S 292 37.58 28.78 89.47
CA SER S 292 36.79 27.83 90.24
C SER S 292 37.46 26.45 90.26
N LEU T 10 -53.38 64.27 11.23
CA LEU T 10 -53.89 64.37 12.59
C LEU T 10 -53.09 63.48 13.55
N ARG T 11 -52.05 64.05 14.14
CA ARG T 11 -51.22 63.32 15.08
C ARG T 11 -51.97 63.15 16.40
N SER T 12 -52.18 61.90 16.81
CA SER T 12 -52.90 61.57 18.03
C SER T 12 -51.92 60.95 19.01
N ARG T 13 -51.78 61.55 20.19
CA ARG T 13 -50.94 61.05 21.25
C ARG T 13 -51.77 60.80 22.50
N VAL T 14 -51.25 59.94 23.37
CA VAL T 14 -51.95 59.56 24.59
C VAL T 14 -51.55 60.53 25.70
N THR T 15 -52.55 61.10 26.38
CA THR T 15 -52.32 62.05 27.45
C THR T 15 -52.63 61.48 28.83
N ASP T 16 -53.51 60.49 28.94
CA ASP T 16 -53.85 59.88 30.21
C ASP T 16 -52.96 58.68 30.55
N ARG T 17 -51.75 58.63 29.98
CA ARG T 17 -50.85 57.52 30.27
C ARG T 17 -50.49 57.48 31.76
N TYR T 18 -50.45 58.65 32.41
CA TYR T 18 -50.22 58.69 33.85
C TYR T 18 -51.28 57.87 34.59
N TRP T 19 -52.55 58.10 34.27
CA TRP T 19 -53.62 57.38 34.95
C TRP T 19 -53.66 55.92 34.53
N ARG T 20 -53.34 55.62 33.27
CA ARG T 20 -53.26 54.22 32.86
C ARG T 20 -52.20 53.46 33.63
N VAL T 21 -51.04 54.07 33.85
CA VAL T 21 -49.98 53.43 34.64
C VAL T 21 -50.37 53.35 36.11
N GLN T 22 -51.00 54.41 36.63
CA GLN T 22 -51.35 54.44 38.05
C GLN T 22 -52.41 53.40 38.39
N GLU T 23 -53.36 53.14 37.48
CA GLU T 23 -54.38 52.14 37.73
C GLU T 23 -53.77 50.76 37.96
N VAL T 24 -52.60 50.49 37.39
CA VAL T 24 -51.90 49.23 37.64
C VAL T 24 -50.97 49.34 38.84
N LEU T 25 -50.29 50.48 38.99
CA LEU T 25 -49.32 50.63 40.06
C LEU T 25 -49.95 50.74 41.44
N LYS T 26 -51.24 51.09 41.51
CA LYS T 26 -51.88 51.22 42.82
C LYS T 26 -52.08 49.88 43.51
N HIS T 27 -52.05 48.78 42.76
CA HIS T 27 -52.19 47.45 43.34
C HIS T 27 -50.86 46.80 43.67
N ALA T 28 -49.74 47.46 43.38
CA ALA T 28 -48.41 46.88 43.59
C ALA T 28 -47.56 47.73 44.54
N ARG T 29 -48.17 48.63 45.30
CA ARG T 29 -47.41 49.51 46.18
C ARG T 29 -46.85 48.79 47.39
N HIS T 30 -47.39 47.62 47.75
CA HIS T 30 -46.93 46.87 48.90
C HIS T 30 -45.96 45.76 48.53
N PHE T 31 -45.49 45.73 47.29
CA PHE T 31 -44.56 44.71 46.84
C PHE T 31 -43.13 45.05 47.28
N ARG T 32 -42.24 44.08 47.11
CA ARG T 32 -40.84 44.22 47.51
C ARG T 32 -39.96 44.30 46.27
N GLY T 33 -39.01 45.22 46.29
CA GLY T 33 -38.08 45.38 45.19
C GLY T 33 -38.53 46.41 44.17
N ARG T 34 -38.05 46.21 42.94
CA ARG T 34 -38.39 47.10 41.84
C ARG T 34 -39.77 46.84 41.28
N LYS T 35 -40.46 45.79 41.73
CA LYS T 35 -41.79 45.50 41.25
C LYS T 35 -42.81 46.55 41.68
N ASN T 36 -42.53 47.28 42.76
CA ASN T 36 -43.45 48.32 43.23
C ASN T 36 -43.19 49.66 42.56
N ARG T 37 -42.12 49.79 41.77
CA ARG T 37 -41.80 51.04 41.09
C ARG T 37 -41.85 50.91 39.58
N CYS T 38 -41.11 49.97 39.00
CA CYS T 38 -41.05 49.83 37.55
C CYS T 38 -42.35 49.25 37.02
N TYR T 39 -42.87 49.86 35.96
CA TYR T 39 -44.14 49.41 35.39
C TYR T 39 -44.00 48.09 34.65
N ARG T 40 -42.88 47.88 33.96
CA ARG T 40 -42.68 46.64 33.22
C ARG T 40 -42.69 45.44 34.16
N LEU T 41 -42.10 45.60 35.34
CA LEU T 41 -42.05 44.54 36.34
C LEU T 41 -43.31 44.45 37.17
N ALA T 42 -44.18 45.47 37.12
CA ALA T 42 -45.37 45.51 37.96
C ALA T 42 -46.56 44.81 37.33
N VAL T 43 -46.73 44.92 36.01
CA VAL T 43 -47.88 44.32 35.35
C VAL T 43 -47.84 42.80 35.52
N ARG T 44 -46.68 42.19 35.33
CA ARG T 44 -46.55 40.76 35.53
C ARG T 44 -46.81 40.38 36.99
N ALA T 45 -46.27 41.15 37.93
CA ALA T 45 -46.50 40.88 39.34
C ALA T 45 -47.95 41.05 39.73
N VAL T 46 -48.63 42.06 39.20
CA VAL T 46 -50.04 42.29 39.52
C VAL T 46 -50.90 41.17 38.94
N THR T 47 -50.61 40.75 37.71
CA THR T 47 -51.39 39.68 37.09
C THR T 47 -51.27 38.38 37.87
N ARG T 48 -50.04 38.03 38.26
CA ARG T 48 -49.85 36.84 39.08
C ARG T 48 -50.50 37.00 40.45
N ALA T 49 -50.49 38.22 41.00
CA ALA T 49 -51.17 38.46 42.27
C ALA T 49 -52.67 38.20 42.16
N PHE T 50 -53.29 38.67 41.07
CA PHE T 50 -54.72 38.44 40.88
C PHE T 50 -55.02 36.96 40.64
N VAL T 51 -54.19 36.28 39.86
CA VAL T 51 -54.40 34.86 39.63
C VAL T 51 -54.31 34.08 40.94
N LYS T 52 -53.30 34.40 41.76
CA LYS T 52 -53.19 33.78 43.07
C LYS T 52 -54.36 34.14 43.96
N CYS T 53 -54.88 35.36 43.85
CA CYS T 53 -56.06 35.73 44.63
C CYS T 53 -57.25 34.87 44.27
N THR T 54 -57.47 34.62 42.98
CA THR T 54 -58.58 33.76 42.57
C THR T 54 -58.37 32.32 43.04
N ARG T 55 -57.16 31.79 42.85
CA ARG T 55 -56.89 30.43 43.26
C ARG T 55 -57.07 30.26 44.77
N ALA T 56 -56.59 31.23 45.55
CA ALA T 56 -56.72 31.15 47.00
C ALA T 56 -58.15 31.39 47.45
N ARG T 57 -58.92 32.18 46.73
CA ARG T 57 -60.34 32.28 47.02
C ARG T 57 -61.03 30.94 46.81
N ARG T 58 -60.62 30.20 45.78
CA ARG T 58 -61.16 28.86 45.59
C ARG T 58 -60.72 27.91 46.70
N LEU T 59 -59.46 27.99 47.11
CA LEU T 59 -58.93 27.08 48.12
C LEU T 59 -59.29 27.45 49.55
N LYS T 60 -59.83 28.65 49.77
CA LYS T 60 -60.16 29.09 51.12
C LYS T 60 -61.23 28.23 51.74
N LYS T 61 -62.24 27.83 50.95
CA LYS T 61 -63.29 26.97 51.46
C LYS T 61 -62.73 25.64 51.92
N ARG T 62 -61.86 25.04 51.10
CA ARG T 62 -61.25 23.76 51.48
C ARG T 62 -60.37 23.91 52.72
N SER T 63 -59.57 24.97 52.78
CA SER T 63 -58.69 25.17 53.92
C SER T 63 -59.48 25.35 55.21
N LEU T 64 -60.55 26.16 55.17
CA LEU T 64 -61.36 26.36 56.35
C LEU T 64 -62.13 25.10 56.72
N ARG T 65 -62.55 24.32 55.73
CA ARG T 65 -63.20 23.05 56.05
C ARG T 65 -62.23 22.09 56.73
N THR T 66 -60.99 22.03 56.26
CA THR T 66 -59.99 21.19 56.93
C THR T 66 -59.71 21.68 58.33
N LEU T 67 -59.66 23.01 58.52
CA LEU T 67 -59.47 23.54 59.87
C LEU T 67 -60.61 23.15 60.79
N TRP T 68 -61.84 23.26 60.30
CA TRP T 68 -63.00 22.86 61.10
C TRP T 68 -62.97 21.38 61.43
N ILE T 69 -62.58 20.54 60.45
CA ILE T 69 -62.48 19.11 60.70
C ILE T 69 -61.43 18.83 61.76
N ASN T 70 -60.28 19.51 61.68
CA ASN T 70 -59.24 19.31 62.69
C ASN T 70 -59.73 19.71 64.07
N ARG T 71 -60.46 20.83 64.17
CA ARG T 71 -60.98 21.25 65.46
C ARG T 71 -62.02 20.28 65.99
N ILE T 72 -62.89 19.77 65.12
CA ILE T 72 -63.89 18.79 65.54
C ILE T 72 -63.21 17.52 66.03
N THR T 73 -62.18 17.06 65.31
CA THR T 73 -61.38 15.95 65.82
C THR T 73 -60.86 16.26 67.23
N ALA T 74 -60.08 17.33 67.36
CA ALA T 74 -59.52 17.71 68.65
C ALA T 74 -60.56 17.60 69.76
N ALA T 75 -61.69 18.27 69.59
CA ALA T 75 -62.73 18.24 70.61
C ALA T 75 -63.38 16.87 70.75
N SER T 76 -63.25 15.99 69.74
CA SER T 76 -63.85 14.66 69.83
C SER T 76 -62.97 13.66 70.57
N GLN T 77 -61.69 13.54 70.16
CA GLN T 77 -60.79 12.71 70.96
C GLN T 77 -60.53 13.31 72.33
N GLU T 78 -60.88 14.58 72.54
CA GLU T 78 -60.92 15.07 73.92
C GLU T 78 -62.04 14.41 74.72
N HIS T 79 -63.08 13.91 74.05
CA HIS T 79 -64.13 13.15 74.69
C HIS T 79 -63.97 11.65 74.51
N GLY T 80 -62.83 11.19 73.99
CA GLY T 80 -62.64 9.78 73.74
C GLY T 80 -63.50 9.21 72.62
N LEU T 81 -63.69 9.98 71.54
CA LEU T 81 -64.47 9.54 70.40
C LEU T 81 -63.77 9.97 69.13
N LYS T 82 -63.73 9.08 68.14
CA LYS T 82 -63.07 9.38 66.88
C LYS T 82 -63.99 10.19 65.97
N TYR T 83 -63.36 10.99 65.10
CA TYR T 83 -64.12 11.87 64.21
C TYR T 83 -65.04 11.13 63.26
N PRO T 84 -64.62 10.07 62.56
CA PRO T 84 -65.57 9.39 61.66
C PRO T 84 -66.77 8.82 62.38
N ALA T 85 -66.55 8.16 63.52
CA ALA T 85 -67.67 7.61 64.27
C ALA T 85 -68.59 8.73 64.77
N PHE T 86 -68.00 9.81 65.27
CA PHE T 86 -68.81 10.94 65.75
C PHE T 86 -69.68 11.50 64.63
N ILE T 87 -69.09 11.71 63.45
CA ILE T 87 -69.84 12.30 62.35
C ILE T 87 -70.94 11.36 61.86
N ILE T 88 -70.61 10.07 61.68
CA ILE T 88 -71.62 9.16 61.15
C ILE T 88 -72.76 8.97 62.15
N ASN T 89 -72.45 8.92 63.45
CA ASN T 89 -73.50 8.76 64.43
C ASN T 89 -74.29 10.05 64.68
N LEU T 90 -73.71 11.21 64.39
CA LEU T 90 -74.49 12.44 64.41
C LEU T 90 -75.42 12.52 63.21
N ILE T 91 -74.97 12.04 62.04
CA ILE T 91 -75.84 11.99 60.87
C ILE T 91 -76.98 11.00 61.10
N LYS T 92 -76.67 9.85 61.70
CA LYS T 92 -77.69 8.82 61.93
C LYS T 92 -78.80 9.32 62.84
N CYS T 93 -78.51 10.30 63.69
CA CYS T 93 -79.51 10.89 64.57
C CYS T 93 -80.26 12.04 63.91
N GLN T 94 -80.10 12.22 62.60
CA GLN T 94 -80.77 13.27 61.84
C GLN T 94 -80.46 14.65 62.41
N VAL T 95 -79.23 14.83 62.87
CA VAL T 95 -78.74 16.12 63.35
C VAL T 95 -77.81 16.66 62.27
N GLU T 96 -78.31 17.56 61.43
CA GLU T 96 -77.58 18.04 60.26
C GLU T 96 -76.91 19.37 60.60
N LEU T 97 -75.84 19.29 61.38
CA LEU T 97 -75.02 20.44 61.71
C LEU T 97 -73.72 20.34 60.92
N ASN T 98 -73.40 21.38 60.17
CA ASN T 98 -72.21 21.34 59.32
C ASN T 98 -70.95 21.50 60.16
N ARG T 99 -69.80 21.34 59.49
CA ARG T 99 -68.52 21.36 60.20
C ARG T 99 -68.24 22.71 60.83
N LYS T 100 -68.63 23.81 60.17
CA LYS T 100 -68.40 25.14 60.74
C LYS T 100 -69.15 25.30 62.06
N VAL T 101 -70.43 24.92 62.08
CA VAL T 101 -71.22 25.03 63.30
C VAL T 101 -70.70 24.08 64.37
N LEU T 102 -70.28 22.88 63.97
CA LEU T 102 -69.74 21.94 64.94
C LEU T 102 -68.46 22.48 65.57
N ALA T 103 -67.59 23.10 64.78
CA ALA T 103 -66.38 23.69 65.33
C ALA T 103 -66.71 24.88 66.23
N ASP T 104 -67.70 25.69 65.85
CA ASP T 104 -68.13 26.80 66.70
C ASP T 104 -68.60 26.29 68.05
N LEU T 105 -69.41 25.22 68.04
CA LEU T 105 -69.88 24.63 69.29
C LEU T 105 -68.72 24.06 70.09
N ALA T 106 -67.77 23.42 69.43
CA ALA T 106 -66.61 22.86 70.14
C ALA T 106 -65.80 23.94 70.82
N ILE T 107 -65.59 25.07 70.14
CA ILE T 107 -64.77 26.15 70.69
C ILE T 107 -65.50 26.90 71.81
N TYR T 108 -66.78 27.22 71.60
CA TYR T 108 -67.47 28.11 72.52
C TYR T 108 -68.54 27.44 73.38
N GLU T 109 -68.92 26.20 73.08
CA GLU T 109 -69.97 25.51 73.84
C GLU T 109 -69.47 24.13 74.24
N PRO T 110 -68.57 24.06 75.23
CA PRO T 110 -68.06 22.74 75.64
C PRO T 110 -69.14 21.78 76.11
N LYS T 111 -70.12 22.26 76.87
CA LYS T 111 -71.17 21.38 77.37
C LYS T 111 -72.06 20.88 76.24
N THR T 112 -72.45 21.77 75.33
CA THR T 112 -73.26 21.34 74.18
C THR T 112 -72.50 20.36 73.30
N PHE T 113 -71.20 20.59 73.10
CA PHE T 113 -70.42 19.65 72.31
C PHE T 113 -70.27 18.31 73.03
N LYS T 114 -70.15 18.31 74.36
CA LYS T 114 -70.12 17.05 75.08
C LYS T 114 -71.45 16.32 74.98
N SER T 115 -72.56 17.06 75.00
CA SER T 115 -73.86 16.44 74.80
C SER T 115 -73.95 15.82 73.41
N LEU T 116 -73.46 16.52 72.39
CA LEU T 116 -73.46 15.96 71.04
C LEU T 116 -72.58 14.71 70.95
N ALA T 117 -71.41 14.74 71.61
CA ALA T 117 -70.53 13.59 71.62
C ALA T 117 -71.18 12.40 72.32
N ALA T 118 -71.86 12.66 73.45
CA ALA T 118 -72.56 11.59 74.15
C ALA T 118 -73.67 11.01 73.30
N LEU T 119 -74.43 11.86 72.60
CA LEU T 119 -75.48 11.36 71.71
C LEU T 119 -74.90 10.51 70.60
N ALA T 120 -73.82 10.98 69.97
CA ALA T 120 -73.19 10.22 68.89
C ALA T 120 -72.66 8.88 69.41
N LYS T 121 -72.01 8.88 70.57
CA LYS T 121 -71.54 7.63 71.13
C LYS T 121 -72.71 6.68 71.39
N ARG T 122 -73.74 7.16 72.11
CA ARG T 122 -74.89 6.32 72.41
C ARG T 122 -75.49 5.72 71.15
N ARG T 123 -75.58 6.52 70.08
CA ARG T 123 -76.02 5.99 68.79
C ARG T 123 -75.07 4.89 68.30
N ARG T 124 -73.77 5.06 68.55
CA ARG T 124 -72.80 4.05 68.13
C ARG T 124 -73.01 2.72 68.84
N GLU T 125 -73.14 2.75 70.17
CA GLU T 125 -73.41 1.48 70.87
C GLU T 125 -74.79 0.93 70.49
N GLU T 126 -75.74 1.80 70.19
CA GLU T 126 -77.05 1.31 69.75
C GLU T 126 -76.93 0.55 68.44
N GLY T 127 -76.18 1.11 67.48
CA GLY T 127 -75.97 0.41 66.23
C GLY T 127 -75.18 -0.88 66.40
N PHE T 128 -74.16 -0.86 67.26
CA PHE T 128 -73.38 -2.07 67.51
C PHE T 128 -74.23 -3.16 68.14
N ALA T 129 -75.07 -2.80 69.12
CA ALA T 129 -75.94 -3.78 69.73
C ALA T 129 -76.96 -4.33 68.74
N ALA T 130 -77.50 -3.47 67.88
CA ALA T 130 -78.43 -3.93 66.86
C ALA T 130 -77.74 -4.91 65.90
N ALA T 131 -76.52 -4.59 65.48
CA ALA T 131 -75.79 -5.49 64.59
C ALA T 131 -75.47 -6.81 65.27
N LEU T 132 -75.11 -6.78 66.55
CA LEU T 132 -74.82 -8.02 67.27
C LEU T 132 -76.07 -8.88 67.44
N GLY T 133 -77.19 -8.27 67.83
CA GLY T 133 -78.43 -8.99 68.04
C GLY T 133 -79.05 -9.55 66.79
N ASP T 134 -79.04 -8.76 65.71
CA ASP T 134 -79.64 -9.14 64.43
C ASP T 134 -81.12 -9.50 64.61
N GLY T 135 -81.83 -8.64 65.33
CA GLY T 135 -83.25 -8.84 65.55
C GLY T 135 -84.06 -7.65 65.09
N LYS T 136 -85.13 -7.93 64.34
CA LYS T 136 -85.96 -6.87 63.80
C LYS T 136 -86.74 -6.16 64.90
N GLU T 137 -87.27 -6.89 65.87
CA GLU T 137 -88.07 -6.32 66.94
C GLU T 137 -87.26 -5.40 67.87
N PRO T 138 -86.10 -5.83 68.38
CA PRO T 138 -85.36 -4.95 69.30
C PRO T 138 -84.77 -3.75 68.56
N ASP T 139 -85.24 -2.55 68.93
CA ASP T 139 -84.78 -1.31 68.34
C ASP T 139 -84.40 -0.34 69.45
N GLY T 140 -83.33 0.42 69.23
CA GLY T 140 -82.89 1.37 70.22
C GLY T 140 -83.77 2.62 70.26
N ILE T 141 -83.64 3.37 71.36
CA ILE T 141 -84.46 4.55 71.56
C ILE T 141 -84.07 5.66 70.59
N PHE T 142 -82.77 5.92 70.45
CA PHE T 142 -82.28 6.98 69.59
C PHE T 142 -82.08 6.53 68.15
N SER T 143 -82.30 5.26 67.85
CA SER T 143 -82.13 4.73 66.50
C SER T 143 -83.42 4.81 65.68
N ARG T 144 -84.50 5.32 66.26
CA ARG T 144 -85.75 5.45 65.53
C ARG T 144 -85.64 6.56 64.49
N VAL T 145 -86.23 6.33 63.32
CA VAL T 145 -86.18 7.26 62.21
C VAL T 145 -87.52 7.97 62.10
N VAL T 146 -87.49 9.30 62.05
CA VAL T 146 -88.68 10.12 61.94
C VAL T 146 -88.75 10.69 60.53
N GLN T 147 -89.93 10.63 59.93
CA GLN T 147 -90.13 11.11 58.57
C GLN T 147 -90.38 12.61 58.56
N HIS T 148 -90.53 13.17 57.35
CA HIS T 148 -90.80 14.58 57.20
C HIS T 148 -92.23 14.92 57.58
N ARG T 149 -92.41 16.12 58.12
CA ARG T 149 -93.74 16.59 58.49
C ARG T 149 -93.90 18.09 58.19
N VAL U 55 -63.55 -21.29 81.42
CA VAL U 55 -63.45 -20.69 80.10
C VAL U 55 -62.03 -20.22 79.83
N PRO U 56 -61.49 -20.56 78.65
CA PRO U 56 -60.16 -20.07 78.30
C PRO U 56 -60.15 -18.57 78.07
N LYS U 57 -59.14 -17.91 78.62
CA LYS U 57 -58.98 -16.46 78.53
C LYS U 57 -57.69 -16.18 77.75
N THR U 58 -57.84 -15.78 76.50
CA THR U 58 -56.73 -15.50 75.62
C THR U 58 -56.77 -14.03 75.19
N SER U 59 -55.70 -13.60 74.50
CA SER U 59 -55.64 -12.23 74.01
C SER U 59 -56.74 -11.95 72.99
N LEU U 60 -56.98 -12.89 72.08
CA LEU U 60 -57.98 -12.74 71.04
C LEU U 60 -59.29 -13.43 71.36
N GLY U 61 -59.41 -14.07 72.53
CA GLY U 61 -60.66 -14.69 72.91
C GLY U 61 -61.76 -13.68 73.14
N SER U 62 -61.43 -12.55 73.73
CA SER U 62 -62.38 -11.48 73.98
C SER U 62 -62.10 -10.28 73.07
N PRO U 63 -63.13 -9.56 72.65
CA PRO U 63 -62.91 -8.39 71.81
C PRO U 63 -62.14 -7.32 72.58
N PRO U 64 -61.32 -6.51 71.89
CA PRO U 64 -60.50 -5.51 72.56
C PRO U 64 -61.25 -4.20 72.83
N TRP U 65 -62.47 -4.30 73.34
CA TRP U 65 -63.25 -3.14 73.74
C TRP U 65 -64.12 -3.54 74.91
N PRO U 66 -64.42 -2.60 75.82
CA PRO U 66 -65.30 -2.94 76.95
C PRO U 66 -66.69 -3.30 76.48
N ASP U 67 -67.31 -4.25 77.18
CA ASP U 67 -68.66 -4.66 76.85
C ASP U 67 -69.65 -3.54 77.17
N ILE U 68 -70.72 -3.47 76.38
CA ILE U 68 -71.71 -2.41 76.48
C ILE U 68 -73.04 -3.02 76.91
N VAL U 69 -73.68 -2.40 77.90
CA VAL U 69 -75.00 -2.80 78.37
C VAL U 69 -75.92 -1.60 78.24
N LEU U 70 -77.03 -1.80 77.55
CA LEU U 70 -77.99 -0.72 77.38
C LEU U 70 -79.12 -0.84 78.40
N PRO U 71 -79.69 0.29 78.82
CA PRO U 71 -80.80 0.23 79.78
C PRO U 71 -82.04 -0.39 79.16
N ASP U 72 -82.93 -0.86 80.04
CA ASP U 72 -84.18 -1.46 79.60
C ASP U 72 -85.01 -0.42 78.85
N PRO U 73 -85.79 -0.84 77.85
CA PRO U 73 -86.59 0.13 77.09
C PRO U 73 -87.59 0.90 77.94
N VAL U 74 -88.29 0.22 78.84
CA VAL U 74 -89.29 0.90 79.67
C VAL U 74 -88.61 1.87 80.63
N GLU U 75 -87.49 1.47 81.23
CA GLU U 75 -86.76 2.36 82.12
C GLU U 75 -86.22 3.56 81.35
N GLU U 76 -85.74 3.36 80.12
CA GLU U 76 -85.26 4.46 79.30
C GLU U 76 -86.38 5.43 78.98
N THR U 77 -87.56 4.91 78.62
CA THR U 77 -88.70 5.79 78.34
C THR U 77 -89.11 6.57 79.58
N ARG U 78 -89.14 5.91 80.74
CA ARG U 78 -89.51 6.61 81.97
C ARG U 78 -88.50 7.68 82.34
N HIS U 79 -87.21 7.39 82.21
CA HIS U 79 -86.18 8.38 82.50
C HIS U 79 -86.25 9.54 81.51
N HIS U 80 -86.53 9.25 80.24
CA HIS U 80 -86.69 10.31 79.25
C HIS U 80 -87.88 11.19 79.60
N ALA U 81 -88.98 10.58 80.05
CA ALA U 81 -90.15 11.36 80.46
C ALA U 81 -89.80 12.26 81.65
N GLU U 82 -89.07 11.73 82.63
CA GLU U 82 -88.68 12.54 83.78
C GLU U 82 -87.80 13.71 83.36
N VAL U 83 -86.81 13.44 82.50
CA VAL U 83 -85.89 14.50 82.08
C VAL U 83 -86.61 15.55 81.25
N VAL U 84 -87.49 15.11 80.35
CA VAL U 84 -88.20 16.07 79.50
C VAL U 84 -89.16 16.91 80.35
N GLY U 85 -89.78 16.31 81.38
CA GLY U 85 -90.60 17.08 82.29
C GLY U 85 -89.79 18.09 83.08
N GLN U 86 -88.60 17.70 83.52
CA GLN U 86 -87.73 18.64 84.23
C GLN U 86 -87.33 19.81 83.34
N VAL U 87 -86.97 19.54 82.09
CA VAL U 87 -86.60 20.60 81.17
C VAL U 87 -87.80 21.50 80.87
N ASN U 88 -88.98 20.90 80.73
CA ASN U 88 -90.19 21.68 80.50
C ASN U 88 -90.49 22.59 81.69
N GLU U 89 -90.31 22.08 82.90
CA GLU U 89 -90.50 22.90 84.09
C GLU U 89 -89.48 24.04 84.14
N LEU U 90 -88.23 23.76 83.76
CA LEU U 90 -87.22 24.83 83.71
C LEU U 90 -87.63 25.92 82.72
N ILE U 91 -88.09 25.51 81.53
CA ILE U 91 -88.51 26.49 80.53
C ILE U 91 -89.70 27.29 81.02
N ALA U 92 -90.69 26.62 81.61
CA ALA U 92 -91.90 27.31 82.07
C ALA U 92 -91.58 28.30 83.19
N ALA U 93 -90.74 27.90 84.14
CA ALA U 93 -90.42 28.79 85.24
C ALA U 93 -89.42 29.87 84.85
N GLY U 94 -88.73 29.68 83.72
CA GLY U 94 -87.84 30.71 83.22
C GLY U 94 -86.55 30.89 83.99
N ARG U 95 -85.86 29.80 84.32
CA ARG U 95 -84.56 29.87 84.95
C ARG U 95 -83.42 29.99 83.93
N TYR U 96 -83.75 30.04 82.64
CA TYR U 96 -82.78 30.25 81.59
C TYR U 96 -82.40 31.72 81.49
N GLY U 97 -81.10 31.99 81.41
CA GLY U 97 -80.62 33.34 81.22
C GLY U 97 -80.55 33.78 79.76
N ARG U 98 -79.71 33.13 78.97
CA ARG U 98 -79.49 33.51 77.58
C ARG U 98 -79.41 32.25 76.74
N LEU U 99 -79.71 32.38 75.45
CA LEU U 99 -79.75 31.25 74.53
C LEU U 99 -78.91 31.51 73.29
N PHE U 100 -78.36 30.43 72.75
CA PHE U 100 -77.80 30.40 71.41
C PHE U 100 -78.62 29.44 70.56
N ALA U 101 -78.55 29.63 69.24
CA ALA U 101 -79.35 28.83 68.33
C ALA U 101 -78.61 28.66 67.02
N VAL U 102 -78.57 27.43 66.53
CA VAL U 102 -78.06 27.12 65.20
C VAL U 102 -79.25 27.13 64.25
N VAL U 103 -79.21 28.03 63.27
CA VAL U 103 -80.35 28.33 62.41
C VAL U 103 -79.89 28.26 60.95
N HIS U 104 -80.73 27.68 60.09
CA HIS U 104 -80.45 27.62 58.67
C HIS U 104 -81.08 28.83 57.98
N PHE U 105 -80.27 29.58 57.24
CA PHE U 105 -80.76 30.77 56.55
C PHE U 105 -79.90 31.03 55.34
N ALA U 106 -80.54 31.21 54.19
CA ALA U 106 -79.86 31.51 52.93
C ALA U 106 -78.80 30.48 52.58
N GLY U 107 -79.11 29.20 52.85
CA GLY U 107 -78.23 28.11 52.49
C GLY U 107 -77.10 27.84 53.46
N HIS U 108 -76.94 28.65 54.49
CA HIS U 108 -75.89 28.47 55.48
C HIS U 108 -76.48 28.25 56.86
N GLN U 109 -75.67 27.71 57.75
CA GLN U 109 -76.04 27.50 59.14
C GLN U 109 -75.25 28.46 60.01
N TRP U 110 -75.95 29.24 60.83
CA TRP U 110 -75.36 30.27 61.66
C TRP U 110 -75.64 29.98 63.12
N LYS U 111 -74.60 30.13 63.96
CA LYS U 111 -74.75 30.11 65.40
C LYS U 111 -74.99 31.53 65.87
N VAL U 112 -76.17 31.79 66.44
CA VAL U 112 -76.63 33.15 66.70
C VAL U 112 -77.20 33.22 68.11
N THR U 113 -76.83 34.28 68.84
CA THR U 113 -77.47 34.63 70.09
C THR U 113 -78.19 35.97 69.92
N ALA U 114 -78.76 36.47 71.02
CA ALA U 114 -79.47 37.74 70.96
C ALA U 114 -78.50 38.88 70.73
N GLU U 115 -79.02 39.97 70.14
CA GLU U 115 -78.25 41.18 69.86
C GLU U 115 -77.02 40.86 69.00
N ASP U 116 -77.25 40.07 67.95
CA ASP U 116 -76.21 39.56 67.06
C ASP U 116 -76.25 40.27 65.72
N LEU U 117 -75.14 40.18 64.99
CA LEU U 117 -75.05 40.65 63.62
C LEU U 117 -74.63 39.51 62.72
N ILE U 118 -75.36 39.33 61.62
CA ILE U 118 -75.00 38.36 60.59
C ILE U 118 -75.04 39.02 59.22
N LEU U 119 -74.18 38.56 58.32
CA LEU U 119 -74.07 39.10 56.97
C LEU U 119 -74.43 37.99 56.00
N ILE U 120 -75.37 38.28 55.09
CA ILE U 120 -75.87 37.33 54.11
C ILE U 120 -75.49 37.83 52.72
N GLU U 121 -74.97 36.93 51.89
CA GLU U 121 -74.34 37.30 50.63
C GLU U 121 -75.31 37.51 49.48
N ASN U 122 -76.62 37.39 49.71
CA ASN U 122 -77.60 37.65 48.68
C ASN U 122 -78.59 38.71 49.16
N GLU U 123 -79.31 39.30 48.20
CA GLU U 123 -80.28 40.33 48.51
C GLU U 123 -81.62 39.71 48.88
N LEU U 124 -82.22 40.24 49.94
CA LEU U 124 -83.52 39.80 50.41
C LEU U 124 -84.61 40.75 49.95
N ASP U 125 -85.83 40.24 49.83
CA ASP U 125 -86.96 41.02 49.35
C ASP U 125 -87.70 41.69 50.52
N VAL U 126 -86.93 42.46 51.29
CA VAL U 126 -87.46 43.22 52.42
C VAL U 126 -86.80 44.59 52.45
N ALA U 127 -87.53 45.56 52.98
CA ALA U 127 -86.96 46.88 53.19
C ALA U 127 -86.19 46.91 54.51
N CYS U 128 -85.34 47.92 54.66
CA CYS U 128 -84.57 48.08 55.87
C CYS U 128 -85.47 48.41 57.05
N GLY U 129 -85.09 47.93 58.22
CA GLY U 129 -85.88 48.14 59.43
C GLY U 129 -87.01 47.16 59.62
N GLU U 130 -87.16 46.17 58.74
CA GLU U 130 -88.22 45.19 58.84
C GLU U 130 -87.78 44.01 59.69
N ARG U 131 -88.72 43.46 60.46
CA ARG U 131 -88.46 42.31 61.30
C ARG U 131 -88.85 41.03 60.58
N ILE U 132 -88.03 40.00 60.75
CA ILE U 132 -88.16 38.75 60.01
C ILE U 132 -88.02 37.60 61.00
N ARG U 133 -88.93 36.63 60.90
CA ARG U 133 -88.92 35.46 61.78
C ARG U 133 -88.21 34.32 61.07
N LEU U 134 -87.07 33.89 61.63
CA LEU U 134 -86.32 32.78 61.09
C LEU U 134 -86.97 31.47 61.52
N GLU U 135 -87.38 30.65 60.55
CA GLU U 135 -88.17 29.46 60.86
C GLU U 135 -87.32 28.21 61.00
N LYS U 136 -86.29 28.05 60.17
CA LYS U 136 -85.49 26.83 60.19
C LYS U 136 -84.49 26.83 61.35
N VAL U 137 -84.95 26.47 62.54
CA VAL U 137 -84.11 26.42 63.73
C VAL U 137 -83.64 24.99 63.91
N LEU U 138 -82.32 24.79 63.85
CA LEU U 138 -81.77 23.44 63.94
C LEU U 138 -81.41 23.07 65.37
N LEU U 139 -80.92 24.05 66.15
CA LEU U 139 -80.47 23.75 67.50
C LEU U 139 -80.79 24.93 68.41
N VAL U 140 -81.23 24.63 69.62
CA VAL U 140 -81.44 25.63 70.67
C VAL U 140 -80.59 25.21 71.85
N GLY U 141 -80.01 26.17 72.56
CA GLY U 141 -79.20 25.84 73.71
C GLY U 141 -79.12 26.96 74.71
N ALA U 142 -79.00 26.59 75.98
CA ALA U 142 -78.78 27.53 77.07
C ALA U 142 -77.74 26.92 78.00
N ASP U 143 -77.57 27.52 79.18
CA ASP U 143 -76.52 27.09 80.08
C ASP U 143 -76.77 25.69 80.60
N ASN U 144 -78.03 25.34 80.90
CA ASN U 144 -78.33 24.08 81.58
C ASN U 144 -79.07 23.07 80.72
N PHE U 145 -79.57 23.46 79.54
CA PHE U 145 -80.32 22.55 78.69
C PHE U 145 -80.03 22.87 77.23
N THR U 146 -80.51 21.98 76.35
CA THR U 146 -80.26 22.14 74.93
C THR U 146 -81.24 21.28 74.16
N LEU U 147 -81.93 21.90 73.20
CA LEU U 147 -82.94 21.25 72.37
C LEU U 147 -82.34 20.93 71.01
N LEU U 148 -82.40 19.66 70.62
CA LEU U 148 -81.90 19.18 69.34
C LEU U 148 -83.08 18.77 68.48
N GLY U 149 -83.13 19.28 67.25
CA GLY U 149 -84.19 18.95 66.34
C GLY U 149 -83.88 17.75 65.46
N LYS U 150 -84.93 17.10 64.96
CA LYS U 150 -84.82 15.93 64.09
C LYS U 150 -85.65 16.17 62.83
N PRO U 151 -85.13 16.94 61.86
CA PRO U 151 -83.86 17.68 61.94
C PRO U 151 -84.08 19.16 62.24
N LEU U 152 -85.30 19.54 62.57
CA LEU U 152 -85.65 20.94 62.82
C LEU U 152 -86.50 21.04 64.07
N LEU U 153 -86.46 22.21 64.71
CA LEU U 153 -87.28 22.48 65.88
C LEU U 153 -88.67 22.94 65.46
N GLY U 154 -89.57 22.98 66.44
CA GLY U 154 -90.93 23.41 66.17
C GLY U 154 -91.05 24.92 66.15
N LYS U 155 -91.86 25.42 65.21
CA LYS U 155 -92.10 26.86 65.11
C LYS U 155 -92.81 27.38 66.35
N GLU U 156 -93.78 26.64 66.86
CA GLU U 156 -94.42 27.00 68.13
C GLU U 156 -93.48 26.84 69.31
N LEU U 157 -92.47 25.99 69.19
CA LEU U 157 -91.55 25.76 70.30
C LEU U 157 -90.50 26.87 70.42
N VAL U 158 -89.93 27.29 69.30
CA VAL U 158 -88.87 28.29 69.30
C VAL U 158 -89.20 29.38 68.29
N ARG U 159 -88.92 30.63 68.65
CA ARG U 159 -89.15 31.77 67.77
C ARG U 159 -87.92 32.67 67.80
N VAL U 160 -87.36 32.96 66.62
CA VAL U 160 -86.20 33.81 66.48
C VAL U 160 -86.53 34.93 65.50
N GLU U 161 -86.24 36.16 65.89
CA GLU U 161 -86.55 37.33 65.08
C GLU U 161 -85.31 38.18 64.86
N ALA U 162 -85.19 38.75 63.66
CA ALA U 162 -84.06 39.59 63.30
C ALA U 162 -84.52 40.76 62.47
N THR U 163 -83.93 41.93 62.70
CA THR U 163 -84.28 43.15 61.98
C THR U 163 -83.23 43.41 60.89
N VAL U 164 -83.71 43.76 59.70
CA VAL U 164 -82.83 44.08 58.59
C VAL U 164 -82.23 45.47 58.84
N ILE U 165 -80.90 45.58 58.76
CA ILE U 165 -80.23 46.85 59.01
C ILE U 165 -79.82 47.51 57.70
N GLU U 166 -78.96 46.84 56.95
CA GLU U 166 -78.27 47.46 55.81
C GLU U 166 -78.32 46.52 54.62
N LYS U 167 -78.84 47.02 53.50
CA LYS U 167 -78.80 46.32 52.23
C LYS U 167 -77.77 47.05 51.37
N THR U 168 -76.57 46.49 51.30
CA THR U 168 -75.46 47.18 50.64
C THR U 168 -74.83 46.32 49.56
N GLU U 169 -73.70 46.74 49.03
CA GLU U 169 -73.00 46.01 47.98
C GLU U 169 -71.61 45.64 48.46
N SER U 170 -71.10 44.52 47.94
CA SER U 170 -69.81 43.99 48.37
C SER U 170 -68.67 44.87 47.87
N TRP U 171 -67.51 44.70 48.50
CA TRP U 171 -66.30 45.29 47.98
C TRP U 171 -65.92 44.59 46.67
N PRO U 172 -65.29 45.32 45.74
CA PRO U 172 -64.98 44.72 44.44
C PRO U 172 -64.02 43.54 44.54
N LYS U 173 -64.52 42.34 44.21
CA LYS U 173 -63.70 41.13 44.23
C LYS U 173 -63.18 40.86 42.83
N ILE U 174 -61.87 40.68 42.71
CA ILE U 174 -61.23 40.53 41.41
C ILE U 174 -61.12 39.04 41.07
N ASN U 175 -61.58 38.68 39.87
CA ASN U 175 -61.46 37.32 39.36
C ASN U 175 -60.73 37.39 38.03
N MET U 176 -59.47 36.95 38.01
CA MET U 176 -58.63 37.02 36.82
C MET U 176 -58.15 35.62 36.46
N LYS U 177 -58.36 35.25 35.21
CA LYS U 177 -57.81 34.02 34.64
C LYS U 177 -56.70 34.39 33.66
N PHE U 178 -55.59 33.65 33.75
CA PHE U 178 -54.44 33.93 32.90
C PHE U 178 -53.83 32.61 32.47
N GLN U 179 -53.49 32.49 31.20
CA GLN U 179 -52.89 31.26 30.66
C GLN U 179 -51.53 31.57 30.06
N LYS U 180 -50.59 30.65 30.26
CA LYS U 180 -49.20 30.87 29.88
C LYS U 180 -49.05 30.88 28.36
N ARG U 181 -48.34 31.90 27.85
CA ARG U 181 -47.90 31.98 26.45
C ARG U 181 -49.01 31.64 25.46
N LYS U 182 -50.25 31.84 25.89
CA LYS U 182 -51.42 31.68 25.03
C LYS U 182 -52.10 33.01 24.75
N ASN U 183 -51.60 34.10 25.34
CA ASN U 183 -52.21 35.42 25.23
C ASN U 183 -53.68 35.38 25.67
N TYR U 184 -53.92 34.77 26.82
CA TYR U 184 -55.26 34.68 27.39
C TYR U 184 -55.26 35.31 28.78
N GLN U 185 -55.89 36.48 28.89
CA GLN U 185 -56.19 37.13 30.16
C GLN U 185 -57.68 37.47 30.20
N ARG U 186 -58.28 37.31 31.37
CA ARG U 186 -59.70 37.56 31.53
C ARG U 186 -59.92 38.11 32.94
N LYS U 187 -60.23 39.40 33.05
CA LYS U 187 -60.38 40.08 34.32
C LYS U 187 -61.83 40.50 34.51
N ARG U 188 -62.42 40.11 35.64
CA ARG U 188 -63.77 40.51 36.00
C ARG U 188 -63.78 41.05 37.42
N ILE U 189 -64.71 41.96 37.68
CA ILE U 189 -64.90 42.55 39.00
C ILE U 189 -66.31 42.23 39.45
N THR U 190 -66.43 41.58 40.61
CA THR U 190 -67.71 41.17 41.16
C THR U 190 -68.09 42.07 42.32
N VAL U 191 -69.32 42.56 42.31
CA VAL U 191 -69.91 43.31 43.41
C VAL U 191 -71.19 42.59 43.79
N ASN U 192 -71.23 42.02 44.99
CA ASN U 192 -72.32 41.15 45.41
C ASN U 192 -73.19 41.85 46.44
N PRO U 193 -74.49 42.00 46.19
CA PRO U 193 -75.37 42.62 47.19
C PRO U 193 -75.40 41.78 48.47
N GLN U 194 -75.17 42.44 49.60
CA GLN U 194 -75.24 41.81 50.91
C GLN U 194 -76.35 42.44 51.74
N THR U 195 -76.82 41.66 52.72
CA THR U 195 -77.85 42.09 53.65
C THR U 195 -77.38 41.80 55.07
N VAL U 196 -77.50 42.78 55.96
CA VAL U 196 -77.08 42.64 57.34
C VAL U 196 -78.32 42.48 58.21
N LEU U 197 -78.32 41.48 59.08
CA LEU U 197 -79.42 41.22 59.99
C LEU U 197 -78.94 41.31 61.43
N ARG U 198 -79.66 42.08 62.25
CA ARG U 198 -79.41 42.15 63.68
C ARG U 198 -80.46 41.29 64.38
N ILE U 199 -80.01 40.19 64.97
CA ILE U 199 -80.89 39.30 65.70
C ILE U 199 -81.10 39.85 67.10
N ASN U 200 -82.36 40.12 67.45
CA ASN U 200 -82.70 40.85 68.66
C ASN U 200 -83.01 39.93 69.84
N SER U 201 -83.83 38.90 69.62
CA SER U 201 -84.26 38.05 70.71
C SER U 201 -84.46 36.63 70.22
N ILE U 202 -84.33 35.67 71.15
CA ILE U 202 -84.58 34.26 70.90
C ILE U 202 -85.52 33.78 71.99
N GLU U 203 -86.72 33.35 71.60
CA GLU U 203 -87.74 32.91 72.55
C GLU U 203 -87.97 31.40 72.44
N ILE U 204 -88.33 30.80 73.56
CA ILE U 204 -88.76 29.41 73.62
C ILE U 204 -90.02 29.31 74.45
N ALA U 205 -90.94 28.45 74.03
CA ALA U 205 -92.23 28.24 74.66
C ALA U 205 -92.23 26.92 75.43
N PRO U 206 -93.06 26.79 76.47
CA PRO U 206 -93.06 25.54 77.25
C PRO U 206 -93.92 24.45 76.63
N CYS U 207 -94.27 24.61 75.35
CA CYS U 207 -95.02 23.57 74.63
C CYS U 207 -94.01 22.51 74.19
N LEU U 208 -93.69 21.61 75.10
CA LEU U 208 -92.65 20.60 74.83
C LEU U 208 -92.99 19.36 75.66
N CYS U 209 -93.61 18.38 75.01
CA CYS U 209 -94.03 17.15 75.68
C CYS U 209 -92.86 16.18 75.82
N ILE V 45 -33.23 72.15 37.80
CA ILE V 45 -32.73 71.91 39.14
C ILE V 45 -33.83 72.20 40.16
N SER V 46 -33.51 71.95 41.43
CA SER V 46 -34.44 72.21 42.53
C SER V 46 -33.70 72.91 43.65
N ARG V 47 -34.33 73.93 44.24
CA ARG V 47 -33.75 74.69 45.34
C ARG V 47 -34.85 74.94 46.37
N LYS V 48 -34.95 74.03 47.34
CA LYS V 48 -35.91 74.16 48.42
C LYS V 48 -35.29 74.19 49.81
N TRP V 49 -34.10 73.60 49.99
CA TRP V 49 -33.43 73.67 51.28
C TRP V 49 -33.00 75.09 51.63
N GLU V 50 -32.76 75.93 50.62
CA GLU V 50 -32.44 77.33 50.88
C GLU V 50 -33.68 78.14 51.26
N LYS V 51 -34.82 77.83 50.67
CA LYS V 51 -36.06 78.52 50.99
C LYS V 51 -36.73 77.99 52.26
N LYS V 52 -36.31 76.81 52.73
CA LYS V 52 -36.87 76.28 53.97
C LYS V 52 -36.51 77.13 55.19
N ASN V 53 -35.52 78.01 55.09
CA ASN V 53 -35.09 78.84 56.20
C ASN V 53 -35.78 80.21 56.22
N LYS V 54 -36.70 80.47 55.30
CA LYS V 54 -37.38 81.75 55.22
C LYS V 54 -38.80 81.69 55.78
N ILE V 55 -39.22 80.56 56.34
CA ILE V 55 -40.57 80.45 56.86
C ILE V 55 -40.65 81.19 58.20
N VAL V 56 -41.76 81.89 58.41
CA VAL V 56 -41.99 82.68 59.61
C VAL V 56 -43.16 82.06 60.37
N TYR V 57 -42.94 81.79 61.67
CA TYR V 57 -43.94 81.20 62.55
C TYR V 57 -44.75 82.27 63.26
N PRO V 58 -45.99 81.97 63.63
CA PRO V 58 -46.79 82.93 64.40
C PRO V 58 -46.25 83.09 65.80
N PRO V 59 -46.53 84.21 66.46
CA PRO V 59 -46.03 84.43 67.81
C PRO V 59 -46.55 83.38 68.78
N GLN V 60 -45.69 83.02 69.74
CA GLN V 60 -46.06 82.04 70.76
C GLN V 60 -46.86 82.71 71.87
N LEU V 61 -47.92 82.03 72.30
CA LEU V 61 -48.76 82.55 73.36
C LEU V 61 -48.02 82.46 74.71
N PRO V 62 -48.36 83.35 75.66
CA PRO V 62 -47.75 83.25 76.99
C PRO V 62 -48.15 81.99 77.71
N GLY V 63 -47.19 81.12 77.99
CA GLY V 63 -47.42 79.83 78.61
C GLY V 63 -47.02 78.64 77.77
N GLU V 64 -46.88 78.82 76.46
CA GLU V 64 -46.42 77.75 75.60
C GLU V 64 -44.93 77.51 75.80
N PRO V 65 -44.47 76.26 75.64
CA PRO V 65 -43.04 75.99 75.74
C PRO V 65 -42.25 76.65 74.62
N ARG V 66 -41.01 77.01 74.93
CA ARG V 66 -40.15 77.65 73.94
C ARG V 66 -39.73 76.63 72.89
N ARG V 67 -40.19 76.84 71.66
CA ARG V 67 -39.87 75.92 70.58
C ARG V 67 -38.43 76.15 70.11
N PRO V 68 -37.61 75.11 70.03
CA PRO V 68 -36.21 75.30 69.63
C PRO V 68 -36.10 75.79 68.18
N ALA V 69 -35.06 76.57 67.94
CA ALA V 69 -34.81 77.12 66.62
C ALA V 69 -34.20 76.07 65.70
N GLU V 70 -34.60 76.10 64.43
CA GLU V 70 -34.09 75.21 63.41
C GLU V 70 -33.43 76.04 62.31
N ILE V 71 -32.26 75.59 61.87
CA ILE V 71 -31.48 76.30 60.85
C ILE V 71 -31.14 75.29 59.76
N TYR V 72 -31.58 75.56 58.54
CA TYR V 72 -31.26 74.72 57.40
C TYR V 72 -30.16 75.35 56.58
N HIS V 73 -29.21 74.53 56.12
CA HIS V 73 -28.14 75.02 55.27
C HIS V 73 -27.75 73.93 54.29
N CYS V 74 -27.14 74.35 53.18
CA CYS V 74 -26.74 73.41 52.15
C CYS V 74 -25.60 74.00 51.35
N ARG V 75 -24.70 73.12 50.91
CA ARG V 75 -23.63 73.45 49.98
C ARG V 75 -23.93 72.74 48.66
N ARG V 76 -23.92 73.48 47.56
CA ARG V 76 -24.31 72.97 46.26
C ARG V 76 -23.10 72.82 45.36
N GLN V 77 -23.10 71.77 44.54
CA GLN V 77 -22.08 71.52 43.52
C GLN V 77 -20.70 71.38 44.15
N ILE V 78 -20.56 70.37 45.00
CA ILE V 78 -19.27 69.98 45.57
C ILE V 78 -18.67 68.91 44.67
N LYS V 79 -17.37 69.05 44.38
CA LYS V 79 -16.68 68.13 43.48
C LYS V 79 -16.67 66.69 44.01
N TYR V 80 -16.88 66.52 45.32
CA TYR V 80 -16.66 65.24 45.98
C TYR V 80 -17.84 64.32 45.71
N SER V 81 -17.63 63.03 45.93
CA SER V 81 -18.58 62.02 45.47
C SER V 81 -19.79 61.89 46.38
N LYS V 82 -20.89 61.39 45.81
CA LYS V 82 -22.17 61.33 46.53
C LYS V 82 -22.13 60.34 47.68
N ASP V 83 -21.81 59.07 47.41
CA ASP V 83 -21.79 58.08 48.47
C ASP V 83 -20.68 58.36 49.48
N LYS V 84 -19.56 58.90 49.00
CA LYS V 84 -18.47 59.23 49.90
C LYS V 84 -18.86 60.35 50.87
N MET V 85 -19.53 61.39 50.37
CA MET V 85 -20.09 62.41 51.27
C MET V 85 -21.15 61.83 52.17
N TRP V 86 -21.94 60.86 51.68
CA TRP V 86 -22.93 60.25 52.54
C TRP V 86 -22.28 59.58 53.74
N TYR V 87 -21.12 58.97 53.54
CA TYR V 87 -20.41 58.36 54.67
C TYR V 87 -20.10 59.40 55.75
N LEU V 88 -19.52 60.54 55.35
CA LEU V 88 -19.22 61.59 56.32
C LEU V 88 -20.47 62.16 56.96
N ALA V 89 -21.54 62.33 56.17
CA ALA V 89 -22.79 62.86 56.72
C ALA V 89 -23.37 61.91 57.76
N LYS V 90 -23.35 60.60 57.47
CA LYS V 90 -23.81 59.62 58.45
C LYS V 90 -22.91 59.58 59.66
N LEU V 91 -21.64 59.93 59.51
CA LEU V 91 -20.72 59.96 60.65
C LEU V 91 -21.20 60.95 61.71
N ILE V 92 -21.65 62.13 61.30
CA ILE V 92 -21.93 63.23 62.21
C ILE V 92 -23.44 63.38 62.45
N ARG V 93 -24.21 62.33 62.26
CA ARG V 93 -25.65 62.39 62.50
C ARG V 93 -25.94 62.23 63.98
N GLY V 94 -26.65 63.21 64.54
CA GLY V 94 -27.14 63.12 65.91
C GLY V 94 -26.21 63.62 66.99
N MET V 95 -24.99 64.01 66.66
CA MET V 95 -24.09 64.52 67.68
C MET V 95 -24.13 66.04 67.73
N SER V 96 -23.46 66.59 68.74
CA SER V 96 -23.36 68.03 68.91
C SER V 96 -22.46 68.63 67.83
N ILE V 97 -22.64 69.93 67.60
CA ILE V 97 -21.88 70.61 66.56
C ILE V 97 -20.40 70.63 66.91
N ASP V 98 -20.06 70.81 68.19
CA ASP V 98 -18.66 70.83 68.58
C ASP V 98 -18.00 69.48 68.36
N GLN V 99 -18.69 68.40 68.72
CA GLN V 99 -18.13 67.06 68.51
C GLN V 99 -18.01 66.74 67.03
N ALA V 100 -19.00 67.16 66.23
CA ALA V 100 -18.92 66.97 64.79
C ALA V 100 -17.72 67.71 64.20
N LEU V 101 -17.51 68.96 64.63
CA LEU V 101 -16.35 69.71 64.17
C LEU V 101 -15.04 69.05 64.58
N ALA V 102 -15.00 68.54 65.81
CA ALA V 102 -13.79 67.85 66.28
C ALA V 102 -13.51 66.61 65.44
N GLN V 103 -14.53 65.82 65.12
CA GLN V 103 -14.33 64.63 64.29
C GLN V 103 -13.90 65.01 62.88
N LEU V 104 -14.53 66.04 62.31
CA LEU V 104 -14.20 66.45 60.95
C LEU V 104 -12.82 67.09 60.85
N GLU V 105 -12.30 67.65 61.94
CA GLU V 105 -10.96 68.23 61.90
C GLU V 105 -9.90 67.17 61.64
N PHE V 106 -10.04 66.00 62.26
CA PHE V 106 -9.06 64.93 62.09
C PHE V 106 -9.50 63.84 61.12
N SER V 107 -10.69 63.96 60.54
CA SER V 107 -11.05 63.07 59.44
C SER V 107 -10.18 63.36 58.23
N ASP V 108 -9.67 62.31 57.59
CA ASP V 108 -8.73 62.45 56.49
C ASP V 108 -9.41 62.57 55.12
N LYS V 109 -10.73 62.50 55.07
CA LYS V 109 -11.42 62.60 53.79
C LYS V 109 -11.36 64.04 53.27
N LYS V 110 -11.49 64.17 51.95
CA LYS V 110 -11.50 65.49 51.33
C LYS V 110 -12.76 66.27 51.69
N GLY V 111 -13.90 65.58 51.82
CA GLY V 111 -15.15 66.25 52.17
C GLY V 111 -15.28 66.63 53.63
N ALA V 112 -14.36 66.17 54.48
CA ALA V 112 -14.43 66.54 55.89
C ALA V 112 -14.25 68.05 56.06
N GLN V 113 -13.29 68.64 55.35
CA GLN V 113 -13.09 70.08 55.42
C GLN V 113 -14.30 70.83 54.89
N ILE V 114 -14.91 70.34 53.81
CA ILE V 114 -16.09 70.99 53.24
C ILE V 114 -17.24 70.97 54.25
N ILE V 115 -17.46 69.82 54.89
CA ILE V 115 -18.53 69.73 55.88
C ILE V 115 -18.23 70.60 57.09
N LYS V 116 -16.95 70.70 57.49
CA LYS V 116 -16.61 71.57 58.61
C LYS V 116 -16.88 73.03 58.29
N GLU V 117 -16.51 73.47 57.07
CA GLU V 117 -16.83 74.83 56.66
C GLU V 117 -18.33 75.06 56.60
N VAL V 118 -19.07 74.07 56.13
CA VAL V 118 -20.53 74.19 56.08
C VAL V 118 -21.10 74.35 57.49
N LEU V 119 -20.61 73.55 58.44
CA LEU V 119 -21.09 73.65 59.82
C LEU V 119 -20.73 75.00 60.43
N LEU V 120 -19.51 75.49 60.17
CA LEU V 120 -19.11 76.79 60.69
C LEU V 120 -19.98 77.90 60.13
N GLU V 121 -20.28 77.85 58.83
CA GLU V 121 -21.16 78.84 58.23
C GLU V 121 -22.56 78.77 58.83
N ALA V 122 -23.08 77.56 59.03
CA ALA V 122 -24.40 77.40 59.61
C ALA V 122 -24.45 77.96 61.03
N GLN V 123 -23.41 77.71 61.82
CA GLN V 123 -23.33 78.28 63.17
C GLN V 123 -23.27 79.80 63.11
N ASP V 124 -22.51 80.35 62.16
CA ASP V 124 -22.43 81.80 62.03
C ASP V 124 -23.79 82.41 61.71
N MET V 125 -24.52 81.81 60.77
CA MET V 125 -25.86 82.32 60.46
C MET V 125 -26.80 82.16 61.64
N ALA V 126 -26.71 81.05 62.36
CA ALA V 126 -27.55 80.87 63.54
C ALA V 126 -27.30 81.96 64.57
N VAL V 127 -26.03 82.28 64.83
CA VAL V 127 -25.71 83.34 65.78
C VAL V 127 -26.17 84.70 65.28
N ARG V 128 -25.93 85.00 64.01
CA ARG V 128 -26.17 86.35 63.51
C ARG V 128 -27.64 86.58 63.17
N ASP V 129 -28.16 85.83 62.20
CA ASP V 129 -29.52 86.09 61.71
C ASP V 129 -30.55 85.68 62.75
N HIS V 130 -30.58 84.41 63.12
CA HIS V 130 -31.48 83.95 64.16
C HIS V 130 -30.98 84.41 65.53
N ASN V 131 -31.89 84.41 66.51
CA ASN V 131 -31.57 84.84 67.87
C ASN V 131 -31.09 83.63 68.66
N VAL V 132 -30.02 83.01 68.17
CA VAL V 132 -29.46 81.81 68.75
C VAL V 132 -28.35 82.22 69.70
N GLU V 133 -28.67 82.29 70.99
CA GLU V 133 -27.64 82.37 72.01
C GLU V 133 -27.08 80.98 72.28
N PHE V 134 -25.98 80.93 73.03
CA PHE V 134 -25.32 79.67 73.37
C PHE V 134 -24.92 78.92 72.09
N ARG V 135 -23.99 79.52 71.36
CA ARG V 135 -23.59 79.02 70.04
C ARG V 135 -23.10 77.58 70.07
N SER V 136 -22.87 76.99 71.24
CA SER V 136 -22.52 75.58 71.35
C SER V 136 -23.72 74.71 71.72
N ASN V 137 -24.93 75.28 71.72
CA ASN V 137 -26.14 74.54 72.07
C ASN V 137 -26.92 74.08 70.85
N LEU V 138 -26.22 73.73 69.77
CA LEU V 138 -26.82 73.24 68.55
C LEU V 138 -26.44 71.79 68.32
N TYR V 139 -27.37 71.01 67.79
CA TYR V 139 -27.09 69.63 67.43
C TYR V 139 -27.60 69.36 66.01
N VAL V 140 -26.88 68.48 65.31
CA VAL V 140 -27.20 68.15 63.93
C VAL V 140 -28.38 67.19 63.92
N ALA V 141 -29.54 67.68 63.47
CA ALA V 141 -30.73 66.83 63.41
C ALA V 141 -30.70 65.95 62.16
N GLU V 142 -30.53 66.57 60.99
CA GLU V 142 -30.45 65.84 59.73
C GLU V 142 -29.20 66.27 58.99
N SER V 143 -28.56 65.30 58.31
CA SER V 143 -27.36 65.56 57.54
C SER V 143 -27.29 64.54 56.42
N THR V 144 -27.60 64.99 55.20
CA THR V 144 -27.68 64.10 54.05
C THR V 144 -26.84 64.65 52.91
N SER V 145 -26.65 63.82 51.89
CA SER V 145 -25.91 64.21 50.70
C SER V 145 -26.61 63.65 49.47
N GLY V 146 -26.85 64.52 48.48
CA GLY V 146 -27.45 64.13 47.23
C GLY V 146 -26.51 64.38 46.06
N ARG V 147 -26.96 63.96 44.88
CA ARG V 147 -26.17 64.10 43.65
C ARG V 147 -26.59 65.35 42.89
N GLY V 148 -25.71 65.80 42.00
CA GLY V 148 -26.01 66.97 41.20
C GLY V 148 -25.82 66.73 39.72
N GLN V 149 -25.48 67.78 38.97
CA GLN V 149 -25.27 67.65 37.53
C GLN V 149 -23.86 67.13 37.27
N TYR V 150 -23.79 65.97 36.62
CA TYR V 150 -22.51 65.33 36.33
C TYR V 150 -21.97 65.79 34.98
N LEU V 151 -20.69 65.51 34.76
CA LEU V 151 -20.05 65.76 33.48
C LEU V 151 -19.77 64.44 32.79
N LYS V 152 -20.05 64.38 31.48
CA LYS V 152 -19.79 63.19 30.70
C LYS V 152 -18.55 63.40 29.83
N ARG V 153 -17.55 62.55 30.02
CA ARG V 153 -16.29 62.60 29.28
C ARG V 153 -15.99 61.20 28.75
N ILE V 154 -14.89 61.08 28.01
CA ILE V 154 -14.49 59.84 27.37
C ILE V 154 -13.27 59.27 28.08
N ARG V 155 -13.37 58.02 28.54
CA ARG V 155 -12.25 57.30 29.12
C ARG V 155 -11.83 56.21 28.15
N TYR V 156 -10.66 56.39 27.53
CA TYR V 156 -10.17 55.44 26.54
C TYR V 156 -9.64 54.18 27.23
N HIS V 157 -9.81 53.04 26.56
CA HIS V 157 -9.38 51.76 27.09
C HIS V 157 -8.29 51.10 26.25
N GLY V 158 -8.49 51.02 24.95
CA GLY V 158 -7.60 50.30 24.07
C GLY V 158 -8.42 49.59 23.00
N ARG V 159 -7.74 49.19 21.93
CA ARG V 159 -8.39 48.58 20.76
C ARG V 159 -9.46 49.49 20.18
N GLY V 160 -9.31 50.80 20.38
CA GLY V 160 -10.31 51.75 19.92
C GLY V 160 -11.57 51.81 20.77
N ARG V 161 -11.54 51.26 21.98
CA ARG V 161 -12.71 51.23 22.83
C ARG V 161 -12.68 52.34 23.87
N PHE V 162 -13.85 52.74 24.33
CA PHE V 162 -13.97 53.82 25.28
C PHE V 162 -15.20 53.61 26.16
N GLY V 163 -15.19 54.27 27.32
CA GLY V 163 -16.32 54.28 28.21
C GLY V 163 -16.68 55.71 28.60
N ILE V 164 -17.84 55.85 29.23
CA ILE V 164 -18.34 57.15 29.63
C ILE V 164 -17.91 57.43 31.07
N MET V 165 -17.12 58.49 31.25
CA MET V 165 -16.67 58.93 32.56
C MET V 165 -17.64 59.98 33.08
N GLU V 166 -18.10 59.80 34.33
CA GLU V 166 -19.00 60.74 34.96
C GLU V 166 -18.24 61.48 36.06
N LYS V 167 -17.80 62.70 35.72
CA LYS V 167 -17.31 63.62 36.75
C LYS V 167 -18.47 63.96 37.67
N VAL V 168 -18.37 63.54 38.93
CA VAL V 168 -19.51 63.59 39.86
C VAL V 168 -19.46 64.88 40.65
N PHE V 169 -20.66 65.35 41.04
CA PHE V 169 -20.83 66.49 41.91
C PHE V 169 -21.92 66.17 42.92
N CYS V 170 -21.77 66.67 44.15
CA CYS V 170 -22.71 66.35 45.21
C CYS V 170 -23.10 67.61 45.97
N HIS V 171 -24.29 67.55 46.56
CA HIS V 171 -24.81 68.60 47.43
C HIS V 171 -24.92 68.05 48.85
N TYR V 172 -24.59 68.90 49.83
CA TYR V 172 -24.63 68.52 51.23
C TYR V 172 -25.69 69.35 51.94
N PHE V 173 -26.63 68.67 52.61
CA PHE V 173 -27.71 69.34 53.33
C PHE V 173 -27.56 69.05 54.82
N VAL V 174 -27.63 70.10 55.64
CA VAL V 174 -27.48 69.98 57.08
C VAL V 174 -28.57 70.80 57.77
N LYS V 175 -28.99 70.34 58.94
CA LYS V 175 -29.98 71.05 59.76
C LYS V 175 -29.50 71.05 61.20
N LEU V 176 -29.44 72.24 61.80
CA LEU V 176 -29.00 72.41 63.18
C LEU V 176 -30.19 72.84 64.03
N VAL V 177 -30.41 72.15 65.14
CA VAL V 177 -31.53 72.42 66.03
C VAL V 177 -30.96 72.86 67.38
N GLU V 178 -31.55 73.92 67.93
CA GLU V 178 -31.15 74.40 69.26
C GLU V 178 -31.48 73.35 70.32
N GLY V 179 -30.57 73.17 71.26
CA GLY V 179 -30.81 72.27 72.37
C GLY V 179 -29.74 71.21 72.52
N PRO V 180 -29.77 70.48 73.64
CA PRO V 180 -28.80 69.41 73.83
C PRO V 180 -29.07 68.26 72.87
N PRO V 181 -28.05 67.51 72.49
CA PRO V 181 -28.26 66.36 71.59
C PRO V 181 -29.19 65.34 72.22
N PRO V 182 -30.07 64.72 71.42
CA PRO V 182 -30.95 63.70 71.97
C PRO V 182 -30.16 62.48 72.43
N PRO V 183 -30.61 61.79 73.47
CA PRO V 183 -29.90 60.60 73.91
C PRO V 183 -29.93 59.49 72.87
N ARG V 184 -28.83 58.74 72.79
CA ARG V 184 -28.76 57.63 71.84
C ARG V 184 -29.61 56.47 72.33
N GLU V 185 -30.28 55.81 71.39
CA GLU V 185 -31.17 54.71 71.74
C GLU V 185 -30.37 53.48 72.13
N ALA V 186 -30.62 52.96 73.33
CA ALA V 186 -29.95 51.79 73.84
C ALA V 186 -30.61 50.51 73.31
N PRO V 187 -29.87 49.42 73.19
CA PRO V 187 -30.47 48.16 72.76
C PRO V 187 -31.52 47.67 73.75
N LYS V 188 -32.52 46.96 73.21
CA LYS V 188 -33.62 46.48 74.03
C LYS V 188 -33.10 45.50 75.09
N THR V 189 -33.56 45.68 76.33
CA THR V 189 -33.12 44.83 77.42
C THR V 189 -33.99 43.58 77.50
N ALA V 190 -33.51 42.61 78.31
CA ALA V 190 -34.22 41.35 78.45
C ALA V 190 -35.61 41.55 79.05
N VAL V 191 -35.74 42.49 79.99
CA VAL V 191 -37.05 42.75 80.59
C VAL V 191 -38.02 43.25 79.53
N ALA V 192 -37.56 44.17 78.66
CA ALA V 192 -38.43 44.68 77.61
C ALA V 192 -38.76 43.59 76.58
N HIS V 193 -37.79 42.72 76.28
CA HIS V 193 -38.06 41.60 75.37
C HIS V 193 -39.14 40.69 75.95
N ALA V 194 -39.03 40.37 77.23
CA ALA V 194 -40.03 39.51 77.87
C ALA V 194 -41.39 40.19 77.90
N ARG V 195 -41.43 41.50 78.18
CA ARG V 195 -42.69 42.23 78.18
C ARG V 195 -43.34 42.19 76.81
N GLU V 196 -42.57 42.44 75.75
CA GLU V 196 -43.12 42.42 74.40
C GLU V 196 -43.60 41.01 74.03
N TYR V 197 -42.84 39.98 74.42
CA TYR V 197 -43.24 38.61 74.11
C TYR V 197 -44.56 38.27 74.79
N ILE V 198 -44.68 38.61 76.07
CA ILE V 198 -45.92 38.37 76.80
C ILE V 198 -47.07 39.14 76.17
N GLN V 199 -46.80 40.36 75.70
CA GLN V 199 -47.85 41.12 75.04
C GLN V 199 -48.31 40.46 73.74
N GLU V 200 -47.36 39.92 72.97
CA GLU V 200 -47.75 39.22 71.74
C GLU V 200 -48.56 37.98 72.04
N LEU V 201 -48.21 37.22 73.08
CA LEU V 201 -49.05 36.08 73.45
C LEU V 201 -50.43 36.51 73.95
N ARG V 202 -50.51 37.61 74.69
CA ARG V 202 -51.80 38.08 75.20
C ARG V 202 -52.68 38.66 74.11
N ASN V 203 -52.09 39.16 73.03
CA ASN V 203 -52.87 39.76 71.95
C ASN V 203 -53.46 38.73 70.99
N ARG V 204 -53.22 37.44 71.22
CA ARG V 204 -53.75 36.41 70.35
C ARG V 204 -55.27 36.32 70.46
N THR V 205 -55.90 35.90 69.35
CA THR V 205 -57.32 35.58 69.33
C THR V 205 -57.50 34.27 68.57
N ILE V 206 -58.61 33.60 68.84
CA ILE V 206 -58.87 32.29 68.25
C ILE V 206 -59.34 32.53 66.82
N THR V 207 -58.42 32.38 65.85
CA THR V 207 -58.72 32.77 64.49
C THR V 207 -59.69 31.79 63.83
N HIS V 208 -60.61 32.32 63.02
CA HIS V 208 -61.57 31.52 62.27
C HIS V 208 -62.36 30.58 63.19
N ALA V 209 -62.81 31.13 64.32
CA ALA V 209 -63.44 30.33 65.37
C ALA V 209 -64.95 30.42 65.37
N LEU V 210 -65.49 31.64 65.42
CA LEU V 210 -66.90 31.89 65.69
C LEU V 210 -67.76 31.85 64.43
N ALA W 2 -2.10 102.97 -2.23
CA ALA W 2 -3.38 102.79 -1.55
C ALA W 2 -3.84 101.34 -1.62
N ARG W 3 -4.74 100.97 -0.70
CA ARG W 3 -5.22 99.60 -0.61
C ARG W 3 -6.61 99.48 -1.24
N ASN W 4 -6.91 98.28 -1.73
CA ASN W 4 -8.18 97.97 -2.36
C ASN W 4 -8.44 98.85 -3.58
N VAL W 5 -7.37 99.26 -4.26
CA VAL W 5 -7.46 100.13 -5.43
C VAL W 5 -6.64 99.50 -6.55
N LEU W 6 -7.22 99.41 -7.73
CA LEU W 6 -6.52 98.86 -8.88
C LEU W 6 -5.39 99.80 -9.30
N TYR W 7 -4.18 99.24 -9.48
CA TYR W 7 -3.02 100.00 -9.88
C TYR W 7 -2.81 99.93 -11.39
N PRO W 8 -2.28 100.99 -11.99
CA PRO W 8 -2.02 100.94 -13.44
C PRO W 8 -0.82 100.07 -13.75
N LEU W 9 -0.96 99.24 -14.78
CA LEU W 9 0.12 98.36 -15.18
C LEU W 9 1.27 99.17 -15.78
N TYR W 10 2.49 98.82 -15.41
CA TYR W 10 3.67 99.57 -15.83
C TYR W 10 4.27 98.98 -17.10
N GLN W 11 4.69 99.87 -18.00
CA GLN W 11 5.41 99.49 -19.20
C GLN W 11 6.49 100.53 -19.45
N LEU W 12 7.35 100.25 -20.43
CA LEU W 12 8.44 101.17 -20.75
C LEU W 12 7.87 102.46 -21.30
N GLY W 13 8.11 103.57 -20.60
CA GLY W 13 7.51 104.85 -20.94
C GLY W 13 6.31 105.24 -20.11
N ASN W 14 5.91 104.42 -19.14
CA ASN W 14 4.79 104.74 -18.28
C ASN W 14 5.14 105.96 -17.43
N PRO W 15 4.24 106.94 -17.35
CA PRO W 15 4.45 108.07 -16.44
C PRO W 15 4.48 107.62 -14.99
N GLN W 16 5.07 108.48 -14.16
CA GLN W 16 5.26 108.18 -12.74
C GLN W 16 3.92 107.94 -12.06
N LEU W 17 3.84 106.86 -11.29
CA LEU W 17 2.63 106.56 -10.54
C LEU W 17 2.51 107.49 -9.34
N ARG W 18 1.38 108.18 -9.23
CA ARG W 18 1.15 109.15 -8.18
C ARG W 18 -0.17 108.85 -7.49
N VAL W 19 -0.14 108.80 -6.16
CA VAL W 19 -1.33 108.62 -5.34
C VAL W 19 -1.57 109.91 -4.58
N PHE W 20 -2.74 110.53 -4.78
CA PHE W 20 -3.04 111.82 -4.19
C PHE W 20 -3.71 111.69 -2.83
N ARG W 21 -4.67 110.78 -2.71
CA ARG W 21 -5.37 110.53 -1.44
C ARG W 21 -5.09 109.09 -1.04
N THR W 22 -4.08 108.89 -0.19
CA THR W 22 -3.70 107.56 0.23
C THR W 22 -4.76 106.96 1.15
N ASN W 23 -4.92 105.64 1.07
CA ASN W 23 -5.88 104.90 1.87
C ASN W 23 -5.23 104.18 3.04
N PHE W 24 -3.96 104.45 3.32
CA PHE W 24 -3.24 103.75 4.37
C PHE W 24 -3.40 104.45 5.71
N PHE W 25 -3.56 103.65 6.76
CA PHE W 25 -3.67 104.15 8.12
C PHE W 25 -2.67 103.42 9.00
N ILE W 26 -1.98 104.16 9.86
CA ILE W 26 -0.85 103.65 10.61
C ILE W 26 -1.09 103.91 12.09
N GLN W 27 -0.76 102.93 12.92
CA GLN W 27 -0.73 103.10 14.37
C GLN W 27 0.72 103.16 14.84
N LEU W 28 0.95 103.87 15.94
CA LEU W 28 2.24 103.89 16.62
C LEU W 28 2.09 103.17 17.95
N VAL W 29 2.82 102.07 18.12
CA VAL W 29 2.62 101.21 19.28
C VAL W 29 3.91 101.15 20.09
N ARG W 30 3.75 100.99 21.40
CA ARG W 30 4.89 100.82 22.29
C ARG W 30 5.45 99.42 22.13
N PRO W 31 6.75 99.27 21.86
CA PRO W 31 7.31 97.92 21.71
C PRO W 31 7.19 97.11 22.99
N GLY W 32 6.82 95.85 22.85
CA GLY W 32 6.69 94.97 24.00
C GLY W 32 8.02 94.46 24.53
N THR W 33 9.05 94.46 23.71
CA THR W 33 10.39 94.01 24.08
C THR W 33 11.32 95.21 24.18
N ALA W 34 12.55 94.93 24.59
CA ALA W 34 13.57 95.97 24.68
C ALA W 34 13.97 96.41 23.27
N GLN W 35 13.93 97.71 23.02
CA GLN W 35 14.27 98.24 21.71
C GLN W 35 15.25 99.40 21.85
N PRO W 36 16.16 99.58 20.88
CA PRO W 36 17.10 100.69 20.96
C PRO W 36 16.43 102.05 20.76
N GLU W 37 17.21 103.12 20.90
CA GLU W 37 16.64 104.47 20.91
C GLU W 37 16.15 104.88 19.53
N ASP W 38 16.85 104.47 18.47
CA ASP W 38 16.57 104.97 17.13
C ASP W 38 15.45 104.20 16.42
N THR W 39 14.86 103.20 17.06
CA THR W 39 13.82 102.37 16.44
C THR W 39 12.45 102.81 16.90
N VAL W 40 11.51 102.86 15.95
CA VAL W 40 10.14 103.30 16.19
C VAL W 40 9.20 102.24 15.60
N GLN W 41 8.20 101.83 16.38
CA GLN W 41 7.37 100.68 16.03
C GLN W 41 5.98 101.13 15.60
N PHE W 42 5.65 100.84 14.34
CA PHE W 42 4.36 101.11 13.74
C PHE W 42 3.61 99.82 13.44
N ARG W 43 2.29 99.93 13.41
CA ARG W 43 1.41 98.91 12.88
C ARG W 43 0.82 99.45 11.58
N ILE W 44 1.08 98.76 10.48
CA ILE W 44 0.72 99.22 9.15
C ILE W 44 -0.25 98.22 8.53
N PRO W 45 -1.04 98.62 7.53
CA PRO W 45 -1.95 97.67 6.88
C PRO W 45 -1.18 96.60 6.12
N MET W 46 -1.88 95.50 5.83
CA MET W 46 -1.27 94.35 5.18
C MET W 46 -0.71 94.66 3.80
N GLU W 47 -1.20 95.72 3.15
CA GLU W 47 -0.77 96.08 1.81
C GLU W 47 0.23 97.23 1.80
N MET W 48 1.10 97.28 2.80
CA MET W 48 2.10 98.34 2.92
C MET W 48 3.49 97.75 2.82
N THR W 49 4.35 98.37 2.01
CA THR W 49 5.71 97.94 1.79
C THR W 49 6.69 98.89 2.48
N ARG W 50 7.97 98.49 2.49
CA ARG W 50 8.99 99.32 3.12
C ARG W 50 9.09 100.69 2.43
N VAL W 51 9.09 100.70 1.10
CA VAL W 51 9.21 101.96 0.37
C VAL W 51 7.96 102.81 0.57
N ASP W 52 6.78 102.18 0.61
CA ASP W 52 5.56 102.91 0.86
C ASP W 52 5.59 103.59 2.23
N LEU W 53 6.02 102.84 3.26
CA LEU W 53 6.12 103.43 4.59
C LEU W 53 7.18 104.53 4.64
N ARG W 54 8.30 104.33 3.95
CA ARG W 54 9.34 105.35 3.94
C ARG W 54 8.84 106.65 3.32
N ASN W 55 8.16 106.54 2.17
CA ASN W 55 7.60 107.73 1.55
C ASN W 55 6.52 108.36 2.42
N TYR W 56 5.69 107.53 3.05
CA TYR W 56 4.66 108.02 3.96
C TYR W 56 5.27 108.89 5.06
N LEU W 57 6.29 108.37 5.74
CA LEU W 57 6.90 109.10 6.84
C LEU W 57 7.76 110.26 6.37
N GLU W 58 8.29 110.21 5.15
CA GLU W 58 9.13 111.28 4.65
C GLU W 58 8.32 112.45 4.11
N ARG W 59 7.11 112.21 3.61
CA ARG W 59 6.30 113.26 3.03
C ARG W 59 5.18 113.73 3.95
N ILE W 60 4.38 112.81 4.50
CA ILE W 60 3.25 113.23 5.33
C ILE W 60 3.72 113.81 6.65
N TYR W 61 4.70 113.17 7.30
CA TYR W 61 5.15 113.59 8.61
C TYR W 61 6.54 114.19 8.63
N ASN W 62 7.30 114.07 7.53
CA ASN W 62 8.65 114.62 7.43
C ASN W 62 9.56 114.07 8.53
N VAL W 63 9.73 112.77 8.52
CA VAL W 63 10.55 112.05 9.49
C VAL W 63 11.74 111.44 8.75
N PRO W 64 12.97 111.79 9.12
CA PRO W 64 14.16 111.22 8.44
C PRO W 64 14.44 109.78 8.85
N VAL W 65 13.74 108.85 8.20
CA VAL W 65 13.88 107.43 8.48
C VAL W 65 15.07 106.88 7.68
N ALA W 66 15.87 106.04 8.34
CA ALA W 66 17.04 105.43 7.70
C ALA W 66 16.78 103.99 7.26
N ALA W 67 16.16 103.18 8.10
CA ALA W 67 15.92 101.78 7.78
C ALA W 67 14.47 101.42 8.04
N VAL W 68 13.96 100.47 7.27
CA VAL W 68 12.60 99.95 7.45
C VAL W 68 12.67 98.42 7.47
N ARG W 69 12.04 97.81 8.46
CA ARG W 69 11.99 96.36 8.56
C ARG W 69 10.57 95.93 8.94
N THR W 70 9.94 95.14 8.08
CA THR W 70 8.54 94.76 8.26
C THR W 70 8.41 93.27 8.53
N ARG W 71 7.37 92.90 9.27
CA ARG W 71 7.04 91.52 9.54
C ARG W 71 5.53 91.38 9.65
N VAL W 72 5.04 90.16 9.52
CA VAL W 72 3.62 89.87 9.55
C VAL W 72 3.34 89.01 10.78
N GLN W 73 2.56 89.55 11.72
CA GLN W 73 2.16 88.83 12.91
C GLN W 73 0.81 88.16 12.69
N TYR W 74 0.74 86.89 13.08
CA TYR W 74 -0.41 86.04 12.82
C TYR W 74 -1.36 86.03 14.03
N GLY W 75 -2.61 86.39 13.79
CA GLY W 75 -3.61 86.42 14.84
C GLY W 75 -4.06 85.02 15.22
N SER W 76 -4.34 84.83 16.50
CA SER W 76 -4.70 83.51 17.01
C SER W 76 -6.06 83.08 16.48
N ASN W 77 -6.13 81.83 16.04
CA ASN W 77 -7.38 81.21 15.59
C ASN W 77 -7.81 80.06 16.50
N ARG W 78 -7.43 80.13 17.77
CA ARG W 78 -7.66 79.05 18.71
C ARG W 78 -9.00 79.16 19.45
N ARG W 79 -9.43 80.37 19.77
CA ARG W 79 -10.63 80.56 20.56
C ARG W 79 -11.86 80.07 19.80
N ARG W 80 -12.78 79.45 20.52
CA ARG W 80 -14.00 78.88 19.95
C ARG W 80 -15.22 79.66 20.43
N ASP W 81 -16.19 79.81 19.53
CA ASP W 81 -17.44 80.49 19.83
C ASP W 81 -18.38 79.54 20.56
N HIS W 82 -19.57 80.04 20.92
CA HIS W 82 -20.57 79.20 21.55
C HIS W 82 -21.05 78.10 20.62
N ARG W 83 -20.96 78.32 19.30
CA ARG W 83 -21.28 77.32 18.31
C ARG W 83 -20.09 76.42 17.98
N ASN W 84 -19.05 76.44 18.81
CA ASN W 84 -17.82 75.68 18.58
C ASN W 84 -17.15 76.08 17.27
N ILE W 85 -17.30 77.35 16.88
CA ILE W 85 -16.69 77.89 15.67
C ILE W 85 -15.50 78.75 16.07
N ARG W 86 -14.38 78.57 15.37
CA ARG W 86 -13.16 79.29 15.71
C ARG W 86 -13.34 80.79 15.46
N ILE W 87 -12.85 81.59 16.39
CA ILE W 87 -12.84 83.05 16.26
C ILE W 87 -11.41 83.47 16.02
N LYS W 88 -11.13 84.00 14.83
CA LYS W 88 -9.76 84.34 14.43
C LYS W 88 -9.54 85.84 14.58
N LYS W 89 -8.53 86.21 15.35
CA LYS W 89 -8.10 87.60 15.40
C LYS W 89 -7.37 87.94 14.10
N PRO W 90 -7.56 89.15 13.57
CA PRO W 90 -6.95 89.49 12.28
C PRO W 90 -5.44 89.54 12.36
N ASP W 91 -4.79 89.16 11.27
CA ASP W 91 -3.34 89.30 11.16
C ASP W 91 -2.99 90.78 10.97
N TYR W 92 -1.76 91.13 11.33
CA TYR W 92 -1.38 92.54 11.16
C TYR W 92 0.10 92.66 10.86
N LYS W 93 0.45 93.69 10.10
CA LYS W 93 1.83 93.96 9.74
C LYS W 93 2.44 94.94 10.73
N VAL W 94 3.59 94.56 11.30
CA VAL W 94 4.32 95.38 12.25
C VAL W 94 5.64 95.78 11.61
N ALA W 95 5.93 97.08 11.62
CA ALA W 95 7.13 97.60 11.01
C ALA W 95 7.95 98.38 12.04
N TYR W 96 9.27 98.32 11.88
CA TYR W 96 10.21 99.07 12.70
C TYR W 96 11.02 99.97 11.80
N VAL W 97 11.04 101.26 12.13
CA VAL W 97 11.77 102.26 11.35
C VAL W 97 12.91 102.79 12.21
N GLN W 98 14.11 102.79 11.64
CA GLN W 98 15.31 103.29 12.29
C GLN W 98 15.61 104.68 11.74
N LEU W 99 15.69 105.66 12.64
CA LEU W 99 15.86 107.05 12.24
C LEU W 99 17.27 107.30 11.73
N ALA W 100 17.41 108.37 10.94
CA ALA W 100 18.65 108.67 10.22
C ALA W 100 19.56 109.63 10.97
N LEU W 101 19.05 110.82 11.29
CA LEU W 101 19.88 111.88 11.86
C LEU W 101 20.23 111.66 13.33
N GLY W 102 20.01 110.47 13.89
CA GLY W 102 20.35 110.23 15.28
C GLY W 102 19.32 110.68 16.27
N GLN W 103 18.09 110.95 15.84
CA GLN W 103 17.04 111.36 16.76
C GLN W 103 16.69 110.22 17.70
N THR W 104 16.52 110.55 18.98
CA THR W 104 16.16 109.57 20.01
C THR W 104 14.67 109.69 20.30
N PHE W 105 13.95 108.59 20.11
CA PHE W 105 12.51 108.54 20.34
C PHE W 105 12.19 107.61 21.50
N THR W 106 11.33 108.07 22.39
CA THR W 106 10.84 107.26 23.50
C THR W 106 9.32 107.44 23.58
N PHE W 107 8.60 106.34 23.73
CA PHE W 107 7.15 106.41 23.78
C PHE W 107 6.71 107.15 25.03
N PRO W 108 5.94 108.23 24.90
CA PRO W 108 5.53 108.99 26.08
C PRO W 108 4.39 108.34 26.83
N ASP W 109 4.30 108.65 28.12
CA ASP W 109 3.21 108.16 28.95
C ASP W 109 1.94 108.94 28.62
N LEU W 110 1.03 108.30 27.88
CA LEU W 110 -0.18 108.96 27.43
C LEU W 110 -1.27 109.02 28.49
N PHE W 111 -1.08 108.36 29.63
CA PHE W 111 -2.07 108.35 30.72
C PHE W 111 -1.39 108.68 32.03
N PRO W 112 -1.05 109.95 32.26
CA PRO W 112 -0.47 110.34 33.54
C PRO W 112 -1.55 110.52 34.60
N GLU W 113 -1.37 109.88 35.74
CA GLU W 113 -2.31 110.00 36.84
C GLU W 113 -2.25 111.40 37.44
N ARG W 114 -3.40 111.86 37.94
CA ARG W 114 -3.52 113.18 38.56
C ARG W 114 -3.52 113.04 40.08
N LYS W 115 -2.72 113.87 40.74
CA LYS W 115 -2.67 113.85 42.20
C LYS W 115 -4.03 114.24 42.81
N GLY W 116 -4.68 115.24 42.22
CA GLY W 116 -6.00 115.64 42.72
C GLY W 116 -7.01 114.53 42.54
N ALA W 117 -6.96 113.83 41.39
CA ALA W 117 -7.87 112.71 41.17
C ALA W 117 -7.61 111.58 42.16
N SER W 118 -6.34 111.29 42.42
CA SER W 118 -6.01 110.26 43.41
C SER W 118 -6.49 110.63 44.80
N VAL W 119 -6.32 111.90 45.18
CA VAL W 119 -6.81 112.36 46.48
C VAL W 119 -8.32 112.27 46.57
N ASP W 120 -9.03 112.63 45.50
CA ASP W 120 -10.48 112.51 45.49
C ASP W 120 -10.92 111.05 45.60
N VAL W 121 -10.22 110.15 44.90
CA VAL W 121 -10.56 108.74 45.00
C VAL W 121 -10.31 108.20 46.40
N ASP W 122 -9.21 108.62 47.03
CA ASP W 122 -8.93 108.19 48.40
C ASP W 122 -9.99 108.73 49.37
N VAL W 123 -10.41 109.98 49.17
CA VAL W 123 -11.47 110.54 50.01
C VAL W 123 -12.78 109.79 49.83
N ARG W 124 -13.12 109.44 48.58
CA ARG W 124 -14.32 108.67 48.32
C ARG W 124 -14.25 107.29 48.98
N ASP W 125 -13.09 106.64 48.90
CA ASP W 125 -12.91 105.35 49.55
C ASP W 125 -13.06 105.45 51.06
N GLN W 126 -12.49 106.51 51.66
CA GLN W 126 -12.63 106.71 53.09
C GLN W 126 -14.08 106.96 53.48
N VAL W 127 -14.80 107.75 52.67
CA VAL W 127 -16.22 108.00 52.93
C VAL W 127 -17.03 106.71 52.83
N LEU W 128 -16.73 105.86 51.84
CA LEU W 128 -17.41 104.58 51.71
C LEU W 128 -17.12 103.68 52.90
N GLU W 129 -15.87 103.66 53.37
CA GLU W 129 -15.52 102.88 54.56
C GLU W 129 -16.27 103.38 55.79
N ASP W 130 -16.36 104.70 55.93
CA ASP W 130 -17.10 105.27 57.06
C ASP W 130 -18.58 104.92 56.98
N GLN W 131 -19.15 104.96 55.77
CA GLN W 131 -20.55 104.57 55.60
C GLN W 131 -20.76 103.11 55.96
N ARG W 132 -19.85 102.23 55.53
CA ARG W 132 -19.96 100.82 55.89
C ARG W 132 -19.85 100.64 57.40
N GLN W 133 -18.94 101.38 58.05
CA GLN W 133 -18.78 101.27 59.50
C GLN W 133 -20.03 101.74 60.23
N LYS W 134 -20.64 102.84 59.78
CA LYS W 134 -21.84 103.34 60.46
C LYS W 134 -23.05 102.48 60.17
N HIS W 135 -23.09 101.80 59.01
CA HIS W 135 -24.18 100.88 58.72
C HIS W 135 -23.96 99.51 59.32
N SER W 136 -22.77 99.21 59.81
CA SER W 136 -22.53 97.92 60.44
C SER W 136 -23.34 97.82 61.73
N PRO W 137 -23.95 96.66 62.00
CA PRO W 137 -24.78 96.51 63.20
C PRO W 137 -23.94 96.56 64.47
N ASP W 138 -24.58 97.01 65.55
CA ASP W 138 -23.94 97.03 66.85
C ASP W 138 -23.84 95.60 67.38
N PRO W 139 -22.65 95.11 67.71
CA PRO W 139 -22.53 93.73 68.23
C PRO W 139 -23.33 93.48 69.50
N ARG W 140 -23.53 94.50 70.33
CA ARG W 140 -24.26 94.34 71.59
C ARG W 140 -25.76 94.17 71.38
N ARG W 141 -26.27 94.39 70.17
CA ARG W 141 -27.70 94.24 69.91
C ARG W 141 -28.09 92.82 69.53
N GLY W 142 -27.23 92.13 68.78
CA GLY W 142 -27.51 90.76 68.40
C GLY W 142 -28.50 90.60 67.27
N GLY W 143 -28.59 91.57 66.37
CA GLY W 143 -29.47 91.49 65.24
C GLY W 143 -30.77 92.26 65.37
N VAL W 144 -31.00 92.90 66.50
CA VAL W 144 -32.21 93.72 66.66
C VAL W 144 -32.12 94.94 65.74
N PRO W 145 -33.16 95.26 64.98
CA PRO W 145 -33.11 96.47 64.15
C PRO W 145 -32.99 97.72 65.01
N GLY W 146 -32.04 98.58 64.65
CA GLY W 146 -31.75 99.76 65.43
C GLY W 146 -32.56 100.98 65.01
N TRP W 147 -33.48 100.80 64.08
CA TRP W 147 -34.29 101.92 63.62
C TRP W 147 -35.29 102.37 64.68
N PHE W 148 -35.93 101.41 65.35
CA PHE W 148 -36.94 101.74 66.34
C PHE W 148 -36.29 102.33 67.59
N GLY W 149 -36.86 103.43 68.09
CA GLY W 149 -36.37 104.04 69.29
C GLY W 149 -36.65 103.21 70.52
N LEU W 150 -37.93 103.08 70.87
CA LEU W 150 -38.33 102.29 72.02
C LEU W 150 -39.69 101.63 71.78
N SER X 11 -20.69 101.86 14.00
CA SER X 11 -20.71 100.60 14.73
C SER X 11 -22.13 100.14 15.00
N LYS X 12 -22.60 99.19 14.18
CA LYS X 12 -23.94 98.63 14.30
C LYS X 12 -23.82 97.17 14.73
N VAL X 13 -24.17 96.90 15.99
CA VAL X 13 -24.13 95.53 16.49
C VAL X 13 -25.32 94.75 15.94
N THR X 14 -25.04 93.58 15.37
CA THR X 14 -26.08 92.76 14.77
C THR X 14 -26.73 91.88 15.83
N LEU X 15 -28.06 91.93 15.92
CA LEU X 15 -28.79 91.15 16.90
C LEU X 15 -29.44 89.94 16.25
N PRO X 16 -29.57 88.83 16.98
CA PRO X 16 -30.23 87.64 16.43
C PRO X 16 -31.70 87.91 16.17
N PRO X 17 -32.30 87.22 15.20
CA PRO X 17 -33.75 87.43 14.96
C PRO X 17 -34.60 87.11 16.17
N ASN X 18 -34.23 86.11 16.96
CA ASN X 18 -34.94 85.77 18.19
C ASN X 18 -34.28 86.53 19.33
N TYR X 19 -34.88 87.65 19.74
CA TYR X 19 -34.30 88.54 20.72
C TYR X 19 -35.36 89.02 21.68
N ARG X 20 -34.94 89.37 22.90
CA ARG X 20 -35.80 89.96 23.91
C ARG X 20 -35.18 91.27 24.37
N TYR X 21 -35.98 92.33 24.35
CA TYR X 21 -35.50 93.67 24.69
C TYR X 21 -35.85 94.00 26.14
N GLY X 22 -34.83 94.40 26.91
CA GLY X 22 -35.01 94.66 28.33
C GLY X 22 -34.56 96.02 28.79
N MET X 23 -34.88 97.06 28.02
CA MET X 23 -34.51 98.45 28.31
C MET X 23 -33.00 98.68 28.27
N SER X 24 -32.23 97.69 27.83
CA SER X 24 -30.78 97.78 27.82
C SER X 24 -30.29 97.98 26.40
N ARG X 25 -29.15 98.66 26.29
CA ARG X 25 -28.51 98.82 24.99
C ARG X 25 -28.12 97.44 24.44
N PRO X 26 -28.34 97.20 23.15
CA PRO X 26 -28.03 95.88 22.59
C PRO X 26 -26.58 95.46 22.79
N GLY X 27 -25.65 96.41 22.81
CA GLY X 27 -24.26 96.10 23.03
C GLY X 27 -23.77 96.54 24.40
N SER X 28 -24.60 96.35 25.42
CA SER X 28 -24.29 96.78 26.78
C SER X 28 -23.92 95.59 27.65
N LEU X 29 -23.13 95.86 28.68
CA LEU X 29 -22.71 94.81 29.61
C LEU X 29 -23.91 94.24 30.36
N SER X 30 -24.85 95.11 30.76
CA SER X 30 -26.04 94.63 31.45
C SER X 30 -26.87 93.70 30.56
N ASP X 31 -27.01 94.05 29.28
CA ASP X 31 -27.73 93.19 28.35
C ASP X 31 -27.00 91.88 28.12
N LYS X 32 -25.67 91.93 27.99
CA LYS X 32 -24.91 90.70 27.80
C LYS X 32 -25.00 89.79 29.01
N ARG X 33 -25.09 90.38 30.21
CA ARG X 33 -25.33 89.58 31.41
C ARG X 33 -26.75 89.04 31.45
N LYS X 34 -27.74 89.81 31.00
CA LYS X 34 -29.13 89.36 31.03
C LYS X 34 -29.34 88.17 30.10
N ASN X 35 -28.91 88.29 28.85
CA ASN X 35 -28.99 87.18 27.91
C ASN X 35 -27.66 87.01 27.17
N PRO X 36 -26.94 85.92 27.40
CA PRO X 36 -25.68 85.68 26.68
C PRO X 36 -25.95 85.40 25.21
N PRO X 37 -24.93 85.48 24.35
CA PRO X 37 -25.15 85.24 22.92
C PRO X 37 -25.52 83.80 22.57
N GLY X 38 -25.58 82.90 23.54
CA GLY X 38 -25.92 81.51 23.26
C GLY X 38 -27.37 81.16 23.53
N THR X 39 -28.16 82.14 23.96
CA THR X 39 -29.55 81.91 24.30
C THR X 39 -30.47 82.76 23.42
N ARG X 40 -31.68 82.27 23.23
CA ARG X 40 -32.73 83.02 22.52
C ARG X 40 -34.06 82.56 23.09
N ARG X 41 -34.93 83.52 23.44
CA ARG X 41 -36.10 83.23 24.22
C ARG X 41 -37.36 83.21 23.34
N ARG X 42 -38.52 83.07 23.98
CA ARG X 42 -39.78 83.03 23.27
C ARG X 42 -40.12 84.40 22.69
N ARG X 43 -40.74 84.39 21.51
CA ARG X 43 -41.13 85.62 20.85
C ARG X 43 -42.41 86.17 21.46
N VAL X 44 -42.39 87.47 21.80
CA VAL X 44 -43.57 88.14 22.35
C VAL X 44 -44.34 88.76 21.19
N PRO X 45 -45.67 88.78 21.24
CA PRO X 45 -46.45 89.39 20.16
C PRO X 45 -46.30 90.91 20.16
N VAL X 46 -46.05 91.47 18.98
CA VAL X 46 -45.88 92.91 18.80
C VAL X 46 -46.92 93.38 17.80
N GLU X 47 -47.73 94.35 18.21
CA GLU X 47 -48.75 94.90 17.32
C GLU X 47 -48.08 95.65 16.17
N PRO X 48 -48.45 95.39 14.93
CA PRO X 48 -47.80 96.07 13.79
C PRO X 48 -48.16 97.55 13.73
N ILE X 49 -47.20 98.40 14.05
CA ILE X 49 -47.36 99.85 13.98
C ILE X 49 -46.21 100.39 13.14
N SER X 50 -46.55 101.01 12.01
CA SER X 50 -45.53 101.53 11.11
C SER X 50 -44.97 102.85 11.63
N ASP X 51 -43.96 103.37 10.94
CA ASP X 51 -43.37 104.65 11.32
C ASP X 51 -44.36 105.79 11.18
N GLU X 52 -45.32 105.67 10.27
CA GLU X 52 -46.28 106.73 10.02
C GLU X 52 -47.43 106.75 11.02
N ASP X 53 -47.53 105.74 11.89
CA ASP X 53 -48.63 105.65 12.85
C ASP X 53 -48.13 105.68 14.29
N TRP X 54 -46.89 106.11 14.52
CA TRP X 54 -46.34 106.23 15.86
C TRP X 54 -46.47 107.68 16.31
N HIS X 55 -47.39 107.94 17.24
CA HIS X 55 -47.69 109.29 17.69
C HIS X 55 -47.02 109.66 19.00
N LEU X 56 -46.46 108.69 19.72
CA LEU X 56 -45.85 108.93 21.03
C LEU X 56 -44.36 109.17 20.84
N PHE X 57 -43.93 110.42 21.04
CA PHE X 57 -42.54 110.78 20.98
C PHE X 57 -42.00 111.00 22.39
N CYS X 58 -40.71 111.32 22.48
CA CYS X 58 -40.05 111.57 23.76
C CYS X 58 -40.02 113.06 24.04
N GLY X 59 -40.43 113.43 25.26
CA GLY X 59 -40.46 114.82 25.68
C GLY X 59 -41.84 115.40 25.88
N ASP X 60 -42.92 114.68 25.58
CA ASP X 60 -44.27 115.19 25.72
C ASP X 60 -44.92 114.67 26.99
N LYS X 61 -45.97 115.37 27.41
CA LYS X 61 -46.70 115.02 28.63
C LYS X 61 -47.82 114.05 28.27
N VAL X 62 -47.81 112.87 28.88
CA VAL X 62 -48.81 111.85 28.62
C VAL X 62 -49.34 111.35 29.96
N GLU X 63 -50.56 110.81 29.92
CA GLU X 63 -51.26 110.34 31.11
C GLU X 63 -51.33 108.82 31.11
N ILE X 64 -51.10 108.23 32.28
CA ILE X 64 -51.19 106.79 32.45
C ILE X 64 -52.64 106.40 32.69
N LEU X 65 -53.07 105.32 32.03
CA LEU X 65 -54.45 104.88 32.08
C LEU X 65 -54.69 103.75 33.09
N GLU X 66 -53.84 102.74 33.12
CA GLU X 66 -54.01 101.60 34.02
C GLU X 66 -52.78 101.43 34.87
N GLY X 67 -52.98 100.93 36.08
CA GLY X 67 -51.90 100.73 37.03
C GLY X 67 -52.23 101.26 38.40
N LYS X 68 -51.31 101.09 39.36
CA LYS X 68 -51.55 101.59 40.71
C LYS X 68 -51.60 103.12 40.71
N ASP X 69 -50.73 103.77 39.96
CA ASP X 69 -50.75 105.22 39.81
C ASP X 69 -51.40 105.56 38.47
N ALA X 70 -52.72 105.60 38.49
CA ALA X 70 -53.52 105.85 37.30
C ALA X 70 -54.01 107.29 37.28
N GLY X 71 -54.15 107.84 36.07
CA GLY X 71 -54.60 109.21 35.90
C GLY X 71 -53.52 110.25 36.07
N LYS X 72 -52.28 109.84 36.29
CA LYS X 72 -51.17 110.78 36.49
C LYS X 72 -50.46 111.06 35.17
N GLN X 73 -49.94 112.28 35.05
CA GLN X 73 -49.31 112.75 33.83
C GLN X 73 -47.81 112.93 34.07
N GLY X 74 -47.02 112.57 33.07
CA GLY X 74 -45.58 112.66 33.14
C GLY X 74 -44.96 112.84 31.77
N LYS X 75 -43.69 113.24 31.77
CA LYS X 75 -42.96 113.52 30.54
C LYS X 75 -42.30 112.24 30.04
N VAL X 76 -42.48 111.94 28.76
CA VAL X 76 -41.85 110.78 28.15
C VAL X 76 -40.36 111.02 28.03
N VAL X 77 -39.56 110.04 28.46
CA VAL X 77 -38.12 110.12 28.43
C VAL X 77 -37.52 109.17 27.38
N GLN X 78 -37.97 107.92 27.37
CA GLN X 78 -37.45 106.93 26.43
C GLN X 78 -38.59 106.17 25.77
N VAL X 79 -38.35 105.80 24.51
CA VAL X 79 -39.27 105.00 23.71
C VAL X 79 -38.49 103.87 23.07
N ILE X 80 -39.09 102.69 23.03
CA ILE X 80 -38.49 101.50 22.42
C ILE X 80 -39.49 100.98 21.39
N ARG X 81 -39.21 101.22 20.11
CA ARG X 81 -40.14 100.86 19.06
C ARG X 81 -40.19 99.37 18.77
N GLN X 82 -39.19 98.60 19.23
CA GLN X 82 -39.19 97.16 18.96
C GLN X 82 -40.34 96.45 19.66
N ARG X 83 -40.64 96.83 20.90
CA ARG X 83 -41.75 96.24 21.65
C ARG X 83 -42.86 97.24 21.92
N ASN X 84 -42.82 98.42 21.30
CA ASN X 84 -43.82 99.46 21.48
C ASN X 84 -43.94 99.86 22.95
N TRP X 85 -42.80 100.24 23.52
CA TRP X 85 -42.70 100.65 24.91
C TRP X 85 -42.48 102.16 24.99
N VAL X 86 -43.20 102.81 25.91
CA VAL X 86 -43.00 104.21 26.22
C VAL X 86 -42.83 104.32 27.73
N VAL X 87 -41.87 105.13 28.18
CA VAL X 87 -41.58 105.22 29.60
C VAL X 87 -41.73 106.68 30.05
N VAL X 88 -42.28 106.87 31.24
CA VAL X 88 -42.39 108.17 31.88
C VAL X 88 -41.52 108.16 33.12
N GLU X 89 -41.11 109.36 33.55
CA GLU X 89 -40.13 109.48 34.63
C GLU X 89 -40.84 109.49 35.98
N GLY X 90 -40.65 108.41 36.74
CA GLY X 90 -41.10 108.36 38.12
C GLY X 90 -42.59 108.41 38.37
N LEU X 91 -43.38 107.71 37.55
CA LEU X 91 -44.81 107.58 37.82
C LEU X 91 -45.20 106.13 38.10
N ASN X 92 -44.90 105.21 37.19
CA ASN X 92 -45.07 103.79 37.42
C ASN X 92 -43.70 103.24 37.82
N THR X 93 -43.51 103.00 39.11
CA THR X 93 -42.19 102.77 39.66
C THR X 93 -42.12 101.49 40.49
N HIS X 94 -40.95 100.88 40.47
CA HIS X 94 -40.58 99.81 41.39
C HIS X 94 -39.18 100.10 41.91
N TYR X 95 -38.93 99.69 43.16
CA TYR X 95 -37.74 100.12 43.89
C TYR X 95 -36.65 99.08 43.75
N ARG X 96 -35.47 99.50 43.28
CA ARG X 96 -34.34 98.61 43.04
C ARG X 96 -33.09 99.17 43.70
N TYR X 97 -32.24 98.29 44.21
CA TYR X 97 -30.97 98.67 44.78
C TYR X 97 -29.88 98.64 43.72
N VAL X 98 -29.01 99.66 43.76
CA VAL X 98 -27.89 99.78 42.83
C VAL X 98 -26.55 99.54 43.53
N GLY X 99 -26.44 99.95 44.79
CA GLY X 99 -25.23 99.73 45.55
C GLY X 99 -25.27 98.42 46.31
N LYS X 100 -24.47 97.44 45.87
CA LYS X 100 -24.45 96.13 46.49
C LYS X 100 -23.00 95.69 46.68
N THR X 101 -22.63 95.42 47.93
CA THR X 101 -21.30 94.92 48.26
C THR X 101 -21.47 93.72 49.20
N VAL X 102 -20.36 93.24 49.75
CA VAL X 102 -20.41 92.09 50.63
C VAL X 102 -21.08 92.45 51.96
N ASP X 103 -20.94 93.69 52.42
CA ASP X 103 -21.47 94.07 53.73
C ASP X 103 -22.16 95.43 53.72
N TYR X 104 -22.60 95.92 52.58
CA TYR X 104 -23.25 97.22 52.52
C TYR X 104 -24.22 97.28 51.34
N ARG X 105 -25.40 97.84 51.59
CA ARG X 105 -26.37 98.13 50.56
C ARG X 105 -26.91 99.53 50.78
N GLY X 106 -27.37 100.17 49.71
CA GLY X 106 -27.87 101.52 49.83
C GLY X 106 -28.33 102.05 48.49
N THR X 107 -28.79 103.31 48.53
CA THR X 107 -29.32 104.01 47.37
C THR X 107 -30.39 103.18 46.66
N MET X 108 -31.47 102.89 47.39
CA MET X 108 -32.61 102.20 46.81
C MET X 108 -33.35 103.17 45.91
N ILE X 109 -33.03 103.14 44.61
CA ILE X 109 -33.58 104.10 43.67
C ILE X 109 -34.91 103.57 43.12
N PRO X 110 -35.91 104.42 42.96
CA PRO X 110 -37.15 104.00 42.29
C PRO X 110 -36.99 104.07 40.79
N SER X 111 -36.88 102.90 40.15
CA SER X 111 -36.81 102.82 38.71
C SER X 111 -38.22 102.72 38.13
N GLU X 112 -38.31 102.88 36.82
CA GLU X 112 -39.58 103.03 36.12
C GLU X 112 -39.90 101.81 35.27
N ALA X 113 -41.14 101.31 35.42
CA ALA X 113 -41.67 100.16 34.71
C ALA X 113 -42.14 100.57 33.31
N PRO X 114 -42.18 99.62 32.37
CA PRO X 114 -42.57 99.97 31.01
C PRO X 114 -44.07 100.10 30.85
N LEU X 115 -44.47 100.89 29.86
CA LEU X 115 -45.86 101.07 29.50
C LEU X 115 -46.03 100.89 27.99
N LEU X 116 -47.08 100.16 27.61
CA LEU X 116 -47.39 99.97 26.21
C LEU X 116 -48.13 101.18 25.65
N HIS X 117 -48.29 101.20 24.32
CA HIS X 117 -49.05 102.26 23.67
C HIS X 117 -50.53 102.21 24.02
N ASN X 118 -51.03 101.06 24.46
CA ASN X 118 -52.43 100.94 24.82
C ASN X 118 -52.75 101.64 26.14
N GLN X 119 -51.77 101.69 27.05
CA GLN X 119 -51.97 102.27 28.37
C GLN X 119 -51.58 103.75 28.42
N VAL X 120 -51.15 104.33 27.30
CA VAL X 120 -50.73 105.72 27.25
C VAL X 120 -51.30 106.36 25.99
N LYS X 121 -51.99 107.49 26.15
CA LYS X 121 -52.40 108.31 25.02
C LYS X 121 -51.99 109.76 25.27
N LEU X 122 -51.66 110.46 24.19
CA LEU X 122 -51.11 111.80 24.29
C LEU X 122 -52.16 112.78 24.82
N VAL X 123 -51.68 113.82 25.51
CA VAL X 123 -52.53 114.84 26.12
C VAL X 123 -52.17 116.19 25.51
N ASP X 124 -53.19 116.90 25.01
CA ASP X 124 -52.96 118.23 24.46
C ASP X 124 -52.67 119.23 25.59
N PRO X 125 -51.84 120.23 25.33
CA PRO X 125 -51.43 121.15 26.40
C PRO X 125 -52.47 122.20 26.76
N THR X 126 -53.59 122.28 26.04
CA THR X 126 -54.54 123.36 26.27
C THR X 126 -55.43 123.09 27.48
N ASP X 127 -56.23 122.03 27.42
CA ASP X 127 -57.16 121.69 28.50
C ASP X 127 -56.65 120.58 29.40
N ARG X 128 -55.45 120.06 29.15
CA ARG X 128 -54.81 119.05 30.00
C ARG X 128 -55.68 117.81 30.17
N LYS X 129 -56.38 117.42 29.11
CA LYS X 129 -57.18 116.22 29.14
C LYS X 129 -56.67 115.22 28.09
N PRO X 130 -56.68 113.92 28.41
CA PRO X 130 -56.22 112.94 27.41
C PRO X 130 -57.13 112.92 26.20
N THR X 131 -56.53 112.68 25.04
CA THR X 131 -57.24 112.69 23.77
C THR X 131 -56.63 111.67 22.83
N ASP X 132 -57.41 111.32 21.80
CA ASP X 132 -56.96 110.40 20.75
C ASP X 132 -56.26 111.22 19.67
N VAL X 133 -55.07 110.81 19.28
CA VAL X 133 -54.26 111.56 18.34
C VAL X 133 -54.28 110.86 16.99
N GLU X 134 -54.77 111.56 15.97
CA GLU X 134 -54.75 111.09 14.60
C GLU X 134 -53.88 112.02 13.78
N TRP X 135 -53.06 111.45 12.91
CA TRP X 135 -52.17 112.24 12.07
C TRP X 135 -52.95 112.80 10.89
N ARG X 136 -52.69 114.07 10.55
CA ARG X 136 -53.30 114.69 9.38
C ARG X 136 -52.25 115.48 8.63
N PHE X 137 -52.63 115.95 7.45
CA PHE X 137 -51.77 116.74 6.57
C PHE X 137 -52.38 118.12 6.42
N THR X 138 -51.67 119.14 6.91
CA THR X 138 -52.18 120.50 6.88
C THR X 138 -52.03 121.11 5.48
N GLU X 139 -52.65 122.28 5.30
CA GLU X 139 -52.62 122.96 4.02
C GLU X 139 -51.26 123.59 3.72
N ALA X 140 -50.42 123.74 4.74
CA ALA X 140 -49.10 124.35 4.58
C ALA X 140 -48.01 123.34 4.28
N GLY X 141 -48.38 122.07 4.05
CA GLY X 141 -47.40 121.04 3.81
C GLY X 141 -46.79 120.43 5.03
N GLU X 142 -47.31 120.72 6.22
CA GLU X 142 -46.78 120.21 7.47
C GLU X 142 -47.67 119.10 8.01
N ARG X 143 -47.04 118.05 8.51
CA ARG X 143 -47.69 116.83 8.96
C ARG X 143 -47.65 116.77 10.48
N VAL X 144 -48.74 117.19 11.11
CA VAL X 144 -48.80 117.46 12.54
C VAL X 144 -49.96 116.68 13.15
N ARG X 145 -49.80 116.33 14.42
CA ARG X 145 -50.85 115.64 15.16
C ARG X 145 -51.99 116.59 15.51
N VAL X 146 -53.22 116.11 15.35
CA VAL X 146 -54.42 116.83 15.76
C VAL X 146 -55.21 115.93 16.70
N SER X 147 -56.03 116.54 17.55
CA SER X 147 -56.88 115.78 18.46
C SER X 147 -58.29 115.69 17.90
N THR X 148 -58.96 114.58 18.20
CA THR X 148 -60.34 114.38 17.79
C THR X 148 -61.34 114.71 18.89
N ARG X 149 -60.96 114.57 20.16
CA ARG X 149 -61.85 114.90 21.26
C ARG X 149 -62.14 116.39 21.31
N SER X 150 -61.11 117.22 21.20
CA SER X 150 -61.24 118.67 21.29
C SER X 150 -61.10 119.37 19.95
N GLY X 151 -60.21 118.89 19.08
CA GLY X 151 -60.03 119.50 17.78
C GLY X 151 -58.92 120.53 17.73
N ARG X 152 -57.81 120.24 18.39
CA ARG X 152 -56.64 121.10 18.41
C ARG X 152 -55.43 120.34 17.88
N ILE X 153 -54.32 121.05 17.70
CA ILE X 153 -53.08 120.47 17.20
C ILE X 153 -52.09 120.39 18.35
N ILE X 154 -51.21 119.40 18.26
CA ILE X 154 -50.21 119.14 19.29
C ILE X 154 -48.82 119.32 18.66
N PRO X 155 -47.98 120.20 19.19
CA PRO X 155 -46.66 120.40 18.60
C PRO X 155 -45.74 119.22 18.88
N LYS X 156 -44.66 119.15 18.11
CA LYS X 156 -43.68 118.09 18.28
C LYS X 156 -42.87 118.34 19.55
N PRO X 157 -42.79 117.37 20.45
CA PRO X 157 -42.06 117.57 21.71
C PRO X 157 -40.55 117.51 21.52
N GLU X 158 -39.94 118.64 21.15
CA GLU X 158 -38.49 118.69 20.97
C GLU X 158 -37.78 118.25 22.25
N PHE X 159 -36.95 117.21 22.12
CA PHE X 159 -36.23 116.58 23.22
C PHE X 159 -34.73 116.72 23.03
N PRO X 160 -33.98 117.04 24.08
CA PRO X 160 -32.52 117.12 23.96
C PRO X 160 -31.93 115.78 23.55
N ARG X 161 -30.89 115.83 22.72
CA ARG X 161 -30.31 114.62 22.17
C ARG X 161 -29.54 113.87 23.27
N ALA X 162 -29.05 112.68 22.91
CA ALA X 162 -28.38 111.82 23.88
C ALA X 162 -26.93 112.21 24.13
N ASP X 163 -26.31 112.98 23.23
CA ASP X 163 -24.91 113.34 23.42
C ASP X 163 -24.73 114.40 24.50
N GLY X 164 -25.72 115.28 24.68
CA GLY X 164 -25.71 116.23 25.76
C GLY X 164 -25.06 117.56 25.48
N ILE X 165 -24.85 117.91 24.22
CA ILE X 165 -24.27 119.19 23.83
C ILE X 165 -25.33 120.01 23.11
N VAL X 166 -25.54 121.24 23.58
CA VAL X 166 -26.55 122.12 23.01
C VAL X 166 -25.91 123.03 21.97
N PRO X 167 -26.61 123.37 20.89
CA PRO X 167 -26.02 124.27 19.88
C PRO X 167 -25.95 125.73 20.31
N GLU X 168 -26.73 126.13 21.31
CA GLU X 168 -26.76 127.53 21.71
C GLU X 168 -25.46 127.95 22.40
N THR X 169 -24.93 127.10 23.28
CA THR X 169 -23.69 127.37 24.00
C THR X 169 -22.64 126.36 23.54
N TRP X 170 -21.72 126.81 22.70
CA TRP X 170 -20.65 125.97 22.20
C TRP X 170 -19.41 126.83 21.98
N ILE X 171 -18.25 126.25 22.27
CA ILE X 171 -16.97 126.94 22.13
C ILE X 171 -16.13 126.18 21.12
N ASP X 172 -15.59 126.89 20.14
CA ASP X 172 -14.79 126.27 19.09
C ASP X 172 -13.36 126.07 19.59
N GLY X 173 -12.87 124.83 19.52
CA GLY X 173 -11.55 124.51 19.96
C GLY X 173 -10.51 124.64 18.86
N PRO X 174 -9.26 124.30 19.16
CA PRO X 174 -8.21 124.39 18.13
C PRO X 174 -8.45 123.45 16.95
N LYS X 175 -9.21 122.38 17.15
CA LYS X 175 -9.45 121.39 16.11
C LYS X 175 -10.83 121.54 15.47
N ASP X 176 -11.51 122.67 15.70
CA ASP X 176 -12.83 122.92 15.16
C ASP X 176 -12.80 124.15 14.26
N THR X 177 -13.54 124.09 13.16
CA THR X 177 -13.69 125.20 12.25
C THR X 177 -14.83 126.10 12.69
N SER X 178 -14.80 127.34 12.25
CA SER X 178 -15.90 128.27 12.52
C SER X 178 -17.02 128.07 11.50
N VAL X 179 -18.15 128.75 11.75
CA VAL X 179 -19.28 128.65 10.82
C VAL X 179 -18.91 129.23 9.46
N GLU X 180 -18.11 130.30 9.44
CA GLU X 180 -17.71 130.91 8.18
C GLU X 180 -16.88 129.93 7.35
N ASP X 181 -15.93 129.24 7.99
CA ASP X 181 -15.13 128.26 7.27
C ASP X 181 -15.93 127.02 6.90
N ALA X 182 -16.94 126.67 7.70
CA ALA X 182 -17.78 125.51 7.37
C ALA X 182 -18.68 125.80 6.17
N LEU X 183 -19.21 127.02 6.07
CA LEU X 183 -20.13 127.38 5.01
C LEU X 183 -19.46 128.10 3.85
N GLU X 184 -18.14 128.30 3.89
CA GLU X 184 -17.43 128.97 2.81
C GLU X 184 -17.39 128.04 1.59
N LYS X 185 -17.96 128.50 0.49
CA LYS X 185 -18.01 127.72 -0.75
C LYS X 185 -16.95 128.24 -1.71
N THR X 186 -16.04 127.35 -2.12
CA THR X 186 -14.96 127.68 -3.04
C THR X 186 -15.01 126.79 -4.28
N TYR X 187 -15.98 125.88 -4.35
CA TYR X 187 -16.09 124.95 -5.47
C TYR X 187 -16.27 125.71 -6.77
N VAL X 188 -15.41 125.43 -7.75
CA VAL X 188 -15.57 125.92 -9.10
C VAL X 188 -15.97 124.73 -9.97
N PRO X 189 -17.24 124.60 -10.33
CA PRO X 189 -17.68 123.38 -11.02
C PRO X 189 -17.23 123.31 -12.47
N ARG X 190 -16.00 122.86 -12.69
CA ARG X 190 -15.48 122.62 -14.03
C ARG X 190 -15.29 121.12 -14.27
N LEU X 191 -14.92 120.77 -15.49
CA LEU X 191 -14.87 119.39 -15.94
C LEU X 191 -13.49 118.77 -15.81
N LYS X 192 -12.70 119.18 -14.81
CA LYS X 192 -11.37 118.64 -14.62
C LYS X 192 -11.34 117.78 -13.35
N THR X 193 -10.58 116.69 -13.43
CA THR X 193 -10.48 115.75 -12.32
C THR X 193 -9.64 116.34 -11.18
N LEU X 194 -9.77 115.72 -10.01
CA LEU X 194 -9.01 116.15 -8.84
C LEU X 194 -7.52 115.99 -9.08
N GLU X 195 -7.13 114.91 -9.76
CA GLU X 195 -5.71 114.69 -10.05
C GLU X 195 -5.15 115.82 -10.90
N GLU X 196 -5.85 116.19 -11.97
CA GLU X 196 -5.40 117.29 -12.82
C GLU X 196 -5.41 118.61 -12.07
N GLU X 197 -6.43 118.84 -11.24
CA GLU X 197 -6.49 120.05 -10.42
C GLU X 197 -5.24 120.17 -9.55
N VAL X 198 -4.93 119.11 -8.80
CA VAL X 198 -3.79 119.16 -7.89
C VAL X 198 -2.48 119.29 -8.67
N MET X 199 -2.36 118.57 -9.78
CA MET X 199 -1.15 118.62 -10.59
C MET X 199 -0.90 120.03 -11.12
N GLU X 200 -1.92 120.64 -11.72
CA GLU X 200 -1.75 121.99 -12.26
C GLU X 200 -1.60 123.03 -11.17
N ALA X 201 -2.17 122.80 -9.98
CA ALA X 201 -1.97 123.73 -8.88
C ALA X 201 -0.54 123.68 -8.36
N MET X 202 0.03 122.48 -8.26
CA MET X 202 1.37 122.31 -7.70
C MET X 202 2.46 122.44 -8.74
N GLY X 203 2.12 122.54 -10.02
CA GLY X 203 3.14 122.67 -11.04
C GLY X 203 3.86 121.40 -11.39
N ILE X 204 3.31 120.24 -11.05
CA ILE X 204 3.92 118.97 -11.42
C ILE X 204 3.83 118.80 -12.93
N GLN X 205 4.95 118.41 -13.53
CA GLN X 205 5.05 118.24 -14.97
C GLN X 205 5.25 116.77 -15.30
N GLU X 206 4.40 116.23 -16.17
CA GLU X 206 4.51 114.86 -16.65
C GLU X 206 4.37 114.90 -18.17
N THR X 207 5.41 114.44 -18.87
CA THR X 207 5.46 114.51 -20.32
C THR X 207 5.08 113.20 -20.99
N ARG X 208 5.59 112.07 -20.50
CA ARG X 208 5.30 110.78 -21.09
C ARG X 208 3.84 110.39 -20.83
N ARG X 209 3.37 109.42 -21.61
CA ARG X 209 2.00 108.92 -21.51
C ARG X 209 2.00 107.40 -21.47
N HIS X 210 0.90 106.84 -20.98
CA HIS X 210 0.77 105.40 -20.86
C HIS X 210 0.76 104.73 -22.23
N LYS X 211 1.18 103.47 -22.25
CA LYS X 211 1.16 102.67 -23.47
C LYS X 211 -0.20 102.00 -23.62
N LYS X 212 -0.33 101.11 -24.60
CA LYS X 212 -1.59 100.40 -24.83
C LYS X 212 -1.70 99.25 -23.84
N VAL X 213 -2.79 99.24 -23.06
CA VAL X 213 -3.04 98.21 -22.07
C VAL X 213 -4.33 97.51 -22.43
N TYR X 214 -4.28 96.18 -22.51
CA TYR X 214 -5.43 95.37 -22.83
C TYR X 214 -6.21 95.02 -21.56
N TRP X 215 -7.53 94.97 -21.68
CA TRP X 215 -8.42 94.71 -20.56
C TRP X 215 -9.30 93.51 -20.90
N TYR X 216 -9.12 92.40 -20.18
CA TYR X 216 -9.95 91.23 -20.36
C TYR X 216 -9.86 90.31 -19.15
N ALA Y 30 16.32 58.59 -44.44
CA ALA Y 30 17.16 58.46 -43.26
C ALA Y 30 16.31 58.32 -42.00
N TYR Y 31 16.90 58.62 -40.85
CA TYR Y 31 16.23 58.53 -39.56
C TYR Y 31 16.19 59.94 -38.96
N GLU Y 32 15.03 60.58 -39.02
CA GLU Y 32 14.87 61.90 -38.42
C GLU Y 32 14.93 61.78 -36.89
N TRP Y 33 15.67 62.69 -36.26
CA TRP Y 33 15.89 62.62 -34.82
C TRP Y 33 14.78 63.28 -34.02
N GLY Y 34 13.76 63.84 -34.66
CA GLY Y 34 12.62 64.40 -33.97
C GLY Y 34 11.51 63.38 -33.82
N VAL Y 35 10.75 63.52 -32.72
CA VAL Y 35 9.63 62.64 -32.42
C VAL Y 35 8.34 63.44 -32.53
N ARG Y 36 7.37 62.90 -33.28
CA ARG Y 36 6.12 63.62 -33.52
C ARG Y 36 5.36 63.89 -32.23
N SER Y 37 5.45 62.99 -31.25
CA SER Y 37 4.73 63.18 -30.00
C SER Y 37 5.28 64.34 -29.17
N THR Y 38 6.59 64.55 -29.20
CA THR Y 38 7.22 65.59 -28.39
C THR Y 38 7.49 66.87 -29.18
N ARG Y 39 7.43 66.83 -30.51
CA ARG Y 39 7.63 68.03 -31.30
C ARG Y 39 6.42 68.97 -31.15
N LYS Y 40 6.59 70.19 -31.63
CA LYS Y 40 5.51 71.16 -31.57
C LYS Y 40 4.35 70.68 -32.43
N PRO Y 41 3.12 70.69 -31.93
CA PRO Y 41 2.00 70.18 -32.71
C PRO Y 41 1.60 71.11 -33.84
N GLU Y 42 1.17 70.50 -34.94
CA GLU Y 42 0.66 71.26 -36.07
C GLU Y 42 -0.67 71.92 -35.68
N PRO Y 43 -0.90 73.16 -36.11
CA PRO Y 43 -2.14 73.84 -35.73
C PRO Y 43 -3.35 73.07 -36.20
N PRO Y 44 -4.42 73.06 -35.42
CA PRO Y 44 -5.60 72.26 -35.77
C PRO Y 44 -6.20 72.72 -37.08
N PRO Y 45 -6.84 71.81 -37.83
CA PRO Y 45 -7.41 72.19 -39.12
C PRO Y 45 -8.44 73.31 -38.97
N LEU Y 46 -8.46 74.21 -39.94
CA LEU Y 46 -9.38 75.34 -39.89
C LEU Y 46 -10.82 74.86 -40.02
N ASP Y 47 -11.73 75.63 -39.44
CA ASP Y 47 -13.14 75.27 -39.48
C ASP Y 47 -13.66 75.34 -40.92
N ARG Y 48 -14.74 74.61 -41.17
CA ARG Y 48 -15.29 74.48 -42.52
C ARG Y 48 -15.80 75.80 -43.07
N VAL Y 49 -15.99 76.82 -42.24
CA VAL Y 49 -16.50 78.09 -42.72
C VAL Y 49 -15.48 78.80 -43.62
N TYR Y 50 -14.19 78.65 -43.32
CA TYR Y 50 -13.15 79.45 -43.93
C TYR Y 50 -12.86 79.08 -45.39
N GLU Y 51 -13.40 77.97 -45.89
CA GLU Y 51 -13.22 77.59 -47.28
C GLU Y 51 -14.37 78.05 -48.18
N ILE Y 52 -15.35 78.75 -47.62
CA ILE Y 52 -16.50 79.23 -48.39
C ILE Y 52 -16.15 80.62 -48.93
N PRO Y 53 -16.03 80.81 -50.24
CA PRO Y 53 -15.70 82.15 -50.76
C PRO Y 53 -16.81 83.14 -50.48
N GLY Y 54 -16.41 84.38 -50.19
CA GLY Y 54 -17.35 85.45 -49.93
C GLY Y 54 -18.28 85.23 -48.76
N LEU Y 55 -17.76 84.65 -47.68
CA LEU Y 55 -18.57 84.39 -46.48
C LEU Y 55 -17.76 84.76 -45.25
N GLU Y 56 -18.39 85.46 -44.31
CA GLU Y 56 -17.69 85.98 -43.14
C GLU Y 56 -17.94 85.05 -41.96
N PRO Y 57 -16.91 84.40 -41.42
CA PRO Y 57 -17.11 83.47 -40.30
C PRO Y 57 -17.57 84.19 -39.03
N ILE Y 58 -18.39 83.49 -38.25
CA ILE Y 58 -18.83 83.96 -36.95
C ILE Y 58 -18.01 83.24 -35.90
N THR Y 59 -17.19 84.00 -35.18
CA THR Y 59 -16.25 83.47 -34.20
C THR Y 59 -16.60 84.00 -32.80
N TYR Y 60 -15.77 83.64 -31.83
CA TYR Y 60 -15.92 84.11 -30.46
C TYR Y 60 -14.97 85.25 -30.13
N ALA Y 61 -14.32 85.84 -31.14
CA ALA Y 61 -13.41 86.94 -30.88
C ALA Y 61 -14.10 88.19 -30.35
N GLY Y 62 -15.41 88.32 -30.59
CA GLY Y 62 -16.13 89.47 -30.06
C GLY Y 62 -16.28 89.46 -28.56
N LYS Y 63 -16.38 88.29 -27.96
CA LYS Y 63 -16.57 88.14 -26.52
C LYS Y 63 -15.25 87.94 -25.78
N MET Y 64 -14.12 87.89 -26.49
CA MET Y 64 -12.79 87.80 -25.90
C MET Y 64 -12.61 86.55 -25.04
N HIS Y 65 -13.34 85.48 -25.37
CA HIS Y 65 -13.14 84.21 -24.69
C HIS Y 65 -13.69 83.10 -25.57
N PHE Y 66 -13.23 81.88 -25.32
CA PHE Y 66 -13.61 80.74 -26.12
C PHE Y 66 -14.99 80.23 -25.72
N MET Y 67 -15.80 79.90 -26.72
CA MET Y 67 -17.11 79.28 -26.51
C MET Y 67 -17.34 78.25 -27.63
N PRO Y 68 -17.78 77.05 -27.27
CA PRO Y 68 -18.06 76.03 -28.30
C PRO Y 68 -19.22 76.44 -29.18
N GLY Y 69 -19.19 75.95 -30.42
CA GLY Y 69 -20.20 76.24 -31.41
C GLY Y 69 -19.84 77.36 -32.37
N LEU Y 70 -18.83 78.17 -32.05
CA LEU Y 70 -18.38 79.25 -32.90
C LEU Y 70 -17.06 78.87 -33.57
N ALA Y 71 -16.82 79.49 -34.73
CA ALA Y 71 -15.62 79.19 -35.49
C ALA Y 71 -14.38 79.72 -34.79
N ARG Y 72 -13.25 79.11 -35.11
CA ARG Y 72 -11.97 79.53 -34.54
C ARG Y 72 -11.48 80.78 -35.26
N PRO Y 73 -11.31 81.90 -34.58
CA PRO Y 73 -10.83 83.11 -35.25
C PRO Y 73 -9.34 83.03 -35.53
N VAL Y 74 -8.95 83.56 -36.70
CA VAL Y 74 -7.55 83.63 -37.08
C VAL Y 74 -7.04 85.03 -36.76
N PHE Y 75 -5.91 85.11 -36.08
CA PHE Y 75 -5.43 86.43 -35.71
C PHE Y 75 -4.17 86.78 -36.48
N PRO Y 76 -3.99 88.05 -36.83
CA PRO Y 76 -2.76 88.47 -37.50
C PRO Y 76 -1.59 88.46 -36.53
N PRO Y 77 -0.36 88.39 -37.03
CA PRO Y 77 0.81 88.44 -36.14
C PRO Y 77 0.80 89.73 -35.32
N TRP Y 78 0.84 89.57 -34.00
CA TRP Y 78 0.78 90.72 -33.11
C TRP Y 78 2.03 91.57 -33.26
N ASP Y 79 1.83 92.88 -33.42
CA ASP Y 79 2.93 93.80 -33.66
C ASP Y 79 3.04 94.77 -32.49
N PRO Y 80 4.00 94.59 -31.59
CA PRO Y 80 4.19 95.55 -30.50
C PRO Y 80 4.84 96.82 -31.00
N GLY Y 81 4.03 97.77 -31.48
CA GLY Y 81 4.51 99.02 -32.04
C GLY Y 81 5.62 99.70 -31.26
N TRP Y 82 5.54 99.61 -29.93
CA TRP Y 82 6.62 100.06 -29.07
C TRP Y 82 7.46 98.85 -28.67
N THR Y 83 8.76 98.93 -28.93
CA THR Y 83 9.65 97.79 -28.74
C THR Y 83 10.15 97.74 -27.30
N HIS Y 84 9.94 96.60 -26.64
CA HIS Y 84 10.39 96.30 -25.29
C HIS Y 84 11.63 95.42 -25.34
N PRO Y 85 12.65 95.72 -24.54
CA PRO Y 85 13.91 94.97 -24.62
C PRO Y 85 13.77 93.51 -24.22
N LYS Y 86 13.20 93.26 -23.04
CA LYS Y 86 13.21 91.92 -22.48
C LYS Y 86 12.23 90.99 -23.19
N PHE Y 87 11.06 91.50 -23.58
CA PHE Y 87 9.98 90.64 -24.06
C PHE Y 87 9.85 90.63 -25.58
N ARG Y 88 10.84 91.13 -26.31
CA ARG Y 88 10.81 91.07 -27.76
C ARG Y 88 11.52 89.82 -28.26
N ARG Y 89 11.23 89.46 -29.50
CA ARG Y 89 11.83 88.28 -30.09
C ARG Y 89 13.30 88.52 -30.42
N LEU Y 90 14.06 87.44 -30.42
CA LEU Y 90 15.49 87.55 -30.72
C LEU Y 90 15.68 87.89 -32.19
N PRO Y 91 16.46 88.94 -32.51
CA PRO Y 91 16.66 89.28 -33.91
C PRO Y 91 17.40 88.18 -34.64
N PRO Y 92 17.12 87.98 -35.92
CA PRO Y 92 17.85 86.96 -36.69
C PRO Y 92 19.30 87.36 -36.90
N LEU Y 93 20.13 86.36 -37.18
CA LEU Y 93 21.57 86.59 -37.29
C LEU Y 93 21.93 87.48 -38.46
N HIS Y 94 21.26 87.32 -39.61
CA HIS Y 94 21.62 88.14 -40.77
C HIS Y 94 21.24 89.60 -40.61
N GLU Y 95 20.43 89.94 -39.61
CA GLU Y 95 20.08 91.33 -39.35
C GLU Y 95 21.22 92.09 -38.69
N HIS Y 96 22.17 91.40 -38.07
CA HIS Y 96 23.25 92.06 -37.36
C HIS Y 96 24.15 92.81 -38.35
N PRO Y 97 24.59 94.02 -38.01
CA PRO Y 97 25.48 94.76 -38.92
C PRO Y 97 26.82 94.07 -39.16
N LEU Y 98 27.27 93.23 -38.23
CA LEU Y 98 28.55 92.54 -38.37
C LEU Y 98 28.43 91.20 -39.08
N TYR Y 99 27.24 90.86 -39.56
CA TYR Y 99 27.05 89.61 -40.27
C TYR Y 99 27.84 89.61 -41.59
N LYS Y 100 28.58 88.53 -41.82
CA LYS Y 100 29.41 88.40 -43.02
C LYS Y 100 29.15 87.04 -43.66
N ASP Y 101 29.27 87.01 -44.98
CA ASP Y 101 28.99 85.78 -45.74
C ASP Y 101 30.03 84.70 -45.47
N GLN Y 102 31.30 85.06 -45.44
CA GLN Y 102 32.36 84.08 -45.23
C GLN Y 102 32.39 83.65 -43.77
N ALA Y 103 32.21 82.35 -43.53
CA ALA Y 103 32.20 81.82 -42.18
C ALA Y 103 33.62 81.77 -41.64
N CYS Y 104 33.83 82.34 -40.46
CA CYS Y 104 35.13 82.37 -39.81
C CYS Y 104 35.17 81.32 -38.72
N TYR Y 105 36.31 80.63 -38.59
CA TYR Y 105 36.47 79.60 -37.58
C TYR Y 105 37.09 80.25 -36.34
N VAL Y 106 36.27 80.44 -35.32
CA VAL Y 106 36.71 81.08 -34.07
C VAL Y 106 37.20 79.99 -33.13
N PHE Y 107 38.30 80.29 -32.45
CA PHE Y 107 38.83 79.45 -31.38
C PHE Y 107 38.71 80.24 -30.08
N HIS Y 108 37.82 79.78 -29.20
CA HIS Y 108 37.61 80.43 -27.91
C HIS Y 108 38.30 79.60 -26.82
N GLN Y 109 38.05 79.98 -25.57
CA GLN Y 109 38.80 79.42 -24.45
C GLN Y 109 38.56 77.92 -24.30
N ARG Y 110 37.31 77.49 -24.43
CA ARG Y 110 36.94 76.10 -24.16
C ARG Y 110 36.73 75.30 -25.44
N CYS Y 111 37.48 75.59 -26.50
CA CYS Y 111 37.42 74.79 -27.72
C CYS Y 111 38.24 73.53 -27.55
N ARG Y 112 37.71 72.41 -28.03
CA ARG Y 112 38.41 71.14 -27.99
C ARG Y 112 38.89 70.76 -29.38
N LEU Y 113 40.13 70.28 -29.46
CA LEU Y 113 40.75 69.89 -30.72
C LEU Y 113 40.90 68.38 -30.75
N LEU Y 114 40.54 67.78 -31.88
CA LEU Y 114 40.61 66.33 -32.00
C LEU Y 114 42.06 65.85 -31.99
N GLU Y 115 42.82 66.22 -33.00
CA GLU Y 115 44.26 65.98 -33.02
C GLU Y 115 44.98 67.25 -32.58
N GLY Y 116 44.90 67.49 -31.26
CA GLY Y 116 45.29 68.75 -30.65
C GLY Y 116 46.59 69.35 -31.12
N VAL Y 117 47.71 68.72 -30.79
CA VAL Y 117 49.01 69.26 -31.19
C VAL Y 117 49.11 69.33 -32.71
N LYS Y 118 48.66 68.29 -33.40
CA LYS Y 118 48.82 68.23 -34.85
C LYS Y 118 48.04 69.35 -35.55
N GLN Y 119 46.76 69.50 -35.19
CA GLN Y 119 45.95 70.55 -35.80
C GLN Y 119 46.44 71.93 -35.38
N ALA Y 120 46.94 72.07 -34.15
CA ALA Y 120 47.50 73.34 -33.71
C ALA Y 120 48.70 73.71 -34.56
N LEU Y 121 49.61 72.77 -34.78
CA LEU Y 121 50.78 73.03 -35.61
C LEU Y 121 50.38 73.36 -37.04
N TRP Y 122 49.39 72.65 -37.58
CA TRP Y 122 48.95 72.95 -38.94
C TRP Y 122 48.36 74.35 -39.04
N LEU Y 123 47.49 74.72 -38.10
CA LEU Y 123 46.82 76.01 -38.17
C LEU Y 123 47.75 77.17 -37.84
N THR Y 124 48.81 76.93 -37.08
CA THR Y 124 49.68 78.00 -36.64
C THR Y 124 50.98 78.09 -37.45
N LYS Y 125 51.31 77.06 -38.23
CA LYS Y 125 52.51 77.02 -39.06
C LYS Y 125 53.78 77.13 -38.22
N THR Y 126 53.97 76.14 -37.35
CA THR Y 126 55.13 76.08 -36.48
C THR Y 126 55.74 74.68 -36.49
N GLN Y 127 57.01 74.62 -36.12
CA GLN Y 127 57.72 73.37 -35.91
C GLN Y 127 57.89 73.12 -34.42
N LEU Y 128 57.57 71.90 -33.98
CA LEU Y 128 57.58 71.55 -32.57
C LEU Y 128 58.94 70.97 -32.17
N ILE Y 129 59.35 71.30 -30.95
CA ILE Y 129 60.58 70.77 -30.35
C ILE Y 129 60.22 70.24 -28.97
N GLU Y 130 60.80 69.09 -28.61
CA GLU Y 130 60.45 68.45 -27.35
C GLU Y 130 61.03 69.21 -26.16
N GLY Y 131 62.35 69.37 -26.14
CA GLY Y 131 63.01 70.00 -25.01
C GLY Y 131 62.81 71.50 -24.98
N LEU Y 132 63.01 72.06 -23.78
CA LEU Y 132 62.95 73.49 -23.58
C LEU Y 132 64.18 74.17 -24.18
N PRO Y 133 64.10 75.48 -24.45
CA PRO Y 133 65.22 76.17 -25.08
C PRO Y 133 66.48 76.15 -24.22
N GLU Y 134 67.62 76.33 -24.89
CA GLU Y 134 68.92 76.21 -24.23
C GLU Y 134 69.10 77.25 -23.14
N LYS Y 135 68.70 78.51 -23.40
CA LYS Y 135 68.84 79.54 -22.38
C LYS Y 135 67.93 79.27 -21.18
N VAL Y 136 66.74 78.73 -21.44
CA VAL Y 136 65.85 78.34 -20.34
C VAL Y 136 66.50 77.24 -19.50
N LEU Y 137 67.10 76.25 -20.16
CA LEU Y 137 67.79 75.19 -19.42
C LEU Y 137 68.96 75.74 -18.61
N ARG Y 138 69.74 76.64 -19.19
CA ARG Y 138 70.87 77.21 -18.45
C ARG Y 138 70.41 78.03 -17.26
N LEU Y 139 69.33 78.80 -17.41
CA LEU Y 139 68.82 79.57 -16.28
C LEU Y 139 68.22 78.67 -15.21
N ALA Y 140 67.59 77.57 -15.60
CA ALA Y 140 66.98 76.66 -14.64
C ALA Y 140 68.03 75.88 -13.86
N ASP Y 141 68.96 75.25 -14.56
CA ASP Y 141 69.94 74.37 -13.93
C ASP Y 141 70.99 75.14 -13.13
N ASP Y 142 71.06 76.45 -13.25
CA ASP Y 142 72.02 77.23 -12.49
C ASP Y 142 71.58 77.30 -11.03
N PRO Y 143 72.39 76.79 -10.08
CA PRO Y 143 71.98 76.80 -8.68
C PRO Y 143 71.97 78.19 -8.04
N ARG Y 144 72.61 79.18 -8.67
CA ARG Y 144 72.63 80.52 -8.08
C ARG Y 144 71.25 81.16 -8.09
N ASN Y 145 70.46 80.92 -9.14
CA ASN Y 145 69.13 81.50 -9.26
C ASN Y 145 68.09 80.77 -8.42
N HIS Y 146 68.51 79.88 -7.51
CA HIS Y 146 67.57 79.11 -6.73
C HIS Y 146 67.08 79.90 -5.52
N ILE Y 147 66.09 79.33 -4.83
CA ILE Y 147 65.47 79.94 -3.66
C ILE Y 147 66.24 79.50 -2.42
N GLU Y 148 66.17 80.31 -1.36
CA GLU Y 148 66.88 80.01 -0.10
C GLU Y 148 66.60 78.58 0.36
N ASN Y 149 65.34 78.26 0.63
CA ASN Y 149 64.94 76.90 1.02
C ASN Y 149 63.96 76.39 -0.03
N GLN Y 150 64.51 75.89 -1.13
CA GLN Y 150 63.71 75.63 -2.32
C GLN Y 150 62.76 74.45 -2.11
N ASP Y 151 63.31 73.29 -1.75
CA ASP Y 151 62.49 72.10 -1.62
C ASP Y 151 61.45 72.27 -0.52
N GLU Y 152 61.86 72.85 0.61
CA GLU Y 152 60.92 73.02 1.72
C GLU Y 152 59.81 74.01 1.37
N ARG Y 153 60.14 75.13 0.73
CA ARG Y 153 59.09 76.08 0.37
C ARG Y 153 58.14 75.49 -0.67
N VAL Y 154 58.66 74.73 -1.63
CA VAL Y 154 57.78 74.13 -2.63
C VAL Y 154 56.88 73.07 -2.00
N LEU Y 155 57.43 72.25 -1.11
CA LEU Y 155 56.61 71.26 -0.42
C LEU Y 155 55.54 71.93 0.43
N ASN Y 156 55.91 73.02 1.11
CA ASN Y 156 54.92 73.76 1.91
C ASN Y 156 53.83 74.34 1.03
N ALA Y 157 54.19 74.89 -0.14
CA ALA Y 157 53.17 75.41 -1.05
C ALA Y 157 52.25 74.32 -1.55
N ILE Y 158 52.81 73.16 -1.90
CA ILE Y 158 51.99 72.05 -2.39
C ILE Y 158 51.03 71.58 -1.31
N SER Y 159 51.55 71.42 -0.08
CA SER Y 159 50.70 70.96 1.02
C SER Y 159 49.62 71.98 1.34
N HIS Y 160 49.97 73.27 1.33
CA HIS Y 160 48.98 74.31 1.58
C HIS Y 160 47.89 74.30 0.53
N ALA Y 161 48.27 74.20 -0.75
CA ALA Y 161 47.27 74.20 -1.82
C ALA Y 161 46.37 72.98 -1.73
N ARG Y 162 46.95 71.80 -1.54
CA ARG Y 162 46.15 70.57 -1.60
C ARG Y 162 45.32 70.35 -0.34
N LEU Y 163 45.85 70.67 0.84
CA LEU Y 163 45.18 70.35 2.09
C LEU Y 163 44.88 71.57 2.96
N TRP Y 164 45.86 72.44 3.17
CA TRP Y 164 45.76 73.45 4.22
C TRP Y 164 44.92 74.66 3.83
N HIS Y 165 44.77 74.94 2.54
CA HIS Y 165 44.13 76.20 2.14
C HIS Y 165 42.63 76.21 2.37
N SER Y 166 42.00 75.07 2.64
CA SER Y 166 40.57 75.00 2.81
C SER Y 166 40.23 74.31 4.12
N THR Y 167 39.09 74.69 4.70
CA THR Y 167 38.61 74.06 5.93
C THR Y 167 38.09 72.65 5.70
N GLU Y 168 37.75 72.30 4.46
CA GLU Y 168 37.31 70.95 4.16
C GLU Y 168 38.48 69.98 4.19
N ASP Y 169 38.17 68.70 4.40
CA ASP Y 169 39.21 67.69 4.43
C ASP Y 169 39.87 67.50 3.08
N ILE Y 170 39.07 67.40 2.02
CA ILE Y 170 39.55 67.18 0.67
C ILE Y 170 39.04 68.31 -0.22
N PRO Y 171 39.84 69.36 -0.44
CA PRO Y 171 39.41 70.44 -1.32
C PRO Y 171 39.29 70.00 -2.77
N LYS Y 172 38.48 70.73 -3.52
CA LYS Y 172 38.20 70.42 -4.91
C LYS Y 172 39.25 71.04 -5.83
N ARG Y 173 39.35 70.48 -7.04
CA ARG Y 173 40.34 70.96 -7.99
C ARG Y 173 40.08 72.42 -8.38
N GLU Y 174 38.81 72.79 -8.54
CA GLU Y 174 38.48 74.18 -8.83
C GLU Y 174 38.98 75.13 -7.75
N THR Y 175 39.22 74.61 -6.54
CA THR Y 175 39.81 75.41 -5.47
C THR Y 175 41.33 75.36 -5.49
N TYR Y 176 41.92 74.17 -5.54
CA TYR Y 176 43.37 74.10 -5.34
C TYR Y 176 44.19 74.25 -6.62
N CYS Y 177 43.57 74.44 -7.77
CA CYS Y 177 44.39 74.72 -8.95
C CYS Y 177 44.84 76.19 -8.94
N PRO Y 178 43.92 77.16 -8.85
CA PRO Y 178 44.40 78.56 -8.74
C PRO Y 178 45.26 78.82 -7.53
N VAL Y 179 44.98 78.13 -6.41
CA VAL Y 179 45.78 78.33 -5.20
C VAL Y 179 47.23 77.90 -5.45
N ILE Y 180 47.42 76.72 -6.05
CA ILE Y 180 48.78 76.25 -6.29
C ILE Y 180 49.46 77.11 -7.35
N VAL Y 181 48.73 77.55 -8.37
CA VAL Y 181 49.34 78.39 -9.39
C VAL Y 181 49.82 79.72 -8.77
N ASP Y 182 48.97 80.34 -7.95
CA ASP Y 182 49.35 81.59 -7.32
C ASP Y 182 50.45 81.39 -6.29
N SER Y 183 50.47 80.25 -5.60
CA SER Y 183 51.56 79.97 -4.67
C SER Y 183 52.89 79.86 -5.40
N LEU Y 184 52.92 79.16 -6.55
CA LEU Y 184 54.14 79.09 -7.34
C LEU Y 184 54.52 80.46 -7.87
N ILE Y 185 53.53 81.27 -8.26
CA ILE Y 185 53.80 82.62 -8.74
C ILE Y 185 54.45 83.45 -7.64
N GLN Y 186 53.93 83.35 -6.41
CA GLN Y 186 54.52 84.09 -5.30
C GLN Y 186 55.91 83.58 -4.96
N LEU Y 187 56.13 82.27 -5.05
CA LEU Y 187 57.46 81.72 -4.82
C LEU Y 187 58.46 82.28 -5.83
N CYS Y 188 58.05 82.38 -7.09
CA CYS Y 188 58.90 83.00 -8.10
C CYS Y 188 59.11 84.49 -7.82
N LYS Y 189 58.04 85.18 -7.39
CA LYS Y 189 58.13 86.61 -7.08
C LYS Y 189 59.08 86.87 -5.93
N SER Y 190 59.26 85.90 -5.05
CA SER Y 190 60.17 86.07 -3.91
C SER Y 190 61.62 86.27 -4.33
N GLN Y 191 61.95 86.10 -5.61
CA GLN Y 191 63.30 86.30 -6.11
C GLN Y 191 63.53 87.72 -6.60
N ILE Y 192 62.53 88.61 -6.47
CA ILE Y 192 62.70 89.99 -6.90
C ILE Y 192 63.72 90.73 -6.04
N LEU Y 193 63.96 90.26 -4.81
CA LEU Y 193 65.01 90.86 -3.99
C LEU Y 193 66.38 90.69 -4.63
N LYS Y 194 66.66 89.48 -5.12
CA LYS Y 194 67.93 89.22 -5.79
C LYS Y 194 67.96 89.81 -7.20
N HIS Y 195 66.83 89.80 -7.89
CA HIS Y 195 66.75 90.34 -9.25
C HIS Y 195 65.81 91.55 -9.27
N PRO Y 196 66.34 92.77 -9.23
CA PRO Y 196 65.50 93.98 -9.24
C PRO Y 196 65.02 94.38 -10.64
N SER Y 197 64.52 93.39 -11.39
CA SER Y 197 64.01 93.63 -12.73
C SER Y 197 62.61 93.06 -12.96
N LEU Y 198 62.07 92.29 -12.02
CA LEU Y 198 60.74 91.72 -12.16
C LEU Y 198 59.63 92.73 -11.90
N ALA Y 199 59.97 93.93 -11.43
CA ALA Y 199 58.98 94.98 -11.21
C ALA Y 199 58.44 95.57 -12.50
N ARG Y 200 59.04 95.25 -13.64
CA ARG Y 200 58.57 95.72 -14.94
C ARG Y 200 57.39 94.92 -15.48
N ARG Y 201 56.75 94.13 -14.62
CA ARG Y 201 55.67 93.24 -15.02
C ARG Y 201 54.42 93.52 -14.21
N ILE Y 202 53.27 93.14 -14.79
CA ILE Y 202 51.98 93.29 -14.15
C ILE Y 202 51.07 92.17 -14.63
N CYS Y 203 50.19 91.71 -13.74
CA CYS Y 203 49.27 90.63 -14.07
C CYS Y 203 47.95 91.21 -14.60
N ALA Y 204 47.21 90.38 -15.33
CA ALA Y 204 45.96 90.78 -15.94
C ALA Y 204 45.01 89.59 -15.97
N GLN Y 205 43.73 89.88 -15.74
CA GLN Y 205 42.70 88.86 -15.59
C GLN Y 205 41.56 89.15 -16.56
N ASN Y 206 41.22 88.17 -17.40
CA ASN Y 206 40.05 88.23 -18.27
C ASN Y 206 40.08 89.45 -19.20
N ASN Y 207 41.07 89.45 -20.09
CA ASN Y 207 41.18 90.47 -21.13
C ASN Y 207 40.87 89.84 -22.49
N THR Y 208 40.11 90.57 -23.30
CA THR Y 208 39.71 90.05 -24.61
C THR Y 208 40.90 90.01 -25.56
N LEU Y 209 41.07 88.88 -26.23
CA LEU Y 209 42.12 88.70 -27.23
C LEU Y 209 41.46 88.32 -28.54
N SER Y 210 41.85 88.99 -29.61
CA SER Y 210 41.29 88.76 -30.95
C SER Y 210 42.43 88.83 -31.96
N ALA Y 211 42.73 87.71 -32.60
CA ALA Y 211 43.75 87.65 -33.64
C ALA Y 211 43.21 86.81 -34.78
N THR Y 212 42.93 87.44 -35.92
CA THR Y 212 42.37 86.78 -37.08
C THR Y 212 43.39 86.73 -38.20
N TRP Y 213 43.46 85.60 -38.89
CA TRP Y 213 44.38 85.44 -40.00
C TRP Y 213 43.79 84.46 -41.01
N ASN Y 214 44.15 84.63 -42.27
CA ASN Y 214 43.70 83.77 -43.35
C ASN Y 214 44.85 82.84 -43.73
N ARG Y 215 44.64 81.53 -43.53
CA ARG Y 215 45.64 80.52 -43.84
C ARG Y 215 45.03 79.50 -44.79
N GLU Y 216 45.65 79.33 -45.95
CA GLU Y 216 45.20 78.38 -46.97
C GLU Y 216 43.74 78.62 -47.33
N SER Y 217 43.39 79.88 -47.56
CA SER Y 217 42.05 80.32 -47.90
C SER Y 217 41.03 79.97 -46.82
N ILE Y 218 41.48 79.83 -45.58
CA ILE Y 218 40.60 79.56 -44.44
C ILE Y 218 40.79 80.70 -43.43
N LEU Y 219 39.69 81.34 -43.05
CA LEU Y 219 39.75 82.46 -42.12
C LEU Y 219 39.60 81.93 -40.70
N LEU Y 220 40.72 81.90 -39.97
CA LEU Y 220 40.74 81.47 -38.59
C LEU Y 220 40.88 82.69 -37.68
N GLN Y 221 40.41 82.57 -36.45
CA GLN Y 221 40.52 83.69 -35.52
C GLN Y 221 40.54 83.17 -34.10
N VAL Y 222 41.65 83.39 -33.40
CA VAL Y 222 41.74 83.09 -31.97
C VAL Y 222 41.12 84.27 -31.24
N HIS Y 223 39.97 84.02 -30.59
CA HIS Y 223 39.19 85.09 -29.98
C HIS Y 223 38.59 84.58 -28.69
N GLY Y 224 38.88 85.28 -27.59
CA GLY Y 224 38.32 84.88 -26.31
C GLY Y 224 39.05 85.54 -25.16
N SER Y 225 39.14 84.80 -24.05
CA SER Y 225 39.82 85.26 -22.86
C SER Y 225 40.51 84.08 -22.20
N SER Y 226 41.66 84.35 -21.58
CA SER Y 226 42.47 83.32 -20.95
C SER Y 226 42.36 83.41 -19.42
N GLY Y 227 43.06 82.50 -18.74
CA GLY Y 227 43.05 82.49 -17.29
C GLY Y 227 43.77 83.68 -16.71
N ALA Y 228 45.10 83.72 -16.84
CA ALA Y 228 45.88 84.86 -16.36
C ALA Y 228 46.90 85.22 -17.41
N ARG Y 229 47.29 86.50 -17.43
CA ARG Y 229 48.24 86.97 -18.43
C ARG Y 229 49.24 87.91 -17.76
N LEU Y 230 50.53 87.61 -17.89
CA LEU Y 230 51.57 88.49 -17.38
C LEU Y 230 52.08 89.37 -18.52
N ASN Y 231 52.15 90.67 -18.29
CA ASN Y 231 52.63 91.62 -19.28
C ASN Y 231 53.83 92.36 -18.70
N ALA Y 232 54.68 92.86 -19.60
CA ALA Y 232 55.92 93.49 -19.18
C ALA Y 232 56.21 94.70 -20.06
N LYS Y 233 57.04 95.59 -19.53
CA LYS Y 233 57.49 96.75 -20.28
C LYS Y 233 58.51 96.39 -21.35
N ASP Y 234 59.38 95.42 -21.07
CA ASP Y 234 60.45 95.08 -22.00
C ASP Y 234 60.09 93.84 -22.81
N PRO Y 235 60.49 93.78 -24.08
CA PRO Y 235 60.22 92.60 -24.88
C PRO Y 235 61.10 91.43 -24.47
N LEU Y 236 60.65 90.24 -24.83
CA LEU Y 236 61.40 89.03 -24.57
C LEU Y 236 62.33 88.74 -25.75
N PRO Y 237 63.63 88.62 -25.52
CA PRO Y 237 64.57 88.48 -26.64
C PRO Y 237 64.32 87.17 -27.38
N PRO Y 238 64.57 87.15 -28.69
CA PRO Y 238 64.41 85.90 -29.45
C PRO Y 238 65.36 84.83 -28.96
N VAL Y 239 64.90 83.58 -28.99
CA VAL Y 239 65.68 82.45 -28.50
C VAL Y 239 66.13 81.51 -29.62
N ALA Y 240 65.37 81.41 -30.69
CA ALA Y 240 65.72 80.56 -31.82
C ALA Y 240 66.84 81.20 -32.62
N SER Y 241 67.87 80.41 -32.91
CA SER Y 241 69.00 80.92 -33.68
C SER Y 241 68.69 80.88 -35.17
N GLN Y 242 69.50 81.62 -35.94
CA GLN Y 242 69.29 81.70 -37.39
C GLN Y 242 69.47 80.34 -38.05
N GLU Y 243 70.33 79.49 -37.51
CA GLU Y 243 70.50 78.15 -38.07
C GLU Y 243 69.20 77.36 -37.97
N GLU Y 244 68.55 77.41 -36.80
CA GLU Y 244 67.26 76.74 -36.64
C GLU Y 244 66.18 77.38 -37.50
N VAL Y 245 66.23 78.71 -37.63
CA VAL Y 245 65.24 79.41 -38.47
C VAL Y 245 65.35 78.94 -39.91
N GLU Y 246 66.58 78.84 -40.43
CA GLU Y 246 66.75 78.38 -41.81
C GLU Y 246 66.44 76.90 -41.97
N ALA Y 247 66.80 76.08 -40.97
CA ALA Y 247 66.45 74.67 -41.03
C ALA Y 247 64.95 74.44 -40.97
N THR Y 248 64.21 75.39 -40.38
CA THR Y 248 62.76 75.29 -40.34
C THR Y 248 62.16 75.39 -41.75
N LYS Y 249 62.86 76.05 -42.68
CA LYS Y 249 62.37 76.13 -44.05
C LYS Y 249 62.24 74.75 -44.68
N ASN Y 250 63.15 73.83 -44.36
CA ASN Y 250 63.12 72.48 -44.91
C ASN Y 250 62.11 71.57 -44.21
N HIS Y 251 61.49 72.03 -43.14
CA HIS Y 251 60.50 71.23 -42.42
C HIS Y 251 59.15 71.33 -43.11
N VAL Y 252 58.45 70.20 -43.15
CA VAL Y 252 57.13 70.11 -43.77
C VAL Y 252 56.12 69.71 -42.70
N LEU Y 253 55.01 70.43 -42.65
CA LEU Y 253 53.95 70.14 -41.70
C LEU Y 253 53.22 68.87 -42.10
N GLU Y 254 53.10 67.93 -41.16
CA GLU Y 254 52.42 66.69 -41.45
C GLU Y 254 50.91 66.90 -41.60
N THR Y 255 50.32 66.24 -42.58
CA THR Y 255 48.94 66.46 -42.95
C THR Y 255 48.07 65.28 -42.54
N PHE Y 256 46.82 65.57 -42.21
CA PHE Y 256 45.81 64.56 -41.91
C PHE Y 256 44.69 64.70 -42.93
N TYR Y 257 44.46 63.65 -43.70
CA TYR Y 257 43.52 63.72 -44.82
C TYR Y 257 42.05 63.63 -44.39
N PRO Y 258 41.63 62.59 -43.65
CA PRO Y 258 40.20 62.45 -43.38
C PRO Y 258 39.61 63.60 -42.56
N ILE Y 259 40.41 64.21 -41.70
CA ILE Y 259 39.94 65.27 -40.81
C ILE Y 259 40.37 66.61 -41.37
N SER Y 260 39.44 67.56 -41.39
CA SER Y 260 39.79 68.91 -41.82
C SER Y 260 40.51 69.64 -40.68
N PRO Y 261 41.37 70.60 -41.01
CA PRO Y 261 42.08 71.34 -39.95
C PRO Y 261 41.16 72.13 -39.04
N THR Y 262 39.93 72.41 -39.47
CA THR Y 262 38.99 73.20 -38.69
C THR Y 262 38.16 72.37 -37.72
N MET Y 263 38.59 71.15 -37.41
CA MET Y 263 37.90 70.33 -36.43
C MET Y 263 37.94 71.01 -35.06
N GLY Y 264 36.78 71.09 -34.41
CA GLY Y 264 36.67 71.60 -33.06
C GLY Y 264 36.54 73.10 -32.95
N LEU Y 265 36.66 73.83 -34.05
CA LEU Y 265 36.51 75.28 -34.02
C LEU Y 265 35.04 75.65 -34.21
N GLN Y 266 34.67 76.84 -33.73
CA GLN Y 266 33.29 77.31 -33.80
C GLN Y 266 33.11 78.07 -35.12
N GLU Y 267 32.29 77.53 -36.01
CA GLU Y 267 32.00 78.19 -37.27
C GLU Y 267 31.00 79.32 -37.04
N CYS Y 268 31.48 80.56 -37.10
CA CYS Y 268 30.66 81.71 -36.78
C CYS Y 268 30.53 82.62 -38.00
N ASN Y 269 29.39 83.30 -38.10
CA ASN Y 269 29.10 84.17 -39.23
C ASN Y 269 29.14 85.64 -38.90
N VAL Y 270 29.23 86.01 -37.62
CA VAL Y 270 29.35 87.40 -37.21
C VAL Y 270 30.68 87.57 -36.47
N TYR Y 271 31.50 88.49 -36.95
CA TYR Y 271 32.83 88.69 -36.40
C TYR Y 271 33.40 90.00 -36.94
N ASP Y 272 34.52 90.42 -36.35
CA ASP Y 272 35.24 91.60 -36.79
C ASP Y 272 36.67 91.22 -37.10
N VAL Y 273 37.15 91.62 -38.27
CA VAL Y 273 38.54 91.34 -38.67
C VAL Y 273 39.37 92.51 -38.16
N ASN Y 274 39.72 92.43 -36.88
CA ASN Y 274 40.49 93.48 -36.22
C ASN Y 274 41.39 92.84 -35.17
N ASP Y 275 42.66 93.24 -35.17
CA ASP Y 275 43.63 92.73 -34.20
C ASP Y 275 43.42 93.47 -32.88
N ASP Y 276 42.53 92.94 -32.05
CA ASP Y 276 42.20 93.53 -30.76
C ASP Y 276 42.91 92.75 -29.67
N THR Y 277 43.94 93.36 -29.10
CA THR Y 277 44.63 92.79 -27.94
C THR Y 277 43.82 93.09 -26.69
N GLY Y 278 44.32 92.69 -25.53
CA GLY Y 278 43.59 92.93 -24.30
C GLY Y 278 43.63 94.35 -23.80
N PHE Y 279 44.52 95.18 -24.35
CA PHE Y 279 44.75 96.52 -23.86
C PHE Y 279 44.53 97.52 -24.99
N GLN Y 280 44.41 98.79 -24.64
CA GLN Y 280 44.28 99.85 -25.61
C GLN Y 280 45.66 100.39 -25.96
N GLU Y 281 45.71 101.49 -26.71
CA GLU Y 281 46.98 102.08 -27.09
C GLU Y 281 47.63 102.79 -25.90
N GLY Y 282 48.95 102.91 -25.96
CA GLY Y 282 49.68 103.59 -24.90
C GLY Y 282 49.79 102.81 -23.61
N TYR Y 283 49.65 101.50 -23.66
CA TYR Y 283 49.76 100.69 -22.45
C TYR Y 283 51.21 100.66 -21.97
N PRO Y 284 51.46 100.77 -20.67
CA PRO Y 284 52.85 100.80 -20.19
C PRO Y 284 53.55 99.45 -20.17
N TYR Y 285 52.81 98.34 -20.14
CA TYR Y 285 53.39 97.00 -20.09
C TYR Y 285 52.93 96.23 -21.33
N PRO Y 286 53.48 96.55 -22.50
CA PRO Y 286 52.89 96.03 -23.74
C PRO Y 286 53.19 94.57 -24.03
N CYS Y 287 54.40 94.09 -23.73
CA CYS Y 287 54.84 92.80 -24.26
C CYS Y 287 54.34 91.68 -23.37
N PRO Y 288 53.54 90.75 -23.88
CA PRO Y 288 53.11 89.61 -23.05
C PRO Y 288 54.28 88.66 -22.80
N HIS Y 289 54.44 88.26 -21.54
CA HIS Y 289 55.53 87.39 -21.14
C HIS Y 289 55.06 85.94 -20.95
N THR Y 290 54.06 85.72 -20.12
CA THR Y 290 53.62 84.35 -19.82
C THR Y 290 52.11 84.31 -19.65
N LEU Y 291 51.48 83.40 -20.37
CA LEU Y 291 50.07 83.06 -20.16
C LEU Y 291 49.97 81.95 -19.14
N TYR Y 292 48.86 81.96 -18.39
CA TYR Y 292 48.63 80.96 -17.34
C TYR Y 292 47.24 80.37 -17.54
N PHE Y 293 47.21 79.08 -17.87
CA PHE Y 293 45.98 78.34 -18.11
C PHE Y 293 45.77 77.33 -17.00
N LEU Y 294 44.52 77.21 -16.56
CA LEU Y 294 44.18 76.38 -15.40
C LEU Y 294 43.02 75.47 -15.78
N GLU Y 295 43.18 74.17 -15.52
CA GLU Y 295 42.09 73.22 -15.72
C GLU Y 295 41.39 72.96 -14.40
N SER Y 296 40.71 74.01 -13.91
CA SER Y 296 40.01 73.96 -12.63
C SER Y 296 38.60 73.42 -12.87
N ALA Y 297 38.52 72.10 -13.01
CA ALA Y 297 37.24 71.43 -13.18
C ALA Y 297 37.26 70.13 -12.39
N ASN Y 298 36.17 69.85 -11.68
CA ASN Y 298 36.13 68.70 -10.81
C ASN Y 298 35.95 67.39 -11.57
N LEU Y 299 35.41 67.43 -12.78
CA LEU Y 299 35.11 66.23 -13.55
C LEU Y 299 36.11 66.05 -14.68
N ARG Y 300 36.52 64.79 -14.89
CA ARG Y 300 37.41 64.48 -16.01
C ARG Y 300 36.82 64.87 -17.36
N PRO Y 301 35.56 64.56 -17.69
CA PRO Y 301 35.00 65.06 -18.95
C PRO Y 301 34.99 66.57 -19.04
N ARG Y 302 34.79 67.26 -17.93
CA ARG Y 302 34.77 68.72 -17.93
C ARG Y 302 36.16 69.31 -18.03
N ARG Y 303 37.20 68.53 -17.74
CA ARG Y 303 38.57 68.98 -17.89
C ARG Y 303 39.05 68.77 -19.33
N PHE Y 304 40.23 69.31 -19.62
CA PHE Y 304 40.88 69.14 -20.90
C PHE Y 304 41.84 67.96 -20.88
N GLN Y 305 41.98 67.30 -22.02
CA GLN Y 305 43.08 66.37 -22.20
C GLN Y 305 44.38 67.15 -22.30
N PRO Y 306 45.52 66.52 -21.96
CA PRO Y 306 46.80 67.23 -22.11
C PRO Y 306 47.08 67.67 -23.54
N ASP Y 307 46.72 66.85 -24.52
CA ASP Y 307 46.91 67.20 -25.92
C ASP Y 307 46.10 68.44 -26.29
N GLN Y 308 44.83 68.46 -25.90
CA GLN Y 308 43.97 69.61 -26.20
C GLN Y 308 44.42 70.85 -25.44
N LEU Y 309 44.91 70.69 -24.21
CA LEU Y 309 45.44 71.82 -23.45
C LEU Y 309 46.67 72.41 -24.14
N ARG Y 310 47.57 71.55 -24.63
CA ARG Y 310 48.73 72.02 -25.37
C ARG Y 310 48.31 72.77 -26.63
N ALA Y 311 47.32 72.24 -27.35
CA ALA Y 311 46.80 72.95 -28.52
C ALA Y 311 46.24 74.30 -28.15
N LYS Y 312 45.49 74.38 -27.05
CA LYS Y 312 44.92 75.64 -26.60
C LYS Y 312 46.00 76.66 -26.28
N MET Y 313 47.04 76.22 -25.57
CA MET Y 313 48.14 77.13 -25.25
C MET Y 313 48.86 77.59 -26.51
N ILE Y 314 49.07 76.68 -27.47
CA ILE Y 314 49.68 77.07 -28.73
C ILE Y 314 48.87 78.17 -29.40
N LEU Y 315 47.56 77.96 -29.52
CA LEU Y 315 46.72 78.91 -30.24
C LEU Y 315 46.65 80.26 -29.51
N PHE Y 316 46.55 80.24 -28.18
CA PHE Y 316 46.43 81.50 -27.45
C PHE Y 316 47.74 82.28 -27.47
N ALA Y 317 48.87 81.61 -27.29
CA ALA Y 317 50.16 82.29 -27.41
C ALA Y 317 50.36 82.83 -28.82
N PHE Y 318 49.92 82.07 -29.83
CA PHE Y 318 50.01 82.54 -31.20
C PHE Y 318 49.16 83.79 -31.42
N GLY Y 319 47.96 83.82 -30.84
CA GLY Y 319 47.13 85.01 -30.95
C GLY Y 319 47.74 86.21 -30.29
N SER Y 320 48.30 86.04 -29.10
CA SER Y 320 48.97 87.15 -28.43
C SER Y 320 50.17 87.66 -29.23
N ALA Y 321 50.98 86.74 -29.77
CA ALA Y 321 52.12 87.14 -30.58
C ALA Y 321 51.66 87.84 -31.85
N LEU Y 322 50.58 87.37 -32.47
CA LEU Y 322 50.04 88.06 -33.64
C LEU Y 322 49.60 89.47 -33.30
N ALA Y 323 48.91 89.64 -32.17
CA ALA Y 323 48.49 90.98 -31.76
C ALA Y 323 49.67 91.90 -31.58
N GLN Y 324 50.71 91.44 -30.87
CA GLN Y 324 51.88 92.27 -30.65
C GLN Y 324 52.59 92.60 -31.97
N ALA Y 325 52.76 91.60 -32.84
CA ALA Y 325 53.47 91.81 -34.09
C ALA Y 325 52.71 92.77 -35.00
N ARG Y 326 51.37 92.65 -35.05
CA ARG Y 326 50.58 93.51 -35.92
C ARG Y 326 50.37 94.89 -35.34
N LEU Y 327 50.56 95.08 -34.03
CA LEU Y 327 50.55 96.44 -33.50
C LEU Y 327 51.92 97.09 -33.61
N LEU Y 328 53.00 96.30 -33.65
CA LEU Y 328 54.32 96.88 -33.75
C LEU Y 328 54.74 97.16 -35.19
N TYR Y 329 54.55 96.19 -36.09
CA TYR Y 329 55.05 96.28 -37.45
C TYR Y 329 53.97 96.63 -38.47
N GLY Y 330 52.75 96.12 -38.31
CA GLY Y 330 51.66 96.41 -39.20
C GLY Y 330 50.88 95.17 -39.56
N ASN Y 331 49.82 95.38 -40.35
CA ASN Y 331 48.94 94.31 -40.78
C ASN Y 331 49.43 93.58 -42.01
N ASP Y 332 50.54 94.02 -42.61
CA ASP Y 332 51.06 93.38 -43.81
C ASP Y 332 51.60 92.00 -43.49
N SER Y 333 51.46 91.08 -44.44
CA SER Y 333 51.96 89.72 -44.29
C SER Y 333 53.43 89.68 -44.71
N LYS Y 334 54.32 89.57 -43.73
CA LYS Y 334 55.74 89.60 -44.01
C LYS Y 334 56.49 88.82 -42.92
N VAL Y 335 57.70 88.38 -43.26
CA VAL Y 335 58.55 87.69 -42.30
C VAL Y 335 59.13 88.70 -41.33
N LEU Y 336 59.12 88.36 -40.04
CA LEU Y 336 59.60 89.24 -39.00
C LEU Y 336 61.12 89.10 -38.85
N GLU Y 337 61.84 90.19 -39.02
CA GLU Y 337 63.27 90.19 -38.75
C GLU Y 337 63.57 90.10 -37.26
N GLN Y 338 62.64 90.55 -36.42
CA GLN Y 338 62.76 90.42 -34.96
C GLN Y 338 61.60 89.56 -34.47
N PRO Y 339 61.83 88.27 -34.22
CA PRO Y 339 60.72 87.39 -33.84
C PRO Y 339 60.13 87.75 -32.48
N VAL Y 340 58.87 87.40 -32.31
CA VAL Y 340 58.13 87.68 -31.08
C VAL Y 340 57.95 86.37 -30.34
N VAL Y 341 58.53 86.28 -29.14
CA VAL Y 341 58.52 85.05 -28.36
C VAL Y 341 57.65 85.23 -27.13
N VAL Y 342 56.78 84.25 -26.87
CA VAL Y 342 55.83 84.27 -25.77
C VAL Y 342 55.93 82.94 -25.05
N GLN Y 343 55.56 82.93 -23.76
CA GLN Y 343 55.60 81.73 -22.94
C GLN Y 343 54.22 81.44 -22.38
N SER Y 344 53.99 80.18 -22.05
CA SER Y 344 52.71 79.77 -21.49
C SER Y 344 52.91 78.57 -20.58
N VAL Y 345 52.14 78.54 -19.50
CA VAL Y 345 52.15 77.45 -18.53
C VAL Y 345 50.71 77.00 -18.30
N GLY Y 346 50.47 75.71 -18.44
CA GLY Y 346 49.15 75.12 -18.20
C GLY Y 346 49.22 74.16 -17.02
N THR Y 347 48.25 74.27 -16.13
CA THR Y 347 48.25 73.52 -14.88
C THR Y 347 46.95 72.73 -14.75
N ASP Y 348 47.08 71.41 -14.61
CA ASP Y 348 45.97 70.52 -14.32
C ASP Y 348 45.68 70.40 -12.83
N GLY Y 349 46.56 70.96 -11.98
CA GLY Y 349 46.47 70.80 -10.55
C GLY Y 349 47.69 70.07 -10.03
N ARG Y 350 48.13 69.05 -10.78
CA ARG Y 350 49.36 68.33 -10.48
C ARG Y 350 50.22 68.10 -11.71
N LEU Y 351 49.71 68.35 -12.92
CA LEU Y 351 50.46 68.15 -14.16
C LEU Y 351 50.68 69.51 -14.81
N PHE Y 352 51.92 69.79 -15.18
CA PHE Y 352 52.31 71.07 -15.74
C PHE Y 352 52.79 70.90 -17.17
N GLN Y 353 52.36 71.82 -18.04
CA GLN Y 353 52.79 71.85 -19.44
C GLN Y 353 53.39 73.22 -19.70
N PHE Y 354 54.64 73.24 -20.16
CA PHE Y 354 55.36 74.48 -20.43
C PHE Y 354 55.52 74.66 -21.92
N LEU Y 355 55.45 75.90 -22.39
CA LEU Y 355 55.53 76.17 -23.82
C LEU Y 355 56.21 77.50 -24.06
N VAL Y 356 57.10 77.53 -25.05
CA VAL Y 356 57.76 78.75 -25.51
C VAL Y 356 57.57 78.82 -27.02
N LEU Y 357 56.76 79.77 -27.48
CA LEU Y 357 56.42 79.89 -28.90
C LEU Y 357 57.07 81.15 -29.47
N GLN Y 358 57.84 80.97 -30.54
CA GLN Y 358 58.50 82.07 -31.24
C GLN Y 358 57.84 82.24 -32.60
N LEU Y 359 57.08 83.32 -32.75
CA LEU Y 359 56.50 83.70 -34.03
C LEU Y 359 57.54 84.46 -34.84
N ASN Y 360 57.79 83.98 -36.07
CA ASN Y 360 58.78 84.57 -36.95
C ASN Y 360 58.21 85.09 -38.27
N THR Y 361 57.01 84.68 -38.66
CA THR Y 361 56.43 85.10 -39.93
C THR Y 361 54.96 85.46 -39.74
N THR Y 362 54.46 86.32 -40.61
CA THR Y 362 53.06 86.72 -40.60
C THR Y 362 52.27 86.12 -41.75
N ASP Y 363 52.88 85.98 -42.92
CA ASP Y 363 52.20 85.41 -44.08
C ASP Y 363 51.98 83.92 -43.85
N LEU Y 364 50.73 83.52 -43.65
CA LEU Y 364 50.37 82.13 -43.43
C LEU Y 364 49.49 81.57 -44.54
N ALA Y 365 49.19 82.37 -45.56
CA ALA Y 365 48.39 81.87 -46.68
C ALA Y 365 49.13 80.79 -47.45
N SER Y 366 50.41 81.04 -47.76
CA SER Y 366 51.23 80.06 -48.45
C SER Y 366 52.05 79.26 -47.44
N ASP Y 367 52.18 77.96 -47.72
CA ASP Y 367 52.89 77.04 -46.84
C ASP Y 367 54.34 76.83 -47.24
N GLU Y 368 54.82 77.55 -48.26
CA GLU Y 368 56.20 77.40 -48.73
C GLU Y 368 57.18 78.33 -48.02
N GLY Y 369 56.70 79.22 -47.16
CA GLY Y 369 57.55 80.18 -46.49
C GLY Y 369 58.13 79.64 -45.20
N VAL Y 370 58.66 80.55 -44.40
CA VAL Y 370 59.25 80.22 -43.11
C VAL Y 370 58.13 79.85 -42.14
N LYS Y 371 58.42 78.91 -41.25
CA LYS Y 371 57.49 78.50 -40.21
C LYS Y 371 57.94 79.07 -38.87
N ASN Y 372 56.98 79.27 -37.97
CA ASN Y 372 57.31 79.67 -36.61
C ASN Y 372 57.89 78.47 -35.85
N LEU Y 373 58.31 78.69 -34.61
CA LEU Y 373 58.94 77.65 -33.83
C LEU Y 373 58.26 77.54 -32.48
N ALA Y 374 58.31 76.34 -31.89
CA ALA Y 374 57.74 76.15 -30.56
C ALA Y 374 58.51 75.08 -29.82
N TRP Y 375 58.76 75.32 -28.54
CA TRP Y 375 59.33 74.33 -27.63
C TRP Y 375 58.22 73.96 -26.64
N VAL Y 376 57.79 72.70 -26.67
CA VAL Y 376 56.68 72.24 -25.86
C VAL Y 376 57.21 71.16 -24.92
N ASP Y 377 57.32 71.50 -23.64
CA ASP Y 377 57.76 70.55 -22.62
C ASP Y 377 56.51 70.03 -21.91
N SER Y 378 56.19 68.76 -22.14
CA SER Y 378 54.89 68.20 -21.80
C SER Y 378 55.01 67.09 -20.77
N ASP Y 379 53.89 66.82 -20.10
CA ASP Y 379 53.78 65.72 -19.13
C ASP Y 379 54.82 65.86 -18.01
N GLN Y 380 54.76 67.00 -17.34
CA GLN Y 380 55.65 67.30 -16.22
C GLN Y 380 54.86 67.14 -14.92
N LEU Y 381 55.17 66.09 -14.17
CA LEU Y 381 54.47 65.82 -12.93
C LEU Y 381 55.16 66.53 -11.77
N LEU Y 382 54.44 67.44 -11.12
CA LEU Y 382 54.99 68.10 -9.92
C LEU Y 382 55.07 67.12 -8.76
N TYR Y 383 54.08 66.23 -8.64
CA TYR Y 383 54.09 65.20 -7.61
C TYR Y 383 53.22 64.05 -8.08
N GLN Y 384 53.55 62.84 -7.61
CA GLN Y 384 52.83 61.65 -8.06
C GLN Y 384 51.42 61.62 -7.47
N HIS Y 385 51.32 61.64 -6.14
CA HIS Y 385 50.02 61.59 -5.49
C HIS Y 385 50.09 62.34 -4.17
N PHE Y 386 48.93 62.79 -3.70
CA PHE Y 386 48.81 63.50 -2.44
C PHE Y 386 47.76 62.81 -1.59
N TRP Y 387 48.10 62.54 -0.32
CA TRP Y 387 47.19 61.90 0.62
C TRP Y 387 46.74 62.96 1.62
N CYS Y 388 45.48 63.39 1.50
CA CYS Y 388 44.94 64.37 2.42
C CYS Y 388 44.67 63.77 3.80
N LEU Y 389 44.44 62.46 3.87
CA LEU Y 389 44.20 61.78 5.13
C LEU Y 389 45.20 60.63 5.29
N PRO Y 390 45.63 60.35 6.52
CA PRO Y 390 46.60 59.26 6.72
C PRO Y 390 45.97 57.89 6.51
N VAL Y 391 46.39 57.20 5.45
CA VAL Y 391 45.85 55.88 5.16
C VAL Y 391 46.36 54.88 6.19
N ILE Y 392 45.45 54.07 6.72
CA ILE Y 392 45.77 53.08 7.73
C ILE Y 392 45.42 51.71 7.18
N LYS Y 393 46.40 50.81 7.13
CA LYS Y 393 46.21 49.44 6.67
C LYS Y 393 46.68 48.50 7.77
N LYS Y 394 45.82 47.55 8.15
CA LYS Y 394 46.11 46.59 9.21
C LYS Y 394 46.48 47.30 10.52
N LYS Y 395 45.65 48.28 10.89
CA LYS Y 395 45.72 48.99 12.17
C LYS Y 395 47.02 49.78 12.34
N VAL Y 396 47.79 49.96 11.28
CA VAL Y 396 49.02 50.77 11.34
C VAL Y 396 49.03 51.73 10.17
N VAL Y 397 49.75 52.83 10.34
CA VAL Y 397 49.86 53.85 9.31
C VAL Y 397 50.98 53.46 8.35
N VAL Y 398 50.61 53.11 7.12
CA VAL Y 398 51.60 52.72 6.13
C VAL Y 398 52.15 53.93 5.37
N GLU Y 399 51.30 54.93 5.11
CA GLU Y 399 51.73 56.14 4.41
C GLU Y 399 51.16 57.36 5.16
N PRO Y 400 52.00 58.31 5.53
CA PRO Y 400 51.53 59.48 6.29
C PRO Y 400 50.95 60.54 5.36
N VAL Y 401 50.55 61.66 5.96
CA VAL Y 401 49.98 62.76 5.20
C VAL Y 401 51.09 63.50 4.47
N GLY Y 402 50.82 63.87 3.21
CA GLY Y 402 51.78 64.59 2.41
C GLY Y 402 51.87 64.04 1.01
N PRO Y 403 52.55 64.77 0.12
CA PRO Y 403 52.69 64.30 -1.27
C PRO Y 403 53.74 63.19 -1.36
N ILE Y 404 53.37 62.09 -2.02
CA ILE Y 404 54.31 61.01 -2.28
C ILE Y 404 54.89 61.21 -3.68
N GLY Y 405 56.21 61.21 -3.77
CA GLY Y 405 56.88 61.53 -5.02
C GLY Y 405 56.95 63.04 -5.22
N PHE Y 406 58.13 63.54 -5.56
CA PHE Y 406 58.32 64.98 -5.71
C PHE Y 406 59.39 65.23 -6.76
N GLN Y 407 59.03 65.96 -7.82
CA GLN Y 407 59.94 66.28 -8.89
C GLN Y 407 60.22 67.78 -8.91
N PRO Y 408 61.35 68.22 -8.35
CA PRO Y 408 61.63 69.67 -8.33
C PRO Y 408 61.99 70.24 -9.70
N GLU Y 409 62.27 69.40 -10.70
CA GLU Y 409 62.67 69.90 -12.00
C GLU Y 409 61.53 70.67 -12.68
N THR Y 410 60.28 70.27 -12.45
CA THR Y 410 59.16 71.01 -13.01
C THR Y 410 59.11 72.42 -12.43
N PHE Y 411 59.31 72.55 -11.12
CA PHE Y 411 59.36 73.87 -10.51
C PHE Y 411 60.55 74.67 -11.04
N ARG Y 412 61.69 74.01 -11.23
CA ARG Y 412 62.86 74.70 -11.77
C ARG Y 412 62.58 75.26 -13.16
N LYS Y 413 61.90 74.47 -14.00
CA LYS Y 413 61.52 74.96 -15.32
C LYS Y 413 60.54 76.11 -15.22
N PHE Y 414 59.59 76.04 -14.28
CA PHE Y 414 58.65 77.14 -14.08
C PHE Y 414 59.38 78.41 -13.66
N LEU Y 415 60.36 78.27 -12.76
CA LEU Y 415 61.14 79.43 -12.31
C LEU Y 415 61.98 79.99 -13.44
N ALA Y 416 62.52 79.12 -14.29
CA ALA Y 416 63.26 79.59 -15.46
C ALA Y 416 62.36 80.37 -16.40
N LEU Y 417 61.14 79.88 -16.62
CA LEU Y 417 60.19 80.61 -17.45
C LEU Y 417 59.84 81.96 -16.83
N TYR Y 418 59.68 82.01 -15.50
CA TYR Y 418 59.37 83.28 -14.86
C TYR Y 418 60.53 84.26 -14.96
N LEU Y 419 61.75 83.80 -14.75
CA LEU Y 419 62.93 84.66 -14.75
C LEU Y 419 63.52 84.83 -16.14
N HIS Y 420 62.88 84.29 -17.18
CA HIS Y 420 63.39 84.38 -18.54
C HIS Y 420 63.55 85.82 -19.01
N GLY Y 421 62.72 86.73 -18.51
CA GLY Y 421 62.86 88.13 -18.90
C GLY Y 421 64.14 88.76 -18.40
N ALA Y 422 64.53 88.45 -17.17
CA ALA Y 422 65.75 88.99 -16.58
C ALA Y 422 66.82 87.92 -16.46
N ARG Z 27 -66.94 -13.61 11.78
CA ARG Z 27 -68.06 -14.21 12.48
C ARG Z 27 -68.83 -15.15 11.57
N ARG Z 28 -69.18 -16.33 12.09
CA ARG Z 28 -69.88 -17.35 11.33
C ARG Z 28 -71.28 -17.55 11.92
N ALA Z 29 -72.25 -17.81 11.05
CA ALA Z 29 -73.61 -18.08 11.46
C ALA Z 29 -74.08 -19.42 10.91
N ALA Z 30 -74.98 -20.06 11.65
CA ALA Z 30 -75.49 -21.36 11.25
C ALA Z 30 -76.54 -21.20 10.15
N PRO Z 31 -76.46 -22.02 9.09
CA PRO Z 31 -77.47 -21.95 8.03
C PRO Z 31 -78.85 -22.29 8.56
N LEU Z 32 -79.87 -21.61 8.02
CA LEU Z 32 -81.25 -21.82 8.43
C LEU Z 32 -81.88 -22.90 7.53
N GLY Z 33 -81.37 -24.12 7.69
CA GLY Z 33 -81.85 -25.24 6.92
C GLY Z 33 -80.72 -25.97 6.23
N PRO Z 34 -81.06 -26.95 5.39
CA PRO Z 34 -80.04 -27.74 4.70
C PRO Z 34 -79.36 -26.96 3.58
N MET Z 35 -78.04 -27.09 3.51
CA MET Z 35 -77.29 -26.48 2.44
C MET Z 35 -77.53 -27.25 1.14
N PRO Z 36 -77.33 -26.60 -0.02
CA PRO Z 36 -77.63 -27.28 -1.29
C PRO Z 36 -76.77 -28.50 -1.55
N ASN Z 37 -75.45 -28.37 -1.49
CA ASN Z 37 -74.52 -29.44 -1.86
C ASN Z 37 -73.88 -30.11 -0.66
N GLU Z 38 -74.63 -30.28 0.42
CA GLU Z 38 -74.12 -30.93 1.63
C GLU Z 38 -74.40 -32.42 1.68
N ASP Z 39 -75.10 -32.96 0.69
CA ASP Z 39 -75.47 -34.38 0.73
C ASP Z 39 -74.36 -35.26 0.17
N ILE Z 40 -73.80 -34.89 -0.99
CA ILE Z 40 -72.78 -35.72 -1.62
C ILE Z 40 -71.49 -35.66 -0.81
N ASP Z 41 -70.70 -36.72 -0.92
CA ASP Z 41 -69.46 -36.84 -0.16
C ASP Z 41 -68.31 -36.19 -0.92
N VAL Z 42 -67.56 -35.34 -0.21
CA VAL Z 42 -66.42 -34.67 -0.83
C VAL Z 42 -65.30 -35.67 -1.11
N SER Z 43 -65.02 -36.56 -0.16
CA SER Z 43 -63.95 -37.54 -0.33
C SER Z 43 -64.37 -38.61 -1.34
N ASP Z 44 -63.36 -39.14 -2.04
CA ASP Z 44 -63.56 -40.18 -3.04
C ASP Z 44 -64.54 -39.72 -4.12
N LEU Z 45 -64.13 -38.69 -4.85
CA LEU Z 45 -64.94 -38.17 -5.95
C LEU Z 45 -64.92 -39.07 -7.17
N GLU Z 46 -63.84 -39.83 -7.39
CA GLU Z 46 -63.73 -40.66 -8.58
C GLU Z 46 -64.71 -41.83 -8.56
N ARG Z 47 -65.16 -42.26 -7.39
CA ARG Z 47 -66.16 -43.32 -7.30
C ARG Z 47 -67.59 -42.80 -7.40
N LEU Z 48 -67.77 -41.49 -7.41
CA LEU Z 48 -69.09 -40.88 -7.56
C LEU Z 48 -69.36 -40.62 -9.03
N LYS Z 49 -70.53 -41.04 -9.50
CA LYS Z 49 -70.89 -40.84 -10.90
C LYS Z 49 -71.09 -39.36 -11.20
N LYS Z 50 -70.72 -38.96 -12.40
CA LYS Z 50 -70.90 -37.59 -12.87
C LYS Z 50 -71.88 -37.58 -14.03
N TYR Z 51 -72.48 -36.42 -14.28
CA TYR Z 51 -73.20 -36.17 -15.52
C TYR Z 51 -72.27 -35.45 -16.49
N ARG Z 52 -72.17 -35.98 -17.70
CA ARG Z 52 -71.30 -35.42 -18.72
C ARG Z 52 -72.08 -34.60 -19.74
N SER Z 53 -73.35 -34.33 -19.49
CA SER Z 53 -74.22 -33.65 -20.44
C SER Z 53 -74.65 -32.30 -19.87
N PHE Z 54 -74.38 -31.24 -20.64
CA PHE Z 54 -74.91 -29.93 -20.29
C PHE Z 54 -76.43 -29.95 -20.23
N ASP Z 55 -77.07 -30.77 -21.06
CA ASP Z 55 -78.53 -30.92 -20.97
C ASP Z 55 -78.94 -31.55 -19.64
N ARG Z 56 -78.20 -32.56 -19.18
CA ARG Z 56 -78.50 -33.15 -17.88
C ARG Z 56 -78.33 -32.13 -16.76
N TYR Z 57 -77.26 -31.33 -16.81
CA TYR Z 57 -77.07 -30.31 -15.79
C TYR Z 57 -78.17 -29.27 -15.84
N ARG Z 58 -78.59 -28.88 -17.05
CA ARG Z 58 -79.67 -27.92 -17.18
C ARG Z 58 -80.97 -28.46 -16.59
N ARG Z 59 -81.26 -29.74 -16.85
CA ARG Z 59 -82.46 -30.36 -16.26
C ARG Z 59 -82.39 -30.36 -14.75
N ARG Z 60 -81.23 -30.74 -14.19
CA ARG Z 60 -81.09 -30.74 -12.74
C ARG Z 60 -81.22 -29.34 -12.15
N ALA Z 61 -80.62 -28.35 -12.82
CA ALA Z 61 -80.66 -26.98 -12.33
C ALA Z 61 -82.08 -26.43 -12.34
N GLU Z 62 -82.83 -26.66 -13.42
CA GLU Z 62 -84.22 -26.21 -13.45
C GLU Z 62 -85.09 -26.98 -12.48
N GLN Z 63 -84.78 -28.26 -12.23
CA GLN Z 63 -85.52 -29.00 -11.22
C GLN Z 63 -85.29 -28.41 -9.84
N GLU Z 64 -84.05 -28.04 -9.52
CA GLU Z 64 -83.76 -27.46 -8.21
C GLU Z 64 -84.28 -26.04 -8.07
N ALA Z 65 -84.30 -25.26 -9.16
CA ALA Z 65 -84.72 -23.87 -9.09
C ALA Z 65 -86.20 -23.70 -8.73
N ARG Z 66 -87.01 -24.73 -8.91
CA ARG Z 66 -88.44 -24.65 -8.59
C ARG Z 66 -88.74 -25.02 -7.15
N LYS Z 67 -87.74 -25.40 -6.36
CA LYS Z 67 -88.00 -25.78 -4.97
C LYS Z 67 -88.04 -24.56 -4.07
N PRO Z 68 -88.87 -24.58 -3.03
CA PRO Z 68 -88.99 -23.44 -2.09
C PRO Z 68 -87.82 -23.34 -1.12
N HIS Z 69 -86.74 -22.71 -1.58
CA HIS Z 69 -85.54 -22.55 -0.78
C HIS Z 69 -85.78 -21.56 0.37
N TRP Z 70 -84.99 -21.71 1.43
CA TRP Z 70 -85.13 -20.87 2.61
C TRP Z 70 -84.46 -19.51 2.46
N TRP Z 71 -83.59 -19.34 1.47
CA TRP Z 71 -82.95 -18.06 1.24
C TRP Z 71 -83.77 -17.23 0.27
N ARG Z 72 -83.37 -15.95 0.12
CA ARG Z 72 -84.08 -15.04 -0.77
C ARG Z 72 -83.85 -15.45 -2.21
N THR Z 73 -84.88 -15.96 -2.86
CA THR Z 73 -84.79 -16.42 -4.24
C THR Z 73 -85.39 -15.37 -5.18
N TYR Z 74 -85.41 -15.70 -6.47
CA TYR Z 74 -85.89 -14.78 -7.49
C TYR Z 74 -87.40 -14.67 -7.50
N ARG Z 75 -88.10 -15.80 -7.29
CA ARG Z 75 -89.56 -15.81 -7.41
C ARG Z 75 -90.21 -14.96 -6.32
N GLU Z 76 -89.67 -15.01 -5.09
CA GLU Z 76 -90.26 -14.24 -4.00
C GLU Z 76 -90.22 -12.75 -4.30
N HIS Z 77 -89.11 -12.26 -4.84
CA HIS Z 77 -88.98 -10.85 -5.17
C HIS Z 77 -89.67 -10.48 -6.46
N PHE Z 78 -89.87 -11.42 -7.38
CA PHE Z 78 -90.49 -11.11 -8.67
C PHE Z 78 -91.86 -11.77 -8.83
N GLY Z 79 -92.58 -11.96 -7.73
CA GLY Z 79 -94.00 -12.22 -7.82
C GLY Z 79 -94.41 -13.61 -8.26
N GLU Z 80 -94.17 -14.61 -7.43
CA GLU Z 80 -94.74 -15.93 -7.70
C GLU Z 80 -96.24 -16.01 -7.40
N GLU Z 81 -96.88 -14.86 -7.18
CA GLU Z 81 -98.31 -14.76 -6.92
C GLU Z 81 -98.69 -15.55 -5.66
N SER Z 82 -98.13 -15.13 -4.53
CA SER Z 82 -98.40 -15.65 -3.19
C SER Z 82 -98.10 -17.13 -3.07
N GLY Z 83 -97.28 -17.70 -3.96
CA GLY Z 83 -96.94 -19.10 -3.91
C GLY Z 83 -98.15 -20.00 -4.02
N PRO Z 84 -98.24 -20.99 -3.13
CA PRO Z 84 -99.37 -21.91 -3.18
C PRO Z 84 -100.69 -21.21 -2.83
N LYS Z 85 -101.73 -21.56 -3.57
CA LYS Z 85 -103.06 -21.01 -3.33
C LYS Z 85 -104.07 -22.16 -3.38
N ASP Z 86 -104.87 -22.27 -2.33
CA ASP Z 86 -105.94 -23.27 -2.28
C ASP Z 86 -107.11 -22.77 -3.09
N ARG Z 87 -107.19 -23.16 -4.35
CA ARG Z 87 -108.21 -22.67 -5.26
C ARG Z 87 -109.53 -23.37 -5.00
N VAL Z 88 -110.60 -22.59 -4.85
CA VAL Z 88 -111.92 -23.15 -4.64
C VAL Z 88 -112.46 -23.66 -5.97
N ASP Z 89 -112.84 -24.93 -6.01
CA ASP Z 89 -113.29 -25.57 -7.24
C ASP Z 89 -114.81 -25.48 -7.31
N ILE Z 90 -115.32 -24.74 -8.30
CA ILE Z 90 -116.75 -24.66 -8.56
C ILE Z 90 -117.04 -25.22 -9.95
N GLY Z 91 -117.34 -26.51 -10.02
CA GLY Z 91 -117.56 -27.14 -11.31
C GLY Z 91 -118.09 -28.54 -11.16
N LEU Z 92 -118.34 -29.17 -12.29
CA LEU Z 92 -118.87 -30.52 -12.34
C LEU Z 92 -117.79 -31.53 -11.93
N PRO Z 93 -118.19 -32.66 -11.35
CA PRO Z 93 -117.22 -33.69 -11.00
C PRO Z 93 -116.60 -34.29 -12.26
N PRO Z 94 -115.35 -34.75 -12.17
CA PRO Z 94 -114.71 -35.35 -13.35
C PRO Z 94 -115.38 -36.64 -13.74
N PRO Z 95 -115.34 -37.01 -15.03
CA PRO Z 95 -115.97 -38.27 -15.47
C PRO Z 95 -115.27 -39.47 -14.83
N LYS Z 96 -116.07 -40.34 -14.22
CA LYS Z 96 -115.55 -41.54 -13.58
C LYS Z 96 -115.26 -42.58 -14.65
N VAL Z 97 -113.97 -42.83 -14.92
CA VAL Z 97 -113.54 -43.77 -15.95
C VAL Z 97 -112.81 -44.92 -15.28
N SER Z 98 -113.07 -46.13 -15.77
CA SER Z 98 -112.39 -47.32 -15.26
C SER Z 98 -110.94 -47.30 -15.71
N ARG Z 99 -110.04 -47.05 -14.76
CA ARG Z 99 -108.63 -46.87 -15.11
C ARG Z 99 -108.02 -48.16 -15.67
N THR Z 100 -108.36 -49.31 -15.08
CA THR Z 100 -107.77 -50.58 -15.53
C THR Z 100 -108.20 -50.90 -16.96
N GLN Z 101 -109.49 -50.81 -17.24
CA GLN Z 101 -109.97 -51.09 -18.59
C GLN Z 101 -109.48 -50.06 -19.59
N GLN Z 102 -109.40 -48.79 -19.18
CA GLN Z 102 -108.86 -47.76 -20.07
C GLN Z 102 -107.41 -48.05 -20.43
N LEU Z 103 -106.60 -48.43 -19.43
CA LEU Z 103 -105.21 -48.77 -19.70
C LEU Z 103 -105.10 -50.00 -20.58
N LEU Z 104 -105.96 -51.00 -20.35
CA LEU Z 104 -105.94 -52.19 -21.18
C LEU Z 104 -106.27 -51.87 -22.62
N GLU Z 105 -107.30 -51.04 -22.84
CA GLU Z 105 -107.67 -50.65 -24.20
C GLU Z 105 -106.57 -49.83 -24.86
N ARG Z 106 -105.95 -48.92 -24.12
CA ARG Z 106 -104.86 -48.13 -24.67
C ARG Z 106 -103.67 -49.00 -25.04
N LYS Z 107 -103.34 -49.97 -24.18
CA LYS Z 107 -102.24 -50.88 -24.49
C LYS Z 107 -102.56 -51.73 -25.71
N GLN Z 108 -103.81 -52.21 -25.83
CA GLN Z 108 -104.20 -52.98 -27.00
C GLN Z 108 -104.12 -52.14 -28.27
N ALA Z 109 -104.59 -50.90 -28.21
CA ALA Z 109 -104.52 -50.02 -29.38
C ALA Z 109 -103.08 -49.74 -29.76
N LEU Z 110 -102.22 -49.50 -28.77
CA LEU Z 110 -100.81 -49.29 -29.05
C LEU Z 110 -100.17 -50.53 -29.67
N ARG Z 111 -100.51 -51.71 -29.15
CA ARG Z 111 -99.94 -52.94 -29.70
C ARG Z 111 -100.40 -53.17 -31.13
N GLU Z 112 -101.68 -52.89 -31.42
CA GLU Z 112 -102.17 -53.02 -32.78
C GLU Z 112 -101.49 -52.03 -33.72
N LEU Z 113 -101.27 -50.80 -33.26
CA LEU Z 113 -100.54 -49.83 -34.08
C LEU Z 113 -99.09 -50.28 -34.28
N ARG Z 114 -98.48 -50.91 -33.25
CA ARG Z 114 -97.09 -51.33 -33.36
C ARG Z 114 -96.94 -52.54 -34.29
N ALA Z 115 -97.96 -53.38 -34.37
CA ALA Z 115 -97.87 -54.56 -35.22
C ALA Z 115 -97.78 -54.21 -36.70
N ASN Z 116 -98.29 -53.05 -37.10
CA ASN Z 116 -98.24 -52.65 -38.50
C ASN Z 116 -96.80 -52.41 -38.95
N VAL Z 117 -96.52 -52.74 -40.21
CA VAL Z 117 -95.18 -52.63 -40.75
C VAL Z 117 -95.08 -51.39 -41.63
N GLU Z 118 -96.20 -50.99 -42.24
CA GLU Z 118 -96.21 -49.80 -43.08
C GLU Z 118 -95.95 -48.54 -42.24
N GLU Z 119 -96.51 -48.48 -41.03
CA GLU Z 119 -96.24 -47.35 -40.16
C GLU Z 119 -94.76 -47.29 -39.77
N GLU Z 120 -94.15 -48.44 -39.51
CA GLU Z 120 -92.72 -48.46 -39.20
C GLU Z 120 -91.91 -48.02 -40.41
N ARG Z 121 -92.29 -48.44 -41.61
CA ARG Z 121 -91.61 -47.98 -42.82
C ARG Z 121 -91.72 -46.48 -42.98
N ALA Z 122 -92.92 -45.92 -42.74
CA ALA Z 122 -93.10 -44.48 -42.84
C ALA Z 122 -92.26 -43.74 -41.81
N ALA Z 123 -92.20 -44.25 -40.58
CA ALA Z 123 -91.39 -43.63 -39.55
C ALA Z 123 -89.91 -43.65 -39.91
N ARG Z 124 -89.43 -44.77 -40.45
CA ARG Z 124 -88.04 -44.85 -40.87
C ARG Z 124 -87.76 -43.90 -42.04
N LEU Z 125 -88.67 -43.81 -42.99
CA LEU Z 125 -88.47 -42.98 -44.17
C LEU Z 125 -88.82 -41.52 -43.94
N GLN Z 126 -89.27 -41.16 -42.74
CA GLN Z 126 -89.54 -39.78 -42.33
C GLN Z 126 -90.69 -39.16 -43.12
N THR Z 127 -91.60 -39.96 -43.65
CA THR Z 127 -92.78 -39.49 -44.37
C THR Z 127 -94.01 -40.03 -43.65
N ALA Z 128 -94.46 -39.29 -42.64
CA ALA Z 128 -95.64 -39.69 -41.87
C ALA Z 128 -96.46 -38.45 -41.52
N ARG Z 129 -97.77 -38.58 -41.58
CA ARG Z 129 -98.69 -37.50 -41.29
C ARG Z 129 -99.62 -37.90 -40.14
N ILE Z 130 -100.28 -36.90 -39.57
CA ILE Z 130 -101.15 -37.10 -38.42
C ILE Z 130 -102.53 -36.50 -38.71
N PRO Z 131 -103.63 -37.19 -38.38
CA PRO Z 131 -104.95 -36.58 -38.54
C PRO Z 131 -105.23 -35.52 -37.48
N LEU Z 132 -104.81 -34.30 -37.76
CA LEU Z 132 -104.89 -33.21 -36.78
C LEU Z 132 -106.31 -32.97 -36.31
N GLU Z 133 -107.31 -33.20 -37.17
CA GLU Z 133 -108.70 -33.01 -36.76
C GLU Z 133 -109.08 -34.01 -35.66
N ALA Z 134 -108.74 -35.29 -35.86
CA ALA Z 134 -109.01 -36.29 -34.85
C ALA Z 134 -108.20 -36.02 -33.59
N VAL Z 135 -106.95 -35.56 -33.75
CA VAL Z 135 -106.12 -35.23 -32.58
C VAL Z 135 -106.78 -34.13 -31.77
N ARG Z 136 -107.27 -33.08 -32.43
CA ARG Z 136 -107.95 -31.98 -31.75
C ARG Z 136 -109.22 -32.46 -31.06
N ALA Z 137 -109.99 -33.32 -31.73
CA ALA Z 137 -111.22 -33.84 -31.13
C ALA Z 137 -110.90 -34.64 -29.87
N GLU Z 138 -109.91 -35.52 -29.94
CA GLU Z 138 -109.55 -36.31 -28.78
C GLU Z 138 -109.00 -35.44 -27.65
N TRP Z 139 -108.21 -34.41 -28.01
CA TRP Z 139 -107.68 -33.50 -27.01
C TRP Z 139 -108.81 -32.78 -26.28
N GLU Z 140 -109.79 -32.26 -27.03
CA GLU Z 140 -110.95 -31.65 -26.40
C GLU Z 140 -111.71 -32.63 -25.54
N ARG Z 141 -111.77 -33.89 -25.95
CA ARG Z 141 -112.54 -34.88 -25.19
C ARG Z 141 -111.86 -35.27 -23.89
N THR Z 142 -110.53 -35.39 -23.86
CA THR Z 142 -109.86 -35.92 -22.68
C THR Z 142 -109.10 -34.89 -21.87
N CYS Z 143 -108.28 -34.04 -22.51
CA CYS Z 143 -107.39 -33.15 -21.76
C CYS Z 143 -107.49 -31.70 -22.20
N GLY Z 144 -108.40 -31.36 -23.12
CA GLY Z 144 -108.69 -29.99 -23.45
C GLY Z 144 -109.17 -29.13 -22.30
N PRO Z 145 -110.06 -29.62 -21.42
CA PRO Z 145 -110.49 -28.80 -20.28
C PRO Z 145 -109.34 -28.29 -19.42
N TYR Z 146 -108.32 -29.12 -19.17
CA TYR Z 146 -107.23 -28.67 -18.31
C TYR Z 146 -106.40 -27.58 -18.98
N HIS Z 147 -106.12 -27.75 -20.28
CA HIS Z 147 -105.37 -26.72 -21.00
C HIS Z 147 -106.16 -25.41 -21.06
N LYS Z 148 -107.47 -25.51 -21.30
CA LYS Z 148 -108.29 -24.30 -21.32
C LYS Z 148 -108.31 -23.63 -19.96
N GLN Z 149 -108.41 -24.42 -18.88
CA GLN Z 149 -108.40 -23.87 -17.53
C GLN Z 149 -107.09 -23.16 -17.24
N ARG Z 150 -105.96 -23.77 -17.61
CA ARG Z 150 -104.68 -23.14 -17.32
C ARG Z 150 -104.46 -21.89 -18.17
N LEU Z 151 -104.92 -21.87 -19.42
CA LEU Z 151 -104.79 -20.65 -20.20
C LEU Z 151 -105.70 -19.55 -19.66
N ALA Z 152 -106.87 -19.92 -19.14
CA ALA Z 152 -107.75 -18.93 -18.53
C ALA Z 152 -107.15 -18.39 -17.24
N GLU Z 153 -106.46 -19.23 -16.47
CA GLU Z 153 -105.61 -18.74 -15.40
C GLU Z 153 -104.62 -17.70 -15.92
N TYR Z 154 -103.90 -18.05 -16.99
CA TYR Z 154 -102.84 -17.19 -17.49
C TYR Z 154 -103.39 -15.85 -17.96
N CYS Z 155 -104.57 -15.86 -18.57
CA CYS Z 155 -105.25 -14.64 -19.02
C CYS Z 155 -106.03 -13.95 -17.91
N GLY Z 156 -106.15 -14.56 -16.74
CA GLY Z 156 -106.78 -13.90 -15.61
C GLY Z 156 -108.29 -13.83 -15.66
N LEU Z 157 -108.94 -14.83 -16.26
CA LEU Z 157 -110.41 -14.85 -16.27
C LEU Z 157 -110.95 -15.03 -14.85
N TYR Z 158 -110.45 -16.02 -14.11
CA TYR Z 158 -110.90 -16.25 -12.75
C TYR Z 158 -110.43 -15.16 -11.80
N ARG Z 159 -109.37 -14.42 -12.16
CA ARG Z 159 -108.89 -13.35 -11.30
C ARG Z 159 -109.87 -12.19 -11.26
N ASP Z 160 -110.78 -12.12 -12.23
CA ASP Z 160 -111.72 -11.01 -12.34
C ASP Z 160 -113.18 -11.45 -12.34
N LEU Z 161 -113.47 -12.72 -12.57
CA LEU Z 161 -114.85 -13.22 -12.58
C LEU Z 161 -115.32 -13.71 -11.22
N PHE Z 162 -114.47 -14.45 -10.51
CA PHE Z 162 -114.80 -14.95 -9.18
C PHE Z 162 -113.79 -14.54 -8.12
N HIS Z 163 -112.58 -14.14 -8.51
CA HIS Z 163 -111.56 -13.55 -7.66
C HIS Z 163 -110.90 -14.57 -6.73
N GLY Z 164 -111.48 -15.76 -6.62
CA GLY Z 164 -110.87 -16.78 -5.78
C GLY Z 164 -111.10 -18.22 -6.24
N ALA Z 165 -111.82 -18.39 -7.35
CA ALA Z 165 -112.34 -19.70 -7.72
C ALA Z 165 -112.00 -20.02 -9.16
N THR Z 166 -111.47 -21.21 -9.40
CA THR Z 166 -111.20 -21.71 -10.73
C THR Z 166 -112.05 -22.93 -11.00
N PHE Z 167 -112.46 -23.11 -12.25
CA PHE Z 167 -113.23 -24.28 -12.65
C PHE Z 167 -112.60 -24.95 -13.86
N VAL Z 168 -113.03 -26.19 -14.09
CA VAL Z 168 -112.56 -27.00 -15.21
C VAL Z 168 -113.64 -26.96 -16.30
N PRO Z 169 -113.36 -26.44 -17.49
CA PRO Z 169 -114.38 -26.42 -18.54
C PRO Z 169 -114.65 -27.82 -19.07
N ARG Z 170 -115.45 -28.59 -18.33
CA ARG Z 170 -115.67 -29.99 -18.66
C ARG Z 170 -116.30 -30.15 -20.04
N VAL Z 171 -117.40 -29.45 -20.30
CA VAL Z 171 -118.10 -29.56 -21.57
C VAL Z 171 -117.42 -28.66 -22.60
N PRO Z 172 -117.38 -29.06 -23.87
CA PRO Z 172 -116.86 -28.16 -24.90
C PRO Z 172 -117.84 -27.05 -25.22
N LEU Z 173 -117.32 -26.02 -25.86
CA LEU Z 173 -118.12 -24.86 -26.26
C LEU Z 173 -117.52 -24.31 -27.55
N HIS Z 174 -118.17 -24.57 -28.68
CA HIS Z 174 -117.68 -24.09 -29.98
C HIS Z 174 -118.50 -22.87 -30.34
N VAL Z 175 -117.85 -21.70 -30.31
CA VAL Z 175 -118.48 -20.44 -30.68
C VAL Z 175 -117.95 -20.03 -32.04
N ALA Z 176 -118.85 -19.57 -32.91
CA ALA Z 176 -118.44 -19.21 -34.26
C ALA Z 176 -119.24 -18.01 -34.74
N TYR Z 177 -118.54 -17.01 -35.26
CA TYR Z 177 -119.18 -15.86 -35.89
C TYR Z 177 -119.26 -16.09 -37.40
N ALA Z 178 -120.33 -15.56 -38.00
CA ALA Z 178 -120.55 -15.67 -39.43
C ALA Z 178 -120.19 -14.35 -40.09
N VAL Z 179 -119.19 -14.38 -40.97
CA VAL Z 179 -118.81 -13.18 -41.71
C VAL Z 179 -119.66 -12.99 -42.95
N GLY Z 180 -120.28 -14.05 -43.46
CA GLY Z 180 -121.10 -13.99 -44.65
C GLY Z 180 -121.83 -15.29 -44.89
N GLU Z 181 -121.86 -15.74 -46.14
CA GLU Z 181 -122.52 -16.99 -46.48
C GLU Z 181 -121.62 -18.20 -46.29
N ASP Z 182 -120.32 -18.05 -46.55
CA ASP Z 182 -119.39 -19.19 -46.53
C ASP Z 182 -118.16 -18.94 -45.65
N ASP Z 183 -118.16 -17.90 -44.82
CA ASP Z 183 -117.00 -17.56 -44.01
C ASP Z 183 -117.38 -17.62 -42.54
N LEU Z 184 -116.67 -18.47 -41.79
CA LEU Z 184 -116.94 -18.71 -40.38
C LEU Z 184 -115.66 -18.49 -39.59
N MET Z 185 -115.73 -17.62 -38.58
CA MET Z 185 -114.60 -17.35 -37.71
C MET Z 185 -114.81 -18.05 -36.38
N PRO Z 186 -113.98 -19.02 -36.01
CA PRO Z 186 -114.11 -19.65 -34.70
C PRO Z 186 -113.60 -18.75 -33.58
N VAL Z 187 -114.11 -19.01 -32.39
CA VAL Z 187 -113.70 -18.29 -31.19
C VAL Z 187 -113.10 -19.28 -30.22
N TYR Z 188 -111.78 -19.44 -30.27
CA TYR Z 188 -111.10 -20.36 -29.36
C TYR Z 188 -110.62 -19.62 -28.13
N HIS Z 189 -110.02 -20.36 -27.20
CA HIS Z 189 -109.55 -19.80 -25.94
C HIS Z 189 -108.35 -18.89 -26.17
N GLY Z 190 -108.58 -17.58 -26.15
CA GLY Z 190 -107.55 -16.60 -26.37
C GLY Z 190 -107.42 -16.07 -27.79
N ASN Z 191 -108.38 -16.34 -28.66
CA ASN Z 191 -108.30 -15.93 -30.04
C ASN Z 191 -108.48 -14.40 -30.17
N GLU Z 192 -108.20 -13.89 -31.36
CA GLU Z 192 -108.40 -12.49 -31.69
C GLU Z 192 -109.47 -12.38 -32.76
N VAL Z 193 -110.61 -11.81 -32.40
CA VAL Z 193 -111.74 -11.61 -33.31
C VAL Z 193 -112.06 -10.13 -33.33
N THR Z 194 -112.13 -9.54 -34.52
CA THR Z 194 -112.40 -8.12 -34.66
C THR Z 194 -113.90 -7.84 -34.52
N PRO Z 195 -114.26 -6.60 -34.13
CA PRO Z 195 -115.68 -6.26 -34.04
C PRO Z 195 -116.43 -6.38 -35.35
N THR Z 196 -115.74 -6.23 -36.48
CA THR Z 196 -116.39 -6.44 -37.77
C THR Z 196 -116.87 -7.88 -37.89
N GLU Z 197 -116.05 -8.84 -37.45
CA GLU Z 197 -116.46 -10.24 -37.43
C GLU Z 197 -117.47 -10.52 -36.32
N ALA Z 198 -117.41 -9.79 -35.22
CA ALA Z 198 -118.26 -10.05 -34.06
C ALA Z 198 -119.51 -9.17 -34.02
N ALA Z 199 -119.83 -8.48 -35.12
CA ALA Z 199 -120.99 -7.60 -35.12
C ALA Z 199 -122.29 -8.39 -34.91
N GLN Z 200 -122.42 -9.55 -35.53
CA GLN Z 200 -123.63 -10.35 -35.43
C GLN Z 200 -123.51 -11.35 -34.29
N ALA Z 201 -124.67 -11.88 -33.89
CA ALA Z 201 -124.70 -12.88 -32.83
C ALA Z 201 -124.05 -14.16 -33.31
N PRO Z 202 -123.21 -14.80 -32.49
CA PRO Z 202 -122.55 -16.04 -32.91
C PRO Z 202 -123.39 -17.28 -32.64
N GLU Z 203 -122.98 -18.36 -33.28
CA GLU Z 203 -123.56 -19.67 -33.04
C GLU Z 203 -122.72 -20.42 -32.01
N VAL Z 204 -123.42 -21.04 -31.05
CA VAL Z 204 -122.79 -21.79 -29.97
C VAL Z 204 -123.23 -23.23 -30.07
N THR Z 205 -122.27 -24.16 -30.04
CA THR Z 205 -122.56 -25.58 -30.08
C THR Z 205 -121.89 -26.29 -28.92
N TYR Z 206 -122.63 -27.20 -28.28
CA TYR Z 206 -122.15 -28.03 -27.21
C TYR Z 206 -123.06 -29.25 -27.11
N GLU Z 207 -122.51 -30.36 -26.63
CA GLU Z 207 -123.26 -31.60 -26.52
C GLU Z 207 -123.96 -31.66 -25.17
N ALA Z 208 -125.27 -31.94 -25.20
CA ALA Z 208 -126.07 -32.03 -23.99
C ALA Z 208 -127.36 -32.76 -24.30
N ASP Z 209 -127.85 -33.54 -23.34
CA ASP Z 209 -129.10 -34.24 -23.51
C ASP Z 209 -130.28 -33.29 -23.34
N GLU Z 210 -131.46 -33.76 -23.73
CA GLU Z 210 -132.68 -32.96 -23.65
C GLU Z 210 -133.34 -33.08 -22.28
N GLY Z 211 -132.55 -32.89 -21.22
CA GLY Z 211 -133.07 -32.95 -19.87
C GLY Z 211 -132.46 -31.92 -18.94
N SER Z 212 -131.59 -31.08 -19.47
CA SER Z 212 -130.86 -30.10 -18.68
C SER Z 212 -131.13 -28.69 -19.19
N LEU Z 213 -130.74 -27.71 -18.38
CA LEU Z 213 -130.91 -26.31 -18.69
C LEU Z 213 -129.56 -25.61 -18.60
N TRP Z 214 -129.33 -24.65 -19.50
CA TRP Z 214 -128.05 -23.97 -19.60
C TRP Z 214 -128.27 -22.46 -19.70
N THR Z 215 -127.23 -21.71 -19.31
CA THR Z 215 -127.22 -20.27 -19.44
C THR Z 215 -125.91 -19.84 -20.09
N LEU Z 216 -125.99 -18.99 -21.10
CA LEU Z 216 -124.83 -18.45 -21.78
C LEU Z 216 -124.71 -16.96 -21.48
N LEU Z 217 -123.51 -16.52 -21.13
CA LEU Z 217 -123.27 -15.13 -20.73
C LEU Z 217 -121.99 -14.64 -21.41
N LEU Z 218 -122.11 -13.61 -22.24
CA LEU Z 218 -120.96 -12.97 -22.86
C LEU Z 218 -120.60 -11.73 -22.05
N THR Z 219 -119.41 -11.75 -21.45
CA THR Z 219 -118.96 -10.69 -20.58
C THR Z 219 -117.74 -10.00 -21.17
N ASN Z 220 -117.77 -8.67 -21.18
CA ASN Z 220 -116.63 -7.84 -21.53
C ASN Z 220 -115.89 -7.50 -20.24
N LEU Z 221 -114.67 -8.03 -20.07
CA LEU Z 221 -113.94 -7.76 -18.85
C LEU Z 221 -113.33 -6.37 -18.82
N ASP Z 222 -113.02 -5.80 -19.99
CA ASP Z 222 -112.31 -4.53 -20.07
C ASP Z 222 -113.00 -3.61 -21.06
N GLY Z 223 -113.31 -2.39 -20.63
CA GLY Z 223 -114.00 -1.46 -21.49
C GLY Z 223 -114.98 -0.58 -20.73
N HIS Z 224 -115.21 -0.90 -19.46
CA HIS Z 224 -116.04 -0.05 -18.63
C HIS Z 224 -115.31 1.26 -18.35
N LEU Z 225 -115.94 2.37 -18.72
CA LEU Z 225 -115.28 3.66 -18.60
C LEU Z 225 -115.16 4.12 -17.14
N LEU Z 226 -116.22 3.94 -16.36
CA LEU Z 226 -116.25 4.49 -15.00
C LEU Z 226 -115.64 3.54 -13.98
N GLU Z 227 -116.22 2.36 -13.82
CA GLU Z 227 -115.82 1.49 -12.72
C GLU Z 227 -114.78 0.49 -13.18
N PRO Z 228 -113.59 0.48 -12.58
CA PRO Z 228 -112.60 -0.54 -12.97
C PRO Z 228 -112.97 -1.94 -12.50
N ASP Z 229 -113.65 -2.05 -11.35
CA ASP Z 229 -113.99 -3.35 -10.78
C ASP Z 229 -115.30 -3.91 -11.33
N ALA Z 230 -115.80 -3.36 -12.44
CA ALA Z 230 -117.04 -3.82 -13.04
C ALA Z 230 -116.81 -4.16 -14.51
N GLU Z 231 -117.70 -4.99 -15.05
CA GLU Z 231 -117.57 -5.49 -16.41
C GLU Z 231 -118.91 -5.35 -17.12
N TYR Z 232 -118.88 -5.50 -18.44
CA TYR Z 232 -120.04 -5.30 -19.29
C TYR Z 232 -120.67 -6.64 -19.67
N VAL Z 233 -121.96 -6.60 -19.98
CA VAL Z 233 -122.67 -7.73 -20.56
C VAL Z 233 -123.00 -7.42 -22.01
N HIS Z 234 -122.77 -8.40 -22.89
CA HIS Z 234 -123.09 -8.24 -24.30
C HIS Z 234 -124.23 -9.13 -24.77
N TRP Z 235 -124.33 -10.35 -24.24
CA TRP Z 235 -125.41 -11.26 -24.63
C TRP Z 235 -125.61 -12.26 -23.52
N LEU Z 236 -126.73 -12.16 -22.81
CA LEU Z 236 -127.06 -13.06 -21.72
C LEU Z 236 -128.37 -13.77 -22.06
N VAL Z 237 -128.29 -15.09 -22.26
CA VAL Z 237 -129.46 -15.91 -22.54
C VAL Z 237 -129.54 -16.97 -21.46
N THR Z 238 -130.73 -17.15 -20.89
CA THR Z 238 -130.95 -18.08 -19.79
C THR Z 238 -132.02 -19.09 -20.15
N ASN Z 239 -132.06 -20.18 -19.38
CA ASN Z 239 -133.03 -21.26 -19.56
C ASN Z 239 -132.96 -21.83 -20.98
N ILE Z 240 -131.79 -22.39 -21.29
CA ILE Z 240 -131.55 -22.99 -22.60
C ILE Z 240 -131.86 -24.48 -22.49
N PRO Z 241 -132.90 -24.97 -23.17
CA PRO Z 241 -133.22 -26.40 -23.11
C PRO Z 241 -132.28 -27.20 -24.00
N GLY Z 242 -131.36 -27.92 -23.37
CA GLY Z 242 -130.40 -28.72 -24.13
C GLY Z 242 -129.49 -27.84 -24.96
N ASN Z 243 -129.30 -28.23 -26.22
CA ASN Z 243 -128.42 -27.52 -27.15
C ASN Z 243 -129.09 -26.28 -27.74
N ARG Z 244 -130.42 -26.25 -27.80
CA ARG Z 244 -131.13 -25.21 -28.53
C ARG Z 244 -130.98 -23.88 -27.80
N VAL Z 245 -130.07 -23.04 -28.29
CA VAL Z 245 -129.84 -21.75 -27.65
C VAL Z 245 -130.83 -20.70 -28.15
N THR Z 246 -131.34 -20.84 -29.37
CA THR Z 246 -132.26 -19.83 -29.90
C THR Z 246 -133.60 -19.87 -29.18
N GLU Z 247 -134.11 -21.06 -28.84
CA GLU Z 247 -135.40 -21.16 -28.18
C GLU Z 247 -135.36 -20.71 -26.72
N GLY Z 248 -134.17 -20.59 -26.13
CA GLY Z 248 -134.07 -20.05 -24.79
C GLY Z 248 -134.29 -18.55 -24.77
N GLN Z 249 -134.87 -18.07 -23.68
CA GLN Z 249 -135.17 -16.65 -23.56
C GLN Z 249 -133.90 -15.84 -23.33
N GLU Z 250 -133.74 -14.76 -24.07
CA GLU Z 250 -132.57 -13.90 -23.97
C GLU Z 250 -132.86 -12.76 -22.99
N THR Z 251 -132.13 -12.74 -21.88
CA THR Z 251 -132.28 -11.65 -20.91
C THR Z 251 -131.71 -10.34 -21.43
N CYS Z 252 -130.54 -10.40 -22.07
CA CYS Z 252 -129.89 -9.23 -22.62
C CYS Z 252 -129.63 -9.46 -24.10
N PRO Z 253 -130.10 -8.56 -24.98
CA PRO Z 253 -129.85 -8.76 -26.41
C PRO Z 253 -128.40 -8.53 -26.77
N TYR Z 254 -127.99 -9.12 -27.89
CA TYR Z 254 -126.59 -9.08 -28.30
C TYR Z 254 -126.17 -7.66 -28.65
N LEU Z 255 -124.97 -7.28 -28.20
CA LEU Z 255 -124.38 -5.98 -28.47
C LEU Z 255 -122.99 -6.18 -29.06
N PRO Z 256 -122.71 -5.65 -30.24
CA PRO Z 256 -121.39 -5.83 -30.82
C PRO Z 256 -120.32 -5.21 -29.94
N PRO Z 257 -119.12 -5.77 -29.94
CA PRO Z 257 -118.04 -5.25 -29.08
C PRO Z 257 -117.69 -3.81 -29.43
N PHE Z 258 -117.40 -3.02 -28.40
CA PHE Z 258 -117.01 -1.62 -28.57
C PHE Z 258 -115.80 -1.31 -27.69
N PRO Z 259 -114.60 -1.64 -28.13
CA PRO Z 259 -113.39 -1.28 -27.39
C PRO Z 259 -112.94 0.14 -27.73
N ALA Z 260 -112.11 0.69 -26.85
CA ALA Z 260 -111.56 2.02 -27.05
C ALA Z 260 -110.43 1.99 -28.08
N ARG Z 261 -110.25 3.12 -28.77
CA ARG Z 261 -109.22 3.19 -29.80
C ARG Z 261 -107.83 3.05 -29.19
N GLY Z 262 -107.57 3.72 -28.07
CA GLY Z 262 -106.26 3.67 -27.44
C GLY Z 262 -106.02 2.38 -26.68
N SER Z 263 -106.82 2.13 -25.66
CA SER Z 263 -106.71 0.92 -24.85
C SER Z 263 -107.35 -0.23 -25.64
N GLY Z 264 -106.52 -1.07 -26.26
CA GLY Z 264 -106.98 -2.15 -27.09
C GLY Z 264 -106.85 -3.51 -26.43
N PHE Z 265 -107.25 -4.52 -27.18
CA PHE Z 265 -107.16 -5.93 -26.77
C PHE Z 265 -107.91 -6.18 -25.46
N HIS Z 266 -109.21 -5.90 -25.49
CA HIS Z 266 -110.10 -6.27 -24.40
C HIS Z 266 -110.46 -7.74 -24.51
N ARG Z 267 -110.90 -8.31 -23.39
CA ARG Z 267 -111.24 -9.73 -23.33
C ARG Z 267 -112.74 -9.90 -23.25
N PHE Z 268 -113.28 -10.80 -24.07
CA PHE Z 268 -114.69 -11.15 -24.10
C PHE Z 268 -114.80 -12.64 -23.85
N ALA Z 269 -115.57 -13.02 -22.82
CA ALA Z 269 -115.66 -14.41 -22.41
C ALA Z 269 -117.11 -14.88 -22.48
N PHE Z 270 -117.33 -15.98 -23.19
CA PHE Z 270 -118.60 -16.71 -23.14
C PHE Z 270 -118.50 -17.74 -22.03
N LEU Z 271 -119.38 -17.61 -21.04
CA LEU Z 271 -119.48 -18.53 -19.92
C LEU Z 271 -120.76 -19.33 -20.04
N LEU Z 272 -120.65 -20.65 -19.97
CA LEU Z 272 -121.78 -21.56 -20.06
C LEU Z 272 -121.97 -22.24 -18.70
N PHE Z 273 -123.15 -22.07 -18.13
CA PHE Z 273 -123.49 -22.62 -16.82
C PHE Z 273 -124.58 -23.66 -16.99
N LYS Z 274 -124.46 -24.77 -16.26
CA LYS Z 274 -125.51 -25.77 -16.18
C LYS Z 274 -126.32 -25.54 -14.92
N GLN Z 275 -127.64 -25.52 -15.06
CA GLN Z 275 -128.54 -25.27 -13.93
C GLN Z 275 -129.56 -26.40 -13.83
N ASP Z 276 -130.11 -26.57 -12.62
CA ASP Z 276 -131.07 -27.63 -12.32
C ASP Z 276 -132.50 -27.12 -12.36
N LYS Z 277 -132.80 -26.11 -11.56
CA LYS Z 277 -134.16 -25.59 -11.46
C LYS Z 277 -134.44 -24.57 -12.57
N ARG Z 278 -135.72 -24.27 -12.75
CA ARG Z 278 -136.16 -23.25 -13.70
C ARG Z 278 -136.03 -21.90 -13.03
N ILE Z 279 -134.90 -21.23 -13.26
CA ILE Z 279 -134.61 -19.98 -12.57
C ILE Z 279 -135.32 -18.82 -13.28
N ASP Z 280 -136.05 -18.03 -12.51
CA ASP Z 280 -136.66 -16.80 -12.99
C ASP Z 280 -136.18 -15.65 -12.13
N PHE Z 281 -135.82 -14.54 -12.77
CA PHE Z 281 -135.31 -13.38 -12.06
C PHE Z 281 -135.87 -12.11 -12.68
N SER Z 282 -136.28 -11.16 -11.83
CA SER Z 282 -136.80 -9.88 -12.28
C SER Z 282 -135.83 -8.73 -12.07
N GLY Z 283 -134.76 -8.94 -11.32
CA GLY Z 283 -133.79 -7.89 -11.07
C GLY Z 283 -132.73 -7.78 -12.15
N ASP Z 284 -132.32 -8.91 -12.70
CA ASP Z 284 -131.31 -8.95 -13.75
C ASP Z 284 -131.92 -8.88 -15.15
N THR Z 285 -133.24 -8.73 -15.26
CA THR Z 285 -133.88 -8.63 -16.55
C THR Z 285 -133.50 -7.32 -17.23
N ARG Z 286 -133.22 -7.38 -18.53
CA ARG Z 286 -132.80 -6.21 -19.29
C ARG Z 286 -133.82 -5.89 -20.39
N PRO Z 287 -133.97 -4.61 -20.75
CA PRO Z 287 -134.97 -4.25 -21.78
C PRO Z 287 -134.52 -4.62 -23.18
N SER Z 288 -135.45 -4.53 -24.14
CA SER Z 288 -135.12 -4.85 -25.52
C SER Z 288 -134.06 -3.93 -26.11
N PRO Z 289 -134.16 -2.58 -25.98
CA PRO Z 289 -133.07 -1.73 -26.49
C PRO Z 289 -131.76 -1.97 -25.75
N CYS Z 290 -131.79 -1.80 -24.43
CA CYS Z 290 -130.64 -2.06 -23.56
C CYS Z 290 -129.39 -1.33 -24.05
N TYR Z 291 -129.55 -0.05 -24.40
CA TYR Z 291 -128.44 0.77 -24.84
C TYR Z 291 -127.89 1.67 -23.75
N GLN Z 292 -128.28 1.43 -22.49
CA GLN Z 292 -127.82 2.23 -21.37
C GLN Z 292 -126.67 1.51 -20.68
N LEU Z 293 -125.49 2.14 -20.69
CA LEU Z 293 -124.34 1.54 -20.02
C LEU Z 293 -124.51 1.47 -18.51
N ALA Z 294 -125.35 2.33 -17.93
CA ALA Z 294 -125.63 2.24 -16.50
C ALA Z 294 -126.29 0.92 -16.16
N GLN Z 295 -127.25 0.47 -16.97
CA GLN Z 295 -127.84 -0.85 -16.80
C GLN Z 295 -126.89 -1.94 -17.26
N ARG Z 296 -126.05 -1.65 -18.25
CA ARG Z 296 -125.07 -2.62 -18.74
C ARG Z 296 -123.80 -2.52 -17.91
N THR Z 297 -123.95 -2.86 -16.62
CA THR Z 297 -122.84 -2.93 -15.68
C THR Z 297 -123.04 -4.19 -14.84
N PHE Z 298 -122.04 -5.07 -14.86
CA PHE Z 298 -122.21 -6.41 -14.32
C PHE Z 298 -121.11 -6.76 -13.35
N HIS Z 299 -121.41 -7.72 -12.47
CA HIS Z 299 -120.42 -8.30 -11.56
C HIS Z 299 -120.71 -9.79 -11.49
N THR Z 300 -119.85 -10.59 -12.16
CA THR Z 300 -120.06 -12.03 -12.19
C THR Z 300 -119.99 -12.64 -10.80
N PHE Z 301 -119.20 -12.05 -9.90
CA PHE Z 301 -119.15 -12.52 -8.53
C PHE Z 301 -120.52 -12.44 -7.87
N ASP Z 302 -121.17 -11.27 -7.94
CA ASP Z 302 -122.49 -11.12 -7.37
C ASP Z 302 -123.52 -11.96 -8.12
N PHE Z 303 -123.37 -12.10 -9.43
CA PHE Z 303 -124.31 -12.91 -10.21
C PHE Z 303 -124.27 -14.37 -9.77
N TYR Z 304 -123.08 -14.91 -9.59
CA TYR Z 304 -122.96 -16.29 -9.11
C TYR Z 304 -123.34 -16.41 -7.64
N LYS Z 305 -123.15 -15.35 -6.85
CA LYS Z 305 -123.64 -15.36 -5.48
C LYS Z 305 -125.16 -15.47 -5.46
N LYS Z 306 -125.83 -14.73 -6.34
CA LYS Z 306 -127.28 -14.79 -6.42
C LYS Z 306 -127.78 -16.15 -6.90
N HIS Z 307 -127.13 -16.71 -7.92
CA HIS Z 307 -127.57 -17.97 -8.52
C HIS Z 307 -126.62 -19.12 -8.22
N GLN Z 308 -126.09 -19.16 -7.00
CA GLN Z 308 -125.14 -20.19 -6.62
C GLN Z 308 -125.79 -21.55 -6.38
N ASP Z 309 -127.06 -21.57 -5.99
CA ASP Z 309 -127.70 -22.85 -5.65
C ASP Z 309 -127.81 -23.76 -6.86
N ALA Z 310 -128.17 -23.22 -8.02
CA ALA Z 310 -128.46 -24.03 -9.19
C ALA Z 310 -127.35 -23.99 -10.25
N MET Z 311 -126.89 -22.80 -10.62
CA MET Z 311 -125.92 -22.70 -11.70
C MET Z 311 -124.55 -23.22 -11.26
N THR Z 312 -123.88 -23.90 -12.17
CA THR Z 312 -122.52 -24.36 -11.99
C THR Z 312 -121.80 -24.19 -13.32
N PRO Z 313 -120.68 -23.47 -13.37
CA PRO Z 313 -120.02 -23.23 -14.66
C PRO Z 313 -119.41 -24.50 -15.21
N ALA Z 314 -119.66 -24.76 -16.49
CA ALA Z 314 -119.09 -25.91 -17.18
C ALA Z 314 -118.41 -25.58 -18.49
N GLY Z 315 -118.69 -24.44 -19.10
CA GLY Z 315 -118.04 -24.07 -20.35
C GLY Z 315 -117.50 -22.67 -20.31
N LEU Z 316 -116.40 -22.46 -21.04
CA LEU Z 316 -115.76 -21.15 -21.08
C LEU Z 316 -115.00 -20.99 -22.38
N ALA Z 317 -115.15 -19.83 -23.02
CA ALA Z 317 -114.42 -19.55 -24.27
C ALA Z 317 -114.19 -18.04 -24.34
N PHE Z 318 -112.94 -17.62 -24.24
CA PHE Z 318 -112.59 -16.21 -24.20
C PHE Z 318 -111.74 -15.83 -25.40
N PHE Z 319 -111.91 -14.60 -25.88
CA PHE Z 319 -111.15 -14.11 -27.02
C PHE Z 319 -110.82 -12.64 -26.85
N GLN Z 320 -109.78 -12.21 -27.56
CA GLN Z 320 -109.34 -10.82 -27.54
C GLN Z 320 -109.99 -10.04 -28.68
N CYS Z 321 -110.19 -8.74 -28.43
CA CYS Z 321 -110.85 -7.87 -29.40
C CYS Z 321 -110.21 -6.49 -29.31
N ARG Z 322 -109.80 -5.95 -30.46
CA ARG Z 322 -109.20 -4.63 -30.53
C ARG Z 322 -110.12 -3.69 -31.32
N TRP Z 323 -109.69 -2.44 -31.46
CA TRP Z 323 -110.49 -1.42 -32.10
C TRP Z 323 -110.33 -1.46 -33.62
N ASP Z 324 -111.43 -1.25 -34.33
CA ASP Z 324 -111.42 -1.15 -35.78
C ASP Z 324 -112.42 -0.07 -36.17
N ASP Z 325 -112.71 0.03 -37.48
CA ASP Z 325 -113.60 1.08 -37.96
C ASP Z 325 -115.05 0.86 -37.55
N SER Z 326 -115.44 -0.38 -37.27
CA SER Z 326 -116.82 -0.67 -36.91
C SER Z 326 -117.19 -0.21 -35.51
N VAL Z 327 -116.22 0.12 -34.67
CA VAL Z 327 -116.52 0.57 -33.31
C VAL Z 327 -117.15 1.96 -33.32
N THR Z 328 -116.78 2.80 -34.28
CA THR Z 328 -117.33 4.15 -34.34
C THR Z 328 -118.84 4.10 -34.58
N ARG Z 329 -119.30 3.18 -35.44
CA ARG Z 329 -120.73 3.04 -35.67
C ARG Z 329 -121.46 2.63 -34.41
N VAL Z 330 -120.89 1.69 -33.64
CA VAL Z 330 -121.52 1.26 -32.40
C VAL Z 330 -121.57 2.42 -31.40
N PHE Z 331 -120.48 3.19 -31.31
CA PHE Z 331 -120.47 4.31 -30.38
C PHE Z 331 -121.49 5.39 -30.76
N HIS Z 332 -121.63 5.66 -32.06
CA HIS Z 332 -122.45 6.78 -32.51
C HIS Z 332 -123.92 6.41 -32.66
N GLN Z 333 -124.22 5.45 -33.53
CA GLN Z 333 -125.61 5.14 -33.86
C GLN Z 333 -126.31 4.42 -32.71
N LEU Z 334 -125.67 3.40 -32.14
CA LEU Z 334 -126.33 2.57 -31.13
C LEU Z 334 -126.28 3.23 -29.75
N LEU Z 335 -125.08 3.49 -29.25
CA LEU Z 335 -124.90 3.98 -27.90
C LEU Z 335 -125.19 5.47 -27.74
N ASP Z 336 -125.27 6.22 -28.85
CA ASP Z 336 -125.53 7.66 -28.82
C ASP Z 336 -124.49 8.38 -27.94
N MET Z 337 -123.22 8.19 -28.28
CA MET Z 337 -122.14 8.88 -27.59
C MET Z 337 -121.01 9.15 -28.57
N ARG Z 338 -120.15 10.09 -28.20
CA ARG Z 338 -118.93 10.36 -28.93
C ARG Z 338 -117.91 9.26 -28.68
N GLU Z 339 -117.09 8.99 -29.69
CA GLU Z 339 -116.08 7.95 -29.58
C GLU Z 339 -114.93 8.43 -28.70
N PRO Z 340 -114.65 7.75 -27.59
CA PRO Z 340 -113.50 8.12 -26.76
C PRO Z 340 -112.21 7.56 -27.33
N VAL Z 341 -111.18 8.40 -27.37
CA VAL Z 341 -109.88 8.02 -27.92
C VAL Z 341 -108.85 8.13 -26.80
N PHE Z 342 -108.10 7.06 -26.57
CA PHE Z 342 -107.09 7.00 -25.53
C PHE Z 342 -105.71 6.92 -26.18
N GLU Z 343 -104.68 6.94 -25.33
CA GLU Z 343 -103.31 6.85 -25.79
C GLU Z 343 -102.44 6.34 -24.65
N PHE Z 344 -101.45 5.53 -25.00
CA PHE Z 344 -100.52 4.97 -24.02
C PHE Z 344 -99.43 6.01 -23.75
N VAL Z 345 -99.65 6.81 -22.72
CA VAL Z 345 -98.69 7.84 -22.32
C VAL Z 345 -97.65 7.22 -21.40
N ARG Z 346 -96.41 7.71 -21.51
CA ARG Z 346 -95.32 7.17 -20.73
C ARG Z 346 -94.93 8.13 -19.61
N PRO Z 347 -94.41 7.61 -18.49
CA PRO Z 347 -94.02 8.48 -17.40
C PRO Z 347 -92.90 9.42 -17.84
N PRO Z 348 -92.87 10.63 -17.30
CA PRO Z 348 -91.82 11.57 -17.69
C PRO Z 348 -90.46 11.07 -17.25
N PRO Z 349 -89.40 11.39 -17.99
CA PRO Z 349 -88.06 10.93 -17.59
C PRO Z 349 -87.63 11.55 -16.27
N TYR Z 350 -86.86 10.78 -15.50
CA TYR Z 350 -86.39 11.24 -14.20
C TYR Z 350 -85.14 12.10 -14.37
N HIS Z 351 -85.11 13.24 -13.69
CA HIS Z 351 -83.97 14.12 -13.70
C HIS Z 351 -83.58 14.49 -12.27
N PRO Z 352 -82.28 14.54 -11.96
CA PRO Z 352 -81.87 14.90 -10.61
C PRO Z 352 -82.10 16.38 -10.31
N LYS Z 353 -81.97 16.77 -9.06
CA LYS Z 353 -82.12 18.17 -8.68
C LYS Z 353 -81.05 19.01 -9.39
N GLN Z 354 -81.47 20.12 -9.99
CA GLN Z 354 -80.56 20.98 -10.72
C GLN Z 354 -79.62 21.67 -9.74
N LYS Z 355 -78.32 21.59 -10.01
CA LYS Z 355 -77.32 22.18 -9.15
C LYS Z 355 -76.97 23.59 -9.61
N ARG Z 356 -76.53 24.41 -8.64
CA ARG Z 356 -76.12 25.78 -8.95
C ARG Z 356 -74.92 25.78 -9.88
N PHE Z 357 -73.93 24.93 -9.59
CA PHE Z 357 -72.71 24.82 -10.40
C PHE Z 357 -72.49 23.36 -10.76
N PRO Z 358 -73.06 22.88 -11.86
CA PRO Z 358 -72.80 21.50 -12.29
C PRO Z 358 -71.33 21.32 -12.63
N HIS Z 359 -70.77 20.19 -12.20
CA HIS Z 359 -69.35 19.91 -12.38
C HIS Z 359 -69.18 18.87 -13.48
N ARG Z 360 -68.37 19.21 -14.49
CA ARG Z 360 -68.06 18.31 -15.60
C ARG Z 360 -69.32 17.86 -16.34
N GLN Z 361 -70.38 18.65 -16.28
CA GLN Z 361 -71.57 18.27 -17.00
C GLN Z 361 -71.57 18.89 -18.40
N PRO Z 362 -72.20 18.23 -19.37
CA PRO Z 362 -72.19 18.75 -20.75
C PRO Z 362 -72.92 20.09 -20.84
N LEU Z 363 -72.72 20.76 -21.98
CA LEU Z 363 -73.40 22.01 -22.23
C LEU Z 363 -74.91 21.82 -22.29
N ARG Z 364 -75.36 20.64 -22.70
CA ARG Z 364 -76.78 20.32 -22.78
C ARG Z 364 -77.42 20.08 -21.41
N TYR Z 365 -76.67 20.28 -20.32
CA TYR Z 365 -77.23 20.08 -19.00
C TYR Z 365 -78.37 21.06 -18.72
N LEU Z 366 -78.28 22.27 -19.24
CA LEU Z 366 -79.35 23.25 -19.08
C LEU Z 366 -80.59 22.92 -19.91
N ASP Z 367 -80.45 22.11 -20.95
CA ASP Z 367 -81.58 21.73 -21.77
C ASP Z 367 -82.46 20.68 -21.11
N ARG Z 368 -81.95 19.96 -20.12
CA ARG Z 368 -82.74 18.94 -19.45
C ARG Z 368 -83.80 19.54 -18.52
N TYR Z 369 -83.67 20.81 -18.16
CA TYR Z 369 -84.60 21.47 -17.26
C TYR Z 369 -85.28 22.67 -17.93
N ARG Z 370 -85.18 22.78 -19.25
CA ARG Z 370 -85.82 23.88 -19.96
C ARG Z 370 -87.33 23.66 -20.02
N ASP Z 371 -88.08 24.72 -19.71
CA ASP Z 371 -89.54 24.63 -19.76
C ASP Z 371 -90.03 24.42 -21.18
N SER Z 372 -89.54 25.23 -22.12
CA SER Z 372 -89.96 25.11 -23.51
C SER Z 372 -88.83 25.64 -24.39
N HIS Z 373 -88.85 25.20 -25.66
CA HIS Z 373 -87.83 25.61 -26.62
C HIS Z 373 -88.25 26.92 -27.31
N GLU Z 374 -88.46 27.94 -26.48
CA GLU Z 374 -88.85 29.26 -26.96
C GLU Z 374 -88.02 30.28 -26.19
N PRO Z 375 -87.31 31.18 -26.88
CA PRO Z 375 -86.53 32.21 -26.16
C PRO Z 375 -87.45 33.14 -25.40
N THR Z 376 -87.11 33.38 -24.14
CA THR Z 376 -87.92 34.20 -23.24
C THR Z 376 -87.14 35.45 -22.87
N TYR Z 377 -87.63 36.61 -23.28
CA TYR Z 377 -87.05 37.90 -22.93
C TYR Z 377 -87.86 38.49 -21.78
N GLY Z 378 -87.24 38.58 -20.62
CA GLY Z 378 -87.93 39.03 -19.42
C GLY Z 378 -88.44 40.46 -19.49
N ILE Z 379 -87.50 41.41 -19.59
CA ILE Z 379 -87.85 42.83 -19.63
C ILE Z 379 -87.56 43.46 -20.98
N TYR Z 380 -86.81 42.79 -21.85
CA TYR Z 380 -86.47 43.35 -23.16
C TYR Z 380 -87.55 43.02 -24.18
N SER AA 30 -40.04 67.45 118.04
CA SER AA 30 -41.20 67.74 117.21
C SER AA 30 -41.60 66.53 116.37
N GLN AA 31 -42.90 66.32 116.21
CA GLN AA 31 -43.43 65.21 115.43
C GLN AA 31 -43.37 65.58 113.96
N LEU AA 32 -42.22 65.35 113.33
CA LEU AA 32 -42.02 65.68 111.93
C LEU AA 32 -41.41 64.49 111.21
N SER AA 33 -42.05 64.08 110.12
CA SER AA 33 -41.50 63.03 109.29
C SER AA 33 -40.25 63.54 108.56
N PRO AA 34 -39.30 62.66 108.25
CA PRO AA 34 -38.13 63.09 107.47
C PRO AA 34 -38.51 63.67 106.11
N THR AA 35 -39.51 63.10 105.44
CA THR AA 35 -39.96 63.67 104.18
C THR AA 35 -40.59 65.05 104.40
N GLU AA 36 -41.28 65.25 105.51
CA GLU AA 36 -41.82 66.57 105.83
C GLU AA 36 -40.70 67.57 106.07
N LEU AA 37 -39.63 67.14 106.75
CA LEU AA 37 -38.49 68.01 106.96
C LEU AA 37 -37.83 68.39 105.64
N ILE AA 38 -37.68 67.41 104.74
CA ILE AA 38 -37.11 67.67 103.42
C ILE AA 38 -37.99 68.65 102.66
N GLU AA 39 -39.31 68.46 102.72
CA GLU AA 39 -40.24 69.35 102.03
C GLU AA 39 -40.15 70.77 102.57
N MET AA 40 -40.10 70.92 103.90
CA MET AA 40 -40.00 72.25 104.49
C MET AA 40 -38.70 72.92 104.10
N GLN AA 41 -37.59 72.18 104.12
CA GLN AA 41 -36.31 72.76 103.74
C GLN AA 41 -36.33 73.22 102.29
N ASN AA 42 -36.84 72.37 101.39
CA ASN AA 42 -36.90 72.77 99.98
C ASN AA 42 -37.83 73.96 99.77
N ASP AA 43 -38.97 73.98 100.45
CA ASP AA 43 -39.90 75.10 100.29
C ASP AA 43 -39.29 76.41 100.76
N LEU AA 44 -38.63 76.40 101.91
CA LEU AA 44 -38.05 77.64 102.42
C LEU AA 44 -36.84 78.07 101.58
N PHE AA 45 -36.07 77.10 101.07
CA PHE AA 45 -34.99 77.43 100.15
C PHE AA 45 -35.54 78.06 98.87
N ASN AA 46 -36.65 77.51 98.36
CA ASN AA 46 -37.28 78.08 97.16
C ASN AA 46 -37.79 79.48 97.43
N LYS AA 47 -38.36 79.72 98.62
CA LYS AA 47 -38.82 81.07 98.96
C LYS AA 47 -37.66 82.04 99.03
N GLU AA 48 -36.54 81.62 99.63
CA GLU AA 48 -35.36 82.49 99.67
C GLU AA 48 -34.84 82.78 98.27
N LYS AA 49 -34.82 81.77 97.40
CA LYS AA 49 -34.39 81.98 96.03
C LYS AA 49 -35.32 82.94 95.30
N ASN AA 50 -36.64 82.79 95.49
CA ASN AA 50 -37.58 83.71 94.87
C ASN AA 50 -37.36 85.13 95.36
N ARG AA 51 -37.07 85.29 96.65
CA ARG AA 51 -36.75 86.62 97.16
C ARG AA 51 -35.49 87.18 96.49
N GLN AA 52 -34.47 86.32 96.30
CA GLN AA 52 -33.24 86.79 95.68
C GLN AA 52 -33.47 87.25 94.24
N LEU AA 53 -34.22 86.48 93.45
CA LEU AA 53 -34.54 86.93 92.09
C LEU AA 53 -35.49 88.12 92.07
N SER AA 54 -36.40 88.25 93.03
CA SER AA 54 -37.27 89.42 93.07
C SER AA 54 -36.52 90.66 93.53
N LEU AA 55 -35.37 90.50 94.18
CA LEU AA 55 -34.56 91.64 94.57
C LEU AA 55 -34.14 92.46 93.35
N THR AA 56 -33.85 91.80 92.23
CA THR AA 56 -33.56 92.52 90.99
C THR AA 56 -34.81 92.58 90.13
N PRO AA 57 -35.36 93.77 89.87
CA PRO AA 57 -36.59 93.86 89.08
C PRO AA 57 -36.35 93.79 87.57
N ARG AA 58 -35.23 94.34 87.12
CA ARG AA 58 -34.92 94.45 85.70
C ARG AA 58 -33.71 93.56 85.36
N THR AA 59 -33.46 93.43 84.07
CA THR AA 59 -32.36 92.64 83.54
C THR AA 59 -31.26 93.60 83.09
N GLU AA 60 -30.22 93.74 83.91
CA GLU AA 60 -29.11 94.61 83.61
C GLU AA 60 -28.05 93.86 82.79
N LYS AA 61 -27.32 94.60 81.97
CA LYS AA 61 -26.28 94.04 81.12
C LYS AA 61 -24.93 94.26 81.78
N ILE AA 62 -24.18 93.17 81.97
CA ILE AA 62 -22.84 93.20 82.53
C ILE AA 62 -21.85 92.78 81.46
N GLU AA 63 -20.76 93.51 81.35
CA GLU AA 63 -19.68 93.23 80.40
C GLU AA 63 -18.61 92.44 81.12
N VAL AA 64 -18.47 91.17 80.78
CA VAL AA 64 -17.53 90.26 81.42
C VAL AA 64 -16.39 89.97 80.45
N LYS AA 65 -15.17 90.23 80.87
CA LYS AA 65 -14.00 89.92 80.07
C LYS AA 65 -13.57 88.48 80.34
N HIS AA 66 -12.91 87.87 79.36
CA HIS AA 66 -12.33 86.54 79.50
C HIS AA 66 -10.83 86.69 79.61
N VAL AA 67 -10.28 86.40 80.79
CA VAL AA 67 -8.86 86.60 81.04
C VAL AA 67 -8.09 85.28 80.90
N GLY AA 68 -8.70 84.27 80.30
CA GLY AA 68 -8.07 82.98 80.16
C GLY AA 68 -6.88 83.00 79.21
N LYS AA 69 -6.08 81.95 79.30
CA LYS AA 69 -4.87 81.84 78.47
C LYS AA 69 -5.20 81.56 77.02
N THR AA 70 -6.35 80.93 76.76
CA THR AA 70 -6.67 80.49 75.41
C THR AA 70 -7.19 81.63 74.54
N ASP AA 71 -8.28 82.27 74.97
CA ASP AA 71 -8.95 83.31 74.20
C ASP AA 71 -8.95 84.62 74.99
N PRO AA 72 -7.94 85.46 74.81
CA PRO AA 72 -7.93 86.76 75.48
C PRO AA 72 -8.75 87.79 74.71
N GLY AA 73 -9.26 88.75 75.47
CA GLY AA 73 -10.04 89.84 74.89
C GLY AA 73 -11.48 89.49 74.57
N THR AA 74 -11.94 88.29 74.90
CA THR AA 74 -13.32 87.92 74.63
C THR AA 74 -14.25 88.65 75.60
N VAL AA 75 -15.34 89.18 75.07
CA VAL AA 75 -16.29 89.98 75.83
C VAL AA 75 -17.65 89.29 75.81
N PHE AA 76 -18.28 89.20 76.98
CA PHE AA 76 -19.60 88.61 77.13
C PHE AA 76 -20.55 89.66 77.68
N VAL AA 77 -21.63 89.93 76.95
CA VAL AA 77 -22.68 90.84 77.39
C VAL AA 77 -23.77 89.96 77.99
N MET AA 78 -23.81 89.87 79.32
CA MET AA 78 -24.60 88.84 79.97
C MET AA 78 -25.58 89.51 80.94
N ASN AA 79 -26.56 88.73 81.41
CA ASN AA 79 -27.60 89.26 82.27
C ASN AA 79 -27.16 89.24 83.73
N LYS AA 80 -27.51 90.30 84.46
CA LYS AA 80 -27.12 90.45 85.86
C LYS AA 80 -27.96 89.54 86.74
N ASN AA 81 -27.29 88.82 87.65
CA ASN AA 81 -27.91 87.94 88.65
C ASN AA 81 -28.71 86.80 88.03
N ILE AA 82 -28.63 86.62 86.71
CA ILE AA 82 -29.27 85.49 86.02
C ILE AA 82 -28.24 84.65 85.28
N SER AA 83 -27.29 85.30 84.61
CA SER AA 83 -26.25 84.59 83.87
C SER AA 83 -25.28 83.91 84.81
N THR AA 84 -24.67 82.84 84.32
CA THR AA 84 -23.73 82.02 85.07
C THR AA 84 -22.47 81.77 84.27
N PRO AA 85 -21.34 81.49 84.95
CA PRO AA 85 -20.13 81.11 84.21
C PRO AA 85 -20.29 79.83 83.39
N TYR AA 86 -21.21 78.94 83.79
CA TYR AA 86 -21.53 77.82 82.91
C TYR AA 86 -22.13 78.30 81.60
N SER AA 87 -23.00 79.30 81.66
CA SER AA 87 -23.53 79.90 80.44
C SER AA 87 -22.44 80.63 79.65
N CYS AA 88 -21.46 81.21 80.35
CA CYS AA 88 -20.31 81.80 79.66
C CYS AA 88 -19.54 80.72 78.89
N ALA AA 89 -19.30 79.58 79.54
CA ALA AA 89 -18.63 78.47 78.86
C ALA AA 89 -19.46 77.95 77.69
N MET AA 90 -20.78 77.92 77.84
CA MET AA 90 -21.64 77.51 76.72
C MET AA 90 -21.56 78.52 75.57
N HIS AA 91 -21.41 79.80 75.88
CA HIS AA 91 -21.12 80.78 74.84
C HIS AA 91 -19.79 80.48 74.15
N LEU AA 92 -18.78 80.09 74.92
CA LEU AA 92 -17.47 79.84 74.31
C LEU AA 92 -17.48 78.59 73.44
N SER AA 93 -17.68 77.42 74.05
CA SER AA 93 -17.72 76.13 73.36
C SER AA 93 -18.04 75.05 74.39
N GLU AA 94 -18.52 73.91 73.88
CA GLU AA 94 -18.85 72.79 74.76
C GLU AA 94 -17.61 72.17 75.40
N TRP AA 95 -16.44 72.33 74.80
CA TRP AA 95 -15.21 71.83 75.42
C TRP AA 95 -14.97 72.51 76.77
N TYR AA 96 -15.25 73.82 76.85
CA TYR AA 96 -15.12 74.52 78.13
C TYR AA 96 -16.10 73.96 79.15
N CYS AA 97 -17.33 73.67 78.74
CA CYS AA 97 -18.30 73.10 79.66
C CYS AA 97 -17.87 71.72 80.15
N ARG AA 98 -17.33 70.90 79.25
CA ARG AA 98 -16.91 69.55 79.64
C ARG AA 98 -15.68 69.57 80.54
N LYS AA 99 -14.73 70.46 80.27
CA LYS AA 99 -13.47 70.44 81.02
C LYS AA 99 -13.54 71.31 82.26
N SER AA 100 -13.81 72.60 82.11
CA SER AA 100 -13.69 73.55 83.20
C SER AA 100 -14.65 73.22 84.33
N ILE AA 101 -14.12 73.14 85.55
CA ILE AA 101 -14.91 72.92 86.75
C ILE AA 101 -15.20 74.25 87.45
N LEU AA 102 -14.17 75.06 87.65
CA LEU AA 102 -14.27 76.22 88.51
C LEU AA 102 -14.08 77.50 87.71
N ALA AA 103 -14.62 78.59 88.24
CA ALA AA 103 -14.46 79.91 87.64
C ALA AA 103 -13.78 80.83 88.64
N LEU AA 104 -12.83 81.62 88.15
CA LEU AA 104 -12.15 82.65 88.93
C LEU AA 104 -12.72 83.97 88.46
N VAL AA 105 -13.59 84.57 89.29
CA VAL AA 105 -14.21 85.85 88.97
C VAL AA 105 -13.32 86.93 89.56
N ASP AA 106 -12.23 87.21 88.86
CA ASP AA 106 -11.41 88.40 88.99
C ASP AA 106 -10.62 88.48 90.30
N GLY AA 107 -11.03 87.73 91.33
CA GLY AA 107 -10.14 87.53 92.46
C GLY AA 107 -10.33 86.27 93.28
N GLN AA 108 -11.37 85.49 93.00
CA GLN AA 108 -11.80 84.44 93.90
C GLN AA 108 -12.32 83.27 93.08
N PRO AA 109 -12.31 82.06 93.65
CA PRO AA 109 -13.01 80.94 93.01
C PRO AA 109 -14.51 81.17 93.01
N TRP AA 110 -15.17 80.57 92.01
CA TRP AA 110 -16.59 80.77 91.81
C TRP AA 110 -17.15 79.56 91.09
N ASP AA 111 -18.21 78.96 91.65
CA ASP AA 111 -18.79 77.78 91.04
C ASP AA 111 -19.52 78.16 89.75
N MET AA 112 -19.79 77.13 88.94
CA MET AA 112 -20.37 77.35 87.62
C MET AA 112 -21.83 77.80 87.69
N TYR AA 113 -22.59 77.30 88.67
CA TYR AA 113 -24.02 77.55 88.74
C TYR AA 113 -24.37 78.65 89.74
N LYS AA 114 -23.43 79.56 90.02
CA LYS AA 114 -23.71 80.72 90.86
C LYS AA 114 -23.78 81.95 89.98
N PRO AA 115 -24.91 82.67 89.96
CA PRO AA 115 -25.05 83.80 89.04
C PRO AA 115 -24.05 84.91 89.32
N LEU AA 116 -23.61 85.55 88.24
CA LEU AA 116 -22.70 86.68 88.34
C LEU AA 116 -23.46 87.93 88.80
N THR AA 117 -22.74 88.84 89.45
CA THR AA 117 -23.33 90.04 90.03
C THR AA 117 -22.93 91.31 89.29
N LYS AA 118 -21.65 91.54 89.07
CA LYS AA 118 -21.15 92.77 88.47
C LYS AA 118 -20.21 92.46 87.31
N SER AA 119 -19.87 93.50 86.57
CA SER AA 119 -18.88 93.37 85.50
C SER AA 119 -17.54 92.97 86.10
N CYS AA 120 -16.85 92.05 85.43
CA CYS AA 120 -15.66 91.41 85.99
C CYS AA 120 -14.88 90.74 84.87
N GLU AA 121 -13.89 89.95 85.24
CA GLU AA 121 -13.17 89.10 84.32
C GLU AA 121 -13.17 87.67 84.87
N ILE AA 122 -13.27 86.71 83.97
CA ILE AA 122 -13.45 85.31 84.31
C ILE AA 122 -12.28 84.51 83.76
N LYS AA 123 -11.75 83.60 84.58
CA LYS AA 123 -10.75 82.63 84.15
C LYS AA 123 -11.23 81.23 84.52
N PHE AA 124 -11.26 80.33 83.54
CA PHE AA 124 -11.75 78.99 83.79
C PHE AA 124 -10.63 78.10 84.34
N LEU AA 125 -11.02 77.17 85.21
CA LEU AA 125 -10.07 76.28 85.89
C LEU AA 125 -10.55 74.85 85.77
N THR AA 126 -9.64 73.97 85.34
CA THR AA 126 -9.90 72.56 85.12
C THR AA 126 -9.15 71.73 86.17
N PHE AA 127 -9.25 70.41 86.04
CA PHE AA 127 -8.53 69.52 86.95
C PHE AA 127 -7.04 69.49 86.63
N LYS AA 128 -6.67 69.55 85.36
CA LYS AA 128 -5.30 69.37 84.92
C LYS AA 128 -4.58 70.69 84.69
N ASP AA 129 -4.90 71.72 85.47
CA ASP AA 129 -4.22 73.00 85.37
C ASP AA 129 -2.89 72.94 86.11
N ASP AA 130 -2.08 74.01 85.97
CA ASP AA 130 -0.79 74.05 86.63
C ASP AA 130 -0.94 74.15 88.14
N ASP AA 131 -1.94 74.91 88.61
CA ASP AA 131 -2.22 75.10 90.03
C ASP AA 131 -3.69 74.75 90.27
N PRO AA 132 -4.02 73.46 90.30
CA PRO AA 132 -5.43 73.05 90.40
C PRO AA 132 -5.92 72.95 91.84
N GLY AA 133 -5.20 73.56 92.78
CA GLY AA 133 -5.54 73.39 94.19
C GLY AA 133 -6.96 73.81 94.54
N GLU AA 134 -7.42 74.93 93.96
CA GLU AA 134 -8.78 75.38 94.23
C GLU AA 134 -9.81 74.40 93.71
N VAL AA 135 -9.59 73.86 92.50
CA VAL AA 135 -10.52 72.87 91.95
C VAL AA 135 -10.49 71.60 92.78
N ASN AA 136 -9.31 71.22 93.27
CA ASN AA 136 -9.20 70.05 94.15
C ASN AA 136 -10.00 70.25 95.42
N LYS AA 137 -9.91 71.44 96.03
CA LYS AA 137 -10.68 71.72 97.22
C LYS AA 137 -12.18 71.70 96.93
N ALA AA 138 -12.59 72.26 95.79
CA ALA AA 138 -14.00 72.28 95.42
C ALA AA 138 -14.54 70.86 95.26
N TYR AA 139 -13.82 70.03 94.51
CA TYR AA 139 -14.22 68.63 94.34
C TYR AA 139 -14.21 67.89 95.67
N TRP AA 140 -13.27 68.24 96.55
CA TRP AA 140 -13.15 67.61 97.85
C TRP AA 140 -14.40 67.86 98.69
N ARG AA 141 -14.79 69.13 98.80
CA ARG AA 141 -15.99 69.49 99.55
C ARG AA 141 -17.25 68.94 98.89
N SER AA 142 -17.27 68.88 97.55
CA SER AA 142 -18.40 68.30 96.85
C SER AA 142 -18.56 66.82 97.21
N CYS AA 143 -17.45 66.07 97.22
CA CYS AA 143 -17.53 64.66 97.59
C CYS AA 143 -17.94 64.50 99.04
N ALA AA 144 -17.44 65.36 99.92
CA ALA AA 144 -17.86 65.28 101.32
C ALA AA 144 -19.35 65.52 101.48
N MET AA 145 -19.88 66.52 100.77
CA MET AA 145 -21.31 66.80 100.82
C MET AA 145 -22.12 65.65 100.25
N MET AA 146 -21.65 65.04 99.17
CA MET AA 146 -22.33 63.87 98.61
C MET AA 146 -22.37 62.73 99.61
N MET AA 147 -21.25 62.45 100.26
CA MET AA 147 -21.22 61.37 101.24
C MET AA 147 -22.17 61.67 102.41
N GLY AA 148 -22.20 62.92 102.87
CA GLY AA 148 -23.12 63.30 103.92
C GLY AA 148 -24.57 63.13 103.51
N CYS AA 149 -24.90 63.48 102.26
CA CYS AA 149 -26.23 63.24 101.74
C CYS AA 149 -26.58 61.77 101.76
N VAL AA 150 -25.63 60.92 101.37
CA VAL AA 150 -25.87 59.48 101.40
C VAL AA 150 -26.12 59.01 102.84
N ILE AA 151 -25.30 59.49 103.78
CA ILE AA 151 -25.40 59.02 105.16
C ILE AA 151 -26.73 59.43 105.77
N GLU AA 152 -27.12 60.69 105.59
CA GLU AA 152 -28.29 61.22 106.29
C GLU AA 152 -29.56 60.46 105.92
N ARG AA 153 -29.61 59.87 104.73
CA ARG AA 153 -30.80 59.17 104.27
C ARG AA 153 -30.60 57.67 104.11
N ALA AA 154 -29.42 57.15 104.41
CA ALA AA 154 -29.23 55.71 104.41
C ALA AA 154 -29.52 55.06 105.76
N PHE AA 155 -29.95 55.83 106.74
CA PHE AA 155 -30.23 55.32 108.08
C PHE AA 155 -31.73 55.25 108.34
N LYS AA 156 -32.11 54.37 109.25
CA LYS AA 156 -33.52 54.14 109.57
C LYS AA 156 -34.15 55.39 110.18
N ASP AA 157 -35.46 55.51 109.98
CA ASP AA 157 -36.18 56.69 110.46
C ASP AA 157 -36.27 56.72 111.98
N GLU AA 158 -36.43 55.56 112.61
CA GLU AA 158 -36.58 55.51 114.07
C GLU AA 158 -35.31 55.94 114.80
N TYR AA 159 -34.16 55.90 114.15
CA TYR AA 159 -32.91 56.42 114.68
C TYR AA 159 -32.68 57.85 114.20
N VAL AA 160 -31.87 58.59 114.97
CA VAL AA 160 -31.57 59.98 114.68
C VAL AA 160 -30.15 60.10 114.18
N VAL AA 161 -29.96 60.92 113.14
CA VAL AA 161 -28.66 61.17 112.54
C VAL AA 161 -28.51 62.68 112.37
N SER AA 162 -27.41 63.23 112.86
CA SER AA 162 -27.16 64.67 112.77
C SER AA 162 -25.78 64.90 112.17
N LEU AA 163 -25.74 65.58 111.02
CA LEU AA 163 -24.47 65.91 110.39
C LEU AA 163 -23.86 67.13 111.07
N VAL AA 164 -22.59 67.04 111.46
CA VAL AA 164 -21.94 68.13 112.18
C VAL AA 164 -21.36 69.12 111.19
N ARG AA 165 -20.39 68.67 110.39
CA ARG AA 165 -19.72 69.53 109.43
C ARG AA 165 -18.87 68.64 108.52
N ALA AA 166 -18.14 69.28 107.62
CA ALA AA 166 -17.18 68.60 106.74
C ALA AA 166 -15.78 69.13 107.04
N PRO AA 167 -14.97 68.40 107.80
CA PRO AA 167 -13.63 68.89 108.15
C PRO AA 167 -12.77 69.01 106.91
N GLU AA 168 -12.27 70.22 106.65
CA GLU AA 168 -11.45 70.48 105.48
C GLU AA 168 -10.03 70.03 105.74
N VAL AA 169 -9.68 68.82 105.31
CA VAL AA 169 -8.31 68.33 105.40
C VAL AA 169 -7.68 68.44 104.02
N PRO AA 170 -6.37 68.66 103.91
CA PRO AA 170 -5.76 68.89 102.60
C PRO AA 170 -5.86 67.69 101.67
N VAL AA 171 -5.51 67.93 100.40
CA VAL AA 171 -5.51 66.86 99.41
C VAL AA 171 -4.44 65.82 99.72
N ILE AA 172 -3.46 66.15 100.56
CA ILE AA 172 -2.47 65.16 100.98
C ILE AA 172 -3.15 63.94 101.60
N ALA AA 173 -4.13 64.18 102.47
CA ALA AA 173 -4.89 63.10 103.06
C ALA AA 173 -5.65 62.33 101.99
N GLY AA 174 -5.65 61.01 102.13
CA GLY AA 174 -6.21 60.14 101.13
C GLY AA 174 -7.70 59.91 101.20
N ALA AA 175 -8.40 60.54 102.13
CA ALA AA 175 -9.83 60.34 102.26
C ALA AA 175 -10.49 61.61 102.78
N PHE AA 176 -11.63 61.95 102.19
CA PHE AA 176 -12.45 63.05 102.68
C PHE AA 176 -13.36 62.57 103.79
N CYS AA 177 -13.49 63.40 104.83
CA CYS AA 177 -14.14 63.01 106.07
C CYS AA 177 -15.42 63.79 106.27
N TYR AA 178 -16.41 63.12 106.86
CA TYR AA 178 -17.65 63.76 107.25
C TYR AA 178 -17.99 63.34 108.68
N ASP AA 179 -18.39 64.31 109.49
CA ASP AA 179 -18.67 64.08 110.91
C ASP AA 179 -20.17 63.87 111.10
N VAL AA 180 -20.53 62.72 111.68
CA VAL AA 180 -21.93 62.37 111.89
C VAL AA 180 -22.12 61.93 113.34
N VAL AA 181 -23.18 62.42 113.97
CA VAL AA 181 -23.56 61.97 115.30
C VAL AA 181 -24.80 61.09 115.15
N LEU AA 182 -24.69 59.85 115.60
CA LEU AA 182 -25.77 58.88 115.51
C LEU AA 182 -26.54 58.83 116.82
N ASP AA 183 -27.68 58.13 116.79
CA ASP AA 183 -28.45 57.90 117.99
C ASP AA 183 -27.61 57.23 119.07
N LYS AA 184 -28.06 57.36 120.32
CA LYS AA 184 -27.28 56.88 121.45
C LYS AA 184 -27.12 55.37 121.45
N ARG AA 185 -28.04 54.64 120.84
CA ARG AA 185 -27.97 53.18 120.79
C ARG AA 185 -27.19 52.67 119.58
N LEU AA 186 -26.60 53.55 118.78
CA LEU AA 186 -25.72 53.16 117.68
C LEU AA 186 -24.25 53.27 118.06
N ASP AA 187 -23.95 53.59 119.32
CA ASP AA 187 -22.57 53.74 119.77
C ASP AA 187 -21.87 52.41 120.00
N GLU AA 188 -22.59 51.29 119.90
CA GLU AA 188 -22.00 49.98 120.12
C GLU AA 188 -21.48 49.35 118.83
N TRP AA 189 -22.31 49.32 117.80
CA TRP AA 189 -21.95 48.65 116.55
C TRP AA 189 -21.21 49.59 115.61
N MET AA 190 -20.40 49.00 114.75
CA MET AA 190 -19.63 49.69 113.73
C MET AA 190 -19.97 49.12 112.36
N PRO AA 191 -20.19 49.96 111.35
CA PRO AA 191 -20.56 49.44 110.03
C PRO AA 191 -19.49 48.52 109.47
N THR AA 192 -19.93 47.43 108.87
CA THR AA 192 -19.04 46.39 108.37
C THR AA 192 -18.79 46.59 106.87
N LYS AA 193 -18.14 45.59 106.26
CA LYS AA 193 -17.88 45.65 104.83
C LYS AA 193 -19.18 45.71 104.02
N GLU AA 194 -20.19 44.96 104.46
CA GLU AA 194 -21.48 44.99 103.76
C GLU AA 194 -22.14 46.36 103.85
N ASN AA 195 -22.05 47.01 105.01
CA ASN AA 195 -22.65 48.33 105.16
C ASN AA 195 -21.88 49.38 104.35
N LEU AA 196 -20.55 49.29 104.33
CA LEU AA 196 -19.78 50.19 103.47
C LEU AA 196 -20.09 49.94 102.00
N HIS AA 197 -20.31 48.67 101.63
CA HIS AA 197 -20.73 48.30 100.28
C HIS AA 197 -22.06 48.96 99.93
N SER AA 198 -23.03 48.91 100.83
CA SER AA 198 -24.32 49.53 100.59
C SER AA 198 -24.20 51.05 100.49
N PHE AA 199 -23.36 51.65 101.34
CA PHE AA 199 -23.12 53.09 101.24
C PHE AA 199 -22.52 53.46 99.89
N THR AA 200 -21.57 52.66 99.41
CA THR AA 200 -20.99 52.89 98.09
C THR AA 200 -22.05 52.76 97.00
N LYS AA 201 -22.94 51.76 97.13
CA LYS AA 201 -24.01 51.62 96.14
C LYS AA 201 -24.94 52.82 96.13
N ASP AA 202 -25.29 53.34 97.31
CA ASP AA 202 -26.13 54.54 97.34
C ASP AA 202 -25.40 55.74 96.74
N ALA AA 203 -24.10 55.87 97.00
CA ALA AA 203 -23.34 56.97 96.42
C ALA AA 203 -23.30 56.86 94.90
N ARG AA 204 -23.07 55.66 94.36
CA ARG AA 204 -23.05 55.49 92.92
C ARG AA 204 -24.44 55.69 92.30
N ALA AA 205 -25.49 55.30 93.01
CA ALA AA 205 -26.84 55.58 92.53
C ALA AA 205 -27.11 57.08 92.47
N LEU AA 206 -26.64 57.82 93.47
CA LEU AA 206 -26.76 59.28 93.44
C LEU AA 206 -25.94 59.87 92.30
N ILE AA 207 -24.76 59.31 92.03
CA ILE AA 207 -23.95 59.76 90.90
C ILE AA 207 -24.68 59.52 89.59
N TYR AA 208 -25.34 58.37 89.46
CA TYR AA 208 -25.95 57.98 88.19
C TYR AA 208 -26.94 59.02 87.69
N LYS AA 209 -27.77 59.56 88.58
CA LYS AA 209 -28.65 60.66 88.24
C LYS AA 209 -27.87 61.97 88.34
N ASP AA 210 -28.05 62.84 87.36
CA ASP AA 210 -27.30 64.09 87.32
C ASP AA 210 -28.01 65.14 88.16
N LEU AA 211 -27.33 65.63 89.19
CA LEU AA 211 -27.89 66.64 90.10
C LEU AA 211 -26.95 67.84 90.14
N PRO AA 212 -27.35 69.00 89.62
CA PRO AA 212 -26.47 70.17 89.67
C PRO AA 212 -26.31 70.69 91.09
N PHE AA 213 -25.15 71.31 91.34
CA PHE AA 213 -24.87 71.96 92.61
C PHE AA 213 -25.20 73.44 92.49
N GLU AA 214 -26.00 73.94 93.44
CA GLU AA 214 -26.50 75.30 93.39
C GLU AA 214 -26.10 76.03 94.66
N THR AA 215 -25.54 77.23 94.51
CA THR AA 215 -25.00 78.00 95.62
C THR AA 215 -25.84 79.24 95.85
N LEU AA 216 -26.31 79.41 97.08
CA LEU AA 216 -27.16 80.54 97.44
C LEU AA 216 -26.56 81.26 98.64
N GLU AA 217 -26.49 82.59 98.56
CA GLU AA 217 -25.96 83.41 99.64
C GLU AA 217 -27.13 83.88 100.50
N VAL AA 218 -27.19 83.38 101.74
CA VAL AA 218 -28.29 83.70 102.64
C VAL AA 218 -27.71 84.29 103.93
N GLU AA 219 -28.58 84.70 104.85
CA GLU AA 219 -28.17 85.22 106.13
C GLU AA 219 -28.36 84.18 107.24
N ALA AA 220 -27.78 84.46 108.39
CA ALA AA 220 -27.91 83.55 109.52
C ALA AA 220 -29.35 83.45 110.00
N LYS AA 221 -30.10 84.56 109.95
CA LYS AA 221 -31.48 84.55 110.43
C LYS AA 221 -32.33 83.58 109.65
N VAL AA 222 -32.06 83.39 108.36
CA VAL AA 222 -32.82 82.44 107.57
C VAL AA 222 -32.17 81.05 107.58
N ALA AA 223 -30.84 80.97 107.73
CA ALA AA 223 -30.20 79.66 107.82
C ALA AA 223 -30.63 78.91 109.08
N LEU AA 224 -30.79 79.64 110.19
CA LEU AA 224 -31.24 79.02 111.43
C LEU AA 224 -32.62 78.40 111.26
N GLU AA 225 -33.54 79.12 110.61
CA GLU AA 225 -34.87 78.55 110.40
C GLU AA 225 -34.88 77.49 109.29
N ILE AA 226 -33.90 77.51 108.39
CA ILE AA 226 -33.78 76.45 107.41
C ILE AA 226 -33.42 75.13 108.10
N PHE AA 227 -32.41 75.15 108.95
CA PHE AA 227 -31.99 73.90 109.59
C PHE AA 227 -32.85 73.59 110.82
N GLN AA 228 -32.75 74.43 111.86
CA GLN AA 228 -33.70 74.49 112.95
C GLN AA 228 -33.72 73.24 113.82
N HIS AA 229 -33.00 72.18 113.42
CA HIS AA 229 -33.12 70.91 114.13
C HIS AA 229 -31.77 70.38 114.60
N ASN AA 230 -30.72 70.57 113.82
CA ASN AA 230 -29.41 70.02 114.13
C ASN AA 230 -28.63 71.04 114.95
N LYS AA 231 -28.37 70.69 116.22
CA LYS AA 231 -27.63 71.61 117.10
C LYS AA 231 -26.22 71.85 116.60
N TYR AA 232 -25.55 70.79 116.13
CA TYR AA 232 -24.20 70.95 115.58
C TYR AA 232 -24.21 71.84 114.34
N LYS AA 233 -25.22 71.68 113.48
CA LYS AA 233 -25.31 72.53 112.30
C LYS AA 233 -25.59 73.98 112.68
N LEU AA 234 -26.43 74.20 113.70
CA LEU AA 234 -26.67 75.56 114.16
C LEU AA 234 -25.39 76.18 114.71
N ASP AA 235 -24.61 75.41 115.47
CA ASP AA 235 -23.34 75.92 115.98
C ASP AA 235 -22.38 76.24 114.84
N PHE AA 236 -22.34 75.39 113.81
CA PHE AA 236 -21.49 75.66 112.66
C PHE AA 236 -21.92 76.93 111.94
N ILE AA 237 -23.24 77.12 111.77
CA ILE AA 237 -23.75 78.32 111.12
C ILE AA 237 -23.36 79.56 111.94
N GLU AA 238 -23.52 79.49 113.26
CA GLU AA 238 -23.16 80.63 114.10
C GLU AA 238 -21.67 80.95 114.01
N GLU AA 239 -20.81 79.93 114.04
CA GLU AA 239 -19.38 80.21 114.00
C GLU AA 239 -18.93 80.65 112.62
N LYS AA 240 -19.64 80.24 111.56
CA LYS AA 240 -19.32 80.73 110.23
C LYS AA 240 -19.79 82.16 110.01
N ALA AA 241 -20.93 82.53 110.60
CA ALA AA 241 -21.42 83.89 110.50
C ALA AA 241 -20.70 84.86 111.43
N SER AA 242 -20.07 84.35 112.50
CA SER AA 242 -19.37 85.23 113.42
C SER AA 242 -18.21 85.94 112.73
N GLN AA 243 -17.47 85.23 111.88
CA GLN AA 243 -16.34 85.81 111.17
C GLN AA 243 -16.78 86.79 110.08
N ASN AA 244 -18.03 86.70 109.62
CA ASN AA 244 -18.53 87.53 108.55
C ASN AA 244 -19.23 88.73 109.14
N PRO AA 245 -18.75 89.96 108.90
CA PRO AA 245 -19.43 91.14 109.44
C PRO AA 245 -20.86 91.31 108.94
N GLU AA 246 -21.17 90.87 107.73
CA GLU AA 246 -22.49 91.03 107.15
C GLU AA 246 -23.42 89.86 107.46
N ARG AA 247 -22.94 88.84 108.16
CA ARG AA 247 -23.74 87.67 108.53
C ARG AA 247 -24.34 86.99 107.30
N ILE AA 248 -23.43 86.55 106.41
CA ILE AA 248 -23.81 85.86 105.18
C ILE AA 248 -23.36 84.42 105.29
N VAL AA 249 -24.27 83.48 105.02
CA VAL AA 249 -24.01 82.05 105.10
C VAL AA 249 -24.11 81.47 103.70
N LYS AA 250 -23.08 80.73 103.29
CA LYS AA 250 -23.05 80.11 101.96
C LYS AA 250 -23.71 78.74 102.05
N LEU AA 251 -24.83 78.58 101.35
CA LEU AA 251 -25.57 77.33 101.33
C LEU AA 251 -25.47 76.67 99.97
N HIS AA 252 -25.46 75.35 99.97
CA HIS AA 252 -25.41 74.56 98.75
C HIS AA 252 -26.57 73.56 98.75
N ARG AA 253 -27.15 73.35 97.57
CA ARG AA 253 -28.29 72.45 97.45
C ARG AA 253 -28.21 71.70 96.13
N PHE AA 254 -28.35 70.38 96.20
CA PHE AA 254 -28.47 69.55 95.00
C PHE AA 254 -29.57 68.53 95.26
N GLY AA 255 -30.48 68.38 94.30
CA GLY AA 255 -31.60 67.47 94.47
C GLY AA 255 -32.51 67.87 95.62
N ASP AA 256 -32.49 67.08 96.69
CA ASP AA 256 -33.28 67.36 97.88
C ASP AA 256 -32.43 67.56 99.12
N PHE AA 257 -31.13 67.74 98.97
CA PHE AA 257 -30.21 67.83 100.10
C PHE AA 257 -29.70 69.27 100.22
N ILE AA 258 -29.80 69.83 101.42
CA ILE AA 258 -29.33 71.18 101.71
C ILE AA 258 -28.29 71.09 102.83
N ASP AA 259 -27.13 71.69 102.61
CA ASP AA 259 -26.07 71.71 103.59
C ASP AA 259 -25.23 72.96 103.41
N VAL AA 260 -24.55 73.37 104.48
CA VAL AA 260 -23.70 74.55 104.47
C VAL AA 260 -22.25 74.10 104.37
N SER AA 261 -21.50 74.74 103.48
CA SER AA 261 -20.09 74.43 103.31
C SER AA 261 -19.36 75.67 102.82
N GLU AA 262 -18.06 75.70 103.07
CA GLU AA 262 -17.22 76.82 102.68
C GLU AA 262 -16.88 76.73 101.20
N GLY AA 263 -16.79 77.89 100.55
CA GLY AA 263 -16.33 77.96 99.18
C GLY AA 263 -17.31 77.37 98.18
N PRO AA 264 -16.93 77.35 96.91
CA PRO AA 264 -17.79 76.81 95.86
C PRO AA 264 -17.67 75.29 95.78
N LEU AA 265 -18.44 74.72 94.85
CA LEU AA 265 -18.46 73.29 94.60
C LEU AA 265 -18.37 73.03 93.10
N ILE AA 266 -18.30 71.76 92.72
CA ILE AA 266 -18.29 71.37 91.31
C ILE AA 266 -19.66 71.62 90.71
N PRO AA 267 -19.77 71.85 89.41
CA PRO AA 267 -21.09 72.14 88.82
C PRO AA 267 -22.03 70.96 88.80
N ARG AA 268 -21.52 69.77 88.51
CA ARG AA 268 -22.35 68.60 88.26
C ARG AA 268 -21.93 67.43 89.14
N THR AA 269 -22.91 66.58 89.44
CA THR AA 269 -22.64 65.36 90.20
C THR AA 269 -21.90 64.33 89.35
N SER AA 270 -22.31 64.15 88.09
CA SER AA 270 -21.74 63.13 87.23
C SER AA 270 -20.25 63.30 87.00
N ILE AA 271 -19.66 64.40 87.45
CA ILE AA 271 -18.21 64.56 87.36
C ILE AA 271 -17.50 63.49 88.18
N CYS AA 272 -18.10 63.07 89.28
CA CYS AA 272 -17.51 62.03 90.12
C CYS AA 272 -17.72 60.67 89.46
N PHE AA 273 -16.63 60.03 89.03
CA PHE AA 273 -16.70 58.73 88.37
C PHE AA 273 -16.42 57.59 89.34
N GLN AA 274 -15.24 57.61 89.97
CA GLN AA 274 -14.90 56.63 90.99
C GLN AA 274 -15.30 57.16 92.35
N TYR AA 275 -15.99 56.33 93.13
CA TYR AA 275 -16.45 56.73 94.45
C TYR AA 275 -16.48 55.52 95.36
N GLU AA 276 -15.92 55.67 96.55
CA GLU AA 276 -15.90 54.60 97.54
C GLU AA 276 -16.05 55.19 98.93
N VAL AA 277 -16.78 54.48 99.79
CA VAL AA 277 -16.87 54.82 101.20
C VAL AA 277 -15.82 53.98 101.91
N SER AA 278 -14.70 54.61 102.29
CA SER AA 278 -13.53 53.85 102.70
C SER AA 278 -13.72 53.23 104.08
N ALA AA 279 -13.92 54.06 105.11
CA ALA AA 279 -13.88 53.54 106.46
C ALA AA 279 -14.65 54.44 107.41
N VAL AA 280 -14.72 53.99 108.67
CA VAL AA 280 -15.41 54.66 109.76
C VAL AA 280 -14.48 54.70 110.97
N HIS AA 281 -14.46 55.84 111.66
CA HIS AA 281 -13.66 55.99 112.86
C HIS AA 281 -14.46 56.73 113.92
N ASN AA 282 -14.69 56.09 115.06
CA ASN AA 282 -15.47 56.67 116.14
C ASN AA 282 -14.54 57.43 117.07
N LEU AA 283 -14.64 58.76 117.09
CA LEU AA 283 -13.84 59.59 117.98
C LEU AA 283 -14.72 60.06 119.13
N GLN AA 284 -14.26 59.84 120.35
CA GLN AA 284 -15.06 60.08 121.54
C GLN AA 284 -14.57 61.35 122.23
N THR AA 285 -15.50 62.26 122.51
CA THR AA 285 -15.21 63.49 123.24
C THR AA 285 -15.96 63.47 124.58
N GLN AA 286 -15.74 64.53 125.37
CA GLN AA 286 -16.39 64.62 126.67
C GLN AA 286 -17.88 64.92 126.57
N SER AA 287 -18.33 65.49 125.46
CA SER AA 287 -19.74 65.82 125.27
C SER AA 287 -20.50 64.78 124.45
N SER AA 288 -19.90 64.29 123.37
CA SER AA 288 -20.55 63.29 122.52
C SER AA 288 -19.47 62.59 121.71
N LEU AA 289 -19.87 61.49 121.07
CA LEU AA 289 -19.00 60.71 120.21
C LEU AA 289 -19.43 60.92 118.77
N VAL AA 290 -18.46 61.14 117.89
CA VAL AA 290 -18.71 61.49 116.50
C VAL AA 290 -18.07 60.44 115.61
N ARG AA 291 -18.83 59.93 114.65
CA ARG AA 291 -18.30 59.02 113.63
C ARG AA 291 -17.76 59.85 112.48
N ARG AA 292 -16.46 59.70 112.23
CA ARG AA 292 -15.82 60.28 111.06
C ARG AA 292 -15.89 59.23 109.94
N PHE AA 293 -16.71 59.51 108.93
CA PHE AA 293 -16.84 58.66 107.76
C PHE AA 293 -15.87 59.16 106.70
N GLN AA 294 -14.92 58.31 106.31
CA GLN AA 294 -13.89 58.68 105.35
C GLN AA 294 -14.13 57.94 104.05
N GLY AA 295 -14.05 58.66 102.93
CA GLY AA 295 -14.27 58.08 101.62
C GLY AA 295 -13.26 58.61 100.62
N LEU AA 296 -13.20 57.93 99.47
CA LEU AA 296 -12.27 58.26 98.41
C LEU AA 296 -13.00 58.37 97.09
N SER AA 297 -12.59 59.34 96.27
CA SER AA 297 -13.22 59.54 94.97
C SER AA 297 -12.20 60.14 94.00
N LEU AA 298 -12.44 59.90 92.71
CA LEU AA 298 -11.66 60.48 91.63
C LEU AA 298 -12.62 60.89 90.52
N PRO AA 299 -12.32 61.94 89.77
CA PRO AA 299 -13.27 62.43 88.76
C PRO AA 299 -13.26 61.60 87.47
N VAL AA 300 -14.10 62.00 86.51
CA VAL AA 300 -14.09 61.35 85.21
C VAL AA 300 -12.80 61.61 84.45
N HIS AA 301 -12.22 62.80 84.60
CA HIS AA 301 -11.01 63.15 83.87
C HIS AA 301 -9.78 62.45 84.45
N LEU AA 302 -9.71 62.33 85.78
CA LEU AA 302 -8.52 61.84 86.47
C LEU AA 302 -8.69 60.43 87.02
N ARG AA 303 -9.41 59.56 86.32
CA ARG AA 303 -9.56 58.19 86.78
C ARG AA 303 -8.23 57.45 86.70
N ALA AA 304 -7.99 56.58 87.68
CA ALA AA 304 -6.75 55.84 87.80
C ALA AA 304 -6.96 54.39 87.41
N HIS AA 305 -5.86 53.65 87.37
CA HIS AA 305 -5.92 52.21 87.10
C HIS AA 305 -6.50 51.48 88.29
N PHE AA 306 -6.83 50.20 88.07
CA PHE AA 306 -7.44 49.39 89.13
C PHE AA 306 -6.50 49.23 90.31
N THR AA 307 -5.24 48.87 90.05
CA THR AA 307 -4.28 48.66 91.13
C THR AA 307 -3.97 49.97 91.86
N ILE AA 308 -3.86 51.07 91.11
CA ILE AA 308 -3.62 52.36 91.73
C ILE AA 308 -4.78 52.75 92.63
N TRP AA 309 -6.01 52.49 92.17
CA TRP AA 309 -7.19 52.80 92.98
C TRP AA 309 -7.23 51.94 94.24
N ASN AA 310 -6.87 50.65 94.14
CA ASN AA 310 -6.81 49.82 95.33
C ASN AA 310 -5.75 50.31 96.31
N LYS AA 311 -4.59 50.73 95.82
CA LYS AA 311 -3.58 51.31 96.70
C LYS AA 311 -4.10 52.57 97.39
N LEU AA 312 -4.76 53.44 96.64
CA LEU AA 312 -5.29 54.67 97.23
C LEU AA 312 -6.35 54.37 98.27
N LEU AA 313 -7.21 53.38 98.00
CA LEU AA 313 -8.21 52.98 98.99
C LEU AA 313 -7.57 52.40 100.24
N GLU AA 314 -6.52 51.59 100.07
CA GLU AA 314 -5.82 51.04 101.22
C GLU AA 314 -5.21 52.15 102.08
N ARG AA 315 -4.63 53.16 101.43
CA ARG AA 315 -4.14 54.31 102.19
C ARG AA 315 -5.28 55.06 102.88
N SER AA 316 -6.39 55.26 102.19
CA SER AA 316 -7.53 55.98 102.74
C SER AA 316 -8.17 55.25 103.91
N ARG AA 317 -7.95 53.94 104.05
CA ARG AA 317 -8.48 53.21 105.19
C ARG AA 317 -7.97 53.75 106.52
N LYS AA 318 -6.84 54.46 106.52
CA LYS AA 318 -6.25 54.91 107.77
C LYS AA 318 -6.97 56.13 108.33
N MET AA 319 -6.59 56.51 109.55
CA MET AA 319 -7.17 57.67 110.22
C MET AA 319 -6.72 58.96 109.57
N VAL AA 320 -7.63 59.94 109.51
CA VAL AA 320 -7.33 61.29 109.06
C VAL AA 320 -7.75 62.24 110.18
N THR AA 321 -6.80 63.01 110.69
CA THR AA 321 -7.04 63.94 111.80
C THR AA 321 -6.41 65.28 111.46
N GLU AA 322 -7.23 66.24 111.02
CA GLU AA 322 -6.76 67.60 110.76
C GLU AA 322 -7.97 68.53 110.86
N ASP AA 323 -8.07 69.24 111.98
CA ASP AA 323 -9.17 70.18 112.19
C ASP AA 323 -8.73 71.64 112.24
N LYS AA 324 -7.49 71.91 112.63
CA LYS AA 324 -6.99 73.28 112.67
C LYS AA 324 -5.49 73.32 112.42
N ASP BA 61 -9.61 -36.75 -16.75
CA ASP BA 61 -9.89 -37.71 -15.68
C ASP BA 61 -11.15 -37.32 -14.92
N GLN BA 62 -11.14 -36.14 -14.32
CA GLN BA 62 -12.30 -35.63 -13.59
C GLN BA 62 -13.16 -34.72 -14.46
N ALA BA 63 -12.54 -33.92 -15.33
CA ALA BA 63 -13.30 -33.05 -16.22
C ALA BA 63 -14.17 -33.86 -17.17
N ALA BA 64 -13.65 -34.98 -17.69
CA ALA BA 64 -14.46 -35.82 -18.57
C ALA BA 64 -15.68 -36.36 -17.85
N LYS BA 65 -15.51 -36.80 -16.60
CA LYS BA 65 -16.66 -37.28 -15.83
C LYS BA 65 -17.65 -36.15 -15.54
N ASP BA 66 -17.15 -34.94 -15.29
CA ASP BA 66 -18.06 -33.81 -15.08
C ASP BA 66 -18.88 -33.52 -16.33
N ARG BA 67 -18.24 -33.52 -17.50
CA ARG BA 67 -18.98 -33.31 -18.75
C ARG BA 67 -19.99 -34.42 -18.99
N LEU BA 68 -19.60 -35.66 -18.67
CA LEU BA 68 -20.52 -36.80 -18.81
C LEU BA 68 -21.73 -36.66 -17.90
N LYS BA 69 -21.53 -36.24 -16.65
CA LYS BA 69 -22.67 -36.05 -15.76
C LYS BA 69 -23.55 -34.90 -16.22
N LYS BA 70 -22.95 -33.84 -16.75
CA LYS BA 70 -23.74 -32.74 -17.29
C LYS BA 70 -24.58 -33.20 -18.48
N ARG BA 71 -24.02 -34.07 -19.33
CA ARG BA 71 -24.81 -34.59 -20.45
C ARG BA 71 -25.92 -35.54 -19.98
N ILE BA 72 -25.68 -36.33 -18.92
CA ILE BA 72 -26.80 -37.00 -18.24
C ILE BA 72 -27.90 -36.01 -17.87
N ARG BA 73 -27.55 -34.95 -17.15
CA ARG BA 73 -28.60 -34.07 -16.66
C ARG BA 73 -29.36 -33.42 -17.82
N ARG BA 74 -28.64 -32.98 -18.84
CA ARG BA 74 -29.29 -32.37 -19.99
C ARG BA 74 -30.19 -33.36 -20.74
N LEU BA 75 -29.72 -34.59 -20.99
CA LEU BA 75 -30.52 -35.55 -21.73
C LEU BA 75 -31.69 -36.10 -20.92
N GLU BA 76 -31.55 -36.23 -19.60
CA GLU BA 76 -32.65 -36.67 -18.76
C GLU BA 76 -33.65 -35.56 -18.48
N LYS BA 77 -33.26 -34.30 -18.67
CA LYS BA 77 -34.21 -33.19 -18.58
C LYS BA 77 -35.05 -33.03 -19.83
N ALA BA 78 -34.82 -33.83 -20.87
CA ALA BA 78 -35.57 -33.74 -22.11
C ALA BA 78 -36.93 -34.45 -21.95
N SER BA 79 -37.63 -34.62 -23.05
CA SER BA 79 -38.95 -35.24 -23.04
C SER BA 79 -38.87 -36.75 -23.23
N GLN BA 80 -39.98 -37.42 -22.96
CA GLN BA 80 -40.08 -38.87 -23.08
C GLN BA 80 -41.18 -39.24 -24.07
N GLU BA 81 -41.19 -38.60 -25.23
CA GLU BA 81 -42.27 -38.77 -26.19
C GLU BA 81 -42.34 -40.21 -26.69
N LEU BA 82 -43.56 -40.66 -26.97
CA LEU BA 82 -43.83 -42.01 -27.44
C LEU BA 82 -43.51 -42.15 -28.92
N ILE BA 83 -43.47 -43.39 -29.39
CA ILE BA 83 -43.37 -43.65 -30.84
C ILE BA 83 -44.73 -43.34 -31.47
N PRO BA 84 -44.76 -42.61 -32.58
CA PRO BA 84 -46.02 -42.46 -33.33
C PRO BA 84 -46.56 -43.83 -33.71
N ILE BA 85 -47.88 -44.00 -33.57
CA ILE BA 85 -48.52 -45.26 -33.89
C ILE BA 85 -48.86 -45.29 -35.37
N GLU BA 86 -48.39 -46.32 -36.08
CA GLU BA 86 -48.65 -46.43 -37.50
C GLU BA 86 -50.11 -46.72 -37.82
N ASP BA 87 -50.90 -47.17 -36.85
CA ASP BA 87 -52.32 -47.39 -37.08
C ASP BA 87 -53.05 -46.06 -37.28
N PHE BA 88 -52.81 -45.11 -36.40
CA PHE BA 88 -53.60 -43.87 -36.38
C PHE BA 88 -53.18 -42.89 -37.45
N ILE BA 89 -52.05 -43.12 -38.12
CA ILE BA 89 -51.58 -42.27 -39.19
C ILE BA 89 -51.76 -42.98 -40.52
N THR BA 90 -52.29 -42.28 -41.51
CA THR BA 90 -52.57 -42.85 -42.83
C THR BA 90 -51.35 -42.70 -43.72
N PRO BA 91 -50.88 -43.79 -44.35
CA PRO BA 91 -49.75 -43.68 -45.28
C PRO BA 91 -50.14 -42.88 -46.52
N VAL BA 92 -49.11 -42.35 -47.19
CA VAL BA 92 -49.32 -41.52 -48.37
C VAL BA 92 -49.86 -42.33 -49.55
N LYS BA 93 -49.68 -43.65 -49.56
CA LYS BA 93 -50.12 -44.47 -50.68
C LYS BA 93 -51.64 -44.53 -50.82
N PHE BA 94 -52.38 -44.04 -49.82
CA PHE BA 94 -53.84 -44.13 -49.82
C PHE BA 94 -54.50 -42.87 -50.41
N LEU BA 95 -53.72 -41.93 -50.93
CA LEU BA 95 -54.31 -40.73 -51.50
C LEU BA 95 -54.67 -40.89 -52.97
N ASN BA 96 -53.93 -41.73 -53.70
CA ASN BA 96 -54.15 -41.89 -55.13
C ASN BA 96 -55.28 -42.84 -55.48
N LYS BA 97 -55.85 -43.54 -54.51
CA LYS BA 97 -56.85 -44.56 -54.77
C LYS BA 97 -58.27 -44.13 -54.44
N GLU BA 98 -58.50 -42.82 -54.23
CA GLU BA 98 -59.81 -42.38 -53.76
C GLU BA 98 -60.69 -41.89 -54.92
N ARG BA 99 -60.13 -41.09 -55.82
CA ARG BA 99 -60.94 -40.47 -56.88
C ARG BA 99 -61.56 -41.49 -57.82
N GLN BA 100 -60.91 -42.62 -58.03
CA GLN BA 100 -61.41 -43.62 -58.99
C GLN BA 100 -62.56 -44.46 -58.44
N ARG BA 101 -62.76 -44.48 -57.12
CA ARG BA 101 -63.72 -45.40 -56.53
C ARG BA 101 -65.14 -45.04 -56.95
N PRO BA 102 -65.90 -45.98 -57.53
CA PRO BA 102 -67.26 -45.67 -57.95
C PRO BA 102 -68.26 -45.87 -56.82
N PRO BA 103 -69.26 -45.02 -56.71
CA PRO BA 103 -70.34 -45.24 -55.75
C PRO BA 103 -71.02 -46.59 -55.97
N VAL BA 104 -71.86 -46.97 -55.00
CA VAL BA 104 -72.42 -48.31 -54.97
C VAL BA 104 -73.93 -48.33 -55.20
N GLU BA 105 -74.64 -47.22 -54.95
CA GLU BA 105 -76.07 -47.09 -55.26
C GLU BA 105 -76.90 -48.16 -54.55
N LEU BA 106 -76.96 -48.05 -53.22
CA LEU BA 106 -77.81 -48.93 -52.44
C LEU BA 106 -79.26 -48.81 -52.92
N PRO BA 107 -79.93 -49.92 -53.22
CA PRO BA 107 -81.34 -49.86 -53.60
C PRO BA 107 -82.25 -49.86 -52.39
N PHE BA 108 -83.54 -49.60 -52.65
CA PHE BA 108 -84.52 -49.45 -51.58
C PHE BA 108 -84.70 -50.74 -50.81
N GLU BA 109 -84.76 -51.88 -51.51
CA GLU BA 109 -84.94 -53.17 -50.83
C GLU BA 109 -83.74 -53.49 -49.95
N GLU BA 110 -82.54 -53.22 -50.42
CA GLU BA 110 -81.35 -53.45 -49.61
C GLU BA 110 -81.33 -52.54 -48.39
N SER BA 111 -81.73 -51.28 -48.56
CA SER BA 111 -81.79 -50.37 -47.41
C SER BA 111 -82.80 -50.86 -46.39
N GLU BA 112 -83.96 -51.33 -46.85
CA GLU BA 112 -84.99 -51.83 -45.94
C GLU BA 112 -84.51 -53.06 -45.18
N ARG BA 113 -83.90 -54.02 -45.89
CA ARG BA 113 -83.43 -55.22 -45.20
C ARG BA 113 -82.29 -54.90 -44.25
N ARG BA 114 -81.43 -53.95 -44.62
CA ARG BA 114 -80.36 -53.55 -43.72
C ARG BA 114 -80.90 -52.90 -42.45
N ALA BA 115 -81.91 -52.03 -42.59
CA ALA BA 115 -82.52 -51.40 -41.42
C ALA BA 115 -83.16 -52.45 -40.52
N LEU BA 116 -83.87 -53.41 -41.11
CA LEU BA 116 -84.46 -54.48 -40.31
C LEU BA 116 -83.38 -55.30 -39.61
N LEU BA 117 -82.28 -55.60 -40.30
CA LEU BA 117 -81.20 -56.35 -39.69
C LEU BA 117 -80.55 -55.59 -38.54
N LEU BA 118 -80.38 -54.28 -38.70
CA LEU BA 118 -79.84 -53.47 -37.61
C LEU BA 118 -80.79 -53.45 -36.41
N LYS BA 119 -82.09 -53.35 -36.64
CA LYS BA 119 -83.03 -53.40 -35.53
C LYS BA 119 -82.96 -54.74 -34.80
N ARG BA 120 -82.94 -55.84 -35.57
CA ARG BA 120 -82.82 -57.16 -34.96
C ARG BA 120 -81.50 -57.30 -34.20
N TRP BA 121 -80.43 -56.76 -34.76
CA TRP BA 121 -79.11 -56.84 -34.12
C TRP BA 121 -79.08 -56.04 -32.83
N SER BA 122 -79.73 -54.87 -32.81
CA SER BA 122 -79.80 -54.09 -31.59
C SER BA 122 -80.57 -54.84 -30.51
N LEU BA 123 -81.71 -55.43 -30.88
CA LEU BA 123 -82.48 -56.20 -29.90
C LEU BA 123 -81.67 -57.40 -29.39
N TYR BA 124 -80.99 -58.10 -30.30
CA TYR BA 124 -80.21 -59.26 -29.90
C TYR BA 124 -79.05 -58.88 -28.99
N LYS BA 125 -78.36 -57.77 -29.30
CA LYS BA 125 -77.29 -57.31 -28.44
C LYS BA 125 -77.80 -56.90 -27.07
N GLN BA 126 -78.95 -56.23 -27.02
CA GLN BA 126 -79.51 -55.85 -25.72
C GLN BA 126 -79.84 -57.08 -24.89
N ARG BA 127 -80.47 -58.08 -25.51
CA ARG BA 127 -80.82 -59.30 -24.78
C ARG BA 127 -79.57 -60.05 -24.35
N GLU BA 128 -78.54 -60.09 -25.21
CA GLU BA 128 -77.30 -60.78 -24.86
C GLU BA 128 -76.58 -60.08 -23.72
N HIS BA 129 -76.55 -58.74 -23.73
CA HIS BA 129 -75.99 -57.99 -22.60
C HIS BA 129 -76.75 -58.29 -21.32
N GLU BA 130 -78.09 -58.32 -21.39
CA GLU BA 130 -78.89 -58.61 -20.21
C GLU BA 130 -78.59 -60.01 -19.67
N MET BA 131 -78.47 -60.99 -20.57
CA MET BA 131 -78.19 -62.35 -20.14
C MET BA 131 -76.80 -62.47 -19.53
N GLU BA 132 -75.81 -61.81 -20.12
CA GLU BA 132 -74.46 -61.82 -19.54
C GLU BA 132 -74.44 -61.16 -18.17
N ARG BA 133 -75.17 -60.04 -18.02
CA ARG BA 133 -75.24 -59.38 -16.72
C ARG BA 133 -75.95 -60.25 -15.70
N SER BA 134 -76.99 -60.97 -16.11
CA SER BA 134 -77.66 -61.90 -15.18
C SER BA 134 -76.71 -63.02 -14.78
N ALA BA 135 -75.92 -63.54 -15.72
CA ALA BA 135 -74.98 -64.60 -15.39
C ALA BA 135 -73.91 -64.12 -14.42
N ILE BA 136 -73.37 -62.92 -14.66
CA ILE BA 136 -72.34 -62.42 -13.75
C ILE BA 136 -72.96 -62.06 -12.40
N ARG BA 137 -74.23 -61.64 -12.37
CA ARG BA 137 -74.90 -61.41 -11.09
C ARG BA 137 -75.07 -62.71 -10.31
N SER BA 138 -75.45 -63.79 -11.00
CA SER BA 138 -75.55 -65.09 -10.34
C SER BA 138 -74.19 -65.54 -9.81
N LEU BA 139 -73.14 -65.36 -10.62
CA LEU BA 139 -71.80 -65.72 -10.16
C LEU BA 139 -71.41 -64.91 -8.93
N LEU BA 140 -71.69 -63.60 -8.94
CA LEU BA 140 -71.30 -62.74 -7.82
C LEU BA 140 -72.10 -63.06 -6.57
N GLU BA 141 -73.39 -63.39 -6.71
CA GLU BA 141 -74.19 -63.72 -5.53
C GLU BA 141 -73.76 -65.05 -4.95
N ALA BA 142 -73.45 -66.03 -5.80
CA ALA BA 142 -72.90 -67.29 -5.30
C ALA BA 142 -71.57 -67.06 -4.59
N GLN BA 143 -70.72 -66.20 -5.15
CA GLN BA 143 -69.43 -65.92 -4.54
C GLN BA 143 -69.57 -65.21 -3.20
N GLU BA 144 -70.49 -64.24 -3.10
CA GLU BA 144 -70.66 -63.55 -1.83
C GLU BA 144 -71.29 -64.46 -0.78
N GLU BA 145 -72.20 -65.35 -1.19
CA GLU BA 145 -72.70 -66.35 -0.27
C GLU BA 145 -71.58 -67.26 0.22
N ALA BA 146 -70.68 -67.65 -0.69
CA ALA BA 146 -69.54 -68.48 -0.31
C ALA BA 146 -68.64 -67.74 0.70
N LEU BA 147 -68.34 -66.47 0.43
CA LEU BA 147 -67.49 -65.70 1.33
C LEU BA 147 -68.14 -65.51 2.70
N GLN BA 148 -69.44 -65.22 2.73
CA GLN BA 148 -70.14 -65.06 4.00
C GLN BA 148 -70.15 -66.37 4.78
N GLU BA 149 -70.39 -67.49 4.10
CA GLU BA 149 -70.37 -68.78 4.78
C GLU BA 149 -69.00 -69.10 5.35
N LEU BA 150 -67.94 -68.80 4.58
CA LEU BA 150 -66.59 -69.08 5.07
C LEU BA 150 -66.25 -68.19 6.25
N ARG BA 151 -66.66 -66.92 6.20
CA ARG BA 151 -66.43 -66.02 7.33
C ARG BA 151 -67.18 -66.49 8.57
N LEU BA 152 -68.41 -66.98 8.40
CA LEU BA 152 -69.16 -67.55 9.51
C LEU BA 152 -68.47 -68.79 10.06
N SER BA 153 -67.84 -69.58 9.19
CA SER BA 153 -67.20 -70.81 9.63
C SER BA 153 -65.91 -70.53 10.39
N SER BA 154 -64.94 -69.87 9.74
CA SER BA 154 -63.65 -69.61 10.35
C SER BA 154 -63.05 -68.31 9.82
N PRO BA 155 -62.46 -67.49 10.70
CA PRO BA 155 -61.89 -66.22 10.25
C PRO BA 155 -60.49 -66.34 9.67
N GLU BA 156 -59.72 -67.34 10.13
CA GLU BA 156 -58.36 -67.50 9.63
C GLU BA 156 -58.36 -67.85 8.14
N LEU BA 157 -59.27 -68.74 7.72
CA LEU BA 157 -59.39 -69.05 6.31
C LEU BA 157 -59.86 -67.84 5.51
N HIS BA 158 -60.71 -67.00 6.11
CA HIS BA 158 -61.14 -65.77 5.43
C HIS BA 158 -59.96 -64.84 5.19
N ALA BA 159 -59.13 -64.63 6.23
CA ALA BA 159 -57.95 -63.81 6.07
C ALA BA 159 -57.00 -64.39 5.03
N GLU BA 160 -56.81 -65.72 5.04
CA GLU BA 160 -55.92 -66.34 4.06
C GLU BA 160 -56.47 -66.21 2.64
N ALA BA 161 -57.77 -66.36 2.46
CA ALA BA 161 -58.38 -66.35 1.13
C ALA BA 161 -58.54 -64.97 0.54
N THR BA 162 -58.68 -63.93 1.38
CA THR BA 162 -58.84 -62.58 0.83
C THR BA 162 -57.53 -61.96 0.33
N LYS BA 163 -56.46 -62.73 0.21
CA LYS BA 163 -55.29 -62.32 -0.55
C LYS BA 163 -55.43 -62.81 -1.98
N ARG BA 164 -54.40 -62.53 -2.78
CA ARG BA 164 -54.21 -63.19 -4.07
C ARG BA 164 -52.85 -63.86 -4.08
N ASP BA 165 -52.77 -64.97 -4.81
CA ASP BA 165 -51.51 -65.65 -4.99
C ASP BA 165 -50.57 -64.79 -5.82
N PRO BA 166 -49.27 -64.80 -5.51
CA PRO BA 166 -48.29 -64.17 -6.41
C PRO BA 166 -48.21 -64.82 -7.79
N SER BA 167 -48.88 -65.96 -7.99
CA SER BA 167 -48.84 -66.67 -9.26
C SER BA 167 -49.74 -66.05 -10.32
N LEU BA 168 -50.59 -65.09 -9.97
CA LEU BA 168 -51.50 -64.48 -10.93
C LEU BA 168 -50.95 -63.21 -11.56
N PHE BA 169 -49.72 -62.81 -11.20
CA PHE BA 169 -49.16 -61.60 -11.81
C PHE BA 169 -48.93 -61.75 -13.30
N PRO BA 170 -48.21 -62.79 -13.79
CA PRO BA 170 -48.03 -62.91 -15.26
C PRO BA 170 -49.09 -63.80 -15.90
N PHE BA 171 -50.33 -63.34 -15.91
CA PHE BA 171 -51.44 -64.12 -16.47
C PHE BA 171 -51.41 -64.01 -17.98
N GLU BA 172 -51.24 -65.15 -18.66
CA GLU BA 172 -51.24 -65.22 -20.11
C GLU BA 172 -52.29 -66.22 -20.57
N ARG BA 173 -53.04 -65.84 -21.61
CA ARG BA 173 -54.09 -66.69 -22.14
C ARG BA 173 -54.23 -66.47 -23.63
N GLN BA 174 -54.76 -67.47 -24.33
CA GLN BA 174 -55.02 -67.38 -25.76
C GLN BA 174 -56.44 -67.84 -26.04
N GLY BA 175 -57.07 -67.19 -27.03
CA GLY BA 175 -58.42 -67.54 -27.42
C GLY BA 175 -58.46 -68.79 -28.25
N PRO BA 176 -59.68 -69.19 -28.62
CA PRO BA 176 -59.87 -70.39 -29.44
C PRO BA 176 -59.41 -70.14 -30.88
N ASP BA 177 -59.44 -71.21 -31.67
CA ASP BA 177 -59.04 -71.16 -33.07
C ASP BA 177 -60.19 -71.66 -33.93
N TYR BA 178 -60.02 -71.55 -35.25
CA TYR BA 178 -61.06 -71.98 -36.18
C TYR BA 178 -61.01 -73.47 -36.49
N THR BA 179 -59.83 -74.08 -36.42
CA THR BA 179 -59.66 -75.50 -36.70
C THR BA 179 -58.86 -76.13 -35.56
N PRO BA 180 -59.27 -77.30 -35.06
CA PRO BA 180 -58.49 -77.96 -34.01
C PRO BA 180 -57.11 -78.35 -34.53
N PRO BA 181 -56.11 -78.41 -33.65
CA PRO BA 181 -54.75 -78.73 -34.09
C PRO BA 181 -54.68 -80.11 -34.73
N ILE BA 182 -53.82 -80.23 -35.74
CA ILE BA 182 -53.61 -81.49 -36.44
C ILE BA 182 -52.40 -82.18 -35.83
N SER BA 183 -52.60 -83.40 -35.34
CA SER BA 183 -51.50 -84.17 -34.77
C SER BA 183 -50.50 -84.54 -35.85
N ASP BA 184 -49.21 -84.52 -35.48
CA ASP BA 184 -48.11 -84.86 -36.39
C ASP BA 184 -48.13 -83.97 -37.63
N TYR BA 185 -48.24 -82.66 -37.42
CA TYR BA 185 -48.17 -81.69 -38.51
C TYR BA 185 -46.78 -81.08 -38.56
N GLN BA 186 -46.21 -81.02 -39.76
CA GLN BA 186 -44.82 -80.57 -39.95
C GLN BA 186 -44.77 -79.33 -40.82
N PRO BA 187 -44.59 -78.14 -40.24
CA PRO BA 187 -44.28 -76.95 -41.05
C PRO BA 187 -42.92 -77.11 -41.70
N PRO BA 188 -42.84 -76.94 -43.03
CA PRO BA 188 -41.62 -77.35 -43.74
C PRO BA 188 -40.36 -76.61 -43.35
N GLU BA 189 -40.33 -75.30 -43.53
CA GLU BA 189 -39.11 -74.51 -43.36
C GLU BA 189 -39.46 -73.04 -43.58
N GLY BA 190 -38.65 -72.17 -42.97
CA GLY BA 190 -38.80 -70.73 -43.15
C GLY BA 190 -38.33 -69.93 -41.96
N ARG BA 191 -37.82 -68.73 -42.22
CA ARG BA 191 -37.17 -67.89 -41.23
C ARG BA 191 -37.98 -66.63 -40.99
N TYR BA 192 -37.92 -66.13 -39.76
CA TYR BA 192 -38.61 -64.90 -39.36
C TYR BA 192 -37.61 -63.75 -39.28
N GLN BA 193 -38.07 -62.55 -39.60
CA GLN BA 193 -37.25 -61.35 -39.50
C GLN BA 193 -38.14 -60.15 -39.20
N ASP BA 194 -37.58 -59.18 -38.50
CA ASP BA 194 -38.29 -57.97 -38.10
C ASP BA 194 -38.01 -56.86 -39.11
N ILE BA 195 -39.05 -56.14 -39.52
CA ILE BA 195 -38.92 -55.03 -40.44
C ILE BA 195 -39.55 -53.80 -39.79
N THR BA 196 -39.85 -53.90 -38.49
CA THR BA 196 -40.44 -52.79 -37.77
C THR BA 196 -39.48 -51.60 -37.74
N LYS BA 197 -40.04 -50.40 -37.86
CA LYS BA 197 -39.24 -49.19 -37.90
C LYS BA 197 -38.92 -48.69 -36.50
N VAL BA 198 -37.73 -48.13 -36.35
CA VAL BA 198 -37.29 -47.52 -35.10
C VAL BA 198 -37.39 -46.00 -35.22
N GLY CA 14 -7.39 64.98 10.26
CA GLY CA 14 -6.73 65.49 9.08
C GLY CA 14 -6.40 66.97 9.18
N ALA CA 15 -6.02 67.56 8.05
CA ALA CA 15 -5.70 68.97 8.00
C ALA CA 15 -6.98 69.81 8.11
N ASP CA 16 -6.81 71.12 8.22
CA ASP CA 16 -7.94 72.04 8.31
C ASP CA 16 -8.28 72.60 6.94
N ARG CA 17 -9.58 72.80 6.70
CA ARG CA 17 -10.06 73.34 5.43
C ARG CA 17 -10.74 74.69 5.59
N MET CA 18 -11.25 75.00 6.78
CA MET CA 18 -11.97 76.25 6.98
C MET CA 18 -11.01 77.43 7.11
N SER CA 19 -9.79 77.19 7.58
CA SER CA 19 -8.80 78.26 7.66
C SER CA 19 -8.30 78.63 6.27
N LYS CA 20 -7.97 79.90 6.10
CA LYS CA 20 -7.53 80.40 4.80
C LYS CA 20 -6.15 79.87 4.44
N TRP CA 21 -5.94 79.62 3.14
CA TRP CA 21 -4.67 79.12 2.63
C TRP CA 21 -3.72 80.28 2.44
N THR CA 22 -2.74 80.41 3.35
CA THR CA 22 -1.78 81.50 3.33
C THR CA 22 -0.37 80.95 3.13
N SER CA 23 0.60 81.86 3.12
CA SER CA 23 1.99 81.49 2.90
C SER CA 23 2.63 80.82 4.11
N LYS CA 24 2.07 81.04 5.31
CA LYS CA 24 2.66 80.45 6.51
C LYS CA 24 2.43 78.95 6.58
N ARG CA 25 1.31 78.46 6.06
CA ARG CA 25 0.93 77.06 6.15
C ARG CA 25 1.42 76.23 4.97
N GLY CA 26 2.50 76.65 4.31
CA GLY CA 26 3.02 75.92 3.18
C GLY CA 26 4.50 75.61 3.33
N PRO CA 27 5.06 74.88 2.35
CA PRO CA 27 6.49 74.57 2.40
C PRO CA 27 7.36 75.77 2.08
N ARG CA 28 8.67 75.56 2.00
CA ARG CA 28 9.58 76.66 1.68
C ARG CA 28 9.36 77.17 0.26
N THR CA 29 9.03 76.28 -0.68
CA THR CA 29 8.84 76.68 -2.08
C THR CA 29 7.56 77.48 -2.28
N PHE CA 30 6.67 77.52 -1.30
CA PHE CA 30 5.43 78.30 -1.39
C PHE CA 30 5.58 79.54 -0.53
N CYS CA 31 5.68 80.70 -1.19
CA CYS CA 31 5.80 81.99 -0.52
C CYS CA 31 4.89 82.97 -1.24
N LYS CA 32 3.65 83.10 -0.75
CA LYS CA 32 2.63 83.91 -1.38
C LYS CA 32 2.55 85.28 -0.71
N GLY CA 33 2.39 86.32 -1.52
CA GLY CA 33 2.29 87.65 -0.98
C GLY CA 33 1.01 87.89 -0.21
N ARG CA 34 1.02 88.94 0.60
CA ARG CA 34 -0.11 89.29 1.46
C ARG CA 34 -1.06 90.29 0.81
N GLY CA 35 -0.82 90.64 -0.45
CA GLY CA 35 -1.66 91.58 -1.16
C GLY CA 35 -0.97 92.86 -1.59
N ALA CA 36 0.30 93.07 -1.25
CA ALA CA 36 1.00 94.26 -1.69
C ALA CA 36 1.33 94.17 -3.17
N LYS CA 37 1.46 95.34 -3.80
CA LYS CA 37 1.77 95.42 -5.22
C LYS CA 37 3.27 95.33 -5.45
N GLY CA 38 3.64 94.70 -6.56
CA GLY CA 38 5.04 94.58 -6.90
C GLY CA 38 5.64 95.93 -7.23
N THR CA 39 6.96 96.06 -7.02
CA THR CA 39 7.67 97.31 -7.27
C THR CA 39 8.81 97.15 -8.27
N GLY CA 40 8.86 96.03 -9.00
CA GLY CA 40 9.93 95.84 -9.96
C GLY CA 40 9.97 94.47 -10.59
N PHE CA 41 11.16 93.98 -10.91
CA PHE CA 41 11.34 92.70 -11.57
C PHE CA 41 12.64 92.08 -11.08
N HIS CA 42 13.08 91.02 -11.75
CA HIS CA 42 14.32 90.33 -11.42
C HIS CA 42 15.35 90.60 -12.52
N GLY CA 43 16.55 91.02 -12.11
CA GLY CA 43 17.58 91.42 -13.04
C GLY CA 43 18.41 90.26 -13.58
N ARG CA 44 19.70 90.51 -13.72
CA ARG CA 44 20.62 89.57 -14.36
C ARG CA 44 21.27 88.60 -13.37
N ASP CA 45 21.87 89.13 -12.31
CA ASP CA 45 22.62 88.32 -11.35
C ASP CA 45 21.74 87.72 -10.27
N GLY CA 46 20.43 87.61 -10.51
CA GLY CA 46 19.52 87.05 -9.55
C GLY CA 46 18.94 88.05 -8.57
N LYS CA 47 19.37 89.30 -8.61
CA LYS CA 47 18.88 90.32 -7.69
C LYS CA 47 17.54 90.86 -8.17
N PHE CA 48 16.84 91.57 -7.28
CA PHE CA 48 15.60 92.26 -7.59
C PHE CA 48 15.92 93.70 -7.98
N VAL CA 49 15.46 94.11 -9.16
CA VAL CA 49 15.62 95.47 -9.64
C VAL CA 49 14.30 96.19 -9.43
N GLN CA 50 14.34 97.28 -8.66
CA GLN CA 50 13.15 98.04 -8.33
C GLN CA 50 13.04 99.25 -9.24
N ILE CA 51 11.85 99.48 -9.78
CA ILE CA 51 11.59 100.59 -10.69
C ILE CA 51 10.95 101.73 -9.90
N LYS CA 52 11.57 102.91 -9.97
CA LYS CA 52 11.03 104.07 -9.27
C LYS CA 52 9.73 104.57 -9.89
N GLU CA 53 9.45 104.19 -11.14
CA GLU CA 53 8.17 104.57 -11.75
C GLU CA 53 7.00 103.76 -11.20
N MET CA 54 7.27 102.57 -10.66
CA MET CA 54 6.21 101.68 -10.20
C MET CA 54 5.79 101.95 -8.76
N ILE CA 55 6.68 102.50 -7.94
CA ILE CA 55 6.34 102.80 -6.55
C ILE CA 55 5.37 103.98 -6.51
N PRO CA 56 4.37 103.97 -5.62
CA PRO CA 56 3.44 105.10 -5.54
C PRO CA 56 4.11 106.32 -4.90
N GLU CA 57 4.04 107.45 -5.58
CA GLU CA 57 4.58 108.70 -5.06
C GLU CA 57 3.43 109.47 -4.42
N LEU CA 58 3.45 109.56 -3.09
CA LEU CA 58 2.39 110.24 -2.35
C LEU CA 58 2.51 111.75 -2.56
N VAL CA 59 1.54 112.33 -3.28
CA VAL CA 59 1.52 113.76 -3.53
C VAL CA 59 0.83 114.42 -2.34
N VAL CA 60 1.61 114.99 -1.45
CA VAL CA 60 1.11 115.61 -0.23
C VAL CA 60 1.07 117.13 -0.44
N PRO CA 61 0.03 117.82 0.02
CA PRO CA 61 0.00 119.29 -0.13
C PRO CA 61 0.68 120.01 1.02
N GLU CA 62 0.70 121.34 0.95
CA GLU CA 62 1.23 122.17 2.02
C GLU CA 62 0.10 122.53 2.97
N LEU CA 63 0.20 122.07 4.22
CA LEU CA 63 -0.83 122.29 5.22
C LEU CA 63 -0.49 123.44 6.17
N ALA CA 64 0.56 124.21 5.86
CA ALA CA 64 0.96 125.32 6.73
C ALA CA 64 -0.04 126.46 6.66
N GLY CA 65 -0.42 126.88 5.45
CA GLY CA 65 -1.30 128.02 5.27
C GLY CA 65 -2.75 127.62 5.08
N PHE CA 66 -3.08 126.37 5.41
CA PHE CA 66 -4.42 125.84 5.24
C PHE CA 66 -5.18 125.99 6.56
N LYS CA 67 -6.18 126.88 6.56
CA LYS CA 67 -6.96 127.16 7.76
C LYS CA 67 -8.25 126.35 7.76
N LEU CA 68 -8.07 125.04 7.89
CA LEU CA 68 -9.19 124.11 7.98
C LEU CA 68 -8.85 123.03 8.99
N LYS CA 69 -9.85 122.62 9.77
CA LYS CA 69 -9.68 121.67 10.85
C LYS CA 69 -10.45 120.39 10.57
N PRO CA 70 -10.03 119.26 11.16
CA PRO CA 70 -10.73 117.99 10.91
C PRO CA 70 -12.17 117.97 11.41
N TYR CA 71 -12.56 118.89 12.28
CA TYR CA 71 -13.92 118.95 12.81
C TYR CA 71 -14.56 120.29 12.47
N VAL CA 72 -15.88 120.32 12.52
CA VAL CA 72 -16.65 121.50 12.18
C VAL CA 72 -17.31 122.07 13.43
N ASN CA 73 -17.70 123.34 13.34
CA ASN CA 73 -18.50 123.95 14.39
C ASN CA 73 -19.83 123.24 14.51
N TYR CA 74 -20.23 122.92 15.75
CA TYR CA 74 -21.49 122.24 15.95
C TYR CA 74 -22.68 123.16 15.64
N ARG CA 75 -22.60 124.44 15.99
CA ARG CA 75 -23.68 125.37 15.70
C ARG CA 75 -23.85 125.63 14.22
N ALA CA 76 -22.88 125.22 13.38
CA ALA CA 76 -23.03 125.38 11.95
C ALA CA 76 -24.13 124.45 11.42
N PRO CA 77 -24.99 124.92 10.54
CA PRO CA 77 -26.05 124.06 10.00
C PRO CA 77 -25.56 123.19 8.87
N GLU CA 78 -26.25 122.08 8.66
CA GLU CA 78 -25.98 121.17 7.56
C GLU CA 78 -26.80 121.60 6.35
N GLY CA 79 -26.81 120.76 5.30
CA GLY CA 79 -27.54 121.07 4.10
C GLY CA 79 -28.38 119.90 3.65
N THR CA 80 -29.40 120.21 2.85
CA THR CA 80 -30.28 119.18 2.31
C THR CA 80 -29.53 118.35 1.28
N ASP CA 81 -29.60 117.03 1.43
CA ASP CA 81 -28.80 116.10 0.63
C ASP CA 81 -29.18 116.20 -0.83
N THR CA 82 -28.31 116.79 -1.64
CA THR CA 82 -28.48 116.94 -3.08
C THR CA 82 -27.25 116.38 -3.78
N PRO CA 83 -27.21 115.08 -4.07
CA PRO CA 83 -26.03 114.49 -4.72
C PRO CA 83 -25.78 115.11 -6.08
N LEU CA 84 -24.50 115.28 -6.41
CA LEU CA 84 -24.13 115.82 -7.70
C LEU CA 84 -24.44 114.83 -8.81
N THR CA 85 -24.92 115.34 -9.94
CA THR CA 85 -25.31 114.52 -11.07
C THR CA 85 -24.75 115.13 -12.36
N ALA CA 86 -24.80 114.33 -13.42
CA ALA CA 86 -24.23 114.74 -14.70
C ALA CA 86 -24.95 115.95 -15.27
N LYS CA 87 -26.28 115.97 -15.21
CA LYS CA 87 -27.02 117.11 -15.74
C LYS CA 87 -26.71 118.38 -14.96
N GLN CA 88 -26.62 118.29 -13.63
CA GLN CA 88 -26.29 119.46 -12.84
C GLN CA 88 -24.87 119.94 -13.14
N LEU CA 89 -23.92 119.02 -13.27
CA LEU CA 89 -22.56 119.42 -13.60
C LEU CA 89 -22.49 120.11 -14.96
N PHE CA 90 -23.23 119.58 -15.93
CA PHE CA 90 -23.29 120.22 -17.25
C PHE CA 90 -23.88 121.61 -17.15
N LEU CA 91 -24.95 121.78 -16.36
CA LEU CA 91 -25.55 123.09 -16.20
C LEU CA 91 -24.61 124.09 -15.55
N GLU CA 92 -23.84 123.65 -14.55
CA GLU CA 92 -22.92 124.59 -13.90
C GLU CA 92 -21.70 124.90 -14.77
N THR CA 93 -21.24 123.95 -15.59
CA THR CA 93 -19.97 124.13 -16.31
C THR CA 93 -20.17 124.60 -17.75
N ALA CA 94 -20.88 123.82 -18.57
CA ALA CA 94 -20.88 124.05 -20.00
C ALA CA 94 -22.14 124.73 -20.52
N ALA CA 95 -23.26 124.65 -19.79
CA ALA CA 95 -24.50 125.24 -20.26
C ALA CA 95 -24.41 126.73 -20.49
N PRO CA 96 -23.87 127.55 -19.57
CA PRO CA 96 -23.77 128.99 -19.87
C PRO CA 96 -22.93 129.30 -21.10
N ALA CA 97 -21.83 128.57 -21.30
CA ALA CA 97 -20.95 128.83 -22.44
C ALA CA 97 -21.65 128.52 -23.76
N ILE CA 98 -22.29 127.34 -23.85
CA ILE CA 98 -22.99 126.98 -25.06
C ILE CA 98 -24.19 127.90 -25.29
N GLU CA 99 -24.86 128.31 -24.23
CA GLU CA 99 -25.96 129.26 -24.37
C GLU CA 99 -25.48 130.60 -24.92
N LYS CA 100 -24.36 131.10 -24.41
CA LYS CA 100 -23.80 132.35 -24.92
C LYS CA 100 -23.39 132.22 -26.38
N ASP CA 101 -22.76 131.10 -26.73
CA ASP CA 101 -22.36 130.90 -28.13
C ASP CA 101 -23.56 130.79 -29.06
N PHE CA 102 -24.63 130.13 -28.62
CA PHE CA 102 -25.84 130.04 -29.43
C PHE CA 102 -26.54 131.39 -29.56
N LYS CA 103 -26.56 132.19 -28.50
CA LYS CA 103 -27.11 133.54 -28.60
C LYS CA 103 -26.30 134.41 -29.54
N ALA CA 104 -24.98 134.27 -29.52
CA ALA CA 104 -24.12 135.04 -30.42
C ALA CA 104 -24.04 134.44 -31.82
N GLY CA 105 -24.59 133.25 -32.03
CA GLY CA 105 -24.55 132.62 -33.33
C GLY CA 105 -23.24 131.95 -33.67
N THR CA 106 -22.36 131.72 -32.70
CA THR CA 106 -21.06 131.14 -32.93
C THR CA 106 -20.99 129.67 -32.53
N PHE CA 107 -22.12 129.04 -32.22
CA PHE CA 107 -22.11 127.65 -31.81
C PHE CA 107 -21.83 126.74 -33.01
N ASP CA 108 -20.85 125.85 -32.85
CA ASP CA 108 -20.46 124.94 -33.92
C ASP CA 108 -20.66 123.49 -33.47
N PRO CA 109 -21.66 122.79 -34.00
CA PRO CA 109 -21.85 121.37 -33.62
C PRO CA 109 -20.68 120.47 -33.98
N GLU CA 110 -19.85 120.85 -34.95
CA GLU CA 110 -18.75 120.00 -35.37
C GLU CA 110 -17.66 119.90 -34.30
N HIS CA 111 -17.35 121.01 -33.64
CA HIS CA 111 -16.28 121.07 -32.65
C HIS CA 111 -16.86 121.49 -31.31
N LEU CA 112 -16.84 120.57 -30.34
CA LEU CA 112 -17.35 120.82 -29.00
C LEU CA 112 -16.25 120.73 -27.95
N GLU CA 113 -14.98 120.79 -28.37
CA GLU CA 113 -13.88 120.63 -27.43
C GLU CA 113 -13.70 121.84 -26.53
N LYS CA 114 -14.13 123.03 -26.98
CA LYS CA 114 -13.93 124.24 -26.18
C LYS CA 114 -14.83 124.31 -24.96
N TYR CA 115 -15.93 123.55 -24.95
CA TYR CA 115 -16.85 123.55 -23.82
C TYR CA 115 -16.45 122.57 -22.72
N GLY CA 116 -15.35 121.85 -22.89
CA GLY CA 116 -14.90 120.87 -21.93
C GLY CA 116 -15.05 119.43 -22.38
N PHE CA 117 -15.79 119.17 -23.45
CA PHE CA 117 -15.95 117.83 -23.97
C PHE CA 117 -14.66 117.36 -24.62
N GLU CA 118 -14.37 116.06 -24.48
CA GLU CA 118 -13.19 115.46 -25.06
C GLU CA 118 -13.60 114.36 -26.04
N PRO CA 119 -13.08 114.37 -27.27
CA PRO CA 119 -13.48 113.34 -28.24
C PRO CA 119 -12.99 111.96 -27.84
N THR CA 120 -11.71 111.84 -27.54
CA THR CA 120 -11.11 110.57 -27.14
C THR CA 120 -10.43 110.72 -25.79
N GLN CA 121 -10.23 109.59 -25.12
CA GLN CA 121 -9.62 109.57 -23.80
C GLN CA 121 -8.13 109.23 -23.83
N GLU CA 122 -7.65 108.59 -24.88
CA GLU CA 122 -6.26 108.13 -24.94
C GLU CA 122 -5.27 109.29 -25.00
N GLY CA 123 -5.71 110.51 -25.26
CA GLY CA 123 -4.81 111.63 -25.39
C GLY CA 123 -4.26 112.14 -24.08
N LYS CA 124 -5.14 112.46 -23.13
CA LYS CA 124 -4.71 113.10 -21.90
C LYS CA 124 -4.04 112.09 -20.97
N LEU CA 125 -3.56 112.58 -19.83
CA LEU CA 125 -2.82 111.75 -18.89
C LEU CA 125 -3.76 110.91 -18.03
N PHE CA 126 -4.61 111.57 -17.24
CA PHE CA 126 -5.54 110.88 -16.34
C PHE CA 126 -6.83 110.62 -17.11
N GLN CA 127 -7.05 109.35 -17.48
CA GLN CA 127 -8.22 108.96 -18.25
C GLN CA 127 -9.29 108.39 -17.33
N LEU CA 128 -10.53 108.44 -17.79
CA LEU CA 128 -11.68 108.12 -16.95
C LEU CA 128 -12.09 106.66 -17.07
N TYR CA 129 -12.51 106.24 -18.27
CA TYR CA 129 -12.97 104.85 -18.45
C TYR CA 129 -11.86 103.84 -18.20
N PRO CA 130 -10.65 103.98 -18.75
CA PRO CA 130 -9.57 103.06 -18.38
C PRO CA 130 -9.15 103.17 -16.92
N LYS CA 131 -9.41 104.30 -16.27
CA LYS CA 131 -9.06 104.53 -14.86
C LYS CA 131 -7.56 104.32 -14.63
N ASN CA 132 -6.77 105.17 -15.28
CA ASN CA 132 -5.32 105.06 -15.15
C ASN CA 132 -4.81 105.60 -13.82
N PHE CA 133 -5.61 106.38 -13.11
CA PHE CA 133 -5.15 106.88 -11.82
C PHE CA 133 -5.69 106.00 -10.71
N PRO CA 134 -4.86 105.63 -9.73
CA PRO CA 134 -5.36 104.87 -8.58
C PRO CA 134 -6.38 105.66 -7.77
N ARG CA 135 -5.98 106.82 -7.30
CA ARG CA 135 -6.85 107.67 -6.49
C ARG CA 135 -6.54 109.15 -6.70
N THR DA 35 -79.66 5.21 86.09
CA THR DA 35 -78.37 5.89 86.03
C THR DA 35 -77.51 5.32 84.90
N TYR DA 36 -77.51 6.01 83.76
CA TYR DA 36 -76.73 5.59 82.61
C TYR DA 36 -76.28 6.82 81.84
N SER DA 37 -75.02 6.80 81.38
CA SER DA 37 -74.47 7.89 80.61
C SER DA 37 -73.38 7.36 79.70
N SER DA 38 -73.43 7.75 78.43
CA SER DA 38 -72.41 7.31 77.48
C SER DA 38 -71.05 7.86 77.85
N LEU DA 39 -70.98 9.13 78.23
CA LEU DA 39 -69.73 9.74 78.67
C LEU DA 39 -69.73 9.90 80.18
N PRO DA 40 -68.57 9.76 80.82
CA PRO DA 40 -68.51 9.95 82.28
C PRO DA 40 -68.86 11.37 82.66
N ASP DA 41 -69.46 11.51 83.85
CA ASP DA 41 -69.88 12.80 84.38
C ASP DA 41 -68.80 13.45 85.23
N ASP DA 42 -67.53 13.12 85.01
CA ASP DA 42 -66.45 13.58 85.86
C ASP DA 42 -65.83 14.88 85.41
N TYR DA 43 -66.15 15.38 84.22
CA TYR DA 43 -65.49 16.57 83.69
C TYR DA 43 -66.52 17.60 83.20
N ASN DA 44 -66.71 18.63 84.03
CA ASN DA 44 -67.34 19.92 83.79
C ASN DA 44 -68.85 19.88 83.68
N CYS DA 45 -69.49 18.72 83.50
CA CYS DA 45 -70.94 18.73 83.37
C CYS DA 45 -71.48 17.32 83.46
N LYS DA 46 -72.76 17.22 83.80
CA LYS DA 46 -73.46 15.94 83.96
C LYS DA 46 -74.53 15.84 82.89
N VAL DA 47 -74.22 15.18 81.80
CA VAL DA 47 -75.12 15.10 80.65
C VAL DA 47 -76.15 14.00 80.87
N GLU DA 48 -77.43 14.36 80.69
CA GLU DA 48 -78.52 13.40 80.74
C GLU DA 48 -79.34 13.59 79.47
N LEU DA 49 -79.36 12.58 78.61
CA LEU DA 49 -80.06 12.66 77.33
C LEU DA 49 -81.47 12.11 77.46
N ALA DA 50 -82.38 12.67 76.67
CA ALA DA 50 -83.74 12.18 76.61
C ALA DA 50 -84.36 12.56 75.27
N LEU DA 51 -85.43 11.87 74.92
CA LEU DA 51 -86.10 12.05 73.64
C LEU DA 51 -87.57 12.37 73.89
N THR DA 52 -88.07 13.38 73.20
CA THR DA 52 -89.47 13.78 73.38
C THR DA 52 -90.41 12.65 72.97
N SER DA 53 -91.52 12.52 73.69
CA SER DA 53 -92.50 11.49 73.38
C SER DA 53 -93.00 11.58 71.94
N ASP DA 54 -93.03 12.78 71.37
CA ASP DA 54 -93.35 12.93 69.95
C ASP DA 54 -92.28 12.25 69.09
N GLY DA 55 -91.01 12.36 69.49
CA GLY DA 55 -89.92 11.71 68.80
C GLY DA 55 -89.13 12.60 67.87
N ARG DA 56 -89.46 13.88 67.77
CA ARG DA 56 -88.81 14.79 66.83
C ARG DA 56 -87.83 15.73 67.53
N THR DA 57 -87.63 15.58 68.84
CA THR DA 57 -86.75 16.49 69.56
C THR DA 57 -85.94 15.70 70.58
N ILE DA 58 -84.65 16.05 70.68
CA ILE DA 58 -83.76 15.47 71.68
C ILE DA 58 -83.41 16.55 72.68
N VAL DA 59 -83.64 16.26 73.96
CA VAL DA 59 -83.29 17.17 75.05
C VAL DA 59 -82.08 16.60 75.77
N CYS DA 60 -81.29 17.49 76.37
CA CYS DA 60 -80.15 17.06 77.16
C CYS DA 60 -79.97 18.02 78.32
N TYR DA 61 -80.18 17.52 79.53
CA TYR DA 61 -79.99 18.30 80.75
C TYR DA 61 -78.58 18.08 81.26
N HIS DA 62 -77.79 19.14 81.29
CA HIS DA 62 -76.35 19.06 81.54
C HIS DA 62 -75.90 20.15 82.50
N PRO DA 63 -76.22 20.01 83.79
CA PRO DA 63 -75.74 20.98 84.77
C PRO DA 63 -74.22 20.92 84.92
N SER DA 64 -73.64 22.07 85.24
CA SER DA 64 -72.21 22.15 85.45
C SER DA 64 -71.80 21.35 86.68
N VAL DA 65 -70.57 20.81 86.63
CA VAL DA 65 -70.00 20.08 87.74
C VAL DA 65 -68.95 20.95 88.40
N ASP DA 66 -69.11 21.18 89.70
CA ASP DA 66 -68.17 21.97 90.47
C ASP DA 66 -67.06 21.07 91.02
N ILE DA 67 -65.88 21.66 91.20
CA ILE DA 67 -64.75 20.92 91.75
C ILE DA 67 -64.96 20.77 93.25
N PRO DA 68 -65.02 19.54 93.77
CA PRO DA 68 -65.20 19.36 95.21
C PRO DA 68 -63.97 19.77 95.99
N TYR DA 69 -64.17 19.93 97.30
CA TYR DA 69 -63.09 20.43 98.16
C TYR DA 69 -61.95 19.42 98.29
N GLU DA 70 -62.25 18.13 98.26
CA GLU DA 70 -61.23 17.11 98.45
C GLU DA 70 -60.28 17.01 97.27
N HIS DA 71 -60.63 17.58 96.12
CA HIS DA 71 -59.80 17.52 94.92
C HIS DA 71 -59.01 18.80 94.69
N THR DA 72 -58.73 19.55 95.76
CA THR DA 72 -57.97 20.79 95.68
C THR DA 72 -56.83 20.76 96.68
N LYS DA 73 -55.89 21.68 96.51
CA LYS DA 73 -54.76 21.82 97.42
C LYS DA 73 -54.64 23.28 97.85
N PRO DA 74 -54.12 23.53 99.04
CA PRO DA 74 -54.04 24.91 99.53
C PRO DA 74 -53.05 25.75 98.73
N ILE DA 75 -53.24 27.05 98.79
CA ILE DA 75 -52.41 28.01 98.06
C ILE DA 75 -51.07 28.17 98.76
N PRO DA 76 -49.95 27.88 98.08
CA PRO DA 76 -48.64 28.16 98.67
C PRO DA 76 -48.38 29.66 98.75
N ARG DA 77 -47.82 30.10 99.88
CA ARG DA 77 -47.46 31.49 100.08
C ARG DA 77 -45.99 31.56 100.46
N PRO DA 78 -45.21 32.31 99.68
CA PRO DA 78 -43.78 32.46 99.90
C PRO DA 78 -43.48 33.93 100.18
N ASP DA 79 -43.18 34.24 101.44
CA ASP DA 79 -42.85 35.60 101.86
C ASP DA 79 -41.59 35.56 102.70
N PRO DA 80 -40.48 36.03 102.13
CA PRO DA 80 -39.20 36.03 102.83
C PRO DA 80 -38.41 37.26 102.38
N VAL DA 81 -37.92 38.04 103.35
CA VAL DA 81 -37.12 39.22 103.09
C VAL DA 81 -35.78 39.06 103.79
N HIS DA 82 -34.79 38.56 103.06
CA HIS DA 82 -33.46 38.32 103.61
C HIS DA 82 -32.54 39.53 103.50
N ASN DA 83 -32.98 40.61 102.86
CA ASN DA 83 -32.17 41.80 102.70
C ASN DA 83 -32.35 42.79 103.84
N ILE DA 84 -33.16 42.46 104.83
CA ILE DA 84 -33.40 43.36 105.96
C ILE DA 84 -32.18 43.36 106.87
N GLU DA 85 -31.72 44.55 107.24
CA GLU DA 85 -30.58 44.72 108.13
C GLU DA 85 -31.00 45.48 109.38
N GLU DA 86 -30.59 44.97 110.54
CA GLU DA 86 -30.96 45.59 111.80
C GLU DA 86 -30.29 46.95 111.99
N THR DA 87 -29.22 47.23 111.25
CA THR DA 87 -28.49 48.49 111.43
C THR DA 87 -29.22 49.64 110.73
N HIS DA 88 -29.53 49.47 109.45
CA HIS DA 88 -30.14 50.53 108.64
C HIS DA 88 -31.19 49.93 107.72
N ASP DA 89 -32.46 50.00 108.11
CA ASP DA 89 -33.53 49.51 107.25
C ASP DA 89 -33.71 50.40 106.03
N LEU DA 90 -33.29 51.66 106.10
CA LEU DA 90 -33.32 52.52 104.92
C LEU DA 90 -32.42 51.96 103.82
N VAL DA 91 -31.23 51.50 104.18
CA VAL DA 91 -30.37 50.83 103.21
C VAL DA 91 -30.85 49.41 102.91
N LEU DA 92 -31.50 48.75 103.88
CA LEU DA 92 -32.02 47.42 103.64
C LEU DA 92 -33.10 47.42 102.57
N LYS DA 93 -33.95 48.46 102.56
CA LYS DA 93 -34.99 48.56 101.55
C LYS DA 93 -34.39 48.70 100.15
N THR DA 94 -33.34 49.49 100.00
CA THR DA 94 -32.67 49.60 98.71
C THR DA 94 -31.82 48.38 98.39
N ARG DA 95 -31.48 47.56 99.39
CA ARG DA 95 -30.76 46.33 99.13
C ARG DA 95 -31.58 45.33 98.31
N LEU DA 96 -32.90 45.43 98.35
CA LEU DA 96 -33.77 44.59 97.54
C LEU DA 96 -34.17 45.23 96.22
N GLU DA 97 -33.78 46.48 95.99
CA GLU DA 97 -34.13 47.18 94.76
C GLU DA 97 -32.93 47.54 93.91
N GLU DA 98 -31.70 47.44 94.44
CA GLU DA 98 -30.49 47.77 93.69
C GLU DA 98 -29.99 46.61 92.86
N LYS DA 99 -30.84 45.64 92.54
CA LYS DA 99 -30.44 44.48 91.74
C LYS DA 99 -30.59 44.82 90.25
N GLY DA 100 -29.50 44.69 89.51
CA GLY DA 100 -29.52 44.96 88.07
C GLY DA 100 -28.46 44.10 87.40
N GLU DA 101 -28.63 43.89 86.10
CA GLU DA 101 -27.73 43.04 85.34
C GLU DA 101 -27.84 43.40 83.87
N HIS DA 102 -26.72 43.26 83.16
CA HIS DA 102 -26.66 43.58 81.74
C HIS DA 102 -25.80 42.54 81.04
N LEU DA 103 -26.28 42.04 79.91
CA LEU DA 103 -25.59 41.00 79.13
C LEU DA 103 -25.46 41.44 77.68
N GLU DA 104 -24.73 40.64 76.91
CA GLU DA 104 -24.57 40.87 75.49
C GLU DA 104 -25.77 40.32 74.72
N GLN DA 105 -25.82 40.63 73.43
CA GLN DA 105 -26.95 40.23 72.60
C GLN DA 105 -27.10 38.71 72.55
N GLY DA 106 -25.99 38.01 72.33
CA GLY DA 106 -26.01 36.56 72.23
C GLY DA 106 -26.47 35.87 73.49
N PRO DA 107 -25.79 36.13 74.62
CA PRO DA 107 -26.25 35.56 75.89
C PRO DA 107 -27.66 35.97 76.27
N MET DA 108 -28.06 37.21 76.00
CA MET DA 108 -29.41 37.63 76.35
C MET DA 108 -30.45 36.86 75.54
N ILE DA 109 -30.21 36.70 74.24
CA ILE DA 109 -31.13 35.95 73.41
C ILE DA 109 -31.16 34.48 73.82
N GLU DA 110 -30.01 33.93 74.18
CA GLU DA 110 -29.98 32.54 74.64
C GLU DA 110 -30.78 32.38 75.92
N GLN DA 111 -30.63 33.32 76.86
CA GLN DA 111 -31.38 33.25 78.10
C GLN DA 111 -32.88 33.37 77.85
N LEU DA 112 -33.28 34.29 76.97
CA LEU DA 112 -34.70 34.45 76.65
C LEU DA 112 -35.27 33.19 76.01
N SER DA 113 -34.52 32.59 75.07
CA SER DA 113 -34.98 31.38 74.42
C SER DA 113 -35.09 30.23 75.41
N LYS DA 114 -34.12 30.10 76.31
CA LYS DA 114 -34.20 29.04 77.32
C LYS DA 114 -35.35 29.27 78.28
N MET DA 115 -35.63 30.53 78.62
CA MET DA 115 -36.68 30.82 79.59
C MET DA 115 -38.07 30.62 79.01
N PHE DA 116 -38.26 30.98 77.73
CA PHE DA 116 -39.57 30.87 77.11
C PHE DA 116 -39.71 29.61 76.25
N PHE DA 117 -38.70 28.74 76.22
CA PHE DA 117 -38.75 27.48 75.46
C PHE DA 117 -39.02 27.74 73.97
N THR DA 118 -38.29 28.70 73.40
CA THR DA 118 -38.38 28.98 71.98
C THR DA 118 -37.00 28.91 71.33
N THR DA 119 -36.91 29.33 70.07
CA THR DA 119 -35.64 29.35 69.36
C THR DA 119 -34.97 30.71 69.51
N LYS DA 120 -33.70 30.78 69.10
CA LYS DA 120 -32.93 32.01 69.23
C LYS DA 120 -33.19 33.00 68.10
N HIS DA 121 -33.86 32.58 67.02
CA HIS DA 121 -34.06 33.44 65.87
C HIS DA 121 -35.27 34.36 66.00
N ARG DA 122 -36.13 34.13 66.99
CA ARG DA 122 -37.31 34.97 67.14
C ARG DA 122 -36.97 36.33 67.76
N TRP DA 123 -35.98 36.37 68.65
CA TRP DA 123 -35.67 37.58 69.40
C TRP DA 123 -34.83 38.58 68.62
N TYR DA 124 -34.31 38.20 67.46
CA TYR DA 124 -33.52 39.15 66.69
C TYR DA 124 -34.42 40.23 66.08
N PRO DA 125 -33.95 41.47 66.00
CA PRO DA 125 -34.79 42.55 65.45
C PRO DA 125 -35.05 42.40 63.96
N ARG DA 126 -35.80 43.34 63.39
CA ARG DA 126 -36.12 43.33 61.97
C ARG DA 126 -35.74 44.69 61.37
N GLY DA 127 -35.70 44.73 60.04
CA GLY DA 127 -35.25 45.91 59.34
C GLY DA 127 -36.32 46.96 59.13
N GLN DA 128 -35.91 48.06 58.51
CA GLN DA 128 -36.82 49.17 58.27
C GLN DA 128 -37.96 48.78 57.35
N TYR DA 129 -37.67 47.95 56.34
CA TYR DA 129 -38.71 47.56 55.39
C TYR DA 129 -39.86 46.85 56.08
N HIS DA 130 -39.57 45.95 57.01
CA HIS DA 130 -40.61 45.26 57.76
C HIS DA 130 -41.20 46.11 58.87
N ARG DA 131 -40.41 47.00 59.48
CA ARG DA 131 -40.94 47.84 60.54
C ARG DA 131 -41.84 48.96 60.03
N ARG DA 132 -41.72 49.33 58.75
CA ARG DA 132 -42.56 50.40 58.21
C ARG DA 132 -43.92 49.88 57.73
N ARG DA 133 -43.99 48.60 57.34
CA ARG DA 133 -45.19 48.06 56.73
C ARG DA 133 -46.18 47.48 57.74
N ARG DA 134 -45.86 47.56 59.04
CA ARG DA 134 -46.78 47.09 60.06
C ARG DA 134 -47.98 48.03 60.15
N LYS DA 135 -49.15 47.46 60.40
CA LYS DA 135 -50.38 48.24 60.45
C LYS DA 135 -50.40 49.07 61.74
N PRO DA 136 -50.54 50.40 61.66
CA PRO DA 136 -50.54 51.19 62.90
C PRO DA 136 -51.80 51.00 63.72
N ASN DA 137 -52.95 50.80 63.07
CA ASN DA 137 -54.23 50.66 63.74
C ASN DA 137 -54.90 49.37 63.27
N PRO DA 138 -54.49 48.22 63.80
CA PRO DA 138 -55.11 46.96 63.37
C PRO DA 138 -56.55 46.90 63.81
N PRO DA 139 -57.41 46.23 63.04
CA PRO DA 139 -58.80 46.07 63.46
C PRO DA 139 -58.92 45.22 64.71
N LYS DA 140 -59.95 45.50 65.50
CA LYS DA 140 -60.18 44.78 66.75
C LYS DA 140 -61.65 44.37 66.82
N ASP DA 141 -61.88 43.13 67.26
CA ASP DA 141 -63.22 42.60 67.45
C ASP DA 141 -63.58 42.64 68.93
N ARG DA 142 -64.82 42.24 69.22
CA ARG DA 142 -65.35 42.23 70.59
C ARG DA 142 -65.26 43.61 71.23
N THR EA 2 -57.84 42.77 46.20
CA THR EA 2 -56.85 42.02 46.97
C THR EA 2 -56.92 42.38 48.45
N ALA EA 3 -57.06 41.35 49.29
CA ALA EA 3 -57.14 41.59 50.73
C ALA EA 3 -55.84 42.16 51.27
N ARG EA 4 -54.70 41.63 50.83
CA ARG EA 4 -53.42 42.11 51.33
C ARG EA 4 -53.06 43.50 50.81
N GLY EA 5 -53.66 43.93 49.70
CA GLY EA 5 -53.37 45.24 49.15
C GLY EA 5 -54.22 46.34 49.73
N THR EA 6 -55.49 46.06 49.97
CA THR EA 6 -56.43 47.05 50.49
C THR EA 6 -56.58 46.90 52.00
N ALA EA 7 -57.42 47.74 52.58
CA ALA EA 7 -57.67 47.72 54.02
C ALA EA 7 -58.72 46.66 54.35
N SER EA 8 -59.02 46.52 55.64
CA SER EA 8 -60.00 45.55 56.10
C SER EA 8 -60.66 46.07 57.38
N ARG EA 9 -61.84 45.53 57.67
CA ARG EA 9 -62.58 45.89 58.86
C ARG EA 9 -63.48 44.73 59.25
N PHE EA 10 -63.98 44.78 60.47
CA PHE EA 10 -64.90 43.78 60.98
C PHE EA 10 -66.34 44.22 60.77
N LEU EA 11 -67.25 43.24 60.86
CA LEU EA 11 -68.68 43.51 60.71
C LEU EA 11 -69.15 44.31 61.91
N THR EA 12 -69.37 45.61 61.70
CA THR EA 12 -69.76 46.52 62.76
C THR EA 12 -71.01 47.29 62.36
N SER EA 13 -71.67 47.85 63.37
CA SER EA 13 -72.84 48.70 63.18
C SER EA 13 -72.69 49.94 64.05
N VAL EA 14 -73.20 51.06 63.55
CA VAL EA 14 -73.07 52.32 64.27
C VAL EA 14 -74.19 52.43 65.30
N LEU EA 15 -73.84 52.85 66.52
CA LEU EA 15 -74.79 53.04 67.62
C LEU EA 15 -75.58 51.79 67.93
N HIS EA 16 -75.02 50.62 67.60
CA HIS EA 16 -75.73 49.35 67.72
C HIS EA 16 -77.09 49.42 67.05
N ASN EA 17 -77.08 49.84 65.79
CA ASN EA 17 -78.31 50.09 65.04
C ASN EA 17 -79.15 48.82 64.94
N GLY EA 18 -80.46 49.01 64.96
CA GLY EA 18 -81.40 47.91 64.87
C GLY EA 18 -81.64 47.15 66.16
N LEU EA 19 -80.95 47.51 67.24
CA LEU EA 19 -81.16 46.83 68.51
C LEU EA 19 -82.36 47.39 69.25
N GLY EA 20 -82.31 48.68 69.59
CA GLY EA 20 -83.46 49.34 70.19
C GLY EA 20 -84.47 49.74 69.14
N ARG EA 21 -84.03 50.55 68.17
CA ARG EA 21 -84.88 50.95 67.06
C ARG EA 21 -83.99 51.18 65.85
N TYR EA 22 -84.60 51.08 64.67
CA TYR EA 22 -83.88 51.30 63.42
C TYR EA 22 -83.86 52.78 63.07
N VAL EA 23 -82.67 53.29 62.74
CA VAL EA 23 -82.50 54.67 62.32
C VAL EA 23 -81.83 54.65 60.95
N GLN EA 24 -82.44 55.34 59.99
CA GLN EA 24 -81.87 55.41 58.65
C GLN EA 24 -80.56 56.18 58.68
N GLN EA 25 -79.47 55.52 58.29
CA GLN EA 25 -78.15 56.13 58.40
C GLN EA 25 -77.88 57.18 57.36
N LEU EA 26 -78.70 57.27 56.31
CA LEU EA 26 -78.54 58.31 55.31
C LEU EA 26 -79.11 59.61 55.86
N GLN EA 27 -78.26 60.64 55.93
CA GLN EA 27 -78.65 61.94 56.45
C GLN EA 27 -79.10 62.90 55.36
N ARG EA 28 -78.28 63.11 54.32
CA ARG EA 28 -78.64 64.04 53.27
C ARG EA 28 -78.17 63.53 51.92
N LEU EA 29 -78.87 63.99 50.89
CA LEU EA 29 -78.60 63.61 49.50
C LEU EA 29 -78.62 64.89 48.68
N SER EA 30 -77.47 65.27 48.13
CA SER EA 30 -77.34 66.51 47.36
C SER EA 30 -77.08 66.17 45.90
N PHE EA 31 -78.07 66.40 45.04
CA PHE EA 31 -77.92 66.19 43.61
C PHE EA 31 -77.44 67.48 42.95
N SER EA 32 -76.42 67.35 42.11
CA SER EA 32 -75.90 68.45 41.31
C SER EA 32 -76.07 68.08 39.84
N LEU EA 33 -76.84 68.90 39.11
CA LEU EA 33 -77.14 68.59 37.71
C LEU EA 33 -77.12 69.86 36.86
N SER EA 34 -77.52 69.74 35.60
CA SER EA 34 -77.60 70.87 34.69
C SER EA 34 -78.91 70.80 33.90
N ARG EA 35 -79.38 71.96 33.46
CA ARG EA 35 -80.61 72.02 32.68
C ARG EA 35 -80.37 72.02 31.18
N ASP EA 36 -79.15 72.33 30.73
CA ASP EA 36 -78.83 72.39 29.32
C ASP EA 36 -77.91 71.27 28.86
N ALA EA 37 -77.24 70.58 29.78
CA ALA EA 37 -76.33 69.50 29.40
C ALA EA 37 -77.11 68.26 29.00
N PRO EA 38 -76.79 67.66 27.85
CA PRO EA 38 -77.47 66.41 27.45
C PRO EA 38 -77.20 65.26 28.39
N SER EA 39 -76.10 65.30 29.15
CA SER EA 39 -75.78 64.22 30.07
C SER EA 39 -76.67 64.22 31.30
N SER EA 40 -77.19 65.38 31.68
CA SER EA 40 -78.02 65.52 32.87
C SER EA 40 -79.49 65.16 32.63
N ARG EA 41 -79.78 64.49 31.51
CA ARG EA 41 -81.17 64.14 31.21
C ARG EA 41 -81.76 63.21 32.27
N GLY EA 42 -81.00 62.20 32.68
CA GLY EA 42 -81.51 61.28 33.68
C GLY EA 42 -81.75 61.95 35.02
N ALA EA 43 -80.81 62.80 35.45
CA ALA EA 43 -81.00 63.54 36.70
C ALA EA 43 -82.20 64.46 36.61
N ARG EA 44 -82.37 65.16 35.49
CA ARG EA 44 -83.51 66.04 35.33
C ARG EA 44 -84.82 65.27 35.41
N GLU EA 45 -84.92 64.15 34.69
CA GLU EA 45 -86.18 63.42 34.66
C GLU EA 45 -86.46 62.74 35.99
N PHE EA 46 -85.42 62.31 36.70
CA PHE EA 46 -85.62 61.81 38.06
C PHE EA 46 -86.14 62.91 38.97
N VAL EA 47 -85.61 64.13 38.84
CA VAL EA 47 -86.10 65.25 39.65
C VAL EA 47 -87.56 65.53 39.34
N GLU EA 48 -87.93 65.51 38.06
CA GLU EA 48 -89.33 65.74 37.70
C GLU EA 48 -90.24 64.66 38.27
N ARG EA 49 -89.83 63.39 38.19
CA ARG EA 49 -90.74 62.29 38.46
C ARG EA 49 -90.69 61.78 39.90
N GLU EA 50 -89.54 61.27 40.36
CA GLU EA 50 -89.51 60.42 41.54
C GLU EA 50 -88.82 61.03 42.76
N VAL EA 51 -88.27 62.23 42.66
CA VAL EA 51 -87.62 62.79 43.84
C VAL EA 51 -88.65 63.10 44.93
N THR EA 52 -89.86 63.54 44.55
CA THR EA 52 -90.89 63.84 45.54
C THR EA 52 -91.41 62.56 46.20
N ASP EA 53 -91.62 61.51 45.41
CA ASP EA 53 -92.07 60.24 45.99
C ASP EA 53 -91.03 59.67 46.93
N PHE EA 54 -89.75 59.73 46.55
CA PHE EA 54 -88.69 59.25 47.43
C PHE EA 54 -88.62 60.08 48.70
N ALA EA 55 -88.75 61.40 48.59
CA ALA EA 55 -88.73 62.26 49.77
C ALA EA 55 -89.90 61.94 50.71
N ARG EA 56 -91.09 61.71 50.16
CA ARG EA 56 -92.23 61.34 50.98
C ARG EA 56 -92.04 59.98 51.64
N ARG EA 57 -91.47 59.02 50.90
CA ARG EA 57 -91.24 57.69 51.47
C ARG EA 57 -90.21 57.75 52.59
N ASN EA 58 -89.15 58.54 52.44
CA ASN EA 58 -88.10 58.66 53.43
C ASN EA 58 -88.03 60.08 53.94
N PRO EA 59 -88.69 60.41 55.05
CA PRO EA 59 -88.64 61.78 55.57
C PRO EA 59 -87.40 62.11 56.37
N GLY EA 60 -86.58 61.13 56.71
CA GLY EA 60 -85.39 61.32 57.51
C GLY EA 60 -84.17 61.77 56.75
N VAL EA 61 -84.27 61.98 55.44
CA VAL EA 61 -83.14 62.40 54.60
C VAL EA 61 -83.46 63.77 54.02
N VAL EA 62 -82.49 64.67 54.08
CA VAL EA 62 -82.64 66.02 53.52
C VAL EA 62 -82.14 66.00 52.09
N ILE EA 63 -83.03 66.30 51.15
CA ILE EA 63 -82.72 66.23 49.72
C ILE EA 63 -82.52 67.65 49.20
N TYR EA 64 -81.33 67.90 48.65
CA TYR EA 64 -81.02 69.15 47.96
C TYR EA 64 -80.87 68.86 46.48
N VAL EA 65 -81.36 69.77 45.65
CA VAL EA 65 -81.20 69.68 44.19
C VAL EA 65 -80.64 71.01 43.70
N ASN EA 66 -79.58 70.96 42.92
CA ASN EA 66 -78.89 72.16 42.46
C ASN EA 66 -78.65 72.09 40.95
N PRO EA 67 -79.40 72.85 40.15
CA PRO EA 67 -79.02 73.05 38.76
C PRO EA 67 -77.91 74.09 38.65
N ARG EA 68 -76.90 73.76 37.84
CA ARG EA 68 -75.73 74.61 37.69
C ARG EA 68 -75.06 74.26 36.37
N PRO EA 69 -74.23 75.16 35.82
CA PRO EA 69 -73.52 74.83 34.59
C PRO EA 69 -72.44 73.79 34.80
N CYS EA 70 -72.83 72.52 34.88
CA CYS EA 70 -71.92 71.42 35.12
C CYS EA 70 -72.06 70.36 34.03
N CYS EA 71 -70.96 69.66 33.76
CA CYS EA 71 -70.92 68.64 32.73
C CYS EA 71 -71.08 67.23 33.27
N VAL EA 72 -70.69 66.99 34.51
CA VAL EA 72 -70.80 65.66 35.12
C VAL EA 72 -71.82 65.71 36.25
N PRO EA 73 -73.04 65.20 36.04
CA PRO EA 73 -74.03 65.20 37.13
C PRO EA 73 -73.60 64.25 38.25
N ARG EA 74 -73.71 64.75 39.48
CA ARG EA 74 -73.22 64.01 40.63
C ARG EA 74 -74.26 63.97 41.74
N VAL EA 75 -74.07 63.02 42.65
CA VAL EA 75 -74.91 62.91 43.84
C VAL EA 75 -73.99 62.71 45.05
N VAL EA 76 -74.18 63.53 46.06
CA VAL EA 76 -73.37 63.46 47.28
C VAL EA 76 -74.25 62.98 48.42
N ALA EA 77 -74.02 61.77 48.90
CA ALA EA 77 -74.75 61.24 50.04
C ALA EA 77 -73.90 61.35 51.29
N GLU EA 78 -74.41 62.06 52.29
CA GLU EA 78 -73.70 62.22 53.55
C GLU EA 78 -74.49 61.54 54.65
N TYR EA 79 -73.82 60.67 55.40
CA TYR EA 79 -74.44 59.77 56.36
C TYR EA 79 -74.22 60.29 57.78
N LEU EA 80 -74.91 59.64 58.73
CA LEU EA 80 -74.76 59.99 60.14
C LEU EA 80 -73.36 59.70 60.67
N ASN EA 81 -72.63 58.79 60.02
CA ASN EA 81 -71.27 58.48 60.46
C ASN EA 81 -70.32 59.66 60.20
N GLY EA 82 -70.78 60.65 59.44
CA GLY EA 82 -69.90 61.67 58.90
C GLY EA 82 -69.30 61.30 57.57
N ALA EA 83 -69.60 60.10 57.07
CA ALA EA 83 -69.05 59.64 55.80
C ALA EA 83 -69.77 60.30 54.63
N VAL EA 84 -68.98 60.70 53.63
CA VAL EA 84 -69.48 61.35 52.43
C VAL EA 84 -69.13 60.44 51.25
N ARG EA 85 -70.15 59.99 50.53
CA ARG EA 85 -69.97 59.16 49.35
C ARG EA 85 -70.48 59.95 48.14
N GLU EA 86 -69.58 60.22 47.20
CA GLU EA 86 -69.95 60.95 46.00
C GLU EA 86 -69.98 60.01 44.80
N GLU EA 87 -71.14 59.92 44.16
CA GLU EA 87 -71.34 59.04 43.01
C GLU EA 87 -71.66 59.89 41.79
N SER EA 88 -71.40 59.33 40.62
CA SER EA 88 -71.66 60.00 39.35
C SER EA 88 -72.92 59.42 38.74
N ILE EA 89 -73.87 60.30 38.41
CA ILE EA 89 -75.12 59.90 37.78
C ILE EA 89 -75.09 60.37 36.34
N HIS EA 90 -73.89 60.45 35.79
CA HIS EA 90 -73.66 60.93 34.42
C HIS EA 90 -74.20 59.91 33.42
N CYS EA 91 -75.21 60.32 32.65
CA CYS EA 91 -75.78 59.52 31.57
C CYS EA 91 -76.27 58.16 32.07
N LYS EA 92 -77.26 58.22 32.97
CA LYS EA 92 -77.94 57.04 33.46
C LYS EA 92 -79.44 57.26 33.39
N SER EA 93 -80.15 56.17 33.11
CA SER EA 93 -81.61 56.25 33.00
C SER EA 93 -82.23 56.42 34.38
N VAL EA 94 -83.53 56.75 34.38
CA VAL EA 94 -84.23 57.03 35.62
C VAL EA 94 -84.31 55.78 36.49
N GLU EA 95 -84.48 54.60 35.87
CA GLU EA 95 -84.48 53.37 36.64
C GLU EA 95 -83.16 53.16 37.36
N GLU EA 96 -82.04 53.39 36.65
CA GLU EA 96 -80.73 53.25 37.27
C GLU EA 96 -80.53 54.26 38.39
N ILE EA 97 -80.98 55.50 38.17
CA ILE EA 97 -80.83 56.52 39.20
C ILE EA 97 -81.65 56.16 40.44
N ALA EA 98 -82.87 55.67 40.24
CA ALA EA 98 -83.69 55.25 41.38
C ALA EA 98 -83.03 54.09 42.11
N ALA EA 99 -82.46 53.14 41.37
CA ALA EA 99 -81.77 52.02 42.02
C ALA EA 99 -80.57 52.51 42.83
N LEU EA 100 -79.79 53.43 42.27
CA LEU EA 100 -78.64 53.97 43.00
C LEU EA 100 -79.06 54.73 44.24
N VAL EA 101 -80.13 55.53 44.13
CA VAL EA 101 -80.62 56.28 45.28
C VAL EA 101 -81.12 55.34 46.37
N GLN EA 102 -81.84 54.29 45.98
CA GLN EA 102 -82.30 53.32 46.97
C GLN EA 102 -81.13 52.60 47.63
N LYS EA 103 -80.10 52.26 46.85
CA LYS EA 103 -78.92 51.63 47.42
C LYS EA 103 -78.22 52.55 48.41
N LEU EA 104 -78.09 53.84 48.06
CA LEU EA 104 -77.48 54.81 48.97
C LEU EA 104 -78.30 54.95 50.25
N ALA EA 105 -79.63 54.98 50.13
CA ALA EA 105 -80.48 55.08 51.31
C ALA EA 105 -80.35 53.84 52.19
N ASP EA 106 -80.25 52.67 51.56
CA ASP EA 106 -80.17 51.41 52.30
C ASP EA 106 -78.79 51.17 52.90
N GLN EA 107 -77.76 51.83 52.39
CA GLN EA 107 -76.42 51.66 52.92
C GLN EA 107 -76.30 52.29 54.31
N SER EA 108 -75.39 51.75 55.12
CA SER EA 108 -75.20 52.19 56.49
C SER EA 108 -74.12 53.26 56.64
N GLY EA 109 -73.40 53.59 55.57
CA GLY EA 109 -72.38 54.60 55.64
C GLY EA 109 -71.00 54.11 56.00
N LEU EA 110 -70.85 52.82 56.30
CA LEU EA 110 -69.54 52.28 56.61
C LEU EA 110 -68.75 52.03 55.34
N ASP EA 111 -67.42 51.93 55.50
CA ASP EA 111 -66.53 51.82 54.36
C ASP EA 111 -66.79 50.53 53.60
N VAL EA 112 -66.74 50.61 52.27
CA VAL EA 112 -66.94 49.42 51.41
C VAL EA 112 -65.56 48.81 51.21
N ILE EA 113 -65.16 47.98 52.18
CA ILE EA 113 -63.92 47.25 52.16
C ILE EA 113 -64.19 45.81 52.58
N ARG EA 114 -63.14 45.00 52.63
CA ARG EA 114 -63.30 43.59 52.93
C ARG EA 114 -63.69 43.41 54.40
N ILE EA 115 -64.84 42.79 54.63
CA ILE EA 115 -65.26 42.44 55.98
C ILE EA 115 -64.63 41.09 56.32
N ARG EA 116 -63.86 41.06 57.41
CA ARG EA 116 -63.10 39.86 57.76
C ARG EA 116 -64.04 38.69 58.08
N LYS EA 117 -65.10 38.97 58.81
CA LYS EA 117 -66.00 37.89 59.21
C LYS EA 117 -67.44 38.24 58.85
N PRO EA 118 -68.20 37.29 58.28
CA PRO EA 118 -69.60 37.55 57.93
C PRO EA 118 -70.55 37.61 59.12
N PHE EA 119 -70.02 37.83 60.32
CA PHE EA 119 -70.75 37.66 61.55
C PHE EA 119 -70.11 38.51 62.63
N HIS EA 120 -70.89 38.82 63.67
CA HIS EA 120 -70.40 39.65 64.77
C HIS EA 120 -71.31 39.44 65.97
N THR EA 121 -70.81 38.81 67.02
CA THR EA 121 -71.55 38.69 68.28
C THR EA 121 -70.69 39.27 69.39
N ASP EA 122 -71.35 39.90 70.35
CA ASP EA 122 -70.69 40.29 71.59
C ASP EA 122 -70.89 39.18 72.61
N SER EA 123 -69.80 38.74 73.23
CA SER EA 123 -69.81 37.68 74.23
C SER EA 123 -70.37 36.37 73.67
N PRO EA 124 -69.65 35.68 72.79
CA PRO EA 124 -70.06 34.34 72.34
C PRO EA 124 -69.73 33.23 73.31
N SER EA 125 -69.18 33.55 74.48
CA SER EA 125 -68.71 32.56 75.44
C SER EA 125 -69.77 32.25 76.49
N ILE EA 126 -71.04 32.33 76.10
CA ILE EA 126 -72.11 31.86 76.98
C ILE EA 126 -71.79 30.45 77.42
N GLN EA 127 -72.13 30.12 78.67
CA GLN EA 127 -72.04 28.74 79.14
C GLN EA 127 -70.57 28.32 79.27
N GLY EA 128 -69.66 29.27 79.10
CA GLY EA 128 -68.24 29.02 79.22
C GLY EA 128 -67.56 28.98 77.87
N GLN EA 129 -66.23 29.07 77.92
CA GLN EA 129 -65.38 29.01 76.75
C GLN EA 129 -64.32 27.94 76.97
N TRP EA 130 -63.90 27.29 75.88
CA TRP EA 130 -62.98 26.17 76.01
C TRP EA 130 -61.63 26.63 76.51
N HIS EA 131 -61.14 25.97 77.56
CA HIS EA 131 -59.78 26.06 78.04
C HIS EA 131 -59.30 24.64 78.31
N PRO EA 132 -57.98 24.40 78.30
CA PRO EA 132 -57.49 23.02 78.36
C PRO EA 132 -57.99 22.24 79.57
N PHE EA 133 -58.32 22.95 80.64
CA PHE EA 133 -58.80 22.31 81.87
C PHE EA 133 -60.30 22.08 81.90
N THR EA 134 -61.02 22.43 80.84
CA THR EA 134 -62.48 22.29 80.86
C THR EA 134 -62.94 20.86 80.61
N ASN EA 135 -62.04 19.95 80.26
CA ASN EA 135 -62.41 18.55 80.01
C ASN EA 135 -61.49 17.56 80.71
N LYS EA 136 -60.58 18.03 81.57
CA LYS EA 136 -59.72 17.09 82.28
C LYS EA 136 -60.27 16.82 83.67
N PRO EA 137 -60.37 15.55 84.05
CA PRO EA 137 -60.82 15.22 85.41
C PRO EA 137 -59.80 15.64 86.46
N THR EA 138 -60.32 15.94 87.64
CA THR EA 138 -59.49 16.30 88.78
C THR EA 138 -59.13 15.06 89.58
N THR EA 139 -57.88 15.00 90.04
CA THR EA 139 -57.39 13.89 90.83
C THR EA 139 -57.53 14.20 92.32
N LEU EA 140 -57.53 13.14 93.12
CA LEU EA 140 -57.74 13.27 94.56
C LEU EA 140 -56.57 14.01 95.19
N GLY EA 141 -56.83 15.22 95.67
CA GLY EA 141 -55.81 16.06 96.27
C GLY EA 141 -55.07 16.97 95.31
N GLY EA 142 -55.40 16.92 94.02
CA GLY EA 142 -54.72 17.76 93.04
C GLY EA 142 -53.26 17.44 92.88
N LEU EA 143 -52.90 16.16 92.94
CA LEU EA 143 -51.51 15.75 92.85
C LEU EA 143 -51.05 15.66 91.39
N ARG EA 144 -49.75 15.85 91.20
CA ARG EA 144 -49.13 15.69 89.90
C ARG EA 144 -49.03 14.21 89.55
N PRO EA 145 -48.83 13.87 88.27
CA PRO EA 145 -48.80 12.45 87.89
C PRO EA 145 -47.78 11.63 88.65
N ARG EA 146 -46.60 12.18 88.93
CA ARG EA 146 -45.55 11.47 89.64
C ARG EA 146 -45.19 12.13 90.96
N GLU EA 147 -46.14 12.84 91.58
CA GLU EA 147 -45.91 13.47 92.87
C GLU EA 147 -46.48 12.59 93.98
N VAL EA 148 -45.69 12.38 95.02
CA VAL EA 148 -46.09 11.55 96.16
C VAL EA 148 -46.39 12.46 97.34
N GLN EA 149 -47.50 12.20 98.01
CA GLN EA 149 -47.92 13.01 99.16
C GLN EA 149 -47.47 12.37 100.47
N ALA FA 31 -45.59 69.77 23.89
CA ALA FA 31 -46.91 70.37 24.00
C ALA FA 31 -47.99 69.45 23.47
N LYS FA 32 -48.79 68.89 24.36
CA LYS FA 32 -49.90 68.02 24.00
C LYS FA 32 -51.19 68.82 24.07
N LYS FA 33 -51.93 68.83 22.95
CA LYS FA 33 -53.17 69.60 22.87
C LYS FA 33 -54.27 68.88 23.64
N GLY FA 34 -54.74 69.48 24.72
CA GLY FA 34 -55.79 68.88 25.51
C GLY FA 34 -56.12 69.63 26.79
N PHE FA 35 -57.38 69.54 27.21
CA PHE FA 35 -57.84 70.14 28.45
C PHE FA 35 -58.24 69.12 29.50
N ARG FA 36 -58.69 67.93 29.07
CA ARG FA 36 -59.12 66.91 30.02
C ARG FA 36 -57.96 66.47 30.90
N ALA FA 37 -56.78 66.25 30.31
CA ALA FA 37 -55.62 65.83 31.09
C ALA FA 37 -55.22 66.91 32.08
N ALA FA 38 -55.22 68.17 31.64
CA ALA FA 38 -54.85 69.27 32.55
C ALA FA 38 -55.82 69.38 33.70
N TYR FA 39 -57.13 69.25 33.43
CA TYR FA 39 -58.12 69.39 34.49
C TYR FA 39 -58.07 68.21 35.46
N ARG FA 40 -57.83 67.00 34.94
CA ARG FA 40 -57.67 65.83 35.80
C ARG FA 40 -56.42 65.98 36.67
N PHE FA 41 -55.33 66.51 36.10
CA PHE FA 41 -54.14 66.74 36.90
C PHE FA 41 -54.35 67.84 37.92
N GLN FA 42 -55.22 68.82 37.62
CA GLN FA 42 -55.58 69.80 38.63
C GLN FA 42 -56.34 69.16 39.78
N LYS FA 43 -57.24 68.22 39.47
CA LYS FA 43 -57.89 67.44 40.53
C LYS FA 43 -56.86 66.71 41.38
N GLU FA 44 -55.90 66.05 40.72
CA GLU FA 44 -54.87 65.31 41.46
C GLU FA 44 -53.98 66.23 42.28
N LEU FA 45 -53.69 67.43 41.76
CA LEU FA 45 -52.91 68.40 42.51
C LEU FA 45 -53.65 68.87 43.75
N GLU FA 46 -54.96 69.10 43.62
CA GLU FA 46 -55.76 69.45 44.79
C GLU FA 46 -55.78 68.32 45.80
N ARG FA 47 -55.86 67.07 45.32
CA ARG FA 47 -55.82 65.92 46.22
C ARG FA 47 -54.48 65.84 46.95
N TRP FA 48 -53.38 66.07 46.25
CA TRP FA 48 -52.07 66.05 46.89
C TRP FA 48 -51.92 67.17 47.91
N ARG FA 49 -52.43 68.36 47.58
CA ARG FA 49 -52.42 69.47 48.53
C ARG FA 49 -53.22 69.12 49.77
N LEU FA 50 -54.39 68.49 49.59
CA LEU FA 50 -55.21 68.07 50.71
C LEU FA 50 -54.48 67.05 51.58
N LEU FA 51 -53.80 66.09 50.95
CA LEU FA 51 -53.05 65.08 51.69
C LEU FA 51 -51.89 65.71 52.45
N ARG FA 52 -51.21 66.68 51.84
CA ARG FA 52 -50.04 67.29 52.48
C ARG FA 52 -50.45 68.17 53.65
N CYS FA 53 -51.28 69.18 53.39
CA CYS FA 53 -51.73 70.08 54.45
C CYS FA 53 -53.24 69.91 54.68
N PRO FA 54 -53.66 69.15 55.69
CA PRO FA 54 -55.09 68.98 55.94
C PRO FA 54 -55.70 70.25 56.49
N PRO FA 55 -56.88 70.64 56.00
CA PRO FA 55 -57.53 71.85 56.49
C PRO FA 55 -58.17 71.61 57.83
N PRO FA 56 -58.37 72.67 58.62
CA PRO FA 56 -59.09 72.53 59.89
C PRO FA 56 -60.54 72.16 59.64
N PRO FA 57 -61.17 71.43 60.57
CA PRO FA 57 -62.57 71.03 60.37
C PRO FA 57 -63.48 72.24 60.35
N VAL FA 58 -64.30 72.35 59.31
CA VAL FA 58 -65.23 73.44 59.16
C VAL FA 58 -66.63 72.94 59.48
N ARG FA 59 -67.53 73.88 59.75
CA ARG FA 59 -68.88 73.54 60.18
C ARG FA 59 -69.73 73.06 59.01
N ARG FA 60 -70.61 72.09 59.29
CA ARG FA 60 -71.57 71.66 58.30
C ARG FA 60 -72.52 72.79 57.90
N SER FA 61 -72.85 73.66 58.86
CA SER FA 61 -73.65 74.83 58.54
C SER FA 61 -72.93 75.76 57.58
N GLU FA 62 -71.63 75.98 57.80
CA GLU FA 62 -70.83 76.80 56.91
C GLU FA 62 -70.58 76.13 55.56
N LYS FA 63 -70.71 74.81 55.48
CA LYS FA 63 -70.66 74.15 54.18
C LYS FA 63 -71.87 74.57 53.35
N PRO FA 64 -71.76 74.54 52.02
CA PRO FA 64 -72.80 75.16 51.18
C PRO FA 64 -74.19 74.56 51.35
N ASN FA 65 -74.33 73.24 51.22
CA ASN FA 65 -75.64 72.60 51.29
C ASN FA 65 -76.09 72.54 52.74
N TRP FA 66 -76.97 73.46 53.12
CA TRP FA 66 -77.45 73.52 54.51
C TRP FA 66 -78.77 74.26 54.56
N ASP FA 67 -79.68 73.75 55.39
CA ASP FA 67 -80.98 74.40 55.62
C ASP FA 67 -81.45 73.99 56.99
N TYR FA 68 -81.35 74.90 57.96
CA TYR FA 68 -81.48 74.53 59.38
C TYR FA 68 -82.86 73.97 59.69
N HIS FA 69 -83.92 74.56 59.14
CA HIS FA 69 -85.26 74.06 59.42
C HIS FA 69 -85.44 72.64 58.88
N ALA FA 70 -84.94 72.39 57.67
CA ALA FA 70 -85.01 71.03 57.12
C ALA FA 70 -84.20 70.06 57.95
N GLU FA 71 -83.03 70.48 58.43
CA GLU FA 71 -82.22 69.61 59.28
C GLU FA 71 -82.95 69.30 60.58
N ILE FA 72 -83.61 70.29 61.18
CA ILE FA 72 -84.34 70.07 62.42
C ILE FA 72 -85.48 69.08 62.18
N GLN FA 73 -86.23 69.27 61.09
CA GLN FA 73 -87.32 68.36 60.80
C GLN FA 73 -86.83 66.94 60.55
N ALA FA 74 -85.72 66.81 59.81
CA ALA FA 74 -85.17 65.47 59.56
C ALA FA 74 -84.66 64.83 60.84
N PHE FA 75 -84.03 65.61 61.73
CA PHE FA 75 -83.60 65.07 63.00
C PHE FA 75 -84.78 64.59 63.84
N GLY FA 76 -85.88 65.35 63.83
CA GLY FA 76 -87.06 64.90 64.54
C GLY FA 76 -87.69 63.65 63.94
N HIS FA 77 -87.66 63.55 62.60
CA HIS FA 77 -88.35 62.45 61.94
C HIS FA 77 -87.54 61.16 61.92
N ARG FA 78 -86.21 61.24 61.90
CA ARG FA 78 -85.39 60.05 61.74
C ARG FA 78 -85.37 59.19 63.00
N LEU FA 79 -85.79 59.72 64.14
CA LEU FA 79 -85.81 58.98 65.39
C LEU FA 79 -87.20 58.43 65.73
N GLN FA 80 -88.14 58.52 64.79
CA GLN FA 80 -89.53 58.11 65.01
C GLN FA 80 -90.13 58.81 66.23
N GLU FA 81 -89.78 60.08 66.39
CA GLU FA 81 -90.24 60.90 67.50
C GLU FA 81 -90.95 62.15 66.97
N THR FA 82 -91.69 62.81 67.85
CA THR FA 82 -92.46 64.00 67.51
C THR FA 82 -92.06 65.10 68.49
N PHE FA 83 -91.01 65.84 68.15
CA PHE FA 83 -90.55 66.95 68.97
C PHE FA 83 -91.36 68.21 68.66
N SER FA 84 -91.05 69.27 69.41
CA SER FA 84 -91.53 70.60 69.11
C SER FA 84 -90.39 71.41 68.51
N LEU FA 85 -90.66 72.08 67.40
CA LEU FA 85 -89.60 72.81 66.69
C LEU FA 85 -89.01 73.92 67.55
N ASP FA 86 -89.87 74.66 68.25
CA ASP FA 86 -89.38 75.71 69.14
C ASP FA 86 -88.52 75.13 70.26
N LEU FA 87 -88.94 74.00 70.82
CA LEU FA 87 -88.15 73.37 71.87
C LEU FA 87 -86.80 72.89 71.36
N LEU FA 88 -86.77 72.33 70.15
CA LEU FA 88 -85.51 71.88 69.58
C LEU FA 88 -84.57 73.05 69.30
N LYS FA 89 -85.09 74.13 68.74
CA LYS FA 89 -84.26 75.31 68.51
C LYS FA 89 -83.79 75.92 69.82
N THR FA 90 -84.61 75.83 70.87
CA THR FA 90 -84.18 76.23 72.20
C THR FA 90 -83.03 75.36 72.70
N ALA FA 91 -83.13 74.04 72.49
CA ALA FA 91 -82.12 73.12 73.01
C ALA FA 91 -80.81 73.20 72.24
N PHE FA 92 -80.85 73.56 70.96
CA PHE FA 92 -79.67 73.50 70.12
C PHE FA 92 -78.81 74.77 70.16
N VAL FA 93 -79.20 75.77 70.94
CA VAL FA 93 -78.40 76.99 71.10
C VAL FA 93 -77.60 76.87 72.38
N ASN FA 94 -76.48 77.58 72.45
CA ASN FA 94 -75.54 77.45 73.56
C ASN FA 94 -75.09 78.82 74.06
N SER FA 95 -74.70 78.84 75.34
CA SER FA 95 -74.24 80.07 75.96
C SER FA 95 -72.97 80.60 75.31
N CYS FA 96 -72.05 79.70 74.94
CA CYS FA 96 -70.84 80.13 74.24
C CYS FA 96 -71.18 80.74 72.89
N TYR FA 97 -72.15 80.16 72.18
CA TYR FA 97 -72.62 80.73 70.92
C TYR FA 97 -73.19 82.13 71.15
N ILE FA 98 -74.01 82.29 72.18
CA ILE FA 98 -74.60 83.59 72.47
C ILE FA 98 -73.53 84.62 72.79
N LYS FA 99 -72.54 84.23 73.60
CA LYS FA 99 -71.46 85.15 73.95
C LYS FA 99 -70.64 85.53 72.72
N SER FA 100 -70.38 84.57 71.83
CA SER FA 100 -69.62 84.88 70.62
C SER FA 100 -70.38 85.86 69.73
N GLU FA 101 -71.68 85.64 69.53
CA GLU FA 101 -72.42 86.55 68.67
C GLU FA 101 -72.60 87.92 69.34
N GLU FA 102 -72.67 87.96 70.68
CA GLU FA 102 -72.68 89.25 71.36
C GLU FA 102 -71.35 89.98 71.22
N ALA FA 103 -70.24 89.26 71.26
CA ALA FA 103 -68.94 89.88 71.02
C ALA FA 103 -68.85 90.42 69.59
N LYS FA 104 -69.37 89.66 68.62
CA LYS FA 104 -69.41 90.17 67.25
C LYS FA 104 -70.29 91.41 67.16
N ARG FA 105 -71.41 91.42 67.88
CA ARG FA 105 -72.28 92.59 67.90
C ARG FA 105 -71.55 93.81 68.46
N GLN FA 106 -70.82 93.62 69.56
CA GLN FA 106 -70.05 94.73 70.14
C GLN FA 106 -68.96 95.21 69.20
N LYS FA 107 -68.29 94.28 68.50
CA LYS FA 107 -67.24 94.66 67.57
C LYS FA 107 -67.79 95.41 66.35
N LEU FA 108 -68.97 95.02 65.86
CA LEU FA 108 -69.53 95.63 64.67
C LEU FA 108 -70.28 96.93 64.93
N GLY FA 109 -70.95 97.06 66.07
CA GLY FA 109 -71.68 98.28 66.37
C GLY FA 109 -73.11 98.32 65.90
N ILE FA 110 -73.80 97.17 65.90
CA ILE FA 110 -75.19 97.09 65.47
C ILE FA 110 -76.03 96.63 66.64
N ASP FA 111 -77.28 97.10 66.67
CA ASP FA 111 -78.21 96.79 67.76
C ASP FA 111 -78.89 95.47 67.48
N LYS FA 112 -78.67 94.48 68.37
CA LYS FA 112 -79.35 93.20 68.29
C LYS FA 112 -80.05 92.84 69.60
N GLU FA 113 -80.12 93.76 70.56
CA GLU FA 113 -80.65 93.44 71.88
C GLU FA 113 -82.12 93.03 71.83
N ALA FA 114 -82.84 93.38 70.76
CA ALA FA 114 -84.27 93.07 70.69
C ALA FA 114 -84.50 91.57 70.51
N ALA FA 115 -83.78 90.95 69.58
CA ALA FA 115 -84.00 89.54 69.25
C ALA FA 115 -82.90 88.61 69.73
N LEU FA 116 -81.67 89.13 69.90
CA LEU FA 116 -80.56 88.28 70.29
C LEU FA 116 -80.66 87.89 71.76
N LEU FA 117 -81.28 88.73 72.58
CA LEU FA 117 -81.40 88.47 74.02
C LEU FA 117 -82.50 87.48 74.35
N ASN FA 118 -83.37 87.15 73.40
CA ASN FA 118 -84.48 86.22 73.62
C ASN FA 118 -84.20 84.84 73.02
N LEU FA 119 -82.96 84.39 73.05
CA LEU FA 119 -82.62 83.10 72.48
C LEU FA 119 -82.95 81.93 73.40
N LYS FA 120 -83.19 82.20 74.70
CA LYS FA 120 -83.65 81.19 75.64
C LYS FA 120 -82.65 80.02 75.71
N ASP FA 121 -81.49 80.35 76.28
CA ASP FA 121 -80.40 79.38 76.44
C ASP FA 121 -80.92 78.05 76.98
N ASN FA 122 -80.28 76.96 76.57
CA ASN FA 122 -80.73 75.60 76.84
C ASN FA 122 -80.24 75.07 78.19
N GLN FA 123 -79.90 75.95 79.13
CA GLN FA 123 -79.40 75.50 80.42
C GLN FA 123 -80.46 74.70 81.18
N GLU FA 124 -81.68 75.24 81.27
CA GLU FA 124 -82.73 74.55 82.01
C GLU FA 124 -83.12 73.24 81.33
N LEU FA 125 -83.15 73.22 80.00
CA LEU FA 125 -83.45 71.98 79.28
C LEU FA 125 -82.37 70.94 79.53
N SER FA 126 -81.10 71.37 79.52
CA SER FA 126 -80.01 70.43 79.78
C SER FA 126 -80.07 69.87 81.19
N GLU FA 127 -80.35 70.72 82.18
CA GLU FA 127 -80.46 70.23 83.56
C GLU FA 127 -81.63 69.27 83.73
N GLN FA 128 -82.78 69.60 83.14
CA GLN FA 128 -83.93 68.71 83.22
C GLN FA 128 -83.63 67.37 82.54
N GLY FA 129 -82.99 67.41 81.37
CA GLY FA 129 -82.63 66.17 80.70
C GLY FA 129 -81.66 65.33 81.49
N ILE FA 130 -80.65 65.97 82.10
CA ILE FA 130 -79.69 65.24 82.91
C ILE FA 130 -80.38 64.57 84.08
N SER FA 131 -81.23 65.32 84.79
CA SER FA 131 -81.92 64.77 85.95
C SER FA 131 -82.81 63.60 85.54
N PHE FA 132 -83.61 63.78 84.48
CA PHE FA 132 -84.51 62.71 84.07
C PHE FA 132 -83.75 61.49 83.60
N SER FA 133 -82.67 61.69 82.83
CA SER FA 133 -81.89 60.56 82.34
C SER FA 133 -81.25 59.78 83.48
N GLN FA 134 -80.68 60.49 84.46
CA GLN FA 134 -80.08 59.82 85.60
C GLN FA 134 -81.11 59.04 86.38
N THR FA 135 -82.26 59.66 86.66
CA THR FA 135 -83.31 58.97 87.41
C THR FA 135 -83.83 57.75 86.67
N CYS FA 136 -84.05 57.89 85.35
CA CYS FA 136 -84.59 56.79 84.57
C CYS FA 136 -83.59 55.64 84.46
N LEU FA 137 -82.30 55.95 84.27
CA LEU FA 137 -81.29 54.90 84.23
C LEU FA 137 -81.17 54.20 85.58
N THR FA 138 -81.23 54.96 86.67
CA THR FA 138 -81.20 54.35 87.99
C THR FA 138 -82.38 53.42 88.19
N GLN FA 139 -83.58 53.85 87.78
CA GLN FA 139 -84.75 52.99 87.89
C GLN FA 139 -84.62 51.74 87.03
N PHE FA 140 -84.13 51.90 85.80
CA PHE FA 140 -83.92 50.76 84.91
C PHE FA 140 -82.99 49.73 85.56
N PHE FA 141 -81.85 50.19 86.07
CA PHE FA 141 -80.89 49.26 86.64
C PHE FA 141 -81.39 48.66 87.95
N GLU FA 142 -82.19 49.42 88.71
CA GLU FA 142 -82.74 48.88 89.95
C GLU FA 142 -83.79 47.81 89.67
N ASP FA 143 -84.59 47.97 88.62
CA ASP FA 143 -85.56 46.92 88.30
C ASP FA 143 -84.92 45.76 87.55
N ALA FA 144 -83.78 45.98 86.90
CA ALA FA 144 -83.13 44.90 86.15
C ALA FA 144 -82.25 44.05 87.04
N PHE FA 145 -81.34 44.68 87.79
CA PHE FA 145 -80.41 43.96 88.68
C PHE FA 145 -80.70 44.37 90.11
N PRO FA 146 -81.61 43.70 90.81
CA PRO FA 146 -81.93 44.09 92.19
C PRO FA 146 -80.79 43.89 93.17
N ASP FA 147 -79.82 43.03 92.85
CA ASP FA 147 -78.74 42.73 93.78
C ASP FA 147 -77.55 43.68 93.64
N LEU FA 148 -77.57 44.57 92.66
CA LEU FA 148 -76.46 45.50 92.48
C LEU FA 148 -76.49 46.56 93.58
N PRO FA 149 -75.36 46.86 94.20
CA PRO FA 149 -75.34 47.86 95.28
C PRO FA 149 -75.54 49.27 94.75
N THR FA 150 -75.72 50.19 95.70
CA THR FA 150 -75.97 51.59 95.35
C THR FA 150 -74.77 52.20 94.63
N GLU FA 151 -73.56 51.91 95.11
CA GLU FA 151 -72.38 52.43 94.43
C GLU FA 151 -72.24 51.83 93.03
N GLY FA 152 -72.60 50.56 92.87
CA GLY FA 152 -72.54 49.95 91.55
C GLY FA 152 -73.52 50.57 90.57
N VAL FA 153 -74.76 50.78 91.01
CA VAL FA 153 -75.74 51.40 90.11
C VAL FA 153 -75.37 52.85 89.82
N THR FA 154 -74.82 53.57 90.81
CA THR FA 154 -74.36 54.92 90.56
C THR FA 154 -73.22 54.94 89.54
N SER FA 155 -72.29 53.99 89.65
CA SER FA 155 -71.20 53.91 88.68
C SER FA 155 -71.72 53.59 87.29
N LEU FA 156 -72.71 52.69 87.18
CA LEU FA 156 -73.28 52.38 85.88
C LEU FA 156 -73.96 53.60 85.27
N VAL FA 157 -74.74 54.34 86.07
CA VAL FA 157 -75.42 55.53 85.57
C VAL FA 157 -74.39 56.58 85.14
N ASP FA 158 -73.35 56.77 85.94
CA ASP FA 158 -72.32 57.74 85.60
C ASP FA 158 -71.57 57.36 84.33
N PHE FA 159 -71.30 56.07 84.14
CA PHE FA 159 -70.66 55.63 82.90
C PHE FA 159 -71.57 55.85 81.70
N LEU FA 160 -72.86 55.56 81.83
CA LEU FA 160 -73.77 55.76 80.72
C LEU FA 160 -73.96 57.23 80.40
N THR FA 161 -73.88 58.11 81.39
CA THR FA 161 -74.01 59.54 81.19
C THR FA 161 -72.67 60.25 81.11
N SER FA 162 -71.58 59.51 80.99
CA SER FA 162 -70.25 60.09 80.96
C SER FA 162 -70.02 60.84 79.65
N GLU FA 163 -68.89 61.55 79.59
CA GLU FA 163 -68.58 62.37 78.42
C GLU FA 163 -68.41 61.52 77.17
N GLU FA 164 -67.68 60.40 77.28
CA GLU FA 164 -67.34 59.63 76.09
C GLU FA 164 -68.56 59.02 75.42
N VAL FA 165 -69.39 58.34 76.20
CA VAL FA 165 -70.55 57.64 75.64
C VAL FA 165 -71.55 58.63 75.05
N VAL FA 166 -71.86 59.69 75.81
CA VAL FA 166 -72.84 60.67 75.34
C VAL FA 166 -72.32 61.40 74.12
N CYS FA 167 -71.03 61.75 74.12
CA CYS FA 167 -70.46 62.44 72.96
C CYS FA 167 -70.46 61.55 71.73
N HIS FA 168 -70.14 60.26 71.90
CA HIS FA 168 -70.18 59.33 70.77
C HIS FA 168 -71.60 59.22 70.21
N VAL FA 169 -72.59 59.09 71.10
CA VAL FA 169 -73.98 58.99 70.66
C VAL FA 169 -74.41 60.25 69.93
N ALA FA 170 -74.09 61.42 70.48
CA ALA FA 170 -74.49 62.67 69.86
C ALA FA 170 -73.82 62.87 68.50
N ARG FA 171 -72.51 62.57 68.42
CA ARG FA 171 -71.80 62.73 67.16
C ARG FA 171 -72.36 61.79 66.10
N ASN FA 172 -72.69 60.55 66.47
CA ASN FA 172 -73.27 59.63 65.49
C ASN FA 172 -74.72 59.98 65.16
N LEU FA 173 -75.41 60.68 66.05
CA LEU FA 173 -76.76 61.17 65.78
C LEU FA 173 -76.78 62.54 65.14
N ALA FA 174 -75.60 63.11 64.84
CA ALA FA 174 -75.46 64.39 64.15
C ALA FA 174 -75.96 65.55 65.01
N VAL FA 175 -75.95 65.38 66.33
CA VAL FA 175 -76.25 66.48 67.23
C VAL FA 175 -75.16 67.54 67.14
N GLU FA 176 -73.91 67.14 66.93
CA GLU FA 176 -72.82 68.10 66.85
C GLU FA 176 -72.99 69.06 65.67
N GLN FA 177 -73.45 68.55 64.52
CA GLN FA 177 -73.65 69.41 63.37
C GLN FA 177 -74.80 70.40 63.57
N LEU FA 178 -75.84 69.99 64.29
CA LEU FA 178 -76.99 70.85 64.54
C LEU FA 178 -76.80 71.77 65.75
N ALA FA 179 -75.79 71.52 66.58
CA ALA FA 179 -75.59 72.31 67.79
C ALA FA 179 -75.00 73.67 67.42
N LEU FA 180 -75.69 74.74 67.83
CA LEU FA 180 -75.23 76.10 67.58
C LEU FA 180 -74.22 76.48 68.66
N SER FA 181 -72.94 76.51 68.29
CA SER FA 181 -71.88 76.85 69.24
C SER FA 181 -70.61 77.17 68.47
N ALA FA 182 -69.81 78.07 69.02
CA ALA FA 182 -68.51 78.35 68.47
C ALA FA 182 -67.56 77.18 68.73
N GLU FA 183 -66.39 77.22 68.10
CA GLU FA 183 -65.37 76.18 68.25
C GLU FA 183 -65.93 74.82 67.83
N PHE FA 184 -66.16 74.70 66.52
CA PHE FA 184 -66.78 73.57 65.83
C PHE FA 184 -66.39 72.19 66.38
N PRO FA 185 -65.16 71.98 66.86
CA PRO FA 185 -64.90 70.76 67.64
C PRO FA 185 -65.94 70.49 68.72
N VAL FA 186 -66.58 71.52 69.27
CA VAL FA 186 -67.66 71.37 70.26
C VAL FA 186 -67.17 70.49 71.42
N PRO FA 187 -66.38 71.03 72.34
CA PRO FA 187 -65.81 70.23 73.45
C PRO FA 187 -66.85 69.36 74.13
N PRO FA 188 -66.40 68.26 74.75
CA PRO FA 188 -67.35 67.27 75.29
C PRO FA 188 -68.31 67.81 76.34
N PRO FA 189 -67.95 68.79 77.20
CA PRO FA 189 -69.01 69.39 78.02
C PRO FA 189 -70.13 70.00 77.20
N VAL FA 190 -69.78 70.69 76.11
CA VAL FA 190 -70.81 71.32 75.28
C VAL FA 190 -71.63 70.26 74.55
N LEU FA 191 -70.98 69.21 74.05
CA LEU FA 191 -71.73 68.15 73.39
C LEU FA 191 -72.68 67.45 74.35
N ARG FA 192 -72.22 67.15 75.56
CA ARG FA 192 -73.08 66.52 76.56
C ARG FA 192 -74.25 67.42 76.93
N GLN FA 193 -73.97 68.72 77.10
CA GLN FA 193 -75.04 69.66 77.43
C GLN FA 193 -76.08 69.71 76.33
N THR FA 194 -75.64 69.75 75.06
CA THR FA 194 -76.59 69.81 73.96
C THR FA 194 -77.40 68.53 73.85
N PHE FA 195 -76.75 67.37 74.03
CA PHE FA 195 -77.49 66.11 73.97
C PHE FA 195 -78.53 66.02 75.07
N PHE FA 196 -78.17 66.40 76.29
CA PHE FA 196 -79.15 66.34 77.38
C PHE FA 196 -80.21 67.42 77.25
N ALA FA 197 -79.91 68.55 76.61
CA ALA FA 197 -80.95 69.51 76.29
C ALA FA 197 -81.94 68.93 75.29
N VAL FA 198 -81.44 68.18 74.31
CA VAL FA 198 -82.33 67.48 73.38
C VAL FA 198 -83.20 66.47 74.13
N ILE FA 199 -82.60 65.75 75.08
CA ILE FA 199 -83.35 64.79 75.88
C ILE FA 199 -84.45 65.50 76.67
N GLY FA 200 -84.12 66.65 77.28
CA GLY FA 200 -85.12 67.40 78.03
C GLY FA 200 -86.23 67.94 77.14
N ALA FA 201 -85.88 68.38 75.93
CA ALA FA 201 -86.90 68.83 75.00
C ALA FA 201 -87.83 67.68 74.61
N LEU FA 202 -87.26 66.48 74.41
CA LEU FA 202 -88.09 65.32 74.14
C LEU FA 202 -89.00 65.01 75.31
N LEU FA 203 -88.48 65.13 76.54
CA LEU FA 203 -89.30 64.88 77.72
C LEU FA 203 -90.44 65.88 77.81
N GLN FA 204 -90.18 67.15 77.50
CA GLN FA 204 -91.21 68.17 77.55
C GLN FA 204 -92.25 67.97 76.47
N SER FA 205 -91.83 67.57 75.27
CA SER FA 205 -92.76 67.43 74.15
C SER FA 205 -93.57 66.15 74.24
N SER FA 206 -92.88 65.00 74.21
CA SER FA 206 -93.54 63.71 74.28
C SER FA 206 -93.69 63.28 75.74
N GLY FA 207 -94.15 62.05 75.94
CA GLY FA 207 -94.38 61.53 77.26
C GLY FA 207 -93.13 61.02 77.95
N PRO FA 208 -93.19 60.92 79.28
CA PRO FA 208 -92.07 60.30 80.01
C PRO FA 208 -91.80 58.87 79.58
N GLU FA 209 -92.84 58.12 79.22
CA GLU FA 209 -92.63 56.76 78.72
C GLU FA 209 -91.86 56.78 77.40
N ARG FA 210 -92.21 57.70 76.51
CA ARG FA 210 -91.49 57.81 75.25
C ARG FA 210 -90.04 58.23 75.47
N THR FA 211 -89.80 59.16 76.39
CA THR FA 211 -88.43 59.56 76.68
C THR FA 211 -87.64 58.40 77.30
N ALA FA 212 -88.28 57.61 78.16
CA ALA FA 212 -87.63 56.43 78.71
C ALA FA 212 -87.30 55.43 77.62
N LEU FA 213 -88.20 55.25 76.65
CA LEU FA 213 -87.92 54.35 75.53
C LEU FA 213 -86.73 54.86 74.72
N PHE FA 214 -86.68 56.17 74.46
CA PHE FA 214 -85.55 56.74 73.74
C PHE FA 214 -84.24 56.54 74.49
N ILE FA 215 -84.27 56.74 75.81
CA ILE FA 215 -83.07 56.54 76.62
C ILE FA 215 -82.63 55.08 76.56
N ARG FA 216 -83.57 54.15 76.72
CA ARG FA 216 -83.24 52.74 76.65
C ARG FA 216 -82.70 52.34 75.28
N ASP FA 217 -83.17 53.00 74.22
CA ASP FA 217 -82.71 52.66 72.88
C ASP FA 217 -81.38 53.28 72.51
N PHE FA 218 -81.03 54.43 73.09
CA PHE FA 218 -79.84 55.14 72.66
C PHE FA 218 -78.76 55.31 73.74
N LEU FA 219 -78.96 54.78 74.94
CA LEU FA 219 -77.89 54.83 75.94
C LEU FA 219 -77.58 53.47 76.54
N ILE FA 220 -78.59 52.64 76.77
CA ILE FA 220 -78.34 51.30 77.31
C ILE FA 220 -77.73 50.38 76.26
N THR FA 221 -77.97 50.65 74.97
CA THR FA 221 -77.35 49.84 73.92
C THR FA 221 -75.84 49.97 73.91
N GLN FA 222 -75.29 51.03 74.51
CA GLN FA 222 -73.85 51.19 74.62
C GLN FA 222 -73.23 50.25 75.64
N MET FA 223 -74.03 49.57 76.44
CA MET FA 223 -73.56 48.59 77.41
C MET FA 223 -73.48 47.19 76.81
N THR FA 224 -73.92 47.01 75.57
CA THR FA 224 -73.93 45.70 74.94
C THR FA 224 -72.51 45.15 74.83
N GLY FA 225 -72.30 43.97 75.43
CA GLY FA 225 -71.01 43.31 75.38
C GLY FA 225 -70.01 43.76 76.42
N LYS FA 226 -70.34 44.77 77.23
CA LYS FA 226 -69.40 45.28 78.22
C LYS FA 226 -69.50 44.49 79.51
N GLU FA 227 -68.45 44.57 80.31
CA GLU FA 227 -68.41 43.97 81.64
C GLU FA 227 -68.78 45.01 82.68
N LEU FA 228 -68.86 44.57 83.94
CA LEU FA 228 -69.27 45.46 85.02
C LEU FA 228 -68.08 46.22 85.60
N PHE FA 229 -67.00 45.50 85.90
CA PHE FA 229 -65.83 46.16 86.48
C PHE FA 229 -65.12 47.05 85.48
N GLU FA 230 -65.41 46.89 84.19
CA GLU FA 230 -64.80 47.74 83.17
C GLU FA 230 -65.12 49.21 83.38
N MET FA 231 -66.33 49.52 83.88
CA MET FA 231 -66.63 50.89 84.28
C MET FA 231 -66.81 51.07 85.77
N TRP FA 232 -66.96 49.99 86.55
CA TRP FA 232 -67.01 50.15 88.00
C TRP FA 232 -65.63 50.49 88.57
N THR FA 233 -64.60 49.77 88.12
CA THR FA 233 -63.21 50.01 88.53
C THR FA 233 -63.07 50.01 90.06
N ILE FA 234 -63.37 48.85 90.66
CA ILE FA 234 -63.18 48.68 92.08
C ILE FA 234 -61.74 48.25 92.37
N THR FA 235 -61.34 48.37 93.63
CA THR FA 235 -59.96 48.14 94.03
C THR FA 235 -59.76 46.88 94.87
N ASN FA 236 -60.75 46.50 95.67
CA ASN FA 236 -60.64 45.35 96.58
C ASN FA 236 -61.76 44.36 96.28
N PRO FA 237 -61.60 43.55 95.24
CA PRO FA 237 -62.66 42.57 94.93
C PRO FA 237 -62.89 41.57 96.04
N MET FA 238 -61.83 41.03 96.64
CA MET FA 238 -61.99 40.08 97.73
C MET FA 238 -62.68 40.74 98.93
N GLY FA 239 -62.28 41.97 99.25
CA GLY FA 239 -62.91 42.66 100.37
C GLY FA 239 -64.39 42.90 100.14
N LEU FA 240 -64.74 43.43 98.97
CA LEU FA 240 -66.15 43.69 98.70
C LEU FA 240 -66.94 42.39 98.64
N LEU FA 241 -66.31 41.30 98.18
CA LEU FA 241 -66.94 39.99 98.22
C LEU FA 241 -67.22 39.55 99.65
N VAL FA 242 -66.27 39.75 100.56
CA VAL FA 242 -66.51 39.28 101.92
C VAL FA 242 -67.56 40.15 102.63
N GLU FA 243 -67.60 41.46 102.36
CA GLU FA 243 -68.70 42.25 102.91
C GLU FA 243 -70.05 41.83 102.31
N GLU FA 244 -70.08 41.52 101.02
CA GLU FA 244 -71.33 41.04 100.42
C GLU FA 244 -71.76 39.72 101.04
N LEU FA 245 -70.81 38.81 101.29
CA LEU FA 245 -71.16 37.55 101.94
C LEU FA 245 -71.62 37.77 103.38
N LYS FA 246 -71.04 38.74 104.08
CA LYS FA 246 -71.52 39.10 105.41
C LYS FA 246 -72.96 39.60 105.35
N LYS FA 247 -73.27 40.42 104.34
CA LYS FA 247 -74.65 40.87 104.15
C LYS FA 247 -75.58 39.69 103.87
N ARG FA 248 -75.13 38.75 103.03
CA ARG FA 248 -75.93 37.59 102.65
C ARG FA 248 -75.85 36.46 103.68
N LYS FA 249 -75.21 36.70 104.82
CA LYS FA 249 -75.13 35.72 105.91
C LYS FA 249 -74.28 34.51 105.50
N ILE FA 250 -73.12 34.79 104.91
CA ILE FA 250 -72.13 33.77 104.58
C ILE FA 250 -70.85 34.10 105.33
N SER FA 251 -70.28 33.08 106.00
CA SER FA 251 -69.18 33.29 106.93
C SER FA 251 -67.95 33.87 106.24
N ALA FA 252 -67.32 33.09 105.35
CA ALA FA 252 -66.09 33.52 104.71
C ALA FA 252 -65.71 32.59 103.56
N PRO FA 253 -65.23 33.14 102.45
CA PRO FA 253 -64.77 32.28 101.35
C PRO FA 253 -63.31 31.90 101.52
N GLU FA 254 -63.01 30.64 101.22
CA GLU FA 254 -61.64 30.12 101.29
C GLU FA 254 -61.10 29.97 99.88
N SER FA 255 -59.93 30.54 99.63
CA SER FA 255 -59.29 30.47 98.32
C SER FA 255 -58.44 29.21 98.25
N ARG FA 256 -58.74 28.33 97.29
CA ARG FA 256 -58.03 27.07 97.13
C ARG FA 256 -57.59 26.90 95.69
N LEU FA 257 -56.35 26.43 95.51
CA LEU FA 257 -55.82 26.20 94.17
C LEU FA 257 -56.43 24.92 93.60
N THR FA 258 -57.22 25.06 92.53
CA THR FA 258 -57.90 23.91 91.93
C THR FA 258 -57.05 23.24 90.85
N ARG FA 259 -56.65 24.01 89.83
CA ARG FA 259 -55.84 23.49 88.75
C ARG FA 259 -54.72 24.46 88.44
N GLN FA 260 -53.61 23.91 87.92
CA GLN FA 260 -52.47 24.72 87.53
C GLN FA 260 -51.70 23.99 86.44
N SER FA 261 -50.91 24.74 85.68
CA SER FA 261 -50.07 24.19 84.62
C SER FA 261 -48.75 24.94 84.63
N GLY FA 262 -47.73 24.35 85.22
CA GLY FA 262 -46.43 24.97 85.28
C GLY FA 262 -46.29 25.91 86.46
N SER FA 263 -45.26 25.68 87.27
CA SER FA 263 -44.96 26.55 88.41
C SER FA 263 -43.59 27.20 88.34
N THR FA 264 -42.64 26.59 87.64
CA THR FA 264 -41.32 27.14 87.46
C THR FA 264 -41.11 27.75 86.08
N THR FA 265 -42.11 27.67 85.20
CA THR FA 265 -41.98 28.21 83.85
C THR FA 265 -42.13 29.72 83.88
N ALA FA 266 -41.77 30.34 82.75
CA ALA FA 266 -41.87 31.79 82.62
C ALA FA 266 -43.31 32.28 82.55
N LEU FA 267 -44.24 31.43 82.14
CA LEU FA 267 -45.65 31.82 81.98
C LEU FA 267 -46.54 30.80 82.68
N PRO FA 268 -46.52 30.78 84.01
CA PRO FA 268 -47.41 29.88 84.74
C PRO FA 268 -48.87 30.32 84.63
N VAL FA 269 -49.76 29.36 84.73
CA VAL FA 269 -51.19 29.61 84.76
C VAL FA 269 -51.78 28.89 85.96
N TYR FA 270 -52.62 29.58 86.72
CA TYR FA 270 -53.23 29.02 87.92
C TYR FA 270 -54.73 29.23 87.90
N PHE FA 271 -55.44 28.28 88.51
CA PHE FA 271 -56.89 28.38 88.70
C PHE FA 271 -57.16 28.36 90.20
N VAL FA 272 -57.81 29.42 90.69
CA VAL FA 272 -58.12 29.56 92.11
C VAL FA 272 -59.63 29.58 92.26
N GLY FA 273 -60.15 28.72 93.13
CA GLY FA 273 -61.57 28.68 93.40
C GLY FA 273 -61.90 29.16 94.79
N LEU FA 274 -63.14 29.59 94.99
CA LEU FA 274 -63.60 30.09 96.27
C LEU FA 274 -64.62 29.12 96.84
N TYR FA 275 -64.35 28.63 98.06
CA TYR FA 275 -65.19 27.65 98.72
C TYR FA 275 -65.80 28.26 99.97
N CYS FA 276 -67.12 28.39 99.99
CA CYS FA 276 -67.86 28.79 101.18
C CYS FA 276 -68.57 27.57 101.72
N ASP FA 277 -68.25 27.19 102.96
CA ASP FA 277 -68.74 25.94 103.54
C ASP FA 277 -68.39 24.75 102.66
N ARG FA 278 -67.16 24.74 102.14
CA ARG FA 278 -66.66 23.68 101.27
C ARG FA 278 -67.49 23.54 100.00
N LYS FA 279 -68.10 24.63 99.54
CA LYS FA 279 -68.89 24.64 98.31
C LYS FA 279 -68.28 25.65 97.35
N LEU FA 280 -67.95 25.20 96.15
CA LEU FA 280 -67.34 26.08 95.15
C LEU FA 280 -68.38 27.05 94.62
N ILE FA 281 -68.13 28.34 94.78
CA ILE FA 281 -69.07 29.37 94.34
C ILE FA 281 -68.55 30.05 93.07
N ALA FA 282 -67.23 30.05 92.89
CA ALA FA 282 -66.63 30.68 91.72
C ALA FA 282 -65.21 30.19 91.55
N GLU FA 283 -64.68 30.40 90.35
CA GLU FA 283 -63.32 30.03 90.01
C GLU FA 283 -62.76 31.05 89.04
N GLY FA 284 -61.45 31.23 89.07
CA GLY FA 284 -60.80 32.21 88.22
C GLY FA 284 -59.39 31.83 87.82
N PRO FA 285 -59.05 32.07 86.56
CA PRO FA 285 -57.69 31.84 86.09
C PRO FA 285 -56.82 33.10 86.21
N GLY FA 286 -55.51 32.86 86.21
CA GLY FA 286 -54.59 33.99 86.31
C GLY FA 286 -53.17 33.57 85.99
N GLU FA 287 -52.33 34.57 85.73
CA GLU FA 287 -50.92 34.32 85.51
C GLU FA 287 -50.23 33.91 86.80
N THR FA 288 -50.48 34.64 87.87
CA THR FA 288 -49.97 34.33 89.19
C THR FA 288 -51.12 33.97 90.13
N VAL FA 289 -50.76 33.46 91.31
CA VAL FA 289 -51.77 33.02 92.25
C VAL FA 289 -52.59 34.20 92.76
N LEU FA 290 -51.95 35.34 93.01
CA LEU FA 290 -52.68 36.51 93.48
C LEU FA 290 -53.66 37.02 92.43
N VAL FA 291 -53.24 37.06 91.18
CA VAL FA 291 -54.13 37.51 90.11
C VAL FA 291 -55.27 36.53 89.92
N ALA FA 292 -54.98 35.22 90.02
CA ALA FA 292 -56.04 34.22 89.92
C ALA FA 292 -57.05 34.37 91.05
N GLU FA 293 -56.58 34.62 92.28
CA GLU FA 293 -57.48 34.82 93.40
C GLU FA 293 -58.33 36.07 93.20
N GLU FA 294 -57.72 37.15 92.70
CA GLU FA 294 -58.49 38.37 92.43
C GLU FA 294 -59.55 38.12 91.37
N GLU FA 295 -59.21 37.37 90.32
CA GLU FA 295 -60.19 37.04 89.29
C GLU FA 295 -61.31 36.17 89.84
N ALA FA 296 -60.97 35.22 90.71
CA ALA FA 296 -62.01 34.39 91.34
C ALA FA 296 -62.94 35.24 92.19
N ALA FA 297 -62.38 36.19 92.94
CA ALA FA 297 -63.22 37.10 93.71
C ALA FA 297 -64.13 37.92 92.81
N ARG FA 298 -63.59 38.40 91.68
CA ARG FA 298 -64.40 39.17 90.74
C ARG FA 298 -65.53 38.32 90.17
N VAL FA 299 -65.24 37.06 89.84
CA VAL FA 299 -66.26 36.17 89.29
C VAL FA 299 -67.35 35.91 90.32
N ALA FA 300 -66.95 35.66 91.57
CA ALA FA 300 -67.94 35.47 92.63
C ALA FA 300 -68.79 36.71 92.83
N LEU FA 301 -68.17 37.88 92.78
CA LEU FA 301 -68.90 39.13 92.91
C LEU FA 301 -69.91 39.31 91.78
N ARG FA 302 -69.50 39.02 90.54
CA ARG FA 302 -70.41 39.13 89.41
C ARG FA 302 -71.57 38.15 89.53
N LYS FA 303 -71.29 36.92 89.96
CA LYS FA 303 -72.35 35.95 90.14
C LYS FA 303 -73.32 36.39 91.23
N LEU FA 304 -72.80 36.94 92.33
CA LEU FA 304 -73.67 37.43 93.40
C LEU FA 304 -74.54 38.59 92.93
N PHE FA 305 -73.96 39.52 92.17
CA PHE FA 305 -74.71 40.68 91.70
C PHE FA 305 -75.61 40.37 90.51
N GLY FA 306 -75.48 39.17 89.92
CA GLY FA 306 -76.32 38.79 88.82
C GLY FA 306 -75.84 39.23 87.46
N PHE FA 307 -74.75 40.00 87.38
CA PHE FA 307 -74.18 40.41 86.11
C PHE FA 307 -73.23 39.31 85.65
N THR FA 308 -73.78 38.40 84.84
CA THR FA 308 -73.02 37.26 84.33
C THR FA 308 -73.15 37.21 82.82
N GLU FA 309 -72.17 36.57 82.18
CA GLU FA 309 -72.19 36.45 80.72
C GLU FA 309 -73.41 35.69 80.23
N ASN FA 310 -73.96 34.80 81.06
CA ASN FA 310 -75.13 34.02 80.71
C ASN FA 310 -76.43 34.61 81.24
N ARG FA 311 -76.44 35.91 81.55
CA ARG FA 311 -77.63 36.55 82.08
C ARG FA 311 -78.63 36.83 80.96
N ARG FA 312 -79.81 37.29 81.36
CA ARG FA 312 -80.84 37.63 80.39
C ARG FA 312 -80.44 38.86 79.59
N PRO FA 313 -80.50 38.81 78.27
CA PRO FA 313 -80.24 40.02 77.49
C PRO FA 313 -81.33 41.06 77.73
N TRP FA 314 -80.97 42.32 77.52
CA TRP FA 314 -81.88 43.43 77.82
C TRP FA 314 -83.13 43.33 76.96
N ASP FA 315 -84.26 43.70 77.56
CA ASP FA 315 -85.57 43.60 76.90
C ASP FA 315 -85.79 44.85 76.05
N TYR FA 316 -85.84 44.66 74.73
CA TYR FA 316 -86.11 45.74 73.78
C TYR FA 316 -87.45 45.43 73.12
N SER FA 317 -88.52 45.91 73.74
CA SER FA 317 -89.88 45.68 73.23
C SER FA 317 -90.71 46.92 73.51
N LYS FA 318 -91.96 46.88 73.05
CA LYS FA 318 -92.92 47.98 73.23
C LYS FA 318 -94.04 47.51 74.16
N PRO FA 319 -93.99 47.85 75.46
CA PRO FA 319 -95.01 47.42 76.42
C PRO FA 319 -96.32 48.17 76.26
N LYS GA 38 -13.04 32.52 7.75
CA LYS GA 38 -12.55 33.79 7.23
C LYS GA 38 -12.10 34.70 8.38
N LYS GA 39 -11.24 35.66 8.04
CA LYS GA 39 -10.74 36.63 9.02
C LYS GA 39 -11.75 37.77 9.13
N ARG GA 40 -12.75 37.59 9.99
CA ARG GA 40 -13.79 38.57 10.21
C ARG GA 40 -13.38 39.47 11.37
N PHE GA 41 -13.24 40.77 11.10
CA PHE GA 41 -12.86 41.74 12.10
C PHE GA 41 -13.79 42.94 12.01
N THR GA 42 -14.33 43.37 13.15
CA THR GA 42 -15.24 44.50 13.21
C THR GA 42 -14.56 45.68 13.90
N PRO GA 43 -14.26 46.76 13.18
CA PRO GA 43 -13.61 47.90 13.83
C PRO GA 43 -14.57 48.58 14.79
N PRO GA 44 -14.05 49.18 15.87
CA PRO GA 44 -14.91 49.91 16.79
C PRO GA 44 -15.38 51.23 16.19
N THR GA 45 -16.51 51.70 16.70
CA THR GA 45 -17.11 52.96 16.25
C THR GA 45 -17.03 53.98 17.38
N TYR GA 46 -16.40 55.12 17.10
CA TYR GA 46 -16.30 56.18 18.09
C TYR GA 46 -17.61 56.97 18.18
N GLN GA 47 -17.78 57.64 19.30
CA GLN GA 47 -18.92 58.51 19.51
C GLN GA 47 -18.56 59.96 19.17
N PRO GA 48 -19.54 60.78 18.80
CA PRO GA 48 -19.24 62.19 18.53
C PRO GA 48 -18.74 62.91 19.77
N LYS GA 49 -17.88 63.90 19.53
CA LYS GA 49 -17.21 64.61 20.61
C LYS GA 49 -18.11 65.60 21.35
N TYR GA 50 -19.30 65.90 20.81
CA TYR GA 50 -20.18 66.85 21.48
C TYR GA 50 -20.81 66.26 22.74
N LYS GA 51 -20.99 64.93 22.79
CA LYS GA 51 -21.51 64.31 24.00
C LYS GA 51 -20.49 64.35 25.13
N SER GA 52 -19.22 64.60 24.84
CA SER GA 52 -18.17 64.66 25.85
C SER GA 52 -17.76 66.09 26.19
N GLU GA 53 -17.68 66.98 25.20
CA GLU GA 53 -17.24 68.35 25.45
C GLU GA 53 -18.42 69.17 25.98
N LYS GA 54 -18.55 69.19 27.31
CA LYS GA 54 -19.61 69.94 27.98
C LYS GA 54 -19.04 70.61 29.21
N GLU GA 55 -19.49 71.84 29.49
CA GLU GA 55 -19.00 72.63 30.61
C GLU GA 55 -20.19 73.25 31.35
N PHE GA 56 -19.89 73.80 32.52
CA PHE GA 56 -20.89 74.50 33.32
C PHE GA 56 -21.17 75.89 32.76
N VAL GA 57 -22.29 76.46 33.22
CA VAL GA 57 -22.70 77.82 32.93
C VAL GA 57 -23.18 78.45 34.22
N GLU GA 58 -23.69 79.69 34.12
CA GLU GA 58 -24.31 80.41 35.23
C GLU GA 58 -23.33 80.60 36.39
N HIS GA 59 -22.30 81.38 36.10
CA HIS GA 59 -21.36 81.86 37.12
C HIS GA 59 -21.74 83.30 37.45
N ALA GA 60 -22.28 83.50 38.65
CA ALA GA 60 -22.85 84.80 39.01
C ALA GA 60 -21.78 85.73 39.53
N ARG GA 61 -21.64 86.89 38.88
CA ARG GA 61 -20.71 87.93 39.32
C ARG GA 61 -21.37 89.28 39.07
N LYS GA 62 -21.11 90.23 39.96
CA LYS GA 62 -21.61 91.60 39.85
C LYS GA 62 -20.42 92.50 39.56
N ALA GA 63 -20.22 92.85 38.28
CA ALA GA 63 -19.11 93.67 37.83
C ALA GA 63 -19.67 94.94 37.21
N GLY GA 64 -19.42 96.08 37.85
CA GLY GA 64 -19.87 97.37 37.35
C GLY GA 64 -18.70 98.20 36.86
N LEU GA 65 -18.93 98.93 35.77
CA LEU GA 65 -17.91 99.77 35.16
C LEU GA 65 -18.49 101.17 34.94
N VAL GA 66 -17.59 102.15 34.88
CA VAL GA 66 -18.03 103.54 34.73
C VAL GA 66 -18.58 103.81 33.33
N ILE GA 67 -18.16 103.04 32.32
CA ILE GA 67 -18.63 103.26 30.95
C ILE GA 67 -20.13 103.03 30.86
N PRO GA 68 -20.68 101.91 31.33
CA PRO GA 68 -22.16 101.77 31.32
C PRO GA 68 -22.85 102.68 32.33
N HIS GA 69 -22.18 103.05 33.42
CA HIS GA 69 -22.81 103.94 34.39
C HIS GA 69 -22.84 105.37 33.90
N GLU GA 70 -22.11 105.67 32.82
CA GLU GA 70 -22.18 106.99 32.20
C GLU GA 70 -22.91 106.99 30.86
N ARG GA 71 -23.04 105.83 30.22
CA ARG GA 71 -23.69 105.73 28.91
C ARG GA 71 -25.19 105.43 29.03
N LEU GA 72 -25.81 105.80 30.15
CA LEU GA 72 -27.25 105.65 30.28
C LEU GA 72 -27.96 106.67 29.38
N GLU GA 73 -28.96 106.20 28.62
CA GLU GA 73 -29.73 107.12 27.77
C GLU GA 73 -30.57 108.07 28.61
N ARG GA 74 -31.09 107.60 29.75
CA ARG GA 74 -31.92 108.43 30.59
C ARG GA 74 -31.32 108.52 31.99
N PRO GA 75 -31.34 109.69 32.62
CA PRO GA 75 -30.85 109.80 34.00
C PRO GA 75 -31.77 109.11 34.99
N ILE GA 76 -31.20 108.76 36.13
CA ILE GA 76 -31.98 108.11 37.19
C ILE GA 76 -32.85 109.14 37.87
N HIS GA 77 -34.15 108.85 37.95
CA HIS GA 77 -35.10 109.74 38.61
C HIS GA 77 -35.08 109.45 40.11
N LEU GA 78 -34.80 110.49 40.91
CA LEU GA 78 -34.75 110.36 42.36
C LEU GA 78 -35.89 111.12 43.00
N ALA GA 79 -36.62 110.45 43.89
CA ALA GA 79 -37.74 111.06 44.59
C ALA GA 79 -37.31 111.83 45.83
N CYS GA 80 -36.05 111.71 46.24
CA CYS GA 80 -35.55 112.41 47.41
C CYS GA 80 -34.04 112.57 47.28
N THR GA 81 -33.45 113.26 48.25
CA THR GA 81 -32.01 113.50 48.25
C THR GA 81 -31.30 112.31 48.91
N ALA GA 82 -30.00 112.45 49.14
CA ALA GA 82 -29.22 111.35 49.71
C ALA GA 82 -29.46 111.21 51.20
N GLY GA 83 -29.20 112.25 51.97
CA GLY GA 83 -29.35 112.23 53.42
C GLY GA 83 -29.95 113.53 53.92
N ILE GA 84 -29.41 113.98 55.04
CA ILE GA 84 -29.84 115.23 55.68
C ILE GA 84 -28.75 116.26 55.53
N PHE GA 85 -29.11 117.45 55.04
CA PHE GA 85 -28.13 118.49 54.78
C PHE GA 85 -27.70 119.20 56.06
N ASP GA 86 -28.66 119.82 56.77
CA ASP GA 86 -28.38 120.53 58.01
C ASP GA 86 -29.04 119.77 59.15
N ALA GA 87 -28.23 119.11 59.96
CA ALA GA 87 -28.73 118.34 61.10
C ALA GA 87 -28.91 119.27 62.29
N TYR GA 88 -30.13 119.30 62.82
CA TYR GA 88 -30.43 120.15 63.97
C TYR GA 88 -29.84 119.55 65.23
N VAL GA 89 -28.97 120.30 65.90
CA VAL GA 89 -28.36 119.87 67.16
C VAL GA 89 -29.19 120.45 68.30
N PRO GA 90 -29.91 119.63 69.06
CA PRO GA 90 -30.76 120.17 70.13
C PRO GA 90 -29.94 120.47 71.38
N PRO GA 91 -30.36 121.46 72.16
CA PRO GA 91 -29.68 121.71 73.44
C PRO GA 91 -29.88 120.55 74.40
N GLU GA 92 -28.87 120.32 75.24
CA GLU GA 92 -28.89 119.18 76.16
C GLU GA 92 -29.86 119.37 77.32
N GLY GA 93 -30.67 120.42 77.36
CA GLY GA 93 -31.58 120.63 78.48
C GLY GA 93 -33.03 120.31 78.20
N ASP GA 94 -33.32 119.73 77.03
CA ASP GA 94 -34.71 119.44 76.69
C ASP GA 94 -35.32 118.40 77.61
N ALA GA 95 -34.50 117.48 78.13
CA ALA GA 95 -35.04 116.43 79.00
C ALA GA 95 -35.69 117.02 80.25
N ARG GA 96 -35.08 118.05 80.83
CA ARG GA 96 -35.66 118.73 81.97
C ARG GA 96 -36.64 119.83 81.57
N ILE GA 97 -36.46 120.41 80.38
CA ILE GA 97 -37.36 121.48 79.93
C ILE GA 97 -38.76 120.92 79.66
N SER GA 98 -38.83 119.71 79.08
CA SER GA 98 -40.12 119.13 78.73
C SER GA 98 -41.01 118.85 79.93
N SER GA 99 -40.44 118.82 81.14
CA SER GA 99 -41.23 118.61 82.35
C SER GA 99 -42.20 119.77 82.61
N LEU GA 100 -41.93 120.94 82.05
CA LEU GA 100 -42.81 122.10 82.18
C LEU GA 100 -43.46 122.38 80.83
N SER GA 101 -44.70 122.88 80.88
CA SER GA 101 -45.45 123.09 79.64
C SER GA 101 -45.00 124.37 78.94
N LYS GA 102 -45.25 125.52 79.56
CA LYS GA 102 -44.93 126.78 78.91
C LYS GA 102 -43.44 126.96 78.72
N GLU GA 103 -42.63 126.49 79.67
CA GLU GA 103 -41.18 126.58 79.55
C GLU GA 103 -40.65 125.75 78.39
N GLY GA 104 -41.46 124.88 77.81
CA GLY GA 104 -41.09 124.22 76.57
C GLY GA 104 -41.70 124.84 75.34
N LEU GA 105 -43.01 125.08 75.39
CA LEU GA 105 -43.72 125.63 74.22
C LEU GA 105 -43.25 127.04 73.85
N ALA GA 106 -43.03 127.92 74.83
CA ALA GA 106 -42.59 129.28 74.50
C ALA GA 106 -41.24 129.26 73.79
N GLN GA 107 -40.30 128.48 74.29
CA GLN GA 107 -38.99 128.36 73.65
C GLN GA 107 -39.09 127.73 72.27
N ARG GA 108 -39.89 126.67 72.13
CA ARG GA 108 -39.99 126.02 70.82
C ARG GA 108 -40.71 126.92 69.81
N ALA GA 109 -41.53 127.86 70.28
CA ALA GA 109 -42.10 128.86 69.40
C ALA GA 109 -41.10 129.96 69.05
N GLU GA 110 -40.27 130.37 70.03
CA GLU GA 110 -39.34 131.46 69.78
C GLU GA 110 -38.20 131.06 68.86
N ARG GA 111 -37.61 129.87 69.06
CA ARG GA 111 -36.51 129.44 68.20
C ARG GA 111 -36.96 129.17 66.77
N LEU GA 112 -38.24 128.88 66.54
CA LEU GA 112 -38.70 128.73 65.17
C LEU GA 112 -38.72 130.07 64.44
N LYS GA 113 -39.19 131.12 65.09
CA LYS GA 113 -39.29 132.44 64.48
C LYS GA 113 -37.96 133.18 64.40
N LYS GA 114 -37.07 133.00 65.37
CA LYS GA 114 -35.85 133.80 65.42
C LYS GA 114 -34.77 133.34 64.44
N ASN GA 115 -34.93 132.18 63.82
CA ASN GA 115 -33.94 131.71 62.86
C ASN GA 115 -34.24 132.26 61.48
N VAL GA 116 -33.20 132.79 60.82
CA VAL GA 116 -33.40 133.39 59.51
C VAL GA 116 -33.44 132.32 58.42
N ALA GA 117 -32.59 131.29 58.53
CA ALA GA 117 -32.58 130.23 57.54
C ALA GA 117 -33.91 129.49 57.50
N SER GA 118 -34.47 129.18 58.68
CA SER GA 118 -35.76 128.52 58.73
C SER GA 118 -36.85 129.38 58.11
N GLN GA 119 -36.86 130.68 58.43
CA GLN GA 119 -37.89 131.56 57.89
C GLN GA 119 -37.80 131.67 56.37
N LEU GA 120 -36.58 131.82 55.84
CA LEU GA 120 -36.45 131.91 54.39
C LEU GA 120 -36.81 130.60 53.72
N SER GA 121 -36.50 129.47 54.34
CA SER GA 121 -36.92 128.18 53.79
C SER GA 121 -38.43 128.06 53.74
N ILE GA 122 -39.12 128.43 54.83
CA ILE GA 122 -40.58 128.33 54.85
C ILE GA 122 -41.19 129.30 53.84
N ARG GA 123 -40.58 130.48 53.68
CA ARG GA 123 -41.06 131.41 52.67
C ARG GA 123 -40.90 130.84 51.27
N LYS GA 124 -39.78 130.17 51.01
CA LYS GA 124 -39.59 129.53 49.71
C LYS GA 124 -40.63 128.43 49.48
N ILE GA 125 -40.97 127.69 50.54
CA ILE GA 125 -42.01 126.67 50.42
C ILE GA 125 -43.36 127.29 50.11
N ARG GA 126 -43.72 128.40 50.79
CA ARG GA 126 -44.97 129.06 50.45
C ARG GA 126 -44.99 129.55 49.01
N GLU GA 127 -43.89 130.17 48.55
CA GLU GA 127 -43.90 130.71 47.20
C GLU GA 127 -43.90 129.60 46.15
N SER GA 128 -43.32 128.43 46.46
CA SER GA 128 -43.35 127.33 45.53
C SER GA 128 -44.71 126.63 45.50
N ASP GA 129 -45.36 126.49 46.66
CA ASP GA 129 -46.64 125.80 46.75
C ASP GA 129 -47.56 126.54 47.71
N PRO GA 130 -48.75 126.91 47.28
CA PRO GA 130 -49.69 127.61 48.17
C PRO GA 130 -50.32 126.66 49.17
N ASN GA 131 -51.14 127.23 50.06
CA ASN GA 131 -51.86 126.47 51.09
C ASN GA 131 -50.90 125.66 51.97
N PHE GA 132 -49.78 126.28 52.35
CA PHE GA 132 -48.80 125.67 53.23
C PHE GA 132 -48.83 126.40 54.56
N LYS GA 133 -49.18 125.69 55.63
CA LYS GA 133 -49.29 126.26 56.96
C LYS GA 133 -48.49 125.44 57.96
N ILE GA 134 -47.67 126.12 58.76
CA ILE GA 134 -46.91 125.44 59.80
C ILE GA 134 -47.83 124.94 60.91
N LYS GA 135 -48.88 125.70 61.25
CA LYS GA 135 -49.75 125.32 62.35
C LYS GA 135 -50.48 124.01 62.09
N ASP GA 136 -50.80 123.72 60.83
CA ASP GA 136 -51.50 122.49 60.47
C ASP GA 136 -50.55 121.34 60.15
N PHE GA 137 -49.25 121.53 60.31
CA PHE GA 137 -48.24 120.53 59.98
C PHE GA 137 -48.08 119.44 61.04
N PRO GA 138 -47.97 119.77 62.33
CA PRO GA 138 -47.67 118.70 63.32
C PRO GA 138 -48.72 117.61 63.39
N GLU GA 139 -50.00 117.94 63.23
CA GLU GA 139 -51.03 116.90 63.25
C GLU GA 139 -50.86 115.94 62.07
N LYS GA 140 -50.60 116.48 60.88
CA LYS GA 140 -50.36 115.63 59.72
C LYS GA 140 -49.11 114.79 59.90
N ALA GA 141 -48.06 115.37 60.49
CA ALA GA 141 -46.83 114.62 60.73
C ALA GA 141 -47.06 113.47 61.72
N LYS GA 142 -47.81 113.73 62.79
CA LYS GA 142 -48.11 112.68 63.75
C LYS GA 142 -48.96 111.58 63.12
N ASP GA 143 -49.93 111.96 62.30
CA ASP GA 143 -50.74 110.95 61.61
C ASP GA 143 -49.89 110.13 60.66
N ILE GA 144 -48.96 110.78 59.94
CA ILE GA 144 -48.08 110.04 59.03
C ILE GA 144 -47.19 109.08 59.82
N PHE GA 145 -46.66 109.52 60.95
CA PHE GA 145 -45.85 108.65 61.80
C PHE GA 145 -46.64 107.43 62.25
N ILE GA 146 -47.86 107.64 62.74
CA ILE GA 146 -48.69 106.55 63.24
C ILE GA 146 -49.02 105.59 62.10
N GLU GA 147 -49.41 106.11 60.94
CA GLU GA 147 -49.75 105.25 59.82
C GLU GA 147 -48.53 104.49 59.29
N ALA GA 148 -47.35 105.10 59.30
CA ALA GA 148 -46.15 104.39 58.88
C ALA GA 148 -45.82 103.25 59.83
N HIS GA 149 -45.93 103.50 61.14
CA HIS GA 149 -45.68 102.42 62.09
C HIS GA 149 -46.71 101.31 61.95
N LEU GA 150 -47.98 101.66 61.74
CA LEU GA 150 -49.01 100.65 61.52
C LEU GA 150 -48.76 99.88 60.23
N CYS GA 151 -48.26 100.56 59.19
CA CYS GA 151 -47.92 99.90 57.94
C CYS GA 151 -46.79 98.90 58.13
N LEU GA 152 -45.78 99.27 58.92
CA LEU GA 152 -44.72 98.31 59.21
C LEU GA 152 -45.22 97.15 60.06
N ASN GA 153 -46.18 97.41 60.95
CA ASN GA 153 -46.83 96.33 61.69
C ASN GA 153 -47.55 95.37 60.74
N ASN GA 154 -48.29 95.93 59.78
CA ASN GA 154 -49.06 95.15 58.81
C ASN GA 154 -48.15 94.47 57.78
N SER GA 155 -46.93 94.97 57.60
CA SER GA 155 -46.06 94.60 56.49
C SER GA 155 -46.72 94.95 55.15
N ASP GA 156 -47.39 96.11 55.12
CA ASP GA 156 -48.04 96.61 53.91
C ASP GA 156 -47.05 97.51 53.19
N HIS GA 157 -46.22 96.88 52.35
CA HIS GA 157 -45.09 97.59 51.75
C HIS GA 157 -45.54 98.66 50.78
N ASP GA 158 -46.70 98.50 50.13
CA ASP GA 158 -47.16 99.51 49.20
C ASP GA 158 -47.48 100.82 49.92
N ARG GA 159 -48.28 100.76 50.97
CA ARG GA 159 -48.62 101.97 51.71
C ARG GA 159 -47.41 102.52 52.44
N LEU GA 160 -46.52 101.63 52.90
CA LEU GA 160 -45.27 102.11 53.50
C LEU GA 160 -44.43 102.87 52.47
N HIS GA 161 -44.40 102.38 51.23
CA HIS GA 161 -43.72 103.08 50.15
C HIS GA 161 -44.33 104.45 49.90
N THR GA 162 -45.67 104.51 49.89
CA THR GA 162 -46.33 105.80 49.69
C THR GA 162 -46.03 106.77 50.84
N LEU GA 163 -45.89 106.26 52.06
CA LEU GA 163 -45.68 107.14 53.21
C LEU GA 163 -44.23 107.58 53.34
N VAL GA 164 -43.32 106.63 53.57
CA VAL GA 164 -41.91 106.95 53.79
C VAL GA 164 -41.18 107.04 52.45
N THR GA 165 -39.97 107.59 52.47
CA THR GA 165 -39.23 107.86 51.25
C THR GA 165 -38.24 106.73 50.96
N GLU GA 166 -37.46 106.91 49.89
CA GLU GA 166 -36.57 105.86 49.42
C GLU GA 166 -35.36 105.68 50.33
N ASN GA 167 -34.92 106.75 51.00
CA ASN GA 167 -33.83 106.65 51.96
C ASN GA 167 -34.31 106.25 53.35
N CYS GA 168 -35.61 106.16 53.56
CA CYS GA 168 -36.17 105.81 54.87
C CYS GA 168 -36.74 104.41 54.92
N PHE GA 169 -37.28 103.90 53.81
CA PHE GA 169 -37.85 102.55 53.80
C PHE GA 169 -36.83 101.46 54.12
N PRO GA 170 -35.65 101.40 53.49
CA PRO GA 170 -34.73 100.29 53.80
C PRO GA 170 -34.34 100.22 55.27
N ASP GA 171 -34.13 101.36 55.90
CA ASP GA 171 -33.70 101.36 57.30
C ASP GA 171 -34.77 100.80 58.22
N MET GA 172 -36.04 100.81 57.82
CA MET GA 172 -37.11 100.23 58.62
C MET GA 172 -37.63 98.90 58.09
N VAL GA 173 -37.08 98.39 56.97
CA VAL GA 173 -37.51 97.10 56.47
C VAL GA 173 -36.40 96.04 56.55
N TRP GA 174 -35.13 96.43 56.46
CA TRP GA 174 -34.02 95.51 56.26
C TRP GA 174 -33.94 94.41 57.32
N ASP GA 175 -33.72 94.81 58.57
CA ASP GA 175 -33.50 93.85 59.65
C ASP GA 175 -34.79 93.33 60.25
N ILE GA 176 -35.95 93.78 59.78
CA ILE GA 176 -37.22 93.43 60.41
C ILE GA 176 -38.14 92.67 59.48
N ARG GA 177 -37.81 92.56 58.19
CA ARG GA 177 -38.69 91.86 57.26
C ARG GA 177 -38.89 90.39 57.62
N TYR GA 178 -38.01 89.82 58.45
CA TYR GA 178 -38.10 88.42 58.83
C TYR GA 178 -38.56 88.24 60.28
N LYS GA 179 -39.22 89.24 60.85
CA LYS GA 179 -39.68 89.17 62.23
C LYS GA 179 -41.12 89.66 62.33
N THR GA 180 -41.70 89.53 63.52
CA THR GA 180 -43.06 89.93 63.80
C THR GA 180 -43.04 91.12 64.74
N VAL GA 181 -43.78 92.18 64.39
CA VAL GA 181 -43.82 93.42 65.15
C VAL GA 181 -45.24 93.61 65.69
N ARG GA 182 -45.33 94.07 66.94
CA ARG GA 182 -46.60 94.43 67.56
C ARG GA 182 -46.41 95.82 68.17
N TRP GA 183 -46.66 96.86 67.36
CA TRP GA 183 -46.50 98.24 67.78
C TRP GA 183 -47.87 98.89 67.91
N SER GA 184 -48.03 99.74 68.92
CA SER GA 184 -49.30 100.40 69.19
C SER GA 184 -49.05 101.82 69.67
N PHE GA 185 -50.08 102.65 69.58
CA PHE GA 185 -50.06 104.02 70.05
C PHE GA 185 -51.05 104.15 71.19
N VAL GA 186 -50.61 104.69 72.32
CA VAL GA 186 -51.42 104.77 73.53
C VAL GA 186 -51.64 106.20 73.98
N GLU GA 187 -50.61 107.03 73.93
CA GLU GA 187 -50.70 108.39 74.45
C GLU GA 187 -49.57 109.23 73.86
N SER GA 188 -49.66 110.55 74.05
CA SER GA 188 -48.63 111.48 73.62
C SER GA 188 -48.45 112.52 74.73
N LEU GA 189 -47.31 112.45 75.42
CA LEU GA 189 -47.05 113.38 76.52
C LEU GA 189 -46.96 114.82 76.03
N GLU GA 190 -46.28 115.05 74.92
CA GLU GA 190 -46.09 116.39 74.39
C GLU GA 190 -46.43 116.41 72.90
N PRO GA 191 -47.16 117.43 72.45
CA PRO GA 191 -47.50 117.50 71.03
C PRO GA 191 -46.24 117.69 70.20
N PRO GA 192 -46.25 117.20 68.97
CA PRO GA 192 -45.07 117.38 68.09
C PRO GA 192 -44.85 118.85 67.77
N GLN GA 193 -43.60 119.28 67.86
CA GLN GA 193 -43.25 120.70 67.72
C GLN GA 193 -42.31 120.86 66.54
N VAL GA 194 -42.65 121.78 65.63
CA VAL GA 194 -41.81 122.04 64.47
C VAL GA 194 -40.60 122.84 64.93
N VAL GA 195 -39.40 122.28 64.76
CA VAL GA 195 -38.19 122.95 65.23
C VAL GA 195 -37.62 123.86 64.15
N GLN GA 196 -37.26 123.30 63.01
CA GLN GA 196 -36.65 124.07 61.94
C GLN GA 196 -37.09 123.51 60.59
N VAL GA 197 -36.94 124.34 59.55
CA VAL GA 197 -37.26 123.96 58.19
C VAL GA 197 -36.08 124.34 57.30
N ARG GA 198 -35.65 123.40 56.45
CA ARG GA 198 -34.54 123.63 55.54
C ARG GA 198 -34.94 123.23 54.13
N CYS GA 199 -34.29 123.87 53.15
CA CYS GA 199 -34.53 123.58 51.75
C CYS GA 199 -33.21 123.49 51.02
N SER GA 200 -33.08 122.48 50.17
CA SER GA 200 -31.91 122.32 49.30
C SER GA 200 -32.34 122.49 47.86
N SER GA 201 -31.73 123.46 47.17
CA SER GA 201 -32.06 123.76 45.78
C SER GA 201 -30.86 123.39 44.92
N LEU GA 202 -31.07 122.54 43.94
CA LEU GA 202 -30.02 122.13 43.01
C LEU GA 202 -30.38 122.68 41.64
N MET GA 203 -29.53 123.57 41.12
CA MET GA 203 -29.80 124.32 39.90
C MET GA 203 -29.59 123.50 38.63
N ASN GA 204 -28.80 122.43 38.69
CA ASN GA 204 -28.51 121.65 37.49
C ASN GA 204 -29.78 121.04 36.91
N GLN GA 205 -30.65 120.50 37.76
CA GLN GA 205 -31.95 120.00 37.32
C GLN GA 205 -33.10 120.92 37.72
N GLY GA 206 -32.82 122.01 38.41
CA GLY GA 206 -33.88 122.89 38.90
C GLY GA 206 -34.79 122.22 39.90
N ASN GA 207 -34.24 121.49 40.86
CA ASN GA 207 -35.01 120.69 41.80
C ASN GA 207 -34.84 121.23 43.21
N ILE GA 208 -35.97 121.45 43.89
CA ILE GA 208 -35.98 121.97 45.25
C ILE GA 208 -36.58 120.90 46.17
N TYR GA 209 -35.84 120.53 47.21
CA TYR GA 209 -36.27 119.53 48.18
C TYR GA 209 -36.39 120.22 49.54
N GLY GA 210 -37.58 120.18 50.12
CA GLY GA 210 -37.85 120.83 51.39
C GLY GA 210 -38.00 119.81 52.50
N GLN GA 211 -37.23 120.01 53.57
CA GLN GA 211 -37.24 119.13 54.73
C GLN GA 211 -37.70 119.90 55.95
N VAL GA 212 -38.57 119.27 56.75
CA VAL GA 212 -39.12 119.87 57.96
C VAL GA 212 -38.75 118.97 59.13
N THR GA 213 -38.14 119.56 60.17
CA THR GA 213 -37.75 118.82 61.36
C THR GA 213 -38.80 119.04 62.45
N VAL GA 214 -39.31 117.95 63.00
CA VAL GA 214 -40.32 118.00 64.04
C VAL GA 214 -39.85 117.16 65.21
N ARG GA 215 -39.76 117.78 66.39
CA ARG GA 215 -39.44 117.06 67.62
C ARG GA 215 -40.70 116.36 68.12
N MET GA 216 -40.60 115.07 68.40
CA MET GA 216 -41.74 114.27 68.84
C MET GA 216 -41.41 113.60 70.17
N HIS GA 217 -42.28 113.81 71.16
CA HIS GA 217 -42.28 113.05 72.40
C HIS GA 217 -43.47 112.10 72.36
N THR GA 218 -43.19 110.80 72.29
CA THR GA 218 -44.23 109.82 72.04
C THR GA 218 -44.21 108.73 73.10
N ARG GA 219 -45.38 108.17 73.36
CA ARG GA 219 -45.55 107.03 74.27
C ARG GA 219 -45.91 105.82 73.41
N GLN GA 220 -44.92 104.95 73.19
CA GLN GA 220 -45.09 103.79 72.33
C GLN GA 220 -44.83 102.51 73.11
N THR GA 221 -45.58 101.46 72.75
CA THR GA 221 -45.35 100.11 73.26
C THR GA 221 -44.91 99.25 72.08
N LEU GA 222 -43.76 98.59 72.22
CA LEU GA 222 -43.14 97.86 71.13
C LEU GA 222 -42.84 96.44 71.58
N ALA GA 223 -43.14 95.48 70.71
CA ALA GA 223 -42.84 94.07 70.97
C ALA GA 223 -42.37 93.44 69.66
N ILE GA 224 -41.06 93.29 69.51
CA ILE GA 224 -40.47 92.65 68.33
C ILE GA 224 -40.32 91.17 68.64
N TYR GA 225 -40.97 90.32 67.85
CA TYR GA 225 -40.91 88.89 68.05
C TYR GA 225 -39.91 88.27 67.07
N ASP GA 226 -39.90 86.94 67.06
CA ASP GA 226 -38.99 86.15 66.25
C ASP GA 226 -39.71 85.58 65.04
N ARG GA 227 -38.91 85.13 64.05
CA ARG GA 227 -39.44 84.24 63.04
C ARG GA 227 -39.83 82.90 63.62
N PHE GA 228 -39.33 82.56 64.81
CA PHE GA 228 -39.75 81.38 65.56
C PHE GA 228 -40.84 81.69 66.57
N GLY GA 229 -41.33 82.92 66.63
CA GLY GA 229 -42.45 83.28 67.49
C GLY GA 229 -42.10 83.60 68.92
N ARG GA 230 -40.84 83.51 69.32
CA ARG GA 230 -40.45 83.80 70.69
C ARG GA 230 -40.11 85.28 70.86
N LEU GA 231 -40.35 85.78 72.06
CA LEU GA 231 -40.10 87.19 72.36
C LEU GA 231 -38.61 87.49 72.26
N MET GA 232 -38.29 88.61 71.60
CA MET GA 232 -36.90 88.98 71.34
C MET GA 232 -36.50 90.30 71.97
N TYR GA 233 -37.24 91.38 71.72
CA TYR GA 233 -36.81 92.72 72.11
C TYR GA 233 -37.49 93.23 73.37
N GLY GA 234 -38.82 93.30 73.38
CA GLY GA 234 -39.51 93.91 74.50
C GLY GA 234 -40.96 93.48 74.60
N GLN GA 235 -41.57 93.81 75.72
CA GLN GA 235 -42.94 93.43 76.02
C GLN GA 235 -43.93 94.38 75.36
N GLU GA 236 -45.12 93.85 75.08
CA GLU GA 236 -46.15 94.57 74.33
C GLU GA 236 -47.04 95.44 75.21
N ASP GA 237 -46.90 95.38 76.53
CA ASP GA 237 -47.78 96.12 77.43
C ASP GA 237 -47.10 97.28 78.14
N VAL GA 238 -45.80 97.44 77.99
CA VAL GA 238 -45.05 98.50 78.67
C VAL GA 238 -45.11 99.76 77.81
N PRO GA 239 -45.63 100.87 78.34
CA PRO GA 239 -45.67 102.15 77.58
C PRO GA 239 -44.41 102.99 77.76
N ARG GA 240 -43.34 102.61 77.07
CA ARG GA 240 -42.07 103.31 77.17
C ARG GA 240 -42.13 104.64 76.42
N ASP GA 241 -41.60 105.68 77.04
CA ASP GA 241 -41.56 107.02 76.45
C ASP GA 241 -40.29 107.21 75.64
N VAL GA 242 -40.41 107.90 74.50
CA VAL GA 242 -39.28 108.12 73.62
C VAL GA 242 -39.34 109.54 73.03
N LEU GA 243 -38.17 110.11 72.75
CA LEU GA 243 -38.05 111.48 72.24
C LEU GA 243 -37.16 111.44 71.00
N GLU GA 244 -37.65 111.97 69.88
CA GLU GA 244 -36.83 111.98 68.67
C GLU GA 244 -37.08 113.25 67.87
N TYR GA 245 -36.41 113.33 66.73
CA TYR GA 245 -36.57 114.42 65.77
C TYR GA 245 -36.77 113.82 64.39
N VAL GA 246 -37.99 113.87 63.87
CA VAL GA 246 -38.28 113.31 62.56
C VAL GA 246 -38.09 114.38 61.49
N VAL GA 247 -37.40 114.02 60.41
CA VAL GA 247 -37.14 114.93 59.30
C VAL GA 247 -37.96 114.45 58.11
N PHE GA 248 -38.97 115.23 57.74
CA PHE GA 248 -39.78 114.96 56.57
C PHE GA 248 -39.20 115.64 55.34
N GLU GA 249 -39.49 115.07 54.18
CA GLU GA 249 -39.02 115.62 52.91
C GLU GA 249 -40.16 115.58 51.90
N LYS GA 250 -40.26 116.63 51.10
CA LYS GA 250 -41.25 116.71 50.02
C LYS GA 250 -40.67 117.52 48.87
N HIS GA 251 -40.71 116.95 47.67
CA HIS GA 251 -40.21 117.63 46.49
C HIS GA 251 -41.21 118.70 46.07
N LEU GA 252 -40.73 119.94 45.94
CA LEU GA 252 -41.59 121.08 45.66
C LEU GA 252 -41.90 121.25 44.17
N VAL GA 253 -40.95 120.91 43.30
CA VAL GA 253 -41.19 121.04 41.86
C VAL GA 253 -42.24 120.04 41.39
N ASP GA 254 -42.27 118.84 41.98
CA ASP GA 254 -43.21 117.83 41.56
C ASP GA 254 -44.64 118.29 41.83
N PRO GA 255 -45.55 118.17 40.85
CA PRO GA 255 -46.94 118.60 41.08
C PRO GA 255 -47.65 117.85 42.18
N TYR GA 256 -47.34 116.56 42.38
CA TYR GA 256 -48.05 115.78 43.39
C TYR GA 256 -47.51 116.08 44.78
N GLY GA 257 -46.23 115.79 45.02
CA GLY GA 257 -45.56 116.19 46.24
C GLY GA 257 -46.16 115.68 47.53
N SER GA 258 -46.05 114.37 47.78
CA SER GA 258 -46.50 113.81 49.04
C SER GA 258 -45.46 114.08 50.13
N TRP GA 259 -45.96 114.25 51.35
CA TRP GA 259 -45.09 114.48 52.51
C TRP GA 259 -44.52 113.14 52.98
N ARG GA 260 -43.22 112.95 52.80
CA ARG GA 260 -42.57 111.68 53.09
C ARG GA 260 -41.55 111.86 54.21
N MET GA 261 -41.54 110.93 55.16
CA MET GA 261 -40.56 110.93 56.24
C MET GA 261 -39.21 110.49 55.73
N HIS GA 262 -38.15 111.24 56.06
CA HIS GA 262 -36.82 111.03 55.51
C HIS GA 262 -35.80 110.57 56.54
N GLY GA 263 -35.64 111.33 57.64
CA GLY GA 263 -34.58 111.06 58.59
C GLY GA 263 -35.14 110.95 59.99
N LYS GA 264 -34.34 110.36 60.87
CA LYS GA 264 -34.86 109.88 62.15
C LYS GA 264 -33.74 110.16 63.16
N ILE GA 265 -33.70 111.41 63.65
CA ILE GA 265 -32.56 111.91 64.42
C ILE GA 265 -32.77 111.67 65.91
N ILE GA 266 -31.76 111.14 66.57
CA ILE GA 266 -31.78 110.90 68.01
C ILE GA 266 -30.74 111.79 68.67
N PRO GA 267 -31.03 112.40 69.82
CA PRO GA 267 -30.02 113.22 70.48
C PRO GA 267 -28.86 112.38 70.99
N PRO GA 268 -27.65 112.93 71.01
CA PRO GA 268 -26.50 112.15 71.53
C PRO GA 268 -26.65 111.78 73.00
N TRP GA 269 -27.29 112.62 73.81
CA TRP GA 269 -27.43 112.37 75.24
C TRP GA 269 -28.67 111.56 75.58
N ALA GA 270 -29.35 110.98 74.58
CA ALA GA 270 -30.54 110.21 74.85
C ALA GA 270 -30.20 108.96 75.66
N PRO GA 271 -31.13 108.51 76.50
CA PRO GA 271 -30.88 107.30 77.28
C PRO GA 271 -30.70 106.11 76.35
N PRO GA 272 -29.85 105.16 76.72
CA PRO GA 272 -29.64 103.98 75.87
C PRO GA 272 -30.89 103.13 75.76
N LYS GA 273 -30.97 102.38 74.66
CA LYS GA 273 -32.10 101.53 74.41
C LYS GA 273 -32.17 100.40 75.43
N GLN GA 274 -33.34 99.77 75.52
CA GLN GA 274 -33.54 98.71 76.48
C GLN GA 274 -32.65 97.51 76.16
N PRO GA 275 -32.18 96.79 77.18
CA PRO GA 275 -31.27 95.68 76.94
C PRO GA 275 -31.93 94.54 76.20
N ILE GA 276 -31.13 93.81 75.43
CA ILE GA 276 -31.63 92.64 74.70
C ILE GA 276 -31.96 91.53 75.69
N LEU GA 277 -33.01 90.77 75.38
CA LEU GA 277 -33.41 89.68 76.25
C LEU GA 277 -32.40 88.54 76.26
N LYS GA 278 -31.74 88.31 75.14
CA LYS GA 278 -30.76 87.24 75.02
C LYS GA 278 -29.37 87.72 75.48
N THR GA 279 -28.45 86.77 75.56
CA THR GA 279 -27.07 87.04 75.95
C THR GA 279 -26.18 87.01 74.72
N VAL GA 280 -25.23 87.95 74.67
CA VAL GA 280 -24.40 88.17 73.49
C VAL GA 280 -22.94 87.92 73.84
N MET GA 281 -22.24 87.20 72.97
CA MET GA 281 -20.82 86.96 73.09
C MET GA 281 -20.09 87.73 72.01
N ILE GA 282 -19.06 88.48 72.40
CA ILE GA 282 -18.26 89.28 71.48
C ILE GA 282 -16.93 88.56 71.26
N PRO GA 283 -16.66 88.02 70.08
CA PRO GA 283 -15.39 87.33 69.84
C PRO GA 283 -14.22 88.29 69.85
N GLY GA 284 -13.06 87.76 70.24
CA GLY GA 284 -11.84 88.52 70.21
C GLY GA 284 -11.19 88.50 68.85
N PRO GA 285 -10.00 89.10 68.76
CA PRO GA 285 -9.27 89.10 67.49
C PRO GA 285 -8.73 87.72 67.17
N GLN GA 286 -9.06 87.22 65.98
CA GLN GA 286 -8.57 85.92 65.53
C GLN GA 286 -7.08 86.00 65.29
N LEU GA 287 -6.32 85.25 66.09
CA LEU GA 287 -4.86 85.37 66.09
C LEU GA 287 -4.23 84.33 65.18
N LYS GA 288 -3.37 84.79 64.28
CA LYS GA 288 -2.55 83.89 63.48
C LYS GA 288 -1.47 83.26 64.35
N PRO GA 289 -1.00 82.07 63.98
CA PRO GA 289 0.04 81.41 64.79
C PRO GA 289 1.28 82.25 65.01
N TRP GA 290 1.72 83.01 64.01
CA TRP GA 290 2.99 83.72 64.08
C TRP GA 290 2.87 85.12 64.65
N GLU GA 291 1.69 85.54 65.11
CA GLU GA 291 1.50 86.84 65.72
C GLU GA 291 1.16 86.68 67.20
N GLU GA 292 1.66 87.60 68.02
CA GLU GA 292 1.48 87.56 69.46
C GLU GA 292 0.37 88.53 69.88
N PHE GA 293 -0.37 88.13 70.90
CA PHE GA 293 -1.45 88.96 71.42
C PHE GA 293 -0.89 90.10 72.27
N GLU GA 294 -1.57 91.25 72.19
CA GLU GA 294 -1.24 92.42 72.99
C GLU GA 294 -2.48 92.84 73.76
N GLU GA 295 -2.39 92.85 75.08
CA GLU GA 295 -3.52 93.19 75.92
C GLU GA 295 -3.63 94.70 76.05
N PRO GA 296 -4.72 95.32 75.59
CA PRO GA 296 -4.87 96.77 75.75
C PRO GA 296 -5.24 97.13 77.18
N GLN GA 297 -4.67 98.25 77.65
CA GLN GA 297 -4.93 98.73 79.00
C GLN GA 297 -5.39 100.18 78.98
N SER HA 43 -70.72 -78.45 18.72
CA SER HA 43 -71.13 -78.95 17.41
C SER HA 43 -69.91 -79.32 16.57
N PRO HA 44 -69.71 -80.61 16.33
CA PRO HA 44 -68.59 -81.03 15.49
C PRO HA 44 -68.74 -80.56 14.06
N TRP HA 45 -67.61 -80.19 13.47
CA TRP HA 45 -67.54 -79.61 12.14
C TRP HA 45 -66.54 -80.40 11.30
N ARG HA 46 -66.98 -80.85 10.14
CA ARG HA 46 -66.11 -81.45 9.14
C ARG HA 46 -65.90 -80.46 8.01
N LEU HA 47 -64.67 -80.39 7.52
CA LEU HA 47 -64.28 -79.44 6.49
C LEU HA 47 -63.73 -80.19 5.29
N LEU HA 48 -64.03 -79.69 4.09
CA LEU HA 48 -63.64 -80.41 2.88
C LEU HA 48 -63.60 -79.45 1.69
N GLY HA 49 -62.56 -79.57 0.88
CA GLY HA 49 -62.45 -78.80 -0.35
C GLY HA 49 -62.79 -79.62 -1.58
N ALA HA 50 -62.92 -78.93 -2.71
CA ALA HA 50 -63.26 -79.59 -3.96
C ALA HA 50 -62.76 -78.73 -5.12
N LEU HA 51 -62.55 -79.38 -6.27
CA LEU HA 51 -61.93 -78.72 -7.40
C LEU HA 51 -62.78 -78.88 -8.65
N CYS HA 52 -63.17 -77.75 -9.24
CA CYS HA 52 -63.93 -77.71 -10.50
C CYS HA 52 -62.94 -77.35 -11.61
N LEU HA 53 -62.56 -78.35 -12.40
CA LEU HA 53 -61.55 -78.16 -13.45
C LEU HA 53 -62.25 -77.86 -14.77
N GLN HA 54 -61.94 -76.71 -15.36
CA GLN HA 54 -62.54 -76.29 -16.61
C GLN HA 54 -61.51 -76.38 -17.73
N ARG HA 55 -61.89 -77.06 -18.82
CA ARG HA 55 -61.03 -77.16 -20.01
C ARG HA 55 -61.47 -76.14 -21.04
N PRO HA 56 -60.61 -75.18 -21.39
CA PRO HA 56 -61.02 -74.13 -22.33
C PRO HA 56 -61.39 -74.73 -23.68
N PRO HA 57 -62.35 -74.15 -24.38
CA PRO HA 57 -62.71 -74.65 -25.72
C PRO HA 57 -61.56 -74.45 -26.69
N LEU HA 58 -61.36 -75.45 -27.56
CA LEU HA 58 -60.29 -75.39 -28.55
C LEU HA 58 -60.73 -74.70 -29.84
N VAL HA 59 -62.02 -74.80 -30.18
CA VAL HA 59 -62.53 -74.23 -31.43
C VAL HA 59 -63.68 -73.29 -31.10
N THR HA 60 -63.89 -72.30 -31.97
CA THR HA 60 -64.96 -71.35 -31.79
C THR HA 60 -66.31 -71.97 -32.10
N LYS HA 61 -67.35 -71.47 -31.43
CA LYS HA 61 -68.69 -71.96 -31.67
C LYS HA 61 -69.21 -71.48 -33.02
N PRO HA 62 -70.14 -72.22 -33.64
CA PRO HA 62 -70.71 -71.76 -34.90
C PRO HA 62 -71.59 -70.54 -34.71
N LEU HA 63 -71.84 -69.85 -35.82
CA LEU HA 63 -72.60 -68.61 -35.81
C LEU HA 63 -74.10 -68.87 -35.97
N THR HA 64 -74.89 -68.17 -35.17
CA THR HA 64 -76.32 -68.12 -35.38
C THR HA 64 -76.60 -67.47 -36.74
N PRO HA 65 -77.66 -67.90 -37.44
CA PRO HA 65 -77.96 -67.29 -38.75
C PRO HA 65 -78.11 -65.78 -38.69
N LEU HA 66 -78.63 -65.22 -37.59
CA LEU HA 66 -78.64 -63.77 -37.43
C LEU HA 66 -77.23 -63.20 -37.45
N GLN HA 67 -76.31 -63.84 -36.73
CA GLN HA 67 -74.92 -63.39 -36.74
C GLN HA 67 -74.29 -63.56 -38.12
N GLU HA 68 -74.67 -64.60 -38.86
CA GLU HA 68 -74.16 -64.78 -40.21
C GLU HA 68 -74.64 -63.67 -41.12
N GLU HA 69 -75.92 -63.29 -41.01
CA GLU HA 69 -76.44 -62.17 -41.78
C GLU HA 69 -75.72 -60.88 -41.42
N MET HA 70 -75.47 -60.67 -40.13
CA MET HA 70 -74.74 -59.47 -39.72
C MET HA 70 -73.31 -59.49 -40.23
N ALA HA 71 -72.67 -60.67 -40.26
CA ALA HA 71 -71.33 -60.78 -40.81
C ALA HA 71 -71.31 -60.44 -42.29
N ASP HA 72 -72.30 -60.94 -43.04
CA ASP HA 72 -72.38 -60.61 -44.46
C ASP HA 72 -72.58 -59.11 -44.65
N LEU HA 73 -73.46 -58.50 -43.85
CA LEU HA 73 -73.68 -57.07 -43.95
C LEU HA 73 -72.41 -56.28 -43.64
N LEU HA 74 -71.70 -56.68 -42.57
CA LEU HA 74 -70.47 -55.99 -42.19
C LEU HA 74 -69.40 -56.13 -43.27
N GLN HA 75 -69.26 -57.32 -43.84
CA GLN HA 75 -68.30 -57.50 -44.93
C GLN HA 75 -68.66 -56.63 -46.13
N GLN HA 76 -69.94 -56.59 -46.50
CA GLN HA 76 -70.36 -55.81 -47.65
C GLN HA 76 -70.10 -54.32 -47.42
N ILE HA 77 -70.47 -53.81 -46.24
CA ILE HA 77 -70.28 -52.38 -45.98
C ILE HA 77 -68.80 -52.05 -45.84
N GLU HA 78 -67.99 -52.98 -45.33
CA GLU HA 78 -66.56 -52.73 -45.26
C GLU HA 78 -65.93 -52.68 -46.65
N ILE HA 79 -66.38 -53.55 -47.56
CA ILE HA 79 -65.89 -53.49 -48.93
C ILE HA 79 -66.35 -52.20 -49.59
N GLU HA 80 -67.57 -51.75 -49.30
CA GLU HA 80 -68.07 -50.52 -49.89
C GLU HA 80 -67.28 -49.31 -49.40
N ARG HA 81 -67.08 -49.20 -48.09
CA ARG HA 81 -66.34 -48.08 -47.52
C ARG HA 81 -64.84 -48.19 -47.74
N SER HA 82 -64.34 -49.36 -48.14
CA SER HA 82 -62.92 -49.55 -48.36
C SER HA 82 -62.46 -48.77 -49.58
N LEU HA 83 -61.16 -48.46 -49.60
CA LEU HA 83 -60.63 -47.59 -50.64
C LEU HA 83 -60.32 -48.35 -51.92
N TYR HA 84 -59.34 -49.25 -51.86
CA TYR HA 84 -58.78 -50.12 -52.90
C TYR HA 84 -57.75 -51.04 -52.27
N SER HA 85 -57.55 -52.18 -52.91
CA SER HA 85 -56.44 -53.08 -52.60
C SER HA 85 -55.45 -53.07 -53.77
N ASP HA 86 -54.18 -53.33 -53.47
CA ASP HA 86 -53.18 -53.35 -54.52
C ASP HA 86 -53.47 -54.45 -55.54
N HIS HA 87 -53.95 -55.59 -55.08
CA HIS HA 87 -54.25 -56.71 -55.99
C HIS HA 87 -55.34 -56.31 -56.98
N GLU HA 88 -56.45 -55.77 -56.50
CA GLU HA 88 -57.54 -55.41 -57.40
C GLU HA 88 -57.17 -54.22 -58.28
N LEU HA 89 -56.38 -53.30 -57.75
CA LEU HA 89 -55.91 -52.18 -58.56
C LEU HA 89 -55.06 -52.67 -59.73
N ARG HA 90 -54.12 -53.57 -59.45
CA ARG HA 90 -53.30 -54.15 -60.51
C ARG HA 90 -54.16 -54.94 -61.49
N ALA HA 91 -55.15 -55.67 -60.98
CA ALA HA 91 -56.02 -56.46 -61.86
C ALA HA 91 -56.78 -55.56 -62.84
N LEU HA 92 -57.40 -54.50 -62.32
CA LEU HA 92 -58.15 -53.61 -63.20
C LEU HA 92 -57.23 -52.87 -64.16
N ASP HA 93 -56.05 -52.44 -63.69
CA ASP HA 93 -55.10 -51.78 -64.57
C ASP HA 93 -54.67 -52.69 -65.71
N GLU HA 94 -54.36 -53.96 -65.39
CA GLU HA 94 -53.89 -54.89 -66.42
C GLU HA 94 -55.02 -55.24 -67.38
N ALA HA 95 -56.23 -55.40 -66.87
CA ALA HA 95 -57.38 -55.68 -67.73
C ALA HA 95 -57.66 -54.54 -68.70
N GLN HA 96 -57.57 -53.29 -68.22
CA GLN HA 96 -57.71 -52.16 -69.12
C GLN HA 96 -56.56 -52.08 -70.12
N GLN HA 97 -55.34 -52.39 -69.67
CA GLN HA 97 -54.19 -52.27 -70.54
C GLN HA 97 -54.25 -53.27 -71.70
N LEU HA 98 -54.60 -54.53 -71.41
CA LEU HA 98 -54.77 -55.49 -72.49
C LEU HA 98 -55.91 -55.10 -73.42
N ALA HA 99 -57.01 -54.61 -72.87
CA ALA HA 99 -58.15 -54.22 -73.69
C ALA HA 99 -57.77 -53.10 -74.65
N LYS HA 100 -57.01 -52.12 -74.18
CA LYS HA 100 -56.61 -51.02 -75.05
C LYS HA 100 -55.48 -51.41 -76.00
N LYS HA 101 -54.60 -52.32 -75.60
CA LYS HA 101 -53.51 -52.73 -76.48
C LYS HA 101 -53.99 -53.66 -77.59
N LYS HA 102 -55.08 -54.41 -77.35
CA LYS HA 102 -55.61 -55.28 -78.39
C LYS HA 102 -56.09 -54.48 -79.60
N SER HA 103 -56.57 -53.26 -79.37
CA SER HA 103 -57.00 -52.38 -80.46
C SER HA 103 -55.85 -51.59 -81.06
N ASP HA 104 -54.66 -51.66 -80.49
CA ASP HA 104 -53.51 -50.92 -81.00
C ASP HA 104 -52.32 -51.85 -81.24
N LEU HA 116 -49.76 -62.46 -63.73
CA LEU HA 116 -51.00 -61.68 -63.68
C LEU HA 116 -51.71 -61.88 -62.36
N ALA HA 117 -52.87 -61.24 -62.20
CA ALA HA 117 -53.65 -61.36 -60.98
C ALA HA 117 -54.52 -62.61 -60.96
N GLN HA 118 -55.19 -62.91 -62.08
CA GLN HA 118 -56.03 -64.10 -62.14
C GLN HA 118 -55.21 -65.38 -62.01
N ASP HA 119 -54.01 -65.40 -62.57
CA ASP HA 119 -53.14 -66.57 -62.43
C ASP HA 119 -52.76 -66.80 -60.97
N LEU HA 120 -52.40 -65.73 -60.26
CA LEU HA 120 -52.08 -65.87 -58.84
C LEU HA 120 -53.30 -66.29 -58.03
N GLU HA 121 -54.48 -65.76 -58.38
CA GLU HA 121 -55.71 -66.17 -57.71
C GLU HA 121 -55.98 -67.66 -57.92
N ASP HA 122 -55.78 -68.14 -59.15
CA ASP HA 122 -55.96 -69.56 -59.44
C ASP HA 122 -54.95 -70.41 -58.67
N MET HA 123 -53.70 -69.95 -58.58
CA MET HA 123 -52.69 -70.67 -57.82
C MET HA 123 -53.07 -70.76 -56.35
N TRP HA 124 -53.52 -69.64 -55.77
CA TRP HA 124 -53.95 -69.66 -54.37
C TRP HA 124 -55.15 -70.59 -54.17
N GLU HA 125 -56.11 -70.55 -55.09
CA GLU HA 125 -57.28 -71.40 -54.99
C GLU HA 125 -56.90 -72.87 -55.04
N GLN HA 126 -56.03 -73.24 -55.98
CA GLN HA 126 -55.64 -74.65 -56.11
C GLN HA 126 -54.80 -75.10 -54.92
N LYS HA 127 -53.94 -74.22 -54.38
CA LYS HA 127 -53.20 -74.58 -53.18
C LYS HA 127 -54.13 -74.79 -51.99
N PHE HA 128 -55.12 -73.92 -51.83
CA PHE HA 128 -56.08 -74.07 -50.75
C PHE HA 128 -56.90 -75.36 -50.89
N LEU HA 129 -57.32 -75.68 -52.12
CA LEU HA 129 -58.06 -76.91 -52.34
C LEU HA 129 -57.21 -78.14 -52.10
N HIS HA 130 -55.93 -78.09 -52.49
CA HIS HA 130 -55.04 -79.22 -52.22
C HIS HA 130 -54.81 -79.41 -50.73
N PHE HA 131 -54.63 -78.31 -50.00
CA PHE HA 131 -54.43 -78.41 -48.55
C PHE HA 131 -55.75 -78.78 -47.87
N LYS HA 132 -55.67 -79.70 -46.91
CA LYS HA 132 -56.83 -80.16 -46.17
C LYS HA 132 -56.68 -79.81 -44.70
N LEU HA 133 -57.73 -79.22 -44.13
CA LEU HA 133 -57.72 -78.80 -42.74
C LEU HA 133 -58.04 -79.99 -41.82
N GLY HA 134 -57.96 -79.74 -40.52
CA GLY HA 134 -58.30 -80.77 -39.56
C GLY HA 134 -59.81 -80.93 -39.42
N ALA HA 135 -60.20 -82.06 -38.83
CA ALA HA 135 -61.60 -82.37 -38.61
C ALA HA 135 -62.10 -81.65 -37.37
N ARG HA 136 -63.04 -80.71 -37.55
CA ARG HA 136 -63.59 -79.99 -36.42
C ARG HA 136 -64.45 -80.87 -35.52
N LEU HA 137 -65.09 -81.89 -36.09
CA LEU HA 137 -65.99 -82.78 -35.36
C LEU HA 137 -65.21 -84.06 -35.03
N THR HA 138 -64.49 -84.04 -33.92
CA THR HA 138 -63.78 -85.20 -33.43
C THR HA 138 -64.63 -86.06 -32.49
N GLU HA 139 -65.88 -85.68 -32.29
CA GLU HA 139 -66.82 -86.44 -31.46
C GLU HA 139 -67.93 -87.09 -32.27
N ALA HA 140 -68.33 -86.48 -33.39
CA ALA HA 140 -69.41 -87.04 -34.21
C ALA HA 140 -69.02 -88.39 -34.80
N ASP HA 141 -67.74 -88.58 -35.10
CA ASP HA 141 -67.29 -89.87 -35.60
C ASP HA 141 -67.22 -90.92 -34.50
N LYS HA 142 -66.97 -90.50 -33.25
CA LYS HA 142 -66.86 -91.46 -32.16
C LYS HA 142 -68.22 -91.86 -31.60
N LYS HA 143 -68.95 -90.90 -31.03
CA LYS HA 143 -70.25 -91.13 -30.40
C LYS HA 143 -70.21 -92.19 -29.30
N ASP HA 144 -69.02 -92.58 -28.84
CA ASP HA 144 -68.90 -93.63 -27.82
C ASP HA 144 -68.21 -93.14 -26.56
N ASP HA 145 -67.04 -92.51 -26.68
CA ASP HA 145 -66.25 -92.17 -25.51
C ASP HA 145 -66.68 -90.81 -24.98
N ARG HA 146 -67.23 -90.80 -23.76
CA ARG HA 146 -67.52 -89.58 -23.04
C ARG HA 146 -66.41 -89.19 -22.08
N THR HA 147 -65.36 -89.99 -21.99
CA THR HA 147 -64.29 -89.79 -21.02
C THR HA 147 -63.05 -89.13 -21.62
N SER HA 148 -63.07 -88.81 -22.91
CA SER HA 148 -61.90 -88.28 -23.57
C SER HA 148 -61.77 -86.77 -23.34
N LEU HA 149 -60.52 -86.33 -23.16
CA LEU HA 149 -60.27 -84.89 -23.04
C LEU HA 149 -60.59 -84.16 -24.34
N HIS HA 150 -60.47 -84.84 -25.47
CA HIS HA 150 -60.75 -84.26 -26.77
C HIS HA 150 -62.20 -84.49 -27.22
N ARG HA 151 -63.12 -84.71 -26.27
CA ARG HA 151 -64.50 -84.99 -26.62
C ARG HA 151 -65.16 -83.80 -27.32
N LYS HA 152 -65.29 -82.69 -26.62
CA LYS HA 152 -65.91 -81.48 -27.15
C LYS HA 152 -64.89 -80.37 -27.24
N LEU HA 153 -64.95 -79.61 -28.34
CA LEU HA 153 -63.98 -78.55 -28.59
C LEU HA 153 -64.59 -77.15 -28.57
N ASP HA 154 -65.92 -77.03 -28.64
CA ASP HA 154 -66.56 -75.71 -28.68
C ASP HA 154 -67.00 -75.24 -27.31
N ARG HA 155 -67.20 -76.14 -26.36
CA ARG HA 155 -67.73 -75.81 -25.05
C ARG HA 155 -66.69 -76.17 -23.97
N ASN HA 156 -66.87 -75.59 -22.79
CA ASN HA 156 -66.06 -75.91 -21.62
C ASN HA 156 -66.43 -77.29 -21.10
N LEU HA 157 -65.44 -78.00 -20.56
CA LEU HA 157 -65.63 -79.33 -20.01
C LEU HA 157 -65.16 -79.37 -18.57
N ILE HA 158 -65.82 -80.21 -17.77
CA ILE HA 158 -65.46 -80.40 -16.37
C ILE HA 158 -65.39 -81.89 -16.10
N LEU HA 159 -64.62 -82.25 -15.06
CA LEU HA 159 -64.34 -83.65 -14.76
C LEU HA 159 -65.22 -84.15 -13.62
N LEU HA 160 -65.88 -85.28 -13.83
CA LEU HA 160 -66.66 -85.95 -12.79
C LEU HA 160 -66.15 -87.37 -12.62
N VAL HA 161 -65.89 -87.76 -11.37
CA VAL HA 161 -65.30 -89.05 -11.05
C VAL HA 161 -66.24 -89.83 -10.15
N ARG HA 162 -66.45 -91.10 -10.48
CA ARG HA 162 -67.36 -91.96 -9.75
C ARG HA 162 -66.64 -92.59 -8.55
N GLU HA 163 -67.25 -92.44 -7.37
CA GLU HA 163 -66.76 -93.10 -6.15
C GLU HA 163 -67.93 -93.79 -5.47
N LYS HA 164 -67.73 -95.05 -5.10
CA LYS HA 164 -68.73 -95.83 -4.38
C LYS HA 164 -68.19 -96.11 -2.98
N LEU HA 165 -68.72 -95.39 -1.99
CA LEU HA 165 -68.27 -95.53 -0.62
C LEU HA 165 -69.07 -96.64 0.08
N GLY HA 166 -68.81 -96.83 1.37
CA GLY HA 166 -69.52 -97.87 2.10
C GLY HA 166 -71.00 -97.58 2.27
N ASP HA 167 -71.34 -96.32 2.55
CA ASP HA 167 -72.72 -95.92 2.79
C ASP HA 167 -73.27 -95.01 1.71
N GLN HA 168 -72.46 -94.61 0.73
CA GLN HA 168 -72.90 -93.70 -0.32
C GLN HA 168 -72.32 -94.13 -1.65
N ASP HA 169 -73.15 -94.12 -2.69
CA ASP HA 169 -72.74 -94.36 -4.07
C ASP HA 169 -73.03 -93.07 -4.83
N ILE HA 170 -72.01 -92.22 -4.95
CA ILE HA 170 -72.19 -90.84 -5.40
C ILE HA 170 -71.38 -90.61 -6.66
N TRP HA 171 -72.01 -89.97 -7.65
CA TRP HA 171 -71.33 -89.43 -8.83
C TRP HA 171 -70.81 -88.06 -8.42
N MET HA 172 -69.58 -88.02 -7.92
CA MET HA 172 -69.07 -86.89 -7.15
C MET HA 172 -68.04 -86.09 -7.92
N LEU HA 173 -68.14 -84.76 -7.81
CA LEU HA 173 -67.08 -83.88 -8.27
C LEU HA 173 -65.86 -84.05 -7.37
N PRO HA 174 -64.64 -83.94 -7.93
CA PRO HA 174 -63.45 -84.29 -7.15
C PRO HA 174 -63.25 -83.45 -5.89
N GLN HA 175 -63.41 -84.11 -4.75
CA GLN HA 175 -63.29 -83.51 -3.43
C GLN HA 175 -61.92 -83.83 -2.83
N SER HA 176 -61.70 -83.41 -1.59
CA SER HA 176 -60.39 -83.47 -0.96
C SER HA 176 -60.56 -83.69 0.54
N ASP HA 177 -59.45 -83.58 1.27
CA ASP HA 177 -59.43 -83.63 2.73
C ASP HA 177 -58.14 -82.97 3.20
N TRP HA 178 -58.25 -82.14 4.25
CA TRP HA 178 -57.09 -81.43 4.74
C TRP HA 178 -57.19 -81.22 6.24
N GLN HA 179 -56.04 -81.25 6.92
CA GLN HA 179 -55.96 -81.01 8.35
C GLN HA 179 -55.78 -79.51 8.61
N PRO HA 180 -56.21 -79.02 9.77
CA PRO HA 180 -56.23 -77.57 10.01
C PRO HA 180 -54.90 -76.86 9.78
N GLY HA 181 -53.80 -77.59 9.60
CA GLY HA 181 -52.54 -76.96 9.27
C GLY HA 181 -52.35 -76.63 7.80
N GLU HA 182 -53.30 -77.00 6.95
CA GLU HA 182 -53.19 -76.80 5.51
C GLU HA 182 -54.17 -75.72 5.05
N THR HA 183 -54.00 -75.30 3.80
CA THR HA 183 -54.80 -74.27 3.18
C THR HA 183 -55.67 -74.88 2.07
N LEU HA 184 -56.80 -74.25 1.80
CA LEU HA 184 -57.74 -74.78 0.81
C LEU HA 184 -57.10 -74.85 -0.58
N ARG HA 185 -56.39 -73.80 -0.97
CA ARG HA 185 -55.80 -73.75 -2.32
C ARG HA 185 -54.73 -74.81 -2.49
N GLN HA 186 -53.79 -74.89 -1.55
CA GLN HA 186 -52.76 -75.92 -1.63
C GLN HA 186 -53.35 -77.32 -1.50
N THR HA 187 -54.46 -77.46 -0.76
CA THR HA 187 -55.14 -78.74 -0.69
C THR HA 187 -55.70 -79.13 -2.06
N ALA HA 188 -56.29 -78.17 -2.77
CA ALA HA 188 -56.78 -78.45 -4.12
C ALA HA 188 -55.64 -78.82 -5.06
N GLU HA 189 -54.51 -78.12 -4.95
CA GLU HA 189 -53.35 -78.46 -5.77
C GLU HA 189 -52.85 -79.87 -5.48
N ARG HA 190 -52.76 -80.23 -4.19
CA ARG HA 190 -52.34 -81.57 -3.82
C ARG HA 190 -53.33 -82.62 -4.32
N THR HA 191 -54.62 -82.30 -4.28
CA THR HA 191 -55.63 -83.23 -4.76
C THR HA 191 -55.51 -83.46 -6.26
N LEU HA 192 -55.32 -82.38 -7.03
CA LEU HA 192 -55.17 -82.56 -8.47
C LEU HA 192 -53.85 -83.27 -8.80
N ALA HA 193 -52.83 -83.12 -7.94
CA ALA HA 193 -51.58 -83.82 -8.18
C ALA HA 193 -51.67 -85.31 -7.85
N THR HA 194 -52.39 -85.67 -6.80
CA THR HA 194 -52.43 -87.05 -6.31
C THR HA 194 -53.60 -87.84 -6.88
N LEU HA 195 -54.83 -87.38 -6.64
CA LEU HA 195 -56.00 -88.16 -7.02
C LEU HA 195 -56.15 -88.29 -8.54
N SER HA 196 -55.46 -87.44 -9.31
CA SER HA 196 -55.58 -87.50 -10.76
C SER HA 196 -54.53 -88.41 -11.39
N GLU HA 197 -53.57 -88.90 -10.59
CA GLU HA 197 -52.56 -89.89 -11.01
C GLU HA 197 -51.92 -89.55 -12.36
N ASN HA 198 -51.67 -88.26 -12.59
CA ASN HA 198 -51.07 -87.83 -13.85
C ASN HA 198 -50.47 -86.45 -13.67
N ASN HA 199 -49.92 -85.92 -14.76
CA ASN HA 199 -49.36 -84.57 -14.78
C ASN HA 199 -50.29 -83.63 -15.55
N MET HA 200 -50.99 -82.78 -14.78
CA MET HA 200 -51.79 -81.69 -15.31
C MET HA 200 -51.06 -80.37 -15.06
N GLU HA 201 -51.34 -79.38 -15.90
CA GLU HA 201 -50.93 -78.01 -15.65
C GLU HA 201 -52.18 -77.18 -15.38
N ALA HA 202 -52.47 -76.95 -14.11
CA ALA HA 202 -53.70 -76.31 -13.68
C ALA HA 202 -53.42 -74.86 -13.32
N LYS HA 203 -54.19 -73.94 -13.90
CA LYS HA 203 -54.09 -72.52 -13.60
C LYS HA 203 -55.28 -72.13 -12.74
N PHE HA 204 -55.02 -71.86 -11.46
CA PHE HA 204 -56.07 -71.44 -10.54
C PHE HA 204 -56.38 -69.97 -10.77
N LEU HA 205 -57.67 -69.63 -10.74
CA LEU HA 205 -58.09 -68.26 -11.05
C LEU HA 205 -57.87 -67.33 -9.86
N GLY HA 206 -58.43 -67.66 -8.71
CA GLY HA 206 -58.34 -66.81 -7.55
C GLY HA 206 -58.18 -67.61 -6.28
N ASN HA 207 -57.50 -66.99 -5.31
CA ASN HA 207 -57.34 -67.60 -3.98
C ASN HA 207 -58.68 -67.77 -3.28
N ALA HA 208 -59.61 -66.83 -3.47
CA ALA HA 208 -60.93 -66.90 -2.87
C ALA HA 208 -61.71 -68.09 -3.43
N PRO HA 209 -62.61 -68.66 -2.63
CA PRO HA 209 -63.39 -69.81 -3.10
C PRO HA 209 -64.37 -69.43 -4.19
N CYS HA 210 -65.16 -70.41 -4.60
CA CYS HA 210 -66.22 -70.20 -5.57
C CYS HA 210 -67.58 -70.69 -5.10
N GLY HA 211 -67.62 -71.82 -4.40
CA GLY HA 211 -68.89 -72.34 -3.90
C GLY HA 211 -68.74 -72.87 -2.50
N HIS HA 212 -69.82 -72.77 -1.73
CA HIS HA 212 -69.85 -73.22 -0.34
C HIS HA 212 -71.17 -73.89 -0.03
N TYR HA 213 -71.10 -75.16 0.39
CA TYR HA 213 -72.31 -75.91 0.71
C TYR HA 213 -72.15 -76.62 2.05
N LYS HA 214 -73.24 -76.66 2.82
CA LYS HA 214 -73.28 -77.26 4.14
C LYS HA 214 -74.25 -78.43 4.16
N PHE HA 215 -73.92 -79.46 4.94
CA PHE HA 215 -74.90 -80.49 5.27
C PHE HA 215 -74.74 -80.92 6.72
N LYS HA 216 -75.86 -80.96 7.44
CA LYS HA 216 -75.90 -81.29 8.86
C LYS HA 216 -76.46 -82.69 9.03
N PHE HA 217 -75.75 -83.53 9.78
CA PHE HA 217 -76.22 -84.87 10.07
C PHE HA 217 -77.03 -84.90 11.37
N LEU HA 227 -73.57 -82.13 14.57
CA LEU HA 227 -72.58 -82.59 13.59
C LEU HA 227 -72.90 -82.04 12.21
N GLY HA 228 -71.94 -81.34 11.61
CA GLY HA 228 -72.10 -80.80 10.28
C GLY HA 228 -70.84 -80.98 9.45
N ALA HA 229 -70.96 -80.68 8.16
CA ALA HA 229 -69.82 -80.72 7.26
C ALA HA 229 -70.00 -79.69 6.17
N LYS HA 230 -68.88 -79.21 5.64
CA LYS HA 230 -68.85 -78.14 4.66
C LYS HA 230 -67.95 -78.51 3.50
N VAL HA 231 -68.39 -78.16 2.29
CA VAL HA 231 -67.62 -78.37 1.07
C VAL HA 231 -67.40 -77.03 0.39
N PHE HA 232 -66.14 -76.75 0.04
CA PHE HA 232 -65.73 -75.49 -0.58
C PHE HA 232 -65.18 -75.81 -1.96
N PHE HA 233 -65.90 -75.39 -2.99
CA PHE HA 233 -65.51 -75.63 -4.38
C PHE HA 233 -64.67 -74.46 -4.88
N PHE HA 234 -63.44 -74.76 -5.32
CA PHE HA 234 -62.57 -73.82 -5.99
C PHE HA 234 -62.52 -74.15 -7.47
N LYS HA 235 -62.54 -73.13 -8.32
CA LYS HA 235 -62.50 -73.32 -9.77
C LYS HA 235 -61.07 -73.17 -10.27
N ALA HA 236 -60.63 -74.13 -11.08
CA ALA HA 236 -59.30 -74.12 -11.68
C ALA HA 236 -59.43 -74.36 -13.17
N LEU HA 237 -58.41 -73.94 -13.92
CA LEU HA 237 -58.41 -74.02 -15.36
C LEU HA 237 -57.31 -74.95 -15.84
N LEU HA 238 -57.59 -75.68 -16.93
CA LEU HA 238 -56.64 -76.64 -17.48
C LEU HA 238 -55.81 -75.97 -18.58
N LEU HA 239 -54.49 -76.01 -18.43
CA LEU HA 239 -53.59 -75.48 -19.45
C LEU HA 239 -53.14 -76.58 -20.41
N THR HA 240 -52.49 -77.61 -19.88
CA THR HA 240 -52.03 -78.74 -20.67
C THR HA 240 -51.87 -79.94 -19.75
N GLY HA 241 -52.52 -81.05 -20.08
CA GLY HA 241 -52.47 -82.24 -19.25
C GLY HA 241 -52.11 -83.47 -20.08
N ASP HA 242 -51.40 -84.40 -19.45
CA ASP HA 242 -51.03 -85.65 -20.08
C ASP HA 242 -51.59 -86.78 -19.21
N PHE HA 243 -52.83 -87.17 -19.49
CA PHE HA 243 -53.52 -88.17 -18.68
C PHE HA 243 -52.93 -89.54 -18.99
N SER HA 244 -52.24 -90.12 -18.01
CA SER HA 244 -51.71 -91.47 -18.16
C SER HA 244 -52.73 -92.50 -17.67
N GLN HA 245 -52.65 -93.70 -18.24
CA GLN HA 245 -53.52 -94.81 -17.90
C GLN HA 245 -54.99 -94.45 -18.14
N ALA HA 246 -55.31 -94.20 -19.40
CA ALA HA 246 -56.68 -93.88 -19.78
C ALA HA 246 -57.59 -95.10 -19.76
N GLY HA 247 -57.02 -96.30 -19.69
CA GLY HA 247 -57.81 -97.52 -19.67
C GLY HA 247 -58.08 -98.04 -18.28
N LYS HA 248 -57.94 -97.18 -17.28
CA LYS HA 248 -58.15 -97.56 -15.89
C LYS HA 248 -59.63 -97.75 -15.60
N LYS HA 249 -59.91 -98.36 -14.44
CA LYS HA 249 -61.29 -98.56 -14.00
C LYS HA 249 -61.87 -97.35 -13.28
N GLY HA 250 -61.04 -96.36 -12.93
CA GLY HA 250 -61.54 -95.14 -12.34
C GLY HA 250 -62.41 -94.36 -13.31
N HIS HA 251 -63.70 -94.27 -13.01
CA HIS HA 251 -64.66 -93.66 -13.93
C HIS HA 251 -64.52 -92.14 -13.88
N HIS HA 252 -63.69 -91.59 -14.76
CA HIS HA 252 -63.53 -90.16 -14.92
C HIS HA 252 -64.13 -89.75 -16.25
N VAL HA 253 -65.03 -88.77 -16.22
CA VAL HA 253 -65.78 -88.37 -17.41
C VAL HA 253 -65.66 -86.86 -17.59
N TRP HA 254 -65.31 -86.43 -18.80
CA TRP HA 254 -65.38 -85.04 -19.19
C TRP HA 254 -66.79 -84.72 -19.68
N VAL HA 255 -67.41 -83.72 -19.08
CA VAL HA 255 -68.84 -83.49 -19.23
C VAL HA 255 -69.09 -82.00 -19.37
N SER HA 256 -70.10 -81.64 -20.18
CA SER HA 256 -70.43 -80.27 -20.47
C SER HA 256 -71.54 -79.78 -19.53
N LYS HA 257 -72.12 -78.61 -19.82
CA LYS HA 257 -73.17 -78.05 -18.99
C LYS HA 257 -74.42 -78.94 -18.96
N GLU HA 258 -74.94 -79.29 -20.13
CA GLU HA 258 -76.21 -80.00 -20.20
C GLU HA 258 -76.06 -81.43 -19.71
N GLU HA 259 -74.99 -82.10 -20.14
CA GLU HA 259 -74.76 -83.46 -19.66
C GLU HA 259 -74.40 -83.48 -18.18
N LEU HA 260 -73.80 -82.38 -17.68
CA LEU HA 260 -73.59 -82.24 -16.24
C LEU HA 260 -74.91 -82.20 -15.50
N GLY HA 261 -75.86 -81.39 -16.00
CA GLY HA 261 -77.18 -81.37 -15.41
C GLY HA 261 -77.86 -82.72 -15.48
N ASP HA 262 -77.64 -83.46 -16.57
CA ASP HA 262 -78.18 -84.81 -16.69
C ASP HA 262 -77.56 -85.76 -15.66
N TYR HA 263 -76.25 -85.63 -15.43
CA TYR HA 263 -75.53 -86.60 -14.62
C TYR HA 263 -75.72 -86.37 -13.12
N LEU HA 264 -75.56 -85.13 -12.67
CA LEU HA 264 -75.48 -84.86 -11.24
C LEU HA 264 -76.86 -84.92 -10.60
N LYS HA 265 -77.06 -85.90 -9.72
CA LYS HA 265 -78.33 -86.10 -9.02
C LYS HA 265 -78.54 -85.20 -7.80
N PRO HA 266 -77.59 -85.04 -6.88
CA PRO HA 266 -77.91 -84.44 -5.59
C PRO HA 266 -78.18 -82.95 -5.71
N LYS HA 267 -78.93 -82.44 -4.72
CA LYS HA 267 -79.28 -81.02 -4.71
C LYS HA 267 -78.06 -80.14 -4.44
N TYR HA 268 -77.11 -80.63 -3.64
CA TYR HA 268 -75.90 -79.86 -3.36
C TYR HA 268 -75.06 -79.67 -4.61
N LEU HA 269 -74.85 -80.73 -5.37
CA LEU HA 269 -74.09 -80.67 -6.60
C LEU HA 269 -74.90 -80.18 -7.79
N ALA HA 270 -76.22 -80.04 -7.63
CA ALA HA 270 -77.06 -79.47 -8.67
C ALA HA 270 -76.94 -77.94 -8.74
N GLN HA 271 -76.28 -77.32 -7.77
CA GLN HA 271 -76.08 -75.87 -7.76
C GLN HA 271 -74.67 -75.47 -8.20
N VAL HA 272 -73.90 -76.42 -8.74
CA VAL HA 272 -72.62 -76.05 -9.35
C VAL HA 272 -72.86 -75.17 -10.57
N ARG HA 273 -73.96 -75.41 -11.29
CA ARG HA 273 -74.34 -74.59 -12.43
C ARG HA 273 -74.60 -73.15 -12.05
N ARG HA 274 -74.86 -72.87 -10.77
CA ARG HA 274 -75.13 -71.50 -10.34
C ARG HA 274 -73.94 -70.59 -10.61
N PHE HA 275 -72.73 -71.08 -10.34
CA PHE HA 275 -71.52 -70.31 -10.61
C PHE HA 275 -70.76 -70.81 -11.84
N LEU HA 276 -71.11 -71.96 -12.40
CA LEU HA 276 -70.49 -72.42 -13.63
C LEU HA 276 -71.06 -71.65 -14.81
N LEU HA 277 -70.19 -71.27 -15.75
CA LEU HA 277 -70.62 -70.50 -16.92
C LEU HA 277 -71.49 -71.36 -17.83
N ASP HA 278 -72.62 -70.79 -18.26
CA ASP HA 278 -73.46 -71.47 -19.22
C ASP HA 278 -72.90 -71.42 -20.63
N LEU HA 279 -72.24 -70.30 -20.98
CA LEU HA 279 -71.65 -70.11 -22.30
C LEU HA 279 -72.68 -70.29 -23.41
N TYR IA 105 -72.01 -13.25 1.96
CA TYR IA 105 -71.19 -12.65 3.00
C TYR IA 105 -70.82 -13.69 4.06
N ARG IA 106 -69.79 -13.39 4.84
CA ARG IA 106 -69.29 -14.37 5.80
C ARG IA 106 -70.20 -14.52 7.02
N SER IA 107 -70.73 -13.42 7.54
CA SER IA 107 -71.59 -13.50 8.71
C SER IA 107 -73.02 -13.93 8.40
N LYS IA 108 -73.39 -13.95 7.11
CA LYS IA 108 -74.74 -14.37 6.75
C LYS IA 108 -74.87 -15.89 6.84
N PRO IA 109 -76.08 -16.39 7.14
CA PRO IA 109 -76.27 -17.84 7.16
C PRO IA 109 -76.05 -18.51 5.82
N THR IA 110 -76.19 -17.78 4.72
CA THR IA 110 -76.03 -18.34 3.38
C THR IA 110 -74.59 -18.32 2.90
N HIS IA 111 -73.62 -18.24 3.81
CA HIS IA 111 -72.22 -18.20 3.41
C HIS IA 111 -71.79 -19.54 2.81
N GLY IA 112 -70.97 -19.48 1.78
CA GLY IA 112 -70.45 -20.69 1.16
C GLY IA 112 -71.45 -21.44 0.32
N ILE IA 113 -72.53 -20.79 -0.12
CA ILE IA 113 -73.48 -21.44 -1.01
C ILE IA 113 -72.90 -21.62 -2.40
N GLY IA 114 -71.96 -20.77 -2.80
CA GLY IA 114 -71.29 -20.88 -4.08
C GLY IA 114 -70.02 -21.71 -4.07
N ARG IA 115 -69.71 -22.37 -2.95
CA ARG IA 115 -68.51 -23.18 -2.85
C ARG IA 115 -68.59 -24.35 -3.82
N TYR IA 116 -67.71 -24.36 -4.83
CA TYR IA 116 -67.71 -25.41 -5.84
C TYR IA 116 -66.34 -26.05 -6.07
N LYS IA 117 -65.25 -25.43 -5.64
CA LYS IA 117 -63.93 -25.99 -5.88
C LYS IA 117 -63.69 -27.28 -5.09
N HIS IA 118 -64.49 -27.53 -4.06
CA HIS IA 118 -64.40 -28.79 -3.32
C HIS IA 118 -65.18 -29.92 -4.00
N LEU IA 119 -65.98 -29.62 -5.02
CA LEU IA 119 -66.73 -30.63 -5.74
C LEU IA 119 -65.99 -31.20 -6.92
N VAL IA 120 -64.94 -30.52 -7.40
CA VAL IA 120 -64.10 -31.02 -8.48
C VAL IA 120 -62.65 -30.85 -8.05
N LYS IA 121 -61.85 -31.89 -8.25
CA LYS IA 121 -60.43 -31.89 -7.87
C LYS IA 121 -59.61 -32.01 -9.15
N ALA IA 122 -59.32 -30.86 -9.76
CA ALA IA 122 -58.53 -30.80 -10.99
C ALA IA 122 -57.60 -29.60 -10.89
N GLN IA 123 -56.37 -29.86 -10.42
CA GLN IA 123 -55.39 -28.80 -10.25
C GLN IA 123 -54.39 -28.79 -11.40
N VAL IA 134 -47.65 -46.25 -9.12
CA VAL IA 134 -48.68 -46.68 -8.18
C VAL IA 134 -48.28 -47.98 -7.50
N ARG IA 135 -48.14 -47.93 -6.17
CA ARG IA 135 -47.77 -49.06 -5.34
C ARG IA 135 -49.00 -49.83 -4.89
N PRO IA 136 -49.02 -51.15 -5.10
CA PRO IA 136 -50.17 -51.94 -4.65
C PRO IA 136 -50.37 -51.85 -3.15
N ILE IA 137 -51.63 -51.74 -2.73
CA ILE IA 137 -52.00 -51.63 -1.33
C ILE IA 137 -52.39 -53.03 -0.87
N ASN IA 138 -51.44 -53.75 -0.29
CA ASN IA 138 -51.61 -55.12 0.15
C ASN IA 138 -51.70 -55.13 1.68
N LEU IA 139 -52.92 -55.02 2.20
CA LEU IA 139 -53.15 -54.99 3.64
C LEU IA 139 -53.73 -56.31 4.15
N GLY IA 140 -53.72 -57.35 3.35
CA GLY IA 140 -54.19 -58.67 3.76
C GLY IA 140 -55.64 -59.00 3.46
N THR IA 141 -56.58 -58.30 4.09
CA THR IA 141 -58.00 -58.58 3.90
C THR IA 141 -58.66 -57.71 2.84
N ASP IA 142 -58.31 -56.42 2.78
CA ASP IA 142 -58.75 -55.55 1.69
C ASP IA 142 -57.62 -55.41 0.68
N TYR IA 143 -57.38 -56.51 -0.04
CA TYR IA 143 -56.23 -56.59 -0.95
C TYR IA 143 -56.54 -55.76 -2.19
N GLU IA 144 -56.44 -54.44 -2.02
CA GLU IA 144 -56.69 -53.49 -3.11
C GLU IA 144 -55.34 -53.14 -3.73
N TYR IA 145 -54.92 -53.98 -4.68
CA TYR IA 145 -53.59 -53.88 -5.24
C TYR IA 145 -53.51 -52.76 -6.28
N GLY IA 146 -52.39 -52.74 -7.00
CA GLY IA 146 -52.07 -51.61 -7.86
C GLY IA 146 -52.62 -51.69 -9.27
N VAL IA 147 -52.07 -50.87 -10.15
CA VAL IA 147 -52.58 -50.73 -11.51
C VAL IA 147 -52.05 -51.87 -12.38
N LEU IA 148 -52.89 -52.35 -13.29
CA LEU IA 148 -52.60 -53.52 -14.11
C LEU IA 148 -52.86 -53.25 -15.59
N ASN IA 149 -52.02 -53.86 -16.43
CA ASN IA 149 -52.12 -53.79 -17.87
C ASN IA 149 -52.80 -55.05 -18.40
N ILE IA 150 -53.86 -54.87 -19.18
CA ILE IA 150 -54.48 -55.96 -19.94
C ILE IA 150 -54.05 -55.77 -21.39
N HIS IA 151 -53.11 -56.60 -21.82
CA HIS IA 151 -52.60 -56.57 -23.19
C HIS IA 151 -53.42 -57.48 -24.07
N LEU IA 152 -53.74 -56.99 -25.27
CA LEU IA 152 -54.51 -57.74 -26.27
C LEU IA 152 -53.69 -57.70 -27.55
N ILE IA 153 -53.11 -58.84 -27.92
CA ILE IA 153 -52.22 -58.93 -29.07
C ILE IA 153 -52.94 -59.68 -30.19
N ALA IA 154 -52.99 -59.08 -31.37
CA ALA IA 154 -53.74 -59.72 -32.45
C ALA IA 154 -53.17 -59.31 -33.80
N TYR IA 155 -53.29 -60.22 -34.77
CA TYR IA 155 -52.97 -59.88 -36.15
C TYR IA 155 -54.09 -59.10 -36.81
N ASP IA 156 -55.31 -59.22 -36.32
CA ASP IA 156 -56.46 -58.50 -36.85
C ASP IA 156 -56.63 -57.19 -36.08
N MET IA 157 -56.38 -56.07 -36.76
CA MET IA 157 -56.50 -54.77 -36.12
C MET IA 157 -57.92 -54.51 -35.66
N ALA IA 158 -58.90 -54.82 -36.52
CA ALA IA 158 -60.29 -54.60 -36.16
C ALA IA 158 -60.72 -55.48 -35.00
N LEU IA 159 -60.31 -56.75 -34.99
CA LEU IA 159 -60.65 -57.63 -33.88
C LEU IA 159 -60.01 -57.15 -32.58
N ALA IA 160 -58.75 -56.73 -32.63
CA ALA IA 160 -58.09 -56.22 -31.44
C ALA IA 160 -58.79 -54.98 -30.91
N GLU IA 161 -59.12 -54.05 -31.81
CA GLU IA 161 -59.82 -52.83 -31.39
C GLU IA 161 -61.19 -53.15 -30.81
N SER IA 162 -61.92 -54.08 -31.43
CA SER IA 162 -63.24 -54.44 -30.94
C SER IA 162 -63.15 -55.07 -29.55
N TYR IA 163 -62.17 -55.95 -29.33
CA TYR IA 163 -62.09 -56.60 -28.03
C TYR IA 163 -61.60 -55.64 -26.96
N ALA IA 164 -60.71 -54.71 -27.33
CA ALA IA 164 -60.31 -53.67 -26.39
C ALA IA 164 -61.49 -52.78 -26.02
N GLN IA 165 -62.31 -52.42 -27.00
CA GLN IA 165 -63.51 -51.64 -26.71
C GLN IA 165 -64.46 -52.41 -25.79
N TYR IA 166 -64.63 -53.71 -26.05
CA TYR IA 166 -65.51 -54.52 -25.21
C TYR IA 166 -65.00 -54.59 -23.77
N VAL IA 167 -63.70 -54.83 -23.59
CA VAL IA 167 -63.20 -54.92 -22.22
C VAL IA 167 -63.24 -53.56 -21.53
N HIS IA 168 -63.03 -52.48 -22.27
CA HIS IA 168 -63.15 -51.14 -21.69
C HIS IA 168 -64.59 -50.87 -21.24
N ASN IA 169 -65.57 -51.23 -22.08
CA ASN IA 169 -66.97 -51.03 -21.69
C ASN IA 169 -67.34 -51.92 -20.51
N LEU IA 170 -66.82 -53.15 -20.47
CA LEU IA 170 -67.08 -54.02 -19.34
C LEU IA 170 -66.50 -53.45 -18.05
N CYS IA 171 -65.28 -52.90 -18.13
CA CYS IA 171 -64.68 -52.24 -16.96
C CYS IA 171 -65.51 -51.04 -16.53
N ASN IA 172 -66.01 -50.25 -17.49
CA ASN IA 172 -66.84 -49.10 -17.15
C ASN IA 172 -68.13 -49.55 -16.46
N HIS IA 173 -68.75 -50.62 -16.96
CA HIS IA 173 -69.99 -51.10 -16.35
C HIS IA 173 -69.76 -51.70 -14.98
N LEU IA 174 -68.64 -52.38 -14.77
CA LEU IA 174 -68.36 -53.06 -13.51
C LEU IA 174 -67.74 -52.14 -12.47
N ALA IA 175 -67.87 -50.83 -12.63
CA ALA IA 175 -67.33 -49.84 -11.69
C ALA IA 175 -65.83 -50.01 -11.49
N ILE IA 176 -65.10 -50.26 -12.56
CA ILE IA 176 -63.65 -50.40 -12.51
C ILE IA 176 -63.00 -49.11 -12.99
N LYS IA 177 -62.11 -48.56 -12.17
CA LYS IA 177 -61.46 -47.29 -12.50
C LYS IA 177 -60.44 -47.54 -13.60
N VAL IA 178 -60.83 -47.27 -14.84
CA VAL IA 178 -59.96 -47.46 -15.99
C VAL IA 178 -58.97 -46.31 -16.03
N GLU IA 179 -57.69 -46.61 -15.75
CA GLU IA 179 -56.67 -45.57 -15.81
C GLU IA 179 -56.43 -45.11 -17.24
N GLU IA 180 -56.24 -46.06 -18.16
CA GLU IA 180 -55.93 -45.71 -19.55
C GLU IA 180 -56.48 -46.78 -20.48
N SER IA 181 -56.46 -46.46 -21.78
CA SER IA 181 -56.78 -47.44 -22.83
C SER IA 181 -56.00 -47.00 -24.07
N TYR IA 182 -54.85 -47.64 -24.31
CA TYR IA 182 -53.90 -47.18 -25.32
C TYR IA 182 -53.54 -48.32 -26.27
N ALA IA 183 -52.69 -48.00 -27.23
CA ALA IA 183 -52.18 -48.96 -28.19
C ALA IA 183 -50.66 -48.89 -28.22
N MET IA 184 -50.02 -50.05 -28.10
CA MET IA 184 -48.57 -50.15 -28.21
C MET IA 184 -48.14 -50.10 -29.66
N PRO IA 185 -46.88 -49.76 -29.93
CA PRO IA 185 -46.40 -49.72 -31.32
C PRO IA 185 -46.54 -51.07 -32.00
N THR IA 186 -46.87 -51.02 -33.28
CA THR IA 186 -47.09 -52.23 -34.08
C THR IA 186 -45.78 -52.96 -34.29
N LYS IA 187 -45.88 -54.26 -34.58
CA LYS IA 187 -44.70 -55.07 -34.91
C LYS IA 187 -44.98 -55.82 -36.21
N THR IA 188 -44.21 -55.51 -37.25
CA THR IA 188 -44.43 -56.07 -38.58
C THR IA 188 -43.43 -57.20 -38.82
N MET IA 189 -43.87 -58.44 -38.60
CA MET IA 189 -43.08 -59.61 -38.92
C MET IA 189 -43.09 -59.84 -40.43
N GLU IA 190 -41.96 -60.31 -40.95
CA GLU IA 190 -41.82 -60.62 -42.37
C GLU IA 190 -41.59 -62.12 -42.53
N VAL IA 191 -42.39 -62.75 -43.37
CA VAL IA 191 -42.31 -64.19 -43.57
C VAL IA 191 -41.33 -64.48 -44.71
N LEU IA 192 -40.25 -65.19 -44.40
CA LEU IA 192 -39.28 -65.62 -45.39
C LEU IA 192 -39.37 -67.15 -45.46
N GLN IA 193 -39.98 -67.65 -46.53
CA GLN IA 193 -40.18 -69.09 -46.69
C GLN IA 193 -39.12 -69.65 -47.62
N LEU IA 194 -38.62 -70.83 -47.27
CA LEU IA 194 -37.66 -71.52 -48.12
C LEU IA 194 -38.40 -72.27 -49.22
N GLN IA 195 -38.15 -71.89 -50.47
CA GLN IA 195 -38.83 -72.54 -51.58
C GLN IA 195 -38.25 -73.93 -51.83
N GLU IA 196 -38.96 -74.70 -52.66
CA GLU IA 196 -38.67 -76.10 -52.88
C GLU IA 196 -37.37 -76.29 -53.65
N GLN IA 197 -36.78 -77.48 -53.48
CA GLN IA 197 -35.36 -77.81 -53.68
C GLN IA 197 -34.43 -77.13 -52.67
N GLY IA 198 -34.93 -76.20 -51.84
CA GLY IA 198 -34.10 -75.61 -50.82
C GLY IA 198 -33.00 -74.66 -51.29
N SER IA 199 -32.15 -74.25 -50.34
CA SER IA 199 -31.01 -73.37 -50.62
C SER IA 199 -31.44 -72.00 -51.12
N LYS IA 200 -32.67 -71.61 -50.80
CA LYS IA 200 -33.18 -70.30 -51.19
C LYS IA 200 -34.09 -69.78 -50.07
N MET IA 201 -34.59 -68.56 -50.27
CA MET IA 201 -35.45 -67.91 -49.29
C MET IA 201 -36.19 -66.78 -49.99
N PHE IA 202 -37.51 -66.88 -50.06
CA PHE IA 202 -38.32 -65.88 -50.76
C PHE IA 202 -39.34 -65.26 -49.82
N LEU IA 203 -39.71 -64.01 -50.11
CA LEU IA 203 -40.69 -63.28 -49.34
C LEU IA 203 -42.08 -63.86 -49.57
N ASP IA 204 -42.74 -64.26 -48.47
CA ASP IA 204 -44.09 -64.79 -48.56
C ASP IA 204 -45.14 -63.71 -48.29
N ALA IA 205 -45.07 -63.08 -47.12
CA ALA IA 205 -46.05 -62.06 -46.75
C ALA IA 205 -45.50 -61.25 -45.59
N VAL IA 206 -46.28 -60.26 -45.17
CA VAL IA 206 -45.98 -59.43 -44.00
C VAL IA 206 -47.18 -59.50 -43.06
N LEU IA 207 -46.91 -59.67 -41.77
CA LEU IA 207 -47.95 -59.80 -40.76
C LEU IA 207 -47.71 -58.77 -39.68
N THR IA 208 -48.65 -57.83 -39.54
CA THR IA 208 -48.52 -56.74 -38.59
C THR IA 208 -49.34 -57.07 -37.35
N THR IA 209 -48.65 -57.37 -36.25
CA THR IA 209 -49.30 -57.63 -34.98
C THR IA 209 -49.48 -56.33 -34.21
N HIS IA 210 -50.61 -56.22 -33.53
CA HIS IA 210 -51.06 -54.99 -32.88
C HIS IA 210 -51.41 -55.30 -31.44
N GLU IA 211 -51.10 -54.36 -30.55
CA GLU IA 211 -51.30 -54.55 -29.12
C GLU IA 211 -52.16 -53.40 -28.59
N ARG IA 212 -53.29 -53.75 -27.99
CA ARG IA 212 -54.17 -52.78 -27.34
C ARG IA 212 -54.21 -53.11 -25.85
N VAL IA 213 -53.89 -52.12 -25.01
CA VAL IA 213 -53.72 -52.35 -23.58
C VAL IA 213 -54.70 -51.48 -22.82
N VAL IA 214 -55.44 -52.10 -21.90
CA VAL IA 214 -56.33 -51.39 -20.98
C VAL IA 214 -55.67 -51.35 -19.62
N GLN IA 215 -55.49 -50.15 -19.08
CA GLN IA 215 -54.83 -49.93 -17.81
C GLN IA 215 -55.88 -49.67 -16.75
N ILE IA 216 -56.04 -50.63 -15.82
CA ILE IA 216 -57.01 -50.52 -14.75
C ILE IA 216 -56.29 -50.18 -13.45
N SER IA 217 -57.03 -49.57 -12.53
CA SER IA 217 -56.43 -48.99 -11.33
C SER IA 217 -56.45 -49.95 -10.14
N GLY IA 218 -57.64 -50.35 -9.70
CA GLY IA 218 -57.77 -51.13 -8.49
C GLY IA 218 -58.78 -52.25 -8.65
N LEU IA 219 -58.57 -53.32 -7.88
CA LEU IA 219 -59.42 -54.50 -7.96
C LEU IA 219 -59.16 -55.37 -6.73
N SER IA 220 -60.06 -56.32 -6.50
CA SER IA 220 -59.97 -57.28 -5.42
C SER IA 220 -59.71 -58.67 -5.99
N ALA IA 221 -59.43 -59.62 -5.10
CA ALA IA 221 -59.20 -61.00 -5.53
C ALA IA 221 -60.47 -61.63 -6.08
N THR IA 222 -61.59 -61.46 -5.38
CA THR IA 222 -62.87 -62.01 -5.82
C THR IA 222 -63.26 -61.45 -7.18
N PHE IA 223 -63.30 -60.12 -7.30
CA PHE IA 223 -63.73 -59.54 -8.55
C PHE IA 223 -62.71 -59.75 -9.65
N ALA IA 224 -61.43 -59.91 -9.29
CA ALA IA 224 -60.43 -60.26 -10.29
C ALA IA 224 -60.69 -61.65 -10.85
N GLU IA 225 -61.02 -62.61 -9.98
CA GLU IA 225 -61.35 -63.94 -10.46
C GLU IA 225 -62.56 -63.90 -11.39
N ILE IA 226 -63.62 -63.19 -10.97
CA ILE IA 226 -64.82 -63.12 -11.80
C ILE IA 226 -64.53 -62.42 -13.13
N PHE IA 227 -63.80 -61.31 -13.07
CA PHE IA 227 -63.46 -60.55 -14.27
C PHE IA 227 -62.63 -61.38 -15.23
N LEU IA 228 -61.57 -62.04 -14.74
CA LEU IA 228 -60.77 -62.88 -15.60
C LEU IA 228 -61.58 -64.01 -16.21
N GLU IA 229 -62.50 -64.59 -15.42
CA GLU IA 229 -63.37 -65.63 -15.95
C GLU IA 229 -64.19 -65.10 -17.12
N ILE IA 230 -64.77 -63.92 -16.96
CA ILE IA 230 -65.57 -63.33 -18.04
C ILE IA 230 -64.68 -63.09 -19.26
N ILE IA 231 -63.48 -62.56 -19.05
CA ILE IA 231 -62.61 -62.21 -20.16
C ILE IA 231 -62.20 -63.46 -20.94
N HIS IA 232 -61.78 -64.53 -20.25
CA HIS IA 232 -61.37 -65.68 -21.04
C HIS IA 232 -62.54 -66.53 -21.50
N SER IA 233 -63.76 -66.27 -21.01
CA SER IA 233 -64.92 -66.86 -21.64
C SER IA 233 -65.27 -66.12 -22.92
N ASN IA 234 -65.00 -64.82 -22.97
CA ASN IA 234 -65.38 -63.99 -24.09
C ASN IA 234 -64.21 -63.61 -25.00
N LEU IA 235 -63.09 -64.31 -24.88
CA LEU IA 235 -61.98 -64.11 -25.83
C LEU IA 235 -62.44 -64.43 -27.25
N PRO IA 236 -62.09 -63.58 -28.23
CA PRO IA 236 -62.31 -63.95 -29.63
C PRO IA 236 -61.28 -64.95 -30.11
N GLU IA 237 -61.30 -65.28 -31.40
CA GLU IA 237 -60.35 -66.24 -31.96
C GLU IA 237 -59.08 -65.53 -32.41
N GLY IA 238 -57.93 -66.16 -32.16
CA GLY IA 238 -56.66 -65.61 -32.58
C GLY IA 238 -56.28 -64.31 -31.90
N VAL IA 239 -56.62 -64.16 -30.62
CA VAL IA 239 -56.26 -62.97 -29.85
C VAL IA 239 -55.56 -63.44 -28.58
N LYS IA 240 -54.32 -62.98 -28.39
CA LYS IA 240 -53.55 -63.34 -27.22
C LYS IA 240 -53.87 -62.39 -26.08
N LEU IA 241 -54.26 -62.96 -24.94
CA LEU IA 241 -54.52 -62.23 -23.70
C LEU IA 241 -53.25 -62.13 -22.90
N SER IA 242 -53.09 -61.02 -22.18
CA SER IA 242 -52.05 -60.90 -21.17
C SER IA 242 -52.58 -60.01 -20.05
N VAL IA 243 -52.34 -60.41 -18.81
CA VAL IA 243 -52.70 -59.60 -17.65
C VAL IA 243 -51.46 -59.50 -16.78
N ARG IA 244 -50.86 -58.31 -16.73
CA ARG IA 244 -49.63 -58.12 -15.97
C ARG IA 244 -49.77 -56.91 -15.06
N GLU IA 245 -48.84 -56.82 -14.10
CA GLU IA 245 -48.72 -55.62 -13.29
C GLU IA 245 -47.90 -54.57 -14.04
N HIS IA 246 -48.21 -53.30 -13.76
CA HIS IA 246 -47.53 -52.18 -14.41
C HIS IA 246 -46.17 -51.99 -13.77
N THR IA 247 -45.12 -52.20 -14.54
CA THR IA 247 -43.74 -52.03 -14.10
C THR IA 247 -43.04 -51.00 -14.99
N GLU IA 248 -41.78 -50.72 -14.66
CA GLU IA 248 -41.01 -49.76 -15.45
C GLU IA 248 -40.75 -50.27 -16.86
N GLU IA 249 -40.55 -51.58 -17.03
CA GLU IA 249 -40.38 -52.12 -18.37
C GLU IA 249 -41.65 -51.96 -19.21
N ASP IA 250 -42.81 -52.23 -18.62
CA ASP IA 250 -44.06 -52.03 -19.33
C ASP IA 250 -44.29 -50.55 -19.63
N PHE IA 251 -43.85 -49.66 -18.75
CA PHE IA 251 -43.99 -48.23 -18.98
C PHE IA 251 -43.06 -47.74 -20.09
N LYS IA 252 -41.84 -48.28 -20.16
CA LYS IA 252 -40.87 -47.89 -21.16
C LYS IA 252 -41.08 -48.60 -22.50
N GLY IA 253 -41.90 -49.65 -22.54
CA GLY IA 253 -42.20 -50.30 -23.80
C GLY IA 253 -42.84 -49.36 -24.82
N ARG IA 254 -43.71 -48.45 -24.35
CA ARG IA 254 -44.29 -47.45 -25.24
C ARG IA 254 -43.27 -46.44 -25.74
N PHE IA 255 -42.15 -46.29 -25.03
CA PHE IA 255 -41.19 -45.24 -25.30
C PHE IA 255 -40.04 -45.73 -26.17
N LYS IA 256 -39.48 -44.80 -26.93
CA LYS IA 256 -38.37 -45.08 -27.83
C LYS IA 256 -37.06 -45.20 -27.06
N ALA IA 257 -36.10 -45.88 -27.68
CA ALA IA 257 -34.79 -46.03 -27.07
C ALA IA 257 -34.08 -44.69 -27.01
N ARG IA 258 -33.02 -44.64 -26.21
CA ARG IA 258 -32.25 -43.42 -25.97
C ARG IA 258 -30.79 -43.71 -26.34
N PRO IA 259 -30.46 -43.71 -27.64
CA PRO IA 259 -29.09 -44.04 -28.05
C PRO IA 259 -28.03 -43.14 -27.44
N GLU IA 260 -28.33 -41.85 -27.28
CA GLU IA 260 -27.37 -40.96 -26.63
C GLU IA 260 -27.11 -41.37 -25.19
N LEU IA 261 -28.18 -41.67 -24.45
CA LEU IA 261 -28.02 -42.10 -23.06
C LEU IA 261 -27.25 -43.42 -22.98
N GLU IA 262 -27.57 -44.37 -23.86
CA GLU IA 262 -26.90 -45.67 -23.82
C GLU IA 262 -25.42 -45.53 -24.17
N GLU IA 263 -25.09 -44.73 -25.18
CA GLU IA 263 -23.69 -44.58 -25.56
C GLU IA 263 -22.92 -43.82 -24.48
N LEU IA 264 -23.54 -42.83 -23.83
CA LEU IA 264 -22.83 -42.18 -22.75
C LEU IA 264 -22.61 -43.14 -21.59
N LEU IA 265 -23.62 -43.95 -21.26
CA LEU IA 265 -23.46 -44.91 -20.17
C LEU IA 265 -22.37 -45.92 -20.49
N ALA IA 266 -22.23 -46.29 -21.76
CA ALA IA 266 -21.11 -47.13 -22.18
C ALA IA 266 -19.79 -46.42 -21.96
N LYS IA 267 -19.73 -45.11 -22.28
CA LYS IA 267 -18.53 -44.33 -22.00
C LYS IA 267 -18.23 -44.28 -20.50
N LEU IA 268 -19.26 -44.17 -19.67
CA LEU IA 268 -19.09 -44.21 -18.22
C LEU IA 268 -18.54 -45.55 -17.77
N ASN IA 269 -19.03 -46.65 -18.36
CA ASN IA 269 -18.58 -47.98 -18.01
C ASN IA 269 -17.48 -48.44 -18.95
N GLU JA 34 -61.40 80.73 -49.15
CA GLU JA 34 -62.22 79.90 -50.03
C GLU JA 34 -63.42 79.32 -49.29
N TYR JA 35 -63.98 80.09 -48.37
CA TYR JA 35 -65.12 79.61 -47.59
C TYR JA 35 -66.32 79.39 -48.50
N PRO JA 36 -66.95 78.23 -48.45
CA PRO JA 36 -68.11 77.98 -49.31
C PRO JA 36 -69.34 78.76 -48.85
N SER JA 37 -70.25 79.00 -49.79
CA SER JA 37 -71.48 79.71 -49.50
C SER JA 37 -72.49 78.77 -48.85
N PHE JA 38 -73.33 79.33 -47.99
CA PHE JA 38 -74.31 78.56 -47.25
C PHE JA 38 -75.63 79.33 -47.19
N VAL JA 39 -76.71 78.58 -46.97
CA VAL JA 39 -78.05 79.14 -46.89
C VAL JA 39 -78.58 78.91 -45.47
N GLU JA 40 -79.31 79.91 -44.97
CA GLU JA 40 -79.89 79.87 -43.63
C GLU JA 40 -81.40 79.87 -43.76
N SER JA 41 -82.04 78.88 -43.14
CA SER JA 41 -83.50 78.73 -43.21
C SER JA 41 -84.03 78.22 -41.88
N VAL JA 42 -85.32 78.45 -41.66
CA VAL JA 42 -86.01 78.06 -40.44
C VAL JA 42 -87.12 77.05 -40.71
N ASP JA 43 -87.37 76.73 -41.98
CA ASP JA 43 -88.51 75.89 -42.35
C ASP JA 43 -88.39 74.48 -41.77
N GLU JA 44 -87.19 73.90 -41.80
CA GLU JA 44 -86.99 72.50 -41.42
C GLU JA 44 -86.62 72.33 -39.95
N TYR JA 45 -86.77 73.38 -39.13
CA TYR JA 45 -86.44 73.26 -37.72
C TYR JA 45 -87.50 72.52 -36.91
N HIS JA 46 -88.69 72.29 -37.47
CA HIS JA 46 -89.70 71.54 -36.75
C HIS JA 46 -89.38 70.06 -36.67
N PHE JA 47 -88.49 69.55 -37.54
CA PHE JA 47 -88.06 68.16 -37.44
C PHE JA 47 -87.19 67.94 -36.21
N VAL JA 48 -86.39 68.94 -35.83
CA VAL JA 48 -85.48 68.81 -34.70
C VAL JA 48 -86.24 68.65 -33.39
N GLU JA 49 -87.42 69.26 -33.27
CA GLU JA 49 -88.19 69.18 -32.04
C GLU JA 49 -88.58 67.75 -31.66
N ARG JA 50 -88.68 66.86 -32.65
CA ARG JA 50 -88.96 65.45 -32.35
C ARG JA 50 -87.75 64.76 -31.76
N LEU JA 51 -86.55 65.29 -31.98
CA LEU JA 51 -85.31 64.66 -31.52
C LEU JA 51 -84.93 65.06 -30.10
N LEU JA 52 -85.69 65.95 -29.46
CA LEU JA 52 -85.37 66.41 -28.11
C LEU JA 52 -86.12 65.57 -27.09
N PRO JA 53 -85.43 64.83 -26.21
CA PRO JA 53 -86.14 63.99 -25.26
C PRO JA 53 -86.78 64.82 -24.16
N PRO JA 54 -87.95 64.42 -23.68
CA PRO JA 54 -88.53 65.10 -22.52
C PRO JA 54 -87.77 64.75 -21.25
N ALA JA 55 -87.79 65.70 -20.31
CA ALA JA 55 -87.15 65.51 -19.02
C ALA JA 55 -88.13 65.03 -17.94
N SER JA 56 -89.40 64.88 -18.27
CA SER JA 56 -90.42 64.48 -17.30
C SER JA 56 -91.17 63.25 -17.80
N ILE JA 57 -92.05 62.74 -16.96
CA ILE JA 57 -92.87 61.57 -17.26
C ILE JA 57 -94.19 62.06 -17.86
N PRO JA 58 -94.49 61.75 -19.11
CA PRO JA 58 -95.81 62.10 -19.65
C PRO JA 58 -96.90 61.25 -19.02
N ARG JA 59 -98.03 61.87 -18.74
CA ARG JA 59 -99.16 61.15 -18.17
C ARG JA 59 -99.72 60.15 -19.18
N PRO JA 60 -100.18 59.00 -18.73
CA PRO JA 60 -100.71 57.99 -19.66
C PRO JA 60 -101.98 58.47 -20.33
N PRO JA 61 -102.10 58.29 -21.64
CA PRO JA 61 -103.34 58.70 -22.32
C PRO JA 61 -104.53 57.89 -21.84
N LYS JA 62 -105.70 58.53 -21.87
CA LYS JA 62 -106.93 57.87 -21.47
C LYS JA 62 -107.43 56.95 -22.59
N HIS JA 63 -107.72 55.70 -22.23
CA HIS JA 63 -108.21 54.72 -23.18
C HIS JA 63 -109.71 54.48 -22.97
N GLU JA 64 -110.35 53.97 -24.02
CA GLU JA 64 -111.78 53.73 -23.99
C GLU JA 64 -112.17 52.48 -23.19
N HIS JA 65 -111.27 51.50 -23.09
CA HIS JA 65 -111.57 50.26 -22.37
C HIS JA 65 -110.42 49.92 -21.43
N TYR JA 66 -110.78 49.38 -20.26
CA TYR JA 66 -109.82 48.93 -19.28
C TYR JA 66 -110.18 47.52 -18.81
N PRO JA 67 -109.21 46.66 -18.51
CA PRO JA 67 -107.76 46.94 -18.54
C PRO JA 67 -107.17 47.05 -19.95
N THR JA 68 -106.11 47.83 -20.04
CA THR JA 68 -105.45 48.10 -21.30
C THR JA 68 -104.71 46.86 -21.79
N PRO JA 69 -104.70 46.59 -23.11
CA PRO JA 69 -104.08 45.36 -23.64
C PRO JA 69 -102.69 45.03 -23.10
N SER JA 70 -101.98 46.01 -22.57
CA SER JA 70 -100.70 45.76 -21.92
C SER JA 70 -100.86 45.36 -20.46
N GLY JA 71 -102.10 45.27 -19.96
CA GLY JA 71 -102.35 44.92 -18.58
C GLY JA 71 -102.34 46.08 -17.61
N TRP JA 72 -102.05 47.30 -18.08
CA TRP JA 72 -102.02 48.46 -17.22
C TRP JA 72 -103.43 48.99 -16.98
N GLN JA 73 -103.73 49.30 -15.72
CA GLN JA 73 -105.04 49.80 -15.34
C GLN JA 73 -104.87 50.93 -14.33
N PRO JA 74 -105.46 52.09 -14.57
CA PRO JA 74 -105.32 53.21 -13.64
C PRO JA 74 -106.13 52.96 -12.37
N PRO JA 75 -105.78 53.62 -11.26
CA PRO JA 75 -106.54 53.42 -10.02
C PRO JA 75 -107.92 54.05 -10.09
N ARG JA 76 -108.73 53.86 -9.04
CA ARG JA 76 -110.05 54.44 -8.99
C ARG JA 76 -109.96 55.96 -8.86
N ASP JA 77 -111.00 56.64 -9.37
CA ASP JA 77 -111.03 58.10 -9.26
C ASP JA 77 -111.01 58.59 -7.82
N PRO JA 78 -111.84 58.06 -6.89
CA PRO JA 78 -111.72 58.49 -5.50
C PRO JA 78 -110.73 57.65 -4.71
N ALA JA 79 -110.47 58.04 -3.47
CA ALA JA 79 -109.57 57.27 -2.63
C ALA JA 79 -110.35 56.34 -1.70
N PRO JA 80 -109.99 55.06 -1.66
CA PRO JA 80 -110.69 54.13 -0.78
C PRO JA 80 -110.47 54.46 0.69
N SER JA 81 -111.42 54.05 1.52
CA SER JA 81 -111.42 54.35 2.94
C SER JA 81 -110.46 53.48 3.75
N LEU JA 82 -109.58 52.73 3.09
CA LEU JA 82 -108.62 51.92 3.81
C LEU JA 82 -107.61 52.82 4.55
N PRO JA 83 -107.18 52.43 5.74
CA PRO JA 83 -106.26 53.29 6.50
C PRO JA 83 -104.82 53.20 6.03
N TYR JA 84 -104.62 53.23 4.71
CA TYR JA 84 -103.28 53.25 4.11
C TYR JA 84 -103.45 53.52 2.62
N PHE JA 85 -102.33 53.85 1.98
CA PHE JA 85 -102.35 54.15 0.56
C PHE JA 85 -101.04 53.70 -0.05
N VAL JA 86 -101.12 52.83 -1.05
CA VAL JA 86 -99.93 52.36 -1.78
C VAL JA 86 -99.78 53.29 -2.98
N ARG JA 87 -98.95 54.31 -2.82
CA ARG JA 87 -98.75 55.28 -3.88
C ARG JA 87 -98.12 54.64 -5.11
N ARG JA 88 -98.61 55.03 -6.29
CA ARG JA 88 -98.11 54.48 -7.54
C ARG JA 88 -96.68 54.96 -7.80
N SER JA 89 -96.01 54.26 -8.72
CA SER JA 89 -94.65 54.59 -9.09
C SER JA 89 -94.63 55.85 -9.97
N ARG JA 90 -93.42 56.36 -10.21
CA ARG JA 90 -93.25 57.48 -11.14
C ARG JA 90 -93.60 57.08 -12.57
N MET JA 91 -93.56 55.79 -12.88
CA MET JA 91 -93.94 55.27 -14.18
C MET JA 91 -95.37 54.75 -14.20
N HIS JA 92 -96.16 55.06 -13.16
CA HIS JA 92 -97.55 54.62 -13.04
C HIS JA 92 -97.64 53.09 -13.03
N ASN JA 93 -96.93 52.49 -12.08
CA ASN JA 93 -96.93 51.04 -11.87
C ASN JA 93 -97.01 50.76 -10.38
N ILE JA 94 -97.48 49.56 -10.05
CA ILE JA 94 -97.61 49.16 -8.65
C ILE JA 94 -96.23 48.93 -8.06
N PRO JA 95 -95.92 49.50 -6.89
CA PRO JA 95 -94.60 49.28 -6.27
C PRO JA 95 -94.54 47.99 -5.45
N VAL JA 96 -94.74 46.86 -6.13
CA VAL JA 96 -94.59 45.54 -5.53
C VAL JA 96 -93.50 44.83 -6.33
N TYR JA 97 -92.34 44.66 -5.72
CA TYR JA 97 -91.18 44.07 -6.38
C TYR JA 97 -90.72 42.82 -5.64
N ARG JA 98 -89.80 42.10 -6.25
CA ARG JA 98 -89.18 40.92 -5.66
C ARG JA 98 -87.70 41.21 -5.44
N ASP JA 99 -87.13 40.55 -4.44
CA ASP JA 99 -85.72 40.74 -4.10
C ASP JA 99 -85.10 39.41 -3.76
N ILE JA 100 -83.81 39.27 -4.06
CA ILE JA 100 -83.05 38.07 -3.76
C ILE JA 100 -81.81 38.45 -2.96
N THR JA 101 -81.49 37.64 -1.96
CA THR JA 101 -80.34 37.87 -1.10
C THR JA 101 -79.69 36.52 -0.79
N HIS JA 102 -78.37 36.50 -0.74
CA HIS JA 102 -77.56 35.30 -0.54
C HIS JA 102 -77.73 34.28 -1.64
N GLY JA 103 -78.45 34.62 -2.71
CA GLY JA 103 -78.69 33.71 -3.81
C GLY JA 103 -79.84 32.75 -3.61
N ASN JA 104 -80.41 32.67 -2.40
CA ASN JA 104 -81.50 31.75 -2.13
C ASN JA 104 -82.65 32.34 -1.32
N ARG JA 105 -82.48 33.50 -0.70
CA ARG JA 105 -83.54 34.10 0.10
C ARG JA 105 -84.47 34.87 -0.83
N GLN JA 106 -85.75 34.49 -0.83
CA GLN JA 106 -86.76 35.08 -1.70
C GLN JA 106 -87.70 35.94 -0.88
N MET JA 107 -87.77 37.23 -1.21
CA MET JA 107 -88.64 38.17 -0.53
C MET JA 107 -89.37 39.03 -1.55
N THR JA 108 -90.55 39.50 -1.17
CA THR JA 108 -91.34 40.41 -1.99
C THR JA 108 -91.55 41.70 -1.21
N VAL JA 109 -91.25 42.83 -1.84
CA VAL JA 109 -91.24 44.13 -1.18
C VAL JA 109 -92.39 44.97 -1.72
N ILE JA 110 -93.12 45.61 -0.81
CA ILE JA 110 -94.17 46.56 -1.14
C ILE JA 110 -93.74 47.92 -0.61
N ARG JA 111 -93.55 48.87 -1.51
CA ARG JA 111 -93.00 50.18 -1.18
C ARG JA 111 -94.07 51.26 -1.27
N LYS JA 112 -93.71 52.44 -0.78
CA LYS JA 112 -94.55 53.64 -0.86
C LYS JA 112 -95.91 53.41 -0.21
N VAL JA 113 -95.88 53.12 1.09
CA VAL JA 113 -97.07 52.91 1.89
C VAL JA 113 -97.22 54.11 2.81
N GLU JA 114 -98.35 54.81 2.69
CA GLU JA 114 -98.63 56.01 3.47
C GLU JA 114 -99.90 55.76 4.29
N GLY JA 115 -99.74 55.57 5.58
CA GLY JA 115 -100.87 55.36 6.48
C GLY JA 115 -100.52 54.32 7.52
N ASP JA 116 -101.54 53.67 8.05
CA ASP JA 116 -101.36 52.62 9.05
C ASP JA 116 -100.85 51.37 8.35
N ILE JA 117 -99.54 51.18 8.37
CA ILE JA 117 -98.90 50.05 7.72
C ILE JA 117 -99.18 48.73 8.44
N TRP JA 118 -99.51 48.78 9.74
CA TRP JA 118 -99.89 47.56 10.44
C TRP JA 118 -101.20 46.99 9.89
N ALA JA 119 -102.15 47.86 9.52
CA ALA JA 119 -103.36 47.38 8.88
C ALA JA 119 -103.06 46.72 7.55
N LEU JA 120 -102.14 47.28 6.77
CA LEU JA 120 -101.73 46.66 5.52
C LEU JA 120 -101.08 45.30 5.76
N GLN JA 121 -100.24 45.21 6.80
CA GLN JA 121 -99.67 43.91 7.17
C GLN JA 121 -100.76 42.90 7.49
N LYS JA 122 -101.75 43.32 8.28
CA LYS JA 122 -102.84 42.41 8.66
C LYS JA 122 -103.60 41.94 7.43
N ASP JA 123 -103.91 42.86 6.53
CA ASP JA 123 -104.64 42.52 5.31
C ASP JA 123 -103.82 41.57 4.43
N VAL JA 124 -102.51 41.83 4.30
CA VAL JA 124 -101.66 40.98 3.48
C VAL JA 124 -101.58 39.57 4.06
N GLU JA 125 -101.42 39.46 5.39
CA GLU JA 125 -101.32 38.14 5.99
C GLU JA 125 -102.63 37.39 5.94
N ASP JA 126 -103.77 38.09 6.07
CA ASP JA 126 -105.06 37.43 5.90
C ASP JA 126 -105.26 36.98 4.46
N PHE JA 127 -104.77 37.77 3.50
CA PHE JA 127 -104.87 37.39 2.10
C PHE JA 127 -104.01 36.17 1.78
N LEU JA 128 -102.80 36.10 2.34
CA LEU JA 128 -101.87 35.03 2.04
C LEU JA 128 -102.04 33.80 2.92
N SER JA 129 -102.83 33.87 3.99
CA SER JA 129 -103.04 32.70 4.84
C SER JA 129 -103.69 31.54 4.10
N PRO JA 130 -104.79 31.71 3.35
CA PRO JA 130 -105.37 30.57 2.63
C PRO JA 130 -104.48 30.01 1.55
N LEU JA 131 -103.53 30.79 1.03
CA LEU JA 131 -102.65 30.30 -0.02
C LEU JA 131 -101.60 29.34 0.54
N LEU JA 132 -101.05 29.63 1.71
CA LEU JA 132 -100.01 28.81 2.30
C LEU JA 132 -100.48 27.95 3.46
N GLY JA 133 -101.63 28.25 4.04
CA GLY JA 133 -102.06 27.55 5.24
C GLY JA 133 -101.39 28.00 6.51
N LYS JA 134 -100.57 29.05 6.45
CA LYS JA 134 -99.87 29.56 7.61
C LYS JA 134 -99.65 31.06 7.43
N THR JA 135 -99.41 31.74 8.54
CA THR JA 135 -99.21 33.18 8.50
C THR JA 135 -97.87 33.50 7.84
N PRO JA 136 -97.84 34.29 6.77
CA PRO JA 136 -96.56 34.63 6.14
C PRO JA 136 -95.72 35.52 7.04
N VAL JA 137 -94.40 35.41 6.85
CA VAL JA 137 -93.46 36.19 7.64
C VAL JA 137 -93.30 37.56 7.00
N THR JA 138 -93.44 38.61 7.82
CA THR JA 138 -93.47 39.98 7.31
C THR JA 138 -92.61 40.89 8.17
N GLN JA 139 -92.05 41.91 7.52
CA GLN JA 139 -91.32 43.00 8.16
C GLN JA 139 -91.98 44.32 7.82
N VAL JA 140 -92.09 45.19 8.81
CA VAL JA 140 -92.69 46.51 8.65
C VAL JA 140 -91.60 47.54 8.89
N ASN JA 141 -91.08 48.11 7.80
CA ASN JA 141 -90.20 49.27 7.88
C ASN JA 141 -91.10 50.49 7.98
N GLU JA 142 -91.57 50.77 9.20
CA GLU JA 142 -92.50 51.87 9.44
C GLU JA 142 -91.86 53.22 9.15
N VAL JA 143 -90.60 53.42 9.52
CA VAL JA 143 -89.93 54.67 9.26
C VAL JA 143 -89.78 54.91 7.76
N THR JA 144 -89.53 53.85 7.00
CA THR JA 144 -89.43 53.96 5.54
C THR JA 144 -90.79 53.87 4.87
N GLY JA 145 -91.75 53.16 5.47
CA GLY JA 145 -93.04 52.95 4.85
C GLY JA 145 -93.01 51.79 3.88
N THR JA 146 -92.58 50.63 4.36
CA THR JA 146 -92.35 49.48 3.50
C THR JA 146 -92.81 48.21 4.19
N LEU JA 147 -93.33 47.28 3.39
CA LEU JA 147 -93.64 45.93 3.85
C LEU JA 147 -92.76 44.94 3.12
N ARG JA 148 -92.32 43.91 3.82
CA ARG JA 148 -91.45 42.90 3.22
C ARG JA 148 -91.96 41.51 3.62
N VAL JA 149 -92.50 40.77 2.66
CA VAL JA 149 -93.03 39.44 2.92
C VAL JA 149 -92.03 38.41 2.45
N LYS JA 150 -92.04 37.25 3.10
CA LYS JA 150 -91.10 36.17 2.79
C LYS JA 150 -91.67 35.30 1.70
N GLY JA 151 -91.04 35.31 0.53
CA GLY JA 151 -91.43 34.48 -0.59
C GLY JA 151 -91.66 35.30 -1.85
N TYR JA 152 -92.07 34.60 -2.90
CA TYR JA 152 -92.38 35.20 -4.19
C TYR JA 152 -93.91 35.27 -4.33
N PHE JA 153 -94.47 36.41 -3.94
CA PHE JA 153 -95.89 36.68 -4.08
C PHE JA 153 -96.13 38.00 -4.81
N ASP JA 154 -95.20 38.38 -5.68
CA ASP JA 154 -95.27 39.69 -6.32
C ASP JA 154 -96.50 39.81 -7.21
N GLN JA 155 -96.72 38.82 -8.08
CA GLN JA 155 -97.87 38.89 -8.99
C GLN JA 155 -99.19 38.85 -8.23
N GLN JA 156 -99.27 37.99 -7.20
CA GLN JA 156 -100.50 37.90 -6.41
C GLN JA 156 -100.78 39.22 -5.69
N LEU JA 157 -99.75 39.86 -5.13
CA LEU JA 157 -99.97 41.13 -4.47
C LEU JA 157 -100.29 42.25 -5.45
N LYS JA 158 -99.71 42.21 -6.67
CA LYS JA 158 -100.09 43.17 -7.69
C LYS JA 158 -101.57 43.03 -8.05
N ALA JA 159 -102.03 41.79 -8.22
CA ALA JA 159 -103.45 41.57 -8.51
C ALA JA 159 -104.33 42.03 -7.36
N TRP JA 160 -103.90 41.76 -6.12
CA TRP JA 160 -104.66 42.18 -4.96
C TRP JA 160 -104.76 43.70 -4.87
N LEU JA 161 -103.66 44.40 -5.17
CA LEU JA 161 -103.68 45.86 -5.13
C LEU JA 161 -104.50 46.44 -6.28
N LEU JA 162 -104.50 45.80 -7.44
CA LEU JA 162 -105.41 46.21 -8.51
C LEU JA 162 -106.86 46.04 -8.08
N GLU JA 163 -107.18 44.92 -7.43
CA GLU JA 163 -108.55 44.70 -6.97
C GLU JA 163 -108.95 45.72 -5.92
N LYS JA 164 -108.05 46.06 -5.00
CA LYS JA 164 -108.34 47.05 -3.97
C LYS JA 164 -108.27 48.49 -4.49
N GLY JA 165 -107.71 48.71 -5.67
CA GLY JA 165 -107.68 50.04 -6.26
C GLY JA 165 -106.56 50.92 -5.73
N PHE JA 166 -105.32 50.49 -5.91
CA PHE JA 166 -104.16 51.27 -5.49
C PHE JA 166 -103.25 51.58 -6.67
N LEU KA 90 -90.85 103.40 16.71
CA LEU KA 90 -90.61 101.96 16.70
C LEU KA 90 -90.27 101.45 18.09
N VAL KA 91 -91.29 101.12 18.87
CA VAL KA 91 -91.13 100.63 20.23
C VAL KA 91 -91.53 99.16 20.28
N CYS KA 92 -90.74 98.37 21.00
CA CYS KA 92 -91.02 96.93 21.10
C CYS KA 92 -92.14 96.69 22.10
N PRO KA 93 -93.22 96.02 21.70
CA PRO KA 93 -94.30 95.71 22.63
C PRO KA 93 -93.85 94.66 23.63
N PRO KA 94 -94.47 94.61 24.82
CA PRO KA 94 -94.12 93.58 25.79
C PRO KA 94 -94.40 92.18 25.24
N ILE KA 95 -93.53 91.23 25.58
CA ILE KA 95 -93.66 89.88 25.08
C ILE KA 95 -94.73 89.14 25.89
N GLN KA 96 -95.70 88.56 25.18
CA GLN KA 96 -96.74 87.80 25.85
C GLN KA 96 -96.18 86.51 26.44
N SER KA 97 -96.69 86.14 27.61
CA SER KA 97 -96.25 84.94 28.29
C SER KA 97 -96.84 83.67 27.70
N ARG KA 98 -97.78 83.79 26.76
CA ARG KA 98 -98.35 82.66 26.02
C ARG KA 98 -99.02 81.64 26.96
N THR KA 99 -99.62 82.12 28.05
CA THR KA 99 -100.47 81.29 28.88
C THR KA 99 -101.92 81.49 28.43
N TYR KA 100 -102.66 80.38 28.31
CA TYR KA 100 -104.02 80.42 27.81
C TYR KA 100 -104.95 79.78 28.82
N ILE KA 101 -106.05 80.47 29.13
CA ILE KA 101 -107.10 79.96 30.01
C ILE KA 101 -108.42 80.04 29.24
N PRO KA 102 -109.11 78.93 29.03
CA PRO KA 102 -110.35 78.97 28.25
C PRO KA 102 -111.45 79.71 29.00
N PRO KA 103 -111.99 80.78 28.41
CA PRO KA 103 -113.04 81.54 29.08
C PRO KA 103 -114.37 80.80 29.07
N GLU KA 104 -115.24 81.19 30.01
CA GLU KA 104 -116.56 80.60 30.12
C GLU KA 104 -117.47 80.99 28.96
N ASP KA 105 -117.20 82.11 28.30
CA ASP KA 105 -118.00 82.61 27.20
C ASP KA 105 -117.49 82.08 25.86
N LEU KA 106 -116.76 80.97 25.88
CA LEU KA 106 -116.10 80.46 24.68
C LEU KA 106 -117.11 80.09 23.60
N GLN KA 107 -118.15 79.33 23.97
CA GLN KA 107 -119.11 78.86 22.97
C GLN KA 107 -119.80 80.03 22.27
N SER KA 108 -120.30 80.99 23.06
CA SER KA 108 -121.02 82.11 22.46
C SER KA 108 -120.07 83.01 21.67
N ARG KA 109 -118.83 83.14 22.12
CA ARG KA 109 -117.85 83.91 21.34
C ARG KA 109 -117.61 83.26 19.98
N LEU KA 110 -117.47 81.93 19.95
CA LEU KA 110 -117.34 81.23 18.68
C LEU KA 110 -118.58 81.41 17.82
N GLU KA 111 -119.77 81.34 18.41
CA GLU KA 111 -120.99 81.56 17.63
C GLU KA 111 -121.02 82.96 17.01
N SER KA 112 -120.70 83.98 17.79
CA SER KA 112 -120.70 85.34 17.28
C SER KA 112 -119.65 85.52 16.19
N HIS KA 113 -118.46 84.94 16.38
CA HIS KA 113 -117.42 85.04 15.36
C HIS KA 113 -117.85 84.35 14.08
N VAL KA 114 -118.46 83.16 14.17
CA VAL KA 114 -118.95 82.45 12.99
C VAL KA 114 -119.97 83.31 12.26
N LYS KA 115 -120.92 83.86 13.00
CA LYS KA 115 -121.96 84.69 12.38
C LYS KA 115 -121.33 85.88 11.65
N GLU KA 116 -120.43 86.60 12.32
CA GLU KA 116 -119.88 87.82 11.74
C GLU KA 116 -118.83 87.56 10.67
N VAL KA 117 -118.31 86.34 10.57
CA VAL KA 117 -117.34 86.01 9.53
C VAL KA 117 -118.01 85.40 8.31
N PHE KA 118 -119.13 84.70 8.49
CA PHE KA 118 -119.80 84.09 7.34
C PHE KA 118 -120.87 84.99 6.76
N GLY KA 119 -121.63 85.70 7.59
CA GLY KA 119 -122.65 86.58 7.07
C GLY KA 119 -123.85 85.89 6.46
N SER KA 120 -124.07 84.63 6.82
CA SER KA 120 -125.19 83.85 6.29
C SER KA 120 -126.03 83.33 7.46
N SER KA 121 -127.13 82.67 7.11
CA SER KA 121 -128.00 82.10 8.13
C SER KA 121 -127.31 80.94 8.84
N VAL KA 122 -127.47 80.88 10.15
CA VAL KA 122 -126.85 79.83 10.96
C VAL KA 122 -127.67 78.55 10.81
N PRO KA 123 -127.06 77.44 10.40
CA PRO KA 123 -127.79 76.17 10.30
C PRO KA 123 -127.99 75.56 11.69
N SER KA 124 -128.63 74.39 11.70
CA SER KA 124 -128.86 73.68 12.97
C SER KA 124 -127.55 73.27 13.62
N ASN KA 125 -126.59 72.81 12.84
CA ASN KA 125 -125.28 72.39 13.34
C ASN KA 125 -124.26 73.46 12.94
N TRP KA 126 -124.04 74.42 13.83
CA TRP KA 126 -123.11 75.51 13.57
C TRP KA 126 -121.65 75.06 13.55
N GLN KA 127 -121.31 74.02 14.29
CA GLN KA 127 -119.93 73.57 14.43
C GLN KA 127 -119.51 72.57 13.36
N ASP KA 128 -120.42 72.16 12.48
CA ASP KA 128 -120.12 71.18 11.45
C ASP KA 128 -119.81 71.81 10.10
N ILE KA 129 -119.80 73.13 9.99
CA ILE KA 129 -119.50 73.78 8.72
C ILE KA 129 -117.99 73.75 8.50
N SER KA 130 -117.58 73.27 7.33
CA SER KA 130 -116.17 73.11 7.03
C SER KA 130 -115.51 74.45 6.74
N LEU KA 131 -114.21 74.50 6.94
CA LEU KA 131 -113.40 75.69 6.68
C LEU KA 131 -112.57 75.54 5.41
N GLU KA 132 -113.13 74.88 4.40
CA GLU KA 132 -112.39 74.64 3.16
C GLU KA 132 -112.11 75.93 2.41
N ASP KA 133 -112.94 76.96 2.60
CA ASP KA 133 -112.71 78.24 1.95
C ASP KA 133 -111.55 78.96 2.62
N VAL KA 134 -110.50 79.26 1.84
CA VAL KA 134 -109.28 79.80 2.41
C VAL KA 134 -109.52 81.20 2.99
N HIS KA 135 -110.26 82.03 2.26
CA HIS KA 135 -110.55 83.39 2.73
C HIS KA 135 -111.27 83.36 4.07
N LEU KA 136 -112.39 82.60 4.13
CA LEU KA 136 -113.18 82.55 5.35
C LEU KA 136 -112.40 81.92 6.49
N LYS KA 137 -111.65 80.87 6.21
CA LYS KA 137 -110.85 80.22 7.26
C LYS KA 137 -109.81 81.17 7.83
N PHE KA 138 -109.11 81.89 6.95
CA PHE KA 138 -108.10 82.83 7.41
C PHE KA 138 -108.72 83.93 8.25
N SER KA 139 -109.83 84.51 7.76
CA SER KA 139 -110.46 85.60 8.50
C SER KA 139 -110.98 85.12 9.85
N PHE KA 140 -111.61 83.95 9.88
CA PHE KA 140 -112.11 83.38 11.13
C PHE KA 140 -110.97 83.16 12.12
N LEU KA 141 -109.90 82.52 11.68
CA LEU KA 141 -108.81 82.20 12.60
C LEU KA 141 -108.10 83.46 13.08
N ALA KA 142 -107.90 84.43 12.19
CA ALA KA 142 -107.26 85.68 12.59
C ALA KA 142 -108.10 86.43 13.61
N ARG KA 143 -109.42 86.52 13.39
CA ARG KA 143 -110.28 87.20 14.34
C ARG KA 143 -110.32 86.45 15.67
N LEU KA 144 -110.36 85.12 15.63
CA LEU KA 144 -110.33 84.34 16.86
C LEU KA 144 -109.05 84.57 17.64
N ALA KA 145 -107.91 84.59 16.95
CA ALA KA 145 -106.64 84.83 17.61
C ALA KA 145 -106.58 86.22 18.21
N ASN KA 146 -107.02 87.23 17.46
CA ASN KA 146 -107.01 88.60 17.96
C ASN KA 146 -107.99 88.80 19.12
N ASP KA 147 -109.03 87.98 19.21
CA ASP KA 147 -109.99 88.11 20.30
C ASP KA 147 -109.54 87.36 21.55
N LEU KA 148 -109.04 86.14 21.40
CA LEU KA 148 -108.69 85.30 22.53
C LEU KA 148 -107.21 85.37 22.91
N ARG KA 149 -106.42 86.20 22.24
CA ARG KA 149 -105.01 86.40 22.56
C ARG KA 149 -104.22 85.09 22.46
N HIS KA 150 -104.67 84.18 21.61
CA HIS KA 150 -103.98 82.91 21.39
C HIS KA 150 -104.18 82.52 19.94
N ALA KA 151 -103.08 82.31 19.22
CA ALA KA 151 -103.08 82.06 17.79
C ALA KA 151 -102.76 80.59 17.50
N VAL KA 152 -103.31 80.10 16.39
CA VAL KA 152 -103.05 78.73 15.98
C VAL KA 152 -101.62 78.62 15.46
N PRO KA 153 -100.86 77.59 15.84
CA PRO KA 153 -99.53 77.40 15.27
C PRO KA 153 -99.62 77.01 13.81
N ASN KA 154 -98.48 77.12 13.12
CA ASN KA 154 -98.43 76.84 11.69
C ASN KA 154 -98.67 75.37 11.38
N SER KA 155 -98.55 74.47 12.37
CA SER KA 155 -98.67 73.04 12.10
C SER KA 155 -100.13 72.59 12.07
N ARG KA 156 -100.97 73.10 12.96
CA ARG KA 156 -102.34 72.62 13.11
C ARG KA 156 -103.31 73.28 12.12
N LEU KA 157 -102.82 74.18 11.26
CA LEU KA 157 -103.66 74.80 10.25
C LEU KA 157 -104.21 73.77 9.26
N HIS KA 158 -103.45 72.72 8.95
CA HIS KA 158 -103.98 71.66 8.09
C HIS KA 158 -104.95 70.76 8.86
N GLN KA 159 -104.76 70.59 10.17
CA GLN KA 159 -105.66 69.77 10.95
C GLN KA 159 -107.03 70.43 11.13
N MET KA 160 -107.07 71.76 11.25
CA MET KA 160 -108.37 72.42 11.43
C MET KA 160 -109.14 72.43 10.11
N CYS KA 161 -110.22 71.65 10.08
CA CYS KA 161 -111.14 71.56 8.97
C CYS KA 161 -112.53 72.07 9.32
N ARG KA 162 -113.06 71.68 10.47
CA ARG KA 162 -114.35 72.11 10.95
C ARG KA 162 -114.18 73.09 12.12
N VAL KA 163 -115.29 73.70 12.52
CA VAL KA 163 -115.29 74.58 13.69
C VAL KA 163 -115.11 73.76 14.97
N ARG KA 164 -115.55 72.50 14.96
CA ARG KA 164 -115.37 71.65 16.14
C ARG KA 164 -113.90 71.42 16.44
N ASP KA 165 -113.06 71.33 15.41
CA ASP KA 165 -111.62 71.19 15.64
C ASP KA 165 -111.05 72.40 16.36
N VAL KA 166 -111.46 73.60 15.94
CA VAL KA 166 -111.00 74.82 16.61
C VAL KA 166 -111.53 74.88 18.04
N LEU KA 167 -112.79 74.47 18.24
CA LEU KA 167 -113.35 74.45 19.59
C LEU KA 167 -112.55 73.51 20.50
N ASP KA 168 -112.21 72.32 19.99
CA ASP KA 168 -111.43 71.39 20.79
C ASP KA 168 -110.02 71.90 21.04
N PHE KA 169 -109.42 72.58 20.05
CA PHE KA 169 -108.10 73.15 20.24
C PHE KA 169 -108.11 74.24 21.32
N TYR KA 170 -109.13 75.08 21.32
CA TYR KA 170 -109.20 76.15 22.31
C TYR KA 170 -109.73 75.68 23.67
N ASN KA 171 -110.35 74.50 23.73
CA ASN KA 171 -110.74 73.94 25.02
C ASN KA 171 -109.55 73.57 25.90
N VAL KA 172 -108.52 72.98 25.33
CA VAL KA 172 -107.36 72.51 26.08
C VAL KA 172 -106.45 73.70 26.40
N PRO KA 173 -106.08 73.91 27.65
CA PRO KA 173 -105.11 74.97 27.98
C PRO KA 173 -103.69 74.52 27.64
N VAL KA 174 -102.79 75.50 27.58
CA VAL KA 174 -101.37 75.25 27.35
C VAL KA 174 -100.58 76.10 28.33
N GLN KA 175 -99.50 75.51 28.87
CA GLN KA 175 -98.68 76.16 29.88
C GLN KA 175 -97.28 76.39 29.33
N ASP KA 176 -96.80 77.63 29.42
CA ASP KA 176 -95.44 77.96 28.97
C ASP KA 176 -94.39 77.71 30.05
N ARG KA 177 -94.80 77.42 31.28
CA ARG KA 177 -93.82 77.12 32.32
C ARG KA 177 -93.14 75.79 32.04
N SER KA 178 -91.86 75.71 32.41
CA SER KA 178 -91.10 74.49 32.22
C SER KA 178 -91.44 73.48 33.31
N LYS KA 179 -90.82 72.31 33.23
CA LYS KA 179 -91.06 71.28 34.23
C LYS KA 179 -90.61 71.72 35.62
N PHE KA 180 -89.48 72.42 35.71
CA PHE KA 180 -89.02 72.89 37.01
C PHE KA 180 -89.95 73.96 37.59
N ASP KA 181 -90.46 74.84 36.73
CA ASP KA 181 -91.42 75.84 37.21
C ASP KA 181 -92.72 75.18 37.63
N GLU KA 182 -93.10 74.08 36.98
CA GLU KA 182 -94.25 73.30 37.45
C GLU KA 182 -93.96 72.66 38.80
N LEU KA 183 -92.74 72.17 39.00
CA LEU KA 183 -92.36 71.49 40.23
C LEU KA 183 -92.22 72.44 41.42
N ILE KA 184 -91.85 73.69 41.17
CA ILE KA 184 -91.68 74.65 42.26
C ILE KA 184 -92.99 74.85 43.03
N ALA KA 185 -94.08 75.03 42.30
CA ALA KA 185 -95.40 75.21 42.91
C ALA KA 185 -96.17 73.91 43.05
N SER KA 186 -95.45 72.79 43.20
CA SER KA 186 -96.07 71.47 43.31
C SER KA 186 -96.14 70.97 44.75
N ASN KA 187 -96.09 71.88 45.73
CA ASN KA 187 -96.19 71.53 47.15
C ASN KA 187 -95.07 70.57 47.55
N LEU KA 188 -93.84 71.06 47.45
CA LEU KA 188 -92.69 70.24 47.79
C LEU KA 188 -92.70 69.91 49.28
N PRO KA 189 -92.27 68.70 49.67
CA PRO KA 189 -92.24 68.35 51.08
C PRO KA 189 -91.20 69.16 51.85
N HIS KA 190 -91.23 69.00 53.17
CA HIS KA 190 -90.34 69.76 54.03
C HIS KA 190 -88.90 69.26 53.98
N ASN KA 191 -88.65 68.07 53.43
CA ASN KA 191 -87.31 67.51 53.35
C ASN KA 191 -86.72 67.63 51.94
N LEU KA 192 -87.21 68.56 51.15
CA LEU KA 192 -86.71 68.79 49.80
C LEU KA 192 -86.52 70.28 49.58
N LYS KA 193 -85.27 70.71 49.43
CA LYS KA 193 -84.93 72.11 49.21
C LYS KA 193 -84.20 72.22 47.87
N ILE KA 194 -84.74 73.01 46.96
CA ILE KA 194 -84.18 73.18 45.62
C ILE KA 194 -83.91 74.66 45.40
N THR KA 195 -82.71 74.96 44.90
CA THR KA 195 -82.30 76.34 44.64
C THR KA 195 -81.91 76.47 43.17
N TRP KA 196 -82.50 77.45 42.50
CA TRP KA 196 -82.12 77.77 41.12
C TRP KA 196 -80.77 78.48 41.09
N GLY KA 197 -79.79 77.84 40.46
CA GLY KA 197 -78.44 78.39 40.39
C GLY KA 197 -78.07 78.91 39.02
N TYR KA 198 -79.03 79.49 38.32
CA TYR KA 198 -78.78 80.08 37.00
C TYR KA 198 -79.10 81.57 37.01
N PHE LA 32 -45.12 60.56 30.41
CA PHE LA 32 -46.47 60.63 30.93
C PHE LA 32 -46.65 61.86 31.81
N HIS LA 33 -45.59 62.67 31.90
CA HIS LA 33 -45.62 63.88 32.70
C HIS LA 33 -46.58 64.89 32.07
N VAL LA 34 -47.75 65.06 32.67
CA VAL LA 34 -48.76 65.96 32.15
C VAL LA 34 -48.46 67.38 32.63
N ARG LA 35 -49.03 68.36 31.92
CA ARG LA 35 -48.77 69.75 32.24
C ARG LA 35 -49.40 70.13 33.57
N VAL LA 36 -48.76 71.07 34.27
CA VAL LA 36 -49.18 71.44 35.62
C VAL LA 36 -50.12 72.64 35.65
N THR LA 37 -50.37 73.28 34.51
CA THR LA 37 -51.22 74.46 34.45
C THR LA 37 -52.33 74.26 33.42
N LEU LA 38 -53.50 74.80 33.73
CA LEU LA 38 -54.61 74.72 32.80
C LEU LA 38 -54.33 75.58 31.56
N PRO LA 39 -54.61 75.06 30.37
CA PRO LA 39 -54.39 75.85 29.16
C PRO LA 39 -55.45 76.93 29.03
N PRO LA 40 -55.14 78.02 28.32
CA PRO LA 40 -56.16 79.06 28.11
C PRO LA 40 -57.33 78.50 27.32
N ARG LA 41 -58.54 78.83 27.75
CA ARG LA 41 -59.74 78.34 27.08
C ARG LA 41 -59.86 78.98 25.70
N LYS LA 42 -59.85 78.14 24.66
CA LYS LA 42 -59.99 78.64 23.30
C LYS LA 42 -61.41 79.14 23.08
N VAL LA 43 -61.59 80.46 23.08
CA VAL LA 43 -62.91 81.05 22.89
C VAL LA 43 -63.22 81.10 21.39
N VAL LA 44 -63.81 80.02 20.88
CA VAL LA 44 -64.16 79.91 19.47
C VAL LA 44 -65.65 80.19 19.33
N ASP LA 45 -66.01 80.99 18.33
CA ASP LA 45 -67.40 81.30 18.07
C ASP LA 45 -67.95 80.39 16.98
N ARG LA 46 -69.12 79.83 17.23
CA ARG LA 46 -69.78 78.96 16.26
C ARG LA 46 -70.62 79.73 15.27
N TRP LA 47 -70.59 81.06 15.32
CA TRP LA 47 -71.39 81.92 14.46
C TRP LA 47 -70.52 82.93 13.72
N ASN LA 48 -69.31 82.52 13.34
CA ASN LA 48 -68.46 83.37 12.53
C ASN LA 48 -68.86 83.26 11.07
N GLU LA 49 -68.13 83.96 10.20
CA GLU LA 49 -68.49 84.01 8.79
C GLU LA 49 -68.41 82.62 8.15
N LYS LA 50 -67.31 81.90 8.39
CA LYS LA 50 -67.16 80.59 7.76
C LYS LA 50 -68.15 79.58 8.31
N ARG LA 51 -68.31 79.53 9.64
CA ARG LA 51 -69.25 78.59 10.24
C ARG LA 51 -70.70 78.95 9.97
N ALA LA 52 -70.97 80.18 9.52
CA ALA LA 52 -72.32 80.56 9.14
C ALA LA 52 -72.59 80.30 7.66
N MET LA 53 -71.59 80.50 6.81
CA MET LA 53 -71.76 80.35 5.36
C MET LA 53 -71.34 78.97 4.87
N PHE LA 54 -70.95 78.07 5.76
CA PHE LA 54 -70.41 76.77 5.35
C PHE LA 54 -71.47 75.96 4.63
N GLY LA 55 -71.11 75.44 3.47
CA GLY LA 55 -72.00 74.57 2.71
C GLY LA 55 -73.26 75.25 2.21
N VAL LA 56 -73.21 76.57 2.00
CA VAL LA 56 -74.42 77.30 1.62
C VAL LA 56 -74.86 76.94 0.20
N TYR LA 57 -73.92 76.75 -0.71
CA TYR LA 57 -74.23 76.52 -2.12
C TYR LA 57 -74.02 75.06 -2.55
N ASP LA 58 -74.18 74.12 -1.62
CA ASP LA 58 -74.04 72.71 -1.97
C ASP LA 58 -75.14 72.26 -2.91
N ASN LA 59 -76.34 72.84 -2.81
CA ASN LA 59 -77.45 72.53 -3.69
C ASN LA 59 -77.59 73.53 -4.82
N ILE LA 60 -76.47 74.08 -5.29
CA ILE LA 60 -76.51 75.10 -6.34
C ILE LA 60 -77.15 74.53 -7.60
N GLY LA 61 -76.75 73.33 -7.99
CA GLY LA 61 -77.38 72.70 -9.15
C GLY LA 61 -78.85 72.43 -8.90
N ILE LA 62 -79.17 71.74 -7.81
CA ILE LA 62 -80.54 71.30 -7.56
C ILE LA 62 -81.51 72.48 -7.55
N LEU LA 63 -81.09 73.59 -6.95
CA LEU LA 63 -81.94 74.77 -6.86
C LEU LA 63 -81.59 75.84 -7.88
N GLY LA 64 -80.81 75.50 -8.92
CA GLY LA 64 -80.40 76.52 -9.85
C GLY LA 64 -80.42 76.20 -11.33
N ASN LA 65 -81.37 75.37 -11.80
CA ASN LA 65 -81.58 75.16 -13.23
C ASN LA 65 -80.31 74.66 -13.90
N PHE LA 66 -79.98 73.39 -13.61
CA PHE LA 66 -78.61 72.89 -13.54
C PHE LA 66 -77.68 73.55 -14.55
N GLU LA 67 -76.64 74.20 -14.04
CA GLU LA 67 -75.59 74.82 -14.84
C GLU LA 67 -74.21 74.53 -14.30
N LYS LA 68 -74.08 74.30 -13.00
CA LYS LA 68 -72.79 74.04 -12.36
C LYS LA 68 -72.94 72.90 -11.36
N HIS LA 69 -72.07 71.91 -11.46
CA HIS LA 69 -72.04 70.83 -10.50
C HIS LA 69 -71.43 71.31 -9.19
N PRO LA 70 -71.68 70.61 -8.09
CA PRO LA 70 -70.94 70.90 -6.84
C PRO LA 70 -69.44 70.64 -6.99
N LYS LA 71 -69.01 70.08 -8.12
CA LYS LA 71 -67.58 69.88 -8.36
C LYS LA 71 -66.83 71.20 -8.40
N GLU LA 72 -67.40 72.23 -9.04
CA GLU LA 72 -66.72 73.50 -9.17
C GLU LA 72 -66.54 74.21 -7.84
N LEU LA 73 -67.25 73.81 -6.80
CA LEU LA 73 -67.10 74.42 -5.48
C LEU LA 73 -65.98 73.81 -4.67
N ILE LA 74 -65.28 72.81 -5.20
CA ILE LA 74 -64.19 72.17 -4.47
C ILE LA 74 -62.93 73.00 -4.67
N LYS LA 75 -62.38 73.52 -3.58
CA LYS LA 75 -61.17 74.33 -3.62
C LYS LA 75 -60.00 73.50 -3.08
N GLY LA 76 -58.92 73.44 -3.85
CA GLY LA 76 -57.75 72.67 -3.46
C GLY LA 76 -56.81 72.44 -4.62
N PRO LA 77 -56.10 71.31 -4.59
CA PRO LA 77 -55.16 71.00 -5.66
C PRO LA 77 -55.88 70.74 -6.98
N ILE LA 78 -55.14 70.97 -8.07
CA ILE LA 78 -55.73 70.85 -9.41
C ILE LA 78 -56.18 69.43 -9.68
N TRP LA 79 -55.43 68.44 -9.22
CA TRP LA 79 -55.71 67.04 -9.51
C TRP LA 79 -56.73 66.42 -8.58
N LEU LA 80 -57.27 67.16 -7.61
CA LEU LA 80 -58.26 66.63 -6.69
C LEU LA 80 -59.58 67.40 -6.72
N ARG LA 81 -59.81 68.22 -7.74
CA ARG LA 81 -61.05 68.98 -7.84
C ARG LA 81 -62.15 68.05 -8.33
N GLY LA 82 -62.86 67.44 -7.39
CA GLY LA 82 -63.94 66.54 -7.72
C GLY LA 82 -63.46 65.16 -8.14
N TRP LA 83 -62.62 64.54 -7.32
CA TRP LA 83 -62.12 63.21 -7.60
C TRP LA 83 -61.70 62.54 -6.30
N LYS LA 84 -61.74 61.22 -6.28
CA LYS LA 84 -61.39 60.44 -5.11
C LYS LA 84 -60.74 59.13 -5.54
N GLY LA 85 -59.75 58.68 -4.76
CA GLY LA 85 -59.07 57.43 -5.05
C GLY LA 85 -58.09 57.10 -3.95
N ASN LA 86 -57.50 55.92 -4.07
CA ASN LA 86 -56.51 55.47 -3.09
C ASN LA 86 -55.19 56.19 -3.35
N GLU LA 87 -54.16 55.84 -2.57
CA GLU LA 87 -52.88 56.54 -2.68
C GLU LA 87 -52.23 56.33 -4.03
N LEU LA 88 -52.25 55.10 -4.54
CA LEU LA 88 -51.63 54.83 -5.84
C LEU LA 88 -52.33 55.60 -6.96
N GLN LA 89 -53.67 55.59 -6.95
CA GLN LA 89 -54.41 56.33 -7.97
C GLN LA 89 -54.16 57.82 -7.85
N ARG LA 90 -54.10 58.34 -6.63
CA ARG LA 90 -53.80 59.76 -6.44
C ARG LA 90 -52.43 60.11 -6.99
N CYS LA 91 -51.43 59.27 -6.71
CA CYS LA 91 -50.08 59.53 -7.20
C CYS LA 91 -50.03 59.48 -8.73
N ILE LA 92 -50.69 58.48 -9.32
CA ILE LA 92 -50.70 58.37 -10.79
C ILE LA 92 -51.37 59.60 -11.40
N ARG LA 93 -52.51 60.01 -10.85
CA ARG LA 93 -53.24 61.16 -11.37
C ARG LA 93 -52.41 62.44 -11.24
N LYS LA 94 -51.74 62.60 -10.10
CA LYS LA 94 -50.91 63.77 -9.87
C LYS LA 94 -49.77 63.83 -10.88
N LYS LA 95 -49.13 62.69 -11.12
CA LYS LA 95 -48.05 62.64 -12.12
C LYS LA 95 -48.58 62.92 -13.52
N ARG LA 96 -49.78 62.42 -13.85
CA ARG LA 96 -50.31 62.64 -15.19
C ARG LA 96 -50.65 64.11 -15.44
N MET LA 97 -51.27 64.77 -14.46
CA MET LA 97 -51.60 66.18 -14.70
C MET LA 97 -50.41 67.10 -14.46
N VAL LA 98 -49.93 67.17 -13.23
CA VAL LA 98 -48.95 68.19 -12.85
C VAL LA 98 -47.54 67.62 -12.79
N GLY LA 99 -47.33 66.41 -13.33
CA GLY LA 99 -46.03 65.79 -13.24
C GLY LA 99 -44.94 66.55 -13.97
N ASN LA 100 -45.28 67.22 -15.06
CA ASN LA 100 -44.31 67.98 -15.82
C ASN LA 100 -43.92 69.31 -15.17
N ARG LA 101 -44.75 69.84 -14.27
CA ARG LA 101 -44.42 71.08 -13.57
C ARG LA 101 -43.80 70.86 -12.20
N MET LA 102 -43.57 69.61 -11.80
CA MET LA 102 -43.02 69.35 -10.49
C MET LA 102 -41.55 69.73 -10.41
N PHE LA 103 -41.05 69.74 -9.18
CA PHE LA 103 -39.63 69.88 -8.90
C PHE LA 103 -38.95 68.53 -9.07
N ILE LA 104 -37.62 68.57 -9.19
CA ILE LA 104 -36.87 67.35 -9.49
C ILE LA 104 -37.00 66.34 -8.37
N ASP LA 105 -36.75 66.77 -7.13
CA ASP LA 105 -36.74 65.84 -6.01
C ASP LA 105 -38.15 65.31 -5.71
N ASP LA 106 -39.17 66.16 -5.78
CA ASP LA 106 -40.52 65.68 -5.56
C ASP LA 106 -40.97 64.75 -6.68
N LEU LA 107 -40.56 65.01 -7.93
CA LEU LA 107 -40.88 64.09 -9.02
C LEU LA 107 -40.22 62.74 -8.81
N HIS LA 108 -38.95 62.73 -8.38
CA HIS LA 108 -38.27 61.47 -8.10
C HIS LA 108 -38.95 60.71 -6.97
N ASN LA 109 -39.31 61.43 -5.90
CA ASN LA 109 -40.01 60.81 -4.79
C ASN LA 109 -41.36 60.27 -5.23
N LEU LA 110 -42.06 60.99 -6.11
CA LEU LA 110 -43.35 60.52 -6.61
C LEU LA 110 -43.19 59.26 -7.44
N ASN LA 111 -42.15 59.19 -8.28
CA ASN LA 111 -41.90 57.98 -9.05
C ASN LA 111 -41.60 56.80 -8.13
N LYS LA 112 -40.76 57.01 -7.12
CA LYS LA 112 -40.45 55.94 -6.18
C LYS LA 112 -41.69 55.48 -5.43
N ARG LA 113 -42.53 56.44 -5.01
CA ARG LA 113 -43.75 56.09 -4.30
C ARG LA 113 -44.71 55.32 -5.20
N ILE LA 114 -44.80 55.71 -6.47
CA ILE LA 114 -45.66 55.00 -7.42
C ILE LA 114 -45.18 53.56 -7.57
N SER LA 115 -43.87 53.37 -7.73
CA SER LA 115 -43.33 52.02 -7.87
C SER LA 115 -43.60 51.19 -6.62
N TYR LA 116 -43.37 51.78 -5.45
CA TYR LA 116 -43.57 51.05 -4.20
C TYR LA 116 -45.02 50.68 -4.00
N LEU LA 117 -45.95 51.61 -4.27
CA LEU LA 117 -47.37 51.31 -4.12
C LEU LA 117 -47.82 50.25 -5.11
N TYR LA 118 -47.33 50.32 -6.36
CA TYR LA 118 -47.66 49.28 -7.33
C TYR LA 118 -47.22 47.92 -6.82
N LYS LA 119 -45.96 47.82 -6.38
CA LYS LA 119 -45.44 46.53 -5.93
C LYS LA 119 -46.20 46.02 -4.71
N HIS LA 120 -46.49 46.90 -3.75
CA HIS LA 120 -47.18 46.46 -2.54
C HIS LA 120 -48.62 46.05 -2.85
N PHE LA 121 -49.29 46.78 -3.73
CA PHE LA 121 -50.70 46.48 -4.01
C PHE LA 121 -50.86 45.25 -4.88
N ASN LA 122 -49.89 44.94 -5.75
CA ASN LA 122 -50.06 43.83 -6.67
C ASN LA 122 -49.37 42.55 -6.22
N ARG LA 123 -48.24 42.65 -5.52
CA ARG LA 123 -47.49 41.47 -5.13
C ARG LA 123 -47.56 41.15 -3.65
N HIS LA 124 -48.11 42.04 -2.83
CA HIS LA 124 -48.19 41.84 -1.39
C HIS LA 124 -49.63 41.88 -0.92
N GLY LA 125 -49.89 41.21 0.19
CA GLY LA 125 -51.23 41.15 0.76
C GLY LA 125 -51.59 39.78 1.29
N LYS LA 126 -52.75 39.66 1.93
CA LYS LA 126 -53.22 38.40 2.48
C LYS LA 126 -54.36 37.79 1.68
N TYR LA 127 -55.40 38.59 1.37
CA TYR LA 127 -56.55 38.06 0.65
C TYR LA 127 -56.23 37.73 -0.80
N ARG LA 128 -55.23 38.38 -1.38
CA ARG LA 128 -54.82 38.15 -2.77
C ARG LA 128 -55.98 38.41 -3.73
N ALA MA 23 -70.29 13.15 55.85
CA ALA MA 23 -70.71 12.23 54.81
C ALA MA 23 -72.03 11.55 55.19
N GLY MA 24 -72.05 10.22 55.13
CA GLY MA 24 -73.23 9.47 55.47
C GLY MA 24 -74.26 9.48 54.34
N SER MA 25 -73.87 8.96 53.18
CA SER MA 25 -74.77 8.91 52.03
C SER MA 25 -75.54 7.59 51.94
N GLN MA 26 -74.86 6.47 52.21
CA GLN MA 26 -75.51 5.17 52.12
C GLN MA 26 -76.62 5.03 53.15
N TRP MA 27 -76.39 5.52 54.36
CA TRP MA 27 -77.43 5.46 55.39
C TRP MA 27 -78.66 6.27 54.98
N ARG MA 28 -78.45 7.47 54.45
CA ARG MA 28 -79.58 8.29 54.00
C ARG MA 28 -80.31 7.63 52.85
N LEU MA 29 -79.57 7.04 51.90
CA LEU MA 29 -80.22 6.35 50.79
C LEU MA 29 -81.02 5.16 51.26
N GLN MA 30 -80.50 4.41 52.24
CA GLN MA 30 -81.26 3.29 52.80
C GLN MA 30 -82.52 3.79 53.51
N GLN MA 31 -82.41 4.89 54.25
CA GLN MA 31 -83.56 5.43 54.96
C GLN MA 31 -84.57 6.08 54.02
N GLY MA 32 -84.17 6.39 52.79
CA GLY MA 32 -85.06 6.99 51.82
C GLY MA 32 -84.82 8.47 51.57
N PHE MA 33 -84.05 9.14 52.42
CA PHE MA 33 -83.72 10.53 52.20
C PHE MA 33 -82.71 10.66 51.07
N ALA MA 34 -82.49 11.88 50.62
CA ALA MA 34 -81.54 12.13 49.54
C ALA MA 34 -80.11 11.90 50.02
N ALA MA 35 -79.22 11.64 49.05
CA ALA MA 35 -77.81 11.50 49.37
C ALA MA 35 -77.24 12.78 49.95
N ASN MA 36 -77.77 13.92 49.55
CA ASN MA 36 -77.37 15.23 50.05
C ASN MA 36 -78.48 15.80 50.89
N PRO MA 37 -78.20 16.31 52.10
CA PRO MA 37 -79.26 16.92 52.91
C PRO MA 37 -79.98 18.07 52.22
N SER MA 38 -79.43 18.61 51.13
CA SER MA 38 -80.09 19.65 50.36
C SER MA 38 -81.16 19.10 49.42
N GLY MA 39 -81.29 17.78 49.31
CA GLY MA 39 -82.22 17.19 48.37
C GLY MA 39 -83.63 17.01 48.90
N TYR MA 40 -84.55 17.87 48.47
CA TYR MA 40 -85.99 17.76 48.71
C TYR MA 40 -86.34 17.61 50.19
N GLY MA 41 -85.40 17.88 51.09
CA GLY MA 41 -85.66 17.79 52.50
C GLY MA 41 -86.33 19.03 53.03
N PRO MA 42 -86.83 18.94 54.26
CA PRO MA 42 -87.41 20.12 54.92
C PRO MA 42 -86.41 21.24 55.16
N LEU MA 43 -85.11 20.95 55.15
CA LEU MA 43 -84.10 21.99 55.31
C LEU MA 43 -84.07 22.96 54.14
N THR MA 44 -84.60 22.56 52.98
CA THR MA 44 -84.60 23.41 51.80
C THR MA 44 -85.99 23.69 51.26
N GLU MA 45 -86.94 22.77 51.42
CA GLU MA 45 -88.27 22.98 50.85
C GLU MA 45 -89.07 24.02 51.62
N LEU MA 46 -88.94 24.06 52.94
CA LEU MA 46 -89.67 25.01 53.75
C LEU MA 46 -89.18 26.44 53.52
N PRO MA 47 -90.02 27.44 53.75
CA PRO MA 47 -89.56 28.83 53.70
C PRO MA 47 -88.67 29.13 54.90
N ASP MA 48 -87.46 29.61 54.63
CA ASP MA 48 -86.48 29.82 55.68
C ASP MA 48 -86.69 31.10 56.49
N TRP MA 49 -87.61 31.97 56.07
CA TRP MA 49 -87.90 33.16 56.85
C TRP MA 49 -89.31 33.63 56.54
N SER MA 50 -89.84 34.45 57.46
CA SER MA 50 -91.18 35.02 57.31
C SER MA 50 -91.23 36.32 58.11
N TYR MA 51 -92.25 37.13 57.82
CA TYR MA 51 -92.40 38.40 58.50
C TYR MA 51 -92.79 38.18 59.96
N ALA MA 52 -92.45 39.17 60.79
CA ALA MA 52 -92.79 39.09 62.21
C ALA MA 52 -94.29 39.08 62.46
N ASP MA 53 -95.07 39.71 61.58
CA ASP MA 53 -96.52 39.67 61.69
C ASP MA 53 -97.07 38.26 61.52
N GLY MA 54 -96.38 37.42 60.74
CA GLY MA 54 -96.86 36.09 60.42
C GLY MA 54 -97.28 35.92 58.97
N ARG MA 55 -97.38 37.01 58.22
CA ARG MA 55 -97.73 36.91 56.80
C ARG MA 55 -96.60 36.22 56.03
N PRO MA 56 -96.94 35.43 55.01
CA PRO MA 56 -95.91 34.68 54.29
C PRO MA 56 -94.94 35.59 53.57
N ALA MA 57 -93.70 35.12 53.48
CA ALA MA 57 -92.63 35.78 52.76
C ALA MA 57 -92.73 35.49 51.26
N PRO MA 58 -92.16 36.34 50.42
CA PRO MA 58 -92.12 36.04 48.98
C PRO MA 58 -91.39 34.75 48.72
N PRO MA 59 -91.86 33.96 47.75
CA PRO MA 59 -91.26 32.63 47.54
C PRO MA 59 -89.85 32.71 46.99
N MET MA 60 -89.12 31.62 47.19
CA MET MA 60 -87.71 31.55 46.85
C MET MA 60 -87.52 31.13 45.39
N LYS MA 61 -86.53 31.75 44.74
CA LYS MA 61 -86.29 31.48 43.32
C LYS MA 61 -85.88 30.03 43.10
N GLY MA 62 -85.02 29.50 43.98
CA GLY MA 62 -84.66 28.10 43.88
C GLY MA 62 -85.84 27.17 44.03
N GLN MA 63 -86.74 27.49 44.96
CA GLN MA 63 -87.94 26.68 45.14
C GLN MA 63 -88.83 26.74 43.90
N LEU MA 64 -88.98 27.93 43.31
CA LEU MA 64 -89.76 28.05 42.09
C LEU MA 64 -89.17 27.20 40.96
N ARG MA 65 -87.85 27.28 40.78
CA ARG MA 65 -87.20 26.50 39.73
C ARG MA 65 -87.36 25.00 39.98
N ARG MA 66 -87.19 24.57 41.23
CA ARG MA 66 -87.33 23.17 41.56
C ARG MA 66 -88.75 22.67 41.32
N LYS MA 67 -89.75 23.48 41.70
CA LYS MA 67 -91.13 23.10 41.43
C LYS MA 67 -91.40 23.00 39.94
N ALA MA 68 -90.86 23.94 39.16
CA ALA MA 68 -91.05 23.89 37.71
C ALA MA 68 -90.44 22.62 37.12
N GLN MA 69 -89.24 22.27 37.55
CA GLN MA 69 -88.61 21.04 37.04
C GLN MA 69 -89.36 19.79 37.48
N ARG MA 70 -89.86 19.76 38.73
CA ARG MA 70 -90.66 18.62 39.17
C ARG MA 70 -91.94 18.48 38.36
N GLU MA 71 -92.60 19.61 38.07
CA GLU MA 71 -93.80 19.58 37.26
C GLU MA 71 -93.50 19.08 35.85
N LYS MA 72 -92.38 19.53 35.27
CA LYS MA 72 -91.98 19.04 33.96
C LYS MA 72 -91.72 17.54 33.98
N PHE MA 73 -91.05 17.06 35.02
CA PHE MA 73 -90.76 15.62 35.13
C PHE MA 73 -92.05 14.82 35.25
N ALA MA 74 -92.99 15.29 36.06
CA ALA MA 74 -94.27 14.58 36.20
C ALA MA 74 -95.03 14.57 34.89
N ARG MA 75 -95.05 15.69 34.17
CA ARG MA 75 -95.73 15.73 32.89
C ARG MA 75 -95.09 14.76 31.90
N ARG MA 76 -93.76 14.71 31.88
CA ARG MA 76 -93.08 13.77 30.99
C ARG MA 76 -93.40 12.33 31.35
N VAL MA 77 -93.43 12.01 32.65
CA VAL MA 77 -93.76 10.65 33.07
C VAL MA 77 -95.16 10.27 32.63
N VAL MA 78 -96.12 11.18 32.83
CA VAL MA 78 -97.50 10.90 32.44
C VAL MA 78 -97.60 10.71 30.93
N LEU MA 79 -96.93 11.57 30.17
CA LEU MA 79 -96.97 11.46 28.72
C LEU MA 79 -96.38 10.13 28.25
N LEU MA 80 -95.26 9.71 28.83
CA LEU MA 80 -94.65 8.45 28.43
C LEU MA 80 -95.55 7.28 28.77
N SER MA 81 -96.16 7.29 29.96
CA SER MA 81 -97.06 6.19 30.33
C SER MA 81 -98.25 6.12 29.39
N GLN MA 82 -98.84 7.28 29.08
CA GLN MA 82 -99.97 7.32 28.16
C GLN MA 82 -99.57 6.81 26.78
N GLU MA 83 -98.38 7.19 26.31
CA GLU MA 83 -97.91 6.73 25.00
C GLU MA 83 -97.72 5.22 24.98
N MET MA 84 -97.12 4.65 26.04
CA MET MA 84 -96.94 3.21 26.08
C MET MA 84 -98.29 2.48 26.09
N ASP MA 85 -99.25 2.98 26.88
CA ASP MA 85 -100.56 2.36 26.91
C ASP MA 85 -101.25 2.44 25.56
N ALA MA 86 -101.16 3.61 24.90
CA ALA MA 86 -101.78 3.77 23.60
C ALA MA 86 -101.15 2.85 22.57
N GLY MA 87 -99.82 2.70 22.60
CA GLY MA 87 -99.17 1.79 21.67
C GLY MA 87 -99.58 0.34 21.89
N LEU MA 88 -99.65 -0.09 23.16
CA LEU MA 88 -100.07 -1.46 23.44
C LEU MA 88 -101.50 -1.70 22.96
N GLN MA 89 -102.40 -0.75 23.23
CA GLN MA 89 -103.78 -0.90 22.79
C GLN MA 89 -103.90 -0.88 21.27
N ALA MA 90 -103.10 -0.05 20.60
CA ALA MA 90 -103.11 -0.04 19.15
C ALA MA 90 -102.64 -1.36 18.57
N TRP MA 91 -101.59 -1.95 19.17
CA TRP MA 91 -101.14 -3.26 18.71
C TRP MA 91 -102.20 -4.33 18.92
N GLN MA 92 -102.89 -4.29 20.07
CA GLN MA 92 -103.96 -5.25 20.31
C GLN MA 92 -105.09 -5.08 19.30
N LEU MA 93 -105.45 -3.83 19.00
CA LEU MA 93 -106.49 -3.56 18.01
C LEU MA 93 -106.07 -4.05 16.63
N ARG MA 94 -104.79 -3.87 16.28
CA ARG MA 94 -104.31 -4.37 15.00
C ARG MA 94 -104.40 -5.89 14.92
N GLN MA 95 -104.03 -6.58 16.00
CA GLN MA 95 -104.17 -8.04 16.01
C GLN MA 95 -105.62 -8.47 15.89
N GLN MA 96 -106.52 -7.79 16.59
CA GLN MA 96 -107.94 -8.11 16.48
C GLN MA 96 -108.45 -7.87 15.06
N GLU MA 97 -108.01 -6.78 14.43
CA GLU MA 97 -108.41 -6.49 13.06
C GLU MA 97 -107.89 -7.55 12.10
N LYS MA 98 -106.66 -8.02 12.33
CA LYS MA 98 -106.12 -9.10 11.50
C LYS MA 98 -106.98 -10.36 11.64
N LEU MA 99 -107.37 -10.69 12.87
CA LEU MA 99 -108.23 -11.86 13.07
C LEU MA 99 -109.58 -11.68 12.39
N GLN MA 100 -110.16 -10.47 12.48
CA GLN MA 100 -111.44 -10.21 11.83
C GLN MA 100 -111.33 -10.31 10.32
N GLU MA 101 -110.23 -9.82 9.74
CA GLU MA 101 -110.02 -9.96 8.31
C GLU MA 101 -109.86 -11.41 7.91
N GLU MA 102 -109.16 -12.20 8.73
CA GLU MA 102 -109.05 -13.63 8.47
C GLU MA 102 -110.42 -14.30 8.46
N GLU MA 103 -111.27 -13.95 9.42
CA GLU MA 103 -112.63 -14.50 9.43
C GLU MA 103 -113.43 -14.04 8.21
N GLY MA 104 -113.32 -12.78 7.85
CA GLY MA 104 -114.07 -12.26 6.72
C GLY MA 104 -113.65 -12.86 5.39
N LYS MA 105 -112.37 -13.20 5.25
CA LYS MA 105 -111.92 -13.84 4.01
C LYS MA 105 -112.63 -15.16 3.78
N GLN MA 106 -112.79 -15.97 4.83
CA GLN MA 106 -113.55 -17.21 4.70
C GLN MA 106 -115.05 -16.94 4.61
N LYS MA 107 -115.53 -15.87 5.24
CA LYS MA 107 -116.94 -15.50 5.10
C LYS MA 107 -117.31 -15.15 3.67
N ASN MA 108 -116.40 -14.51 2.92
CA ASN MA 108 -116.66 -14.10 1.55
C ASN MA 108 -116.48 -15.24 0.55
N ALA MA 109 -115.84 -16.34 0.95
CA ALA MA 109 -115.50 -17.40 0.03
C ALA MA 109 -116.76 -18.12 -0.47
N LEU MA 110 -116.60 -18.81 -1.60
CA LEU MA 110 -117.67 -19.55 -2.24
C LEU MA 110 -117.68 -21.01 -1.76
N LYS MA 111 -118.73 -21.72 -2.14
CA LYS MA 111 -118.86 -23.12 -1.77
C LYS MA 111 -118.10 -24.02 -2.73
N SER MA 112 -117.45 -25.05 -2.19
CA SER MA 112 -116.73 -26.02 -3.00
C SER MA 112 -117.70 -27.03 -3.58
N LYS MA 113 -117.62 -27.25 -4.88
CA LYS MA 113 -118.54 -28.15 -5.57
C LYS MA 113 -117.86 -29.24 -6.38
N GLY MA 114 -116.68 -28.98 -6.94
CA GLY MA 114 -116.03 -29.91 -7.84
C GLY MA 114 -115.86 -31.32 -7.33
N ALA MA 115 -115.09 -31.48 -6.25
CA ALA MA 115 -114.85 -32.81 -5.69
C ALA MA 115 -115.95 -33.28 -4.74
N LEU MA 116 -116.90 -32.40 -4.40
CA LEU MA 116 -117.95 -32.74 -3.45
C LEU MA 116 -119.26 -33.14 -4.11
N LEU MA 117 -119.45 -32.82 -5.39
CA LEU MA 117 -120.70 -33.19 -6.06
C LEU MA 117 -120.83 -34.70 -6.18
N GLN MA 118 -119.75 -35.40 -6.49
CA GLN MA 118 -119.81 -36.84 -6.67
C GLN MA 118 -119.78 -37.61 -5.35
N ASN MA 119 -119.43 -36.96 -4.25
CA ASN MA 119 -119.39 -37.62 -2.95
C ASN MA 119 -120.80 -37.73 -2.37
N ALA NA 2 -26.18 -49.97 67.13
CA ALA NA 2 -25.06 -50.89 67.00
C ALA NA 2 -23.84 -50.20 66.40
N ALA NA 3 -24.11 -49.32 65.43
CA ALA NA 3 -23.02 -48.60 64.78
C ALA NA 3 -22.29 -47.67 65.76
N ALA NA 4 -23.04 -47.03 66.66
CA ALA NA 4 -22.41 -46.15 67.65
C ALA NA 4 -21.47 -46.91 68.57
N LEU NA 5 -21.87 -48.11 69.01
CA LEU NA 5 -20.98 -48.93 69.81
C LEU NA 5 -19.81 -49.46 69.00
N ALA NA 6 -20.04 -49.81 67.73
CA ALA NA 6 -18.97 -50.35 66.90
C ALA NA 6 -17.89 -49.31 66.64
N ARG NA 7 -18.27 -48.05 66.42
CA ARG NA 7 -17.30 -47.02 66.09
C ARG NA 7 -16.55 -46.50 67.31
N LEU NA 8 -16.91 -46.94 68.51
CA LEU NA 8 -16.40 -46.35 69.74
C LEU NA 8 -15.21 -47.11 70.32
N GLY NA 9 -14.85 -48.26 69.76
CA GLY NA 9 -13.71 -49.01 70.29
C GLY NA 9 -13.97 -49.66 71.63
N LEU NA 10 -14.77 -50.72 71.64
CA LEU NA 10 -15.21 -51.39 72.86
C LEU NA 10 -14.18 -52.41 73.39
N ARG NA 11 -12.91 -52.27 73.02
CA ARG NA 11 -11.89 -53.20 73.48
C ARG NA 11 -11.64 -53.12 74.99
N ALA NA 12 -12.10 -52.05 75.64
CA ALA NA 12 -11.78 -51.78 77.04
C ALA NA 12 -12.89 -52.20 77.99
N VAL NA 13 -13.60 -53.28 77.71
CA VAL NA 13 -14.66 -53.78 78.58
C VAL NA 13 -14.45 -55.26 78.82
N LYS NA 14 -14.75 -55.69 80.05
CA LYS NA 14 -14.55 -57.08 80.46
C LYS NA 14 -15.85 -57.89 80.45
N GLN NA 15 -16.86 -57.44 81.19
CA GLN NA 15 -18.08 -58.22 81.34
C GLN NA 15 -19.29 -57.30 81.22
N VAL NA 16 -20.28 -57.73 80.44
CA VAL NA 16 -21.57 -57.04 80.32
C VAL NA 16 -22.66 -58.06 80.54
N ARG NA 17 -23.46 -57.87 81.58
CA ARG NA 17 -24.56 -58.77 81.89
C ARG NA 17 -25.86 -57.99 81.97
N VAL NA 18 -26.91 -58.53 81.34
CA VAL NA 18 -28.23 -57.93 81.33
C VAL NA 18 -29.19 -58.92 81.99
N GLN NA 19 -29.69 -58.56 83.18
CA GLN NA 19 -30.57 -59.43 83.96
C GLN NA 19 -31.98 -58.89 83.89
N PHE NA 20 -32.91 -59.71 83.40
CA PHE NA 20 -34.27 -59.23 83.19
C PHE NA 20 -35.25 -60.39 83.24
N CYS NA 21 -36.53 -60.04 83.36
CA CYS NA 21 -37.63 -60.99 83.30
C CYS NA 21 -38.44 -60.73 82.04
N PRO NA 22 -38.44 -61.64 81.06
CA PRO NA 22 -39.10 -61.35 79.78
C PRO NA 22 -40.60 -61.20 79.86
N PHE NA 23 -41.24 -61.66 80.94
CA PHE NA 23 -42.69 -61.69 81.03
C PHE NA 23 -43.29 -60.43 81.64
N GLU NA 24 -42.55 -59.33 81.69
CA GLU NA 24 -43.05 -58.09 82.26
C GLU NA 24 -43.39 -57.08 81.16
N LYS NA 25 -43.91 -55.94 81.57
CA LYS NA 25 -44.42 -54.93 80.65
C LYS NA 25 -43.44 -53.79 80.40
N ASN NA 26 -42.29 -53.79 81.06
CA ASN NA 26 -41.29 -52.74 80.88
C ASN NA 26 -39.94 -53.34 80.50
N VAL NA 27 -39.94 -54.29 79.56
CA VAL NA 27 -38.76 -55.05 79.19
C VAL NA 27 -38.33 -54.76 77.76
N GLU NA 28 -39.16 -54.02 77.01
CA GLU NA 28 -38.82 -53.70 75.62
C GLU NA 28 -37.49 -52.95 75.53
N SER NA 29 -37.30 -51.96 76.40
CA SER NA 29 -36.09 -51.14 76.33
C SER NA 29 -34.84 -51.94 76.66
N THR NA 30 -34.87 -52.75 77.71
CA THR NA 30 -33.68 -53.52 78.08
C THR NA 30 -33.42 -54.62 77.05
N ARG NA 31 -34.47 -55.18 76.45
CA ARG NA 31 -34.29 -56.15 75.38
C ARG NA 31 -33.63 -55.51 74.16
N THR NA 32 -34.07 -54.29 73.80
CA THR NA 32 -33.43 -53.57 72.71
C THR NA 32 -31.97 -53.28 73.02
N PHE NA 33 -31.68 -52.89 74.28
CA PHE NA 33 -30.30 -52.63 74.66
C PHE NA 33 -29.45 -53.89 74.56
N LEU NA 34 -30.00 -55.03 75.00
CA LEU NA 34 -29.28 -56.30 74.91
C LEU NA 34 -29.00 -56.67 73.46
N GLN NA 35 -30.01 -56.50 72.59
CA GLN NA 35 -29.79 -56.79 71.18
C GLN NA 35 -28.76 -55.85 70.56
N ALA NA 36 -28.74 -54.58 70.98
CA ALA NA 36 -27.75 -53.65 70.47
C ALA NA 36 -26.34 -54.04 70.92
N VAL NA 37 -26.19 -54.49 72.16
CA VAL NA 37 -24.84 -54.82 72.64
C VAL NA 37 -24.42 -56.22 72.19
N SER NA 38 -25.35 -57.05 71.73
CA SER NA 38 -25.04 -58.39 71.27
C SER NA 38 -24.92 -58.48 69.75
N SER NA 39 -24.70 -57.36 69.07
CA SER NA 39 -24.56 -57.36 67.62
C SER NA 39 -23.18 -57.85 67.21
N GLU NA 40 -23.03 -58.18 65.92
CA GLU NA 40 -21.78 -58.74 65.42
C GLU NA 40 -20.67 -57.71 65.36
N LYS NA 41 -20.99 -56.46 65.02
CA LYS NA 41 -19.95 -55.44 65.03
C LYS NA 41 -19.35 -55.28 66.42
N VAL NA 42 -20.21 -55.28 67.45
CA VAL NA 42 -19.74 -55.25 68.82
C VAL NA 42 -18.88 -56.46 69.14
N ARG NA 43 -19.32 -57.66 68.73
CA ARG NA 43 -18.57 -58.87 69.06
C ARG NA 43 -17.21 -58.91 68.37
N CYS NA 44 -17.13 -58.50 67.10
CA CYS NA 44 -15.86 -58.53 66.39
C CYS NA 44 -14.97 -57.35 66.73
N THR NA 45 -15.51 -56.31 67.38
CA THR NA 45 -14.65 -55.24 67.88
C THR NA 45 -13.66 -55.77 68.91
N ASN NA 46 -14.12 -56.63 69.81
CA ASN NA 46 -13.26 -57.23 70.81
C ASN NA 46 -13.85 -58.58 71.24
N LEU NA 47 -12.98 -59.58 71.35
CA LEU NA 47 -13.40 -60.93 71.71
C LEU NA 47 -13.15 -61.27 73.17
N ASN NA 48 -12.46 -60.40 73.92
CA ASN NA 48 -12.15 -60.68 75.32
C ASN NA 48 -13.30 -60.33 76.26
N CYS NA 49 -14.38 -59.75 75.76
CA CYS NA 49 -15.53 -59.41 76.59
C CYS NA 49 -16.50 -60.58 76.68
N SER NA 50 -17.14 -60.72 77.83
CA SER NA 50 -18.14 -61.76 78.06
C SER NA 50 -19.49 -61.10 78.25
N VAL NA 51 -20.46 -61.49 77.43
CA VAL NA 51 -21.82 -60.94 77.47
C VAL NA 51 -22.75 -62.03 77.97
N ILE NA 52 -23.51 -61.72 79.02
CA ILE NA 52 -24.39 -62.67 79.68
C ILE NA 52 -25.80 -62.12 79.69
N ALA NA 53 -26.77 -62.98 79.41
CA ALA NA 53 -28.19 -62.63 79.43
C ALA NA 53 -28.87 -63.47 80.52
N ASP NA 54 -29.12 -62.85 81.66
CA ASP NA 54 -29.75 -63.51 82.79
C ASP NA 54 -31.25 -63.37 82.64
N VAL NA 55 -31.95 -64.50 82.66
CA VAL NA 55 -33.40 -64.55 82.48
C VAL NA 55 -34.03 -65.05 83.78
N ARG NA 56 -34.91 -64.23 84.35
CA ARG NA 56 -35.63 -64.59 85.56
C ARG NA 56 -37.14 -64.50 85.30
N HIS NA 57 -37.91 -64.87 86.32
CA HIS NA 57 -39.36 -64.80 86.24
C HIS NA 57 -39.99 -63.95 87.33
N ASP NA 58 -39.46 -64.02 88.55
CA ASP NA 58 -39.96 -63.20 89.66
C ASP NA 58 -39.02 -62.07 90.03
N GLY NA 59 -37.94 -61.87 89.26
CA GLY NA 59 -37.06 -60.75 89.54
C GLY NA 59 -37.74 -59.41 89.34
N SER NA 60 -38.45 -59.26 88.23
CA SER NA 60 -39.27 -58.10 87.91
C SER NA 60 -38.49 -56.80 87.86
N GLU NA 61 -37.15 -56.86 87.92
CA GLU NA 61 -36.32 -55.66 87.95
C GLU NA 61 -35.22 -55.77 86.90
N PRO NA 62 -35.48 -55.33 85.66
CA PRO NA 62 -34.42 -55.34 84.66
C PRO NA 62 -33.27 -54.44 85.05
N CYS NA 63 -32.05 -54.91 84.77
CA CYS NA 63 -30.85 -54.19 85.15
C CYS NA 63 -29.70 -54.63 84.27
N VAL NA 64 -28.67 -53.79 84.21
CA VAL NA 64 -27.47 -54.06 83.42
C VAL NA 64 -26.24 -53.76 84.27
N ASP NA 65 -25.28 -54.68 84.29
CA ASP NA 65 -24.03 -54.50 85.00
C ASP NA 65 -22.88 -54.61 84.00
N VAL NA 66 -22.02 -53.60 83.98
CA VAL NA 66 -20.86 -53.56 83.08
C VAL NA 66 -19.62 -53.39 83.93
N LEU NA 67 -18.79 -54.43 84.00
CA LEU NA 67 -17.51 -54.39 84.70
C LEU NA 67 -16.42 -54.21 83.65
N PHE NA 68 -15.67 -53.12 83.74
CA PHE NA 68 -14.57 -52.92 82.80
C PHE NA 68 -13.29 -52.52 83.52
N GLY NA 69 -12.18 -52.80 82.83
CA GLY NA 69 -10.80 -52.89 83.31
C GLY NA 69 -10.25 -51.66 83.97
N ASP NA 70 -10.99 -50.55 84.00
CA ASP NA 70 -10.62 -49.44 84.85
C ASP NA 70 -11.04 -49.66 86.29
N GLY NA 71 -11.33 -50.90 86.64
CA GLY NA 71 -11.92 -51.23 87.93
C GLY NA 71 -13.27 -50.61 88.14
N HIS NA 72 -14.05 -50.44 87.07
CA HIS NA 72 -15.28 -49.67 87.14
C HIS NA 72 -16.49 -50.56 86.89
N ARG NA 73 -17.56 -50.28 87.64
CA ARG NA 73 -18.80 -51.06 87.60
C ARG NA 73 -19.95 -50.09 87.28
N LEU NA 74 -20.39 -50.09 86.03
CA LEU NA 74 -21.56 -49.30 85.62
C LEU NA 74 -22.80 -50.16 85.81
N ILE NA 75 -23.58 -49.84 86.84
CA ILE NA 75 -24.86 -50.51 87.09
C ILE NA 75 -25.97 -49.58 86.67
N MET NA 76 -26.94 -50.10 85.93
CA MET NA 76 -28.02 -49.32 85.35
C MET NA 76 -29.32 -50.07 85.54
N ARG NA 77 -30.18 -49.55 86.43
CA ARG NA 77 -31.47 -50.16 86.72
C ARG NA 77 -32.50 -49.58 85.76
N GLY NA 78 -32.48 -50.07 84.53
CA GLY NA 78 -33.35 -49.55 83.51
C GLY NA 78 -34.72 -50.21 83.49
N ALA NA 79 -35.69 -49.57 84.14
CA ALA NA 79 -37.07 -50.03 84.14
C ALA NA 79 -38.02 -49.10 83.41
N HIS NA 80 -37.65 -47.83 83.25
CA HIS NA 80 -38.43 -46.88 82.47
C HIS NA 80 -37.61 -46.11 81.46
N LEU NA 81 -36.30 -46.31 81.42
CA LEU NA 81 -35.44 -45.55 80.51
C LEU NA 81 -35.62 -45.99 79.06
N THR NA 82 -35.42 -45.05 78.15
CA THR NA 82 -35.47 -45.33 76.73
C THR NA 82 -34.22 -46.10 76.32
N ALA NA 83 -34.39 -46.98 75.32
CA ALA NA 83 -33.26 -47.76 74.82
C ALA NA 83 -32.16 -46.87 74.26
N GLN NA 84 -32.54 -45.85 73.49
CA GLN NA 84 -31.54 -44.92 72.96
C GLN NA 84 -30.85 -44.14 74.07
N GLU NA 85 -31.60 -43.73 75.09
CA GLU NA 85 -31.01 -43.03 76.22
C GLU NA 85 -30.00 -43.93 76.94
N MET NA 86 -30.35 -45.19 77.17
CA MET NA 86 -29.42 -46.10 77.82
C MET NA 86 -28.17 -46.30 76.96
N LEU NA 87 -28.35 -46.46 75.65
CA LEU NA 87 -27.21 -46.66 74.76
C LEU NA 87 -26.27 -45.46 74.80
N THR NA 88 -26.82 -44.25 74.69
CA THR NA 88 -25.98 -43.07 74.65
C THR NA 88 -25.32 -42.81 76.00
N ALA NA 89 -26.02 -43.07 77.11
CA ALA NA 89 -25.42 -42.91 78.42
C ALA NA 89 -24.28 -43.90 78.61
N PHE NA 90 -24.50 -45.17 78.23
CA PHE NA 90 -23.45 -46.18 78.35
C PHE NA 90 -22.23 -45.79 77.52
N ALA NA 91 -22.46 -45.35 76.28
CA ALA NA 91 -21.35 -44.97 75.41
C ALA NA 91 -20.59 -43.79 75.98
N SER NA 92 -21.31 -42.75 76.42
CA SER NA 92 -20.65 -41.55 76.95
C SER NA 92 -19.91 -41.82 78.25
N HIS NA 93 -20.37 -42.77 79.06
CA HIS NA 93 -19.64 -43.11 80.27
C HIS NA 93 -18.40 -43.94 79.97
N ILE NA 94 -18.54 -44.97 79.12
CA ILE NA 94 -17.41 -45.84 78.84
C ILE NA 94 -16.32 -45.14 78.05
N GLN NA 95 -16.68 -44.25 77.12
CA GLN NA 95 -15.65 -43.51 76.38
C GLN NA 95 -14.95 -42.48 77.26
N ALA NA 96 -15.68 -41.85 78.19
CA ALA NA 96 -15.05 -40.92 79.12
C ALA NA 96 -14.13 -41.65 80.08
N ARG NA 97 -14.52 -42.85 80.53
CA ARG NA 97 -13.71 -43.65 81.45
C ARG NA 97 -13.20 -44.87 80.68
N GLY NA 98 -12.07 -44.71 80.01
CA GLY NA 98 -11.49 -45.78 79.23
C GLY NA 98 -10.59 -45.29 78.12
N VAL OA 85 -23.21 -95.01 35.49
CA VAL OA 85 -24.26 -95.90 35.98
C VAL OA 85 -25.64 -95.40 35.55
N LEU OA 86 -26.29 -96.14 34.67
CA LEU OA 86 -27.62 -95.80 34.18
C LEU OA 86 -28.66 -96.46 35.08
N LYS OA 87 -29.29 -95.66 35.93
CA LYS OA 87 -30.31 -96.21 36.82
C LYS OA 87 -31.67 -96.24 36.13
N PRO OA 88 -32.51 -97.22 36.43
CA PRO OA 88 -33.83 -97.29 35.81
C PRO OA 88 -34.74 -96.19 36.33
N ASP OA 89 -35.82 -95.95 35.57
CA ASP OA 89 -36.76 -94.88 35.89
C ASP OA 89 -37.48 -95.12 37.21
N SER OA 90 -37.60 -96.37 37.65
CA SER OA 90 -38.32 -96.68 38.88
C SER OA 90 -37.58 -96.22 40.13
N GLU OA 91 -36.26 -96.07 40.07
CA GLU OA 91 -35.50 -95.64 41.23
C GLU OA 91 -35.68 -94.15 41.52
N TYR OA 92 -35.91 -93.35 40.50
CA TYR OA 92 -36.05 -91.91 40.67
C TYR OA 92 -37.43 -91.56 41.17
N PRO OA 93 -37.56 -90.83 42.28
CA PRO OA 93 -38.89 -90.47 42.80
C PRO OA 93 -39.63 -89.48 41.91
N GLU OA 94 -40.82 -89.07 42.34
CA GLU OA 94 -41.69 -88.24 41.50
C GLU OA 94 -41.22 -86.79 41.41
N TRP OA 95 -40.56 -86.28 42.46
CA TRP OA 95 -40.16 -84.87 42.49
C TRP OA 95 -39.14 -84.51 41.43
N LEU OA 96 -38.63 -85.48 40.68
CA LEU OA 96 -37.82 -85.20 39.50
C LEU OA 96 -38.68 -84.95 38.27
N PHE OA 97 -39.75 -85.74 38.10
CA PHE OA 97 -40.57 -85.64 36.91
C PHE OA 97 -41.68 -84.61 37.02
N GLU OA 98 -42.14 -84.28 38.23
CA GLU OA 98 -43.25 -83.34 38.36
C GLU OA 98 -42.82 -81.90 38.07
N MET OA 99 -41.56 -81.58 38.28
CA MET OA 99 -41.10 -80.20 38.15
C MET OA 99 -41.04 -79.76 36.68
N ASN OA 100 -41.29 -78.48 36.47
CA ASN OA 100 -41.22 -77.89 35.14
C ASN OA 100 -39.77 -77.72 34.70
N VAL OA 101 -39.56 -77.68 33.39
CA VAL OA 101 -38.22 -77.56 32.81
C VAL OA 101 -38.10 -76.34 31.90
N GLY OA 102 -39.05 -76.15 30.98
CA GLY OA 102 -38.87 -75.18 29.92
C GLY OA 102 -39.31 -73.77 30.22
N PRO OA 103 -40.59 -73.56 30.49
CA PRO OA 103 -41.09 -72.20 30.72
C PRO OA 103 -41.06 -71.83 32.19
N PRO OA 104 -40.38 -70.74 32.55
CA PRO OA 104 -40.51 -70.21 33.91
C PRO OA 104 -41.96 -69.87 34.23
N LYS OA 105 -42.33 -70.11 35.48
CA LYS OA 105 -43.66 -69.75 35.95
C LYS OA 105 -43.79 -68.23 36.01
N LYS OA 106 -44.93 -67.71 35.57
CA LYS OA 106 -45.14 -66.27 35.49
C LYS OA 106 -46.12 -65.81 36.57
N LEU OA 107 -46.38 -64.49 36.59
CA LEU OA 107 -47.15 -63.89 37.66
C LEU OA 107 -48.62 -64.30 37.59
N GLU OA 108 -49.21 -64.25 36.39
CA GLU OA 108 -50.62 -64.57 36.24
C GLU OA 108 -50.89 -66.07 36.22
N GLU OA 109 -49.85 -66.90 36.18
CA GLU OA 109 -50.05 -68.35 36.16
C GLU OA 109 -50.11 -68.92 37.57
N LEU OA 110 -49.42 -68.31 38.52
CA LEU OA 110 -49.33 -68.86 39.87
C LEU OA 110 -50.58 -68.55 40.67
N ASP OA 111 -50.79 -69.35 41.71
CA ASP OA 111 -51.90 -69.16 42.65
C ASP OA 111 -51.56 -68.01 43.61
N PRO OA 112 -52.42 -67.00 43.71
CA PRO OA 112 -52.15 -65.92 44.67
C PRO OA 112 -52.06 -66.36 46.13
N GLU OA 113 -52.41 -67.61 46.43
CA GLU OA 113 -52.30 -68.15 47.78
C GLU OA 113 -51.06 -69.04 47.94
N THR OA 114 -50.13 -69.00 46.99
CA THR OA 114 -48.93 -69.82 47.01
C THR OA 114 -47.70 -68.94 47.21
N ARG OA 115 -46.72 -69.46 47.96
CA ARG OA 115 -45.57 -68.64 48.33
C ARG OA 115 -44.71 -68.28 47.13
N GLU OA 116 -44.71 -69.11 46.09
CA GLU OA 116 -43.91 -68.81 44.89
C GLU OA 116 -44.41 -67.54 44.21
N TYR OA 117 -45.73 -67.31 44.23
CA TYR OA 117 -46.27 -66.08 43.66
C TYR OA 117 -45.72 -64.86 44.38
N TRP OA 118 -45.68 -64.90 45.72
CA TRP OA 118 -45.16 -63.76 46.46
C TRP OA 118 -43.66 -63.61 46.30
N ARG OA 119 -42.93 -64.72 46.16
CA ARG OA 119 -41.51 -64.63 45.85
C ARG OA 119 -41.28 -63.93 44.52
N LEU OA 120 -42.04 -64.31 43.50
CA LEU OA 120 -41.89 -63.69 42.18
C LEU OA 120 -42.33 -62.23 42.21
N LEU OA 121 -43.36 -61.91 43.00
CA LEU OA 121 -43.78 -60.52 43.14
C LEU OA 121 -42.71 -59.69 43.82
N ARG OA 122 -42.04 -60.24 44.83
CA ARG OA 122 -40.91 -59.55 45.45
C ARG OA 122 -39.79 -59.34 44.44
N LYS OA 123 -39.50 -60.35 43.62
CA LYS OA 123 -38.47 -60.22 42.59
C LYS OA 123 -38.83 -59.10 41.60
N HIS OA 124 -40.10 -59.05 41.18
CA HIS OA 124 -40.54 -58.00 40.27
C HIS OA 124 -40.49 -56.63 40.93
N ASN OA 125 -40.78 -56.55 42.22
CA ASN OA 125 -40.66 -55.28 42.94
C ASN OA 125 -39.21 -54.82 43.00
N ILE OA 126 -38.28 -55.75 43.20
CA ILE OA 126 -36.85 -55.40 43.19
C ILE OA 126 -36.45 -54.93 41.81
N TRP OA 127 -36.95 -55.59 40.76
CA TRP OA 127 -36.69 -55.13 39.40
C TRP OA 127 -37.23 -53.71 39.20
N ARG OA 128 -38.43 -53.43 39.72
CA ARG OA 128 -38.98 -52.09 39.66
C ARG OA 128 -38.07 -51.08 40.34
N HIS OA 129 -37.61 -51.41 41.55
CA HIS OA 129 -36.76 -50.46 42.29
C HIS OA 129 -35.46 -50.22 41.56
N ASN OA 130 -34.88 -51.25 40.97
CA ASN OA 130 -33.66 -51.08 40.18
C ASN OA 130 -33.92 -50.19 38.97
N ARG OA 131 -35.05 -50.37 38.30
CA ARG OA 131 -35.37 -49.52 37.15
C ARG OA 131 -35.58 -48.07 37.57
N LEU OA 132 -36.27 -47.85 38.69
CA LEU OA 132 -36.56 -46.50 39.13
C LEU OA 132 -35.29 -45.79 39.60
N SER OA 133 -34.38 -46.51 40.26
CA SER OA 133 -33.17 -45.93 40.82
C SER OA 133 -32.03 -45.86 39.80
N LYS OA 134 -32.35 -45.94 38.51
CA LYS OA 134 -31.31 -45.85 37.48
C LYS OA 134 -30.72 -44.45 37.35
N ASN OA 135 -31.40 -43.44 37.92
CA ASN OA 135 -30.97 -42.05 37.81
C ASN OA 135 -30.25 -41.58 39.07
N ARG OA 136 -29.48 -42.44 39.72
CA ARG OA 136 -28.76 -42.07 40.93
C ARG OA 136 -27.64 -41.08 40.58
N LYS OA 137 -27.72 -39.88 41.15
CA LYS OA 137 -26.69 -38.87 40.95
C LYS OA 137 -25.59 -38.91 41.99
N PHE OA 138 -25.72 -39.76 43.02
CA PHE OA 138 -24.71 -39.85 44.07
C PHE OA 138 -23.52 -40.69 43.61
N ARG PA 9 -30.75 7.08 44.03
CA ARG PA 9 -30.03 5.84 43.78
C ARG PA 9 -30.79 4.97 42.79
N ASN PA 10 -32.06 4.72 43.07
CA ASN PA 10 -32.92 3.92 42.20
C ASN PA 10 -33.55 4.83 41.16
N ARG PA 11 -33.15 4.65 39.90
CA ARG PA 11 -33.63 5.48 38.81
C ARG PA 11 -34.65 4.72 37.96
N ILE PA 12 -35.64 5.43 37.48
CA ILE PA 12 -36.62 4.90 36.53
C ILE PA 12 -36.19 5.32 35.13
N PRO PA 13 -35.78 4.40 34.27
CA PRO PA 13 -35.28 4.79 32.94
C PRO PA 13 -36.38 5.42 32.10
N GLY PA 14 -36.00 6.43 31.31
CA GLY PA 14 -36.95 7.12 30.48
C GLY PA 14 -37.94 7.92 31.30
N ARG PA 15 -39.14 8.09 30.75
CA ARG PA 15 -40.21 8.72 31.51
C ARG PA 15 -40.86 7.69 32.44
N GLN PA 16 -41.63 8.20 33.41
CA GLN PA 16 -42.10 7.38 34.51
C GLN PA 16 -43.16 6.37 34.07
N TRP PA 17 -43.99 6.70 33.08
CA TRP PA 17 -45.11 5.83 32.71
C TRP PA 17 -45.22 5.69 31.19
N ILE PA 18 -44.10 5.62 30.50
CA ILE PA 18 -44.13 5.42 29.05
C ILE PA 18 -43.28 4.26 28.60
N GLY PA 19 -42.01 4.24 29.02
CA GLY PA 19 -41.02 3.36 28.44
C GLY PA 19 -41.33 1.88 28.62
N LYS PA 20 -40.43 1.07 28.05
CA LYS PA 20 -40.53 -0.37 28.23
C LYS PA 20 -40.48 -0.75 29.70
N HIS PA 21 -39.63 -0.06 30.47
CA HIS PA 21 -39.56 -0.23 31.92
C HIS PA 21 -40.31 0.94 32.56
N ARG PA 22 -41.44 0.63 33.20
CA ARG PA 22 -42.28 1.63 33.84
C ARG PA 22 -42.16 1.53 35.35
N ARG PA 23 -42.87 2.41 36.03
CA ARG PA 23 -42.94 2.34 37.48
C ARG PA 23 -43.80 1.15 37.90
N PRO PA 24 -43.37 0.39 38.91
CA PRO PA 24 -44.11 -0.83 39.28
C PRO PA 24 -45.32 -0.57 40.15
N ARG PA 25 -45.82 0.68 40.15
CA ARG PA 25 -46.98 1.11 40.93
C ARG PA 25 -48.08 0.05 40.96
N PRO PA 26 -48.45 -0.43 42.13
CA PRO PA 26 -49.38 -1.56 42.24
C PRO PA 26 -50.82 -1.11 42.42
N VAL PA 27 -51.71 -2.11 42.42
CA VAL PA 27 -53.13 -1.90 42.64
C VAL PA 27 -53.42 -1.98 44.14
N SER PA 28 -54.36 -1.15 44.60
CA SER PA 28 -54.66 -1.03 46.02
C SER PA 28 -56.03 -1.64 46.34
N ALA PA 29 -56.24 -1.90 47.64
CA ALA PA 29 -57.51 -2.43 48.10
C ALA PA 29 -58.65 -1.46 47.81
N GLN PA 30 -58.40 -0.15 47.95
CA GLN PA 30 -59.42 0.83 47.62
C GLN PA 30 -59.80 0.74 46.15
N ALA PA 31 -58.81 0.61 45.26
CA ALA PA 31 -59.09 0.47 43.84
C ALA PA 31 -59.89 -0.80 43.56
N LYS PA 32 -59.51 -1.91 44.20
CA LYS PA 32 -60.25 -3.15 44.01
C LYS PA 32 -61.70 -3.01 44.46
N GLN PA 33 -61.92 -2.39 45.62
CA GLN PA 33 -63.28 -2.21 46.11
C GLN PA 33 -64.09 -1.30 45.20
N ASN PA 34 -63.45 -0.24 44.68
CA ASN PA 34 -64.15 0.64 43.74
C ASN PA 34 -64.55 -0.10 42.49
N MET PA 35 -63.64 -0.93 41.95
CA MET PA 35 -63.98 -1.70 40.75
C MET PA 35 -65.10 -2.68 41.03
N ILE PA 36 -65.10 -3.32 42.19
CA ILE PA 36 -66.16 -4.26 42.53
C ILE PA 36 -67.50 -3.53 42.65
N ARG PA 37 -67.49 -2.35 43.27
CA ARG PA 37 -68.72 -1.57 43.38
C ARG PA 37 -69.27 -1.19 42.01
N ARG PA 38 -68.39 -0.72 41.12
CA ARG PA 38 -68.83 -0.37 39.77
C ARG PA 38 -69.35 -1.60 39.02
N LEU PA 39 -68.70 -2.75 39.22
CA LEU PA 39 -69.16 -3.98 38.58
C LEU PA 39 -70.54 -4.38 39.07
N GLU PA 40 -70.78 -4.25 40.38
CA GLU PA 40 -72.11 -4.56 40.92
C GLU PA 40 -73.16 -3.61 40.35
N THR PA 41 -72.83 -2.32 40.26
CA THR PA 41 -73.76 -1.37 39.68
C THR PA 41 -74.10 -1.74 38.23
N GLU PA 42 -73.08 -2.06 37.44
CA GLU PA 42 -73.31 -2.42 36.05
C GLU PA 42 -74.09 -3.73 35.91
N ALA PA 43 -73.86 -4.68 36.83
CA ALA PA 43 -74.64 -5.91 36.83
C ALA PA 43 -76.12 -5.61 37.09
N GLU PA 44 -76.40 -4.71 38.03
CA GLU PA 44 -77.79 -4.31 38.24
C GLU PA 44 -78.37 -3.62 37.01
N ASN PA 45 -77.57 -2.79 36.35
CA ASN PA 45 -78.03 -2.15 35.12
C ASN PA 45 -78.42 -3.18 34.06
N GLN PA 46 -77.54 -4.15 33.80
CA GLN PA 46 -77.86 -5.12 32.77
C GLN PA 46 -78.95 -6.10 33.20
N TYR PA 47 -79.18 -6.27 34.50
CA TYR PA 47 -80.36 -7.01 34.92
C TYR PA 47 -81.63 -6.23 34.59
N TRP PA 48 -81.66 -4.93 34.92
CA TRP PA 48 -82.83 -4.12 34.61
C TRP PA 48 -83.04 -3.98 33.10
N LEU PA 49 -81.98 -4.15 32.30
CA LEU PA 49 -82.08 -4.07 30.86
C LEU PA 49 -82.37 -5.41 30.20
N SER PA 50 -82.97 -6.35 30.93
CA SER PA 50 -83.21 -7.69 30.42
C SER PA 50 -84.63 -7.89 29.88
N ARG PA 51 -85.65 -7.46 30.61
CA ARG PA 51 -87.03 -7.73 30.23
C ARG PA 51 -87.74 -6.43 29.85
N PRO PA 52 -87.96 -6.18 28.57
CA PRO PA 52 -88.67 -4.96 28.16
C PRO PA 52 -90.16 -5.07 28.44
N PHE PA 53 -90.81 -3.91 28.51
CA PHE PA 53 -92.25 -3.86 28.69
C PHE PA 53 -92.99 -4.21 27.40
N LEU PA 54 -92.74 -3.45 26.34
CA LEU PA 54 -93.29 -3.73 25.02
C LEU PA 54 -92.24 -4.41 24.16
N THR PA 55 -92.71 -5.20 23.21
CA THR PA 55 -91.81 -5.91 22.30
C THR PA 55 -91.56 -5.09 21.04
N ALA PA 56 -90.63 -5.56 20.22
CA ALA PA 56 -90.25 -4.84 19.01
C ALA PA 56 -91.42 -4.71 18.04
N GLU PA 57 -92.24 -5.76 17.93
CA GLU PA 57 -93.42 -5.70 17.09
C GLU PA 57 -94.56 -4.89 17.69
N GLN PA 58 -94.60 -4.76 19.02
CA GLN PA 58 -95.63 -3.94 19.67
C GLN PA 58 -95.27 -2.46 19.66
N GLU PA 59 -93.99 -2.11 19.55
CA GLU PA 59 -93.56 -0.72 19.58
C GLU PA 59 -93.45 -0.10 18.19
N ARG PA 60 -93.90 -0.82 17.16
CA ARG PA 60 -93.75 -0.35 15.77
C ARG PA 60 -94.61 0.88 15.56
N GLY PA 61 -93.95 2.04 15.50
CA GLY PA 61 -94.65 3.29 15.26
C GLY PA 61 -95.64 3.69 16.34
N HIS PA 62 -95.34 3.35 17.60
CA HIS PA 62 -96.25 3.70 18.68
C HIS PA 62 -96.20 5.19 19.02
N ALA PA 63 -95.04 5.82 18.80
CA ALA PA 63 -94.87 7.26 19.04
C ALA PA 63 -94.26 7.88 17.79
N ALA PA 64 -95.11 8.22 16.82
CA ALA PA 64 -94.66 8.84 15.58
C ALA PA 64 -95.28 10.19 15.32
N VAL PA 65 -96.54 10.40 15.72
CA VAL PA 65 -97.18 11.69 15.54
C VAL PA 65 -96.47 12.75 16.37
N ARG PA 66 -96.02 12.39 17.58
CA ARG PA 66 -95.30 13.35 18.40
C ARG PA 66 -93.96 13.74 17.76
N ARG PA 67 -93.25 12.75 17.22
CA ARG PA 67 -91.98 13.06 16.54
C ARG PA 67 -92.21 13.94 15.32
N ALA PA 68 -93.25 13.64 14.54
CA ALA PA 68 -93.57 14.47 13.39
C ALA PA 68 -93.92 15.89 13.81
N ALA PA 69 -94.70 16.03 14.88
CA ALA PA 69 -95.07 17.37 15.37
C ALA PA 69 -93.84 18.13 15.86
N ALA PA 70 -92.92 17.43 16.56
CA ALA PA 70 -91.70 18.09 17.02
C ALA PA 70 -90.85 18.55 15.86
N PHE PA 71 -90.73 17.72 14.83
CA PHE PA 71 -89.95 18.13 13.65
C PHE PA 71 -90.62 19.30 12.94
N GLN PA 72 -91.95 19.29 12.85
CA GLN PA 72 -92.65 20.40 12.23
C GLN PA 72 -92.47 21.69 13.02
N ALA PA 73 -92.49 21.60 14.36
CA ALA PA 73 -92.26 22.76 15.19
C ALA PA 73 -90.84 23.30 14.99
N LEU PA 74 -89.86 22.40 14.90
CA LEU PA 74 -88.49 22.84 14.64
C LEU PA 74 -88.39 23.52 13.28
N LYS PA 75 -89.04 22.96 12.26
CA LYS PA 75 -89.02 23.57 10.93
C LYS PA 75 -89.66 24.95 10.95
N ALA PA 76 -90.79 25.09 11.65
CA ALA PA 76 -91.46 26.39 11.73
C ALA PA 76 -90.59 27.41 12.46
N ALA PA 77 -89.94 27.00 13.56
CA ALA PA 77 -89.06 27.90 14.28
C ALA PA 77 -87.89 28.34 13.42
N GLN PA 78 -87.31 27.41 12.65
CA GLN PA 78 -86.21 27.78 11.76
C GLN PA 78 -86.66 28.69 10.63
N ALA PA 79 -87.85 28.44 10.06
CA ALA PA 79 -88.35 29.27 8.97
C ALA PA 79 -88.82 30.64 9.45
N ALA PA 80 -89.13 30.80 10.73
CA ALA PA 80 -89.53 32.08 11.27
C ALA PA 80 -88.37 33.06 11.43
N ARG PA 81 -87.13 32.59 11.23
CA ARG PA 81 -85.96 33.46 11.34
C ARG PA 81 -86.03 34.56 10.28
N PHE PA 82 -86.09 35.81 10.73
CA PHE PA 82 -86.37 36.92 9.83
C PHE PA 82 -86.17 38.23 10.59
N PRO PA 83 -85.66 39.28 9.95
CA PRO PA 83 -85.41 40.53 10.68
C PRO PA 83 -86.67 41.13 11.28
N ALA PA 84 -86.50 41.79 12.41
CA ALA PA 84 -87.62 42.36 13.15
C ALA PA 84 -88.10 43.65 12.48
N HIS PA 85 -89.20 44.19 13.03
CA HIS PA 85 -89.82 45.39 12.48
C HIS PA 85 -89.15 46.64 13.01
N ARG PA 86 -88.94 47.62 12.13
CA ARG PA 86 -88.41 48.91 12.52
C ARG PA 86 -89.57 49.89 12.67
N ARG PA 87 -89.71 50.46 13.87
CA ARG PA 87 -90.83 51.33 14.20
C ARG PA 87 -90.38 52.78 14.25
N LEU PA 88 -91.37 53.68 14.27
CA LEU PA 88 -91.08 55.10 14.34
C LEU PA 88 -90.50 55.49 15.70
N GLU PA 89 -90.83 54.73 16.74
CA GLU PA 89 -90.32 55.04 18.08
C GLU PA 89 -88.81 54.93 18.13
N GLU PA 90 -88.24 53.91 17.48
CA GLU PA 90 -86.79 53.74 17.49
C GLU PA 90 -86.07 54.93 16.88
N GLN PA 91 -86.60 55.45 15.76
CA GLN PA 91 -85.99 56.60 15.10
C GLN PA 91 -86.24 57.90 15.86
N LEU PA 92 -87.43 58.09 16.43
CA LEU PA 92 -87.79 59.34 17.06
C LEU PA 92 -87.35 59.44 18.52
N GLY PA 93 -86.92 58.35 19.13
CA GLY PA 93 -86.42 58.43 20.50
C GLY PA 93 -85.02 58.98 20.62
N HIS PA 94 -84.25 58.96 19.53
CA HIS PA 94 -82.91 59.53 19.56
C HIS PA 94 -82.93 61.05 19.67
N LEU PA 95 -84.04 61.68 19.30
CA LEU PA 95 -84.14 63.14 19.41
C LEU PA 95 -84.18 63.60 20.86
N LEU PA 96 -84.60 62.73 21.78
CA LEU PA 96 -84.74 63.06 23.19
C LEU PA 96 -83.41 63.34 23.89
N VAL PA 97 -82.28 62.98 23.28
CA VAL PA 97 -80.99 63.16 23.96
C VAL PA 97 -80.71 64.63 24.23
N THR PA 98 -81.36 65.53 23.48
CA THR PA 98 -81.20 66.96 23.66
C THR PA 98 -82.41 67.60 24.33
N ARG PA 99 -83.14 66.84 25.15
CA ARG PA 99 -84.29 67.39 25.87
C ARG PA 99 -83.78 68.27 27.01
N LYS PA 100 -84.08 69.57 26.92
CA LYS PA 100 -83.60 70.54 27.88
C LYS PA 100 -84.76 71.10 28.69
N TRP PA 101 -84.41 71.91 29.69
CA TRP PA 101 -85.38 72.60 30.52
C TRP PA 101 -85.51 74.05 30.04
N SER PA 102 -86.74 74.47 29.76
CA SER PA 102 -86.99 75.82 29.29
C SER PA 102 -87.18 76.78 30.45
N GLU QA 38 -88.02 64.80 -48.89
CA GLU QA 38 -87.75 65.43 -50.17
C GLU QA 38 -86.30 65.16 -50.60
N PHE QA 39 -85.47 64.77 -49.64
CA PHE QA 39 -84.06 64.51 -49.93
C PHE QA 39 -83.91 63.30 -50.85
N GLN QA 40 -82.96 63.39 -51.76
CA GLN QA 40 -82.69 62.31 -52.71
C GLN QA 40 -81.19 62.12 -52.84
N SER QA 41 -80.78 60.91 -53.22
CA SER QA 41 -79.37 60.57 -53.38
C SER QA 41 -79.24 59.55 -54.50
N ILE QA 42 -77.99 59.24 -54.87
CA ILE QA 42 -77.75 58.26 -55.91
C ILE QA 42 -78.22 56.88 -55.48
N TYR QA 43 -77.95 56.50 -54.23
CA TYR QA 43 -78.32 55.19 -53.71
C TYR QA 43 -79.77 55.12 -53.26
N SER QA 44 -80.58 56.14 -53.57
CA SER QA 44 -81.98 56.12 -53.17
C SER QA 44 -82.73 55.01 -53.89
N LEU QA 45 -83.89 54.65 -53.35
CA LEU QA 45 -84.68 53.56 -53.91
C LEU QA 45 -85.15 53.89 -55.32
N ASP QA 46 -85.58 55.13 -55.56
CA ASP QA 46 -86.10 55.50 -56.86
C ASP QA 46 -85.03 55.39 -57.94
N LYS QA 47 -83.83 55.89 -57.68
CA LYS QA 47 -82.75 55.81 -58.65
C LYS QA 47 -82.14 54.41 -58.74
N LEU QA 48 -82.25 53.60 -57.69
CA LEU QA 48 -81.79 52.22 -57.77
C LEU QA 48 -82.72 51.36 -58.61
N TYR QA 49 -84.03 51.54 -58.45
CA TYR QA 49 -85.04 50.68 -59.07
C TYR QA 49 -85.99 51.54 -59.88
N PRO QA 50 -85.66 51.87 -61.13
CA PRO QA 50 -86.50 52.79 -61.91
C PRO QA 50 -87.87 52.25 -62.28
N GLU QA 51 -88.10 50.94 -62.17
CA GLU QA 51 -89.38 50.37 -62.57
C GLU QA 51 -90.51 50.90 -61.70
N SER QA 52 -90.30 50.96 -60.39
CA SER QA 52 -91.28 51.47 -59.44
C SER QA 52 -90.78 52.81 -58.91
N ARG QA 53 -91.56 53.87 -59.14
CA ARG QA 53 -91.20 55.21 -58.71
C ARG QA 53 -92.18 55.83 -57.73
N GLY QA 54 -93.48 55.51 -57.84
CA GLY QA 54 -94.44 56.04 -56.91
C GLY QA 54 -94.21 55.56 -55.49
N SER QA 55 -94.53 56.42 -54.53
CA SER QA 55 -94.30 56.09 -53.13
C SER QA 55 -95.39 55.20 -52.55
N ASP QA 56 -96.35 54.75 -53.36
CA ASP QA 56 -97.41 53.86 -52.90
C ASP QA 56 -97.34 52.49 -53.55
N THR QA 57 -96.25 52.18 -54.26
CA THR QA 57 -96.16 50.92 -54.99
C THR QA 57 -95.94 49.72 -54.07
N ALA QA 58 -95.43 49.95 -52.87
CA ALA QA 58 -95.15 48.85 -51.94
C ALA QA 58 -96.37 48.43 -51.14
N TRP QA 59 -97.48 49.15 -51.23
CA TRP QA 59 -98.66 48.87 -50.42
C TRP QA 59 -99.86 48.44 -51.26
N ARG QA 60 -99.66 48.22 -52.56
CA ARG QA 60 -100.74 47.72 -53.40
C ARG QA 60 -101.11 46.29 -53.00
N LEU QA 61 -102.32 45.90 -53.36
CA LEU QA 61 -102.85 44.57 -53.07
C LEU QA 61 -102.96 43.78 -54.36
N PRO QA 62 -102.03 42.89 -54.66
CA PRO QA 62 -102.09 42.09 -55.90
C PRO QA 62 -103.08 40.94 -55.81
N ASP QA 63 -104.37 41.28 -55.90
CA ASP QA 63 -105.42 40.28 -55.84
C ASP QA 63 -105.47 39.40 -57.08
N ASP QA 64 -105.03 39.90 -58.23
CA ASP QA 64 -105.05 39.11 -59.45
C ASP QA 64 -103.93 38.07 -59.49
N ALA QA 65 -102.86 38.26 -58.73
CA ALA QA 65 -101.78 37.27 -58.71
C ALA QA 65 -102.24 35.97 -58.05
N LYS QA 66 -102.98 36.07 -56.95
CA LYS QA 66 -103.51 34.92 -56.24
C LYS QA 66 -105.03 34.96 -56.36
N GLN QA 67 -105.55 34.19 -57.32
CA GLN QA 67 -106.99 34.05 -57.49
C GLN QA 67 -107.50 32.68 -57.05
N ALA QA 68 -106.60 31.79 -56.60
CA ALA QA 68 -107.04 30.50 -56.07
C ALA QA 68 -107.79 30.68 -54.76
N ASN QA 69 -107.27 31.52 -53.86
CA ASN QA 69 -107.91 31.84 -52.58
C ASN QA 69 -108.17 30.58 -51.76
N ASP QA 70 -107.09 29.90 -51.40
CA ASP QA 70 -107.17 28.70 -50.58
C ASP QA 70 -107.35 29.06 -49.11
N ILE QA 71 -107.86 28.09 -48.36
CA ILE QA 71 -108.08 28.22 -46.91
C ILE QA 71 -108.92 29.46 -46.60
N PRO QA 72 -110.22 29.43 -46.85
CA PRO QA 72 -111.07 30.56 -46.44
C PRO QA 72 -111.27 30.57 -44.94
N VAL QA 73 -110.33 31.19 -44.22
CA VAL QA 73 -110.26 31.16 -42.76
C VAL QA 73 -111.56 31.65 -42.14
N ASP QA 74 -112.30 32.51 -42.86
CA ASP QA 74 -113.57 32.99 -42.36
C ASP QA 74 -114.59 31.88 -42.17
N ARG QA 75 -114.41 30.74 -42.85
CA ARG QA 75 -115.31 29.61 -42.72
C ARG QA 75 -114.84 28.59 -41.68
N LEU QA 76 -113.72 28.85 -41.01
CA LEU QA 76 -113.17 27.92 -40.03
C LEU QA 76 -113.43 28.41 -38.62
N THR QA 77 -113.71 27.46 -37.72
CA THR QA 77 -113.93 27.75 -36.31
C THR QA 77 -112.60 27.57 -35.58
N ILE QA 78 -112.06 28.67 -35.05
CA ILE QA 78 -110.76 28.68 -34.39
C ILE QA 78 -110.98 28.82 -32.90
N SER QA 79 -110.31 27.97 -32.12
CA SER QA 79 -110.43 27.99 -30.67
C SER QA 79 -109.05 27.95 -30.04
N TYR QA 80 -108.89 28.72 -28.96
CA TYR QA 80 -107.63 28.80 -28.22
C TYR QA 80 -107.83 28.25 -26.82
N CYS QA 81 -106.90 27.43 -26.37
CA CYS QA 81 -106.86 26.93 -25.00
C CYS QA 81 -105.47 27.20 -24.44
N ARG QA 82 -105.34 28.24 -23.63
CA ARG QA 82 -104.04 28.67 -23.12
C ARG QA 82 -103.79 27.96 -21.79
N SER QA 83 -103.08 26.83 -21.84
CA SER QA 83 -102.74 26.08 -20.64
C SER QA 83 -101.37 26.55 -20.15
N SER QA 84 -101.36 27.25 -19.02
CA SER QA 84 -100.14 27.80 -18.45
C SER QA 84 -99.88 27.19 -17.08
N GLY QA 85 -98.64 27.34 -16.63
CA GLY QA 85 -98.23 26.81 -15.34
C GLY QA 85 -96.80 26.29 -15.32
N LYS QA 93 -96.13 23.22 -18.16
CA LYS QA 93 -95.68 23.87 -19.38
C LYS QA 93 -96.73 24.86 -19.90
N VAL QA 94 -96.26 25.95 -20.49
CA VAL QA 94 -97.12 27.01 -21.01
C VAL QA 94 -97.25 26.82 -22.51
N ASN QA 95 -98.46 26.55 -22.97
CA ASN QA 95 -98.72 26.35 -24.39
C ASN QA 95 -100.15 26.74 -24.71
N SER QA 96 -100.35 27.32 -25.90
CA SER QA 96 -101.66 27.74 -26.38
C SER QA 96 -102.11 26.75 -27.44
N LYS QA 97 -102.90 25.76 -27.02
CA LYS QA 97 -103.44 24.79 -27.96
C LYS QA 97 -104.39 25.50 -28.92
N ALA QA 98 -104.19 25.27 -30.21
CA ALA QA 98 -105.04 25.85 -31.25
C ALA QA 98 -105.83 24.75 -31.93
N GLU QA 99 -107.16 24.90 -31.95
CA GLU QA 99 -108.06 23.90 -32.51
C GLU QA 99 -108.82 24.52 -33.67
N VAL QA 100 -108.74 23.87 -34.83
CA VAL QA 100 -109.41 24.34 -36.05
C VAL QA 100 -110.44 23.29 -36.42
N ARG QA 101 -111.72 23.66 -36.34
CA ARG QA 101 -112.83 22.76 -36.64
C ARG QA 101 -113.62 23.31 -37.81
N PHE QA 102 -113.90 22.46 -38.79
CA PHE QA 102 -114.73 22.89 -39.91
C PHE QA 102 -115.48 21.69 -40.49
N HIS QA 103 -116.70 21.91 -40.92
CA HIS QA 103 -117.53 20.82 -41.44
C HIS QA 103 -117.00 20.36 -42.79
N LEU QA 104 -116.71 19.07 -42.91
CA LEU QA 104 -116.10 18.55 -44.13
C LEU QA 104 -117.11 18.48 -45.28
N ALA QA 105 -118.32 18.01 -45.02
CA ALA QA 105 -119.32 17.88 -46.08
C ALA QA 105 -119.82 19.23 -46.56
N SER QA 106 -119.73 20.27 -45.73
CA SER QA 106 -120.15 21.62 -46.10
C SER QA 106 -119.00 22.45 -46.67
N ALA QA 107 -117.81 21.88 -46.77
CA ALA QA 107 -116.65 22.59 -47.32
C ALA QA 107 -116.76 22.60 -48.84
N ASP QA 108 -117.14 23.73 -49.41
CA ASP QA 108 -117.35 23.85 -50.84
C ASP QA 108 -116.14 24.43 -51.58
N TRP QA 109 -115.04 24.69 -50.88
CA TRP QA 109 -113.83 25.20 -51.51
C TRP QA 109 -112.91 24.08 -51.98
N ILE QA 110 -113.31 22.82 -51.84
CA ILE QA 110 -112.54 21.69 -52.31
C ILE QA 110 -113.44 20.82 -53.18
N ALA QA 111 -112.81 20.03 -54.04
CA ALA QA 111 -113.55 19.15 -54.94
C ALA QA 111 -114.19 18.00 -54.17
N GLU QA 112 -115.23 17.42 -54.78
CA GLU QA 112 -115.93 16.27 -54.21
C GLU QA 112 -115.02 15.06 -54.05
N PRO QA 113 -114.21 14.67 -55.06
CA PRO QA 113 -113.28 13.56 -54.83
C PRO QA 113 -112.27 13.84 -53.73
N VAL QA 114 -111.80 15.07 -53.62
CA VAL QA 114 -110.86 15.43 -52.55
C VAL QA 114 -111.55 15.31 -51.20
N ARG QA 115 -112.80 15.77 -51.11
CA ARG QA 115 -113.56 15.65 -49.86
C ARG QA 115 -113.76 14.19 -49.48
N LEU QA 116 -114.09 13.34 -50.45
CA LEU QA 116 -114.28 11.92 -50.16
C LEU QA 116 -112.97 11.27 -49.72
N LYS QA 117 -111.86 11.63 -50.36
CA LYS QA 117 -110.56 11.09 -49.96
C LYS QA 117 -110.20 11.54 -48.56
N LEU QA 118 -110.47 12.80 -48.21
CA LEU QA 118 -110.25 13.27 -46.86
C LEU QA 118 -111.10 12.49 -45.86
N ALA QA 119 -112.37 12.27 -46.20
CA ALA QA 119 -113.26 11.54 -45.31
C ALA QA 119 -112.83 10.09 -45.11
N VAL QA 120 -112.25 9.46 -46.14
CA VAL QA 120 -111.88 8.05 -46.00
C VAL QA 120 -110.51 7.91 -45.34
N LYS QA 121 -109.63 8.91 -45.53
CA LYS QA 121 -108.29 8.80 -44.97
C LYS QA 121 -108.22 9.31 -43.54
N HIS QA 122 -108.71 10.52 -43.29
CA HIS QA 122 -108.60 11.17 -41.99
C HIS QA 122 -109.88 11.02 -41.16
N LYS QA 123 -110.55 9.88 -41.28
CA LYS QA 123 -111.76 9.64 -40.50
C LYS QA 123 -111.49 9.47 -39.02
N ASN QA 124 -110.23 9.29 -38.63
CA ASN QA 124 -109.89 9.15 -37.21
C ASN QA 124 -110.02 10.45 -36.44
N ARG QA 125 -109.92 11.60 -37.12
CA ARG QA 125 -110.02 12.91 -36.48
C ARG QA 125 -111.31 13.64 -36.83
N ILE QA 126 -112.29 12.96 -37.42
CA ILE QA 126 -113.57 13.56 -37.76
C ILE QA 126 -114.55 13.32 -36.62
N ASN QA 127 -115.17 14.38 -36.13
CA ASN QA 127 -116.16 14.27 -35.07
C ASN QA 127 -117.42 13.60 -35.59
N ARG QA 128 -118.27 13.15 -34.66
CA ARG QA 128 -119.53 12.53 -35.02
C ARG QA 128 -120.45 13.48 -35.78
N SER QA 129 -120.29 14.79 -35.58
CA SER QA 129 -121.08 15.79 -36.30
C SER QA 129 -120.52 16.09 -37.68
N GLY QA 130 -119.45 15.40 -38.09
CA GLY QA 130 -118.84 15.63 -39.37
C GLY QA 130 -117.84 16.77 -39.42
N GLU QA 131 -117.50 17.35 -38.28
CA GLU QA 131 -116.58 18.48 -38.23
C GLU QA 131 -115.15 17.97 -38.12
N LEU QA 132 -114.38 18.10 -39.20
CA LEU QA 132 -112.97 17.76 -39.15
C LEU QA 132 -112.24 18.72 -38.22
N ILE QA 133 -111.38 18.17 -37.37
CA ILE QA 133 -110.71 18.90 -36.31
C ILE QA 133 -109.20 18.70 -36.44
N LEU QA 134 -108.46 19.81 -36.43
CA LEU QA 134 -107.01 19.80 -36.39
C LEU QA 134 -106.54 20.51 -35.13
N THR QA 135 -105.42 20.06 -34.58
CA THR QA 135 -104.92 20.58 -33.31
C THR QA 135 -103.43 20.86 -33.41
N SER QA 136 -103.01 21.98 -32.81
CA SER QA 136 -101.61 22.34 -32.72
C SER QA 136 -101.25 22.66 -31.28
N GLU QA 137 -100.08 22.19 -30.85
CA GLU QA 137 -99.63 22.30 -29.47
C GLU QA 137 -98.18 22.74 -29.33
N CYS QA 138 -97.38 22.70 -30.39
CA CYS QA 138 -95.93 22.83 -30.27
C CYS QA 138 -95.52 24.16 -29.66
N SER QA 139 -95.79 25.25 -30.35
CA SER QA 139 -95.31 26.56 -29.93
C SER QA 139 -96.24 27.17 -28.88
N ARG QA 140 -95.67 28.10 -28.10
CA ARG QA 140 -96.43 28.84 -27.11
C ARG QA 140 -97.26 29.96 -27.70
N TYR QA 141 -97.04 30.30 -28.97
CA TYR QA 141 -97.73 31.41 -29.62
C TYR QA 141 -98.87 30.88 -30.48
N GLN QA 142 -100.05 31.46 -30.32
CA GLN QA 142 -101.20 31.06 -31.12
C GLN QA 142 -100.96 31.34 -32.60
N PHE QA 143 -100.14 32.36 -32.92
CA PHE QA 143 -99.82 32.62 -34.31
C PHE QA 143 -99.10 31.44 -34.94
N ARG QA 144 -98.06 30.93 -34.27
CA ARG QA 144 -97.35 29.76 -34.78
C ARG QA 144 -98.22 28.52 -34.76
N ASN QA 145 -99.11 28.39 -33.75
CA ASN QA 145 -100.02 27.25 -33.71
C ASN QA 145 -100.97 27.24 -34.91
N LEU QA 146 -101.53 28.41 -35.25
CA LEU QA 146 -102.36 28.50 -36.46
C LEU QA 146 -101.54 28.27 -37.72
N ALA QA 147 -100.29 28.74 -37.75
CA ALA QA 147 -99.45 28.44 -38.90
C ALA QA 147 -99.28 26.93 -39.08
N ASP QA 148 -99.05 26.21 -37.97
CA ASP QA 148 -98.93 24.77 -38.03
C ASP QA 148 -100.24 24.11 -38.46
N CYS QA 149 -101.36 24.59 -37.93
CA CYS QA 149 -102.66 24.02 -38.31
C CYS QA 149 -102.93 24.20 -39.80
N LEU QA 150 -102.66 25.41 -40.32
CA LEU QA 150 -102.87 25.66 -41.74
C LEU QA 150 -101.91 24.85 -42.60
N GLN QA 151 -100.66 24.65 -42.15
CA GLN QA 151 -99.75 23.80 -42.90
C GLN QA 151 -100.23 22.36 -42.92
N LYS QA 152 -100.75 21.87 -41.80
CA LYS QA 152 -101.32 20.52 -41.78
C LYS QA 152 -102.49 20.41 -42.73
N LEU QA 153 -103.37 21.41 -42.74
CA LEU QA 153 -104.50 21.39 -43.65
C LEU QA 153 -104.04 21.41 -45.11
N ARG QA 154 -103.01 22.21 -45.41
CA ARG QA 154 -102.47 22.24 -46.77
C ARG QA 154 -101.91 20.88 -47.17
N ASP QA 155 -101.18 20.23 -46.25
CA ASP QA 155 -100.65 18.90 -46.55
C ASP QA 155 -101.77 17.90 -46.79
N MET QA 156 -102.82 17.95 -45.98
CA MET QA 156 -103.95 17.04 -46.17
C MET QA 156 -104.63 17.29 -47.52
N ILE QA 157 -104.83 18.55 -47.88
CA ILE QA 157 -105.44 18.88 -49.17
C ILE QA 157 -104.58 18.39 -50.31
N ALA QA 158 -103.26 18.59 -50.21
CA ALA QA 158 -102.36 18.16 -51.28
C ALA QA 158 -102.36 16.64 -51.43
N GLU QA 159 -102.30 15.92 -50.31
CA GLU QA 159 -102.26 14.45 -50.38
C GLU QA 159 -103.60 13.86 -50.78
N ALA QA 160 -104.71 14.57 -50.55
CA ALA QA 160 -106.01 14.10 -51.00
C ALA QA 160 -106.33 14.52 -52.43
N SER QA 161 -105.64 15.54 -52.96
CA SER QA 161 -105.89 15.99 -54.31
C SER QA 161 -104.93 15.38 -55.33
N GLN QA 162 -103.74 14.99 -54.91
CA GLN QA 162 -102.78 14.39 -55.83
C GLN QA 162 -103.22 12.97 -56.17
N PRO QA 163 -103.51 12.66 -57.43
CA PRO QA 163 -103.93 11.30 -57.78
C PRO QA 163 -102.77 10.32 -57.92
N ALA QA 164 -101.53 10.78 -57.86
CA ALA QA 164 -100.36 9.91 -57.98
C ALA QA 164 -99.95 9.28 -56.66
N LYS QA 165 -100.80 9.35 -55.63
CA LYS QA 165 -100.48 8.77 -54.34
C LYS QA 165 -100.57 7.25 -54.41
N GLU QA 166 -99.47 6.58 -54.07
CA GLU QA 166 -99.42 5.12 -54.07
C GLU QA 166 -99.76 4.52 -52.72
N PRO QA 167 -99.97 5.34 -51.70
CA PRO QA 167 -100.33 4.89 -50.35
C PRO QA 167 -99.29 3.91 -49.80
N SER QA 168 -98.05 4.36 -49.78
CA SER QA 168 -96.96 3.57 -49.23
C SER QA 168 -97.10 3.45 -47.72
N ARG QA 169 -96.79 2.27 -47.19
CA ARG QA 169 -96.90 1.99 -45.77
C ARG QA 169 -95.59 1.41 -45.24
N GLU QA 170 -95.34 1.64 -43.95
CA GLU QA 170 -94.14 1.12 -43.32
C GLU QA 170 -94.25 -0.38 -43.10
N ASP QA 171 -93.15 -0.97 -42.64
CA ASP QA 171 -93.08 -2.41 -42.40
C ASP QA 171 -92.81 -2.77 -40.94
N ALA QA 172 -92.00 -1.98 -40.24
CA ALA QA 172 -91.61 -2.34 -38.88
C ALA QA 172 -92.81 -2.40 -37.94
N GLU QA 173 -93.73 -1.44 -38.06
CA GLU QA 173 -94.90 -1.39 -37.19
C GLU QA 173 -96.09 -2.18 -37.73
N LEU QA 174 -95.99 -2.74 -38.94
CA LEU QA 174 -97.10 -3.44 -39.56
C LEU QA 174 -96.82 -4.92 -39.80
N ARG QA 175 -95.60 -5.39 -39.57
CA ARG QA 175 -95.33 -6.82 -39.68
C ARG QA 175 -96.16 -7.62 -38.69
N ARG QA 176 -96.28 -7.12 -37.45
CA ARG QA 176 -97.10 -7.82 -36.46
C ARG QA 176 -98.56 -7.89 -36.88
N SER QA 177 -99.10 -6.78 -37.41
CA SER QA 177 -100.48 -6.77 -37.87
C SER QA 177 -100.67 -7.73 -39.03
N ARG QA 178 -99.73 -7.76 -39.98
CA ARG QA 178 -99.85 -8.68 -41.11
C ARG QA 178 -99.80 -10.13 -40.65
N ILE QA 179 -98.88 -10.46 -39.73
CA ILE QA 179 -98.76 -11.83 -39.25
C ILE QA 179 -100.02 -12.25 -38.49
N GLU QA 180 -100.54 -11.38 -37.62
CA GLU QA 180 -101.75 -11.73 -36.89
C GLU QA 180 -102.95 -11.83 -37.82
N ASN QA 181 -103.02 -11.00 -38.86
CA ASN QA 181 -104.10 -11.11 -39.84
C ASN QA 181 -104.03 -12.44 -40.58
N MET QA 182 -102.82 -12.83 -41.00
CA MET QA 182 -102.69 -14.11 -41.70
C MET QA 182 -103.05 -15.27 -40.78
N ASN QA 183 -102.60 -15.23 -39.53
CA ASN QA 183 -102.86 -16.33 -38.61
C ASN QA 183 -104.34 -16.41 -38.25
N ARG QA 184 -105.03 -15.29 -38.09
CA ARG QA 184 -106.46 -15.34 -37.84
C ARG QA 184 -107.23 -15.75 -39.10
N GLU QA 185 -106.73 -15.41 -40.28
CA GLU QA 185 -107.34 -15.89 -41.51
C GLU QA 185 -107.22 -17.40 -41.64
N ARG QA 186 -106.08 -17.96 -41.20
CA ARG QA 186 -105.92 -19.42 -41.21
C ARG QA 186 -107.06 -20.10 -40.47
N LEU QA 187 -107.45 -19.56 -39.31
CA LEU QA 187 -108.60 -20.10 -38.59
C LEU QA 187 -109.91 -19.71 -39.26
N ARG QA 188 -109.95 -18.55 -39.91
CA ARG QA 188 -111.12 -18.09 -40.62
C ARG QA 188 -111.48 -18.97 -41.81
N LYS QA 189 -110.53 -19.76 -42.31
CA LYS QA 189 -110.74 -20.56 -43.52
C LYS QA 189 -111.82 -21.63 -43.37
N LYS QA 190 -112.44 -21.74 -42.18
CA LYS QA 190 -113.55 -22.65 -42.02
C LYS QA 190 -114.75 -22.16 -42.82
N ARG QA 191 -115.34 -23.05 -43.62
CA ARG QA 191 -116.42 -22.69 -44.55
C ARG QA 191 -117.63 -23.56 -44.26
N ILE QA 192 -118.50 -23.10 -43.36
CA ILE QA 192 -119.75 -23.78 -43.04
C ILE QA 192 -120.86 -22.75 -43.07
N SER QA 193 -121.96 -23.08 -43.75
CA SER QA 193 -123.11 -22.19 -43.79
C SER QA 193 -123.77 -22.10 -42.42
N SER QA 194 -124.30 -20.92 -42.11
CA SER QA 194 -124.94 -20.67 -40.84
C SER QA 194 -126.00 -19.58 -41.01
N ALA QA 195 -126.65 -19.23 -39.90
CA ALA QA 195 -127.68 -18.19 -39.88
C ALA QA 195 -128.81 -18.49 -40.87
N TYR RA 25 -74.70 87.77 8.85
CA TYR RA 25 -73.91 87.92 7.64
C TYR RA 25 -74.76 87.78 6.39
N ARG RA 26 -74.20 88.20 5.26
CA ARG RA 26 -74.87 88.11 3.96
C ARG RA 26 -74.13 87.11 3.08
N ALA RA 27 -74.90 86.36 2.29
CA ALA RA 27 -74.32 85.34 1.42
C ALA RA 27 -73.53 85.98 0.29
N ARG RA 28 -72.50 85.25 -0.15
CA ARG RA 28 -71.71 85.67 -1.29
C ARG RA 28 -72.51 85.49 -2.58
N PRO RA 29 -72.16 86.21 -3.64
CA PRO RA 29 -72.82 86.02 -4.93
C PRO RA 29 -72.71 84.58 -5.38
N PRO RA 30 -73.83 83.92 -5.69
CA PRO RA 30 -73.80 82.52 -6.08
C PRO RA 30 -72.98 82.32 -7.34
N PRO RA 31 -72.24 81.22 -7.45
CA PRO RA 31 -71.45 80.95 -8.66
C PRO RA 31 -72.37 80.61 -9.83
N ARG RA 32 -72.34 81.44 -10.85
CA ARG RA 32 -73.21 81.29 -12.02
C ARG RA 32 -72.36 81.09 -13.27
N ARG RA 33 -72.80 80.16 -14.12
CA ARG RA 33 -72.10 79.87 -15.36
C ARG RA 33 -72.44 80.93 -16.39
N SER RA 34 -71.42 81.59 -16.94
CA SER RA 34 -71.64 82.61 -17.94
C SER RA 34 -72.06 81.98 -19.28
N GLN RA 35 -73.08 82.56 -19.90
CA GLN RA 35 -73.54 82.10 -21.21
C GLN RA 35 -72.78 82.76 -22.36
N GLU RA 36 -71.95 83.77 -22.07
CA GLU RA 36 -71.20 84.44 -23.11
C GLU RA 36 -70.07 83.54 -23.61
N PRO RA 37 -69.75 83.57 -24.90
CA PRO RA 37 -68.63 82.78 -25.41
C PRO RA 37 -67.31 83.26 -24.84
N ARG RA 38 -66.39 82.32 -24.65
CA ARG RA 38 -65.06 82.60 -24.13
C ARG RA 38 -64.02 82.07 -25.10
N TRP RA 39 -62.96 82.84 -25.31
CA TRP RA 39 -61.89 82.45 -26.21
C TRP RA 39 -60.54 82.61 -25.52
N PRO RA 40 -59.71 81.57 -25.50
CA PRO RA 40 -58.39 81.70 -24.90
C PRO RA 40 -57.47 82.54 -25.76
N ASP RA 41 -56.40 83.03 -25.14
CA ASP RA 41 -55.45 83.89 -25.83
C ASP RA 41 -54.59 83.05 -26.77
N PRO RA 42 -54.59 83.32 -28.08
CA PRO RA 42 -53.70 82.58 -28.99
C PRO RA 42 -52.22 82.80 -28.70
N ASP RA 43 -51.86 83.93 -28.07
CA ASP RA 43 -50.47 84.28 -27.85
C ASP RA 43 -49.93 83.77 -26.51
N ASP RA 44 -50.78 83.21 -25.66
CA ASP RA 44 -50.32 82.72 -24.36
C ASP RA 44 -49.90 81.26 -24.47
N PRO RA 45 -48.62 80.94 -24.24
CA PRO RA 45 -48.20 79.52 -24.31
C PRO RA 45 -48.88 78.62 -23.28
N LEU RA 46 -49.36 79.16 -22.17
CA LEU RA 46 -49.90 78.35 -21.08
C LEU RA 46 -51.30 77.83 -21.35
N THR RA 47 -51.96 78.30 -22.40
CA THR RA 47 -53.30 77.78 -22.68
C THR RA 47 -53.20 76.36 -23.24
N PRO RA 48 -54.15 75.49 -22.91
CA PRO RA 48 -54.10 74.11 -23.43
C PRO RA 48 -54.40 74.07 -24.93
N ARG RA 49 -53.98 72.96 -25.54
CA ARG RA 49 -54.15 72.80 -26.98
C ARG RA 49 -55.59 72.53 -27.37
N TRP RA 50 -56.36 71.85 -26.51
CA TRP RA 50 -57.76 71.58 -26.85
C TRP RA 50 -58.60 72.84 -26.89
N GLN RA 51 -58.16 73.91 -26.21
CA GLN RA 51 -58.84 75.20 -26.29
C GLN RA 51 -58.42 76.00 -27.53
N LEU RA 52 -57.36 75.59 -28.21
CA LEU RA 52 -56.93 76.21 -29.46
C LEU RA 52 -57.28 75.37 -30.68
N SER RA 53 -57.73 74.14 -30.49
CA SER RA 53 -58.07 73.28 -31.62
C SER RA 53 -59.29 73.84 -32.36
N PRO RA 54 -59.37 73.61 -33.67
CA PRO RA 54 -60.53 74.09 -34.43
C PRO RA 54 -61.86 73.50 -33.96
N ARG RA 55 -61.84 72.27 -33.43
CA ARG RA 55 -63.06 71.68 -32.91
C ARG RA 55 -63.61 72.47 -31.75
N TYR RA 56 -62.74 73.14 -30.98
CA TYR RA 56 -63.21 74.03 -29.93
C TYR RA 56 -64.02 75.19 -30.51
N ALA RA 57 -63.53 75.77 -31.61
CA ALA RA 57 -64.28 76.83 -32.27
C ALA RA 57 -65.60 76.31 -32.84
N ALA RA 58 -65.59 75.10 -33.39
CA ALA RA 58 -66.82 74.52 -33.91
C ALA RA 58 -67.85 74.32 -32.80
N LYS RA 59 -67.40 73.82 -31.65
CA LYS RA 59 -68.31 73.65 -30.53
C LYS RA 59 -68.79 74.97 -29.97
N GLN RA 60 -67.93 76.00 -29.99
CA GLN RA 60 -68.37 77.33 -29.58
C GLN RA 60 -69.46 77.85 -30.50
N PHE RA 61 -69.29 77.65 -31.81
CA PHE RA 61 -70.34 78.05 -32.76
C PHE RA 61 -71.62 77.27 -32.52
N ALA RA 62 -71.51 75.96 -32.24
CA ALA RA 62 -72.69 75.17 -31.94
C ALA RA 62 -73.40 75.67 -30.68
N ARG RA 63 -72.63 76.06 -29.66
CA ARG RA 63 -73.23 76.55 -28.42
C ARG RA 63 -73.92 77.89 -28.64
N HIS RA 64 -73.25 78.84 -29.28
CA HIS RA 64 -73.76 80.20 -29.41
C HIS RA 64 -74.05 80.58 -30.86
N GLY RA 65 -73.05 80.47 -31.73
CA GLY RA 65 -73.25 80.82 -33.14
C GLY RA 65 -73.26 82.30 -33.41
N ALA RA 66 -74.26 83.01 -32.89
CA ALA RA 66 -74.38 84.44 -33.15
C ALA RA 66 -73.28 85.22 -32.44
N ALA RA 67 -73.24 85.13 -31.11
CA ALA RA 67 -72.25 85.84 -30.31
C ALA RA 67 -70.88 85.16 -30.32
N SER RA 68 -70.80 83.93 -30.84
CA SER RA 68 -69.51 83.23 -30.86
C SER RA 68 -68.50 83.94 -31.76
N GLY RA 69 -68.95 84.45 -32.90
CA GLY RA 69 -68.05 85.08 -33.84
C GLY RA 69 -67.29 84.12 -34.72
N VAL RA 70 -67.87 82.97 -35.04
CA VAL RA 70 -67.23 81.96 -35.89
C VAL RA 70 -67.89 81.98 -37.25
N ALA RA 71 -67.07 82.07 -38.30
CA ALA RA 71 -67.59 82.02 -39.66
C ALA RA 71 -68.21 80.65 -39.92
N ALA RA 72 -69.47 80.65 -40.37
CA ALA RA 72 -70.18 79.39 -40.58
C ALA RA 72 -69.61 78.59 -41.75
N GLY RA 73 -68.83 79.23 -42.62
CA GLY RA 73 -68.23 78.51 -43.73
C GLY RA 73 -67.05 77.64 -43.36
N SER RA 74 -66.52 77.77 -42.15
CA SER RA 74 -65.40 76.97 -41.70
C SER RA 74 -65.81 75.61 -41.15
N LEU RA 75 -67.10 75.41 -40.87
CA LEU RA 75 -67.55 74.11 -40.38
C LEU RA 75 -67.42 73.01 -41.42
N TRP RA 76 -67.68 73.32 -42.67
CA TRP RA 76 -67.55 72.34 -43.73
C TRP RA 76 -66.08 72.16 -44.11
N PRO RA 77 -65.70 70.97 -44.58
CA PRO RA 77 -64.30 70.74 -44.95
C PRO RA 77 -63.87 71.60 -46.12
N SER RA 78 -62.59 71.93 -46.15
CA SER RA 78 -62.01 72.71 -47.24
C SER RA 78 -61.90 71.82 -48.48
N GLN RA 79 -61.31 72.35 -49.55
CA GLN RA 79 -61.21 71.59 -50.80
C GLN RA 79 -60.27 70.39 -50.64
N GLU RA 80 -59.10 70.61 -50.06
CA GLU RA 80 -58.15 69.49 -49.88
C GLU RA 80 -58.70 68.45 -48.91
N GLN RA 81 -59.35 68.89 -47.83
CA GLN RA 81 -59.96 67.95 -46.90
C GLN RA 81 -61.07 67.16 -47.57
N LEU RA 82 -61.88 67.83 -48.39
CA LEU RA 82 -62.94 67.14 -49.12
C LEU RA 82 -62.36 66.10 -50.08
N ARG RA 83 -61.27 66.45 -50.77
CA ARG RA 83 -60.63 65.48 -51.65
C ARG RA 83 -60.10 64.28 -50.86
N GLU RA 84 -59.48 64.54 -49.70
CA GLU RA 84 -58.98 63.44 -48.88
C GLU RA 84 -60.10 62.54 -48.39
N LEU RA 85 -61.21 63.13 -47.93
CA LEU RA 85 -62.35 62.34 -47.48
C LEU RA 85 -62.95 61.54 -48.63
N GLU RA 86 -63.06 62.14 -49.81
CA GLU RA 86 -63.59 61.41 -50.96
C GLU RA 86 -62.69 60.23 -51.33
N ALA RA 87 -61.37 60.45 -51.31
CA ALA RA 87 -60.43 59.37 -51.60
C ALA RA 87 -60.55 58.24 -50.58
N GLU RA 88 -60.62 58.60 -49.29
CA GLU RA 88 -60.78 57.58 -48.26
C GLU RA 88 -62.08 56.81 -48.44
N GLU RA 89 -63.16 57.51 -48.77
CA GLU RA 89 -64.44 56.86 -48.95
C GLU RA 89 -64.41 55.90 -50.14
N ARG RA 90 -63.84 56.31 -51.27
CA ARG RA 90 -63.81 55.42 -52.42
C ARG RA 90 -62.87 54.24 -52.20
N GLU RA 91 -61.80 54.43 -51.42
CA GLU RA 91 -60.89 53.32 -51.15
C GLU RA 91 -61.48 52.31 -50.17
N TRP RA 92 -62.13 52.78 -49.11
CA TRP RA 92 -62.56 51.89 -48.03
C TRP RA 92 -64.07 51.62 -48.04
N TYR RA 93 -64.78 52.03 -49.08
CA TYR RA 93 -66.21 51.79 -49.18
C TYR RA 93 -66.58 51.59 -50.65
N PRO RA 94 -66.64 50.35 -51.11
CA PRO RA 94 -66.97 50.10 -52.52
C PRO RA 94 -68.43 50.40 -52.80
N SER RA 95 -68.74 50.46 -54.09
CA SER RA 95 -70.11 50.73 -54.52
C SER RA 95 -71.02 49.55 -54.20
N LEU RA 96 -72.32 49.84 -54.10
CA LEU RA 96 -73.29 48.79 -53.81
C LEU RA 96 -73.31 47.75 -54.92
N ALA RA 97 -73.25 48.20 -56.18
CA ALA RA 97 -73.22 47.27 -57.30
C ALA RA 97 -71.98 46.39 -57.25
N ALA RA 98 -70.82 46.99 -56.93
CA ALA RA 98 -69.58 46.22 -56.84
C ALA RA 98 -69.66 45.18 -55.72
N MET RA 99 -70.19 45.56 -54.56
CA MET RA 99 -70.31 44.61 -53.46
C MET RA 99 -71.29 43.50 -53.80
N GLN RA 100 -72.39 43.84 -54.47
CA GLN RA 100 -73.35 42.81 -54.88
C GLN RA 100 -72.73 41.85 -55.89
N GLU RA 101 -71.93 42.37 -56.82
CA GLU RA 101 -71.25 41.51 -57.78
C GLU RA 101 -70.23 40.61 -57.08
N SER RA 102 -69.51 41.15 -56.09
CA SER RA 102 -68.57 40.33 -55.34
C SER RA 102 -69.29 39.21 -54.60
N LEU RA 103 -70.43 39.53 -53.98
CA LEU RA 103 -71.22 38.51 -53.30
C LEU RA 103 -71.73 37.46 -54.28
N ARG RA 104 -72.15 37.89 -55.46
CA ARG RA 104 -72.59 36.94 -56.48
C ARG RA 104 -71.46 36.02 -56.91
N VAL RA 105 -70.25 36.57 -57.08
CA VAL RA 105 -69.11 35.75 -57.46
C VAL RA 105 -68.78 34.75 -56.35
N GLN RA 106 -68.84 35.19 -55.10
CA GLN RA 106 -68.59 34.27 -53.98
C GLN RA 106 -69.62 33.16 -53.93
N GLN RA 107 -70.89 33.50 -54.16
CA GLN RA 107 -71.94 32.48 -54.16
C GLN RA 107 -71.74 31.51 -55.32
N LEU RA 108 -71.34 32.02 -56.48
CA LEU RA 108 -71.03 31.15 -57.62
C LEU RA 108 -69.89 30.20 -57.26
N ALA RA 109 -68.86 30.72 -56.59
CA ALA RA 109 -67.73 29.87 -56.20
C ALA RA 109 -68.17 28.77 -55.24
N GLU RA 110 -68.98 29.12 -54.24
CA GLU RA 110 -69.38 28.11 -53.26
C GLU RA 110 -70.31 27.07 -53.88
N GLU RA 111 -71.23 27.49 -54.76
CA GLU RA 111 -72.09 26.52 -55.41
C GLU RA 111 -71.30 25.63 -56.37
N GLN RA 112 -70.29 26.20 -57.03
CA GLN RA 112 -69.41 25.40 -57.88
C GLN RA 112 -68.65 24.36 -57.06
N LYS RA 113 -68.15 24.76 -55.90
CA LYS RA 113 -67.46 23.81 -55.03
C LYS RA 113 -68.40 22.69 -54.58
N ARG RA 114 -69.63 23.05 -54.21
CA ARG RA 114 -70.60 22.03 -53.80
C ARG RA 114 -70.91 21.06 -54.93
N GLN RA 115 -71.12 21.59 -56.14
CA GLN RA 115 -71.42 20.73 -57.28
C GLN RA 115 -70.23 19.83 -57.61
N ALA RA 116 -69.01 20.36 -57.54
CA ALA RA 116 -67.83 19.54 -57.80
C ALA RA 116 -67.70 18.43 -56.77
N ARG RA 117 -67.93 18.75 -55.49
CA ARG RA 117 -67.89 17.72 -54.45
C ARG RA 117 -68.93 16.63 -54.69
N GLU RA 118 -70.16 17.04 -55.03
CA GLU RA 118 -71.21 16.05 -55.28
C GLU RA 118 -70.89 15.20 -56.50
N GLN RA 119 -70.36 15.82 -57.56
CA GLN RA 119 -70.00 15.07 -58.76
C GLN RA 119 -68.90 14.06 -58.46
N LEU RA 120 -67.88 14.45 -57.70
CA LEU RA 120 -66.81 13.52 -57.36
C LEU RA 120 -67.34 12.38 -56.48
N ILE RA 121 -68.22 12.70 -55.54
CA ILE RA 121 -68.80 11.66 -54.69
C ILE RA 121 -69.59 10.66 -55.53
N GLU RA 122 -70.42 11.17 -56.45
CA GLU RA 122 -71.20 10.28 -57.30
C GLU RA 122 -70.31 9.43 -58.19
N GLU RA 123 -69.26 10.04 -58.78
CA GLU RA 123 -68.36 9.28 -59.64
C GLU RA 123 -67.62 8.20 -58.88
N CYS RA 124 -67.16 8.49 -57.66
CA CYS RA 124 -66.47 7.47 -56.87
C CYS RA 124 -67.42 6.41 -56.33
N MET RA 125 -68.67 6.74 -56.07
CA MET RA 125 -69.66 5.76 -55.63
C MET RA 125 -70.16 4.88 -56.75
N ALA RA 126 -70.16 5.36 -57.99
CA ALA RA 126 -70.60 4.55 -59.12
C ALA RA 126 -69.71 3.35 -59.36
N LYS RA 127 -68.42 3.43 -58.99
CA LYS RA 127 -67.49 2.33 -59.16
C LYS RA 127 -67.24 1.56 -57.87
N MET RA 128 -67.97 1.90 -56.80
CA MET RA 128 -67.67 1.29 -55.50
C MET RA 128 -67.96 -0.20 -55.46
N PRO RA 129 -69.11 -0.70 -55.96
CA PRO RA 129 -69.26 -2.17 -56.02
C PRO RA 129 -68.15 -2.86 -56.77
N GLN RA 130 -67.71 -2.29 -57.90
CA GLN RA 130 -66.63 -2.90 -58.65
C GLN RA 130 -65.33 -2.91 -57.87
N MET RA 131 -65.03 -1.81 -57.17
CA MET RA 131 -63.80 -1.74 -56.40
C MET RA 131 -63.80 -2.73 -55.24
N ILE RA 132 -64.93 -2.84 -54.54
CA ILE RA 132 -64.97 -3.78 -53.41
C ILE RA 132 -64.93 -5.22 -53.90
N GLU RA 133 -65.59 -5.52 -55.03
CA GLU RA 133 -65.48 -6.87 -55.59
C GLU RA 133 -64.06 -7.18 -56.02
N ASN RA 134 -63.37 -6.21 -56.64
CA ASN RA 134 -62.00 -6.43 -57.04
C ASN RA 134 -61.10 -6.67 -55.82
N TRP RA 135 -61.29 -5.90 -54.77
CA TRP RA 135 -60.50 -6.09 -53.55
C TRP RA 135 -60.76 -7.46 -52.93
N ARG RA 136 -62.04 -7.87 -52.88
CA ARG RA 136 -62.36 -9.18 -52.32
C ARG RA 136 -61.73 -10.30 -53.14
N GLN RA 137 -61.81 -10.20 -54.47
CA GLN RA 137 -61.21 -11.22 -55.32
C GLN RA 137 -59.69 -11.25 -55.18
N GLN RA 138 -59.08 -10.07 -55.05
CA GLN RA 138 -57.62 -10.02 -54.87
C GLN RA 138 -57.22 -10.67 -53.55
N GLN RA 139 -57.95 -10.38 -52.47
CA GLN RA 139 -57.65 -11.02 -51.18
C GLN RA 139 -57.85 -12.52 -51.25
N GLN RA 140 -58.92 -12.97 -51.91
CA GLN RA 140 -59.16 -14.40 -52.06
C GLN RA 140 -58.03 -15.06 -52.86
N GLU RA 141 -57.57 -14.39 -53.92
CA GLU RA 141 -56.47 -14.92 -54.72
C GLU RA 141 -55.19 -15.01 -53.91
N ARG RA 142 -54.90 -13.99 -53.09
CA ARG RA 142 -53.71 -14.04 -52.26
C ARG RA 142 -53.78 -15.17 -51.25
N ARG RA 143 -54.93 -15.34 -50.60
CA ARG RA 143 -55.09 -16.43 -49.64
C ARG RA 143 -54.96 -17.78 -50.32
N GLU RA 144 -55.56 -17.94 -51.50
CA GLU RA 144 -55.46 -19.19 -52.24
C GLU RA 144 -54.03 -19.47 -52.67
N LYS RA 145 -53.30 -18.44 -53.08
CA LYS RA 145 -51.90 -18.63 -53.47
C LYS RA 145 -51.06 -19.07 -52.27
N GLU RA 146 -51.26 -18.44 -51.12
CA GLU RA 146 -50.52 -18.84 -49.92
C GLU RA 146 -50.86 -20.27 -49.52
N GLN RA 147 -52.15 -20.63 -49.56
CA GLN RA 147 -52.55 -21.99 -49.21
C GLN RA 147 -51.97 -23.01 -50.18
N ALA RA 148 -51.98 -22.69 -51.48
CA ALA RA 148 -51.41 -23.61 -52.48
C ALA RA 148 -49.91 -23.76 -52.30
N ASP RA 149 -49.20 -22.67 -51.99
CA ASP RA 149 -47.77 -22.77 -51.72
C ASP RA 149 -47.50 -23.65 -50.51
N LYS RA 150 -48.27 -23.47 -49.44
CA LYS RA 150 -48.09 -24.31 -48.26
C LYS RA 150 -48.40 -25.77 -48.56
N ASP RA 151 -49.46 -26.02 -49.33
CA ASP RA 151 -49.81 -27.40 -49.69
C ASP RA 151 -48.72 -28.04 -50.53
N ARG RA 152 -48.16 -27.30 -51.49
CA ARG RA 152 -47.07 -27.84 -52.30
C ARG RA 152 -45.83 -28.12 -51.45
N ARG RA 153 -45.51 -27.22 -50.53
CA ARG RA 153 -44.38 -27.45 -49.64
C ARG RA 153 -44.59 -28.70 -48.78
N ALA RA 154 -45.80 -28.85 -48.22
CA ALA RA 154 -46.09 -30.02 -47.41
C ALA RA 154 -46.02 -31.30 -48.23
N ARG RA 155 -46.55 -31.27 -49.46
CA ARG RA 155 -46.51 -32.46 -50.31
C ARG RA 155 -45.09 -32.83 -50.71
N LEU RA 156 -44.23 -31.85 -50.99
CA LEU RA 156 -42.86 -32.17 -51.36
C LEU RA 156 -42.05 -32.61 -50.15
N GLN RA 157 -42.36 -32.11 -48.96
CA GLN RA 157 -41.63 -32.50 -47.76
C GLN RA 157 -42.10 -33.83 -47.17
N ALA RA 158 -43.35 -34.24 -47.43
CA ALA RA 158 -43.85 -35.49 -46.90
C ALA RA 158 -43.25 -36.70 -47.60
N GLU RA 159 -42.98 -36.59 -48.90
CA GLU RA 159 -42.43 -37.70 -49.67
C GLU RA 159 -41.00 -38.02 -49.22
N PRO SA 40 47.13 60.13 63.13
CA PRO SA 40 47.57 61.19 64.04
C PRO SA 40 47.18 62.59 63.54
N VAL SA 41 46.94 62.71 62.23
CA VAL SA 41 46.56 63.96 61.61
C VAL SA 41 45.19 63.79 60.95
N ALA SA 42 44.37 64.83 61.04
CA ALA SA 42 43.02 64.78 60.48
C ALA SA 42 43.09 64.88 58.95
N ARG SA 43 42.43 63.93 58.28
CA ARG SA 43 42.38 63.90 56.82
C ARG SA 43 40.94 64.20 56.40
N TYR SA 44 40.73 65.40 55.83
CA TYR SA 44 39.39 65.79 55.44
C TYR SA 44 39.23 65.78 53.93
N PRO SA 45 38.11 65.26 53.42
CA PRO SA 45 37.87 65.30 51.98
C PRO SA 45 37.60 66.72 51.53
N PRO SA 46 37.85 67.02 50.25
CA PRO SA 46 37.62 68.38 49.76
C PRO SA 46 36.15 68.75 49.81
N ILE SA 47 35.90 70.05 49.95
CA ILE SA 47 34.54 70.56 50.11
C ILE SA 47 33.95 71.00 48.76
N VAL SA 48 34.53 70.51 47.66
CA VAL SA 48 33.98 70.81 46.34
C VAL SA 48 32.65 70.08 46.17
N ALA SA 49 31.81 70.61 45.29
CA ALA SA 49 30.47 70.08 45.09
C ALA SA 49 30.53 68.69 44.46
N SER SA 50 29.35 68.10 44.28
CA SER SA 50 29.22 66.78 43.69
C SER SA 50 29.35 66.86 42.17
N LEU SA 51 29.52 65.69 41.55
CA LEU SA 51 29.69 65.60 40.10
C LEU SA 51 28.43 65.17 39.37
N THR SA 52 27.64 64.26 39.94
CA THR SA 52 26.47 63.71 39.29
C THR SA 52 25.17 64.37 39.75
N ALA SA 53 25.25 65.45 40.51
CA ALA SA 53 24.06 66.13 41.01
C ALA SA 53 23.47 67.05 39.95
N LYS SA 54 22.24 67.49 40.20
CA LYS SA 54 21.52 68.39 39.31
C LYS SA 54 21.78 69.86 39.62
N SER SA 55 22.48 70.15 40.71
CA SER SA 55 22.64 71.53 41.16
C SER SA 55 23.55 72.32 40.22
N LYS SA 56 23.41 73.65 40.27
CA LYS SA 56 24.27 74.52 39.48
C LYS SA 56 25.73 74.38 39.87
N ALA SA 57 26.01 74.09 41.15
CA ALA SA 57 27.38 73.81 41.55
C ALA SA 57 27.92 72.57 40.87
N ALA SA 58 27.10 71.52 40.75
CA ALA SA 58 27.53 70.33 40.03
C ALA SA 58 27.73 70.62 38.55
N ARG SA 59 26.86 71.45 37.97
CA ARG SA 59 27.04 71.83 36.57
C ARG SA 59 28.35 72.58 36.37
N GLN SA 60 28.66 73.51 37.29
CA GLN SA 60 29.92 74.23 37.20
C GLN SA 60 31.11 73.30 37.38
N ARG SA 61 30.99 72.31 38.26
CA ARG SA 61 32.07 71.34 38.43
C ARG SA 61 32.30 70.52 37.16
N ARG SA 62 31.21 70.12 36.49
CA ARG SA 62 31.37 69.42 35.21
C ARG SA 62 31.98 70.32 34.14
N VAL SA 63 31.61 71.60 34.15
CA VAL SA 63 32.22 72.56 33.23
C VAL SA 63 33.71 72.66 33.48
N GLU SA 64 34.09 72.75 34.76
CA GLU SA 64 35.51 72.76 35.11
C GLU SA 64 36.20 71.46 34.70
N GLN SA 65 35.47 70.34 34.77
CA GLN SA 65 36.05 69.06 34.37
C GLN SA 65 36.39 69.04 32.89
N TRP SA 66 35.44 69.48 32.03
CA TRP SA 66 35.74 69.47 30.61
C TRP SA 66 36.76 70.55 30.24
N GLN SA 67 36.78 71.67 30.96
CA GLN SA 67 37.82 72.66 30.73
C GLN SA 67 39.20 72.11 31.13
N ALA SA 68 39.26 71.34 32.21
CA ALA SA 68 40.51 70.69 32.59
C ALA SA 68 40.93 69.64 31.56
N THR SA 69 39.95 68.95 30.95
CA THR SA 69 40.28 68.06 29.85
C THR SA 69 40.90 68.81 28.69
N VAL SA 70 40.34 69.99 28.37
CA VAL SA 70 40.92 70.82 27.33
C VAL SA 70 42.33 71.24 27.69
N HIS SA 71 42.55 71.62 28.96
CA HIS SA 71 43.88 72.01 29.41
C HIS SA 71 44.86 70.85 29.27
N ALA SA 72 44.45 69.65 29.65
CA ALA SA 72 45.30 68.47 29.57
C ALA SA 72 45.48 67.96 28.15
N ALA SA 73 44.67 68.42 27.20
CA ALA SA 73 44.87 68.06 25.80
C ALA SA 73 46.25 68.53 25.33
N LYS SA 74 46.91 67.67 24.56
CA LYS SA 74 48.29 67.93 24.16
C LYS SA 74 48.41 68.85 22.96
N SER SA 75 47.81 68.49 21.84
CA SER SA 75 47.96 69.25 20.62
C SER SA 75 46.90 70.34 20.50
N VAL SA 76 47.27 71.44 19.84
CA VAL SA 76 46.32 72.52 19.60
C VAL SA 76 45.17 72.05 18.73
N ASP SA 77 45.42 71.08 17.85
CA ASP SA 77 44.34 70.53 17.03
C ASP SA 77 43.30 69.83 17.91
N GLU SA 78 43.74 69.01 18.86
CA GLU SA 78 42.79 68.39 19.78
C GLU SA 78 42.10 69.43 20.65
N LYS SA 79 42.84 70.46 21.08
CA LYS SA 79 42.22 71.52 21.87
C LYS SA 79 41.09 72.20 21.11
N LEU SA 80 41.35 72.55 19.85
CA LEU SA 80 40.33 73.19 19.03
C LEU SA 80 39.15 72.24 18.77
N ARG SA 81 39.44 70.96 18.54
CA ARG SA 81 38.37 70.00 18.31
C ARG SA 81 37.45 69.90 19.53
N ILE SA 82 38.04 69.82 20.72
CA ILE SA 82 37.23 69.72 21.93
C ILE SA 82 36.48 71.02 22.18
N LEU SA 83 37.11 72.17 21.90
CA LEU SA 83 36.45 73.45 22.14
C LEU SA 83 35.29 73.70 21.19
N THR SA 84 35.39 73.23 19.94
CA THR SA 84 34.38 73.52 18.94
C THR SA 84 33.58 72.29 18.50
N LYS SA 85 33.63 71.20 19.25
CA LYS SA 85 32.86 70.02 18.88
C LYS SA 85 31.38 70.15 19.23
N MET SA 86 31.00 71.14 20.04
CA MET SA 86 29.60 71.40 20.32
C MET SA 86 29.03 72.37 19.30
N GLN SA 87 27.78 72.12 18.90
CA GLN SA 87 27.12 72.84 17.81
C GLN SA 87 25.86 73.54 18.30
N PHE SA 88 25.94 74.22 19.44
CA PHE SA 88 24.79 74.92 19.97
C PHE SA 88 24.48 76.16 19.13
N MET SA 89 23.36 76.81 19.43
CA MET SA 89 22.93 77.98 18.69
C MET SA 89 23.92 79.13 18.85
N LYS SA 90 24.05 79.94 17.82
CA LYS SA 90 25.02 81.03 17.80
C LYS SA 90 24.55 82.12 16.85
N TYR SA 91 25.08 83.32 17.06
CA TYR SA 91 24.83 84.44 16.16
C TYR SA 91 25.84 84.43 15.04
N VAL SA 92 25.41 84.93 13.87
CA VAL SA 92 26.26 85.05 12.70
C VAL SA 92 26.59 86.53 12.54
N VAL SA 93 27.80 86.91 12.91
CA VAL SA 93 28.23 88.30 12.86
C VAL SA 93 28.88 88.55 11.51
N TYR SA 94 28.32 89.47 10.73
CA TYR SA 94 28.85 89.82 9.42
C TYR SA 94 29.69 91.08 9.52
N PRO SA 95 30.94 91.06 9.05
CA PRO SA 95 31.75 92.28 9.06
C PRO SA 95 31.16 93.37 8.18
N GLN SA 96 30.83 93.03 6.93
CA GLN SA 96 30.19 93.96 6.01
C GLN SA 96 28.69 93.95 6.28
N THR SA 97 28.26 94.80 7.20
CA THR SA 97 26.88 94.82 7.67
C THR SA 97 26.17 96.09 7.22
N PHE SA 98 24.85 95.98 7.09
CA PHE SA 98 24.00 97.09 6.69
C PHE SA 98 23.31 97.77 7.87
N ALA SA 99 23.56 97.31 9.09
CA ALA SA 99 22.96 97.95 10.26
C ALA SA 99 23.50 99.37 10.43
N LEU SA 100 22.67 100.23 11.01
CA LEU SA 100 23.03 101.64 11.13
C LEU SA 100 24.27 101.83 11.99
N ASN SA 101 24.17 101.53 13.27
CA ASN SA 101 25.28 101.67 14.22
C ASN SA 101 25.65 100.27 14.67
N ALA SA 102 26.48 99.59 13.87
CA ALA SA 102 26.91 98.24 14.19
C ALA SA 102 28.30 98.18 14.79
N ASP SA 103 29.11 99.23 14.64
CA ASP SA 103 30.42 99.24 15.25
C ASP SA 103 30.32 99.19 16.77
N ASN SA 104 29.37 99.94 17.34
CA ASN SA 104 29.18 99.93 18.79
C ASN SA 104 28.69 98.56 19.27
N TRP SA 105 27.78 97.93 18.54
CA TRP SA 105 27.32 96.60 18.91
C TRP SA 105 28.46 95.58 18.83
N TYR SA 106 29.30 95.68 17.80
CA TYR SA 106 30.44 94.78 17.69
C TYR SA 106 31.43 95.02 18.82
N GLN SA 107 31.61 96.28 19.21
CA GLN SA 107 32.45 96.58 20.37
C GLN SA 107 31.88 95.95 21.64
N SER SA 108 30.56 96.01 21.80
CA SER SA 108 29.93 95.37 22.95
C SER SA 108 30.15 93.86 22.92
N PHE SA 109 30.05 93.26 21.75
CA PHE SA 109 30.23 91.81 21.63
C PHE SA 109 31.68 91.40 21.88
N THR SA 110 32.62 92.26 21.50
CA THR SA 110 34.04 91.90 21.51
C THR SA 110 34.79 92.34 22.76
N LYS SA 111 34.24 93.31 23.51
CA LYS SA 111 34.97 94.00 24.57
C LYS SA 111 36.23 94.67 24.00
N THR SA 112 36.00 95.48 22.97
CA THR SA 112 37.06 96.25 22.32
C THR SA 112 36.71 97.73 22.35
N VAL SA 113 37.72 98.56 22.55
CA VAL SA 113 37.56 100.01 22.58
C VAL SA 113 38.18 100.60 21.33
N PHE SA 114 37.49 101.55 20.71
CA PHE SA 114 37.91 102.15 19.45
C PHE SA 114 38.57 103.50 19.72
N LEU SA 115 39.81 103.64 19.24
CA LEU SA 115 40.57 104.88 19.38
C LEU SA 115 40.82 105.46 18.00
N SER SA 116 40.38 106.70 17.79
CA SER SA 116 40.59 107.35 16.51
C SER SA 116 42.06 107.75 16.35
N GLY SA 117 42.56 107.64 15.12
CA GLY SA 117 43.93 107.99 14.82
C GLY SA 117 44.87 106.80 14.89
N LEU SA 118 46.09 107.02 14.42
CA LEU SA 118 47.08 105.98 14.40
C LEU SA 118 47.57 105.66 15.81
N PRO SA 119 48.04 104.45 16.05
CA PRO SA 119 48.68 104.13 17.33
C PRO SA 119 50.00 104.86 17.45
N PRO SA 120 50.54 105.03 18.66
CA PRO SA 120 51.82 105.73 18.81
C PRO SA 120 52.91 105.06 18.00
N THR SA 121 53.64 105.87 17.24
CA THR SA 121 54.63 105.36 16.31
C THR SA 121 55.91 105.00 17.06
N PRO SA 122 56.45 103.79 16.86
CA PRO SA 122 57.76 103.44 17.43
C PRO SA 122 58.90 104.13 16.69
N ALA SA 123 59.21 105.35 17.13
CA ALA SA 123 60.17 106.23 16.47
C ALA SA 123 61.62 105.75 16.59
N LYS SA 124 61.88 104.57 17.14
CA LYS SA 124 63.23 104.02 17.22
C LYS SA 124 63.66 103.34 15.93
N LEU SA 125 62.98 103.63 14.82
CA LEU SA 125 63.27 102.97 13.55
C LEU SA 125 64.57 103.49 12.95
N GLU SA 126 65.19 102.63 12.13
CA GLU SA 126 66.40 102.98 11.40
C GLU SA 126 66.05 103.79 10.14
N PRO SA 127 66.99 104.61 9.65
CA PRO SA 127 66.68 105.43 8.45
C PRO SA 127 66.56 104.60 7.18
N GLU SA 128 65.58 103.70 7.16
CA GLU SA 128 65.31 102.82 6.02
C GLU SA 128 64.51 103.48 4.89
N PRO SA 129 63.40 104.20 5.19
CA PRO SA 129 62.51 104.61 4.08
C PRO SA 129 63.11 105.65 3.15
N THR SA 130 64.01 105.20 2.26
CA THR SA 130 64.54 106.02 1.18
C THR SA 130 64.01 105.56 -0.17
N LEU SA 131 62.80 105.03 -0.20
CA LEU SA 131 62.23 104.42 -1.40
C LEU SA 131 61.89 105.49 -2.44
N ASP SA 132 61.41 105.01 -3.59
CA ASP SA 132 61.08 105.87 -4.72
C ASP SA 132 59.57 106.15 -4.69
N ILE SA 133 59.20 107.31 -4.15
CA ILE SA 133 57.81 107.71 -4.11
C ILE SA 133 57.26 107.87 -5.53
N THR SA 134 58.10 108.37 -6.45
CA THR SA 134 57.66 108.51 -7.83
C THR SA 134 57.38 107.15 -8.46
N ALA SA 135 58.24 106.16 -8.20
CA ALA SA 135 58.00 104.82 -8.74
C ALA SA 135 56.75 104.19 -8.14
N LEU SA 136 56.53 104.36 -6.84
CA LEU SA 136 55.34 103.81 -6.23
C LEU SA 136 54.08 104.47 -6.79
N ARG SA 137 54.11 105.80 -6.97
CA ARG SA 137 52.99 106.49 -7.57
C ARG SA 137 52.76 106.01 -9.00
N GLU SA 138 53.84 105.79 -9.75
CA GLU SA 138 53.71 105.30 -11.12
C GLU SA 138 53.03 103.94 -11.13
N ALA SA 139 53.45 103.04 -10.24
CA ALA SA 139 52.84 101.71 -10.18
C ALA SA 139 51.36 101.79 -9.81
N VAL SA 140 51.02 102.61 -8.81
CA VAL SA 140 49.64 102.71 -8.38
C VAL SA 140 48.78 103.29 -9.51
N CYS SA 141 49.26 104.35 -10.16
CA CYS SA 141 48.52 104.93 -11.27
C CYS SA 141 48.41 103.98 -12.44
N ASP SA 142 49.44 103.18 -12.70
CA ASP SA 142 49.35 102.19 -13.77
C ASP SA 142 48.28 101.15 -13.45
N CYS SA 143 48.21 100.71 -12.20
CA CYS SA 143 47.15 99.78 -11.81
C CYS SA 143 45.77 100.43 -11.99
N LEU SA 144 45.62 101.68 -11.56
CA LEU SA 144 44.36 102.39 -11.73
C LEU SA 144 43.95 102.43 -13.19
N LEU SA 145 44.86 102.90 -14.05
CA LEU SA 145 44.55 103.06 -15.47
C LEU SA 145 44.27 101.71 -16.13
N GLN SA 146 45.00 100.66 -15.74
CA GLN SA 146 44.78 99.36 -16.36
C GLN SA 146 43.41 98.80 -15.98
N GLU SA 147 43.06 98.83 -14.69
CA GLU SA 147 41.76 98.29 -14.29
C GLU SA 147 40.58 99.22 -14.60
N HIS SA 148 40.82 100.47 -14.98
CA HIS SA 148 39.70 101.37 -15.25
C HIS SA 148 39.52 101.70 -16.72
N PHE SA 149 40.59 101.88 -17.47
CA PHE SA 149 40.47 102.31 -18.87
C PHE SA 149 41.23 101.41 -19.84
N PHE SA 150 42.41 100.92 -19.45
CA PHE SA 150 43.24 100.18 -20.39
C PHE SA 150 42.72 98.76 -20.65
N LEU SA 151 42.27 98.07 -19.61
CA LEU SA 151 41.86 96.68 -19.76
C LEU SA 151 40.58 96.59 -20.59
N ARG SA 152 40.68 95.96 -21.76
CA ARG SA 152 39.52 95.76 -22.61
C ARG SA 152 38.86 94.44 -22.22
N ARG SA 153 37.68 94.52 -21.64
CA ARG SA 153 36.91 93.35 -21.25
C ARG SA 153 35.70 93.21 -22.17
N LYS SA 154 34.84 92.24 -21.87
CA LYS SA 154 33.63 92.07 -22.65
C LYS SA 154 32.72 93.28 -22.49
N LYS SA 155 31.93 93.56 -23.53
CA LYS SA 155 31.02 94.69 -23.51
C LYS SA 155 30.01 94.56 -22.38
N ARG SA 156 30.08 95.46 -21.40
CA ARG SA 156 29.19 95.42 -20.25
C ARG SA 156 27.90 96.15 -20.60
N ALA SA 157 26.84 95.39 -20.83
CA ALA SA 157 25.56 95.99 -21.19
C ALA SA 157 25.01 96.95 -20.13
N PRO SA 158 25.02 96.63 -18.83
CA PRO SA 158 24.60 97.64 -17.85
C PRO SA 158 25.57 98.81 -17.84
N VAL SA 159 25.05 100.00 -18.13
CA VAL SA 159 25.86 101.20 -18.26
C VAL SA 159 26.22 101.74 -16.88
N ILE SA 160 25.65 101.13 -15.83
CA ILE SA 160 25.91 101.59 -14.47
C ILE SA 160 27.37 101.41 -14.08
N GLN SA 161 28.08 100.45 -14.69
CA GLN SA 161 29.50 100.23 -14.45
C GLN SA 161 29.78 99.98 -12.96
N ASP SA 162 29.26 98.85 -12.49
CA ASP SA 162 29.43 98.45 -11.10
C ASP SA 162 30.91 98.38 -10.73
N ARG SA 163 31.23 98.88 -9.54
CA ARG SA 163 32.60 99.02 -9.09
C ARG SA 163 33.16 97.75 -8.45
N GLU SA 164 32.36 96.68 -8.40
CA GLU SA 164 32.87 95.40 -7.90
C GLU SA 164 33.95 94.85 -8.83
N ALA SA 165 33.59 94.60 -10.10
CA ALA SA 165 34.52 94.07 -11.07
C ALA SA 165 35.57 95.09 -11.51
N ILE SA 166 35.41 96.35 -11.12
CA ILE SA 166 36.42 97.37 -11.44
C ILE SA 166 37.47 97.46 -10.33
N ALA SA 167 37.05 97.33 -9.07
CA ALA SA 167 37.97 97.51 -7.95
C ALA SA 167 38.58 96.20 -7.44
N SER SA 168 37.87 95.07 -7.58
CA SER SA 168 38.44 93.82 -7.08
C SER SA 168 39.73 93.44 -7.79
N PRO SA 169 39.79 93.36 -9.13
CA PRO SA 169 41.09 93.16 -9.77
C PRO SA 169 42.07 94.27 -9.47
N PHE SA 170 41.57 95.51 -9.34
CA PHE SA 170 42.45 96.61 -8.96
C PHE SA 170 43.06 96.39 -7.59
N LEU SA 171 42.25 95.97 -6.63
CA LEU SA 171 42.79 95.71 -5.29
C LEU SA 171 43.81 94.59 -5.32
N ASP SA 172 43.51 93.51 -6.05
CA ASP SA 172 44.46 92.40 -6.13
C ASP SA 172 45.79 92.85 -6.73
N GLN SA 173 45.73 93.55 -7.86
CA GLN SA 173 46.95 93.98 -8.53
C GLN SA 173 47.71 95.01 -7.70
N LEU SA 174 47.01 95.92 -7.03
CA LEU SA 174 47.67 96.88 -6.17
C LEU SA 174 48.39 96.19 -5.02
N VAL SA 175 47.75 95.21 -4.40
CA VAL SA 175 48.39 94.48 -3.30
C VAL SA 175 49.63 93.76 -3.82
N ALA SA 176 49.50 93.08 -4.96
CA ALA SA 176 50.63 92.33 -5.50
C ALA SA 176 51.78 93.25 -5.86
N SER SA 177 51.50 94.37 -6.53
CA SER SA 177 52.55 95.29 -6.94
C SER SA 177 53.22 95.94 -5.73
N LEU SA 178 52.44 96.34 -4.73
CA LEU SA 178 53.01 96.93 -3.53
C LEU SA 178 53.90 95.92 -2.80
N THR SA 179 53.44 94.68 -2.68
CA THR SA 179 54.26 93.65 -2.03
C THR SA 179 55.55 93.43 -2.78
N GLY SA 180 55.47 93.33 -4.11
CA GLY SA 180 56.68 93.13 -4.89
C GLY SA 180 57.65 94.29 -4.82
N LEU SA 181 57.14 95.52 -4.83
CA LEU SA 181 58.01 96.69 -4.80
C LEU SA 181 58.62 96.91 -3.43
N LEU SA 182 57.86 96.70 -2.36
CA LEU SA 182 58.35 96.94 -1.00
C LEU SA 182 59.03 95.74 -0.39
N SER SA 183 59.02 94.58 -1.08
CA SER SA 183 59.75 93.42 -0.57
C SER SA 183 61.26 93.65 -0.58
N VAL SA 184 61.75 94.56 -1.43
CA VAL SA 184 63.17 94.88 -1.41
C VAL SA 184 63.57 95.51 -0.08
N HIS SA 185 62.76 96.44 0.42
CA HIS SA 185 63.03 97.06 1.72
C HIS SA 185 62.69 96.11 2.86
N ASN SA 186 61.62 95.33 2.71
CA ASN SA 186 61.17 94.44 3.78
C ASN SA 186 61.35 92.99 3.34
N PRO SA 187 62.38 92.29 3.83
CA PRO SA 187 62.58 90.89 3.44
C PRO SA 187 61.46 89.96 3.90
N VAL SA 188 60.67 90.35 4.88
CA VAL SA 188 59.60 89.47 5.37
C VAL SA 188 58.51 89.29 4.31
N LEU SA 189 58.22 90.33 3.52
CA LEU SA 189 57.20 90.22 2.50
C LEU SA 189 57.55 89.19 1.43
N ALA SA 190 58.84 89.00 1.14
CA ALA SA 190 59.24 87.97 0.18
C ALA SA 190 58.90 86.58 0.68
N ALA SA 191 59.14 86.32 1.97
CA ALA SA 191 58.82 85.02 2.56
C ALA SA 191 57.35 84.89 2.94
N ALA SA 192 56.59 85.98 2.89
CA ALA SA 192 55.18 85.94 3.24
C ALA SA 192 54.38 85.22 2.16
N ALA SA 193 53.18 84.78 2.55
CA ALA SA 193 52.23 84.14 1.65
C ALA SA 193 51.01 85.04 1.47
N LEU SA 194 50.54 85.11 0.23
CA LEU SA 194 49.42 85.97 -0.13
C LEU SA 194 48.18 85.12 -0.36
N ASP SA 195 47.16 85.33 0.45
CA ASP SA 195 45.88 84.65 0.30
C ASP SA 195 44.91 85.54 -0.47
N CYS SA 196 44.32 84.98 -1.52
CA CYS SA 196 43.41 85.69 -2.40
C CYS SA 196 42.00 85.16 -2.19
N LYS SA 197 41.16 85.96 -1.51
CA LYS SA 197 39.77 85.61 -1.24
C LYS SA 197 39.67 84.27 -0.52
N ARG SA 198 40.35 84.17 0.61
CA ARG SA 198 40.35 82.98 1.43
C ARG SA 198 39.67 83.28 2.76
N PRO SA 199 38.72 82.45 3.20
CA PRO SA 199 37.92 82.82 4.37
C PRO SA 199 38.71 82.79 5.66
N VAL SA 200 38.21 83.53 6.65
CA VAL SA 200 38.71 83.50 8.02
C VAL SA 200 37.50 83.28 8.93
N HIS SA 201 37.56 82.22 9.73
CA HIS SA 201 36.46 81.85 10.60
C HIS SA 201 36.88 81.93 12.05
N PHE SA 202 35.96 82.42 12.89
CA PHE SA 202 36.19 82.51 14.32
C PHE SA 202 34.88 82.29 15.06
N PHE SA 203 34.97 81.69 16.24
CA PHE SA 203 33.80 81.38 17.05
C PHE SA 203 34.16 81.61 18.51
N TRP SA 204 33.36 82.40 19.22
CA TRP SA 204 33.66 82.73 20.60
C TRP SA 204 32.37 82.85 21.40
N LEU SA 205 32.51 83.06 22.70
CA LEU SA 205 31.40 83.22 23.62
C LEU SA 205 31.50 84.56 24.32
N ARG SA 206 30.34 85.11 24.69
CA ARG SA 206 30.31 86.43 25.33
C ARG SA 206 29.06 86.54 26.18
N GLY SA 207 29.23 86.54 27.50
CA GLY SA 207 28.13 86.81 28.41
C GLY SA 207 27.16 85.64 28.52
N GLU SA 208 26.10 85.88 29.29
CA GLU SA 208 25.05 84.91 29.54
C GLU SA 208 23.71 85.47 29.06
N GLU SA 209 22.72 84.58 29.00
CA GLU SA 209 21.38 84.96 28.59
C GLU SA 209 20.40 83.90 29.06
N ILE SA 210 19.39 84.32 29.80
CA ILE SA 210 18.32 83.42 30.23
C ILE SA 210 17.43 83.11 29.04
N ILE SA 211 17.17 81.83 28.81
CA ILE SA 211 16.38 81.40 27.66
C ILE SA 211 14.93 81.84 27.87
N PRO SA 212 14.38 82.68 26.99
CA PRO SA 212 13.04 83.21 27.21
C PRO SA 212 11.92 82.26 26.81
N ARG SA 213 12.13 81.48 25.75
CA ARG SA 213 11.08 80.66 25.17
C ARG SA 213 11.57 79.23 24.97
N GLY SA 214 10.62 78.29 25.02
CA GLY SA 214 10.92 76.89 24.85
C GLY SA 214 10.86 76.14 26.16
N HIS SA 215 11.07 74.82 26.06
CA HIS SA 215 11.08 73.98 27.25
C HIS SA 215 12.29 74.20 28.13
N ARG SA 216 13.31 74.92 27.63
CA ARG SA 216 14.48 75.28 28.40
C ARG SA 216 14.36 76.68 29.01
N LYS SA 217 13.14 77.17 29.16
CA LYS SA 217 12.92 78.50 29.71
C LYS SA 217 13.35 78.56 31.18
N GLY SA 218 13.97 79.67 31.56
CA GLY SA 218 14.42 79.88 32.92
C GLY SA 218 15.83 79.41 33.20
N ARG SA 219 16.49 78.79 32.23
CA ARG SA 219 17.86 78.30 32.40
C ARG SA 219 18.84 79.23 31.71
N VAL SA 220 20.08 79.19 32.17
CA VAL SA 220 21.12 80.10 31.69
C VAL SA 220 21.82 79.47 30.50
N ASP SA 221 21.93 80.24 29.41
CA ASP SA 221 22.63 79.81 28.21
C ASP SA 221 23.60 80.90 27.80
N ALA SA 222 24.83 80.49 27.46
CA ALA SA 222 25.85 81.45 27.06
C ALA SA 222 25.65 81.89 25.62
N LEU SA 223 25.85 83.18 25.37
CA LEU SA 223 25.72 83.72 24.02
C LEU SA 223 26.96 83.36 23.21
N ARG SA 224 26.73 82.80 22.02
CA ARG SA 224 27.80 82.38 21.13
C ARG SA 224 27.75 83.22 19.85
N TYR SA 225 28.92 83.65 19.39
CA TYR SA 225 29.03 84.44 18.18
C TYR SA 225 30.03 83.80 17.23
N GLN SA 226 29.78 83.97 15.94
CA GLN SA 226 30.61 83.40 14.89
C GLN SA 226 30.80 84.42 13.77
N ILE SA 227 32.04 84.55 13.30
CA ILE SA 227 32.39 85.45 12.21
C ILE SA 227 33.03 84.62 11.11
N ASN SA 228 32.42 84.63 9.93
CA ASN SA 228 32.96 83.97 8.74
C ASN SA 228 33.21 85.06 7.70
N ASP SA 229 34.38 85.67 7.76
CA ASP SA 229 34.73 86.73 6.84
C ASP SA 229 35.45 86.16 5.62
N LYS SA 230 35.41 86.92 4.52
CA LYS SA 230 36.12 86.56 3.30
C LYS SA 230 36.97 87.75 2.89
N PRO SA 231 38.12 87.93 3.51
CA PRO SA 231 39.00 89.05 3.15
C PRO SA 231 39.47 88.95 1.71
N HIS SA 232 39.59 90.12 1.07
CA HIS SA 232 40.02 90.15 -0.33
C HIS SA 232 41.46 89.68 -0.47
N ASN SA 233 42.37 90.23 0.35
CA ASN SA 233 43.77 89.85 0.28
C ASN SA 233 44.33 89.75 1.69
N GLN SA 234 45.13 88.72 1.93
CA GLN SA 234 45.73 88.46 3.23
C GLN SA 234 47.22 88.22 3.07
N ILE SA 235 47.99 88.69 4.04
CA ILE SA 235 49.44 88.48 4.07
C ILE SA 235 49.77 87.74 5.35
N ARG SA 236 50.32 86.53 5.21
CA ARG SA 236 50.68 85.71 6.36
C ARG SA 236 52.20 85.53 6.40
N ILE SA 237 52.78 85.67 7.59
CA ILE SA 237 54.22 85.64 7.76
C ILE SA 237 54.62 84.59 8.77
N SER SA 238 55.92 84.46 9.03
CA SER SA 238 56.44 83.42 9.91
C SER SA 238 56.46 83.84 11.38
N ARG SA 239 56.90 85.07 11.66
CA ARG SA 239 57.03 85.56 13.02
C ARG SA 239 56.06 86.70 13.27
N GLN SA 240 55.52 86.75 14.48
CA GLN SA 240 54.50 87.73 14.82
C GLN SA 240 55.07 89.14 14.84
N LEU SA 241 54.26 90.09 14.39
CA LEU SA 241 54.65 91.49 14.45
C LEU SA 241 54.70 91.97 15.90
N PRO SA 242 55.52 92.97 16.20
CA PRO SA 242 55.60 93.48 17.58
C PRO SA 242 54.33 94.18 18.00
N GLU SA 243 54.14 94.24 19.32
CA GLU SA 243 52.97 94.90 19.88
C GLU SA 243 53.06 96.41 19.68
N PHE SA 244 51.90 97.07 19.84
CA PHE SA 244 51.83 98.52 19.78
C PHE SA 244 51.82 99.17 21.16
N VAL SA 245 51.03 98.63 22.09
CA VAL SA 245 51.04 99.10 23.47
C VAL SA 245 51.18 97.88 24.37
N PRO SA 246 51.67 98.08 25.61
CA PRO SA 246 51.88 96.93 26.50
C PRO SA 246 50.60 96.17 26.79
N LEU SA 247 50.78 94.99 27.41
CA LEU SA 247 49.66 94.11 27.69
C LEU SA 247 48.65 94.76 28.63
N ASP SA 248 49.13 95.39 29.70
CA ASP SA 248 48.27 95.99 30.71
C ASP SA 248 48.01 97.48 30.44
N TYR SA 249 48.04 97.89 29.18
CA TYR SA 249 47.81 99.29 28.84
C TYR SA 249 46.36 99.66 29.12
N SER SA 250 46.16 100.71 29.91
CA SER SA 250 44.83 101.11 30.36
C SER SA 250 44.33 102.30 29.54
N ILE SA 251 43.02 102.34 29.35
CA ILE SA 251 42.38 103.41 28.58
C ILE SA 251 41.22 103.99 29.38
N PRO SA 252 41.11 105.31 29.50
CA PRO SA 252 39.93 105.89 30.18
C PRO SA 252 38.62 105.55 29.50
N ILE SA 253 38.62 105.41 28.18
CA ILE SA 253 37.39 105.09 27.46
C ILE SA 253 37.00 103.64 27.75
N GLU SA 254 35.72 103.44 28.07
CA GLU SA 254 35.20 102.12 28.39
C GLU SA 254 34.44 101.55 27.19
N VAL SA 255 34.33 100.22 27.19
CA VAL SA 255 33.61 99.53 26.11
C VAL SA 255 32.13 99.88 26.19
N PRO SA 256 31.47 100.19 25.08
CA PRO SA 256 30.03 100.46 25.13
C PRO SA 256 29.24 99.20 25.42
N VAL SA 257 28.27 99.30 26.33
CA VAL SA 257 27.46 98.17 26.76
C VAL SA 257 26.02 98.48 26.35
N MET SA 258 25.38 97.52 25.68
CA MET SA 258 24.02 97.70 25.22
C MET SA 258 23.02 97.13 26.22
N SER SA 259 22.03 97.94 26.60
CA SER SA 259 20.93 97.48 27.43
C SER SA 259 19.78 97.00 26.56
N CYS SA 260 20.11 96.11 25.63
CA CYS SA 260 19.15 95.58 24.69
C CYS SA 260 19.68 94.26 24.13
N LYS SA 261 18.76 93.49 23.54
CA LYS SA 261 19.13 92.20 22.96
C LYS SA 261 19.85 92.40 21.62
N PRO SA 262 20.77 91.50 21.28
CA PRO SA 262 21.46 91.60 19.98
C PRO SA 262 20.56 91.39 18.78
N ASP SA 263 19.36 90.84 18.97
CA ASP SA 263 18.47 90.57 17.85
C ASP SA 263 17.96 91.84 17.17
N LYS SA 264 18.11 93.00 17.81
CA LYS SA 264 17.61 94.26 17.28
C LYS SA 264 18.67 95.01 16.47
N LEU SA 265 19.85 94.43 16.29
CA LEU SA 265 20.88 95.08 15.49
C LEU SA 265 20.45 95.32 14.04
N PRO SA 266 19.82 94.35 13.32
CA PRO SA 266 19.38 93.00 13.68
C PRO SA 266 20.43 91.91 13.53
N LEU SA 267 20.39 90.93 14.43
CA LEU SA 267 21.16 89.70 14.31
C LEU SA 267 20.23 88.51 14.51
N PHE SA 268 20.54 87.41 13.84
CA PHE SA 268 19.70 86.22 13.88
C PHE SA 268 20.55 85.01 14.23
N LYS SA 269 19.99 84.14 15.06
CA LYS SA 269 20.69 82.94 15.49
C LYS SA 269 20.64 81.87 14.39
N ARG SA 270 21.73 81.12 14.27
CA ARG SA 270 21.81 80.03 13.33
C ARG SA 270 22.72 78.95 13.92
N GLN SA 271 22.56 77.72 13.42
CA GLN SA 271 23.30 76.57 13.93
C GLN SA 271 23.98 75.87 12.75
N TYR SA 272 25.31 75.90 12.73
CA TYR SA 272 26.09 75.18 11.74
C TYR SA 272 27.48 74.95 12.32
N GLU SA 273 28.41 74.50 11.48
CA GLU SA 273 29.75 74.17 11.94
C GLU SA 273 30.48 75.43 12.39
N ASN SA 274 30.96 75.42 13.63
CA ASN SA 274 31.68 76.54 14.21
C ASN SA 274 33.18 76.30 14.10
N THR SA 275 33.79 76.89 13.08
CA THR SA 275 35.20 76.68 12.78
C THR SA 275 36.03 77.89 13.18
N ILE SA 276 37.28 77.62 13.54
CA ILE SA 276 38.26 78.65 13.85
C ILE SA 276 39.37 78.53 12.82
N PHE SA 277 39.43 79.48 11.89
CA PHE SA 277 40.27 79.37 10.71
C PHE SA 277 41.04 80.66 10.51
N ILE SA 278 42.35 80.55 10.28
CA ILE SA 278 43.22 81.72 10.14
C ILE SA 278 43.41 82.14 8.69
N GLY SA 279 43.07 81.28 7.74
CA GLY SA 279 43.52 81.38 6.37
C GLY SA 279 44.22 80.13 5.88
N SER SA 280 44.62 79.26 6.79
CA SER SA 280 45.20 77.97 6.46
C SER SA 280 45.00 77.05 7.66
N LYS SA 281 45.30 75.76 7.46
CA LYS SA 281 45.18 74.81 8.54
C LYS SA 281 46.31 75.00 9.55
N THR SA 282 46.17 74.35 10.71
CA THR SA 282 47.14 74.52 11.78
C THR SA 282 48.51 73.98 11.40
N ALA SA 283 48.58 73.02 10.47
CA ALA SA 283 49.86 72.48 10.04
C ALA SA 283 50.67 73.48 9.23
N ASP SA 284 50.08 74.59 8.80
CA ASP SA 284 50.82 75.60 8.07
C ASP SA 284 51.89 76.22 8.96
N PRO SA 285 53.14 76.29 8.50
CA PRO SA 285 54.18 76.93 9.30
C PRO SA 285 53.95 78.41 9.54
N LEU SA 286 53.15 79.08 8.70
CA LEU SA 286 52.87 80.50 8.85
C LEU SA 286 51.64 80.66 9.74
N CYS SA 287 51.87 80.58 11.05
CA CYS SA 287 50.79 80.70 12.02
C CYS SA 287 50.50 82.14 12.40
N TYR SA 288 51.22 83.11 11.83
CA TYR SA 288 50.99 84.52 12.05
C TYR SA 288 50.78 85.21 10.71
N GLY SA 289 50.23 86.43 10.76
CA GLY SA 289 49.96 87.19 9.57
C GLY SA 289 50.41 88.64 9.71
N HIS SA 290 50.31 89.37 8.60
CA HIS SA 290 50.81 90.74 8.53
C HIS SA 290 49.70 91.76 8.33
N THR SA 291 48.90 91.64 7.28
CA THR SA 291 47.90 92.65 6.96
C THR SA 291 46.73 92.02 6.22
N GLN SA 292 45.55 92.61 6.38
CA GLN SA 292 44.35 92.20 5.69
C GLN SA 292 43.88 93.31 4.75
N PHE SA 293 43.19 92.91 3.67
CA PHE SA 293 42.59 93.84 2.73
C PHE SA 293 41.13 93.46 2.53
N HIS SA 294 40.23 94.43 2.71
CA HIS SA 294 38.80 94.19 2.61
C HIS SA 294 38.19 95.17 1.63
N LEU SA 295 37.59 94.66 0.57
CA LEU SA 295 36.92 95.49 -0.42
C LEU SA 295 35.44 95.61 -0.07
N LEU SA 296 34.95 96.85 0.03
CA LEU SA 296 33.55 97.06 0.38
C LEU SA 296 32.64 96.61 -0.76
N PRO SA 297 31.47 96.08 -0.45
CA PRO SA 297 30.53 95.66 -1.50
C PRO SA 297 29.77 96.84 -2.07
N ASP SA 298 29.03 96.57 -3.15
CA ASP SA 298 28.17 97.59 -3.74
C ASP SA 298 27.03 98.00 -2.83
N LYS SA 299 26.67 97.15 -1.85
CA LYS SA 299 25.60 97.47 -0.92
C LYS SA 299 25.96 98.60 0.02
N LEU SA 300 27.25 98.79 0.31
CA LEU SA 300 27.70 99.77 1.29
C LEU SA 300 28.42 100.93 0.61
N LYS SA 301 27.94 101.32 -0.57
CA LYS SA 301 28.51 102.45 -1.28
C LYS SA 301 28.10 103.76 -0.62
N ARG SA 302 28.92 104.78 -0.83
CA ARG SA 302 28.61 106.11 -0.31
C ARG SA 302 27.33 106.66 -0.93
N GLU SA 303 27.17 106.49 -2.24
CA GLU SA 303 25.94 106.94 -2.89
C GLU SA 303 24.74 106.15 -2.40
N LYS SA 304 24.90 104.85 -2.18
CA LYS SA 304 23.82 104.04 -1.66
C LYS SA 304 23.39 104.52 -0.27
N LEU SA 305 24.37 104.81 0.60
CA LEU SA 305 24.04 105.29 1.93
C LEU SA 305 23.39 106.67 1.88
N LEU SA 306 23.87 107.54 0.99
CA LEU SA 306 23.27 108.87 0.86
C LEU SA 306 21.82 108.76 0.38
N LYS SA 307 21.55 107.86 -0.57
CA LYS SA 307 20.18 107.64 -1.00
C LYS SA 307 19.33 107.05 0.11
N GLN SA 308 19.91 106.17 0.94
CA GLN SA 308 19.24 105.68 2.13
C GLN SA 308 19.20 106.70 3.25
N ASN SA 309 19.73 107.90 3.02
CA ASN SA 309 19.76 108.98 4.02
C ASN SA 309 20.63 108.61 5.20
N CYS SA 310 21.85 108.15 4.90
CA CYS SA 310 22.82 107.77 5.93
C CYS SA 310 24.16 108.38 5.55
N ALA SA 311 24.57 109.42 6.28
CA ALA SA 311 25.85 110.08 6.06
C ALA SA 311 26.88 109.77 7.13
N ASP SA 312 26.47 109.71 8.39
CA ASP SA 312 27.38 109.39 9.47
C ASP SA 312 27.74 107.91 9.52
N GLN SA 313 26.96 107.06 8.86
CA GLN SA 313 27.20 105.62 8.91
C GLN SA 313 28.24 105.16 7.91
N ILE SA 314 28.74 106.05 7.05
CA ILE SA 314 29.79 105.67 6.12
C ILE SA 314 31.04 105.23 6.87
N GLU SA 315 31.44 105.99 7.90
CA GLU SA 315 32.57 105.59 8.72
C GLU SA 315 32.22 104.43 9.64
N VAL SA 316 30.96 104.33 10.06
CA VAL SA 316 30.53 103.23 10.93
C VAL SA 316 30.66 101.90 10.20
N VAL SA 317 30.38 101.87 8.90
CA VAL SA 317 30.55 100.64 8.13
C VAL SA 317 32.00 100.17 8.16
N PHE SA 318 32.93 101.10 7.92
CA PHE SA 318 34.35 100.76 7.98
C PHE SA 318 34.74 100.29 9.37
N ARG SA 319 34.25 100.97 10.40
CA ARG SA 319 34.58 100.61 11.78
C ARG SA 319 34.11 99.20 12.09
N ALA SA 320 32.86 98.88 11.73
CA ALA SA 320 32.32 97.56 12.01
C ALA SA 320 33.07 96.49 11.23
N ASN SA 321 33.36 96.75 9.96
CA ASN SA 321 34.10 95.77 9.16
C ASN SA 321 35.46 95.48 9.78
N ALA SA 322 36.20 96.52 10.14
CA ALA SA 322 37.53 96.33 10.72
C ALA SA 322 37.43 95.61 12.07
N ILE SA 323 36.52 96.05 12.92
CA ILE SA 323 36.40 95.47 14.26
C ILE SA 323 36.07 93.99 14.18
N ALA SA 324 35.14 93.60 13.31
CA ALA SA 324 34.82 92.20 13.17
C ALA SA 324 35.99 91.41 12.57
N SER SA 325 36.53 91.87 11.44
CA SER SA 325 37.49 91.08 10.69
C SER SA 325 38.80 90.91 11.47
N LEU SA 326 39.37 92.04 11.94
CA LEU SA 326 40.65 91.96 12.62
C LEU SA 326 40.54 91.18 13.92
N PHE SA 327 39.44 91.34 14.65
CA PHE SA 327 39.26 90.58 15.88
C PHE SA 327 39.16 89.09 15.60
N ALA SA 328 38.39 88.71 14.58
CA ALA SA 328 38.30 87.29 14.23
C ALA SA 328 39.67 86.75 13.84
N TRP SA 329 40.44 87.54 13.10
CA TRP SA 329 41.76 87.11 12.64
C TRP SA 329 42.71 86.91 13.81
N THR SA 330 42.74 87.88 14.75
CA THR SA 330 43.60 87.75 15.92
C THR SA 330 43.15 86.63 16.85
N GLY SA 331 41.84 86.42 16.98
CA GLY SA 331 41.37 85.30 17.78
C GLY SA 331 41.75 83.97 17.18
N ALA SA 332 41.68 83.86 15.85
CA ALA SA 332 42.15 82.65 15.19
C ALA SA 332 43.65 82.44 15.43
N GLN SA 333 44.43 83.53 15.37
CA GLN SA 333 45.86 83.43 15.67
C GLN SA 333 46.09 82.92 17.09
N ALA SA 334 45.38 83.50 18.06
CA ALA SA 334 45.58 83.13 19.45
C ALA SA 334 45.18 81.68 19.71
N MET SA 335 44.04 81.26 19.17
CA MET SA 335 43.59 79.89 19.39
C MET SA 335 44.37 78.87 18.57
N TYR SA 336 45.07 79.30 17.51
CA TYR SA 336 46.04 78.42 16.87
C TYR SA 336 47.31 78.31 17.67
N GLN SA 337 47.72 79.40 18.33
CA GLN SA 337 48.87 79.33 19.23
C GLN SA 337 48.57 78.57 20.51
N GLY SA 338 47.29 78.42 20.87
CA GLY SA 338 46.91 77.59 22.00
C GLY SA 338 46.23 78.33 23.14
N PHE SA 339 45.88 79.60 22.99
CA PHE SA 339 45.24 80.36 24.06
C PHE SA 339 43.73 80.36 23.88
N TRP SA 340 43.02 80.27 24.99
CA TRP SA 340 41.56 80.30 24.99
C TRP SA 340 41.10 80.96 26.28
N SER SA 341 39.82 80.75 26.63
CA SER SA 341 39.21 81.49 27.73
C SER SA 341 39.95 81.28 29.05
N GLU SA 342 40.28 80.02 29.37
CA GLU SA 342 40.98 79.72 30.60
C GLU SA 342 42.49 79.73 30.44
N ALA SA 343 42.99 79.91 29.22
CA ALA SA 343 44.43 79.98 28.95
C ALA SA 343 44.76 81.31 28.29
N ASP SA 344 44.30 82.41 28.91
CA ASP SA 344 44.33 83.75 28.32
C ASP SA 344 45.69 84.11 27.72
N VAL SA 345 45.67 84.98 26.72
CA VAL SA 345 46.83 85.25 25.88
C VAL SA 345 47.92 85.92 26.70
N THR SA 346 49.18 85.52 26.46
CA THR SA 346 50.33 86.05 27.18
C THR SA 346 50.96 87.24 26.48
N ARG SA 347 51.06 87.20 25.14
CA ARG SA 347 51.60 88.33 24.41
C ARG SA 347 50.58 88.85 23.42
N PRO SA 348 50.43 90.17 23.29
CA PRO SA 348 49.36 90.71 22.44
C PRO SA 348 49.53 90.30 20.98
N PHE SA 349 48.39 90.11 20.31
CA PHE SA 349 48.36 89.78 18.88
C PHE SA 349 47.91 91.02 18.12
N VAL SA 350 48.76 91.50 17.22
CA VAL SA 350 48.54 92.77 16.53
C VAL SA 350 48.10 92.49 15.11
N SER SA 351 47.32 93.41 14.54
CA SER SA 351 46.69 93.24 13.25
C SER SA 351 46.58 94.57 12.54
N GLN SA 352 46.78 94.54 11.23
CA GLN SA 352 46.62 95.69 10.37
C GLN SA 352 45.59 95.39 9.30
N GLY SA 353 44.72 96.36 9.01
CA GLY SA 353 43.68 96.16 8.02
C GLY SA 353 43.45 97.36 7.14
N VAL SA 354 43.34 97.14 5.84
CA VAL SA 354 43.06 98.20 4.88
C VAL SA 354 41.71 97.90 4.25
N ILE SA 355 40.74 98.78 4.48
CA ILE SA 355 39.41 98.64 3.89
C ILE SA 355 39.28 99.66 2.76
N THR SA 356 38.96 99.17 1.57
CA THR SA 356 38.95 99.96 0.35
C THR SA 356 37.55 99.99 -0.24
N ASP SA 357 37.05 101.19 -0.52
CA ASP SA 357 35.84 101.36 -1.30
C ASP SA 357 36.26 101.43 -2.78
N GLY SA 358 35.36 101.83 -3.66
CA GLY SA 358 35.75 102.04 -5.05
C GLY SA 358 36.76 103.15 -5.21
N LYS SA 359 36.73 104.16 -4.33
CA LYS SA 359 37.58 105.33 -4.46
C LYS SA 359 38.36 105.62 -3.18
N TYR SA 360 37.75 105.34 -2.03
CA TYR SA 360 38.29 105.75 -0.74
C TYR SA 360 39.04 104.60 -0.07
N PHE SA 361 39.88 104.97 0.90
CA PHE SA 361 40.68 104.02 1.65
C PHE SA 361 40.54 104.32 3.14
N SER SA 362 40.75 103.30 3.96
CA SER SA 362 40.81 103.48 5.41
C SER SA 362 41.70 102.42 6.01
N PHE SA 363 42.37 102.78 7.11
CA PHE SA 363 43.36 101.92 7.75
C PHE SA 363 43.03 101.73 9.21
N PHE SA 364 43.20 100.51 9.70
CA PHE SA 364 42.90 100.18 11.09
C PHE SA 364 44.01 99.30 11.66
N CYS SA 365 44.23 99.45 12.97
CA CYS SA 365 45.13 98.62 13.72
C CYS SA 365 44.39 98.05 14.92
N TYR SA 366 44.49 96.74 15.12
CA TYR SA 366 43.74 96.04 16.16
C TYR SA 366 44.71 95.25 17.01
N GLN SA 367 44.60 95.37 18.33
CA GLN SA 367 45.46 94.65 19.25
C GLN SA 367 44.60 93.81 20.19
N LEU SA 368 44.73 92.49 20.08
CA LEU SA 368 44.03 91.56 20.96
C LEU SA 368 44.94 91.22 22.14
N ASN SA 369 44.47 91.54 23.34
CA ASN SA 369 45.17 91.19 24.58
C ASN SA 369 44.42 90.15 25.40
N THR SA 370 43.12 90.34 25.59
CA THR SA 370 42.30 89.42 26.36
C THR SA 370 41.46 88.55 25.43
N LEU SA 371 41.39 87.25 25.74
CA LEU SA 371 40.54 86.32 25.02
C LEU SA 371 39.47 85.68 25.89
N ALA SA 372 39.50 85.94 27.20
CA ALA SA 372 38.54 85.38 28.14
C ALA SA 372 37.30 86.27 28.15
N LEU SA 373 36.52 86.17 27.08
CA LEU SA 373 35.28 86.94 26.94
C LEU SA 373 34.08 86.23 27.53
N THR SA 374 34.25 85.00 28.02
CA THR SA 374 33.13 84.29 28.63
C THR SA 374 32.79 84.90 29.99
N ALA SA 375 31.57 84.62 30.45
CA ALA SA 375 31.08 85.24 31.67
C ALA SA 375 31.87 84.80 32.90
N GLN SA 376 32.21 83.52 32.99
CA GLN SA 376 32.87 83.02 34.19
C GLN SA 376 34.34 83.43 34.27
N ALA SA 377 34.92 83.93 33.18
CA ALA SA 377 36.31 84.37 33.18
C ALA SA 377 36.46 85.88 33.01
N ASP SA 378 35.39 86.59 32.66
CA ASP SA 378 35.43 88.03 32.49
C ASP SA 378 35.08 88.78 33.77
N GLN SA 379 34.87 88.06 34.88
CA GLN SA 379 34.48 88.69 36.13
C GLN SA 379 35.58 89.61 36.65
N ASN SA 380 36.83 89.15 36.60
CA ASN SA 380 37.98 89.91 37.09
C ASN SA 380 39.01 90.12 35.98
N ASN SA 381 38.53 90.49 34.79
CA ASN SA 381 39.42 90.72 33.66
C ASN SA 381 39.54 92.20 33.40
N PRO SA 382 40.67 92.84 33.71
CA PRO SA 382 40.79 94.29 33.51
C PRO SA 382 41.17 94.68 32.09
N ARG SA 383 41.82 93.77 31.37
CA ARG SA 383 42.32 94.09 30.03
C ARG SA 383 41.17 94.15 29.02
N LYS SA 384 41.34 95.01 28.03
CA LYS SA 384 40.38 95.15 26.94
C LYS SA 384 41.13 95.22 25.61
N ASN SA 385 40.46 94.75 24.55
CA ASN SA 385 41.04 94.84 23.22
C ASN SA 385 40.98 96.28 22.72
N ILE SA 386 41.92 96.64 21.85
CA ILE SA 386 42.05 97.99 21.34
C ILE SA 386 42.00 97.95 19.82
N CYS SA 387 41.23 98.85 19.23
CA CYS SA 387 41.16 99.00 17.78
C CYS SA 387 41.47 100.45 17.42
N TRP SA 388 42.61 100.66 16.76
CA TRP SA 388 42.97 101.99 16.28
C TRP SA 388 42.38 102.18 14.88
N GLY SA 389 41.74 103.32 14.67
CA GLY SA 389 41.06 103.58 13.41
C GLY SA 389 41.44 104.92 12.83
N THR SA 390 41.33 105.01 11.51
CA THR SA 390 41.59 106.23 10.76
C THR SA 390 40.37 106.59 9.92
N GLN SA 391 40.14 107.88 9.75
CA GLN SA 391 39.01 108.33 8.95
C GLN SA 391 39.24 108.03 7.47
N SER SA 392 38.14 107.95 6.73
CA SER SA 392 38.22 107.66 5.31
C SER SA 392 38.94 108.78 4.57
N LYS SA 393 39.73 108.40 3.57
CA LYS SA 393 40.50 109.36 2.79
C LYS SA 393 40.65 108.83 1.36
N PRO SA 394 40.24 109.60 0.36
CA PRO SA 394 40.34 109.13 -1.02
C PRO SA 394 41.78 109.07 -1.51
N LEU SA 395 42.01 108.20 -2.48
CA LEU SA 395 43.33 108.05 -3.09
C LEU SA 395 43.45 108.86 -4.37
N TYR SA 396 42.51 108.69 -5.30
CA TYR SA 396 42.49 109.42 -6.56
C TYR SA 396 41.27 110.34 -6.59
N GLU SA 397 41.06 110.97 -7.75
CA GLU SA 397 39.90 111.86 -7.92
C GLU SA 397 39.56 111.89 -9.40
N THR SA 398 38.42 111.27 -9.75
CA THR SA 398 37.82 111.30 -11.09
C THR SA 398 38.86 111.21 -12.21
N ILE SA 399 39.57 110.06 -12.22
CA ILE SA 399 40.50 109.79 -13.31
C ILE SA 399 39.74 109.77 -14.63
N GLU SA 400 40.35 110.33 -15.67
CA GLU SA 400 39.67 110.52 -16.94
C GLU SA 400 40.67 110.38 -18.08
N ASP SA 401 40.42 109.42 -18.98
CA ASP SA 401 41.16 109.29 -20.24
C ASP SA 401 42.66 109.15 -19.99
N ASN SA 402 43.00 108.02 -19.35
CA ASN SA 402 44.38 107.58 -19.05
C ASN SA 402 45.21 108.68 -18.39
N ASN SA 403 44.56 109.62 -17.70
CA ASN SA 403 45.24 110.68 -16.96
C ASN SA 403 44.62 110.76 -15.58
N VAL SA 404 45.46 110.62 -14.55
CA VAL SA 404 44.99 110.71 -13.16
C VAL SA 404 44.96 112.18 -12.78
N LYS SA 405 43.78 112.68 -12.43
CA LYS SA 405 43.64 114.10 -12.11
C LYS SA 405 44.17 114.39 -10.71
N GLY SA 406 43.57 113.75 -9.70
CA GLY SA 406 43.96 113.95 -8.31
C GLY SA 406 44.62 112.71 -7.75
N PHE SA 407 45.54 112.91 -6.81
CA PHE SA 407 46.23 111.81 -6.15
C PHE SA 407 46.65 112.26 -4.77
N ASN SA 408 46.55 111.35 -3.80
CA ASN SA 408 46.94 111.63 -2.42
C ASN SA 408 48.16 110.78 -2.08
N ASP SA 409 49.26 111.45 -1.72
CA ASP SA 409 50.46 110.74 -1.33
C ASP SA 409 50.40 110.20 0.08
N ASP SA 410 49.55 110.78 0.93
CA ASP SA 410 49.48 110.33 2.32
C ASP SA 410 48.89 108.93 2.44
N VAL SA 411 47.90 108.60 1.61
CA VAL SA 411 47.36 107.24 1.61
C VAL SA 411 48.42 106.25 1.16
N LEU SA 412 49.19 106.60 0.13
CA LEU SA 412 50.26 105.72 -0.33
C LEU SA 412 51.32 105.54 0.76
N LEU SA 413 51.66 106.63 1.47
CA LEU SA 413 52.64 106.52 2.55
C LEU SA 413 52.11 105.66 3.69
N GLN SA 414 50.81 105.75 3.99
CA GLN SA 414 50.23 104.92 5.03
C GLN SA 414 50.28 103.45 4.65
N LEU SA 415 49.95 103.15 3.38
CA LEU SA 415 50.08 101.78 2.89
C LEU SA 415 51.52 101.29 2.96
N VAL SA 416 52.47 102.18 2.64
CA VAL SA 416 53.89 101.82 2.70
C VAL SA 416 54.29 101.48 4.13
N GLN SA 417 53.86 102.29 5.09
CA GLN SA 417 54.18 102.02 6.49
C GLN SA 417 53.56 100.69 6.94
N PHE SA 418 52.30 100.45 6.55
CA PHE SA 418 51.64 99.20 6.91
C PHE SA 418 52.38 98.00 6.36
N LEU SA 419 52.84 98.09 5.11
CA LEU SA 419 53.54 96.97 4.49
C LEU SA 419 54.98 96.83 4.97
N LEU SA 420 55.59 97.91 5.47
CA LEU SA 420 56.96 97.85 5.96
C LEU SA 420 57.07 97.62 7.46
N ASN SA 421 55.95 97.54 8.18
CA ASN SA 421 56.03 97.12 9.57
C ASN SA 421 56.62 95.71 9.64
N ARG SA 422 57.61 95.52 10.52
CA ARG SA 422 58.41 94.32 10.51
C ARG SA 422 58.45 93.65 11.87
N PRO SA 423 58.44 92.32 11.93
CA PRO SA 423 58.60 91.63 13.22
C PRO SA 423 60.00 91.86 13.80
N LYS SA 424 60.07 91.71 15.12
CA LYS SA 424 61.32 91.91 15.84
C LYS SA 424 62.35 90.85 15.45
N GLU SA 425 63.61 91.23 15.51
CA GLU SA 425 64.73 90.36 15.16
C GLU SA 425 65.49 89.96 16.42
N ASP SA 426 65.76 88.67 16.56
CA ASP SA 426 66.50 88.17 17.71
C ASP SA 426 67.23 86.86 17.37
N PHE TA 35 -44.19 -37.64 84.17
CA PHE TA 35 -42.88 -37.08 83.83
C PHE TA 35 -41.76 -37.97 84.36
N ARG TA 36 -40.78 -38.25 83.49
CA ARG TA 36 -39.65 -39.09 83.85
C ARG TA 36 -38.42 -38.22 84.11
N GLU TA 37 -37.51 -38.72 84.93
CA GLU TA 37 -36.26 -38.05 85.24
C GLU TA 37 -35.15 -39.07 85.35
N VAL TA 38 -33.98 -38.74 84.80
CA VAL TA 38 -32.81 -39.59 84.86
C VAL TA 38 -31.92 -39.10 85.99
N VAL TA 39 -31.63 -39.97 86.96
CA VAL TA 39 -30.81 -39.64 88.11
C VAL TA 39 -29.54 -40.47 88.06
N GLU TA 40 -28.41 -39.82 88.27
CA GLU TA 40 -27.10 -40.47 88.29
C GLU TA 40 -26.49 -40.35 89.68
N ILE TA 41 -26.04 -41.47 90.23
CA ILE TA 41 -25.45 -41.54 91.55
C ILE TA 41 -24.03 -42.08 91.42
N LEU TA 42 -23.07 -41.37 92.00
CA LEU TA 42 -21.66 -41.77 91.98
C LEU TA 42 -21.25 -42.12 93.41
N ASP TA 43 -20.98 -43.41 93.64
CA ASP TA 43 -20.61 -43.92 94.96
C ASP TA 43 -19.41 -44.86 94.81
N GLY TA 44 -18.21 -44.31 94.90
CA GLY TA 44 -17.00 -45.10 94.87
C GLY TA 44 -16.75 -45.82 93.57
N LYS TA 45 -16.49 -45.06 92.50
CA LYS TA 45 -16.21 -45.61 91.18
C LYS TA 45 -17.37 -46.46 90.66
N THR TA 46 -18.59 -46.14 91.11
CA THR TA 46 -19.79 -46.83 90.66
C THR TA 46 -20.82 -45.80 90.22
N THR TA 47 -21.37 -46.00 89.02
CA THR TA 47 -22.38 -45.10 88.46
C THR TA 47 -23.71 -45.82 88.41
N ILE TA 48 -24.73 -45.22 89.00
CA ILE TA 48 -26.08 -45.78 89.01
C ILE TA 48 -26.97 -44.80 88.27
N ILE TA 49 -27.56 -45.25 87.16
CA ILE TA 49 -28.48 -44.45 86.36
C ILE TA 49 -29.87 -45.04 86.54
N GLU TA 50 -30.80 -44.23 87.04
CA GLU TA 50 -32.14 -44.71 87.36
C GLU TA 50 -33.19 -43.75 86.80
N GLY TA 51 -34.32 -44.33 86.40
CA GLY TA 51 -35.46 -43.55 85.94
C GLY TA 51 -36.48 -43.39 87.06
N ARG TA 52 -36.97 -42.17 87.22
CA ARG TA 52 -37.92 -41.82 88.26
C ARG TA 52 -39.17 -41.24 87.60
N ILE TA 53 -40.34 -41.75 87.97
CA ILE TA 53 -41.62 -41.29 87.43
C ILE TA 53 -42.32 -40.47 88.49
N THR TA 54 -42.67 -39.23 88.14
CA THR TA 54 -43.35 -38.31 89.04
C THR TA 54 -44.80 -38.12 88.59
N GLU TA 55 -45.58 -37.48 89.45
CA GLU TA 55 -46.96 -37.17 89.12
C GLU TA 55 -47.03 -36.05 88.09
N THR TA 56 -48.01 -36.14 87.19
CA THR TA 56 -48.15 -35.16 86.14
C THR TA 56 -49.56 -34.60 86.12
N PRO TA 57 -49.73 -33.31 85.85
CA PRO TA 57 -51.08 -32.75 85.72
C PRO TA 57 -51.78 -33.26 84.48
N GLN TA 58 -53.10 -33.40 84.58
CA GLN TA 58 -53.91 -33.94 83.50
C GLN TA 58 -54.76 -32.85 82.87
N GLU TA 59 -55.46 -33.22 81.80
CA GLU TA 59 -56.32 -32.27 81.09
C GLU TA 59 -57.55 -31.92 81.93
N SER TA 60 -58.08 -30.72 81.70
CA SER TA 60 -59.27 -30.29 82.41
C SER TA 60 -60.47 -31.17 82.02
N PRO TA 61 -61.43 -31.35 82.94
CA PRO TA 61 -62.49 -32.33 82.67
C PRO TA 61 -63.45 -31.93 81.56
N ASN TA 62 -63.75 -30.64 81.42
CA ASN TA 62 -64.79 -30.18 80.50
C ASN TA 62 -64.21 -29.29 79.41
N PRO TA 63 -63.92 -29.82 78.23
CA PRO TA 63 -63.53 -28.98 77.10
C PRO TA 63 -64.76 -28.49 76.36
N PRO TA 64 -64.70 -27.29 75.76
CA PRO TA 64 -65.88 -26.78 75.04
C PRO TA 64 -66.31 -27.65 73.87
N ASN TA 65 -65.36 -28.28 73.17
CA ASN TA 65 -65.65 -29.09 71.99
C ASN TA 65 -65.01 -30.46 72.15
N PRO TA 66 -65.67 -31.39 72.84
CA PRO TA 66 -65.09 -32.73 73.01
C PRO TA 66 -64.91 -33.49 71.70
N THR TA 67 -65.63 -33.13 70.65
CA THR TA 67 -65.60 -33.87 69.39
C THR TA 67 -64.33 -33.65 68.59
N GLY TA 68 -63.55 -32.62 68.91
CA GLY TA 68 -62.28 -32.41 68.23
C GLY TA 68 -61.18 -33.28 68.80
N GLN TA 69 -60.43 -33.92 67.89
CA GLN TA 69 -59.33 -34.78 68.32
C GLN TA 69 -58.11 -33.98 68.73
N CYS TA 70 -57.86 -32.87 68.05
CA CYS TA 70 -56.70 -32.02 68.17
C CYS TA 70 -56.86 -31.05 69.34
N PRO TA 71 -55.81 -30.82 70.13
CA PRO TA 71 -56.00 -30.10 71.41
C PRO TA 71 -56.52 -28.67 71.28
N ILE TA 72 -55.82 -27.79 70.55
CA ILE TA 72 -56.23 -26.39 70.52
C ILE TA 72 -57.60 -26.24 69.89
N CYS TA 73 -57.78 -26.84 68.71
CA CYS TA 73 -59.05 -26.76 68.00
C CYS TA 73 -60.05 -27.83 68.45
N ARG TA 74 -59.88 -28.37 69.65
CA ARG TA 74 -60.99 -28.93 70.42
C ARG TA 74 -61.28 -28.11 71.66
N TRP TA 75 -60.29 -27.35 72.14
CA TRP TA 75 -60.49 -26.39 73.21
C TRP TA 75 -60.95 -25.03 72.69
N ASN TA 76 -61.14 -24.91 71.38
CA ASN TA 76 -61.66 -23.70 70.74
C ASN TA 76 -60.71 -22.52 70.91
N LEU TA 77 -59.43 -22.76 70.64
CA LEU TA 77 -58.41 -21.71 70.66
C LEU TA 77 -57.77 -21.49 69.29
N LYS TA 78 -58.28 -22.14 68.25
CA LYS TA 78 -57.75 -21.92 66.91
C LYS TA 78 -57.99 -20.47 66.48
N HIS TA 79 -56.95 -19.86 65.91
CA HIS TA 79 -56.98 -18.46 65.49
C HIS TA 79 -57.26 -17.52 66.67
N LYS TA 80 -56.83 -17.92 67.86
CA LYS TA 80 -57.04 -17.15 69.07
C LYS TA 80 -55.76 -16.83 69.83
N TYR TA 81 -54.78 -17.72 69.78
CA TYR TA 81 -53.55 -17.51 70.53
C TYR TA 81 -52.59 -16.60 69.76
N ASN TA 82 -51.56 -16.14 70.47
CA ASN TA 82 -50.56 -15.24 69.91
C ASN TA 82 -49.31 -15.34 70.80
N TYR TA 83 -48.29 -14.55 70.46
CA TYR TA 83 -47.10 -14.49 71.29
C TYR TA 83 -47.39 -13.93 72.67
N GLU TA 84 -48.42 -13.08 72.79
CA GLU TA 84 -48.79 -12.53 74.09
C GLU TA 84 -49.34 -13.60 75.02
N ASP TA 85 -49.91 -14.66 74.47
CA ASP TA 85 -50.56 -15.71 75.25
C ASP TA 85 -49.50 -16.70 75.73
N VAL TA 86 -49.00 -16.47 76.94
CA VAL TA 86 -47.94 -17.31 77.48
C VAL TA 86 -48.49 -18.55 78.19
N LEU TA 87 -49.67 -18.45 78.80
CA LEU TA 87 -50.22 -19.58 79.53
C LEU TA 87 -50.54 -20.76 78.62
N LEU TA 88 -50.79 -20.51 77.33
CA LEU TA 88 -51.01 -21.58 76.38
C LEU TA 88 -49.71 -22.08 75.75
N LEU TA 89 -48.77 -21.16 75.49
CA LEU TA 89 -47.50 -21.56 74.89
C LEU TA 89 -46.63 -22.36 75.85
N SER TA 90 -46.75 -22.12 77.15
CA SER TA 90 -45.87 -22.75 78.12
C SER TA 90 -46.29 -24.17 78.49
N GLN TA 91 -47.44 -24.63 78.01
CA GLN TA 91 -47.95 -25.93 78.47
C GLN TA 91 -47.09 -27.08 77.96
N PHE TA 92 -46.69 -27.03 76.69
CA PHE TA 92 -45.89 -28.12 76.11
C PHE TA 92 -44.59 -27.55 75.54
N ILE TA 93 -43.62 -27.37 76.44
CA ILE TA 93 -42.26 -26.96 76.08
C ILE TA 93 -41.33 -27.50 77.16
N ARG TA 94 -40.10 -27.81 76.76
CA ARG TA 94 -39.12 -28.30 77.70
C ARG TA 94 -38.69 -27.20 78.66
N PRO TA 95 -38.24 -27.56 79.87
CA PRO TA 95 -37.82 -26.53 80.84
C PRO TA 95 -36.67 -25.67 80.34
N HIS TA 96 -35.92 -26.11 79.34
CA HIS TA 96 -34.84 -25.34 78.77
C HIS TA 96 -35.26 -24.58 77.52
N GLY TA 97 -36.56 -24.36 77.34
CA GLY TA 97 -37.07 -23.58 76.23
C GLY TA 97 -37.22 -24.32 74.92
N GLY TA 98 -36.95 -25.62 74.90
CA GLY TA 98 -37.08 -26.37 73.66
C GLY TA 98 -38.52 -26.72 73.33
N MET TA 99 -38.75 -26.98 72.04
CA MET TA 99 -40.07 -27.36 71.58
C MET TA 99 -40.31 -28.85 71.84
N LEU TA 100 -41.58 -29.23 71.84
CA LEU TA 100 -41.96 -30.61 72.12
C LEU TA 100 -42.44 -31.30 70.85
N PRO TA 101 -42.15 -32.59 70.69
CA PRO TA 101 -42.54 -33.28 69.45
C PRO TA 101 -44.05 -33.33 69.26
N ARG TA 102 -44.45 -33.23 67.98
CA ARG TA 102 -45.86 -33.28 67.64
C ARG TA 102 -46.47 -34.65 67.89
N ARG TA 103 -45.69 -35.72 67.67
CA ARG TA 103 -46.19 -37.06 67.92
C ARG TA 103 -46.53 -37.28 69.40
N ILE TA 104 -45.99 -36.45 70.28
CA ILE TA 104 -46.33 -36.49 71.70
C ILE TA 104 -47.41 -35.48 72.05
N THR TA 105 -47.36 -34.29 71.43
CA THR TA 105 -48.34 -33.25 71.76
C THR TA 105 -49.72 -33.58 71.19
N GLY TA 106 -49.81 -33.75 69.87
CA GLY TA 106 -51.07 -34.11 69.23
C GLY TA 106 -51.70 -33.03 68.36
N LEU TA 107 -51.02 -31.93 68.12
CA LEU TA 107 -51.60 -30.84 67.35
C LEU TA 107 -51.65 -31.17 65.86
N CYS TA 108 -52.58 -30.53 65.16
CA CYS TA 108 -52.53 -30.56 63.71
C CYS TA 108 -51.37 -29.68 63.23
N GLN TA 109 -50.83 -30.04 62.06
CA GLN TA 109 -49.50 -29.57 61.67
C GLN TA 109 -49.43 -28.05 61.58
N GLU TA 110 -50.49 -27.42 61.06
CA GLU TA 110 -50.50 -25.96 60.95
C GLU TA 110 -50.37 -25.31 62.32
N GLU TA 111 -51.11 -25.82 63.31
CA GLU TA 111 -51.04 -25.23 64.64
C GLU TA 111 -49.74 -25.58 65.35
N HIS TA 112 -49.16 -26.75 65.07
CA HIS TA 112 -47.84 -27.05 65.60
C HIS TA 112 -46.80 -26.04 65.09
N LEU TA 113 -46.84 -25.76 63.79
CA LEU TA 113 -45.92 -24.78 63.23
C LEU TA 113 -46.19 -23.39 63.79
N LYS TA 114 -47.47 -23.02 63.93
CA LYS TA 114 -47.81 -21.71 64.47
C LYS TA 114 -47.28 -21.55 65.88
N ILE TA 115 -47.42 -22.58 66.71
CA ILE TA 115 -46.93 -22.47 68.09
C ILE TA 115 -45.41 -22.50 68.14
N GLU TA 116 -44.76 -23.24 67.24
CA GLU TA 116 -43.31 -23.16 67.19
C GLU TA 116 -42.85 -21.73 66.90
N GLU TA 117 -43.49 -21.09 65.93
CA GLU TA 117 -43.16 -19.71 65.61
C GLU TA 117 -43.47 -18.78 66.78
N CYS TA 118 -44.62 -18.99 67.45
CA CYS TA 118 -45.00 -18.14 68.57
C CYS TA 118 -44.04 -18.30 69.74
N VAL TA 119 -43.59 -19.52 70.01
CA VAL TA 119 -42.64 -19.77 71.08
C VAL TA 119 -41.31 -19.11 70.76
N LYS TA 120 -40.86 -19.21 69.50
CA LYS TA 120 -39.64 -18.50 69.11
C LYS TA 120 -39.79 -16.99 69.30
N MET TA 121 -40.95 -16.45 68.92
CA MET TA 121 -41.19 -15.02 69.05
C MET TA 121 -41.17 -14.60 70.51
N ALA TA 122 -41.83 -15.37 71.38
CA ALA TA 122 -41.85 -15.03 72.81
C ALA TA 122 -40.46 -15.13 73.42
N HIS TA 123 -39.70 -16.17 73.08
CA HIS TA 123 -38.36 -16.33 73.60
C HIS TA 123 -37.47 -15.16 73.18
N ARG TA 124 -37.57 -14.74 71.92
CA ARG TA 124 -36.77 -13.60 71.48
C ARG TA 124 -37.26 -12.30 72.08
N ALA TA 125 -38.57 -12.18 72.34
CA ALA TA 125 -39.11 -10.96 72.92
C ALA TA 125 -38.78 -10.82 74.39
N GLY TA 126 -38.52 -11.91 75.10
CA GLY TA 126 -38.11 -11.85 76.49
C GLY TA 126 -39.07 -12.45 77.48
N LEU TA 127 -40.19 -13.02 77.03
CA LEU TA 127 -41.09 -13.73 77.91
C LEU TA 127 -40.47 -15.06 78.29
N LEU TA 128 -41.15 -15.81 79.18
CA LEU TA 128 -40.71 -17.12 79.63
C LEU TA 128 -39.33 -17.00 80.26
N PRO TA 129 -39.19 -16.29 81.38
CA PRO TA 129 -37.85 -16.05 81.95
C PRO TA 129 -37.27 -17.25 82.65
N ASN TA 130 -38.13 -18.10 83.21
CA ASN TA 130 -37.69 -19.25 83.99
C ASN TA 130 -37.43 -20.48 83.12
N HIS TA 131 -37.68 -20.40 81.82
CA HIS TA 131 -37.48 -21.53 80.91
C HIS TA 131 -36.15 -21.46 80.19
N ARG TA 132 -35.12 -20.95 80.85
CA ARG TA 132 -33.76 -20.79 80.39
C ARG TA 132 -32.83 -21.74 81.15
N PRO TA 133 -31.80 -22.26 80.49
CA PRO TA 133 -30.82 -23.08 81.21
C PRO TA 133 -30.10 -22.28 82.28
N LYS TA 134 -29.81 -22.94 83.39
CA LYS TA 134 -29.13 -22.31 84.52
C LYS TA 134 -27.63 -22.51 84.39
N LEU TA 135 -26.89 -21.41 84.25
CA LEU TA 135 -25.44 -21.43 84.11
C LEU TA 135 -24.83 -20.55 85.19
N PRO TA 136 -24.29 -21.13 86.27
CA PRO TA 136 -23.72 -20.29 87.33
C PRO TA 136 -22.51 -19.49 86.91
N GLU TA 137 -21.83 -19.87 85.83
CA GLU TA 137 -20.59 -19.20 85.44
C GLU TA 137 -20.85 -17.98 84.55
N GLY TA 138 -21.83 -18.07 83.65
CA GLY TA 138 -22.05 -17.00 82.69
C GLY TA 138 -22.94 -15.88 83.16
N PHE TA 139 -23.59 -16.03 84.32
CA PHE TA 139 -24.49 -14.99 84.82
C PHE TA 139 -23.78 -13.87 85.56
N VAL TA 140 -22.51 -14.05 85.90
CA VAL TA 140 -21.72 -12.99 86.53
C VAL TA 140 -21.20 -12.01 85.48
N PRO TA 141 -20.58 -12.46 84.37
CA PRO TA 141 -20.09 -11.48 83.38
C PRO TA 141 -21.22 -10.86 82.57
N LYS TA 142 -21.83 -9.81 83.11
CA LYS TA 142 -22.95 -9.16 82.44
C LYS TA 142 -22.51 -8.55 81.12
N SER TA 143 -23.47 -8.44 80.21
CA SER TA 143 -23.27 -7.89 78.88
C SER TA 143 -24.15 -6.65 78.69
N LYS TA 144 -24.22 -6.17 77.46
CA LYS TA 144 -25.07 -5.05 77.13
C LYS TA 144 -26.52 -5.35 77.50
N PRO TA 145 -27.26 -4.35 77.97
CA PRO TA 145 -28.66 -4.59 78.36
C PRO TA 145 -29.48 -5.15 77.20
N ARG TA 146 -30.38 -6.07 77.53
CA ARG TA 146 -31.20 -6.72 76.52
C ARG TA 146 -32.17 -5.72 75.91
N LEU TA 147 -32.02 -5.47 74.61
CA LEU TA 147 -32.91 -4.54 73.92
C LEU TA 147 -34.31 -5.11 73.84
N ASN TA 148 -35.31 -4.29 74.19
CA ASN TA 148 -36.68 -4.74 74.19
C ASN TA 148 -37.19 -4.90 72.76
N ARG TA 149 -37.88 -6.00 72.51
CA ARG TA 149 -38.41 -6.29 71.18
C ARG TA 149 -39.66 -7.14 71.31
N TYR TA 150 -40.47 -7.14 70.26
CA TYR TA 150 -41.67 -7.95 70.22
C TYR TA 150 -42.07 -8.18 68.77
N LEU TA 151 -42.78 -9.28 68.53
CA LEU TA 151 -43.23 -9.65 67.18
C LEU TA 151 -42.06 -9.76 66.21
N THR TA 152 -40.92 -10.23 66.71
CA THR TA 152 -39.73 -10.39 65.89
C THR TA 152 -39.79 -11.72 65.15
N ARG TA 153 -39.48 -11.70 63.86
CA ARG TA 153 -39.63 -12.89 63.02
C ARG TA 153 -38.31 -13.66 62.92
N TRP TA 154 -37.26 -13.00 62.47
CA TRP TA 154 -35.99 -13.67 62.26
C TRP TA 154 -35.18 -13.69 63.56
N SER TA 155 -34.00 -14.29 63.50
CA SER TA 155 -33.06 -14.30 64.61
C SER TA 155 -32.31 -12.98 64.68
N PRO TA 156 -32.04 -12.46 65.88
CA PRO TA 156 -31.32 -11.17 65.97
C PRO TA 156 -29.92 -11.20 65.40
N ARG TA 157 -29.27 -12.36 65.34
CA ARG TA 157 -27.88 -12.46 64.93
C ARG TA 157 -27.72 -12.85 63.46
N SER TA 158 -28.81 -12.89 62.69
CA SER TA 158 -28.75 -13.36 61.32
C SER TA 158 -29.20 -12.33 60.29
N VAL TA 159 -29.73 -11.19 60.70
CA VAL TA 159 -30.25 -10.19 59.78
C VAL TA 159 -29.24 -9.06 59.64
N LYS TA 160 -28.90 -8.73 58.41
CA LYS TA 160 -28.02 -7.60 58.13
C LYS TA 160 -28.83 -6.33 57.95
N PRO TA 161 -28.35 -5.20 58.47
CA PRO TA 161 -29.10 -3.95 58.32
C PRO TA 161 -29.24 -3.56 56.85
N ILE TA 162 -30.41 -3.01 56.52
CA ILE TA 162 -30.70 -2.58 55.15
C ILE TA 162 -30.14 -1.17 54.98
N TYR TA 163 -29.06 -1.06 54.20
CA TYR TA 163 -28.42 0.23 53.99
C TYR TA 163 -29.04 1.03 52.84
N ASN TA 164 -29.64 0.35 51.87
CA ASN TA 164 -30.24 1.05 50.74
C ASN TA 164 -31.70 1.42 50.99
N LYS TA 165 -32.47 0.53 51.60
CA LYS TA 165 -33.81 0.81 52.11
C LYS TA 165 -34.81 1.00 50.98
N GLY TA 166 -34.34 1.08 49.74
CA GLY TA 166 -35.22 1.19 48.59
C GLY TA 166 -35.99 2.49 48.49
N HIS TA 167 -36.46 2.82 47.29
CA HIS TA 167 -37.26 4.01 47.06
C HIS TA 167 -38.75 3.69 47.27
N ARG TA 168 -39.62 4.61 46.85
CA ARG TA 168 -41.04 4.44 47.09
C ARG TA 168 -41.60 3.25 46.34
N TRP TA 169 -41.26 3.09 45.06
CA TRP TA 169 -41.83 2.00 44.27
C TRP TA 169 -41.25 0.65 44.67
N ASN TA 170 -39.93 0.58 44.86
CA ASN TA 170 -39.27 -0.63 45.33
C ASN TA 170 -38.76 -0.38 46.75
N LYS TA 171 -39.45 -0.96 47.72
CA LYS TA 171 -39.17 -0.73 49.13
C LYS TA 171 -38.92 -2.07 49.81
N VAL TA 172 -37.76 -2.19 50.47
CA VAL TA 172 -37.42 -3.41 51.18
C VAL TA 172 -37.97 -3.30 52.61
N ARG TA 173 -39.05 -4.02 52.88
CA ARG TA 173 -39.73 -3.89 54.17
C ARG TA 173 -39.05 -4.70 55.28
N MET TA 174 -39.27 -4.23 56.50
CA MET TA 174 -38.89 -4.95 57.71
C MET TA 174 -40.03 -5.88 58.09
N PRO TA 175 -39.87 -7.20 58.01
CA PRO TA 175 -41.00 -8.07 58.35
C PRO TA 175 -41.25 -8.10 59.85
N VAL TA 176 -42.52 -8.04 60.22
CA VAL TA 176 -42.94 -8.02 61.61
C VAL TA 176 -43.97 -9.12 61.82
N GLY TA 177 -43.70 -10.03 62.74
CA GLY TA 177 -44.61 -11.13 63.03
C GLY TA 177 -44.48 -12.25 62.02
N SER TA 178 -45.04 -13.40 62.39
CA SER TA 178 -44.96 -14.54 61.48
C SER TA 178 -46.16 -14.56 60.54
N PRO TA 179 -45.96 -14.90 59.27
CA PRO TA 179 -47.09 -14.99 58.34
C PRO TA 179 -48.08 -16.11 58.67
N LEU TA 180 -47.67 -17.08 59.48
CA LEU TA 180 -48.57 -18.16 59.86
C LEU TA 180 -49.72 -17.67 60.74
N LEU TA 181 -49.59 -16.48 61.33
CA LEU TA 181 -50.62 -15.93 62.20
C LEU TA 181 -51.55 -14.95 61.47
N LYS TA 182 -51.67 -15.08 60.14
CA LYS TA 182 -52.53 -14.20 59.37
C LYS TA 182 -54.00 -14.60 59.43
N ASP TA 183 -54.31 -15.79 59.93
CA ASP TA 183 -55.69 -16.30 59.99
C ASP TA 183 -56.34 -16.05 61.34
N ASN TA 184 -55.67 -15.35 62.25
CA ASN TA 184 -56.27 -15.05 63.54
C ASN TA 184 -57.47 -14.11 63.39
N VAL TA 185 -58.38 -14.20 64.35
CA VAL TA 185 -59.59 -13.39 64.29
C VAL TA 185 -59.22 -11.91 64.43
N SER TA 186 -59.81 -11.08 63.57
CA SER TA 186 -59.56 -9.65 63.56
C SER TA 186 -60.87 -8.95 63.88
N TYR TA 187 -61.03 -8.55 65.15
CA TYR TA 187 -62.25 -7.87 65.56
C TYR TA 187 -62.38 -6.51 64.88
N SER TA 188 -61.28 -5.78 64.72
CA SER TA 188 -61.32 -4.51 63.99
C SER TA 188 -61.63 -4.75 62.51
N GLY TA 189 -61.20 -5.88 61.96
CA GLY TA 189 -61.42 -6.21 60.57
C GLY TA 189 -60.26 -5.90 59.65
N ARG TA 190 -59.33 -5.05 60.09
CA ARG TA 190 -58.19 -4.71 59.25
C ARG TA 190 -57.19 -5.86 59.22
N PRO TA 191 -56.56 -6.09 58.07
CA PRO TA 191 -55.54 -7.14 57.99
C PRO TA 191 -54.31 -6.77 58.80
N LEU TA 192 -53.63 -7.81 59.30
CA LEU TA 192 -52.41 -7.61 60.06
C LEU TA 192 -51.26 -7.29 59.12
N LEU TA 193 -50.57 -6.18 59.37
CA LEU TA 193 -49.44 -5.77 58.54
C LEU TA 193 -48.22 -6.59 58.93
N LEU TA 194 -47.91 -7.62 58.13
CA LEU TA 194 -46.80 -8.51 58.41
C LEU TA 194 -45.45 -7.94 57.98
N TYR TA 195 -45.44 -6.91 57.13
CA TYR TA 195 -44.19 -6.31 56.65
C TYR TA 195 -44.30 -4.80 56.78
N HIS TA 196 -43.52 -4.23 57.69
CA HIS TA 196 -43.47 -2.78 57.85
C HIS TA 196 -42.20 -2.35 58.57
N GLU VA 46 -62.01 -70.65 77.14
CA GLU VA 46 -60.99 -71.16 78.02
C GLU VA 46 -59.74 -70.28 78.00
N ALA VA 47 -58.76 -70.61 78.82
CA ALA VA 47 -57.51 -69.86 78.89
C ALA VA 47 -56.38 -70.83 79.23
N LEU VA 48 -55.18 -70.28 79.33
CA LEU VA 48 -53.98 -71.05 79.65
C LEU VA 48 -53.68 -70.96 81.14
N ALA VA 49 -52.54 -71.53 81.54
CA ALA VA 49 -52.13 -71.53 82.93
C ALA VA 49 -51.47 -70.20 83.28
N GLY VA 50 -51.09 -70.05 84.54
CA GLY VA 50 -50.43 -68.84 85.00
C GLY VA 50 -48.94 -68.85 84.79
N ALA VA 51 -48.37 -70.05 84.59
CA ALA VA 51 -46.94 -70.26 84.37
C ALA VA 51 -46.13 -69.66 85.52
N PRO VA 52 -46.24 -70.20 86.73
CA PRO VA 52 -45.48 -69.67 87.87
C PRO VA 52 -44.03 -70.15 87.82
N LEU VA 53 -43.25 -69.67 88.77
CA LEU VA 53 -41.84 -70.00 88.88
C LEU VA 53 -41.53 -70.62 90.24
N ASP VA 54 -40.27 -70.95 90.45
CA ASP VA 54 -39.82 -71.62 91.67
C ASP VA 54 -39.48 -70.66 92.80
N ASN VA 55 -39.51 -69.34 92.56
CA ASN VA 55 -39.22 -68.39 93.62
C ASN VA 55 -40.24 -68.48 94.74
N ALA VA 56 -41.51 -68.61 94.38
CA ALA VA 56 -42.57 -68.77 95.37
C ALA VA 56 -43.45 -69.94 94.96
N PRO VA 57 -42.87 -71.09 94.62
CA PRO VA 57 -43.67 -72.25 94.19
C PRO VA 57 -44.31 -72.94 95.38
N LYS VA 58 -45.62 -72.73 95.54
CA LYS VA 58 -46.38 -73.39 96.60
C LYS VA 58 -47.71 -73.96 96.15
N GLU VA 59 -48.20 -73.61 94.97
CA GLU VA 59 -49.52 -74.05 94.50
C GLU VA 59 -49.35 -75.23 93.55
N TYR VA 60 -49.92 -76.36 93.93
CA TYR VA 60 -49.98 -77.54 93.08
C TYR VA 60 -51.34 -77.66 92.43
N PRO VA 61 -51.42 -78.22 91.23
CA PRO VA 61 -52.72 -78.39 90.56
C PRO VA 61 -53.65 -79.26 91.39
N PRO VA 62 -54.94 -78.91 91.44
CA PRO VA 62 -55.87 -79.69 92.28
C PRO VA 62 -56.15 -81.08 91.77
N LYS VA 63 -55.84 -81.37 90.50
CA LYS VA 63 -56.14 -82.69 89.96
C LYS VA 63 -55.23 -83.76 90.59
N ILE VA 64 -53.98 -83.40 90.89
CA ILE VA 64 -53.10 -84.32 91.60
C ILE VA 64 -53.67 -84.65 92.97
N GLN VA 65 -54.13 -83.63 93.70
CA GLN VA 65 -54.69 -83.85 95.03
C GLN VA 65 -55.96 -84.69 94.97
N GLN VA 66 -56.84 -84.43 93.99
CA GLN VA 66 -58.05 -85.23 93.90
C GLN VA 66 -57.76 -86.66 93.48
N LEU VA 67 -56.73 -86.88 92.66
CA LEU VA 67 -56.32 -88.24 92.35
C LEU VA 67 -55.77 -88.95 93.59
N VAL VA 68 -55.00 -88.24 94.40
CA VAL VA 68 -54.50 -88.82 95.65
C VAL VA 68 -55.67 -89.18 96.56
N GLN VA 69 -56.67 -88.31 96.65
CA GLN VA 69 -57.85 -88.60 97.44
C GLN VA 69 -58.61 -89.81 96.89
N ASP VA 70 -58.69 -89.93 95.57
CA ASP VA 70 -59.34 -91.09 94.98
C ASP VA 70 -58.62 -92.38 95.35
N ILE VA 71 -57.29 -92.37 95.32
CA ILE VA 71 -56.54 -93.54 95.74
C ILE VA 71 -56.78 -93.82 97.21
N ALA VA 72 -56.77 -92.78 98.05
CA ALA VA 72 -56.93 -92.94 99.50
C ALA VA 72 -58.33 -93.40 99.89
N SER VA 73 -59.34 -93.16 99.05
CA SER VA 73 -60.72 -93.51 99.37
C SER VA 73 -61.12 -94.89 98.85
N LEU VA 74 -60.17 -95.72 98.44
CA LEU VA 74 -60.45 -97.04 97.89
C LEU VA 74 -59.90 -98.13 98.80
N THR VA 75 -60.58 -99.28 98.78
CA THR VA 75 -60.17 -100.42 99.58
C THR VA 75 -58.97 -101.13 98.96
N LEU VA 76 -58.39 -102.06 99.72
CA LEU VA 76 -57.17 -102.72 99.28
C LEU VA 76 -57.39 -103.56 98.02
N LEU VA 77 -58.54 -104.20 97.89
CA LEU VA 77 -58.80 -105.01 96.70
C LEU VA 77 -58.80 -104.16 95.43
N GLU VA 78 -59.39 -102.96 95.50
CA GLU VA 78 -59.39 -102.08 94.34
C GLU VA 78 -57.99 -101.56 94.03
N ILE VA 79 -57.17 -101.33 95.08
CA ILE VA 79 -55.79 -100.93 94.85
C ILE VA 79 -55.01 -102.05 94.16
N SER VA 80 -55.24 -103.30 94.57
CA SER VA 80 -54.58 -104.43 93.91
C SER VA 80 -55.04 -104.56 92.46
N ASP VA 81 -56.34 -104.35 92.21
CA ASP VA 81 -56.84 -104.38 90.83
C ASP VA 81 -56.19 -103.29 90.00
N LEU VA 82 -56.06 -102.09 90.56
CA LEU VA 82 -55.37 -101.01 89.85
C LEU VA 82 -53.92 -101.37 89.58
N ASN VA 83 -53.25 -101.97 90.55
CA ASN VA 83 -51.86 -102.37 90.35
C ASN VA 83 -51.74 -103.39 89.22
N GLU VA 84 -52.66 -104.35 89.18
CA GLU VA 84 -52.65 -105.34 88.10
C GLU VA 84 -52.87 -104.69 86.74
N LEU VA 85 -53.85 -103.78 86.66
CA LEU VA 85 -54.13 -103.12 85.38
C LEU VA 85 -52.95 -102.27 84.92
N LEU VA 86 -52.33 -101.52 85.84
CA LEU VA 86 -51.18 -100.71 85.46
C LEU VA 86 -49.98 -101.57 85.06
N LYS VA 87 -49.75 -102.69 85.76
CA LYS VA 87 -48.67 -103.58 85.36
C LYS VA 87 -48.93 -104.20 83.99
N LYS VA 88 -50.19 -104.51 83.69
CA LYS VA 88 -50.52 -105.08 82.39
C LYS VA 88 -50.38 -104.07 81.26
N THR VA 89 -50.84 -102.83 81.48
CA THR VA 89 -50.88 -101.85 80.40
C THR VA 89 -49.56 -101.08 80.30
N LEU VA 90 -49.17 -100.39 81.36
CA LEU VA 90 -47.93 -99.62 81.34
C LEU VA 90 -46.73 -100.52 81.59
N ILE WA 64 -61.74 -96.49 88.41
CA ILE WA 64 -60.32 -96.75 88.21
C ILE WA 64 -59.92 -96.49 86.77
N GLN WA 65 -60.86 -96.72 85.85
CA GLN WA 65 -60.61 -96.36 84.45
C GLN WA 65 -60.54 -94.86 84.25
N GLN WA 66 -61.33 -94.10 85.01
CA GLN WA 66 -61.18 -92.65 85.03
C GLN WA 66 -59.81 -92.26 85.55
N LEU WA 67 -59.30 -92.98 86.56
CA LEU WA 67 -57.95 -92.73 87.05
C LEU WA 67 -56.91 -92.97 85.95
N VAL WA 68 -57.08 -94.08 85.21
CA VAL WA 68 -56.15 -94.39 84.12
C VAL WA 68 -56.20 -93.30 83.06
N GLN WA 69 -57.40 -92.85 82.69
CA GLN WA 69 -57.54 -91.79 81.69
C GLN WA 69 -56.91 -90.49 82.18
N ASP WA 70 -57.10 -90.15 83.45
CA ASP WA 70 -56.48 -88.94 84.00
C ASP WA 70 -54.96 -89.02 83.96
N ILE WA 71 -54.39 -90.15 84.36
CA ILE WA 71 -52.94 -90.32 84.30
C ILE WA 71 -52.45 -90.22 82.86
N ALA WA 72 -53.17 -90.84 81.91
CA ALA WA 72 -52.80 -90.77 80.51
C ALA WA 72 -52.97 -89.37 79.92
N SER WA 73 -53.83 -88.53 80.51
CA SER WA 73 -54.06 -87.18 80.01
C SER WA 73 -53.15 -86.15 80.67
N LEU WA 74 -52.42 -86.52 81.73
CA LEU WA 74 -51.47 -85.61 82.35
C LEU WA 74 -50.23 -85.46 81.48
N THR WA 75 -49.50 -84.38 81.71
CA THR WA 75 -48.22 -84.15 81.04
C THR WA 75 -47.09 -84.66 81.93
N LEU WA 76 -45.86 -84.57 81.42
CA LEU WA 76 -44.70 -85.10 82.13
C LEU WA 76 -44.49 -84.39 83.46
N LEU WA 77 -44.64 -83.06 83.49
CA LEU WA 77 -44.46 -82.33 84.74
C LEU WA 77 -45.48 -82.74 85.79
N GLU WA 78 -46.75 -82.90 85.37
CA GLU WA 78 -47.78 -83.29 86.33
C GLU WA 78 -47.55 -84.69 86.88
N ILE WA 79 -47.19 -85.65 86.02
CA ILE WA 79 -46.95 -87.01 86.51
C ILE WA 79 -45.69 -87.05 87.37
N SER WA 80 -44.68 -86.24 87.03
CA SER WA 80 -43.49 -86.16 87.87
C SER WA 80 -43.81 -85.60 89.25
N ASP WA 81 -44.67 -84.57 89.31
CA ASP WA 81 -45.10 -84.05 90.59
C ASP WA 81 -45.91 -85.09 91.36
N LEU WA 82 -46.75 -85.85 90.65
CA LEU WA 82 -47.45 -86.96 91.29
C LEU WA 82 -46.46 -87.94 91.93
N ASN WA 83 -45.40 -88.28 91.19
CA ASN WA 83 -44.37 -89.18 91.71
C ASN WA 83 -43.70 -88.58 92.95
N GLU WA 84 -43.38 -87.29 92.90
CA GLU WA 84 -42.70 -86.66 94.03
C GLU WA 84 -43.58 -86.65 95.28
N LEU WA 85 -44.86 -86.26 95.14
CA LEU WA 85 -45.76 -86.27 96.28
C LEU WA 85 -45.98 -87.68 96.82
N LEU WA 86 -46.12 -88.67 95.93
CA LEU WA 86 -46.30 -90.05 96.40
C LEU WA 86 -45.07 -90.54 97.16
N LYS WA 87 -43.87 -90.24 96.65
CA LYS WA 87 -42.65 -90.72 97.32
C LYS WA 87 -42.39 -89.98 98.62
N LYS WA 88 -42.81 -88.71 98.74
CA LYS WA 88 -42.63 -88.01 99.99
C LYS WA 88 -43.75 -88.30 100.98
N THR WA 89 -44.86 -88.87 100.53
CA THR WA 89 -45.96 -89.19 101.43
C THR WA 89 -45.84 -90.62 101.95
N LEU WA 90 -45.77 -91.59 101.05
CA LEU WA 90 -45.76 -93.00 101.43
C LEU WA 90 -44.34 -93.46 101.78
N ILE XA 64 -58.18 -100.88 114.14
CA ILE XA 64 -56.81 -101.11 113.72
C ILE XA 64 -55.95 -101.52 114.92
N GLN XA 65 -56.31 -101.01 116.10
CA GLN XA 65 -55.62 -101.45 117.31
C GLN XA 65 -55.96 -102.90 117.64
N GLN XA 66 -57.18 -103.33 117.35
CA GLN XA 66 -57.51 -104.75 117.45
C GLN XA 66 -56.67 -105.58 116.49
N LEU XA 67 -56.43 -105.04 115.28
CA LEU XA 67 -55.55 -105.72 114.33
C LEU XA 67 -54.14 -105.85 114.89
N VAL XA 68 -53.63 -104.77 115.50
CA VAL XA 68 -52.29 -104.81 116.09
C VAL XA 68 -52.23 -105.84 117.21
N GLN XA 69 -53.26 -105.87 118.07
CA GLN XA 69 -53.28 -106.84 119.15
C GLN XA 69 -53.36 -108.27 118.63
N ASP XA 70 -54.15 -108.51 117.58
CA ASP XA 70 -54.22 -109.84 116.99
C ASP XA 70 -52.87 -110.28 116.41
N ILE XA 71 -52.20 -109.38 115.69
CA ILE XA 71 -50.88 -109.72 115.15
C ILE XA 71 -49.90 -110.01 116.28
N ALA XA 72 -49.94 -109.20 117.34
CA ALA XA 72 -49.06 -109.42 118.49
C ALA XA 72 -49.41 -110.69 119.26
N SER XA 73 -50.64 -111.17 119.17
CA SER XA 73 -51.06 -112.38 119.87
C SER XA 73 -50.88 -113.65 119.04
N LEU XA 74 -50.57 -113.52 117.75
CA LEU XA 74 -50.28 -114.68 116.92
C LEU XA 74 -48.91 -115.26 117.22
N THR XA 75 -48.72 -116.52 116.87
CA THR XA 75 -47.43 -117.17 116.99
C THR XA 75 -46.66 -117.05 115.67
N LEU XA 76 -45.42 -117.55 115.68
CA LEU XA 76 -44.56 -117.43 114.50
C LEU XA 76 -45.16 -118.14 113.30
N LEU XA 77 -45.71 -119.34 113.49
CA LEU XA 77 -46.29 -120.07 112.36
C LEU XA 77 -47.48 -119.32 111.77
N GLU XA 78 -48.34 -118.75 112.62
CA GLU XA 78 -49.50 -118.03 112.12
C GLU XA 78 -49.09 -116.77 111.36
N ILE XA 79 -48.13 -116.00 111.88
CA ILE XA 79 -47.70 -114.80 111.18
C ILE XA 79 -46.96 -115.15 109.89
N SER XA 80 -46.21 -116.26 109.89
CA SER XA 80 -45.56 -116.71 108.66
C SER XA 80 -46.59 -117.12 107.60
N ASP XA 81 -47.65 -117.80 108.02
CA ASP XA 81 -48.73 -118.12 107.08
C ASP XA 81 -49.41 -116.85 106.57
N LEU XA 82 -49.59 -115.87 107.45
CA LEU XA 82 -50.11 -114.57 107.02
C LEU XA 82 -49.22 -113.97 105.93
N ASN XA 83 -47.90 -114.01 106.15
CA ASN XA 83 -46.96 -113.51 105.15
C ASN XA 83 -47.08 -114.27 103.83
N GLU XA 84 -47.20 -115.60 103.90
CA GLU XA 84 -47.28 -116.40 102.68
C GLU XA 84 -48.55 -116.09 101.90
N LEU XA 85 -49.69 -116.02 102.58
CA LEU XA 85 -50.94 -115.69 101.89
C LEU XA 85 -50.91 -114.28 101.32
N LEU XA 86 -50.36 -113.32 102.07
CA LEU XA 86 -50.27 -111.95 101.54
C LEU XA 86 -49.38 -111.88 100.30
N LYS XA 87 -48.23 -112.57 100.32
CA LYS XA 87 -47.32 -112.51 99.19
C LYS XA 87 -47.86 -113.28 97.99
N LYS XA 88 -48.67 -114.32 98.20
CA LYS XA 88 -49.25 -115.03 97.06
C LYS XA 88 -50.52 -114.35 96.56
N THR XA 89 -51.11 -113.46 97.36
CA THR XA 89 -52.32 -112.77 96.91
C THR XA 89 -51.99 -111.45 96.23
N LEU XA 90 -51.26 -110.56 96.89
CA LEU XA 90 -50.96 -109.26 96.31
C LEU XA 90 -49.65 -109.24 95.54
N LYS XA 91 -48.59 -109.82 96.10
CA LYS XA 91 -47.27 -109.87 95.47
C LYS XA 91 -46.74 -108.49 95.12
N ASN YA 55 100.38 -68.47 -56.41
CA ASN YA 55 99.83 -67.34 -55.68
C ASN YA 55 100.86 -66.23 -55.50
N ASP YA 56 102.12 -66.63 -55.33
CA ASP YA 56 103.18 -65.64 -55.16
C ASP YA 56 103.43 -64.85 -56.44
N LEU YA 57 103.21 -65.47 -57.60
CA LEU YA 57 103.40 -64.78 -58.87
C LEU YA 57 102.21 -63.90 -59.23
N ARG YA 58 101.05 -64.11 -58.59
CA ARG YA 58 99.87 -63.31 -58.93
C ARG YA 58 99.96 -61.89 -58.39
N ASP YA 59 100.46 -61.71 -57.16
CA ASP YA 59 100.51 -60.39 -56.57
C ASP YA 59 101.43 -59.45 -57.34
N ARG YA 60 102.47 -59.99 -57.96
CA ARG YA 60 103.34 -59.18 -58.81
C ARG YA 60 102.60 -58.60 -59.99
N ILE YA 61 101.67 -59.36 -60.58
CA ILE YA 61 100.89 -58.85 -61.70
C ILE YA 61 100.08 -57.64 -61.28
N LEU YA 62 99.44 -57.70 -60.10
CA LEU YA 62 98.63 -56.58 -59.64
C LEU YA 62 99.50 -55.40 -59.19
N SER YA 63 100.67 -55.66 -58.62
CA SER YA 63 101.53 -54.60 -58.13
C SER YA 63 102.38 -53.95 -59.22
N GLU YA 64 102.50 -54.59 -60.39
CA GLU YA 64 103.30 -54.01 -61.46
C GLU YA 64 102.77 -52.66 -61.95
N PRO YA 65 101.48 -52.49 -62.26
CA PRO YA 65 101.02 -51.18 -62.74
C PRO YA 65 101.06 -50.07 -61.70
N LEU YA 66 101.08 -50.39 -60.41
CA LEU YA 66 101.02 -49.37 -59.38
C LEU YA 66 102.36 -48.65 -59.18
N LYS YA 67 103.45 -49.20 -59.69
CA LYS YA 67 104.77 -48.61 -59.52
C LYS YA 67 105.18 -47.69 -60.65
N HIS YA 68 104.32 -47.48 -61.64
CA HIS YA 68 104.60 -46.60 -62.76
C HIS YA 68 103.50 -45.56 -62.91
N ALA YA 69 103.87 -44.35 -63.33
CA ALA YA 69 102.90 -43.28 -63.46
C ALA YA 69 101.98 -43.49 -64.65
N ASP YA 70 102.54 -43.47 -65.86
CA ASP YA 70 101.77 -43.79 -67.06
C ASP YA 70 102.11 -45.20 -67.52
N PHE YA 71 101.39 -46.15 -66.94
CA PHE YA 71 101.64 -47.56 -67.18
C PHE YA 71 101.09 -48.00 -68.53
N PHE YA 72 99.99 -47.38 -68.97
CA PHE YA 72 99.33 -47.75 -70.23
C PHE YA 72 99.57 -46.74 -71.35
N ASN YA 73 100.44 -45.75 -71.15
CA ASN YA 73 100.77 -44.74 -72.17
C ASN YA 73 99.53 -43.96 -72.61
N LEU YA 74 98.97 -43.21 -71.68
CA LEU YA 74 97.75 -42.44 -71.91
C LEU YA 74 97.99 -41.06 -72.48
N LYS YA 75 99.22 -40.51 -72.41
CA LYS YA 75 99.38 -39.11 -72.79
C LYS YA 75 99.15 -38.89 -74.28
N GLU YA 76 99.49 -39.88 -75.11
CA GLU YA 76 99.42 -39.70 -76.55
C GLU YA 76 97.98 -39.65 -77.09
N LEU YA 77 96.99 -40.01 -76.28
CA LEU YA 77 95.62 -40.10 -76.75
C LEU YA 77 94.98 -38.74 -76.99
N PHE YA 78 95.34 -37.72 -76.21
CA PHE YA 78 94.70 -36.42 -76.32
C PHE YA 78 95.66 -35.35 -75.85
N SER YA 79 95.35 -34.11 -76.22
CA SER YA 79 96.10 -32.94 -75.78
C SER YA 79 95.11 -31.80 -75.60
N VAL YA 80 95.63 -30.62 -75.25
CA VAL YA 80 94.76 -29.46 -75.09
C VAL YA 80 94.11 -29.08 -76.41
N ARG YA 81 94.85 -29.14 -77.52
CA ARG YA 81 94.29 -28.87 -78.83
C ARG YA 81 93.23 -29.90 -79.22
N SER YA 82 93.45 -31.18 -78.89
CA SER YA 82 92.46 -32.20 -79.21
C SER YA 82 91.15 -31.95 -78.48
N LEU YA 83 91.21 -31.58 -77.20
CA LEU YA 83 90.00 -31.24 -76.47
C LEU YA 83 89.38 -29.94 -76.97
N PHE YA 84 90.19 -28.98 -77.38
CA PHE YA 84 89.68 -27.72 -77.92
C PHE YA 84 88.92 -27.94 -79.21
N ASP YA 85 89.39 -28.85 -80.06
CA ASP YA 85 88.74 -29.12 -81.34
C ASP YA 85 87.36 -29.75 -81.19
N ALA YA 86 87.01 -30.24 -80.00
CA ALA YA 86 85.74 -30.92 -79.78
C ALA YA 86 84.76 -30.08 -78.97
N ARG YA 87 85.01 -28.78 -78.83
CA ARG YA 87 84.12 -27.87 -78.10
C ARG YA 87 83.97 -28.26 -76.64
N VAL YA 88 84.97 -28.94 -76.08
CA VAL YA 88 84.91 -29.33 -74.68
C VAL YA 88 84.97 -28.11 -73.77
N HIS YA 89 85.64 -27.05 -74.21
CA HIS YA 89 85.84 -25.87 -73.38
C HIS YA 89 84.58 -25.04 -73.19
N LEU YA 90 83.51 -25.33 -73.92
CA LEU YA 90 82.30 -24.51 -73.88
C LEU YA 90 81.30 -25.08 -72.89
N GLY YA 91 80.80 -24.22 -72.00
CA GLY YA 91 79.82 -24.62 -71.02
C GLY YA 91 78.53 -23.82 -71.13
N HIS YA 92 77.65 -23.95 -70.15
CA HIS YA 92 76.38 -23.25 -70.17
C HIS YA 92 76.57 -21.77 -69.88
N LYS YA 93 75.46 -21.04 -69.81
CA LYS YA 93 75.51 -19.61 -69.57
C LYS YA 93 75.92 -19.32 -68.13
N ALA YA 94 76.06 -18.04 -67.81
CA ALA YA 94 76.45 -17.65 -66.46
C ALA YA 94 75.36 -17.95 -65.45
N GLY YA 95 74.09 -17.84 -65.84
CA GLY YA 95 73.01 -18.11 -64.91
C GLY YA 95 72.83 -19.57 -64.58
N CYS YA 96 73.28 -20.46 -65.46
CA CYS YA 96 73.19 -21.90 -65.24
C CYS YA 96 74.39 -22.44 -64.48
N ARG YA 97 75.35 -21.58 -64.13
CA ARG YA 97 76.60 -22.04 -63.53
C ARG YA 97 76.37 -22.49 -62.10
N HIS YA 98 76.89 -23.67 -61.77
CA HIS YA 98 76.83 -24.16 -60.40
C HIS YA 98 77.84 -23.43 -59.52
N ARG YA 99 77.55 -23.39 -58.22
CA ARG YA 99 78.43 -22.70 -57.29
C ARG YA 99 79.76 -23.42 -57.11
N PHE YA 100 79.80 -24.72 -57.40
CA PHE YA 100 81.00 -25.52 -57.17
C PHE YA 100 81.86 -25.65 -58.42
N MET YA 101 81.49 -25.01 -59.51
CA MET YA 101 82.27 -24.99 -60.74
C MET YA 101 83.14 -23.74 -60.86
N GLU YA 102 83.18 -22.89 -59.84
CA GLU YA 102 83.99 -21.67 -59.92
C GLU YA 102 85.47 -21.96 -60.15
N PRO YA 103 86.13 -22.86 -59.42
CA PRO YA 103 87.56 -23.09 -59.69
C PRO YA 103 87.84 -23.81 -60.99
N TYR YA 104 86.83 -24.42 -61.63
CA TYR YA 104 87.03 -25.22 -62.83
C TYR YA 104 86.72 -24.44 -64.11
N LEU YA 105 86.62 -23.12 -64.02
CA LEU YA 105 86.27 -22.29 -65.17
C LEU YA 105 87.39 -21.29 -65.46
N PHE YA 106 87.56 -20.99 -66.74
CA PHE YA 106 88.53 -19.99 -67.18
C PHE YA 106 87.97 -18.58 -67.11
N GLY YA 107 86.69 -18.41 -67.41
CA GLY YA 107 86.05 -17.10 -67.41
C GLY YA 107 84.66 -17.12 -67.99
N SER YA 108 84.21 -15.99 -68.52
CA SER YA 108 82.87 -15.88 -69.10
C SER YA 108 82.97 -15.06 -70.38
N ARG YA 109 82.60 -15.67 -71.51
CA ARG YA 109 82.66 -15.01 -72.81
C ARG YA 109 81.25 -14.54 -73.17
N LEU YA 110 80.92 -13.31 -72.76
CA LEU YA 110 79.65 -12.68 -73.08
C LEU YA 110 78.47 -13.54 -72.62
N GLY YA 111 78.43 -13.80 -71.31
CA GLY YA 111 77.40 -14.61 -70.70
C GLY YA 111 77.70 -16.09 -70.66
N GLN YA 112 78.32 -16.62 -71.72
CA GLN YA 112 78.67 -18.02 -71.77
C GLN YA 112 79.98 -18.28 -71.05
N ASP YA 113 79.96 -19.18 -70.08
CA ASP YA 113 81.16 -19.53 -69.32
C ASP YA 113 82.04 -20.47 -70.14
N ILE YA 114 83.35 -20.27 -70.06
CA ILE YA 114 84.31 -21.14 -70.74
C ILE YA 114 85.08 -21.94 -69.70
N ILE YA 115 85.15 -23.25 -69.92
CA ILE YA 115 85.93 -24.14 -69.08
C ILE YA 115 87.36 -24.15 -69.61
N ASP YA 116 88.32 -23.84 -68.74
CA ASP YA 116 89.72 -23.95 -69.12
C ASP YA 116 90.07 -25.41 -69.30
N LEU YA 117 90.89 -25.71 -70.30
CA LEU YA 117 91.22 -27.11 -70.56
C LEU YA 117 92.49 -27.57 -69.87
N GLU YA 118 93.23 -26.67 -69.19
CA GLU YA 118 94.41 -27.11 -68.45
C GLU YA 118 94.02 -28.08 -67.34
N GLN YA 119 93.15 -27.65 -66.42
CA GLN YA 119 92.68 -28.57 -65.40
C GLN YA 119 91.79 -29.67 -65.97
N THR YA 120 91.13 -29.43 -67.10
CA THR YA 120 90.38 -30.51 -67.74
C THR YA 120 91.31 -31.66 -68.13
N ALA YA 121 92.44 -31.35 -68.77
CA ALA YA 121 93.41 -32.38 -69.13
C ALA YA 121 94.09 -32.96 -67.89
N ALA YA 122 94.39 -32.12 -66.90
CA ALA YA 122 94.98 -32.63 -65.67
C ALA YA 122 94.07 -33.64 -64.97
N HIS YA 123 92.77 -33.37 -64.93
CA HIS YA 123 91.80 -34.31 -64.39
C HIS YA 123 91.63 -35.52 -65.29
N LEU YA 124 91.65 -35.33 -66.61
CA LEU YA 124 91.38 -36.41 -67.54
C LEU YA 124 92.51 -37.44 -67.55
N GLN YA 125 93.76 -36.99 -67.36
CA GLN YA 125 94.85 -37.94 -67.22
C GLN YA 125 94.60 -38.92 -66.09
N LEU YA 126 94.30 -38.41 -64.89
CA LEU YA 126 93.99 -39.27 -63.75
C LEU YA 126 92.73 -40.08 -63.98
N ALA YA 127 91.71 -39.49 -64.61
CA ALA YA 127 90.47 -40.20 -64.88
C ALA YA 127 90.70 -41.41 -65.77
N LEU YA 128 91.42 -41.23 -66.88
CA LEU YA 128 91.72 -42.35 -67.77
C LEU YA 128 92.64 -43.36 -67.11
N ASN YA 129 93.63 -42.91 -66.33
CA ASN YA 129 94.50 -43.85 -65.64
C ASN YA 129 93.71 -44.72 -64.66
N PHE YA 130 92.83 -44.10 -63.88
CA PHE YA 130 92.00 -44.84 -62.93
C PHE YA 130 91.04 -45.77 -63.64
N THR YA 131 90.44 -45.33 -64.75
CA THR YA 131 89.55 -46.19 -65.51
C THR YA 131 90.30 -47.40 -66.07
N ALA YA 132 91.51 -47.19 -66.58
CA ALA YA 132 92.28 -48.27 -67.16
C ALA YA 132 92.76 -49.26 -66.11
N HIS YA 133 93.15 -48.78 -64.92
CA HIS YA 133 93.62 -49.69 -63.88
C HIS YA 133 92.52 -50.64 -63.40
N VAL YA 134 91.29 -50.17 -63.26
CA VAL YA 134 90.20 -51.04 -62.84
C VAL YA 134 89.95 -52.13 -63.88
N ALA YA 135 89.97 -51.77 -65.16
CA ALA YA 135 89.82 -52.76 -66.21
C ALA YA 135 90.98 -53.74 -66.23
N TYR YA 136 92.19 -53.26 -65.96
CA TYR YA 136 93.36 -54.14 -65.90
C TYR YA 136 93.23 -55.15 -64.76
N ARG YA 137 92.70 -54.72 -63.61
CA ARG YA 137 92.55 -55.60 -62.46
C ARG YA 137 91.22 -56.35 -62.45
N GLU YA 138 90.62 -56.58 -63.62
CA GLU YA 138 89.38 -57.35 -63.75
C GLU YA 138 88.26 -56.75 -62.90
N GLY YA 139 87.92 -55.51 -63.22
CA GLY YA 139 86.87 -54.78 -62.52
C GLY YA 139 85.69 -54.52 -63.43
N ILE YA 140 84.50 -54.48 -62.84
CA ILE YA 140 83.27 -54.20 -63.57
C ILE YA 140 83.12 -52.68 -63.72
N ILE YA 141 83.01 -52.23 -64.96
CA ILE YA 141 82.89 -50.82 -65.28
C ILE YA 141 81.57 -50.60 -66.00
N LEU YA 142 80.80 -49.62 -65.50
CA LEU YA 142 79.45 -49.37 -66.00
C LEU YA 142 79.34 -47.90 -66.40
N PHE YA 143 78.83 -47.67 -67.61
CA PHE YA 143 78.63 -46.33 -68.14
C PHE YA 143 77.19 -45.90 -67.87
N VAL YA 144 77.00 -45.02 -66.88
CA VAL YA 144 75.68 -44.47 -66.58
C VAL YA 144 75.56 -43.15 -67.33
N SER YA 145 74.46 -42.99 -68.07
CA SER YA 145 74.24 -41.75 -68.79
C SER YA 145 72.77 -41.59 -69.14
N ARG YA 146 72.13 -40.57 -68.59
CA ARG YA 146 70.72 -40.29 -68.84
C ARG YA 146 70.63 -39.07 -69.77
N HIS YA 147 70.63 -39.33 -71.07
CA HIS YA 147 70.49 -38.28 -72.08
C HIS YA 147 69.92 -38.90 -73.34
N ARG YA 148 68.74 -38.44 -73.74
CA ARG YA 148 68.03 -39.04 -74.87
C ARG YA 148 68.45 -38.43 -76.21
N GLN YA 149 69.75 -38.38 -76.45
CA GLN YA 149 70.23 -38.01 -77.77
C GLN YA 149 71.28 -38.97 -78.30
N PHE YA 150 72.13 -39.51 -77.42
CA PHE YA 150 73.32 -40.25 -77.78
C PHE YA 150 73.37 -41.60 -77.08
N ALA YA 151 72.26 -41.95 -76.40
CA ALA YA 151 72.20 -43.18 -75.63
C ALA YA 151 72.62 -44.39 -76.45
N HIS YA 152 72.15 -44.47 -77.70
CA HIS YA 152 72.59 -45.54 -78.60
C HIS YA 152 74.10 -45.59 -78.71
N LEU YA 153 74.75 -44.42 -78.82
CA LEU YA 153 76.21 -44.39 -78.87
C LEU YA 153 76.81 -44.92 -77.58
N ILE YA 154 76.20 -44.63 -76.43
CA ILE YA 154 76.75 -45.21 -75.20
C ILE YA 154 76.67 -46.74 -75.19
N GLU YA 155 75.55 -47.35 -75.57
CA GLU YA 155 75.51 -48.81 -75.57
C GLU YA 155 76.47 -49.39 -76.60
N THR YA 156 76.60 -48.76 -77.77
CA THR YA 156 77.59 -49.24 -78.73
C THR YA 156 79.01 -49.18 -78.16
N THR YA 157 79.38 -48.06 -77.53
CA THR YA 157 80.72 -47.94 -76.95
C THR YA 157 80.94 -48.98 -75.87
N ALA YA 158 79.96 -49.17 -74.99
CA ALA YA 158 80.11 -50.16 -73.92
C ALA YA 158 80.21 -51.58 -74.46
N ARG YA 159 79.40 -51.93 -75.47
CA ARG YA 159 79.48 -53.26 -76.06
C ARG YA 159 80.84 -53.49 -76.72
N ASP YA 160 81.36 -52.49 -77.42
CA ASP YA 160 82.69 -52.64 -78.01
C ASP YA 160 83.78 -52.74 -76.93
N CYS YA 161 83.60 -52.04 -75.80
CA CYS YA 161 84.55 -52.13 -74.70
C CYS YA 161 84.48 -53.43 -73.94
N GLY YA 162 83.33 -54.11 -73.98
CA GLY YA 162 83.16 -55.28 -73.14
C GLY YA 162 82.72 -54.97 -71.72
N GLU YA 163 82.37 -53.72 -71.45
CA GLU YA 163 81.86 -53.29 -70.14
C GLU YA 163 80.35 -53.11 -70.24
N TYR YA 164 79.73 -52.66 -69.14
CA TYR YA 164 78.28 -52.61 -69.07
C TYR YA 164 77.81 -51.16 -69.12
N ALA YA 165 76.54 -50.98 -69.48
CA ALA YA 165 75.98 -49.65 -69.67
C ALA YA 165 74.58 -49.56 -69.09
N HIS YA 166 74.22 -48.35 -68.67
CA HIS YA 166 72.88 -48.02 -68.19
C HIS YA 166 72.58 -46.61 -68.68
N THR YA 167 71.74 -46.52 -69.72
CA THR YA 167 71.31 -45.25 -70.27
C THR YA 167 69.81 -45.04 -70.18
N ARG YA 168 69.09 -46.00 -69.64
CA ARG YA 168 67.64 -45.94 -69.55
C ARG YA 168 67.24 -45.35 -68.21
N TYR YA 169 65.95 -45.43 -67.88
CA TYR YA 169 65.46 -44.93 -66.60
C TYR YA 169 66.07 -45.73 -65.45
N PHE YA 170 66.69 -45.03 -64.51
CA PHE YA 170 67.35 -45.67 -63.38
C PHE YA 170 66.31 -46.03 -62.33
N LYS YA 171 66.21 -47.31 -62.00
CA LYS YA 171 65.26 -47.76 -61.00
C LYS YA 171 65.74 -47.37 -59.60
N GLY YA 172 64.83 -47.47 -58.64
CA GLY YA 172 65.11 -47.00 -57.29
C GLY YA 172 66.21 -47.75 -56.56
N GLY YA 173 65.96 -49.01 -56.22
CA GLY YA 173 66.93 -49.78 -55.46
C GLY YA 173 67.88 -50.59 -56.31
N LEU YA 174 68.37 -49.99 -57.40
CA LEU YA 174 69.25 -50.73 -58.31
C LEU YA 174 70.59 -51.04 -57.65
N LEU YA 175 71.29 -50.01 -57.17
CA LEU YA 175 72.59 -50.20 -56.55
C LEU YA 175 72.49 -50.51 -55.05
N THR YA 176 71.44 -50.04 -54.38
CA THR YA 176 71.29 -50.30 -52.95
C THR YA 176 70.66 -51.67 -52.71
N ASN YA 177 69.49 -51.91 -53.30
CA ASN YA 177 68.78 -53.17 -53.13
C ASN YA 177 69.16 -54.16 -54.23
N ALA YA 178 70.47 -54.38 -54.34
CA ALA YA 178 71.04 -55.30 -55.32
C ALA YA 178 70.54 -56.74 -55.13
N PRO YA 179 70.49 -57.29 -53.90
CA PRO YA 179 70.03 -58.68 -53.74
C PRO YA 179 68.58 -58.92 -54.14
N LEU YA 180 67.87 -57.87 -54.55
CA LEU YA 180 66.48 -58.01 -54.97
C LEU YA 180 66.23 -57.58 -56.41
N LEU YA 181 66.81 -56.46 -56.84
CA LEU YA 181 66.52 -55.94 -58.18
C LEU YA 181 67.25 -56.74 -59.26
N LEU YA 182 68.49 -57.16 -59.00
CA LEU YA 182 69.29 -57.84 -60.01
C LEU YA 182 69.28 -59.35 -59.87
N GLY YA 183 69.42 -59.87 -58.66
CA GLY YA 183 69.44 -61.30 -58.42
C GLY YA 183 69.72 -61.62 -56.98
N PRO YA 184 69.76 -62.91 -56.63
CA PRO YA 184 70.03 -63.28 -55.24
C PRO YA 184 71.38 -62.79 -54.74
N GLY YA 185 72.45 -63.14 -55.44
CA GLY YA 185 73.76 -62.60 -55.12
C GLY YA 185 74.49 -62.13 -56.35
N VAL YA 186 74.78 -60.84 -56.43
CA VAL YA 186 75.36 -60.22 -57.61
C VAL YA 186 76.66 -59.52 -57.21
N ARG YA 187 77.39 -59.08 -58.23
CA ARG YA 187 78.62 -58.32 -58.05
C ARG YA 187 78.38 -56.87 -58.44
N LEU YA 188 78.57 -55.96 -57.50
CA LEU YA 188 78.35 -54.55 -57.75
C LEU YA 188 79.40 -54.01 -58.71
N PRO YA 189 79.02 -53.05 -59.56
CA PRO YA 189 80.02 -52.45 -60.46
C PRO YA 189 81.13 -51.78 -59.67
N ASP YA 190 82.37 -52.05 -60.07
CA ASP YA 190 83.51 -51.49 -59.38
C ASP YA 190 83.85 -50.08 -59.83
N LEU YA 191 83.30 -49.61 -60.95
CA LEU YA 191 83.55 -48.25 -61.38
C LEU YA 191 82.36 -47.74 -62.19
N ILE YA 192 82.00 -46.48 -61.99
CA ILE YA 192 80.86 -45.85 -62.65
C ILE YA 192 81.35 -44.65 -63.44
N ILE YA 193 81.12 -44.67 -64.75
CA ILE YA 193 81.47 -43.55 -65.65
C ILE YA 193 80.20 -42.77 -65.98
N PHE YA 194 80.21 -41.49 -65.65
CA PHE YA 194 79.11 -40.58 -65.95
C PHE YA 194 79.47 -39.75 -67.17
N LEU YA 195 78.71 -39.92 -68.25
CA LEU YA 195 78.81 -39.03 -69.40
C LEU YA 195 77.84 -37.86 -69.31
N HIS YA 196 76.77 -38.00 -68.54
CA HIS YA 196 75.82 -36.92 -68.29
C HIS YA 196 75.36 -37.06 -66.84
N THR YA 197 75.87 -36.18 -65.98
CA THR YA 197 75.56 -36.28 -64.55
C THR YA 197 74.12 -35.86 -64.24
N LEU YA 198 73.46 -35.15 -65.13
CA LEU YA 198 72.10 -34.70 -64.93
C LEU YA 198 71.13 -35.52 -65.78
N ASN YA 199 69.95 -35.78 -65.23
CA ASN YA 199 68.91 -36.50 -65.94
C ASN YA 199 68.05 -35.49 -66.72
N ASN YA 200 66.91 -35.96 -67.25
CA ASN YA 200 66.05 -35.09 -68.06
C ASN YA 200 65.31 -34.06 -67.22
N VAL YA 201 65.35 -34.17 -65.89
CA VAL YA 201 64.70 -33.23 -65.00
C VAL YA 201 65.65 -32.11 -64.57
N PHE YA 202 66.92 -32.22 -64.95
CA PHE YA 202 67.99 -31.29 -64.53
C PHE YA 202 68.28 -31.41 -63.04
N GLU YA 203 68.12 -32.63 -62.51
CA GLU YA 203 68.47 -32.97 -61.15
C GLU YA 203 69.68 -33.89 -61.12
N PRO YA 204 70.44 -33.91 -60.03
CA PRO YA 204 71.56 -34.85 -59.94
C PRO YA 204 71.07 -36.29 -60.06
N HIS YA 205 71.89 -37.11 -60.70
CA HIS YA 205 71.49 -38.47 -61.03
C HIS YA 205 71.37 -39.32 -59.76
N VAL YA 206 70.65 -40.43 -59.90
CA VAL YA 206 70.50 -41.36 -58.78
C VAL YA 206 71.80 -42.12 -58.52
N ALA YA 207 72.50 -42.49 -59.59
CA ALA YA 207 73.68 -43.33 -59.45
C ALA YA 207 74.85 -42.61 -58.82
N VAL YA 208 74.97 -41.29 -58.99
CA VAL YA 208 76.07 -40.58 -58.34
C VAL YA 208 75.90 -40.61 -56.83
N ARG YA 209 74.66 -40.53 -56.34
CA ARG YA 209 74.42 -40.69 -54.91
C ARG YA 209 74.57 -42.13 -54.44
N ASP YA 210 74.06 -43.09 -55.22
CA ASP YA 210 74.14 -44.48 -54.80
C ASP YA 210 75.56 -45.02 -54.81
N ALA YA 211 76.41 -44.57 -55.74
CA ALA YA 211 77.80 -45.01 -55.73
C ALA YA 211 78.53 -44.51 -54.49
N ALA YA 212 78.29 -43.25 -54.10
CA ALA YA 212 78.83 -42.75 -52.85
C ALA YA 212 78.28 -43.51 -51.65
N LYS YA 213 77.01 -43.90 -51.69
CA LYS YA 213 76.43 -44.72 -50.62
C LYS YA 213 77.08 -46.09 -50.53
N MET YA 214 77.38 -46.73 -51.65
CA MET YA 214 77.90 -48.09 -51.69
C MET YA 214 79.42 -48.14 -51.84
N ASN YA 215 80.09 -46.99 -51.72
CA ASN YA 215 81.56 -46.91 -51.80
C ASN YA 215 82.06 -47.43 -53.16
N ILE YA 216 81.45 -46.92 -54.22
CA ILE YA 216 81.78 -47.29 -55.60
C ILE YA 216 82.45 -46.09 -56.25
N PRO YA 217 83.68 -46.22 -56.75
CA PRO YA 217 84.33 -45.09 -57.43
C PRO YA 217 83.54 -44.61 -58.63
N THR YA 218 83.48 -43.29 -58.78
CA THR YA 218 82.75 -42.64 -59.84
C THR YA 218 83.64 -41.63 -60.53
N VAL YA 219 83.82 -41.81 -61.84
CA VAL YA 219 84.50 -40.84 -62.70
C VAL YA 219 83.44 -40.23 -63.61
N GLY YA 220 83.45 -38.90 -63.71
CA GLY YA 220 82.37 -38.24 -64.42
C GLY YA 220 82.70 -36.95 -65.13
N ILE YA 221 82.13 -36.78 -66.32
CA ILE YA 221 82.26 -35.53 -67.06
C ILE YA 221 81.20 -34.56 -66.54
N VAL YA 222 81.65 -33.50 -65.87
CA VAL YA 222 80.76 -32.54 -65.21
C VAL YA 222 80.73 -31.26 -66.01
N ASP YA 223 79.53 -30.79 -66.31
CA ASP YA 223 79.34 -29.53 -67.04
C ASP YA 223 79.28 -28.37 -66.04
N THR YA 224 79.08 -27.15 -66.54
CA THR YA 224 79.05 -25.99 -65.67
C THR YA 224 77.89 -26.01 -64.69
N ASN YA 225 76.83 -26.78 -64.98
CA ASN YA 225 75.67 -26.88 -64.10
C ASN YA 225 75.67 -28.16 -63.27
N CYS YA 226 76.77 -28.90 -63.26
CA CYS YA 226 76.87 -30.17 -62.54
C CYS YA 226 77.38 -29.95 -61.12
N ASN YA 227 77.28 -31.00 -60.31
CA ASN YA 227 77.75 -30.99 -58.93
C ASN YA 227 78.87 -32.01 -58.77
N PRO YA 228 80.13 -31.59 -58.71
CA PRO YA 228 81.25 -32.54 -58.61
C PRO YA 228 81.62 -32.96 -57.19
N ALA YA 229 80.82 -32.59 -56.18
CA ALA YA 229 81.21 -32.84 -54.81
C ALA YA 229 81.24 -34.33 -54.48
N LEU YA 230 80.37 -35.13 -55.10
CA LEU YA 230 80.29 -36.56 -54.80
C LEU YA 230 81.07 -37.41 -55.79
N ILE YA 231 81.43 -36.89 -56.95
CA ILE YA 231 82.15 -37.67 -57.95
C ILE YA 231 83.61 -37.79 -57.54
N THR YA 232 84.12 -39.02 -57.47
CA THR YA 232 85.48 -39.25 -57.03
C THR YA 232 86.49 -38.64 -57.99
N TYR YA 233 86.27 -38.81 -59.30
CA TYR YA 233 87.16 -38.31 -60.34
C TYR YA 233 86.34 -37.46 -61.30
N PRO YA 234 86.18 -36.17 -61.03
CA PRO YA 234 85.45 -35.29 -61.95
C PRO YA 234 86.38 -34.64 -62.97
N VAL YA 235 85.86 -34.54 -64.20
CA VAL YA 235 86.55 -33.87 -65.28
C VAL YA 235 85.67 -32.77 -65.83
N PRO YA 236 86.02 -31.50 -65.68
CA PRO YA 236 85.17 -30.41 -66.18
C PRO YA 236 85.24 -30.34 -67.70
N GLY YA 237 84.10 -30.50 -68.34
CA GLY YA 237 84.04 -30.50 -69.79
C GLY YA 237 82.65 -30.22 -70.29
N ASN YA 238 82.43 -30.54 -71.56
CA ASN YA 238 81.17 -30.33 -72.24
C ASN YA 238 80.53 -31.67 -72.56
N ASP YA 239 79.29 -31.86 -72.13
CA ASP YA 239 78.56 -33.09 -72.38
C ASP YA 239 77.38 -32.91 -73.32
N ASP YA 240 77.20 -31.73 -73.90
CA ASP YA 240 76.10 -31.47 -74.82
C ASP YA 240 76.55 -31.37 -76.27
N SER YA 241 77.86 -31.33 -76.53
CA SER YA 241 78.39 -31.26 -77.89
C SER YA 241 78.66 -32.67 -78.42
N PRO YA 242 78.14 -32.97 -79.60
CA PRO YA 242 78.40 -34.28 -80.22
C PRO YA 242 79.89 -34.56 -80.38
N PRO YA 243 80.70 -33.61 -80.86
CA PRO YA 243 82.14 -33.89 -80.93
C PRO YA 243 82.78 -34.14 -79.57
N ALA YA 244 82.39 -33.40 -78.54
CA ALA YA 244 82.96 -33.61 -77.21
C ALA YA 244 82.59 -34.99 -76.66
N VAL YA 245 81.32 -35.37 -76.77
CA VAL YA 245 80.93 -36.67 -76.23
C VAL YA 245 81.54 -37.80 -77.04
N ARG YA 246 81.67 -37.65 -78.37
CA ARG YA 246 82.35 -38.68 -79.14
C ARG YA 246 83.82 -38.77 -78.78
N LEU YA 247 84.48 -37.65 -78.53
CA LEU YA 247 85.87 -37.69 -78.08
C LEU YA 247 85.98 -38.42 -76.75
N PHE YA 248 85.11 -38.10 -75.79
CA PHE YA 248 85.16 -38.78 -74.51
C PHE YA 248 84.87 -40.27 -74.65
N CYS YA 249 83.90 -40.64 -75.47
CA CYS YA 249 83.59 -42.05 -75.67
C CYS YA 249 84.74 -42.80 -76.31
N ARG YA 250 85.40 -42.21 -77.31
CA ARG YA 250 86.56 -42.84 -77.92
C ARG YA 250 87.73 -42.97 -76.96
N LEU YA 251 87.99 -41.93 -76.15
CA LEU YA 251 89.04 -42.02 -75.15
C LEU YA 251 88.77 -43.12 -74.13
N PHE YA 252 87.54 -43.20 -73.63
CA PHE YA 252 87.21 -44.27 -72.68
C PHE YA 252 87.13 -45.64 -73.35
N GLN YA 253 86.90 -45.69 -74.66
CA GLN YA 253 86.95 -46.96 -75.38
C GLN YA 253 88.39 -47.47 -75.46
N VAL YA 254 89.30 -46.61 -75.91
CA VAL YA 254 90.69 -47.03 -76.04
C VAL YA 254 91.36 -47.26 -74.69
N ALA YA 255 90.95 -46.52 -73.64
CA ALA YA 255 91.50 -46.76 -72.31
C ALA YA 255 91.18 -48.16 -71.81
N ILE YA 256 89.95 -48.63 -72.02
CA ILE YA 256 89.61 -50.00 -71.66
C ILE YA 256 90.27 -51.02 -72.58
N SER YA 257 90.31 -50.75 -73.90
CA SER YA 257 90.88 -51.71 -74.83
C SER YA 257 92.35 -51.97 -74.53
N ARG YA 258 93.12 -50.89 -74.31
CA ARG YA 258 94.54 -51.07 -73.98
C ARG YA 258 94.73 -51.80 -72.67
N ALA YA 259 93.92 -51.47 -71.66
CA ALA YA 259 94.03 -52.14 -70.37
C ALA YA 259 93.81 -53.64 -70.50
N LYS YA 260 92.72 -54.04 -71.16
CA LYS YA 260 92.45 -55.46 -71.34
C LYS YA 260 93.53 -56.16 -72.16
N GLU YA 261 93.96 -55.56 -73.28
CA GLU YA 261 94.97 -56.22 -74.09
C GLU YA 261 96.27 -56.38 -73.32
N LYS YA 262 96.71 -55.34 -72.62
CA LYS YA 262 97.96 -55.46 -71.89
C LYS YA 262 97.84 -56.43 -70.73
N ARG YA 263 96.64 -56.57 -70.14
CA ARG YA 263 96.42 -57.67 -69.19
C ARG YA 263 96.63 -59.02 -69.86
N ARG YA 264 96.16 -59.18 -71.10
CA ARG YA 264 96.39 -60.44 -71.81
C ARG YA 264 97.86 -60.73 -72.07
N GLN YA 265 98.64 -59.74 -72.55
CA GLN YA 265 100.08 -60.01 -72.69
C GLN YA 265 100.79 -60.20 -71.34
N VAL YA 266 100.33 -59.54 -70.28
CA VAL YA 266 100.95 -59.80 -68.98
C VAL YA 266 100.69 -61.23 -68.54
N GLU YA 267 99.47 -61.74 -68.76
CA GLU YA 267 99.20 -63.14 -68.45
C GLU YA 267 99.98 -64.08 -69.35
N ALA YA 268 100.17 -63.71 -70.63
CA ALA YA 268 100.97 -64.52 -71.53
C ALA YA 268 102.41 -64.65 -71.04
N LEU YA 269 103.00 -63.53 -70.61
CA LEU YA 269 104.33 -63.60 -70.01
C LEU YA 269 104.34 -64.34 -68.68
N TYR YA 270 103.26 -64.25 -67.91
CA TYR YA 270 103.14 -65.03 -66.68
C TYR YA 270 103.19 -66.52 -66.98
N ARG YA 271 102.55 -66.96 -68.06
CA ARG YA 271 102.62 -68.37 -68.42
C ARG YA 271 104.04 -68.81 -68.79
N LEU YA 272 104.80 -67.95 -69.47
CA LEU YA 272 106.18 -68.27 -69.82
C LEU YA 272 107.14 -68.11 -68.65
N GLN YA 273 106.74 -67.42 -67.59
CA GLN YA 273 107.57 -67.31 -66.40
C GLN YA 273 107.94 -68.64 -65.77
N GLY YA 274 107.14 -69.69 -66.01
CA GLY YA 274 107.42 -70.99 -65.46
C GLY YA 274 106.61 -72.11 -66.11
N LYS ZA 36 30.48 -61.46 -44.77
CA LYS ZA 36 31.53 -62.23 -45.44
C LYS ZA 36 31.33 -63.73 -45.21
N ASN ZA 37 31.45 -64.50 -46.28
CA ASN ZA 37 31.34 -65.95 -46.18
C ASN ZA 37 32.49 -66.51 -45.35
N ARG ZA 38 32.17 -67.44 -44.46
CA ARG ZA 38 33.18 -68.03 -43.59
C ARG ZA 38 33.12 -69.55 -43.51
N ALA ZA 39 32.30 -70.20 -44.33
CA ALA ZA 39 32.13 -71.64 -44.25
C ALA ZA 39 33.27 -72.36 -44.98
N ALA ZA 40 33.89 -73.32 -44.31
CA ALA ZA 40 34.95 -74.15 -44.89
C ALA ZA 40 36.05 -73.31 -45.51
N ARG ZA 41 36.45 -72.26 -44.79
CA ARG ZA 41 37.46 -71.32 -45.27
C ARG ZA 41 38.48 -71.07 -44.16
N VAL ZA 42 39.75 -71.28 -44.48
CA VAL ZA 42 40.84 -70.91 -43.60
C VAL ZA 42 41.27 -69.48 -43.93
N ARG ZA 43 41.33 -68.64 -42.91
CA ARG ZA 43 41.62 -67.22 -43.13
C ARG ZA 43 43.10 -67.01 -43.42
N VAL ZA 44 43.38 -65.99 -44.21
CA VAL ZA 44 44.75 -65.68 -44.61
C VAL ZA 44 45.47 -65.01 -43.45
N SER ZA 45 46.67 -65.50 -43.14
CA SER ZA 45 47.51 -64.91 -42.11
C SER ZA 45 48.47 -63.90 -42.75
N LYS ZA 46 49.49 -63.49 -42.01
CA LYS ZA 46 50.47 -62.54 -42.53
C LYS ZA 46 51.26 -63.10 -43.70
N GLY ZA 47 51.22 -64.40 -43.94
CA GLY ZA 47 51.91 -64.98 -45.08
C GLY ZA 47 52.85 -66.10 -44.74
N ASP ZA 48 52.68 -66.71 -43.57
CA ASP ZA 48 53.55 -67.78 -43.11
C ASP ZA 48 52.84 -69.09 -42.82
N LYS ZA 49 51.52 -69.13 -42.87
CA LYS ZA 49 50.81 -70.36 -42.53
C LYS ZA 49 50.91 -71.35 -43.68
N PRO ZA 50 51.19 -72.63 -43.41
CA PRO ZA 50 51.14 -73.65 -44.46
C PRO ZA 50 49.72 -74.19 -44.60
N VAL ZA 51 49.20 -74.16 -45.82
CA VAL ZA 51 47.82 -74.59 -46.10
C VAL ZA 51 47.84 -75.62 -47.21
N THR ZA 52 47.08 -76.69 -47.02
CA THR ZA 52 46.99 -77.78 -47.98
C THR ZA 52 46.04 -77.39 -49.11
N TYR ZA 53 46.06 -78.18 -50.20
CA TYR ZA 53 45.22 -77.90 -51.35
C TYR ZA 53 43.74 -77.93 -50.99
N GLU ZA 54 43.33 -78.87 -50.15
CA GLU ZA 54 41.91 -78.95 -49.78
C GLU ZA 54 41.46 -77.72 -49.01
N GLU ZA 55 42.28 -77.23 -48.08
CA GLU ZA 55 41.91 -76.07 -47.29
C GLU ZA 55 42.10 -74.76 -48.03
N ALA ZA 56 42.93 -74.73 -49.07
CA ALA ZA 56 43.20 -73.50 -49.80
C ALA ZA 56 42.07 -73.11 -50.75
N HIS ZA 57 41.07 -73.95 -50.93
CA HIS ZA 57 39.98 -73.70 -51.86
C HIS ZA 57 38.67 -73.55 -51.09
N ALA ZA 58 37.92 -72.50 -51.43
CA ALA ZA 58 36.64 -72.24 -50.80
C ALA ZA 58 35.60 -73.25 -51.28
N PRO ZA 59 34.50 -73.42 -50.53
CA PRO ZA 59 33.48 -74.40 -50.95
C PRO ZA 59 32.82 -74.10 -52.28
N HIS ZA 60 32.92 -72.88 -52.80
CA HIS ZA 60 32.38 -72.58 -54.12
C HIS ZA 60 33.25 -73.12 -55.24
N TYR ZA 61 34.29 -73.88 -54.93
CA TYR ZA 61 35.14 -74.53 -55.92
C TYR ZA 61 34.94 -76.04 -55.97
N ILE ZA 62 34.02 -76.58 -55.18
CA ILE ZA 62 33.77 -78.02 -55.20
C ILE ZA 62 33.21 -78.42 -56.56
N ALA ZA 63 33.73 -79.52 -57.11
CA ALA ZA 63 33.47 -80.04 -58.44
C ALA ZA 63 34.00 -79.14 -59.54
N HIS ZA 64 34.58 -77.98 -59.20
CA HIS ZA 64 35.22 -77.11 -60.18
C HIS ZA 64 36.73 -77.30 -60.16
N ARG ZA 65 37.35 -77.11 -59.00
CA ARG ZA 65 38.79 -77.29 -58.84
C ARG ZA 65 39.16 -78.46 -57.94
N LYS ZA 66 38.34 -78.77 -56.95
CA LYS ZA 66 38.58 -79.90 -56.06
C LYS ZA 66 37.36 -80.82 -56.04
N GLY ZA 67 37.60 -82.10 -55.73
CA GLY ZA 67 36.58 -83.10 -55.72
C GLY ZA 67 36.04 -83.39 -54.32
N TRP ZA 68 35.04 -84.25 -54.29
CA TRP ZA 68 34.41 -84.65 -53.03
C TRP ZA 68 35.28 -85.64 -52.27
N LEU ZA 69 35.29 -85.52 -50.95
CA LEU ZA 69 36.08 -86.40 -50.10
C LEU ZA 69 35.45 -87.78 -49.93
N SER ZA 70 34.19 -87.96 -50.33
CA SER ZA 70 33.52 -89.24 -50.19
C SER ZA 70 32.66 -89.48 -51.42
N LEU ZA 71 32.59 -90.75 -51.84
CA LEU ZA 71 31.81 -91.15 -53.01
C LEU ZA 71 30.93 -92.33 -52.62
N HIS ZA 72 29.64 -92.23 -52.95
CA HIS ZA 72 28.70 -93.34 -52.75
C HIS ZA 72 27.49 -93.09 -53.64
N THR ZA 73 26.50 -93.96 -53.54
CA THR ZA 73 25.34 -93.93 -54.43
C THR ZA 73 24.11 -93.28 -53.82
N GLY ZA 74 24.12 -93.03 -52.50
CA GLY ZA 74 22.94 -92.49 -51.84
C GLY ZA 74 22.59 -91.07 -52.24
N ASN ZA 75 23.55 -90.32 -52.77
CA ASN ZA 75 23.32 -88.94 -53.17
C ASN ZA 75 22.86 -88.81 -54.62
N LEU ZA 76 22.62 -89.93 -55.30
CA LEU ZA 76 22.15 -89.88 -56.68
C LEU ZA 76 20.67 -89.51 -56.69
N ASP ZA 77 20.04 -89.54 -57.86
CA ASP ZA 77 18.67 -89.07 -57.99
C ASP ZA 77 17.67 -90.12 -57.53
N GLY ZA 78 17.66 -91.27 -58.18
CA GLY ZA 78 16.68 -92.29 -57.86
C GLY ZA 78 17.17 -93.35 -56.91
N GLU ZA 79 18.05 -92.96 -55.99
CA GLU ZA 79 18.60 -93.87 -54.99
C GLU ZA 79 18.14 -93.46 -53.60
N ASP ZA 80 18.40 -94.33 -52.63
CA ASP ZA 80 17.96 -94.11 -51.27
C ASP ZA 80 19.10 -94.32 -50.26
N HIS ZA 81 18.76 -94.32 -48.98
CA HIS ZA 81 19.70 -94.66 -47.90
C HIS ZA 81 20.88 -93.69 -47.86
N ALA ZA 82 20.60 -92.40 -48.02
CA ALA ZA 82 21.66 -91.39 -47.94
C ALA ZA 82 22.12 -91.15 -46.51
N ALA ZA 83 21.18 -91.02 -45.56
CA ALA ZA 83 21.53 -90.75 -44.17
C ALA ZA 83 22.26 -91.91 -43.51
N GLU ZA 84 21.90 -93.15 -43.85
CA GLU ZA 84 22.58 -94.30 -43.28
C GLU ZA 84 24.06 -94.28 -43.62
N ARG ZA 85 24.42 -93.86 -44.83
CA ARG ZA 85 25.82 -93.71 -45.21
C ARG ZA 85 26.44 -92.43 -44.65
N THR ZA 86 25.66 -91.35 -44.53
CA THR ZA 86 26.21 -90.10 -44.00
C THR ZA 86 26.64 -90.24 -42.55
N VAL ZA 87 25.82 -90.91 -41.73
CA VAL ZA 87 26.18 -91.09 -40.33
C VAL ZA 87 27.43 -91.94 -40.20
N GLU ZA 88 27.55 -93.00 -41.00
CA GLU ZA 88 28.77 -93.80 -41.02
C GLU ZA 88 29.97 -92.98 -41.49
N ASP ZA 89 29.77 -92.11 -42.48
CA ASP ZA 89 30.85 -91.24 -42.93
C ASP ZA 89 31.38 -90.36 -41.81
N VAL ZA 90 30.48 -89.70 -41.08
CA VAL ZA 90 30.91 -88.84 -39.98
C VAL ZA 90 31.60 -89.66 -38.90
N PHE ZA 91 31.03 -90.83 -38.57
CA PHE ZA 91 31.65 -91.66 -37.54
C PHE ZA 91 33.03 -92.13 -37.96
N LEU ZA 92 33.21 -92.47 -39.23
CA LEU ZA 92 34.53 -92.84 -39.74
C LEU ZA 92 35.52 -91.70 -39.66
N ARG ZA 93 35.12 -90.48 -40.05
CA ARG ZA 93 36.01 -89.33 -39.89
C ARG ZA 93 36.48 -89.21 -38.45
N LYS ZA 94 35.54 -89.19 -37.51
CA LYS ZA 94 35.94 -89.02 -36.10
C LYS ZA 94 36.76 -90.19 -35.57
N PHE ZA 95 36.38 -91.43 -35.91
CA PHE ZA 95 37.08 -92.60 -35.43
C PHE ZA 95 38.51 -92.65 -35.95
N MET ZA 96 38.70 -92.37 -37.24
CA MET ZA 96 40.05 -92.34 -37.79
C MET ZA 96 40.87 -91.19 -37.23
N LEU ZA 97 40.26 -90.02 -37.01
CA LEU ZA 97 40.99 -88.92 -36.41
C LEU ZA 97 41.48 -89.29 -35.00
N GLY ZA 98 40.63 -89.96 -34.23
CA GLY ZA 98 41.07 -90.40 -32.91
C GLY ZA 98 42.03 -91.57 -32.93
N THR ZA 99 41.93 -92.43 -33.94
CA THR ZA 99 42.79 -93.61 -34.01
C THR ZA 99 44.20 -93.23 -34.45
N PHE ZA 100 44.32 -92.28 -35.37
CA PHE ZA 100 45.62 -91.81 -35.81
C PHE ZA 100 45.86 -90.40 -35.27
N PRO ZA 101 46.35 -90.27 -34.04
CA PRO ZA 101 46.42 -88.94 -33.40
C PRO ZA 101 47.69 -88.20 -33.81
N GLY ZA 102 47.51 -87.06 -34.47
CA GLY ZA 102 48.62 -86.20 -34.83
C GLY ZA 102 49.37 -86.59 -36.08
N CYS ZA 103 49.16 -87.79 -36.60
CA CYS ZA 103 49.85 -88.25 -37.80
C CYS ZA 103 48.98 -88.21 -39.05
N LEU ZA 104 47.74 -87.75 -38.93
CA LEU ZA 104 46.86 -87.63 -40.08
C LEU ZA 104 47.16 -86.35 -40.83
N ALA ZA 105 47.54 -86.46 -42.10
CA ALA ZA 105 47.92 -85.29 -42.88
C ALA ZA 105 46.69 -84.56 -43.40
N ASP ZA 106 45.89 -85.23 -44.22
CA ASP ZA 106 44.68 -84.65 -44.80
C ASP ZA 106 43.45 -85.41 -44.32
N GLN ZA 107 42.30 -85.02 -44.84
CA GLN ZA 107 41.07 -85.72 -44.50
C GLN ZA 107 40.98 -87.05 -45.23
N LEU ZA 108 40.14 -87.93 -44.72
CA LEU ZA 108 39.98 -89.26 -45.28
C LEU ZA 108 39.32 -89.21 -46.65
N VAL ZA 109 39.61 -90.21 -47.47
CA VAL ZA 109 38.90 -90.43 -48.72
C VAL ZA 109 38.11 -91.72 -48.53
N LEU ZA 110 36.79 -91.61 -48.44
CA LEU ZA 110 35.94 -92.75 -48.14
C LEU ZA 110 35.27 -93.21 -49.43
N LYS ZA 111 35.74 -94.33 -49.96
CA LYS ZA 111 35.18 -94.93 -51.17
C LYS ZA 111 34.19 -96.00 -50.76
N ARG ZA 112 33.08 -96.09 -51.48
CA ARG ZA 112 32.06 -97.10 -51.20
C ARG ZA 112 31.70 -97.80 -52.50
N ARG ZA 113 32.13 -99.05 -52.64
CA ARG ZA 113 32.04 -99.80 -53.89
C ARG ZA 113 31.65 -101.23 -53.60
N ALA ZA 114 30.36 -101.56 -53.81
CA ALA ZA 114 29.86 -102.94 -53.76
C ALA ZA 114 30.11 -103.57 -52.39
N ASN ZA 115 29.42 -103.00 -51.39
CA ASN ZA 115 29.29 -103.59 -50.05
C ASN ZA 115 30.58 -103.45 -49.25
N GLN ZA 116 31.68 -103.11 -49.91
CA GLN ZA 116 32.97 -102.95 -49.22
C GLN ZA 116 33.40 -101.50 -49.30
N LEU ZA 117 33.75 -100.94 -48.15
CA LEU ZA 117 34.15 -99.54 -48.07
C LEU ZA 117 35.65 -99.43 -47.87
N GLU ZA 118 36.28 -98.60 -48.70
CA GLU ZA 118 37.73 -98.39 -48.67
C GLU ZA 118 38.03 -97.04 -48.05
N ILE ZA 119 39.06 -96.99 -47.20
CA ILE ZA 119 39.46 -95.78 -46.52
C ILE ZA 119 40.88 -95.44 -46.96
N CYS ZA 120 41.02 -94.42 -47.78
CA CYS ZA 120 42.31 -93.92 -48.22
C CYS ZA 120 42.74 -92.81 -47.28
N ALA ZA 121 43.89 -92.99 -46.64
CA ALA ZA 121 44.37 -92.02 -45.67
C ALA ZA 121 45.79 -91.60 -46.03
N LEU ZA 122 46.10 -90.33 -45.74
CA LEU ZA 122 47.45 -89.79 -45.86
C LEU ZA 122 47.98 -89.60 -44.44
N VAL ZA 123 49.02 -90.35 -44.10
CA VAL ZA 123 49.53 -90.41 -42.72
C VAL ZA 123 50.99 -89.99 -42.72
N LEU ZA 124 51.37 -89.21 -41.72
CA LEU ZA 124 52.77 -88.88 -41.53
C LEU ZA 124 53.53 -90.08 -40.97
N ARG ZA 125 54.83 -90.11 -41.25
CA ARG ZA 125 55.69 -91.21 -40.80
C ARG ZA 125 56.25 -90.91 -39.40
N GLN ZA 126 55.32 -90.74 -38.46
CA GLN ZA 126 55.67 -90.50 -37.06
C GLN ZA 126 55.74 -91.80 -36.26
N LEU ZA 127 54.78 -92.71 -36.45
CA LEU ZA 127 54.79 -94.00 -35.78
C LEU ZA 127 55.71 -94.98 -36.51
N PRO ZA 128 56.29 -95.92 -35.78
CA PRO ZA 128 57.04 -96.99 -36.43
C PRO ZA 128 56.11 -97.91 -37.20
N PRO ZA 129 56.64 -98.62 -38.20
CA PRO ZA 129 55.80 -99.57 -38.95
C PRO ZA 129 55.17 -100.65 -38.10
N HIS ZA 130 55.83 -101.05 -37.00
CA HIS ZA 130 55.24 -102.05 -36.12
C HIS ZA 130 53.93 -101.55 -35.53
N LYS ZA 131 53.87 -100.30 -35.10
CA LYS ZA 131 52.63 -99.73 -34.60
C LYS ZA 131 51.65 -99.37 -35.72
N PHE ZA 132 52.15 -99.05 -36.92
CA PHE ZA 132 51.26 -98.88 -38.06
C PHE ZA 132 50.48 -100.16 -38.36
N TYR ZA 133 51.18 -101.30 -38.38
CA TYR ZA 133 50.56 -102.56 -38.77
C TYR ZA 133 49.63 -103.10 -37.71
N PHE ZA 134 49.84 -102.75 -36.43
CA PHE ZA 134 48.87 -103.10 -35.40
C PHE ZA 134 47.55 -102.39 -35.64
N LEU ZA 135 47.59 -101.07 -35.87
CA LEU ZA 135 46.37 -100.30 -36.02
C LEU ZA 135 45.62 -100.60 -37.31
N VAL ZA 136 46.34 -100.82 -38.43
CA VAL ZA 136 45.62 -101.11 -39.66
C VAL ZA 136 44.84 -102.43 -39.53
N GLY ZA 137 45.48 -103.46 -38.98
CA GLY ZA 137 44.80 -104.72 -38.75
C GLY ZA 137 43.69 -104.63 -37.72
N TYR ZA 138 43.89 -103.81 -36.68
CA TYR ZA 138 42.82 -103.56 -35.72
C TYR ZA 138 41.59 -102.96 -36.37
N SER ZA 139 41.78 -101.89 -37.14
CA SER ZA 139 40.65 -101.21 -37.77
C SER ZA 139 39.96 -102.10 -38.80
N GLU ZA 140 40.74 -102.82 -39.62
CA GLU ZA 140 40.13 -103.60 -40.70
C GLU ZA 140 39.18 -104.68 -40.19
N THR ZA 141 39.27 -105.05 -38.90
CA THR ZA 141 38.32 -105.98 -38.32
C THR ZA 141 37.30 -105.30 -37.41
N LEU ZA 142 37.70 -104.30 -36.63
CA LEU ZA 142 36.74 -103.63 -35.76
C LEU ZA 142 35.66 -102.92 -36.58
N LEU ZA 143 36.06 -102.16 -37.60
CA LEU ZA 143 35.10 -101.48 -38.45
C LEU ZA 143 34.21 -102.47 -39.20
N SER ZA 144 34.79 -103.58 -39.67
CA SER ZA 144 34.00 -104.60 -40.36
C SER ZA 144 32.96 -105.20 -39.43
N HIS ZA 145 33.33 -105.49 -38.19
CA HIS ZA 145 32.38 -106.07 -37.25
C HIS ZA 145 31.38 -105.05 -36.71
N PHE ZA 146 31.68 -103.75 -36.82
CA PHE ZA 146 30.73 -102.75 -36.36
C PHE ZA 146 29.78 -102.29 -37.45
N TYR ZA 147 30.17 -102.39 -38.73
CA TYR ZA 147 29.29 -102.06 -39.84
C TYR ZA 147 28.76 -103.25 -40.63
N LYS ZA 148 29.12 -104.48 -40.27
CA LYS ZA 148 28.62 -105.68 -40.96
C LYS ZA 148 28.88 -105.61 -42.46
N CYS ZA 149 30.05 -105.08 -42.81
CA CYS ZA 149 30.43 -104.93 -44.22
C CYS ZA 149 31.95 -104.94 -44.30
N PRO ZA 150 32.53 -105.48 -45.36
CA PRO ZA 150 34.00 -105.49 -45.50
C PRO ZA 150 34.56 -104.08 -45.59
N VAL ZA 151 35.70 -103.87 -44.92
CA VAL ZA 151 36.37 -102.59 -44.89
C VAL ZA 151 37.82 -102.79 -45.32
N HIS ZA 152 38.26 -101.96 -46.26
CA HIS ZA 152 39.65 -101.89 -46.69
C HIS ZA 152 40.26 -100.62 -46.11
N LEU ZA 153 41.51 -100.72 -45.65
CA LEU ZA 153 42.24 -99.56 -45.16
C LEU ZA 153 43.54 -99.44 -45.93
N HIS ZA 154 43.74 -98.32 -46.60
CA HIS ZA 154 44.97 -98.04 -47.33
C HIS ZA 154 45.60 -96.78 -46.79
N LEU ZA 155 46.88 -96.87 -46.45
CA LEU ZA 155 47.65 -95.76 -45.89
C LEU ZA 155 48.73 -95.35 -46.87
N GLN ZA 156 48.88 -94.04 -47.07
CA GLN ZA 156 49.96 -93.47 -47.85
C GLN ZA 156 50.79 -92.61 -46.92
N THR ZA 157 52.06 -92.98 -46.74
CA THR ZA 157 52.93 -92.29 -45.80
C THR ZA 157 53.63 -91.13 -46.49
N VAL ZA 158 53.49 -89.95 -45.92
CA VAL ZA 158 54.14 -88.75 -46.44
C VAL ZA 158 55.20 -88.30 -45.45
N PRO ZA 159 56.34 -87.79 -45.91
CA PRO ZA 159 57.35 -87.28 -44.96
C PRO ZA 159 56.85 -86.14 -44.10
N SER ZA 160 55.98 -85.29 -44.64
CA SER ZA 160 55.42 -84.17 -43.89
C SER ZA 160 54.15 -83.73 -44.61
N LYS ZA 161 53.46 -82.74 -44.02
CA LYS ZA 161 52.28 -82.19 -44.64
C LYS ZA 161 52.67 -81.41 -45.90
N VAL ZA 162 52.09 -81.79 -47.02
CA VAL ZA 162 52.45 -81.18 -48.29
C VAL ZA 162 51.77 -79.82 -48.40
N VAL ZA 163 52.56 -78.79 -48.73
CA VAL ZA 163 52.09 -77.42 -48.76
C VAL ZA 163 51.88 -77.01 -50.21
N TYR ZA 164 50.71 -76.45 -50.50
CA TYR ZA 164 50.35 -76.03 -51.86
C TYR ZA 164 50.48 -74.52 -52.05
N LYS ZA 165 49.85 -73.73 -51.19
CA LYS ZA 165 49.91 -72.28 -51.27
C LYS ZA 165 51.08 -71.81 -50.40
N TYR ZA 166 51.13 -70.50 -50.09
CA TYR ZA 166 52.25 -69.93 -49.36
C TYR ZA 166 52.51 -70.68 -48.06
N ILE ZA 167 53.76 -70.60 -47.60
CA ILE ZA 167 54.15 -71.24 -46.34
C ILE ZA 167 55.05 -70.30 -45.55
N SER AB 88 25.95 -89.18 -28.18
CA SER AB 88 26.53 -87.90 -27.80
C SER AB 88 27.95 -87.78 -28.31
N PHE AB 89 28.41 -88.80 -29.03
CA PHE AB 89 29.77 -88.77 -29.58
C PHE AB 89 29.88 -87.83 -30.77
N PHE AB 90 28.82 -87.71 -31.57
CA PHE AB 90 28.86 -86.81 -32.72
C PHE AB 90 28.86 -85.34 -32.33
N THR AB 91 28.65 -85.02 -31.05
CA THR AB 91 28.65 -83.64 -30.60
C THR AB 91 30.04 -83.13 -30.24
N LYS AB 92 31.07 -83.97 -30.37
CA LYS AB 92 32.42 -83.60 -29.99
C LYS AB 92 33.16 -83.02 -31.20
N LEU AB 93 34.18 -82.21 -30.91
CA LEU AB 93 34.94 -81.53 -31.96
C LEU AB 93 36.43 -81.79 -31.84
N THR AB 94 37.23 -81.10 -32.64
CA THR AB 94 38.68 -81.23 -32.62
C THR AB 94 39.28 -80.31 -31.58
N ALA AB 95 40.38 -80.77 -30.97
CA ALA AB 95 41.05 -79.99 -29.93
C ALA AB 95 41.50 -78.62 -30.44
N ASP AB 96 41.87 -78.51 -31.71
CA ASP AB 96 42.21 -77.20 -32.27
C ASP AB 96 41.02 -76.26 -32.23
N GLU AB 97 39.84 -76.74 -32.63
CA GLU AB 97 38.62 -75.93 -32.54
C GLU AB 97 38.25 -75.61 -31.11
N LEU AB 98 38.45 -76.55 -30.18
CA LEU AB 98 38.18 -76.27 -28.77
C LEU AB 98 39.08 -75.17 -28.24
N TRP AB 99 40.38 -75.23 -28.54
CA TRP AB 99 41.30 -74.22 -28.05
C TRP AB 99 41.07 -72.86 -28.72
N LYS AB 100 40.71 -72.86 -30.01
CA LYS AB 100 40.46 -71.60 -30.71
C LYS AB 100 39.29 -70.84 -30.09
N GLY AB 101 38.32 -71.56 -29.52
CA GLY AB 101 37.23 -70.91 -28.82
C GLY AB 101 37.54 -70.64 -27.36
N ALA AB 102 38.39 -71.47 -26.77
CA ALA AB 102 38.72 -71.30 -25.36
C ALA AB 102 39.57 -70.06 -25.13
N LEU AB 103 40.64 -69.90 -25.91
CA LEU AB 103 41.51 -68.73 -25.71
C LEU AB 103 40.89 -67.47 -26.30
N ALA AB 104 40.03 -67.60 -27.31
CA ALA AB 104 39.40 -66.46 -27.97
C ALA AB 104 40.46 -65.46 -28.46
N GLU AB 105 41.52 -65.99 -29.08
CA GLU AB 105 42.58 -65.13 -29.59
C GLU AB 105 42.09 -64.21 -30.69
N SER AB 106 41.09 -64.64 -31.47
CA SER AB 106 40.52 -63.84 -32.54
C SER AB 106 39.23 -63.15 -32.14
N GLY AB 107 39.12 -62.74 -30.88
CA GLY AB 107 37.91 -62.09 -30.42
C GLY AB 107 37.72 -60.74 -31.05
N ALA AB 108 36.44 -60.33 -31.16
CA ALA AB 108 36.12 -59.04 -31.76
C ALA AB 108 36.47 -57.87 -30.85
N GLY AB 109 36.60 -58.10 -29.55
CA GLY AB 109 36.93 -57.03 -28.63
C GLY AB 109 38.41 -56.79 -28.48
N ALA AB 110 39.22 -57.78 -28.87
CA ALA AB 110 40.67 -57.67 -28.77
C ALA AB 110 41.32 -57.01 -29.97
N ARG AB 111 40.53 -56.61 -30.97
CA ARG AB 111 41.09 -56.02 -32.18
C ARG AB 111 41.54 -54.58 -31.94
N LYS AB 112 40.62 -53.71 -31.51
CA LYS AB 112 40.96 -52.31 -31.33
C LYS AB 112 41.90 -52.09 -30.15
N GLY AB 113 41.76 -52.88 -29.09
CA GLY AB 113 42.59 -52.71 -27.91
C GLY AB 113 41.82 -52.77 -26.62
N ARG AB 114 40.54 -53.13 -26.71
CA ARG AB 114 39.71 -53.24 -25.51
C ARG AB 114 40.18 -54.34 -24.58
N GLY AB 115 40.99 -55.28 -25.08
CA GLY AB 115 41.52 -56.35 -24.26
C GLY AB 115 42.68 -55.90 -23.40
N LYS AB 116 43.68 -56.78 -23.23
CA LYS AB 116 44.89 -56.53 -22.46
C LYS AB 116 44.63 -56.38 -20.97
N ARG AB 117 43.37 -56.46 -20.55
CA ARG AB 117 43.05 -56.39 -19.12
C ARG AB 117 43.58 -57.62 -18.39
N THR AB 118 43.35 -58.81 -18.95
CA THR AB 118 43.96 -60.05 -18.46
C THR AB 118 44.92 -60.50 -19.54
N LYS AB 119 46.18 -60.06 -19.42
CA LYS AB 119 47.17 -60.21 -20.48
C LYS AB 119 47.92 -61.53 -20.33
N LYS AB 120 47.21 -62.62 -20.68
CA LYS AB 120 47.84 -63.94 -20.72
C LYS AB 120 47.02 -64.83 -21.64
N LYS AB 121 47.71 -65.57 -22.51
CA LYS AB 121 47.09 -66.51 -23.43
C LYS AB 121 48.00 -67.72 -23.55
N ARG AB 122 47.68 -68.78 -22.81
CA ARG AB 122 48.50 -69.99 -22.80
C ARG AB 122 47.67 -71.16 -23.30
N ARG AB 123 48.19 -71.87 -24.30
CA ARG AB 123 47.55 -73.05 -24.85
C ARG AB 123 48.45 -74.26 -24.59
N LYS AB 124 47.86 -75.31 -24.02
CA LYS AB 124 48.59 -76.51 -23.65
C LYS AB 124 48.19 -77.65 -24.59
N ASP AB 125 49.19 -78.34 -25.13
CA ASP AB 125 48.96 -79.49 -25.98
C ASP AB 125 48.72 -80.73 -25.12
N LEU AB 126 47.54 -81.33 -25.24
CA LEU AB 126 47.19 -82.47 -24.41
C LEU AB 126 47.85 -83.77 -24.85
N ASN AB 127 48.39 -83.81 -26.07
CA ASN AB 127 49.06 -85.00 -26.59
C ASN AB 127 50.57 -84.91 -26.46
N ARG AB 128 51.07 -84.21 -25.44
CA ARG AB 128 52.51 -84.04 -25.28
C ARG AB 128 53.17 -85.33 -24.81
N GLY AB 129 52.77 -85.83 -23.63
CA GLY AB 129 53.33 -87.05 -23.10
C GLY AB 129 52.34 -88.18 -23.08
N GLN AB 130 51.52 -88.28 -24.13
CA GLN AB 130 50.49 -89.31 -24.24
C GLN AB 130 51.01 -90.43 -25.13
N ILE AB 131 51.40 -91.55 -24.52
CA ILE AB 131 51.75 -92.74 -25.28
C ILE AB 131 50.47 -93.40 -25.76
N ILE AB 132 50.50 -93.86 -27.02
CA ILE AB 132 49.26 -94.25 -27.70
C ILE AB 132 48.60 -95.45 -27.03
N GLY AB 133 49.36 -96.49 -26.71
CA GLY AB 133 48.76 -97.73 -26.25
C GLY AB 133 48.22 -97.70 -24.84
N GLU AB 134 48.74 -96.83 -23.98
CA GLU AB 134 48.33 -96.81 -22.59
C GLU AB 134 46.92 -96.28 -22.44
N GLY AB 135 46.17 -96.87 -21.51
CA GLY AB 135 44.82 -96.43 -21.21
C GLY AB 135 44.56 -96.55 -19.73
N ARG AB 136 43.37 -96.09 -19.33
CA ARG AB 136 43.01 -96.13 -17.92
C ARG AB 136 42.82 -97.55 -17.40
N HIS AB 137 42.54 -98.52 -18.29
CA HIS AB 137 42.42 -99.90 -17.87
C HIS AB 137 43.78 -100.59 -17.70
N GLY AB 138 44.86 -99.98 -18.19
CA GLY AB 138 46.16 -100.57 -18.06
C GLY AB 138 46.41 -101.79 -18.92
N PHE AB 139 45.75 -101.87 -20.08
CA PHE AB 139 45.96 -102.99 -20.98
C PHE AB 139 47.30 -102.87 -21.69
N LEU AB 140 48.00 -104.00 -21.81
CA LEU AB 140 49.27 -104.09 -22.51
C LEU AB 140 49.01 -104.85 -23.81
N TRP AB 141 49.17 -104.16 -24.92
CA TRP AB 141 49.01 -104.57 -26.30
C TRP AB 141 50.37 -104.85 -26.94
N PRO AB 142 50.52 -106.01 -27.58
CA PRO AB 142 51.82 -106.38 -28.16
C PRO AB 142 52.30 -105.44 -29.24
N GLY AB 143 51.43 -104.63 -29.83
CA GLY AB 143 51.83 -103.76 -30.91
C GLY AB 143 52.21 -102.36 -30.50
N LEU AB 144 51.71 -101.88 -29.36
CA LEU AB 144 51.91 -100.49 -28.95
C LEU AB 144 52.76 -100.36 -27.69
N ASN AB 145 52.34 -100.96 -26.58
CA ASN AB 145 53.05 -100.76 -25.32
C ASN AB 145 54.28 -101.65 -25.22
N ILE AB 146 54.07 -102.96 -25.22
CA ILE AB 146 55.13 -103.94 -25.00
C ILE AB 146 55.66 -104.40 -26.36
N PRO AB 147 56.91 -104.87 -26.44
CA PRO AB 147 57.42 -105.36 -27.72
C PRO AB 147 56.62 -106.55 -28.24
N LEU AB 148 56.89 -106.90 -29.49
CA LEU AB 148 56.11 -107.96 -30.13
C LEU AB 148 56.49 -109.34 -29.62
N MET AB 149 57.77 -109.61 -29.43
CA MET AB 149 58.26 -110.94 -29.10
C MET AB 149 59.08 -110.89 -27.82
N ARG AB 150 58.89 -111.87 -26.95
CA ARG AB 150 59.71 -112.07 -25.77
C ARG AB 150 60.09 -113.55 -25.67
N ASN AB 151 61.36 -113.81 -25.35
CA ASN AB 151 61.88 -115.17 -25.19
C ASN AB 151 61.65 -116.02 -26.44
N GLY AB 152 61.49 -115.37 -27.59
CA GLY AB 152 61.24 -116.07 -28.83
C GLY AB 152 59.79 -116.43 -29.08
N ALA AB 153 58.89 -116.15 -28.15
CA ALA AB 153 57.48 -116.50 -28.29
C ALA AB 153 56.64 -115.23 -28.42
N VAL AB 154 55.43 -115.41 -28.95
CA VAL AB 154 54.52 -114.30 -29.16
C VAL AB 154 53.90 -113.89 -27.83
N GLN AB 155 53.67 -112.59 -27.66
CA GLN AB 155 53.04 -112.07 -26.45
C GLN AB 155 51.54 -111.94 -26.68
N THR AB 156 50.76 -112.38 -25.71
CA THR AB 156 49.31 -112.20 -25.77
C THR AB 156 48.94 -110.85 -25.15
N ILE AB 157 47.64 -110.55 -25.16
CA ILE AB 157 47.14 -109.33 -24.53
C ILE AB 157 47.26 -109.47 -23.02
N ALA AB 158 47.90 -108.50 -22.38
CA ALA AB 158 48.09 -108.52 -20.94
C ALA AB 158 47.38 -107.34 -20.30
N GLN AB 159 47.41 -107.31 -18.96
CA GLN AB 159 46.88 -106.19 -18.22
C GLN AB 159 47.73 -105.99 -16.96
N ARG AB 160 48.07 -104.74 -16.69
CA ARG AB 160 48.88 -104.43 -15.53
C ARG AB 160 48.10 -104.66 -14.24
N SER AB 161 48.84 -104.93 -13.17
CA SER AB 161 48.23 -105.13 -11.86
C SER AB 161 47.75 -103.80 -11.31
N LYS AB 162 46.95 -103.86 -10.24
CA LYS AB 162 46.38 -102.64 -9.67
C LYS AB 162 47.47 -101.70 -9.16
N GLU AB 163 48.49 -102.23 -8.49
CA GLU AB 163 49.54 -101.39 -7.94
C GLU AB 163 50.51 -100.90 -9.03
N ASP AB 164 50.83 -101.75 -10.01
CA ASP AB 164 51.67 -101.31 -11.11
C ASP AB 164 51.00 -100.20 -11.91
N GLN AB 165 49.69 -100.34 -12.14
CA GLN AB 165 48.95 -99.28 -12.83
C GLN AB 165 48.97 -97.98 -12.02
N GLU AB 166 48.86 -98.08 -10.69
CA GLU AB 166 48.94 -96.88 -9.86
C GLU AB 166 50.33 -96.25 -9.91
N LYS AB 167 51.39 -97.06 -9.99
CA LYS AB 167 52.72 -96.50 -10.16
C LYS AB 167 52.85 -95.76 -11.49
N VAL AB 168 52.34 -96.33 -12.57
CA VAL AB 168 52.36 -95.64 -13.86
C VAL AB 168 51.53 -94.36 -13.79
N GLU AB 169 50.40 -94.40 -13.09
CA GLU AB 169 49.57 -93.21 -12.92
C GLU AB 169 50.31 -92.13 -12.15
N ALA AB 170 51.02 -92.51 -11.08
CA ALA AB 170 51.83 -91.54 -10.34
C ALA AB 170 52.89 -90.91 -11.23
N ASP AB 171 53.54 -91.72 -12.09
CA ASP AB 171 54.51 -91.17 -13.02
C ASP AB 171 53.89 -90.18 -13.99
N MET AB 172 52.75 -90.51 -14.60
CA MET AB 172 52.17 -89.60 -15.57
C MET AB 172 51.61 -88.35 -14.90
N VAL AB 173 51.20 -88.46 -13.63
CA VAL AB 173 50.79 -87.26 -12.89
C VAL AB 173 51.99 -86.38 -12.59
N GLN AB 174 53.07 -86.96 -12.08
CA GLN AB 174 54.24 -86.15 -11.72
C GLN AB 174 54.88 -85.51 -12.94
N GLN AB 175 54.74 -86.12 -14.12
CA GLN AB 175 55.13 -85.43 -15.35
C GLN AB 175 54.43 -84.08 -15.49
N ARG AB 176 53.16 -84.01 -15.10
CA ARG AB 176 52.38 -82.78 -15.24
C ARG AB 176 52.88 -81.70 -14.28
N GLU AB 177 53.19 -82.07 -13.03
CA GLU AB 177 53.83 -81.13 -12.12
C GLU AB 177 55.19 -80.68 -12.62
N GLU AB 178 55.99 -81.59 -13.20
CA GLU AB 178 57.28 -81.17 -13.75
C GLU AB 178 57.11 -80.17 -14.88
N TRP AB 179 56.18 -80.42 -15.80
CA TRP AB 179 55.94 -79.49 -16.89
C TRP AB 179 55.38 -78.17 -16.40
N ASP AB 180 54.52 -78.19 -15.38
CA ASP AB 180 54.03 -76.93 -14.81
C ASP AB 180 55.14 -76.16 -14.10
N ARG AB 181 56.06 -76.87 -13.46
CA ARG AB 181 57.22 -76.20 -12.87
C ARG AB 181 58.06 -75.53 -13.94
N ARG AB 182 58.27 -76.21 -15.07
CA ARG AB 182 58.95 -75.57 -16.19
C ARG AB 182 58.18 -74.38 -16.74
N ARG AB 183 56.86 -74.45 -16.80
CA ARG AB 183 56.04 -73.39 -17.37
C ARG AB 183 55.96 -72.15 -16.48
N LYS AB 184 55.74 -72.31 -15.18
CA LYS AB 184 55.47 -71.18 -14.30
C LYS AB 184 56.70 -70.33 -14.00
N MET AB 185 57.91 -70.80 -14.30
CA MET AB 185 59.12 -70.03 -14.08
C MET AB 185 59.37 -69.13 -15.28
N LYS AB 186 59.81 -67.91 -15.01
CA LYS AB 186 60.11 -66.94 -16.05
C LYS AB 186 61.61 -66.85 -16.27
N VAL AB 187 62.06 -67.00 -17.53
CA VAL AB 187 63.51 -66.79 -17.82
C VAL AB 187 63.80 -65.30 -17.63
N LYS AB 188 64.80 -64.94 -16.83
CA LYS AB 188 65.05 -63.51 -16.50
C LYS AB 188 65.87 -62.80 -17.60
N ARG AB 189 66.01 -61.48 -17.47
CA ARG AB 189 66.61 -60.61 -18.51
C ARG AB 189 67.40 -59.47 -17.84
N GLU AB 190 68.61 -59.18 -18.33
CA GLU AB 190 69.44 -58.08 -17.76
C GLU AB 190 68.73 -56.74 -17.99
N ARG AB 191 68.70 -55.87 -16.97
CA ARG AB 191 68.12 -54.55 -17.16
C ARG AB 191 69.19 -53.56 -17.62
N GLY AB 192 68.86 -52.77 -18.65
CA GLY AB 192 69.80 -51.80 -19.17
C GLY AB 192 69.95 -50.57 -18.30
N TRP AB 193 68.88 -49.81 -18.15
CA TRP AB 193 68.87 -48.61 -17.32
C TRP AB 193 67.94 -48.71 -16.12
N SER AB 194 66.74 -49.26 -16.30
CA SER AB 194 65.80 -49.48 -15.22
C SER AB 194 65.20 -50.87 -15.38
N GLY AB 195 64.40 -51.27 -14.38
CA GLY AB 195 63.85 -52.62 -14.37
C GLY AB 195 62.77 -52.85 -15.39
N ASN AB 196 62.13 -51.80 -15.89
CA ASN AB 196 61.03 -51.92 -16.84
C ASN AB 196 61.22 -50.94 -17.99
N THR AB 197 62.41 -50.91 -18.56
CA THR AB 197 62.67 -50.15 -19.78
C THR AB 197 63.52 -50.99 -20.72
N TRP AB 198 63.38 -50.72 -22.02
CA TRP AB 198 64.18 -51.40 -23.01
C TRP AB 198 65.52 -50.72 -23.27
N GLY AB 199 65.71 -49.48 -22.80
CA GLY AB 199 66.92 -48.74 -23.10
C GLY AB 199 68.13 -49.36 -22.42
N GLY AB 200 69.13 -49.74 -23.20
CA GLY AB 200 70.39 -50.22 -22.68
C GLY AB 200 70.53 -51.73 -22.56
N VAL AB 201 69.51 -52.50 -22.91
CA VAL AB 201 69.58 -53.95 -22.78
C VAL AB 201 70.34 -54.53 -23.97
N SER AB 202 70.94 -55.70 -23.75
CA SER AB 202 71.67 -56.37 -24.81
C SER AB 202 70.72 -57.13 -25.71
N LEU AB 203 70.92 -57.01 -27.02
CA LEU AB 203 70.08 -57.70 -28.00
C LEU AB 203 70.83 -58.78 -28.78
N GLY AB 204 72.13 -58.94 -28.57
CA GLY AB 204 72.90 -59.94 -29.26
C GLY AB 204 73.48 -59.43 -30.55
N PRO AB 205 74.41 -60.19 -31.13
CA PRO AB 205 75.03 -59.76 -32.38
C PRO AB 205 74.01 -59.71 -33.51
N PRO AB 206 74.19 -58.80 -34.47
CA PRO AB 206 73.25 -58.73 -35.59
C PRO AB 206 73.39 -59.92 -36.52
N ASP AB 207 72.36 -60.11 -37.35
CA ASP AB 207 72.33 -61.21 -38.30
C ASP AB 207 73.38 -61.03 -39.39
N PRO AB 208 73.94 -62.12 -39.90
CA PRO AB 208 74.96 -62.02 -40.95
C PRO AB 208 74.36 -61.53 -42.27
N GLY AB 209 75.23 -60.95 -43.10
CA GLY AB 209 74.81 -60.41 -44.37
C GLY AB 209 74.59 -61.49 -45.41
N PRO AB 210 74.21 -61.06 -46.61
CA PRO AB 210 73.93 -62.02 -47.68
C PRO AB 210 75.17 -62.65 -48.28
N ASN AB 211 76.27 -61.89 -48.34
CA ASN AB 211 77.51 -62.39 -48.92
C ASN AB 211 78.25 -63.34 -47.99
N GLY AB 212 77.87 -63.41 -46.71
CA GLY AB 212 78.47 -64.32 -45.77
C GLY AB 212 79.25 -63.66 -44.64
N GLU AB 213 79.27 -62.33 -44.56
CA GLU AB 213 79.98 -61.67 -43.48
C GLU AB 213 79.21 -61.84 -42.17
N THR AB 214 79.91 -62.24 -41.12
CA THR AB 214 79.32 -62.48 -39.80
C THR AB 214 79.89 -61.49 -38.81
N TYR AB 215 79.00 -60.80 -38.09
CA TYR AB 215 79.40 -59.80 -37.10
C TYR AB 215 79.31 -60.44 -35.71
N ASP AB 216 80.39 -61.08 -35.30
CA ASP AB 216 80.47 -61.68 -33.97
C ASP AB 216 81.12 -60.78 -32.94
N ASP AB 217 82.06 -59.92 -33.35
CA ASP AB 217 82.64 -58.95 -32.44
C ASP AB 217 81.74 -57.77 -32.18
N PHE AB 218 80.75 -57.53 -33.04
CA PHE AB 218 79.84 -56.41 -32.87
C PHE AB 218 78.88 -56.67 -31.71
N ASP AB 219 78.54 -55.61 -31.00
CA ASP AB 219 77.55 -55.65 -29.93
C ASP AB 219 76.56 -54.51 -30.14
N THR AB 220 75.31 -54.75 -29.75
CA THR AB 220 74.26 -53.76 -29.93
C THR AB 220 73.50 -53.57 -28.63
N ARG AB 221 72.94 -52.37 -28.45
CA ARG AB 221 72.18 -52.02 -27.27
C ARG AB 221 70.98 -51.19 -27.69
N ILE AB 222 69.83 -51.47 -27.07
CA ILE AB 222 68.62 -50.71 -27.38
C ILE AB 222 68.73 -49.32 -26.75
N LEU AB 223 68.53 -48.29 -27.57
CA LEU AB 223 68.59 -46.91 -27.08
C LEU AB 223 67.23 -46.31 -26.84
N GLU AB 224 66.25 -46.54 -27.72
CA GLU AB 224 64.92 -45.99 -27.52
C GLU AB 224 63.88 -46.95 -28.06
N VAL AB 225 62.74 -47.04 -27.36
CA VAL AB 225 61.59 -47.80 -27.81
C VAL AB 225 60.36 -46.92 -27.65
N ARG AB 226 59.44 -46.99 -28.62
CA ARG AB 226 58.28 -46.10 -28.62
C ARG AB 226 57.14 -46.75 -29.38
N ASN AB 227 55.94 -46.70 -28.79
CA ASN AB 227 54.74 -47.22 -29.44
C ASN AB 227 54.09 -46.09 -30.22
N VAL AB 228 54.48 -45.93 -31.47
CA VAL AB 228 53.95 -44.89 -32.34
C VAL AB 228 52.58 -45.31 -32.84
N PHE AB 229 51.68 -44.34 -33.00
CA PHE AB 229 50.32 -44.58 -33.47
C PHE AB 229 50.05 -43.77 -34.73
N ASN AB 230 49.33 -44.40 -35.65
CA ASN AB 230 48.90 -43.76 -36.89
C ASN AB 230 47.38 -43.85 -37.01
N MET AB 231 46.80 -42.95 -37.78
CA MET AB 231 45.35 -42.87 -37.93
C MET AB 231 44.97 -43.41 -39.31
N THR AB 232 44.44 -44.63 -39.35
CA THR AB 232 43.95 -45.25 -40.57
C THR AB 232 42.42 -45.21 -40.60
N ALA AB 233 41.88 -45.14 -41.83
CA ALA AB 233 40.46 -44.88 -42.01
C ALA AB 233 39.59 -45.96 -41.38
N LYS AB 234 39.96 -47.23 -41.56
CA LYS AB 234 39.15 -48.35 -41.09
C LYS AB 234 39.51 -48.77 -39.67
N GLU AB 235 40.77 -49.15 -39.45
CA GLU AB 235 41.17 -49.64 -38.14
C GLU AB 235 41.24 -48.53 -37.08
N GLY AB 236 41.47 -47.29 -37.49
CA GLY AB 236 41.63 -46.23 -36.52
C GLY AB 236 43.05 -46.13 -36.01
N ARG AB 237 43.29 -46.57 -34.78
CA ARG AB 237 44.64 -46.55 -34.25
C ARG AB 237 45.45 -47.73 -34.77
N LYS AB 238 46.57 -47.43 -35.44
CA LYS AB 238 47.50 -48.43 -35.93
C LYS AB 238 48.77 -48.32 -35.08
N ARG AB 239 49.11 -49.39 -34.39
CA ARG AB 239 50.24 -49.38 -33.45
C ARG AB 239 51.48 -49.95 -34.12
N SER AB 240 52.54 -49.14 -34.21
CA SER AB 240 53.82 -49.57 -34.73
C SER AB 240 54.88 -49.34 -33.67
N VAL AB 241 55.64 -50.38 -33.33
CA VAL AB 241 56.75 -50.24 -32.40
C VAL AB 241 57.97 -49.77 -33.17
N ARG AB 242 58.57 -48.67 -32.71
CA ARG AB 242 59.76 -48.10 -33.32
C ARG AB 242 60.89 -48.09 -32.30
N VAL AB 243 62.08 -48.50 -32.74
CA VAL AB 243 63.23 -48.57 -31.86
C VAL AB 243 64.42 -47.89 -32.51
N LEU AB 244 65.12 -47.07 -31.75
CA LEU AB 244 66.40 -46.49 -32.13
C LEU AB 244 67.49 -47.31 -31.46
N VAL AB 245 68.35 -47.93 -32.27
CA VAL AB 245 69.30 -48.93 -31.81
C VAL AB 245 70.68 -48.64 -32.41
N ALA AB 246 71.70 -48.74 -31.58
CA ALA AB 246 73.08 -48.50 -32.00
C ALA AB 246 73.90 -49.77 -31.83
N VAL AB 247 74.78 -50.01 -32.81
CA VAL AB 247 75.69 -51.15 -32.78
C VAL AB 247 77.12 -50.63 -32.70
N GLY AB 248 78.01 -51.48 -32.17
CA GLY AB 248 79.42 -51.18 -32.06
C GLY AB 248 80.23 -52.39 -31.68
N ASN AB 249 81.53 -52.37 -32.01
CA ASN AB 249 82.40 -53.52 -31.75
C ASN AB 249 83.42 -53.28 -30.65
N GLY AB 250 83.71 -52.02 -30.33
CA GLY AB 250 84.73 -51.70 -29.34
C GLY AB 250 86.08 -51.33 -29.92
N LYS AB 251 86.22 -51.33 -31.25
CA LYS AB 251 87.46 -50.96 -31.91
C LYS AB 251 87.40 -49.59 -32.56
N GLY AB 252 86.40 -48.79 -32.24
CA GLY AB 252 86.24 -47.46 -32.79
C GLY AB 252 85.20 -47.34 -33.88
N ALA AB 253 84.65 -48.44 -34.36
CA ALA AB 253 83.62 -48.43 -35.39
C ALA AB 253 82.26 -48.69 -34.76
N ALA AB 254 81.33 -47.76 -34.95
CA ALA AB 254 79.99 -47.90 -34.40
C ALA AB 254 79.02 -47.08 -35.24
N GLY AB 255 77.73 -47.43 -35.12
CA GLY AB 255 76.69 -46.75 -35.87
C GLY AB 255 75.36 -46.88 -35.18
N PHE AB 256 74.35 -46.25 -35.78
CA PHE AB 256 73.01 -46.24 -35.22
C PHE AB 256 71.98 -46.23 -36.35
N ALA AB 257 70.79 -46.74 -36.06
CA ALA AB 257 69.70 -46.73 -37.03
C ALA AB 257 68.39 -47.00 -36.30
N ILE AB 258 67.29 -46.80 -37.03
CA ILE AB 258 65.95 -46.92 -36.48
C ILE AB 258 65.20 -48.01 -37.24
N GLY AB 259 64.59 -48.92 -36.48
CA GLY AB 259 63.73 -49.94 -37.04
C GLY AB 259 62.31 -49.84 -36.53
N LYS AB 260 61.34 -49.76 -37.44
CA LYS AB 260 59.95 -49.62 -37.07
C LYS AB 260 59.15 -50.73 -37.73
N ALA AB 261 58.31 -51.40 -36.95
CA ALA AB 261 57.53 -52.51 -37.47
C ALA AB 261 56.30 -52.71 -36.57
N THR AB 262 55.33 -53.46 -37.09
CA THR AB 262 54.13 -53.75 -36.30
C THR AB 262 54.47 -54.53 -35.04
N GLU AB 263 55.37 -55.50 -35.16
CA GLU AB 263 55.76 -56.33 -34.03
C GLU AB 263 57.10 -55.89 -33.45
N ARG AB 264 57.22 -56.03 -32.13
CA ARG AB 264 58.44 -55.59 -31.44
C ARG AB 264 59.64 -56.41 -31.87
N ALA AB 265 59.49 -57.72 -32.00
CA ALA AB 265 60.61 -58.56 -32.45
C ALA AB 265 61.04 -58.20 -33.86
N ASP AB 266 60.07 -57.97 -34.76
CA ASP AB 266 60.39 -57.54 -36.11
C ASP AB 266 61.11 -56.19 -36.13
N ALA AB 267 60.67 -55.25 -35.30
CA ALA AB 267 61.37 -53.97 -35.20
C ALA AB 267 62.79 -54.13 -34.68
N PHE AB 268 63.00 -55.00 -33.67
CA PHE AB 268 64.34 -55.28 -33.19
C PHE AB 268 65.22 -55.85 -34.30
N ARG AB 269 64.70 -56.83 -35.04
CA ARG AB 269 65.48 -57.43 -36.11
C ARG AB 269 65.80 -56.43 -37.21
N LYS AB 270 64.82 -55.61 -37.60
CA LYS AB 270 65.07 -54.58 -38.60
C LYS AB 270 66.11 -53.57 -38.14
N ALA AB 271 66.05 -53.12 -36.89
CA ALA AB 271 67.05 -52.19 -36.39
C ALA AB 271 68.44 -52.81 -36.37
N LYS AB 272 68.55 -54.07 -35.92
CA LYS AB 272 69.84 -54.73 -35.90
C LYS AB 272 70.41 -54.87 -37.31
N ASN AB 273 69.58 -55.26 -38.28
CA ASN AB 273 70.08 -55.47 -39.63
C ASN AB 273 70.31 -54.18 -40.38
N ARG AB 274 69.69 -53.07 -39.96
CA ARG AB 274 69.88 -51.81 -40.65
C ARG AB 274 70.93 -50.92 -40.00
N ALA AB 275 71.33 -51.20 -38.76
CA ALA AB 275 72.35 -50.38 -38.11
C ALA AB 275 73.75 -50.63 -38.63
N VAL AB 276 74.03 -51.85 -39.10
CA VAL AB 276 75.36 -52.17 -39.59
C VAL AB 276 75.69 -51.38 -40.85
N HIS AB 277 74.70 -51.14 -41.72
CA HIS AB 277 74.95 -50.46 -42.98
C HIS AB 277 75.42 -49.02 -42.79
N TYR AB 278 75.11 -48.40 -41.66
CA TYR AB 278 75.54 -47.03 -41.36
C TYR AB 278 76.50 -47.09 -40.18
N LEU AB 279 77.79 -47.22 -40.47
CA LEU AB 279 78.82 -47.32 -39.46
C LEU AB 279 79.76 -46.12 -39.55
N HIS AB 280 79.99 -45.47 -38.41
CA HIS AB 280 80.96 -44.40 -38.31
C HIS AB 280 82.26 -44.94 -37.73
N TYR AB 281 83.33 -44.17 -37.90
CA TYR AB 281 84.60 -44.42 -37.24
C TYR AB 281 84.92 -43.23 -36.34
N ILE AB 282 85.22 -43.50 -35.08
CA ILE AB 282 85.47 -42.48 -34.08
C ILE AB 282 86.95 -42.47 -33.76
N GLU AB 283 87.60 -41.33 -34.00
CA GLU AB 283 89.02 -41.20 -33.70
C GLU AB 283 89.21 -41.05 -32.19
N ARG AB 284 89.81 -42.06 -31.57
CA ARG AB 284 89.99 -42.10 -30.13
C ARG AB 284 91.47 -41.93 -29.81
N TYR AB 285 91.81 -40.84 -29.10
CA TYR AB 285 93.19 -40.58 -28.73
C TYR AB 285 93.63 -41.57 -27.66
N GLU AB 286 94.68 -42.33 -27.95
CA GLU AB 286 95.23 -43.35 -27.05
C GLU AB 286 94.19 -44.40 -26.68
N ASP AB 287 93.13 -44.52 -27.48
CA ASP AB 287 92.11 -45.56 -27.36
C ASP AB 287 91.33 -45.49 -26.04
N HIS AB 288 91.32 -44.35 -25.38
CA HIS AB 288 90.50 -44.24 -24.17
C HIS AB 288 89.67 -42.97 -24.13
N THR AB 289 90.09 -41.91 -24.80
CA THR AB 289 89.42 -40.62 -24.74
C THR AB 289 89.50 -39.97 -26.12
N ILE AB 290 88.68 -38.95 -26.35
CA ILE AB 290 88.62 -38.24 -27.61
C ILE AB 290 89.84 -37.33 -27.72
N TYR AB 291 90.11 -36.86 -28.94
CA TYR AB 291 91.31 -36.05 -29.16
C TYR AB 291 91.21 -34.69 -28.47
N HIS AB 292 90.08 -34.01 -28.62
CA HIS AB 292 89.92 -32.68 -28.05
C HIS AB 292 88.47 -32.48 -27.62
N ASP AB 293 88.26 -31.51 -26.73
CA ASP AB 293 86.93 -31.20 -26.26
C ASP AB 293 86.05 -30.74 -27.42
N ILE AB 294 84.82 -31.24 -27.46
CA ILE AB 294 83.89 -30.93 -28.53
C ILE AB 294 82.65 -30.27 -27.96
N SER AB 295 82.28 -29.12 -28.53
CA SER AB 295 81.08 -28.38 -28.14
C SER AB 295 80.20 -28.28 -29.38
N LEU AB 296 79.16 -29.12 -29.46
CA LEU AB 296 78.39 -29.27 -30.67
C LEU AB 296 76.95 -28.80 -30.44
N LYS AB 297 76.40 -28.16 -31.47
CA LYS AB 297 75.04 -27.63 -31.45
C LYS AB 297 74.25 -28.37 -32.52
N PHE AB 298 73.39 -29.29 -32.11
CA PHE AB 298 72.50 -29.98 -33.04
C PHE AB 298 71.21 -29.16 -33.17
N LYS AB 299 70.18 -29.77 -33.74
CA LYS AB 299 68.89 -29.10 -33.96
C LYS AB 299 68.44 -28.29 -32.74
N ARG AB 300 68.26 -28.98 -31.61
CA ARG AB 300 67.93 -28.30 -30.36
C ARG AB 300 68.67 -28.89 -29.17
N THR AB 301 69.64 -29.77 -29.40
CA THR AB 301 70.37 -30.45 -28.34
C THR AB 301 71.82 -29.95 -28.33
N HIS AB 302 72.24 -29.39 -27.20
CA HIS AB 302 73.62 -28.92 -27.02
C HIS AB 302 74.38 -30.03 -26.31
N ILE AB 303 75.54 -30.40 -26.85
CA ILE AB 303 76.40 -31.39 -26.20
C ILE AB 303 77.77 -30.80 -25.96
N LYS AB 304 78.24 -30.86 -24.72
CA LYS AB 304 79.59 -30.42 -24.37
C LYS AB 304 80.33 -31.62 -23.80
N MET AB 305 81.42 -32.02 -24.47
CA MET AB 305 82.20 -33.18 -24.09
C MET AB 305 83.64 -32.76 -23.89
N LYS AB 306 84.20 -33.10 -22.74
CA LYS AB 306 85.57 -32.71 -22.44
C LYS AB 306 86.48 -33.93 -22.30
N LYS AB 307 87.67 -33.80 -22.88
CA LYS AB 307 88.71 -34.82 -22.74
C LYS AB 307 89.04 -35.03 -21.27
N GLN AB 308 89.15 -36.28 -20.88
CA GLN AB 308 89.25 -36.65 -19.47
C GLN AB 308 90.43 -37.59 -19.25
N PRO AB 309 90.97 -37.63 -18.03
CA PRO AB 309 92.16 -38.46 -17.77
C PRO AB 309 91.89 -39.94 -17.80
N ARG AB 310 92.93 -40.74 -17.54
CA ARG AB 310 92.78 -42.19 -17.50
C ARG AB 310 91.93 -42.64 -16.32
N GLY AB 311 91.93 -41.90 -15.23
CA GLY AB 311 91.20 -42.27 -14.03
C GLY AB 311 89.78 -41.78 -13.94
N TYR AB 312 89.26 -41.14 -14.98
CA TYR AB 312 87.90 -40.60 -15.00
C TYR AB 312 87.09 -41.40 -16.02
N GLY AB 313 86.42 -42.45 -15.54
CA GLY AB 313 85.75 -43.37 -16.44
C GLY AB 313 84.27 -43.12 -16.70
N LEU AB 314 83.99 -42.49 -17.84
CA LEU AB 314 82.64 -42.42 -18.41
C LEU AB 314 81.62 -41.85 -17.41
N HIS AB 315 81.85 -40.58 -17.06
CA HIS AB 315 80.87 -39.81 -16.29
C HIS AB 315 79.98 -38.99 -17.24
N CYS AB 316 79.23 -39.71 -18.06
CA CYS AB 316 78.44 -39.11 -19.13
C CYS AB 316 76.97 -39.43 -18.93
N HIS AB 317 76.13 -38.93 -19.84
CA HIS AB 317 74.72 -39.25 -19.85
C HIS AB 317 74.51 -40.75 -19.96
N ARG AB 318 73.34 -41.22 -19.54
CA ARG AB 318 73.13 -42.67 -19.48
C ARG AB 318 73.03 -43.31 -20.86
N ALA AB 319 72.79 -42.53 -21.91
CA ALA AB 319 72.81 -43.06 -23.27
C ALA AB 319 74.15 -42.85 -23.95
N ILE AB 320 74.80 -41.70 -23.71
CA ILE AB 320 76.13 -41.46 -24.23
C ILE AB 320 77.11 -42.48 -23.64
N MET AB 321 76.91 -42.88 -22.38
CA MET AB 321 77.75 -43.90 -21.78
C MET AB 321 77.62 -45.23 -22.53
N THR AB 322 76.40 -45.63 -22.87
CA THR AB 322 76.22 -46.86 -23.63
C THR AB 322 76.83 -46.77 -25.02
N ILE AB 323 76.64 -45.63 -25.69
CA ILE AB 323 77.19 -45.46 -27.04
C ILE AB 323 78.71 -45.52 -27.00
N CYS AB 324 79.33 -44.83 -26.02
CA CYS AB 324 80.78 -44.84 -25.93
C CYS AB 324 81.32 -46.16 -25.44
N ARG AB 325 80.54 -46.91 -24.64
CA ARG AB 325 80.94 -48.26 -24.28
C ARG AB 325 80.97 -49.17 -25.50
N LEU AB 326 79.98 -49.04 -26.39
CA LEU AB 326 80.02 -49.77 -27.65
C LEU AB 326 81.18 -49.31 -28.54
N ILE AB 327 81.46 -48.01 -28.57
CA ILE AB 327 82.53 -47.49 -29.42
C ILE AB 327 83.90 -47.98 -28.96
N GLY AB 328 84.17 -47.87 -27.66
CA GLY AB 328 85.46 -48.22 -27.11
C GLY AB 328 86.05 -47.16 -26.21
N ILE AB 329 85.31 -46.05 -26.06
CA ILE AB 329 85.77 -44.96 -25.19
C ILE AB 329 85.58 -45.37 -23.74
N LYS AB 330 86.66 -45.33 -22.96
CA LYS AB 330 86.61 -45.73 -21.57
C LYS AB 330 86.63 -44.54 -20.61
N ASP AB 331 87.05 -43.37 -21.07
CA ASP AB 331 87.25 -42.21 -20.20
C ASP AB 331 86.70 -40.98 -20.90
N LEU AB 332 85.64 -40.39 -20.35
CA LEU AB 332 84.98 -39.28 -21.02
C LEU AB 332 84.02 -38.62 -20.03
N TYR AB 333 83.80 -37.31 -20.23
CA TYR AB 333 82.78 -36.58 -19.51
C TYR AB 333 81.95 -35.78 -20.50
N ALA AB 334 80.62 -35.90 -20.37
CA ALA AB 334 79.68 -35.27 -21.28
C ALA AB 334 78.54 -34.64 -20.50
N LYS AB 335 78.09 -33.48 -20.97
CA LYS AB 335 76.92 -32.80 -20.42
C LYS AB 335 76.02 -32.40 -21.58
N VAL AB 336 74.73 -32.72 -21.47
CA VAL AB 336 73.74 -32.41 -22.49
C VAL AB 336 72.80 -31.34 -21.94
N SER AB 337 72.55 -30.31 -22.73
CA SER AB 337 71.67 -29.22 -22.35
C SER AB 337 70.66 -28.96 -23.47
N GLY AB 338 69.54 -28.37 -23.10
CA GLY AB 338 68.48 -28.17 -24.07
C GLY AB 338 67.58 -29.39 -24.16
N SER AB 339 67.21 -29.74 -25.38
CA SER AB 339 66.37 -30.91 -25.60
C SER AB 339 67.15 -32.18 -25.30
N VAL AB 340 66.45 -33.20 -24.81
CA VAL AB 340 67.08 -34.46 -24.43
C VAL AB 340 66.49 -35.57 -25.29
N ASN AB 341 66.03 -35.21 -26.49
CA ASN AB 341 65.51 -36.19 -27.43
C ASN AB 341 66.58 -37.22 -27.79
N MET AB 342 66.20 -38.49 -27.75
CA MET AB 342 67.19 -39.56 -27.93
C MET AB 342 67.74 -39.59 -29.34
N LEU AB 343 66.87 -39.44 -30.35
CA LEU AB 343 67.33 -39.49 -31.74
C LEU AB 343 68.30 -38.36 -32.03
N ASN AB 344 67.92 -37.12 -31.69
CA ASN AB 344 68.80 -35.98 -31.91
C ASN AB 344 70.07 -36.08 -31.08
N LEU AB 345 69.97 -36.59 -29.84
CA LEU AB 345 71.17 -36.79 -29.03
C LEU AB 345 72.15 -37.73 -29.70
N THR AB 346 71.67 -38.87 -30.19
CA THR AB 346 72.54 -39.82 -30.86
C THR AB 346 73.13 -39.24 -32.14
N ARG AB 347 72.29 -38.56 -32.94
CA ARG AB 347 72.77 -37.97 -34.18
C ARG AB 347 73.86 -36.94 -33.93
N GLY AB 348 73.63 -36.03 -32.98
CA GLY AB 348 74.63 -35.04 -32.64
C GLY AB 348 75.88 -35.63 -32.05
N LEU AB 349 75.75 -36.65 -31.18
CA LEU AB 349 76.92 -37.30 -30.61
C LEU AB 349 77.78 -37.93 -31.69
N PHE AB 350 77.17 -38.65 -32.62
CA PHE AB 350 77.93 -39.25 -33.71
C PHE AB 350 78.54 -38.19 -34.63
N LEU AB 351 77.81 -37.13 -34.96
CA LEU AB 351 78.37 -36.07 -35.78
C LEU AB 351 79.59 -35.43 -35.13
N GLY AB 352 79.49 -35.11 -33.84
CA GLY AB 352 80.61 -34.52 -33.13
C GLY AB 352 81.80 -35.45 -33.00
N LEU AB 353 81.53 -36.73 -32.69
CA LEU AB 353 82.61 -37.70 -32.60
C LEU AB 353 83.28 -37.95 -33.94
N SER AB 354 82.55 -37.81 -35.04
CA SER AB 354 83.16 -37.97 -36.36
C SER AB 354 83.88 -36.71 -36.84
N ARG AB 355 83.46 -35.54 -36.38
CA ARG AB 355 84.11 -34.29 -36.76
C ARG AB 355 85.32 -33.95 -35.90
N GLN AB 356 85.93 -34.95 -35.26
CA GLN AB 356 87.12 -34.69 -34.46
C GLN AB 356 88.31 -34.37 -35.34
N GLU AB 357 89.35 -33.81 -34.73
CA GLU AB 357 90.59 -33.45 -35.42
C GLU AB 357 91.73 -34.22 -34.78
N THR AB 358 92.37 -35.09 -35.57
CA THR AB 358 93.51 -35.84 -35.08
C THR AB 358 94.74 -34.93 -34.96
N HIS AB 359 95.58 -35.24 -33.98
CA HIS AB 359 96.84 -34.51 -33.83
C HIS AB 359 97.67 -34.54 -35.11
N GLN AB 360 97.64 -35.68 -35.83
CA GLN AB 360 98.38 -35.77 -37.08
C GLN AB 360 97.83 -34.80 -38.13
N GLN AB 361 96.51 -34.69 -38.24
CA GLN AB 361 95.94 -33.73 -39.19
C GLN AB 361 96.21 -32.29 -38.76
N LEU AB 362 96.19 -32.01 -37.46
CA LEU AB 362 96.53 -30.67 -36.99
C LEU AB 362 97.97 -30.32 -37.35
N ALA AB 363 98.90 -31.26 -37.12
CA ALA AB 363 100.29 -31.06 -37.52
C ALA AB 363 100.45 -30.91 -39.03
N ASP AB 364 99.69 -31.66 -39.82
CA ASP AB 364 99.75 -31.53 -41.26
C ASP AB 364 99.25 -30.16 -41.72
N LYS AB 365 98.15 -29.68 -41.14
CA LYS AB 365 97.55 -28.42 -41.59
C LYS AB 365 98.30 -27.19 -41.10
N LYS AB 366 99.04 -27.29 -39.99
CA LYS AB 366 99.78 -26.12 -39.51
C LYS AB 366 101.29 -26.25 -39.62
N SER AB 367 101.80 -27.36 -40.16
CA SER AB 367 103.24 -27.54 -40.41
C SER AB 367 104.07 -27.30 -39.15
N LEU AB 368 103.56 -27.75 -38.01
CA LEU AB 368 104.25 -27.57 -36.74
C LEU AB 368 104.12 -28.84 -35.91
N HIS AB 369 105.09 -29.03 -35.01
CA HIS AB 369 105.09 -30.20 -34.14
C HIS AB 369 104.00 -30.09 -33.09
N VAL AB 370 103.34 -31.21 -32.81
CA VAL AB 370 102.35 -31.28 -31.74
C VAL AB 370 103.04 -31.89 -30.52
N VAL AB 371 103.11 -31.12 -29.44
CA VAL AB 371 103.81 -31.51 -28.23
C VAL AB 371 102.82 -31.54 -27.08
N GLU AB 372 102.76 -32.66 -26.37
CA GLU AB 372 101.86 -32.83 -25.23
C GLU AB 372 102.61 -32.57 -23.94
N PHE AB 373 102.02 -31.76 -23.06
CA PHE AB 373 102.61 -31.42 -21.77
C PHE AB 373 101.75 -32.05 -20.67
N ARG AB 374 102.17 -33.23 -20.23
CA ARG AB 374 101.47 -33.91 -19.14
C ARG AB 374 101.69 -33.15 -17.83
N GLU AB 375 100.62 -33.04 -17.04
CA GLU AB 375 100.74 -32.45 -15.71
C GLU AB 375 101.60 -33.31 -14.79
N GLU AB 376 101.48 -34.63 -14.89
CA GLU AB 376 102.25 -35.53 -14.04
C GLU AB 376 103.72 -35.61 -14.47
N CYS AB 377 103.99 -35.59 -15.76
CA CYS AB 377 105.34 -35.68 -16.29
C CYS AB 377 106.09 -34.35 -16.22
N GLY AB 378 105.53 -33.35 -15.54
CA GLY AB 378 106.18 -32.07 -15.41
C GLY AB 378 106.31 -31.34 -16.73
N PRO AB 379 107.44 -30.67 -16.92
CA PRO AB 379 107.63 -29.87 -18.15
C PRO AB 379 108.15 -30.69 -19.32
N LEU AB 380 108.07 -32.01 -19.24
CA LEU AB 380 108.63 -32.88 -20.27
C LEU AB 380 107.91 -32.70 -21.60
N PRO AB 381 108.63 -32.35 -22.68
CA PRO AB 381 108.00 -32.17 -24.01
C PRO AB 381 107.65 -33.49 -24.70
N ILE AB 382 106.50 -34.06 -24.34
CA ILE AB 382 106.06 -35.30 -24.97
C ILE AB 382 105.49 -34.99 -26.35
N VAL AB 383 106.04 -35.63 -27.38
CA VAL AB 383 105.62 -35.44 -28.76
C VAL AB 383 104.70 -36.58 -29.15
N VAL AB 384 103.51 -36.23 -29.63
CA VAL AB 384 102.50 -37.22 -30.00
C VAL AB 384 102.43 -37.44 -31.51
N ALA AB 385 102.53 -36.37 -32.29
CA ALA AB 385 102.48 -36.46 -33.74
C ALA AB 385 103.53 -35.55 -34.36
N SER AB 386 104.06 -35.98 -35.50
CA SER AB 386 105.07 -35.22 -36.22
C SER AB 386 104.50 -34.69 -37.53
N PRO AB 387 104.75 -33.43 -37.87
CA PRO AB 387 104.24 -32.85 -39.12
C PRO AB 387 105.01 -33.34 -40.35
N GLN AB 388 104.60 -34.50 -40.85
CA GLN AB 388 105.24 -35.09 -42.01
C GLN AB 388 105.13 -34.14 -43.20
N GLY AB 389 106.26 -33.95 -43.89
CA GLY AB 389 106.31 -33.01 -45.00
C GLY AB 389 107.21 -31.82 -44.71
N ALA AB 390 106.82 -30.65 -45.21
CA ALA AB 390 107.60 -29.43 -44.99
C ALA AB 390 107.31 -28.88 -43.60
N LEU AB 391 108.34 -28.82 -42.76
CA LEU AB 391 108.22 -28.28 -41.41
C LEU AB 391 108.58 -26.80 -41.43
N ARG AB 392 107.59 -25.94 -41.16
CA ARG AB 392 107.79 -24.51 -41.21
C ARG AB 392 108.59 -24.01 -40.02
N LYS AB 393 109.58 -23.17 -40.28
CA LYS AB 393 110.38 -22.56 -39.22
C LYS AB 393 109.77 -21.28 -38.68
N ASP AB 394 108.73 -20.76 -39.33
CA ASP AB 394 108.06 -19.56 -38.86
C ASP AB 394 107.13 -19.94 -37.72
N PRO AB 395 107.26 -19.35 -36.53
CA PRO AB 395 106.39 -19.75 -35.44
C PRO AB 395 105.01 -19.06 -35.44
N GLU AB 396 104.09 -19.74 -34.75
CA GLU AB 396 102.72 -19.29 -34.72
C GLU AB 396 102.61 -17.97 -33.96
N PRO AB 397 101.70 -17.08 -34.38
CA PRO AB 397 101.56 -15.80 -33.68
C PRO AB 397 101.11 -16.00 -32.23
N GLU AB 398 101.99 -15.71 -31.29
CA GLU AB 398 101.68 -15.88 -29.88
C GLU AB 398 100.69 -14.82 -29.45
N ASP AB 399 99.47 -15.24 -29.09
CA ASP AB 399 98.42 -14.33 -28.68
C ASP AB 399 98.54 -14.06 -27.19
N GLU AB 400 98.86 -12.82 -26.84
CA GLU AB 400 98.93 -12.46 -25.42
C GLU AB 400 97.59 -12.63 -24.74
N VAL AB 401 96.51 -12.24 -25.42
CA VAL AB 401 95.15 -12.47 -24.93
C VAL AB 401 94.42 -13.36 -25.95
N PRO AB 402 94.07 -14.58 -25.57
CA PRO AB 402 93.39 -15.47 -26.52
C PRO AB 402 91.92 -15.08 -26.70
N ASP AB 403 91.47 -15.09 -27.95
CA ASP AB 403 90.08 -14.82 -28.29
C ASP AB 403 89.37 -16.15 -28.48
N ILE AB 404 89.07 -16.81 -27.37
CA ILE AB 404 88.43 -18.10 -27.38
C ILE AB 404 86.96 -17.94 -26.98
N THR AB 405 86.15 -18.92 -27.37
CA THR AB 405 84.72 -18.92 -27.07
C THR AB 405 84.52 -19.67 -25.75
N LEU AB 406 84.55 -18.93 -24.65
CA LEU AB 406 84.38 -19.50 -23.33
C LEU AB 406 82.90 -19.70 -23.01
N ASP AB 407 82.64 -20.49 -21.96
CA ASP AB 407 81.29 -20.78 -21.52
C ASP AB 407 81.17 -20.54 -20.02
N TRP AB 408 80.06 -19.93 -19.61
CA TRP AB 408 79.84 -19.66 -18.20
C TRP AB 408 79.81 -20.93 -17.38
N GLU AB 409 79.38 -22.05 -17.95
CA GLU AB 409 79.38 -23.32 -17.22
C GLU AB 409 80.79 -23.71 -16.81
N ASP AB 410 81.73 -23.75 -17.76
CA ASP AB 410 83.09 -24.17 -17.41
C ASP AB 410 83.81 -23.10 -16.61
N VAL AB 411 83.46 -21.82 -16.78
CA VAL AB 411 84.03 -20.78 -15.93
C VAL AB 411 83.58 -20.97 -14.48
N LYS AB 412 82.30 -21.28 -14.27
CA LYS AB 412 81.83 -21.58 -12.91
C LYS AB 412 82.52 -22.81 -12.35
N ALA AB 413 82.70 -23.84 -13.18
CA ALA AB 413 83.39 -25.04 -12.73
C ALA AB 413 84.83 -24.76 -12.33
N ALA AB 414 85.52 -23.90 -13.10
CA ALA AB 414 86.91 -23.59 -12.79
C ALA AB 414 87.06 -22.67 -11.58
N GLN AB 415 86.12 -21.76 -11.36
CA GLN AB 415 86.19 -20.83 -10.25
C GLN AB 415 85.67 -21.43 -8.94
N GLY AB 416 85.21 -22.68 -8.97
CA GLY AB 416 84.76 -23.32 -7.74
C GLY AB 416 83.43 -22.83 -7.22
N MET AB 417 82.62 -22.19 -8.06
CA MET AB 417 81.32 -21.69 -7.66
C MET AB 417 80.23 -22.74 -7.79
N LYS AB 418 80.56 -23.95 -8.23
CA LYS AB 418 79.58 -25.02 -8.42
C LYS AB 418 79.23 -25.59 -7.04
N ARG AB 419 78.24 -24.97 -6.40
CA ARG AB 419 77.79 -25.39 -5.08
C ARG AB 419 76.62 -26.36 -5.14
N SER AB 420 76.22 -26.79 -6.33
CA SER AB 420 75.10 -27.73 -6.45
C SER AB 420 75.47 -29.07 -5.85
N VAL AB 421 74.50 -29.69 -5.17
CA VAL AB 421 74.72 -30.99 -4.55
C VAL AB 421 74.65 -32.14 -5.54
N TRP AB 422 74.31 -31.85 -6.80
CA TRP AB 422 74.15 -32.88 -7.82
C TRP AB 422 75.40 -33.10 -8.65
N SER AB 423 76.49 -32.37 -8.36
CA SER AB 423 77.69 -32.46 -9.18
C SER AB 423 78.74 -33.39 -8.58
N GLY AB 424 78.90 -33.38 -7.27
CA GLY AB 424 79.94 -34.17 -6.64
C GLY AB 424 79.44 -35.39 -5.89
N LEU AB 425 78.44 -36.08 -6.45
CA LEU AB 425 77.91 -37.27 -5.82
C LEU AB 425 78.76 -38.48 -6.13
N LYS AB 426 78.60 -39.52 -5.30
CA LYS AB 426 79.28 -40.79 -5.54
C LYS AB 426 78.33 -41.72 -6.28
N ARG AB 427 78.75 -42.18 -7.46
CA ARG AB 427 77.94 -43.02 -8.31
C ARG AB 427 78.63 -44.35 -8.56
N ALA AB 428 77.91 -45.26 -9.21
CA ALA AB 428 78.43 -46.59 -9.48
C ALA AB 428 79.52 -46.52 -10.54
N ALA AB 429 80.26 -47.63 -10.68
CA ALA AB 429 81.35 -47.72 -11.63
C ALA AB 429 80.81 -47.88 -13.05
N THR AB 430 81.72 -48.01 -14.01
CA THR AB 430 81.36 -48.19 -15.40
C THR AB 430 80.69 -49.53 -15.63
N PRO BB 154 61.70 33.58 -67.55
CA PRO BB 154 60.35 33.77 -67.02
C PRO BB 154 60.15 33.01 -65.71
N ARG BB 155 59.51 33.65 -64.73
CA ARG BB 155 59.30 33.03 -63.42
C ARG BB 155 57.91 32.45 -63.26
N TYR BB 156 56.87 33.27 -63.41
CA TYR BB 156 55.49 32.82 -63.28
C TYR BB 156 54.78 32.92 -64.62
N GLU BB 157 53.79 32.07 -64.80
CA GLU BB 157 52.98 32.04 -66.01
C GLU BB 157 51.52 32.18 -65.61
N LEU BB 158 50.75 32.89 -66.40
CA LEU BB 158 49.34 33.14 -66.14
C LEU BB 158 48.55 32.74 -67.37
N ALA BB 159 47.71 31.72 -67.22
CA ALA BB 159 46.89 31.21 -68.33
C ALA BB 159 45.53 31.87 -68.26
N LEU BB 160 45.38 32.98 -68.98
CA LEU BB 160 44.20 33.82 -68.90
C LEU BB 160 43.19 33.38 -69.95
N ILE BB 161 42.05 32.88 -69.52
CA ILE BB 161 40.96 32.50 -70.42
C ILE BB 161 39.96 33.65 -70.40
N LEU BB 162 40.09 34.55 -71.37
CA LEU BB 162 39.19 35.70 -71.45
C LEU BB 162 37.89 35.31 -72.16
N LYS BB 163 36.83 36.04 -71.83
CA LYS BB 163 35.55 35.82 -72.47
C LYS BB 163 35.63 36.16 -73.95
N ALA BB 164 34.97 35.34 -74.77
CA ALA BB 164 34.95 35.57 -76.22
C ALA BB 164 34.17 36.84 -76.51
N MET BB 165 34.84 37.82 -77.09
CA MET BB 165 34.26 39.15 -77.28
C MET BB 165 35.04 39.87 -78.37
N GLN BB 166 34.71 41.16 -78.57
CA GLN BB 166 35.18 41.91 -79.72
C GLN BB 166 36.65 42.33 -79.55
N ARG BB 167 37.27 42.74 -80.66
CA ARG BB 167 38.69 43.07 -80.64
C ARG BB 167 39.03 44.24 -79.73
N PRO BB 168 38.36 45.40 -79.80
CA PRO BB 168 38.68 46.48 -78.87
C PRO BB 168 38.41 46.12 -77.42
N GLU BB 169 37.36 45.34 -77.15
CA GLU BB 169 37.08 44.92 -75.77
C GLU BB 169 38.17 44.00 -75.24
N THR BB 170 38.65 43.06 -76.05
CA THR BB 170 39.79 42.24 -75.64
C THR BB 170 41.03 43.09 -75.44
N ALA BB 171 41.27 44.08 -76.29
CA ALA BB 171 42.41 44.96 -76.10
C ALA BB 171 42.34 45.71 -74.77
N ALA BB 172 41.16 46.25 -74.45
CA ALA BB 172 40.98 46.96 -73.18
C ALA BB 172 41.14 46.02 -72.00
N ALA BB 173 40.57 44.81 -72.09
CA ALA BB 173 40.70 43.85 -71.00
C ALA BB 173 42.16 43.46 -70.77
N LEU BB 174 42.90 43.19 -71.84
CA LEU BB 174 44.32 42.88 -71.69
C LEU BB 174 45.10 44.06 -71.14
N LYS BB 175 44.82 45.28 -71.60
CA LYS BB 175 45.52 46.45 -71.09
C LYS BB 175 45.30 46.63 -69.60
N ARG BB 176 44.04 46.58 -69.15
CA ARG BB 176 43.75 46.72 -67.73
C ARG BB 176 44.26 45.55 -66.90
N THR BB 177 44.24 44.34 -67.45
CA THR BB 177 44.81 43.20 -66.73
C THR BB 177 46.31 43.38 -66.53
N LEU BB 178 47.03 43.76 -67.58
CA LEU BB 178 48.47 43.97 -67.44
C LEU BB 178 48.78 45.15 -66.54
N GLU BB 179 47.92 46.17 -66.53
CA GLU BB 179 48.07 47.26 -65.58
C GLU BB 179 47.94 46.76 -64.14
N ALA BB 180 46.96 45.88 -63.89
CA ALA BB 180 46.84 45.29 -62.56
C ALA BB 180 48.05 44.43 -62.20
N LEU BB 181 48.55 43.64 -63.15
CA LEU BB 181 49.78 42.89 -62.94
C LEU BB 181 50.95 43.80 -62.57
N MET BB 182 51.10 44.93 -63.25
CA MET BB 182 52.20 45.84 -62.97
C MET BB 182 52.04 46.57 -61.65
N ASP BB 183 50.81 46.89 -61.26
CA ASP BB 183 50.58 47.63 -60.03
C ASP BB 183 51.04 46.88 -58.78
N ARG BB 184 51.08 45.54 -58.85
CA ARG BB 184 51.52 44.74 -57.71
C ARG BB 184 53.02 44.60 -57.62
N GLY BB 185 53.77 45.15 -58.58
CA GLY BB 185 55.21 45.05 -58.55
C GLY BB 185 55.77 43.94 -59.39
N ALA BB 186 55.11 43.58 -60.50
CA ALA BB 186 55.56 42.51 -61.37
C ALA BB 186 55.80 43.04 -62.77
N VAL BB 187 56.89 42.61 -63.39
CA VAL BB 187 57.26 43.02 -64.74
C VAL BB 187 56.82 41.91 -65.70
N VAL BB 188 56.04 42.28 -66.71
CA VAL BB 188 55.55 41.34 -67.69
C VAL BB 188 56.61 41.19 -68.79
N ARG BB 189 57.05 39.96 -69.01
CA ARG BB 189 58.16 39.72 -69.93
C ARG BB 189 57.68 39.62 -71.38
N ASN BB 190 56.77 38.68 -71.66
CA ASN BB 190 56.12 38.60 -72.97
C ASN BB 190 54.62 38.41 -72.80
N LEU BB 191 53.90 38.71 -73.87
CA LEU BB 191 52.47 38.42 -73.98
C LEU BB 191 52.26 37.55 -75.21
N GLU BB 192 51.61 36.40 -75.03
CA GLU BB 192 51.36 35.45 -76.11
C GLU BB 192 49.87 35.20 -76.21
N ASN BB 193 49.35 35.21 -77.43
CA ASN BB 193 47.95 34.87 -77.69
C ASN BB 193 47.89 33.46 -78.28
N LEU BB 194 47.10 32.59 -77.65
CA LEU BB 194 46.94 31.22 -78.12
C LEU BB 194 45.77 31.06 -79.07
N GLY BB 195 45.01 32.12 -79.33
CA GLY BB 195 43.88 32.05 -80.22
C GLY BB 195 42.58 31.75 -79.49
N GLU BB 196 41.48 31.98 -80.18
CA GLU BB 196 40.14 31.76 -79.65
C GLU BB 196 39.61 30.43 -80.19
N ARG BB 197 39.48 29.45 -79.31
CA ARG BB 197 39.02 28.12 -79.68
C ARG BB 197 37.76 27.76 -78.90
N MET BB 198 37.27 26.56 -79.17
CA MET BB 198 36.18 25.98 -78.38
C MET BB 198 36.70 25.64 -76.98
N LEU BB 199 35.91 25.96 -75.97
CA LEU BB 199 36.25 25.50 -74.62
C LEU BB 199 36.02 24.00 -74.52
N PRO BB 200 36.88 23.28 -73.80
CA PRO BB 200 36.67 21.83 -73.64
C PRO BB 200 35.34 21.49 -72.99
N TYR BB 201 34.84 22.36 -72.12
CA TYR BB 201 33.56 22.16 -71.46
C TYR BB 201 32.94 23.52 -71.20
N LYS BB 202 31.63 23.53 -71.02
CA LYS BB 202 30.90 24.78 -70.75
C LYS BB 202 31.20 25.22 -69.33
N ILE BB 203 31.96 26.31 -69.20
CA ILE BB 203 32.40 26.82 -67.91
C ILE BB 203 31.38 27.82 -67.40
N SER BB 204 30.95 27.64 -66.15
CA SER BB 204 29.97 28.52 -65.51
C SER BB 204 30.73 29.49 -64.60
N ALA BB 205 30.76 30.76 -64.98
CA ALA BB 205 31.45 31.78 -64.19
C ALA BB 205 30.67 33.09 -64.26
N HIS BB 206 30.58 33.76 -63.12
CA HIS BB 206 29.91 35.06 -63.01
C HIS BB 206 28.48 35.01 -63.54
N ASN BB 207 27.75 33.96 -63.17
CA ASN BB 207 26.34 33.80 -63.52
C ASN BB 207 26.13 33.80 -65.04
N GLN BB 208 27.12 33.29 -65.76
CA GLN BB 208 27.05 33.18 -67.22
C GLN BB 208 27.59 31.83 -67.65
N ARG BB 209 26.92 31.22 -68.62
CA ARG BB 209 27.37 29.95 -69.19
C ARG BB 209 28.23 30.28 -70.41
N HIS BB 210 29.51 29.91 -70.34
CA HIS BB 210 30.48 30.25 -71.38
C HIS BB 210 30.79 29.03 -72.21
N SER BB 211 30.66 29.16 -73.53
CA SER BB 211 30.99 28.11 -74.47
C SER BB 211 32.26 28.38 -75.26
N ARG BB 212 32.54 29.64 -75.59
CA ARG BB 212 33.77 30.04 -76.25
C ARG BB 212 34.66 30.77 -75.25
N GLY BB 213 35.89 31.03 -75.68
CA GLY BB 213 36.84 31.75 -74.85
C GLY BB 213 38.21 31.87 -75.50
N GLY BB 214 38.83 33.04 -75.35
CA GLY BB 214 40.15 33.28 -75.90
C GLY BB 214 41.23 32.95 -74.90
N TYR BB 215 42.29 32.29 -75.38
CA TYR BB 215 43.39 31.88 -74.53
C TYR BB 215 44.53 32.89 -74.66
N PHE BB 216 45.12 33.24 -73.51
CA PHE BB 216 46.24 34.17 -73.48
C PHE BB 216 47.26 33.68 -72.46
N LEU BB 217 48.53 33.95 -72.73
CA LEU BB 217 49.64 33.47 -71.90
C LEU BB 217 50.44 34.68 -71.46
N VAL BB 218 50.48 34.95 -70.15
CA VAL BB 218 51.17 36.11 -69.61
C VAL BB 218 52.29 35.59 -68.70
N ASP BB 219 53.52 35.65 -69.17
CA ASP BB 219 54.67 35.22 -68.38
C ASP BB 219 55.37 36.45 -67.82
N PHE BB 220 55.73 36.39 -66.54
CA PHE BB 220 56.23 37.57 -65.85
C PHE BB 220 57.13 37.16 -64.69
N TYR BB 221 57.75 38.16 -64.07
CA TYR BB 221 58.53 38.01 -62.86
C TYR BB 221 57.80 38.71 -61.72
N ALA BB 222 57.39 37.95 -60.72
CA ALA BB 222 56.65 38.52 -59.60
C ALA BB 222 57.18 37.98 -58.28
N PRO BB 223 57.11 38.78 -57.22
CA PRO BB 223 57.47 38.27 -55.90
C PRO BB 223 56.49 37.21 -55.43
N ALA BB 224 56.97 36.31 -54.58
CA ALA BB 224 56.14 35.23 -54.06
C ALA BB 224 54.99 35.75 -53.20
N THR BB 225 55.12 36.95 -52.65
CA THR BB 225 54.10 37.48 -51.75
C THR BB 225 52.88 38.03 -52.49
N THR BB 226 53.05 38.45 -53.75
CA THR BB 226 51.98 39.09 -54.50
C THR BB 226 51.20 38.12 -55.39
N VAL BB 227 51.52 36.83 -55.36
CA VAL BB 227 50.86 35.88 -56.25
C VAL BB 227 49.37 35.77 -55.91
N GLU BB 228 49.03 35.71 -54.62
CA GLU BB 228 47.64 35.48 -54.25
C GLU BB 228 46.73 36.69 -54.49
N SER BB 229 47.22 37.92 -54.31
CA SER BB 229 46.39 39.10 -54.51
C SER BB 229 45.92 39.21 -55.96
N MET BB 230 46.79 38.88 -56.90
CA MET BB 230 46.42 38.90 -58.31
C MET BB 230 45.34 37.87 -58.60
N MET BB 231 45.39 36.71 -57.94
CA MET BB 231 44.33 35.72 -58.08
C MET BB 231 42.99 36.27 -57.60
N GLU BB 232 42.97 36.96 -56.46
CA GLU BB 232 41.74 37.57 -55.97
C GLU BB 232 41.23 38.65 -56.92
N HIS BB 233 42.13 39.43 -57.51
CA HIS BB 233 41.69 40.45 -58.47
C HIS BB 233 41.05 39.81 -59.70
N LEU BB 234 41.71 38.79 -60.27
CA LEU BB 234 41.16 38.16 -61.47
C LEU BB 234 39.90 37.35 -61.17
N SER BB 235 39.72 36.89 -59.92
CA SER BB 235 38.48 36.21 -59.57
C SER BB 235 37.28 37.13 -59.67
N ARG BB 236 37.42 38.37 -59.22
CA ARG BB 236 36.34 39.34 -59.29
C ARG BB 236 36.28 40.08 -60.62
N ASP BB 237 37.33 40.01 -61.43
CA ASP BB 237 37.26 40.52 -62.79
C ASP BB 237 36.21 39.72 -63.56
N ILE BB 238 35.25 40.41 -64.18
CA ILE BB 238 34.10 39.74 -64.78
C ILE BB 238 34.33 39.31 -66.22
N ASP BB 239 35.43 39.72 -66.84
CA ASP BB 239 35.73 39.33 -68.21
C ASP BB 239 36.72 38.17 -68.28
N VAL BB 240 37.05 37.54 -67.16
CA VAL BB 240 37.98 36.42 -67.11
C VAL BB 240 37.18 35.16 -66.79
N ILE BB 241 37.28 34.16 -67.66
CA ILE BB 241 36.56 32.90 -67.43
C ILE BB 241 37.27 32.07 -66.37
N ARG BB 242 38.59 31.95 -66.47
CA ARG BB 242 39.34 31.11 -65.53
C ARG BB 242 40.76 31.63 -65.36
N PRO BB 243 41.08 32.23 -64.22
CA PRO BB 243 42.47 32.65 -63.97
C PRO BB 243 43.28 31.56 -63.28
N ASN BB 244 44.50 31.37 -63.78
CA ASN BB 244 45.40 30.36 -63.24
C ASN BB 244 46.83 30.88 -63.30
N ILE BB 245 47.51 30.88 -62.17
CA ILE BB 245 48.90 31.30 -62.07
C ILE BB 245 49.72 30.09 -61.66
N VAL BB 246 50.63 29.67 -62.54
CA VAL BB 246 51.48 28.51 -62.30
C VAL BB 246 52.93 28.95 -62.43
N LYS BB 247 53.84 28.01 -62.17
CA LYS BB 247 55.25 28.27 -62.45
C LYS BB 247 55.53 28.09 -63.94
N HIS BB 248 56.39 28.94 -64.47
CA HIS BB 248 56.74 28.85 -65.87
C HIS BB 248 57.49 27.55 -66.14
N PRO BB 249 57.13 26.83 -67.21
CA PRO BB 249 57.79 25.54 -67.48
C PRO BB 249 59.27 25.67 -67.82
N LEU BB 250 59.75 26.86 -68.16
CA LEU BB 250 61.13 27.05 -68.58
C LEU BB 250 62.10 27.13 -67.41
N THR BB 251 61.63 27.40 -66.19
CA THR BB 251 62.55 27.50 -65.07
C THR BB 251 62.95 26.14 -64.50
N GLN BB 252 62.20 25.09 -64.84
CA GLN BB 252 62.61 23.73 -64.50
C GLN BB 252 63.49 23.21 -65.63
N GLU BB 253 64.78 23.03 -65.34
CA GLU BB 253 65.71 22.54 -66.36
C GLU BB 253 65.35 21.11 -66.75
N VAL BB 254 65.56 20.79 -68.02
CA VAL BB 254 65.23 19.45 -68.52
C VAL BB 254 66.39 18.52 -68.15
N LYS BB 255 66.16 17.66 -67.16
CA LYS BB 255 67.14 16.65 -66.79
C LYS BB 255 67.26 15.60 -67.90
N GLU BB 256 68.40 14.93 -67.92
CA GLU BB 256 68.65 13.90 -68.92
C GLU BB 256 67.72 12.72 -68.66
N CYS BB 257 66.81 12.48 -69.60
CA CYS BB 257 65.89 11.36 -69.49
C CYS BB 257 66.68 10.14 -69.96
N GLU BB 258 67.41 9.51 -69.05
CA GLU BB 258 68.51 8.63 -69.44
C GLU BB 258 68.04 7.45 -70.28
N GLY BB 259 66.84 6.96 -70.06
CA GLY BB 259 66.28 5.87 -70.83
C GLY BB 259 65.79 4.75 -69.95
N ILE BB 260 65.34 3.68 -70.61
CA ILE BB 260 64.78 2.52 -69.93
C ILE BB 260 65.95 1.69 -69.42
N VAL BB 261 66.29 1.85 -68.14
CA VAL BB 261 67.29 1.01 -67.50
C VAL BB 261 66.66 -0.35 -67.23
N PRO BB 262 67.23 -1.44 -67.74
CA PRO BB 262 66.60 -2.76 -67.54
C PRO BB 262 66.70 -3.20 -66.09
N VAL BB 263 65.57 -3.55 -65.51
CA VAL BB 263 65.49 -4.03 -64.13
C VAL BB 263 65.41 -5.56 -64.16
N PRO BB 264 66.25 -6.26 -63.39
CA PRO BB 264 66.22 -7.72 -63.40
C PRO BB 264 65.11 -8.26 -62.50
N LEU BB 265 64.85 -9.55 -62.66
CA LEU BB 265 63.86 -10.22 -61.81
C LEU BB 265 64.42 -10.42 -60.41
N GLU BB 266 63.63 -10.05 -59.40
CA GLU BB 266 64.11 -10.12 -58.04
C GLU BB 266 64.22 -11.57 -57.56
N GLU BB 267 65.34 -11.89 -56.91
CA GLU BB 267 65.71 -13.24 -56.51
C GLU BB 267 66.20 -13.26 -55.06
N LYS BB 268 66.09 -14.44 -54.43
CA LYS BB 268 66.24 -14.62 -52.99
C LYS BB 268 65.07 -14.01 -52.22
N LEU BB 269 63.88 -14.08 -52.82
CA LEU BB 269 62.65 -13.72 -52.12
C LEU BB 269 62.10 -14.85 -51.27
N TYR BB 270 62.59 -16.08 -51.47
CA TYR BB 270 62.17 -17.22 -50.67
C TYR BB 270 63.38 -18.10 -50.41
N SER BB 271 63.28 -18.91 -49.36
CA SER BB 271 64.37 -19.79 -48.98
C SER BB 271 64.45 -20.97 -49.94
N THR BB 272 65.47 -21.81 -49.73
CA THR BB 272 65.74 -22.95 -50.60
C THR BB 272 65.17 -24.26 -50.06
N LYS BB 273 64.05 -24.19 -49.34
CA LYS BB 273 63.43 -25.40 -48.83
C LYS BB 273 62.88 -26.24 -49.98
N LYS BB 274 63.02 -27.56 -49.86
CA LYS BB 274 62.56 -28.47 -50.89
C LYS BB 274 61.06 -28.70 -50.73
N ARG BB 275 60.28 -28.31 -51.73
CA ARG BB 275 58.83 -28.44 -51.68
C ARG BB 275 58.41 -29.90 -51.81
N SER CB 35 19.80 -57.19 -72.32
CA SER CB 35 21.23 -57.17 -72.07
C SER CB 35 21.90 -58.42 -72.63
N ARG CB 36 21.08 -59.36 -73.10
CA ARG CB 36 21.63 -60.55 -73.75
C ARG CB 36 22.28 -60.23 -75.08
N TYR CB 37 22.04 -59.04 -75.63
CA TYR CB 37 22.67 -58.60 -76.87
C TYR CB 37 23.90 -57.78 -76.54
N GLY CB 38 25.04 -58.19 -77.10
CA GLY CB 38 26.28 -57.51 -76.85
C GLY CB 38 26.35 -56.17 -77.57
N PRO CB 39 27.36 -55.37 -77.20
CA PRO CB 39 27.51 -54.06 -77.87
C PRO CB 39 27.80 -54.16 -79.35
N GLU CB 40 28.30 -55.31 -79.83
CA GLU CB 40 28.58 -55.47 -81.25
C GLU CB 40 27.31 -55.70 -82.06
N TYR CB 41 26.21 -56.11 -81.43
CA TYR CB 41 24.97 -56.36 -82.15
C TYR CB 41 24.34 -55.03 -82.57
N LYS CB 42 23.99 -54.93 -83.85
CA LYS CB 42 23.39 -53.72 -84.41
C LYS CB 42 21.90 -53.90 -84.62
N ASP CB 43 21.20 -52.78 -84.77
CA ASP CB 43 19.76 -52.81 -84.99
C ASP CB 43 19.45 -53.28 -86.42
N PRO CB 44 18.46 -54.17 -86.57
CA PRO CB 44 18.12 -54.67 -87.91
C PRO CB 44 17.41 -53.60 -88.72
N GLN CB 45 17.32 -53.86 -90.04
CA GLN CB 45 16.61 -53.00 -90.98
C GLN CB 45 15.48 -53.82 -91.58
N ILE CB 46 14.24 -53.33 -91.43
CA ILE CB 46 13.08 -54.06 -91.90
C ILE CB 46 12.64 -53.62 -93.30
N ASP CB 47 13.02 -52.42 -93.73
CA ASP CB 47 12.57 -51.89 -95.01
C ASP CB 47 13.04 -52.75 -96.17
N LYS CB 48 12.08 -53.28 -96.94
CA LYS CB 48 12.41 -54.06 -98.12
C LYS CB 48 12.91 -53.19 -99.26
N GLU CB 49 12.32 -52.01 -99.44
CA GLU CB 49 12.73 -51.09 -100.50
C GLU CB 49 14.16 -50.62 -100.31
N TYR CB 50 14.65 -50.63 -99.07
CA TYR CB 50 16.04 -50.31 -98.80
C TYR CB 50 17.00 -51.27 -99.47
N TYR CB 51 16.63 -52.56 -99.55
CA TYR CB 51 17.48 -53.57 -100.17
C TYR CB 51 17.15 -53.83 -101.63
N ARG CB 52 15.90 -53.59 -102.04
CA ARG CB 52 15.48 -54.02 -103.37
C ARG CB 52 16.12 -53.18 -104.48
N LYS CB 53 16.57 -51.97 -104.17
CA LYS CB 53 17.21 -51.08 -105.15
C LYS CB 53 18.56 -50.63 -104.63
N PRO CB 54 19.60 -51.45 -104.79
CA PRO CB 54 20.94 -51.03 -104.35
C PRO CB 54 21.72 -50.27 -105.42
N LEU CB 55 21.34 -50.44 -106.68
CA LEU CB 55 22.11 -49.92 -107.81
C LEU CB 55 21.77 -48.47 -108.15
N ALA CB 56 20.71 -47.91 -107.60
CA ALA CB 56 20.26 -46.57 -107.98
C ALA CB 56 21.02 -45.46 -107.26
N GLU CB 57 21.91 -45.79 -106.34
CA GLU CB 57 22.64 -44.78 -105.60
C GLU CB 57 23.99 -45.33 -105.16
N GLN CB 58 24.96 -44.45 -104.98
CA GLN CB 58 26.30 -44.86 -104.57
C GLN CB 58 26.62 -44.46 -103.14
N THR CB 59 26.09 -43.33 -102.66
CA THR CB 59 26.32 -42.93 -101.28
C THR CB 59 25.76 -43.96 -100.31
N GLU CB 60 24.54 -44.44 -100.57
CA GLU CB 60 24.00 -45.55 -99.78
C GLU CB 60 24.60 -46.88 -100.18
N GLU CB 61 25.16 -46.99 -101.39
CA GLU CB 61 25.86 -48.22 -101.76
C GLU CB 61 27.11 -48.41 -100.92
N GLU CB 62 27.75 -47.31 -100.51
CA GLU CB 62 29.02 -47.39 -99.78
C GLU CB 62 28.84 -47.82 -98.32
N LYS CB 63 27.59 -47.93 -97.83
CA LYS CB 63 27.44 -48.24 -96.41
C LYS CB 63 27.17 -49.71 -96.16
N TYR CB 64 26.31 -50.36 -96.97
CA TYR CB 64 25.87 -51.70 -96.60
C TYR CB 64 26.90 -52.77 -96.92
N GLU CB 65 27.87 -52.51 -97.80
CA GLU CB 65 28.91 -53.50 -98.03
C GLU CB 65 29.84 -53.57 -96.82
N ARG CB 66 30.20 -52.41 -96.26
CA ARG CB 66 30.95 -52.37 -95.01
C ARG CB 66 30.13 -52.89 -93.84
N ASP CB 67 28.82 -52.65 -93.86
CA ASP CB 67 27.95 -53.13 -92.78
C ASP CB 67 28.14 -54.62 -92.54
N PHE CB 68 28.27 -55.41 -93.61
CA PHE CB 68 28.46 -56.84 -93.45
C PHE CB 68 29.91 -57.29 -93.63
N LYS CB 69 30.78 -56.43 -94.17
CA LYS CB 69 32.19 -56.79 -94.27
C LYS CB 69 32.95 -56.50 -92.98
N LYS CB 70 32.36 -55.74 -92.05
CA LYS CB 70 32.98 -55.51 -90.76
C LYS CB 70 32.69 -56.61 -89.75
N THR CB 71 32.13 -57.73 -90.21
CA THR CB 71 31.79 -58.87 -89.35
C THR CB 71 30.92 -58.44 -88.17
N GLN CB 72 29.93 -57.61 -88.47
CA GLN CB 72 29.03 -57.09 -87.45
C GLN CB 72 27.83 -58.01 -87.27
N LEU CB 73 27.48 -58.27 -86.01
CA LEU CB 73 26.33 -59.10 -85.68
C LEU CB 73 25.07 -58.26 -85.69
N ILE CB 74 23.95 -58.90 -86.00
CA ILE CB 74 22.66 -58.23 -86.15
C ILE CB 74 21.69 -58.84 -85.16
N LYS CB 75 20.93 -58.00 -84.47
CA LYS CB 75 19.94 -58.46 -83.50
C LYS CB 75 18.79 -59.17 -84.20
N ALA CB 76 18.09 -60.01 -83.44
CA ALA CB 76 16.91 -60.68 -83.96
C ALA CB 76 15.75 -59.71 -84.07
N ALA CB 77 14.96 -59.87 -85.13
CA ALA CB 77 13.83 -58.99 -85.35
C ALA CB 77 12.77 -59.21 -84.28
N PRO CB 78 12.24 -58.14 -83.69
CA PRO CB 78 11.19 -58.30 -82.67
C PRO CB 78 9.90 -58.82 -83.29
N ALA CB 79 9.12 -59.51 -82.46
CA ALA CB 79 7.86 -60.08 -82.92
C ALA CB 79 6.83 -59.01 -83.25
N THR CB 80 6.88 -57.85 -82.60
CA THR CB 80 5.89 -56.81 -82.84
C THR CB 80 6.13 -56.10 -84.16
N LYS CB 81 7.37 -56.05 -84.63
CA LYS CB 81 7.70 -55.37 -85.86
C LYS CB 81 7.94 -56.37 -86.99
N THR CB 82 7.18 -56.23 -88.07
CA THR CB 82 7.28 -57.11 -89.23
C THR CB 82 7.42 -56.25 -90.48
N SER CB 83 7.37 -56.91 -91.65
CA SER CB 83 7.48 -56.23 -92.93
C SER CB 83 6.13 -55.92 -93.55
N SER CB 84 5.08 -55.87 -92.74
CA SER CB 84 3.74 -55.58 -93.26
C SER CB 84 3.67 -54.17 -93.80
N VAL CB 85 2.89 -54.00 -94.87
CA VAL CB 85 2.65 -52.67 -95.43
C VAL CB 85 1.46 -51.98 -94.81
N PHE CB 86 0.67 -52.69 -94.00
CA PHE CB 86 -0.51 -52.12 -93.37
C PHE CB 86 -0.27 -51.70 -91.93
N GLU CB 87 0.92 -51.93 -91.39
CA GLU CB 87 1.23 -51.58 -90.01
C GLU CB 87 2.04 -50.28 -89.97
N ASP CB 88 1.84 -49.52 -88.89
CA ASP CB 88 2.54 -48.27 -88.70
C ASP CB 88 3.26 -48.27 -87.35
N PRO CB 89 4.45 -47.68 -87.27
CA PRO CB 89 5.11 -47.56 -85.97
C PRO CB 89 4.31 -46.77 -84.96
N VAL CB 90 3.58 -45.75 -85.40
CA VAL CB 90 2.70 -45.01 -84.51
C VAL CB 90 1.57 -45.90 -83.99
N ILE CB 91 0.97 -46.71 -84.86
CA ILE CB 91 -0.08 -47.62 -84.42
C ILE CB 91 0.47 -48.61 -83.40
N SER CB 92 1.66 -49.16 -83.68
CA SER CB 92 2.26 -50.12 -82.76
C SER CB 92 2.57 -49.49 -81.41
N LYS CB 93 3.10 -48.26 -81.42
CA LYS CB 93 3.38 -47.56 -80.17
C LYS CB 93 2.10 -47.31 -79.38
N PHE CB 94 1.03 -46.91 -80.05
CA PHE CB 94 -0.19 -46.59 -79.33
C PHE CB 94 -0.83 -47.86 -78.77
N THR CB 95 -0.71 -48.97 -79.49
CA THR CB 95 -1.14 -50.27 -78.98
C THR CB 95 -0.30 -50.71 -77.79
N ASN CB 96 1.02 -50.51 -77.84
CA ASN CB 96 1.88 -50.87 -76.73
C ASN CB 96 1.54 -50.06 -75.48
N MET CB 97 1.25 -48.76 -75.66
CA MET CB 97 0.95 -47.91 -74.51
C MET CB 97 -0.38 -48.26 -73.84
N MET CB 98 -1.35 -48.79 -74.59
CA MET CB 98 -2.62 -49.21 -73.99
C MET CB 98 -2.53 -50.52 -73.22
N MET CB 99 -1.56 -51.38 -73.52
CA MET CB 99 -1.54 -52.72 -72.95
C MET CB 99 -1.34 -52.64 -71.44
N LYS CB 100 -2.19 -53.34 -70.71
CA LYS CB 100 -2.09 -53.40 -69.25
C LYS CB 100 -1.60 -54.78 -68.86
N GLY CB 101 -0.54 -54.83 -68.06
CA GLY CB 101 0.08 -56.10 -67.72
C GLY CB 101 0.93 -56.62 -68.86
N GLY CB 102 0.48 -57.69 -69.50
CA GLY CB 102 1.19 -58.23 -70.64
C GLY CB 102 0.25 -58.75 -71.72
N ASN CB 103 -1.03 -58.40 -71.61
CA ASN CB 103 -2.06 -58.91 -72.52
C ASN CB 103 -2.00 -58.11 -73.82
N LYS CB 104 -1.19 -58.58 -74.77
CA LYS CB 104 -1.03 -57.88 -76.04
C LYS CB 104 -2.20 -58.11 -76.98
N VAL CB 105 -2.82 -59.30 -76.93
CA VAL CB 105 -3.92 -59.57 -77.85
C VAL CB 105 -5.12 -58.69 -77.54
N LEU CB 106 -5.36 -58.38 -76.26
CA LEU CB 106 -6.47 -57.48 -75.93
C LEU CB 106 -6.24 -56.08 -76.49
N ALA CB 107 -5.01 -55.57 -76.38
CA ALA CB 107 -4.71 -54.26 -76.95
C ALA CB 107 -4.78 -54.26 -78.48
N ARG CB 108 -4.31 -55.33 -79.11
CA ARG CB 108 -4.44 -55.44 -80.55
C ARG CB 108 -5.92 -55.45 -80.96
N SER CB 109 -6.76 -56.17 -80.19
CA SER CB 109 -8.18 -56.12 -80.45
C SER CB 109 -8.71 -54.70 -80.31
N LEU CB 110 -8.35 -54.03 -79.20
CA LEU CB 110 -8.87 -52.69 -78.95
C LEU CB 110 -8.51 -51.73 -80.09
N MET CB 111 -7.31 -51.85 -80.66
CA MET CB 111 -7.01 -51.17 -81.92
C MET CB 111 -7.93 -51.60 -83.06
N THR CB 112 -8.21 -52.90 -83.18
CA THR CB 112 -9.10 -53.36 -84.23
C THR CB 112 -10.46 -52.67 -84.16
N GLN CB 113 -11.11 -52.72 -82.99
CA GLN CB 113 -12.41 -52.08 -82.90
C GLN CB 113 -12.32 -50.55 -82.92
N THR CB 114 -11.23 -49.95 -82.45
CA THR CB 114 -11.12 -48.50 -82.53
C THR CB 114 -11.07 -48.03 -83.98
N LEU CB 115 -10.21 -48.65 -84.79
CA LEU CB 115 -10.15 -48.31 -86.20
C LEU CB 115 -11.45 -48.63 -86.91
N GLU CB 116 -12.07 -49.78 -86.60
CA GLU CB 116 -13.34 -50.14 -87.22
C GLU CB 116 -14.45 -49.16 -86.87
N ALA CB 117 -14.54 -48.73 -85.61
CA ALA CB 117 -15.56 -47.79 -85.19
C ALA CB 117 -15.33 -46.42 -85.81
N VAL CB 118 -14.08 -45.95 -85.87
CA VAL CB 118 -13.81 -44.69 -86.56
C VAL CB 118 -14.24 -44.79 -88.01
N LYS CB 119 -13.88 -45.89 -88.69
CA LYS CB 119 -14.28 -46.08 -90.07
C LYS CB 119 -15.79 -46.03 -90.23
N ARG CB 120 -16.51 -46.81 -89.43
CA ARG CB 120 -17.97 -46.90 -89.61
C ARG CB 120 -18.69 -45.61 -89.25
N LYS CB 121 -18.26 -44.90 -88.20
CA LYS CB 121 -18.84 -43.60 -87.90
C LYS CB 121 -18.58 -42.60 -89.03
N GLN CB 122 -17.35 -42.59 -89.57
CA GLN CB 122 -17.08 -41.69 -90.68
C GLN CB 122 -17.88 -42.06 -91.92
N PHE CB 123 -18.16 -43.35 -92.13
CA PHE CB 123 -18.96 -43.76 -93.28
C PHE CB 123 -20.41 -43.35 -93.10
N ALA CB 124 -20.94 -43.48 -91.88
CA ALA CB 124 -22.29 -43.01 -91.60
C ALA CB 124 -22.41 -41.52 -91.82
N LYS CB 125 -21.41 -40.74 -91.41
CA LYS CB 125 -21.40 -39.32 -91.73
C LYS CB 125 -21.23 -39.06 -93.22
N TYR CB 126 -20.46 -39.90 -93.92
CA TYR CB 126 -20.24 -39.75 -95.35
C TYR CB 126 -21.55 -39.89 -96.12
N HIS CB 127 -22.37 -40.86 -95.76
CA HIS CB 127 -23.58 -41.17 -96.53
C HIS CB 127 -24.75 -40.23 -96.23
N ALA CB 128 -24.60 -39.32 -95.27
CA ALA CB 128 -25.69 -38.43 -94.89
C ALA CB 128 -25.49 -36.99 -95.35
N ALA CB 129 -24.48 -36.72 -96.18
CA ALA CB 129 -24.16 -35.37 -96.60
C ALA CB 129 -24.51 -35.15 -98.07
N SER CB 130 -24.35 -33.91 -98.53
CA SER CB 130 -24.60 -33.55 -99.91
C SER CB 130 -23.32 -33.75 -100.74
N ALA CB 131 -23.41 -33.51 -102.04
CA ALA CB 131 -22.32 -33.82 -102.95
C ALA CB 131 -21.05 -33.04 -102.65
N GLU CB 132 -21.15 -31.89 -101.99
CA GLU CB 132 -19.98 -31.07 -101.73
C GLU CB 132 -19.15 -31.61 -100.56
N GLU CB 133 -19.80 -32.18 -99.55
CA GLU CB 133 -19.09 -32.59 -98.33
C GLU CB 133 -18.35 -33.90 -98.50
N GLN CB 134 -18.71 -34.72 -99.49
CA GLN CB 134 -18.00 -35.98 -99.69
C GLN CB 134 -16.60 -35.77 -100.25
N ALA CB 135 -16.34 -34.63 -100.87
CA ALA CB 135 -15.00 -34.31 -101.34
C ALA CB 135 -14.08 -33.82 -100.21
N THR CB 136 -14.62 -33.59 -99.02
CA THR CB 136 -13.85 -33.12 -97.88
C THR CB 136 -13.79 -34.12 -96.73
N ILE CB 137 -14.86 -34.87 -96.50
CA ILE CB 137 -14.88 -35.83 -95.40
C ILE CB 137 -13.93 -36.97 -95.70
N GLU CB 138 -13.02 -37.25 -94.77
CA GLU CB 138 -12.02 -38.29 -94.94
C GLU CB 138 -12.52 -39.62 -94.38
N ARG CB 139 -12.32 -40.68 -95.15
CA ARG CB 139 -12.72 -42.03 -94.77
C ARG CB 139 -11.56 -42.88 -94.25
N ASN CB 140 -10.37 -42.31 -94.10
CA ASN CB 140 -9.19 -43.11 -93.79
C ASN CB 140 -8.85 -43.02 -92.31
N PRO CB 141 -9.06 -44.10 -91.53
CA PRO CB 141 -8.75 -44.04 -90.10
C PRO CB 141 -7.29 -43.79 -89.79
N TYR CB 142 -6.36 -44.30 -90.61
CA TYR CB 142 -4.94 -44.07 -90.34
C TYR CB 142 -4.59 -42.59 -90.47
N THR CB 143 -5.05 -41.95 -91.54
CA THR CB 143 -4.83 -40.52 -91.72
C THR CB 143 -5.51 -39.70 -90.62
N ILE CB 144 -6.74 -40.07 -90.24
CA ILE CB 144 -7.43 -39.35 -89.18
C ILE CB 144 -6.67 -39.48 -87.86
N PHE CB 145 -6.19 -40.68 -87.54
CA PHE CB 145 -5.42 -40.89 -86.31
C PHE CB 145 -4.12 -40.09 -86.31
N HIS CB 146 -3.39 -40.11 -87.43
CA HIS CB 146 -2.14 -39.35 -87.50
C HIS CB 146 -2.39 -37.85 -87.37
N GLN CB 147 -3.42 -37.33 -88.05
CA GLN CB 147 -3.73 -35.92 -87.93
C GLN CB 147 -4.18 -35.56 -86.52
N ALA CB 148 -4.94 -36.44 -85.86
CA ALA CB 148 -5.31 -36.19 -84.48
C ALA CB 148 -4.10 -36.13 -83.58
N LEU CB 149 -3.13 -37.03 -83.77
CA LEU CB 149 -1.90 -36.96 -82.98
C LEU CB 149 -1.12 -35.68 -83.25
N LYS CB 150 -1.01 -35.27 -84.51
CA LYS CB 150 -0.31 -34.01 -84.81
C LYS CB 150 -1.02 -32.81 -84.19
N ASN CB 151 -2.35 -32.79 -84.21
CA ASN CB 151 -3.09 -31.71 -83.58
C ASN CB 151 -2.93 -31.74 -82.06
N CYS CB 152 -2.83 -32.92 -81.47
CA CYS CB 152 -2.68 -33.06 -80.02
C CYS CB 152 -1.23 -32.89 -79.57
N GLU CB 153 -0.28 -32.81 -80.49
CA GLU CB 153 1.13 -32.70 -80.13
C GLU CB 153 1.42 -31.31 -79.57
N PRO CB 154 1.91 -31.19 -78.34
CA PRO CB 154 2.23 -29.87 -77.80
C PRO CB 154 3.50 -29.30 -78.43
N VAL CB 155 3.63 -27.98 -78.31
CA VAL CB 155 4.78 -27.29 -78.89
C VAL CB 155 5.89 -27.12 -77.86
N ILE CB 156 5.52 -26.69 -76.65
CA ILE CB 156 6.48 -26.40 -75.59
C ILE CB 156 6.01 -27.10 -74.31
N GLY CB 157 6.96 -27.50 -73.48
CA GLY CB 157 6.62 -28.16 -72.24
C GLY CB 157 7.13 -27.39 -71.03
N LEU CB 158 6.92 -27.92 -69.84
CA LEU CB 158 7.35 -27.28 -68.61
C LEU CB 158 8.21 -28.23 -67.79
N VAL CB 159 9.25 -27.69 -67.16
CA VAL CB 159 10.14 -28.45 -66.29
C VAL CB 159 10.19 -27.74 -64.95
N PRO CB 160 10.06 -28.45 -63.83
CA PRO CB 160 10.25 -27.82 -62.52
C PRO CB 160 11.73 -27.62 -62.23
N ILE CB 161 12.11 -26.39 -61.94
CA ILE CB 161 13.49 -26.03 -61.61
C ILE CB 161 13.49 -25.47 -60.20
N LEU CB 162 14.38 -26.00 -59.35
CA LEU CB 162 14.48 -25.56 -57.98
C LEU CB 162 15.47 -24.40 -57.88
N LYS CB 163 14.96 -23.21 -57.56
CA LYS CB 163 15.80 -22.03 -57.37
C LYS CB 163 15.29 -21.29 -56.15
N GLY CB 164 16.18 -20.97 -55.23
CA GLY CB 164 15.79 -20.32 -53.99
C GLY CB 164 14.88 -21.15 -53.12
N GLY CB 165 15.05 -22.47 -53.13
CA GLY CB 165 14.25 -23.34 -52.28
C GLY CB 165 12.83 -23.58 -52.76
N HIS CB 166 12.46 -23.05 -53.92
CA HIS CB 166 11.12 -23.21 -54.46
C HIS CB 166 11.20 -23.76 -55.88
N PHE CB 167 10.14 -24.42 -56.29
CA PHE CB 167 10.04 -25.02 -57.62
C PHE CB 167 9.31 -24.05 -58.55
N TYR CB 168 9.94 -23.71 -59.67
CA TYR CB 168 9.35 -22.84 -60.68
C TYR CB 168 9.17 -23.63 -61.97
N GLN CB 169 8.01 -23.46 -62.61
CA GLN CB 169 7.71 -24.16 -63.86
C GLN CB 169 8.31 -23.38 -65.02
N VAL CB 170 9.50 -23.79 -65.45
CA VAL CB 170 10.23 -23.10 -66.51
C VAL CB 170 9.80 -23.71 -67.85
N PRO CB 171 9.38 -22.90 -68.82
CA PRO CB 171 9.06 -23.42 -70.16
C PRO CB 171 10.33 -23.85 -70.88
N VAL CB 172 10.27 -25.01 -71.52
CA VAL CB 172 11.40 -25.60 -72.22
C VAL CB 172 10.90 -26.19 -73.52
N PRO CB 173 11.64 -26.06 -74.63
CA PRO CB 173 11.30 -26.82 -75.83
C PRO CB 173 11.41 -28.32 -75.58
N LEU CB 174 10.49 -29.08 -76.15
CA LEU CB 174 10.49 -30.53 -76.01
C LEU CB 174 11.01 -31.17 -77.29
N ALA CB 175 11.54 -32.38 -77.15
CA ALA CB 175 11.99 -33.15 -78.29
C ALA CB 175 10.78 -33.72 -79.03
N ASP CB 176 11.03 -34.19 -80.26
CA ASP CB 176 9.94 -34.76 -81.06
C ASP CB 176 9.32 -35.97 -80.38
N ARG CB 177 10.16 -36.87 -79.86
CA ARG CB 177 9.66 -38.06 -79.19
C ARG CB 177 8.90 -37.71 -77.92
N ARG CB 178 9.38 -36.73 -77.15
CA ARG CB 178 8.67 -36.28 -75.97
C ARG CB 178 7.31 -35.67 -76.33
N ARG CB 179 7.27 -34.86 -77.38
CA ARG CB 179 6.02 -34.24 -77.80
C ARG CB 179 5.00 -35.29 -78.22
N ARG CB 180 5.41 -36.25 -79.05
CA ARG CB 180 4.49 -37.29 -79.47
C ARG CB 180 4.07 -38.19 -78.31
N PHE CB 181 4.98 -38.48 -77.38
CA PHE CB 181 4.62 -39.27 -76.21
C PHE CB 181 3.57 -38.56 -75.35
N LEU CB 182 3.74 -37.25 -75.14
CA LEU CB 182 2.71 -36.50 -74.42
C LEU CB 182 1.38 -36.51 -75.15
N ALA CB 183 1.40 -36.29 -76.47
CA ALA CB 183 0.16 -36.30 -77.22
C ALA CB 183 -0.57 -37.63 -77.11
N MET CB 184 0.18 -38.74 -77.16
CA MET CB 184 -0.41 -40.07 -77.06
C MET CB 184 -0.93 -40.35 -75.65
N LYS CB 185 -0.12 -40.06 -74.64
CA LYS CB 185 -0.47 -40.35 -73.25
C LYS CB 185 -1.66 -39.53 -72.79
N TRP CB 186 -1.77 -38.26 -73.22
CA TRP CB 186 -2.91 -37.46 -72.82
C TRP CB 186 -4.22 -38.07 -73.27
N MET CB 187 -4.29 -38.48 -74.55
CA MET CB 187 -5.50 -39.12 -75.05
C MET CB 187 -5.79 -40.44 -74.35
N ILE CB 188 -4.76 -41.26 -74.14
CA ILE CB 188 -5.00 -42.54 -73.48
C ILE CB 188 -5.54 -42.31 -72.06
N ALA CB 189 -4.92 -41.40 -71.31
CA ALA CB 189 -5.38 -41.11 -69.96
C ALA CB 189 -6.78 -40.54 -69.95
N GLU CB 190 -7.10 -39.62 -70.87
CA GLU CB 190 -8.43 -39.05 -70.92
C GLU CB 190 -9.49 -40.12 -71.19
N CYS CB 191 -9.27 -40.94 -72.20
CA CYS CB 191 -10.24 -42.00 -72.51
C CYS CB 191 -10.31 -43.07 -71.44
N ARG CB 192 -9.27 -43.24 -70.61
CA ARG CB 192 -9.34 -44.24 -69.56
C ARG CB 192 -10.22 -43.81 -68.38
N GLU CB 193 -10.18 -42.53 -68.00
CA GLU CB 193 -10.85 -42.08 -66.79
C GLU CB 193 -12.13 -41.30 -67.03
N LYS CB 194 -12.19 -40.48 -68.08
CA LYS CB 194 -13.32 -39.57 -68.25
C LYS CB 194 -14.46 -40.18 -69.07
N LYS CB 195 -14.63 -41.50 -69.03
CA LYS CB 195 -15.71 -42.18 -69.73
C LYS CB 195 -16.62 -42.89 -68.73
N HIS CB 196 -17.88 -43.08 -69.14
CA HIS CB 196 -18.83 -43.83 -68.35
C HIS CB 196 -18.48 -45.31 -68.37
N ARG CB 197 -18.92 -46.02 -67.32
CA ARG CB 197 -18.61 -47.44 -67.23
C ARG CB 197 -19.27 -48.24 -68.35
N ARG CB 198 -20.45 -47.82 -68.80
CA ARG CB 198 -21.09 -48.48 -69.93
C ARG CB 198 -20.42 -48.16 -71.26
N VAL CB 199 -19.64 -47.08 -71.32
CA VAL CB 199 -18.93 -46.71 -72.54
C VAL CB 199 -17.72 -47.61 -72.70
N LEU CB 200 -17.51 -48.12 -73.91
CA LEU CB 200 -16.38 -48.98 -74.19
C LEU CB 200 -15.20 -48.17 -74.69
N MET CB 201 -13.99 -48.73 -74.51
CA MET CB 201 -12.77 -48.03 -74.90
C MET CB 201 -12.73 -47.72 -76.39
N PRO CB 202 -12.99 -48.66 -77.30
CA PRO CB 202 -12.97 -48.29 -78.73
C PRO CB 202 -13.98 -47.23 -79.10
N GLU CB 203 -15.16 -47.23 -78.51
CA GLU CB 203 -16.18 -46.24 -78.86
C GLU CB 203 -15.78 -44.85 -78.35
N LYS CB 204 -15.32 -44.78 -77.10
CA LYS CB 204 -14.87 -43.50 -76.56
C LYS CB 204 -13.68 -42.96 -77.35
N LEU CB 205 -12.73 -43.84 -77.70
CA LEU CB 205 -11.59 -43.42 -78.48
C LEU CB 205 -11.99 -42.98 -79.88
N SER CB 206 -13.01 -43.61 -80.47
CA SER CB 206 -13.50 -43.15 -81.76
C SER CB 206 -14.11 -41.76 -81.66
N GLN CB 207 -14.83 -41.47 -80.57
CA GLN CB 207 -15.32 -40.10 -80.38
C GLN CB 207 -14.17 -39.11 -80.29
N GLU CB 208 -13.22 -39.37 -79.39
CA GLU CB 208 -12.14 -38.40 -79.17
C GLU CB 208 -11.20 -38.28 -80.36
N LEU CB 209 -11.05 -39.33 -81.18
CA LEU CB 209 -10.22 -39.20 -82.37
C LEU CB 209 -10.82 -38.20 -83.35
N LEU CB 210 -12.12 -38.30 -83.62
CA LEU CB 210 -12.77 -37.35 -84.51
C LEU CB 210 -12.81 -35.96 -83.91
N GLU CB 211 -12.93 -35.84 -82.59
CA GLU CB 211 -12.87 -34.52 -81.98
C GLU CB 211 -11.47 -33.89 -82.08
N ALA CB 212 -10.42 -34.65 -81.79
CA ALA CB 212 -9.06 -34.13 -81.89
C ALA CB 212 -8.65 -33.86 -83.33
N PHE CB 213 -9.23 -34.57 -84.30
CA PHE CB 213 -8.96 -34.27 -85.69
C PHE CB 213 -9.44 -32.87 -86.07
N HIS CB 214 -10.60 -32.46 -85.55
CA HIS CB 214 -11.17 -31.14 -85.82
C HIS CB 214 -10.82 -30.12 -84.75
N ASN CB 215 -9.96 -30.50 -83.79
CA ASN CB 215 -9.43 -29.57 -82.79
C ASN CB 215 -10.52 -29.07 -81.84
N GLN CB 216 -11.42 -29.98 -81.46
CA GLN CB 216 -12.50 -29.65 -80.54
C GLN CB 216 -12.56 -30.59 -79.33
N GLY CB 217 -11.53 -31.42 -79.14
CA GLY CB 217 -11.52 -32.37 -78.06
C GLY CB 217 -10.88 -31.84 -76.80
N PRO CB 218 -11.16 -32.50 -75.66
CA PRO CB 218 -10.56 -32.07 -74.39
C PRO CB 218 -9.05 -32.20 -74.35
N VAL CB 219 -8.46 -33.06 -75.18
CA VAL CB 219 -7.00 -33.14 -75.20
C VAL CB 219 -6.41 -31.86 -75.78
N ILE CB 220 -7.08 -31.27 -76.77
CA ILE CB 220 -6.66 -29.96 -77.26
C ILE CB 220 -6.77 -28.91 -76.15
N LYS CB 221 -7.80 -29.01 -75.31
CA LYS CB 221 -7.91 -28.09 -74.18
C LYS CB 221 -6.76 -28.27 -73.20
N ARG CB 222 -6.38 -29.52 -72.91
CA ARG CB 222 -5.23 -29.79 -72.06
C ARG CB 222 -3.94 -29.21 -72.66
N LYS CB 223 -3.76 -29.40 -73.97
CA LYS CB 223 -2.62 -28.82 -74.65
C LYS CB 223 -2.60 -27.30 -74.50
N HIS CB 224 -3.72 -26.65 -74.82
CA HIS CB 224 -3.78 -25.19 -74.70
C HIS CB 224 -3.58 -24.74 -73.26
N ASP CB 225 -3.97 -25.56 -72.28
CA ASP CB 225 -3.69 -25.23 -70.89
C ASP CB 225 -2.19 -25.24 -70.61
N MET CB 226 -1.48 -26.25 -71.12
CA MET CB 226 -0.02 -26.26 -70.95
C MET CB 226 0.63 -25.08 -71.64
N HIS CB 227 0.21 -24.76 -72.86
CA HIS CB 227 0.72 -23.59 -73.57
C HIS CB 227 0.44 -22.28 -72.83
N LYS CB 228 -0.77 -22.12 -72.29
CA LYS CB 228 -1.06 -20.91 -71.52
C LYS CB 228 -0.23 -20.84 -70.24
N MET CB 229 -0.04 -21.96 -69.55
CA MET CB 229 0.75 -21.95 -68.33
C MET CB 229 2.23 -21.74 -68.62
N ALA CB 230 2.68 -22.08 -69.82
CA ALA CB 230 4.03 -21.73 -70.26
C ALA CB 230 4.14 -20.25 -70.63
N GLU CB 231 3.11 -19.70 -71.30
CA GLU CB 231 3.13 -18.29 -71.65
C GLU CB 231 3.08 -17.41 -70.41
N ALA CB 232 2.38 -17.86 -69.36
CA ALA CB 232 2.31 -17.08 -68.13
C ALA CB 232 3.65 -17.03 -67.40
N ASN CB 233 4.53 -18.01 -67.60
CA ASN CB 233 5.81 -18.09 -66.92
C ASN CB 233 6.98 -17.89 -67.88
N ARG CB 234 6.69 -17.45 -69.11
CA ARG CB 234 7.74 -17.09 -70.06
C ARG CB 234 8.86 -16.27 -69.43
N ALA CB 235 8.52 -15.37 -68.48
CA ALA CB 235 9.55 -14.57 -67.85
C ALA CB 235 10.46 -15.38 -66.94
N LEU CB 236 10.07 -16.60 -66.59
CA LEU CB 236 10.88 -17.48 -65.76
C LEU CB 236 11.79 -18.39 -66.58
N ALA CB 237 11.84 -18.21 -67.89
CA ALA CB 237 12.64 -19.07 -68.75
C ALA CB 237 14.13 -18.83 -68.62
N HIS CB 238 14.54 -17.74 -67.97
CA HIS CB 238 15.96 -17.48 -67.76
C HIS CB 238 16.59 -18.41 -66.72
N TYR CB 239 15.78 -19.12 -65.94
CA TYR CB 239 16.32 -20.06 -64.97
C TYR CB 239 16.97 -21.27 -65.64
N ARG CB 240 16.57 -21.60 -66.87
CA ARG CB 240 17.16 -22.71 -67.58
C ARG CB 240 18.60 -22.41 -67.97
N TRP CB 241 19.47 -23.41 -67.83
CA TRP CB 241 20.89 -23.25 -68.14
C TRP CB 241 21.32 -24.12 -69.32
N TRP CB 242 20.39 -24.70 -70.06
CA TRP CB 242 20.74 -25.50 -71.24
C TRP CB 242 19.96 -25.04 -72.46
N THR DB 70 67.60 -74.65 -61.18
CA THR DB 70 66.46 -75.52 -61.44
C THR DB 70 66.58 -76.21 -62.79
N VAL DB 71 67.74 -76.06 -63.43
CA VAL DB 71 67.94 -76.66 -64.73
C VAL DB 71 68.04 -78.19 -64.63
N ASP DB 72 68.75 -78.69 -63.62
CA ASP DB 72 68.86 -80.13 -63.42
C ASP DB 72 67.53 -80.77 -63.04
N PHE DB 73 66.70 -80.06 -62.29
CA PHE DB 73 65.36 -80.58 -61.96
C PHE DB 73 64.53 -80.78 -63.22
N ILE DB 74 64.56 -79.80 -64.14
CA ILE DB 74 63.85 -79.95 -65.40
C ILE DB 74 64.48 -81.06 -66.24
N LYS DB 75 65.81 -81.19 -66.20
CA LYS DB 75 66.46 -82.27 -66.93
C LYS DB 75 66.00 -83.63 -66.44
N LYS DB 76 65.87 -83.81 -65.13
CA LYS DB 76 65.34 -85.04 -64.58
C LYS DB 76 63.87 -85.23 -64.92
N GLN DB 77 63.09 -84.15 -64.95
CA GLN DB 77 61.70 -84.26 -65.39
C GLN DB 77 61.61 -84.73 -66.83
N ILE DB 78 62.59 -84.38 -67.67
CA ILE DB 78 62.58 -84.86 -69.05
C ILE DB 78 62.64 -86.38 -69.10
N GLU DB 79 63.60 -86.98 -68.39
CA GLU DB 79 63.73 -88.44 -68.43
C GLU DB 79 62.56 -89.12 -67.76
N GLU DB 80 62.04 -88.53 -66.67
CA GLU DB 80 60.85 -89.11 -66.05
C GLU DB 80 59.65 -89.07 -67.00
N PHE DB 81 59.46 -87.97 -67.71
CA PHE DB 81 58.37 -87.89 -68.68
C PHE DB 81 58.56 -88.91 -69.80
N ASN DB 82 59.79 -89.09 -70.28
CA ASN DB 82 60.02 -90.06 -71.34
C ASN DB 82 59.73 -91.49 -70.89
N ILE DB 83 60.22 -91.87 -69.71
CA ILE DB 83 59.96 -93.24 -69.24
C ILE DB 83 58.48 -93.43 -68.94
N GLY DB 84 57.81 -92.40 -68.43
CA GLY DB 84 56.38 -92.47 -68.26
C GLY DB 84 55.63 -92.61 -69.57
N LYS DB 85 56.10 -91.93 -70.62
CA LYS DB 85 55.50 -92.09 -71.93
C LYS DB 85 55.63 -93.53 -72.44
N ARG DB 86 56.83 -94.11 -72.29
CA ARG DB 86 57.00 -95.51 -72.68
C ARG DB 86 56.09 -96.43 -71.89
N HIS DB 87 55.97 -96.21 -70.58
CA HIS DB 87 55.13 -97.07 -69.76
C HIS DB 87 53.65 -96.89 -70.09
N LEU DB 88 53.22 -95.67 -70.40
CA LEU DB 88 51.85 -95.43 -70.83
C LEU DB 88 51.55 -96.14 -72.15
N ALA DB 89 52.49 -96.10 -73.08
CA ALA DB 89 52.34 -96.87 -74.31
C ALA DB 89 52.25 -98.36 -74.04
N ASN DB 90 53.05 -98.87 -73.10
CA ASN DB 90 52.94 -100.28 -72.71
C ASN DB 90 51.57 -100.59 -72.13
N MET DB 91 51.05 -99.72 -71.27
CA MET DB 91 49.72 -99.92 -70.70
C MET DB 91 48.63 -99.95 -71.77
N MET DB 92 48.63 -99.00 -72.70
CA MET DB 92 47.58 -98.94 -73.70
C MET DB 92 47.75 -99.94 -74.84
N GLY DB 93 48.95 -100.48 -75.02
CA GLY DB 93 49.16 -101.43 -76.09
C GLY DB 93 49.34 -100.81 -77.46
N GLU DB 94 49.58 -99.51 -77.53
CA GLU DB 94 49.89 -98.82 -78.78
C GLU DB 94 51.39 -98.75 -78.96
N ASP DB 95 51.80 -98.43 -80.17
CA ASP DB 95 53.23 -98.33 -80.49
C ASP DB 95 53.79 -97.08 -79.82
N PRO DB 96 54.80 -97.21 -78.96
CA PRO DB 96 55.42 -96.01 -78.38
C PRO DB 96 56.06 -95.10 -79.42
N GLU DB 97 56.46 -95.64 -80.58
CA GLU DB 97 57.01 -94.81 -81.64
C GLU DB 97 55.93 -93.92 -82.27
N THR DB 98 54.73 -94.46 -82.45
CA THR DB 98 53.61 -93.69 -82.98
C THR DB 98 52.78 -93.04 -81.88
N PHE DB 99 53.21 -93.14 -80.63
CA PHE DB 99 52.46 -92.60 -79.49
C PHE DB 99 52.75 -91.11 -79.37
N THR DB 100 51.70 -90.29 -79.47
CA THR DB 100 51.84 -88.84 -79.54
C THR DB 100 51.08 -88.17 -78.39
N GLN DB 101 51.11 -86.83 -78.37
CA GLN DB 101 50.52 -86.06 -77.29
C GLN DB 101 49.00 -86.20 -77.23
N GLU DB 102 48.35 -86.28 -78.40
CA GLU DB 102 46.90 -86.52 -78.40
C GLU DB 102 46.57 -87.87 -77.78
N ASP DB 103 47.36 -88.89 -78.08
CA ASP DB 103 47.21 -90.18 -77.43
C ASP DB 103 47.48 -90.10 -75.93
N ILE DB 104 48.45 -89.29 -75.50
CA ILE DB 104 48.67 -89.09 -74.07
C ILE DB 104 47.42 -88.49 -73.43
N ASP DB 105 46.84 -87.48 -74.07
CA ASP DB 105 45.64 -86.84 -73.54
C ASP DB 105 44.48 -87.84 -73.43
N ARG DB 106 44.24 -88.62 -74.48
CA ARG DB 106 43.18 -89.62 -74.41
C ARG DB 106 43.45 -90.68 -73.34
N ALA DB 107 44.70 -91.13 -73.23
CA ALA DB 107 45.06 -92.13 -72.24
C ALA DB 107 44.84 -91.62 -70.82
N ILE DB 108 45.23 -90.37 -70.55
CA ILE DB 108 45.01 -89.80 -69.22
C ILE DB 108 43.52 -89.61 -68.97
N ALA DB 109 42.78 -89.12 -69.97
CA ALA DB 109 41.34 -88.95 -69.81
C ALA DB 109 40.62 -90.27 -69.53
N TYR DB 110 41.15 -91.38 -70.05
CA TYR DB 110 40.55 -92.69 -69.77
C TYR DB 110 40.98 -93.26 -68.43
N LEU DB 111 42.27 -93.21 -68.10
CA LEU DB 111 42.75 -93.83 -66.88
C LEU DB 111 42.32 -93.04 -65.65
N PHE DB 112 42.31 -91.71 -65.74
CA PHE DB 112 42.03 -90.83 -64.60
C PHE DB 112 40.84 -89.96 -64.99
N PRO DB 113 39.63 -90.51 -64.93
CA PRO DB 113 38.43 -89.77 -65.36
C PRO DB 113 37.90 -88.84 -64.28
N SER DB 114 38.63 -87.74 -64.05
CA SER DB 114 38.22 -86.74 -63.07
C SER DB 114 37.17 -85.84 -63.71
N GLY DB 115 35.97 -85.84 -63.15
CA GLY DB 115 34.92 -84.95 -63.60
C GLY DB 115 34.97 -83.62 -62.89
N LEU DB 116 35.62 -82.65 -63.51
CA LEU DB 116 35.75 -81.32 -62.93
C LEU DB 116 35.44 -80.30 -64.01
N PHE DB 117 34.83 -79.19 -63.61
CA PHE DB 117 34.40 -78.20 -64.60
C PHE DB 117 35.58 -77.39 -65.12
N GLU DB 118 36.63 -77.23 -64.31
CA GLU DB 118 37.84 -76.53 -64.73
C GLU DB 118 38.79 -77.55 -65.37
N LYS DB 119 39.12 -77.34 -66.64
CA LYS DB 119 39.97 -78.27 -67.36
C LYS DB 119 41.41 -78.27 -66.85
N ARG DB 120 41.85 -77.17 -66.24
CA ARG DB 120 43.21 -77.13 -65.70
C ARG DB 120 43.37 -77.97 -64.45
N ALA DB 121 42.27 -78.30 -63.76
CA ALA DB 121 42.33 -79.16 -62.59
C ALA DB 121 42.36 -80.64 -62.95
N ARG DB 122 42.10 -80.99 -64.21
CA ARG DB 122 42.17 -82.38 -64.64
C ARG DB 122 43.62 -82.86 -64.63
N PRO DB 123 43.84 -84.16 -64.44
CA PRO DB 123 45.21 -84.68 -64.50
C PRO DB 123 45.81 -84.44 -65.87
N ILE DB 124 47.01 -83.88 -65.90
CA ILE DB 124 47.68 -83.52 -67.15
C ILE DB 124 49.12 -84.03 -67.12
N MET DB 125 49.56 -84.63 -68.22
CA MET DB 125 50.91 -85.12 -68.37
C MET DB 125 51.45 -84.59 -69.68
N LYS DB 126 52.25 -83.53 -69.62
CA LYS DB 126 52.82 -82.91 -70.81
C LYS DB 126 54.34 -82.83 -70.70
N HIS DB 127 54.95 -82.25 -71.73
CA HIS DB 127 56.38 -82.02 -71.72
C HIS DB 127 56.74 -81.00 -70.63
N PRO DB 128 57.85 -81.22 -69.92
CA PRO DB 128 58.20 -80.29 -68.83
C PRO DB 128 58.37 -78.84 -69.26
N GLU DB 129 58.87 -78.59 -70.47
CA GLU DB 129 58.91 -77.22 -70.96
C GLU DB 129 57.54 -76.67 -71.30
N GLU DB 130 56.51 -77.52 -71.40
CA GLU DB 130 55.14 -77.06 -71.53
C GLU DB 130 54.47 -76.83 -70.19
N ILE DB 131 54.75 -77.70 -69.21
CA ILE DB 131 54.15 -77.56 -67.89
C ILE DB 131 54.78 -76.40 -67.13
N PHE DB 132 56.10 -76.42 -66.98
CA PHE DB 132 56.83 -75.41 -66.22
C PHE DB 132 56.99 -74.14 -67.05
N PRO DB 133 57.03 -72.98 -66.41
CA PRO DB 133 57.25 -71.73 -67.14
C PRO DB 133 58.70 -71.60 -67.58
N LYS DB 134 58.93 -70.61 -68.43
CA LYS DB 134 60.28 -70.35 -68.92
C LYS DB 134 61.17 -69.84 -67.80
N GLN DB 135 62.27 -70.53 -67.56
CA GLN DB 135 63.17 -70.15 -66.48
C GLN DB 135 64.29 -69.27 -67.01
N ARG DB 136 64.67 -68.28 -66.20
CA ARG DB 136 65.78 -67.39 -66.55
C ARG DB 136 67.10 -68.16 -66.52
N ALA DB 137 67.94 -67.92 -67.51
CA ALA DB 137 69.26 -68.52 -67.53
C ALA DB 137 70.18 -67.83 -66.52
N ILE DB 138 71.35 -68.41 -66.32
CA ILE DB 138 72.32 -67.84 -65.40
C ILE DB 138 72.84 -66.53 -65.97
N GLN DB 139 72.74 -65.46 -65.19
CA GLN DB 139 73.03 -64.12 -65.67
C GLN DB 139 74.49 -63.72 -65.51
N TRP DB 140 75.30 -64.52 -64.82
CA TRP DB 140 76.70 -64.19 -64.60
C TRP DB 140 77.51 -65.48 -64.51
N GLY DB 141 78.81 -65.37 -64.79
CA GLY DB 141 79.70 -66.49 -64.69
C GLY DB 141 80.19 -66.71 -63.26
N GLU DB 142 81.12 -67.64 -63.12
CA GLU DB 142 81.69 -67.95 -61.82
C GLU DB 142 82.61 -66.85 -61.30
N ASP DB 143 83.02 -65.92 -62.16
CA ASP DB 143 83.83 -64.79 -61.74
C ASP DB 143 83.00 -63.58 -61.32
N GLY DB 144 81.67 -63.67 -61.45
CA GLY DB 144 80.80 -62.59 -61.06
C GLY DB 144 80.44 -61.61 -62.17
N ARG DB 145 81.17 -61.62 -63.27
CA ARG DB 145 80.90 -60.69 -64.35
C ARG DB 145 79.66 -61.13 -65.12
N PRO DB 146 78.64 -60.27 -65.24
CA PRO DB 146 77.47 -60.63 -66.03
C PRO DB 146 77.82 -60.82 -67.51
N PHE DB 147 77.05 -61.69 -68.16
CA PHE DB 147 77.30 -61.99 -69.57
C PHE DB 147 76.88 -60.84 -70.46
N HIS DB 148 75.61 -60.45 -70.41
CA HIS DB 148 75.11 -59.38 -71.24
C HIS DB 148 75.62 -58.02 -70.73
N PHE DB 149 75.77 -57.09 -71.66
CA PHE DB 149 76.21 -55.74 -71.32
C PHE DB 149 75.08 -54.84 -70.82
N LEU DB 150 73.83 -55.28 -70.92
CA LEU DB 150 72.68 -54.52 -70.43
C LEU DB 150 72.06 -55.18 -69.20
N PHE DB 151 72.86 -55.94 -68.45
CA PHE DB 151 72.34 -56.64 -67.29
C PHE DB 151 71.87 -55.68 -66.20
N TYR DB 152 72.59 -54.59 -66.00
CA TYR DB 152 72.31 -53.65 -64.92
C TYR DB 152 71.17 -52.70 -65.24
N THR DB 153 70.44 -52.92 -66.33
CA THR DB 153 69.29 -52.09 -66.69
C THR DB 153 67.97 -52.68 -66.20
N GLY DB 154 68.01 -53.82 -65.51
CA GLY DB 154 66.78 -54.43 -65.02
C GLY DB 154 66.16 -55.41 -66.00
N LYS DB 155 65.94 -54.96 -67.23
CA LYS DB 155 65.33 -55.78 -68.28
C LYS DB 155 66.32 -55.89 -69.43
N GLN DB 156 67.27 -56.82 -69.31
CA GLN DB 156 68.31 -56.94 -70.30
C GLN DB 156 67.74 -57.34 -71.67
N SER DB 157 66.80 -58.28 -71.71
CA SER DB 157 66.22 -58.71 -72.98
C SER DB 157 65.41 -57.62 -73.66
N TYR DB 158 64.53 -56.94 -72.93
CA TYR DB 158 63.73 -55.89 -73.52
C TYR DB 158 64.60 -54.75 -74.01
N TYR DB 159 65.60 -54.34 -73.21
CA TYR DB 159 66.43 -53.23 -73.63
C TYR DB 159 67.38 -53.63 -74.76
N SER DB 160 67.80 -54.89 -74.82
CA SER DB 160 68.55 -55.37 -75.98
C SER DB 160 67.70 -55.35 -77.23
N LEU DB 161 66.44 -55.76 -77.14
CA LEU DB 161 65.54 -55.68 -78.29
C LEU DB 161 65.38 -54.23 -78.75
N MET DB 162 65.20 -53.31 -77.80
CA MET DB 162 65.05 -51.90 -78.14
C MET DB 162 66.32 -51.34 -78.77
N HIS DB 163 67.48 -51.69 -78.23
CA HIS DB 163 68.76 -51.28 -78.79
C HIS DB 163 68.98 -51.81 -80.20
N ASP DB 164 68.67 -53.09 -80.44
CA ASP DB 164 68.79 -53.65 -81.78
C ASP DB 164 67.85 -52.98 -82.75
N THR DB 165 66.61 -52.71 -82.33
CA THR DB 165 65.66 -52.03 -83.20
C THR DB 165 66.14 -50.64 -83.56
N TYR DB 166 66.67 -49.89 -82.59
CA TYR DB 166 67.17 -48.56 -82.91
C TYR DB 166 68.43 -48.61 -83.78
N GLY DB 167 69.31 -49.58 -83.55
CA GLY DB 167 70.47 -49.74 -84.42
C GLY DB 167 70.09 -50.04 -85.86
N LYS DB 168 69.12 -50.93 -86.06
CA LYS DB 168 68.62 -51.17 -87.41
C LYS DB 168 67.89 -49.96 -87.99
N LEU DB 169 67.20 -49.17 -87.17
CA LEU DB 169 66.60 -47.94 -87.66
C LEU DB 169 67.66 -46.98 -88.18
N LEU DB 170 68.75 -46.80 -87.43
CA LEU DB 170 69.83 -45.94 -87.89
C LEU DB 170 70.53 -46.50 -89.13
N ASP DB 171 70.70 -47.83 -89.20
CA ASP DB 171 71.27 -48.42 -90.40
C ASP DB 171 70.40 -48.16 -91.62
N VAL DB 172 69.08 -48.33 -91.48
CA VAL DB 172 68.16 -48.04 -92.57
C VAL DB 172 68.21 -46.57 -92.95
N GLU DB 173 68.28 -45.68 -91.96
CA GLU DB 173 68.37 -44.25 -92.24
C GLU DB 173 69.63 -43.92 -93.05
N LYS DB 174 70.78 -44.45 -92.63
CA LYS DB 174 72.02 -44.20 -93.37
C LYS DB 174 71.97 -44.76 -94.78
N HIS DB 175 71.47 -46.00 -94.93
CA HIS DB 175 71.39 -46.60 -96.25
C HIS DB 175 70.45 -45.82 -97.16
N HIS DB 176 69.31 -45.39 -96.66
CA HIS DB 176 68.37 -44.62 -97.48
C HIS DB 176 68.93 -43.24 -97.79
N ASN DB 177 69.68 -42.63 -96.87
CA ASN DB 177 70.33 -41.37 -97.19
C ASN DB 177 71.34 -41.53 -98.32
N GLN DB 178 72.14 -42.60 -98.28
CA GLN DB 178 73.08 -42.85 -99.37
C GLN DB 178 72.35 -43.12 -100.69
N LEU DB 179 71.27 -43.90 -100.64
CA LEU DB 179 70.51 -44.18 -101.86
C LEU DB 179 69.89 -42.91 -102.44
N ARG DB 180 69.36 -42.03 -101.58
CA ARG DB 180 68.82 -40.77 -102.04
C ARG DB 180 69.91 -39.86 -102.60
N ALA DB 181 71.11 -39.86 -102.00
CA ALA DB 181 72.22 -39.10 -102.56
C ALA DB 181 72.60 -39.62 -103.94
N LYS DB 182 72.58 -40.93 -104.14
CA LYS DB 182 72.88 -41.53 -105.43
C LYS DB 182 71.68 -41.58 -106.37
N ASP DB 183 70.52 -41.08 -105.92
CA ASP DB 183 69.30 -41.05 -106.73
C ASP DB 183 68.87 -42.46 -107.14
N LEU DB 184 68.75 -43.34 -106.15
CA LEU DB 184 68.33 -44.72 -106.37
C LEU DB 184 67.18 -45.03 -105.43
N LEU DB 185 66.01 -45.30 -106.00
CA LEU DB 185 64.80 -45.66 -105.25
C LEU DB 185 64.37 -47.05 -105.72
N ALA DB 186 64.82 -48.08 -105.01
CA ALA DB 186 64.51 -49.46 -105.36
C ALA DB 186 63.64 -50.16 -104.32
N GLU DB 187 63.32 -49.50 -103.22
CA GLU DB 187 62.49 -50.09 -102.18
C GLU DB 187 61.01 -49.85 -102.47
N LYS DB 188 60.18 -50.65 -101.80
CA LYS DB 188 58.73 -50.57 -101.95
C LYS DB 188 58.08 -50.48 -100.58
N THR DB 189 56.78 -50.21 -100.58
CA THR DB 189 56.01 -50.06 -99.34
C THR DB 189 55.45 -51.43 -98.96
N LYS DB 190 56.03 -52.02 -97.91
CA LYS DB 190 55.59 -53.31 -97.39
C LYS DB 190 54.87 -53.17 -96.05
N ILE DB 191 54.44 -51.96 -95.69
CA ILE DB 191 53.80 -51.75 -94.41
C ILE DB 191 52.35 -52.25 -94.40
N LEU DB 192 51.65 -52.17 -95.53
CA LEU DB 192 50.24 -52.54 -95.60
C LEU DB 192 50.14 -54.04 -95.84
N LYS DB 193 49.74 -54.78 -94.82
CA LYS DB 193 49.51 -56.22 -94.91
C LYS DB 193 48.05 -56.56 -94.60
N ASP DB 194 47.14 -55.72 -95.07
CA ASP DB 194 45.72 -55.93 -94.80
C ASP DB 194 45.18 -57.26 -95.34
N PRO DB 195 45.46 -57.67 -96.58
CA PRO DB 195 44.93 -58.98 -97.04
C PRO DB 195 45.46 -60.16 -96.25
N ILE DB 196 46.61 -60.02 -95.59
CA ILE DB 196 47.14 -61.11 -94.78
C ILE DB 196 46.53 -61.13 -93.38
N GLY DB 197 46.06 -59.99 -92.88
CA GLY DB 197 45.51 -59.92 -91.55
C GLY DB 197 46.57 -59.92 -90.47
N SER DB 198 47.59 -59.08 -90.65
CA SER DB 198 48.71 -59.02 -89.72
C SER DB 198 48.41 -58.04 -88.58
N ARG DB 199 48.77 -58.44 -87.37
CA ARG DB 199 48.61 -57.61 -86.19
C ARG DB 199 49.90 -57.64 -85.37
N TRP DB 200 50.01 -56.71 -84.43
CA TRP DB 200 51.16 -56.62 -83.57
C TRP DB 200 50.97 -57.50 -82.34
N LEU DB 201 52.09 -57.93 -81.76
CA LEU DB 201 52.04 -58.79 -80.58
C LEU DB 201 51.46 -58.04 -79.39
N ILE DB 202 50.66 -58.74 -78.59
CA ILE DB 202 50.17 -58.19 -77.35
C ILE DB 202 51.21 -58.39 -76.27
N LYS DB 203 50.99 -57.77 -75.11
CA LYS DB 203 51.95 -57.86 -74.00
C LYS DB 203 52.21 -59.29 -73.58
N GLU DB 204 51.21 -60.18 -73.66
CA GLU DB 204 51.44 -61.58 -73.31
C GLU DB 204 52.35 -62.26 -74.30
N GLU DB 205 52.15 -62.01 -75.60
CA GLU DB 205 53.02 -62.60 -76.61
C GLU DB 205 54.43 -62.03 -76.58
N LEU DB 206 54.60 -60.80 -76.11
CA LEU DB 206 55.95 -60.31 -75.87
C LEU DB 206 56.55 -60.84 -74.57
N GLU DB 207 55.73 -61.12 -73.57
CA GLU DB 207 56.23 -61.65 -72.31
C GLU DB 207 56.63 -63.11 -72.41
N GLU DB 208 56.00 -63.89 -73.29
CA GLU DB 208 56.47 -65.25 -73.49
C GLU DB 208 57.77 -65.30 -74.27
N MET DB 209 58.08 -64.25 -75.04
CA MET DB 209 59.36 -64.19 -75.75
C MET DB 209 60.46 -63.63 -74.84
N LEU DB 210 60.28 -62.42 -74.35
CA LEU DB 210 61.15 -61.83 -73.34
C LEU DB 210 60.68 -62.33 -71.97
N VAL DB 211 61.44 -63.25 -71.38
CA VAL DB 211 60.94 -64.02 -70.25
C VAL DB 211 60.62 -63.11 -69.05
N GLU DB 212 61.41 -62.05 -68.87
CA GLU DB 212 61.20 -61.15 -67.74
C GLU DB 212 59.89 -60.38 -67.93
N LYS DB 213 59.38 -59.85 -66.82
CA LYS DB 213 58.15 -59.08 -66.85
C LYS DB 213 58.32 -57.78 -67.62
N LEU DB 214 57.23 -57.30 -68.20
CA LEU DB 214 57.23 -56.09 -69.01
C LEU DB 214 56.24 -55.08 -68.44
N SER DB 215 56.27 -53.88 -69.01
CA SER DB 215 55.38 -52.79 -68.63
C SER DB 215 54.59 -52.32 -69.84
N ASP DB 216 53.40 -51.79 -69.57
CA ASP DB 216 52.52 -51.35 -70.66
C ASP DB 216 53.14 -50.18 -71.44
N GLN DB 217 53.72 -49.21 -70.73
CA GLN DB 217 54.35 -48.08 -71.40
C GLN DB 217 55.54 -48.51 -72.23
N ASP DB 218 56.36 -49.43 -71.71
CA ASP DB 218 57.49 -49.94 -72.48
C ASP DB 218 57.03 -50.72 -73.71
N TYR DB 219 55.96 -51.51 -73.57
CA TYR DB 219 55.41 -52.23 -74.72
C TYR DB 219 54.90 -51.25 -75.77
N ALA DB 220 54.21 -50.19 -75.35
CA ALA DB 220 53.76 -49.17 -76.28
C ALA DB 220 54.94 -48.47 -76.96
N GLN DB 221 56.01 -48.19 -76.23
CA GLN DB 221 57.21 -47.62 -76.83
C GLN DB 221 57.79 -48.54 -77.89
N PHE DB 222 57.86 -49.84 -77.59
CA PHE DB 222 58.39 -50.79 -78.56
C PHE DB 222 57.52 -50.85 -79.82
N ILE DB 223 56.20 -50.85 -79.63
CA ILE DB 223 55.30 -50.87 -80.78
C ILE DB 223 55.45 -49.60 -81.61
N ARG DB 224 55.55 -48.44 -80.95
CA ARG DB 224 55.70 -47.19 -81.66
C ARG DB 224 57.04 -47.10 -82.38
N LEU DB 225 58.08 -47.75 -81.85
CA LEU DB 225 59.35 -47.84 -82.57
C LEU DB 225 59.24 -48.77 -83.78
N LEU DB 226 58.50 -49.86 -83.64
CA LEU DB 226 58.27 -50.73 -84.79
C LEU DB 226 57.50 -50.02 -85.89
N GLU DB 227 56.54 -49.16 -85.53
CA GLU DB 227 55.84 -48.39 -86.55
C GLU DB 227 56.79 -47.45 -87.28
N ARG DB 228 57.70 -46.79 -86.55
CA ARG DB 228 58.70 -45.95 -87.19
C ARG DB 228 59.58 -46.76 -88.14
N LEU DB 229 59.99 -47.96 -87.71
CA LEU DB 229 60.79 -48.82 -88.58
C LEU DB 229 60.02 -49.21 -89.84
N SER DB 230 58.74 -49.54 -89.71
CA SER DB 230 57.93 -49.96 -90.84
C SER DB 230 57.55 -48.79 -91.75
N ALA DB 231 57.62 -47.56 -91.27
CA ALA DB 231 57.30 -46.39 -92.08
C ALA DB 231 58.45 -45.94 -92.97
N LEU DB 232 59.57 -46.65 -92.94
CA LEU DB 232 60.76 -46.33 -93.72
C LEU DB 232 60.94 -47.33 -94.86
N PRO DB 233 61.69 -46.96 -95.91
CA PRO DB 233 61.94 -47.92 -97.00
C PRO DB 233 62.69 -49.16 -96.52
N CYS DB 234 62.11 -50.33 -96.74
CA CYS DB 234 62.61 -51.55 -96.15
C CYS DB 234 63.51 -52.31 -97.11
N GLY DB 235 64.53 -52.96 -96.56
CA GLY DB 235 65.40 -53.83 -97.32
C GLY DB 235 64.99 -55.28 -97.18
N ALA DB 236 66.01 -56.13 -97.00
CA ALA DB 236 65.78 -57.56 -96.91
C ALA DB 236 65.70 -58.04 -95.45
N THR DB 237 66.73 -57.75 -94.67
CA THR DB 237 66.85 -58.33 -93.33
C THR DB 237 65.89 -57.73 -92.31
N GLU DB 238 65.69 -56.42 -92.32
CA GLU DB 238 64.86 -55.81 -91.28
C GLU DB 238 63.39 -56.16 -91.47
N GLU DB 239 62.95 -56.39 -92.70
CA GLU DB 239 61.59 -56.87 -92.90
C GLU DB 239 61.38 -58.23 -92.27
N ASP DB 240 62.33 -59.16 -92.44
CA ASP DB 240 62.25 -60.45 -91.76
C ASP DB 240 62.34 -60.30 -90.25
N PHE DB 241 63.16 -59.37 -89.77
CA PHE DB 241 63.26 -59.12 -88.33
C PHE DB 241 61.92 -58.65 -87.76
N VAL DB 242 61.23 -57.74 -88.46
CA VAL DB 242 59.92 -57.29 -88.00
C VAL DB 242 58.86 -58.38 -88.15
N ASN DB 243 58.98 -59.24 -89.16
CA ASN DB 243 57.96 -60.25 -89.43
C ASN DB 243 57.76 -61.22 -88.28
N ARG DB 244 58.76 -61.42 -87.42
CA ARG DB 244 58.59 -62.32 -86.28
C ARG DB 244 57.77 -61.68 -85.17
N PHE DB 245 57.54 -60.36 -85.22
CA PHE DB 245 56.64 -59.68 -84.30
C PHE DB 245 55.26 -59.47 -84.89
N ARG DB 246 54.87 -60.29 -85.87
CA ARG DB 246 53.59 -60.17 -86.53
C ARG DB 246 52.77 -61.45 -86.32
N ARG DB 247 51.49 -61.28 -86.01
CA ARG DB 247 50.56 -62.38 -85.86
C ARG DB 247 49.47 -62.28 -86.92
N SER DB 248 49.10 -63.42 -87.49
CA SER DB 248 48.02 -63.44 -88.51
C SER DB 248 46.68 -63.78 -87.86
N ILE DB 249 45.61 -63.05 -88.22
CA ILE DB 249 44.27 -63.29 -87.62
C ILE DB 249 43.49 -64.26 -88.53
N PRO DB 250 42.53 -65.05 -88.00
CA PRO DB 250 41.62 -65.84 -88.84
C PRO DB 250 40.60 -64.98 -89.60
N ILE DB 251 39.95 -65.56 -90.61
CA ILE DB 251 38.93 -64.81 -91.39
C ILE DB 251 37.70 -64.58 -90.50
N GLN DB 252 37.41 -63.32 -90.18
CA GLN DB 252 36.22 -62.99 -89.35
C GLN DB 252 34.98 -63.00 -90.25
N SER DB 253 35.06 -63.69 -91.40
CA SER DB 253 33.94 -63.77 -92.33
C SER DB 253 32.83 -64.54 -91.64
N LYS DB 254 31.67 -63.90 -91.44
CA LYS DB 254 30.54 -64.50 -90.75
C LYS DB 254 29.48 -65.01 -91.71
N LYS DB 255 29.85 -65.36 -92.93
CA LYS DB 255 28.90 -65.94 -93.86
C LYS DB 255 28.51 -67.33 -93.38
N GLN DB 256 27.22 -67.65 -93.50
CA GLN DB 256 26.72 -68.93 -93.03
C GLN DB 256 26.88 -69.99 -94.12
N LEU DB 257 26.70 -71.25 -93.72
CA LEU DB 257 26.73 -72.37 -94.65
C LEU DB 257 25.33 -72.55 -95.24
N ILE DB 258 25.27 -72.63 -96.57
CA ILE DB 258 23.99 -72.75 -97.26
C ILE DB 258 23.70 -74.23 -97.51
N GLU DB 259 22.54 -74.68 -97.05
CA GLU DB 259 22.17 -76.07 -97.24
C GLU DB 259 21.88 -76.34 -98.72
N PRO DB 260 22.50 -77.36 -99.32
CA PRO DB 260 22.23 -77.66 -100.72
C PRO DB 260 20.80 -78.13 -100.93
N LEU DB 261 20.27 -77.82 -102.10
CA LEU DB 261 18.92 -78.24 -102.46
C LEU DB 261 18.87 -79.76 -102.59
N GLN DB 262 17.90 -80.39 -101.93
CA GLN DB 262 17.79 -81.82 -101.89
C GLN DB 262 16.58 -82.30 -102.69
N TYR DB 263 16.67 -83.51 -103.22
CA TYR DB 263 15.57 -84.15 -103.94
C TYR DB 263 15.29 -85.49 -103.26
N ASP DB 264 14.07 -85.64 -102.74
CA ASP DB 264 13.70 -86.82 -101.96
C ASP DB 264 12.43 -87.44 -102.54
N GLU DB 265 12.54 -88.69 -103.01
CA GLU DB 265 11.41 -89.53 -103.38
C GLU DB 265 10.50 -88.82 -104.41
N GLN DB 266 11.09 -88.58 -105.58
CA GLN DB 266 10.41 -87.94 -106.71
C GLN DB 266 9.87 -86.57 -106.37
N GLY DB 267 10.52 -85.86 -105.44
CA GLY DB 267 10.13 -84.50 -105.13
C GLY DB 267 11.24 -83.49 -105.38
N MET DB 268 10.94 -82.46 -106.14
CA MET DB 268 11.90 -81.40 -106.45
C MET DB 268 11.72 -80.21 -105.51
N ALA DB 269 12.78 -79.41 -105.42
CA ALA DB 269 12.79 -78.17 -104.64
C ALA DB 269 12.43 -78.41 -103.18
N PHE DB 270 13.26 -79.22 -102.53
CA PHE DB 270 13.05 -79.63 -101.15
C PHE DB 270 14.15 -79.09 -100.26
N SER DB 271 13.78 -78.64 -99.06
CA SER DB 271 14.77 -78.20 -98.08
C SER DB 271 14.17 -78.29 -96.69
N ARG DB 272 15.05 -78.16 -95.69
CA ARG DB 272 14.67 -78.27 -94.29
C ARG DB 272 15.31 -77.15 -93.49
N GLY DB 273 14.68 -76.82 -92.37
CA GLY DB 273 15.21 -75.80 -91.47
C GLY DB 273 14.86 -76.05 -90.03
N GLU DB 274 15.77 -75.61 -89.16
CA GLU DB 274 15.65 -75.75 -87.71
C GLU DB 274 15.70 -74.39 -87.03
N GLY DB 275 14.77 -74.16 -86.10
CA GLY DB 275 14.75 -72.93 -85.35
C GLY DB 275 14.43 -73.17 -83.89
N LYS DB 276 14.88 -72.23 -83.05
CA LYS DB 276 14.67 -72.34 -81.61
C LYS DB 276 14.62 -70.95 -81.01
N ARG DB 277 13.55 -70.67 -80.27
CA ARG DB 277 13.41 -69.37 -79.59
C ARG DB 277 12.54 -69.57 -78.36
N LYS DB 278 13.10 -69.27 -77.18
CA LYS DB 278 12.39 -69.31 -75.91
C LYS DB 278 11.79 -70.69 -75.65
N THR DB 279 12.68 -71.68 -75.59
CA THR DB 279 12.31 -73.06 -75.25
C THR DB 279 11.22 -73.60 -76.17
N ALA DB 280 11.35 -73.30 -77.47
CA ALA DB 280 10.43 -73.80 -78.48
C ALA DB 280 11.24 -74.26 -79.68
N LYS DB 281 11.15 -75.55 -80.01
CA LYS DB 281 11.93 -76.15 -81.08
C LYS DB 281 11.03 -76.38 -82.30
N ALA DB 282 11.47 -75.89 -83.46
CA ALA DB 282 10.65 -75.95 -84.67
C ALA DB 282 11.45 -76.51 -85.84
N GLU DB 283 10.83 -77.42 -86.57
CA GLU DB 283 11.37 -77.94 -87.82
C GLU DB 283 10.42 -77.59 -88.95
N VAL DB 284 10.96 -77.02 -90.03
CA VAL DB 284 10.18 -76.61 -91.19
C VAL DB 284 10.67 -77.39 -92.40
N VAL DB 285 9.75 -78.05 -93.10
CA VAL DB 285 10.02 -78.77 -94.33
C VAL DB 285 9.39 -77.98 -95.46
N VAL DB 286 10.21 -77.51 -96.40
CA VAL DB 286 9.77 -76.59 -97.44
C VAL DB 286 9.91 -77.23 -98.80
N TYR DB 287 8.84 -77.14 -99.59
CA TYR DB 287 8.82 -77.54 -100.99
C TYR DB 287 8.71 -76.28 -101.85
N GLY DB 288 9.66 -76.09 -102.76
CA GLY DB 288 9.62 -74.94 -103.63
C GLY DB 288 8.78 -75.09 -104.88
N GLN DB 289 8.19 -76.25 -105.10
CA GLN DB 289 7.39 -76.52 -106.29
C GLN DB 289 5.89 -76.45 -106.04
N GLY DB 290 5.46 -76.37 -104.78
CA GLY DB 290 4.05 -76.34 -104.44
C GLY DB 290 3.51 -74.93 -104.37
N SER DB 291 2.22 -74.85 -104.06
CA SER DB 291 1.53 -73.58 -103.89
C SER DB 291 1.74 -73.05 -102.48
N GLY DB 292 1.33 -71.80 -102.25
CA GLY DB 292 1.55 -71.17 -100.97
C GLY DB 292 0.57 -71.61 -99.89
N ARG DB 293 1.05 -72.46 -98.97
CA ARG DB 293 0.27 -72.92 -97.84
C ARG DB 293 1.22 -73.44 -96.78
N ILE DB 294 0.78 -73.36 -95.52
CA ILE DB 294 1.55 -73.82 -94.37
C ILE DB 294 0.67 -74.77 -93.57
N ASP DB 295 1.19 -75.95 -93.26
CA ASP DB 295 0.51 -76.97 -92.49
C ASP DB 295 1.28 -77.20 -91.20
N VAL DB 296 0.71 -76.78 -90.07
CA VAL DB 296 1.40 -76.81 -88.78
C VAL DB 296 0.84 -77.96 -87.97
N ASN DB 297 1.68 -78.94 -87.66
CA ASN DB 297 1.33 -80.06 -86.77
C ASN DB 297 0.09 -80.80 -87.26
N GLY DB 298 -0.03 -80.95 -88.58
CA GLY DB 298 -1.13 -81.66 -89.17
C GLY DB 298 -2.36 -80.81 -89.46
N VAL DB 299 -2.42 -79.59 -88.93
CA VAL DB 299 -3.56 -78.71 -89.13
C VAL DB 299 -3.06 -77.44 -89.84
N ASP DB 300 -4.02 -76.64 -90.31
CA ASP DB 300 -3.68 -75.43 -91.04
C ASP DB 300 -3.12 -74.36 -90.11
N TYR DB 301 -2.31 -73.47 -90.69
CA TYR DB 301 -1.70 -72.40 -89.90
C TYR DB 301 -2.73 -71.43 -89.36
N LEU DB 302 -3.81 -71.17 -90.12
CA LEU DB 302 -4.87 -70.31 -89.60
C LEU DB 302 -5.49 -70.89 -88.33
N LEU DB 303 -5.76 -72.21 -88.33
CA LEU DB 303 -6.30 -72.85 -87.14
C LEU DB 303 -5.30 -72.90 -86.00
N TYR DB 304 -4.02 -73.12 -86.30
CA TYR DB 304 -3.03 -73.23 -85.23
C TYR DB 304 -2.66 -71.89 -84.63
N PHE DB 305 -2.76 -70.79 -85.41
CA PHE DB 305 -2.38 -69.46 -84.95
C PHE DB 305 -3.55 -68.52 -85.19
N PRO DB 306 -4.56 -68.54 -84.31
CA PRO DB 306 -5.69 -67.61 -84.48
C PRO DB 306 -5.31 -66.14 -84.36
N VAL DB 307 -4.21 -65.83 -83.68
CA VAL DB 307 -3.83 -64.43 -83.48
C VAL DB 307 -3.25 -63.86 -84.78
N THR DB 308 -3.60 -62.61 -85.07
CA THR DB 308 -3.09 -61.95 -86.27
C THR DB 308 -1.58 -61.81 -86.23
N GLN DB 309 -1.03 -61.45 -85.06
CA GLN DB 309 0.42 -61.27 -84.94
C GLN DB 309 1.16 -62.58 -85.20
N ASP DB 310 0.59 -63.70 -84.76
CA ASP DB 310 1.24 -65.00 -85.01
C ASP DB 310 1.35 -65.29 -86.50
N ARG DB 311 0.31 -64.95 -87.27
CA ARG DB 311 0.36 -65.11 -88.72
C ARG DB 311 1.23 -64.06 -89.39
N GLU DB 312 1.31 -62.85 -88.82
CA GLU DB 312 2.25 -61.85 -89.32
C GLU DB 312 3.69 -62.32 -89.17
N GLN DB 313 4.00 -63.00 -88.06
CA GLN DB 313 5.32 -63.61 -87.90
C GLN DB 313 5.59 -64.63 -89.00
N LEU DB 314 4.59 -65.45 -89.34
CA LEU DB 314 4.76 -66.42 -90.42
C LEU DB 314 4.97 -65.73 -91.76
N MET DB 315 4.25 -64.63 -92.02
CA MET DB 315 4.42 -63.96 -93.31
C MET DB 315 5.73 -63.17 -93.40
N PHE DB 316 6.33 -62.84 -92.25
CA PHE DB 316 7.54 -62.03 -92.27
C PHE DB 316 8.68 -62.60 -93.12
N PRO DB 317 9.04 -63.89 -93.04
CA PRO DB 317 10.08 -64.40 -93.94
C PRO DB 317 9.64 -64.50 -95.38
N LEU DB 318 8.40 -64.92 -95.63
CA LEU DB 318 7.94 -65.11 -97.01
C LEU DB 318 7.79 -63.79 -97.75
N HIS DB 319 7.25 -62.77 -97.08
CA HIS DB 319 7.03 -61.49 -97.76
C HIS DB 319 8.35 -60.80 -98.09
N PHE DB 320 9.38 -60.99 -97.25
CA PHE DB 320 10.66 -60.35 -97.52
C PHE DB 320 11.31 -60.88 -98.79
N LEU DB 321 11.14 -62.17 -99.08
CA LEU DB 321 11.72 -62.79 -100.26
C LEU DB 321 10.74 -62.92 -101.42
N ASP DB 322 9.52 -62.37 -101.28
CA ASP DB 322 8.49 -62.46 -102.31
C ASP DB 322 8.19 -63.91 -102.68
N ARG DB 323 8.12 -64.78 -101.67
CA ARG DB 323 7.83 -66.20 -101.84
C ARG DB 323 6.57 -66.58 -101.08
N LEU DB 324 5.53 -65.76 -101.19
CA LEU DB 324 4.30 -66.02 -100.45
C LEU DB 324 3.57 -67.24 -100.99
N GLY DB 325 3.20 -67.21 -102.27
CA GLY DB 325 2.44 -68.29 -102.86
C GLY DB 325 3.27 -69.25 -103.69
N LYS DB 326 4.59 -69.22 -103.51
CA LYS DB 326 5.50 -70.02 -104.30
C LYS DB 326 6.15 -71.17 -103.52
N HIS DB 327 5.72 -71.42 -102.28
CA HIS DB 327 6.31 -72.47 -101.47
C HIS DB 327 5.23 -73.13 -100.62
N ASP DB 328 5.31 -74.45 -100.49
CA ASP DB 328 4.40 -75.23 -99.65
C ASP DB 328 5.19 -75.81 -98.49
N MET DB 329 4.74 -75.55 -97.27
CA MET DB 329 5.58 -75.82 -96.11
C MET DB 329 4.81 -76.56 -95.03
N THR DB 330 5.50 -77.47 -94.36
CA THR DB 330 4.98 -78.19 -93.21
C THR DB 330 5.85 -77.90 -91.99
N CYS DB 331 5.22 -77.41 -90.93
CA CYS DB 331 5.91 -76.99 -89.73
C CYS DB 331 5.53 -77.90 -88.56
N ALA DB 332 6.55 -78.29 -87.78
CA ALA DB 332 6.34 -79.10 -86.58
C ALA DB 332 7.10 -78.41 -85.45
N VAL DB 333 6.37 -77.87 -84.49
CA VAL DB 333 6.94 -77.10 -83.40
C VAL DB 333 6.46 -77.67 -82.07
N SER DB 334 7.38 -77.77 -81.12
CA SER DB 334 7.08 -78.30 -79.79
C SER DB 334 7.67 -77.38 -78.72
N GLY DB 335 6.92 -77.21 -77.64
CA GLY DB 335 7.34 -76.38 -76.54
C GLY DB 335 6.98 -74.92 -76.73
N GLY DB 336 7.14 -74.16 -75.65
CA GLY DB 336 6.87 -72.75 -75.67
C GLY DB 336 5.38 -72.42 -75.63
N GLY DB 337 5.09 -71.15 -75.83
CA GLY DB 337 3.72 -70.67 -75.83
C GLY DB 337 3.19 -70.37 -77.21
N ARG DB 338 2.24 -69.44 -77.32
CA ARG DB 338 1.64 -69.11 -78.59
C ARG DB 338 2.59 -68.31 -79.48
N SER DB 339 3.30 -67.33 -78.89
CA SER DB 339 4.21 -66.50 -79.66
C SER DB 339 5.60 -67.10 -79.79
N ALA DB 340 6.04 -67.89 -78.81
CA ALA DB 340 7.33 -68.56 -78.91
C ALA DB 340 7.36 -69.53 -80.08
N GLN DB 341 6.28 -70.29 -80.28
CA GLN DB 341 6.21 -71.20 -81.43
C GLN DB 341 6.25 -70.42 -82.74
N ALA DB 342 5.53 -69.31 -82.82
CA ALA DB 342 5.56 -68.50 -84.04
C ALA DB 342 6.96 -67.96 -84.32
N GLY DB 343 7.66 -67.47 -83.29
CA GLY DB 343 9.02 -67.00 -83.48
C GLY DB 343 9.99 -68.09 -83.89
N ALA DB 344 9.88 -69.27 -83.27
CA ALA DB 344 10.74 -70.39 -83.65
C ALA DB 344 10.47 -70.82 -85.09
N VAL DB 345 9.19 -70.86 -85.49
CA VAL DB 345 8.87 -71.22 -86.87
C VAL DB 345 9.39 -70.16 -87.82
N ARG DB 346 9.33 -68.88 -87.43
CA ARG DB 346 9.91 -67.82 -88.24
C ARG DB 346 11.40 -68.04 -88.45
N LEU DB 347 12.13 -68.32 -87.36
CA LEU DB 347 13.57 -68.52 -87.48
C LEU DB 347 13.90 -69.74 -88.33
N ALA DB 348 13.19 -70.85 -88.11
CA ALA DB 348 13.44 -72.06 -88.90
C ALA DB 348 13.11 -71.85 -90.37
N MET DB 349 12.01 -71.16 -90.66
CA MET DB 349 11.63 -70.86 -92.03
C MET DB 349 12.66 -69.98 -92.72
N ALA DB 350 13.17 -68.98 -92.00
CA ALA DB 350 14.23 -68.15 -92.55
C ALA DB 350 15.48 -68.96 -92.84
N ARG DB 351 15.88 -69.84 -91.92
CA ARG DB 351 17.06 -70.66 -92.15
C ARG DB 351 16.84 -71.69 -93.25
N ALA DB 352 15.59 -72.05 -93.54
CA ALA DB 352 15.29 -73.01 -94.59
C ALA DB 352 15.15 -72.39 -95.97
N LEU DB 353 14.70 -71.13 -96.05
CA LEU DB 353 14.52 -70.45 -97.33
C LEU DB 353 15.82 -69.96 -97.94
N CYS DB 354 16.97 -70.25 -97.33
CA CYS DB 354 18.24 -69.80 -97.89
C CYS DB 354 18.58 -70.54 -99.18
N SER DB 355 18.19 -71.80 -99.30
CA SER DB 355 18.58 -72.61 -100.45
C SER DB 355 17.88 -72.15 -101.73
N PHE DB 356 16.64 -71.66 -101.63
CA PHE DB 356 15.87 -71.29 -102.81
C PHE DB 356 16.18 -69.89 -103.30
N VAL DB 357 17.06 -69.16 -102.62
CA VAL DB 357 17.39 -67.80 -103.00
C VAL DB 357 18.90 -67.72 -103.25
N THR DB 358 19.31 -66.69 -103.99
CA THR DB 358 20.71 -66.47 -104.28
C THR DB 358 21.40 -65.82 -103.08
N GLU DB 359 22.69 -65.55 -103.23
CA GLU DB 359 23.50 -65.16 -102.09
C GLU DB 359 23.25 -63.72 -101.64
N ASP DB 360 22.92 -62.82 -102.57
CA ASP DB 360 22.81 -61.42 -102.22
C ASP DB 360 21.59 -61.13 -101.34
N GLU DB 361 20.56 -61.97 -101.42
CA GLU DB 361 19.39 -61.81 -100.57
C GLU DB 361 19.55 -62.45 -99.20
N VAL DB 362 20.41 -63.47 -99.07
CA VAL DB 362 20.68 -64.06 -97.76
C VAL DB 362 21.27 -63.03 -96.82
N GLU DB 363 22.21 -62.21 -97.32
CA GLU DB 363 22.78 -61.15 -96.50
C GLU DB 363 21.76 -60.09 -96.15
N TRP DB 364 20.90 -59.69 -97.09
CA TRP DB 364 19.81 -58.78 -96.77
C TRP DB 364 18.90 -59.34 -95.68
N MET DB 365 18.63 -60.65 -95.73
CA MET DB 365 17.77 -61.31 -94.76
C MET DB 365 18.41 -61.35 -93.37
N ARG DB 366 19.70 -61.71 -93.31
CA ARG DB 366 20.40 -61.73 -92.04
C ARG DB 366 20.62 -60.32 -91.48
N GLN DB 367 20.68 -59.31 -92.34
CA GLN DB 367 20.71 -57.92 -91.89
C GLN DB 367 19.33 -57.40 -91.50
N ALA DB 368 18.27 -58.07 -91.95
CA ALA DB 368 16.92 -57.78 -91.49
C ALA DB 368 16.59 -58.53 -90.19
N GLY DB 369 17.35 -59.56 -89.85
CA GLY DB 369 17.22 -60.22 -88.57
C GLY DB 369 16.51 -61.56 -88.59
N LEU DB 370 16.38 -62.20 -89.76
CA LEU DB 370 15.71 -63.48 -89.85
C LEU DB 370 16.63 -64.66 -89.57
N LEU DB 371 17.94 -64.50 -89.81
CA LEU DB 371 18.88 -65.59 -89.66
C LEU DB 371 19.62 -65.59 -88.33
N THR DB 372 19.26 -64.71 -87.41
CA THR DB 372 19.89 -64.62 -86.10
C THR DB 372 18.93 -65.13 -85.03
N ALA DB 373 19.42 -66.01 -84.16
CA ALA DB 373 18.59 -66.58 -83.12
C ALA DB 373 18.24 -65.53 -82.07
N ASP DB 374 17.37 -65.91 -81.14
CA ASP DB 374 16.90 -65.03 -80.09
C ASP DB 374 17.38 -65.52 -78.73
N PRO DB 375 18.48 -65.00 -78.20
CA PRO DB 375 18.95 -65.40 -76.87
C PRO DB 375 18.20 -64.76 -75.70
N ARG DB 376 17.11 -64.05 -75.97
CA ARG DB 376 16.32 -63.43 -74.90
C ARG DB 376 15.51 -64.52 -74.22
N VAL DB 377 16.07 -65.08 -73.15
CA VAL DB 377 15.43 -66.14 -72.40
C VAL DB 377 15.06 -65.61 -71.02
N ARG DB 378 14.14 -66.32 -70.36
CA ARG DB 378 13.68 -65.92 -69.04
C ARG DB 378 14.78 -66.10 -68.02
N GLU DB 379 15.07 -65.05 -67.26
CA GLU DB 379 16.11 -65.09 -66.25
C GLU DB 379 15.62 -65.82 -65.00
N ARG DB 380 16.52 -66.55 -64.36
CA ARG DB 380 16.19 -67.30 -63.17
C ARG DB 380 15.93 -66.37 -62.00
N LYS DB 381 14.91 -66.70 -61.21
CA LYS DB 381 14.59 -65.91 -60.02
C LYS DB 381 15.69 -66.05 -58.98
N LYS DB 382 16.07 -64.92 -58.35
CA LYS DB 382 17.15 -64.93 -57.37
C LYS DB 382 16.57 -64.95 -55.95
N PRO DB 383 17.27 -65.58 -55.00
CA PRO DB 383 16.77 -65.60 -53.63
C PRO DB 383 16.71 -64.21 -53.03
N GLY DB 384 15.67 -63.97 -52.24
CA GLY DB 384 15.45 -62.68 -51.62
C GLY DB 384 14.77 -61.65 -52.49
N GLN DB 385 14.47 -61.97 -53.75
CA GLN DB 385 13.79 -61.09 -54.67
C GLN DB 385 12.47 -61.71 -55.11
N GLU DB 386 11.73 -60.97 -55.93
CA GLU DB 386 10.41 -61.40 -56.39
C GLU DB 386 10.44 -61.97 -57.80
N GLY DB 387 10.91 -61.18 -58.77
CA GLY DB 387 10.94 -61.61 -60.15
C GLY DB 387 12.31 -61.51 -60.79
N ALA DB 388 13.34 -61.81 -60.00
CA ALA DB 388 14.75 -61.81 -60.41
C ALA DB 388 15.27 -60.39 -60.62
N ARG DB 389 14.38 -59.41 -60.61
CA ARG DB 389 14.76 -58.01 -60.57
C ARG DB 389 14.00 -57.24 -59.50
N ARG DB 390 12.72 -57.55 -59.30
CA ARG DB 390 11.91 -56.85 -58.31
C ARG DB 390 12.32 -57.29 -56.91
N LYS DB 391 12.90 -56.35 -56.15
CA LYS DB 391 13.31 -56.64 -54.79
C LYS DB 391 12.11 -56.52 -53.84
N PHE DB 392 12.32 -56.98 -52.61
CA PHE DB 392 11.30 -56.84 -51.59
C PHE DB 392 11.12 -55.37 -51.21
N THR DB 393 10.03 -55.08 -50.52
CA THR DB 393 9.74 -53.72 -50.07
C THR DB 393 10.78 -53.34 -49.01
N TRP DB 394 11.74 -52.50 -49.40
CA TRP DB 394 12.83 -52.11 -48.52
C TRP DB 394 12.39 -50.95 -47.64
N LYS DB 395 12.27 -51.19 -46.34
CA LYS DB 395 11.88 -50.17 -45.39
C LYS DB 395 13.12 -49.49 -44.83
N LYS DB 396 13.22 -48.18 -45.03
CA LYS DB 396 14.38 -47.44 -44.53
C LYS DB 396 14.43 -47.43 -43.01
N ARG DB 397 13.29 -47.35 -42.34
CA ARG DB 397 13.25 -47.33 -40.89
C ARG DB 397 12.10 -48.19 -40.37
N LEU EB 49 60.38 -108.85 -68.67
CA LEU EB 49 60.92 -110.18 -68.93
C LEU EB 49 60.70 -111.10 -67.73
N HIS EB 50 59.45 -111.53 -67.55
CA HIS EB 50 59.09 -112.43 -66.45
C HIS EB 50 59.40 -113.86 -66.87
N VAL EB 51 60.45 -114.44 -66.30
CA VAL EB 51 60.91 -115.77 -66.71
C VAL EB 51 60.23 -116.87 -65.90
N ASP EB 52 59.98 -116.65 -64.61
CA ASP EB 52 59.36 -117.67 -63.76
C ASP EB 52 57.85 -117.55 -63.90
N VAL EB 53 57.30 -118.26 -64.88
CA VAL EB 53 55.86 -118.31 -65.13
C VAL EB 53 55.31 -119.62 -64.60
N PRO EB 54 54.32 -119.59 -63.71
CA PRO EB 54 53.72 -120.85 -63.24
C PRO EB 54 53.00 -121.59 -64.35
N LYS EB 55 52.98 -122.92 -64.21
CA LYS EB 55 52.35 -123.80 -65.18
C LYS EB 55 51.07 -124.38 -64.59
N ASP EB 56 50.13 -124.72 -65.48
CA ASP EB 56 48.84 -125.30 -65.10
C ASP EB 56 48.08 -124.39 -64.12
N MET EB 57 47.88 -123.14 -64.56
CA MET EB 57 47.20 -122.13 -63.77
C MET EB 57 45.68 -122.17 -63.93
N THR EB 58 45.17 -122.83 -64.96
CA THR EB 58 43.75 -122.79 -65.31
C THR EB 58 43.09 -124.09 -64.85
N LYS EB 59 42.03 -123.96 -64.06
CA LYS EB 59 41.23 -125.10 -63.64
C LYS EB 59 39.83 -124.63 -63.26
N PRO EB 60 38.98 -124.29 -64.22
CA PRO EB 60 37.62 -123.84 -63.91
C PRO EB 60 36.66 -125.03 -63.77
N GLU EB 61 35.48 -124.73 -63.23
CA GLU EB 61 34.42 -125.70 -63.04
C GLU EB 61 33.23 -125.28 -63.90
N ILE EB 62 33.18 -125.80 -65.12
CA ILE EB 62 32.13 -125.46 -66.09
C ILE EB 62 31.42 -126.75 -66.47
N THR EB 63 30.10 -126.76 -66.34
CA THR EB 63 29.27 -127.88 -66.73
C THR EB 63 28.09 -127.38 -67.55
N ILE EB 64 27.59 -128.25 -68.43
CA ILE EB 64 26.49 -127.92 -69.32
C ILE EB 64 25.29 -128.77 -68.89
N SER EB 65 24.24 -128.10 -68.44
CA SER EB 65 23.02 -128.78 -68.03
C SER EB 65 22.07 -128.90 -69.22
N ASP EB 66 21.16 -129.89 -69.13
CA ASP EB 66 20.23 -130.17 -70.21
C ASP EB 66 19.06 -129.20 -70.27
N GLU EB 67 18.87 -128.37 -69.24
CA GLU EB 67 17.77 -127.42 -69.25
C GLU EB 67 18.01 -126.34 -70.31
N PRO EB 68 17.02 -126.03 -71.13
CA PRO EB 68 17.19 -125.00 -72.16
C PRO EB 68 17.52 -123.65 -71.54
N ASP EB 69 18.44 -122.93 -72.18
CA ASP EB 69 18.90 -121.65 -71.65
C ASP EB 69 17.83 -120.58 -71.83
N THR EB 70 17.75 -119.68 -70.85
CA THR EB 70 16.85 -118.55 -70.94
C THR EB 70 17.35 -117.56 -71.99
N LEU EB 71 16.40 -116.91 -72.66
CA LEU EB 71 16.70 -115.99 -73.74
C LEU EB 71 16.24 -114.58 -73.37
N TYR EB 72 17.01 -113.59 -73.83
CA TYR EB 72 16.72 -112.19 -73.57
C TYR EB 72 16.72 -111.43 -74.89
N LYS EB 73 15.77 -110.51 -75.03
CA LYS EB 73 15.67 -109.74 -76.27
C LYS EB 73 16.37 -108.38 -76.12
N ARG EB 74 16.08 -107.67 -75.03
CA ARG EB 74 16.76 -106.41 -74.74
C ARG EB 74 17.17 -106.36 -73.27
N LEU EB 75 18.43 -106.08 -73.04
CA LEU EB 75 18.96 -105.84 -71.71
C LEU EB 75 19.39 -104.38 -71.65
N SER EB 76 18.64 -103.57 -70.89
CA SER EB 76 18.93 -102.15 -70.75
C SER EB 76 19.71 -101.93 -69.46
N VAL EB 77 20.76 -101.14 -69.55
CA VAL EB 77 21.58 -100.78 -68.40
C VAL EB 77 21.60 -99.26 -68.31
N LEU EB 78 21.12 -98.73 -67.20
CA LEU EB 78 21.14 -97.29 -66.96
C LEU EB 78 22.18 -97.01 -65.88
N VAL EB 79 23.32 -96.46 -66.28
CA VAL EB 79 24.41 -96.12 -65.38
C VAL EB 79 24.24 -94.65 -65.00
N LYS EB 80 23.98 -94.40 -63.72
CA LYS EB 80 23.82 -93.04 -63.21
C LYS EB 80 25.04 -92.66 -62.40
N GLY EB 81 25.50 -91.42 -62.59
CA GLY EB 81 26.69 -90.96 -61.89
C GLY EB 81 26.60 -89.47 -61.64
N HIS EB 82 27.65 -88.95 -61.01
CA HIS EB 82 27.75 -87.53 -60.67
C HIS EB 82 28.57 -86.75 -61.70
N ASP EB 83 29.64 -87.35 -62.22
CA ASP EB 83 30.54 -86.70 -63.14
C ASP EB 83 30.56 -87.43 -64.48
N LYS EB 84 30.89 -86.69 -65.54
CA LYS EB 84 30.80 -87.22 -66.89
C LYS EB 84 32.05 -88.00 -67.31
N ALA EB 85 33.22 -87.68 -66.76
CA ALA EB 85 34.44 -88.36 -67.17
C ALA EB 85 34.42 -89.85 -66.79
N VAL EB 86 33.96 -90.15 -65.57
CA VAL EB 86 33.86 -91.54 -65.15
C VAL EB 86 32.88 -92.29 -66.04
N LEU EB 87 31.75 -91.67 -66.36
CA LEU EB 87 30.77 -92.31 -67.24
C LEU EB 87 31.32 -92.54 -68.64
N ASP EB 88 32.11 -91.59 -69.16
CA ASP EB 88 32.71 -91.77 -70.48
C ASP EB 88 33.73 -92.91 -70.49
N SER EB 89 34.59 -92.97 -69.47
CA SER EB 89 35.54 -94.07 -69.39
C SER EB 89 34.83 -95.41 -69.23
N TYR EB 90 33.75 -95.43 -68.44
CA TYR EB 90 32.97 -96.65 -68.28
C TYR EB 90 32.27 -97.04 -69.58
N GLU EB 91 31.79 -96.06 -70.35
CA GLU EB 91 31.22 -96.36 -71.65
C GLU EB 91 32.24 -96.99 -72.57
N TYR EB 92 33.45 -96.44 -72.61
CA TYR EB 92 34.52 -97.04 -73.39
C TYR EB 92 34.80 -98.48 -72.96
N PHE EB 93 34.96 -98.69 -71.65
CA PHE EB 93 35.24 -100.02 -71.11
C PHE EB 93 34.14 -101.01 -71.46
N ALA EB 94 32.88 -100.65 -71.22
CA ALA EB 94 31.76 -101.55 -71.48
C ALA EB 94 31.58 -101.83 -72.97
N VAL EB 95 31.70 -100.81 -73.83
CA VAL EB 95 31.58 -101.03 -75.26
C VAL EB 95 32.67 -101.97 -75.75
N LEU EB 96 33.91 -101.74 -75.32
CA LEU EB 96 35.01 -102.60 -75.75
C LEU EB 96 34.84 -104.04 -75.26
N ALA EB 97 34.46 -104.21 -73.99
CA ALA EB 97 34.22 -105.54 -73.45
C ALA EB 97 33.09 -106.27 -74.16
N ALA EB 98 32.02 -105.56 -74.51
CA ALA EB 98 30.95 -106.15 -75.30
C ALA EB 98 31.40 -106.48 -76.72
N LYS EB 99 32.30 -105.69 -77.29
CA LYS EB 99 32.81 -105.99 -78.63
C LYS EB 99 33.63 -107.27 -78.64
N GLU EB 100 34.44 -107.53 -77.61
CA GLU EB 100 35.13 -108.81 -77.61
C GLU EB 100 34.16 -109.99 -77.48
N LEU EB 101 33.10 -109.85 -76.69
CA LEU EB 101 32.13 -110.93 -76.53
C LEU EB 101 31.14 -111.02 -77.68
N GLY EB 102 31.15 -110.04 -78.59
CA GLY EB 102 30.28 -110.10 -79.76
C GLY EB 102 28.82 -109.89 -79.44
N ILE EB 103 28.48 -108.71 -78.91
CA ILE EB 103 27.12 -108.41 -78.50
C ILE EB 103 26.49 -107.30 -79.34
N SER EB 104 27.30 -106.41 -79.95
CA SER EB 104 26.81 -105.30 -80.76
C SER EB 104 25.93 -104.35 -79.93
N ILE EB 105 26.58 -103.74 -78.94
CA ILE EB 105 25.93 -102.78 -78.06
C ILE EB 105 25.69 -101.47 -78.79
N LYS EB 106 24.58 -100.82 -78.47
CA LYS EB 106 24.30 -99.45 -78.88
C LYS EB 106 24.17 -98.59 -77.63
N VAL EB 107 24.86 -97.45 -77.62
CA VAL EB 107 24.96 -96.61 -76.44
C VAL EB 107 24.48 -95.21 -76.78
N HIS EB 108 23.57 -94.68 -75.96
CA HIS EB 108 23.09 -93.32 -76.06
C HIS EB 108 23.00 -92.71 -74.66
N GLU EB 109 22.97 -91.39 -74.60
CA GLU EB 109 23.00 -90.68 -73.33
C GLU EB 109 21.63 -90.07 -73.02
N PRO EB 110 20.91 -90.56 -72.01
CA PRO EB 110 19.66 -89.91 -71.60
C PRO EB 110 19.93 -88.57 -70.98
N PRO EB 111 18.96 -87.65 -71.01
CA PRO EB 111 19.18 -86.31 -70.46
C PRO EB 111 19.47 -86.36 -68.96
N ARG EB 112 20.27 -85.40 -68.52
CA ARG EB 112 20.67 -85.30 -67.12
C ARG EB 112 19.51 -84.78 -66.27
N LYS EB 113 19.66 -84.95 -64.96
CA LYS EB 113 18.68 -84.44 -63.99
C LYS EB 113 19.41 -83.64 -62.93
N ILE EB 114 18.96 -82.41 -62.69
CA ILE EB 114 19.59 -81.53 -61.73
C ILE EB 114 18.57 -81.25 -60.63
N GLU EB 115 18.91 -81.59 -59.40
CA GLU EB 115 18.07 -81.36 -58.24
C GLU EB 115 18.69 -80.26 -57.39
N ARG EB 116 18.00 -79.12 -57.30
CA ARG EB 116 18.49 -77.98 -56.55
C ARG EB 116 17.60 -77.73 -55.34
N PHE EB 117 18.21 -77.24 -54.26
CA PHE EB 117 17.44 -76.81 -53.10
C PHE EB 117 18.12 -75.60 -52.49
N THR EB 118 17.40 -74.97 -51.56
CA THR EB 118 17.81 -73.68 -51.01
C THR EB 118 17.78 -73.74 -49.49
N LEU EB 119 18.81 -73.19 -48.86
CA LEU EB 119 18.93 -73.15 -47.41
C LEU EB 119 19.31 -71.75 -46.97
N LEU EB 120 19.18 -71.48 -45.67
CA LEU EB 120 19.56 -70.19 -45.13
C LEU EB 120 21.08 -70.03 -45.15
N LYS EB 121 21.51 -68.77 -45.26
CA LYS EB 121 22.93 -68.46 -45.31
C LYS EB 121 23.53 -68.29 -43.92
N SER EB 122 22.83 -67.59 -43.03
CA SER EB 122 23.30 -67.35 -41.67
C SER EB 122 22.81 -68.47 -40.77
N VAL EB 123 22.95 -68.27 -39.46
CA VAL EB 123 22.55 -69.31 -38.51
C VAL EB 123 21.27 -68.92 -37.77
N HIS EB 124 21.17 -67.70 -37.28
CA HIS EB 124 20.02 -67.32 -36.45
C HIS EB 124 18.92 -66.65 -37.28
N ILE EB 125 19.19 -65.43 -37.78
CA ILE EB 125 18.18 -64.67 -38.50
C ILE EB 125 18.75 -63.92 -39.70
N PHE EB 126 18.67 -64.54 -40.89
CA PHE EB 126 18.91 -63.83 -42.14
C PHE EB 126 18.22 -64.61 -43.24
N LYS EB 127 17.05 -64.13 -43.66
CA LYS EB 127 16.27 -64.82 -44.68
C LYS EB 127 16.35 -64.17 -46.06
N LYS EB 128 16.84 -62.93 -46.14
CA LYS EB 128 17.06 -62.33 -47.45
C LYS EB 128 18.26 -62.94 -48.17
N HIS EB 129 19.20 -63.52 -47.43
CA HIS EB 129 20.40 -64.10 -48.00
C HIS EB 129 20.32 -65.62 -47.86
N ARG EB 130 20.51 -66.32 -48.98
CA ARG EB 130 20.34 -67.76 -49.05
C ARG EB 130 21.52 -68.39 -49.76
N VAL EB 131 21.70 -69.69 -49.52
CA VAL EB 131 22.71 -70.50 -50.19
C VAL EB 131 22.00 -71.64 -50.90
N GLN EB 132 22.24 -71.79 -52.19
CA GLN EB 132 21.56 -72.78 -53.00
C GLN EB 132 22.52 -73.91 -53.34
N TYR EB 133 22.10 -75.14 -53.10
CA TYR EB 133 22.91 -76.32 -53.38
C TYR EB 133 22.32 -77.10 -54.53
N GLU EB 134 23.21 -77.81 -55.24
CA GLU EB 134 22.90 -78.48 -56.49
C GLU EB 134 23.37 -79.93 -56.43
N MET EB 135 22.62 -80.81 -57.08
CA MET EB 135 22.97 -82.22 -57.20
C MET EB 135 22.75 -82.63 -58.65
N ARG EB 136 23.83 -82.93 -59.35
CA ARG EB 136 23.78 -83.30 -60.76
C ARG EB 136 23.78 -84.82 -60.88
N THR EB 137 22.95 -85.35 -61.77
CA THR EB 137 22.88 -86.78 -62.05
C THR EB 137 22.91 -86.98 -63.55
N LEU EB 138 23.96 -87.63 -64.04
CA LEU EB 138 24.14 -87.91 -65.46
C LEU EB 138 23.86 -89.37 -65.73
N TYR EB 139 23.22 -89.63 -66.86
CA TYR EB 139 22.74 -90.97 -67.21
C TYR EB 139 23.42 -91.46 -68.48
N ARG EB 140 23.78 -92.74 -68.50
CA ARG EB 140 24.30 -93.41 -69.68
C ARG EB 140 23.48 -94.67 -69.91
N CYS EB 141 23.16 -94.95 -71.17
CA CYS EB 141 22.30 -96.08 -71.53
C CYS EB 141 23.11 -97.08 -72.35
N LEU EB 142 23.36 -98.25 -71.76
CA LEU EB 142 23.97 -99.38 -72.44
C LEU EB 142 22.83 -100.29 -72.89
N GLU EB 143 22.57 -100.34 -74.20
CA GLU EB 143 21.44 -101.06 -74.75
C GLU EB 143 21.97 -102.33 -75.42
N LEU EB 144 21.62 -103.49 -74.86
CA LEU EB 144 22.13 -104.77 -75.31
C LEU EB 144 20.99 -105.55 -75.97
N GLU EB 145 21.30 -106.27 -77.05
CA GLU EB 145 20.31 -107.07 -77.75
C GLU EB 145 20.90 -108.43 -78.10
N HIS EB 146 20.00 -109.40 -78.26
CA HIS EB 146 20.34 -110.75 -78.71
C HIS EB 146 21.33 -111.42 -77.76
N LEU EB 147 20.87 -111.65 -76.53
CA LEU EB 147 21.65 -112.30 -75.50
C LEU EB 147 20.96 -113.56 -75.01
N THR EB 148 21.75 -114.42 -74.36
CA THR EB 148 21.28 -115.62 -73.70
C THR EB 148 21.45 -115.46 -72.19
N GLY EB 149 20.92 -116.42 -71.44
CA GLY EB 149 20.98 -116.34 -69.99
C GLY EB 149 22.40 -116.35 -69.46
N SER EB 150 23.24 -117.25 -69.98
CA SER EB 150 24.62 -117.34 -69.51
C SER EB 150 25.49 -116.20 -70.04
N THR EB 151 25.27 -115.78 -71.28
CA THR EB 151 26.02 -114.65 -71.82
C THR EB 151 25.70 -113.37 -71.05
N ALA EB 152 24.41 -113.13 -70.75
CA ALA EB 152 24.06 -111.98 -69.93
C ALA EB 152 24.69 -112.10 -68.55
N ASP EB 153 24.71 -113.31 -67.96
CA ASP EB 153 25.32 -113.49 -66.65
C ASP EB 153 26.80 -113.16 -66.66
N VAL EB 154 27.55 -113.64 -67.66
CA VAL EB 154 28.98 -113.39 -67.70
C VAL EB 154 29.27 -111.91 -67.99
N TYR EB 155 28.50 -111.29 -68.89
CA TYR EB 155 28.70 -109.87 -69.16
C TYR EB 155 28.42 -109.04 -67.92
N LEU EB 156 27.32 -109.33 -67.22
CA LEU EB 156 27.01 -108.63 -65.98
C LEU EB 156 28.05 -108.89 -64.91
N GLU EB 157 28.63 -110.10 -64.88
CA GLU EB 157 29.74 -110.34 -63.97
C GLU EB 157 30.87 -109.36 -64.23
N TYR EB 158 31.39 -109.36 -65.46
CA TYR EB 158 32.53 -108.51 -65.78
C TYR EB 158 32.18 -107.03 -65.70
N ILE EB 159 30.90 -106.68 -65.75
CA ILE EB 159 30.49 -105.28 -65.71
C ILE EB 159 30.29 -104.78 -64.29
N GLN EB 160 29.55 -105.53 -63.46
CA GLN EB 160 29.28 -105.11 -62.09
C GLN EB 160 30.48 -105.31 -61.18
N ARG EB 161 31.31 -106.34 -61.42
CA ARG EB 161 32.45 -106.56 -60.53
C ARG EB 161 33.45 -105.40 -60.59
N ASN EB 162 33.49 -104.67 -61.69
CA ASN EB 162 34.39 -103.53 -61.85
C ASN EB 162 33.65 -102.20 -61.88
N LEU EB 163 32.42 -102.17 -61.39
CA LEU EB 163 31.67 -100.92 -61.32
C LEU EB 163 32.35 -99.94 -60.36
N PRO EB 164 32.43 -98.66 -60.71
CA PRO EB 164 33.04 -97.68 -59.80
C PRO EB 164 32.24 -97.49 -58.52
N GLU EB 165 32.75 -96.62 -57.64
CA GLU EB 165 32.15 -96.40 -56.33
C GLU EB 165 31.07 -95.32 -56.35
N GLY EB 166 31.24 -94.30 -57.19
CA GLY EB 166 30.33 -93.17 -57.23
C GLY EB 166 29.18 -93.28 -58.21
N VAL EB 167 29.01 -94.42 -58.85
CA VAL EB 167 27.96 -94.62 -59.84
C VAL EB 167 27.10 -95.81 -59.43
N ALA EB 168 25.88 -95.83 -59.96
CA ALA EB 168 24.93 -96.90 -59.70
C ALA EB 168 24.38 -97.39 -61.04
N MET EB 169 23.80 -98.59 -61.02
CA MET EB 169 23.33 -99.20 -62.25
C MET EB 169 21.91 -99.73 -62.06
N GLU EB 170 21.09 -99.57 -63.10
CA GLU EB 170 19.74 -100.10 -63.14
C GLU EB 170 19.69 -101.09 -64.31
N VAL EB 171 19.36 -102.35 -64.01
CA VAL EB 171 19.34 -103.39 -65.02
C VAL EB 171 17.89 -103.79 -65.29
N THR EB 172 17.47 -103.67 -66.56
CA THR EB 172 16.13 -104.05 -66.99
C THR EB 172 16.27 -105.13 -68.06
N LYS EB 173 15.82 -106.34 -67.72
CA LYS EB 173 15.94 -107.49 -68.60
C LYS EB 173 14.60 -107.78 -69.24
N THR EB 174 14.59 -108.01 -70.55
CA THR EB 174 13.39 -108.39 -71.28
C THR EB 174 13.50 -109.89 -71.58
N LYS EB 175 12.97 -110.70 -70.66
CA LYS EB 175 13.08 -112.15 -70.79
C LYS EB 175 12.18 -112.67 -71.88
N LEU EB 176 12.69 -113.63 -72.66
CA LEU EB 176 11.92 -114.25 -73.73
C LEU EB 176 11.21 -115.48 -73.21
N GLU EB 177 9.98 -115.68 -73.68
CA GLU EB 177 9.20 -116.86 -73.32
C GLU EB 177 8.15 -117.06 -74.41
N GLN EB 178 8.01 -118.31 -74.87
CA GLN EB 178 7.11 -118.57 -75.99
C GLN EB 178 5.64 -118.53 -75.54
N LEU EB 179 5.27 -119.35 -74.56
CA LEU EB 179 3.87 -119.43 -74.15
C LEU EB 179 3.80 -120.32 -72.92
N PRO EB 180 2.95 -120.03 -71.92
CA PRO EB 180 2.75 -120.99 -70.83
C PRO EB 180 1.91 -122.19 -71.24
N GLU EB 181 1.62 -123.09 -70.30
CA GLU EB 181 1.08 -124.41 -70.64
C GLU EB 181 -0.44 -124.45 -70.77
N HIS EB 182 -1.18 -123.79 -69.88
CA HIS EB 182 -2.63 -123.87 -69.88
C HIS EB 182 -3.28 -122.93 -70.89
N ILE EB 183 -2.52 -122.46 -71.87
CA ILE EB 183 -3.01 -121.45 -72.81
C ILE EB 183 -2.61 -121.78 -74.24
N ARG EB 184 -1.87 -122.88 -74.42
CA ARG EB 184 -1.34 -123.21 -75.75
C ARG EB 184 -2.48 -123.44 -76.74
N LYS EB 185 -3.28 -124.48 -76.52
CA LYS EB 185 -4.46 -124.69 -77.34
C LYS EB 185 -5.60 -125.30 -76.54
N PRO EB 186 -5.99 -124.70 -75.40
CA PRO EB 186 -7.04 -125.31 -74.59
C PRO EB 186 -8.43 -124.77 -74.89
N ILE EB 187 -9.46 -125.53 -74.52
CA ILE EB 187 -10.84 -125.06 -74.51
C ILE EB 187 -11.34 -125.32 -73.09
N TRP EB 188 -11.17 -124.34 -72.21
CA TRP EB 188 -11.52 -124.47 -70.79
C TRP EB 188 -10.92 -125.74 -70.17
N SER FB 60 35.34 2.14 -99.32
CA SER FB 60 34.39 2.13 -98.21
C SER FB 60 35.08 2.43 -96.89
N SER FB 61 35.61 3.64 -96.77
CA SER FB 61 36.29 4.06 -95.54
C SER FB 61 35.24 4.52 -94.54
N PHE FB 62 34.98 3.67 -93.54
CA PHE FB 62 33.99 3.94 -92.51
C PHE FB 62 34.70 4.03 -91.16
N SER FB 63 34.40 5.08 -90.41
CA SER FB 63 34.98 5.31 -89.09
C SER FB 63 33.90 5.20 -88.02
N ILE FB 64 34.21 4.47 -86.95
CA ILE FB 64 33.26 4.33 -85.83
C ILE FB 64 33.15 5.59 -85.00
N TYR FB 65 34.01 6.58 -85.24
CA TYR FB 65 33.96 7.81 -84.46
C TYR FB 65 32.71 8.61 -84.82
N PRO FB 66 32.13 9.35 -83.87
CA PRO FB 66 30.87 10.04 -84.15
C PRO FB 66 31.06 11.15 -85.16
N PRO FB 67 30.03 11.47 -85.94
CA PRO FB 67 30.06 12.66 -86.81
C PRO FB 67 29.74 13.94 -86.04
N ILE FB 68 30.77 14.50 -85.41
CA ILE FB 68 30.65 15.72 -84.61
C ILE FB 68 30.24 16.87 -85.53
N PRO FB 69 29.36 17.77 -85.08
CA PRO FB 69 28.92 18.88 -85.95
C PRO FB 69 30.04 19.83 -86.38
N GLY FB 70 31.20 19.80 -85.73
CA GLY FB 70 32.25 20.73 -86.06
C GLY FB 70 32.87 20.53 -87.44
N GLN FB 71 32.74 19.33 -88.01
CA GLN FB 71 33.34 19.04 -89.29
C GLN FB 71 32.34 19.23 -90.43
N GLU FB 72 32.84 19.08 -91.66
CA GLU FB 72 32.05 19.28 -92.87
C GLU FB 72 31.71 17.97 -93.56
N ASN FB 73 31.48 16.91 -92.79
CA ASN FB 73 31.19 15.60 -93.37
C ASN FB 73 29.79 15.57 -93.98
N SER FB 74 29.59 14.64 -94.90
CA SER FB 74 28.33 14.49 -95.64
C SER FB 74 27.76 13.10 -95.35
N LEU FB 75 26.98 13.00 -94.28
CA LEU FB 75 26.27 11.77 -93.94
C LEU FB 75 24.81 12.11 -93.66
N ARG FB 76 23.90 11.35 -94.26
CA ARG FB 76 22.48 11.57 -94.13
C ARG FB 76 21.77 10.28 -93.78
N TRP FB 77 20.74 10.38 -92.96
CA TRP FB 77 19.84 9.27 -92.65
C TRP FB 77 18.41 9.76 -92.81
N ALA FB 78 17.73 9.26 -93.83
CA ALA FB 78 16.37 9.70 -94.17
C ALA FB 78 16.31 11.20 -94.41
N GLY FB 79 17.38 11.76 -94.95
CA GLY FB 79 17.45 13.16 -95.29
C GLY FB 79 17.85 14.10 -94.17
N LYS FB 80 18.01 13.59 -92.95
CA LYS FB 80 18.37 14.42 -91.81
C LYS FB 80 19.84 14.21 -91.44
N LYS FB 81 20.42 15.24 -90.81
CA LYS FB 81 21.78 15.17 -90.31
C LYS FB 81 21.83 14.32 -89.04
N PHE FB 82 23.05 14.06 -88.57
CA PHE FB 82 23.23 13.33 -87.32
C PHE FB 82 22.73 14.12 -86.12
N GLU FB 83 22.65 15.45 -86.24
CA GLU FB 83 22.24 16.29 -85.13
C GLU FB 83 20.72 16.38 -84.98
N GLU FB 84 19.97 15.97 -85.99
CA GLU FB 84 18.51 16.06 -85.95
C GLU FB 84 17.84 14.72 -85.68
N ILE FB 85 18.60 13.63 -85.67
CA ILE FB 85 18.06 12.28 -85.48
C ILE FB 85 17.71 12.08 -84.01
N PRO FB 86 16.52 11.55 -83.71
CA PRO FB 86 16.07 11.45 -82.32
C PRO FB 86 16.95 10.51 -81.50
N ILE FB 87 16.73 10.57 -80.19
CA ILE FB 87 17.53 9.85 -79.20
C ILE FB 87 16.60 8.87 -78.48
N ALA FB 88 17.12 7.68 -78.19
CA ALA FB 88 16.42 6.68 -77.40
C ALA FB 88 17.21 6.48 -76.12
N HIS FB 89 16.80 7.16 -75.05
CA HIS FB 89 17.43 7.00 -73.75
C HIS FB 89 16.93 5.71 -73.12
N ILE FB 90 17.85 4.81 -72.82
CA ILE FB 90 17.53 3.47 -72.32
C ILE FB 90 18.30 3.26 -71.02
N LYS FB 91 17.57 3.34 -69.90
CA LYS FB 91 18.15 3.13 -68.57
C LYS FB 91 17.93 1.66 -68.20
N ALA FB 92 19.01 0.88 -68.22
CA ALA FB 92 18.94 -0.55 -67.93
C ALA FB 92 19.43 -0.77 -66.50
N SER FB 93 18.50 -0.73 -65.56
CA SER FB 93 18.82 -0.95 -64.16
C SER FB 93 18.86 -2.45 -63.86
N TYR FB 94 19.21 -2.79 -62.62
CA TYR FB 94 19.28 -4.19 -62.23
C TYR FB 94 17.91 -4.80 -61.99
N ASN FB 95 16.87 -3.99 -61.85
CA ASN FB 95 15.52 -4.50 -61.62
C ASN FB 95 14.50 -3.95 -62.60
N ASN FB 96 14.88 -3.07 -63.52
CA ASN FB 96 13.94 -2.49 -64.47
C ASN FB 96 14.72 -1.94 -65.65
N THR FB 97 14.02 -1.77 -66.77
CA THR FB 97 14.60 -1.19 -67.98
C THR FB 97 13.60 -0.19 -68.54
N GLN FB 98 13.96 1.08 -68.55
CA GLN FB 98 13.08 2.16 -68.97
C GLN FB 98 13.57 2.75 -70.28
N ILE FB 99 12.69 2.83 -71.28
CA ILE FB 99 13.03 3.31 -72.61
C ILE FB 99 12.18 4.53 -72.91
N GLN FB 100 12.83 5.64 -73.28
CA GLN FB 100 12.12 6.86 -73.65
C GLN FB 100 12.73 7.42 -74.92
N VAL FB 101 11.90 7.68 -75.92
CA VAL FB 101 12.35 8.23 -77.20
C VAL FB 101 12.04 9.71 -77.21
N VAL FB 102 13.08 10.53 -77.25
CA VAL FB 102 12.97 11.98 -77.34
C VAL FB 102 13.47 12.41 -78.71
N SER FB 103 13.09 13.61 -79.12
CA SER FB 103 13.55 14.15 -80.39
C SER FB 103 14.89 14.86 -80.20
N ALA FB 104 15.41 15.41 -81.30
CA ALA FB 104 16.63 16.20 -81.21
C ALA FB 104 16.42 17.48 -80.40
N ALA FB 105 15.19 17.99 -80.38
CA ALA FB 105 14.84 19.16 -79.59
C ALA FB 105 14.44 18.80 -78.16
N HIS FB 106 14.79 17.58 -77.71
CA HIS FB 106 14.53 17.14 -76.34
C HIS FB 106 13.03 17.16 -76.02
N GLN FB 107 12.23 16.67 -76.97
CA GLN FB 107 10.79 16.51 -76.76
C GLN FB 107 10.47 15.03 -76.68
N PRO FB 108 9.92 14.54 -75.56
CA PRO FB 108 9.63 13.10 -75.44
C PRO FB 108 8.53 12.67 -76.39
N LEU FB 109 8.84 11.67 -77.21
CA LEU FB 109 7.88 11.12 -78.17
C LEU FB 109 7.24 9.83 -77.67
N ALA FB 110 8.06 8.83 -77.35
CA ALA FB 110 7.57 7.53 -76.93
C ALA FB 110 8.26 7.11 -75.64
N HIS FB 111 7.49 6.52 -74.72
CA HIS FB 111 8.02 6.03 -73.46
C HIS FB 111 7.40 4.67 -73.17
N ALA FB 112 8.26 3.70 -72.84
CA ALA FB 112 7.80 2.35 -72.52
C ALA FB 112 8.83 1.68 -71.63
N SER FB 113 8.37 1.04 -70.56
CA SER FB 113 9.22 0.38 -69.60
C SER FB 113 8.62 -0.97 -69.23
N CYS FB 114 9.47 -1.86 -68.69
CA CYS FB 114 9.01 -3.18 -68.30
C CYS FB 114 7.90 -3.11 -67.26
N GLY FB 115 7.95 -2.11 -66.37
CA GLY FB 115 6.86 -1.92 -65.44
C GLY FB 115 5.56 -1.55 -66.12
N THR FB 116 5.64 -0.68 -67.13
CA THR FB 116 4.46 -0.29 -67.90
C THR FB 116 3.97 -1.38 -68.84
N GLU FB 117 4.79 -2.40 -69.08
CA GLU FB 117 4.41 -3.49 -69.99
C GLU FB 117 3.53 -4.53 -69.33
N GLY FB 118 2.98 -4.24 -68.15
CA GLY FB 118 2.15 -5.21 -67.45
C GLY FB 118 2.93 -6.27 -66.70
N PHE FB 119 4.24 -6.10 -66.55
CA PHE FB 119 5.05 -7.06 -65.82
C PHE FB 119 4.88 -6.83 -64.32
N ARG FB 120 5.71 -7.48 -63.52
CA ARG FB 120 5.58 -7.45 -62.07
C ARG FB 120 6.96 -7.35 -61.45
N ASN FB 121 7.04 -7.68 -60.16
CA ASN FB 121 8.20 -7.34 -59.34
C ASN FB 121 9.50 -7.89 -59.92
N ALA FB 122 9.63 -9.22 -59.97
CA ALA FB 122 10.85 -9.84 -60.44
C ALA FB 122 10.81 -10.22 -61.92
N LYS FB 123 9.62 -10.30 -62.52
CA LYS FB 123 9.53 -10.69 -63.92
C LYS FB 123 9.95 -9.57 -64.85
N LYS FB 124 9.97 -8.32 -64.37
CA LYS FB 124 10.37 -7.21 -65.21
C LYS FB 124 11.89 -7.03 -65.27
N GLY FB 125 12.65 -7.75 -64.43
CA GLY FB 125 14.09 -7.67 -64.47
C GLY FB 125 14.76 -8.56 -65.49
N THR FB 126 14.02 -9.48 -66.10
CA THR FB 126 14.58 -10.38 -67.09
C THR FB 126 14.75 -9.66 -68.42
N GLY FB 127 15.53 -10.27 -69.32
CA GLY FB 127 15.75 -9.68 -70.63
C GLY FB 127 14.53 -9.74 -71.52
N ILE FB 128 13.62 -10.68 -71.28
CA ILE FB 128 12.39 -10.76 -72.06
C ILE FB 128 11.52 -9.53 -71.83
N ALA FB 129 11.41 -9.07 -70.58
CA ALA FB 129 10.66 -7.85 -70.31
C ALA FB 129 11.28 -6.65 -71.00
N ALA FB 130 12.62 -6.59 -71.00
CA ALA FB 130 13.31 -5.51 -71.70
C ALA FB 130 13.04 -5.55 -73.20
N GLN FB 131 13.04 -6.75 -73.80
CA GLN FB 131 12.75 -6.86 -75.22
C GLN FB 131 11.33 -6.44 -75.53
N THR FB 132 10.36 -6.84 -74.71
CA THR FB 132 8.99 -6.44 -74.93
C THR FB 132 8.81 -4.93 -74.77
N ALA FB 133 9.47 -4.34 -73.76
CA ALA FB 133 9.43 -2.89 -73.61
C ALA FB 133 10.04 -2.18 -74.81
N GLY FB 134 11.14 -2.69 -75.33
CA GLY FB 134 11.72 -2.13 -76.55
C GLY FB 134 10.78 -2.23 -77.73
N ILE FB 135 10.09 -3.37 -77.87
CA ILE FB 135 9.15 -3.55 -78.98
C ILE FB 135 8.03 -2.53 -78.88
N ALA FB 136 7.46 -2.35 -77.69
CA ALA FB 136 6.36 -1.40 -77.54
C ALA FB 136 6.83 0.04 -77.70
N ALA FB 137 8.03 0.38 -77.19
CA ALA FB 137 8.58 1.70 -77.41
C ALA FB 137 8.81 1.98 -78.88
N ALA FB 138 9.30 0.98 -79.61
CA ALA FB 138 9.44 1.09 -81.06
C ALA FB 138 8.11 1.30 -81.75
N ALA FB 139 7.06 0.59 -81.32
CA ALA FB 139 5.73 0.79 -81.89
C ALA FB 139 5.23 2.21 -81.66
N LYS FB 140 5.34 2.70 -80.42
CA LYS FB 140 4.91 4.07 -80.13
C LYS FB 140 5.76 5.11 -80.85
N ALA FB 141 7.04 4.82 -81.10
CA ALA FB 141 7.89 5.72 -81.87
C ALA FB 141 7.47 5.76 -83.33
N THR FB 142 7.27 4.58 -83.94
CA THR FB 142 6.80 4.51 -85.31
C THR FB 142 5.43 5.14 -85.49
N GLY FB 143 4.60 5.14 -84.44
CA GLY FB 143 3.33 5.84 -84.52
C GLY FB 143 3.45 7.33 -84.82
N LYS FB 144 4.56 7.94 -84.45
CA LYS FB 144 4.79 9.36 -84.69
C LYS FB 144 5.68 9.63 -85.90
N GLY FB 145 6.06 8.61 -86.66
CA GLY FB 145 6.84 8.81 -87.87
C GLY FB 145 8.31 9.07 -87.65
N VAL FB 146 9.03 8.09 -87.11
CA VAL FB 146 10.47 8.17 -86.93
C VAL FB 146 11.11 6.96 -87.59
N THR FB 147 12.28 7.16 -88.20
CA THR FB 147 12.99 6.10 -88.91
C THR FB 147 14.28 5.71 -88.22
N HIS FB 148 15.16 6.65 -87.94
CA HIS FB 148 16.45 6.38 -87.31
C HIS FB 148 16.49 7.00 -85.92
N VAL FB 149 17.17 6.33 -85.01
CA VAL FB 149 17.33 6.81 -83.63
C VAL FB 149 18.74 6.47 -83.17
N ARG FB 150 19.22 7.24 -82.19
CA ARG FB 150 20.52 7.01 -81.57
C ARG FB 150 20.29 6.50 -80.15
N VAL FB 151 20.75 5.29 -79.87
CA VAL FB 151 20.52 4.63 -78.58
C VAL FB 151 21.55 5.17 -77.60
N VAL FB 152 21.10 5.52 -76.39
CA VAL FB 152 21.97 5.97 -75.31
C VAL FB 152 21.71 5.08 -74.11
N VAL FB 153 22.67 4.21 -73.80
CA VAL FB 153 22.51 3.21 -72.74
C VAL FB 153 23.06 3.78 -71.43
N LYS FB 154 22.25 3.68 -70.37
CA LYS FB 154 22.60 4.19 -69.06
C LYS FB 154 22.49 3.05 -68.06
N GLY FB 155 23.60 2.74 -67.40
CA GLY FB 155 23.59 1.68 -66.41
C GLY FB 155 23.92 0.32 -67.00
N LEU FB 156 24.39 -0.57 -66.13
CA LEU FB 156 24.76 -1.93 -66.51
C LEU FB 156 23.78 -2.89 -65.86
N GLY FB 157 22.99 -3.58 -66.67
CA GLY FB 157 22.00 -4.49 -66.16
C GLY FB 157 21.76 -5.68 -67.08
N PRO FB 158 20.78 -6.52 -66.73
CA PRO FB 158 20.50 -7.70 -67.56
C PRO FB 158 19.71 -7.37 -68.81
N GLY FB 159 18.89 -6.33 -68.74
CA GLY FB 159 18.09 -5.91 -69.88
C GLY FB 159 18.77 -4.84 -70.71
N ARG FB 160 20.08 -5.00 -70.93
CA ARG FB 160 20.85 -3.96 -71.62
C ARG FB 160 20.84 -4.17 -73.13
N LEU FB 161 21.33 -5.33 -73.58
CA LEU FB 161 21.35 -5.64 -75.01
C LEU FB 161 19.97 -6.07 -75.51
N SER FB 162 19.19 -6.76 -74.67
CA SER FB 162 17.88 -7.21 -75.09
C SER FB 162 16.95 -6.06 -75.43
N ALA FB 163 16.91 -5.03 -74.61
CA ALA FB 163 16.09 -3.87 -74.92
C ALA FB 163 16.65 -3.03 -76.06
N ILE FB 164 17.96 -3.14 -76.33
CA ILE FB 164 18.52 -2.51 -77.52
C ILE FB 164 17.99 -3.19 -78.77
N LYS FB 165 18.06 -4.53 -78.81
CA LYS FB 165 17.56 -5.26 -79.97
C LYS FB 165 16.05 -5.22 -80.05
N GLY FB 166 15.37 -4.86 -78.96
CA GLY FB 166 13.93 -4.66 -79.01
C GLY FB 166 13.49 -3.60 -79.98
N LEU FB 167 14.25 -2.50 -80.10
CA LEU FB 167 13.90 -1.47 -81.08
C LEU FB 167 13.98 -2.02 -82.50
N THR FB 168 15.04 -2.78 -82.81
CA THR FB 168 15.15 -3.38 -84.14
C THR FB 168 14.02 -4.36 -84.39
N MET FB 169 13.67 -5.16 -83.38
CA MET FB 169 12.55 -6.09 -83.52
C MET FB 169 11.22 -5.36 -83.72
N GLY FB 170 11.03 -4.22 -83.08
CA GLY FB 170 9.82 -3.43 -83.20
C GLY FB 170 9.78 -2.51 -84.41
N GLY FB 171 10.88 -2.37 -85.13
CA GLY FB 171 10.85 -1.62 -86.38
C GLY FB 171 11.55 -0.28 -86.35
N LEU FB 172 12.68 -0.20 -85.67
CA LEU FB 172 13.52 1.00 -85.66
C LEU FB 172 14.94 0.63 -86.06
N GLU FB 173 15.58 1.53 -86.81
CA GLU FB 173 16.95 1.34 -87.24
C GLU FB 173 17.90 2.05 -86.27
N VAL FB 174 18.87 1.31 -85.76
CA VAL FB 174 19.86 1.85 -84.83
C VAL FB 174 21.11 2.21 -85.60
N ILE FB 175 21.47 3.49 -85.57
CA ILE FB 175 22.65 3.96 -86.28
C ILE FB 175 23.84 4.20 -85.36
N SER FB 176 23.61 4.48 -84.08
CA SER FB 176 24.68 4.80 -83.16
C SER FB 176 24.28 4.37 -81.75
N ILE FB 177 25.25 3.86 -80.99
CA ILE FB 177 25.03 3.42 -79.63
C ILE FB 177 26.07 4.12 -78.75
N THR FB 178 25.59 4.90 -77.78
CA THR FB 178 26.44 5.68 -76.89
C THR FB 178 26.25 5.19 -75.46
N ASP FB 179 27.36 4.83 -74.81
CA ASP FB 179 27.32 4.30 -73.45
C ASP FB 179 27.52 5.47 -72.48
N ASN FB 180 26.41 6.05 -72.03
CA ASN FB 180 26.44 7.12 -71.04
C ASN FB 180 26.08 6.49 -69.70
N THR FB 181 27.06 5.85 -69.08
CA THR FB 181 26.88 5.21 -67.79
C THR FB 181 27.42 6.10 -66.69
N PRO FB 182 26.67 6.31 -65.60
CA PRO FB 182 27.19 7.15 -64.51
C PRO FB 182 28.45 6.58 -63.88
N ILE FB 183 29.56 7.29 -64.05
CA ILE FB 183 30.86 6.89 -63.50
C ILE FB 183 31.39 8.02 -62.63
N PRO FB 184 30.92 8.14 -61.38
CA PRO FB 184 31.43 9.18 -60.49
C PRO FB 184 32.89 8.92 -60.16
N HIS FB 185 33.70 9.98 -60.19
CA HIS FB 185 35.12 9.85 -59.88
C HIS FB 185 35.31 9.97 -58.36
N ASN FB 186 34.76 8.96 -57.66
CA ASN FB 186 34.70 8.95 -56.20
C ASN FB 186 33.97 10.18 -55.67
N GLY FB 187 32.69 10.26 -56.03
CA GLY FB 187 31.83 11.33 -55.55
C GLY FB 187 31.02 10.91 -54.34
N CYS FB 188 29.73 10.66 -54.54
CA CYS FB 188 28.89 10.20 -53.45
C CYS FB 188 29.29 8.79 -53.01
N ARG FB 189 29.31 8.57 -51.71
CA ARG FB 189 29.68 7.27 -51.17
C ARG FB 189 28.53 6.29 -51.36
N PRO FB 190 28.74 5.18 -52.06
CA PRO FB 190 27.64 4.23 -52.26
C PRO FB 190 27.31 3.45 -50.99
N ARG FB 191 26.28 2.62 -51.06
CA ARG FB 191 25.80 1.90 -49.89
C ARG FB 191 26.78 0.80 -49.48
N LYS FB 192 26.57 0.28 -48.28
CA LYS FB 192 27.46 -0.74 -47.73
C LYS FB 192 27.29 -2.07 -48.47
N ALA FB 193 28.33 -2.89 -48.40
CA ALA FB 193 28.33 -4.19 -49.07
C ALA FB 193 27.40 -5.17 -48.36
N ARG FB 194 26.77 -6.03 -49.15
CA ARG FB 194 25.88 -7.04 -48.61
C ARG FB 194 26.68 -8.26 -48.16
N ARG FB 195 25.97 -9.22 -47.55
CA ARG FB 195 26.56 -10.46 -47.05
C ARG FB 195 27.67 -10.16 -46.04
N LEU FB 196 27.27 -9.55 -44.93
CA LEU FB 196 28.22 -9.20 -43.87
C LEU FB 196 28.84 -10.44 -43.24
N ALA GB 31 69.59 -9.45 -22.95
CA ALA GB 31 70.07 -8.91 -21.69
C ALA GB 31 71.55 -8.63 -21.73
N THR GB 32 71.91 -7.38 -22.05
CA THR GB 32 73.31 -7.00 -22.14
C THR GB 32 73.94 -6.97 -20.75
N LEU GB 33 75.28 -6.90 -20.73
CA LEU GB 33 76.01 -6.93 -19.46
C LEU GB 33 75.61 -5.79 -18.55
N ASN GB 34 75.35 -4.61 -19.11
CA ASN GB 34 74.88 -3.49 -18.29
C ASN GB 34 73.53 -3.80 -17.65
N GLN GB 35 72.60 -4.40 -18.39
CA GLN GB 35 71.32 -4.78 -17.82
C GLN GB 35 71.46 -5.85 -16.75
N MET GB 36 72.32 -6.84 -16.96
CA MET GB 36 72.54 -7.85 -15.91
C MET GB 36 73.13 -7.23 -14.66
N HIS GB 37 74.08 -6.30 -14.81
CA HIS GB 37 74.63 -5.61 -13.64
C HIS GB 37 73.56 -4.77 -12.94
N ARG GB 38 72.71 -4.09 -13.71
CA ARG GB 38 71.69 -3.25 -13.12
C ARG GB 38 70.65 -4.06 -12.35
N LEU GB 39 70.23 -5.20 -12.90
CA LEU GB 39 69.21 -6.01 -12.24
C LEU GB 39 69.76 -6.93 -11.16
N GLY GB 40 71.05 -7.27 -11.21
CA GLY GB 40 71.64 -8.14 -10.22
C GLY GB 40 71.37 -9.60 -10.53
N PRO GB 41 72.03 -10.50 -9.79
CA PRO GB 41 71.80 -11.92 -10.00
C PRO GB 41 70.41 -12.32 -9.57
N PRO GB 42 69.81 -13.32 -10.21
CA PRO GB 42 68.48 -13.77 -9.79
C PRO GB 42 68.55 -14.58 -8.50
N LYS GB 43 67.61 -14.32 -7.60
CA LYS GB 43 67.53 -15.01 -6.32
C LYS GB 43 66.24 -15.81 -6.24
N HIS GB 44 66.34 -17.03 -5.71
CA HIS GB 44 65.17 -17.90 -5.63
C HIS GB 44 64.20 -17.36 -4.58
N PRO GB 45 62.89 -17.38 -4.87
CA PRO GB 45 61.93 -16.85 -3.92
C PRO GB 45 61.82 -17.74 -2.69
N PRO GB 46 61.46 -17.19 -1.54
CA PRO GB 46 61.28 -18.03 -0.34
C PRO GB 46 60.09 -18.97 -0.51
N GLY GB 47 60.17 -20.11 0.19
CA GLY GB 47 59.11 -21.10 0.16
C GLY GB 47 57.86 -20.64 0.87
N LYS GB 48 56.74 -20.64 0.15
CA LYS GB 48 55.47 -20.25 0.74
C LYS GB 48 54.99 -21.29 1.74
N MET GB 49 54.49 -20.82 2.88
CA MET GB 49 54.03 -21.74 3.92
C MET GB 49 52.75 -22.44 3.50
N GLY GB 50 52.59 -23.68 3.99
CA GLY GB 50 51.44 -24.48 3.65
C GLY GB 50 50.28 -24.27 4.60
N PRO GB 51 49.34 -25.22 4.61
CA PRO GB 51 48.19 -25.09 5.51
C PRO GB 51 48.55 -25.13 6.98
N THR GB 52 49.70 -25.70 7.34
CA THR GB 52 50.13 -25.81 8.73
C THR GB 52 50.97 -24.62 9.18
N ALA GB 53 51.15 -23.62 8.33
CA ALA GB 53 51.94 -22.42 8.65
C ALA GB 53 53.35 -22.77 9.07
N GLY GB 54 53.95 -23.75 8.39
CA GLY GB 54 55.32 -24.14 8.63
C GLY GB 54 55.52 -25.18 9.72
N ARG GB 55 54.47 -25.61 10.39
CA ARG GB 55 54.67 -26.62 11.42
C ARG GB 55 54.44 -28.02 10.85
N PRO GB 56 55.28 -28.99 11.22
CA PRO GB 56 55.05 -30.36 10.73
C PRO GB 56 53.72 -30.95 11.16
N GLN GB 57 53.24 -30.62 12.36
CA GLN GB 57 51.99 -31.15 12.87
C GLN GB 57 51.22 -30.06 13.60
N LEU GB 58 49.90 -30.25 13.70
CA LEU GB 58 49.03 -29.31 14.39
C LEU GB 58 48.01 -30.06 15.21
N LYS GB 59 47.81 -29.61 16.45
CA LYS GB 59 46.83 -30.23 17.35
C LYS GB 59 45.49 -29.51 17.22
N GLY GB 60 44.43 -30.27 16.98
CA GLY GB 60 43.13 -29.66 16.76
C GLY GB 60 42.03 -30.46 17.42
N VAL GB 61 40.84 -29.86 17.45
CA VAL GB 61 39.64 -30.49 17.98
C VAL GB 61 38.61 -30.62 16.87
N VAL GB 62 37.99 -31.79 16.77
CA VAL GB 62 37.07 -32.09 15.68
C VAL GB 62 35.82 -31.25 15.87
N LEU GB 63 35.43 -30.52 14.81
CA LEU GB 63 34.28 -29.64 14.86
C LEU GB 63 33.10 -30.13 14.02
N ARG GB 64 33.36 -30.94 12.99
CA ARG GB 64 32.27 -31.56 12.24
C ARG GB 64 32.81 -32.69 11.36
N THR GB 65 32.29 -33.90 11.55
CA THR GB 65 32.67 -35.05 10.74
C THR GB 65 31.62 -35.26 9.67
N PHE GB 66 32.06 -35.47 8.42
CA PHE GB 66 31.14 -35.54 7.30
C PHE GB 66 31.77 -36.35 6.17
N ILE GB 67 31.08 -36.38 5.03
CA ILE GB 67 31.49 -37.13 3.85
C ILE GB 67 31.59 -36.16 2.68
N ARG GB 68 32.71 -36.20 1.98
CA ARG GB 68 32.93 -35.41 0.77
C ARG GB 68 33.19 -36.31 -0.42
N LYS GB 69 32.79 -35.82 -1.62
CA LYS GB 69 32.97 -36.55 -2.86
C LYS GB 69 34.29 -36.18 -3.53
N PRO GB 70 34.91 -37.12 -4.25
CA PRO GB 70 36.13 -36.81 -5.00
C PRO GB 70 35.85 -36.00 -6.26
N LYS GB 71 36.88 -35.81 -7.08
CA LYS GB 71 36.76 -35.03 -8.30
C LYS GB 71 36.00 -35.83 -9.36
N LYS GB 72 35.93 -35.29 -10.57
CA LYS GB 72 35.19 -35.95 -11.65
C LYS GB 72 35.76 -37.32 -12.02
N PRO GB 73 37.07 -37.48 -12.27
CA PRO GB 73 37.56 -38.75 -12.84
C PRO GB 73 37.29 -39.98 -11.99
N ASN GB 74 37.20 -39.85 -10.67
CA ASN GB 74 36.93 -41.00 -9.81
C ASN GB 74 35.88 -40.65 -8.77
N SER GB 75 35.08 -41.64 -8.40
CA SER GB 75 33.96 -41.44 -7.48
C SER GB 75 34.15 -42.30 -6.23
N ALA GB 76 33.87 -41.70 -5.08
CA ALA GB 76 33.96 -42.38 -3.79
C ALA GB 76 33.19 -41.55 -2.76
N ASN GB 77 33.35 -41.90 -1.49
CA ASN GB 77 32.75 -41.14 -0.38
C ASN GB 77 33.80 -41.05 0.72
N ARG GB 78 34.64 -40.01 0.65
CA ARG GB 78 35.76 -39.90 1.56
C ARG GB 78 35.31 -39.45 2.94
N LYS GB 79 36.07 -39.85 3.96
CA LYS GB 79 35.79 -39.50 5.35
C LYS GB 79 36.51 -38.17 5.63
N CYS GB 80 35.75 -37.08 5.69
CA CYS GB 80 36.35 -35.78 5.91
C CYS GB 80 35.92 -35.22 7.26
N CYS GB 81 36.73 -34.31 7.79
CA CYS GB 81 36.47 -33.71 9.07
C CYS GB 81 36.78 -32.23 9.00
N ARG GB 82 36.21 -31.48 9.93
CA ARG GB 82 36.45 -30.06 10.09
C ARG GB 82 36.89 -29.86 11.54
N VAL GB 83 38.10 -29.33 11.73
CA VAL GB 83 38.71 -29.21 13.04
C VAL GB 83 39.13 -27.77 13.26
N ARG GB 84 39.42 -27.43 14.51
CA ARG GB 84 39.91 -26.10 14.89
C ARG GB 84 41.38 -26.24 15.27
N LEU GB 85 42.26 -25.73 14.41
CA LEU GB 85 43.68 -25.85 14.65
C LEU GB 85 44.12 -25.01 15.84
N SER GB 86 45.30 -25.34 16.37
CA SER GB 86 45.83 -24.61 17.52
C SER GB 86 46.15 -23.16 17.20
N THR GB 87 46.28 -22.81 15.92
CA THR GB 87 46.55 -21.44 15.51
C THR GB 87 45.29 -20.61 15.36
N GLY GB 88 44.12 -21.18 15.65
CA GLY GB 88 42.87 -20.47 15.52
C GLY GB 88 42.24 -20.51 14.15
N ARG GB 89 42.81 -21.26 13.22
CA ARG GB 89 42.27 -21.37 11.87
C ARG GB 89 41.39 -22.59 11.74
N GLU GB 90 40.30 -22.45 10.99
CA GLU GB 90 39.33 -23.51 10.79
C GLU GB 90 39.50 -24.05 9.37
N ALA GB 91 39.89 -25.31 9.25
CA ALA GB 91 40.20 -25.91 7.96
C ALA GB 91 39.66 -27.33 7.90
N VAL GB 92 39.57 -27.84 6.68
CA VAL GB 92 39.05 -29.19 6.42
C VAL GB 92 40.21 -30.16 6.30
N CYS GB 93 40.03 -31.36 6.85
CA CYS GB 93 41.03 -32.41 6.84
C CYS GB 93 40.38 -33.71 6.38
N PHE GB 94 41.22 -34.72 6.13
CA PHE GB 94 40.80 -36.03 5.66
C PHE GB 94 41.26 -37.06 6.66
N ILE GB 95 40.46 -38.11 6.87
CA ILE GB 95 40.79 -39.18 7.80
C ILE GB 95 41.20 -40.40 6.99
N PRO GB 96 42.48 -40.73 6.91
CA PRO GB 96 42.92 -41.94 6.20
C PRO GB 96 42.36 -43.20 6.85
N GLY GB 97 42.56 -44.31 6.16
CA GLY GB 97 42.20 -45.61 6.69
C GLY GB 97 40.74 -45.95 6.49
N GLU GB 98 40.43 -47.24 6.67
CA GLU GB 98 39.06 -47.73 6.56
C GLU GB 98 38.47 -47.88 7.96
N GLY GB 99 37.40 -47.15 8.23
CA GLY GB 99 36.77 -47.20 9.53
C GLY GB 99 37.43 -46.31 10.55
N HIS GB 100 36.63 -45.51 11.26
CA HIS GB 100 37.16 -44.63 12.29
C HIS GB 100 36.05 -44.31 13.27
N SER GB 101 36.43 -43.89 14.47
CA SER GB 101 35.51 -43.51 15.53
C SER GB 101 35.93 -42.14 16.05
N LEU GB 102 35.50 -41.08 15.36
CA LEU GB 102 35.79 -39.72 15.75
C LEU GB 102 34.49 -38.93 15.81
N GLN GB 103 34.29 -38.22 16.90
CA GLN GB 103 33.07 -37.43 17.12
C GLN GB 103 33.44 -35.99 17.46
N GLU GB 104 32.44 -35.25 17.93
CA GLU GB 104 32.62 -33.84 18.28
C GLU GB 104 33.51 -33.71 19.50
N HIS GB 105 34.29 -32.62 19.52
CA HIS GB 105 35.20 -32.28 20.60
C HIS GB 105 36.29 -33.32 20.80
N HIS GB 106 36.72 -33.97 19.73
CA HIS GB 106 37.77 -34.98 19.77
C HIS GB 106 39.11 -34.37 19.39
N VAL GB 107 40.13 -34.67 20.18
CA VAL GB 107 41.46 -34.09 19.98
C VAL GB 107 42.26 -35.00 19.06
N VAL GB 108 42.75 -34.43 17.95
CA VAL GB 108 43.54 -35.16 16.97
C VAL GB 108 44.74 -34.33 16.56
N LEU GB 109 45.65 -34.97 15.83
CA LEU GB 109 46.83 -34.33 15.27
C LEU GB 109 46.79 -34.45 13.75
N VAL GB 110 47.03 -33.34 13.06
CA VAL GB 110 46.96 -33.29 11.61
C VAL GB 110 48.33 -32.93 11.05
N GLN GB 111 48.62 -33.45 9.86
CA GLN GB 111 49.87 -33.20 9.16
C GLN GB 111 49.56 -32.70 7.76
N GLY GB 112 50.59 -32.19 7.09
CA GLY GB 112 50.41 -31.54 5.81
C GLY GB 112 50.25 -32.50 4.64
N GLY GB 113 49.64 -33.65 4.88
CA GLY GB 113 49.34 -34.58 3.81
C GLY GB 113 48.26 -34.01 2.90
N ARG GB 114 48.53 -33.96 1.59
CA ARG GB 114 47.58 -33.45 0.63
C ARG GB 114 46.86 -34.62 -0.04
N THR GB 115 45.52 -34.55 -0.08
CA THR GB 115 44.72 -35.56 -0.74
C THR GB 115 44.46 -35.12 -2.17
N GLN GB 116 44.88 -35.95 -3.13
CA GLN GB 116 44.77 -35.59 -4.54
C GLN GB 116 43.33 -35.59 -5.03
N ASP GB 117 42.51 -36.55 -4.57
CA ASP GB 117 41.14 -36.66 -5.06
C ASP GB 117 40.21 -35.58 -4.51
N LEU GB 118 40.53 -34.99 -3.36
CA LEU GB 118 39.66 -34.02 -2.74
C LEU GB 118 40.21 -32.61 -2.94
N PRO GB 119 39.53 -31.74 -3.66
CA PRO GB 119 40.02 -30.37 -3.84
C PRO GB 119 39.84 -29.54 -2.58
N GLY GB 120 40.88 -28.79 -2.23
CA GLY GB 120 40.86 -27.93 -1.08
C GLY GB 120 41.24 -28.58 0.23
N VAL GB 121 41.30 -29.91 0.28
CA VAL GB 121 41.68 -30.63 1.49
C VAL GB 121 43.19 -30.86 1.44
N LYS GB 122 43.92 -30.19 2.33
CA LYS GB 122 45.37 -30.26 2.37
C LYS GB 122 45.90 -30.80 3.69
N LEU GB 123 45.03 -31.33 4.54
CA LEU GB 123 45.41 -31.80 5.87
C LEU GB 123 44.93 -33.23 6.07
N THR GB 124 45.74 -34.03 6.76
CA THR GB 124 45.40 -35.42 7.04
C THR GB 124 45.60 -35.70 8.52
N VAL GB 125 44.62 -36.38 9.12
CA VAL GB 125 44.68 -36.70 10.54
C VAL GB 125 45.67 -37.84 10.76
N VAL GB 126 46.59 -37.64 11.72
CA VAL GB 126 47.58 -38.67 12.02
C VAL GB 126 46.91 -39.81 12.76
N ARG GB 127 47.12 -41.03 12.28
CA ARG GB 127 46.54 -42.21 12.91
C ARG GB 127 47.44 -42.70 14.03
N GLY GB 128 46.85 -42.91 15.20
CA GLY GB 128 47.62 -43.34 16.37
C GLY GB 128 47.90 -42.20 17.32
N LYS GB 129 46.89 -41.36 17.56
CA LYS GB 129 47.00 -40.16 18.38
C LYS GB 129 46.05 -40.29 19.57
N TYR GB 130 45.88 -39.19 20.31
CA TYR GB 130 45.14 -39.20 21.56
C TYR GB 130 43.77 -39.86 21.41
N ASP GB 131 43.00 -39.43 20.41
CA ASP GB 131 41.65 -39.95 20.22
C ASP GB 131 41.44 -40.58 18.86
N CYS GB 132 42.43 -40.52 17.96
CA CYS GB 132 42.38 -41.19 16.66
C CYS GB 132 43.48 -42.24 16.67
N GLY GB 133 43.15 -43.43 17.15
CA GLY GB 133 44.11 -44.50 17.29
C GLY GB 133 44.37 -45.23 15.99
N HIS GB 134 45.08 -46.35 16.11
CA HIS GB 134 45.43 -47.16 14.95
C HIS GB 134 44.19 -47.86 14.39
N VAL GB 135 44.25 -48.21 13.12
CA VAL GB 135 43.15 -48.91 12.48
C VAL GB 135 43.06 -50.33 13.02
N GLN GB 136 41.84 -50.78 13.30
CA GLN GB 136 41.63 -52.11 13.86
C GLN GB 136 41.41 -53.13 12.74
N LYS GB 137 41.98 -54.31 12.92
CA LYS GB 137 41.83 -55.38 11.96
C LYS GB 137 40.44 -55.99 12.07
N LYS GB 138 39.88 -56.37 10.92
CA LYS GB 138 38.56 -56.98 10.90
C LYS GB 138 38.63 -58.37 11.50
N LYS GB 139 38.00 -58.55 12.66
CA LYS GB 139 37.99 -59.84 13.34
C LYS GB 139 36.56 -60.42 13.40
N TYR HB 28 25.61 -91.34 -23.97
CA TYR HB 28 24.42 -90.49 -23.86
C TYR HB 28 23.89 -90.09 -25.23
N TYR HB 29 22.72 -89.47 -25.24
CA TYR HB 29 22.17 -88.88 -26.44
C TYR HB 29 22.50 -87.39 -26.48
N VAL HB 30 22.12 -86.74 -27.58
CA VAL HB 30 22.45 -85.33 -27.76
C VAL HB 30 21.66 -84.46 -26.79
N ASP HB 31 20.38 -84.75 -26.62
CA ASP HB 31 19.50 -83.94 -25.81
C ASP HB 31 18.43 -84.80 -25.15
N TRP HB 32 17.84 -84.27 -24.08
CA TRP HB 32 16.74 -84.96 -23.41
C TRP HB 32 15.51 -85.06 -24.31
N LYS HB 33 15.29 -84.04 -25.16
CA LYS HB 33 14.22 -84.13 -26.15
C LYS HB 33 14.44 -85.29 -27.10
N MET HB 34 15.68 -85.47 -27.57
CA MET HB 34 16.02 -86.63 -28.39
C MET HB 34 15.82 -87.92 -27.62
N LEU HB 35 16.21 -87.95 -26.34
CA LEU HB 35 16.01 -89.13 -25.51
C LEU HB 35 14.54 -89.52 -25.47
N ARG HB 36 13.65 -88.56 -25.24
CA ARG HB 36 12.23 -88.85 -25.19
C ARG HB 36 11.67 -89.21 -26.56
N ASP HB 37 12.17 -88.60 -27.63
CA ASP HB 37 11.73 -88.95 -28.97
C ASP HB 37 12.09 -90.39 -29.35
N VAL HB 38 13.27 -90.85 -28.93
CA VAL HB 38 13.62 -92.25 -29.17
C VAL HB 38 12.65 -93.19 -28.46
N LYS HB 39 12.30 -92.89 -27.21
CA LYS HB 39 11.31 -93.70 -26.51
C LYS HB 39 9.96 -93.67 -27.22
N ARG HB 40 9.53 -92.49 -27.68
CA ARG HB 40 8.28 -92.40 -28.43
C ARG HB 40 8.30 -93.24 -29.68
N ARG HB 41 9.38 -93.19 -30.47
CA ARG HB 41 9.51 -94.04 -31.64
C ARG HB 41 9.50 -95.52 -31.30
N LYS HB 42 10.21 -95.92 -30.24
CA LYS HB 42 10.23 -97.32 -29.85
C LYS HB 42 8.84 -97.81 -29.48
N MET HB 43 8.09 -97.03 -28.69
CA MET HB 43 6.77 -97.50 -28.29
C MET HB 43 5.79 -97.43 -29.45
N ALA HB 44 5.96 -96.48 -30.37
CA ALA HB 44 5.14 -96.45 -31.57
C ALA HB 44 5.36 -97.70 -32.43
N TYR HB 45 6.62 -98.12 -32.59
CA TYR HB 45 6.87 -99.38 -33.28
C TYR HB 45 6.31 -100.58 -32.51
N GLU HB 46 6.38 -100.54 -31.18
CA GLU HB 46 5.86 -101.65 -30.38
C GLU HB 46 4.35 -101.77 -30.54
N TYR HB 47 3.64 -100.65 -30.63
CA TYR HB 47 2.19 -100.64 -30.79
C TYR HB 47 1.75 -100.36 -32.23
N ALA HB 48 2.62 -100.57 -33.21
CA ALA HB 48 2.25 -100.32 -34.60
C ALA HB 48 1.10 -101.23 -35.05
N ASP HB 49 1.15 -102.51 -34.70
CA ASP HB 49 0.11 -103.45 -35.15
C ASP HB 49 -1.22 -103.20 -34.46
N GLU HB 50 -1.21 -102.98 -33.15
CA GLU HB 50 -2.46 -102.81 -32.41
C GLU HB 50 -3.24 -101.60 -32.91
N ARG HB 51 -2.56 -100.46 -33.07
CA ARG HB 51 -3.22 -99.27 -33.58
C ARG HB 51 -3.73 -99.46 -35.00
N LEU HB 52 -2.96 -100.14 -35.85
CA LEU HB 52 -3.41 -100.46 -37.19
C LEU HB 52 -4.69 -101.28 -37.18
N ARG HB 53 -4.80 -102.26 -36.28
CA ARG HB 53 -6.01 -103.05 -36.20
C ARG HB 53 -7.19 -102.27 -35.62
N ILE HB 54 -6.97 -101.43 -34.61
CA ILE HB 54 -8.08 -100.68 -34.03
C ILE HB 54 -8.61 -99.63 -35.01
N ASN HB 55 -7.71 -98.95 -35.72
CA ASN HB 55 -8.14 -97.92 -36.66
C ASN HB 55 -8.97 -98.49 -37.80
N SER HB 56 -8.80 -99.78 -38.12
CA SER HB 56 -9.63 -100.40 -39.15
C SER HB 56 -11.09 -100.46 -38.74
N LEU HB 57 -11.36 -100.67 -37.44
CA LEU HB 57 -12.73 -100.70 -36.97
C LEU HB 57 -13.36 -99.31 -36.92
N ARG HB 58 -12.54 -98.27 -36.86
CA ARG HB 58 -13.06 -96.91 -36.78
C ARG HB 58 -13.23 -96.26 -38.15
N LYS HB 59 -12.37 -96.62 -39.10
CA LYS HB 59 -12.34 -95.91 -40.39
C LYS HB 59 -13.27 -96.52 -41.44
N ASN HB 60 -14.23 -97.34 -41.04
CA ASN HB 60 -15.16 -97.97 -41.97
C ASN HB 60 -16.60 -97.64 -41.61
N THR HB 61 -17.48 -97.69 -42.61
CA THR HB 61 -18.89 -97.42 -42.44
C THR HB 61 -19.76 -98.68 -42.45
N ILE HB 62 -19.18 -99.83 -42.81
CA ILE HB 62 -19.96 -101.06 -42.88
C ILE HB 62 -20.41 -101.51 -41.50
N LEU HB 63 -19.50 -101.51 -40.53
CA LEU HB 63 -19.81 -101.99 -39.20
C LEU HB 63 -20.71 -100.99 -38.48
N PRO HB 64 -21.57 -101.47 -37.57
CA PRO HB 64 -22.43 -100.56 -36.81
C PRO HB 64 -21.61 -99.67 -35.88
N LYS HB 65 -22.16 -98.46 -35.64
CA LYS HB 65 -21.47 -97.46 -34.83
C LYS HB 65 -21.36 -97.88 -33.36
N ASP HB 66 -22.17 -98.84 -32.92
CA ASP HB 66 -22.16 -99.24 -31.52
C ASP HB 66 -20.81 -99.80 -31.11
N LEU HB 67 -20.21 -100.64 -31.97
CA LEU HB 67 -18.87 -101.14 -31.71
C LEU HB 67 -17.80 -100.09 -31.96
N GLN HB 68 -18.07 -99.13 -32.85
CA GLN HB 68 -17.09 -98.08 -33.12
C GLN HB 68 -16.91 -97.14 -31.92
N GLU HB 69 -17.99 -96.86 -31.20
CA GLU HB 69 -17.85 -96.04 -30.00
C GLU HB 69 -17.01 -96.74 -28.93
N VAL HB 70 -17.03 -98.07 -28.89
CA VAL HB 70 -16.16 -98.78 -27.96
C VAL HB 70 -14.73 -98.84 -28.51
N ALA HB 71 -14.60 -98.93 -29.83
CA ALA HB 71 -13.29 -98.88 -30.46
C ALA HB 71 -12.57 -97.57 -30.15
N ASP HB 72 -13.31 -96.47 -30.16
CA ASP HB 72 -12.74 -95.20 -29.72
C ASP HB 72 -12.24 -95.30 -28.29
N GLU HB 73 -12.98 -95.97 -27.41
CA GLU HB 73 -12.54 -96.11 -26.04
C GLU HB 73 -11.24 -96.91 -25.91
N GLU HB 74 -11.12 -98.04 -26.62
CA GLU HB 74 -9.88 -98.81 -26.44
C GLU HB 74 -8.71 -98.13 -27.13
N ILE HB 75 -8.96 -97.40 -28.23
CA ILE HB 75 -7.84 -96.69 -28.85
C ILE HB 75 -7.42 -95.49 -28.00
N ALA HB 76 -8.34 -94.93 -27.21
CA ALA HB 76 -7.97 -93.91 -26.24
C ALA HB 76 -7.28 -94.48 -25.02
N SER HB 77 -7.59 -95.72 -24.63
CA SER HB 77 -6.97 -96.33 -23.46
C SER HB 77 -5.49 -96.61 -23.65
N LEU HB 78 -4.98 -96.56 -24.87
CA LEU HB 78 -3.57 -96.81 -25.12
C LEU HB 78 -2.72 -95.67 -24.54
N PRO HB 79 -1.45 -95.95 -24.23
CA PRO HB 79 -0.59 -94.90 -23.69
C PRO HB 79 -0.37 -93.78 -24.70
N ARG HB 80 -0.08 -92.59 -24.16
CA ARG HB 80 -0.06 -91.38 -24.97
C ARG HB 80 1.04 -91.43 -26.03
N ASP HB 81 2.25 -91.82 -25.65
CA ASP HB 81 3.40 -91.77 -26.54
C ASP HB 81 3.38 -92.85 -27.61
N SER HB 82 2.33 -93.69 -27.65
CA SER HB 82 2.27 -94.77 -28.61
C SER HB 82 1.85 -94.33 -30.01
N CYS HB 83 1.14 -93.21 -30.13
CA CYS HB 83 0.69 -92.78 -31.45
C CYS HB 83 1.87 -92.25 -32.26
N PRO HB 84 1.88 -92.49 -33.58
CA PRO HB 84 2.97 -91.96 -34.41
C PRO HB 84 2.93 -90.44 -34.58
N VAL HB 85 1.85 -89.78 -34.17
CA VAL HB 85 1.75 -88.34 -34.33
C VAL HB 85 2.77 -87.63 -33.44
N ARG HB 86 3.04 -88.17 -32.25
CA ARG HB 86 3.98 -87.57 -31.32
C ARG HB 86 5.42 -87.65 -31.81
N ILE HB 87 5.70 -88.43 -32.84
CA ILE HB 87 7.06 -88.56 -33.35
C ILE HB 87 7.46 -87.25 -34.03
N ARG HB 88 8.57 -86.68 -33.58
CA ARG HB 88 9.11 -85.44 -34.13
C ARG HB 88 10.42 -85.74 -34.84
N ASN HB 89 10.54 -85.29 -36.09
CA ASN HB 89 11.73 -85.54 -36.89
C ASN HB 89 12.76 -84.46 -36.59
N ARG HB 90 13.76 -84.83 -35.80
CA ARG HB 90 14.85 -83.93 -35.44
C ARG HB 90 16.11 -84.28 -36.22
N CYS HB 91 17.17 -83.52 -35.97
CA CYS HB 91 18.46 -83.81 -36.58
C CYS HB 91 19.15 -84.94 -35.83
N VAL HB 92 19.95 -85.72 -36.57
CA VAL HB 92 20.67 -86.82 -35.94
C VAL HB 92 21.83 -86.32 -35.08
N MET HB 93 22.60 -85.36 -35.59
CA MET HB 93 23.77 -84.88 -34.87
C MET HB 93 23.41 -83.93 -33.73
N THR HB 94 22.71 -82.84 -34.03
CA THR HB 94 22.44 -81.80 -33.05
C THR HB 94 21.01 -81.80 -32.52
N SER HB 95 20.15 -82.71 -33.00
CA SER HB 95 18.78 -82.85 -32.51
C SER HB 95 18.00 -81.53 -32.64
N ARG HB 96 18.21 -80.83 -33.75
CA ARG HB 96 17.46 -79.61 -34.00
C ARG HB 96 16.04 -79.96 -34.40
N PRO HB 97 15.02 -79.45 -33.71
CA PRO HB 97 13.64 -79.85 -34.03
C PRO HB 97 13.12 -79.28 -35.33
N ARG HB 98 13.81 -78.31 -35.94
CA ARG HB 98 13.33 -77.64 -37.13
C ARG HB 98 14.50 -77.34 -38.05
N GLY HB 99 14.19 -77.06 -39.31
CA GLY HB 99 15.21 -76.84 -40.31
C GLY HB 99 16.04 -78.06 -40.64
N VAL HB 100 15.40 -79.23 -40.73
CA VAL HB 100 16.08 -80.49 -40.97
C VAL HB 100 15.53 -81.12 -42.24
N LYS HB 101 16.43 -81.48 -43.16
CA LYS HB 101 16.04 -82.15 -44.38
C LYS HB 101 15.75 -83.63 -44.10
N ARG HB 102 14.72 -84.15 -44.78
CA ARG HB 102 14.31 -85.53 -44.56
C ARG HB 102 15.26 -86.52 -45.23
N ARG HB 103 15.85 -86.15 -46.36
CA ARG HB 103 16.69 -87.10 -47.10
C ARG HB 103 17.92 -87.50 -46.30
N TRP HB 104 18.60 -86.54 -45.68
CA TRP HB 104 19.81 -86.81 -44.91
C TRP HB 104 19.57 -86.83 -43.42
N ARG HB 105 18.36 -86.48 -42.95
CA ARG HB 105 18.07 -86.36 -41.53
C ARG HB 105 19.04 -85.41 -40.84
N LEU HB 106 19.42 -84.35 -41.54
CA LEU HB 106 20.43 -83.40 -41.09
C LEU HB 106 19.85 -82.00 -41.00
N SER HB 107 20.31 -81.26 -40.01
CA SER HB 107 19.92 -79.87 -39.87
C SER HB 107 20.55 -79.03 -40.98
N ARG HB 108 19.93 -77.88 -41.25
CA ARG HB 108 20.40 -77.00 -42.31
C ARG HB 108 21.78 -76.43 -42.05
N ILE HB 109 22.27 -76.52 -40.82
CA ILE HB 109 23.60 -76.02 -40.46
C ILE HB 109 24.65 -77.10 -40.56
N VAL HB 110 24.38 -78.28 -40.00
CA VAL HB 110 25.33 -79.39 -40.11
C VAL HB 110 25.45 -79.85 -41.55
N PHE HB 111 24.35 -79.83 -42.30
CA PHE HB 111 24.41 -80.21 -43.71
C PHE HB 111 25.35 -79.30 -44.48
N ARG HB 112 25.25 -77.98 -44.26
CA ARG HB 112 26.18 -77.06 -44.90
C ARG HB 112 27.60 -77.27 -44.40
N HIS HB 113 27.78 -77.49 -43.09
CA HIS HB 113 29.11 -77.68 -42.54
C HIS HB 113 29.82 -78.88 -43.15
N LEU HB 114 29.07 -79.93 -43.48
CA LEU HB 114 29.64 -81.09 -44.14
C LEU HB 114 29.79 -80.92 -45.65
N ALA HB 115 28.79 -80.34 -46.32
CA ALA HB 115 28.86 -80.19 -47.77
C ALA HB 115 29.98 -79.24 -48.18
N ASP HB 116 30.14 -78.13 -47.45
CA ASP HB 116 31.21 -77.19 -47.75
C ASP HB 116 32.59 -77.80 -47.54
N HIS HB 117 32.74 -78.69 -46.56
CA HIS HB 117 33.96 -79.48 -46.43
C HIS HB 117 34.07 -80.57 -47.49
N GLY HB 118 32.96 -80.90 -48.16
CA GLY HB 118 33.02 -81.85 -49.26
C GLY HB 118 32.96 -83.31 -48.85
N GLN HB 119 32.41 -83.61 -47.68
CA GLN HB 119 32.30 -84.98 -47.20
C GLN HB 119 31.05 -85.69 -47.73
N LEU HB 120 30.22 -84.99 -48.51
CA LEU HB 120 29.02 -85.57 -49.11
C LEU HB 120 29.15 -85.54 -50.62
N SER HB 121 28.92 -86.68 -51.25
CA SER HB 121 29.09 -86.79 -52.70
C SER HB 121 27.97 -86.07 -53.44
N GLY HB 122 28.27 -85.66 -54.67
CA GLY HB 122 27.29 -85.04 -55.54
C GLY HB 122 26.72 -83.72 -55.09
N VAL HB 123 27.10 -83.23 -53.90
CA VAL HB 123 26.55 -82.01 -53.36
C VAL HB 123 27.52 -80.86 -53.64
N GLN HB 124 27.01 -79.80 -54.27
CA GLN HB 124 27.85 -78.69 -54.67
C GLN HB 124 27.01 -77.42 -54.69
N ARG HB 125 27.70 -76.28 -54.65
CA ARG HB 125 27.03 -75.00 -54.72
C ARG HB 125 26.33 -74.83 -56.06
N ALA HB 126 25.09 -74.33 -56.03
CA ALA HB 126 24.30 -74.17 -57.24
C ALA HB 126 24.67 -72.87 -57.93
N MET HB 127 25.13 -72.97 -59.18
CA MET HB 127 25.48 -71.80 -59.99
C MET HB 127 24.84 -71.99 -61.36
N TRP HB 128 23.82 -71.19 -61.65
CA TRP HB 128 23.14 -71.26 -62.94
C TRP HB 128 22.45 -69.95 -63.28
N GLN IB 65 65.16 41.95 -34.53
CA GLN IB 65 65.00 41.24 -35.79
C GLN IB 65 65.81 41.89 -36.90
N ASP IB 66 66.41 41.06 -37.76
CA ASP IB 66 67.17 41.56 -38.90
C ASP IB 66 66.24 42.04 -40.00
N ASP IB 67 66.72 43.02 -40.77
CA ASP IB 67 65.94 43.64 -41.84
C ASP IB 67 66.75 43.62 -43.13
N PRO IB 68 66.75 42.50 -43.85
CA PRO IB 68 67.42 42.45 -45.15
C PRO IB 68 66.66 43.27 -46.17
N PRO IB 69 67.32 44.23 -46.83
CA PRO IB 69 66.62 45.06 -47.80
C PRO IB 69 66.14 44.23 -48.98
N PRO IB 70 64.97 44.56 -49.55
CA PRO IB 70 64.49 43.82 -50.72
C PRO IB 70 65.30 44.05 -51.98
N SER IB 71 66.05 45.14 -52.06
CA SER IB 71 66.86 45.47 -53.23
C SER IB 71 68.34 45.20 -52.99
N MET IB 72 68.64 44.10 -52.31
CA MET IB 72 69.99 43.86 -51.80
C MET IB 72 70.93 43.23 -52.82
N LEU IB 73 70.45 42.84 -54.00
CA LEU IB 73 71.31 42.20 -55.02
C LEU IB 73 71.94 40.92 -54.45
N LEU IB 74 71.07 39.92 -54.29
CA LEU IB 74 71.36 38.69 -53.55
C LEU IB 74 72.67 38.00 -53.92
N LEU IB 75 73.13 37.12 -53.03
CA LEU IB 75 74.50 36.62 -53.05
C LEU IB 75 74.90 36.04 -54.39
N ASP IB 76 74.01 35.29 -55.04
CA ASP IB 76 74.36 34.63 -56.30
C ASP IB 76 74.73 35.61 -57.40
N TYR IB 77 74.28 36.86 -57.30
CA TYR IB 77 74.62 37.89 -58.29
C TYR IB 77 75.22 39.13 -57.61
N GLN IB 78 76.05 38.91 -56.59
CA GLN IB 78 76.67 40.00 -55.84
C GLN IB 78 78.16 40.11 -56.06
N ASN IB 79 78.87 38.99 -56.18
CA ASN IB 79 80.33 39.00 -56.31
C ASN IB 79 80.79 39.06 -57.76
N VAL IB 80 79.87 39.12 -58.72
CA VAL IB 80 80.24 39.22 -60.13
C VAL IB 80 80.39 40.69 -60.50
N PRO IB 81 81.30 41.03 -61.41
CA PRO IB 81 81.50 42.43 -61.76
C PRO IB 81 80.36 42.98 -62.60
N GLY IB 82 80.22 44.31 -62.57
CA GLY IB 82 79.26 44.98 -63.41
C GLY IB 82 77.81 44.86 -62.98
N ILE IB 83 77.57 44.64 -61.69
CA ILE IB 83 76.19 44.55 -61.21
C ILE IB 83 75.56 45.93 -61.08
N HIS IB 84 76.35 46.94 -60.68
CA HIS IB 84 75.83 48.28 -60.49
C HIS IB 84 75.69 49.06 -61.79
N LYS IB 85 76.29 48.59 -62.88
CA LYS IB 85 76.21 49.30 -64.15
C LYS IB 85 74.92 49.03 -64.91
N VAL IB 86 74.26 47.90 -64.65
CA VAL IB 86 73.01 47.60 -65.33
C VAL IB 86 71.88 48.43 -64.73
N ASP IB 87 70.74 48.43 -65.42
CA ASP IB 87 69.64 49.32 -65.06
C ASP IB 87 68.80 48.73 -63.94
N ASP IB 88 67.86 49.54 -63.45
CA ASP IB 88 67.00 49.14 -62.34
C ASP IB 88 66.14 47.93 -62.68
N VAL IB 89 65.77 47.74 -63.94
CA VAL IB 89 64.95 46.58 -64.30
C VAL IB 89 65.68 45.29 -63.99
N VAL IB 90 66.95 45.19 -64.39
CA VAL IB 90 67.74 43.99 -64.10
C VAL IB 90 68.08 43.93 -62.62
N LYS IB 91 68.39 45.08 -62.01
CA LYS IB 91 68.79 45.08 -60.60
C LYS IB 91 67.64 44.63 -59.70
N ARG IB 92 66.40 44.97 -60.05
CA ARG IB 92 65.24 44.53 -59.29
C ARG IB 92 65.02 43.04 -59.40
N LEU IB 93 65.17 42.48 -60.61
CA LEU IB 93 65.02 41.04 -60.79
C LEU IB 93 66.11 40.26 -60.06
N LEU IB 94 67.32 40.80 -60.01
CA LEU IB 94 68.42 40.13 -59.33
C LEU IB 94 68.51 40.48 -57.85
N SER IB 95 67.43 41.00 -57.26
CA SER IB 95 67.41 41.38 -55.87
C SER IB 95 66.51 40.44 -55.07
N LEU IB 96 66.41 40.71 -53.77
CA LEU IB 96 65.56 39.92 -52.89
C LEU IB 96 64.08 40.21 -53.07
N GLU IB 97 63.72 41.26 -53.80
CA GLU IB 97 62.32 41.57 -54.03
C GLU IB 97 61.66 40.49 -54.88
N MET IB 98 62.38 39.96 -55.86
CA MET IB 98 61.89 38.88 -56.71
C MET IB 98 62.33 37.50 -56.23
N ALA IB 99 62.96 37.41 -55.06
CA ALA IB 99 63.51 36.15 -54.58
C ALA IB 99 62.53 35.42 -53.68
N ASN IB 100 62.84 34.16 -53.40
CA ASN IB 100 62.04 33.32 -52.53
C ASN IB 100 62.56 33.44 -51.09
N GLN IB 101 62.08 32.58 -50.20
CA GLN IB 101 62.52 32.60 -48.82
C GLN IB 101 63.85 31.90 -48.61
N LYS IB 102 64.19 30.91 -49.44
CA LYS IB 102 65.47 30.24 -49.30
C LYS IB 102 66.63 31.18 -49.61
N GLU IB 103 66.47 32.08 -50.58
CA GLU IB 103 67.51 33.07 -50.84
C GLU IB 103 67.72 33.96 -49.63
N LYS IB 104 66.64 34.40 -48.98
CA LYS IB 104 66.79 35.18 -47.76
C LYS IB 104 67.43 34.36 -46.65
N LEU IB 105 67.17 33.05 -46.60
CA LEU IB 105 67.86 32.20 -45.64
C LEU IB 105 69.36 32.19 -45.89
N LYS IB 106 69.78 32.04 -47.14
CA LYS IB 106 71.21 32.12 -47.46
C LYS IB 106 71.80 33.48 -47.10
N ILE IB 107 71.06 34.56 -47.39
CA ILE IB 107 71.57 35.89 -47.09
C ILE IB 107 71.73 36.10 -45.59
N LYS IB 108 70.74 35.67 -44.80
CA LYS IB 108 70.84 35.77 -43.35
C LYS IB 108 71.97 34.91 -42.82
N LYS IB 109 72.16 33.71 -43.37
CA LYS IB 109 73.30 32.89 -42.99
C LYS IB 109 74.62 33.58 -43.26
N MET IB 110 74.76 34.19 -44.44
CA MET IB 110 75.98 34.92 -44.78
C MET IB 110 76.21 36.09 -43.83
N GLN IB 111 75.17 36.88 -43.59
CA GLN IB 111 75.32 38.06 -42.72
C GLN IB 111 75.61 37.69 -41.28
N LEU IB 112 75.07 36.56 -40.79
CA LEU IB 112 75.35 36.12 -39.43
C LEU IB 112 76.74 35.50 -39.33
N MET IB 113 77.17 34.75 -40.35
CA MET IB 113 78.49 34.14 -40.33
C MET IB 113 79.61 35.17 -40.49
N ASN IB 114 79.35 36.27 -41.20
CA ASN IB 114 80.38 37.28 -41.37
C ASN IB 114 80.62 38.11 -40.11
N LYS IB 115 79.66 38.15 -39.18
CA LYS IB 115 79.81 38.95 -37.97
C LYS IB 115 80.03 38.12 -36.71
N VAL IB 116 79.50 36.90 -36.65
CA VAL IB 116 79.62 36.08 -35.45
C VAL IB 116 80.84 35.17 -35.52
N LEU IB 117 81.12 34.59 -36.67
CA LEU IB 117 82.20 33.64 -36.79
C LEU IB 117 83.55 34.37 -36.90
N GLU IB 118 84.63 33.60 -36.79
CA GLU IB 118 85.98 34.10 -37.02
C GLU IB 118 86.57 33.61 -38.33
N ASN IB 119 86.21 32.41 -38.76
CA ASN IB 119 86.66 31.86 -40.04
C ASN IB 119 85.46 31.42 -40.87
N PRO IB 120 85.00 32.23 -41.82
CA PRO IB 120 83.81 31.86 -42.59
C PRO IB 120 83.99 30.61 -43.45
N GLU IB 121 85.23 30.26 -43.80
CA GLU IB 121 85.45 29.10 -44.67
C GLU IB 121 85.30 27.78 -43.92
N ASP IB 122 85.64 27.74 -42.64
CA ASP IB 122 85.56 26.51 -41.85
C ASP IB 122 84.11 26.27 -41.46
N THR IB 123 83.38 25.58 -42.35
CA THR IB 123 81.98 25.27 -42.11
C THR IB 123 81.78 24.06 -41.22
N SER IB 124 82.67 23.06 -41.32
CA SER IB 124 82.55 21.85 -40.51
C SER IB 124 82.79 22.08 -39.02
N SER IB 125 83.01 23.33 -38.61
CA SER IB 125 83.27 23.63 -37.21
C SER IB 125 81.96 23.72 -36.42
N LEU IB 126 82.07 23.45 -35.12
CA LEU IB 126 80.88 23.39 -34.26
C LEU IB 126 80.16 24.74 -34.21
N GLU IB 127 80.91 25.84 -34.06
CA GLU IB 127 80.27 27.14 -33.99
C GLU IB 127 79.65 27.56 -35.32
N ALA IB 128 80.27 27.22 -36.45
CA ALA IB 128 79.64 27.48 -37.74
C ALA IB 128 78.35 26.69 -37.91
N ARG IB 129 78.35 25.42 -37.50
CA ARG IB 129 77.11 24.64 -37.55
C ARG IB 129 76.05 25.21 -36.62
N ILE IB 130 76.45 25.71 -35.45
CA ILE IB 130 75.50 26.31 -34.52
C ILE IB 130 74.87 27.55 -35.14
N VAL IB 131 75.66 28.40 -35.79
CA VAL IB 131 75.10 29.57 -36.45
C VAL IB 131 74.16 29.16 -37.58
N ALA IB 132 74.57 28.17 -38.38
CA ALA IB 132 73.74 27.71 -39.48
C ALA IB 132 72.40 27.17 -38.99
N LEU IB 133 72.39 26.43 -37.87
CA LEU IB 133 71.14 25.95 -37.32
C LEU IB 133 70.35 27.03 -36.60
N THR IB 134 71.02 28.07 -36.07
CA THR IB 134 70.28 29.19 -35.50
C THR IB 134 69.47 29.90 -36.57
N VAL IB 135 70.03 30.03 -37.78
CA VAL IB 135 69.25 30.59 -38.88
C VAL IB 135 67.99 29.77 -39.13
N LYS IB 136 68.14 28.45 -39.19
CA LYS IB 136 66.98 27.57 -39.44
C LYS IB 136 65.98 27.63 -38.29
N ILE IB 137 66.45 27.75 -37.05
CA ILE IB 137 65.54 27.86 -35.92
C ILE IB 137 64.74 29.15 -35.99
N ARG IB 138 65.39 30.27 -36.34
CA ARG IB 138 64.63 31.50 -36.52
C ARG IB 138 63.60 31.37 -37.63
N ASN IB 139 63.97 30.74 -38.74
CA ASN IB 139 63.01 30.50 -39.81
C ASN IB 139 61.84 29.64 -39.34
N TYR IB 140 62.12 28.60 -38.56
CA TYR IB 140 61.06 27.72 -38.08
C TYR IB 140 60.13 28.43 -37.11
N GLU IB 141 60.68 29.29 -36.24
CA GLU IB 141 59.82 30.08 -35.37
C GLU IB 141 58.95 31.06 -36.17
N GLU IB 142 59.51 31.66 -37.21
CA GLU IB 142 58.69 32.52 -38.06
C GLU IB 142 57.58 31.73 -38.74
N HIS IB 143 57.88 30.50 -39.19
CA HIS IB 143 56.85 29.65 -39.78
C HIS IB 143 55.77 29.27 -38.76
N MET IB 144 56.18 28.96 -37.53
CA MET IB 144 55.24 28.65 -36.46
C MET IB 144 54.33 29.83 -36.11
N GLN IB 145 54.86 31.05 -36.15
CA GLN IB 145 54.03 32.21 -35.83
C GLN IB 145 52.87 32.36 -36.82
N LYS IB 146 53.01 31.80 -38.02
CA LYS IB 146 51.94 31.85 -39.01
C LYS IB 146 51.07 30.60 -38.99
N HIS IB 147 51.69 29.42 -38.89
CA HIS IB 147 50.97 28.15 -38.90
C HIS IB 147 50.99 27.59 -37.48
N ARG IB 148 49.84 27.62 -36.82
CA ARG IB 148 49.76 27.18 -35.42
C ARG IB 148 49.54 25.67 -35.33
N LYS IB 149 48.72 25.12 -36.21
CA LYS IB 149 48.36 23.70 -36.17
C LYS IB 149 49.39 22.81 -36.84
N ASP IB 150 50.44 23.37 -37.42
CA ASP IB 150 51.48 22.58 -38.08
C ASP IB 150 52.29 21.84 -37.03
N LYS IB 151 52.15 20.52 -37.01
CA LYS IB 151 52.89 19.69 -36.06
C LYS IB 151 54.22 19.19 -36.60
N ALA IB 152 54.34 18.99 -37.91
CA ALA IB 152 55.60 18.54 -38.49
C ALA IB 152 56.70 19.58 -38.32
N HIS IB 153 56.42 20.83 -38.67
CA HIS IB 153 57.42 21.87 -38.49
C HIS IB 153 57.64 22.20 -37.03
N LYS IB 154 56.63 22.01 -36.18
CA LYS IB 154 56.84 22.11 -34.74
C LYS IB 154 57.83 21.07 -34.25
N ARG IB 155 57.69 19.83 -34.71
CA ARG IB 155 58.66 18.79 -34.38
C ARG IB 155 60.04 19.15 -34.90
N PHE IB 156 60.12 19.68 -36.12
CA PHE IB 156 61.41 20.08 -36.67
C PHE IB 156 62.07 21.16 -35.82
N LEU IB 157 61.30 22.17 -35.40
CA LEU IB 157 61.85 23.23 -34.58
C LEU IB 157 62.29 22.71 -33.22
N LEU IB 158 61.47 21.89 -32.58
CA LEU IB 158 61.82 21.37 -31.26
C LEU IB 158 63.02 20.44 -31.30
N MET IB 159 63.20 19.70 -32.39
CA MET IB 159 64.38 18.84 -32.54
C MET IB 159 65.63 19.63 -32.90
N SER IB 160 65.49 20.68 -33.71
CA SER IB 160 66.63 21.56 -33.99
C SER IB 160 67.08 22.29 -32.74
N ILE IB 161 66.16 22.67 -31.86
CA ILE IB 161 66.55 23.29 -30.59
C ILE IB 161 67.40 22.32 -29.77
N ASP IB 162 66.97 21.06 -29.68
CA ASP IB 162 67.75 20.07 -28.95
C ASP IB 162 69.11 19.82 -29.58
N GLN IB 163 69.17 19.77 -30.91
CA GLN IB 163 70.46 19.59 -31.59
C GLN IB 163 71.41 20.76 -31.30
N ARG IB 164 70.89 21.99 -31.38
CA ARG IB 164 71.72 23.16 -31.09
C ARG IB 164 72.18 23.16 -29.65
N LYS IB 165 71.30 22.75 -28.72
CA LYS IB 165 71.70 22.69 -27.31
C LYS IB 165 72.76 21.61 -27.09
N LYS IB 166 72.64 20.46 -27.75
CA LYS IB 166 73.64 19.41 -27.65
C LYS IB 166 75.00 19.90 -28.15
N MET IB 167 75.02 20.56 -29.31
CA MET IB 167 76.29 21.09 -29.81
C MET IB 167 76.81 22.24 -28.97
N LEU IB 168 75.93 23.02 -28.34
CA LEU IB 168 76.38 24.03 -27.40
C LEU IB 168 77.03 23.41 -26.18
N LYS IB 169 76.49 22.30 -25.69
CA LYS IB 169 77.14 21.57 -24.61
C LYS IB 169 78.51 21.05 -25.04
N ASN IB 170 78.59 20.50 -26.25
CA ASN IB 170 79.88 20.04 -26.76
C ASN IB 170 80.88 21.19 -26.89
N LEU IB 171 80.43 22.34 -27.39
CA LEU IB 171 81.31 23.51 -27.50
C LEU IB 171 81.73 24.01 -26.13
N ARG IB 172 80.83 24.00 -25.15
CA ARG IB 172 81.21 24.37 -23.79
C ARG IB 172 82.27 23.42 -23.22
N GLU IB 173 82.17 22.14 -23.53
CA GLU IB 173 83.18 21.18 -23.10
C GLU IB 173 84.51 21.34 -23.82
N THR IB 174 84.50 21.69 -25.10
CA THR IB 174 85.72 21.77 -25.91
C THR IB 174 86.38 23.14 -25.89
N ASN IB 175 85.69 24.19 -26.32
CA ASN IB 175 86.28 25.54 -26.42
C ASN IB 175 85.36 26.50 -25.67
N TYR IB 176 85.80 26.95 -24.49
CA TYR IB 176 84.96 27.76 -23.62
C TYR IB 176 84.82 29.20 -24.13
N ALA IB 177 85.91 29.81 -24.58
CA ALA IB 177 85.86 31.19 -25.04
C ALA IB 177 84.95 31.34 -26.25
N VAL IB 178 85.04 30.40 -27.20
CA VAL IB 178 84.15 30.43 -28.36
C VAL IB 178 82.70 30.22 -27.91
N PHE IB 179 82.48 29.36 -26.92
CA PHE IB 179 81.13 29.13 -26.43
C PHE IB 179 80.53 30.42 -25.85
N GLU IB 180 81.28 31.12 -25.02
CA GLU IB 180 80.78 32.39 -24.48
C GLU IB 180 80.60 33.43 -25.57
N LYS IB 181 81.48 33.47 -26.57
CA LYS IB 181 81.25 34.42 -27.66
C LYS IB 181 79.98 34.11 -28.44
N ILE IB 182 79.75 32.84 -28.76
CA ILE IB 182 78.54 32.46 -29.50
C ILE IB 182 77.30 32.78 -28.69
N CYS IB 183 77.29 32.47 -27.39
CA CYS IB 183 76.13 32.79 -26.58
C CYS IB 183 75.84 34.29 -26.57
N LYS IB 184 76.86 35.12 -26.41
CA LYS IB 184 76.66 36.57 -26.40
C LYS IB 184 76.18 37.11 -27.74
N GLU IB 185 76.74 36.65 -28.85
CA GLU IB 185 76.32 37.20 -30.14
C GLU IB 185 74.97 36.68 -30.58
N LEU IB 186 74.61 35.44 -30.24
CA LEU IB 186 73.33 34.89 -30.68
C LEU IB 186 72.22 35.06 -29.66
N GLY IB 187 72.52 35.56 -28.46
CA GLY IB 187 71.47 35.73 -27.47
C GLY IB 187 70.97 34.46 -26.85
N ILE IB 188 71.63 33.33 -27.10
CA ILE IB 188 71.18 32.04 -26.59
C ILE IB 188 71.62 31.90 -25.14
N GLU IB 189 70.67 31.59 -24.26
CA GLU IB 189 70.95 31.37 -22.84
C GLU IB 189 71.04 29.86 -22.62
N TYR IB 190 72.26 29.36 -22.48
CA TYR IB 190 72.48 27.94 -22.29
C TYR IB 190 72.15 27.55 -20.85
N THR IB 191 71.14 26.71 -20.68
CA THR IB 191 70.71 26.25 -19.36
C THR IB 191 71.21 24.83 -19.13
N PHE IB 192 71.59 24.55 -17.88
CA PHE IB 192 72.11 23.24 -17.53
C PHE IB 192 70.98 22.22 -17.41
N PRO IB 193 71.13 21.04 -17.99
CA PRO IB 193 70.13 19.99 -17.84
C PRO IB 193 69.80 19.75 -16.38
N PRO IB 194 68.54 19.92 -15.98
CA PRO IB 194 68.15 19.66 -14.60
C PRO IB 194 68.05 18.17 -14.33
N PRO IB 195 68.72 17.68 -13.29
CA PRO IB 195 68.63 16.24 -12.98
C PRO IB 195 67.24 15.87 -12.49
N TYR IB 196 66.94 14.58 -12.61
CA TYR IB 196 65.67 14.00 -12.15
C TYR IB 196 64.48 14.67 -12.83
N HIS IB 197 64.40 14.49 -14.15
CA HIS IB 197 63.27 15.00 -14.92
C HIS IB 197 61.98 14.35 -14.46
N ARG IB 198 61.10 15.13 -13.83
CA ARG IB 198 59.84 14.62 -13.32
C ARG IB 198 58.70 15.50 -13.79
N LYS IB 199 57.52 14.90 -13.94
CA LYS IB 199 56.32 15.65 -14.30
C LYS IB 199 55.72 16.23 -13.03
N ALA IB 200 55.76 17.55 -12.90
CA ALA IB 200 55.28 18.23 -11.70
C ALA IB 200 53.76 18.21 -11.69
N HIS IB 201 53.17 17.39 -10.83
CA HIS IB 201 51.73 17.28 -10.73
C HIS IB 201 51.20 18.19 -9.62
N ARG IB 202 49.86 18.24 -9.51
CA ARG IB 202 49.22 19.16 -8.59
C ARG IB 202 49.60 18.87 -7.13
N ARG IB 203 49.62 17.60 -6.74
CA ARG IB 203 49.96 17.24 -5.36
C ARG IB 203 51.36 17.69 -5.00
N TRP IB 204 52.35 17.38 -5.85
CA TRP IB 204 53.73 17.75 -5.58
C TRP IB 204 53.90 19.27 -5.57
N VAL IB 205 53.26 19.97 -6.50
CA VAL IB 205 53.37 21.42 -6.54
C VAL IB 205 52.80 22.04 -5.27
N THR IB 206 51.61 21.59 -4.85
CA THR IB 206 50.99 22.12 -3.65
C THR IB 206 51.83 21.83 -2.42
N LYS IB 207 52.34 20.60 -2.30
CA LYS IB 207 53.16 20.26 -1.13
C LYS IB 207 54.46 21.06 -1.10
N LYS IB 208 55.10 21.25 -2.26
CA LYS IB 208 56.31 22.06 -2.29
C LYS IB 208 56.02 23.50 -1.89
N ALA IB 209 54.92 24.07 -2.38
CA ALA IB 209 54.56 25.43 -1.99
C ALA IB 209 54.32 25.52 -0.50
N LEU IB 210 53.58 24.57 0.08
CA LEU IB 210 53.33 24.60 1.52
C LEU IB 210 54.64 24.49 2.32
N CYS IB 211 55.51 23.55 1.93
CA CYS IB 211 56.75 23.37 2.67
C CYS IB 211 57.64 24.61 2.60
N THR IB 212 57.75 25.22 1.41
CA THR IB 212 58.59 26.41 1.30
C THR IB 212 58.01 27.57 2.09
N GLN IB 213 56.68 27.75 2.05
CA GLN IB 213 56.06 28.79 2.86
C GLN IB 213 56.27 28.54 4.36
N VAL IB 214 56.15 27.29 4.79
CA VAL IB 214 56.37 26.95 6.20
C VAL IB 214 57.81 27.26 6.59
N PHE IB 215 58.76 26.92 5.73
CA PHE IB 215 60.16 27.22 6.03
C PHE IB 215 60.41 28.73 6.14
N ARG IB 216 59.84 29.51 5.21
CA ARG IB 216 60.02 30.95 5.30
C ARG IB 216 59.40 31.52 6.58
N GLU IB 217 58.20 31.06 6.94
CA GLU IB 217 57.58 31.52 8.18
C GLU IB 217 58.37 31.13 9.41
N VAL IB 218 58.91 29.90 9.44
CA VAL IB 218 59.70 29.46 10.58
C VAL IB 218 60.96 30.33 10.72
N GLN IB 219 61.67 30.57 9.62
CA GLN IB 219 62.86 31.40 9.72
C GLN IB 219 62.52 32.84 10.07
N LYS IB 220 61.39 33.36 9.60
CA LYS IB 220 60.96 34.71 9.99
C LYS IB 220 60.70 34.80 11.49
N LEU IB 221 59.96 33.83 12.05
CA LEU IB 221 59.68 33.87 13.47
C LEU IB 221 60.94 33.68 14.30
N LYS IB 222 61.87 32.83 13.84
CA LYS IB 222 63.13 32.69 14.56
C LYS IB 222 63.95 33.97 14.54
N LYS IB 223 63.96 34.68 13.39
CA LYS IB 223 64.65 35.96 13.33
C LYS IB 223 64.03 36.98 14.28
N GLN IB 224 62.69 37.03 14.32
CA GLN IB 224 62.02 37.94 15.24
C GLN IB 224 62.33 37.60 16.70
N LYS IB 225 62.35 36.30 17.03
CA LYS IB 225 62.70 35.89 18.39
C LYS IB 225 64.13 36.27 18.72
N ARG IB 226 65.05 36.11 17.77
CA ARG IB 226 66.43 36.51 18.00
C ARG IB 226 66.55 38.01 18.26
N ALA IB 227 65.84 38.82 17.48
CA ALA IB 227 65.85 40.27 17.73
C ALA IB 227 65.27 40.60 19.10
N LEU IB 228 64.17 39.97 19.48
CA LEU IB 228 63.56 40.22 20.78
C LEU IB 228 64.51 39.83 21.92
N ARG IB 229 65.17 38.69 21.79
CA ARG IB 229 66.13 38.26 22.82
C ARG IB 229 67.32 39.20 22.91
N ALA IB 230 67.83 39.66 21.76
CA ALA IB 230 68.93 40.62 21.78
C ALA IB 230 68.52 41.90 22.49
N ALA IB 231 67.33 42.41 22.17
CA ALA IB 231 66.82 43.60 22.85
C ALA IB 231 66.65 43.40 24.34
N ALA IB 232 66.10 42.25 24.76
CA ALA IB 232 65.91 41.97 26.17
C ALA IB 232 67.23 41.88 26.92
N VAL IB 233 68.23 41.23 26.32
CA VAL IB 233 69.53 41.11 26.98
C VAL IB 233 70.21 42.47 27.06
N ALA IB 234 70.13 43.27 25.99
CA ALA IB 234 70.71 44.61 26.00
C ALA IB 234 70.05 45.52 27.03
N ALA IB 235 68.72 45.42 27.19
CA ALA IB 235 68.04 46.22 28.20
C ALA IB 235 68.45 45.84 29.62
N HIS IB 236 68.64 44.55 29.90
CA HIS IB 236 69.05 44.11 31.22
C HIS IB 236 70.51 44.40 31.54
N LYS IB 237 71.40 44.32 30.55
CA LYS IB 237 72.82 44.52 30.84
C LYS IB 237 73.13 45.98 31.16
N GLN IB 238 72.31 46.91 30.67
CA GLN IB 238 72.59 48.33 30.89
C GLN IB 238 72.16 48.77 32.29
N GLY IB 239 70.89 48.57 32.63
CA GLY IB 239 70.38 48.97 33.93
C GLY IB 239 69.19 49.89 33.85
N ARG JB 10 84.51 -7.88 23.03
CA ARG JB 10 83.45 -6.96 23.43
C ARG JB 10 83.99 -5.83 24.31
N ALA JB 11 83.16 -4.81 24.51
CA ALA JB 11 83.58 -3.65 25.30
C ALA JB 11 83.63 -4.02 26.78
N TYR JB 12 84.72 -3.65 27.43
CA TYR JB 12 84.91 -3.89 28.85
C TYR JB 12 85.29 -2.58 29.55
N ARG JB 13 84.90 -2.48 30.82
CA ARG JB 13 85.24 -1.30 31.60
C ARG JB 13 86.71 -1.27 32.00
N GLY JB 14 87.33 -2.44 32.14
CA GLY JB 14 88.73 -2.52 32.51
C GLY JB 14 89.33 -3.89 32.27
N GLY JB 15 90.24 -4.31 33.13
CA GLY JB 15 90.87 -5.62 33.02
C GLY JB 15 92.32 -5.51 32.59
N HIS JB 16 92.98 -6.67 32.62
CA HIS JB 16 94.40 -6.75 32.32
C HIS JB 16 94.68 -7.95 31.42
N LEU JB 17 95.75 -7.84 30.64
CA LEU JB 17 96.18 -8.95 29.81
C LEU JB 17 96.77 -10.05 30.68
N THR JB 18 96.35 -11.29 30.44
CA THR JB 18 96.78 -12.42 31.26
C THR JB 18 97.15 -13.58 30.34
N ILE JB 19 98.33 -14.15 30.55
CA ILE JB 19 98.75 -15.36 29.86
C ILE JB 19 98.31 -16.55 30.71
N ARG JB 20 97.39 -17.35 30.18
CA ARG JB 20 96.74 -18.39 30.97
C ARG JB 20 96.55 -19.63 30.09
N LEU JB 21 95.82 -20.59 30.63
CA LEU JB 21 95.55 -21.86 29.95
C LEU JB 21 94.06 -21.93 29.65
N ALA JB 22 93.73 -22.13 28.38
CA ALA JB 22 92.34 -22.33 27.95
C ALA JB 22 92.09 -23.82 27.77
N LEU JB 23 91.21 -24.39 28.59
CA LEU JB 23 90.80 -25.79 28.46
C LEU JB 23 89.95 -25.91 27.20
N GLY JB 24 90.61 -26.27 26.10
CA GLY JB 24 89.89 -26.63 24.89
C GLY JB 24 90.21 -28.07 24.56
N GLY JB 25 89.26 -28.96 24.80
CA GLY JB 25 89.57 -30.37 24.69
C GLY JB 25 88.37 -31.28 24.62
N CYS JB 26 88.51 -32.49 25.16
CA CYS JB 26 87.54 -33.55 24.99
C CYS JB 26 87.28 -34.22 26.33
N THR JB 27 86.09 -34.79 26.48
CA THR JB 27 85.66 -35.33 27.76
C THR JB 27 86.60 -36.42 28.24
N ASN JB 28 87.00 -36.33 29.52
CA ASN JB 28 88.00 -37.21 30.12
C ASN JB 28 89.33 -37.17 29.36
N ARG JB 29 89.60 -36.08 28.65
CA ARG JB 29 90.82 -35.92 27.86
C ARG JB 29 91.10 -34.43 27.75
N PRO JB 30 91.65 -33.82 28.80
CA PRO JB 30 91.88 -32.38 28.79
C PRO JB 30 92.99 -32.00 27.81
N PHE JB 31 92.96 -30.73 27.40
CA PHE JB 31 94.04 -30.17 26.59
C PHE JB 31 93.97 -28.66 26.73
N TYR JB 32 95.09 -28.06 27.17
CA TYR JB 32 95.15 -26.62 27.44
C TYR JB 32 95.88 -25.92 26.31
N ARG JB 33 95.42 -24.74 25.96
CA ARG JB 33 96.13 -23.85 25.04
C ARG JB 33 96.70 -22.72 25.87
N ILE JB 34 98.03 -22.61 25.89
CA ILE JB 34 98.71 -21.49 26.56
C ILE JB 34 98.50 -20.26 25.68
N VAL JB 35 97.61 -19.36 26.12
CA VAL JB 35 97.21 -18.23 25.29
C VAL JB 35 97.18 -16.97 26.15
N ALA JB 36 97.43 -15.84 25.50
CA ALA JB 36 97.35 -14.52 26.12
C ALA JB 36 96.00 -13.92 25.78
N ALA JB 37 95.15 -13.73 26.80
CA ALA JB 37 93.80 -13.24 26.60
C ALA JB 37 93.47 -12.23 27.69
N HIS JB 38 92.37 -11.50 27.45
CA HIS JB 38 91.91 -10.51 28.41
C HIS JB 38 91.34 -11.20 29.65
N SER JB 39 91.43 -10.52 30.79
CA SER JB 39 90.99 -11.11 32.05
C SER JB 39 89.47 -11.23 32.14
N LYS JB 40 88.72 -10.37 31.47
CA LYS JB 40 87.26 -10.37 31.56
C LYS JB 40 86.59 -11.18 30.47
N CYS JB 41 87.36 -11.81 29.59
CA CYS JB 41 86.80 -12.67 28.56
C CYS JB 41 86.66 -14.09 29.09
N PRO JB 42 85.77 -14.89 28.49
CA PRO JB 42 85.63 -16.28 28.93
C PRO JB 42 86.89 -17.10 28.66
N ARG JB 43 86.95 -18.26 29.31
CA ARG JB 43 88.14 -19.10 29.23
C ARG JB 43 88.41 -19.54 27.79
N ASP JB 44 87.37 -19.96 27.09
CA ASP JB 44 87.49 -20.39 25.70
C ASP JB 44 87.03 -19.32 24.72
N GLY JB 45 87.03 -18.06 25.14
CA GLY JB 45 86.55 -16.96 24.32
C GLY JB 45 87.64 -16.31 23.51
N ARG JB 46 87.43 -15.03 23.19
CA ARG JB 46 88.37 -14.28 22.38
C ARG JB 46 89.71 -14.12 23.08
N PHE JB 47 90.80 -14.24 22.32
CA PHE JB 47 92.14 -14.09 22.86
C PHE JB 47 92.95 -13.19 21.92
N VAL JB 48 94.13 -12.81 22.39
CA VAL JB 48 95.00 -11.89 21.64
C VAL JB 48 95.90 -12.68 20.69
N GLU JB 49 96.73 -13.56 21.25
CA GLU JB 49 97.67 -14.33 20.46
C GLU JB 49 97.95 -15.65 21.16
N GLN JB 50 97.93 -16.74 20.40
CA GLN JB 50 98.20 -18.06 20.96
C GLN JB 50 99.71 -18.28 21.10
N LEU JB 51 100.11 -18.88 22.22
CA LEU JB 51 101.51 -19.07 22.54
C LEU JB 51 101.93 -20.54 22.42
N GLY JB 52 101.24 -21.44 23.09
CA GLY JB 52 101.63 -22.85 23.06
C GLY JB 52 100.55 -23.82 23.45
N SER JB 53 100.92 -25.07 23.72
CA SER JB 53 99.97 -26.11 24.06
C SER JB 53 100.45 -26.88 25.28
N TYR JB 54 99.51 -27.49 26.00
CA TYR JB 54 99.79 -28.25 27.21
C TYR JB 54 98.93 -29.50 27.19
N ASP JB 55 99.58 -30.66 27.38
CA ASP JB 55 98.93 -31.96 27.25
C ASP JB 55 98.92 -32.66 28.60
N PRO JB 56 97.78 -32.73 29.29
CA PRO JB 56 97.78 -33.28 30.66
C PRO JB 56 97.98 -34.79 30.73
N LEU JB 57 97.71 -35.53 29.66
CA LEU JB 57 97.84 -36.98 29.77
C LEU JB 57 99.19 -37.45 29.23
N PRO JB 58 99.73 -38.54 29.77
CA PRO JB 58 100.95 -39.12 29.19
C PRO JB 58 100.64 -39.87 27.90
N ASN JB 59 101.58 -39.77 26.95
CA ASN JB 59 101.42 -40.38 25.65
C ASN JB 59 102.00 -41.80 25.66
N SER JB 60 102.15 -42.39 24.48
CA SER JB 60 102.63 -43.77 24.39
C SER JB 60 104.04 -43.91 24.94
N HIS JB 61 104.93 -42.99 24.60
CA HIS JB 61 106.30 -43.02 25.10
C HIS JB 61 106.39 -42.61 26.56
N GLY JB 62 105.39 -41.89 27.08
CA GLY JB 62 105.36 -41.59 28.50
C GLY JB 62 105.96 -40.27 28.92
N GLU JB 63 105.85 -39.24 28.08
CA GLU JB 63 106.28 -37.90 28.45
C GLU JB 63 105.09 -36.95 28.42
N LYS JB 64 105.14 -35.93 29.27
CA LYS JB 64 104.12 -34.90 29.34
C LYS JB 64 104.57 -33.71 28.48
N LEU JB 65 103.87 -33.50 27.38
CA LEU JB 65 104.35 -32.66 26.28
C LEU JB 65 103.75 -31.25 26.43
N VAL JB 66 104.62 -30.23 26.50
CA VAL JB 66 104.21 -28.85 26.76
C VAL JB 66 104.96 -27.94 25.77
N ALA JB 67 104.25 -26.97 25.19
CA ALA JB 67 104.83 -26.06 24.22
C ALA JB 67 104.90 -24.65 24.78
N LEU JB 68 106.03 -23.98 24.57
CA LEU JB 68 106.20 -22.58 24.95
C LEU JB 68 106.75 -21.81 23.76
N ASN JB 69 106.12 -20.67 23.44
CA ASN JB 69 106.65 -19.75 22.44
C ASN JB 69 107.39 -18.64 23.18
N PHE JB 70 108.60 -18.99 23.65
CA PHE JB 70 109.34 -18.14 24.57
C PHE JB 70 109.51 -16.71 24.07
N ASP JB 71 109.75 -16.51 22.77
CA ASP JB 71 109.96 -15.16 22.27
C ASP JB 71 108.71 -14.30 22.45
N ARG JB 72 107.57 -14.78 21.97
CA ARG JB 72 106.34 -14.01 22.13
C ARG JB 72 105.92 -13.91 23.59
N ILE JB 73 106.20 -14.94 24.39
CA ILE JB 73 105.86 -14.91 25.81
C ILE JB 73 106.63 -13.79 26.51
N ARG JB 74 107.94 -13.73 26.31
CA ARG JB 74 108.72 -12.67 26.92
C ARG JB 74 108.36 -11.30 26.36
N HIS JB 75 108.04 -11.21 25.06
CA HIS JB 75 107.57 -9.95 24.50
C HIS JB 75 106.30 -9.47 25.21
N TRP JB 76 105.30 -10.32 25.33
CA TRP JB 76 104.05 -9.92 25.96
C TRP JB 76 104.22 -9.63 27.44
N ILE JB 77 105.08 -10.41 28.12
CA ILE JB 77 105.30 -10.18 29.54
C ILE JB 77 106.02 -8.85 29.76
N GLY JB 78 106.96 -8.50 28.89
CA GLY JB 78 107.49 -7.14 28.92
C GLY JB 78 106.47 -6.08 28.61
N CYS JB 79 105.53 -6.37 27.70
CA CYS JB 79 104.44 -5.46 27.40
C CYS JB 79 103.46 -5.30 28.56
N GLY JB 80 103.44 -6.24 29.49
CA GLY JB 80 102.57 -6.09 30.66
C GLY JB 80 101.54 -7.17 30.85
N ALA JB 81 101.84 -8.41 30.44
CA ALA JB 81 100.92 -9.52 30.58
C ALA JB 81 101.07 -10.17 31.95
N HIS JB 82 99.95 -10.31 32.66
CA HIS JB 82 99.95 -11.02 33.94
C HIS JB 82 100.00 -12.53 33.71
N LEU JB 83 100.36 -13.25 34.76
CA LEU JB 83 100.58 -14.69 34.67
C LEU JB 83 99.70 -15.41 35.69
N SER JB 84 99.27 -16.61 35.35
CA SER JB 84 98.50 -17.45 36.25
C SER JB 84 99.39 -18.48 36.92
N LYS JB 85 98.93 -19.00 38.06
CA LYS JB 85 99.76 -19.88 38.87
C LYS JB 85 100.19 -21.15 38.15
N PRO JB 86 99.31 -21.93 37.49
CA PRO JB 86 99.80 -23.09 36.73
C PRO JB 86 100.76 -22.73 35.62
N VAL JB 87 100.57 -21.57 34.98
CA VAL JB 87 101.51 -21.11 33.96
C VAL JB 87 102.88 -20.86 34.60
N GLU JB 88 102.89 -20.28 35.80
CA GLU JB 88 104.15 -20.11 36.53
C GLU JB 88 104.80 -21.46 36.83
N LYS JB 89 104.01 -22.46 37.25
CA LYS JB 89 104.59 -23.77 37.51
C LYS JB 89 105.22 -24.36 36.25
N LEU JB 90 104.49 -24.29 35.12
CA LEU JB 90 105.02 -24.82 33.87
C LEU JB 90 106.28 -24.09 33.42
N LEU JB 91 106.28 -22.75 33.54
CA LEU JB 91 107.45 -21.97 33.13
C LEU JB 91 108.65 -22.24 34.04
N GLY JB 92 108.42 -22.43 35.34
CA GLY JB 92 109.50 -22.80 36.22
C GLY JB 92 110.05 -24.18 35.93
N LEU JB 93 109.17 -25.13 35.61
CA LEU JB 93 109.63 -26.47 35.23
C LEU JB 93 110.42 -26.43 33.93
N SER JB 94 110.03 -25.58 32.99
CA SER JB 94 110.75 -25.47 31.73
C SER JB 94 112.16 -24.91 31.90
N GLY JB 95 112.40 -24.15 32.96
CA GLY JB 95 113.68 -23.49 33.16
C GLY JB 95 113.74 -22.06 32.70
N PHE JB 96 112.67 -21.54 32.11
CA PHE JB 96 112.65 -20.13 31.70
C PHE JB 96 112.50 -19.20 32.90
N TYR JB 97 111.82 -19.64 33.95
CA TYR JB 97 111.53 -18.85 35.13
C TYR JB 97 111.95 -19.61 36.38
N PRO JB 98 112.20 -18.90 37.49
CA PRO JB 98 112.51 -19.59 38.75
C PRO JB 98 111.34 -20.44 39.22
N LEU JB 99 111.69 -21.50 39.96
CA LEU JB 99 110.68 -22.43 40.45
C LEU JB 99 109.71 -21.72 41.39
N HIS JB 100 108.43 -22.03 41.22
CA HIS JB 100 107.41 -21.45 42.08
C HIS JB 100 107.49 -22.05 43.48
N PRO JB 101 107.45 -21.24 44.53
CA PRO JB 101 107.56 -21.80 45.90
C PRO JB 101 106.43 -22.73 46.27
N MET JB 102 105.29 -22.63 45.59
CA MET JB 102 104.17 -23.53 45.88
C MET JB 102 104.55 -24.97 45.55
N MET JB 103 105.28 -25.17 44.45
CA MET JB 103 105.82 -26.49 44.14
C MET JB 103 106.78 -26.99 45.21
N ILE JB 104 107.65 -26.11 45.71
CA ILE JB 104 108.61 -26.51 46.73
C ILE JB 104 107.89 -26.94 48.01
N THR JB 105 106.91 -26.15 48.45
CA THR JB 105 106.21 -26.50 49.68
C THR JB 105 105.35 -27.75 49.49
N ASN JB 106 104.80 -27.95 48.28
CA ASN JB 106 104.08 -29.20 48.03
C ASN JB 106 105.01 -30.40 48.02
N ALA JB 107 106.23 -30.25 47.51
CA ALA JB 107 107.19 -31.34 47.56
C ALA JB 107 107.58 -31.66 48.99
N GLU JB 108 107.76 -30.63 49.82
CA GLU JB 108 108.05 -30.87 51.24
C GLU JB 108 106.88 -31.56 51.94
N ARG JB 109 105.65 -31.15 51.63
CA ARG JB 109 104.48 -31.82 52.19
C ARG JB 109 104.41 -33.27 51.74
N LEU JB 110 104.73 -33.54 50.48
CA LEU JB 110 104.76 -34.92 50.00
C LEU JB 110 105.84 -35.72 50.72
N ARG JB 111 106.99 -35.09 50.98
CA ARG JB 111 108.04 -35.75 51.75
C ARG JB 111 107.55 -36.15 53.12
N ARG JB 112 106.84 -35.23 53.79
CA ARG JB 112 106.26 -35.53 55.10
C ARG JB 112 105.19 -36.61 55.03
N LYS JB 113 104.37 -36.62 53.97
CA LYS JB 113 103.40 -37.70 53.82
C LYS JB 113 104.08 -39.05 53.63
N ARG JB 114 105.14 -39.12 52.84
CA ARG JB 114 105.87 -40.39 52.72
C ARG JB 114 106.49 -40.80 54.04
N ALA JB 115 107.03 -39.84 54.81
CA ALA JB 115 107.60 -40.16 56.11
C ALA JB 115 106.55 -40.72 57.07
N ARG JB 116 105.39 -40.07 57.17
CA ARG JB 116 104.34 -40.61 58.04
C ARG JB 116 103.81 -41.94 57.52
N GLU JB 117 103.73 -42.10 56.19
CA GLU JB 117 103.27 -43.38 55.64
C GLU JB 117 104.21 -44.51 56.02
N VAL JB 118 105.52 -44.31 55.88
CA VAL JB 118 106.46 -45.39 56.23
C VAL JB 118 106.45 -45.62 57.74
N LEU JB 119 106.28 -44.56 58.53
CA LEU JB 119 106.21 -44.74 59.98
C LEU JB 119 105.01 -45.61 60.36
N LEU JB 120 103.83 -45.28 59.84
CA LEU JB 120 102.64 -46.07 60.13
C LEU JB 120 102.75 -47.49 59.59
N ALA JB 121 103.34 -47.66 58.41
CA ALA JB 121 103.53 -48.99 57.86
C ALA JB 121 104.44 -49.84 58.73
N SER JB 122 105.54 -49.25 59.23
CA SER JB 122 106.41 -49.97 60.14
C SER JB 122 105.73 -50.30 61.46
N GLN JB 123 104.94 -49.37 62.00
CA GLN JB 123 104.28 -49.60 63.27
C GLN JB 123 103.12 -50.59 63.17
N LYS JB 124 102.50 -50.72 61.99
CA LYS JB 124 101.38 -51.64 61.82
C LYS JB 124 101.83 -53.08 61.60
N THR JB 125 103.11 -53.30 61.32
CA THR JB 125 103.59 -54.64 60.98
C THR JB 125 103.99 -55.46 62.20
N ASP JB 126 104.64 -54.85 63.19
CA ASP JB 126 105.13 -55.58 64.35
C ASP JB 126 103.99 -56.20 65.16
N SER KB 2 104.66 16.79 13.01
CA SER KB 2 103.86 16.56 11.81
C SER KB 2 102.54 15.88 12.14
N ILE KB 3 101.82 16.43 13.10
CA ILE KB 3 100.54 15.88 13.54
C ILE KB 3 99.47 16.51 12.64
N ALA KB 4 99.26 15.91 11.47
CA ALA KB 4 98.24 16.37 10.52
C ALA KB 4 97.73 15.14 9.78
N ARG KB 5 96.63 14.58 10.25
CA ARG KB 5 96.10 13.32 9.74
C ARG KB 5 94.58 13.41 9.61
N SER KB 6 94.05 12.66 8.65
CA SER KB 6 92.62 12.59 8.39
C SER KB 6 92.14 11.17 8.61
N SER KB 7 90.93 11.03 9.15
CA SER KB 7 90.35 9.72 9.42
C SER KB 7 89.65 9.11 8.22
N VAL KB 8 89.53 9.84 7.12
CA VAL KB 8 88.85 9.33 5.92
C VAL KB 8 89.85 8.58 5.07
N HIS KB 9 89.35 7.58 4.32
CA HIS KB 9 90.21 6.81 3.44
C HIS KB 9 90.59 7.59 2.20
N ALA KB 10 89.76 8.53 1.78
CA ALA KB 10 89.99 9.30 0.55
C ALA KB 10 91.01 10.40 0.84
N LYS KB 11 92.28 9.99 0.88
CA LYS KB 11 93.37 10.94 1.06
C LYS KB 11 93.46 11.90 -0.13
N TRP KB 12 93.35 11.36 -1.34
CA TRP KB 12 93.39 12.15 -2.56
C TRP KB 12 92.41 11.56 -3.55
N VAL KB 13 91.52 12.38 -4.10
CA VAL KB 13 90.51 11.93 -5.05
C VAL KB 13 90.43 12.89 -6.23
N VAL KB 14 89.88 12.41 -7.33
CA VAL KB 14 89.67 13.21 -8.53
C VAL KB 14 88.22 13.08 -8.96
N GLY KB 15 87.59 14.21 -9.27
CA GLY KB 15 86.18 14.17 -9.64
C GLY KB 15 85.79 15.34 -10.50
N LYS KB 16 84.57 15.26 -11.02
CA LYS KB 16 84.00 16.35 -11.81
C LYS KB 16 83.08 17.20 -10.94
N VAL KB 17 83.11 18.51 -11.19
CA VAL KB 17 82.30 19.45 -10.43
C VAL KB 17 80.85 19.34 -10.91
N ILE KB 18 79.94 19.11 -9.97
CA ILE KB 18 78.52 18.97 -10.29
C ILE KB 18 77.83 20.32 -10.22
N GLY KB 19 77.85 20.92 -9.03
CA GLY KB 19 77.18 22.20 -8.82
C GLY KB 19 77.98 23.17 -7.99
N THR KB 20 77.84 24.46 -8.27
CA THR KB 20 78.54 25.52 -7.55
C THR KB 20 77.57 26.51 -6.93
N ALA KB 21 76.36 26.06 -6.61
CA ALA KB 21 75.37 26.94 -6.01
C ALA KB 21 75.76 27.35 -4.59
N MET KB 22 76.46 26.48 -3.87
CA MET KB 22 76.88 26.78 -2.52
C MET KB 22 78.03 27.78 -2.55
N GLN KB 23 78.01 28.74 -1.62
CA GLN KB 23 79.05 29.76 -1.57
C GLN KB 23 80.34 29.18 -0.99
N LYS KB 24 81.42 29.28 -1.76
CA LYS KB 24 82.75 28.82 -1.35
C LYS KB 24 82.76 27.31 -1.06
N THR KB 25 81.74 26.62 -1.54
CA THR KB 25 81.66 25.16 -1.38
C THR KB 25 81.35 24.55 -2.73
N ALA KB 26 82.10 23.53 -3.11
CA ALA KB 26 81.93 22.84 -4.38
C ALA KB 26 81.39 21.43 -4.15
N LYS KB 27 80.48 21.02 -5.02
CA LYS KB 27 79.90 19.68 -4.98
C LYS KB 27 80.51 18.88 -6.13
N VAL KB 28 81.31 17.88 -5.80
CA VAL KB 28 82.08 17.12 -6.78
C VAL KB 28 81.55 15.69 -6.81
N ARG KB 29 81.74 15.00 -7.93
CA ARG KB 29 81.35 13.61 -8.08
C ARG KB 29 82.58 12.81 -8.50
N VAL KB 30 83.02 11.91 -7.61
CA VAL KB 30 84.16 11.04 -7.90
C VAL KB 30 83.62 9.71 -8.41
N THR KB 31 84.23 9.19 -9.47
CA THR KB 31 83.84 7.92 -10.07
C THR KB 31 84.97 6.91 -9.86
N ARG KB 32 84.65 5.82 -9.18
CA ARG KB 32 85.60 4.75 -8.94
C ARG KB 32 85.16 3.50 -9.70
N LEU KB 33 86.04 2.52 -9.76
CA LEU KB 33 85.77 1.26 -10.45
C LEU KB 33 85.52 0.19 -9.40
N VAL KB 34 84.34 -0.44 -9.45
CA VAL KB 34 83.96 -1.48 -8.52
C VAL KB 34 83.72 -2.76 -9.30
N LEU KB 35 84.22 -3.88 -8.77
CA LEU KB 35 84.05 -5.17 -9.42
C LEU KB 35 82.71 -5.78 -9.04
N ASP KB 36 81.96 -6.21 -10.04
CA ASP KB 36 80.73 -6.95 -9.77
C ASP KB 36 81.09 -8.38 -9.41
N PRO KB 37 80.69 -8.88 -8.24
CA PRO KB 37 81.07 -10.25 -7.84
C PRO KB 37 80.52 -11.32 -8.77
N TYR KB 38 79.45 -11.04 -9.50
CA TYR KB 38 78.84 -12.03 -10.38
C TYR KB 38 79.35 -11.92 -11.81
N LEU KB 39 79.26 -10.73 -12.41
CA LEU KB 39 79.70 -10.57 -13.79
C LEU KB 39 81.20 -10.47 -13.94
N LEU KB 40 81.93 -10.26 -12.84
CA LEU KB 40 83.39 -10.09 -12.87
C LEU KB 40 83.79 -8.96 -13.82
N LYS KB 41 83.04 -7.86 -13.78
CA LYS KB 41 83.30 -6.71 -14.62
C LYS KB 41 83.38 -5.46 -13.75
N TYR KB 42 84.17 -4.49 -14.22
CA TYR KB 42 84.37 -3.25 -13.49
C TYR KB 42 83.39 -2.19 -13.96
N PHE KB 43 82.63 -1.63 -13.03
CA PHE KB 43 81.64 -0.61 -13.34
C PHE KB 43 81.93 0.66 -12.54
N ASN KB 44 81.49 1.78 -13.10
CA ASN KB 44 81.76 3.10 -12.53
C ASN KB 44 80.72 3.40 -11.45
N LYS KB 45 81.17 3.48 -10.20
CA LYS KB 45 80.33 3.88 -9.08
C LYS KB 45 80.62 5.33 -8.73
N ARG KB 46 79.58 6.14 -8.65
CA ARG KB 46 79.70 7.56 -8.37
C ARG KB 46 79.49 7.83 -6.89
N LYS KB 47 80.17 8.86 -6.39
CA LYS KB 47 80.00 9.29 -5.00
C LYS KB 47 80.16 10.80 -4.93
N THR KB 48 79.25 11.45 -4.23
CA THR KB 48 79.25 12.90 -4.10
C THR KB 48 80.08 13.33 -2.88
N TYR KB 49 80.95 14.31 -3.09
CA TYR KB 49 81.79 14.84 -2.03
C TYR KB 49 81.64 16.36 -1.97
N PHE KB 50 81.74 16.90 -0.75
CA PHE KB 50 81.73 18.33 -0.53
C PHE KB 50 83.15 18.83 -0.33
N ALA KB 51 83.50 19.93 -0.99
CA ALA KB 51 84.85 20.48 -0.92
C ALA KB 51 84.78 21.96 -0.64
N HIS KB 52 85.83 22.47 0.01
CA HIS KB 52 85.94 23.88 0.34
C HIS KB 52 86.75 24.59 -0.75
N ASP KB 53 86.12 25.54 -1.43
CA ASP KB 53 86.76 26.35 -2.46
C ASP KB 53 86.85 27.77 -1.93
N ALA KB 54 87.98 28.09 -1.29
CA ALA KB 54 88.15 29.41 -0.69
C ALA KB 54 88.10 30.52 -1.73
N LEU KB 55 88.72 30.29 -2.89
CA LEU KB 55 88.80 31.33 -3.92
C LEU KB 55 87.58 31.36 -4.82
N GLN KB 56 86.72 30.34 -4.78
CA GLN KB 56 85.50 30.27 -5.59
C GLN KB 56 85.81 30.45 -7.08
N GLN KB 57 86.62 29.53 -7.60
CA GLN KB 57 86.99 29.55 -9.01
C GLN KB 57 86.50 28.32 -9.77
N CYS KB 58 86.01 27.29 -9.09
CA CYS KB 58 85.55 26.08 -9.74
C CYS KB 58 84.20 26.33 -10.40
N THR KB 59 84.10 25.98 -11.69
CA THR KB 59 82.85 26.08 -12.42
C THR KB 59 82.35 24.66 -12.75
N VAL KB 60 81.18 24.60 -13.38
CA VAL KB 60 80.54 23.32 -13.68
C VAL KB 60 81.25 22.71 -14.88
N GLY KB 61 81.93 21.59 -14.65
CA GLY KB 61 82.63 20.89 -15.72
C GLY KB 61 84.12 20.81 -15.53
N ASP KB 62 84.59 21.07 -14.31
CA ASP KB 62 86.02 21.06 -14.01
C ASP KB 62 86.44 19.72 -13.45
N ILE KB 63 87.59 19.24 -13.89
CA ILE KB 63 88.22 18.07 -13.29
C ILE KB 63 89.07 18.56 -12.12
N VAL KB 64 88.74 18.10 -10.91
CA VAL KB 64 89.26 18.68 -9.68
C VAL KB 64 89.90 17.60 -8.83
N LEU KB 65 91.11 17.88 -8.36
CA LEU KB 65 91.80 17.05 -7.37
C LEU KB 65 91.46 17.55 -5.98
N LEU KB 66 91.24 16.62 -5.06
CA LEU KB 66 90.87 16.94 -3.69
C LEU KB 66 91.76 16.21 -2.70
N LYS KB 67 92.19 16.94 -1.67
CA LYS KB 67 93.01 16.43 -0.59
C LYS KB 67 92.16 16.35 0.67
N ALA KB 68 92.37 15.29 1.45
CA ALA KB 68 91.59 15.09 2.67
C ALA KB 68 91.90 16.19 3.68
N LEU KB 69 90.87 16.84 4.19
CA LEU KB 69 91.06 17.90 5.15
C LEU KB 69 91.44 17.32 6.52
N PRO KB 70 92.49 17.85 7.16
CA PRO KB 70 92.87 17.32 8.48
C PRO KB 70 91.77 17.45 9.52
N VAL KB 71 90.98 18.52 9.47
CA VAL KB 71 89.85 18.71 10.38
C VAL KB 71 88.62 19.03 9.55
N PRO KB 72 87.50 18.35 9.76
CA PRO KB 72 86.28 18.67 9.00
C PRO KB 72 85.65 19.96 9.51
N ARG KB 73 85.45 20.91 8.61
CA ARG KB 73 84.81 22.17 9.00
C ARG KB 73 83.37 21.94 9.42
N THR KB 74 82.65 21.08 8.72
CA THR KB 74 81.29 20.70 9.10
C THR KB 74 81.20 19.18 9.09
N LYS KB 75 79.98 18.66 9.25
CA LYS KB 75 79.76 17.22 9.24
C LYS KB 75 79.65 16.64 7.84
N HIS KB 76 79.64 17.49 6.81
CA HIS KB 76 79.55 17.04 5.43
C HIS KB 76 80.70 17.49 4.55
N VAL KB 77 81.49 18.48 4.99
CA VAL KB 77 82.64 18.96 4.23
C VAL KB 77 83.89 18.43 4.92
N LYS KB 78 84.61 17.55 4.22
CA LYS KB 78 85.82 16.93 4.76
C LYS KB 78 86.97 16.97 3.77
N HIS KB 79 86.87 17.77 2.72
CA HIS KB 79 87.90 17.85 1.68
C HIS KB 79 88.11 19.33 1.33
N GLU KB 80 89.18 19.58 0.57
CA GLU KB 80 89.48 20.92 0.11
C GLU KB 80 89.94 20.85 -1.33
N LEU KB 81 89.66 21.90 -2.10
CA LEU KB 81 90.13 21.98 -3.48
C LEU KB 81 91.64 22.15 -3.49
N ALA KB 82 92.34 21.15 -4.04
CA ALA KB 82 93.80 21.20 -4.13
C ALA KB 82 94.25 21.90 -5.40
N GLU KB 83 93.89 21.35 -6.55
CA GLU KB 83 94.24 21.93 -7.84
C GLU KB 83 93.14 21.59 -8.84
N ILE KB 84 92.97 22.48 -9.82
CA ILE KB 84 92.08 22.22 -10.95
C ILE KB 84 92.92 21.57 -12.04
N ILE KB 85 92.51 20.37 -12.47
CA ILE KB 85 93.30 19.62 -13.43
C ILE KB 85 92.94 20.02 -14.85
N PHE KB 86 91.65 20.06 -15.16
CA PHE KB 86 91.16 20.44 -16.49
C PHE KB 86 90.00 21.41 -16.33
N LYS KB 87 90.21 22.66 -16.68
CA LYS KB 87 89.11 23.62 -16.74
C LYS KB 87 88.20 23.28 -17.91
N VAL KB 88 86.90 23.54 -17.73
CA VAL KB 88 85.94 23.22 -18.76
C VAL KB 88 86.13 24.16 -19.96
N GLY KB 89 86.21 23.58 -21.15
CA GLY KB 89 86.36 24.36 -22.36
C GLY KB 89 87.74 24.93 -22.59
N GLN KB 90 88.52 25.07 -21.52
CA GLN KB 90 89.89 25.57 -21.58
C GLN KB 90 90.80 24.49 -21.00
N VAL KB 91 91.29 23.62 -21.88
CA VAL KB 91 92.17 22.52 -21.49
C VAL KB 91 93.58 22.86 -21.91
N ILE KB 92 94.53 22.68 -20.99
CA ILE KB 92 95.95 22.89 -21.25
C ILE KB 92 96.63 21.53 -21.21
N ASP KB 93 97.28 21.14 -22.29
CA ASP KB 93 97.91 19.83 -22.37
C ASP KB 93 99.12 19.79 -21.44
N PRO KB 94 99.13 18.91 -20.43
CA PRO KB 94 100.28 18.87 -19.51
C PRO KB 94 101.58 18.45 -20.17
N VAL KB 95 101.52 17.59 -21.19
CA VAL KB 95 102.76 17.12 -21.81
C VAL KB 95 103.40 18.20 -22.67
N THR KB 96 102.60 19.02 -23.35
CA THR KB 96 103.12 20.04 -24.24
C THR KB 96 103.01 21.45 -23.67
N GLY KB 97 102.09 21.70 -22.74
CA GLY KB 97 101.92 23.02 -22.20
C GLY KB 97 101.19 23.98 -23.11
N LYS KB 98 100.43 23.48 -24.08
CA LYS KB 98 99.72 24.31 -25.03
C LYS KB 98 98.22 24.18 -24.82
N PRO KB 99 97.45 25.23 -25.13
CA PRO KB 99 95.98 25.10 -25.08
C PRO KB 99 95.49 24.16 -26.18
N CYS KB 100 94.44 23.41 -25.87
CA CYS KB 100 93.85 22.49 -26.83
C CYS KB 100 92.33 22.56 -26.73
N ALA KB 101 91.67 22.32 -27.87
CA ALA KB 101 90.23 22.28 -27.95
C ALA KB 101 89.84 20.85 -28.33
N GLY KB 102 89.69 20.00 -27.32
CA GLY KB 102 89.40 18.61 -27.54
C GLY KB 102 90.57 17.85 -28.14
N THR KB 103 90.46 17.45 -29.39
CA THR KB 103 91.52 16.73 -30.08
C THR KB 103 92.33 17.63 -31.02
N THR KB 104 92.05 18.93 -31.04
CA THR KB 104 92.72 19.86 -31.93
C THR KB 104 93.55 20.85 -31.12
N TYR KB 105 94.77 21.11 -31.59
CA TYR KB 105 95.65 22.05 -30.92
C TYR KB 105 95.26 23.48 -31.28
N LEU KB 106 95.00 24.29 -30.26
CA LEU KB 106 94.73 25.71 -30.50
C LEU KB 106 95.99 26.45 -30.92
N GLU KB 107 97.11 26.17 -30.26
CA GLU KB 107 98.40 26.74 -30.61
C GLU KB 107 99.37 25.61 -30.90
N SER KB 108 99.94 25.60 -32.11
CA SER KB 108 100.85 24.53 -32.48
C SER KB 108 102.18 24.69 -31.74
N PRO KB 109 102.71 23.59 -31.18
CA PRO KB 109 104.01 23.68 -30.49
C PRO KB 109 105.21 23.76 -31.42
N ILE KB 110 105.02 23.59 -32.73
CA ILE KB 110 106.11 23.62 -33.69
C ILE KB 110 106.35 25.05 -34.16
N SER KB 111 105.67 26.01 -33.53
CA SER KB 111 105.82 27.43 -33.84
C SER KB 111 106.11 28.17 -32.54
N PRO KB 112 107.33 28.06 -32.02
CA PRO KB 112 107.64 28.74 -30.75
C PRO KB 112 107.49 30.25 -30.83
N GLU KB 113 107.82 30.85 -31.97
CA GLU KB 113 107.73 32.30 -32.12
C GLU KB 113 106.93 32.67 -33.37
N ILE LB 64 -56.41 -116.27 110.66
CA ILE LB 64 -55.49 -115.54 109.79
C ILE LB 64 -56.21 -115.09 108.53
N GLN LB 65 -57.19 -115.88 108.08
CA GLN LB 65 -58.01 -115.46 106.96
C GLN LB 65 -58.89 -114.27 107.32
N GLN LB 66 -59.36 -114.22 108.57
CA GLN LB 66 -60.04 -113.02 109.05
C GLN LB 66 -59.12 -111.81 109.04
N LEU LB 67 -57.84 -112.02 109.39
CA LEU LB 67 -56.86 -110.95 109.30
C LEU LB 67 -56.70 -110.47 107.86
N VAL LB 68 -56.62 -111.41 106.91
CA VAL LB 68 -56.49 -111.04 105.50
C VAL LB 68 -57.72 -110.25 105.04
N GLN LB 69 -58.92 -110.71 105.42
CA GLN LB 69 -60.13 -109.99 105.05
C GLN LB 69 -60.17 -108.60 105.66
N ASP LB 70 -59.76 -108.46 106.91
CA ASP LB 70 -59.72 -107.14 107.54
C ASP LB 70 -58.76 -106.20 106.83
N ILE LB 71 -57.56 -106.69 106.50
CA ILE LB 71 -56.61 -105.85 105.76
C ILE LB 71 -57.17 -105.47 104.40
N ALA LB 72 -57.81 -106.41 103.71
CA ALA LB 72 -58.42 -106.12 102.41
C ALA LB 72 -59.61 -105.19 102.52
N SER LB 73 -60.27 -105.11 103.68
CA SER LB 73 -61.42 -104.24 103.87
C SER LB 73 -61.05 -102.86 104.40
N LEU LB 74 -59.80 -102.67 104.82
CA LEU LB 74 -59.34 -101.35 105.25
C LEU LB 74 -59.14 -100.43 104.06
N THR LB 75 -59.15 -99.12 104.33
CA THR LB 75 -58.86 -98.12 103.33
C THR LB 75 -57.37 -97.76 103.37
N LEU LB 76 -56.95 -96.89 102.46
CA LEU LB 76 -55.54 -96.53 102.36
C LEU LB 76 -55.04 -95.85 103.63
N LEU LB 77 -55.84 -94.95 104.21
CA LEU LB 77 -55.42 -94.26 105.43
C LEU LB 77 -55.24 -95.24 106.57
N GLU LB 78 -56.17 -96.19 106.72
CA GLU LB 78 -56.07 -97.16 107.81
C GLU LB 78 -54.85 -98.07 107.65
N ILE LB 79 -54.59 -98.56 106.44
CA ILE LB 79 -53.43 -99.43 106.24
C ILE LB 79 -52.14 -98.64 106.38
N SER LB 80 -52.13 -97.36 105.98
CA SER LB 80 -50.96 -96.52 106.19
C SER LB 80 -50.69 -96.30 107.67
N ASP LB 81 -51.75 -96.07 108.45
CA ASP LB 81 -51.57 -95.97 109.90
C ASP LB 81 -51.08 -97.27 110.49
N LEU LB 82 -51.59 -98.41 109.99
CA LEU LB 82 -51.06 -99.70 110.40
C LEU LB 82 -49.56 -99.78 110.14
N ASN LB 83 -49.13 -99.36 108.96
CA ASN LB 83 -47.71 -99.35 108.62
C ASN LB 83 -46.92 -98.46 109.57
N GLU LB 84 -47.44 -97.27 109.87
CA GLU LB 84 -46.72 -96.35 110.75
C GLU LB 84 -46.57 -96.91 112.16
N LEU LB 85 -47.65 -97.46 112.73
CA LEU LB 85 -47.56 -98.05 114.06
C LEU LB 85 -46.63 -99.26 114.08
N LEU LB 86 -46.69 -100.11 113.04
CA LEU LB 86 -45.78 -101.25 113.00
C LEU LB 86 -44.33 -100.82 112.92
N LYS LB 87 -44.02 -99.81 112.09
CA LYS LB 87 -42.64 -99.37 111.94
C LYS LB 87 -42.14 -98.62 113.17
N LYS LB 88 -43.02 -97.96 113.92
CA LYS LB 88 -42.59 -97.29 115.14
C LYS LB 88 -42.55 -98.24 116.33
N THR LB 89 -43.20 -99.41 116.22
CA THR LB 89 -43.19 -100.37 117.32
C THR LB 89 -42.05 -101.37 117.18
N LEU LB 90 -41.96 -102.04 116.03
CA LEU LB 90 -40.91 -103.02 115.79
C LEU LB 90 -39.91 -102.52 114.76
N SER MB 47 103.37 -14.59 -67.39
CA SER MB 47 104.24 -14.38 -68.54
C SER MB 47 103.47 -14.50 -69.84
N ASN MB 48 102.22 -14.95 -69.75
CA ASN MB 48 101.37 -15.10 -70.94
C ASN MB 48 100.82 -13.75 -71.35
N GLU MB 49 100.98 -13.41 -72.63
CA GLU MB 49 100.50 -12.15 -73.17
C GLU MB 49 99.10 -12.26 -73.77
N ASP MB 50 98.49 -13.45 -73.74
CA ASP MB 50 97.16 -13.67 -74.30
C ASP MB 50 96.10 -13.81 -73.23
N LEU MB 51 96.41 -13.49 -71.98
CA LEU MB 51 95.43 -13.60 -70.92
C LEU MB 51 94.38 -12.49 -71.03
N PRO MB 52 93.14 -12.77 -70.66
CA PRO MB 52 92.11 -11.72 -70.67
C PRO MB 52 92.48 -10.57 -69.74
N VAL MB 53 92.11 -9.36 -70.16
CA VAL MB 53 92.40 -8.14 -69.41
C VAL MB 53 91.09 -7.61 -68.82
N PRO MB 54 91.08 -7.20 -67.55
CA PRO MB 54 89.85 -6.74 -66.89
C PRO MB 54 89.46 -5.31 -67.27
N MET MB 55 88.77 -5.17 -68.40
CA MET MB 55 88.35 -3.89 -68.92
C MET MB 55 86.85 -3.92 -69.25
N GLU MB 56 86.30 -2.73 -69.48
CA GLU MB 56 84.87 -2.57 -69.64
C GLU MB 56 84.37 -3.26 -70.90
N ASN MB 57 83.10 -3.64 -70.87
CA ASN MB 57 82.50 -4.36 -71.99
C ASN MB 57 82.43 -3.45 -73.22
N PRO MB 58 83.04 -3.83 -74.34
CA PRO MB 58 82.97 -2.98 -75.54
C PRO MB 58 81.67 -3.16 -76.31
N TYR MB 59 81.03 -4.31 -76.16
CA TYR MB 59 79.79 -4.62 -76.86
C TYR MB 59 78.55 -4.17 -76.09
N LYS MB 60 78.70 -3.21 -75.18
CA LYS MB 60 77.57 -2.71 -74.40
C LYS MB 60 76.65 -1.89 -75.30
N GLU MB 61 75.48 -2.44 -75.61
CA GLU MB 61 74.53 -1.73 -76.45
C GLU MB 61 73.93 -0.55 -75.69
N PRO MB 62 73.58 0.53 -76.40
CA PRO MB 62 72.94 1.66 -75.72
C PRO MB 62 71.59 1.27 -75.15
N LEU MB 63 71.25 1.90 -74.02
CA LEU MB 63 69.99 1.62 -73.35
C LEU MB 63 68.82 2.17 -74.16
N LYS MB 64 67.69 1.46 -74.08
CA LYS MB 64 66.49 1.90 -74.78
C LYS MB 64 65.96 3.18 -74.16
N LYS MB 65 65.43 4.05 -75.01
CA LYS MB 65 64.93 5.37 -74.60
C LYS MB 65 63.42 5.43 -74.77
N CYS MB 66 62.76 6.13 -73.83
CA CYS MB 66 61.36 6.41 -74.05
C CYS MB 66 61.23 7.43 -75.17
N ILE MB 67 60.06 7.43 -75.82
CA ILE MB 67 59.86 8.27 -77.00
C ILE MB 67 60.11 9.74 -76.68
N LEU MB 68 60.02 10.10 -75.39
CA LEU MB 68 60.22 11.49 -74.97
C LEU MB 68 61.45 11.67 -74.07
N CYS MB 69 62.46 10.80 -74.15
CA CYS MB 69 63.72 11.13 -73.49
C CYS MB 69 64.31 12.42 -74.05
N GLU MB 70 64.78 13.27 -73.14
CA GLU MB 70 65.38 14.55 -73.49
C GLU MB 70 64.42 15.41 -74.31
N LYS MB 71 63.14 15.36 -73.95
CA LYS MB 71 62.10 16.18 -74.53
C LYS MB 71 61.47 17.04 -73.43
N HIS MB 72 60.61 17.97 -73.84
CA HIS MB 72 59.96 18.90 -72.92
C HIS MB 72 58.46 18.60 -72.93
N VAL MB 73 57.94 18.10 -71.82
CA VAL MB 73 56.52 17.85 -71.65
C VAL MB 73 55.87 19.12 -71.14
N ASP MB 74 54.74 19.49 -71.72
CA ASP MB 74 54.04 20.72 -71.37
C ASP MB 74 52.56 20.43 -71.16
N TYR MB 75 51.93 21.25 -70.30
CA TYR MB 75 50.50 21.17 -70.06
C TYR MB 75 49.69 21.94 -71.09
N LYS MB 76 50.33 22.74 -71.95
CA LYS MB 76 49.63 23.47 -72.99
C LYS MB 76 49.59 22.75 -74.33
N ASN MB 77 50.24 21.60 -74.45
CA ASN MB 77 50.33 20.87 -75.71
C ASN MB 77 49.27 19.78 -75.70
N VAL MB 78 48.01 20.20 -75.88
CA VAL MB 78 46.88 19.27 -75.84
C VAL MB 78 47.01 18.22 -76.94
N GLN MB 79 47.57 18.58 -78.09
CA GLN MB 79 47.75 17.61 -79.17
C GLN MB 79 48.67 16.47 -78.74
N LEU MB 80 49.77 16.80 -78.05
CA LEU MB 80 50.64 15.76 -77.53
C LEU MB 80 49.99 14.97 -76.40
N LEU MB 81 49.30 15.67 -75.50
CA LEU MB 81 48.67 14.98 -74.37
C LEU MB 81 47.54 14.06 -74.81
N SER MB 82 46.92 14.32 -75.95
CA SER MB 82 45.77 13.54 -76.39
C SER MB 82 46.14 12.15 -76.90
N GLN MB 83 47.39 11.95 -77.34
CA GLN MB 83 47.78 10.65 -77.86
C GLN MB 83 47.81 9.58 -76.77
N PHE MB 84 47.97 9.97 -75.51
CA PHE MB 84 48.07 9.03 -74.41
C PHE MB 84 46.75 8.81 -73.69
N ILE MB 85 45.66 9.40 -74.17
CA ILE MB 85 44.34 9.21 -73.59
C ILE MB 85 43.45 8.47 -74.58
N SER MB 86 42.55 7.66 -74.05
CA SER MB 86 41.66 6.89 -74.89
C SER MB 86 40.70 7.82 -75.64
N PRO MB 87 40.45 7.56 -76.91
CA PRO MB 87 39.54 8.43 -77.67
C PRO MB 87 38.08 8.30 -77.27
N PHE MB 88 37.66 7.12 -76.78
CA PHE MB 88 36.26 6.88 -76.48
C PHE MB 88 35.91 7.17 -75.03
N THR MB 89 36.82 6.93 -74.08
CA THR MB 89 36.54 7.09 -72.66
C THR MB 89 37.35 8.18 -71.99
N GLY MB 90 38.61 8.38 -72.42
CA GLY MB 90 39.43 9.43 -71.87
C GLY MB 90 40.41 9.00 -70.80
N CYS MB 91 40.56 7.70 -70.56
CA CYS MB 91 41.49 7.24 -69.55
C CYS MB 91 42.93 7.47 -70.00
N ILE MB 92 43.82 7.68 -69.03
CA ILE MB 92 45.24 7.83 -69.30
C ILE MB 92 45.87 6.45 -69.35
N TYR MB 93 46.54 6.15 -70.46
CA TYR MB 93 47.13 4.84 -70.66
C TYR MB 93 48.31 4.64 -69.71
N GLY MB 94 48.53 3.38 -69.34
CA GLY MB 94 49.59 3.01 -68.42
C GLY MB 94 50.91 2.78 -69.11
N ARG MB 95 51.88 2.32 -68.31
CA ARG MB 95 53.21 2.03 -68.86
C ARG MB 95 53.18 0.90 -69.86
N HIS MB 96 52.44 -0.17 -69.57
CA HIS MB 96 52.37 -1.32 -70.47
C HIS MB 96 51.74 -0.96 -71.82
N ILE MB 97 51.05 0.17 -71.91
CA ILE MB 97 50.45 0.62 -73.16
C ILE MB 97 51.33 1.65 -73.85
N THR MB 98 51.80 2.65 -73.11
CA THR MB 98 52.57 3.73 -73.72
C THR MB 98 54.01 3.30 -74.02
N GLY MB 99 54.70 2.76 -73.03
CA GLY MB 99 56.08 2.38 -73.22
C GLY MB 99 57.04 3.53 -72.98
N LEU MB 100 56.91 4.18 -71.83
CA LEU MB 100 57.75 5.32 -71.46
C LEU MB 100 58.52 4.98 -70.19
N CYS MB 101 59.75 5.48 -70.10
CA CYS MB 101 60.54 5.22 -68.91
C CYS MB 101 60.05 6.12 -67.77
N GLY MB 102 60.50 5.79 -66.55
CA GLY MB 102 59.76 6.13 -65.34
C GLY MB 102 59.43 7.59 -65.15
N LYS MB 103 60.28 8.50 -65.63
CA LYS MB 103 60.06 9.92 -65.35
C LYS MB 103 58.95 10.49 -66.22
N LYS MB 104 59.01 10.23 -67.53
CA LYS MB 104 58.04 10.82 -68.46
C LYS MB 104 56.62 10.32 -68.25
N GLN MB 105 56.42 9.11 -67.72
CA GLN MB 105 55.06 8.66 -67.43
C GLN MB 105 54.42 9.52 -66.36
N LYS MB 106 55.13 9.74 -65.24
CA LYS MB 106 54.60 10.63 -64.21
C LYS MB 106 54.43 12.05 -64.72
N GLU MB 107 55.40 12.54 -65.51
CA GLU MB 107 55.28 13.89 -66.04
C GLU MB 107 54.09 14.04 -66.98
N ILE MB 108 53.84 13.07 -67.86
CA ILE MB 108 52.69 13.17 -68.76
C ILE MB 108 51.38 13.05 -67.98
N THR MB 109 51.35 12.21 -66.94
CA THR MB 109 50.16 12.12 -66.11
C THR MB 109 49.87 13.46 -65.43
N LYS MB 110 50.90 14.09 -64.84
CA LYS MB 110 50.71 15.38 -64.21
C LYS MB 110 50.29 16.45 -65.19
N ALA MB 111 50.88 16.45 -66.40
CA ALA MB 111 50.49 17.41 -67.42
C ALA MB 111 49.04 17.23 -67.85
N ILE MB 112 48.59 15.99 -68.04
CA ILE MB 112 47.20 15.77 -68.41
C ILE MB 112 46.26 16.23 -67.29
N LYS MB 113 46.60 15.89 -66.04
CA LYS MB 113 45.73 16.28 -64.93
C LYS MB 113 45.70 17.80 -64.76
N ARG MB 114 46.81 18.49 -65.03
CA ARG MB 114 46.81 19.94 -64.93
C ARG MB 114 46.02 20.59 -66.05
N ALA MB 115 46.21 20.10 -67.29
CA ALA MB 115 45.50 20.67 -68.43
C ALA MB 115 44.00 20.39 -68.39
N GLN MB 116 43.59 19.28 -67.79
CA GLN MB 116 42.16 18.97 -67.70
C GLN MB 116 41.42 19.94 -66.79
N ILE MB 117 42.12 20.53 -65.82
CA ILE MB 117 41.48 21.48 -64.90
C ILE MB 117 41.77 22.94 -65.25
N LEU MB 118 42.85 23.22 -65.97
CA LEU MB 118 43.13 24.59 -66.36
C LEU MB 118 42.27 25.08 -67.52
N GLY MB 119 41.54 24.17 -68.17
CA GLY MB 119 40.67 24.54 -69.25
C GLY MB 119 41.23 24.38 -70.65
N PHE MB 120 42.13 23.43 -70.87
CA PHE MB 120 42.75 23.23 -72.17
C PHE MB 120 42.30 21.96 -72.87
N MET MB 121 41.99 20.89 -72.13
CA MET MB 121 41.65 19.60 -72.72
C MET MB 121 40.39 19.07 -72.06
N PRO MB 122 39.47 18.48 -72.82
CA PRO MB 122 38.32 17.81 -72.20
C PRO MB 122 38.74 16.57 -71.44
N VAL MB 123 37.94 16.21 -70.45
CA VAL MB 123 38.23 15.05 -69.61
C VAL MB 123 37.54 13.79 -70.12
N THR MB 124 36.28 13.91 -70.53
CA THR MB 124 35.48 12.74 -70.86
C THR MB 124 35.86 12.12 -72.21
N TYR MB 125 36.49 12.88 -73.10
CA TYR MB 125 36.78 12.37 -74.44
C TYR MB 125 38.01 13.06 -75.00
N LYS MB 126 38.52 12.49 -76.09
CA LYS MB 126 39.63 13.07 -76.84
C LYS MB 126 39.07 14.00 -77.92
N ASP MB 127 39.75 15.11 -78.14
CA ASP MB 127 39.30 16.11 -79.10
C ASP MB 127 39.30 15.54 -80.51
N PRO MB 128 38.19 15.64 -81.26
CA PRO MB 128 38.19 15.15 -82.65
C PRO MB 128 39.19 15.85 -83.55
N ALA MB 129 39.57 17.09 -83.22
CA ALA MB 129 40.61 17.76 -84.01
C ALA MB 129 41.94 17.03 -83.92
N TYR MB 130 42.29 16.52 -82.74
CA TYR MB 130 43.50 15.74 -82.53
C TYR MB 130 43.25 14.25 -82.65
N LEU MB 131 42.04 13.85 -83.01
CA LEU MB 131 41.70 12.44 -83.16
C LEU MB 131 42.54 11.76 -84.24
N LYS MB 132 42.95 12.49 -85.28
CA LYS MB 132 43.68 11.91 -86.40
C LYS MB 132 45.19 11.95 -86.21
N ASP MB 133 45.66 12.02 -84.96
CA ASP MB 133 47.09 11.99 -84.71
C ASP MB 133 47.66 10.60 -84.94
N PRO MB 134 48.96 10.50 -85.22
CA PRO MB 134 49.58 9.18 -85.38
C PRO MB 134 49.47 8.37 -84.09
N LYS MB 135 49.33 7.05 -84.25
CA LYS MB 135 49.12 6.17 -83.12
C LYS MB 135 50.46 5.83 -82.46
N VAL MB 136 50.65 6.29 -81.23
CA VAL MB 136 51.84 5.96 -80.46
C VAL MB 136 51.58 4.84 -79.46
N CYS MB 137 50.38 4.76 -78.90
CA CYS MB 137 50.01 3.72 -77.96
C CYS MB 137 50.01 2.34 -78.61
N ASN MB 138 50.11 1.31 -77.78
CA ASN MB 138 50.15 -0.08 -78.23
C ASN MB 138 48.85 -0.83 -77.92
N ILE MB 139 47.74 -0.11 -77.83
CA ILE MB 139 46.44 -0.71 -77.50
C ILE MB 139 45.58 -0.72 -78.75
N LYS MB 140 44.95 -1.87 -79.01
CA LYS MB 140 44.12 -2.07 -80.18
C LYS MB 140 42.71 -2.43 -79.73
N TYR MB 141 41.72 -1.66 -80.19
CA TYR MB 141 40.34 -1.85 -79.77
C TYR MB 141 39.54 -2.69 -80.77
N ARG MB 142 39.50 -2.25 -82.02
CA ARG MB 142 38.70 -2.92 -83.04
C ARG MB 142 39.44 -4.15 -83.54
N GLU MB 143 38.81 -5.32 -83.43
CA GLU MB 143 39.41 -6.57 -83.87
C GLU MB 143 38.65 -7.14 -85.06
N ALA NB 2 28.17 16.23 -68.19
CA ALA NB 2 27.15 17.26 -68.24
C ALA NB 2 27.66 18.50 -68.95
N ASN NB 3 28.82 19.00 -68.52
CA ASN NB 3 29.40 20.18 -69.13
C ASN NB 3 30.07 19.89 -70.48
N HIS NB 4 30.30 18.63 -70.79
CA HIS NB 4 30.92 18.27 -72.06
C HIS NB 4 29.86 18.12 -73.15
N LEU NB 5 30.30 18.22 -74.40
CA LEU NB 5 29.41 18.00 -75.53
C LEU NB 5 29.01 16.53 -75.60
N LYS NB 6 27.75 16.28 -75.95
CA LYS NB 6 27.21 14.94 -75.94
C LYS NB 6 27.54 14.19 -77.22
N PHE NB 7 27.34 12.87 -77.17
CA PHE NB 7 27.49 11.99 -78.33
C PHE NB 7 28.89 12.04 -78.92
N ILE NB 8 29.91 12.14 -78.06
CA ILE NB 8 31.31 12.05 -78.48
C ILE NB 8 32.05 10.93 -77.78
N ALA NB 9 31.84 10.78 -76.48
CA ALA NB 9 32.54 9.76 -75.69
C ALA NB 9 31.72 8.48 -75.63
N ARG NB 10 32.42 7.34 -75.73
CA ARG NB 10 31.80 6.02 -75.64
C ARG NB 10 30.68 5.84 -76.66
N THR NB 11 30.92 6.31 -77.88
CA THR NB 11 29.96 6.21 -78.97
C THR NB 11 30.54 5.38 -80.10
N VAL NB 12 29.77 4.41 -80.57
CA VAL NB 12 30.18 3.53 -81.66
C VAL NB 12 29.15 3.65 -82.78
N MET NB 13 29.62 3.88 -84.00
CA MET NB 13 28.74 4.05 -85.16
C MET NB 13 28.47 2.70 -85.82
N VAL NB 14 27.20 2.43 -86.07
CA VAL NB 14 26.80 1.17 -86.70
C VAL NB 14 27.13 1.20 -88.19
N GLN NB 15 27.61 0.06 -88.70
CA GLN NB 15 27.94 -0.10 -90.10
C GLN NB 15 26.99 -1.12 -90.72
N GLU NB 16 26.28 -0.72 -91.77
CA GLU NB 16 25.39 -1.60 -92.53
C GLU NB 16 24.33 -2.23 -91.63
N GLY NB 17 23.86 -1.48 -90.65
CA GLY NB 17 22.78 -1.95 -89.80
C GLY NB 17 23.15 -3.04 -88.82
N ASN NB 18 24.43 -3.33 -88.65
CA ASN NB 18 24.87 -4.38 -87.74
C ASN NB 18 24.94 -3.82 -86.32
N VAL NB 19 23.91 -4.09 -85.53
CA VAL NB 19 23.81 -3.59 -84.17
C VAL NB 19 24.45 -4.55 -83.17
N GLU NB 20 24.27 -5.86 -83.37
CA GLU NB 20 24.79 -6.84 -82.44
C GLU NB 20 26.31 -6.78 -82.34
N GLY NB 21 27.00 -6.66 -83.49
CA GLY NB 21 28.44 -6.52 -83.49
C GLY NB 21 28.94 -5.18 -83.02
N ALA NB 22 28.21 -4.11 -83.33
CA ALA NB 22 28.56 -2.79 -82.80
C ALA NB 22 28.49 -2.77 -81.28
N TYR NB 23 27.47 -3.42 -80.71
CA TYR NB 23 27.41 -3.53 -79.25
C TYR NB 23 28.58 -4.32 -78.69
N ARG NB 24 29.01 -5.38 -79.38
CA ARG NB 24 30.19 -6.11 -78.93
C ARG NB 24 31.44 -5.24 -78.98
N THR NB 25 31.58 -4.43 -80.04
CA THR NB 25 32.72 -3.51 -80.11
C THR NB 25 32.68 -2.50 -78.96
N LEU NB 26 31.50 -1.94 -78.69
CA LEU NB 26 31.38 -0.99 -77.58
C LEU NB 26 31.68 -1.66 -76.23
N ASN NB 27 31.21 -2.88 -76.04
CA ASN NB 27 31.50 -3.62 -74.81
C ASN NB 27 32.99 -3.88 -74.67
N ARG NB 28 33.66 -4.24 -75.77
CA ARG NB 28 35.12 -4.37 -75.75
C ARG NB 28 35.80 -3.07 -75.36
N ILE NB 29 35.30 -1.93 -75.84
CA ILE NB 29 35.87 -0.64 -75.46
C ILE NB 29 35.87 -0.49 -73.95
N LEU NB 30 34.71 -0.71 -73.32
CA LEU NB 30 34.59 -0.51 -71.88
C LEU NB 30 35.35 -1.56 -71.08
N THR NB 31 35.35 -2.83 -71.51
CA THR NB 31 36.12 -3.84 -70.79
C THR NB 31 37.61 -3.56 -70.86
N MET NB 32 38.12 -3.13 -72.01
CA MET NB 32 39.55 -2.90 -72.14
C MET NB 32 39.97 -1.55 -71.56
N ASP NB 33 39.01 -0.65 -71.32
CA ASP NB 33 39.30 0.56 -70.55
C ASP NB 33 39.00 0.39 -69.06
N GLY NB 34 38.43 -0.73 -68.64
CA GLY NB 34 38.20 -0.99 -67.24
C GLY NB 34 36.94 -0.41 -66.66
N LEU NB 35 36.00 0.04 -67.49
CA LEU NB 35 34.78 0.67 -66.97
C LEU NB 35 33.78 -0.35 -66.43
N ILE NB 36 33.69 -1.54 -67.04
CA ILE NB 36 32.72 -2.52 -66.59
C ILE NB 36 33.03 -2.98 -65.17
N GLU NB 37 34.28 -3.36 -64.91
CA GLU NB 37 34.68 -3.74 -63.56
C GLU NB 37 34.54 -2.57 -62.59
N ASP NB 38 34.81 -1.34 -63.06
CA ASP NB 38 34.63 -0.18 -62.20
C ASP NB 38 33.19 0.02 -61.78
N ILE NB 39 32.24 -0.15 -62.70
CA ILE NB 39 30.82 -0.05 -62.35
C ILE NB 39 30.42 -1.16 -61.39
N LYS NB 40 30.81 -2.40 -61.69
CA LYS NB 40 30.46 -3.51 -60.81
C LYS NB 40 31.10 -3.39 -59.43
N ARG NB 41 32.23 -2.68 -59.34
CA ARG NB 41 32.87 -2.47 -58.04
C ARG NB 41 32.26 -1.27 -57.30
N ARG NB 42 31.81 -0.25 -58.02
CA ARG NB 42 31.21 0.92 -57.43
C ARG NB 42 29.74 0.74 -57.09
N ARG NB 43 29.14 -0.37 -57.52
CA ARG NB 43 27.77 -0.65 -57.10
C ARG NB 43 27.64 -0.67 -55.59
N TYR NB 44 28.56 -1.34 -54.90
CA TYR NB 44 28.64 -1.35 -53.45
C TYR NB 44 29.99 -0.83 -53.00
N TYR NB 45 29.99 -0.02 -51.94
CA TYR NB 45 31.22 0.58 -51.46
C TYR NB 45 32.14 -0.47 -50.87
N GLU NB 46 33.44 -0.34 -51.14
CA GLU NB 46 34.46 -1.21 -50.57
C GLU NB 46 35.35 -0.41 -49.64
N LYS NB 47 35.65 -0.96 -48.47
CA LYS NB 47 36.48 -0.29 -47.50
C LYS NB 47 37.94 -0.27 -47.99
N PRO NB 48 38.72 0.71 -47.53
CA PRO NB 48 40.14 0.75 -47.94
C PRO NB 48 40.93 -0.49 -47.57
N CYS NB 49 40.60 -1.12 -46.43
CA CYS NB 49 41.29 -2.35 -46.06
C CYS NB 49 41.04 -3.46 -47.09
N ARG NB 50 39.81 -3.57 -47.58
CA ARG NB 50 39.52 -4.53 -48.65
C ARG NB 50 40.10 -4.10 -49.99
N ARG NB 51 40.16 -2.79 -50.25
CA ARG NB 51 40.74 -2.31 -51.50
C ARG NB 51 42.22 -2.65 -51.60
N ARG NB 52 42.96 -2.47 -50.50
CA ARG NB 52 44.38 -2.83 -50.50
C ARG NB 52 44.58 -4.32 -50.72
N GLN NB 53 43.77 -5.16 -50.07
CA GLN NB 53 43.83 -6.59 -50.29
C GLN NB 53 43.52 -6.98 -51.73
N ARG NB 54 42.49 -6.36 -52.32
CA ARG NB 54 42.15 -6.63 -53.71
C ARG NB 54 43.29 -6.24 -54.64
N GLU NB 55 43.89 -5.06 -54.43
CA GLU NB 55 45.01 -4.65 -55.26
C GLU NB 55 46.20 -5.59 -55.12
N SER NB 56 46.54 -5.99 -53.90
CA SER NB 56 47.65 -6.91 -53.70
C SER NB 56 47.38 -8.26 -54.35
N TYR NB 57 46.19 -8.82 -54.16
CA TYR NB 57 45.86 -10.11 -54.78
C TYR NB 57 45.89 -10.02 -56.29
N GLU NB 58 45.32 -8.95 -56.87
CA GLU NB 58 45.31 -8.79 -58.31
C GLU NB 58 46.73 -8.65 -58.86
N THR NB 59 47.58 -7.87 -58.18
CA THR NB 59 48.95 -7.71 -58.67
C THR NB 59 49.74 -9.02 -58.59
N CYS NB 60 49.60 -9.76 -57.49
CA CYS NB 60 50.28 -11.04 -57.38
C CYS NB 60 49.78 -12.03 -58.44
N ARG NB 61 48.47 -12.08 -58.66
CA ARG NB 61 47.92 -12.97 -59.68
C ARG NB 61 48.39 -12.58 -61.07
N ARG NB 62 48.45 -11.28 -61.36
CA ARG NB 62 48.92 -10.81 -62.66
C ARG NB 62 50.39 -11.15 -62.86
N ILE NB 63 51.21 -10.98 -61.83
CA ILE NB 63 52.63 -11.32 -61.95
C ILE NB 63 52.79 -12.81 -62.21
N TYR NB 64 52.07 -13.65 -61.45
CA TYR NB 64 52.16 -15.09 -61.67
C TYR NB 64 51.69 -15.48 -63.06
N ASN NB 65 50.57 -14.91 -63.52
CA ASN NB 65 50.06 -15.23 -64.84
C ASN NB 65 51.01 -14.80 -65.95
N MET NB 66 51.58 -13.59 -65.85
CA MET NB 66 52.52 -13.14 -66.87
C MET NB 66 53.79 -13.99 -66.88
N GLU NB 67 54.31 -14.35 -65.71
CA GLU NB 67 55.48 -15.23 -65.68
C GLU NB 67 55.18 -16.62 -66.23
N MET NB 68 54.01 -17.18 -65.90
CA MET NB 68 53.64 -18.47 -66.45
C MET NB 68 53.49 -18.41 -67.97
N ALA NB 69 52.87 -17.35 -68.49
CA ALA NB 69 52.76 -17.18 -69.93
C ALA NB 69 54.12 -17.02 -70.58
N ARG NB 70 55.03 -16.28 -69.95
CA ARG NB 70 56.38 -16.15 -70.47
C ARG NB 70 57.09 -17.49 -70.54
N LYS NB 71 56.98 -18.30 -69.48
CA LYS NB 71 57.60 -19.63 -69.51
C LYS NB 71 56.96 -20.53 -70.55
N ILE NB 72 55.63 -20.44 -70.71
CA ILE NB 72 54.95 -21.24 -71.71
C ILE NB 72 55.44 -20.88 -73.11
N ASN NB 73 55.52 -19.57 -73.40
CA ASN NB 73 56.02 -19.14 -74.70
C ASN NB 73 57.48 -19.49 -74.90
N PHE NB 74 58.26 -19.53 -73.82
CA PHE NB 74 59.66 -19.95 -73.91
C PHE NB 74 59.77 -21.44 -74.24
N LEU NB 75 58.89 -22.25 -73.66
CA LEU NB 75 58.94 -23.71 -73.84
C LEU NB 75 58.11 -24.19 -75.03
N MET NB 76 57.41 -23.30 -75.73
CA MET NB 76 56.66 -23.71 -76.92
C MET NB 76 57.54 -24.40 -77.95
N ARG NB 77 58.84 -24.09 -78.00
CA ARG NB 77 59.71 -24.66 -79.01
C ARG NB 77 59.85 -26.17 -78.85
N LYS NB 78 59.82 -26.67 -77.61
CA LYS NB 78 59.97 -28.09 -77.35
C LYS NB 78 58.69 -28.88 -77.53
N ASN NB 79 57.69 -28.32 -78.21
CA ASN NB 79 56.45 -29.02 -78.52
C ASN NB 79 56.61 -30.00 -79.68
N ARG NB 80 57.73 -29.93 -80.41
CA ARG NB 80 57.91 -30.73 -81.59
C ARG NB 80 57.95 -32.22 -81.24
N ALA NB 81 57.63 -33.06 -82.23
CA ALA NB 81 57.69 -34.49 -82.05
C ALA NB 81 59.13 -34.92 -81.76
N ASP NB 82 59.27 -35.85 -80.82
CA ASP NB 82 60.60 -36.29 -80.42
C ASP NB 82 61.23 -37.17 -81.48
N PRO NB 83 62.39 -36.79 -82.04
CA PRO NB 83 63.05 -37.67 -83.01
C PRO NB 83 63.91 -38.76 -82.39
N TRP NB 84 64.19 -38.70 -81.10
CA TRP NB 84 64.97 -39.74 -80.42
C TRP NB 84 64.08 -40.70 -79.64
N GLN NB 85 62.88 -40.99 -80.16
CA GLN NB 85 62.05 -42.00 -79.55
C GLN NB 85 62.74 -43.35 -79.65
N GLY NB 86 62.68 -44.13 -78.57
CA GLY NB 86 63.35 -45.41 -78.53
C GLY NB 86 64.76 -45.40 -77.96
N CYS NB 87 65.30 -44.22 -77.63
CA CYS NB 87 66.62 -44.14 -77.03
C CYS NB 87 66.56 -44.23 -75.51
N ALA QB 1 -27.09 -104.82 -55.49
CA ALA QB 1 -28.27 -105.59 -55.87
C ALA QB 1 -27.92 -107.05 -56.09
N ALA QB 2 -28.10 -107.53 -57.32
CA ALA QB 2 -27.79 -108.91 -57.65
C ALA QB 2 -26.29 -109.15 -57.59
N ALA QB 3 -25.91 -110.33 -57.11
CA ALA QB 3 -24.51 -110.72 -56.99
C ALA QB 3 -24.25 -111.95 -57.85
N ALA QB 4 -23.16 -111.90 -58.62
CA ALA QB 4 -22.79 -113.01 -59.49
C ALA QB 4 -21.86 -113.97 -58.74
N ALA QB 5 -22.05 -115.26 -58.97
CA ALA QB 5 -21.25 -116.30 -58.33
C ALA QB 5 -20.01 -116.57 -59.16
N ALA QB 6 -18.84 -116.45 -58.54
CA ALA QB 6 -17.57 -116.68 -59.21
C ALA QB 6 -16.90 -117.92 -58.63
N ALA QB 7 -16.48 -118.83 -59.51
CA ALA QB 7 -15.82 -120.05 -59.09
C ALA QB 7 -14.33 -119.77 -58.93
N ALA QB 8 -13.93 -119.43 -57.70
CA ALA QB 8 -12.53 -119.15 -57.41
C ALA QB 8 -11.72 -120.42 -57.16
N ALA QB 9 -12.28 -121.37 -56.41
CA ALA QB 9 -11.57 -122.61 -56.13
C ALA QB 9 -11.33 -123.42 -57.40
N ALA QB 10 -12.33 -123.47 -58.28
CA ALA QB 10 -12.16 -124.22 -59.53
C ALA QB 10 -11.06 -123.61 -60.39
N ALA QB 11 -11.02 -122.28 -60.50
CA ALA QB 11 -9.97 -121.63 -61.28
C ALA QB 11 -8.60 -121.84 -60.65
N ALA QB 12 -8.54 -121.77 -59.32
CA ALA QB 12 -7.26 -121.98 -58.63
C ALA QB 12 -6.75 -123.40 -58.87
N ALA QB 13 -7.64 -124.39 -58.78
CA ALA QB 13 -7.25 -125.77 -59.03
C ALA QB 13 -6.85 -125.97 -60.49
N ALA QB 14 -7.54 -125.32 -61.42
CA ALA QB 14 -7.24 -125.49 -62.84
C ALA QB 14 -5.88 -124.89 -63.21
N ALA QB 15 -5.59 -123.68 -62.71
CA ALA QB 15 -4.38 -122.97 -63.13
C ALA QB 15 -3.38 -122.81 -62.00
N ALA QB 16 -3.37 -123.71 -61.01
CA ALA QB 16 -2.31 -123.79 -60.01
C ALA QB 16 -2.20 -122.52 -59.17
N ALA QB 17 -3.29 -122.15 -58.48
CA ALA QB 17 -3.27 -121.07 -57.51
C ALA QB 17 -4.03 -121.42 -56.24
N ALA QB 18 -4.09 -122.70 -55.89
CA ALA QB 18 -4.78 -123.13 -54.68
C ALA QB 18 -3.83 -123.11 -53.49
N ARG RB 88 142.88 -31.29 4.29
CA ARG RB 88 142.14 -30.99 3.07
C ARG RB 88 141.53 -32.27 2.49
N LYS RB 89 140.78 -33.00 3.31
CA LYS RB 89 140.12 -34.21 2.87
C LYS RB 89 138.97 -33.86 1.91
N PRO RB 90 138.84 -34.58 0.80
CA PRO RB 90 137.74 -34.32 -0.13
C PRO RB 90 136.38 -34.51 0.55
N THR RB 91 135.43 -33.67 0.16
CA THR RB 91 134.10 -33.66 0.75
C THR RB 91 133.05 -33.92 -0.34
N PHE RB 92 131.91 -34.47 0.08
CA PHE RB 92 130.83 -34.80 -0.85
C PHE RB 92 130.32 -33.57 -1.60
N MET RB 93 130.38 -32.39 -0.99
CA MET RB 93 129.89 -31.16 -1.60
C MET RB 93 130.97 -30.43 -2.40
N ASP RB 94 132.17 -30.99 -2.47
CA ASP RB 94 133.24 -30.35 -3.23
C ASP RB 94 132.94 -30.40 -4.73
N GLU RB 95 133.39 -29.36 -5.44
CA GLU RB 95 133.17 -29.29 -6.88
C GLU RB 95 133.84 -30.43 -7.61
N GLU RB 96 135.07 -30.78 -7.21
CA GLU RB 96 135.81 -31.85 -7.88
C GLU RB 96 135.10 -33.19 -7.80
N VAL RB 97 134.19 -33.37 -6.85
CA VAL RB 97 133.44 -34.61 -6.72
C VAL RB 97 132.09 -34.44 -7.40
N GLN RB 98 131.46 -33.28 -7.23
CA GLN RB 98 130.13 -33.06 -7.77
C GLN RB 98 130.10 -33.04 -9.29
N ASN RB 99 131.10 -32.41 -9.92
CA ASN RB 99 131.15 -32.39 -11.37
C ASN RB 99 131.30 -33.79 -11.95
N ILE RB 100 132.09 -34.65 -11.32
CA ILE RB 100 132.18 -36.03 -11.74
C ILE RB 100 130.88 -36.77 -11.51
N LEU RB 101 130.23 -36.54 -10.35
CA LEU RB 101 129.01 -37.27 -10.02
C LEU RB 101 127.86 -36.93 -10.96
N ILE RB 102 127.75 -35.67 -11.39
CA ILE RB 102 126.66 -35.31 -12.30
C ILE RB 102 126.79 -36.04 -13.62
N LYS RB 103 127.97 -35.99 -14.24
CA LYS RB 103 128.22 -36.73 -15.46
C LYS RB 103 128.11 -38.23 -15.22
N MET RB 104 128.42 -38.68 -14.01
CA MET RB 104 128.38 -40.08 -13.64
C MET RB 104 126.96 -40.60 -13.62
N THR RB 105 126.03 -39.82 -13.06
CA THR RB 105 124.61 -40.17 -13.08
C THR RB 105 124.03 -40.06 -14.48
N GLY RB 106 124.31 -38.97 -15.17
CA GLY RB 106 123.72 -38.81 -16.49
C GLY RB 106 122.28 -38.33 -16.44
N LEU RB 107 121.73 -38.07 -17.62
CA LEU RB 107 120.39 -37.51 -17.76
C LEU RB 107 119.51 -38.49 -18.53
N ASP RB 108 118.42 -38.92 -17.90
CA ASP RB 108 117.42 -39.76 -18.54
C ASP RB 108 116.07 -39.11 -18.28
N LEU RB 109 115.57 -38.37 -19.28
CA LEU RB 109 114.28 -37.69 -19.13
C LEU RB 109 113.13 -38.67 -18.95
N GLN RB 110 113.11 -39.77 -19.70
CA GLN RB 110 112.03 -40.74 -19.59
C GLN RB 110 111.93 -41.37 -18.21
N LYS RB 111 113.02 -41.37 -17.44
CA LYS RB 111 113.00 -41.85 -16.07
C LYS RB 111 112.76 -40.74 -15.05
N ILE RB 112 113.32 -39.55 -15.28
CA ILE RB 112 113.14 -38.46 -14.33
C ILE RB 112 111.70 -37.96 -14.35
N PHE RB 113 111.16 -37.70 -15.54
CA PHE RB 113 109.79 -37.22 -15.70
C PHE RB 113 108.90 -38.41 -16.06
N LYS RB 114 108.59 -39.20 -15.05
CA LYS RB 114 107.80 -40.40 -15.25
C LYS RB 114 106.40 -40.25 -14.65
N PRO RB 115 105.39 -40.88 -15.24
CA PRO RB 115 104.05 -40.82 -14.64
C PRO RB 115 103.99 -41.61 -13.34
N ALA RB 116 103.74 -40.89 -12.25
CA ALA RB 116 103.69 -41.50 -10.92
C ALA RB 116 102.26 -41.95 -10.62
N LEU RB 117 101.98 -42.22 -9.34
CA LEU RB 117 100.65 -42.67 -8.91
C LEU RB 117 99.88 -41.56 -8.19
N GLN RB 118 100.03 -40.31 -8.61
CA GLN RB 118 99.31 -39.20 -8.02
C GLN RB 118 98.05 -38.91 -8.84
N GLU RB 119 97.26 -37.95 -8.35
CA GLU RB 119 96.07 -37.52 -9.09
C GLU RB 119 96.47 -36.91 -10.42
N LEU RB 120 95.76 -37.28 -11.48
CA LEU RB 120 96.16 -36.93 -12.83
C LEU RB 120 95.11 -36.03 -13.47
N LYS RB 121 95.57 -35.13 -14.32
CA LYS RB 121 94.75 -34.10 -14.93
C LYS RB 121 94.91 -34.15 -16.45
N PRO RB 122 93.93 -33.67 -17.20
CA PRO RB 122 94.06 -33.66 -18.67
C PRO RB 122 95.25 -32.84 -19.11
N PRO RB 123 95.97 -33.30 -20.13
CA PRO RB 123 97.20 -32.61 -20.56
C PRO RB 123 96.89 -31.35 -21.35
N THR RB 124 97.93 -30.55 -21.56
CA THR RB 124 97.87 -29.32 -22.33
C THR RB 124 98.65 -29.49 -23.63
N TYR RB 125 98.09 -28.96 -24.71
CA TYR RB 125 98.69 -29.07 -26.03
C TYR RB 125 98.91 -27.68 -26.61
N LYS RB 126 100.13 -27.45 -27.12
CA LYS RB 126 100.43 -26.24 -27.86
C LYS RB 126 101.42 -26.59 -28.96
N LEU RB 127 101.36 -25.84 -30.05
CA LEU RB 127 102.12 -26.18 -31.25
C LEU RB 127 103.40 -25.34 -31.28
N MET RB 128 104.54 -26.00 -31.52
CA MET RB 128 105.83 -25.34 -31.52
C MET RB 128 106.61 -25.66 -32.78
N THR RB 129 107.61 -24.82 -33.05
CA THR RB 129 108.58 -25.03 -34.12
C THR RB 129 109.70 -25.95 -33.60
N GLN RB 130 110.64 -26.30 -34.47
CA GLN RB 130 111.77 -27.13 -34.04
C GLN RB 130 112.60 -26.42 -32.98
N ALA RB 131 112.85 -25.12 -33.16
CA ALA RB 131 113.61 -24.37 -32.17
C ALA RB 131 112.87 -24.28 -30.84
N GLN RB 132 111.55 -24.08 -30.88
CA GLN RB 132 110.77 -24.05 -29.64
C GLN RB 132 110.76 -25.41 -28.96
N LEU RB 133 110.70 -26.49 -29.74
CA LEU RB 133 110.80 -27.82 -29.15
C LEU RB 133 112.14 -28.04 -28.46
N GLU RB 134 113.23 -27.59 -29.11
CA GLU RB 134 114.54 -27.71 -28.49
C GLU RB 134 114.64 -26.87 -27.22
N GLU RB 135 114.06 -25.66 -27.23
CA GLU RB 135 114.02 -24.83 -26.03
C GLU RB 135 113.26 -25.52 -24.91
N ALA RB 136 112.12 -26.14 -25.24
CA ALA RB 136 111.36 -26.87 -24.23
C ALA RB 136 112.16 -28.05 -23.68
N THR RB 137 112.89 -28.76 -24.55
CA THR RB 137 113.69 -29.89 -24.07
C THR RB 137 114.79 -29.42 -23.13
N LYS RB 138 115.47 -28.32 -23.46
CA LYS RB 138 116.53 -27.84 -22.58
C LYS RB 138 115.95 -27.29 -21.28
N GLN RB 139 114.75 -26.69 -21.33
CA GLN RB 139 114.09 -26.31 -20.09
C GLN RB 139 113.77 -27.53 -19.22
N ALA RB 140 113.33 -28.62 -19.86
CA ALA RB 140 113.11 -29.86 -19.13
C ALA RB 140 114.40 -30.40 -18.52
N VAL RB 141 115.53 -30.26 -19.23
CA VAL RB 141 116.82 -30.67 -18.67
C VAL RB 141 117.16 -29.83 -17.44
N GLU RB 142 116.94 -28.51 -17.53
CA GLU RB 142 117.23 -27.64 -16.39
C GLU RB 142 116.33 -27.98 -15.20
N ALA RB 143 115.07 -28.34 -15.46
CA ALA RB 143 114.21 -28.81 -14.37
C ALA RB 143 114.69 -30.14 -13.81
N ALA RB 144 115.16 -31.04 -14.68
CA ALA RB 144 115.72 -32.31 -14.23
C ALA RB 144 116.96 -32.11 -13.36
N LYS RB 145 117.69 -31.01 -13.55
CA LYS RB 145 118.77 -30.69 -12.62
C LYS RB 145 118.25 -30.51 -11.20
N VAL RB 146 117.18 -29.74 -11.03
CA VAL RB 146 116.58 -29.56 -9.72
C VAL RB 146 116.04 -30.89 -9.20
N ARG RB 147 115.44 -31.69 -10.08
CA ARG RB 147 115.00 -33.03 -9.67
C ARG RB 147 116.16 -33.89 -9.19
N LEU RB 148 117.34 -33.71 -9.78
CA LEU RB 148 118.53 -34.48 -9.45
C LEU RB 148 119.38 -33.83 -8.36
N LYS RB 149 118.91 -32.71 -7.79
CA LYS RB 149 119.57 -32.13 -6.62
C LYS RB 149 119.90 -33.20 -5.59
N MET RB 150 121.18 -33.32 -5.25
CA MET RB 150 121.64 -34.44 -4.44
C MET RB 150 121.35 -34.18 -2.97
N PRO RB 151 120.95 -35.21 -2.22
CA PRO RB 151 120.83 -35.07 -0.76
C PRO RB 151 122.19 -35.14 -0.10
N PRO RB 152 122.47 -34.26 0.86
CA PRO RB 152 123.79 -34.27 1.52
C PRO RB 152 123.92 -35.48 2.43
N VAL RB 153 125.00 -36.23 2.27
CA VAL RB 153 125.31 -37.36 3.14
C VAL RB 153 126.28 -36.86 4.20
N LEU RB 154 125.94 -37.09 5.47
CA LEU RB 154 126.70 -36.59 6.60
C LEU RB 154 127.10 -37.73 7.53
N GLU RB 155 128.03 -37.42 8.43
CA GLU RB 155 128.48 -38.37 9.42
C GLU RB 155 127.47 -38.47 10.56
N GLU RB 156 127.64 -39.47 11.41
CA GLU RB 156 126.75 -39.65 12.55
C GLU RB 156 126.93 -38.52 13.55
N ARG RB 157 125.82 -37.93 13.98
CA ARG RB 157 125.87 -36.83 14.93
C ARG RB 157 126.17 -37.34 16.34
N ALA RB 158 126.82 -36.49 17.12
CA ALA RB 158 127.15 -36.83 18.50
C ALA RB 158 125.89 -36.83 19.36
N PRO RB 159 125.71 -37.85 20.20
CA PRO RB 159 124.52 -37.88 21.08
C PRO RB 159 124.54 -36.72 22.06
N ILE RB 160 123.35 -36.23 22.39
CA ILE RB 160 123.18 -35.11 23.29
C ILE RB 160 123.09 -35.63 24.72
N ASN RB 161 124.02 -35.24 25.57
CA ASN RB 161 124.04 -35.65 26.98
C ASN RB 161 124.53 -34.47 27.79
N ASP RB 162 123.60 -33.68 28.32
CA ASP RB 162 123.94 -32.52 29.13
C ASP RB 162 122.80 -32.24 30.10
N VAL RB 163 123.14 -31.73 31.26
CA VAL RB 163 122.18 -31.39 32.30
C VAL RB 163 122.31 -29.90 32.61
N LEU RB 164 121.18 -29.19 32.54
CA LEU RB 164 121.18 -27.75 32.82
C LEU RB 164 121.00 -27.45 34.30
N ALA RB 165 120.12 -28.18 34.98
CA ALA RB 165 119.88 -27.96 36.39
C ALA RB 165 119.42 -29.26 37.02
N GLU RB 166 119.57 -29.36 38.34
CA GLU RB 166 119.17 -30.53 39.11
C GLU RB 166 118.43 -30.07 40.36
N ASP RB 167 117.17 -30.45 40.49
CA ASP RB 167 116.34 -30.09 41.63
C ASP RB 167 116.00 -31.36 42.39
N LYS RB 168 116.62 -31.55 43.57
CA LYS RB 168 116.36 -32.73 44.37
C LYS RB 168 114.96 -32.75 44.96
N ILE RB 169 114.29 -31.60 45.02
CA ILE RB 169 112.96 -31.53 45.60
C ILE RB 169 111.92 -32.27 44.77
N LEU RB 170 112.16 -32.46 43.47
CA LEU RB 170 111.21 -33.06 42.56
C LEU RB 170 111.52 -34.53 42.29
N GLU RB 171 111.98 -35.26 43.31
CA GLU RB 171 112.36 -36.65 43.12
C GLU RB 171 111.17 -37.52 42.73
N GLY RB 172 110.02 -37.29 43.34
CA GLY RB 172 108.86 -38.12 43.09
C GLY RB 172 107.54 -37.36 43.09
N THR RB 173 107.61 -36.05 42.85
CA THR RB 173 106.38 -35.26 42.77
C THR RB 173 105.61 -35.54 41.48
N GLU RB 174 106.29 -36.01 40.44
CA GLU RB 174 105.68 -36.31 39.16
C GLU RB 174 106.09 -37.71 38.72
N THR RB 175 105.18 -38.41 38.07
CA THR RB 175 105.45 -39.76 37.59
C THR RB 175 106.09 -39.74 36.20
N ALA RB 176 105.56 -38.93 35.29
CA ALA RB 176 106.09 -38.81 33.94
C ALA RB 176 107.06 -37.63 33.86
N LYS RB 177 107.66 -37.46 32.69
CA LYS RB 177 108.61 -36.39 32.45
C LYS RB 177 107.99 -35.33 31.56
N TYR RB 178 108.41 -34.08 31.77
CA TYR RB 178 107.87 -32.93 31.05
C TYR RB 178 108.82 -32.52 29.92
N VAL RB 179 108.33 -32.53 28.69
CA VAL RB 179 109.12 -32.14 27.54
C VAL RB 179 108.67 -30.75 27.09
N PHE RB 180 109.60 -29.82 27.00
CA PHE RB 180 109.33 -28.44 26.61
C PHE RB 180 110.05 -28.11 25.32
N THR RB 181 109.30 -27.52 24.39
CA THR RB 181 109.77 -27.15 23.07
C THR RB 181 109.77 -25.63 22.95
N ASP RB 182 110.82 -25.09 22.34
CA ASP RB 182 110.85 -23.68 21.97
C ASP RB 182 110.35 -23.54 20.54
N ILE RB 183 109.25 -22.82 20.35
CA ILE RB 183 108.59 -22.71 19.07
C ILE RB 183 108.71 -21.27 18.60
N SER RB 184 109.24 -21.08 17.39
CA SER RB 184 109.34 -19.77 16.77
C SER RB 184 109.63 -19.97 15.29
N TYR RB 185 108.91 -19.23 14.44
CA TYR RB 185 109.08 -19.39 13.01
C TYR RB 185 110.38 -18.79 12.48
N SER RB 186 110.94 -17.81 13.18
CA SER RB 186 112.12 -17.10 12.70
C SER RB 186 113.44 -17.78 13.08
N ILE RB 187 113.38 -18.90 13.80
CA ILE RB 187 114.60 -19.58 14.20
C ILE RB 187 114.72 -20.90 13.45
N PRO RB 188 115.91 -21.29 13.02
CA PRO RB 188 116.09 -22.59 12.38
C PRO RB 188 115.86 -23.72 13.37
N HIS RB 189 115.54 -24.90 12.83
CA HIS RB 189 115.22 -26.03 13.68
C HIS RB 189 116.47 -26.63 14.31
N ARG RB 190 117.65 -26.21 13.88
CA ARG RB 190 118.92 -26.62 14.46
C ARG RB 190 119.30 -25.84 15.71
N GLU RB 191 118.55 -24.78 16.04
CA GLU RB 191 118.87 -23.94 17.19
C GLU RB 191 117.79 -23.95 18.26
N ARG RB 192 116.79 -24.81 18.13
CA ARG RB 192 115.71 -24.87 19.09
C ARG RB 192 116.18 -25.55 20.38
N PHE RB 193 115.65 -25.08 21.50
CA PHE RB 193 115.97 -25.64 22.81
C PHE RB 193 114.86 -26.61 23.20
N ILE RB 194 115.17 -27.89 23.19
CA ILE RB 194 114.23 -28.94 23.56
C ILE RB 194 114.71 -29.46 24.91
N VAL RB 195 114.00 -29.13 25.99
CA VAL RB 195 114.47 -29.43 27.34
C VAL RB 195 113.46 -30.32 28.05
N VAL RB 196 113.96 -31.38 28.68
CA VAL RB 196 113.10 -32.34 29.36
C VAL RB 196 113.43 -32.38 30.85
N ARG RB 197 112.40 -32.18 31.66
CA ARG RB 197 112.44 -32.35 33.11
C ARG RB 197 112.10 -33.80 33.41
N GLU RB 198 113.08 -34.54 33.93
CA GLU RB 198 112.85 -35.91 34.34
C GLU RB 198 111.98 -35.96 35.60
N PRO RB 199 111.29 -37.09 35.82
CA PRO RB 199 110.57 -37.25 37.09
C PRO RB 199 111.48 -37.30 38.31
N SER RB 200 112.78 -37.56 38.11
CA SER RB 200 113.72 -37.54 39.23
C SER RB 200 114.02 -36.12 39.70
N GLY RB 201 113.72 -35.11 38.88
CA GLY RB 201 113.94 -33.72 39.25
C GLY RB 201 115.02 -33.00 38.48
N THR RB 202 115.69 -33.64 37.53
CA THR RB 202 116.75 -32.99 36.77
C THR RB 202 116.19 -32.40 35.48
N LEU RB 203 116.93 -31.45 34.92
CA LEU RB 203 116.60 -30.81 33.65
C LEU RB 203 117.73 -31.12 32.68
N ARG RB 204 117.46 -31.96 31.68
CA ARG RB 204 118.46 -32.30 30.69
C ARG RB 204 118.00 -31.86 29.30
N LYS RB 205 118.95 -31.84 28.37
CA LYS RB 205 118.63 -31.58 26.98
C LYS RB 205 118.09 -32.84 26.34
N ALA RB 206 117.03 -32.68 25.55
CA ALA RB 206 116.42 -33.83 24.91
C ALA RB 206 117.38 -34.46 23.90
N SER RB 207 117.40 -35.78 23.90
CA SER RB 207 118.24 -36.55 22.98
C SER RB 207 117.74 -36.37 21.55
N TRP RB 208 118.46 -36.98 20.60
CA TRP RB 208 118.17 -36.77 19.19
C TRP RB 208 116.81 -37.34 18.79
N GLU RB 209 116.47 -38.55 19.26
CA GLU RB 209 115.22 -39.17 18.84
C GLU RB 209 114.02 -38.42 19.40
N GLU RB 210 114.13 -37.87 20.60
CA GLU RB 210 113.05 -37.03 21.13
C GLU RB 210 112.99 -35.68 20.45
N ARG RB 211 114.15 -35.06 20.18
CA ARG RB 211 114.15 -33.76 19.50
C ARG RB 211 113.52 -33.86 18.13
N ASP RB 212 113.96 -34.84 17.32
CA ASP RB 212 113.41 -35.00 15.97
C ASP RB 212 111.91 -35.29 15.99
N ARG RB 213 111.46 -36.06 16.98
CA ARG RB 213 110.04 -36.35 17.11
C ARG RB 213 109.25 -35.08 17.46
N MET RB 214 109.78 -34.27 18.39
CA MET RB 214 109.11 -33.04 18.77
C MET RB 214 109.06 -32.02 17.63
N ILE RB 215 110.13 -31.92 16.84
CA ILE RB 215 110.09 -31.04 15.67
C ILE RB 215 109.00 -31.48 14.70
N GLN RB 216 108.83 -32.79 14.51
CA GLN RB 216 107.76 -33.22 13.63
C GLN RB 216 106.39 -32.95 14.25
N VAL RB 217 106.26 -33.08 15.57
CA VAL RB 217 104.98 -32.85 16.22
C VAL RB 217 104.54 -31.40 16.07
N TYR RB 218 105.44 -30.45 16.34
CA TYR RB 218 105.09 -29.03 16.26
C TYR RB 218 105.35 -28.35 14.93
N PHE RB 219 105.98 -29.01 13.97
CA PHE RB 219 106.21 -28.42 12.65
C PHE RB 219 106.11 -29.54 11.63
N PRO RB 220 104.89 -30.04 11.39
CA PRO RB 220 104.74 -31.22 10.52
C PRO RB 220 104.98 -30.89 9.06
N ARG RB 221 105.73 -31.77 8.40
CA ARG RB 221 105.95 -31.70 6.97
C ARG RB 221 105.51 -33.01 6.34
N GLU RB 222 104.95 -32.92 5.15
CA GLU RB 222 104.41 -34.09 4.47
C GLU RB 222 105.53 -35.10 4.19
N GLY RB 223 105.25 -36.37 4.46
CA GLY RB 223 106.21 -37.44 4.25
C GLY RB 223 106.92 -37.92 5.49
N ARG RB 224 106.67 -37.30 6.65
CA ARG RB 224 107.31 -37.67 7.90
C ARG RB 224 106.28 -38.24 8.87
N ARG RB 225 106.69 -39.26 9.61
CA ARG RB 225 105.85 -39.90 10.62
C ARG RB 225 106.44 -39.69 12.00
N ILE RB 226 105.59 -39.32 12.96
CA ILE RB 226 106.04 -39.09 14.32
C ILE RB 226 106.57 -40.38 14.94
N LEU RB 227 105.81 -41.46 14.80
CA LEU RB 227 106.25 -42.75 15.30
C LEU RB 227 107.12 -43.45 14.26
N THR RB 228 107.85 -44.47 14.70
CA THR RB 228 108.73 -45.20 13.80
C THR RB 228 107.90 -46.07 12.86
N PRO RB 229 107.99 -45.89 11.55
CA PRO RB 229 107.24 -46.73 10.63
C PRO RB 229 107.71 -48.18 10.68
N VAL RB 230 106.76 -49.09 10.45
CA VAL RB 230 107.06 -50.52 10.43
C VAL RB 230 107.84 -50.91 9.17
N ILE RB 231 107.69 -50.15 8.08
CA ILE RB 231 108.33 -50.48 6.82
C ILE RB 231 109.84 -50.52 6.93
N PHE RB 232 110.44 -49.75 7.84
CA PHE RB 232 111.89 -49.69 7.96
C PHE RB 232 112.47 -50.89 8.70
N LYS RB 233 111.65 -51.87 9.05
CA LYS RB 233 112.15 -53.09 9.66
C LYS RB 233 112.85 -53.97 8.62
N GLU RB 234 113.62 -54.94 9.11
CA GLU RB 234 114.46 -55.73 8.20
C GLU RB 234 113.65 -56.75 7.40
N GLU RB 235 112.44 -57.10 7.86
CA GLU RB 235 111.60 -58.01 7.09
C GLU RB 235 110.87 -57.28 5.97
N ASN RB 236 110.16 -56.20 6.31
CA ASN RB 236 109.48 -55.41 5.29
C ASN RB 236 110.47 -54.77 4.32
N LEU RB 237 111.67 -54.43 4.79
CA LEU RB 237 112.68 -53.86 3.91
C LEU RB 237 113.12 -54.87 2.85
N GLN RB 238 113.35 -56.12 3.26
CA GLN RB 238 113.66 -57.18 2.31
C GLN RB 238 112.48 -57.45 1.38
N THR RB 239 111.26 -57.39 1.92
CA THR RB 239 110.08 -57.59 1.08
C THR RB 239 109.99 -56.54 -0.02
N MET RB 240 110.25 -55.27 0.32
CA MET RB 240 110.22 -54.21 -0.68
C MET RB 240 111.42 -54.30 -1.62
N TYR RB 241 112.57 -54.76 -1.13
CA TYR RB 241 113.73 -54.97 -1.99
C TYR RB 241 113.47 -56.04 -3.03
N SER RB 242 112.77 -57.11 -2.65
CA SER RB 242 112.43 -58.16 -3.62
C SER RB 242 111.59 -57.63 -4.77
N GLN RB 243 110.86 -56.54 -4.56
CA GLN RB 243 110.09 -55.89 -5.62
C GLN RB 243 110.83 -54.70 -6.23
N ASP RB 244 112.17 -54.74 -6.22
CA ASP RB 244 113.06 -53.72 -6.79
C ASP RB 244 112.49 -52.31 -6.69
N GLN RB 245 112.19 -51.90 -5.46
CA GLN RB 245 111.69 -50.56 -5.15
C GLN RB 245 112.70 -49.77 -4.32
N HIS RB 246 113.99 -49.98 -4.60
CA HIS RB 246 115.05 -49.30 -3.84
C HIS RB 246 114.98 -47.79 -3.98
N VAL RB 247 114.52 -47.27 -5.13
CA VAL RB 247 114.35 -45.82 -5.25
C VAL RB 247 113.33 -45.32 -4.24
N ASP RB 248 112.21 -46.04 -4.10
CA ASP RB 248 111.22 -45.67 -3.10
C ASP RB 248 111.76 -45.82 -1.69
N VAL RB 249 112.56 -46.86 -1.43
CA VAL RB 249 113.18 -47.02 -0.12
C VAL RB 249 114.03 -45.80 0.21
N LEU RB 250 114.89 -45.39 -0.73
CA LEU RB 250 115.80 -44.28 -0.47
C LEU RB 250 115.03 -42.97 -0.30
N ASN RB 251 114.04 -42.72 -1.15
CA ASN RB 251 113.24 -41.50 -1.01
C ASN RB 251 112.47 -41.47 0.31
N LEU RB 252 111.87 -42.58 0.71
CA LEU RB 252 111.16 -42.64 1.99
C LEU RB 252 112.10 -42.42 3.16
N CYS RB 253 113.28 -43.04 3.13
CA CYS RB 253 114.25 -42.82 4.20
C CYS RB 253 114.72 -41.37 4.26
N VAL RB 254 114.99 -40.76 3.11
CA VAL RB 254 115.41 -39.36 3.08
C VAL RB 254 114.31 -38.46 3.63
N ALA RB 255 113.06 -38.71 3.23
CA ALA RB 255 111.96 -37.89 3.71
C ALA RB 255 111.77 -38.05 5.22
N GLN RB 256 111.85 -39.29 5.72
CA GLN RB 256 111.55 -39.54 7.12
C GLN RB 256 112.69 -39.08 8.02
N PHE RB 257 113.89 -39.61 7.82
CA PHE RB 257 115.01 -39.35 8.69
C PHE RB 257 115.89 -38.22 8.13
N GLU RB 258 116.66 -37.61 9.03
CA GLU RB 258 117.67 -36.55 8.99
C GLU RB 258 119.01 -37.14 8.59
N PRO RB 259 119.69 -36.58 7.58
CA PRO RB 259 120.87 -37.28 7.01
C PRO RB 259 122.02 -37.51 7.98
N ASP RB 260 122.09 -36.79 9.10
CA ASP RB 260 123.16 -37.01 10.07
C ASP RB 260 122.71 -37.85 11.25
N SER RB 261 121.53 -38.47 11.17
CA SER RB 261 121.05 -39.33 12.24
C SER RB 261 121.70 -40.72 12.12
N ALA RB 262 121.27 -41.65 12.96
CA ALA RB 262 121.85 -42.99 12.99
C ALA RB 262 121.10 -43.96 12.10
N GLU RB 263 119.78 -44.04 12.25
CA GLU RB 263 118.97 -44.92 11.42
C GLU RB 263 119.04 -44.55 9.94
N TYR RB 264 119.16 -43.27 9.63
CA TYR RB 264 119.33 -42.84 8.24
C TYR RB 264 120.54 -43.52 7.61
N ILE RB 265 121.70 -43.39 8.25
CA ILE RB 265 122.92 -44.01 7.73
C ILE RB 265 122.83 -45.52 7.75
N LYS RB 266 122.24 -46.10 8.79
CA LYS RB 266 122.12 -47.56 8.85
C LYS RB 266 121.29 -48.10 7.69
N ILE RB 267 120.13 -47.50 7.43
CA ILE RB 267 119.25 -47.98 6.36
C ILE RB 267 119.86 -47.71 4.99
N HIS RB 268 120.55 -46.57 4.82
CA HIS RB 268 121.18 -46.30 3.53
C HIS RB 268 122.34 -47.27 3.27
N HIS RB 269 123.09 -47.61 4.32
CA HIS RB 269 124.13 -48.61 4.14
C HIS RB 269 123.53 -50.00 3.89
N HIS RB 270 122.37 -50.30 4.48
CA HIS RB 270 121.71 -51.56 4.20
C HIS RB 270 121.25 -51.65 2.75
N THR RB 271 120.65 -50.59 2.22
CA THR RB 271 120.25 -50.63 0.82
C THR RB 271 121.47 -50.65 -0.10
N TYR RB 272 122.55 -49.98 0.27
CA TYR RB 272 123.76 -50.01 -0.55
C TYR RB 272 124.45 -51.37 -0.51
N GLU RB 273 124.33 -52.12 0.60
CA GLU RB 273 124.87 -53.47 0.62
C GLU RB 273 123.98 -54.44 -0.14
N ASP RB 274 122.66 -54.25 -0.08
CA ASP RB 274 121.79 -55.10 -0.90
C ASP RB 274 122.03 -54.85 -2.39
N ILE RB 275 122.23 -53.60 -2.79
CA ILE RB 275 122.34 -53.30 -4.21
C ILE RB 275 123.61 -53.90 -4.82
N ASP RB 276 124.74 -53.93 -4.11
CA ASP RB 276 125.91 -54.58 -4.65
C ASP RB 276 125.99 -56.06 -4.28
N LYS RB 277 125.12 -56.55 -3.39
CA LYS RB 277 124.96 -57.99 -3.23
C LYS RB 277 124.22 -58.58 -4.42
N CYS RB 278 123.20 -57.89 -4.90
CA CYS RB 278 122.35 -58.39 -5.98
C CYS RB 278 122.69 -57.83 -7.35
N GLY RB 279 123.60 -56.87 -7.44
CA GLY RB 279 123.91 -56.27 -8.72
C GLY RB 279 122.73 -55.54 -9.35
N LYS RB 280 121.97 -54.81 -8.53
CA LYS RB 280 120.74 -54.16 -8.96
C LYS RB 280 120.93 -52.66 -9.16
N TYR RB 281 122.06 -52.27 -9.76
CA TYR RB 281 122.40 -50.86 -9.91
C TYR RB 281 121.49 -50.14 -10.90
N ASP RB 282 120.65 -50.88 -11.64
CA ASP RB 282 119.77 -50.26 -12.63
C ASP RB 282 118.80 -49.27 -12.01
N LEU RB 283 118.28 -49.58 -10.81
CA LEU RB 283 117.24 -48.74 -10.22
C LEU RB 283 117.75 -47.33 -9.96
N LEU RB 284 119.01 -47.19 -9.57
CA LEU RB 284 119.58 -45.88 -9.27
C LEU RB 284 120.51 -45.39 -10.38
N ARG RB 285 120.31 -45.86 -11.61
CA ARG RB 285 121.19 -45.46 -12.71
C ARG RB 285 121.08 -43.95 -12.97
N SER RB 286 119.87 -43.42 -12.98
CA SER RB 286 119.63 -42.04 -13.36
C SER RB 286 118.79 -41.27 -12.33
N THR RB 287 118.70 -41.77 -11.10
CA THR RB 287 117.96 -41.05 -10.07
C THR RB 287 118.87 -40.04 -9.38
N ARG RB 288 118.36 -39.44 -8.32
CA ARG RB 288 119.10 -38.46 -7.54
C ARG RB 288 119.92 -39.08 -6.41
N HIS RB 289 120.00 -40.42 -6.36
CA HIS RB 289 120.69 -41.11 -5.27
C HIS RB 289 121.88 -41.92 -5.76
N PHE RB 290 122.28 -41.75 -7.04
CA PHE RB 290 123.40 -42.49 -7.59
C PHE RB 290 124.74 -42.02 -7.02
N GLY RB 291 124.90 -40.70 -6.90
CA GLY RB 291 126.13 -40.17 -6.34
C GLY RB 291 126.38 -40.59 -4.91
N GLY RB 292 125.33 -40.69 -4.09
CA GLY RB 292 125.52 -41.14 -2.72
C GLY RB 292 126.03 -42.56 -2.64
N MET RB 293 125.44 -43.46 -3.43
CA MET RB 293 125.91 -44.85 -3.48
C MET RB 293 127.33 -44.95 -4.02
N ALA RB 294 127.67 -44.17 -5.05
CA ALA RB 294 129.04 -44.17 -5.56
C ALA RB 294 130.02 -43.68 -4.51
N TRP RB 295 129.67 -42.61 -3.79
CA TRP RB 295 130.55 -42.07 -2.76
C TRP RB 295 130.63 -42.99 -1.55
N TYR RB 296 129.62 -43.83 -1.32
CA TYR RB 296 129.74 -44.85 -0.28
C TYR RB 296 130.65 -45.99 -0.71
N PHE RB 297 130.57 -46.40 -1.99
CA PHE RB 297 131.48 -47.45 -2.45
C PHE RB 297 132.93 -46.98 -2.51
N VAL RB 298 133.18 -45.72 -2.88
CA VAL RB 298 134.57 -45.27 -2.89
C VAL RB 298 135.11 -45.20 -1.47
N ASN RB 299 134.25 -45.01 -0.48
CA ASN RB 299 134.68 -45.08 0.91
C ASN RB 299 134.94 -46.51 1.36
N LYS RB 300 134.07 -47.43 0.98
CA LYS RB 300 134.15 -48.81 1.44
C LYS RB 300 135.03 -49.69 0.56
N LYS RB 301 135.64 -49.14 -0.48
CA LYS RB 301 136.53 -49.87 -1.37
C LYS RB 301 135.83 -51.06 -2.04
N LYS RB 302 134.54 -50.91 -2.35
CA LYS RB 302 133.77 -51.97 -3.01
C LYS RB 302 133.36 -51.46 -4.39
N ILE RB 303 134.20 -51.78 -5.38
CA ILE RB 303 134.08 -51.28 -6.74
C ILE RB 303 133.92 -52.39 -7.76
N ASP RB 304 134.10 -53.64 -7.36
CA ASP RB 304 134.16 -54.75 -8.32
C ASP RB 304 132.89 -54.84 -9.15
N GLY RB 305 131.73 -54.87 -8.49
CA GLY RB 305 130.48 -54.94 -9.21
C GLY RB 305 130.16 -53.69 -10.00
N LEU RB 306 130.45 -52.50 -9.44
CA LEU RB 306 130.11 -51.25 -10.10
C LEU RB 306 130.88 -51.07 -11.39
N LEU RB 307 132.17 -51.38 -11.38
CA LEU RB 307 132.99 -51.20 -12.57
C LEU RB 307 132.53 -52.13 -13.70
N ILE RB 308 132.26 -53.40 -13.38
CA ILE RB 308 131.81 -54.33 -14.41
C ILE RB 308 130.42 -53.96 -14.92
N ASP RB 309 129.55 -53.45 -14.04
CA ASP RB 309 128.23 -53.00 -14.49
C ASP RB 309 128.36 -51.83 -15.46
N GLN RB 310 129.21 -50.86 -15.14
CA GLN RB 310 129.40 -49.72 -16.03
C GLN RB 310 130.03 -50.12 -17.35
N ILE RB 311 130.95 -51.10 -17.33
CA ILE RB 311 131.54 -51.55 -18.59
C ILE RB 311 130.51 -52.30 -19.43
N GLN RB 312 129.72 -53.17 -18.80
CA GLN RB 312 128.72 -53.93 -19.56
C GLN RB 312 127.60 -53.03 -20.08
N ARG RB 313 127.37 -51.88 -19.46
CA ARG RB 313 126.42 -50.91 -20.00
C ARG RB 313 127.04 -49.99 -21.04
N ASP RB 314 128.19 -50.36 -21.61
CA ASP RB 314 128.84 -49.59 -22.66
C ASP RB 314 129.11 -48.14 -22.23
N LEU RB 315 129.52 -47.98 -20.97
CA LEU RB 315 129.81 -46.67 -20.40
C LEU RB 315 131.25 -46.67 -19.90
N VAL RB 316 132.13 -46.00 -20.65
CA VAL RB 316 133.55 -45.94 -20.31
C VAL RB 316 133.87 -44.55 -19.73
N SER RB 317 133.11 -43.54 -20.18
CA SER RB 317 133.22 -42.22 -19.55
C SER RB 317 132.68 -42.25 -18.13
N ASP RB 318 131.84 -43.24 -17.82
CA ASP RB 318 131.36 -43.46 -16.46
C ASP RB 318 132.24 -44.42 -15.67
N ALA RB 319 133.33 -44.91 -16.27
CA ALA RB 319 134.30 -45.71 -15.54
C ALA RB 319 135.59 -44.96 -15.27
N THR RB 320 136.06 -44.18 -16.26
CA THR RB 320 137.24 -43.35 -16.04
C THR RB 320 137.01 -42.30 -14.96
N SER RB 321 135.84 -41.67 -14.94
CA SER RB 321 135.50 -40.73 -13.87
C SER RB 321 135.40 -41.43 -12.51
N LEU RB 322 134.90 -42.66 -12.48
CA LEU RB 322 134.83 -43.40 -11.23
C LEU RB 322 136.23 -43.70 -10.68
N VAL RB 323 137.12 -44.18 -11.53
CA VAL RB 323 138.48 -44.45 -11.06
C VAL RB 323 139.19 -43.15 -10.70
N HIS RB 324 138.82 -42.03 -11.36
CA HIS RB 324 139.34 -40.74 -10.94
C HIS RB 324 138.86 -40.37 -9.53
N LEU RB 325 137.59 -40.65 -9.22
CA LEU RB 325 137.11 -40.47 -7.85
C LEU RB 325 137.86 -41.34 -6.86
N TYR RB 326 138.11 -42.60 -7.23
CA TYR RB 326 138.89 -43.49 -6.37
C TYR RB 326 140.27 -42.91 -6.09
N HIS RB 327 140.97 -42.43 -7.13
CA HIS RB 327 142.27 -41.81 -6.94
C HIS RB 327 142.18 -40.54 -6.09
N ILE RB 328 141.13 -39.74 -6.27
CA ILE RB 328 140.96 -38.53 -5.47
C ILE RB 328 140.84 -38.87 -3.99
N LEU RB 329 139.97 -39.83 -3.67
CA LEU RB 329 139.68 -40.09 -2.27
C LEU RB 329 140.71 -41.00 -1.61
N HIS RB 330 141.54 -41.70 -2.40
CA HIS RB 330 142.65 -42.49 -1.87
C HIS RB 330 143.92 -42.03 -2.57
N PRO RB 331 144.45 -40.86 -2.20
CA PRO RB 331 145.68 -40.39 -2.87
C PRO RB 331 146.88 -41.27 -2.59
N ASP RB 332 147.03 -41.75 -1.37
CA ASP RB 332 148.15 -42.61 -1.01
C ASP RB 332 147.76 -44.06 -1.24
N GLY RB 333 148.18 -44.62 -2.37
CA GLY RB 333 147.85 -45.99 -2.69
C GLY RB 333 148.64 -46.45 -3.90
N GLN RB 334 148.80 -47.77 -3.98
CA GLN RB 334 149.52 -48.36 -5.11
C GLN RB 334 148.79 -48.17 -6.42
N SER RB 335 147.46 -48.05 -6.39
CA SER RB 335 146.69 -47.75 -7.59
C SER RB 335 146.84 -46.30 -8.02
N ALA RB 336 146.85 -45.38 -7.06
CA ALA RB 336 146.95 -43.96 -7.38
C ALA RB 336 148.34 -43.55 -7.83
N GLN RB 337 149.39 -44.04 -7.15
CA GLN RB 337 150.74 -43.65 -7.51
C GLN RB 337 151.21 -44.28 -8.82
N GLU RB 338 150.74 -45.48 -9.14
CA GLU RB 338 151.09 -46.10 -10.40
C GLU RB 338 150.54 -45.32 -11.59
N ALA RB 339 149.33 -44.78 -11.46
CA ALA RB 339 148.79 -43.93 -12.52
C ALA RB 339 149.66 -42.71 -12.75
N LYS RB 340 150.13 -42.07 -11.67
CA LYS RB 340 151.02 -40.92 -11.82
C LYS RB 340 152.34 -41.31 -12.46
N LYS RB 341 152.92 -42.44 -12.05
CA LYS RB 341 154.24 -42.80 -12.56
C LYS RB 341 154.18 -43.26 -14.01
N GLN RB 342 153.04 -43.81 -14.44
CA GLN RB 342 152.97 -44.35 -15.78
C GLN RB 342 152.38 -43.36 -16.78
N GLY RB 343 151.42 -42.53 -16.35
CA GLY RB 343 150.81 -41.59 -17.25
C GLY RB 343 149.79 -42.24 -18.17
N ALA RB 344 148.78 -42.87 -17.58
CA ALA RB 344 147.79 -43.62 -18.33
C ALA RB 344 146.71 -42.72 -18.91
N GLU RB 345 146.09 -43.20 -19.98
CA GLU RB 345 144.92 -42.55 -20.54
C GLU RB 345 143.66 -43.00 -19.80
N GLY RB 346 142.52 -42.45 -20.20
CA GLY RB 346 141.27 -42.81 -19.56
C GLY RB 346 140.94 -44.29 -19.66
N LEU RB 347 141.25 -44.91 -20.80
CA LEU RB 347 141.00 -46.33 -20.96
C LEU RB 347 141.93 -47.18 -20.11
N HIS RB 348 143.17 -46.75 -19.92
CA HIS RB 348 144.14 -47.52 -19.14
C HIS RB 348 144.06 -47.24 -17.65
N LEU RB 349 143.32 -46.21 -17.24
CA LEU RB 349 143.12 -45.95 -15.81
C LEU RB 349 142.42 -47.11 -15.10
N ILE RB 350 141.65 -47.92 -15.82
CA ILE RB 350 140.93 -49.02 -15.19
C ILE RB 350 141.85 -50.22 -14.95
N LYS RB 351 142.80 -50.47 -15.86
CA LYS RB 351 143.65 -51.65 -15.74
C LYS RB 351 144.53 -51.60 -14.50
N VAL RB 352 145.09 -50.44 -14.18
CA VAL RB 352 145.94 -50.33 -13.00
C VAL RB 352 145.14 -50.59 -11.74
N PHE RB 353 143.92 -50.03 -11.64
CA PHE RB 353 143.05 -50.31 -10.50
C PHE RB 353 142.74 -51.80 -10.42
N ALA RB 354 142.35 -52.41 -11.55
CA ALA RB 354 141.92 -53.81 -11.52
C ALA RB 354 143.08 -54.77 -11.27
N LYS RB 355 144.31 -54.33 -11.50
CA LYS RB 355 145.47 -55.15 -11.16
C LYS RB 355 145.95 -54.95 -9.73
N THR RB 356 145.89 -53.71 -9.22
CA THR RB 356 146.52 -53.43 -7.93
C THR RB 356 145.59 -53.77 -6.76
N GLU RB 357 144.44 -53.09 -6.67
CA GLU RB 357 143.63 -53.13 -5.46
C GLU RB 357 142.25 -53.75 -5.67
N ALA RB 358 141.92 -54.20 -6.88
CA ALA RB 358 140.62 -54.79 -7.12
C ALA RB 358 140.57 -56.22 -6.58
N GLN RB 359 139.39 -56.65 -6.14
CA GLN RB 359 139.26 -57.97 -5.54
C GLN RB 359 138.91 -59.01 -6.59
N LYS RB 360 137.94 -58.69 -7.46
CA LYS RB 360 137.62 -59.53 -8.61
C LYS RB 360 138.29 -58.98 -9.88
N GLY RB 361 139.63 -58.93 -9.80
CA GLY RB 361 140.42 -58.46 -10.92
C GLY RB 361 140.28 -59.31 -12.17
N ALA RB 362 140.16 -60.63 -12.01
CA ALA RB 362 139.97 -61.50 -13.17
C ALA RB 362 138.69 -61.18 -13.92
N TYR RB 363 137.57 -61.01 -13.21
CA TYR RB 363 136.33 -60.62 -13.87
C TYR RB 363 136.44 -59.23 -14.50
N ILE RB 364 137.08 -58.28 -13.82
CA ILE RB 364 137.20 -56.95 -14.41
C ILE RB 364 138.00 -56.99 -15.71
N GLU RB 365 139.15 -57.68 -15.70
CA GLU RB 365 139.93 -57.81 -16.93
C GLU RB 365 139.17 -58.55 -18.02
N LEU RB 366 138.43 -59.61 -17.67
CA LEU RB 366 137.68 -60.33 -18.70
C LEU RB 366 136.61 -59.43 -19.31
N THR RB 367 135.93 -58.63 -18.49
CA THR RB 367 134.92 -57.72 -19.01
C THR RB 367 135.53 -56.65 -19.90
N LEU RB 368 136.67 -56.08 -19.50
CA LEU RB 368 137.33 -55.10 -20.35
C LEU RB 368 137.80 -55.72 -21.66
N GLN RB 369 138.33 -56.93 -21.62
CA GLN RB 369 138.75 -57.60 -22.86
C GLN RB 369 137.56 -57.87 -23.77
N ALA RB 370 136.44 -58.30 -23.19
CA ALA RB 370 135.23 -58.54 -23.98
C ALA RB 370 134.72 -57.25 -24.63
N TYR RB 371 134.73 -56.15 -23.89
CA TYR RB 371 134.35 -54.86 -24.47
C TYR RB 371 135.31 -54.41 -25.56
N GLN RB 372 136.62 -54.62 -25.35
CA GLN RB 372 137.61 -54.18 -26.32
C GLN RB 372 137.51 -54.97 -27.62
N GLU RB 373 137.35 -56.29 -27.53
CA GLU RB 373 137.29 -57.11 -28.74
C GLU RB 373 136.00 -56.93 -29.52
N ALA RB 374 135.01 -56.24 -28.94
CA ALA RB 374 133.72 -56.07 -29.60
C ALA RB 374 133.49 -54.64 -30.09
N PHE RB 375 133.83 -53.62 -29.29
CA PHE RB 375 133.55 -52.24 -29.68
C PHE RB 375 134.31 -51.84 -30.93
N ILE RB 376 135.60 -52.16 -31.01
CA ILE RB 376 136.39 -51.78 -32.17
C ILE RB 376 135.90 -52.50 -33.43
N THR RB 377 135.60 -53.79 -33.32
CA THR RB 377 135.15 -54.54 -34.49
C THR RB 377 133.78 -54.08 -34.97
N HIS RB 378 132.86 -53.82 -34.04
CA HIS RB 378 131.52 -53.41 -34.44
C HIS RB 378 131.45 -51.95 -34.89
N SER RB 379 132.35 -51.11 -34.40
CA SER RB 379 132.36 -49.70 -34.78
C SER RB 379 133.75 -49.26 -35.21
N ALA SB 2 79.08 -54.82 -42.90
CA ALA SB 2 78.91 -54.79 -44.34
C ALA SB 2 79.64 -53.60 -44.96
N GLY SB 3 79.23 -52.41 -44.55
CA GLY SB 3 79.83 -51.21 -45.07
C GLY SB 3 79.32 -49.97 -44.37
N SER SB 4 79.55 -48.82 -44.99
CA SER SB 4 79.11 -47.53 -44.46
C SER SB 4 78.40 -46.78 -45.58
N ARG SB 5 77.09 -46.57 -45.41
CA ARG SB 5 76.28 -45.87 -46.40
C ARG SB 5 76.06 -44.41 -46.06
N LEU SB 6 77.02 -43.76 -45.40
CA LEU SB 6 76.90 -42.37 -44.99
C LEU SB 6 77.59 -41.47 -46.01
N GLU SB 7 76.85 -40.52 -46.56
CA GLU SB 7 77.42 -39.63 -47.57
C GLU SB 7 77.95 -38.33 -46.99
N THR SB 8 77.19 -37.70 -46.10
CA THR SB 8 77.54 -36.41 -45.55
C THR SB 8 78.74 -36.46 -44.60
N VAL SB 9 79.10 -37.64 -44.10
CA VAL SB 9 80.20 -37.73 -43.14
C VAL SB 9 81.54 -37.42 -43.81
N GLY SB 10 81.71 -37.85 -45.06
CA GLY SB 10 82.97 -37.65 -45.75
C GLY SB 10 83.05 -38.34 -47.09
N SER SB 11 84.28 -38.64 -47.53
CA SER SB 11 84.50 -39.27 -48.82
C SER SB 11 84.47 -40.80 -48.71
N ILE SB 12 84.39 -41.45 -49.86
CA ILE SB 12 84.35 -42.91 -49.91
C ILE SB 12 85.68 -43.54 -49.48
N PHE SB 13 86.81 -42.94 -49.86
CA PHE SB 13 88.10 -43.48 -49.49
C PHE SB 13 88.28 -43.50 -47.98
N SER SB 14 87.91 -42.42 -47.30
CA SER SB 14 88.03 -42.39 -45.84
C SER SB 14 87.15 -43.45 -45.20
N ARG SB 15 85.92 -43.61 -45.70
CA ARG SB 15 84.98 -44.56 -45.12
C ARG SB 15 85.35 -46.02 -45.40
N THR SB 16 86.12 -46.28 -46.45
CA THR SB 16 86.67 -47.62 -46.62
C THR SB 16 87.92 -47.84 -45.79
N ARG SB 17 88.82 -46.85 -45.76
CA ARG SB 17 90.08 -47.00 -45.03
C ARG SB 17 89.86 -47.13 -43.54
N ASP SB 18 88.98 -46.31 -42.97
CA ASP SB 18 88.72 -46.40 -41.53
C ASP SB 18 87.98 -47.67 -41.17
N LEU SB 19 87.07 -48.14 -42.01
CA LEU SB 19 86.42 -49.42 -41.77
C LEU SB 19 87.44 -50.55 -41.74
N ILE SB 20 88.37 -50.56 -42.70
CA ILE SB 20 89.39 -51.61 -42.71
C ILE SB 20 90.32 -51.47 -41.51
N ARG SB 21 90.68 -50.23 -41.13
CA ARG SB 21 91.54 -50.04 -39.97
C ARG SB 21 90.89 -50.55 -38.70
N ALA SB 22 89.59 -50.29 -38.54
CA ALA SB 22 88.84 -50.83 -37.41
C ALA SB 22 88.62 -52.33 -37.51
N GLY SB 23 88.72 -52.90 -38.70
CA GLY SB 23 88.61 -54.33 -38.87
C GLY SB 23 87.24 -54.85 -39.24
N VAL SB 24 86.30 -53.98 -39.60
CA VAL SB 24 84.98 -54.43 -40.02
C VAL SB 24 85.05 -55.00 -41.43
N LEU SB 25 85.65 -54.26 -42.36
CA LEU SB 25 85.82 -54.71 -43.73
C LEU SB 25 87.13 -55.48 -43.83
N LYS SB 26 87.04 -56.81 -43.82
CA LYS SB 26 88.22 -57.66 -43.85
C LYS SB 26 88.75 -57.87 -45.27
N GLU SB 27 88.05 -57.40 -46.29
CA GLU SB 27 88.46 -57.57 -47.67
C GLU SB 27 88.78 -56.21 -48.28
N LYS SB 28 89.95 -56.09 -48.86
CA LYS SB 28 90.35 -54.85 -49.52
C LYS SB 28 89.62 -54.71 -50.85
N PRO SB 29 88.90 -53.61 -51.08
CA PRO SB 29 88.37 -53.37 -52.43
C PRO SB 29 89.51 -53.14 -53.41
N LEU SB 30 89.28 -53.56 -54.66
CA LEU SB 30 90.32 -53.48 -55.66
C LEU SB 30 90.74 -52.05 -55.97
N TRP SB 31 89.80 -51.10 -55.93
CA TRP SB 31 90.08 -49.72 -56.30
C TRP SB 31 90.83 -48.94 -55.22
N LEU SB 32 90.92 -49.47 -54.01
CA LEU SB 32 91.63 -48.75 -52.94
C LEU SB 32 93.10 -48.59 -53.28
N ASP SB 33 93.73 -49.63 -53.84
CA ASP SB 33 95.13 -49.54 -54.21
C ASP SB 33 95.35 -48.51 -55.31
N ILE SB 34 94.46 -48.46 -56.31
CA ILE SB 34 94.60 -47.45 -57.36
C ILE SB 34 94.38 -46.05 -56.79
N TYR SB 35 93.46 -45.89 -55.85
CA TYR SB 35 93.29 -44.59 -55.20
C TYR SB 35 94.57 -44.17 -54.49
N ASN SB 36 95.18 -45.10 -53.74
CA ASN SB 36 96.43 -44.78 -53.05
C ASN SB 36 97.54 -44.45 -54.03
N ALA SB 37 97.59 -45.14 -55.17
CA ALA SB 37 98.64 -44.89 -56.15
C ALA SB 37 98.47 -43.55 -56.85
N PHE SB 38 97.26 -43.26 -57.32
CA PHE SB 38 96.96 -42.04 -58.09
C PHE SB 38 95.75 -41.36 -57.49
N PRO SB 39 95.93 -40.53 -56.46
CA PRO SB 39 94.79 -39.85 -55.87
C PRO SB 39 94.34 -38.69 -56.73
N PRO SB 40 93.06 -38.33 -56.69
CA PRO SB 40 92.59 -37.17 -57.48
C PRO SB 40 92.99 -35.85 -56.85
N LEU SB 41 92.68 -34.73 -57.51
CA LEU SB 41 93.06 -33.43 -56.99
C LEU SB 41 92.29 -33.09 -55.72
N ARG SB 42 90.98 -33.35 -55.70
CA ARG SB 42 90.12 -32.99 -54.58
C ARG SB 42 89.51 -34.25 -53.99
N GLU SB 43 89.53 -34.34 -52.67
CA GLU SB 43 88.92 -35.48 -51.99
C GLU SB 43 87.40 -35.44 -52.20
N PRO SB 44 86.76 -36.56 -52.56
CA PRO SB 44 85.32 -36.58 -52.86
C PRO SB 44 84.43 -36.48 -51.62
N VAL SB 45 84.66 -35.46 -50.80
CA VAL SB 45 83.81 -35.21 -49.63
C VAL SB 45 82.58 -34.43 -50.07
N PHE SB 46 81.46 -34.71 -49.40
CA PHE SB 46 80.21 -34.04 -49.74
C PHE SB 46 80.22 -32.61 -49.23
N ARG SB 47 79.87 -31.67 -50.10
CA ARG SB 47 79.75 -30.27 -49.76
C ARG SB 47 78.39 -29.76 -50.23
N ARG SB 48 77.63 -29.15 -49.31
CA ARG SB 48 76.27 -28.71 -49.61
C ARG SB 48 76.29 -27.38 -50.33
N PRO SB 49 75.61 -27.26 -51.47
CA PRO SB 49 75.60 -25.99 -52.25
C PRO SB 49 74.75 -24.91 -51.59
N ARG SB 50 75.33 -24.25 -50.59
CA ARG SB 50 74.65 -23.14 -49.94
C ARG SB 50 74.52 -21.96 -50.89
N LEU SB 51 73.41 -21.25 -50.77
CA LEU SB 51 73.18 -20.07 -51.60
C LEU SB 51 74.04 -18.91 -51.11
N ARG SB 52 74.36 -18.01 -52.04
CA ARG SB 52 75.22 -16.86 -51.75
C ARG SB 52 74.35 -15.62 -51.60
N TYR SB 53 74.32 -15.06 -50.40
CA TYR SB 53 73.54 -13.88 -50.09
C TYR SB 53 74.45 -12.68 -49.86
N GLY SB 54 73.83 -11.51 -49.70
CA GLY SB 54 74.56 -10.31 -49.38
C GLY SB 54 75.37 -9.78 -50.55
N LYS SB 55 76.48 -9.12 -50.21
CA LYS SB 55 77.35 -8.49 -51.21
C LYS SB 55 78.33 -9.48 -51.84
N ALA SB 56 78.36 -10.73 -51.39
CA ALA SB 56 79.28 -11.71 -51.93
C ALA SB 56 78.92 -12.02 -53.38
N LYS SB 57 79.95 -12.16 -54.22
CA LYS SB 57 79.78 -12.43 -55.63
C LYS SB 57 80.79 -13.48 -56.07
N ALA SB 58 80.47 -14.18 -57.16
CA ALA SB 58 81.35 -15.21 -57.70
C ALA SB 58 82.70 -14.62 -58.10
N ALA SB 59 83.73 -15.45 -58.06
CA ALA SB 59 85.10 -15.02 -58.30
C ALA SB 59 85.53 -15.18 -59.75
N VAL SB 60 84.64 -15.61 -60.64
CA VAL SB 60 84.98 -15.76 -62.04
C VAL SB 60 85.08 -14.38 -62.68
N GLN SB 61 86.07 -14.20 -63.56
CA GLN SB 61 86.33 -12.94 -64.22
C GLN SB 61 86.04 -13.06 -65.71
N ASP SB 62 85.38 -12.03 -66.25
CA ASP SB 62 84.94 -12.05 -67.64
C ASP SB 62 86.13 -12.04 -68.59
N ILE SB 63 85.96 -12.75 -69.71
CA ILE SB 63 87.01 -12.88 -70.72
C ILE SB 63 86.85 -11.75 -71.73
N PHE SB 64 87.83 -10.85 -71.74
CA PHE SB 64 87.83 -9.70 -72.64
C PHE SB 64 89.27 -9.37 -73.00
N TYR SB 65 89.52 -9.10 -74.27
CA TYR SB 65 90.84 -8.72 -74.75
C TYR SB 65 90.78 -7.35 -75.42
N HIS SB 66 91.96 -6.85 -75.81
CA HIS SB 66 92.04 -5.56 -76.48
C HIS SB 66 91.44 -5.60 -77.88
N GLU SB 67 91.49 -6.76 -78.54
CA GLU SB 67 90.91 -6.87 -79.87
C GLU SB 67 89.39 -6.70 -79.86
N ASP SB 68 88.76 -6.91 -78.69
CA ASP SB 68 87.33 -6.74 -78.60
C ASP SB 68 86.92 -5.28 -78.84
N ARG SB 69 87.77 -4.33 -78.45
CA ARG SB 69 87.48 -2.93 -78.71
C ARG SB 69 87.43 -2.62 -80.21
N ILE SB 70 88.31 -3.22 -81.00
CA ILE SB 70 88.27 -3.06 -82.45
C ILE SB 70 87.11 -3.81 -83.07
N ARG SB 71 86.82 -5.02 -82.56
CA ARG SB 71 85.70 -5.79 -83.08
C ARG SB 71 84.38 -5.09 -82.83
N ALA SB 72 84.23 -4.42 -81.68
CA ALA SB 72 83.02 -3.65 -81.41
C ALA SB 72 82.83 -2.53 -82.41
N LYS SB 73 83.91 -1.79 -82.73
CA LYS SB 73 83.81 -0.76 -83.75
C LYS SB 73 83.47 -1.33 -85.12
N PHE SB 74 84.09 -2.46 -85.48
CA PHE SB 74 83.79 -3.07 -86.78
C PHE SB 74 82.32 -3.49 -86.87
N TYR SB 75 81.80 -4.11 -85.81
CA TYR SB 75 80.40 -4.54 -85.82
C TYR SB 75 79.43 -3.37 -85.70
N SER SB 76 79.86 -2.25 -85.09
CA SER SB 76 79.01 -1.08 -85.02
C SER SB 76 78.94 -0.36 -86.36
N ALA SB 77 80.05 -0.34 -87.09
CA ALA SB 77 80.10 0.35 -88.38
C ALA SB 77 79.51 -0.49 -89.51
N TYR SB 78 80.07 -1.67 -89.75
CA TYR SB 78 79.68 -2.48 -90.90
C TYR SB 78 78.84 -3.69 -90.52
N GLY SB 79 78.73 -4.01 -89.23
CA GLY SB 79 77.99 -5.18 -88.82
C GLY SB 79 78.68 -6.48 -89.17
N SER SB 80 77.91 -7.53 -89.42
CA SER SB 80 78.50 -8.81 -89.79
C SER SB 80 79.15 -8.72 -91.17
N GLY SB 81 80.27 -9.40 -91.31
CA GLY SB 81 81.02 -9.39 -92.55
C GLY SB 81 80.35 -10.22 -93.64
N PRO SB 82 80.67 -9.91 -94.90
CA PRO SB 82 80.10 -10.71 -96.00
C PRO SB 82 80.50 -12.18 -95.95
N LYS SB 83 81.70 -12.49 -95.47
CA LYS SB 83 82.15 -13.87 -95.33
C LYS SB 83 81.55 -14.45 -94.06
N ALA SB 84 80.63 -15.41 -94.23
CA ALA SB 84 79.94 -15.99 -93.09
C ALA SB 84 80.91 -16.81 -92.23
N PHE SB 85 80.61 -16.87 -90.94
CA PHE SB 85 81.50 -17.50 -89.97
C PHE SB 85 81.44 -19.01 -90.06
N ASP SB 86 82.61 -19.64 -90.15
CA ASP SB 86 82.74 -21.09 -90.24
C ASP SB 86 83.37 -21.56 -88.93
N LEU SB 87 82.56 -22.11 -88.04
CA LEU SB 87 83.04 -22.59 -86.75
C LEU SB 87 83.68 -23.97 -86.82
N PHE SB 88 83.47 -24.71 -87.92
CA PHE SB 88 84.10 -26.02 -88.05
C PHE SB 88 85.60 -25.92 -88.31
N ASN SB 89 86.04 -24.90 -89.04
CA ASN SB 89 87.45 -24.75 -89.37
C ASN SB 89 88.22 -24.22 -88.16
N PRO SB 90 89.23 -24.94 -87.66
CA PRO SB 90 89.99 -24.40 -86.52
C PRO SB 90 90.78 -23.15 -86.85
N ASN SB 91 91.35 -23.07 -88.05
CA ASN SB 91 92.18 -21.94 -88.47
C ASN SB 91 91.41 -20.96 -89.35
N PHE SB 92 90.13 -20.77 -89.08
CA PHE SB 92 89.31 -19.86 -89.88
C PHE SB 92 89.57 -18.42 -89.45
N LYS SB 93 89.78 -17.55 -90.44
CA LYS SB 93 89.97 -16.12 -90.19
C LYS SB 93 88.80 -15.37 -90.84
N SER SB 94 88.16 -14.49 -90.07
CA SER SB 94 86.99 -13.78 -90.55
C SER SB 94 87.37 -12.38 -91.05
N THR SB 95 86.38 -11.67 -91.57
CA THR SB 95 86.58 -10.29 -92.01
C THR SB 95 86.97 -9.40 -90.83
N CYS SB 96 86.33 -9.61 -89.67
CA CYS SB 96 86.72 -8.88 -88.48
C CYS SB 96 88.14 -9.22 -88.04
N GLN SB 97 88.54 -10.49 -88.21
CA GLN SB 97 89.91 -10.87 -87.92
C GLN SB 97 90.89 -10.14 -88.85
N ARG SB 98 90.57 -10.06 -90.13
CA ARG SB 98 91.42 -9.29 -91.04
C ARG SB 98 91.47 -7.81 -90.65
N PHE SB 99 90.33 -7.25 -90.24
CA PHE SB 99 90.30 -5.86 -89.81
C PHE SB 99 91.18 -5.63 -88.58
N VAL SB 100 91.14 -6.53 -87.60
CA VAL SB 100 91.94 -6.33 -86.40
C VAL SB 100 93.42 -6.59 -86.68
N GLU SB 101 93.73 -7.51 -87.60
CA GLU SB 101 95.12 -7.70 -88.00
C GLU SB 101 95.66 -6.48 -88.74
N LYS SB 102 94.82 -5.79 -89.49
CA LYS SB 102 95.22 -4.51 -90.06
C LYS SB 102 95.36 -3.43 -88.99
N TYR SB 103 94.45 -3.42 -88.01
CA TYR SB 103 94.48 -2.43 -86.94
C TYR SB 103 95.75 -2.52 -86.09
N ILE SB 104 96.17 -3.73 -85.74
CA ILE SB 104 97.37 -3.86 -84.91
C ILE SB 104 98.61 -3.36 -85.65
N GLU SB 105 98.74 -3.67 -86.94
CA GLU SB 105 99.91 -3.20 -87.67
C GLU SB 105 99.83 -1.69 -87.91
N LEU SB 106 98.64 -1.16 -88.12
CA LEU SB 106 98.51 0.29 -88.20
C LEU SB 106 98.87 0.96 -86.89
N GLN SB 107 98.59 0.32 -85.76
CA GLN SB 107 99.06 0.83 -84.48
C GLN SB 107 100.58 0.78 -84.38
N ARG SB 108 101.19 -0.33 -84.82
CA ARG SB 108 102.65 -0.40 -84.83
C ARG SB 108 103.28 0.62 -85.76
N LEU SB 109 102.56 1.09 -86.78
CA LEU SB 109 103.07 2.13 -87.67
C LEU SB 109 103.08 3.52 -87.02
N GLY SB 110 102.88 3.60 -85.71
CA GLY SB 110 103.00 4.86 -85.01
C GLY SB 110 101.83 5.81 -85.16
N GLU SB 111 100.65 5.30 -85.48
CA GLU SB 111 99.45 6.11 -85.60
C GLU SB 111 98.66 6.02 -84.30
N THR SB 112 98.35 7.17 -83.71
CA THR SB 112 97.63 7.24 -82.45
C THR SB 112 96.17 7.64 -82.60
N ASP SB 113 95.80 8.26 -83.73
CA ASP SB 113 94.42 8.71 -83.91
C ASP SB 113 93.52 7.54 -84.28
N GLU SB 114 92.37 7.46 -83.60
CA GLU SB 114 91.41 6.40 -83.86
C GLU SB 114 90.82 6.49 -85.27
N GLU SB 115 90.53 7.70 -85.75
CA GLU SB 115 90.06 7.84 -87.12
C GLU SB 115 91.09 7.36 -88.12
N LYS SB 116 92.36 7.71 -87.89
CA LYS SB 116 93.43 7.23 -88.77
C LYS SB 116 93.58 5.72 -88.72
N LEU SB 117 93.42 5.12 -87.54
CA LEU SB 117 93.51 3.67 -87.42
C LEU SB 117 92.29 2.97 -88.03
N PHE SB 118 91.16 3.64 -88.11
CA PHE SB 118 89.93 3.04 -88.61
C PHE SB 118 89.78 3.17 -90.12
N VAL SB 119 89.78 4.40 -90.64
CA VAL SB 119 89.51 4.60 -92.06
C VAL SB 119 90.61 4.02 -92.92
N GLU SB 120 91.87 4.12 -92.47
CA GLU SB 120 92.97 3.57 -93.25
C GLU SB 120 92.87 2.05 -93.36
N ALA SB 121 92.51 1.36 -92.27
CA ALA SB 121 92.28 -0.08 -92.36
C ALA SB 121 91.09 -0.39 -93.27
N GLY SB 122 90.02 0.39 -93.17
CA GLY SB 122 88.88 0.18 -94.05
C GLY SB 122 89.25 0.30 -95.52
N LYS SB 123 90.09 1.29 -95.86
CA LYS SB 123 90.53 1.43 -97.25
C LYS SB 123 91.54 0.36 -97.63
N ALA SB 124 92.38 -0.07 -96.69
CA ALA SB 124 93.38 -1.08 -96.98
C ALA SB 124 92.74 -2.43 -97.27
N LEU SB 125 91.61 -2.73 -96.64
CA LEU SB 125 90.90 -3.96 -96.98
C LEU SB 125 90.50 -4.02 -98.45
N LEU SB 126 90.24 -2.87 -99.07
CA LEU SB 126 89.95 -2.83 -100.50
C LEU SB 126 91.11 -3.32 -101.35
N ALA SB 127 92.34 -3.17 -100.86
CA ALA SB 127 93.50 -3.68 -101.60
C ALA SB 127 93.44 -5.18 -101.75
N GLU SB 128 93.13 -5.91 -100.67
CA GLU SB 128 92.89 -7.34 -100.78
C GLU SB 128 91.60 -7.65 -101.52
N GLY SB 129 90.63 -6.75 -101.47
CA GLY SB 129 89.45 -6.85 -102.30
C GLY SB 129 88.22 -7.45 -101.65
N VAL SB 130 87.97 -7.17 -100.37
CA VAL SB 130 86.75 -7.58 -99.71
C VAL SB 130 85.77 -6.41 -99.74
N THR SB 131 84.49 -6.73 -99.75
CA THR SB 131 83.43 -5.73 -99.85
C THR SB 131 82.95 -5.38 -98.45
N LEU SB 132 82.97 -4.09 -98.12
CA LEU SB 132 82.49 -3.59 -96.84
C LEU SB 132 81.11 -2.96 -97.04
N ARG SB 133 80.15 -3.39 -96.23
CA ARG SB 133 78.78 -2.90 -96.31
C ARG SB 133 78.48 -2.12 -95.04
N ARG SB 134 78.67 -0.79 -95.10
CA ARG SB 134 78.39 0.05 -93.96
C ARG SB 134 76.89 0.12 -93.72
N VAL SB 135 76.49 0.11 -92.46
CA VAL SB 135 75.08 0.14 -92.07
C VAL SB 135 74.72 1.59 -91.74
N GLY SB 136 73.79 2.14 -92.50
CA GLY SB 136 73.35 3.51 -92.28
C GLY SB 136 72.24 3.63 -91.25
N PRO TB 2 82.77 -16.70 -19.40
CA PRO TB 2 81.44 -16.33 -19.87
C PRO TB 2 81.33 -16.33 -21.38
N MET TB 3 80.23 -15.79 -21.91
CA MET TB 3 80.00 -15.72 -23.35
C MET TB 3 79.80 -14.31 -23.85
N LYS TB 4 79.09 -13.46 -23.11
CA LYS TB 4 78.83 -12.10 -23.55
C LYS TB 4 80.10 -11.26 -23.46
N GLY TB 5 80.27 -10.38 -24.43
CA GLY TB 5 81.43 -9.52 -24.50
C GLY TB 5 82.35 -9.89 -25.65
N ARG TB 6 83.17 -8.91 -26.05
CA ARG TB 6 84.10 -9.14 -27.16
C ARG TB 6 85.16 -10.15 -26.77
N PHE TB 7 85.76 -10.01 -25.60
CA PHE TB 7 86.76 -10.94 -25.07
C PHE TB 7 86.25 -11.49 -23.75
N PRO TB 8 85.56 -12.63 -23.75
CA PRO TB 8 85.07 -13.20 -22.47
C PRO TB 8 86.19 -13.58 -21.51
N ILE TB 9 87.42 -13.77 -22.00
CA ILE TB 9 88.49 -14.25 -21.13
C ILE TB 9 88.86 -13.23 -20.06
N ARG TB 10 88.83 -11.94 -20.39
CA ARG TB 10 89.28 -10.92 -19.45
C ARG TB 10 88.36 -10.76 -18.24
N ARG TB 11 87.18 -11.38 -18.25
CA ARG TB 11 86.25 -11.33 -17.13
C ARG TB 11 86.33 -12.60 -16.29
N THR TB 12 87.52 -13.19 -16.17
CA THR TB 12 87.74 -14.40 -15.40
C THR TB 12 88.74 -14.11 -14.29
N LEU TB 13 88.58 -14.79 -13.16
CA LEU TB 13 89.47 -14.61 -12.02
C LEU TB 13 90.93 -14.90 -12.37
N GLN TB 14 91.18 -15.90 -13.21
CA GLN TB 14 92.55 -16.22 -13.60
C GLN TB 14 93.22 -15.08 -14.35
N TYR TB 15 92.50 -14.46 -15.29
CA TYR TB 15 93.08 -13.33 -16.03
C TYR TB 15 93.34 -12.15 -15.11
N LEU TB 16 92.43 -11.88 -14.18
CA LEU TB 16 92.63 -10.79 -13.24
C LEU TB 16 93.79 -11.06 -12.28
N GLY TB 17 94.02 -12.33 -11.93
CA GLY TB 17 95.10 -12.66 -11.03
C GLY TB 17 96.46 -12.75 -11.69
N GLN TB 18 96.49 -13.06 -12.99
CA GLN TB 18 97.77 -13.21 -13.68
C GLN TB 18 98.47 -11.89 -13.94
N GLY TB 19 97.74 -10.77 -13.91
CA GLY TB 19 98.35 -9.47 -14.11
C GLY TB 19 99.07 -8.97 -12.87
N ASP TB 20 100.40 -8.93 -12.92
CA ASP TB 20 101.22 -8.60 -11.75
C ASP TB 20 101.70 -7.16 -11.88
N VAL TB 21 100.89 -6.23 -11.38
CA VAL TB 21 101.26 -4.83 -11.25
C VAL TB 21 100.74 -4.35 -9.89
N VAL TB 22 101.65 -4.19 -8.94
CA VAL TB 22 101.30 -3.77 -7.58
C VAL TB 22 101.94 -2.41 -7.33
N PHE TB 23 101.11 -1.43 -7.00
CA PHE TB 23 101.59 -0.08 -6.73
C PHE TB 23 102.12 0.04 -5.30
N LYS TB 24 102.87 1.11 -5.06
CA LYS TB 24 103.41 1.38 -3.75
C LYS TB 24 102.33 1.97 -2.84
N ASP TB 25 102.65 2.07 -1.54
CA ASP TB 25 101.71 2.63 -0.58
C ASP TB 25 101.45 4.11 -0.80
N SER TB 26 102.34 4.82 -1.50
CA SER TB 26 102.15 6.23 -1.78
C SER TB 26 101.23 6.49 -2.97
N VAL TB 27 100.94 5.47 -3.77
CA VAL TB 27 100.14 5.66 -4.97
C VAL TB 27 98.67 5.74 -4.59
N LYS TB 28 97.99 6.80 -5.04
CA LYS TB 28 96.59 7.00 -4.69
C LYS TB 28 95.68 7.04 -5.91
N VAL TB 29 96.02 7.81 -6.93
CA VAL TB 29 95.12 8.03 -8.07
C VAL TB 29 95.87 7.77 -9.36
N MET TB 30 95.22 7.08 -10.29
CA MET TB 30 95.70 6.93 -11.67
C MET TB 30 94.63 7.50 -12.60
N THR TB 31 94.94 8.64 -13.20
CA THR TB 31 94.03 9.30 -14.15
C THR TB 31 94.58 9.08 -15.55
N VAL TB 32 93.90 8.25 -16.34
CA VAL TB 32 94.29 7.96 -17.71
C VAL TB 32 93.45 8.84 -18.63
N ASN TB 33 94.12 9.53 -19.56
CA ASN TB 33 93.45 10.32 -20.59
C ASN TB 33 93.86 9.76 -21.93
N TYR TB 34 92.88 9.44 -22.78
CA TYR TB 34 93.15 8.79 -24.05
C TYR TB 34 92.11 9.21 -25.08
N ASN TB 35 92.45 9.00 -26.34
CA ASN TB 35 91.59 9.34 -27.47
C ASN TB 35 90.99 8.06 -28.06
N THR TB 36 89.95 8.25 -28.88
CA THR TB 36 89.24 7.15 -29.51
C THR TB 36 89.38 7.15 -31.02
N HIS TB 37 90.38 7.86 -31.55
CA HIS TB 37 90.62 7.94 -32.98
C HIS TB 37 92.11 8.12 -33.22
N GLY TB 38 92.55 7.79 -34.43
CA GLY TB 38 93.94 7.92 -34.80
C GLY TB 38 94.73 6.65 -34.53
N GLU TB 39 95.77 6.40 -35.34
CA GLU TB 39 96.59 5.22 -35.16
C GLU TB 39 97.60 5.37 -34.04
N LEU TB 40 97.86 6.58 -33.56
CA LEU TB 40 98.84 6.76 -32.50
C LEU TB 40 98.36 6.12 -31.20
N GLY TB 41 97.07 6.21 -30.91
CA GLY TB 41 96.55 5.78 -29.63
C GLY TB 41 96.04 4.35 -29.55
N GLU TB 42 96.43 3.50 -30.50
CA GLU TB 42 95.99 2.11 -30.41
C GLU TB 42 96.51 1.44 -29.14
N GLY TB 43 97.77 1.72 -28.78
CA GLY TB 43 98.30 1.18 -27.54
C GLY TB 43 97.59 1.65 -26.29
N ALA TB 44 97.26 2.94 -26.21
CA ALA TB 44 96.51 3.44 -25.06
C ALA TB 44 95.11 2.83 -25.00
N ARG TB 45 94.45 2.72 -26.15
CA ARG TB 45 93.11 2.12 -26.16
C ARG TB 45 93.15 0.65 -25.75
N LYS TB 46 94.12 -0.11 -26.25
CA LYS TB 46 94.28 -1.50 -25.83
C LYS TB 46 94.64 -1.60 -24.35
N PHE TB 47 95.45 -0.69 -23.84
CA PHE TB 47 95.75 -0.66 -22.41
C PHE TB 47 94.48 -0.46 -21.60
N VAL TB 48 93.66 0.53 -21.95
CA VAL TB 48 92.39 0.74 -21.26
C VAL TB 48 91.50 -0.49 -21.37
N PHE TB 49 91.48 -1.13 -22.54
CA PHE TB 49 90.62 -2.29 -22.74
C PHE TB 49 91.06 -3.50 -21.92
N PHE TB 50 92.36 -3.71 -21.76
CA PHE TB 50 92.86 -4.96 -21.18
C PHE TB 50 93.44 -4.82 -19.79
N ASN TB 51 94.40 -3.91 -19.59
CA ASN TB 51 95.22 -3.94 -18.38
C ASN TB 51 94.61 -3.20 -17.20
N ILE TB 52 93.62 -2.34 -17.44
CA ILE TB 52 92.97 -1.65 -16.32
C ILE TB 52 92.36 -2.62 -15.32
N PRO TB 53 91.61 -3.66 -15.73
CA PRO TB 53 91.11 -4.63 -14.74
C PRO TB 53 92.21 -5.33 -13.96
N GLN TB 54 93.33 -5.70 -14.59
CA GLN TB 54 94.39 -6.39 -13.86
C GLN TB 54 95.03 -5.48 -12.82
N ILE TB 55 95.26 -4.22 -13.16
CA ILE TB 55 95.80 -3.28 -12.18
C ILE TB 55 94.80 -3.03 -11.06
N GLN TB 56 93.53 -2.86 -11.41
CA GLN TB 56 92.51 -2.59 -10.40
C GLN TB 56 92.34 -3.76 -9.44
N TYR TB 57 92.43 -4.99 -9.93
CA TYR TB 57 92.21 -6.14 -9.06
C TYR TB 57 93.26 -6.21 -7.95
N LYS TB 58 94.51 -5.93 -8.27
CA LYS TB 58 95.58 -5.97 -7.28
C LYS TB 58 95.80 -4.64 -6.57
N ASN TB 59 95.13 -3.57 -7.00
CA ASN TB 59 95.13 -2.30 -6.27
C ASN TB 59 93.70 -1.85 -6.05
N PRO TB 60 93.02 -2.44 -5.06
CA PRO TB 60 91.61 -2.07 -4.83
C PRO TB 60 91.43 -0.68 -4.23
N TRP TB 61 92.41 -0.19 -3.48
CA TRP TB 61 92.30 1.11 -2.83
C TRP TB 61 92.78 2.26 -3.69
N VAL TB 62 93.33 1.98 -4.87
CA VAL TB 62 93.81 3.01 -5.77
C VAL TB 62 92.66 3.40 -6.71
N GLN TB 63 92.39 4.70 -6.81
CA GLN TB 63 91.29 5.17 -7.64
C GLN TB 63 91.79 5.39 -9.07
N ILE TB 64 91.24 4.65 -10.02
CA ILE TB 64 91.60 4.76 -11.42
C ILE TB 64 90.43 5.37 -12.17
N THR TB 65 90.68 6.45 -12.90
CA THR TB 65 89.65 7.15 -13.64
C THR TB 65 90.09 7.34 -15.09
N MET TB 66 89.21 7.00 -16.02
CA MET TB 66 89.48 7.07 -17.44
C MET TB 66 88.74 8.26 -18.06
N PHE TB 67 89.42 8.93 -18.98
CA PHE TB 67 88.88 10.11 -19.65
C PHE TB 67 89.13 9.98 -21.15
N LYS TB 68 88.15 10.41 -21.94
CA LYS TB 68 88.15 10.21 -23.38
C LYS TB 68 87.99 11.55 -24.09
N ASN TB 69 88.89 11.82 -25.03
CA ASN TB 69 88.75 12.92 -26.00
C ASN TB 69 88.67 14.29 -25.33
N MET TB 70 89.66 14.60 -24.49
CA MET TB 70 89.92 15.98 -24.07
C MET TB 70 91.32 16.47 -24.42
N THR TB 71 92.33 15.60 -24.36
CA THR TB 71 93.66 16.00 -24.74
C THR TB 71 94.08 15.24 -25.99
N PRO TB 72 94.67 15.93 -26.96
CA PRO TB 72 95.08 15.26 -28.21
C PRO TB 72 96.16 14.21 -28.02
N SER TB 73 96.87 14.20 -26.88
CA SER TB 73 97.94 13.26 -26.64
C SER TB 73 97.56 12.32 -25.50
N PRO TB 74 97.61 11.01 -25.70
CA PRO TB 74 97.30 10.08 -24.61
C PRO TB 74 98.38 10.10 -23.53
N PHE TB 75 97.93 10.06 -22.28
CA PHE TB 75 98.87 10.08 -21.17
C PHE TB 75 98.20 9.54 -19.91
N LEU TB 76 99.03 9.35 -18.89
CA LEU TB 76 98.62 8.94 -17.57
C LEU TB 76 99.17 9.92 -16.53
N ARG TB 77 98.41 10.08 -15.46
CA ARG TB 77 98.80 11.00 -14.39
C ARG TB 77 98.61 10.27 -13.07
N PHE TB 78 99.72 10.01 -12.39
CA PHE TB 78 99.69 9.31 -11.10
C PHE TB 78 99.80 10.34 -9.98
N TYR TB 79 98.76 10.42 -9.16
CA TYR TB 79 98.73 11.31 -8.01
C TYR TB 79 99.09 10.49 -6.78
N LEU TB 80 100.20 10.87 -6.15
CA LEU TB 80 100.76 10.16 -5.02
C LEU TB 80 100.27 10.76 -3.71
N ASP TB 81 100.75 10.18 -2.60
CA ASP TB 81 100.38 10.70 -1.28
C ASP TB 81 101.12 11.99 -0.96
N SER TB 82 102.35 12.15 -1.46
CA SER TB 82 103.15 13.34 -1.18
C SER TB 82 102.75 14.53 -2.02
N GLY TB 83 101.87 14.36 -2.99
CA GLY TB 83 101.44 15.44 -3.85
C GLY TB 83 102.17 15.52 -5.18
N GLU TB 84 103.23 14.74 -5.37
CA GLU TB 84 103.96 14.75 -6.63
C GLU TB 84 103.11 14.09 -7.71
N GLN TB 85 103.03 14.75 -8.86
CA GLN TB 85 102.25 14.26 -9.99
C GLN TB 85 103.19 13.62 -11.01
N VAL TB 86 102.93 12.34 -11.32
CA VAL TB 86 103.76 11.56 -12.23
C VAL TB 86 103.08 11.61 -13.60
N LEU TB 87 103.71 12.29 -14.56
CA LEU TB 87 103.17 12.42 -15.90
C LEU TB 87 103.84 11.41 -16.82
N VAL TB 88 103.04 10.57 -17.46
CA VAL TB 88 103.53 9.51 -18.34
C VAL TB 88 102.91 9.73 -19.71
N ASP TB 89 103.74 10.09 -20.69
CA ASP TB 89 103.28 10.33 -22.05
C ASP TB 89 103.27 9.00 -22.80
N VAL TB 90 102.14 8.65 -23.40
CA VAL TB 90 102.02 7.44 -24.20
C VAL TB 90 101.48 7.83 -25.57
N GLU TB 91 102.37 7.99 -26.54
CA GLU TB 91 102.02 8.41 -27.88
C GLU TB 91 102.14 7.28 -28.90
N SER TB 92 103.23 6.51 -28.84
CA SER TB 92 103.42 5.36 -29.72
C SER TB 92 103.77 4.10 -28.96
N LYS TB 93 103.69 4.13 -27.62
CA LYS TB 93 104.00 2.95 -26.82
C LYS TB 93 102.94 1.89 -27.04
N SER TB 94 103.34 0.62 -26.91
CA SER TB 94 102.42 -0.49 -27.10
C SER TB 94 101.78 -0.89 -25.77
N ASN TB 95 100.86 -1.84 -25.86
CA ASN TB 95 100.11 -2.26 -24.67
C ASN TB 95 101.04 -2.86 -23.62
N LYS TB 96 101.97 -3.71 -24.03
CA LYS TB 96 102.93 -4.29 -23.09
C LYS TB 96 103.94 -3.26 -22.60
N GLU TB 97 104.34 -2.34 -23.47
CA GLU TB 97 105.27 -1.29 -23.09
C GLU TB 97 104.69 -0.37 -22.02
N ILE TB 98 103.39 -0.07 -22.09
CA ILE TB 98 102.78 0.77 -21.05
C ILE TB 98 102.89 0.08 -19.70
N VAL TB 99 102.57 -1.21 -19.63
CA VAL TB 99 102.63 -1.94 -18.37
C VAL TB 99 104.06 -2.00 -17.85
N GLU TB 100 105.01 -2.30 -18.74
CA GLU TB 100 106.41 -2.37 -18.30
C GLU TB 100 106.92 -1.02 -17.82
N HIS TB 101 106.53 0.08 -18.49
CA HIS TB 101 106.94 1.41 -18.06
C HIS TB 101 106.34 1.76 -16.70
N ILE TB 102 105.06 1.45 -16.49
CA ILE TB 102 104.43 1.74 -15.20
C ILE TB 102 105.11 0.95 -14.09
N ARG TB 103 105.34 -0.35 -14.32
CA ARG TB 103 106.02 -1.16 -13.31
C ARG TB 103 107.43 -0.65 -13.04
N LYS TB 104 108.12 -0.14 -14.06
CA LYS TB 104 109.45 0.41 -13.86
C LYS TB 104 109.42 1.69 -13.02
N ILE TB 105 108.52 2.62 -13.35
CA ILE TB 105 108.59 3.94 -12.72
C ILE TB 105 107.97 3.92 -11.33
N LEU TB 106 106.80 3.32 -11.17
CA LEU TB 106 106.15 3.23 -9.86
C LEU TB 106 105.51 1.84 -9.73
N GLY TB 107 106.12 1.01 -8.89
CA GLY TB 107 105.64 -0.34 -8.66
C GLY TB 107 106.36 -0.99 -7.50
N LYS TB 108 106.25 -2.30 -7.36
CA LYS TB 108 106.90 -3.04 -6.29
C LYS TB 108 107.82 -4.09 -6.88
N ASN TB 109 109.01 -4.23 -6.31
CA ASN TB 109 109.98 -5.18 -6.81
C ASN TB 109 109.58 -6.61 -6.44
N GLU TB 110 110.19 -7.57 -7.13
CA GLU TB 110 109.93 -8.97 -6.86
C GLU TB 110 110.31 -9.33 -5.42
N GLU TB 111 111.48 -8.87 -4.97
CA GLU TB 111 111.88 -9.09 -3.59
C GLU TB 111 110.93 -8.41 -2.62
N THR TB 112 110.43 -7.23 -2.98
CA THR TB 112 109.47 -6.54 -2.11
C THR TB 112 108.19 -7.35 -1.95
N LEU TB 113 107.68 -7.94 -3.05
CA LEU TB 113 106.52 -8.80 -2.94
C LEU TB 113 106.81 -10.07 -2.16
N GLU TB 114 107.99 -10.67 -2.38
CA GLU TB 114 108.34 -11.89 -1.67
C GLU TB 114 108.45 -11.68 -0.17
N LYS TB 115 109.02 -10.54 0.26
CA LYS TB 115 109.09 -10.29 1.70
C LYS TB 115 107.71 -10.11 2.32
N GLU TB 116 106.79 -9.44 1.61
CA GLU TB 116 105.43 -9.28 2.12
C GLU TB 116 104.73 -10.62 2.24
N GLU TB 117 104.84 -11.48 1.21
CA GLU TB 117 104.17 -12.77 1.30
C GLU TB 117 104.83 -13.70 2.31
N GLN TB 118 106.16 -13.60 2.49
CA GLN TB 118 106.83 -14.38 3.52
C GLN TB 118 106.41 -13.93 4.91
N GLU TB 119 106.16 -12.63 5.11
CA GLU TB 119 105.60 -12.18 6.37
C GLU TB 119 104.17 -12.67 6.54
N LYS TB 120 103.37 -12.64 5.47
CA LYS TB 120 101.98 -13.05 5.57
C LYS TB 120 101.84 -14.52 5.94
N LYS TB 121 102.69 -15.40 5.37
CA LYS TB 121 102.59 -16.81 5.72
C LYS TB 121 102.94 -17.09 7.17
N GLN TB 122 103.59 -16.14 7.85
CA GLN TB 122 103.95 -16.33 9.25
C GLN TB 122 102.75 -16.24 10.18
N LEU TB 123 101.69 -15.54 9.77
CA LEU TB 123 100.52 -15.35 10.63
C LEU TB 123 99.86 -16.68 10.98
N SER TB 124 99.70 -17.57 10.00
CA SER TB 124 99.15 -18.89 10.23
C SER TB 124 100.25 -19.77 10.83
N HIS TB 125 100.04 -20.19 12.07
CA HIS TB 125 101.20 -20.90 12.62
C HIS TB 125 100.94 -22.40 12.68
N PRO TB 126 101.89 -23.21 12.21
CA PRO TB 126 101.69 -24.66 12.18
C PRO TB 126 101.46 -25.30 13.54
N ALA TB 127 102.08 -24.79 14.59
CA ALA TB 127 101.98 -25.41 15.91
C ALA TB 127 100.76 -24.98 16.70
N HIS TB 128 99.98 -24.02 16.19
CA HIS TB 128 98.81 -23.54 16.89
C HIS TB 128 97.66 -24.52 16.76
N PHE TB 129 96.68 -24.38 17.65
CA PHE TB 129 95.50 -25.23 17.67
C PHE TB 129 94.25 -24.35 17.67
N GLY TB 130 93.17 -24.89 17.10
CA GLY TB 130 91.95 -24.15 16.95
C GLY TB 130 91.13 -24.65 15.79
N PRO TB 131 90.38 -23.77 15.14
CA PRO TB 131 89.53 -24.20 14.03
C PRO TB 131 90.31 -24.43 12.74
N ARG TB 132 89.71 -25.22 11.86
CA ARG TB 132 90.34 -25.58 10.60
C ARG TB 132 90.56 -24.38 9.69
N LYS TB 133 89.84 -23.28 9.91
CA LYS TB 133 90.04 -22.09 9.08
C LYS TB 133 91.36 -21.41 9.38
N TYR TB 134 91.78 -21.38 10.65
CA TYR TB 134 93.00 -20.72 11.05
C TYR TB 134 94.10 -21.66 11.51
N CYS TB 135 93.77 -22.88 11.92
CA CYS TB 135 94.74 -23.84 12.43
C CYS TB 135 94.56 -25.17 11.75
N LEU TB 136 95.60 -25.99 11.81
CA LEU TB 136 95.61 -27.29 11.14
C LEU TB 136 95.00 -28.41 11.98
N ARG TB 137 94.93 -28.25 13.30
CA ARG TB 137 94.42 -29.29 14.17
C ARG TB 137 93.34 -28.71 15.08
N GLU TB 138 92.31 -29.50 15.35
CA GLU TB 138 91.21 -29.11 16.22
C GLU TB 138 91.43 -29.54 17.66
N CYS TB 139 91.52 -30.83 17.92
CA CYS TB 139 91.86 -31.33 19.25
C CYS TB 139 93.14 -32.15 19.16
N MET TB 140 93.95 -32.06 20.20
CA MET TB 140 95.29 -32.64 20.17
C MET TB 140 95.27 -34.16 20.30
N CYS TB 141 94.09 -34.76 20.42
CA CYS TB 141 93.98 -36.22 20.42
C CYS TB 141 94.43 -36.81 19.09
N GLU TB 142 94.06 -36.17 17.98
CA GLU TB 142 94.27 -36.75 16.66
C GLU TB 142 95.74 -36.88 16.28
N VAL TB 143 96.64 -36.25 17.04
CA VAL TB 143 98.07 -36.48 16.83
C VAL TB 143 98.39 -37.94 17.09
N GLU TB 144 99.27 -38.51 16.26
CA GLU TB 144 99.47 -39.96 16.25
C GLU TB 144 100.00 -40.49 17.58
N GLY TB 145 100.99 -39.84 18.16
CA GLY TB 145 101.66 -40.40 19.32
C GLY TB 145 100.94 -40.19 20.63
N GLN TB 146 99.86 -39.42 20.63
CA GLN TB 146 99.23 -39.00 21.87
C GLN TB 146 97.99 -39.83 22.15
N VAL TB 147 97.30 -39.48 23.24
CA VAL TB 147 96.09 -40.22 23.64
C VAL TB 147 95.00 -40.01 22.60
N PRO TB 148 94.32 -41.05 22.14
CA PRO TB 148 93.27 -40.87 21.12
C PRO TB 148 92.06 -40.16 21.70
N CYS TB 149 91.22 -39.68 20.78
CA CYS TB 149 90.01 -38.94 21.16
C CYS TB 149 88.99 -39.90 21.75
N PRO TB 150 88.33 -39.54 22.86
CA PRO TB 150 87.35 -40.44 23.47
C PRO TB 150 86.15 -40.74 22.57
N GLY TB 151 85.84 -39.88 21.62
CA GLY TB 151 84.76 -40.14 20.69
C GLY TB 151 85.09 -41.11 19.57
N LEU TB 152 86.35 -41.50 19.46
CA LEU TB 152 86.80 -42.45 18.45
C LEU TB 152 87.22 -43.79 19.06
N VAL TB 153 88.15 -43.76 20.01
CA VAL TB 153 88.60 -44.95 20.73
C VAL TB 153 88.23 -44.76 22.20
N PRO TB 154 87.36 -45.60 22.76
CA PRO TB 154 86.98 -45.45 24.18
C PRO TB 154 88.20 -45.59 25.09
N LEU TB 155 88.25 -44.75 26.12
CA LEU TB 155 89.36 -44.78 27.06
C LEU TB 155 89.20 -45.94 28.02
N PRO TB 156 90.31 -46.46 28.57
CA PRO TB 156 90.23 -47.53 29.55
C PRO TB 156 89.55 -47.07 30.83
N LYS TB 157 89.03 -48.04 31.58
CA LYS TB 157 88.29 -47.76 32.80
C LYS TB 157 89.13 -47.03 33.85
N GLU TB 158 90.45 -47.16 33.79
CA GLU TB 158 91.31 -46.51 34.78
C GLU TB 158 91.42 -45.01 34.56
N MET TB 159 91.14 -44.52 33.35
CA MET TB 159 91.23 -43.10 33.06
C MET TB 159 89.88 -42.39 33.09
N THR TB 160 88.77 -43.13 33.19
CA THR TB 160 87.46 -42.50 33.25
C THR TB 160 87.22 -41.90 34.63
N GLY TB 161 86.48 -40.79 34.66
CA GLY TB 161 86.19 -40.12 35.90
C GLY TB 161 85.17 -40.81 36.79
N LYS TB 162 84.31 -41.63 36.20
CA LYS TB 162 83.29 -42.32 37.01
C LYS TB 162 83.94 -43.37 37.90
N TYR TB 163 84.90 -44.12 37.37
CA TYR TB 163 85.59 -45.14 38.17
C TYR TB 163 86.40 -44.52 39.30
N LYS TB 164 87.02 -43.37 39.04
CA LYS TB 164 87.78 -42.68 40.09
C LYS TB 164 86.87 -42.21 41.22
N ALA TB 165 85.68 -41.71 40.89
CA ALA TB 165 84.71 -41.38 41.93
C ALA TB 165 84.19 -42.61 42.65
N ALA TB 166 83.95 -43.70 41.94
CA ALA TB 166 83.47 -44.93 42.57
C ALA TB 166 84.49 -45.50 43.55
N LEU TB 167 85.77 -45.49 43.21
CA LEU TB 167 86.79 -46.00 44.13
C LEU TB 167 86.95 -45.10 45.35
N LYS TB 168 86.79 -43.78 45.17
CA LYS TB 168 86.87 -42.88 46.31
C LYS TB 168 85.64 -42.99 47.21
N ALA TB 169 84.49 -43.34 46.64
CA ALA TB 169 83.27 -43.50 47.44
C ALA TB 169 83.39 -44.64 48.44
N THR TB 170 84.05 -45.72 48.06
CA THR TB 170 84.23 -46.87 48.96
C THR TB 170 85.53 -46.73 49.75
N ARG UB 27 76.93 -16.13 37.40
CA ARG UB 27 77.11 -15.74 38.79
C ARG UB 27 75.97 -14.86 39.29
N LYS UB 28 76.31 -13.91 40.16
CA LYS UB 28 75.35 -13.00 40.77
C LYS UB 28 75.58 -11.59 40.23
N THR UB 29 74.56 -10.74 40.33
CA THR UB 29 74.66 -9.36 39.90
C THR UB 29 74.53 -8.43 41.10
N ARG UB 30 74.73 -7.14 40.86
CA ARG UB 30 74.74 -6.17 41.94
C ARG UB 30 73.37 -6.00 42.58
N HIS UB 31 72.30 -6.27 41.84
CA HIS UB 31 70.94 -6.02 42.31
C HIS UB 31 70.26 -7.23 42.93
N ASP UB 32 70.95 -8.37 43.02
CA ASP UB 32 70.29 -9.52 43.63
C ASP UB 32 70.64 -9.61 45.11
N PRO UB 33 69.67 -9.93 45.98
CA PRO UB 33 69.97 -10.03 47.40
C PRO UB 33 70.78 -11.28 47.69
N PRO UB 34 71.55 -11.30 48.77
CA PRO UB 34 72.30 -12.50 49.14
C PRO UB 34 71.38 -13.56 49.74
N ALA UB 35 71.89 -14.79 49.77
CA ALA UB 35 71.14 -15.90 50.32
C ALA UB 35 71.00 -15.77 51.83
N LYS UB 36 69.92 -16.36 52.36
CA LYS UB 36 69.68 -16.31 53.79
C LYS UB 36 70.70 -17.13 54.58
N SER UB 37 71.12 -18.27 54.05
CA SER UB 37 72.07 -19.11 54.75
C SER UB 37 73.48 -18.52 54.75
N LYS UB 38 73.77 -17.58 53.85
CA LYS UB 38 75.07 -16.94 53.79
C LYS UB 38 75.04 -15.49 54.27
N ALA UB 39 73.85 -14.94 54.55
CA ALA UB 39 73.77 -13.62 55.16
C ALA UB 39 74.27 -13.65 56.60
N GLY UB 40 74.06 -14.78 57.28
CA GLY UB 40 74.55 -14.95 58.63
C GLY UB 40 75.78 -15.82 58.71
N ARG UB 41 76.68 -15.65 57.73
CA ARG UB 41 77.90 -16.44 57.64
C ARG UB 41 79.09 -15.52 57.37
N VAL UB 42 80.19 -15.77 58.05
CA VAL UB 42 81.44 -15.06 57.82
C VAL UB 42 82.52 -16.09 57.51
N ALA UB 43 83.50 -15.69 56.71
CA ALA UB 43 84.56 -16.60 56.30
C ALA UB 43 85.43 -17.00 57.48
N THR UB 44 85.78 -18.28 57.52
CA THR UB 44 86.65 -18.81 58.56
C THR UB 44 88.04 -19.08 58.02
N PRO UB 45 89.08 -18.49 58.61
CA PRO UB 45 90.46 -18.78 58.18
C PRO UB 45 90.85 -20.20 58.55
N PRO UB 46 91.68 -20.84 57.73
CA PRO UB 46 92.09 -22.22 57.98
C PRO UB 46 93.23 -22.27 58.98
N ALA UB 47 93.75 -23.48 59.19
CA ALA UB 47 94.85 -23.71 60.10
C ALA UB 47 96.13 -23.03 59.60
N VAL UB 48 96.94 -22.56 60.54
CA VAL UB 48 98.16 -21.83 60.25
C VAL UB 48 99.34 -22.55 60.89
N ASP UB 49 100.36 -22.86 60.09
CA ASP UB 49 101.58 -23.47 60.59
C ASP UB 49 102.69 -22.42 60.58
N PRO UB 50 103.17 -21.94 61.74
CA PRO UB 50 104.12 -20.83 61.72
C PRO UB 50 105.46 -21.15 61.07
N THR UB 51 106.09 -22.28 61.42
CA THR UB 51 107.40 -22.60 60.86
C THR UB 51 107.34 -22.79 59.35
N GLU UB 52 106.25 -23.35 58.83
CA GLU UB 52 106.07 -23.42 57.39
C GLU UB 52 105.73 -22.06 56.79
N PHE UB 53 104.90 -21.28 57.47
CA PHE UB 53 104.43 -20.01 56.93
C PHE UB 53 105.58 -19.01 56.76
N PHE UB 54 106.50 -18.96 57.72
CA PHE UB 54 107.59 -17.99 57.66
C PHE UB 54 108.52 -18.27 56.48
N VAL UB 55 108.99 -19.52 56.36
CA VAL UB 55 109.84 -19.88 55.24
C VAL UB 55 109.08 -19.76 53.91
N LEU UB 56 107.78 -20.04 53.92
CA LEU UB 56 106.97 -19.88 52.72
C LEU UB 56 106.94 -18.43 52.27
N THR UB 57 106.78 -17.50 53.22
CA THR UB 57 106.74 -16.08 52.87
C THR UB 57 108.10 -15.57 52.40
N GLU UB 58 109.18 -16.01 53.05
CA GLU UB 58 110.49 -15.57 52.58
C GLU UB 58 110.78 -16.11 51.19
N ARG UB 59 110.36 -17.35 50.90
CA ARG UB 59 110.45 -17.86 49.54
C ARG UB 59 109.59 -17.08 48.57
N TYR UB 60 108.38 -16.67 48.96
CA TYR UB 60 107.59 -15.79 48.10
C TYR UB 60 108.33 -14.50 47.77
N ARG UB 61 108.92 -13.86 48.77
CA ARG UB 61 109.63 -12.61 48.49
C ARG UB 61 110.84 -12.84 47.59
N GLN UB 62 111.60 -13.91 47.85
CA GLN UB 62 112.77 -14.20 47.03
C GLN UB 62 112.39 -14.55 45.60
N TYR UB 63 111.24 -15.19 45.39
CA TYR UB 63 110.76 -15.50 44.05
C TYR UB 63 110.24 -14.25 43.35
N ARG UB 64 109.51 -13.40 44.08
CA ARG UB 64 108.93 -12.21 43.48
C ARG UB 64 109.97 -11.20 43.08
N GLN UB 65 111.06 -11.05 43.85
CA GLN UB 65 112.11 -10.14 43.41
C GLN UB 65 112.76 -10.63 42.11
N THR UB 66 112.95 -11.94 41.97
CA THR UB 66 113.52 -12.50 40.75
C THR UB 66 112.59 -12.29 39.55
N VAL UB 67 111.29 -12.55 39.74
CA VAL UB 67 110.37 -12.35 38.62
C VAL UB 67 110.24 -10.87 38.29
N ARG UB 68 110.38 -9.99 39.29
CA ARG UB 68 110.38 -8.56 39.01
C ARG UB 68 111.59 -8.16 38.17
N ALA UB 69 112.77 -8.69 38.52
CA ALA UB 69 113.96 -8.42 37.72
C ALA UB 69 113.82 -8.94 36.30
N LEU UB 70 113.24 -10.13 36.14
CA LEU UB 70 113.00 -10.65 34.80
C LEU UB 70 112.00 -9.81 34.02
N ARG UB 71 110.97 -9.31 34.71
CA ARG UB 71 110.01 -8.41 34.09
C ARG UB 71 110.68 -7.14 33.59
N LEU UB 72 111.58 -6.58 34.41
CA LEU UB 72 112.36 -5.42 33.97
C LEU UB 72 113.25 -5.74 32.77
N GLU UB 73 113.88 -6.92 32.78
CA GLU UB 73 114.72 -7.32 31.65
C GLU UB 73 113.90 -7.42 30.36
N PHE UB 74 112.70 -8.02 30.45
CA PHE UB 74 111.84 -8.11 29.28
C PHE UB 74 111.33 -6.75 28.82
N MET UB 75 111.00 -5.86 29.76
CA MET UB 75 110.64 -4.50 29.37
C MET UB 75 111.78 -3.81 28.62
N SER UB 76 113.02 -3.98 29.11
CA SER UB 76 114.16 -3.40 28.43
C SER UB 76 114.35 -3.97 27.03
N GLU UB 77 114.23 -5.30 26.88
CA GLU UB 77 114.42 -5.88 25.56
C GLU UB 77 113.33 -5.43 24.60
N VAL UB 78 112.09 -5.30 25.08
CA VAL UB 78 111.02 -4.77 24.24
C VAL UB 78 111.32 -3.34 23.83
N ARG UB 79 111.85 -2.52 24.75
CA ARG UB 79 112.25 -1.16 24.39
C ARG UB 79 113.31 -1.17 23.29
N LYS UB 80 114.35 -2.01 23.42
CA LYS UB 80 115.38 -2.08 22.39
C LYS UB 80 114.80 -2.50 21.04
N LYS UB 81 113.95 -3.53 21.03
CA LYS UB 81 113.39 -3.99 19.76
C LYS UB 81 112.50 -2.93 19.13
N LEU UB 82 111.66 -2.24 19.91
CA LEU UB 82 110.81 -1.21 19.31
C LEU UB 82 111.63 -0.04 18.81
N HIS UB 83 112.67 0.37 19.54
CA HIS UB 83 113.52 1.45 19.06
C HIS UB 83 114.25 1.07 17.78
N GLU UB 84 114.77 -0.15 17.69
CA GLU UB 84 115.43 -0.61 16.48
C GLU UB 84 114.46 -0.80 15.32
N ALA UB 85 113.19 -1.07 15.61
CA ALA UB 85 112.17 -1.14 14.56
C ALA UB 85 111.73 0.23 14.07
N ARG UB 86 111.70 1.24 14.94
CA ARG UB 86 111.28 2.58 14.53
C ARG UB 86 112.41 3.37 13.89
N ALA UB 87 113.51 3.59 14.62
CA ALA UB 87 114.61 4.41 14.15
C ALA UB 87 115.90 3.63 14.14
N GLY UB 88 115.86 2.40 13.65
CA GLY UB 88 117.03 1.55 13.65
C GLY UB 88 117.99 1.87 12.52
N VAL UB 89 119.19 1.30 12.66
CA VAL UB 89 120.23 1.50 11.66
C VAL UB 89 119.81 0.88 10.33
N GLN UB 90 119.10 -0.25 10.38
CA GLN UB 90 118.56 -0.84 9.16
C GLN UB 90 117.37 -0.08 8.61
N ALA UB 91 116.51 0.45 9.50
CA ALA UB 91 115.35 1.19 9.05
C ALA UB 91 115.74 2.47 8.32
N GLU UB 92 116.74 3.19 8.86
CA GLU UB 92 117.20 4.42 8.20
C GLU UB 92 117.78 4.14 6.82
N ARG UB 93 118.47 3.01 6.66
CA ARG UB 93 119.02 2.66 5.34
C ARG UB 93 117.92 2.52 4.31
N LYS UB 94 116.84 1.80 4.66
CA LYS UB 94 115.70 1.70 3.75
C LYS UB 94 115.05 3.05 3.50
N ALA UB 95 114.88 3.85 4.56
CA ALA UB 95 114.24 5.16 4.41
C ALA UB 95 115.03 6.06 3.48
N GLN UB 96 116.35 5.88 3.40
CA GLN UB 96 117.16 6.67 2.49
C GLN UB 96 117.21 6.09 1.08
N GLU UB 97 117.34 4.77 0.94
CA GLU UB 97 117.46 4.19 -0.40
C GLU UB 97 116.15 4.29 -1.17
N ASP UB 98 115.01 4.14 -0.48
CA ASP UB 98 113.73 4.34 -1.16
C ASP UB 98 113.60 5.77 -1.69
N ALA UB 99 113.98 6.76 -0.89
CA ALA UB 99 113.92 8.15 -1.33
C ALA UB 99 114.84 8.40 -2.51
N ALA UB 100 116.05 7.83 -2.48
CA ALA UB 100 116.97 8.01 -3.61
C ALA UB 100 116.42 7.38 -4.89
N GLU UB 101 115.92 6.14 -4.80
CA GLU UB 101 115.38 5.46 -5.97
C GLU UB 101 114.14 6.15 -6.52
N HIS UB 102 113.31 6.73 -5.65
CA HIS UB 102 112.15 7.48 -6.12
C HIS UB 102 112.56 8.62 -7.04
N ARG UB 103 113.50 9.46 -6.58
CA ARG UB 103 113.98 10.57 -7.40
C ARG UB 103 114.66 10.09 -8.67
N GLU UB 104 115.44 9.00 -8.59
CA GLU UB 104 116.08 8.46 -9.78
C GLU UB 104 115.05 8.04 -10.83
N LEU UB 105 114.03 7.30 -10.40
CA LEU UB 105 112.99 6.87 -11.32
C LEU UB 105 112.25 8.06 -11.92
N MET UB 106 112.00 9.09 -11.12
CA MET UB 106 111.23 10.21 -11.64
C MET UB 106 112.05 11.07 -12.60
N ALA UB 107 113.36 11.18 -12.37
CA ALA UB 107 114.22 11.81 -13.35
C ALA UB 107 114.27 11.00 -14.65
N TRP UB 108 114.31 9.67 -14.53
CA TRP UB 108 114.26 8.83 -15.72
C TRP UB 108 112.96 9.04 -16.50
N ASN UB 109 111.83 9.15 -15.79
CA ASN UB 109 110.55 9.42 -16.43
C ASN UB 109 110.55 10.77 -17.13
N GLN UB 110 111.12 11.80 -16.48
CA GLN UB 110 111.21 13.11 -17.12
C GLN UB 110 112.03 13.05 -18.41
N ALA UB 111 113.17 12.37 -18.38
CA ALA UB 111 113.98 12.20 -19.59
C ALA UB 111 113.23 11.45 -20.68
N GLU UB 112 112.50 10.38 -20.32
CA GLU UB 112 111.72 9.64 -21.30
C GLU UB 112 110.66 10.53 -21.94
N ASN UB 113 109.97 11.33 -21.12
CA ASN UB 113 108.94 12.22 -21.65
C ASN UB 113 109.53 13.27 -22.58
N GLN UB 114 110.69 13.83 -22.23
CA GLN UB 114 111.33 14.80 -23.12
C GLN UB 114 111.75 14.15 -24.44
N ARG UB 115 112.29 12.93 -24.38
CA ARG UB 115 112.63 12.23 -25.61
C ARG UB 115 111.41 12.05 -26.51
N LEU UB 116 110.32 11.53 -25.93
CA LEU UB 116 109.09 11.36 -26.69
C LEU UB 116 108.55 12.67 -27.23
N HIS UB 117 108.69 13.76 -26.49
CA HIS UB 117 108.29 15.07 -27.00
C HIS UB 117 109.12 15.48 -28.19
N GLU UB 118 110.42 15.18 -28.18
CA GLU UB 118 111.26 15.47 -29.34
C GLU UB 118 110.82 14.68 -30.57
N LEU UB 119 110.55 13.38 -30.41
CA LEU UB 119 110.04 12.62 -31.56
C LEU UB 119 108.68 13.16 -32.02
N ARG UB 120 107.83 13.58 -31.09
CA ARG UB 120 106.53 14.14 -31.45
C ARG UB 120 106.69 15.42 -32.27
N LEU UB 121 107.61 16.31 -31.87
CA LEU UB 121 107.85 17.52 -32.66
C LEU UB 121 108.38 17.18 -34.05
N ALA UB 122 109.30 16.20 -34.14
CA ALA UB 122 109.80 15.79 -35.44
C ALA UB 122 108.69 15.27 -36.34
N ARG UB 123 107.74 14.51 -35.77
CA ARG UB 123 106.60 14.02 -36.55
C ARG UB 123 105.66 15.17 -36.94
N LEU UB 124 105.42 16.10 -36.02
CA LEU UB 124 104.47 17.18 -36.27
C LEU UB 124 104.96 18.12 -37.36
N ARG UB 125 106.27 18.33 -37.47
CA ARG UB 125 106.77 19.16 -38.56
C ARG UB 125 106.49 18.52 -39.93
N GLN UB 126 106.69 17.21 -40.04
CA GLN UB 126 106.36 16.53 -41.29
C GLN UB 126 104.85 16.59 -41.56
N GLU UB 127 104.03 16.44 -40.52
CA GLU UB 127 102.60 16.59 -40.69
C GLU UB 127 102.23 17.99 -41.18
N ALA UB 128 102.92 19.02 -40.67
CA ALA UB 128 102.67 20.38 -41.14
C ALA UB 128 103.05 20.53 -42.61
N LEU UB 129 104.16 19.93 -43.03
CA LEU UB 129 104.53 19.98 -44.44
C LEU UB 129 103.48 19.30 -45.32
N GLU UB 130 102.98 18.14 -44.88
CA GLU UB 130 101.92 17.47 -45.64
C GLU UB 130 100.65 18.30 -45.68
N GLN UB 131 100.32 18.98 -44.58
CA GLN UB 131 99.18 19.89 -44.58
C GLN UB 131 99.38 21.04 -45.55
N GLU UB 132 100.61 21.57 -45.64
CA GLU UB 132 100.89 22.62 -46.62
C GLU UB 132 100.68 22.11 -48.04
N ARG UB 133 101.07 20.86 -48.31
CA ARG UB 133 100.80 20.27 -49.62
C ARG UB 133 99.30 20.18 -49.88
N ARG UB 134 98.52 19.81 -48.85
CA ARG UB 134 97.08 19.77 -49.00
C ARG UB 134 96.49 21.16 -49.27
N GLN UB 135 96.99 22.18 -48.60
CA GLN UB 135 96.58 23.55 -48.93
C GLN UB 135 96.93 23.92 -50.37
N ALA UB 136 98.11 23.52 -50.83
CA ALA UB 136 98.51 23.79 -52.21
C ALA UB 136 97.54 23.15 -53.21
N GLU UB 137 97.12 21.92 -52.97
CA GLU UB 137 96.17 21.30 -53.91
C GLU UB 137 94.78 21.91 -53.80
N GLU UB 138 94.28 22.17 -52.58
CA GLU UB 138 92.94 22.72 -52.46
C GLU UB 138 92.84 24.14 -53.01
N ALA UB 139 93.89 24.95 -52.88
CA ALA UB 139 93.85 26.29 -53.44
C ALA UB 139 93.77 26.25 -54.97
N VAL UB 140 94.57 25.40 -55.60
CA VAL UB 140 94.55 25.33 -57.06
C VAL UB 140 93.24 24.75 -57.56
N LEU UB 141 92.59 23.87 -56.78
CA LEU UB 141 91.25 23.45 -57.17
C LEU UB 141 90.24 24.59 -57.02
N GLN UB 142 90.14 25.16 -55.82
CA GLN UB 142 89.14 26.20 -55.56
C GLN UB 142 89.31 27.38 -56.50
N ALA UB 143 90.52 27.62 -57.02
CA ALA UB 143 90.67 28.60 -58.08
C ALA UB 143 89.87 28.21 -59.32
N ARG UB 144 89.87 26.92 -59.68
CA ARG UB 144 89.13 26.48 -60.85
C ARG UB 144 87.62 26.52 -60.63
N GLU UB 145 87.13 25.95 -59.52
CA GLU UB 145 85.68 25.96 -59.32
C GLU UB 145 85.16 27.37 -59.02
N ALA UB 146 85.94 28.22 -58.37
CA ALA UB 146 85.48 29.57 -58.09
C ALA UB 146 85.32 30.39 -59.37
N GLN UB 147 86.23 30.23 -60.33
CA GLN UB 147 86.16 31.01 -61.56
C GLN UB 147 85.01 30.55 -62.45
N ALA UB 148 84.76 29.23 -62.52
CA ALA UB 148 83.68 28.73 -63.36
C ALA UB 148 82.33 29.24 -62.90
N TRP UB 149 82.08 29.28 -61.59
CA TRP UB 149 80.85 29.84 -61.08
C TRP UB 149 80.71 31.32 -61.42
N ALA UB 150 81.81 32.07 -61.33
CA ALA UB 150 81.79 33.48 -61.70
C ALA UB 150 81.45 33.66 -63.18
N GLN UB 151 82.04 32.84 -64.05
CA GLN UB 151 81.70 32.92 -65.48
C GLN UB 151 80.24 32.55 -65.73
N LEU UB 152 79.73 31.53 -65.04
CA LEU UB 152 78.33 31.14 -65.21
C LEU UB 152 77.40 32.26 -64.79
N LYS UB 153 77.64 32.86 -63.62
CA LYS UB 153 76.79 33.94 -63.15
C LYS UB 153 76.95 35.21 -63.98
N GLU UB 154 78.13 35.44 -64.56
CA GLU UB 154 78.34 36.61 -65.40
C GLU UB 154 77.48 36.54 -66.66
N GLN UB 155 77.41 35.36 -67.27
CA GLN UB 155 76.63 35.21 -68.50
C GLN UB 155 75.14 35.38 -68.27
N GLU UB 156 74.63 34.96 -67.11
CA GLU UB 156 73.21 35.12 -66.82
C GLU UB 156 72.80 36.58 -66.75
N VAL UB 157 73.65 37.43 -66.17
CA VAL UB 157 73.36 38.86 -66.14
C VAL UB 157 73.31 39.42 -67.55
N LEU UB 158 74.26 39.03 -68.41
CA LEU UB 158 74.22 39.45 -69.81
C LEU UB 158 73.02 38.87 -70.55
N GLN UB 159 72.63 37.64 -70.22
CA GLN UB 159 71.45 37.07 -70.85
C GLN UB 159 70.18 37.85 -70.49
N LEU UB 160 70.03 38.22 -69.22
CA LEU UB 160 68.88 39.02 -68.80
C LEU UB 160 68.96 40.44 -69.35
N GLN UB 161 70.16 40.97 -69.56
CA GLN UB 161 70.31 42.32 -70.10
C GLN UB 161 69.68 42.43 -71.49
N GLU UB 162 69.89 41.41 -72.33
CA GLU UB 162 69.25 41.40 -73.64
C GLU UB 162 67.74 41.32 -73.51
N GLU UB 163 67.24 40.53 -72.55
CA GLU UB 163 65.80 40.40 -72.37
C GLU UB 163 65.16 41.64 -71.75
N ALA UB 164 65.96 42.49 -71.11
CA ALA UB 164 65.40 43.72 -70.53
C ALA UB 164 64.91 44.70 -71.60
N LYS UB 165 65.41 44.57 -72.83
CA LYS UB 165 64.99 45.46 -73.90
C LYS UB 165 63.60 45.09 -74.44
N THR UB 166 63.22 43.81 -74.34
CA THR UB 166 61.99 43.33 -74.93
C THR UB 166 60.89 43.10 -73.88
N PHE UB 167 61.04 43.66 -72.69
CA PHE UB 167 60.01 43.54 -71.67
C PHE UB 167 58.82 44.44 -72.01
N ILE UB 168 57.71 44.20 -71.33
CA ILE UB 168 56.48 44.97 -71.53
C ILE UB 168 56.43 46.07 -70.47
N THR UB 169 56.32 47.31 -70.92
CA THR UB 169 56.34 48.48 -70.05
C THR UB 169 55.10 49.31 -70.33
N ARG UB 170 54.95 50.43 -69.59
CA ARG UB 170 53.81 51.30 -69.80
C ARG UB 170 53.77 51.86 -71.21
N GLU UB 171 54.94 52.27 -71.74
CA GLU UB 171 54.99 52.79 -73.10
C GLU UB 171 54.72 51.71 -74.12
N ASN UB 172 55.14 50.47 -73.86
CA ASN UB 172 55.00 49.36 -74.79
C ASN UB 172 53.68 48.62 -74.64
N LEU UB 173 52.82 49.03 -73.69
CA LEU UB 173 51.56 48.33 -73.47
C LEU UB 173 50.67 48.36 -74.71
N GLU UB 174 50.45 49.56 -75.27
CA GLU UB 174 49.56 49.70 -76.41
C GLU UB 174 50.06 48.97 -77.64
N ALA UB 175 51.38 48.92 -77.85
CA ALA UB 175 51.94 48.18 -78.96
C ALA UB 175 51.88 46.67 -78.73
N ARG UB 176 52.21 46.22 -77.52
CA ARG UB 176 52.28 44.78 -77.25
C ARG UB 176 50.90 44.14 -77.28
N VAL UB 177 49.88 44.82 -76.74
CA VAL UB 177 48.54 44.26 -76.76
C VAL UB 177 48.06 44.05 -78.19
N GLU UB 178 48.23 45.07 -79.04
CA GLU UB 178 47.81 44.96 -80.43
C GLU UB 178 48.62 43.93 -81.19
N GLU UB 179 49.93 43.84 -80.91
CA GLU UB 179 50.75 42.84 -81.58
C GLU UB 179 50.36 41.42 -81.17
N ALA UB 180 50.06 41.21 -79.89
CA ALA UB 180 49.60 39.89 -79.46
C ALA UB 180 48.25 39.54 -80.07
N LEU UB 181 47.35 40.52 -80.17
CA LEU UB 181 46.04 40.26 -80.76
C LEU UB 181 46.12 39.91 -82.24
N ASP UB 182 47.24 40.20 -82.89
CA ASP UB 182 47.41 39.92 -84.32
C ASP UB 182 48.42 38.81 -84.59
N SER UB 183 49.20 38.39 -83.60
CA SER UB 183 50.21 37.33 -83.77
C SER UB 183 49.85 36.15 -82.89
N PRO UB 184 48.98 35.25 -83.36
CA PRO UB 184 48.68 34.05 -82.58
C PRO UB 184 49.86 33.09 -82.56
N LYS UB 185 49.97 32.33 -81.47
CA LYS UB 185 51.01 31.34 -81.31
C LYS UB 185 50.40 30.01 -80.89
N SER UB 186 51.08 28.92 -81.25
CA SER UB 186 50.60 27.58 -80.94
C SER UB 186 51.74 26.73 -80.40
N TYR UB 187 51.46 26.00 -79.32
CA TYR UB 187 52.40 25.03 -78.76
C TYR UB 187 52.09 23.59 -79.15
N ASN UB 188 51.20 23.37 -80.10
CA ASN UB 188 50.79 22.01 -80.45
C ASN UB 188 51.87 21.33 -81.29
N TRP UB 189 52.35 20.19 -80.81
CA TRP UB 189 53.26 19.36 -81.58
C TRP UB 189 53.12 17.92 -81.10
N ALA UB 190 53.15 16.99 -82.05
CA ALA UB 190 52.91 15.58 -81.79
C ALA UB 190 54.21 14.79 -81.96
N ILE UB 191 54.12 13.48 -81.68
CA ILE UB 191 55.25 12.58 -81.76
C ILE UB 191 54.88 11.38 -82.64
N THR UB 192 55.87 10.55 -82.92
CA THR UB 192 55.70 9.32 -83.68
C THR UB 192 56.38 8.18 -82.92
N ARG UB 193 56.19 6.96 -83.44
CA ARG UB 193 56.81 5.79 -82.82
C ARG UB 193 58.34 5.83 -82.92
N GLU UB 194 58.87 6.45 -83.97
CA GLU UB 194 60.31 6.52 -84.13
C GLU UB 194 60.95 7.48 -83.13
N GLY UB 195 60.21 8.49 -82.69
CA GLY UB 195 60.75 9.44 -81.74
C GLY UB 195 61.04 10.80 -82.34
N LEU UB 196 60.29 11.18 -83.37
CA LEU UB 196 60.44 12.46 -84.04
C LEU UB 196 59.22 13.33 -83.82
N VAL UB 197 59.42 14.63 -83.86
CA VAL UB 197 58.36 15.60 -83.63
C VAL UB 197 57.75 16.00 -84.98
N VAL UB 198 56.42 16.15 -84.99
CA VAL UB 198 55.69 16.57 -86.18
C VAL UB 198 54.83 17.77 -85.80
N ARG UB 199 54.78 18.75 -86.70
CA ARG UB 199 54.10 20.00 -86.41
C ARG UB 199 52.86 20.16 -87.30
N PRO UB 200 51.78 20.74 -86.76
CA PRO UB 200 50.61 21.04 -87.59
C PRO UB 200 50.73 22.30 -88.43
N GLN UB 201 51.84 23.05 -88.31
CA GLN UB 201 51.94 24.35 -88.94
C GLN UB 201 52.14 24.27 -90.45
N GLN UB 202 52.59 23.13 -90.98
CA GLN UB 202 52.79 23.01 -92.42
C GLN UB 202 51.48 22.92 -93.20
N LYS UB 203 50.35 22.73 -92.52
CA LYS UB 203 49.06 22.66 -93.19
C LYS UB 203 48.63 24.04 -93.68
N CYS VB 68 100.21 28.57 95.32
CA CYS VB 68 99.14 29.56 95.47
C CYS VB 68 99.73 30.95 95.69
N LEU VB 69 101.04 31.01 95.91
CA LEU VB 69 101.72 32.28 96.20
C LEU VB 69 101.84 33.18 94.97
N LEU VB 70 101.94 32.60 93.76
CA LEU VB 70 102.18 33.41 92.57
C LEU VB 70 101.01 34.35 92.31
N SER VB 71 99.78 33.90 92.57
CA SER VB 71 98.60 34.71 92.27
C SER VB 71 98.53 35.98 93.09
N ALA VB 72 99.28 36.09 94.19
CA ALA VB 72 99.33 37.34 94.93
C ALA VB 72 99.95 38.46 94.10
N ALA VB 73 101.08 38.17 93.46
CA ALA VB 73 101.75 39.13 92.58
C ALA VB 73 101.30 39.03 91.13
N TYR VB 74 100.45 38.06 90.81
CA TYR VB 74 99.91 37.86 89.47
C TYR VB 74 98.49 38.38 89.36
N VAL VB 75 98.20 39.54 89.93
CA VAL VB 75 96.87 40.11 90.04
C VAL VB 75 96.12 39.99 88.71
N ASP VB 76 94.91 39.44 88.77
CA ASP VB 76 94.12 39.12 87.59
C ASP VB 76 92.99 40.09 87.33
N SER VB 77 92.42 40.68 88.38
CA SER VB 77 91.31 41.62 88.21
C SER VB 77 91.74 42.89 87.50
N HIS VB 78 93.01 43.29 87.64
CA HIS VB 78 93.49 44.50 86.98
C HIS VB 78 93.58 44.33 85.47
N LYS VB 79 94.15 43.22 85.01
CA LYS VB 79 94.36 43.01 83.58
C LYS VB 79 93.16 42.38 82.88
N TRP VB 80 92.37 41.57 83.60
CA TRP VB 80 91.25 40.90 82.96
C TRP VB 80 90.17 41.90 82.55
N GLU VB 81 89.90 42.90 83.38
CA GLU VB 81 88.92 43.92 83.04
C GLU VB 81 89.36 44.78 81.86
N ALA VB 82 90.63 44.73 81.49
CA ALA VB 82 91.15 45.45 80.34
C ALA VB 82 91.17 44.60 79.08
N ARG VB 83 90.45 43.48 79.06
CA ARG VB 83 90.42 42.59 77.90
C ARG VB 83 89.07 42.54 77.20
N ASP VB 84 88.00 43.00 77.85
CA ASP VB 84 86.67 42.99 77.26
C ASP VB 84 86.46 44.30 76.49
N LYS VB 85 86.75 44.26 75.19
CA LYS VB 85 86.61 45.44 74.32
C LYS VB 85 85.66 45.16 73.17
N GLU VB 86 84.69 44.27 73.36
CA GLU VB 86 83.76 43.90 72.30
C GLU VB 86 82.49 44.76 72.35
N ASP VB 87 81.81 44.77 73.50
CA ASP VB 87 80.60 45.56 73.71
C ASP VB 87 79.52 45.19 72.69
N CYS VB 88 79.07 43.94 72.77
CA CYS VB 88 78.07 43.40 71.86
C CYS VB 88 76.82 42.98 72.65
N HIS VB 89 75.89 42.34 71.96
CA HIS VB 89 74.63 41.90 72.54
C HIS VB 89 74.53 40.39 72.50
N LEU VB 90 73.84 39.82 73.50
CA LEU VB 90 73.76 38.38 73.62
C LEU VB 90 72.67 37.78 72.74
N ALA VB 91 71.51 38.42 72.69
CA ALA VB 91 70.40 37.88 71.89
C ALA VB 91 70.74 37.84 70.40
N ASP VB 92 71.34 38.91 69.88
CA ASP VB 92 71.70 38.94 68.48
C ASP VB 92 72.71 37.85 68.14
N LEU VB 93 73.72 37.66 68.98
CA LEU VB 93 74.71 36.60 68.76
C LEU VB 93 74.08 35.22 68.80
N ALA VB 94 73.17 34.98 69.76
CA ALA VB 94 72.48 33.70 69.86
C ALA VB 94 71.64 33.42 68.62
N SER VB 95 70.84 34.41 68.19
CA SER VB 95 70.08 34.30 66.95
C SER VB 95 70.99 34.07 65.74
N LEU VB 96 72.13 34.77 65.69
CA LEU VB 96 73.07 34.58 64.59
C LEU VB 96 73.54 33.13 64.52
N MET VB 97 74.03 32.58 65.65
CA MET VB 97 74.54 31.22 65.63
C MET VB 97 73.44 30.21 65.38
N ASP VB 98 72.23 30.46 65.90
CA ASP VB 98 71.11 29.59 65.61
C ASP VB 98 70.72 29.57 64.13
N LYS VB 99 70.69 30.71 63.46
CA LYS VB 99 70.32 30.68 62.04
C LYS VB 99 71.45 30.06 61.20
N THR VB 100 72.70 30.32 61.57
CA THR VB 100 73.81 29.65 60.90
C THR VB 100 73.78 28.13 61.09
N TYR VB 101 73.45 27.65 62.28
CA TYR VB 101 73.34 26.21 62.49
C TYR VB 101 72.08 25.62 61.88
N GLU VB 102 71.03 26.42 61.69
CA GLU VB 102 69.86 25.97 60.96
C GLU VB 102 70.18 25.78 59.48
N ARG VB 103 70.91 26.74 58.89
CA ARG VB 103 71.32 26.61 57.50
C ARG VB 103 72.59 25.78 57.32
N LYS VB 104 73.16 25.26 58.41
CA LYS VB 104 74.34 24.40 58.37
C LYS VB 104 75.52 25.12 57.74
N LEU VB 105 75.86 26.26 58.35
CA LEU VB 105 76.99 27.06 57.92
C LEU VB 105 78.01 27.17 59.04
N PRO VB 106 79.29 26.95 58.75
CA PRO VB 106 80.31 27.05 59.80
C PRO VB 106 80.40 28.45 60.36
N VAL VB 107 80.73 28.53 61.65
CA VAL VB 107 80.80 29.79 62.37
C VAL VB 107 82.20 29.97 62.93
N SER VB 108 82.64 31.22 63.02
CA SER VB 108 83.99 31.52 63.48
C SER VB 108 84.09 31.42 64.99
N SER VB 109 85.32 31.27 65.46
CA SER VB 109 85.59 31.41 66.89
C SER VB 109 85.44 32.86 67.36
N LEU VB 110 85.44 33.82 66.43
CA LEU VB 110 85.25 35.21 66.80
C LEU VB 110 83.89 35.42 67.47
N THR VB 111 82.84 34.82 66.91
CA THR VB 111 81.51 35.01 67.47
C THR VB 111 81.37 34.36 68.84
N ILE VB 112 81.93 33.15 69.01
CA ILE VB 112 81.83 32.50 70.31
C ILE VB 112 82.66 33.24 71.36
N SER VB 113 83.80 33.80 70.97
CA SER VB 113 84.54 34.67 71.88
C SER VB 113 83.78 35.93 72.22
N ARG VB 114 83.09 36.53 71.24
CA ARG VB 114 82.23 37.67 71.53
C ARG VB 114 81.13 37.31 72.52
N PHE VB 115 80.49 36.15 72.34
CA PHE VB 115 79.44 35.70 73.23
C PHE VB 115 79.97 35.46 74.65
N VAL VB 116 81.15 34.85 74.78
CA VAL VB 116 81.69 34.59 76.12
C VAL VB 116 82.32 35.83 76.72
N ASP VB 117 82.59 36.87 75.92
CA ASP VB 117 83.16 38.09 76.46
C ASP VB 117 82.12 38.92 77.22
N ASN VB 118 80.85 38.79 76.85
CA ASN VB 118 79.78 39.60 77.43
C ASN VB 118 78.92 38.79 78.40
N ILE VB 119 79.53 37.87 79.14
CA ILE VB 119 78.79 37.05 80.09
C ILE VB 119 78.53 37.86 81.36
N ALA VB 120 77.29 37.83 81.83
CA ALA VB 120 76.87 38.61 82.99
C ALA VB 120 76.42 37.78 84.18
N SER VB 121 76.02 36.53 83.97
CA SER VB 121 75.51 35.69 85.05
C SER VB 121 75.74 34.23 84.71
N ARG VB 122 75.37 33.35 85.66
CA ARG VB 122 75.48 31.92 85.44
C ARG VB 122 74.53 31.44 84.34
N GLU VB 123 73.40 32.11 84.15
CA GLU VB 123 72.56 31.79 83.00
C GLU VB 123 73.32 32.03 81.70
N ASP VB 124 74.05 33.15 81.62
CA ASP VB 124 74.89 33.39 80.45
C ASP VB 124 76.06 32.42 80.37
N ILE VB 125 76.58 31.97 81.51
CA ILE VB 125 77.61 30.94 81.49
C ILE VB 125 77.08 29.66 80.85
N ASP VB 126 75.86 29.26 81.22
CA ASP VB 126 75.23 28.10 80.59
C ASP VB 126 74.96 28.34 79.10
N HIS VB 127 74.53 29.56 78.75
CA HIS VB 127 74.34 29.90 77.34
C HIS VB 127 75.63 29.72 76.55
N ALA VB 128 76.75 30.16 77.09
CA ALA VB 128 78.04 29.99 76.44
C ALA VB 128 78.49 28.55 76.44
N GLU VB 129 78.17 27.78 77.48
CA GLU VB 129 78.56 26.38 77.54
C GLU VB 129 77.87 25.56 76.46
N TYR VB 130 76.55 25.72 76.32
CA TYR VB 130 75.84 25.02 75.25
C TYR VB 130 76.39 25.40 73.89
N TYR VB 131 76.64 26.69 73.69
CA TYR VB 131 77.12 27.16 72.40
C TYR VB 131 78.54 26.71 72.09
N LEU VB 132 79.41 26.58 73.09
CA LEU VB 132 80.72 25.98 72.89
C LEU VB 132 80.62 24.49 72.57
N TYR VB 133 79.72 23.78 73.24
CA TYR VB 133 79.52 22.37 72.92
C TYR VB 133 79.04 22.21 71.48
N LYS VB 134 78.14 23.08 71.03
CA LYS VB 134 77.68 23.03 69.65
C LYS VB 134 78.77 23.50 68.67
N PHE VB 135 79.63 24.42 69.08
CA PHE VB 135 80.75 24.86 68.25
C PHE VB 135 81.76 23.74 68.03
N ARG VB 136 81.96 22.88 69.03
CA ARG VB 136 82.80 21.71 68.81
C ARG VB 136 82.24 20.79 67.73
N HIS VB 137 80.94 20.91 67.43
CA HIS VB 137 80.32 20.16 66.34
C HIS VB 137 80.09 21.02 65.11
N SER VB 138 81.04 21.90 64.80
CA SER VB 138 81.00 22.80 63.67
C SER VB 138 82.19 22.54 62.75
N PRO VB 139 82.08 22.86 61.46
CA PRO VB 139 83.24 22.68 60.56
C PRO VB 139 84.47 23.48 60.98
N ASN VB 140 84.28 24.56 61.74
CA ASN VB 140 85.41 25.36 62.26
C ASN VB 140 85.74 24.99 63.69
N CYS VB 141 85.55 23.73 64.08
CA CYS VB 141 85.85 23.31 65.45
C CYS VB 141 87.33 23.40 65.75
N TRP VB 142 88.19 23.17 64.75
CA TRP VB 142 89.63 23.27 64.98
C TRP VB 142 90.09 24.71 65.09
N TYR VB 143 89.37 25.65 64.49
CA TYR VB 143 89.77 27.05 64.46
C TYR VB 143 89.45 27.79 65.76
N LEU VB 144 89.18 27.07 66.85
CA LEU VB 144 88.88 27.70 68.13
C LEU VB 144 90.12 28.42 68.65
N ARG VB 145 90.00 29.73 68.84
CA ARG VB 145 91.14 30.55 69.23
C ARG VB 145 91.55 30.27 70.66
N ASP VB 146 92.78 30.66 71.00
CA ASP VB 146 93.34 30.39 72.32
C ASP VB 146 92.76 31.30 73.40
N TRP VB 147 92.53 32.57 73.10
CA TRP VB 147 92.03 33.51 74.09
C TRP VB 147 90.55 33.32 74.42
N THR VB 148 89.82 32.58 73.58
CA THR VB 148 88.44 32.25 73.93
C THR VB 148 88.38 31.40 75.20
N ILE VB 149 89.29 30.43 75.34
CA ILE VB 149 89.31 29.62 76.55
C ILE VB 149 89.68 30.47 77.76
N HIS VB 150 90.60 31.43 77.58
CA HIS VB 150 90.94 32.33 78.68
C HIS VB 150 89.72 33.13 79.13
N THR VB 151 88.97 33.70 78.17
CA THR VB 151 87.77 34.44 78.52
C THR VB 151 86.76 33.55 79.23
N TRP VB 152 86.56 32.33 78.72
CA TRP VB 152 85.59 31.42 79.32
C TRP VB 152 85.99 31.03 80.74
N ILE VB 153 87.27 30.72 80.96
CA ILE VB 153 87.69 30.31 82.30
C ILE VB 153 87.62 31.49 83.26
N ARG VB 154 87.93 32.70 82.80
CA ARG VB 154 87.79 33.87 83.67
C ARG VB 154 86.33 34.10 84.04
N GLN VB 155 85.41 33.96 83.08
CA GLN VB 155 84.00 34.14 83.40
C GLN VB 155 83.48 33.05 84.33
N CYS VB 156 83.97 31.81 84.18
CA CYS VB 156 83.62 30.77 85.13
C CYS VB 156 84.16 31.07 86.52
N LEU VB 157 85.39 31.58 86.61
CA LEU VB 157 85.96 32.00 87.88
C LEU VB 157 85.25 33.20 88.49
N LYS VB 158 84.56 33.99 87.66
CA LYS VB 158 83.86 35.16 88.17
C LYS VB 158 82.82 34.78 89.23
N TYR VB 159 82.04 33.73 88.97
CA TYR VB 159 81.03 33.28 89.92
C TYR VB 159 81.30 31.89 90.48
N GLY VB 160 81.40 30.88 89.62
CA GLY VB 160 81.38 29.52 90.13
C GLY VB 160 82.74 28.95 90.44
N ALA VB 161 83.61 28.90 89.42
CA ALA VB 161 85.03 28.64 89.60
C ALA VB 161 85.36 27.29 90.21
N GLN VB 162 84.35 26.46 90.49
CA GLN VB 162 84.57 25.18 91.16
C GLN VB 162 83.85 24.00 90.53
N ASP VB 163 82.76 24.22 89.80
CA ASP VB 163 81.94 23.13 89.28
C ASP VB 163 81.97 23.01 87.77
N LYS VB 164 81.66 24.08 87.04
CA LYS VB 164 81.59 23.99 85.59
C LYS VB 164 82.97 23.84 84.96
N ALA VB 165 83.99 24.50 85.52
CA ALA VB 165 85.35 24.34 85.01
C ALA VB 165 85.82 22.90 85.14
N LEU VB 166 85.41 22.21 86.21
CA LEU VB 166 85.75 20.81 86.37
C LEU VB 166 84.89 19.92 85.47
N TYR VB 167 83.61 20.26 85.31
CA TYR VB 167 82.70 19.40 84.54
C TYR VB 167 83.04 19.43 83.05
N THR VB 168 83.26 20.62 82.49
CA THR VB 168 83.58 20.74 81.08
C THR VB 168 85.01 20.29 80.77
N LEU VB 169 85.81 20.00 81.79
CA LEU VB 169 87.19 19.58 81.57
C LEU VB 169 87.40 18.10 81.88
N LYS VB 170 86.50 17.48 82.65
CA LYS VB 170 86.59 16.03 82.87
C LYS VB 170 86.13 15.27 81.63
N ASN VB 171 85.17 15.81 80.89
CA ASN VB 171 84.76 15.18 79.64
C ASN VB 171 85.76 15.46 78.54
N LYS VB 172 86.04 16.74 78.27
CA LYS VB 172 87.20 17.22 77.53
C LYS VB 172 87.12 16.96 76.03
N VAL VB 173 86.15 16.19 75.56
CA VAL VB 173 86.05 15.82 74.15
C VAL VB 173 84.86 16.47 73.46
N GLN VB 174 83.76 16.66 74.19
CA GLN VB 174 82.55 17.21 73.59
C GLN VB 174 82.50 18.73 73.71
N TYR VB 175 83.08 19.28 74.76
CA TYR VB 175 83.27 20.72 74.85
C TYR VB 175 84.62 21.14 74.27
N GLY VB 176 85.68 20.43 74.64
CA GLY VB 176 86.98 20.63 74.03
C GLY VB 176 87.60 22.00 74.27
N ILE VB 177 87.98 22.28 75.51
CA ILE VB 177 88.58 23.57 75.84
C ILE VB 177 90.09 23.52 75.65
N PHE VB 178 90.74 22.49 76.20
CA PHE VB 178 92.19 22.29 76.12
C PHE VB 178 93.00 23.53 76.48
N PRO VB 179 92.95 24.00 77.74
CA PRO VB 179 93.73 25.20 78.13
C PRO VB 179 95.24 24.96 78.29
N ASP VB 180 95.93 24.68 77.18
CA ASP VB 180 97.36 24.36 77.25
C ASP VB 180 98.17 25.66 77.42
N ASN VB 181 97.88 26.36 78.51
CA ASN VB 181 98.49 27.65 78.78
C ASN VB 181 98.65 27.81 80.29
N TYR VB 182 98.86 29.05 80.74
CA TYR VB 182 99.01 29.41 82.14
C TYR VB 182 97.74 29.18 82.96
N THR VB 183 96.59 29.02 82.31
CA THR VB 183 95.35 28.84 83.05
C THR VB 183 95.35 27.53 83.82
N PHE VB 184 96.18 26.55 83.42
CA PHE VB 184 96.30 25.33 84.21
C PHE VB 184 96.85 25.62 85.61
N ASN VB 185 97.87 26.46 85.70
CA ASN VB 185 98.37 26.89 87.01
C ASN VB 185 97.38 27.81 87.70
N LEU VB 186 96.79 28.74 86.95
CA LEU VB 186 95.88 29.72 87.53
C LEU VB 186 94.65 29.08 88.15
N LEU VB 187 94.09 28.06 87.49
CA LEU VB 187 92.94 27.35 88.04
C LEU VB 187 93.26 26.70 89.37
N MET VB 188 94.37 25.95 89.45
CA MET VB 188 94.76 25.32 90.70
C MET VB 188 95.00 26.34 91.80
N ASP VB 189 95.69 27.43 91.47
CA ASP VB 189 95.97 28.45 92.48
C ASP VB 189 94.69 29.16 92.93
N TYR VB 190 93.65 29.17 92.08
CA TYR VB 190 92.36 29.60 92.58
C TYR VB 190 91.70 28.55 93.45
N PHE VB 191 91.77 27.27 93.07
CA PHE VB 191 91.18 26.21 93.90
C PHE VB 191 91.73 26.26 95.32
N ILE VB 192 93.02 26.52 95.46
CA ILE VB 192 93.65 26.39 96.77
C ILE VB 192 93.21 27.48 97.75
N LYS VB 193 92.61 28.58 97.27
CA LYS VB 193 92.14 29.60 98.20
C LYS VB 193 91.06 29.05 99.13
N LYS VB 194 90.12 28.28 98.59
CA LYS VB 194 89.18 27.51 99.39
C LYS VB 194 89.73 26.12 99.71
N GLU VB 195 90.87 25.78 99.13
CA GLU VB 195 91.68 24.58 99.36
C GLU VB 195 91.07 23.33 98.75
N ASN VB 196 89.78 23.37 98.39
CA ASN VB 196 89.15 22.48 97.42
C ASN VB 196 89.76 21.09 97.35
N TYR VB 197 89.77 20.38 98.49
CA TYR VB 197 90.57 19.17 98.62
C TYR VB 197 90.20 18.13 97.57
N LYS VB 198 88.96 17.65 97.61
CA LYS VB 198 88.55 16.63 96.65
C LYS VB 198 88.28 17.19 95.26
N ASP VB 199 87.99 18.49 95.15
CA ASP VB 199 87.73 19.08 93.84
C ASP VB 199 88.99 19.19 93.00
N ALA VB 200 90.14 19.42 93.64
CA ALA VB 200 91.40 19.59 92.92
C ALA VB 200 92.07 18.26 92.57
N LEU VB 201 91.62 17.15 93.15
CA LEU VB 201 92.23 15.86 92.84
C LEU VB 201 91.99 15.47 91.38
N SER VB 202 90.79 15.72 90.87
CA SER VB 202 90.48 15.35 89.50
C SER VB 202 91.31 16.14 88.49
N VAL VB 203 91.52 17.44 88.73
CA VAL VB 203 92.11 18.33 87.73
C VAL VB 203 93.49 17.86 87.29
N VAL VB 204 94.31 17.39 88.24
CA VAL VB 204 95.64 16.90 87.92
C VAL VB 204 95.58 15.79 86.88
N PHE VB 205 94.55 14.95 86.95
CA PHE VB 205 94.45 13.82 86.04
C PHE VB 205 94.32 14.28 84.59
N GLU VB 206 93.44 15.23 84.30
CA GLU VB 206 93.34 15.64 82.90
C GLU VB 206 94.46 16.60 82.50
N ILE VB 207 95.09 17.29 83.46
CA ILE VB 207 96.31 18.00 83.08
C ILE VB 207 97.37 17.01 82.61
N MET VB 208 97.53 15.90 83.34
CA MET VB 208 98.40 14.82 82.91
C MET VB 208 97.96 14.23 81.59
N MET VB 209 96.65 14.11 81.37
CA MET VB 209 96.14 13.60 80.10
C MET VB 209 96.55 14.50 78.94
N GLN VB 210 96.35 15.81 79.08
CA GLN VB 210 96.65 16.75 78.00
C GLN VB 210 98.14 16.97 77.82
N GLU VB 211 98.96 16.69 78.83
CA GLU VB 211 100.42 16.74 78.72
C GLU VB 211 100.89 18.16 78.36
N ALA VB 212 100.57 19.10 79.25
CA ALA VB 212 100.98 20.49 79.11
C ALA VB 212 102.11 20.85 80.07
N PHE VB 213 103.01 19.92 80.34
CA PHE VB 213 104.09 20.13 81.32
C PHE VB 213 105.32 20.70 80.61
N GLU VB 214 105.12 21.89 80.04
CA GLU VB 214 106.21 22.69 79.49
C GLU VB 214 106.45 23.98 80.25
N VAL VB 215 105.40 24.61 80.76
CA VAL VB 215 105.51 25.76 81.64
C VAL VB 215 105.91 25.27 83.03
N PRO VB 216 106.45 26.12 83.91
CA PRO VB 216 106.82 25.63 85.26
C PRO VB 216 105.61 25.32 86.13
N SER VB 217 104.89 24.26 85.78
CA SER VB 217 103.76 23.76 86.56
C SER VB 217 104.10 22.49 87.31
N THR VB 218 105.29 21.92 87.08
CA THR VB 218 105.66 20.64 87.69
C THR VB 218 105.62 20.72 89.21
N GLN VB 219 106.28 21.73 89.77
CA GLN VB 219 106.30 21.89 91.23
C GLN VB 219 104.91 22.13 91.78
N LEU VB 220 104.10 22.94 91.09
CA LEU VB 220 102.75 23.24 91.57
C LEU VB 220 101.89 21.97 91.65
N LEU VB 221 101.91 21.14 90.60
CA LEU VB 221 101.10 19.93 90.65
C LEU VB 221 101.70 18.88 91.58
N SER VB 222 103.03 18.82 91.67
CA SER VB 222 103.68 17.88 92.58
C SER VB 222 103.36 18.19 94.03
N LEU VB 223 103.31 19.47 94.41
CA LEU VB 223 102.95 19.84 95.77
C LEU VB 223 101.62 19.22 96.18
N TYR VB 224 100.63 19.25 95.30
CA TYR VB 224 99.30 18.82 95.72
C TYR VB 224 99.10 17.32 95.55
N VAL VB 225 99.77 16.69 94.58
CA VAL VB 225 99.73 15.23 94.54
C VAL VB 225 100.43 14.66 95.77
N LEU VB 226 101.52 15.29 96.22
CA LEU VB 226 102.16 14.87 97.46
C LEU VB 226 101.35 15.22 98.69
N TYR VB 227 100.55 16.30 98.63
CA TYR VB 227 99.60 16.55 99.71
C TYR VB 227 98.59 15.40 99.82
N HIS VB 228 98.03 14.97 98.68
CA HIS VB 228 97.02 13.93 98.73
C HIS VB 228 97.60 12.55 99.02
N CYS VB 229 98.88 12.31 98.70
CA CYS VB 229 99.44 10.99 98.97
C CYS VB 229 99.54 10.72 100.47
N LEU VB 230 99.75 11.75 101.29
CA LEU VB 230 99.73 11.56 102.74
C LEU VB 230 98.33 11.25 103.24
N ALA VB 231 97.31 11.94 102.71
CA ALA VB 231 95.93 11.67 103.10
C ALA VB 231 95.42 10.33 102.58
N GLU VB 232 96.08 9.77 101.57
CA GLU VB 232 95.69 8.47 101.02
C GLU VB 232 96.01 7.36 102.01
N LYS VB 233 94.99 6.93 102.74
CA LYS VB 233 95.07 5.74 103.61
C LYS VB 233 93.84 4.88 103.29
N THR VB 234 93.94 4.08 102.23
CA THR VB 234 92.84 3.24 101.78
C THR VB 234 93.43 2.11 100.93
N ASP VB 235 92.63 1.08 100.71
CA ASP VB 235 92.99 -0.01 99.81
C ASP VB 235 92.71 0.44 98.38
N LEU VB 236 93.77 0.68 97.62
CA LEU VB 236 93.62 1.21 96.26
C LEU VB 236 92.94 0.20 95.34
N SER VB 237 92.15 0.71 94.41
CA SER VB 237 91.42 -0.12 93.46
C SER VB 237 92.16 -0.12 92.12
N TRP VB 238 91.56 -0.79 91.12
CA TRP VB 238 92.21 -0.93 89.82
C TRP VB 238 92.45 0.42 89.15
N GLU VB 239 91.44 1.29 89.17
CA GLU VB 239 91.59 2.61 88.57
C GLU VB 239 92.45 3.52 89.43
N GLU VB 240 92.32 3.41 90.75
CA GLU VB 240 93.07 4.27 91.66
C GLU VB 240 94.57 4.01 91.56
N GLU VB 241 94.99 2.74 91.55
CA GLU VB 241 96.41 2.47 91.37
C GLU VB 241 96.94 3.07 90.08
N ARG VB 242 96.23 2.85 88.96
CA ARG VB 242 96.68 3.34 87.67
C ARG VB 242 96.81 4.85 87.65
N ASN VB 243 95.75 5.58 88.04
CA ASN VB 243 95.82 7.03 87.89
C ASN VB 243 96.75 7.66 88.93
N PHE VB 244 96.78 7.15 90.17
CA PHE VB 244 97.71 7.69 91.15
C PHE VB 244 99.16 7.45 90.73
N GLY VB 245 99.47 6.28 90.18
CA GLY VB 245 100.82 6.03 89.72
C GLY VB 245 101.20 6.87 88.52
N ALA VB 246 100.26 7.02 87.57
CA ALA VB 246 100.57 7.76 86.34
C ALA VB 246 100.56 9.27 86.54
N SER VB 247 99.95 9.77 87.61
CA SER VB 247 99.92 11.20 87.87
C SER VB 247 101.20 11.73 88.48
N LEU VB 248 102.30 10.97 88.44
CA LEU VB 248 103.55 11.41 89.02
C LEU VB 248 104.72 11.38 88.05
N LEU VB 249 104.62 10.65 86.94
CA LEU VB 249 105.70 10.58 85.97
C LEU VB 249 105.60 11.69 84.92
N LEU VB 250 104.45 11.77 84.24
CA LEU VB 250 104.26 12.85 83.28
C LEU VB 250 104.28 14.22 83.96
N PRO VB 251 103.55 14.45 85.06
CA PRO VB 251 103.71 15.74 85.77
C PRO VB 251 105.10 15.90 86.35
N GLY VB 252 105.54 14.96 87.17
CA GLY VB 252 106.81 15.06 87.86
C GLY VB 252 108.00 14.68 87.00
N LEU VB 253 108.79 15.69 86.62
CA LEU VB 253 109.96 15.45 85.79
C LEU VB 253 111.17 16.28 86.25
N LYS VB 254 111.11 16.87 87.44
CA LYS VB 254 112.15 17.77 87.91
C LYS VB 254 113.41 16.99 88.26
N GLN VB 255 114.49 17.23 87.50
CA GLN VB 255 115.80 16.68 87.80
C GLN VB 255 116.64 17.62 88.65
N LYS VB 256 116.16 18.83 88.91
CA LYS VB 256 116.92 19.77 89.74
C LYS VB 256 116.91 19.37 91.21
N ASN VB 257 115.76 18.94 91.71
CA ASN VB 257 115.62 18.52 93.11
C ASN VB 257 115.40 17.02 93.19
N SER VB 258 115.42 16.51 94.42
CA SER VB 258 115.15 15.10 94.67
C SER VB 258 113.66 14.77 94.64
N VAL VB 259 112.79 15.79 94.68
CA VAL VB 259 111.35 15.54 94.71
C VAL VB 259 110.90 14.85 93.42
N GLY VB 260 111.39 15.31 92.27
CA GLY VB 260 111.03 14.68 91.02
C GLY VB 260 111.50 13.24 90.91
N LEU VB 261 112.74 12.97 91.32
CA LEU VB 261 113.26 11.61 91.28
C LEU VB 261 112.47 10.68 92.21
N SER VB 262 112.18 11.14 93.42
CA SER VB 262 111.37 10.36 94.35
C SER VB 262 109.95 10.17 93.81
N SER VB 263 109.41 11.16 93.12
CA SER VB 263 108.08 11.03 92.54
C SER VB 263 108.07 9.98 91.43
N GLN VB 264 109.11 9.97 90.59
CA GLN VB 264 109.22 8.93 89.57
C GLN VB 264 109.32 7.55 90.19
N LEU VB 265 110.15 7.40 91.24
CA LEU VB 265 110.26 6.12 91.92
C LEU VB 265 108.95 5.69 92.57
N TYR VB 266 108.21 6.64 93.15
CA TYR VB 266 106.92 6.35 93.74
C TYR VB 266 105.91 5.90 92.68
N GLY VB 267 105.87 6.60 91.55
CA GLY VB 267 104.91 6.30 90.50
C GLY VB 267 105.15 4.99 89.78
N TYR VB 268 106.42 4.67 89.48
CA TYR VB 268 106.72 3.42 88.80
C TYR VB 268 106.31 2.21 89.64
N ALA VB 269 106.52 2.28 90.96
CA ALA VB 269 106.12 1.19 91.84
C ALA VB 269 104.63 0.92 91.78
N LEU VB 270 103.81 1.98 91.79
CA LEU VB 270 102.37 1.81 91.68
C LEU VB 270 101.95 1.34 90.30
N LEU VB 271 102.62 1.82 89.25
CA LEU VB 271 102.29 1.39 87.90
C LEU VB 271 102.60 -0.09 87.67
N GLY VB 272 103.66 -0.60 88.32
CA GLY VB 272 103.97 -2.01 88.19
C GLY VB 272 102.98 -2.94 88.85
N LYS VB 273 102.25 -2.47 89.87
CA LYS VB 273 101.28 -3.31 90.55
C LYS VB 273 100.16 -3.75 89.62
N VAL VB 274 99.67 -2.84 88.77
CA VAL VB 274 98.62 -3.21 87.83
C VAL VB 274 99.12 -4.25 86.83
N GLU VB 275 100.34 -4.07 86.32
CA GLU VB 275 100.90 -5.07 85.41
C GLU VB 275 101.04 -6.43 86.07
N LEU VB 276 101.48 -6.46 87.33
CA LEU VB 276 101.68 -7.73 88.02
C LEU VB 276 100.37 -8.39 88.46
N GLN VB 277 99.34 -7.61 88.75
CA GLN VB 277 98.12 -8.18 89.30
C GLN VB 277 97.03 -8.43 88.25
N GLN VB 278 96.80 -7.49 87.33
CA GLN VB 278 95.69 -7.57 86.40
C GLN VB 278 96.15 -7.87 84.98
N GLY VB 279 97.05 -7.05 84.44
CA GLY VB 279 97.54 -7.28 83.10
C GLY VB 279 98.35 -6.11 82.61
N LEU VB 280 98.99 -6.32 81.45
CA LEU VB 280 99.84 -5.31 80.85
C LEU VB 280 99.07 -4.25 80.08
N ARG VB 281 97.99 -4.66 79.38
CA ARG VB 281 97.26 -3.73 78.52
C ARG VB 281 96.52 -2.65 79.31
N ALA VB 282 96.21 -2.92 80.58
CA ALA VB 282 95.39 -2.00 81.37
C ALA VB 282 96.15 -0.76 81.82
N VAL VB 283 97.46 -0.72 81.69
CA VAL VB 283 98.21 0.46 82.11
C VAL VB 283 98.31 1.48 80.99
N TYR VB 284 98.24 1.05 79.74
CA TYR VB 284 98.31 1.95 78.59
C TYR VB 284 97.07 1.90 77.73
N CYS VB 285 95.99 1.28 78.21
CA CYS VB 285 94.71 1.36 77.50
C CYS VB 285 94.27 2.80 77.33
N ASN VB 286 94.12 3.53 78.44
CA ASN VB 286 93.69 4.92 78.39
C ASN VB 286 94.72 5.90 78.92
N MET VB 287 95.55 5.50 79.88
CA MET VB 287 96.60 6.38 80.38
C MET VB 287 97.67 6.58 79.31
N PRO VB 288 98.26 7.78 79.24
CA PRO VB 288 99.37 7.99 78.29
C PRO VB 288 100.66 7.37 78.80
N LEU VB 289 100.68 6.05 78.95
CA LEU VB 289 101.85 5.36 79.46
C LEU VB 289 102.47 4.46 78.39
N LEU VB 290 103.45 3.66 78.78
CA LEU VB 290 104.28 2.92 77.84
C LEU VB 290 104.00 1.43 77.95
N TRP VB 291 104.06 0.74 76.81
CA TRP VB 291 103.56 -0.62 76.70
C TRP VB 291 104.61 -1.70 76.93
N GLN VB 292 105.90 -1.36 76.90
CA GLN VB 292 106.92 -2.37 77.15
C GLN VB 292 106.81 -2.89 78.58
N PRO VB 293 107.05 -4.18 78.80
CA PRO VB 293 106.82 -4.77 80.14
C PRO VB 293 107.78 -4.28 81.21
N GLY VB 294 108.80 -3.51 80.87
CA GLY VB 294 109.77 -3.09 81.84
C GLY VB 294 109.38 -1.82 82.58
N TYR VB 295 108.82 -1.97 83.77
CA TYR VB 295 108.49 -0.85 84.64
C TYR VB 295 109.17 -0.94 86.00
N LEU VB 296 109.23 -2.14 86.59
CA LEU VB 296 110.02 -2.31 87.80
C LEU VB 296 111.50 -2.10 87.52
N HIS VB 297 111.98 -2.52 86.34
CA HIS VB 297 113.36 -2.23 85.96
C HIS VB 297 113.60 -0.73 85.82
N ARG VB 298 112.63 0.00 85.27
CA ARG VB 298 112.77 1.45 85.19
C ARG VB 298 112.71 2.09 86.56
N ALA VB 299 111.96 1.48 87.49
CA ALA VB 299 111.94 1.95 88.87
C ALA VB 299 113.28 1.69 89.57
N LEU VB 300 113.97 0.62 89.20
CA LEU VB 300 115.30 0.36 89.76
C LEU VB 300 116.38 1.18 89.07
N GLN VB 301 116.14 1.65 87.85
CA GLN VB 301 117.15 2.46 87.14
C GLN VB 301 117.35 3.80 87.82
N VAL VB 302 116.29 4.40 88.36
CA VAL VB 302 116.44 5.67 89.06
C VAL VB 302 117.18 5.48 90.37
N MET VB 303 117.07 4.31 90.99
CA MET VB 303 117.97 3.98 92.10
C MET VB 303 119.40 3.76 91.65
N GLU VB 304 119.61 3.13 90.50
CA GLU VB 304 120.95 2.88 89.97
C GLU VB 304 121.69 4.16 89.60
N LYS VB 305 120.98 5.19 89.12
CA LYS VB 305 121.65 6.43 88.75
C LYS VB 305 122.18 7.21 89.95
N VAL VB 306 122.04 6.68 91.17
CA VAL VB 306 122.56 7.35 92.35
C VAL VB 306 124.09 7.40 92.34
N ALA VB 307 124.74 6.55 91.53
CA ALA VB 307 126.19 6.60 91.41
C ALA VB 307 126.68 7.93 90.88
N SER VB 308 125.86 8.64 90.12
CA SER VB 308 126.18 9.98 89.65
C SER VB 308 125.30 11.07 90.24
N SER VB 309 124.08 10.73 90.68
CA SER VB 309 123.19 11.70 91.30
C SER VB 309 123.26 11.58 92.82
N PRO VB 310 123.64 12.64 93.53
CA PRO VB 310 123.84 12.52 94.99
C PRO VB 310 122.55 12.56 95.79
N GLU VB 311 121.54 13.31 95.31
CA GLU VB 311 120.34 13.56 96.09
C GLU VB 311 119.19 12.66 95.63
N ASP VB 312 118.43 12.16 96.61
CA ASP VB 312 117.27 11.31 96.35
C ASP VB 312 116.21 11.63 97.38
N GLY VB 313 115.05 10.97 97.25
CA GLY VB 313 114.00 11.08 98.25
C GLY VB 313 114.21 10.09 99.38
N GLN VB 314 114.28 8.81 99.03
CA GLN VB 314 114.77 7.72 99.86
C GLN VB 314 113.88 7.36 101.06
N LEU VB 315 112.64 7.84 101.14
CA LEU VB 315 111.73 7.36 102.17
C LEU VB 315 110.50 6.68 101.58
N CYS VB 316 109.70 7.41 100.80
CA CYS VB 316 108.45 6.87 100.28
C CYS VB 316 108.67 5.88 99.15
N GLY VB 317 109.73 6.05 98.36
CA GLY VB 317 110.00 5.10 97.30
C GLY VB 317 110.22 3.70 97.81
N GLU VB 318 111.08 3.54 98.81
CA GLU VB 318 111.29 2.21 99.37
C GLU VB 318 110.14 1.82 100.30
N ALA VB 319 109.41 2.79 100.86
CA ALA VB 319 108.22 2.44 101.62
C ALA VB 319 107.18 1.74 100.74
N LEU VB 320 107.05 2.19 99.49
CA LEU VB 320 106.12 1.54 98.57
C LEU VB 320 106.73 0.33 97.88
N ASP VB 321 108.06 0.32 97.71
CA ASP VB 321 108.70 -0.86 97.16
C ASP VB 321 108.64 -2.03 98.14
N VAL VB 322 108.64 -1.77 99.45
CA VAL VB 322 108.42 -2.82 100.43
C VAL VB 322 107.03 -3.42 100.26
N LEU VB 323 106.03 -2.56 100.03
CA LEU VB 323 104.69 -3.08 99.74
C LEU VB 323 104.67 -3.89 98.45
N ASP VB 324 105.37 -3.45 97.42
CA ASP VB 324 105.50 -4.24 96.20
C ASP VB 324 106.08 -5.62 96.49
N ARG VB 325 107.20 -5.67 97.20
CA ARG VB 325 107.86 -6.95 97.47
C ARG VB 325 107.02 -7.86 98.38
N VAL VB 326 106.31 -7.32 99.36
CA VAL VB 326 105.44 -8.18 100.16
C VAL VB 326 104.22 -8.66 99.37
N LEU VB 327 103.64 -7.82 98.53
CA LEU VB 327 102.53 -8.28 97.69
C LEU VB 327 102.96 -9.32 96.68
N LYS VB 328 104.22 -9.30 96.24
CA LYS VB 328 104.73 -10.34 95.36
C LYS VB 328 105.27 -11.55 96.11
N ALA VB 329 105.55 -11.43 97.40
CA ALA VB 329 105.98 -12.56 98.20
C ALA VB 329 104.84 -13.29 98.89
N VAL VB 330 103.66 -12.69 98.96
CA VAL VB 330 102.50 -13.37 99.53
C VAL VB 330 101.74 -14.20 98.50
N THR VB 331 101.70 -13.78 97.24
CA THR VB 331 100.90 -14.50 96.25
C THR VB 331 101.58 -15.80 95.80
N ALA VB 332 102.92 -15.83 95.80
CA ALA VB 332 103.61 -17.02 95.31
C ALA VB 332 103.31 -18.27 96.15
N PRO VB 333 103.41 -18.24 97.50
CA PRO VB 333 103.11 -19.48 98.25
C PRO VB 333 101.63 -19.73 98.41
N ALA VB 334 100.84 -18.66 98.55
CA ALA VB 334 99.40 -18.76 98.76
C ALA VB 334 98.69 -18.30 97.49
N GLN VB 335 98.12 -19.25 96.76
CA GLN VB 335 97.40 -18.93 95.52
C GLN VB 335 95.92 -18.66 95.75
N GLY VB 336 95.33 -19.24 96.78
CA GLY VB 336 93.93 -19.02 97.10
C GLY VB 336 93.65 -17.88 98.05
N THR VB 337 94.67 -17.13 98.47
CA THR VB 337 94.50 -16.04 99.41
C THR VB 337 94.34 -14.70 98.71
N SER VB 338 95.34 -14.31 97.92
CA SER VB 338 95.35 -13.02 97.23
C SER VB 338 94.96 -13.11 95.76
N GLU VB 339 95.24 -14.24 95.12
CA GLU VB 339 94.94 -14.41 93.69
C GLU VB 339 93.52 -14.90 93.45
N GLU VB 340 92.72 -15.09 94.50
CA GLU VB 340 91.35 -15.56 94.37
C GLU VB 340 90.36 -14.43 94.21
N GLN VB 341 90.79 -13.27 93.72
CA GLN VB 341 89.93 -12.11 93.52
C GLN VB 341 89.33 -12.05 92.12
N PRO VB 342 89.58 -13.06 91.29
CA PRO VB 342 89.06 -13.11 89.93
C PRO VB 342 88.00 -14.21 89.86
N GLN VB 343 86.75 -13.82 90.11
CA GLN VB 343 85.63 -14.76 90.09
C GLN VB 343 84.49 -14.24 89.22
N GLU VB 344 84.81 -13.46 88.19
CA GLU VB 344 83.79 -12.92 87.31
C GLU VB 344 83.31 -13.97 86.30
N GLY VB 345 84.23 -14.44 85.46
CA GLY VB 345 83.90 -15.46 84.48
C GLY VB 345 85.19 -16.18 84.08
N GLU VB 346 85.03 -17.44 83.65
CA GLU VB 346 86.15 -18.26 83.21
C GLU VB 346 86.19 -18.44 81.70
N GLU VB 347 85.11 -18.97 81.12
CA GLU VB 347 85.06 -19.19 79.67
C GLU VB 347 85.06 -17.88 78.88
N SER VB 348 84.37 -16.86 79.36
CA SER VB 348 84.35 -15.58 78.66
C SER VB 348 85.74 -14.97 78.56
N GLN VB 349 86.53 -15.07 79.63
CA GLN VB 349 87.91 -14.61 79.61
C GLN VB 349 88.82 -15.52 78.81
N ARG VB 350 88.62 -16.84 78.88
CA ARG VB 350 89.46 -17.76 78.14
C ARG VB 350 89.29 -17.62 76.63
N SER VB 351 88.06 -17.41 76.17
CA SER VB 351 87.82 -17.32 74.73
C SER VB 351 88.39 -16.03 74.15
N GLU VB 352 88.45 -14.96 74.94
CA GLU VB 352 88.94 -13.66 74.48
C GLU VB 352 90.31 -13.31 75.07
N GLU VB 353 90.99 -14.31 75.63
CA GLU VB 353 92.32 -14.07 76.20
C GLU VB 353 93.29 -13.62 75.12
N LEU VB 354 94.06 -12.59 75.43
CA LEU VB 354 95.04 -12.03 74.51
C LEU VB 354 96.45 -12.23 75.08
N VAL VB 355 97.37 -12.69 74.24
CA VAL VB 355 98.75 -12.92 74.61
C VAL VB 355 99.59 -11.84 73.96
N GLU VB 356 99.95 -10.82 74.73
CA GLU VB 356 100.76 -9.71 74.19
C GLU VB 356 102.24 -10.07 74.16
N GLN VB 357 102.72 -10.78 75.17
CA GLN VB 357 104.13 -11.11 75.26
C GLN VB 357 104.43 -12.40 74.51
N LEU VB 358 105.70 -12.57 74.14
CA LEU VB 358 106.16 -13.76 73.46
C LEU VB 358 106.53 -14.83 74.49
N ASP VB 359 107.06 -15.96 74.02
CA ASP VB 359 107.45 -17.04 74.93
C ASP VB 359 108.76 -16.74 75.63
N VAL VB 360 109.68 -16.03 74.96
CA VAL VB 360 111.02 -15.82 75.48
C VAL VB 360 111.20 -14.33 75.72
N GLU VB 361 110.12 -13.65 76.08
CA GLU VB 361 110.21 -12.23 76.44
C GLU VB 361 110.47 -12.00 77.92
N GLU VB 362 110.97 -13.01 78.63
CA GLU VB 362 111.37 -12.93 80.05
C GLU VB 362 110.32 -12.20 80.89
N THR VB 363 109.15 -12.84 80.95
CA THR VB 363 108.01 -12.29 81.67
C THR VB 363 108.39 -11.92 83.10
N GLU VB 364 107.78 -10.84 83.60
CA GLU VB 364 108.13 -10.31 84.90
C GLU VB 364 107.78 -11.26 86.05
N GLN VB 365 106.82 -12.16 85.84
CA GLN VB 365 106.46 -13.11 86.88
C GLN VB 365 107.59 -14.09 87.19
N SER VB 366 108.51 -14.29 86.26
CA SER VB 366 109.66 -15.14 86.48
C SER VB 366 110.87 -14.38 87.03
N LYS VB 367 110.74 -13.08 87.26
CA LYS VB 367 111.85 -12.25 87.71
C LYS VB 367 111.69 -11.77 89.15
N LEU VB 368 110.70 -12.29 89.89
CA LEU VB 368 110.50 -11.85 91.26
C LEU VB 368 111.68 -12.21 92.17
N PRO VB 369 112.19 -13.44 92.20
CA PRO VB 369 113.42 -13.70 92.98
C PRO VB 369 114.59 -12.88 92.50
N GLN VB 370 114.58 -12.46 91.24
CA GLN VB 370 115.54 -11.51 90.73
C GLN VB 370 115.27 -10.08 91.18
N TYR VB 371 114.01 -9.65 91.18
CA TYR VB 371 113.67 -8.28 91.58
C TYR VB 371 114.02 -8.01 93.04
N LEU VB 372 113.71 -8.97 93.91
CA LEU VB 372 113.97 -8.78 95.34
C LEU VB 372 115.44 -8.53 95.61
N GLU VB 373 116.33 -9.19 94.87
CA GLU VB 373 117.76 -9.05 95.10
C GLU VB 373 118.28 -7.67 94.74
N ARG VB 374 117.92 -7.12 93.57
CA ARG VB 374 118.31 -5.73 93.33
C ARG VB 374 117.69 -4.77 94.32
N PHE VB 375 116.42 -4.95 94.70
CA PHE VB 375 115.86 -3.99 95.65
C PHE VB 375 116.62 -4.01 96.97
N GLU VB 376 116.87 -5.21 97.51
CA GLU VB 376 117.55 -5.33 98.79
C GLU VB 376 118.99 -4.83 98.71
N ALA VB 377 119.70 -5.17 97.64
CA ALA VB 377 121.09 -4.74 97.51
C ALA VB 377 121.21 -3.24 97.28
N LEU VB 378 120.26 -2.64 96.56
CA LEU VB 378 120.34 -1.20 96.27
C LEU VB 378 119.96 -0.37 97.49
N ARG VB 379 118.93 -0.77 98.23
CA ARG VB 379 118.51 0.03 99.37
C ARG VB 379 119.57 0.09 100.46
N SER VB 380 120.45 -0.91 100.53
CA SER VB 380 121.58 -0.84 101.47
C SER VB 380 122.61 0.19 101.03
N LYS VB 381 122.95 0.22 99.74
CA LYS VB 381 123.95 1.16 99.25
C LYS VB 381 123.45 2.60 99.32
N LEU VB 382 122.17 2.84 99.03
CA LEU VB 382 121.65 4.21 99.15
C LEU VB 382 121.75 4.73 100.57
N GLN VB 383 121.49 3.88 101.57
CA GLN VB 383 121.64 4.32 102.95
C GLN VB 383 123.10 4.40 103.39
N ALA VB 384 123.97 3.55 102.83
CA ALA VB 384 125.37 3.54 103.23
C ALA VB 384 126.17 4.71 102.65
N LEU VB 385 125.88 5.13 101.42
CA LEU VB 385 126.64 6.18 100.76
C LEU VB 385 125.84 7.46 100.55
N GLY VB 386 124.60 7.34 100.08
CA GLY VB 386 123.79 8.51 99.83
C GLY VB 386 123.45 9.28 101.10
N LYS VB 387 122.79 8.60 102.04
CA LYS VB 387 122.36 9.20 103.30
C LYS VB 387 121.58 10.49 103.05
N VAL VB 388 120.52 10.37 102.25
CA VAL VB 388 119.64 11.50 101.98
C VAL VB 388 118.27 11.09 102.53
N GLU VB 389 118.28 10.26 103.57
CA GLU VB 389 117.06 9.82 104.22
C GLU VB 389 116.39 10.99 104.91
N SER VB 390 115.24 11.41 104.38
CA SER VB 390 114.52 12.54 104.94
C SER VB 390 113.53 12.06 106.01
N GLU VB 391 112.98 13.02 106.75
CA GLU VB 391 111.97 12.72 107.76
C GLU VB 391 110.58 12.61 107.15
N SER VB 392 110.27 13.45 106.17
CA SER VB 392 109.00 13.38 105.45
C SER VB 392 109.18 14.08 104.11
N LEU VB 393 108.61 13.49 103.07
CA LEU VB 393 108.77 14.06 101.73
C LEU VB 393 107.93 15.32 101.54
N LEU VB 394 106.74 15.37 102.13
CA LEU VB 394 105.87 16.54 101.93
C LEU VB 394 106.47 17.79 102.54
N THR VB 395 107.02 17.69 103.77
CA THR VB 395 107.61 18.86 104.39
C THR VB 395 108.87 19.32 103.66
N LEU VB 396 109.59 18.39 103.03
CA LEU VB 396 110.73 18.77 102.21
C LEU VB 396 110.27 19.34 100.87
N SER VB 397 109.23 18.77 100.28
CA SER VB 397 108.73 19.28 99.01
C SER VB 397 108.00 20.61 99.17
N THR VB 398 107.40 20.85 100.33
CA THR VB 398 106.71 22.11 100.56
C THR VB 398 107.68 23.29 100.54
N GLN VB 399 108.85 23.12 101.17
CA GLN VB 399 109.86 24.18 101.18
C GLN VB 399 110.72 24.19 99.92
N LEU VB 400 110.65 23.14 99.10
CA LEU VB 400 111.36 23.14 97.82
C LEU VB 400 110.51 23.75 96.72
N ALA VB 401 109.25 23.32 96.60
CA ALA VB 401 108.37 23.86 95.57
C ALA VB 401 108.11 25.35 95.78
N LYS VB 402 107.91 25.78 97.02
CA LYS VB 402 107.65 27.19 97.30
C LYS VB 402 108.90 28.05 97.17
N ALA VB 403 110.09 27.44 97.15
CA ALA VB 403 111.31 28.21 96.98
C ALA VB 403 111.49 28.69 95.54
N GLN VB 404 111.16 27.84 94.57
CA GLN VB 404 111.31 28.17 93.15
C GLN VB 404 110.07 28.82 92.57
N LEU VB 405 108.98 28.93 93.34
CA LEU VB 405 107.78 29.59 92.83
C LEU VB 405 108.01 31.07 92.56
N PRO VB 406 108.64 31.85 93.45
CA PRO VB 406 108.98 33.24 93.07
C PRO VB 406 109.97 33.33 91.94
N THR VB 407 110.77 32.29 91.70
CA THR VB 407 111.67 32.30 90.55
C THR VB 407 110.91 32.08 89.25
N CYS VB 408 109.94 31.17 89.25
CA CYS VB 408 109.17 30.91 88.03
C CYS VB 408 108.15 32.00 87.74
N GLU VB 409 107.66 32.70 88.76
CA GLU VB 409 106.71 33.77 88.50
C GLU VB 409 107.32 34.88 87.63
N ALA VB 410 108.59 35.21 87.87
CA ALA VB 410 109.26 36.25 87.09
C ALA VB 410 109.54 35.79 85.66
N GLU VB 411 109.77 34.50 85.44
CA GLU VB 411 109.99 34.01 84.09
C GLU VB 411 108.68 33.82 83.34
N ASP VB 412 107.56 33.71 84.05
CA ASP VB 412 106.27 33.50 83.39
C ASP VB 412 105.50 34.79 83.16
N ILE VB 413 105.77 35.85 83.94
CA ILE VB 413 105.02 37.09 83.77
C ILE VB 413 105.23 37.68 82.38
N ALA VB 414 106.47 37.72 81.89
CA ALA VB 414 106.75 38.32 80.59
C ALA VB 414 106.09 37.54 79.46
N VAL VB 415 106.16 36.21 79.50
CA VAL VB 415 105.55 35.43 78.44
C VAL VB 415 104.03 35.54 78.49
N TYR VB 416 103.44 35.63 79.69
CA TYR VB 416 102.00 35.89 79.77
C TYR VB 416 101.64 37.26 79.18
N GLU VB 417 102.46 38.29 79.45
CA GLU VB 417 102.21 39.61 78.88
C GLU VB 417 102.25 39.60 77.36
N GLN VB 418 103.28 38.97 76.77
CA GLN VB 418 103.33 38.93 75.32
C GLN VB 418 102.26 38.05 74.71
N ARG VB 419 101.84 36.98 75.42
CA ARG VB 419 100.71 36.19 74.96
C ARG VB 419 99.46 37.06 74.88
N LEU VB 420 99.21 37.87 75.91
CA LEU VB 420 98.06 38.78 75.88
C LEU VB 420 98.16 39.78 74.74
N GLN VB 421 99.34 40.38 74.53
CA GLN VB 421 99.47 41.34 73.42
C GLN VB 421 99.18 40.68 72.08
N GLN VB 422 99.73 39.48 71.85
CA GLN VB 422 99.49 38.82 70.57
C GLN VB 422 98.03 38.42 70.39
N TRP VB 423 97.38 37.93 71.45
CA TRP VB 423 95.96 37.57 71.33
C TRP VB 423 95.10 38.79 71.02
N HIS VB 424 95.35 39.90 71.71
CA HIS VB 424 94.64 41.14 71.38
C HIS VB 424 94.96 41.63 69.98
N GLY VB 425 96.17 41.36 69.48
CA GLY VB 425 96.48 41.69 68.09
C GLY VB 425 95.69 40.86 67.10
N GLU VB 426 95.53 39.57 67.35
CA GLU VB 426 94.74 38.72 66.45
C GLU VB 426 93.25 39.05 66.49
N ARG VB 427 92.73 39.43 67.66
CA ARG VB 427 91.29 39.73 67.75
C ARG VB 427 90.88 40.82 66.78
N VAL VB 428 91.60 41.95 66.79
CA VAL VB 428 91.24 43.05 65.90
C VAL VB 428 91.48 42.69 64.45
N ARG VB 429 92.46 41.83 64.17
CA ARG VB 429 92.67 41.37 62.79
C ARG VB 429 91.45 40.61 62.29
N LEU VB 430 90.90 39.72 63.11
CA LEU VB 430 89.69 39.02 62.69
C LEU VB 430 88.50 39.96 62.57
N ILE VB 431 88.39 40.95 63.48
CA ILE VB 431 87.36 41.97 63.35
C ILE VB 431 87.45 42.66 61.99
N GLN VB 432 88.65 43.06 61.60
CA GLN VB 432 88.84 43.76 60.33
C GLN VB 432 88.56 42.85 59.14
N ARG VB 433 88.89 41.57 59.24
CA ARG VB 433 88.55 40.62 58.18
C ARG VB 433 87.04 40.54 57.99
N GLU VB 434 86.30 40.41 59.08
CA GLU VB 434 84.84 40.41 58.95
C GLU VB 434 84.34 41.73 58.38
N GLN VB 435 84.91 42.85 58.81
CA GLN VB 435 84.45 44.15 58.32
C GLN VB 435 84.65 44.28 56.81
N GLU VB 436 85.82 43.88 56.30
CA GLU VB 436 86.06 43.97 54.87
C GLU VB 436 85.17 43.00 54.10
N GLN VB 437 84.92 41.79 54.64
CA GLN VB 437 84.00 40.89 53.97
C GLN VB 437 82.60 41.50 53.86
N ARG VB 438 82.10 42.10 54.95
CA ARG VB 438 80.79 42.72 54.90
C ARG VB 438 80.75 43.89 53.93
N GLU VB 439 81.78 44.73 53.91
CA GLU VB 439 81.77 45.88 53.01
C GLU VB 439 81.84 45.46 51.55
N ARG VB 440 82.65 44.44 51.22
CA ARG VB 440 82.69 43.99 49.83
C ARG VB 440 81.39 43.30 49.44
N ALA VB 441 80.75 42.59 50.36
CA ALA VB 441 79.43 42.01 50.07
C ALA VB 441 78.41 43.10 49.77
N ARG VB 442 78.40 44.17 50.57
CA ARG VB 442 77.48 45.27 50.32
C ARG VB 442 77.76 45.94 48.98
N GLN VB 443 79.04 46.16 48.66
CA GLN VB 443 79.39 46.76 47.37
C GLN VB 443 78.93 45.89 46.21
N ASP VB 444 79.17 44.58 46.28
CA ASP VB 444 78.72 43.69 45.20
C ASP VB 444 77.21 43.65 45.06
N TYR VB 445 76.49 43.58 46.19
CA TYR VB 445 75.03 43.57 46.14
C TYR VB 445 74.48 44.85 45.51
N GLU VB 446 75.00 46.00 45.92
CA GLU VB 446 74.52 47.26 45.33
C GLU VB 446 74.92 47.40 43.86
N ALA VB 447 76.12 46.94 43.49
CA ALA VB 447 76.53 46.99 42.09
C ALA VB 447 75.64 46.13 41.21
N ARG VB 448 75.27 44.93 41.69
CA ARG VB 448 74.36 44.09 40.91
C ARG VB 448 72.93 44.62 40.90
N ARG VB 449 72.47 45.24 41.99
CA ARG VB 449 71.14 45.82 42.00
C ARG VB 449 71.05 47.04 41.07
N ALA VB 450 72.13 47.82 40.97
CA ALA VB 450 72.14 48.95 40.04
C ALA VB 450 72.02 48.47 38.60
N ALA VB 451 72.72 47.39 38.26
CA ALA VB 451 72.68 46.80 36.91
C ALA VB 451 72.42 45.30 37.06
N LYS VB 452 71.15 44.94 37.21
CA LYS VB 452 70.71 43.54 37.31
C LYS VB 452 70.94 42.88 35.96
N ALA VB 453 72.09 42.22 35.82
CA ALA VB 453 72.45 41.49 34.60
C ALA VB 453 72.70 40.03 34.99
N SER VB 454 71.70 39.19 34.79
CA SER VB 454 71.79 37.77 35.10
C SER VB 454 71.41 36.96 33.87
N ALA VB 455 72.29 36.05 33.47
CA ALA VB 455 72.09 35.20 32.30
C ALA VB 455 71.77 36.01 31.04
N VAL WB 78 104.72 -25.95 -76.84
CA VAL WB 78 103.37 -26.29 -76.42
C VAL WB 78 102.49 -25.03 -76.40
N GLU WB 79 101.37 -25.09 -77.11
CA GLU WB 79 100.46 -23.97 -77.21
C GLU WB 79 99.54 -23.94 -76.00
N SER WB 80 99.29 -22.74 -75.47
CA SER WB 80 98.48 -22.59 -74.27
C SER WB 80 97.03 -22.27 -74.62
N PHE WB 81 96.12 -22.63 -73.71
CA PHE WB 81 94.70 -22.45 -73.96
C PHE WB 81 94.32 -20.99 -74.12
N ALA WB 82 94.93 -20.09 -73.36
CA ALA WB 82 94.68 -18.67 -73.61
C ALA WB 82 95.01 -18.30 -75.04
N SER WB 83 96.15 -18.78 -75.54
CA SER WB 83 96.56 -18.49 -76.91
C SER WB 83 95.60 -19.05 -77.95
N MET WB 84 95.16 -20.31 -77.80
CA MET WB 84 94.24 -20.81 -78.83
C MET WB 84 92.82 -20.28 -78.67
N LEU WB 85 92.38 -19.97 -77.45
CA LEU WB 85 91.06 -19.37 -77.27
C LEU WB 85 90.99 -17.95 -77.81
N ARG WB 86 92.09 -17.20 -77.71
CA ARG WB 86 92.12 -15.87 -78.29
C ARG WB 86 91.92 -15.90 -79.80
N HIS WB 87 92.37 -16.97 -80.45
CA HIS WB 87 92.26 -17.12 -81.91
C HIS WB 87 91.13 -18.05 -82.32
N SER WB 88 90.35 -18.55 -81.35
CA SER WB 88 89.19 -19.37 -81.68
C SER WB 88 88.17 -18.55 -82.47
N PRO WB 89 87.50 -19.18 -83.44
CA PRO WB 89 86.49 -18.45 -84.23
C PRO WB 89 85.36 -17.89 -83.39
N LEU WB 90 84.96 -18.59 -82.32
CA LEU WB 90 83.90 -18.07 -81.46
C LEU WB 90 84.32 -16.78 -80.78
N THR WB 91 85.58 -16.66 -80.37
CA THR WB 91 86.07 -15.40 -79.82
C THR WB 91 86.02 -14.28 -80.85
N GLN WB 92 86.38 -14.59 -82.11
CA GLN WB 92 86.33 -13.59 -83.16
C GLN WB 92 84.90 -13.17 -83.48
N MET WB 93 83.93 -14.07 -83.34
CA MET WB 93 82.54 -13.73 -83.62
C MET WB 93 82.01 -12.69 -82.63
N GLY WB 94 82.42 -12.76 -81.37
CA GLY WB 94 81.93 -11.87 -80.35
C GLY WB 94 80.49 -12.18 -79.98
N PRO WB 95 79.63 -11.16 -79.94
CA PRO WB 95 78.21 -11.41 -79.69
C PRO WB 95 77.61 -12.26 -80.80
N ALA WB 96 76.66 -13.11 -80.42
CA ALA WB 96 76.02 -14.03 -81.36
C ALA WB 96 74.75 -13.47 -81.97
N LYS WB 97 74.47 -12.18 -81.77
CA LYS WB 97 73.23 -11.59 -82.26
C LYS WB 97 73.42 -11.12 -83.70
N ASN WB 98 72.55 -11.60 -84.59
CA ASN WB 98 72.52 -11.18 -85.99
C ASN WB 98 73.85 -11.48 -86.68
N LYS WB 99 74.37 -12.68 -86.49
CA LYS WB 99 75.62 -13.11 -87.09
C LYS WB 99 75.35 -14.23 -88.10
N LEU WB 100 76.00 -14.13 -89.26
CA LEU WB 100 75.82 -15.12 -90.33
C LEU WB 100 76.82 -16.25 -90.14
N VAL WB 101 76.31 -17.48 -90.04
CA VAL WB 101 77.12 -18.66 -89.78
C VAL WB 101 76.74 -19.74 -90.79
N ILE WB 102 77.66 -20.68 -91.00
CA ILE WB 102 77.39 -21.90 -91.76
C ILE WB 102 77.11 -23.02 -90.78
N GLY WB 103 76.02 -23.75 -91.00
CA GLY WB 103 75.72 -24.93 -90.22
C GLY WB 103 75.50 -26.12 -91.13
N GLN WB 104 75.58 -27.31 -90.53
CA GLN WB 104 75.36 -28.55 -91.25
C GLN WB 104 74.24 -29.34 -90.57
N ILE WB 105 73.29 -29.81 -91.36
CA ILE WB 105 72.16 -30.55 -90.83
C ILE WB 105 72.61 -31.98 -90.52
N PHE WB 106 72.37 -32.41 -89.28
CA PHE WB 106 72.75 -33.75 -88.85
C PHE WB 106 71.57 -34.64 -88.50
N HIS WB 107 70.36 -34.09 -88.41
CA HIS WB 107 69.18 -34.89 -88.14
C HIS WB 107 67.99 -34.28 -88.88
N ILE WB 108 67.06 -35.13 -89.30
CA ILE WB 108 65.92 -34.72 -90.10
C ILE WB 108 64.65 -35.25 -89.46
N VAL WB 109 63.67 -34.36 -89.25
CA VAL WB 109 62.33 -34.72 -88.85
C VAL WB 109 61.43 -34.42 -90.04
N GLU WB 110 60.17 -34.91 -89.97
CA GLU WB 110 59.24 -34.74 -91.08
C GLU WB 110 59.16 -33.28 -91.53
N ASP WB 111 59.19 -32.34 -90.59
CA ASP WB 111 59.11 -30.93 -90.92
C ASP WB 111 60.15 -30.08 -90.20
N ASP WB 112 60.86 -30.63 -89.22
CA ASP WB 112 61.87 -29.89 -88.46
C ASP WB 112 63.26 -30.37 -88.87
N LEU WB 113 64.18 -29.42 -89.04
CA LEU WB 113 65.56 -29.72 -89.42
C LEU WB 113 66.48 -29.36 -88.25
N TYR WB 114 67.30 -30.32 -87.84
CA TYR WB 114 68.26 -30.12 -86.76
C TYR WB 114 69.58 -29.68 -87.37
N ILE WB 115 69.92 -28.41 -87.23
CA ILE WB 115 71.10 -27.82 -87.86
C ILE WB 115 72.12 -27.51 -86.77
N ASP WB 116 73.32 -28.04 -86.94
CA ASP WB 116 74.42 -27.80 -85.99
C ASP WB 116 75.31 -26.71 -86.56
N PHE WB 117 75.08 -25.47 -86.12
CA PHE WB 117 75.94 -24.36 -86.53
C PHE WB 117 77.34 -24.49 -85.94
N GLY WB 118 77.51 -25.32 -84.93
CA GLY WB 118 78.83 -25.69 -84.44
C GLY WB 118 79.28 -25.03 -83.16
N GLY WB 119 78.55 -24.04 -82.65
CA GLY WB 119 79.05 -23.36 -81.47
C GLY WB 119 79.00 -24.19 -80.20
N LYS WB 120 77.81 -24.36 -79.62
CA LYS WB 120 77.66 -25.30 -78.51
C LYS WB 120 76.53 -26.30 -78.77
N PHE WB 121 75.37 -25.78 -79.16
CA PHE WB 121 74.15 -26.57 -79.29
C PHE WB 121 73.73 -26.68 -80.74
N HIS WB 122 72.62 -27.37 -80.96
CA HIS WB 122 72.01 -27.51 -82.27
C HIS WB 122 70.70 -26.74 -82.32
N CYS WB 123 70.53 -25.93 -83.36
CA CYS WB 123 69.30 -25.19 -83.57
C CYS WB 123 68.32 -26.06 -84.35
N VAL WB 124 67.04 -25.71 -84.26
CA VAL WB 124 65.98 -26.42 -84.97
C VAL WB 124 65.25 -25.41 -85.84
N CYS WB 125 65.08 -25.73 -87.12
CA CYS WB 125 64.48 -24.81 -88.08
C CYS WB 125 63.36 -25.48 -88.84
N LYS WB 126 62.57 -24.63 -89.51
CA LYS WB 126 61.44 -25.05 -90.32
C LYS WB 126 61.86 -25.21 -91.77
N ARG WB 127 61.37 -26.27 -92.41
CA ARG WB 127 61.69 -26.51 -93.81
C ARG WB 127 60.99 -25.47 -94.69
N PRO WB 128 61.72 -24.69 -95.48
CA PRO WB 128 61.07 -23.66 -96.30
C PRO WB 128 60.18 -24.23 -97.40
N GLU WB 129 59.46 -23.35 -98.10
CA GLU WB 129 58.62 -23.79 -99.20
C GLU WB 129 59.40 -23.91 -100.51
N VAL WB 130 60.47 -23.13 -100.65
CA VAL WB 130 61.26 -23.12 -101.88
C VAL WB 130 62.41 -24.10 -101.73
N ASP WB 131 62.54 -25.01 -102.69
CA ASP WB 131 63.60 -26.02 -102.70
C ASP WB 131 63.58 -26.86 -101.41
N GLY WB 132 62.38 -27.23 -100.98
CA GLY WB 132 62.24 -28.00 -99.76
C GLY WB 132 62.78 -29.42 -99.89
N GLU WB 133 62.78 -29.97 -101.11
CA GLU WB 133 63.31 -31.31 -101.32
C GLU WB 133 64.82 -31.34 -101.27
N LYS WB 134 65.48 -30.19 -101.34
CA LYS WB 134 66.94 -30.14 -101.39
C LYS WB 134 67.59 -30.18 -100.01
N TYR WB 135 66.80 -30.22 -98.94
CA TYR WB 135 67.33 -30.28 -97.58
C TYR WB 135 67.42 -31.74 -97.16
N GLN WB 136 68.64 -32.26 -97.10
CA GLN WB 136 68.90 -33.65 -96.69
C GLN WB 136 69.89 -33.65 -95.55
N LYS WB 137 70.14 -34.83 -95.02
CA LYS WB 137 71.10 -34.99 -93.93
C LYS WB 137 72.51 -34.71 -94.43
N GLY WB 138 73.23 -33.83 -93.75
CA GLY WB 138 74.56 -33.42 -94.16
C GLY WB 138 74.60 -32.16 -94.99
N THR WB 139 73.44 -31.60 -95.35
CA THR WB 139 73.41 -30.38 -96.16
C THR WB 139 73.91 -29.19 -95.35
N ARG WB 140 74.67 -28.32 -96.01
CA ARG WB 140 75.18 -27.10 -95.38
C ARG WB 140 74.27 -25.93 -95.73
N VAL WB 141 73.92 -25.15 -94.70
CA VAL WB 141 72.98 -24.04 -94.85
C VAL WB 141 73.54 -22.81 -94.16
N ARG WB 142 72.98 -21.66 -94.50
CA ARG WB 142 73.35 -20.38 -93.93
C ARG WB 142 72.31 -19.95 -92.89
N LEU WB 143 72.79 -19.52 -91.72
CA LEU WB 143 71.94 -19.13 -90.62
C LEU WB 143 72.28 -17.72 -90.17
N ARG WB 144 71.27 -17.00 -89.70
CA ARG WB 144 71.47 -15.72 -89.02
C ARG WB 144 71.26 -15.99 -87.53
N LEU WB 145 72.34 -16.15 -86.79
CA LEU WB 145 72.28 -16.54 -85.40
C LEU WB 145 71.66 -15.44 -84.55
N LEU WB 146 70.74 -15.81 -83.65
CA LEU WB 146 70.10 -14.87 -82.75
C LEU WB 146 70.66 -14.98 -81.33
N ASP WB 147 70.72 -16.20 -80.79
CA ASP WB 147 71.23 -16.45 -79.46
C ASP WB 147 71.99 -17.77 -79.44
N LEU WB 148 73.10 -17.81 -78.71
CA LEU WB 148 73.84 -19.06 -78.57
C LEU WB 148 73.05 -20.09 -77.79
N GLU WB 149 72.38 -19.69 -76.73
CA GLU WB 149 71.66 -20.65 -75.89
C GLU WB 149 70.50 -19.92 -75.21
N LEU WB 150 69.28 -20.39 -75.45
CA LEU WB 150 68.08 -19.74 -74.94
C LEU WB 150 67.89 -20.16 -73.49
N THR WB 151 68.20 -19.25 -72.56
CA THR WB 151 67.94 -19.45 -71.14
C THR WB 151 67.30 -18.20 -70.58
N SER WB 152 66.52 -18.37 -69.53
CA SER WB 152 65.83 -17.26 -68.89
C SER WB 152 65.48 -17.65 -67.46
N ARG WB 153 65.15 -16.64 -66.66
CA ARG WB 153 64.82 -16.80 -65.26
C ARG WB 153 63.31 -16.65 -65.06
N PHE WB 154 62.79 -17.39 -64.09
CA PHE WB 154 61.36 -17.38 -63.76
C PHE WB 154 61.19 -17.23 -62.26
N LEU WB 155 59.93 -17.14 -61.83
CA LEU WB 155 59.63 -16.91 -60.43
C LEU WB 155 60.07 -18.10 -59.57
N GLY WB 156 60.78 -17.81 -58.48
CA GLY WB 156 61.17 -18.85 -57.55
C GLY WB 156 62.17 -19.85 -58.08
N ALA WB 157 62.99 -19.46 -59.05
CA ALA WB 157 63.98 -20.34 -59.65
C ALA WB 157 65.38 -19.93 -59.19
N THR WB 158 66.14 -20.90 -58.70
CA THR WB 158 67.51 -20.64 -58.27
C THR WB 158 68.45 -20.45 -59.46
N THR WB 159 68.22 -21.19 -60.53
CA THR WB 159 69.03 -21.09 -61.75
C THR WB 159 68.10 -20.91 -62.96
N ASP WB 160 68.72 -20.83 -64.13
CA ASP WB 160 67.97 -20.66 -65.36
C ASP WB 160 67.29 -21.97 -65.75
N THR WB 161 66.37 -21.87 -66.71
CA THR WB 161 65.72 -23.03 -67.31
C THR WB 161 66.32 -23.23 -68.70
N THR WB 162 67.19 -24.24 -68.83
CA THR WB 162 67.92 -24.45 -70.07
C THR WB 162 67.03 -25.13 -71.10
N ILE WB 163 67.03 -24.60 -72.32
CA ILE WB 163 66.25 -25.18 -73.41
C ILE WB 163 67.02 -26.22 -74.21
N LEU WB 164 68.34 -26.34 -73.99
CA LEU WB 164 69.19 -27.29 -74.70
C LEU WB 164 69.15 -27.09 -76.21
N GLU WB 165 68.92 -25.85 -76.64
CA GLU WB 165 68.85 -25.52 -78.06
C GLU WB 165 69.38 -24.11 -78.26
N ALA WB 166 69.36 -23.66 -79.50
CA ALA WB 166 69.79 -22.32 -79.88
C ALA WB 166 68.76 -21.71 -80.81
N ASP WB 167 68.84 -20.39 -80.99
CA ASP WB 167 67.90 -19.64 -81.81
C ASP WB 167 68.61 -19.20 -83.08
N ALA WB 168 68.06 -19.58 -84.23
CA ALA WB 168 68.62 -19.22 -85.52
C ALA WB 168 67.54 -19.34 -86.58
N VAL WB 169 67.73 -18.61 -87.68
CA VAL WB 169 66.77 -18.58 -88.78
C VAL WB 169 67.47 -19.00 -90.06
N LEU WB 170 66.69 -19.49 -91.02
CA LEU WB 170 67.21 -19.97 -92.29
C LEU WB 170 67.21 -18.86 -93.33
N LEU WB 171 68.32 -18.74 -94.06
CA LEU WB 171 68.44 -17.81 -95.18
C LEU WB 171 68.69 -18.52 -96.49
N GLY WB 172 69.69 -19.41 -96.54
CA GLY WB 172 70.00 -20.14 -97.74
C GLY WB 172 70.69 -21.46 -97.45
N LEU WB 173 71.15 -22.16 -98.48
CA LEU WB 173 71.83 -23.45 -98.33
C LEU WB 173 73.14 -23.43 -99.12
N GLN WB 174 74.18 -22.91 -98.47
CA GLN WB 174 75.55 -22.91 -98.99
C GLN WB 174 75.61 -22.35 -100.42
N GLU WB 175 75.24 -21.07 -100.52
CA GLU WB 175 75.26 -20.38 -101.81
C GLU WB 175 76.71 -20.18 -102.24
N SER WB 176 77.15 -21.00 -103.20
CA SER WB 176 78.52 -20.92 -103.69
C SER WB 176 78.62 -21.47 -105.11
N ARG XB 58 -11.55 -54.62 -114.22
CA ARG XB 58 -11.68 -55.75 -115.14
C ARG XB 58 -12.45 -56.90 -114.50
N ALA XB 59 -12.62 -56.84 -113.18
CA ALA XB 59 -13.29 -57.89 -112.44
C ALA XB 59 -14.76 -57.54 -112.23
N ILE XB 60 -15.64 -58.47 -112.58
CA ILE XB 60 -17.07 -58.30 -112.41
C ILE XB 60 -17.48 -58.84 -111.05
N SER XB 61 -18.07 -57.98 -110.22
CA SER XB 61 -18.42 -58.35 -108.85
C SER XB 61 -19.91 -58.19 -108.56
N ARG XB 62 -20.51 -57.05 -108.93
CA ARG XB 62 -21.87 -56.74 -108.55
C ARG XB 62 -22.79 -56.52 -109.75
N THR XB 63 -22.26 -56.61 -110.96
CA THR XB 63 -23.04 -56.39 -112.17
C THR XB 63 -24.12 -57.45 -112.37
N SER XB 64 -24.03 -58.59 -111.68
CA SER XB 64 -25.02 -59.65 -111.84
C SER XB 64 -26.39 -59.18 -111.40
N GLU XB 65 -27.41 -59.67 -112.10
CA GLU XB 65 -28.79 -59.31 -111.79
C GLU XB 65 -29.30 -60.11 -110.60
N ASP XB 66 -30.31 -59.55 -109.92
CA ASP XB 66 -30.92 -60.23 -108.78
C ASP XB 66 -32.02 -61.15 -109.29
N ASP XB 67 -31.74 -62.46 -109.27
CA ASP XB 67 -32.70 -63.46 -109.70
C ASP XB 67 -32.41 -64.76 -108.97
N PRO XB 68 -33.00 -64.97 -107.79
CA PRO XB 68 -32.75 -66.20 -107.04
C PRO XB 68 -33.17 -67.46 -107.79
N ALA XB 69 -34.14 -67.37 -108.69
CA ALA XB 69 -34.58 -68.55 -109.43
C ALA XB 69 -33.79 -68.76 -110.71
N LYS XB 70 -33.07 -67.75 -111.17
CA LYS XB 70 -32.32 -67.81 -112.43
C LYS XB 70 -30.82 -67.68 -112.20
N HIS XB 71 -30.30 -68.33 -111.18
CA HIS XB 71 -28.86 -68.33 -110.95
C HIS XB 71 -28.16 -69.29 -111.91
N ARG XB 72 -27.00 -68.89 -112.40
CA ARG XB 72 -26.22 -69.68 -113.35
C ARG XB 72 -24.89 -70.05 -112.71
N GLU XB 73 -24.29 -71.13 -113.24
CA GLU XB 73 -22.99 -71.55 -112.73
C GLU XB 73 -21.90 -70.52 -113.03
N GLN XB 74 -22.01 -69.81 -114.15
CA GLN XB 74 -21.00 -68.83 -114.52
C GLN XB 74 -21.05 -67.57 -113.66
N HIS XB 75 -22.13 -67.35 -112.90
CA HIS XB 75 -22.22 -66.22 -112.00
C HIS XB 75 -21.49 -66.46 -110.68
N GLU XB 76 -20.58 -67.42 -110.61
CA GLU XB 76 -19.87 -67.70 -109.38
C GLU XB 76 -19.07 -66.48 -108.92
N GLY XB 77 -19.09 -66.23 -107.61
CA GLY XB 77 -18.40 -65.08 -107.05
C GLY XB 77 -19.00 -63.76 -107.47
N GLN XB 78 -20.32 -63.66 -107.51
CA GLN XB 78 -21.01 -62.43 -107.86
C GLN XB 78 -21.99 -62.06 -106.76
N HIS XB 79 -22.12 -60.75 -106.50
CA HIS XB 79 -22.99 -60.22 -105.46
C HIS XB 79 -24.24 -59.64 -106.10
N TYR XB 80 -25.39 -59.94 -105.52
CA TYR XB 80 -26.66 -59.40 -106.00
C TYR XB 80 -27.26 -58.45 -104.98
N ASN XB 81 -27.92 -57.40 -105.48
CA ASN XB 81 -28.43 -56.33 -104.64
C ASN XB 81 -29.83 -56.66 -104.13
N ILE XB 82 -29.97 -56.75 -102.80
CA ILE XB 82 -31.24 -56.98 -102.14
C ILE XB 82 -31.75 -55.65 -101.59
N SER XB 83 -33.01 -55.34 -101.86
CA SER XB 83 -33.57 -54.06 -101.45
C SER XB 83 -33.76 -54.01 -99.94
N LEU XB 84 -33.79 -52.78 -99.42
CA LEU XB 84 -33.97 -52.58 -97.98
C LEU XB 84 -35.32 -53.13 -97.51
N GLN XB 85 -36.38 -52.87 -98.27
CA GLN XB 85 -37.68 -53.45 -97.94
C GLN XB 85 -37.67 -54.96 -98.06
N GLU XB 86 -36.98 -55.51 -99.05
CA GLU XB 86 -36.83 -56.97 -99.14
C GLU XB 86 -36.16 -57.52 -97.90
N LEU XB 87 -35.17 -56.81 -97.35
CA LEU XB 87 -34.52 -57.27 -96.13
C LEU XB 87 -35.49 -57.37 -94.97
N LYS XB 88 -36.31 -56.34 -94.74
CA LYS XB 88 -37.23 -56.37 -93.60
C LYS XB 88 -38.37 -57.35 -93.83
N THR XB 89 -38.75 -57.59 -95.09
CA THR XB 89 -39.78 -58.58 -95.35
C THR XB 89 -39.28 -60.01 -95.21
N VAL XB 90 -38.07 -60.30 -95.68
CA VAL XB 90 -37.60 -61.67 -95.74
C VAL XB 90 -36.91 -62.09 -94.44
N PHE XB 91 -36.11 -61.20 -93.84
CA PHE XB 91 -35.33 -61.51 -92.65
C PHE XB 91 -35.66 -60.52 -91.54
N PRO XB 92 -36.82 -60.64 -90.91
CA PRO XB 92 -37.07 -59.89 -89.67
C PRO XB 92 -36.47 -60.56 -88.45
N HIS XB 93 -35.96 -61.77 -88.58
CA HIS XB 93 -35.33 -62.49 -87.48
C HIS XB 93 -33.88 -62.02 -87.33
N GLY XB 94 -33.11 -62.73 -86.53
CA GLY XB 94 -31.72 -62.38 -86.33
C GLY XB 94 -30.91 -62.57 -87.60
N LEU XB 95 -29.90 -61.72 -87.76
CA LEU XB 95 -28.96 -61.73 -88.88
C LEU XB 95 -27.53 -61.75 -88.34
N PRO XB 96 -26.60 -62.39 -89.04
CA PRO XB 96 -25.20 -62.39 -88.60
C PRO XB 96 -24.68 -60.97 -88.44
N PRO XB 97 -24.29 -60.58 -87.23
CA PRO XB 97 -23.94 -59.17 -86.98
C PRO XB 97 -22.79 -58.66 -87.84
N ARG XB 98 -21.80 -59.50 -88.14
CA ARG XB 98 -20.68 -59.06 -88.96
C ARG XB 98 -21.08 -58.70 -90.38
N PHE XB 99 -22.20 -59.25 -90.86
CA PHE XB 99 -22.74 -58.86 -92.16
C PHE XB 99 -23.80 -57.77 -92.03
N ALA XB 100 -24.57 -57.77 -90.94
CA ALA XB 100 -25.56 -56.73 -90.74
C ALA XB 100 -24.91 -55.36 -90.58
N MET XB 101 -23.78 -55.29 -89.87
CA MET XB 101 -23.06 -54.03 -89.76
C MET XB 101 -22.55 -53.56 -91.12
N GLN XB 102 -22.04 -54.47 -91.95
CA GLN XB 102 -21.64 -54.10 -93.30
C GLN XB 102 -22.82 -53.60 -94.12
N VAL XB 103 -23.98 -54.23 -93.97
CA VAL XB 103 -25.17 -53.79 -94.69
C VAL XB 103 -25.56 -52.39 -94.27
N LYS XB 104 -25.60 -52.13 -92.96
CA LYS XB 104 -25.92 -50.79 -92.48
C LYS XB 104 -24.86 -49.76 -92.87
N THR XB 105 -23.61 -50.19 -93.04
CA THR XB 105 -22.55 -49.27 -93.43
C THR XB 105 -22.66 -48.88 -94.89
N PHE XB 106 -22.80 -49.86 -95.78
CA PHE XB 106 -22.84 -49.58 -97.21
C PHE XB 106 -24.22 -49.19 -97.70
N ASN XB 107 -25.26 -49.28 -96.87
CA ASN XB 107 -26.64 -49.04 -97.28
C ASN XB 107 -27.06 -49.95 -98.44
N GLU XB 108 -26.36 -51.08 -98.58
CA GLU XB 108 -26.60 -52.04 -99.65
C GLU XB 108 -26.50 -53.44 -99.08
N ALA XB 109 -27.38 -54.33 -99.55
CA ALA XB 109 -27.38 -55.73 -99.16
C ALA XB 109 -26.81 -56.52 -100.34
N CYS XB 110 -25.50 -56.75 -100.31
CA CYS XB 110 -24.81 -57.48 -101.36
C CYS XB 110 -24.43 -58.86 -100.83
N LEU XB 111 -25.05 -59.89 -101.38
CA LEU XB 111 -24.74 -61.27 -101.03
C LEU XB 111 -24.07 -61.93 -102.23
N MET XB 112 -23.00 -62.67 -101.96
CA MET XB 112 -22.24 -63.34 -103.01
C MET XB 112 -22.67 -64.79 -103.14
N VAL XB 113 -22.94 -65.22 -104.37
CA VAL XB 113 -23.36 -66.60 -104.62
C VAL XB 113 -22.14 -67.50 -104.57
N ARG XB 114 -22.30 -68.66 -103.92
CA ARG XB 114 -21.21 -69.61 -103.73
C ARG XB 114 -21.61 -70.99 -104.24
N LYS XB 115 -20.61 -71.88 -104.33
CA LYS XB 115 -20.84 -73.24 -104.78
C LYS XB 115 -21.82 -74.01 -103.89
N PRO XB 116 -21.69 -74.02 -102.57
CA PRO XB 116 -22.70 -74.71 -101.75
C PRO XB 116 -24.10 -74.12 -101.89
N ALA XB 117 -24.22 -72.81 -102.09
CA ALA XB 117 -25.53 -72.21 -102.29
C ALA XB 117 -26.15 -72.64 -103.61
N LEU XB 118 -25.36 -72.62 -104.69
CA LEU XB 118 -25.86 -73.07 -105.98
C LEU XB 118 -26.21 -74.55 -105.99
N GLU XB 119 -25.40 -75.39 -105.34
CA GLU XB 119 -25.72 -76.82 -105.28
C GLU XB 119 -27.06 -77.06 -104.58
N LEU XB 120 -27.30 -76.39 -103.47
CA LEU XB 120 -28.53 -76.61 -102.71
C LEU XB 120 -29.73 -75.98 -103.40
N LEU XB 121 -29.57 -74.85 -104.09
CA LEU XB 121 -30.71 -74.34 -104.86
C LEU XB 121 -31.01 -75.22 -106.05
N HIS XB 122 -29.98 -75.82 -106.66
CA HIS XB 122 -30.22 -76.85 -107.67
C HIS XB 122 -30.99 -78.03 -107.09
N TYR XB 123 -30.64 -78.44 -105.87
CA TYR XB 123 -31.39 -79.50 -105.20
C TYR XB 123 -32.85 -79.12 -104.96
N LEU XB 124 -33.11 -77.91 -104.48
CA LEU XB 124 -34.48 -77.46 -104.23
C LEU XB 124 -35.27 -77.20 -105.49
N LYS XB 125 -34.61 -76.96 -106.63
CA LYS XB 125 -35.34 -76.84 -107.88
C LYS XB 125 -35.97 -78.16 -108.31
N ASN XB 126 -35.54 -79.28 -107.73
CA ASN XB 126 -36.05 -80.60 -108.09
C ASN XB 126 -36.83 -81.24 -106.94
N THR XB 127 -37.39 -80.42 -106.05
CA THR XB 127 -38.14 -80.93 -104.91
C THR XB 127 -39.46 -81.52 -105.35
N ASN XB 128 -39.91 -82.55 -104.64
CA ASN XB 128 -41.21 -83.17 -104.85
C ASN XB 128 -42.00 -83.07 -103.55
N PHE XB 129 -43.10 -82.31 -103.59
CA PHE XB 129 -43.88 -82.08 -102.38
C PHE XB 129 -44.63 -83.33 -101.94
N ALA XB 130 -44.86 -84.29 -102.84
CA ALA XB 130 -45.42 -85.57 -102.43
C ALA XB 130 -44.44 -86.35 -101.56
N HIS XB 131 -43.14 -86.24 -101.86
CA HIS XB 131 -42.12 -86.90 -101.06
C HIS XB 131 -41.98 -86.23 -99.70
N PRO XB 132 -41.52 -86.97 -98.69
CA PRO XB 132 -41.32 -86.37 -97.37
C PRO XB 132 -40.17 -85.37 -97.39
N ALA XB 133 -40.12 -84.55 -96.34
CA ALA XB 133 -39.10 -83.52 -96.25
C ALA XB 133 -37.71 -84.14 -96.19
N VAL XB 134 -36.78 -83.54 -96.93
CA VAL XB 134 -35.40 -84.01 -97.00
C VAL XB 134 -34.54 -83.03 -96.20
N ARG XB 135 -33.47 -83.54 -95.59
CA ARG XB 135 -32.61 -82.72 -94.75
C ARG XB 135 -31.30 -82.42 -95.47
N TYR XB 136 -30.88 -81.17 -95.40
CA TYR XB 136 -29.56 -80.74 -95.85
C TYR XB 136 -28.80 -80.21 -94.64
N VAL XB 137 -27.51 -80.50 -94.56
CA VAL XB 137 -26.69 -80.02 -93.46
C VAL XB 137 -25.50 -79.28 -94.03
N LEU XB 138 -25.43 -77.97 -93.77
CA LEU XB 138 -24.37 -77.11 -94.27
C LEU XB 138 -23.28 -77.06 -93.21
N TYR XB 139 -22.20 -77.81 -93.44
CA TYR XB 139 -21.17 -77.92 -92.42
C TYR XB 139 -19.88 -77.30 -92.93
N GLY XB 140 -19.09 -76.81 -91.99
CA GLY XB 140 -17.79 -76.25 -92.34
C GLY XB 140 -17.10 -75.70 -91.11
N GLU XB 141 -15.94 -75.10 -91.35
CA GLU XB 141 -15.19 -74.49 -90.27
C GLU XB 141 -15.80 -73.13 -89.90
N LYS XB 142 -15.16 -72.43 -88.97
CA LYS XB 142 -15.68 -71.17 -88.49
C LYS XB 142 -15.51 -70.08 -89.55
N GLY XB 143 -16.55 -69.30 -89.77
CA GLY XB 143 -16.51 -68.22 -90.74
C GLY XB 143 -16.29 -68.69 -92.17
N THR XB 144 -17.01 -69.72 -92.60
CA THR XB 144 -16.84 -70.28 -93.93
C THR XB 144 -18.00 -69.97 -94.87
N GLY XB 145 -19.08 -69.37 -94.38
CA GLY XB 145 -20.17 -68.99 -95.26
C GLY XB 145 -21.46 -69.76 -95.02
N LYS XB 146 -21.55 -70.44 -93.87
CA LYS XB 146 -22.71 -71.27 -93.58
C LYS XB 146 -23.99 -70.45 -93.46
N THR XB 147 -24.00 -69.50 -92.52
CA THR XB 147 -25.19 -68.69 -92.30
C THR XB 147 -25.50 -67.81 -93.50
N LEU XB 148 -24.48 -67.33 -94.21
CA LEU XB 148 -24.72 -66.55 -95.42
C LEU XB 148 -25.36 -67.38 -96.52
N SER XB 149 -24.90 -68.61 -96.72
CA SER XB 149 -25.55 -69.49 -97.69
C SER XB 149 -26.99 -69.78 -97.27
N LEU XB 150 -27.21 -69.99 -95.97
CA LEU XB 150 -28.57 -70.19 -95.48
C LEU XB 150 -29.44 -68.97 -95.76
N CYS XB 151 -28.89 -67.77 -95.58
CA CYS XB 151 -29.61 -66.54 -95.90
C CYS XB 151 -29.95 -66.45 -97.39
N HIS XB 152 -29.01 -66.83 -98.26
CA HIS XB 152 -29.30 -66.92 -99.68
C HIS XB 152 -30.45 -67.88 -99.95
N ILE XB 153 -30.44 -69.05 -99.30
CA ILE XB 153 -31.50 -70.03 -99.46
C ILE XB 153 -32.85 -69.44 -99.05
N LEU XB 154 -32.87 -68.77 -97.90
CA LEU XB 154 -34.09 -68.16 -97.37
C LEU XB 154 -34.63 -67.07 -98.28
N HIS XB 155 -33.74 -66.26 -98.88
CA HIS XB 155 -34.19 -65.24 -99.82
C HIS XB 155 -34.91 -65.84 -101.01
N PHE XB 156 -34.35 -66.90 -101.60
CA PHE XB 156 -35.00 -67.56 -102.73
C PHE XB 156 -36.35 -68.15 -102.33
N CYS XB 157 -36.40 -68.82 -101.17
CA CYS XB 157 -37.66 -69.41 -100.75
C CYS XB 157 -38.73 -68.35 -100.49
N ALA XB 158 -38.36 -67.26 -99.82
CA ALA XB 158 -39.32 -66.19 -99.54
C ALA XB 158 -39.76 -65.48 -100.82
N LYS XB 159 -38.88 -65.36 -101.81
CA LYS XB 159 -39.31 -64.82 -103.10
C LYS XB 159 -40.24 -65.79 -103.82
N GLN XB 160 -40.02 -67.09 -103.67
CA GLN XB 160 -40.91 -68.10 -104.23
C GLN XB 160 -42.13 -68.36 -103.35
N ASN XB 161 -42.31 -67.56 -102.30
CA ASN XB 161 -43.53 -67.57 -101.48
C ASN XB 161 -43.69 -68.90 -100.74
N TRP XB 162 -42.69 -69.22 -99.94
CA TRP XB 162 -42.72 -70.39 -99.08
C TRP XB 162 -43.11 -69.97 -97.67
N LEU XB 163 -43.45 -70.95 -96.84
CA LEU XB 163 -43.72 -70.74 -95.43
C LEU XB 163 -42.37 -70.88 -94.71
N ILE XB 164 -41.87 -69.75 -94.22
CA ILE XB 164 -40.53 -69.68 -93.63
C ILE XB 164 -40.65 -70.01 -92.15
N LEU XB 165 -39.90 -71.00 -91.69
CA LEU XB 165 -39.75 -71.32 -90.27
C LEU XB 165 -38.27 -71.19 -89.95
N HIS XB 166 -37.83 -69.97 -89.64
CA HIS XB 166 -36.43 -69.64 -89.49
C HIS XB 166 -36.11 -69.38 -88.02
N ILE XB 167 -35.09 -70.07 -87.51
CA ILE XB 167 -34.59 -69.87 -86.16
C ILE XB 167 -33.15 -69.37 -86.28
N PRO XB 168 -32.87 -68.11 -85.91
CA PRO XB 168 -31.52 -67.55 -86.16
C PRO XB 168 -30.41 -68.29 -85.44
N ASP XB 169 -30.68 -68.84 -84.26
CA ASP XB 169 -29.67 -69.59 -83.51
C ASP XB 169 -30.37 -70.42 -82.45
N ALA XB 170 -30.17 -71.74 -82.49
CA ALA XB 170 -30.80 -72.62 -81.52
C ALA XB 170 -30.05 -72.67 -80.19
N HIS XB 171 -28.81 -72.18 -80.14
CA HIS XB 171 -28.09 -72.18 -78.87
C HIS XB 171 -28.67 -71.16 -77.90
N ILE XB 172 -29.34 -70.13 -78.41
CA ILE XB 172 -30.01 -69.17 -77.53
C ILE XB 172 -31.14 -69.85 -76.77
N TRP XB 173 -31.83 -70.80 -77.40
CA TRP XB 173 -32.87 -71.56 -76.74
C TRP XB 173 -32.31 -72.50 -75.66
N VAL XB 174 -30.99 -72.68 -75.63
CA VAL XB 174 -30.37 -73.62 -74.71
C VAL XB 174 -29.58 -72.93 -73.60
N LYS XB 175 -29.03 -71.75 -73.86
CA LYS XB 175 -28.18 -71.06 -72.89
C LYS XB 175 -28.65 -69.63 -72.67
N ASN XB 176 -28.26 -69.09 -71.52
CA ASN XB 176 -28.45 -67.68 -71.17
C ASN XB 176 -29.93 -67.27 -71.22
N CYS XB 177 -30.68 -67.87 -70.30
CA CYS XB 177 -32.08 -67.52 -70.10
C CYS XB 177 -32.22 -66.76 -68.79
N ARG XB 178 -33.01 -65.68 -68.81
CA ARG XB 178 -33.20 -64.88 -67.61
C ARG XB 178 -34.35 -65.44 -66.76
N ASP XB 179 -35.53 -65.59 -67.36
CA ASP XB 179 -36.70 -66.11 -66.66
C ASP XB 179 -36.92 -67.56 -67.05
N LEU XB 180 -37.01 -68.43 -66.05
CA LEU XB 180 -37.20 -69.86 -66.27
C LEU XB 180 -38.32 -70.34 -65.35
N LEU XB 181 -39.45 -70.70 -65.94
CA LEU XB 181 -40.61 -71.19 -65.21
C LEU XB 181 -40.82 -72.67 -65.51
N GLN XB 182 -41.56 -73.33 -64.63
CA GLN XB 182 -41.84 -74.75 -64.74
C GLN XB 182 -43.19 -74.98 -65.42
N SER XB 183 -43.43 -76.21 -65.84
CA SER XB 183 -44.73 -76.59 -66.41
C SER XB 183 -44.93 -78.07 -66.17
N ASN XB 184 -45.92 -78.41 -65.33
CA ASN XB 184 -46.29 -79.79 -65.09
C ASN XB 184 -47.41 -80.27 -66.00
N TYR XB 185 -48.28 -79.36 -66.48
CA TYR XB 185 -49.17 -79.73 -67.58
C TYR XB 185 -48.37 -80.08 -68.82
N ASN XB 186 -47.15 -79.56 -68.93
CA ASN XB 186 -46.19 -80.00 -69.91
C ASN XB 186 -45.29 -81.11 -69.37
N LYS XB 187 -45.84 -81.98 -68.52
CA LYS XB 187 -45.15 -83.19 -68.03
C LYS XB 187 -43.71 -82.89 -67.62
N GLN XB 188 -43.59 -82.09 -66.56
CA GLN XB 188 -42.30 -81.65 -66.02
C GLN XB 188 -41.34 -81.21 -67.13
N ARG XB 189 -41.71 -80.14 -67.83
CA ARG XB 189 -40.73 -79.45 -68.67
C ARG XB 189 -40.69 -77.96 -68.34
N PHE XB 190 -39.52 -77.37 -68.57
CA PHE XB 190 -39.25 -75.96 -68.33
C PHE XB 190 -39.53 -75.15 -69.59
N ASP XB 191 -39.76 -73.85 -69.41
CA ASP XB 191 -40.17 -72.98 -70.49
C ASP XB 191 -39.38 -71.67 -70.49
N GLN XB 192 -39.33 -71.05 -71.68
CA GLN XB 192 -38.57 -69.81 -71.90
C GLN XB 192 -39.48 -68.77 -72.55
N PRO XB 193 -40.30 -68.06 -71.77
CA PRO XB 193 -41.24 -67.10 -72.35
C PRO XB 193 -40.57 -65.96 -73.12
N LEU XB 194 -39.41 -65.51 -72.65
CA LEU XB 194 -38.72 -64.42 -73.33
C LEU XB 194 -38.32 -64.82 -74.76
N GLU XB 195 -37.66 -65.96 -74.90
CA GLU XB 195 -37.29 -66.47 -76.21
C GLU XB 195 -38.52 -66.77 -77.06
N ALA XB 196 -39.56 -67.34 -76.47
CA ALA XB 196 -40.77 -67.62 -77.24
C ALA XB 196 -41.39 -66.33 -77.79
N SER XB 197 -41.47 -65.29 -76.97
CA SER XB 197 -42.05 -64.02 -77.42
C SER XB 197 -41.18 -63.35 -78.48
N THR XB 198 -39.85 -63.35 -78.29
CA THR XB 198 -39.00 -62.69 -79.28
C THR XB 198 -38.96 -63.47 -80.58
N TRP XB 199 -39.21 -64.78 -80.54
CA TRP XB 199 -39.35 -65.53 -81.78
C TRP XB 199 -40.68 -65.27 -82.46
N LEU XB 200 -41.77 -65.19 -81.69
CA LEU XB 200 -43.08 -64.95 -82.29
C LEU XB 200 -43.18 -63.56 -82.90
N LYS XB 201 -42.53 -62.56 -82.29
CA LYS XB 201 -42.56 -61.21 -82.83
C LYS XB 201 -41.96 -61.16 -84.23
N ASN XB 202 -40.87 -61.88 -84.46
CA ASN XB 202 -40.29 -61.98 -85.79
C ASN XB 202 -41.08 -62.93 -86.71
N PHE XB 203 -41.69 -63.97 -86.15
CA PHE XB 203 -42.46 -64.90 -86.97
C PHE XB 203 -43.67 -64.22 -87.59
N LYS XB 204 -44.36 -63.36 -86.86
CA LYS XB 204 -45.47 -62.63 -87.45
C LYS XB 204 -45.03 -61.77 -88.62
N THR XB 205 -43.94 -61.02 -88.45
CA THR XB 205 -43.48 -60.12 -89.49
C THR XB 205 -42.84 -60.84 -90.66
N ALA XB 206 -42.37 -62.08 -90.46
CA ALA XB 206 -41.75 -62.81 -91.56
C ALA XB 206 -42.76 -63.09 -92.67
N ASN XB 207 -43.97 -63.52 -92.31
CA ASN XB 207 -45.02 -63.86 -93.26
C ASN XB 207 -46.36 -63.36 -92.73
N GLU XB 208 -47.08 -62.60 -93.54
CA GLU XB 208 -48.44 -62.18 -93.23
C GLU XB 208 -49.46 -62.71 -94.21
N HIS XB 209 -49.02 -63.33 -95.32
CA HIS XB 209 -49.94 -63.88 -96.29
C HIS XB 209 -50.61 -65.16 -95.80
N PHE XB 210 -49.87 -65.98 -95.05
CA PHE XB 210 -50.37 -67.28 -94.61
C PHE XB 210 -50.94 -67.26 -93.21
N LEU XB 211 -50.55 -66.31 -92.36
CA LEU XB 211 -51.07 -66.29 -91.00
C LEU XB 211 -52.56 -65.94 -90.96
N SER XB 212 -53.03 -65.18 -91.95
CA SER XB 212 -54.44 -64.85 -92.06
C SER XB 212 -55.20 -65.84 -92.95
N GLN XB 213 -54.51 -66.79 -93.56
CA GLN XB 213 -55.14 -67.77 -94.44
C GLN XB 213 -55.24 -69.16 -93.83
N ILE XB 214 -54.26 -69.56 -93.03
CA ILE XB 214 -54.25 -70.88 -92.42
C ILE XB 214 -55.26 -70.90 -91.27
N LYS XB 215 -56.12 -71.91 -91.27
CA LYS XB 215 -57.16 -72.05 -90.25
C LYS XB 215 -56.76 -73.15 -89.28
N VAL XB 216 -56.86 -72.85 -87.98
CA VAL XB 216 -56.52 -73.81 -86.94
C VAL XB 216 -57.69 -74.74 -86.70
N GLN XB 217 -57.42 -76.05 -86.65
CA GLN XB 217 -58.45 -77.07 -86.43
C GLN XB 217 -58.05 -77.90 -85.22
N GLU XB 218 -58.40 -77.39 -84.03
CA GLU XB 218 -58.13 -78.07 -82.76
C GLU XB 218 -58.74 -77.21 -81.65
N LYS XB 219 -58.92 -77.82 -80.48
CA LYS XB 219 -59.42 -77.13 -79.29
C LYS XB 219 -58.25 -76.98 -78.32
N TYR XB 220 -57.73 -75.77 -78.20
CA TYR XB 220 -56.61 -75.47 -77.33
C TYR XB 220 -57.09 -74.66 -76.13
N VAL XB 221 -56.63 -75.05 -74.95
CA VAL XB 221 -56.98 -74.37 -73.70
C VAL XB 221 -55.75 -73.63 -73.20
N TRP XB 222 -55.87 -72.31 -73.10
CA TRP XB 222 -54.82 -71.51 -72.48
C TRP XB 222 -55.01 -71.45 -70.97
N ASN XB 223 -56.17 -70.99 -70.52
CA ASN XB 223 -56.52 -70.90 -69.12
C ASN XB 223 -57.96 -71.41 -68.95
N LYS XB 224 -58.44 -71.38 -67.72
CA LYS XB 224 -59.82 -71.79 -67.46
C LYS XB 224 -60.82 -70.69 -67.76
N ARG XB 225 -60.36 -69.46 -68.03
CA ARG XB 225 -61.24 -68.39 -68.46
C ARG XB 225 -61.03 -67.94 -69.91
N GLU XB 226 -59.91 -68.31 -70.53
CA GLU XB 226 -59.64 -67.93 -71.92
C GLU XB 226 -59.23 -69.16 -72.71
N SER XB 227 -59.83 -69.34 -73.88
CA SER XB 227 -59.51 -70.45 -74.76
C SER XB 227 -59.90 -70.06 -76.18
N THR XB 228 -59.36 -70.81 -77.14
CA THR XB 228 -59.69 -70.62 -78.55
C THR XB 228 -60.00 -71.98 -79.18
N GLU XB 229 -61.10 -72.05 -79.91
CA GLU XB 229 -61.54 -73.28 -80.55
C GLU XB 229 -61.09 -73.31 -82.00
N LYS XB 230 -61.50 -74.35 -82.71
CA LYS XB 230 -61.15 -74.49 -84.12
C LYS XB 230 -61.93 -73.50 -84.97
N GLY XB 231 -61.38 -73.21 -86.15
CA GLY XB 231 -61.99 -72.27 -87.07
C GLY XB 231 -61.38 -70.88 -87.04
N ARG XB 232 -60.31 -70.68 -86.28
CA ARG XB 232 -59.64 -69.39 -86.15
C ARG XB 232 -58.29 -69.41 -86.87
N PRO XB 233 -57.84 -68.27 -87.38
CA PRO XB 233 -56.55 -68.23 -88.06
C PRO XB 233 -55.39 -68.39 -87.10
N LEU XB 234 -54.20 -68.66 -87.68
CA LEU XB 234 -52.99 -68.75 -86.89
C LEU XB 234 -52.49 -67.38 -86.45
N GLY XB 235 -52.95 -66.31 -87.11
CA GLY XB 235 -52.56 -64.97 -86.72
C GLY XB 235 -53.01 -64.61 -85.31
N GLU XB 236 -54.25 -64.96 -84.97
CA GLU XB 236 -54.70 -64.71 -83.61
C GLU XB 236 -53.97 -65.59 -82.59
N VAL XB 237 -53.57 -66.80 -82.98
CA VAL XB 237 -52.79 -67.64 -82.07
C VAL XB 237 -51.45 -66.98 -81.76
N VAL XB 238 -50.73 -66.53 -82.80
CA VAL XB 238 -49.41 -65.93 -82.55
C VAL XB 238 -49.57 -64.59 -81.83
N GLU XB 239 -50.62 -63.83 -82.15
CA GLU XB 239 -50.88 -62.59 -81.43
C GLU XB 239 -51.17 -62.83 -79.95
N GLN XB 240 -51.97 -63.86 -79.63
CA GLN XB 240 -52.20 -64.25 -78.25
C GLN XB 240 -50.93 -64.68 -77.55
N GLY XB 241 -50.08 -65.46 -78.22
CA GLY XB 241 -48.82 -65.87 -77.64
C GLY XB 241 -47.93 -64.68 -77.32
N ILE XB 242 -47.89 -63.70 -78.22
CA ILE XB 242 -47.10 -62.50 -77.97
C ILE XB 242 -47.67 -61.71 -76.80
N MET XB 243 -48.99 -61.45 -76.83
CA MET XB 243 -49.59 -60.57 -75.84
C MET XB 243 -49.51 -61.18 -74.44
N ARG XB 244 -49.80 -62.47 -74.31
CA ARG XB 244 -49.68 -63.16 -73.03
C ARG XB 244 -48.31 -63.84 -72.98
N VAL XB 245 -47.36 -63.20 -72.31
CA VAL XB 245 -46.01 -63.74 -72.21
C VAL XB 245 -46.01 -65.07 -71.48
N ARG XB 246 -46.95 -65.28 -70.56
CA ARG XB 246 -46.94 -66.49 -69.74
C ARG XB 246 -47.22 -67.74 -70.57
N ASN XB 247 -47.80 -67.59 -71.77
CA ASN XB 247 -48.19 -68.73 -72.59
C ASN XB 247 -47.56 -68.70 -73.98
N ALA XB 248 -46.56 -67.83 -74.20
CA ALA XB 248 -45.87 -67.81 -75.49
C ALA XB 248 -45.12 -69.11 -75.73
N THR XB 249 -44.54 -69.69 -74.68
CA THR XB 249 -43.82 -70.95 -74.82
C THR XB 249 -44.74 -72.06 -75.30
N ASP XB 250 -45.99 -72.08 -74.83
CA ASP XB 250 -46.94 -73.06 -75.32
C ASP XB 250 -47.45 -72.70 -76.72
N ALA XB 251 -47.64 -71.40 -77.00
CA ALA XB 251 -48.15 -70.98 -78.30
C ALA XB 251 -47.18 -71.34 -79.42
N VAL XB 252 -45.88 -71.23 -79.18
CA VAL XB 252 -44.92 -71.62 -80.21
C VAL XB 252 -45.08 -73.09 -80.57
N GLY XB 253 -45.18 -73.96 -79.57
CA GLY XB 253 -45.40 -75.37 -79.84
C GLY XB 253 -46.75 -75.65 -80.48
N ILE XB 254 -47.77 -74.88 -80.10
CA ILE XB 254 -49.09 -75.03 -80.73
C ILE XB 254 -48.99 -74.75 -82.22
N VAL XB 255 -48.35 -73.64 -82.59
CA VAL XB 255 -48.17 -73.30 -83.99
C VAL XB 255 -47.35 -74.35 -84.70
N LEU XB 256 -46.28 -74.84 -84.08
CA LEU XB 256 -45.43 -75.83 -84.72
C LEU XB 256 -46.18 -77.13 -84.99
N LYS XB 257 -46.92 -77.63 -84.00
CA LYS XB 257 -47.60 -78.91 -84.16
C LYS XB 257 -48.84 -78.78 -85.06
N GLU XB 258 -49.44 -77.58 -85.13
CA GLU XB 258 -50.50 -77.38 -86.12
C GLU XB 258 -49.94 -77.31 -87.53
N LEU XB 259 -48.77 -76.68 -87.71
CA LEU XB 259 -48.11 -76.68 -89.00
C LEU XB 259 -47.77 -78.09 -89.43
N LYS XB 260 -47.29 -78.92 -88.50
CA LYS XB 260 -46.95 -80.30 -88.85
C LYS XB 260 -48.16 -81.07 -89.39
N ARG XB 261 -49.32 -80.94 -88.75
CA ARG XB 261 -50.48 -81.69 -89.20
C ARG XB 261 -51.07 -81.11 -90.47
N GLN XB 262 -51.10 -79.78 -90.59
CA GLN XB 262 -51.74 -79.15 -91.74
C GLN XB 262 -50.85 -79.12 -92.98
N SER XB 263 -49.55 -79.38 -92.86
CA SER XB 263 -48.63 -79.26 -93.99
C SER XB 263 -48.91 -80.25 -95.11
N SER XB 264 -49.90 -81.15 -94.95
CA SER XB 264 -50.19 -82.14 -95.99
C SER XB 264 -50.95 -81.55 -97.16
N LEU XB 265 -51.54 -80.37 -97.02
CA LEU XB 265 -52.33 -79.78 -98.09
C LEU XB 265 -51.42 -79.09 -99.11
N GLY XB 266 -52.03 -78.63 -100.20
CA GLY XB 266 -51.32 -78.03 -101.31
C GLY XB 266 -51.00 -76.56 -101.18
N ILE XB 267 -51.49 -75.89 -100.13
CA ILE XB 267 -51.20 -74.47 -99.93
C ILE XB 267 -49.99 -74.25 -99.03
N PHE XB 268 -49.29 -75.33 -98.64
CA PHE XB 268 -48.14 -75.24 -97.76
C PHE XB 268 -46.88 -75.60 -98.53
N HIS XB 269 -45.87 -74.72 -98.44
CA HIS XB 269 -44.53 -74.99 -98.98
C HIS XB 269 -43.55 -74.68 -97.85
N LEU XB 270 -43.34 -75.64 -96.97
CA LEU XB 270 -42.64 -75.40 -95.72
C LEU XB 270 -41.12 -75.47 -95.91
N LEU XB 271 -40.43 -74.46 -95.39
CA LEU XB 271 -38.97 -74.47 -95.34
C LEU XB 271 -38.56 -74.23 -93.89
N VAL XB 272 -37.96 -75.23 -93.26
CA VAL XB 272 -37.54 -75.14 -91.87
C VAL XB 272 -36.03 -74.98 -91.84
N ALA XB 273 -35.57 -73.82 -91.34
CA ALA XB 273 -34.15 -73.48 -91.29
C ALA XB 273 -33.81 -73.02 -89.88
N VAL XB 274 -33.25 -73.93 -89.08
CA VAL XB 274 -32.76 -73.60 -87.74
C VAL XB 274 -31.23 -73.57 -87.81
N ASP XB 275 -30.64 -72.55 -87.20
CA ASP XB 275 -29.18 -72.42 -87.19
C ASP XB 275 -28.65 -72.96 -85.86
N GLY XB 276 -27.73 -73.92 -85.94
CA GLY XB 276 -27.18 -74.54 -84.76
C GLY XB 276 -28.02 -75.72 -84.28
N VAL XB 277 -28.29 -76.66 -85.19
CA VAL XB 277 -29.13 -77.80 -84.86
C VAL XB 277 -28.50 -78.69 -83.80
N ASN XB 278 -27.17 -78.65 -83.65
CA ASN XB 278 -26.49 -79.47 -82.66
C ASN XB 278 -26.89 -79.12 -81.23
N ALA XB 279 -27.37 -77.89 -81.00
CA ALA XB 279 -27.79 -77.50 -79.66
C ALA XB 279 -29.03 -78.27 -79.20
N LEU XB 280 -29.82 -78.80 -80.12
CA LEU XB 280 -31.01 -79.56 -79.74
C LEU XB 280 -30.63 -80.83 -78.99
N TRP XB 281 -29.60 -81.53 -79.45
CA TRP XB 281 -29.15 -82.78 -78.83
C TRP XB 281 -27.84 -82.62 -78.08
N GLY XB 282 -27.38 -81.40 -77.88
CA GLY XB 282 -26.20 -81.13 -77.07
C GLY XB 282 -26.50 -81.15 -75.58
N ARG XB 283 -25.76 -80.34 -74.84
CA ARG XB 283 -25.95 -80.20 -73.40
C ARG XB 283 -26.40 -78.79 -73.07
N THR XB 284 -27.16 -78.66 -71.99
CA THR XB 284 -27.74 -77.39 -71.57
C THR XB 284 -27.03 -76.89 -70.32
N THR XB 285 -26.57 -75.63 -70.37
CA THR XB 285 -25.91 -75.02 -69.23
C THR XB 285 -26.88 -74.45 -68.21
N LEU XB 286 -28.16 -74.36 -68.54
CA LEU XB 286 -29.16 -73.89 -67.59
C LEU XB 286 -29.32 -74.89 -66.45
N LYS XB 287 -29.52 -74.35 -65.25
CA LYS XB 287 -29.62 -75.16 -64.05
C LYS XB 287 -30.89 -74.79 -63.29
N ARG XB 288 -31.40 -75.75 -62.53
CA ARG XB 288 -32.47 -75.47 -61.59
C ARG XB 288 -31.85 -74.91 -60.30
N GLU XB 289 -32.69 -74.65 -59.30
CA GLU XB 289 -32.20 -74.13 -58.03
C GLU XB 289 -31.57 -75.21 -57.15
N ASP XB 290 -31.64 -76.47 -57.55
CA ASP XB 290 -30.88 -77.53 -56.90
C ASP XB 290 -29.50 -77.73 -57.51
N LYS XB 291 -29.06 -76.78 -58.36
CA LYS XB 291 -27.76 -76.78 -59.02
C LYS XB 291 -27.61 -77.91 -60.03
N SER XB 292 -28.69 -78.65 -60.32
CA SER XB 292 -28.63 -79.73 -61.28
C SER XB 292 -28.99 -79.21 -62.67
N PRO XB 293 -28.14 -79.44 -63.67
CA PRO XB 293 -28.45 -78.99 -65.03
C PRO XB 293 -29.64 -79.74 -65.60
N ILE XB 294 -30.35 -79.07 -66.51
CA ILE XB 294 -31.55 -79.63 -67.14
C ILE XB 294 -31.16 -80.29 -68.45
N ALA XB 295 -31.78 -81.44 -68.72
CA ALA XB 295 -31.55 -82.12 -69.98
C ALA XB 295 -32.22 -81.36 -71.13
N PRO XB 296 -31.70 -81.47 -72.35
CA PRO XB 296 -32.31 -80.77 -73.48
C PRO XB 296 -33.76 -81.18 -73.75
N GLU XB 297 -34.13 -82.43 -73.45
CA GLU XB 297 -35.50 -82.86 -73.67
C GLU XB 297 -36.47 -82.29 -72.64
N GLU XB 298 -35.97 -81.76 -71.54
CA GLU XB 298 -36.81 -81.16 -70.50
C GLU XB 298 -37.15 -79.70 -70.79
N LEU XB 299 -36.87 -79.21 -71.99
CA LEU XB 299 -37.19 -77.86 -72.39
C LEU XB 299 -38.39 -77.88 -73.33
N ALA XB 300 -39.38 -77.04 -73.05
CA ALA XB 300 -40.58 -76.99 -73.88
C ALA XB 300 -40.28 -76.53 -75.29
N LEU XB 301 -39.37 -75.56 -75.44
CA LEU XB 301 -39.03 -75.06 -76.77
C LEU XB 301 -38.22 -76.05 -77.57
N ILE XB 302 -37.41 -76.88 -76.91
CA ILE XB 302 -36.56 -77.82 -77.61
C ILE XB 302 -37.32 -79.10 -77.95
N HIS XB 303 -38.13 -79.60 -77.02
CA HIS XB 303 -38.87 -80.83 -77.26
C HIS XB 303 -39.83 -80.68 -78.42
N ASN XB 304 -40.52 -79.55 -78.50
CA ASN XB 304 -41.44 -79.30 -79.61
C ASN XB 304 -40.70 -79.06 -80.93
N LEU XB 305 -39.53 -78.43 -80.89
CA LEU XB 305 -38.73 -78.23 -82.09
C LEU XB 305 -38.14 -79.54 -82.62
N ARG XB 306 -37.90 -80.51 -81.74
CA ARG XB 306 -37.37 -81.79 -82.19
C ARG XB 306 -38.32 -82.48 -83.16
N LYS XB 307 -39.62 -82.40 -82.92
CA LYS XB 307 -40.60 -83.03 -83.81
C LYS XB 307 -40.66 -82.34 -85.17
N MET XB 308 -40.33 -81.05 -85.24
CA MET XB 308 -40.36 -80.33 -86.51
C MET XB 308 -39.27 -80.80 -87.48
N VAL XB 309 -38.30 -81.58 -87.00
CA VAL XB 309 -37.25 -82.11 -87.86
C VAL XB 309 -37.58 -83.50 -88.38
N LYS XB 310 -38.44 -84.25 -87.68
CA LYS XB 310 -38.66 -85.68 -87.93
C LYS XB 310 -39.30 -85.99 -89.27
N ASN XB 311 -39.46 -84.99 -90.14
CA ASN XB 311 -39.93 -85.11 -91.54
C ASN XB 311 -41.02 -86.17 -91.70
N ASP XB 312 -41.95 -86.17 -90.75
CA ASP XB 312 -43.09 -87.08 -90.82
C ASP XB 312 -44.19 -86.57 -91.74
N TRP XB 313 -44.11 -85.32 -92.19
CA TRP XB 313 -45.08 -84.73 -93.08
C TRP XB 313 -44.55 -84.72 -94.52
N GLN XB 314 -45.33 -84.16 -95.43
CA GLN XB 314 -44.97 -84.06 -96.83
C GLN XB 314 -45.06 -82.61 -97.29
N GLY XB 315 -44.23 -82.25 -98.27
CA GLY XB 315 -44.24 -80.92 -98.83
C GLY XB 315 -43.31 -79.93 -98.16
N GLY XB 316 -42.35 -80.40 -97.38
CA GLY XB 316 -41.42 -79.53 -96.68
C GLY XB 316 -39.97 -79.80 -97.06
N ALA XB 317 -39.11 -78.91 -96.55
CA ALA XB 317 -37.67 -79.02 -96.76
C ALA XB 317 -36.96 -78.58 -95.48
N ILE XB 318 -36.14 -79.47 -94.93
CA ILE XB 318 -35.40 -79.22 -93.70
C ILE XB 318 -33.97 -78.86 -94.09
N VAL XB 319 -33.55 -77.63 -93.80
CA VAL XB 319 -32.17 -77.22 -94.01
C VAL XB 319 -31.60 -76.80 -92.65
N LEU XB 320 -30.42 -77.33 -92.34
CA LEU XB 320 -29.79 -77.19 -91.04
C LEU XB 320 -28.34 -76.79 -91.22
N THR XB 321 -27.77 -76.21 -90.17
CA THR XB 321 -26.37 -75.82 -90.17
C THR XB 321 -25.81 -76.09 -88.78
N VAL XB 322 -24.98 -77.14 -88.68
CA VAL XB 322 -24.31 -77.40 -87.41
C VAL XB 322 -23.35 -76.26 -87.10
N SER XB 323 -23.40 -75.77 -85.87
CA SER XB 323 -22.67 -74.57 -85.49
C SER XB 323 -21.71 -74.89 -84.35
N GLN XB 324 -20.63 -74.11 -84.29
CA GLN XB 324 -19.63 -74.23 -83.25
C GLN XB 324 -19.44 -72.96 -82.44
N THR XB 325 -19.75 -71.78 -83.00
CA THR XB 325 -19.58 -70.53 -82.28
C THR XB 325 -20.39 -70.50 -80.99
N GLY XB 326 -21.68 -70.80 -81.08
CA GLY XB 326 -22.56 -70.82 -79.93
C GLY XB 326 -22.69 -72.16 -79.24
N SER XB 327 -21.90 -73.15 -79.64
CA SER XB 327 -22.03 -74.49 -79.08
C SER XB 327 -21.56 -74.50 -77.62
N LEU XB 328 -21.98 -75.55 -76.91
CA LEU XB 328 -21.63 -75.73 -75.51
C LEU XB 328 -20.93 -77.06 -75.33
N PHE XB 329 -19.86 -77.06 -74.54
CA PHE XB 329 -19.06 -78.26 -74.24
C PHE XB 329 -18.45 -78.86 -75.51
N LYS XB 330 -18.23 -78.04 -76.53
CA LYS XB 330 -17.64 -78.47 -77.79
C LYS XB 330 -16.35 -77.71 -78.04
N PRO XB 331 -15.27 -78.41 -78.37
CA PRO XB 331 -14.00 -77.72 -78.65
C PRO XB 331 -14.07 -76.87 -79.91
N ARG XB 332 -13.24 -75.83 -79.94
CA ARG XB 332 -13.24 -74.88 -81.06
C ARG XB 332 -12.80 -75.52 -82.37
N ASN XB 333 -11.78 -76.37 -82.35
CA ASN XB 333 -11.33 -77.03 -83.58
C ASN XB 333 -12.32 -78.06 -84.11
N ALA XB 334 -13.40 -78.32 -83.38
CA ALA XB 334 -14.40 -79.32 -83.76
C ALA XB 334 -15.40 -78.69 -84.72
N TYR XB 335 -15.37 -79.13 -85.98
CA TYR XB 335 -16.32 -78.68 -86.99
C TYR XB 335 -17.03 -79.82 -87.69
N LEU XB 336 -16.83 -81.07 -87.28
CA LEU XB 336 -17.43 -82.20 -87.97
C LEU XB 336 -18.85 -82.48 -87.46
N PRO XB 337 -19.77 -82.80 -88.36
CA PRO XB 337 -21.19 -82.96 -87.95
C PRO XB 337 -21.41 -84.09 -86.97
N GLN XB 338 -20.76 -85.24 -87.16
CA GLN XB 338 -20.97 -86.35 -86.23
C GLN XB 338 -20.52 -85.99 -84.83
N GLU XB 339 -19.37 -85.31 -84.72
CA GLU XB 339 -18.82 -84.96 -83.42
C GLU XB 339 -19.53 -83.75 -82.80
N LEU XB 340 -20.21 -82.94 -83.62
CA LEU XB 340 -21.07 -81.89 -83.08
C LEU XB 340 -22.40 -82.43 -82.59
N LEU XB 341 -22.92 -83.49 -83.24
CA LEU XB 341 -24.24 -84.00 -82.88
C LEU XB 341 -24.17 -85.04 -81.76
N GLY XB 342 -23.10 -85.83 -81.72
CA GLY XB 342 -23.00 -86.88 -80.73
C GLY XB 342 -23.62 -88.18 -81.22
N LYS XB 343 -23.43 -89.23 -80.43
CA LYS XB 343 -24.03 -90.53 -80.73
C LYS XB 343 -25.54 -90.48 -80.63
N GLU XB 344 -26.07 -89.88 -79.56
CA GLU XB 344 -27.52 -89.77 -79.42
C GLU XB 344 -28.11 -88.87 -80.51
N GLY XB 345 -27.32 -87.95 -81.03
CA GLY XB 345 -27.80 -87.06 -82.07
C GLY XB 345 -27.82 -87.69 -83.44
N PHE XB 346 -26.64 -88.08 -83.95
CA PHE XB 346 -26.50 -88.43 -85.37
C PHE XB 346 -27.43 -89.57 -85.79
N ASP XB 347 -27.75 -90.48 -84.87
CA ASP XB 347 -28.63 -91.60 -85.22
C ASP XB 347 -30.05 -91.13 -85.54
N ALA XB 348 -30.42 -89.91 -85.16
CA ALA XB 348 -31.77 -89.41 -85.35
C ALA XB 348 -31.82 -88.28 -86.36
N LEU XB 349 -31.06 -88.40 -87.46
CA LEU XB 349 -31.06 -87.41 -88.52
C LEU XB 349 -31.72 -87.87 -89.81
N ASP XB 350 -32.24 -89.11 -89.89
CA ASP XB 350 -33.00 -89.54 -91.05
C ASP XB 350 -32.21 -89.28 -92.33
N PRO XB 351 -31.24 -90.13 -92.67
CA PRO XB 351 -30.01 -89.69 -93.35
C PRO XB 351 -30.15 -88.53 -94.33
N PHE XB 352 -29.31 -87.52 -94.13
CA PHE XB 352 -29.39 -86.21 -94.75
C PHE XB 352 -28.34 -86.08 -95.86
N ILE XB 353 -28.26 -84.90 -96.45
CA ILE XB 353 -27.21 -84.58 -97.42
C ILE XB 353 -26.21 -83.62 -96.79
N PRO XB 354 -24.98 -84.07 -96.52
CA PRO XB 354 -23.97 -83.17 -95.93
C PRO XB 354 -23.28 -82.27 -96.95
N ILE XB 355 -23.82 -81.08 -97.18
CA ILE XB 355 -23.17 -80.12 -98.06
C ILE XB 355 -22.05 -79.42 -97.29
N LEU XB 356 -20.85 -79.43 -97.87
CA LEU XB 356 -19.67 -78.80 -97.29
C LEU XB 356 -19.51 -77.39 -97.81
N VAL XB 357 -19.21 -76.45 -96.91
CA VAL XB 357 -18.84 -75.09 -97.29
C VAL XB 357 -17.33 -74.96 -97.15
N SER XB 358 -16.69 -74.48 -98.21
CA SER XB 358 -15.24 -74.34 -98.26
C SER XB 358 -14.84 -72.88 -98.10
N ASN XB 359 -13.54 -72.64 -98.15
CA ASN XB 359 -13.01 -71.29 -98.05
C ASN XB 359 -13.06 -70.63 -99.43
N TYR XB 360 -12.54 -69.41 -99.53
CA TYR XB 360 -12.58 -68.68 -100.79
C TYR XB 360 -11.63 -69.30 -101.80
N ASN XB 361 -12.09 -69.40 -103.04
CA ASN XB 361 -11.27 -69.80 -104.17
C ASN XB 361 -10.46 -68.61 -104.66
N PRO XB 362 -9.45 -68.83 -105.49
CA PRO XB 362 -8.71 -67.69 -106.06
C PRO XB 362 -9.59 -66.69 -106.81
N LYS XB 363 -10.64 -67.16 -107.49
CA LYS XB 363 -11.53 -66.24 -108.17
C LYS XB 363 -12.45 -65.52 -107.19
N GLU XB 364 -12.99 -66.24 -106.20
CA GLU XB 364 -13.88 -65.63 -105.23
C GLU XB 364 -13.18 -64.59 -104.37
N PHE XB 365 -11.93 -64.85 -103.98
CA PHE XB 365 -11.17 -63.88 -103.21
C PHE XB 365 -10.96 -62.59 -103.99
N GLU XB 366 -10.58 -62.70 -105.27
CA GLU XB 366 -10.42 -61.52 -106.11
C GLU XB 366 -11.75 -60.78 -106.27
N SER XB 367 -12.85 -61.52 -106.47
CA SER XB 367 -14.15 -60.88 -106.58
C SER XB 367 -14.53 -60.13 -105.31
N CYS XB 368 -14.29 -60.72 -104.14
CA CYS XB 368 -14.60 -60.06 -102.88
C CYS XB 368 -13.74 -58.81 -102.67
N ILE XB 369 -12.44 -58.90 -102.98
CA ILE XB 369 -11.56 -57.74 -102.82
C ILE XB 369 -11.98 -56.62 -103.76
N GLN XB 370 -12.33 -56.96 -105.01
CA GLN XB 370 -12.78 -55.93 -105.94
C GLN XB 370 -14.12 -55.34 -105.53
N TYR XB 371 -15.01 -56.15 -104.98
CA TYR XB 371 -16.26 -55.62 -104.44
C TYR XB 371 -16.01 -54.63 -103.31
N TYR XB 372 -15.08 -54.96 -102.41
CA TYR XB 372 -14.71 -54.01 -101.37
C TYR XB 372 -14.11 -52.73 -101.96
N LEU XB 373 -13.26 -52.88 -102.98
CA LEU XB 373 -12.68 -51.70 -103.63
C LEU XB 373 -13.75 -50.83 -104.30
N GLU XB 374 -14.83 -51.44 -104.79
CA GLU XB 374 -15.90 -50.64 -105.40
C GLU XB 374 -16.53 -49.69 -104.40
N ASN XB 375 -16.78 -50.15 -103.18
CA ASN XB 375 -17.37 -49.31 -102.14
C ASN XB 375 -16.32 -48.63 -101.27
N ASN XB 376 -15.04 -48.79 -101.60
CA ASN XB 376 -13.94 -48.10 -100.92
C ASN XB 376 -13.86 -48.49 -99.45
N TRP XB 377 -14.01 -49.79 -99.19
CA TRP XB 377 -13.86 -50.29 -97.83
C TRP XB 377 -12.40 -50.29 -97.40
N LEU XB 378 -11.50 -50.73 -98.27
CA LEU XB 378 -10.07 -50.69 -98.00
C LEU XB 378 -9.53 -49.28 -98.20
N GLN XB 379 -9.40 -48.52 -97.12
CA GLN XB 379 -8.98 -47.13 -97.19
C GLN XB 379 -7.47 -46.95 -97.09
N HIS XB 380 -6.72 -48.04 -96.95
CA HIS XB 380 -5.26 -47.92 -96.86
C HIS XB 380 -4.68 -47.57 -98.22
N GLU XB 381 -3.57 -46.83 -98.19
CA GLU XB 381 -2.93 -46.40 -99.44
C GLU XB 381 -2.34 -47.58 -100.19
N LYS XB 382 -1.73 -48.52 -99.49
CA LYS XB 382 -1.08 -49.67 -100.10
C LYS XB 382 -2.02 -50.86 -100.26
N ALA XB 383 -3.31 -50.69 -99.95
CA ALA XB 383 -4.28 -51.76 -100.14
C ALA XB 383 -4.79 -51.86 -101.57
N HIS XB 384 -4.44 -50.90 -102.43
CA HIS XB 384 -4.90 -50.91 -103.81
C HIS XB 384 -3.94 -51.62 -104.76
N THR XB 385 -2.77 -52.06 -104.28
CA THR XB 385 -1.81 -52.77 -105.12
C THR XB 385 -1.88 -54.27 -104.86
N GLU XB 386 -1.31 -55.04 -105.79
CA GLU XB 386 -1.37 -56.50 -105.70
C GLU XB 386 -0.61 -57.04 -104.50
N GLU XB 387 0.41 -56.31 -104.04
CA GLU XB 387 1.14 -56.75 -102.85
C GLU XB 387 0.25 -56.77 -101.62
N GLY XB 388 -0.66 -55.79 -101.50
CA GLY XB 388 -1.62 -55.80 -100.41
C GLY XB 388 -2.58 -56.98 -100.49
N LYS XB 389 -3.03 -57.32 -101.71
CA LYS XB 389 -3.87 -58.50 -101.87
C LYS XB 389 -3.13 -59.78 -101.50
N LYS XB 390 -1.84 -59.87 -101.84
CA LYS XB 390 -1.07 -61.04 -101.44
C LYS XB 390 -1.00 -61.18 -99.92
N GLU XB 391 -0.73 -60.08 -99.21
CA GLU XB 391 -0.71 -60.11 -97.75
C GLU XB 391 -2.07 -60.47 -97.17
N LEU XB 392 -3.15 -59.90 -97.71
CA LEU XB 392 -4.48 -60.24 -97.24
C LEU XB 392 -4.79 -61.72 -97.44
N LEU XB 393 -4.44 -62.27 -98.62
CA LEU XB 393 -4.66 -63.68 -98.87
C LEU XB 393 -3.88 -64.55 -97.89
N PHE XB 394 -2.60 -64.24 -97.66
CA PHE XB 394 -1.81 -65.06 -96.75
C PHE XB 394 -2.35 -64.97 -95.32
N LEU XB 395 -2.71 -63.77 -94.88
CA LEU XB 395 -3.11 -63.59 -93.48
C LEU XB 395 -4.48 -64.18 -93.21
N SER XB 396 -5.44 -63.99 -94.13
CA SER XB 396 -6.77 -64.52 -93.93
C SER XB 396 -6.95 -65.95 -94.40
N ASN XB 397 -5.96 -66.52 -95.08
CA ASN XB 397 -6.05 -67.88 -95.62
C ASN XB 397 -7.29 -68.04 -96.49
N ARG XB 398 -7.58 -67.01 -97.28
CA ARG XB 398 -8.78 -66.90 -98.12
C ARG XB 398 -10.00 -67.49 -97.42
N ASN XB 399 -10.22 -67.04 -96.18
CA ASN XB 399 -11.39 -67.36 -95.38
C ASN XB 399 -12.26 -66.13 -95.25
N PRO XB 400 -13.57 -66.21 -95.53
CA PRO XB 400 -14.39 -64.99 -95.50
C PRO XB 400 -14.54 -64.39 -94.10
N GLY XB 401 -14.73 -65.22 -93.08
CA GLY XB 401 -14.90 -64.69 -91.73
C GLY XB 401 -13.68 -63.94 -91.24
N GLN XB 402 -12.49 -64.50 -91.47
CA GLN XB 402 -11.26 -63.81 -91.11
C GLN XB 402 -10.98 -62.63 -92.03
N LEU XB 403 -11.36 -62.72 -93.31
CA LEU XB 403 -11.13 -61.62 -94.24
C LEU XB 403 -11.94 -60.40 -93.86
N GLU XB 404 -13.19 -60.59 -93.44
CA GLU XB 404 -14.00 -59.45 -92.99
C GLU XB 404 -13.35 -58.75 -91.79
N ARG XB 405 -12.93 -59.52 -90.78
CA ARG XB 405 -12.29 -58.92 -89.62
C ARG XB 405 -11.00 -58.21 -90.01
N LEU XB 406 -10.20 -58.84 -90.88
CA LEU XB 406 -8.93 -58.25 -91.29
C LEU XB 406 -9.11 -56.97 -92.09
N CYS XB 407 -10.10 -56.91 -92.97
CA CYS XB 407 -10.37 -55.73 -93.77
C CYS XB 407 -11.15 -54.67 -93.01
N ALA XB 408 -11.64 -55.00 -91.80
CA ALA XB 408 -12.34 -54.00 -90.99
C ALA XB 408 -11.43 -52.82 -90.65
N TYR XB 409 -10.18 -53.06 -90.29
CA TYR XB 409 -9.30 -52.01 -89.77
C TYR XB 409 -8.26 -51.52 -90.78
N LEU XB 410 -8.38 -51.92 -92.05
CA LEU XB 410 -7.54 -51.34 -93.11
C LEU XB 410 -8.38 -50.39 -93.97
N SER YB 268 31.99 -135.57 -33.52
CA SER YB 268 33.32 -136.01 -33.13
C SER YB 268 34.32 -134.85 -33.18
N LEU YB 269 34.95 -134.57 -32.03
CA LEU YB 269 35.93 -133.50 -31.96
C LEU YB 269 37.19 -133.82 -32.75
N TRP YB 270 37.52 -135.11 -32.91
CA TRP YB 270 38.71 -135.47 -33.66
C TRP YB 270 38.55 -135.14 -35.15
N ASP YB 271 37.34 -135.21 -35.68
CA ASP YB 271 37.09 -134.76 -37.04
C ASP YB 271 37.38 -133.27 -37.18
N ILE YB 272 36.96 -132.47 -36.20
CA ILE YB 272 37.23 -131.03 -36.24
C ILE YB 272 38.73 -130.77 -36.11
N GLU YB 273 39.42 -131.55 -35.27
CA GLU YB 273 40.87 -131.40 -35.15
C GLU YB 273 41.58 -131.73 -36.45
N PHE YB 274 41.18 -132.81 -37.13
CA PHE YB 274 41.76 -133.13 -38.43
C PHE YB 274 41.45 -132.05 -39.45
N ALA YB 275 40.23 -131.52 -39.43
CA ALA YB 275 39.85 -130.44 -40.36
C ALA YB 275 40.67 -129.18 -40.12
N LYS YB 276 40.91 -128.81 -38.86
CA LYS YB 276 41.71 -127.63 -38.58
C LYS YB 276 43.19 -127.86 -38.92
N GLN YB 277 43.68 -129.09 -38.73
CA GLN YB 277 45.04 -129.39 -39.19
C GLN YB 277 45.16 -129.30 -40.70
N LEU YB 278 44.12 -129.68 -41.44
CA LEU YB 278 44.12 -129.46 -42.89
C LEU YB 278 44.05 -127.98 -43.23
N ALA YB 279 43.18 -127.22 -42.55
CA ALA YB 279 43.01 -125.81 -42.85
C ALA YB 279 44.24 -124.99 -42.49
N ALA YB 280 45.07 -125.46 -41.55
CA ALA YB 280 46.28 -124.73 -41.20
C ALA YB 280 47.21 -124.62 -42.39
N VAL YB 281 47.35 -125.70 -43.17
CA VAL YB 281 48.18 -125.64 -44.38
C VAL YB 281 47.39 -125.19 -45.60
N THR YB 282 46.07 -125.32 -45.59
CA THR YB 282 45.27 -124.83 -46.71
C THR YB 282 45.24 -123.30 -46.75
N GLU YB 283 45.09 -122.65 -45.60
CA GLU YB 283 44.99 -121.20 -45.56
C GLU YB 283 46.36 -120.54 -45.68
N ARG YB 284 46.35 -119.28 -46.10
CA ARG YB 284 47.56 -118.52 -46.35
C ARG YB 284 47.20 -117.05 -46.38
N PRO YB 285 48.09 -116.17 -45.92
CA PRO YB 285 47.90 -114.74 -46.18
C PRO YB 285 47.78 -114.46 -47.66
N PHE YB 286 46.90 -113.50 -47.99
CA PHE YB 286 46.47 -113.31 -49.37
C PHE YB 286 47.61 -112.80 -50.24
N GLN YB 287 47.66 -113.30 -51.47
CA GLN YB 287 48.65 -112.88 -52.45
C GLN YB 287 48.07 -112.01 -53.55
N ASN YB 288 46.75 -111.90 -53.65
CA ASN YB 288 46.13 -111.13 -54.72
C ASN YB 288 44.75 -110.66 -54.28
N GLY YB 289 44.34 -109.52 -54.83
CA GLY YB 289 43.01 -109.01 -54.57
C GLY YB 289 41.91 -109.92 -55.07
N PHE YB 290 42.15 -110.60 -56.19
CA PHE YB 290 41.19 -111.58 -56.68
C PHE YB 290 41.00 -112.71 -55.68
N GLU YB 291 42.09 -113.21 -55.10
CA GLU YB 291 41.99 -114.22 -54.06
C GLU YB 291 41.30 -113.70 -52.81
N GLU YB 292 41.55 -112.43 -52.46
CA GLU YB 292 40.85 -111.82 -51.34
C GLU YB 292 39.33 -111.85 -51.54
N MET YB 293 38.86 -111.43 -52.72
CA MET YB 293 37.45 -111.46 -53.04
C MET YB 293 36.90 -112.88 -53.14
N ILE YB 294 37.67 -113.84 -53.66
CA ILE YB 294 37.20 -115.22 -53.70
C ILE YB 294 36.97 -115.74 -52.29
N GLN YB 295 37.95 -115.53 -51.40
CA GLN YB 295 37.80 -116.00 -50.01
C GLN YB 295 36.63 -115.32 -49.32
N TRP YB 296 36.50 -114.01 -49.49
CA TRP YB 296 35.40 -113.33 -48.81
C TRP YB 296 34.04 -113.67 -49.42
N THR YB 297 34.00 -114.02 -50.70
CA THR YB 297 32.75 -114.48 -51.29
C THR YB 297 32.36 -115.85 -50.76
N LYS YB 298 33.34 -116.73 -50.59
CA LYS YB 298 33.05 -118.01 -49.95
C LYS YB 298 32.61 -117.83 -48.50
N GLU YB 299 33.18 -116.84 -47.80
CA GLU YB 299 32.75 -116.57 -46.44
C GLU YB 299 31.37 -115.90 -46.39
N GLY YB 300 31.02 -115.14 -47.42
CA GLY YB 300 29.75 -114.43 -47.48
C GLY YB 300 29.84 -112.92 -47.44
N LYS YB 301 31.01 -112.32 -47.21
CA LYS YB 301 31.09 -110.86 -47.09
C LYS YB 301 30.77 -110.18 -48.43
N LEU YB 302 31.46 -110.57 -49.50
CA LEU YB 302 31.13 -110.04 -50.81
C LEU YB 302 29.78 -110.55 -51.30
N TRP YB 303 29.11 -109.71 -52.07
CA TRP YB 303 27.77 -109.99 -52.56
C TRP YB 303 27.82 -111.09 -53.61
N GLU YB 304 26.66 -111.69 -53.84
CA GLU YB 304 26.51 -112.74 -54.84
C GLU YB 304 26.32 -112.08 -56.20
N PHE YB 305 27.37 -112.12 -57.03
CA PHE YB 305 27.32 -111.53 -58.35
C PHE YB 305 26.88 -112.58 -59.37
N PRO YB 306 25.96 -112.26 -60.29
CA PRO YB 306 25.31 -110.96 -60.45
C PRO YB 306 24.35 -110.62 -59.33
N ILE YB 307 24.28 -109.33 -58.97
CA ILE YB 307 23.58 -108.90 -57.78
C ILE YB 307 22.08 -108.82 -58.07
N ASN YB 308 21.30 -109.67 -57.39
CA ASN YB 308 19.85 -109.57 -57.38
C ASN YB 308 19.39 -109.15 -56.00
N ASN YB 309 18.26 -108.46 -55.94
CA ASN YB 309 17.79 -107.88 -54.69
C ASN YB 309 17.01 -108.84 -53.81
N GLU YB 310 16.95 -110.12 -54.18
CA GLU YB 310 16.22 -111.13 -53.41
C GLU YB 310 17.13 -112.25 -52.90
N ALA YB 311 18.44 -112.01 -52.85
CA ALA YB 311 19.38 -113.01 -52.36
C ALA YB 311 19.31 -113.08 -50.85
N GLY YB 312 19.16 -114.29 -50.32
CA GLY YB 312 19.09 -114.50 -48.89
C GLY YB 312 17.72 -114.31 -48.27
N PHE YB 313 16.70 -113.99 -49.08
CA PHE YB 313 15.34 -113.81 -48.59
C PHE YB 313 14.42 -114.70 -49.40
N ASP YB 314 13.93 -115.77 -48.77
CA ASP YB 314 13.05 -116.72 -49.44
C ASP YB 314 11.59 -116.59 -49.03
N ASP YB 315 11.30 -115.83 -47.97
CA ASP YB 315 9.94 -115.65 -47.48
C ASP YB 315 9.27 -116.99 -47.17
N ASP YB 316 10.00 -117.84 -46.44
CA ASP YB 316 9.53 -119.16 -46.02
C ASP YB 316 9.12 -120.04 -47.20
N GLY YB 317 9.69 -119.79 -48.37
CA GLY YB 317 9.32 -120.56 -49.55
C GLY YB 317 7.87 -120.43 -49.96
N SER YB 318 7.27 -119.27 -49.74
CA SER YB 318 5.87 -119.07 -50.07
C SER YB 318 5.72 -118.76 -51.55
N GLU YB 319 4.47 -118.86 -52.03
CA GLU YB 319 4.15 -118.61 -53.43
C GLU YB 319 3.11 -117.50 -53.52
N PHE YB 320 2.68 -117.20 -54.75
CA PHE YB 320 1.74 -116.11 -54.97
C PHE YB 320 0.35 -116.42 -54.44
N HIS YB 321 -0.04 -117.70 -54.43
CA HIS YB 321 -1.36 -118.07 -53.92
C HIS YB 321 -1.47 -117.95 -52.42
N GLU YB 322 -0.35 -117.99 -51.69
CA GLU YB 322 -0.36 -117.79 -50.25
C GLU YB 322 -0.47 -116.31 -49.86
N HIS YB 323 -0.19 -115.40 -50.79
CA HIS YB 323 -0.28 -113.97 -50.54
C HIS YB 323 -1.54 -113.34 -51.11
N ILE YB 324 -1.95 -113.75 -52.31
CA ILE YB 324 -3.07 -113.11 -52.97
C ILE YB 324 -4.39 -113.67 -52.47
N PHE YB 325 -4.49 -114.99 -52.35
CA PHE YB 325 -5.76 -115.65 -52.00
C PHE YB 325 -5.75 -115.96 -50.50
N LEU YB 326 -6.48 -115.16 -49.73
CA LEU YB 326 -6.66 -115.39 -48.30
C LEU YB 326 -8.11 -115.75 -47.97
N ASP YB 327 -8.92 -116.10 -48.98
CA ASP YB 327 -10.31 -116.44 -48.74
C ASP YB 327 -10.47 -117.70 -47.91
N LYS YB 328 -9.46 -118.57 -47.89
CA LYS YB 328 -9.53 -119.80 -47.11
C LYS YB 328 -9.51 -119.55 -45.60
N TYR YB 329 -9.14 -118.35 -45.16
CA TYR YB 329 -9.13 -118.01 -43.74
C TYR YB 329 -10.40 -117.32 -43.29
N LEU YB 330 -11.38 -117.16 -44.18
CA LEU YB 330 -12.62 -116.46 -43.86
C LEU YB 330 -13.79 -117.43 -43.67
N GLN YB 331 -13.52 -118.72 -43.53
CA GLN YB 331 -14.60 -119.71 -43.49
C GLN YB 331 -15.42 -119.63 -42.21
N ASP YB 332 -14.79 -119.33 -41.08
CA ASP YB 332 -15.52 -119.19 -39.82
C ASP YB 332 -15.89 -117.73 -39.57
N PHE YB 333 -16.76 -117.25 -40.46
CA PHE YB 333 -17.36 -115.92 -40.34
C PHE YB 333 -18.72 -115.97 -41.02
N PRO YB 334 -19.64 -115.11 -40.63
CA PRO YB 334 -20.95 -115.10 -41.31
C PRO YB 334 -20.80 -114.74 -42.77
N LYS YB 335 -21.34 -115.59 -43.64
CA LYS YB 335 -21.12 -115.43 -45.08
C LYS YB 335 -21.93 -114.26 -45.65
N GLN YB 336 -23.14 -114.04 -45.14
CA GLN YB 336 -24.04 -113.05 -45.70
C GLN YB 336 -24.16 -111.79 -44.83
N GLY YB 337 -23.32 -111.65 -43.81
CA GLY YB 337 -23.38 -110.50 -42.94
C GLY YB 337 -22.41 -109.40 -43.34
N PRO YB 338 -22.49 -108.26 -42.67
CA PRO YB 338 -21.52 -107.19 -42.91
C PRO YB 338 -20.09 -107.55 -42.52
N ILE YB 339 -19.91 -108.60 -41.71
CA ILE YB 339 -18.57 -109.06 -41.39
C ILE YB 339 -17.84 -109.50 -42.65
N ARG YB 340 -18.54 -110.16 -43.58
CA ARG YB 340 -17.93 -110.48 -44.87
C ARG YB 340 -17.59 -109.23 -45.65
N HIS YB 341 -18.48 -108.22 -45.63
CA HIS YB 341 -18.19 -106.97 -46.32
C HIS YB 341 -16.92 -106.34 -45.79
N PHE YB 342 -16.67 -106.44 -44.49
CA PHE YB 342 -15.48 -105.80 -43.92
C PHE YB 342 -14.23 -106.66 -44.11
N MET YB 343 -14.35 -107.98 -43.89
CA MET YB 343 -13.24 -108.89 -44.10
C MET YB 343 -12.79 -108.97 -45.55
N GLU YB 344 -13.68 -108.78 -46.53
CA GLU YB 344 -13.22 -108.79 -47.91
C GLU YB 344 -12.32 -107.60 -48.21
N LEU YB 345 -12.66 -106.42 -47.68
CA LEU YB 345 -11.75 -105.27 -47.79
C LEU YB 345 -10.46 -105.50 -47.04
N VAL YB 346 -10.52 -106.11 -45.85
CA VAL YB 346 -9.29 -106.43 -45.12
C VAL YB 346 -8.42 -107.38 -45.93
N THR YB 347 -9.03 -108.41 -46.51
CA THR YB 347 -8.29 -109.37 -47.31
C THR YB 347 -7.69 -108.73 -48.56
N CYS YB 348 -8.45 -107.86 -49.22
CA CYS YB 348 -7.92 -107.15 -50.38
C CYS YB 348 -6.75 -106.25 -50.01
N GLY YB 349 -6.85 -105.57 -48.87
CA GLY YB 349 -5.72 -104.76 -48.42
C GLY YB 349 -4.49 -105.59 -48.11
N LEU YB 350 -4.67 -106.70 -47.40
CA LEU YB 350 -3.54 -107.57 -47.08
C LEU YB 350 -2.95 -108.25 -48.30
N SER YB 351 -3.76 -108.54 -49.32
CA SER YB 351 -3.26 -109.23 -50.49
C SER YB 351 -2.43 -108.31 -51.38
N LYS YB 352 -2.64 -106.99 -51.29
CA LYS YB 352 -1.82 -106.02 -51.99
C LYS YB 352 -0.69 -105.49 -51.13
N ASN YB 353 -0.23 -106.28 -50.15
CA ASN YB 353 0.78 -105.84 -49.20
C ASN YB 353 2.05 -106.65 -49.38
N PRO YB 354 3.05 -106.15 -50.09
CA PRO YB 354 4.33 -106.88 -50.22
C PRO YB 354 5.25 -106.70 -49.03
N TYR YB 355 4.88 -105.89 -48.04
CA TYR YB 355 5.74 -105.62 -46.89
C TYR YB 355 5.58 -106.63 -45.76
N LEU YB 356 4.62 -107.54 -45.85
CA LEU YB 356 4.33 -108.49 -44.79
C LEU YB 356 4.40 -109.92 -45.32
N SER YB 357 4.78 -110.84 -44.43
CA SER YB 357 4.86 -112.25 -44.75
C SER YB 357 3.49 -112.90 -44.56
N VAL YB 358 3.37 -114.16 -44.95
CA VAL YB 358 2.08 -114.85 -44.89
C VAL YB 358 1.62 -115.05 -43.45
N LYS YB 359 2.54 -115.40 -42.56
CA LYS YB 359 2.18 -115.65 -41.17
C LYS YB 359 1.64 -114.39 -40.49
N GLN YB 360 2.19 -113.23 -40.83
CA GLN YB 360 1.68 -111.98 -40.26
C GLN YB 360 0.25 -111.70 -40.70
N LYS YB 361 -0.09 -111.97 -41.96
CA LYS YB 361 -1.47 -111.85 -42.40
C LYS YB 361 -2.38 -112.88 -41.74
N VAL YB 362 -1.88 -114.10 -41.51
CA VAL YB 362 -2.64 -115.10 -40.78
C VAL YB 362 -2.99 -114.58 -39.39
N GLU YB 363 -1.99 -114.02 -38.69
CA GLU YB 363 -2.24 -113.44 -37.38
C GLU YB 363 -3.17 -112.24 -37.45
N HIS YB 364 -3.07 -111.43 -38.51
CA HIS YB 364 -3.98 -110.31 -38.68
C HIS YB 364 -5.43 -110.78 -38.79
N ILE YB 365 -5.66 -111.84 -39.56
CA ILE YB 365 -7.02 -112.40 -39.66
C ILE YB 365 -7.46 -112.98 -38.34
N GLU YB 366 -6.56 -113.69 -37.64
CA GLU YB 366 -6.90 -114.31 -36.37
C GLU YB 366 -7.23 -113.27 -35.30
N TRP YB 367 -6.61 -112.09 -35.38
CA TRP YB 367 -6.92 -111.03 -34.43
C TRP YB 367 -8.37 -110.58 -34.55
N PHE YB 368 -8.83 -110.30 -35.78
CA PHE YB 368 -10.23 -109.98 -35.99
C PHE YB 368 -11.13 -111.14 -35.59
N ARG YB 369 -10.70 -112.36 -35.90
CA ARG YB 369 -11.39 -113.58 -35.48
C ARG YB 369 -11.71 -113.56 -34.00
N ASN YB 370 -10.68 -113.50 -33.16
CA ASN YB 370 -10.87 -113.55 -31.73
C ASN YB 370 -11.55 -112.30 -31.18
N TYR YB 371 -11.31 -111.13 -31.77
CA TYR YB 371 -12.01 -109.93 -31.32
C TYR YB 371 -13.52 -110.05 -31.53
N PHE YB 372 -13.93 -110.52 -32.71
CA PHE YB 372 -15.35 -110.67 -33.01
C PHE YB 372 -15.97 -111.78 -32.16
N ASN YB 373 -15.24 -112.89 -31.97
CA ASN YB 373 -15.77 -113.96 -31.14
C ASN YB 373 -15.77 -113.61 -29.66
N GLU YB 374 -14.99 -112.62 -29.24
CA GLU YB 374 -15.00 -112.17 -27.85
C GLU YB 374 -16.14 -111.20 -27.59
N LYS YB 375 -16.28 -110.18 -28.45
CA LYS YB 375 -17.32 -109.18 -28.27
C LYS YB 375 -18.60 -109.68 -28.94
N ARG YB 376 -19.34 -110.51 -28.21
CA ARG YB 376 -20.58 -111.10 -28.72
C ARG YB 376 -21.82 -110.29 -28.36
N VAL YB 377 -21.82 -109.60 -27.22
CA VAL YB 377 -23.00 -108.85 -26.82
C VAL YB 377 -23.27 -107.68 -27.76
N ILE YB 378 -22.22 -107.02 -28.25
CA ILE YB 378 -22.42 -105.85 -29.09
C ILE YB 378 -23.00 -106.21 -30.45
N LEU YB 379 -22.56 -107.33 -31.06
CA LEU YB 379 -23.09 -107.72 -32.35
C LEU YB 379 -24.55 -108.15 -32.26
N LYS YB 380 -24.95 -108.80 -31.18
CA LYS YB 380 -26.35 -109.14 -30.97
C LYS YB 380 -27.19 -107.93 -30.62
N GLU YB 381 -26.62 -106.94 -29.91
CA GLU YB 381 -27.36 -105.72 -29.59
C GLU YB 381 -27.51 -104.81 -30.80
N SER YB 382 -26.58 -104.88 -31.76
CA SER YB 382 -26.65 -104.00 -32.93
C SER YB 382 -27.85 -104.30 -33.83
N GLY YB 383 -28.53 -105.42 -33.63
CA GLY YB 383 -29.72 -105.74 -34.40
C GLY YB 383 -29.50 -106.70 -35.55
N ILE YB 384 -28.25 -107.01 -35.88
CA ILE YB 384 -27.93 -107.94 -36.96
C ILE YB 384 -27.47 -109.26 -36.35
N GLN YB 385 -27.99 -110.36 -36.89
CA GLN YB 385 -27.66 -111.69 -36.38
C GLN YB 385 -26.28 -112.08 -36.89
N LEU YB 386 -25.31 -112.15 -35.97
CA LEU YB 386 -23.94 -112.50 -36.30
C LEU YB 386 -23.48 -113.64 -35.41
N ASN YB 387 -22.57 -114.47 -35.92
CA ASN YB 387 -22.04 -115.59 -35.16
C ASN YB 387 -20.58 -115.35 -34.79
N LEU ZB 4 -23.26 -96.12 -68.60
CA LEU ZB 4 -23.38 -97.20 -67.63
C LEU ZB 4 -24.56 -98.11 -67.98
N SER ZB 5 -24.29 -99.41 -68.06
CA SER ZB 5 -25.30 -100.40 -68.40
C SER ZB 5 -25.13 -101.63 -67.51
N GLU ZB 6 -26.14 -102.51 -67.55
CA GLU ZB 6 -26.06 -103.76 -66.80
C GLU ZB 6 -24.90 -104.62 -67.28
N TYR ZB 7 -24.67 -104.68 -68.59
CA TYR ZB 7 -23.53 -105.42 -69.12
C TYR ZB 7 -22.21 -104.83 -68.63
N ALA ZB 8 -22.10 -103.50 -68.65
CA ALA ZB 8 -20.87 -102.84 -68.23
C ALA ZB 8 -20.59 -103.03 -66.74
N VAL ZB 9 -21.61 -102.94 -65.89
CA VAL ZB 9 -21.37 -103.11 -64.46
C VAL ZB 9 -21.00 -104.55 -64.13
N ARG ZB 10 -21.61 -105.52 -64.81
CA ARG ZB 10 -21.17 -106.91 -64.64
C ARG ZB 10 -19.74 -107.10 -65.09
N MET ZB 11 -19.35 -106.49 -66.22
CA MET ZB 11 -17.97 -106.59 -66.67
C MET ZB 11 -17.01 -105.97 -65.66
N SER ZB 12 -17.36 -104.82 -65.10
CA SER ZB 12 -16.52 -104.17 -64.11
C SER ZB 12 -16.42 -104.98 -62.82
N ARG ZB 13 -17.52 -105.60 -62.40
CA ARG ZB 13 -17.48 -106.47 -61.23
C ARG ZB 13 -16.61 -107.70 -61.46
N LEU ZB 14 -16.69 -108.29 -62.65
CA LEU ZB 14 -15.84 -109.43 -62.98
C LEU ZB 14 -14.37 -109.03 -63.04
N SER ZB 15 -14.07 -107.85 -63.58
CA SER ZB 15 -12.68 -107.42 -63.69
C SER ZB 15 -12.01 -107.29 -62.34
N ALA ZB 16 -12.69 -106.70 -61.36
CA ALA ZB 16 -12.14 -106.57 -60.02
C ALA ZB 16 -11.94 -107.92 -59.35
N ARG ZB 17 -12.89 -108.84 -59.50
CA ARG ZB 17 -12.74 -110.17 -58.92
C ARG ZB 17 -11.57 -110.91 -59.54
N LEU ZB 18 -11.37 -110.78 -60.85
CA LEU ZB 18 -10.25 -111.46 -61.51
C LEU ZB 18 -8.92 -110.85 -61.13
N PHE ZB 19 -8.86 -109.52 -61.03
CA PHE ZB 19 -7.60 -108.86 -60.71
C PHE ZB 19 -7.28 -108.85 -59.23
N GLY ZB 20 -8.24 -109.22 -58.39
CA GLY ZB 20 -8.02 -109.21 -56.95
C GLY ZB 20 -8.39 -107.91 -56.27
N GLU ZB 21 -9.11 -107.02 -56.94
CA GLU ZB 21 -9.52 -105.76 -56.37
C GLU ZB 21 -10.81 -105.94 -55.57
N VAL ZB 22 -11.43 -104.83 -55.17
CA VAL ZB 22 -12.68 -104.87 -54.42
C VAL ZB 22 -13.81 -105.18 -55.39
N ALA ZB 23 -14.55 -106.24 -55.13
CA ALA ZB 23 -15.57 -106.72 -56.05
C ALA ZB 23 -16.87 -105.93 -55.90
N ARG ZB 24 -17.50 -106.03 -54.73
CA ARG ZB 24 -18.78 -105.37 -54.54
C ARG ZB 24 -18.57 -103.88 -54.31
N PRO ZB 25 -19.57 -103.05 -54.60
CA PRO ZB 25 -19.41 -101.59 -54.43
C PRO ZB 25 -19.17 -101.22 -52.97
N THR ZB 26 -18.17 -100.37 -52.75
CA THR ZB 26 -17.87 -99.82 -51.44
C THR ZB 26 -17.62 -98.33 -51.58
N ASP ZB 27 -17.83 -97.60 -50.48
CA ASP ZB 27 -17.68 -96.16 -50.52
C ASP ZB 27 -16.21 -95.75 -50.39
N SER ZB 28 -15.92 -94.52 -50.81
CA SER ZB 28 -14.56 -94.00 -50.74
C SER ZB 28 -14.06 -93.93 -49.31
N LYS ZB 29 -14.93 -93.58 -48.36
CA LYS ZB 29 -14.55 -93.60 -46.96
C LYS ZB 29 -14.26 -95.01 -46.47
N SER ZB 30 -14.90 -96.02 -47.06
CA SER ZB 30 -14.64 -97.42 -46.71
C SER ZB 30 -13.40 -97.98 -47.37
N MET ZB 31 -12.93 -97.41 -48.48
CA MET ZB 31 -11.68 -97.85 -49.08
C MET ZB 31 -10.47 -97.54 -48.19
N LYS ZB 32 -10.66 -96.72 -47.15
CA LYS ZB 32 -9.57 -96.40 -46.25
C LYS ZB 32 -9.04 -97.64 -45.54
N VAL ZB 33 -9.92 -98.56 -45.12
CA VAL ZB 33 -9.46 -99.76 -44.46
C VAL ZB 33 -8.73 -100.68 -45.43
N VAL ZB 34 -9.09 -100.65 -46.72
CA VAL ZB 34 -8.27 -101.32 -47.72
C VAL ZB 34 -6.88 -100.72 -47.75
N LYS ZB 35 -6.80 -99.39 -47.74
CA LYS ZB 35 -5.50 -98.73 -47.78
C LYS ZB 35 -4.66 -98.98 -46.53
N LEU ZB 36 -5.28 -99.07 -45.35
CA LEU ZB 36 -4.50 -99.33 -44.13
C LEU ZB 36 -3.70 -100.63 -44.23
N PHE ZB 37 -4.20 -101.62 -44.95
CA PHE ZB 37 -3.47 -102.87 -45.12
C PHE ZB 37 -2.74 -102.96 -46.45
N SER ZB 38 -3.06 -102.09 -47.41
CA SER ZB 38 -2.36 -102.11 -48.70
C SER ZB 38 -0.91 -101.69 -48.59
N GLU ZB 39 -0.55 -100.84 -47.64
CA GLU ZB 39 0.83 -100.46 -47.42
C GLU ZB 39 1.18 -100.57 -45.94
N GLN ZB 40 2.48 -100.47 -45.66
CA GLN ZB 40 3.08 -100.55 -44.34
C GLN ZB 40 2.79 -99.28 -43.56
N PRO ZB 41 2.40 -99.39 -42.28
CA PRO ZB 41 2.07 -98.19 -41.51
C PRO ZB 41 3.30 -97.33 -41.23
N LEU ZB 42 3.03 -96.09 -40.82
CA LEU ZB 42 4.12 -95.13 -40.57
C LEU ZB 42 5.07 -95.63 -39.50
N ALA ZB 43 4.55 -96.14 -38.39
CA ALA ZB 43 5.39 -96.60 -37.29
C ALA ZB 43 6.21 -97.83 -37.64
N LYS ZB 44 5.88 -98.54 -38.72
CA LYS ZB 44 6.59 -99.76 -39.09
C LYS ZB 44 7.61 -99.55 -40.21
N ARG ZB 45 7.75 -98.33 -40.74
CA ARG ZB 45 8.73 -98.10 -41.79
C ARG ZB 45 10.11 -97.87 -41.19
N LYS ZB 46 11.12 -98.48 -41.80
CA LYS ZB 46 12.50 -98.35 -41.32
C LYS ZB 46 12.96 -96.90 -41.28
N GLU ZB 47 12.55 -96.08 -42.26
CA GLU ZB 47 12.88 -94.66 -42.25
C GLU ZB 47 12.35 -93.96 -41.00
N THR ZB 48 11.33 -94.52 -40.36
CA THR ZB 48 10.76 -93.95 -39.16
C THR ZB 48 11.30 -94.57 -37.88
N TYR ZB 49 11.28 -95.89 -37.74
CA TYR ZB 49 11.69 -96.49 -36.47
C TYR ZB 49 13.20 -96.69 -36.37
N ASP ZB 50 13.95 -96.48 -37.45
CA ASP ZB 50 15.39 -96.54 -37.43
C ASP ZB 50 16.01 -95.17 -37.72
N TRP ZB 51 15.29 -94.11 -37.36
CA TRP ZB 51 15.73 -92.75 -37.66
C TRP ZB 51 17.00 -92.39 -36.89
N TYR ZB 52 17.00 -92.63 -35.59
CA TYR ZB 52 18.12 -92.24 -34.75
C TYR ZB 52 19.07 -93.42 -34.56
N PRO ZB 53 20.33 -93.32 -34.97
CA PRO ZB 53 21.32 -94.34 -34.60
C PRO ZB 53 21.55 -94.35 -33.10
N ASN ZB 54 22.11 -95.46 -32.61
CA ASN ZB 54 22.20 -95.65 -31.17
C ASN ZB 54 23.39 -94.89 -30.60
N HIS ZB 55 23.13 -93.62 -30.23
CA HIS ZB 55 24.15 -92.78 -29.63
C HIS ZB 55 24.72 -93.39 -28.35
N ASN ZB 56 23.92 -94.17 -27.63
CA ASN ZB 56 24.44 -94.86 -26.45
C ASN ZB 56 25.56 -95.83 -26.85
N THR ZB 57 25.34 -96.63 -27.89
CA THR ZB 57 26.39 -97.53 -28.34
C THR ZB 57 27.60 -96.75 -28.83
N TYR ZB 58 27.38 -95.67 -29.60
CA TYR ZB 58 28.52 -94.90 -30.10
C TYR ZB 58 29.36 -94.33 -28.96
N PHE ZB 59 28.71 -93.62 -28.03
CA PHE ZB 59 29.40 -92.99 -26.91
C PHE ZB 59 30.07 -94.01 -25.99
N ALA ZB 60 29.37 -95.08 -25.62
CA ALA ZB 60 29.96 -96.09 -24.76
C ALA ZB 60 31.14 -96.78 -25.42
N LEU ZB 61 31.02 -97.11 -26.70
CA LEU ZB 61 32.12 -97.78 -27.39
C LEU ZB 61 33.36 -96.90 -27.45
N MET ZB 62 33.18 -95.64 -27.86
CA MET ZB 62 34.33 -94.73 -27.87
C MET ZB 62 34.91 -94.48 -26.48
N GLY ZB 63 34.08 -94.34 -25.45
CA GLY ZB 63 34.63 -94.19 -24.12
C GLY ZB 63 35.43 -95.40 -23.67
N THR ZB 64 34.93 -96.60 -23.98
CA THR ZB 64 35.62 -97.82 -23.57
C THR ZB 64 36.95 -97.97 -24.30
N LEU ZB 65 36.98 -97.71 -25.61
CA LEU ZB 65 38.27 -97.73 -26.30
C LEU ZB 65 39.21 -96.63 -25.84
N ARG ZB 66 38.70 -95.46 -25.45
CA ARG ZB 66 39.56 -94.45 -24.85
C ARG ZB 66 40.17 -94.95 -23.56
N PHE ZB 67 39.37 -95.62 -22.72
CA PHE ZB 67 39.87 -96.16 -21.46
C PHE ZB 67 40.88 -97.28 -21.66
N LEU ZB 68 40.65 -98.15 -22.63
CA LEU ZB 68 41.64 -99.20 -22.92
C LEU ZB 68 42.81 -98.69 -23.74
N GLY ZB 69 42.77 -97.44 -24.20
CA GLY ZB 69 43.93 -96.84 -24.83
C GLY ZB 69 44.11 -97.13 -26.30
N LEU ZB 70 43.02 -97.24 -27.05
CA LEU ZB 70 43.11 -97.48 -28.49
C LEU ZB 70 42.52 -96.33 -29.30
N TYR ZB 71 41.44 -95.74 -28.82
CA TYR ZB 71 40.93 -94.48 -29.34
C TYR ZB 71 41.36 -93.35 -28.41
N ARG ZB 72 41.62 -92.18 -28.97
CA ARG ZB 72 42.01 -91.01 -28.18
C ARG ZB 72 41.00 -89.91 -28.45
N ASP ZB 73 40.27 -89.50 -27.42
CA ASP ZB 73 39.24 -88.49 -27.54
C ASP ZB 73 39.77 -87.15 -27.05
N GLU ZB 74 40.14 -86.28 -27.99
CA GLU ZB 74 40.71 -84.98 -27.64
C GLU ZB 74 39.70 -84.11 -26.89
N HIS ZB 75 38.42 -84.16 -27.28
CA HIS ZB 75 37.40 -83.38 -26.59
C HIS ZB 75 37.25 -83.82 -25.14
N GLN ZB 76 37.23 -85.13 -24.90
CA GLN ZB 76 37.13 -85.61 -23.52
C GLN ZB 76 38.39 -85.30 -22.73
N ASP ZB 77 39.56 -85.35 -23.38
CA ASP ZB 77 40.79 -84.93 -22.70
C ASP ZB 77 40.73 -83.46 -22.31
N PHE ZB 78 40.22 -82.61 -23.21
CA PHE ZB 78 40.05 -81.19 -22.89
C PHE ZB 78 39.11 -81.00 -21.72
N ARG ZB 79 37.97 -81.71 -21.71
CA ARG ZB 79 37.05 -81.61 -20.59
C ARG ZB 79 37.70 -82.06 -19.29
N ASP ZB 80 38.44 -83.17 -19.31
CA ASP ZB 80 39.10 -83.65 -18.10
C ASP ZB 80 40.14 -82.66 -17.60
N GLU ZB 81 40.93 -82.08 -18.50
CA GLU ZB 81 41.94 -81.10 -18.08
C GLU ZB 81 41.30 -79.86 -17.49
N GLN ZB 82 40.22 -79.36 -18.12
CA GLN ZB 82 39.53 -78.20 -17.57
C GLN ZB 82 38.93 -78.50 -16.20
N LEU ZB 83 38.31 -79.67 -16.04
CA LEU ZB 83 37.76 -80.03 -14.73
C LEU ZB 83 38.84 -80.20 -13.68
N ARG ZB 84 40.00 -80.73 -14.06
CA ARG ZB 84 41.09 -80.85 -13.10
C ARG ZB 84 41.60 -79.49 -12.67
N LEU ZB 85 41.74 -78.55 -13.61
CA LEU ZB 85 42.12 -77.20 -13.23
C LEU ZB 85 41.06 -76.54 -12.34
N LYS ZB 86 39.79 -76.78 -12.62
CA LYS ZB 86 38.72 -76.24 -11.78
C LYS ZB 86 38.77 -76.80 -10.36
N LYS ZB 87 38.97 -78.11 -10.23
CA LYS ZB 87 39.04 -78.71 -8.90
C LYS ZB 87 40.32 -78.29 -8.16
N LEU ZB 88 41.40 -78.04 -8.90
CA LEU ZB 88 42.62 -77.54 -8.26
C LEU ZB 88 42.45 -76.11 -7.77
N ARG ZB 89 41.83 -75.24 -8.57
CA ARG ZB 89 41.61 -73.87 -8.12
C ARG ZB 89 40.57 -73.82 -7.00
N GLY ZB 90 39.66 -74.79 -6.93
CA GLY ZB 90 38.87 -74.95 -5.72
C GLY ZB 90 37.37 -74.91 -5.86
N LYS ZB 91 36.87 -74.80 -7.09
CA LYS ZB 91 35.43 -74.78 -7.35
C LYS ZB 91 35.08 -76.04 -8.13
N GLY ZB 92 34.83 -77.13 -7.41
CA GLY ZB 92 34.52 -78.40 -8.05
C GLY ZB 92 33.05 -78.74 -8.04
N LYS ZB 93 32.73 -80.02 -8.14
CA LYS ZB 93 31.35 -80.47 -8.15
C LYS ZB 93 30.96 -80.94 -6.76
N PRO ZB 94 29.97 -80.33 -6.13
CA PRO ZB 94 29.62 -80.71 -4.76
C PRO ZB 94 28.96 -82.08 -4.70
N ARG ZB 95 29.06 -82.70 -3.52
CA ARG ZB 95 28.43 -83.99 -3.28
C ARG ZB 95 26.91 -83.84 -3.29
N LYS ZB 96 26.23 -84.92 -3.65
CA LYS ZB 96 24.78 -84.93 -3.72
C LYS ZB 96 24.19 -84.98 -2.31
N GLY ZB 97 23.43 -83.94 -1.95
CA GLY ZB 97 22.76 -83.88 -0.66
C GLY ZB 97 23.31 -82.85 0.29
N GLU ZB 98 24.40 -82.16 -0.05
CA GLU ZB 98 25.01 -81.17 0.82
C GLU ZB 98 25.10 -79.79 0.19
N GLY ZB 99 24.73 -79.63 -1.07
CA GLY ZB 99 24.82 -78.32 -1.70
C GLY ZB 99 23.87 -77.30 -1.11
N LYS ZB 100 22.63 -77.71 -0.84
CA LYS ZB 100 21.62 -76.77 -0.38
C LYS ZB 100 21.72 -76.55 1.12
N ARG ZB 101 21.53 -77.61 1.91
CA ARG ZB 101 21.51 -77.46 3.36
C ARG ZB 101 22.88 -77.08 3.91
N ALA ZB 102 23.93 -77.73 3.42
CA ALA ZB 102 25.28 -77.47 3.91
C ALA ZB 102 26.06 -76.60 2.92
N MET AC 1 76.44 2.54 16.11
CA MET AC 1 77.45 3.58 15.91
C MET AC 1 76.79 4.90 15.52
N ALA AC 2 77.10 5.38 14.31
CA ALA AC 2 76.57 6.62 13.79
C ALA AC 2 75.69 6.30 12.59
N ARG AC 3 74.37 6.47 12.75
CA ARG AC 3 73.41 6.22 11.69
C ARG AC 3 72.61 7.49 11.41
N LYS AC 4 71.86 7.45 10.32
CA LYS AC 4 70.98 8.56 9.97
C LYS AC 4 69.74 8.62 10.85
N LYS AC 5 69.29 7.48 11.37
CA LYS AC 5 68.07 7.39 12.16
C LYS AC 5 68.35 7.25 13.66
N VAL AC 6 69.39 7.92 14.14
CA VAL AC 6 69.73 7.84 15.56
C VAL AC 6 68.77 8.72 16.36
N ARG AC 7 68.07 8.12 17.32
CA ARG AC 7 67.12 8.85 18.14
C ARG AC 7 67.85 9.67 19.19
N PRO AC 8 67.47 10.93 19.39
CA PRO AC 8 68.11 11.78 20.43
C PRO AC 8 67.59 11.48 21.84
N ARG AC 9 68.18 10.46 22.45
CA ARG AC 9 67.77 10.07 23.80
C ARG AC 9 68.08 11.17 24.80
N LEU AC 10 67.06 11.59 25.55
CA LEU AC 10 67.20 12.65 26.54
C LEU AC 10 67.07 12.16 27.97
N ILE AC 11 66.24 11.14 28.21
CA ILE AC 11 66.06 10.61 29.56
C ILE AC 11 67.34 9.95 30.06
N ALA AC 12 68.09 9.30 29.15
CA ALA AC 12 69.35 8.66 29.55
C ALA AC 12 70.36 9.68 30.06
N GLU AC 13 70.37 10.88 29.49
CA GLU AC 13 71.28 11.92 29.95
C GLU AC 13 70.72 12.69 31.15
N LEU AC 14 69.38 12.79 31.26
CA LEU AC 14 68.79 13.40 32.43
C LEU AC 14 69.02 12.57 33.67
N ALA AC 15 68.99 11.23 33.53
CA ALA AC 15 69.29 10.35 34.65
C ALA AC 15 70.72 10.52 35.15
N ARG AC 16 71.67 10.80 34.25
CA ARG AC 16 73.04 11.08 34.68
C ARG AC 16 73.09 12.29 35.60
N ARG AC 17 72.43 13.38 35.23
CA ARG AC 17 72.39 14.56 36.08
C ARG AC 17 71.67 14.30 37.39
N VAL AC 18 70.58 13.53 37.35
CA VAL AC 18 69.84 13.23 38.56
C VAL AC 18 70.70 12.44 39.54
N ARG AC 19 71.38 11.39 39.05
CA ARG AC 19 72.23 10.60 39.92
C ARG AC 19 73.45 11.39 40.38
N ALA AC 20 73.99 12.29 39.54
CA ALA AC 20 75.09 13.13 39.98
C ALA AC 20 74.67 14.04 41.13
N LEU AC 21 73.49 14.67 41.02
CA LEU AC 21 73.00 15.51 42.11
C LEU AC 21 72.73 14.69 43.37
N ARG AC 22 72.13 13.51 43.24
CA ARG AC 22 71.83 12.67 44.39
C ARG AC 22 73.09 12.09 45.05
N GLU AC 23 74.17 11.91 44.29
CA GLU AC 23 75.42 11.45 44.85
C GLU AC 23 76.01 12.44 45.85
N GLN AC 24 75.95 13.73 45.54
CA GLN AC 24 76.49 14.75 46.43
C GLN AC 24 75.49 15.16 47.52
N ARG AC 25 74.23 15.37 47.15
CA ARG AC 25 73.25 15.81 48.15
C ARG AC 25 73.01 14.74 49.21
N GLU AC 26 72.92 13.48 48.79
CA GLU AC 26 72.75 12.36 49.70
C GLU AC 26 74.05 11.61 49.95
N ARG AC 27 75.17 12.32 50.00
CA ARG AC 27 76.45 11.71 50.32
C ARG AC 27 76.43 11.18 51.74
N PRO AC 28 76.72 9.91 51.97
CA PRO AC 28 76.72 9.38 53.35
C PRO AC 28 77.94 9.88 54.11
N ARG AC 29 77.69 10.57 55.21
CA ARG AC 29 78.77 11.06 56.05
C ARG AC 29 79.55 9.89 56.65
N ASP AC 30 80.88 10.06 56.71
CA ASP AC 30 81.76 8.98 57.14
C ASP AC 30 81.48 8.53 58.56
N SER AC 31 80.88 9.38 59.40
CA SER AC 31 80.55 8.95 60.76
C SER AC 31 79.64 7.73 60.76
N GLN AC 32 78.41 7.88 60.22
CA GLN AC 32 77.51 6.75 60.11
C GLN AC 32 77.98 5.73 59.07
N ARG AC 33 78.80 6.14 58.11
CA ARG AC 33 79.31 5.19 57.13
C ARG AC 33 80.24 4.16 57.77
N TYR AC 34 81.11 4.61 58.67
CA TYR AC 34 82.06 3.75 59.35
C TYR AC 34 81.63 3.41 60.77
N ALA AC 35 80.40 3.75 61.14
CA ALA AC 35 79.85 3.30 62.42
C ALA AC 35 79.90 1.78 62.51
N LEU AC 36 80.04 1.29 63.74
CA LEU AC 36 80.28 -0.13 63.96
C LEU AC 36 79.46 -0.62 65.14
N ASP AC 37 78.82 -1.77 64.98
CA ASP AC 37 78.13 -2.45 66.07
C ASP AC 37 79.10 -3.43 66.71
N TYR AC 38 79.44 -3.21 67.97
CA TYR AC 38 80.49 -3.98 68.63
C TYR AC 38 80.02 -5.35 69.11
N GLU AC 39 78.73 -5.65 69.02
CA GLU AC 39 78.23 -6.96 69.43
C GLU AC 39 78.24 -7.97 68.29
N THR AC 40 77.75 -7.57 67.12
CA THR AC 40 77.69 -8.45 65.96
C THR AC 40 78.80 -8.17 64.95
N MET AC 41 79.58 -7.10 65.15
CA MET AC 41 80.63 -6.69 64.22
C MET AC 41 80.06 -6.56 62.82
N MET AC 42 78.93 -5.85 62.75
CA MET AC 42 78.09 -5.68 61.58
C MET AC 42 78.01 -4.19 61.28
N ARG AC 43 78.44 -3.79 60.08
CA ARG AC 43 78.40 -2.38 59.73
C ARG AC 43 76.95 -1.97 59.45
N PRO AC 44 76.39 -1.02 60.20
CA PRO AC 44 74.99 -0.62 59.96
C PRO AC 44 74.76 0.01 58.60
N HIS AC 45 75.76 0.69 58.03
CA HIS AC 45 75.55 1.39 56.77
C HIS AC 45 75.66 0.46 55.57
N SER AC 46 76.83 -0.12 55.35
CA SER AC 46 77.07 -0.95 54.17
C SER AC 46 76.42 -2.31 54.26
N GLY AC 47 76.46 -2.95 55.43
CA GLY AC 47 75.93 -4.28 55.58
C GLY AC 47 76.96 -5.40 55.51
N ASN AC 48 78.19 -5.15 55.95
CA ASN AC 48 79.24 -6.15 55.91
C ASN AC 48 79.67 -6.52 57.33
N ARG AC 49 80.08 -7.78 57.51
CA ARG AC 49 80.62 -8.22 58.79
C ARG AC 49 82.14 -8.17 58.78
N LEU AC 50 82.70 -7.95 59.95
CA LEU AC 50 84.14 -7.83 60.08
C LEU AC 50 84.81 -9.20 59.95
N PRO AC 51 86.05 -9.24 59.42
CA PRO AC 51 86.78 -10.50 59.36
C PRO AC 51 87.05 -11.05 60.75
N MET AC 52 87.05 -12.38 60.86
CA MET AC 52 87.16 -12.99 62.18
C MET AC 52 88.53 -12.76 62.80
N ARG AC 53 89.56 -12.55 61.97
CA ARG AC 53 90.87 -12.23 62.49
C ARG AC 53 90.96 -10.83 63.09
N ALA AC 54 89.94 -9.99 62.86
CA ALA AC 54 89.88 -8.66 63.45
C ALA AC 54 88.94 -8.59 64.65
N TRP AC 55 88.52 -9.74 65.18
CA TRP AC 55 87.55 -9.75 66.27
C TRP AC 55 88.15 -9.31 67.61
N ALA AC 56 89.38 -9.72 67.91
CA ALA AC 56 89.99 -9.35 69.18
C ALA AC 56 90.34 -7.87 69.24
N ASP AC 57 90.92 -7.35 68.17
CA ASP AC 57 91.41 -5.98 68.11
C ASP AC 57 90.32 -4.93 68.26
N VAL AC 58 89.13 -5.17 67.70
CA VAL AC 58 88.05 -4.19 67.79
C VAL AC 58 87.67 -3.94 69.24
N ARG AC 59 87.56 -5.01 70.03
CA ARG AC 59 87.20 -4.87 71.43
C ARG AC 59 88.39 -4.58 72.34
N HIS AC 60 89.62 -4.82 71.89
CA HIS AC 60 90.78 -4.65 72.75
C HIS AC 60 91.62 -3.43 72.45
N GLU AC 61 91.29 -2.65 71.42
CA GLU AC 61 92.13 -1.51 71.05
C GLU AC 61 91.25 -0.35 70.58
N SER AC 62 91.90 0.65 70.00
CA SER AC 62 91.29 1.93 69.66
C SER AC 62 91.82 2.42 68.33
N ARG AC 63 91.07 3.33 67.70
CA ARG AC 63 91.42 3.87 66.40
C ARG AC 63 92.17 5.19 66.56
N LEU AC 64 92.41 5.89 65.45
CA LEU AC 64 93.20 7.11 65.47
C LEU AC 64 92.42 8.27 66.06
N LEU AC 65 91.25 8.58 65.50
CA LEU AC 65 90.46 9.69 66.02
C LEU AC 65 89.84 9.40 67.38
N GLN AC 66 89.83 8.14 67.82
CA GLN AC 66 89.38 7.83 69.17
C GLN AC 66 90.41 8.24 70.23
N LEU AC 67 91.69 8.29 69.87
CA LEU AC 67 92.72 8.81 70.76
C LEU AC 67 93.10 10.24 70.45
N LEU AC 68 92.73 10.74 69.26
CA LEU AC 68 93.08 12.09 68.85
C LEU AC 68 92.12 13.14 69.37
N ASN AC 69 90.96 12.74 69.89
CA ASN AC 69 89.99 13.69 70.41
C ASN AC 69 90.39 14.27 71.75
N ARG AC 70 91.37 13.69 72.44
CA ARG AC 70 91.81 14.17 73.74
C ARG AC 70 93.09 14.99 73.66
N LEU AC 71 93.56 15.32 72.45
CA LEU AC 71 94.75 16.15 72.33
C LEU AC 71 94.36 17.61 72.09
N PRO AC 72 95.18 18.56 72.56
CA PRO AC 72 94.80 19.98 72.50
C PRO AC 72 94.61 20.51 71.08
N LEU AC 73 95.64 20.41 70.25
CA LEU AC 73 95.59 20.92 68.88
C LEU AC 73 95.28 19.83 67.87
N PHE AC 74 94.52 18.81 68.28
CA PHE AC 74 94.21 17.66 67.43
C PHE AC 74 95.49 16.99 66.92
N GLY AC 75 96.50 16.94 67.79
CA GLY AC 75 97.73 16.25 67.47
C GLY AC 75 98.52 16.87 66.34
N LEU AC 76 99.06 18.06 66.56
CA LEU AC 76 99.92 18.72 65.58
C LEU AC 76 101.36 18.36 65.90
N GLY AC 77 102.02 17.65 64.98
CA GLY AC 77 103.37 17.20 65.18
C GLY AC 77 103.50 15.95 66.02
N ARG AC 78 102.39 15.35 66.45
CA ARG AC 78 102.45 14.16 67.28
C ARG AC 78 102.84 12.94 66.45
N LEU AC 79 103.30 11.91 67.16
CA LEU AC 79 103.68 10.63 66.57
C LEU AC 79 102.62 9.62 66.93
N VAL AC 80 102.11 8.89 65.93
CA VAL AC 80 101.11 7.84 66.17
C VAL AC 80 101.55 6.58 65.45
N THR AC 81 101.29 5.43 66.06
CA THR AC 81 101.75 4.16 65.53
C THR AC 81 100.61 3.13 65.54
N ARG AC 82 100.88 1.97 64.96
CA ARG AC 82 99.93 0.87 64.91
C ARG AC 82 100.49 -0.33 65.66
N LYS AC 83 99.59 -1.04 66.35
CA LYS AC 83 100.00 -2.22 67.11
C LYS AC 83 100.47 -3.34 66.19
N SER AC 84 99.89 -3.43 64.98
CA SER AC 84 100.40 -4.39 64.01
C SER AC 84 101.84 -4.08 63.63
N TRP AC 85 102.18 -2.81 63.45
CA TRP AC 85 103.56 -2.41 63.26
C TRP AC 85 104.42 -2.75 64.48
N LEU AC 86 103.91 -2.48 65.68
CA LEU AC 86 104.62 -2.87 66.90
C LEU AC 86 104.95 -4.35 66.94
N TRP AC 87 104.03 -5.21 66.53
CA TRP AC 87 104.29 -6.64 66.52
C TRP AC 87 105.23 -7.06 65.39
N GLN AC 88 104.87 -6.74 64.15
CA GLN AC 88 105.63 -7.26 63.01
C GLN AC 88 107.02 -6.63 62.90
N HIS AC 89 107.12 -5.32 63.03
CA HIS AC 89 108.35 -4.59 62.78
C HIS AC 89 108.94 -4.14 64.11
N ASP AC 90 110.15 -4.61 64.42
CA ASP AC 90 110.85 -4.12 65.60
C ASP AC 90 111.42 -2.72 65.39
N GLU AC 91 111.70 -2.34 64.14
CA GLU AC 91 112.16 -1.00 63.83
C GLU AC 91 111.02 0.00 63.99
N PRO AC 92 111.32 1.23 64.41
CA PRO AC 92 110.25 2.21 64.66
C PRO AC 92 109.55 2.64 63.37
N CYS AC 93 108.23 2.55 63.37
CA CYS AC 93 107.40 3.01 62.26
C CYS AC 93 106.30 3.89 62.83
N TYR AC 94 106.27 5.15 62.44
CA TYR AC 94 105.36 6.12 63.03
C TYR AC 94 104.81 7.04 61.95
N TRP AC 95 103.76 7.77 62.32
CA TRP AC 95 103.13 8.79 61.49
C TRP AC 95 103.28 10.12 62.22
N ARG AC 96 103.85 11.11 61.54
CA ARG AC 96 103.95 12.47 62.04
C ARG AC 96 102.72 13.23 61.57
N LEU AC 97 101.83 13.60 62.50
CA LEU AC 97 100.59 14.25 62.12
C LEU AC 97 100.85 15.71 61.77
N THR AC 98 100.55 16.09 60.53
CA THR AC 98 100.75 17.47 60.10
C THR AC 98 99.43 18.24 60.01
N ARG AC 99 98.33 17.55 59.75
CA ARG AC 99 97.02 18.20 59.72
C ARG AC 99 95.93 17.14 59.87
N VAL AC 100 94.87 17.49 60.59
CA VAL AC 100 93.74 16.61 60.83
C VAL AC 100 92.46 17.40 60.62
N ARG AC 101 91.46 16.77 59.99
CA ARG AC 101 90.12 17.34 59.82
C ARG AC 101 89.14 16.32 60.36
N PRO AC 102 88.80 16.40 61.65
CA PRO AC 102 87.77 15.52 62.21
C PRO AC 102 86.38 15.95 61.74
N ASP AC 103 85.46 15.00 61.75
CA ASP AC 103 84.09 15.30 61.37
C ASP AC 103 83.34 15.96 62.52
N TYR AC 104 82.49 16.92 62.17
CA TYR AC 104 81.66 17.59 63.17
C TYR AC 104 80.32 16.90 63.36
N ALA AC 105 79.94 15.98 62.48
CA ALA AC 105 78.67 15.27 62.61
C ALA AC 105 78.71 14.21 63.71
N ALA AC 106 79.89 13.66 64.01
CA ALA AC 106 80.00 12.66 65.05
C ALA AC 106 79.76 13.30 66.42
N GLU AC 107 78.91 12.66 67.23
CA GLU AC 107 78.54 13.24 68.52
C GLU AC 107 79.47 12.79 69.64
N ASN AC 108 80.42 11.89 69.34
CA ASN AC 108 81.58 11.69 70.19
C ASN AC 108 82.88 12.18 69.57
N LEU AC 109 82.89 12.51 68.28
CA LEU AC 109 84.06 13.02 67.57
C LEU AC 109 85.21 11.99 67.64
N ASP AC 110 84.99 10.87 66.93
CA ASP AC 110 85.99 9.84 66.77
C ASP AC 110 86.13 9.41 65.31
N HIS AC 111 85.87 10.31 64.37
CA HIS AC 111 86.02 10.02 62.94
C HIS AC 111 86.57 11.26 62.25
N GLY AC 112 87.34 11.05 61.19
CA GLY AC 112 87.88 12.18 60.47
C GLY AC 112 88.90 11.72 59.45
N LYS AC 113 89.47 12.71 58.76
CA LYS AC 113 90.48 12.47 57.75
C LYS AC 113 91.75 13.24 58.09
N ALA AC 114 92.88 12.54 58.16
CA ALA AC 114 94.12 13.14 58.60
C ALA AC 114 95.23 12.86 57.60
N TRP AC 115 96.11 13.85 57.43
CA TRP AC 115 97.32 13.71 56.63
C TRP AC 115 98.52 13.66 57.56
N GLY AC 116 99.71 13.57 56.97
CA GLY AC 116 100.91 13.56 57.78
C GLY AC 116 102.12 13.10 57.00
N ILE AC 117 103.18 12.80 57.74
CA ILE AC 117 104.45 12.34 57.20
C ILE AC 117 104.68 10.92 57.70
N LEU AC 118 104.99 10.01 56.78
CA LEU AC 118 105.16 8.60 57.11
C LEU AC 118 106.64 8.26 57.18
N THR AC 119 107.06 7.67 58.29
CA THR AC 119 108.42 7.16 58.48
C THR AC 119 108.31 5.68 58.83
N PHE AC 120 108.53 4.82 57.85
CA PHE AC 120 108.40 3.38 58.01
C PHE AC 120 109.77 2.73 58.06
N LYS AC 121 110.00 1.91 59.08
CA LYS AC 121 111.27 1.19 59.26
C LYS AC 121 112.45 2.15 59.36
N GLY AC 122 112.23 3.33 59.93
CA GLY AC 122 113.27 4.34 60.05
C GLY AC 122 113.44 5.19 58.81
N LYS AC 123 113.06 4.68 57.63
CA LYS AC 123 113.16 5.46 56.41
C LYS AC 123 112.14 6.58 56.44
N THR AC 124 112.59 7.82 56.26
CA THR AC 124 111.74 8.99 56.32
C THR AC 124 111.36 9.44 54.92
N GLU AC 125 110.11 9.85 54.74
CA GLU AC 125 109.62 10.35 53.46
C GLU AC 125 109.54 11.86 53.49
N SER AC 126 110.15 12.50 52.49
CA SER AC 126 110.19 13.96 52.41
C SER AC 126 108.97 14.54 51.68
N GLU AC 127 107.87 13.80 51.63
CA GLU AC 127 106.66 14.25 50.96
C GLU AC 127 105.46 14.08 51.89
N ALA AC 128 104.45 14.92 51.68
CA ALA AC 128 103.22 14.88 52.45
C ALA AC 128 102.28 13.85 51.86
N ARG AC 129 101.82 12.91 52.68
CA ARG AC 129 100.96 11.83 52.23
C ARG AC 129 99.78 11.68 53.18
N GLU AC 130 98.65 11.24 52.63
CA GLU AC 130 97.44 11.06 53.41
C GLU AC 130 97.53 9.78 54.25
N ILE AC 131 96.99 9.83 55.47
CA ILE AC 131 97.07 8.71 56.40
C ILE AC 131 95.98 7.71 56.07
N GLU AC 132 96.39 6.48 55.76
CA GLU AC 132 95.47 5.43 55.32
C GLU AC 132 94.99 4.61 56.52
N GLN AC 133 93.83 3.97 56.34
CA GLN AC 133 93.24 3.07 57.34
C GLN AC 133 93.07 3.77 58.69
N VAL AC 134 92.36 4.90 58.67
CA VAL AC 134 92.11 5.66 59.90
C VAL AC 134 91.16 4.91 60.82
N MET AC 135 90.12 4.30 60.24
CA MET AC 135 89.09 3.61 61.01
C MET AC 135 89.58 2.32 61.66
N TYR AC 136 90.78 1.86 61.33
CA TYR AC 136 91.29 0.63 61.90
C TYR AC 136 91.46 0.75 63.41
N HIS AC 137 91.11 -0.30 64.13
CA HIS AC 137 91.24 -0.32 65.59
C HIS AC 137 92.59 -0.90 66.00
N ASP AC 138 93.65 -0.27 65.49
CA ASP AC 138 95.01 -0.68 65.80
C ASP AC 138 95.92 0.47 66.20
N TRP AC 139 95.44 1.71 66.19
CA TRP AC 139 96.28 2.86 66.45
C TRP AC 139 96.69 2.92 67.92
N ARG AC 140 97.91 3.39 68.17
CA ARG AC 140 98.40 3.64 69.51
C ARG AC 140 99.21 4.93 69.50
N LEU AC 141 99.15 5.68 70.60
CA LEU AC 141 99.87 6.94 70.72
C LEU AC 141 101.08 6.76 71.64
N VAL AC 142 102.16 7.49 71.32
CA VAL AC 142 103.36 7.47 72.14
C VAL AC 142 103.38 8.72 73.01
N PRO AC 143 103.88 8.64 74.25
CA PRO AC 143 103.90 9.81 75.11
C PRO AC 143 105.07 10.73 74.77
N LYS AC 144 105.02 11.93 75.37
CA LYS AC 144 106.04 12.94 75.10
C LYS AC 144 107.40 12.55 75.64
N HIS AC 145 107.45 11.87 76.79
CA HIS AC 145 108.74 11.45 77.35
C HIS AC 145 109.35 10.29 76.58
N GLU AC 146 108.58 9.64 75.71
CA GLU AC 146 109.09 8.57 74.85
C GLU AC 146 109.14 9.01 73.39
N GLU AC 147 108.73 10.25 73.08
CA GLU AC 147 108.78 10.73 71.72
C GLU AC 147 110.19 10.66 71.14
N GLU AC 148 111.20 11.07 71.92
CA GLU AC 148 112.58 11.00 71.48
C GLU AC 148 113.16 9.59 71.53
N ALA AC 149 112.77 8.78 72.51
CA ALA AC 149 113.33 7.44 72.64
C ALA AC 149 112.81 6.50 71.56
N PHE AC 150 111.55 6.67 71.13
CA PHE AC 150 111.01 5.82 70.07
C PHE AC 150 111.68 6.11 68.73
N THR AC 151 112.07 7.36 68.49
CA THR AC 151 112.71 7.73 67.23
C THR AC 151 114.10 7.13 67.08
N ALA AC 152 114.69 6.63 68.16
CA ALA AC 152 116.04 6.06 68.11
C ALA AC 152 116.04 4.84 67.21
N PHE AC 153 116.70 4.97 66.05
CA PHE AC 153 116.79 3.89 65.06
C PHE AC 153 118.20 3.81 64.54
N THR AC 154 118.74 2.60 64.42
CA THR AC 154 120.08 2.39 63.91
C THR AC 154 120.00 2.07 62.42
N LEU AC 155 120.84 2.76 61.62
CA LEU AC 155 120.85 2.57 60.18
C LEU AC 155 121.82 1.44 59.83
N VAL AC 156 121.28 0.28 59.50
CA VAL AC 156 122.06 -0.91 59.20
C VAL AC 156 121.94 -1.20 57.70
N PRO AC 157 123.04 -1.31 56.96
CA PRO AC 157 122.94 -1.62 55.53
C PRO AC 157 122.40 -3.03 55.31
N GLU AC 158 121.70 -3.18 54.19
CA GLU AC 158 121.12 -4.45 53.83
C GLU AC 158 122.17 -5.41 53.28
N ASP AC 159 121.92 -6.70 53.46
CA ASP AC 159 122.80 -7.75 52.96
C ASP AC 159 122.20 -8.50 51.77
N THR AC 160 121.21 -7.91 51.13
CA THR AC 160 120.58 -8.55 49.97
C THR AC 160 121.55 -8.56 48.79
N PRO AC 161 121.76 -9.71 48.14
CA PRO AC 161 122.66 -9.74 46.98
C PRO AC 161 122.13 -8.84 45.86
N LEU AC 162 123.05 -8.16 45.18
CA LEU AC 162 122.68 -7.24 44.10
C LEU AC 162 122.54 -7.95 42.75
N SER AC 163 123.05 -9.17 42.62
CA SER AC 163 122.96 -9.90 41.36
C SER AC 163 122.67 -11.37 41.68
N VAL AC 164 121.84 -11.98 40.84
CA VAL AC 164 121.47 -13.39 41.03
C VAL AC 164 121.76 -14.17 39.75
N PRO AC 165 122.01 -15.48 39.83
CA PRO AC 165 122.16 -16.28 38.61
C PRO AC 165 120.85 -16.35 37.85
N TYR AC 166 120.97 -16.46 36.53
CA TYR AC 166 119.80 -16.63 35.68
C TYR AC 166 119.24 -18.04 35.84
N PRO AC 167 117.96 -18.24 35.51
CA PRO AC 167 117.42 -19.61 35.44
C PRO AC 167 118.16 -20.42 34.40
N PRO AC 168 118.11 -21.75 34.47
CA PRO AC 168 118.98 -22.56 33.58
C PRO AC 168 118.72 -22.34 32.10
N LEU AC 169 117.48 -22.52 31.65
CA LEU AC 169 117.18 -22.39 30.23
C LEU AC 169 117.42 -20.97 29.73
N LEU AC 170 116.99 -19.97 30.51
CA LEU AC 170 117.21 -18.59 30.08
C LEU AC 170 118.69 -18.25 30.02
N ARG AC 171 119.47 -18.71 30.99
CA ARG AC 171 120.92 -18.48 30.95
C ARG AC 171 121.54 -19.13 29.72
N ALA AC 172 121.18 -20.39 29.45
CA ALA AC 172 121.67 -21.04 28.25
C ALA AC 172 121.25 -20.28 26.99
N MET AC 173 120.12 -19.57 27.03
CA MET AC 173 119.72 -18.76 25.90
C MET AC 173 120.77 -17.69 25.57
N ILE AC 174 121.27 -16.96 26.58
CA ILE AC 174 122.30 -15.95 26.31
C ILE AC 174 123.62 -16.61 25.94
N LEU AC 175 123.99 -17.70 26.63
CA LEU AC 175 125.22 -18.41 26.25
C LEU AC 175 125.20 -18.90 24.81
N ALA AC 176 124.04 -19.26 24.27
CA ALA AC 176 123.93 -19.58 22.86
C ALA AC 176 123.80 -18.33 21.98
N GLN AC 177 123.23 -17.26 22.53
CA GLN AC 177 123.00 -16.04 21.75
C GLN AC 177 124.31 -15.36 21.39
N ARG AC 178 125.18 -15.14 22.38
CA ARG AC 178 126.44 -14.48 22.07
C ARG AC 178 127.44 -15.38 21.36
N GLN AC 179 127.33 -16.71 21.56
CA GLN AC 179 128.22 -17.63 20.87
C GLN AC 179 127.99 -17.60 19.37
N LYS AC 180 126.74 -17.39 18.93
CA LYS AC 180 126.48 -17.31 17.50
C LYS AC 180 127.17 -16.12 16.86
N TYR AC 181 127.17 -14.97 17.52
CA TYR AC 181 127.90 -13.81 17.04
C TYR AC 181 129.41 -13.93 17.27
N GLY AC 182 129.84 -14.86 18.12
CA GLY AC 182 131.24 -15.15 18.26
C GLY AC 182 131.91 -14.59 19.50
N ASP AC 183 131.16 -14.32 20.55
CA ASP AC 183 131.73 -13.80 21.81
C ASP AC 183 132.31 -14.98 22.58
N THR AC 184 133.63 -15.05 22.66
CA THR AC 184 134.32 -16.14 23.33
C THR AC 184 134.40 -15.95 24.84
N SER AC 185 133.91 -14.83 25.36
CA SER AC 185 133.94 -14.59 26.80
C SER AC 185 133.02 -15.57 27.50
N THR AC 186 133.56 -16.31 28.48
CA THR AC 186 132.80 -17.28 29.25
C THR AC 186 132.35 -16.74 30.60
N GLU AC 187 132.19 -15.42 30.69
CA GLU AC 187 131.78 -14.82 31.95
C GLU AC 187 130.37 -15.26 32.33
N GLU AC 188 130.15 -15.42 33.63
CA GLU AC 188 128.86 -15.88 34.12
C GLU AC 188 127.86 -14.73 34.11
N PRO AC 189 126.75 -14.83 33.39
CA PRO AC 189 125.81 -13.71 33.32
C PRO AC 189 124.98 -13.58 34.59
N MET AC 190 124.87 -12.35 35.08
CA MET AC 190 124.13 -12.02 36.29
C MET AC 190 122.82 -11.31 35.93
N LEU AC 191 121.88 -11.36 36.87
CA LEU AC 191 120.63 -10.62 36.78
C LEU AC 191 120.60 -9.58 37.88
N ASN AC 192 120.40 -8.33 37.49
CA ASN AC 192 120.47 -7.21 38.43
C ASN AC 192 119.24 -7.18 39.33
N LEU AC 193 119.43 -6.70 40.56
CA LEU AC 193 118.33 -6.55 41.51
C LEU AC 193 118.25 -5.12 42.05
N GLU AC 194 118.92 -4.17 41.40
CA GLU AC 194 118.93 -2.79 41.90
C GLU AC 194 117.53 -2.16 41.84
N ARG AC 195 116.83 -2.36 40.73
CA ARG AC 195 115.51 -1.77 40.53
C ARG AC 195 114.38 -2.73 40.88
N ALA AC 196 114.69 -3.91 41.42
CA ALA AC 196 113.69 -4.89 41.77
C ALA AC 196 113.19 -4.76 43.20
N ARG AC 197 113.61 -3.72 43.92
CA ARG AC 197 113.19 -3.52 45.29
C ARG AC 197 111.70 -3.24 45.35
N ILE AC 198 111.00 -3.91 46.27
CA ILE AC 198 109.56 -3.76 46.42
C ILE AC 198 109.25 -3.54 47.89
N ASP AC 199 108.12 -2.85 48.16
CA ASP AC 199 107.64 -2.58 49.50
C ASP AC 199 106.84 -3.76 50.05
N PRO AC 200 106.86 -3.97 51.36
CA PRO AC 200 106.08 -5.07 51.94
C PRO AC 200 104.60 -4.74 51.95
N TRP AC 201 103.80 -5.76 52.28
CA TRP AC 201 102.34 -5.59 52.33
C TRP AC 201 101.91 -4.65 53.45
N ASP AC 202 102.69 -4.57 54.53
CA ASP AC 202 102.37 -3.63 55.61
C ASP AC 202 102.65 -2.19 55.24
N TYR AC 203 103.33 -1.93 54.14
CA TYR AC 203 103.59 -0.57 53.71
C TYR AC 203 102.30 0.04 53.18
N PRO AC 204 101.79 1.12 53.77
CA PRO AC 204 100.54 1.71 53.27
C PRO AC 204 100.75 2.45 51.96
N ALA AC 205 99.68 2.58 51.20
CA ALA AC 205 99.72 3.26 49.91
C ALA AC 205 99.06 4.64 50.01
N LYS AC 206 99.44 5.51 49.08
CA LYS AC 206 98.88 6.86 49.04
C LYS AC 206 97.47 6.83 48.45
N LEU AC 207 96.63 7.75 48.91
CA LEU AC 207 95.26 7.86 48.44
C LEU AC 207 95.01 9.14 47.64
N GLU AC 208 96.05 9.82 47.19
CA GLU AC 208 95.91 11.00 46.36
C GLU AC 208 95.85 10.61 44.88
N ALA AC 209 95.32 11.52 44.07
CA ALA AC 209 95.21 11.28 42.64
C ALA AC 209 96.58 11.25 41.99
N LYS AC 210 96.78 10.31 41.07
CA LYS AC 210 98.04 10.18 40.36
C LYS AC 210 98.11 11.22 39.25
N THR AC 211 99.25 11.91 39.15
CA THR AC 211 99.47 12.93 38.13
C THR AC 211 100.18 12.30 36.95
N LYS AC 212 99.56 12.39 35.77
CA LYS AC 212 100.11 11.81 34.55
C LYS AC 212 101.14 12.78 33.98
N THR AC 213 102.40 12.35 33.93
CA THR AC 213 103.47 13.19 33.41
C THR AC 213 103.83 12.76 31.99
N ARG BC 51 65.13 -94.61 -35.64
CA ARG BC 51 65.69 -95.18 -36.86
C ARG BC 51 64.71 -95.08 -38.02
N ARG BC 52 64.77 -93.97 -38.75
CA ARG BC 52 63.93 -93.76 -39.91
C ARG BC 52 64.52 -94.44 -41.14
N LYS BC 53 63.66 -94.83 -42.07
CA LYS BC 53 64.06 -95.60 -43.24
C LYS BC 53 63.15 -95.22 -44.39
N ALA BC 54 63.74 -94.68 -45.45
CA ALA BC 54 62.99 -94.23 -46.63
C ALA BC 54 63.41 -95.08 -47.82
N LEU BC 55 62.44 -95.67 -48.50
CA LEU BC 55 62.71 -96.56 -49.62
C LEU BC 55 62.29 -95.90 -50.93
N PRO BC 56 63.16 -95.93 -51.94
CA PRO BC 56 62.74 -95.47 -53.27
C PRO BC 56 61.59 -96.32 -53.78
N PRO BC 57 60.62 -95.72 -54.47
CA PRO BC 57 59.43 -96.48 -54.88
C PRO BC 57 59.72 -97.50 -55.96
N ARG BC 58 58.68 -98.19 -56.42
CA ARG BC 58 58.84 -99.23 -57.44
C ARG BC 58 59.14 -98.66 -58.81
N THR BC 59 59.12 -97.34 -58.96
CA THR BC 59 59.35 -96.73 -60.28
C THR BC 59 60.72 -97.09 -60.83
N GLU BC 60 61.74 -97.08 -59.97
CA GLU BC 60 63.09 -97.41 -60.40
C GLU BC 60 63.25 -98.88 -60.78
N LYS BC 61 62.36 -99.75 -60.30
CA LYS BC 61 62.41 -101.17 -60.59
C LYS BC 61 61.39 -101.61 -61.63
N MET BC 62 60.53 -100.70 -62.10
CA MET BC 62 59.53 -101.05 -63.08
C MET BC 62 60.18 -101.42 -64.41
N ALA BC 63 59.78 -102.56 -64.97
CA ALA BC 63 60.28 -102.97 -66.27
C ALA BC 63 59.53 -102.23 -67.38
N VAL BC 64 60.22 -102.00 -68.49
CA VAL BC 64 59.63 -101.27 -69.60
C VAL BC 64 58.53 -102.10 -70.25
N ASP BC 65 58.71 -103.42 -70.34
CA ASP BC 65 57.75 -104.32 -70.97
C ASP BC 65 56.94 -105.13 -69.97
N GLN BC 66 56.92 -104.71 -68.70
CA GLN BC 66 56.17 -105.43 -67.69
C GLN BC 66 54.68 -105.32 -67.93
N ASP BC 67 53.96 -106.42 -67.70
CA ASP BC 67 52.51 -106.43 -67.91
C ASP BC 67 51.81 -105.71 -66.76
N TRP BC 68 50.98 -104.73 -67.12
CA TRP BC 68 50.25 -103.91 -66.16
C TRP BC 68 49.08 -104.62 -65.47
N PRO BC 69 48.40 -105.59 -66.09
CA PRO BC 69 47.44 -106.38 -65.31
C PRO BC 69 48.07 -107.08 -64.12
N SER BC 70 49.33 -107.48 -64.20
CA SER BC 70 50.02 -108.05 -63.05
C SER BC 70 50.26 -107.02 -61.95
N VAL BC 71 50.35 -105.75 -62.31
CA VAL BC 71 50.58 -104.69 -61.33
C VAL BC 71 49.27 -104.24 -60.69
N TYR BC 72 48.22 -104.09 -61.49
CA TYR BC 72 46.92 -103.59 -61.05
C TYR BC 72 45.84 -104.57 -61.47
N PRO BC 73 45.68 -105.67 -60.73
CA PRO BC 73 44.63 -106.64 -61.12
C PRO BC 73 43.23 -106.16 -60.78
N VAL BC 74 43.03 -105.57 -59.61
CA VAL BC 74 41.70 -105.16 -59.16
C VAL BC 74 41.71 -103.67 -58.84
N ALA BC 75 40.58 -103.16 -58.37
CA ALA BC 75 40.49 -101.75 -58.00
C ALA BC 75 41.47 -101.44 -56.86
N ALA BC 76 42.19 -100.35 -57.00
CA ALA BC 76 43.20 -99.92 -56.06
C ALA BC 76 43.03 -98.45 -55.73
N PRO BC 77 43.54 -98.00 -54.59
CA PRO BC 77 43.39 -96.58 -54.22
C PRO BC 77 44.42 -95.68 -54.91
N PHE BC 78 45.07 -96.19 -55.95
CA PHE BC 78 46.10 -95.46 -56.69
C PHE BC 78 47.24 -95.04 -55.75
N LYS BC 79 47.94 -96.05 -55.27
CA LYS BC 79 49.12 -95.80 -54.47
C LYS BC 79 50.24 -95.27 -55.36
N PRO BC 80 50.83 -94.10 -55.04
CA PRO BC 80 51.79 -93.49 -55.98
C PRO BC 80 53.08 -94.25 -56.13
N SER BC 81 53.42 -95.16 -55.20
CA SER BC 81 54.65 -95.92 -55.32
C SER BC 81 54.51 -97.10 -56.28
N ALA BC 82 53.29 -97.45 -56.67
CA ALA BC 82 53.05 -98.53 -57.60
C ALA BC 82 52.80 -98.04 -59.03
N VAL BC 83 52.76 -96.73 -59.24
CA VAL BC 83 52.46 -96.15 -60.55
C VAL BC 83 53.70 -95.37 -61.00
N PRO BC 84 54.46 -95.87 -61.97
CA PRO BC 84 55.61 -95.12 -62.49
C PRO BC 84 55.23 -93.94 -63.38
N LEU BC 85 53.94 -93.65 -63.53
CA LEU BC 85 53.50 -92.58 -64.43
C LEU BC 85 53.54 -91.25 -63.69
N PRO BC 86 54.43 -90.33 -64.05
CA PRO BC 86 54.47 -89.03 -63.36
C PRO BC 86 53.34 -88.14 -63.85
N VAL BC 87 52.29 -88.03 -63.04
CA VAL BC 87 51.07 -87.34 -63.43
C VAL BC 87 50.80 -86.24 -62.41
N ARG BC 88 50.48 -85.05 -62.93
CA ARG BC 88 50.29 -83.86 -62.10
C ARG BC 88 48.82 -83.46 -62.18
N MET BC 89 48.13 -83.54 -61.04
CA MET BC 89 46.73 -83.15 -60.94
C MET BC 89 46.59 -82.00 -59.96
N GLY BC 90 45.76 -81.03 -60.32
CA GLY BC 90 45.49 -79.91 -59.44
C GLY BC 90 45.57 -78.57 -60.15
N TYR BC 91 44.94 -77.55 -59.58
CA TYR BC 91 45.00 -76.22 -60.17
C TYR BC 91 46.39 -75.64 -59.98
N PRO BC 92 47.02 -75.13 -61.03
CA PRO BC 92 48.39 -74.63 -60.91
C PRO BC 92 48.43 -73.27 -60.19
N VAL BC 93 49.63 -72.93 -59.74
CA VAL BC 93 49.89 -71.64 -59.11
C VAL BC 93 50.40 -70.70 -60.20
N LYS BC 94 50.25 -69.39 -59.94
CA LYS BC 94 50.66 -68.39 -60.92
C LYS BC 94 52.12 -68.58 -61.33
N ARG BC 95 52.99 -68.87 -60.38
CA ARG BC 95 54.39 -69.18 -60.67
C ARG BC 95 54.72 -70.65 -60.54
N GLY BC 96 53.83 -71.46 -59.97
CA GLY BC 96 54.07 -72.87 -59.77
C GLY BC 96 53.46 -73.73 -60.85
N VAL BC 97 53.41 -75.03 -60.57
CA VAL BC 97 52.91 -76.03 -61.50
C VAL BC 97 51.95 -76.93 -60.72
N PRO BC 98 51.08 -77.66 -61.42
CA PRO BC 98 50.17 -78.57 -60.71
C PRO BC 98 50.93 -79.60 -59.89
N MET BC 99 50.34 -79.95 -58.75
CA MET BC 99 50.99 -80.81 -57.78
C MET BC 99 51.25 -82.20 -58.35
N ALA BC 100 52.38 -82.78 -57.96
CA ALA BC 100 52.78 -84.08 -58.47
C ALA BC 100 51.94 -85.19 -57.81
N LYS BC 101 52.27 -86.44 -58.16
CA LYS BC 101 51.47 -87.57 -57.71
C LYS BC 101 51.69 -87.91 -56.24
N GLU BC 102 52.80 -87.47 -55.64
CA GLU BC 102 53.09 -87.80 -54.25
C GLU BC 102 52.28 -86.89 -53.34
N GLY BC 103 51.58 -87.49 -52.37
CA GLY BC 103 50.82 -86.72 -51.41
C GLY BC 103 49.65 -85.95 -52.00
N ASN BC 104 49.16 -86.35 -53.16
CA ASN BC 104 48.08 -85.63 -53.83
C ASN BC 104 46.74 -86.26 -53.46
N LEU BC 105 45.88 -85.48 -52.81
CA LEU BC 105 44.55 -85.95 -52.43
C LEU BC 105 43.58 -85.99 -53.60
N GLU BC 106 43.75 -85.10 -54.58
CA GLU BC 106 42.87 -85.10 -55.74
C GLU BC 106 43.01 -86.39 -56.54
N LEU BC 107 44.25 -86.88 -56.69
CA LEU BC 107 44.47 -88.13 -57.40
C LEU BC 107 43.88 -89.32 -56.67
N LEU BC 108 43.83 -89.29 -55.34
CA LEU BC 108 43.19 -90.35 -54.56
C LEU BC 108 41.67 -90.27 -54.59
N LYS BC 109 41.11 -89.06 -54.67
CA LYS BC 109 39.65 -88.93 -54.70
C LYS BC 109 39.02 -89.60 -55.92
N ILE BC 110 39.62 -89.42 -57.10
CA ILE BC 110 39.02 -89.87 -58.36
C ILE BC 110 39.08 -91.39 -58.46
N PRO BC 111 38.15 -92.02 -59.19
CA PRO BC 111 38.25 -93.47 -59.43
C PRO BC 111 39.32 -93.76 -60.47
N ASN BC 112 40.13 -94.77 -60.20
CA ASN BC 112 41.19 -95.17 -61.12
C ASN BC 112 40.73 -96.34 -61.98
N PHE BC 113 41.01 -96.24 -63.28
CA PHE BC 113 40.71 -97.32 -64.23
C PHE BC 113 41.99 -98.02 -64.69
N LEU BC 114 43.03 -98.00 -63.86
CA LEU BC 114 44.28 -98.66 -64.22
C LEU BC 114 44.11 -100.17 -64.32
N HIS BC 115 43.23 -100.76 -63.52
CA HIS BC 115 42.96 -102.18 -63.62
C HIS BC 115 42.08 -102.53 -64.81
N LEU BC 116 41.55 -101.53 -65.51
CA LEU BC 116 40.72 -101.74 -66.69
C LEU BC 116 41.37 -101.16 -67.94
N THR BC 117 42.68 -101.32 -68.06
CA THR BC 117 43.38 -100.95 -69.29
C THR BC 117 42.93 -101.88 -70.42
N PRO BC 118 43.01 -101.41 -71.67
CA PRO BC 118 42.53 -102.25 -72.79
C PRO BC 118 43.20 -103.62 -72.87
N VAL BC 119 44.50 -103.71 -72.60
CA VAL BC 119 45.18 -105.00 -72.62
C VAL BC 119 44.60 -105.94 -71.56
N ALA BC 120 44.40 -105.41 -70.35
CA ALA BC 120 43.78 -106.20 -69.28
C ALA BC 120 42.35 -106.59 -69.62
N ILE BC 121 41.60 -105.71 -70.27
CA ILE BC 121 40.23 -106.05 -70.66
C ILE BC 121 40.24 -107.18 -71.69
N LYS BC 122 41.15 -107.11 -72.66
CA LYS BC 122 41.30 -108.20 -73.63
C LYS BC 122 41.62 -109.51 -72.91
N ARG BC 123 42.60 -109.49 -72.01
CA ARG BC 123 43.00 -110.70 -71.31
C ARG BC 123 41.87 -111.26 -70.46
N HIS BC 124 41.08 -110.39 -69.82
CA HIS BC 124 39.98 -110.85 -68.99
C HIS BC 124 38.85 -111.42 -69.84
N CYS BC 125 38.47 -110.71 -70.91
CA CYS BC 125 37.37 -111.16 -71.75
C CYS BC 125 37.69 -112.43 -72.50
N GLU BC 126 38.97 -112.66 -72.82
CA GLU BC 126 39.34 -113.91 -73.48
C GLU BC 126 39.09 -115.11 -72.57
N ALA BC 127 39.32 -114.95 -71.27
CA ALA BC 127 39.10 -116.03 -70.32
C ALA BC 127 37.61 -116.26 -70.01
N LEU BC 128 36.74 -115.31 -70.36
CA LEU BC 128 35.32 -115.45 -70.10
C LEU BC 128 34.55 -116.05 -71.27
N LYS BC 129 35.22 -116.31 -72.39
CA LYS BC 129 34.55 -116.88 -73.55
C LYS BC 129 34.05 -118.29 -73.31
N ASP BC 130 34.65 -119.01 -72.35
CA ASP BC 130 34.23 -120.37 -72.05
C ASP BC 130 32.92 -120.43 -71.28
N PHE BC 131 32.57 -119.36 -70.55
CA PHE BC 131 31.36 -119.38 -69.75
C PHE BC 131 30.12 -118.99 -70.56
N CYS BC 132 30.30 -118.19 -71.60
CA CYS BC 132 29.16 -117.71 -72.38
C CYS BC 132 28.72 -118.76 -73.40
N THR BC 133 27.46 -118.64 -73.82
CA THR BC 133 26.88 -119.52 -74.83
C THR BC 133 26.54 -118.71 -76.08
N GLU BC 134 26.36 -119.42 -77.19
CA GLU BC 134 26.15 -118.78 -78.48
C GLU BC 134 24.67 -118.46 -78.68
N TRP BC 135 24.42 -117.25 -79.20
CA TRP BC 135 23.09 -116.77 -79.57
C TRP BC 135 22.64 -117.42 -80.87
N PRO BC 136 21.43 -117.97 -80.93
CA PRO BC 136 20.97 -118.64 -82.16
C PRO BC 136 20.75 -117.63 -83.28
N ALA BC 137 21.26 -117.97 -84.46
CA ALA BC 137 21.10 -117.10 -85.63
C ALA BC 137 19.68 -117.13 -86.20
N ALA BC 138 18.85 -118.08 -85.77
CA ALA BC 138 17.48 -118.17 -86.28
C ALA BC 138 16.58 -117.05 -85.78
N LEU BC 139 17.05 -116.24 -84.82
CA LEU BC 139 16.26 -115.16 -84.26
C LEU BC 139 16.99 -113.82 -84.43
N ASP BC 140 17.67 -113.65 -85.56
CA ASP BC 140 18.41 -112.41 -85.79
C ASP BC 140 17.47 -111.21 -85.88
N SER BC 141 16.34 -111.37 -86.56
CA SER BC 141 15.39 -110.28 -86.74
C SER BC 141 14.16 -110.48 -85.87
N ASP BC 142 13.62 -109.36 -85.39
CA ASP BC 142 12.50 -109.34 -84.46
C ASP BC 142 11.22 -109.94 -85.03
N GLU BC 143 11.09 -109.98 -86.34
CA GLU BC 143 9.84 -110.44 -86.95
C GLU BC 143 9.56 -111.89 -86.63
N LYS BC 144 10.59 -112.74 -86.70
CA LYS BC 144 10.45 -114.14 -86.29
C LYS BC 144 10.45 -114.31 -84.79
N CYS BC 145 11.12 -113.44 -84.04
CA CYS BC 145 11.06 -113.51 -82.59
C CYS BC 145 9.64 -113.26 -82.08
N GLU BC 146 8.90 -112.36 -82.73
CA GLU BC 146 7.50 -112.17 -82.37
C GLU BC 146 6.64 -113.37 -82.73
N LYS BC 147 6.99 -114.10 -83.79
CA LYS BC 147 6.24 -115.29 -84.15
C LYS BC 147 6.53 -116.47 -83.23
N HIS BC 148 7.75 -116.59 -82.72
CA HIS BC 148 8.14 -117.74 -81.93
C HIS BC 148 8.02 -117.53 -80.42
N PHE BC 149 8.46 -116.38 -79.91
CA PHE BC 149 8.40 -116.05 -78.49
C PHE BC 149 7.70 -114.70 -78.35
N PRO BC 150 6.36 -114.67 -78.42
CA PRO BC 150 5.64 -113.39 -78.40
C PRO BC 150 5.54 -112.73 -77.03
N ILE BC 151 5.80 -113.46 -75.95
CA ILE BC 151 5.67 -112.93 -74.60
C ILE BC 151 6.99 -112.29 -74.18
N GLU BC 152 6.92 -111.05 -73.71
CA GLU BC 152 8.09 -110.34 -73.22
C GLU BC 152 7.93 -110.09 -71.72
N ILE BC 153 9.00 -110.34 -70.97
CA ILE BC 153 8.98 -110.23 -69.51
C ILE BC 153 10.00 -109.18 -69.09
N ASP BC 154 9.52 -107.99 -68.75
CA ASP BC 154 10.38 -106.92 -68.27
C ASP BC 154 10.64 -107.11 -66.77
N THR BC 155 11.91 -107.32 -66.44
CA THR BC 155 12.36 -107.54 -65.07
C THR BC 155 13.40 -106.50 -64.72
N ALA BC 156 13.32 -105.95 -63.51
CA ALA BC 156 14.21 -104.89 -63.06
C ALA BC 156 15.18 -105.41 -62.03
N ASP BC 157 16.47 -105.11 -62.24
CA ASP BC 157 17.53 -105.47 -61.30
C ASP BC 157 18.30 -104.21 -60.93
N TYR BC 158 18.68 -104.10 -59.66
CA TYR BC 158 19.27 -102.87 -59.15
C TYR BC 158 20.50 -103.18 -58.32
N VAL BC 159 21.42 -102.22 -58.28
CA VAL BC 159 22.64 -102.32 -57.49
C VAL BC 159 22.92 -100.98 -56.83
N SER BC 160 23.40 -101.01 -55.60
CA SER BC 160 23.73 -99.80 -54.86
C SER BC 160 24.84 -100.11 -53.87
N ALA BC 161 25.74 -99.15 -53.68
CA ALA BC 161 26.84 -99.33 -52.74
C ALA BC 161 26.35 -99.18 -51.31
N GLY BC 162 26.67 -100.16 -50.47
CA GLY BC 162 26.25 -100.16 -49.09
C GLY BC 162 26.07 -101.56 -48.55
N PRO BC 163 25.73 -101.68 -47.27
CA PRO BC 163 25.50 -103.01 -46.69
C PRO BC 163 24.18 -103.64 -47.10
N SER BC 164 23.27 -102.88 -47.71
CA SER BC 164 21.91 -103.35 -47.96
C SER BC 164 21.74 -103.78 -49.41
N ILE BC 165 20.92 -104.82 -49.62
CA ILE BC 165 20.59 -105.29 -50.95
C ILE BC 165 19.12 -105.01 -51.30
N ARG BC 166 18.21 -105.15 -50.35
CA ARG BC 166 16.77 -105.12 -50.64
C ARG BC 166 16.37 -103.75 -51.16
N ASN BC 167 15.82 -103.70 -52.37
CA ASN BC 167 15.33 -102.49 -52.97
C ASN BC 167 13.87 -102.68 -53.37
N PRO BC 168 12.95 -101.87 -52.83
CA PRO BC 168 11.52 -102.11 -53.09
C PRO BC 168 11.14 -102.04 -54.56
N LYS BC 169 11.92 -101.38 -55.40
CA LYS BC 169 11.62 -101.31 -56.82
C LYS BC 169 11.91 -102.61 -57.56
N ALA BC 170 12.53 -103.60 -56.91
CA ALA BC 170 12.88 -104.84 -57.58
C ALA BC 170 11.71 -105.82 -57.68
N ARG BC 171 10.62 -105.59 -56.95
CA ARG BC 171 9.49 -106.51 -56.97
C ARG BC 171 8.60 -106.33 -58.20
N VAL BC 172 8.69 -105.18 -58.88
CA VAL BC 172 7.78 -104.90 -59.98
C VAL BC 172 8.17 -105.72 -61.20
N VAL BC 173 7.20 -106.41 -61.80
CA VAL BC 173 7.44 -107.25 -62.97
C VAL BC 173 6.41 -106.87 -64.03
N THR BC 174 6.87 -106.69 -65.27
CA THR BC 174 5.99 -106.31 -66.37
C THR BC 174 5.89 -107.46 -67.36
N LEU BC 175 4.68 -107.68 -67.88
CA LEU BC 175 4.42 -108.68 -68.90
C LEU BC 175 3.78 -108.01 -70.11
N ARG BC 176 4.36 -108.20 -71.29
CA ARG BC 176 3.85 -107.61 -72.52
C ARG BC 176 3.56 -108.73 -73.50
N VAL BC 177 2.30 -108.83 -73.94
CA VAL BC 177 1.89 -109.87 -74.86
C VAL BC 177 1.08 -109.23 -76.00
N LYS BC 178 1.37 -109.65 -77.23
CA LYS BC 178 0.65 -109.13 -78.38
C LYS BC 178 -0.60 -109.98 -78.61
N LEU BC 179 -1.76 -109.30 -78.68
CA LEU BC 179 -3.02 -110.00 -78.88
C LEU BC 179 -3.17 -110.57 -80.28
N SER BC 180 -2.28 -110.22 -81.21
CA SER BC 180 -2.31 -110.76 -82.55
C SER BC 180 -1.65 -112.13 -82.66
N SER BC 181 -1.07 -112.64 -81.57
CA SER BC 181 -0.41 -113.94 -81.57
C SER BC 181 -1.16 -114.98 -80.75
N LEU BC 182 -2.42 -114.72 -80.41
CA LEU BC 182 -3.23 -115.64 -79.62
C LEU BC 182 -4.40 -116.16 -80.46
N ASN BC 183 -5.12 -117.13 -79.89
CA ASN BC 183 -6.21 -117.81 -80.58
C ASN BC 183 -7.58 -117.29 -80.16
N LEU BC 184 -7.68 -116.00 -79.83
CA LEU BC 184 -8.95 -115.42 -79.46
C LEU BC 184 -9.82 -115.24 -80.71
N ASP BC 185 -11.12 -115.47 -80.57
CA ASP BC 185 -12.04 -115.16 -81.67
C ASP BC 185 -12.56 -113.74 -81.51
N ASP BC 186 -13.57 -113.39 -82.31
CA ASP BC 186 -14.14 -112.05 -82.24
C ASP BC 186 -14.81 -111.79 -80.90
N HIS BC 187 -15.68 -112.70 -80.46
CA HIS BC 187 -16.39 -112.51 -79.20
C HIS BC 187 -15.45 -112.49 -78.02
N ALA BC 188 -14.53 -113.46 -77.94
CA ALA BC 188 -13.60 -113.49 -76.83
C ALA BC 188 -12.66 -112.29 -76.86
N LYS BC 189 -12.26 -111.83 -78.04
CA LYS BC 189 -11.44 -110.63 -78.13
C LYS BC 189 -12.17 -109.41 -77.60
N LYS BC 190 -13.41 -109.18 -78.06
CA LYS BC 190 -14.14 -108.00 -77.63
C LYS BC 190 -14.49 -108.07 -76.14
N LYS BC 191 -14.63 -109.29 -75.60
CA LYS BC 191 -14.79 -109.42 -74.16
C LYS BC 191 -13.50 -109.12 -73.42
N LEU BC 192 -12.36 -109.59 -73.94
CA LEU BC 192 -11.09 -109.40 -73.26
C LEU BC 192 -10.68 -107.92 -73.23
N ILE BC 193 -10.98 -107.18 -74.30
CA ILE BC 193 -10.62 -105.77 -74.32
C ILE BC 193 -11.28 -105.01 -73.17
N LYS BC 194 -12.60 -105.21 -73.01
CA LYS BC 194 -13.29 -104.55 -71.91
C LYS BC 194 -12.96 -105.16 -70.55
N LEU BC 195 -12.54 -106.43 -70.53
CA LEU BC 195 -12.10 -107.04 -69.28
C LEU BC 195 -10.79 -106.43 -68.78
N VAL BC 196 -9.87 -106.12 -69.68
CA VAL BC 196 -8.58 -105.57 -69.27
C VAL BC 196 -8.67 -104.05 -69.09
N GLY BC 197 -9.34 -103.35 -69.98
CA GLY BC 197 -9.53 -101.92 -69.84
C GLY BC 197 -8.39 -101.13 -70.47
N ASP BC 198 -7.74 -100.29 -69.67
CA ASP BC 198 -6.72 -99.37 -70.15
C ASP BC 198 -5.34 -100.01 -70.27
N ARG BC 199 -5.17 -101.26 -69.84
CA ARG BC 199 -3.87 -101.91 -69.94
C ARG BC 199 -3.62 -102.50 -71.32
N TYR BC 200 -4.56 -102.38 -72.24
CA TYR BC 200 -4.39 -102.81 -73.62
C TYR BC 200 -4.29 -101.57 -74.51
N CYS BC 201 -3.24 -101.51 -75.33
CA CYS BC 201 -3.05 -100.41 -76.25
C CYS BC 201 -3.75 -100.74 -77.57
N LYS BC 202 -4.77 -99.95 -77.92
CA LYS BC 202 -5.52 -100.23 -79.14
C LYS BC 202 -4.70 -99.99 -80.39
N SER BC 203 -3.83 -98.98 -80.39
CA SER BC 203 -3.05 -98.67 -81.58
C SER BC 203 -1.97 -99.72 -81.83
N THR BC 204 -1.28 -100.14 -80.78
CA THR BC 204 -0.15 -101.06 -80.91
C THR BC 204 -0.55 -102.52 -80.71
N ASP BC 205 -1.76 -102.76 -80.18
CA ASP BC 205 -2.28 -104.12 -79.95
C ASP BC 205 -1.37 -104.92 -79.02
N VAL BC 206 -1.02 -104.32 -77.89
CA VAL BC 206 -0.21 -104.97 -76.86
C VAL BC 206 -0.94 -104.86 -75.53
N LEU BC 207 -1.04 -106.00 -74.82
CA LEU BC 207 -1.58 -106.05 -73.47
C LEU BC 207 -0.42 -106.04 -72.49
N THR BC 208 -0.50 -105.17 -71.49
CA THR BC 208 0.53 -105.01 -70.47
C THR BC 208 -0.07 -105.38 -69.12
N ILE BC 209 0.64 -106.22 -68.36
CA ILE BC 209 0.24 -106.63 -67.03
C ILE BC 209 1.39 -106.31 -66.09
N LYS BC 210 1.19 -105.35 -65.20
CA LYS BC 210 2.23 -104.88 -64.29
C LYS BC 210 1.89 -105.38 -62.89
N THR BC 211 2.74 -106.24 -62.35
CA THR BC 211 2.49 -106.86 -61.06
C THR BC 211 3.46 -106.34 -60.02
N ASP BC 212 2.91 -105.94 -58.87
CA ASP BC 212 3.63 -105.40 -57.73
C ASP BC 212 3.18 -106.06 -56.44
N ARG BC 213 2.00 -106.67 -56.41
CA ARG BC 213 1.37 -107.16 -55.19
C ARG BC 213 2.21 -108.19 -54.45
N CYS BC 214 3.10 -108.91 -55.15
CA CYS BC 214 3.85 -109.95 -54.45
C CYS BC 214 5.20 -109.43 -53.98
N PRO BC 215 5.62 -109.83 -52.77
CA PRO BC 215 6.91 -109.34 -52.25
C PRO BC 215 8.10 -109.72 -53.10
N LEU BC 216 8.09 -110.90 -53.71
CA LEU BC 216 9.24 -111.42 -54.43
C LEU BC 216 9.04 -111.34 -55.94
N LYS BC 217 10.16 -111.28 -56.66
CA LYS BC 217 10.13 -111.23 -58.11
C LYS BC 217 9.53 -112.50 -58.71
N ARG BC 218 9.91 -113.67 -58.18
CA ARG BC 218 9.35 -114.93 -58.68
C ARG BC 218 7.86 -115.04 -58.39
N GLN BC 219 7.41 -114.59 -57.22
CA GLN BC 219 5.98 -114.57 -56.92
C GLN BC 219 5.24 -113.60 -57.84
N ASN BC 220 5.81 -112.43 -58.12
CA ASN BC 220 5.19 -111.54 -59.09
C ASN BC 220 5.12 -112.19 -60.46
N TYR BC 221 6.17 -112.90 -60.86
CA TYR BC 221 6.19 -113.56 -62.17
C TYR BC 221 5.12 -114.64 -62.31
N ASP BC 222 5.05 -115.56 -61.35
CA ASP BC 222 4.05 -116.62 -61.50
C ASP BC 222 2.64 -116.09 -61.25
N TYR BC 223 2.49 -115.04 -60.45
CA TYR BC 223 1.22 -114.33 -60.39
C TYR BC 223 0.83 -113.72 -61.74
N ALA BC 224 1.78 -113.12 -62.45
CA ALA BC 224 1.48 -112.53 -63.76
C ALA BC 224 1.08 -113.60 -64.76
N VAL BC 225 1.78 -114.74 -64.78
CA VAL BC 225 1.38 -115.79 -65.73
C VAL BC 225 0.03 -116.37 -65.33
N TYR BC 226 -0.27 -116.45 -64.04
CA TYR BC 226 -1.60 -116.87 -63.61
C TYR BC 226 -2.68 -115.91 -64.09
N LEU BC 227 -2.44 -114.60 -63.98
CA LEU BC 227 -3.40 -113.63 -64.50
C LEU BC 227 -3.57 -113.74 -66.00
N LEU BC 228 -2.49 -113.98 -66.74
CA LEU BC 228 -2.63 -114.19 -68.18
C LEU BC 228 -3.50 -115.42 -68.47
N THR BC 229 -3.26 -116.53 -67.79
CA THR BC 229 -4.04 -117.73 -68.00
C THR BC 229 -5.51 -117.50 -67.65
N VAL BC 230 -5.77 -116.85 -66.52
CA VAL BC 230 -7.13 -116.58 -66.10
C VAL BC 230 -7.85 -115.64 -67.04
N LEU BC 231 -7.17 -114.59 -67.53
CA LEU BC 231 -7.77 -113.71 -68.52
C LEU BC 231 -8.13 -114.47 -69.79
N TYR BC 232 -7.23 -115.31 -70.28
CA TYR BC 232 -7.53 -116.11 -71.47
C TYR BC 232 -8.72 -117.03 -71.25
N HIS BC 233 -8.78 -117.69 -70.09
CA HIS BC 233 -9.85 -118.65 -69.85
C HIS BC 233 -11.19 -117.96 -69.62
N GLU BC 234 -11.18 -116.80 -68.96
CA GLU BC 234 -12.43 -116.09 -68.67
C GLU BC 234 -12.93 -115.27 -69.84
N SER BC 235 -12.07 -114.93 -70.80
CA SER BC 235 -12.55 -114.27 -72.00
C SER BC 235 -13.34 -115.21 -72.91
N TRP BC 236 -13.25 -116.52 -72.67
CA TRP BC 236 -13.91 -117.51 -73.51
C TRP BC 236 -15.30 -117.89 -73.00
N LYS BC 237 -15.56 -117.75 -71.70
CA LYS BC 237 -16.83 -118.19 -71.12
C LYS BC 237 -17.89 -117.13 -71.37
N THR BC 238 -19.00 -117.54 -72.00
CA THR BC 238 -20.15 -116.67 -72.19
C THR BC 238 -21.17 -116.96 -71.09
N GLU BC 239 -21.42 -115.96 -70.24
CA GLU BC 239 -22.29 -116.13 -69.09
C GLU BC 239 -23.70 -115.66 -69.41
N GLU BC 240 -24.60 -115.83 -68.45
CA GLU BC 240 -26.00 -115.50 -68.67
C GLU BC 240 -26.21 -114.01 -68.92
N TRP BC 241 -25.48 -113.16 -68.19
CA TRP BC 241 -25.66 -111.72 -68.31
C TRP BC 241 -25.04 -111.13 -69.57
N GLU BC 242 -24.28 -111.92 -70.33
CA GLU BC 242 -23.75 -111.42 -71.60
C GLU BC 242 -24.82 -111.37 -72.70
N LYS BC 243 -25.95 -112.04 -72.50
CA LYS BC 243 -27.01 -112.07 -73.49
C LYS BC 243 -27.86 -110.82 -73.50
N LYS BC 244 -27.72 -109.94 -72.51
CA LYS BC 244 -28.46 -108.68 -72.44
C LYS BC 244 -27.62 -107.50 -72.90
N LYS BC 245 -26.76 -107.70 -73.89
CA LYS BC 245 -25.88 -106.64 -74.35
C LYS BC 245 -26.66 -105.52 -75.00
N THR BC 246 -26.25 -104.29 -74.71
CA THR BC 246 -26.88 -103.09 -75.26
C THR BC 246 -26.05 -102.55 -76.42
N GLU BC 247 -26.73 -101.86 -77.34
CA GLU BC 247 -26.06 -101.30 -78.50
C GLU BC 247 -25.05 -100.21 -78.14
N ALA BC 248 -25.21 -99.57 -76.98
CA ALA BC 248 -24.36 -98.46 -76.60
C ALA BC 248 -22.96 -98.89 -76.17
N ASP BC 249 -22.81 -100.09 -75.61
CA ASP BC 249 -21.54 -100.52 -75.05
C ASP BC 249 -20.64 -101.23 -76.06
N MET BC 250 -21.13 -101.52 -77.26
CA MET BC 250 -20.30 -102.26 -78.23
C MET BC 250 -19.35 -101.32 -78.96
N GLU BC 251 -18.15 -101.82 -79.21
CA GLU BC 251 -17.07 -101.06 -79.83
C GLU BC 251 -17.25 -100.87 -81.33
N GLU BC 252 -18.16 -101.60 -81.96
CA GLU BC 252 -18.41 -101.49 -83.39
C GLU BC 252 -19.87 -101.15 -83.65
N TYR BC 253 -20.14 -100.59 -84.82
CA TYR BC 253 -21.48 -100.23 -85.25
C TYR BC 253 -22.03 -101.34 -86.13
N ILE BC 254 -22.94 -102.14 -85.59
CA ILE BC 254 -23.65 -103.13 -86.40
C ILE BC 254 -24.75 -102.41 -87.17
N TRP BC 255 -25.01 -102.89 -88.37
CA TRP BC 255 -26.17 -102.42 -89.11
C TRP BC 255 -27.46 -102.95 -88.50
N GLU BC 256 -27.45 -104.17 -87.99
CA GLU BC 256 -28.66 -104.81 -87.48
C GLU BC 256 -29.18 -104.10 -86.24
N ASN BC 257 -30.51 -103.97 -86.16
CA ASN BC 257 -31.18 -103.30 -85.04
C ASN BC 257 -30.64 -101.88 -84.84
N SER BC 258 -30.58 -101.12 -85.92
CA SER BC 258 -30.05 -99.76 -85.86
C SER BC 258 -31.16 -98.74 -86.08
N THR BC 259 -31.04 -97.62 -85.36
CA THR BC 259 -31.93 -96.49 -85.58
C THR BC 259 -31.85 -96.03 -87.03
N SER BC 260 -30.69 -96.18 -87.66
CA SER BC 260 -30.58 -95.91 -89.09
C SER BC 260 -31.44 -96.86 -89.92
N GLU BC 261 -31.45 -98.15 -89.58
CA GLU BC 261 -32.38 -99.06 -90.25
C GLU BC 261 -33.82 -98.61 -90.07
N LYS BC 262 -34.19 -98.23 -88.85
CA LYS BC 262 -35.57 -97.81 -88.62
C LYS BC 262 -35.90 -96.56 -89.42
N ASN BC 263 -34.96 -95.61 -89.50
CA ASN BC 263 -35.18 -94.41 -90.29
C ASN BC 263 -35.38 -94.75 -91.76
N ILE BC 264 -34.54 -95.62 -92.32
CA ILE BC 264 -34.66 -95.96 -93.73
C ILE BC 264 -35.94 -96.75 -93.99
N LEU BC 265 -36.30 -97.65 -93.07
CA LEU BC 265 -37.56 -98.36 -93.19
C LEU BC 265 -38.75 -97.39 -93.18
N GLU BC 266 -38.66 -96.32 -92.40
CA GLU BC 266 -39.72 -95.32 -92.41
C GLU BC 266 -39.75 -94.51 -93.70
N THR BC 267 -38.60 -94.09 -94.22
CA THR BC 267 -38.58 -93.27 -95.43
C THR BC 267 -38.93 -94.06 -96.69
N LEU BC 268 -38.50 -95.31 -96.80
CA LEU BC 268 -38.83 -96.10 -97.98
C LEU BC 268 -40.33 -96.34 -98.10
N LEU BC 269 -41.00 -96.56 -96.96
CA LEU BC 269 -42.46 -96.74 -96.98
C LEU BC 269 -43.14 -95.49 -97.52
N GLN BC 270 -42.71 -94.30 -97.09
CA GLN BC 270 -43.24 -93.05 -97.62
C GLN BC 270 -42.92 -92.84 -99.09
N ILE BC 271 -41.72 -93.21 -99.54
CA ILE BC 271 -41.40 -93.09 -100.96
C ILE BC 271 -42.32 -93.97 -101.80
N LYS BC 272 -42.52 -95.22 -101.37
CA LYS BC 272 -43.41 -96.10 -102.11
C LYS BC 272 -44.86 -95.65 -102.04
N ALA BC 273 -45.28 -95.06 -100.92
CA ALA BC 273 -46.62 -94.49 -100.84
C ALA BC 273 -46.79 -93.31 -101.79
N ALA BC 274 -45.77 -92.46 -101.88
CA ALA BC 274 -45.81 -91.34 -102.82
C ALA BC 274 -45.84 -91.81 -104.27
N GLU BC 275 -45.15 -92.90 -104.59
CA GLU BC 275 -45.21 -93.49 -105.91
C GLU BC 275 -46.43 -94.38 -106.10
N LYS BC 276 -47.23 -94.57 -105.04
CA LYS BC 276 -48.44 -95.40 -105.09
C LYS BC 276 -48.13 -96.83 -105.49
N ASN BC 277 -47.06 -97.38 -104.92
CA ASN BC 277 -46.69 -98.77 -105.12
C ASN BC 277 -47.10 -99.58 -103.90
N LEU BC 278 -47.84 -100.66 -104.11
CA LEU BC 278 -48.34 -101.49 -103.02
C LEU BC 278 -47.39 -102.63 -102.66
N GLU BC 279 -46.23 -102.71 -103.30
CA GLU BC 279 -45.24 -103.73 -102.98
C GLU BC 279 -44.47 -103.28 -101.74
N LEU BC 280 -44.86 -103.79 -100.58
CA LEU BC 280 -44.34 -103.34 -99.29
C LEU BC 280 -43.80 -104.56 -98.54
N SER BC 281 -42.48 -104.65 -98.43
CA SER BC 281 -41.87 -105.78 -97.76
C SER BC 281 -40.47 -105.39 -97.28
N LYS BC 282 -40.14 -105.82 -96.06
CA LYS BC 282 -38.84 -105.49 -95.48
C LYS BC 282 -37.70 -106.13 -96.26
N GLU BC 283 -37.86 -107.37 -96.71
CA GLU BC 283 -36.82 -108.00 -97.51
C GLU BC 283 -36.61 -107.27 -98.83
N GLU BC 284 -37.70 -106.89 -99.49
CA GLU BC 284 -37.59 -106.14 -100.75
C GLU BC 284 -36.91 -104.79 -100.52
N LEU BC 285 -37.27 -104.09 -99.44
CA LEU BC 285 -36.70 -102.77 -99.20
C LEU BC 285 -35.22 -102.85 -98.83
N LEU BC 286 -34.85 -103.82 -97.98
CA LEU BC 286 -33.46 -103.92 -97.53
C LEU BC 286 -32.58 -104.73 -98.47
N GLY BC 287 -33.15 -105.33 -99.52
CA GLY BC 287 -32.34 -106.08 -100.46
C GLY BC 287 -31.80 -105.30 -101.64
N THR BC 288 -32.12 -104.01 -101.75
CA THR BC 288 -31.69 -103.25 -102.90
C THR BC 288 -30.25 -102.77 -102.73
N LYS BC 289 -29.59 -102.55 -103.87
CA LYS BC 289 -28.19 -102.14 -103.86
C LYS BC 289 -27.99 -100.75 -103.28
N GLU BC 290 -29.01 -99.89 -103.31
CA GLU BC 290 -28.87 -98.57 -102.69
C GLU BC 290 -28.71 -98.69 -101.18
N VAL BC 291 -29.57 -99.45 -100.52
CA VAL BC 291 -29.40 -99.66 -99.09
C VAL BC 291 -28.20 -100.54 -98.81
N GLU BC 292 -27.79 -101.39 -99.76
CA GLU BC 292 -26.54 -102.12 -99.60
C GLU BC 292 -25.36 -101.15 -99.52
N ASP BC 293 -25.33 -100.16 -100.41
CA ASP BC 293 -24.30 -99.13 -100.35
C ASP BC 293 -24.38 -98.33 -99.06
N TYR BC 294 -25.60 -97.97 -98.63
CA TYR BC 294 -25.75 -97.23 -97.38
C TYR BC 294 -25.26 -98.04 -96.18
N ARG BC 295 -25.45 -99.36 -96.21
CA ARG BC 295 -25.03 -100.20 -95.10
C ARG BC 295 -23.54 -100.08 -94.84
N LYS BC 296 -22.73 -100.11 -95.89
CA LYS BC 296 -21.30 -99.90 -95.74
C LYS BC 296 -20.93 -98.44 -95.50
N SER BC 297 -21.68 -97.51 -96.09
CA SER BC 297 -21.38 -96.09 -95.88
C SER BC 297 -21.53 -95.69 -94.43
N VAL BC 298 -22.62 -96.10 -93.78
CA VAL BC 298 -22.84 -95.73 -92.38
C VAL BC 298 -21.83 -96.41 -91.47
N VAL BC 299 -21.48 -97.66 -91.76
CA VAL BC 299 -20.48 -98.36 -90.95
C VAL BC 299 -19.12 -97.67 -91.08
N SER BC 300 -18.74 -97.28 -92.29
CA SER BC 300 -17.50 -96.52 -92.47
C SER BC 300 -17.54 -95.19 -91.74
N LEU BC 301 -18.67 -94.48 -91.83
CA LEU BC 301 -18.79 -93.20 -91.15
C LEU BC 301 -18.71 -93.33 -89.64
N LYS BC 302 -19.25 -94.42 -89.08
CA LYS BC 302 -19.22 -94.62 -87.64
C LYS BC 302 -17.85 -95.09 -87.15
N ASN BC 303 -17.23 -96.04 -87.85
CA ASN BC 303 -15.96 -96.58 -87.39
C ASN BC 303 -14.79 -95.67 -87.76
N GLU BC 304 -14.61 -95.40 -89.05
CA GLU BC 304 -13.48 -94.59 -89.49
C GLU BC 304 -13.65 -93.12 -89.10
N GLY BC 305 -14.89 -92.67 -88.94
CA GLY BC 305 -15.14 -91.28 -88.60
C GLY BC 305 -15.40 -90.42 -89.81
N ASP BC 306 -15.45 -89.12 -89.57
CA ASP BC 306 -15.70 -88.16 -90.64
C ASP BC 306 -14.43 -87.89 -91.43
N ASN BC 307 -14.45 -88.25 -92.71
CA ASN BC 307 -13.35 -88.00 -93.62
C ASN BC 307 -13.94 -87.54 -94.94
N GLU BC 308 -13.09 -86.99 -95.81
CA GLU BC 308 -13.57 -86.50 -97.10
C GLU BC 308 -14.15 -87.63 -97.93
N ASN BC 309 -13.42 -88.74 -98.05
CA ASN BC 309 -13.89 -89.85 -98.86
C ASN BC 309 -15.10 -90.53 -98.26
N THR BC 310 -15.11 -90.77 -96.95
CA THR BC 310 -16.24 -91.42 -96.32
C THR BC 310 -17.50 -90.56 -96.41
N LEU BC 311 -17.36 -89.24 -96.21
CA LEU BC 311 -18.51 -88.37 -96.34
C LEU BC 311 -18.98 -88.28 -97.80
N SER BC 312 -18.05 -88.37 -98.76
CA SER BC 312 -18.49 -88.45 -100.15
C SER BC 312 -19.29 -89.71 -100.42
N GLN BC 313 -18.87 -90.84 -99.82
CA GLN BC 313 -19.67 -92.06 -99.92
C GLN BC 313 -21.07 -91.84 -99.33
N TYR BC 314 -21.14 -91.21 -98.17
CA TYR BC 314 -22.45 -90.93 -97.55
C TYR BC 314 -23.30 -90.02 -98.43
N LYS BC 315 -22.69 -88.98 -98.99
CA LYS BC 315 -23.39 -88.06 -99.89
C LYS BC 315 -23.94 -88.80 -101.11
N GLU BC 316 -23.12 -89.64 -101.72
CA GLU BC 316 -23.58 -90.42 -102.86
C GLU BC 316 -24.69 -91.39 -102.49
N SER BC 317 -24.56 -92.07 -101.36
CA SER BC 317 -25.56 -93.06 -100.96
C SER BC 317 -26.90 -92.41 -100.69
N VAL BC 318 -26.92 -91.29 -99.96
CA VAL BC 318 -28.19 -90.63 -99.66
C VAL BC 318 -28.86 -90.14 -100.94
N LYS BC 319 -28.07 -89.53 -101.84
CA LYS BC 319 -28.62 -89.05 -103.10
C LYS BC 319 -29.16 -90.18 -103.96
N ARG BC 320 -28.44 -91.31 -104.03
CA ARG BC 320 -28.95 -92.44 -104.80
C ARG BC 320 -30.22 -93.02 -104.20
N LEU BC 321 -30.28 -93.08 -102.86
CA LEU BC 321 -31.49 -93.59 -102.21
C LEU BC 321 -32.68 -92.67 -102.46
N LEU BC 322 -32.48 -91.36 -102.39
CA LEU BC 322 -33.58 -90.41 -102.51
C LEU BC 322 -33.87 -89.98 -103.94
N ASN BC 323 -33.06 -90.45 -104.91
CA ASN BC 323 -33.22 -90.11 -106.33
C ASN BC 323 -33.05 -88.62 -106.59
N LEU BC 324 -32.06 -88.00 -105.96
CA LEU BC 324 -31.69 -86.62 -106.24
C LEU BC 324 -30.32 -86.55 -106.89
N ALA BC 325 -30.16 -85.59 -107.81
CA ALA BC 325 -28.89 -85.38 -108.51
C ALA BC 325 -28.67 -83.90 -108.78
N ALA CC 2 54.67 -6.59 -70.53
CA ALA CC 2 55.86 -6.84 -69.72
C ALA CC 2 55.49 -7.18 -68.28
N THR CC 3 56.30 -8.02 -67.65
CA THR CC 3 56.06 -8.49 -66.29
C THR CC 3 56.21 -7.34 -65.29
N PRO CC 4 55.27 -7.18 -64.35
CA PRO CC 4 55.43 -6.14 -63.34
C PRO CC 4 56.65 -6.40 -62.46
N SER CC 5 57.23 -5.30 -61.97
CA SER CC 5 58.43 -5.40 -61.14
C SER CC 5 58.10 -6.07 -59.81
N LEU CC 6 59.13 -6.68 -59.21
CA LEU CC 6 59.00 -7.36 -57.93
C LEU CC 6 59.99 -6.86 -56.89
N ARG CC 7 60.87 -5.94 -57.24
CA ARG CC 7 61.86 -5.45 -56.28
C ARG CC 7 61.19 -4.53 -55.27
N GLY CC 8 61.48 -4.75 -53.99
CA GLY CC 8 60.93 -3.92 -52.94
C GLY CC 8 59.44 -4.08 -52.73
N ARG CC 9 58.87 -5.21 -53.12
CA ARG CC 9 57.44 -5.43 -52.99
C ARG CC 9 57.09 -6.22 -51.73
N LEU CC 10 57.78 -7.32 -51.49
CA LEU CC 10 57.49 -8.21 -50.38
C LEU CC 10 58.20 -7.76 -49.12
N ALA CC 11 57.73 -8.29 -47.98
CA ALA CC 11 58.31 -7.97 -46.68
C ALA CC 11 59.43 -8.95 -46.38
N ARG CC 12 60.66 -8.45 -46.36
CA ARG CC 12 61.84 -9.25 -46.09
C ARG CC 12 62.72 -8.52 -45.08
N LEU CC 13 63.75 -9.20 -44.58
CA LEU CC 13 64.68 -8.58 -43.65
C LEU CC 13 65.42 -7.43 -44.32
N GLY CC 14 65.85 -7.60 -45.56
CA GLY CC 14 66.57 -6.56 -46.26
C GLY CC 14 65.72 -5.43 -46.79
N ASN CC 15 64.41 -5.62 -46.86
CA ASN CC 15 63.53 -4.58 -47.37
C ASN CC 15 63.35 -3.49 -46.32
N PRO CC 16 63.71 -2.24 -46.61
CA PRO CC 16 63.60 -1.19 -45.60
C PRO CC 16 62.22 -0.55 -45.55
N ARG CC 17 61.50 -0.60 -46.66
CA ARG CC 17 60.21 0.09 -46.77
C ARG CC 17 59.06 -0.85 -46.43
N ARG CC 18 57.86 -0.29 -46.40
CA ARG CC 18 56.63 -1.04 -46.13
C ARG CC 18 56.36 -2.01 -47.29
N PRO CC 19 55.97 -3.24 -46.99
CA PRO CC 19 55.67 -4.20 -48.06
C PRO CC 19 54.54 -3.71 -48.95
N ILE CC 20 54.68 -3.96 -50.25
CA ILE CC 20 53.67 -3.55 -51.22
C ILE CC 20 52.72 -4.68 -51.57
N LEU CC 21 53.27 -5.84 -51.88
CA LEU CC 21 52.47 -7.02 -52.22
C LEU CC 21 52.51 -8.01 -51.06
N LYS CC 22 51.37 -8.63 -50.80
CA LYS CC 22 51.21 -9.52 -49.65
C LYS CC 22 50.67 -10.85 -50.15
N PRO CC 23 51.53 -11.78 -50.57
CA PRO CC 23 51.04 -12.98 -51.28
C PRO CC 23 50.27 -13.91 -50.36
N ASN CC 24 49.12 -14.37 -50.85
CA ASN CC 24 48.37 -15.41 -50.15
C ASN CC 24 49.20 -16.68 -50.03
N LYS CC 25 49.85 -17.08 -51.13
CA LYS CC 25 50.74 -18.21 -51.20
C LYS CC 25 52.05 -17.77 -51.82
N PRO CC 26 53.16 -18.46 -51.52
CA PRO CC 26 54.46 -18.03 -52.05
C PRO CC 26 54.46 -17.98 -53.57
N LEU CC 27 55.11 -16.95 -54.11
CA LEU CC 27 55.14 -16.72 -55.56
C LEU CC 27 56.22 -17.62 -56.16
N ILE CC 28 55.94 -18.92 -56.16
CA ILE CC 28 56.80 -19.91 -56.79
C ILE CC 28 56.06 -20.49 -57.98
N LEU CC 29 56.67 -20.41 -59.16
CA LEU CC 29 56.01 -20.88 -60.37
C LEU CC 29 55.88 -22.40 -60.34
N ALA CC 30 54.64 -22.88 -60.39
CA ALA CC 30 54.39 -24.31 -60.26
C ALA CC 30 54.72 -25.05 -61.55
N ASN CC 31 54.73 -26.38 -61.44
CA ASN CC 31 55.06 -27.25 -62.57
C ASN CC 31 53.84 -27.70 -63.35
N HIS CC 32 52.65 -27.23 -62.99
CA HIS CC 32 51.44 -27.62 -63.69
C HIS CC 32 50.49 -26.43 -63.76
N VAL CC 33 49.89 -26.21 -64.93
CA VAL CC 33 48.92 -25.14 -65.12
C VAL CC 33 47.56 -25.60 -64.62
N GLY CC 34 46.65 -24.65 -64.44
CA GLY CC 34 45.31 -24.99 -63.98
C GLY CC 34 44.47 -25.59 -65.09
N GLU CC 35 43.58 -26.50 -64.71
CA GLU CC 35 42.68 -27.13 -65.67
C GLU CC 35 41.71 -26.11 -66.23
N ARG CC 36 41.44 -26.21 -67.53
CA ARG CC 36 40.60 -25.22 -68.21
C ARG CC 36 39.19 -25.24 -67.65
N ARG CC 37 38.60 -24.05 -67.51
CA ARG CC 37 37.28 -23.94 -66.89
C ARG CC 37 36.19 -24.23 -67.91
N ARG CC 38 35.19 -25.01 -67.48
CA ARG CC 38 34.04 -25.28 -68.33
C ARG CC 38 33.04 -24.13 -68.22
N GLU CC 39 32.60 -23.64 -69.38
CA GLU CC 39 31.73 -22.47 -69.42
C GLU CC 39 30.34 -22.80 -68.88
N LYS CC 40 29.74 -21.83 -68.20
CA LYS CC 40 28.39 -22.00 -67.66
C LYS CC 40 27.37 -21.83 -68.78
N GLY CC 41 26.42 -22.76 -68.85
CA GLY CC 41 25.43 -22.72 -69.92
C GLY CC 41 24.35 -21.68 -69.67
N GLU CC 42 23.66 -21.32 -70.76
CA GLU CC 42 22.58 -20.35 -70.72
C GLU CC 42 21.47 -20.80 -71.64
N ALA CC 43 20.25 -20.33 -71.36
CA ALA CC 43 19.08 -20.69 -72.17
C ALA CC 43 19.24 -20.15 -73.59
N THR CC 44 18.60 -20.84 -74.54
CA THR CC 44 18.76 -20.54 -75.95
C THR CC 44 17.46 -20.04 -76.56
N CYS CC 45 17.60 -19.11 -77.51
CA CYS CC 45 16.51 -18.47 -78.26
C CYS CC 45 15.30 -18.13 -77.39
N ILE CC 46 15.54 -17.44 -76.26
CA ILE CC 46 14.44 -16.75 -75.60
C ILE CC 46 13.81 -15.74 -76.55
N THR CC 47 14.63 -15.16 -77.43
CA THR CC 47 14.12 -14.21 -78.42
C THR CC 47 13.12 -14.86 -79.36
N GLU CC 48 13.42 -16.06 -79.86
CA GLU CC 48 12.48 -16.72 -80.77
C GLU CC 48 11.31 -17.32 -80.01
N MET CC 49 11.51 -17.75 -78.76
CA MET CC 49 10.37 -18.15 -77.95
C MET CC 49 9.39 -17.00 -77.74
N SER CC 50 9.91 -15.78 -77.62
CA SER CC 50 9.03 -14.61 -77.46
C SER CC 50 8.17 -14.38 -78.69
N VAL CC 51 8.77 -14.45 -79.88
CA VAL CC 51 7.95 -14.24 -81.08
C VAL CC 51 7.04 -15.42 -81.32
N MET CC 52 7.41 -16.61 -80.84
CA MET CC 52 6.49 -17.74 -80.89
C MET CC 52 5.27 -17.49 -80.01
N MET CC 53 5.48 -17.00 -78.79
CA MET CC 53 4.37 -16.74 -77.88
C MET CC 53 3.57 -15.49 -78.24
N ALA CC 54 4.16 -14.58 -79.03
CA ALA CC 54 3.40 -13.42 -79.49
C ALA CC 54 2.23 -13.84 -80.38
N CYS CC 55 2.45 -14.79 -81.28
CA CYS CC 55 1.35 -15.35 -82.07
C CYS CC 55 0.25 -15.88 -81.16
N TRP CC 56 0.63 -16.55 -80.07
CA TRP CC 56 -0.36 -17.19 -79.22
C TRP CC 56 -1.13 -16.17 -78.40
N LYS CC 57 -0.46 -15.10 -77.96
CA LYS CC 57 -1.15 -14.06 -77.20
C LYS CC 57 -2.02 -13.20 -78.10
N GLN CC 58 -1.65 -13.02 -79.37
CA GLN CC 58 -2.42 -12.17 -80.27
C GLN CC 58 -3.57 -12.92 -80.94
N ASN CC 59 -3.34 -14.16 -81.37
CA ASN CC 59 -4.30 -14.94 -82.12
C ASN CC 59 -5.05 -15.95 -81.26
N GLU CC 60 -5.10 -15.72 -79.95
CA GLU CC 60 -5.89 -16.55 -79.02
C GLU CC 60 -5.41 -18.00 -78.99
N PHE CC 61 -4.09 -18.19 -78.97
CA PHE CC 61 -3.47 -19.49 -78.72
C PHE CC 61 -3.91 -20.54 -79.74
N ARG CC 62 -3.54 -20.31 -81.00
CA ARG CC 62 -3.77 -21.27 -82.06
C ARG CC 62 -2.56 -21.33 -82.96
N ASP CC 63 -2.20 -22.54 -83.40
CA ASP CC 63 -1.05 -22.74 -84.27
C ASP CC 63 -1.38 -22.57 -85.75
N GLU CC 64 -2.66 -22.56 -86.10
CA GLU CC 64 -3.04 -22.41 -87.51
C GLU CC 64 -2.93 -20.98 -87.99
N ALA CC 65 -2.81 -20.00 -87.08
CA ALA CC 65 -2.70 -18.62 -87.48
C ALA CC 65 -1.35 -18.34 -88.12
N CYS CC 66 -0.27 -18.52 -87.37
CA CYS CC 66 1.09 -18.38 -87.89
C CYS CC 66 1.82 -19.72 -87.73
N ARG CC 67 2.54 -20.11 -88.78
CA ARG CC 67 3.26 -21.38 -88.77
C ARG CC 67 4.77 -21.23 -88.80
N LYS CC 68 5.28 -20.10 -89.29
CA LYS CC 68 6.72 -19.89 -89.33
C LYS CC 68 7.30 -19.67 -87.94
N GLU CC 69 6.58 -18.94 -87.08
CA GLU CC 69 7.01 -18.74 -85.69
C GLU CC 69 7.00 -20.03 -84.90
N ILE CC 70 6.29 -21.05 -85.36
CA ILE CC 70 6.36 -22.35 -84.72
C ILE CC 70 7.51 -23.18 -85.28
N GLN CC 71 7.77 -23.07 -86.58
CA GLN CC 71 8.80 -23.89 -87.22
C GLN CC 71 10.20 -23.41 -86.86
N ASP CC 72 10.42 -22.10 -86.80
CA ASP CC 72 11.75 -21.62 -86.43
C ASP CC 72 12.10 -21.94 -84.98
N PHE CC 73 11.08 -22.10 -84.12
CA PHE CC 73 11.35 -22.53 -82.75
C PHE CC 73 11.92 -23.95 -82.71
N PHE CC 74 11.35 -24.86 -83.50
CA PHE CC 74 11.91 -26.20 -83.59
C PHE CC 74 13.26 -26.19 -84.30
N ASP CC 75 13.46 -25.27 -85.25
CA ASP CC 75 14.79 -25.07 -85.82
C ASP CC 75 15.80 -24.69 -84.75
N CYS CC 76 15.42 -23.79 -83.84
CA CYS CC 76 16.28 -23.47 -82.72
C CYS CC 76 16.53 -24.67 -81.82
N ALA CC 77 15.49 -25.46 -81.54
CA ALA CC 77 15.70 -26.66 -80.73
C ALA CC 77 16.73 -27.58 -81.36
N SER CC 78 16.60 -27.81 -82.68
CA SER CC 78 17.55 -28.69 -83.37
C SER CC 78 18.96 -28.11 -83.34
N ARG CC 79 19.12 -26.82 -83.67
CA ARG CC 79 20.47 -26.25 -83.71
C ARG CC 79 21.09 -26.17 -82.32
N ALA CC 80 20.28 -25.92 -81.29
CA ALA CC 80 20.79 -25.88 -79.92
C ALA CC 80 21.22 -27.27 -79.45
N GLU CC 81 20.45 -28.31 -79.78
CA GLU CC 81 20.90 -29.66 -79.46
C GLU CC 81 22.18 -30.02 -80.20
N ALA CC 82 22.28 -29.63 -81.49
CA ALA CC 82 23.49 -29.92 -82.25
C ALA CC 82 24.69 -29.21 -81.66
N ALA CC 83 24.53 -27.95 -81.25
CA ALA CC 83 25.61 -27.21 -80.62
C ALA CC 83 25.94 -27.73 -79.23
N ARG CC 84 24.98 -28.29 -78.51
CA ARG CC 84 25.27 -28.90 -77.23
C ARG CC 84 26.07 -30.19 -77.40
N LYS CC 85 25.78 -30.96 -78.45
CA LYS CC 85 26.48 -32.23 -78.63
C LYS CC 85 27.86 -32.06 -79.28
N MET CC 86 27.94 -31.34 -80.41
CA MET CC 86 29.19 -31.27 -81.15
C MET CC 86 30.24 -30.45 -80.40
N ARG CC 87 29.84 -29.28 -79.89
CA ARG CC 87 30.80 -28.39 -79.25
C ARG CC 87 31.34 -28.95 -77.95
N SER CC 88 30.57 -29.79 -77.24
CA SER CC 88 31.06 -30.40 -76.01
C SER CC 88 32.33 -31.22 -76.22
N ILE CC 89 32.55 -31.71 -77.43
CA ILE CC 89 33.79 -32.40 -77.78
C ILE CC 89 34.75 -31.47 -78.52
N GLN CC 90 34.22 -30.60 -79.39
CA GLN CC 90 35.08 -29.73 -80.17
C GLN CC 90 35.88 -28.79 -79.28
N GLU CC 91 35.23 -28.16 -78.29
CA GLU CC 91 35.93 -27.22 -77.42
C GLU CC 91 36.86 -27.91 -76.44
N ASN CC 92 36.60 -29.17 -76.10
CA ASN CC 92 37.48 -29.92 -75.22
C ASN CC 92 38.69 -30.50 -75.95
N LEU CC 93 38.59 -30.75 -77.26
CA LEU CC 93 39.73 -31.25 -78.01
C LEU CC 93 40.82 -30.18 -78.18
N GLY CC 94 40.46 -29.05 -78.78
CA GLY CC 94 41.43 -28.01 -79.06
C GLY CC 94 40.95 -26.66 -78.53
N GLU CC 95 41.92 -25.76 -78.31
CA GLU CC 95 41.63 -24.42 -77.83
C GLU CC 95 41.84 -23.35 -78.90
N LEU CC 96 42.55 -23.66 -79.98
CA LEU CC 96 42.77 -22.76 -81.12
C LEU CC 96 43.66 -21.58 -80.76
N GLY CC 97 44.05 -21.47 -79.49
CA GLY CC 97 44.92 -20.40 -79.05
C GLY CC 97 46.17 -20.88 -78.36
N SER CC 98 46.12 -22.08 -77.78
CA SER CC 98 47.24 -22.65 -77.06
C SER CC 98 47.11 -24.16 -77.04
N LEU CC 99 47.91 -24.82 -76.20
CA LEU CC 99 47.86 -26.27 -76.11
C LEU CC 99 46.90 -26.71 -75.03
N PRO CC 100 46.38 -27.94 -75.14
CA PRO CC 100 45.57 -28.50 -74.06
C PRO CC 100 46.37 -28.63 -72.77
N PRO CC 101 45.70 -28.52 -71.62
CA PRO CC 101 46.43 -28.61 -70.34
C PRO CC 101 47.14 -29.93 -70.14
N LYS CC 102 46.61 -31.03 -70.67
CA LYS CC 102 47.29 -32.32 -70.52
C LYS CC 102 48.66 -32.33 -71.19
N LYS CC 103 48.81 -31.69 -72.34
CA LYS CC 103 50.12 -31.50 -72.94
C LYS CC 103 50.93 -30.44 -72.24
N LEU CC 104 50.29 -29.39 -71.71
CA LEU CC 104 51.03 -28.34 -71.02
C LEU CC 104 51.72 -28.85 -69.76
N ASN CC 105 51.04 -29.69 -68.98
CA ASN CC 105 51.66 -30.25 -67.78
C ASN CC 105 52.87 -31.11 -68.13
N LYS CC 106 52.74 -31.94 -69.16
CA LYS CC 106 53.88 -32.75 -69.59
C LYS CC 106 55.03 -31.92 -70.11
N LEU CC 107 54.74 -30.83 -70.82
CA LEU CC 107 55.81 -29.93 -71.27
C LEU CC 107 56.50 -29.26 -70.09
N LEU CC 108 55.73 -28.82 -69.09
CA LEU CC 108 56.32 -28.17 -67.93
C LEU CC 108 57.13 -29.13 -67.07
N HIS CC 109 56.68 -30.40 -66.96
CA HIS CC 109 57.44 -31.37 -66.18
C HIS CC 109 58.78 -31.70 -66.82
N ARG CC 110 58.94 -31.47 -68.12
CA ARG CC 110 60.23 -31.71 -68.77
C ARG CC 110 61.25 -30.65 -68.38
N PHE CC 111 60.79 -29.41 -68.13
CA PHE CC 111 61.65 -28.31 -67.73
C PHE CC 111 61.06 -27.69 -66.46
N PRO CC 112 61.20 -28.37 -65.33
CA PRO CC 112 60.58 -27.90 -64.09
C PRO CC 112 61.36 -26.74 -63.48
N ASN CC 113 60.76 -26.13 -62.47
CA ASN CC 113 61.39 -25.05 -61.73
C ASN CC 113 62.22 -25.63 -60.57
N LYS CC 114 63.17 -24.83 -60.10
CA LYS CC 114 64.13 -25.27 -59.09
C LYS CC 114 64.10 -24.30 -57.91
N PRO CC 115 63.13 -24.43 -57.01
CA PRO CC 115 63.12 -23.58 -55.82
C PRO CC 115 64.22 -23.95 -54.83
N HIS CC 116 64.67 -25.21 -54.89
CA HIS CC 116 65.69 -25.71 -54.00
C HIS CC 116 67.06 -25.68 -54.68
N VAL CC 117 68.09 -26.06 -53.92
CA VAL CC 117 69.47 -26.09 -54.40
C VAL CC 117 69.89 -24.72 -54.94
N LYS DC 128 44.02 -21.81 -33.14
CA LYS DC 128 45.35 -21.72 -32.56
C LYS DC 128 45.44 -20.52 -31.60
N ASN DC 129 46.07 -19.44 -32.04
CA ASN DC 129 46.09 -18.21 -31.24
C ASN DC 129 44.70 -17.60 -31.09
N ILE DC 130 43.78 -17.95 -31.99
CA ILE DC 130 42.43 -17.46 -31.90
C ILE DC 130 41.75 -17.93 -30.63
N LEU DC 131 42.18 -19.06 -30.06
CA LEU DC 131 41.61 -19.50 -28.79
C LEU DC 131 41.91 -18.51 -27.66
N LYS DC 132 43.17 -18.12 -27.51
CA LYS DC 132 43.53 -17.11 -26.52
C LYS DC 132 42.91 -15.76 -26.83
N ILE DC 133 42.87 -15.39 -28.12
CA ILE DC 133 42.24 -14.13 -28.50
C ILE DC 133 40.77 -14.12 -28.10
N ARG DC 134 40.06 -15.21 -28.35
CA ARG DC 134 38.65 -15.32 -27.94
C ARG DC 134 38.49 -15.34 -26.43
N ARG DC 135 39.40 -15.97 -25.70
CA ARG DC 135 39.33 -15.94 -24.24
C ARG DC 135 39.44 -14.50 -23.73
N ARG DC 136 40.42 -13.74 -24.24
CA ARG DC 136 40.55 -12.35 -23.84
C ARG DC 136 39.36 -11.51 -24.30
N LYS DC 137 38.83 -11.77 -25.49
CA LYS DC 137 37.65 -11.07 -25.97
C LYS DC 137 36.46 -11.30 -25.03
N MET DC 138 36.25 -12.55 -24.62
CA MET DC 138 35.15 -12.86 -23.72
C MET DC 138 35.34 -12.21 -22.37
N ASN DC 139 36.57 -12.22 -21.85
CA ASN DC 139 36.84 -11.56 -20.59
C ASN DC 139 36.55 -10.06 -20.67
N HIS DC 140 36.99 -9.41 -21.74
CA HIS DC 140 36.74 -7.98 -21.89
C HIS DC 140 35.26 -7.68 -22.05
N HIS DC 141 34.54 -8.50 -22.80
CA HIS DC 141 33.10 -8.30 -22.96
C HIS DC 141 32.36 -8.45 -21.63
N LYS DC 142 32.71 -9.46 -20.85
CA LYS DC 142 32.09 -9.64 -19.55
C LYS DC 142 32.43 -8.49 -18.60
N TYR DC 143 33.67 -8.01 -18.64
CA TYR DC 143 34.06 -6.87 -17.82
C TYR DC 143 33.27 -5.61 -18.20
N ARG DC 144 33.10 -5.38 -19.50
CA ARG DC 144 32.32 -4.23 -19.95
C ARG DC 144 30.86 -4.35 -19.52
N LYS DC 145 30.27 -5.54 -19.63
CA LYS DC 145 28.90 -5.73 -19.17
C LYS DC 145 28.78 -5.49 -17.68
N LEU DC 146 29.75 -5.98 -16.89
CA LEU DC 146 29.73 -5.74 -15.45
C LEU DC 146 29.84 -4.26 -15.14
N VAL DC 147 30.70 -3.54 -15.85
CA VAL DC 147 30.85 -2.10 -15.63
C VAL DC 147 29.54 -1.39 -15.96
N LYS DC 148 28.91 -1.74 -17.07
CA LYS DC 148 27.63 -1.11 -17.41
C LYS DC 148 26.56 -1.42 -16.38
N ARG DC 149 26.52 -2.64 -15.86
CA ARG DC 149 25.52 -3.00 -14.86
C ARG DC 149 25.74 -2.26 -13.54
N THR DC 150 26.99 -2.16 -13.10
CA THR DC 150 27.32 -1.54 -11.81
C THR DC 150 28.00 -0.19 -11.99
N ARG DC 151 27.56 0.57 -13.00
CA ARG DC 151 28.18 1.87 -13.29
C ARG DC 151 28.05 2.82 -12.11
N PHE DC 152 26.83 3.02 -11.60
CA PHE DC 152 26.62 4.03 -10.57
C PHE DC 152 27.20 3.63 -9.22
N LEU DC 153 27.21 2.34 -8.89
CA LEU DC 153 27.90 1.89 -7.69
C LEU DC 153 29.39 2.19 -7.79
N ARG DC 154 29.99 1.97 -8.97
CA ARG DC 154 31.39 2.31 -9.16
C ARG DC 154 31.62 3.82 -9.07
N ARG DC 155 30.69 4.63 -9.56
CA ARG DC 155 30.80 6.07 -9.39
C ARG DC 155 30.77 6.46 -7.93
N LYS DC 156 29.87 5.86 -7.14
CA LYS DC 156 29.84 6.14 -5.71
C LYS DC 156 31.13 5.75 -5.02
N VAL DC 157 31.67 4.56 -5.35
CA VAL DC 157 32.93 4.12 -4.77
C VAL DC 157 34.07 5.06 -5.15
N ARG DC 158 34.11 5.49 -6.42
CA ARG DC 158 35.17 6.38 -6.87
C ARG DC 158 35.10 7.72 -6.17
N GLU DC 159 33.89 8.27 -6.01
CA GLU DC 159 33.76 9.54 -5.29
C GLU DC 159 34.14 9.39 -3.82
N GLY DC 160 33.73 8.29 -3.18
CA GLY DC 160 34.15 8.05 -1.81
C GLY DC 160 35.63 7.90 -1.65
N ARG DC 161 36.29 7.29 -2.63
CA ARG DC 161 37.74 7.14 -2.59
C ARG DC 161 38.46 8.47 -2.84
N LEU DC 162 37.93 9.31 -3.73
CA LEU DC 162 38.49 10.65 -3.93
C LEU DC 162 38.31 11.52 -2.69
N ARG DC 163 37.20 11.36 -1.97
CA ARG DC 163 37.03 12.08 -0.72
C ARG DC 163 38.14 11.75 0.27
N GLN DC 164 38.42 10.45 0.45
CA GLN DC 164 39.50 10.03 1.33
C GLN DC 164 40.86 10.47 0.81
N LYS DC 165 41.06 10.46 -0.51
CA LYS DC 165 42.27 11.02 -1.10
C LYS DC 165 42.49 12.45 -0.66
N GLN DC 166 41.46 13.29 -0.82
CA GLN DC 166 41.58 14.70 -0.44
C GLN DC 166 41.80 14.87 1.06
N VAL DC 167 41.09 14.09 1.88
CA VAL DC 167 41.25 14.21 3.33
C VAL DC 167 42.67 13.82 3.74
N LYS DC 168 43.20 12.73 3.18
CA LYS DC 168 44.56 12.31 3.48
C LYS DC 168 45.57 13.35 3.01
N PHE DC 169 45.34 13.97 1.86
CA PHE DC 169 46.22 15.04 1.41
C PHE DC 169 46.20 16.22 2.39
N GLU DC 170 45.01 16.60 2.83
CA GLU DC 170 44.87 17.69 3.80
C GLU DC 170 45.63 17.38 5.08
N ARG DC 171 45.50 16.16 5.60
CA ARG DC 171 46.15 15.82 6.86
C ARG DC 171 47.65 15.68 6.69
N ASP DC 172 48.11 15.19 5.53
CA ASP DC 172 49.53 15.14 5.25
C ASP DC 172 50.12 16.54 5.26
N LEU DC 173 49.40 17.50 4.66
CA LEU DC 173 49.84 18.89 4.69
C LEU DC 173 49.81 19.45 6.11
N LYS DC 174 48.80 19.08 6.91
CA LYS DC 174 48.70 19.59 8.28
C LYS DC 174 49.88 19.11 9.12
N ARG DC 175 50.20 17.82 9.07
CA ARG DC 175 51.31 17.28 9.83
C ARG DC 175 52.62 18.00 9.55
N ILE DC 176 52.79 18.53 8.33
CA ILE DC 176 54.02 19.23 8.00
C ILE DC 176 54.24 20.41 8.95
N TRP DC 177 53.27 21.33 9.03
CA TRP DC 177 53.47 22.44 9.95
C TRP DC 177 53.33 22.03 11.40
N GLN DC 178 52.49 21.05 11.72
CA GLN DC 178 52.38 20.62 13.11
C GLN DC 178 53.68 20.07 13.65
N LYS DC 179 54.50 19.44 12.79
CA LYS DC 179 55.82 18.98 13.20
C LYS DC 179 56.92 20.03 12.97
N ALA DC 180 56.67 21.02 12.11
CA ALA DC 180 57.61 22.10 11.91
C ALA DC 180 57.53 23.17 12.99
N GLY DC 181 56.46 23.19 13.77
CA GLY DC 181 56.33 24.07 14.91
C GLY DC 181 55.26 25.13 14.78
N LEU DC 182 54.77 25.39 13.57
CA LEU DC 182 53.70 26.36 13.40
C LEU DC 182 52.42 25.87 14.06
N LYS DC 183 51.74 26.76 14.78
CA LYS DC 183 50.49 26.41 15.45
C LYS DC 183 49.31 26.46 14.49
N GLU DC 184 49.30 27.44 13.60
CA GLU DC 184 48.24 27.57 12.60
C GLU DC 184 48.83 27.42 11.20
N ALA DC 185 47.95 27.41 10.20
CA ALA DC 185 48.39 27.35 8.83
C ALA DC 185 49.06 28.66 8.42
N PRO DC 186 50.00 28.62 7.48
CA PRO DC 186 50.65 29.86 7.03
C PRO DC 186 49.64 30.80 6.40
N ALA DC 187 49.93 32.10 6.52
CA ALA DC 187 49.04 33.12 5.98
C ALA DC 187 48.95 33.00 4.46
N GLY DC 188 47.74 33.16 3.94
CA GLY DC 188 47.54 33.06 2.51
C GLY DC 188 47.57 31.65 1.96
N TRP DC 189 47.28 30.65 2.78
CA TRP DC 189 47.27 29.25 2.36
C TRP DC 189 45.82 28.77 2.32
N GLN DC 190 45.40 28.25 1.17
CA GLN DC 190 44.02 27.82 0.98
C GLN DC 190 43.85 26.31 0.91
N THR DC 191 44.91 25.57 0.56
CA THR DC 191 44.86 24.13 0.38
C THR DC 191 43.75 23.76 -0.60
N PRO DC 192 43.93 24.02 -1.90
CA PRO DC 192 42.85 23.80 -2.86
C PRO DC 192 42.57 22.31 -3.04
N LYS DC 193 41.38 22.04 -3.59
CA LYS DC 193 40.93 20.68 -3.84
C LYS DC 193 41.48 20.24 -5.20
N ILE DC 194 42.48 19.34 -5.17
CA ILE DC 194 43.09 18.87 -6.41
C ILE DC 194 42.46 17.58 -6.93
N TYR DC 195 41.87 16.77 -6.05
CA TYR DC 195 41.24 15.52 -6.48
C TYR DC 195 39.77 15.70 -6.82
N LEU DC 196 39.08 16.63 -6.17
CA LEU DC 196 37.65 16.84 -6.37
C LEU DC 196 37.37 17.86 -7.47
N LYS DC 197 38.29 18.03 -8.42
CA LYS DC 197 38.07 18.96 -9.51
C LYS DC 197 36.93 18.47 -10.41
N ASN DC 198 36.01 19.37 -10.73
CA ASN DC 198 34.88 19.00 -11.56
C ASN DC 198 35.31 18.72 -13.00
N GLN DC 199 34.53 17.91 -13.69
CA GLN DC 199 34.82 17.54 -15.06
C GLN DC 199 34.62 18.74 -16.00
N GLU EC 55 10.55 -126.28 -85.85
CA GLU EC 55 11.68 -126.96 -86.50
C GLU EC 55 12.86 -125.99 -86.67
N GLU EC 56 12.55 -124.74 -87.00
CA GLU EC 56 13.57 -123.72 -87.18
C GLU EC 56 14.05 -123.12 -85.87
N VAL EC 57 13.39 -123.41 -84.76
CA VAL EC 57 13.78 -122.87 -83.46
C VAL EC 57 15.02 -123.62 -82.96
N VAL EC 58 16.01 -122.85 -82.51
CA VAL EC 58 17.23 -123.40 -81.93
C VAL EC 58 17.43 -122.75 -80.56
N ILE EC 59 17.40 -123.56 -79.51
CA ILE EC 59 17.55 -123.09 -78.14
C ILE EC 59 18.78 -123.78 -77.54
N PRO EC 60 19.85 -123.05 -77.25
CA PRO EC 60 21.04 -123.68 -76.67
C PRO EC 60 20.83 -123.97 -75.19
N LYS EC 61 21.77 -124.70 -74.61
CA LYS EC 61 21.74 -125.07 -73.20
C LYS EC 61 22.52 -124.05 -72.38
N LYS EC 62 22.21 -124.01 -71.09
CA LYS EC 62 22.86 -123.10 -70.16
C LYS EC 62 24.05 -123.77 -69.48
N LYS EC 63 24.94 -122.93 -68.93
CA LYS EC 63 26.11 -123.39 -68.20
C LYS EC 63 25.99 -122.93 -66.76
N THR EC 64 26.11 -123.88 -65.82
CA THR EC 64 26.02 -123.59 -64.40
C THR EC 64 27.42 -123.59 -63.81
N TRP EC 65 27.78 -122.49 -63.14
CA TRP EC 65 29.09 -122.35 -62.52
C TRP EC 65 28.92 -121.95 -61.07
N ASP EC 66 30.02 -122.03 -60.32
CA ASP EC 66 30.02 -121.68 -58.92
C ASP EC 66 30.05 -120.16 -58.75
N LYS EC 67 29.94 -119.70 -57.50
CA LYS EC 67 29.98 -118.26 -57.24
C LYS EC 67 31.35 -117.68 -57.51
N VAL EC 68 32.40 -118.46 -57.28
CA VAL EC 68 33.77 -117.98 -57.42
C VAL EC 68 34.47 -118.57 -58.64
N ALA EC 69 33.77 -119.32 -59.48
CA ALA EC 69 34.39 -119.93 -60.64
C ALA EC 69 34.89 -118.87 -61.63
N ILE EC 70 34.04 -117.90 -61.96
CA ILE EC 70 34.45 -116.86 -62.88
C ILE EC 70 35.48 -115.92 -62.25
N LEU EC 71 35.41 -115.69 -60.94
CA LEU EC 71 36.44 -114.90 -60.27
C LEU EC 71 37.79 -115.61 -60.31
N GLN EC 72 37.81 -116.93 -60.14
CA GLN EC 72 39.05 -117.68 -60.34
C GLN EC 72 39.52 -117.64 -61.78
N ALA EC 73 38.58 -117.66 -62.74
CA ALA EC 73 38.97 -117.53 -64.15
C ALA EC 73 39.66 -116.19 -64.40
N LEU EC 74 39.12 -115.11 -63.83
CA LEU EC 74 39.78 -113.81 -63.95
C LEU EC 74 41.12 -113.79 -63.23
N ALA EC 75 41.20 -114.42 -62.05
CA ALA EC 75 42.45 -114.48 -61.30
C ALA EC 75 43.53 -115.26 -62.06
N SER EC 76 43.14 -116.26 -62.85
CA SER EC 76 44.12 -117.00 -63.63
C SER EC 76 44.80 -116.16 -64.70
N THR EC 77 44.12 -115.14 -65.23
CA THR EC 77 44.72 -114.28 -66.24
C THR EC 77 45.90 -113.50 -65.68
N VAL EC 78 45.85 -113.12 -64.41
CA VAL EC 78 46.90 -112.35 -63.76
C VAL EC 78 47.79 -113.33 -62.98
N HIS EC 79 49.09 -113.23 -63.20
CA HIS EC 79 50.04 -114.04 -62.45
C HIS EC 79 50.75 -113.18 -61.41
N ARG EC 80 51.68 -113.80 -60.69
CA ARG EC 80 52.40 -113.08 -59.64
C ARG EC 80 53.32 -112.04 -60.27
N ASP EC 81 53.37 -110.86 -59.66
CA ASP EC 81 54.17 -109.77 -60.15
C ASP EC 81 55.61 -109.89 -59.65
N SER EC 82 56.54 -109.31 -60.41
CA SER EC 82 57.97 -109.45 -60.12
C SER EC 82 58.44 -108.39 -59.11
N THR EC 83 58.28 -107.11 -59.45
CA THR EC 83 58.79 -106.03 -58.63
C THR EC 83 57.85 -105.66 -57.48
N ALA EC 84 56.63 -106.20 -57.47
CA ALA EC 84 55.62 -105.81 -56.50
C ALA EC 84 55.80 -106.56 -55.20
N ALA EC 85 55.49 -105.87 -54.09
CA ALA EC 85 55.54 -106.45 -52.77
C ALA EC 85 54.38 -107.41 -52.57
N PRO EC 86 54.48 -108.31 -51.59
CA PRO EC 86 53.35 -109.21 -51.29
C PRO EC 86 52.09 -108.43 -50.93
N TYR EC 87 50.94 -109.00 -51.30
CA TYR EC 87 49.68 -108.28 -51.22
C TYR EC 87 49.27 -107.97 -49.78
N VAL EC 88 49.59 -108.86 -48.84
CA VAL EC 88 49.16 -108.65 -47.46
C VAL EC 88 49.81 -107.40 -46.87
N PHE EC 89 51.05 -107.11 -47.24
CA PHE EC 89 51.73 -105.92 -46.75
C PHE EC 89 51.24 -104.69 -47.50
N GLN EC 90 51.33 -103.55 -46.82
CA GLN EC 90 51.04 -102.26 -47.44
C GLN EC 90 52.11 -101.93 -48.47
N ASP EC 91 51.69 -101.34 -49.58
CA ASP EC 91 52.60 -101.05 -50.68
C ASP EC 91 53.40 -99.78 -50.49
N ASP EC 92 53.11 -98.99 -49.46
CA ASP EC 92 53.89 -97.80 -49.19
C ASP EC 92 55.31 -98.19 -48.78
N PRO EC 93 56.33 -97.50 -49.30
CA PRO EC 93 57.71 -97.88 -48.97
C PRO EC 93 58.04 -97.83 -47.50
N TYR EC 94 57.42 -96.92 -46.73
CA TYR EC 94 57.64 -96.89 -45.29
C TYR EC 94 57.07 -98.10 -44.58
N LEU EC 95 56.17 -98.84 -45.23
CA LEU EC 95 55.56 -100.02 -44.64
C LEU EC 95 55.97 -101.30 -45.36
N ILE EC 96 56.69 -101.21 -46.46
CA ILE EC 96 57.16 -102.40 -47.17
C ILE EC 96 58.28 -103.05 -46.35
N PRO EC 97 58.20 -104.34 -46.03
CA PRO EC 97 59.27 -104.98 -45.28
C PRO EC 97 60.58 -105.00 -46.07
N THR EC 98 61.68 -104.82 -45.35
CA THR EC 98 63.00 -104.80 -45.97
C THR EC 98 63.70 -106.15 -45.87
N SER EC 99 63.65 -106.79 -44.71
CA SER EC 99 64.26 -108.09 -44.48
C SER EC 99 63.21 -109.11 -44.07
N SER EC 100 63.63 -110.38 -44.04
CA SER EC 100 62.71 -111.46 -43.69
C SER EC 100 62.21 -111.33 -42.26
N VAL EC 101 63.09 -110.99 -41.32
CA VAL EC 101 62.66 -110.78 -39.95
C VAL EC 101 61.68 -109.62 -39.86
N GLU EC 102 61.91 -108.54 -40.63
CA GLU EC 102 60.96 -107.44 -40.65
C GLU EC 102 59.61 -107.86 -41.21
N SER EC 103 59.60 -108.67 -42.27
CA SER EC 103 58.33 -109.16 -42.81
C SER EC 103 57.58 -110.01 -41.80
N HIS EC 104 58.30 -110.93 -41.13
CA HIS EC 104 57.67 -111.74 -40.10
C HIS EC 104 57.13 -110.90 -38.95
N SER EC 105 57.90 -109.91 -38.50
CA SER EC 105 57.45 -109.02 -37.43
C SER EC 105 56.24 -108.21 -37.85
N PHE EC 106 56.21 -107.72 -39.08
CA PHE EC 106 55.06 -106.96 -39.55
C PHE EC 106 53.81 -107.82 -39.62
N LEU EC 107 53.95 -109.05 -40.13
CA LEU EC 107 52.80 -109.96 -40.15
C LEU EC 107 52.31 -110.26 -38.75
N LEU EC 108 53.23 -110.50 -37.81
CA LEU EC 108 52.84 -110.78 -36.44
C LEU EC 108 52.17 -109.56 -35.78
N ALA EC 109 52.68 -108.35 -36.06
CA ALA EC 109 52.04 -107.16 -35.52
C ALA EC 109 50.64 -106.96 -36.08
N LYS EC 110 50.46 -107.19 -37.38
CA LYS EC 110 49.12 -107.10 -37.96
C LYS EC 110 48.19 -108.12 -37.32
N LYS EC 111 48.66 -109.36 -37.14
CA LYS EC 111 47.85 -110.39 -36.49
C LYS EC 111 47.51 -110.02 -35.05
N SER EC 112 48.46 -109.42 -34.33
CA SER EC 112 48.17 -108.93 -32.99
C SER EC 112 47.07 -107.89 -33.01
N GLY EC 113 47.11 -106.99 -33.99
CA GLY EC 113 46.02 -106.04 -34.16
C GLY EC 113 44.67 -106.70 -34.37
N GLU EC 114 44.60 -107.69 -35.28
CA GLU EC 114 43.31 -108.31 -35.51
C GLU EC 114 42.79 -109.07 -34.29
N ASN EC 115 43.63 -109.84 -33.58
CA ASN EC 115 43.03 -110.57 -32.46
C ASN EC 115 42.79 -109.64 -31.28
N ALA EC 116 43.51 -108.52 -31.21
CA ALA EC 116 43.16 -107.50 -30.22
C ALA EC 116 41.79 -106.91 -30.49
N ALA EC 117 41.47 -106.68 -31.77
CA ALA EC 117 40.10 -106.25 -32.10
C ALA EC 117 39.08 -107.33 -31.76
N LYS EC 118 39.40 -108.59 -32.08
CA LYS EC 118 38.49 -109.69 -31.77
C LYS EC 118 38.25 -109.84 -30.27
N PHE EC 119 39.27 -109.58 -29.45
CA PHE EC 119 39.08 -109.60 -28.00
C PHE EC 119 38.06 -108.57 -27.56
N ILE EC 120 38.14 -107.35 -28.10
CA ILE EC 120 37.15 -106.33 -27.77
C ILE EC 120 35.77 -106.75 -28.24
N ILE EC 121 35.67 -107.29 -29.45
CA ILE EC 121 34.37 -107.71 -29.99
C ILE EC 121 33.74 -108.77 -29.10
N ASN EC 122 34.54 -109.75 -28.66
CA ASN EC 122 33.99 -110.81 -27.82
C ASN EC 122 33.70 -110.33 -26.41
N SER EC 123 34.50 -109.39 -25.89
CA SER EC 123 34.30 -108.92 -24.52
C SER EC 123 33.13 -107.97 -24.40
N TYR EC 124 32.78 -107.25 -25.47
CA TYR EC 124 31.66 -106.31 -25.46
C TYR EC 124 30.73 -106.66 -26.63
N PRO EC 125 29.91 -107.70 -26.47
CA PRO EC 125 29.03 -108.11 -27.57
C PRO EC 125 27.83 -107.20 -27.79
N LYS EC 126 27.40 -106.44 -26.79
CA LYS EC 126 26.22 -105.62 -26.93
C LYS EC 126 26.44 -104.43 -27.86
N TYR EC 127 27.70 -104.06 -28.11
CA TYR EC 127 28.00 -102.97 -29.02
C TYR EC 127 28.02 -103.41 -30.48
N PHE EC 128 27.81 -104.70 -30.76
CA PHE EC 128 27.80 -105.21 -32.12
C PHE EC 128 26.57 -106.06 -32.40
N GLN EC 129 25.54 -105.96 -31.56
CA GLN EC 129 24.31 -106.72 -31.77
C GLN EC 129 23.48 -106.19 -32.92
N LYS EC 130 23.61 -104.90 -33.25
CA LYS EC 130 22.83 -104.33 -34.33
C LYS EC 130 23.33 -104.83 -35.68
N ASP EC 131 22.41 -105.29 -36.52
CA ASP EC 131 22.73 -105.82 -37.84
C ASP EC 131 22.25 -104.85 -38.91
N ILE EC 132 23.14 -104.54 -39.85
CA ILE EC 132 22.82 -103.63 -40.95
C ILE EC 132 22.75 -104.36 -42.28
N ALA EC 133 23.65 -105.33 -42.51
CA ALA EC 133 23.65 -106.05 -43.76
C ALA EC 133 22.42 -106.94 -43.88
N GLU EC 134 21.72 -106.83 -45.02
CA GLU EC 134 20.54 -107.65 -45.25
C GLU EC 134 20.86 -109.14 -45.32
N PRO EC 135 21.88 -109.60 -46.05
CA PRO EC 135 22.15 -111.05 -46.08
C PRO EC 135 22.55 -111.65 -44.74
N HIS EC 136 22.82 -110.84 -43.72
CA HIS EC 136 23.10 -111.30 -42.37
C HIS EC 136 24.31 -112.24 -42.34
N ILE EC 137 25.45 -111.65 -42.67
CA ILE EC 137 26.73 -112.36 -42.61
C ILE EC 137 26.96 -112.85 -41.18
N PRO EC 138 27.17 -114.14 -40.95
CA PRO EC 138 27.35 -114.63 -39.57
C PRO EC 138 28.77 -114.51 -39.05
N CYS EC 139 29.76 -114.37 -39.93
CA CYS EC 139 31.14 -114.27 -39.48
C CYS EC 139 31.46 -112.94 -38.81
N LEU EC 140 30.63 -111.92 -39.01
CA LEU EC 140 30.84 -110.62 -38.41
C LEU EC 140 30.05 -110.44 -37.10
N MET EC 141 29.34 -111.46 -36.65
CA MET EC 141 28.63 -111.39 -35.39
C MET EC 141 29.57 -111.70 -34.23
N PRO EC 142 29.35 -111.07 -33.08
CA PRO EC 142 30.18 -111.38 -31.91
C PRO EC 142 29.92 -112.78 -31.39
N GLU EC 143 30.95 -113.37 -30.78
CA GLU EC 143 30.87 -114.69 -30.20
C GLU EC 143 30.73 -114.63 -28.69
N TYR EC 144 30.11 -115.66 -28.13
CA TYR EC 144 29.84 -115.74 -26.70
C TYR EC 144 30.50 -116.99 -26.13
N PHE EC 145 31.23 -116.83 -25.02
CA PHE EC 145 31.94 -117.93 -24.38
C PHE EC 145 31.26 -118.37 -23.08
N GLU EC 146 29.97 -118.10 -22.93
CA GLU EC 146 29.26 -118.43 -21.70
C GLU EC 146 28.24 -119.54 -21.94
N PRO EC 147 28.07 -120.45 -20.98
CA PRO EC 147 27.04 -121.50 -21.14
C PRO EC 147 25.64 -120.92 -21.10
N GLN EC 148 24.73 -121.59 -21.81
CA GLN EC 148 23.34 -121.14 -21.86
C GLN EC 148 22.58 -121.54 -20.59
N ILE EC 149 22.86 -122.72 -20.05
CA ILE EC 149 22.15 -123.25 -18.89
C ILE EC 149 23.17 -123.63 -17.83
N GLU EC 150 22.94 -123.19 -16.60
CA GLU EC 150 23.84 -123.45 -15.47
C GLU EC 150 23.30 -124.46 -14.48
N ASP EC 151 21.99 -124.46 -14.22
CA ASP EC 151 21.42 -125.34 -13.21
C ASP EC 151 21.31 -126.78 -13.70
N VAL EC 152 20.98 -126.97 -14.99
CA VAL EC 152 20.76 -128.32 -15.50
C VAL EC 152 22.10 -128.96 -15.84
N SER EC 153 22.40 -130.08 -15.18
CA SER EC 153 23.65 -130.79 -15.42
C SER EC 153 23.73 -131.34 -16.84
N GLU EC 154 22.65 -131.91 -17.37
CA GLU EC 154 22.67 -132.46 -18.71
C GLU EC 154 22.88 -131.40 -19.77
N ALA EC 155 22.60 -130.13 -19.47
CA ALA EC 155 22.78 -129.05 -20.41
C ALA EC 155 24.08 -128.28 -20.23
N ALA EC 156 24.63 -128.25 -19.01
CA ALA EC 156 25.88 -127.54 -18.78
C ALA EC 156 27.08 -128.24 -19.42
N LEU EC 157 27.09 -129.57 -19.41
CA LEU EC 157 28.23 -130.31 -19.95
C LEU EC 157 28.40 -130.06 -21.44
N GLN EC 158 27.29 -130.12 -22.20
CA GLN EC 158 27.39 -129.99 -23.65
C GLN EC 158 27.85 -128.62 -24.08
N GLU EC 159 27.69 -127.60 -23.24
CA GLU EC 159 28.23 -126.28 -23.53
C GLU EC 159 29.68 -126.15 -23.07
N ARG EC 160 30.00 -126.65 -21.87
CA ARG EC 160 31.35 -126.45 -21.35
C ARG EC 160 32.38 -127.37 -22.00
N ILE EC 161 31.95 -128.44 -22.67
CA ILE EC 161 32.91 -129.27 -23.41
C ILE EC 161 33.46 -128.50 -24.61
N LYS EC 162 32.58 -127.85 -25.37
CA LYS EC 162 33.00 -127.07 -26.52
C LYS EC 162 33.50 -125.69 -26.14
N LEU EC 163 33.19 -125.21 -24.94
CA LEU EC 163 33.66 -123.91 -24.49
C LEU EC 163 34.44 -124.01 -23.19
N GLN EC 201 38.46 -125.57 -20.64
CA GLN EC 201 39.33 -126.61 -20.12
C GLN EC 201 39.00 -126.94 -18.67
N GLU EC 202 39.34 -126.02 -17.77
CA GLU EC 202 39.01 -126.21 -16.36
C GLU EC 202 37.51 -126.19 -16.12
N PRO EC 203 36.78 -125.37 -16.89
CA PRO EC 203 35.34 -125.36 -16.79
C PRO EC 203 34.72 -126.69 -17.20
N SER EC 204 35.36 -127.41 -18.13
CA SER EC 204 34.86 -128.73 -18.50
C SER EC 204 34.93 -129.70 -17.33
N ALA EC 205 36.04 -129.70 -16.58
CA ALA EC 205 36.14 -130.56 -15.40
C ALA EC 205 35.22 -130.09 -14.29
N ASN EC 206 35.05 -128.78 -14.13
CA ASN EC 206 34.12 -128.25 -13.14
C ASN EC 206 32.68 -128.66 -13.46
N TYR EC 207 32.32 -128.72 -14.74
CA TYR EC 207 30.98 -129.18 -15.12
C TYR EC 207 30.76 -130.62 -14.70
N ASN EC 208 31.74 -131.49 -14.91
CA ASN EC 208 31.62 -132.87 -14.46
C ASN EC 208 31.53 -132.96 -12.94
N PHE EC 209 32.34 -132.16 -12.23
CA PHE EC 209 32.30 -132.15 -10.78
C PHE EC 209 30.94 -131.70 -10.25
N GLN EC 210 30.32 -130.71 -10.89
CA GLN EC 210 29.00 -130.26 -10.51
C GLN EC 210 27.91 -131.26 -10.89
N GLN EC 211 28.06 -131.94 -12.03
CA GLN EC 211 27.06 -132.92 -12.45
C GLN EC 211 27.07 -134.15 -11.57
N ARG EC 212 28.25 -134.59 -11.13
CA ARG EC 212 28.34 -135.76 -10.27
C ARG EC 212 27.98 -135.47 -8.82
N GLU EC 213 27.83 -134.20 -8.45
CA GLU EC 213 27.48 -133.86 -7.07
C GLU EC 213 26.06 -134.31 -6.74
N GLN EC 214 25.12 -134.16 -7.68
CA GLN EC 214 23.72 -134.47 -7.45
C GLN EC 214 23.35 -135.88 -7.92
N SER EC 215 24.35 -136.75 -8.12
CA SER EC 215 24.12 -138.13 -8.55
C SER EC 215 23.34 -138.18 -9.87
N GLU EC 216 23.77 -137.36 -10.83
CA GLU EC 216 23.16 -137.33 -12.14
C GLU EC 216 23.79 -138.40 -13.03
N GLU EC 217 22.95 -139.22 -13.65
CA GLU EC 217 23.43 -140.31 -14.49
C GLU EC 217 23.83 -139.78 -15.86
N LEU EC 218 25.07 -140.00 -16.24
CA LEU EC 218 25.59 -139.59 -17.53
C LEU EC 218 25.75 -140.80 -18.44
N GLU EC 219 25.24 -140.69 -19.67
CA GLU EC 219 25.29 -141.79 -20.62
C GLU EC 219 26.68 -141.88 -21.24
N GLU EC 220 26.84 -142.78 -22.21
CA GLU EC 220 28.12 -142.96 -22.88
C GLU EC 220 28.41 -141.88 -23.93
N ALA EC 221 27.43 -141.05 -24.27
CA ALA EC 221 27.62 -139.98 -25.24
C ALA EC 221 27.99 -138.65 -24.62
N THR EC 222 27.54 -138.37 -23.39
CA THR EC 222 27.82 -137.08 -22.77
C THR EC 222 29.27 -136.99 -22.32
N GLU EC 223 29.79 -138.05 -21.72
CA GLU EC 223 31.15 -138.02 -21.20
C GLU EC 223 32.20 -138.34 -22.27
N ALA EC 224 31.81 -138.94 -23.39
CA ALA EC 224 32.78 -139.16 -24.47
C ALA EC 224 33.36 -137.85 -24.98
N ASP EC 225 32.51 -136.85 -25.21
CA ASP EC 225 33.00 -135.53 -25.60
C ASP EC 225 33.75 -134.83 -24.47
N ASN EC 226 33.34 -135.06 -23.21
CA ASN EC 226 34.08 -134.49 -22.09
C ASN EC 226 35.50 -135.05 -22.03
N GLU EC 227 35.64 -136.36 -22.25
CA GLU EC 227 36.96 -136.97 -22.31
C GLU EC 227 37.75 -136.49 -23.51
N LYS EC 228 37.09 -136.29 -24.66
CA LYS EC 228 37.77 -135.72 -25.81
C LYS EC 228 38.27 -134.31 -25.54
N SER EC 229 37.53 -133.54 -24.74
CA SER EC 229 37.98 -132.20 -24.38
C SER EC 229 39.29 -132.25 -23.60
N LYS EC 230 39.42 -133.17 -22.65
CA LYS EC 230 40.68 -133.38 -21.96
C LYS EC 230 41.78 -133.90 -22.88
N THR EC 231 41.45 -134.85 -23.75
CA THR EC 231 42.44 -135.39 -24.68
C THR EC 231 42.98 -134.36 -25.65
N LYS EC 232 42.18 -133.34 -25.99
CA LYS EC 232 42.63 -132.31 -26.92
C LYS EC 232 43.59 -131.34 -26.24
N ALA EC 233 43.20 -130.79 -25.08
CA ALA EC 233 44.01 -129.79 -24.41
C ALA EC 233 45.14 -130.43 -23.61
N GLY EC 234 44.80 -131.25 -22.62
CA GLY EC 234 45.81 -131.87 -21.77
C GLY EC 234 46.40 -133.12 -22.43
N THR EC 240 49.62 -135.01 -15.98
CA THR EC 240 49.90 -136.44 -15.97
C THR EC 240 49.08 -137.16 -14.90
N TRP EC 241 49.14 -136.63 -13.67
CA TRP EC 241 48.41 -137.27 -12.57
C TRP EC 241 46.91 -137.02 -12.66
N ARG EC 242 46.48 -135.85 -13.14
CA ARG EC 242 45.06 -135.58 -13.31
C ARG EC 242 44.43 -136.47 -14.38
N THR EC 243 45.23 -136.92 -15.36
CA THR EC 243 44.71 -137.82 -16.39
C THR EC 243 44.26 -139.14 -15.83
N LYS EC 244 44.99 -139.71 -14.87
CA LYS EC 244 44.56 -140.95 -14.23
C LYS EC 244 43.26 -140.77 -13.45
N ASN EC 245 43.13 -139.65 -12.73
CA ASN EC 245 41.90 -139.38 -12.01
C ASN EC 245 40.72 -139.22 -12.96
N ASN EC 246 40.92 -138.54 -14.09
CA ASN EC 246 39.88 -138.43 -15.10
C ASN EC 246 39.54 -139.78 -15.72
N ALA EC 247 40.55 -140.62 -15.98
CA ALA EC 247 40.31 -141.90 -16.62
C ALA EC 247 39.61 -142.88 -15.70
N GLU EC 248 39.83 -142.78 -14.38
CA GLU EC 248 39.07 -143.59 -13.45
C GLU EC 248 37.58 -143.26 -13.51
N ARG EC 249 37.24 -141.98 -13.66
CA ARG EC 249 35.86 -141.54 -13.85
C ARG EC 249 35.29 -142.02 -15.18
N ILE EC 250 36.13 -142.49 -16.09
CA ILE EC 250 35.69 -142.96 -17.40
C ILE EC 250 35.19 -144.40 -17.34
N PHE EC 251 35.92 -145.27 -16.65
CA PHE EC 251 35.56 -146.68 -16.60
C PHE EC 251 34.81 -147.05 -15.32
N ALA EC 252 35.29 -146.59 -14.16
CA ALA EC 252 34.70 -147.01 -12.90
C ALA EC 252 33.29 -146.47 -12.72
N LEU EC 253 33.04 -145.21 -13.12
CA LEU EC 253 31.74 -144.59 -12.87
C LEU EC 253 30.65 -145.21 -13.73
N MET EC 254 30.93 -145.41 -15.02
CA MET EC 254 29.94 -145.90 -15.96
C MET EC 254 30.53 -146.97 -16.87
N PRO EC 255 29.74 -147.97 -17.27
CA PRO EC 255 30.22 -148.91 -18.30
C PRO EC 255 30.20 -148.30 -19.69
N GLU EC 256 31.21 -147.48 -19.99
CA GLU EC 256 31.22 -146.74 -21.25
C GLU EC 256 31.65 -147.63 -22.41
N LYS EC 257 31.27 -147.21 -23.61
CA LYS EC 257 31.60 -147.98 -24.81
C LYS EC 257 33.08 -147.87 -25.14
N ASN EC 258 33.65 -148.98 -25.60
CA ASN EC 258 35.07 -149.02 -25.92
C ASN EC 258 35.41 -148.09 -27.09
N ALA EC 259 34.48 -147.94 -28.03
CA ALA EC 259 34.72 -147.06 -29.18
C ALA EC 259 34.94 -145.62 -28.74
N HIS EC 260 34.22 -145.18 -27.71
CA HIS EC 260 34.42 -143.85 -27.14
C HIS EC 260 35.48 -143.83 -26.05
N SER EC 261 35.94 -145.00 -25.59
CA SER EC 261 37.01 -145.03 -24.60
C SER EC 261 38.38 -144.90 -25.25
N TYR EC 262 38.65 -145.69 -26.30
CA TYR EC 262 39.99 -145.66 -26.90
C TYR EC 262 40.27 -144.33 -27.59
N CYS EC 263 39.26 -143.71 -28.21
CA CYS EC 263 39.47 -142.44 -28.91
C CYS EC 263 40.00 -141.35 -28.01
N THR EC 264 39.75 -141.45 -26.70
CA THR EC 264 40.37 -140.54 -25.73
C THR EC 264 41.66 -141.11 -25.16
N MET EC 265 41.63 -142.35 -24.68
CA MET EC 265 42.78 -142.91 -24.00
C MET EC 265 44.00 -142.99 -24.93
N ILE EC 266 43.89 -143.77 -26.00
CA ILE EC 266 45.05 -144.06 -26.83
C ILE EC 266 45.65 -142.76 -27.39
N ARG EC 267 44.81 -141.75 -27.61
CA ARG EC 267 45.30 -140.45 -28.06
C ARG EC 267 45.90 -139.64 -26.92
N GLY EC 268 45.55 -139.93 -25.67
CA GLY EC 268 46.14 -139.21 -24.56
C GLY EC 268 47.49 -139.74 -24.11
N MET EC 269 47.58 -141.05 -23.90
CA MET EC 269 48.85 -141.58 -23.41
C MET EC 269 49.99 -141.51 -24.42
N VAL EC 270 49.72 -141.30 -25.71
CA VAL EC 270 50.84 -141.15 -26.64
C VAL EC 270 51.65 -139.90 -26.33
N LYS EC 271 50.97 -138.79 -26.03
CA LYS EC 271 51.68 -137.59 -25.59
C LYS EC 271 52.00 -137.65 -24.10
N HIS EC 272 51.30 -138.49 -23.33
CA HIS EC 272 51.66 -138.72 -21.93
C HIS EC 272 52.87 -139.63 -21.77
N GLN EC 273 53.36 -140.23 -22.87
CA GLN EC 273 54.56 -141.07 -22.87
C GLN EC 273 54.37 -142.33 -22.03
N ALA EC 274 53.29 -143.07 -22.30
CA ALA EC 274 53.01 -144.32 -21.62
C ALA EC 274 52.06 -145.18 -22.45
N PRO EC 275 52.60 -145.97 -23.39
CA PRO EC 275 51.76 -146.80 -24.24
C PRO EC 275 51.46 -148.20 -23.69
N THR EC 276 52.06 -148.57 -22.56
CA THR EC 276 51.89 -149.93 -22.04
C THR EC 276 50.45 -150.20 -21.61
N GLN EC 277 49.74 -149.18 -21.13
CA GLN EC 277 48.34 -149.38 -20.75
C GLN EC 277 47.40 -149.25 -21.94
N ALA EC 278 47.79 -148.52 -22.99
CA ALA EC 278 47.03 -148.56 -24.23
C ALA EC 278 47.10 -149.96 -24.85
N LEU EC 279 48.26 -150.60 -24.77
CA LEU EC 279 48.38 -151.98 -25.23
C LEU EC 279 47.45 -152.92 -24.48
N ASN EC 280 47.06 -152.58 -23.24
CA ASN EC 280 46.11 -153.40 -22.51
C ASN EC 280 44.67 -153.14 -22.93
N LEU EC 281 44.32 -151.86 -23.15
CA LEU EC 281 43.00 -151.55 -23.66
C LEU EC 281 42.77 -152.13 -25.06
N TYR EC 282 43.83 -152.32 -25.85
CA TYR EC 282 43.64 -153.04 -27.10
C TYR EC 282 43.13 -154.46 -26.89
N THR EC 283 43.73 -155.19 -25.94
CA THR EC 283 43.24 -156.53 -25.61
C THR EC 283 41.84 -156.49 -25.01
N VAL EC 284 41.55 -155.49 -24.19
CA VAL EC 284 40.20 -155.36 -23.63
C VAL EC 284 39.18 -155.17 -24.75
N LEU EC 285 39.49 -154.31 -25.72
CA LEU EC 285 38.63 -154.12 -26.88
C LEU EC 285 38.48 -155.38 -27.71
N LEU EC 286 39.58 -156.12 -27.92
CA LEU EC 286 39.49 -157.37 -28.66
C LEU EC 286 38.61 -158.40 -27.95
N ASN EC 287 38.70 -158.49 -26.62
CA ASN EC 287 37.87 -159.41 -25.87
C ASN EC 287 36.41 -158.98 -25.80
N ASN EC 288 36.14 -157.67 -25.84
CA ASN EC 288 34.77 -157.17 -25.74
C ASN EC 288 34.02 -157.23 -27.07
N ARG EC 289 34.52 -157.98 -28.05
CA ARG EC 289 33.86 -158.29 -29.31
C ARG EC 289 33.59 -157.07 -30.18
N LEU EC 290 34.07 -155.89 -29.78
CA LEU EC 290 33.87 -154.68 -30.57
C LEU EC 290 35.08 -154.47 -31.48
N ARG EC 291 34.80 -154.10 -32.74
CA ARG EC 291 35.87 -153.96 -33.72
C ARG EC 291 36.66 -152.68 -33.49
N ALA EC 292 37.92 -152.70 -33.92
CA ALA EC 292 38.81 -151.56 -33.77
C ALA EC 292 38.83 -150.75 -35.05
N ASP EC 293 38.69 -149.43 -34.93
CA ASP EC 293 38.62 -148.55 -36.08
C ASP EC 293 40.03 -148.28 -36.62
N VAL EC 294 40.11 -147.46 -37.67
CA VAL EC 294 41.39 -147.16 -38.29
C VAL EC 294 42.27 -146.34 -37.34
N TYR EC 295 41.67 -145.43 -36.58
CA TYR EC 295 42.43 -144.57 -35.68
C TYR EC 295 43.03 -145.34 -34.50
N THR EC 296 42.53 -146.53 -34.20
CA THR EC 296 43.16 -147.36 -33.17
C THR EC 296 44.52 -147.83 -33.62
N PHE EC 297 44.58 -148.48 -34.77
CA PHE EC 297 45.86 -148.93 -35.34
C PHE EC 297 46.72 -147.77 -35.81
N ASN EC 298 46.13 -146.59 -36.05
CA ASN EC 298 46.94 -145.42 -36.36
C ASN EC 298 47.87 -145.07 -35.20
N SER EC 299 47.44 -145.32 -33.97
CA SER EC 299 48.20 -144.97 -32.78
C SER EC 299 48.93 -146.15 -32.15
N LEU EC 300 48.35 -147.36 -32.22
CA LEU EC 300 48.96 -148.50 -31.55
C LEU EC 300 50.28 -148.92 -32.19
N ILE EC 301 50.37 -148.85 -33.51
CA ILE EC 301 51.61 -149.23 -34.18
C ILE EC 301 52.74 -148.29 -33.79
N GLU EC 302 52.49 -146.98 -33.73
CA GLU EC 302 53.50 -146.05 -33.27
C GLU EC 302 53.80 -146.22 -31.79
N ALA EC 303 52.78 -146.56 -30.99
CA ALA EC 303 52.99 -146.80 -29.57
C ALA EC 303 53.93 -147.97 -29.33
N THR EC 304 53.74 -149.08 -30.05
CA THR EC 304 54.64 -150.21 -29.91
C THR EC 304 55.96 -150.00 -30.65
N ALA EC 305 56.01 -149.09 -31.62
CA ALA EC 305 57.26 -148.82 -32.32
C ALA EC 305 58.22 -147.96 -31.49
N LEU EC 306 57.70 -146.95 -30.78
CA LEU EC 306 58.59 -146.05 -30.07
C LEU EC 306 59.30 -146.73 -28.91
N VAL EC 307 58.66 -147.69 -28.26
CA VAL EC 307 59.28 -148.43 -27.16
C VAL EC 307 60.24 -149.43 -27.77
N VAL EC 308 61.53 -149.19 -27.61
CA VAL EC 308 62.58 -150.06 -28.13
C VAL EC 308 63.60 -150.31 -27.03
N ASN EC 309 63.91 -151.57 -26.76
CA ASN EC 309 64.91 -151.97 -25.77
C ASN EC 309 65.76 -153.07 -26.40
N GLU EC 310 66.81 -152.67 -27.11
CA GLU EC 310 67.80 -153.55 -27.70
C GLU EC 310 67.22 -154.43 -28.81
N LYS EC 311 65.91 -154.36 -29.04
CA LYS EC 311 65.24 -155.19 -30.04
C LYS EC 311 64.31 -154.32 -30.87
N PHE EC 312 64.43 -154.41 -32.20
CA PHE EC 312 63.52 -153.74 -33.12
C PHE EC 312 62.71 -154.72 -33.95
N GLU EC 313 63.23 -155.91 -34.20
CA GLU EC 313 62.52 -156.90 -35.01
C GLU EC 313 61.23 -157.36 -34.36
N GLU EC 314 61.22 -157.56 -33.04
CA GLU EC 314 59.99 -157.93 -32.35
C GLU EC 314 58.94 -156.84 -32.45
N LYS EC 315 59.36 -155.58 -32.32
CA LYS EC 315 58.41 -154.47 -32.46
C LYS EC 315 57.86 -154.38 -33.88
N TRP EC 316 58.70 -154.59 -34.90
CA TRP EC 316 58.21 -154.62 -36.27
C TRP EC 316 57.25 -155.79 -36.50
N ASN EC 317 57.55 -156.95 -35.93
CA ASN EC 317 56.67 -158.10 -36.05
C ASN EC 317 55.33 -157.85 -35.37
N ASN EC 318 55.32 -157.10 -34.27
CA ASN EC 318 54.06 -156.72 -33.65
C ASN EC 318 53.21 -155.86 -34.59
N ILE EC 319 53.84 -154.90 -35.27
CA ILE EC 319 53.11 -154.08 -36.23
C ILE EC 319 52.60 -154.94 -37.38
N LEU EC 320 53.40 -155.90 -37.84
CA LEU EC 320 52.93 -156.81 -38.88
C LEU EC 320 51.74 -157.64 -38.43
N ASP EC 321 51.76 -158.14 -37.19
CA ASP EC 321 50.63 -158.89 -36.65
C ASP EC 321 49.38 -158.02 -36.55
N LEU EC 322 49.54 -156.77 -36.10
CA LEU EC 322 48.40 -155.86 -36.09
C LEU EC 322 47.88 -155.59 -37.50
N LEU EC 323 48.77 -155.46 -38.48
CA LEU EC 323 48.33 -155.25 -39.85
C LEU EC 323 47.54 -156.45 -40.38
N LYS EC 324 48.00 -157.67 -40.08
CA LYS EC 324 47.29 -158.84 -40.56
C LYS EC 324 45.97 -159.05 -39.83
N GLN EC 325 45.87 -158.61 -38.57
CA GLN EC 325 44.58 -158.63 -37.88
C GLN EC 325 43.67 -157.53 -38.39
N MET EC 326 44.24 -156.46 -38.95
CA MET EC 326 43.47 -155.33 -39.44
C MET EC 326 42.50 -155.75 -40.54
N VAL EC 327 42.97 -156.55 -41.50
CA VAL EC 327 42.10 -157.01 -42.58
C VAL EC 327 41.08 -158.02 -42.07
N THR EC 328 41.46 -158.84 -41.09
CA THR EC 328 40.52 -159.79 -40.51
C THR EC 328 39.38 -159.08 -39.79
N GLN EC 329 39.67 -157.95 -39.17
CA GLN EC 329 38.66 -157.22 -38.40
C GLN EC 329 37.70 -156.42 -39.30
N ASN EC 330 37.76 -156.66 -40.61
CA ASN EC 330 36.81 -156.13 -41.60
C ASN EC 330 36.83 -154.61 -41.69
N VAL EC 331 37.97 -153.97 -41.43
CA VAL EC 331 38.13 -152.53 -41.59
C VAL EC 331 39.30 -152.29 -42.54
N LYS EC 332 39.04 -151.55 -43.61
CA LYS EC 332 40.05 -151.29 -44.62
C LYS EC 332 41.15 -150.39 -44.06
N PRO EC 333 42.42 -150.70 -44.33
CA PRO EC 333 43.51 -149.81 -43.90
C PRO EC 333 43.50 -148.53 -44.73
N ASN EC 334 43.31 -147.41 -44.06
CA ASN EC 334 43.21 -146.13 -44.74
C ASN EC 334 44.59 -145.62 -45.16
N LEU EC 335 44.62 -144.41 -45.73
CA LEU EC 335 45.87 -143.79 -46.11
C LEU EC 335 46.75 -143.55 -44.90
N GLN EC 336 46.17 -143.05 -43.80
CA GLN EC 336 46.96 -142.65 -42.65
C GLN EC 336 47.58 -143.83 -41.91
N THR EC 337 47.00 -145.03 -42.02
CA THR EC 337 47.62 -146.20 -41.40
C THR EC 337 48.97 -146.50 -42.02
N PHE EC 338 49.02 -146.62 -43.35
CA PHE EC 338 50.29 -146.83 -44.02
C PHE EC 338 51.17 -145.60 -43.97
N ASN EC 339 50.57 -144.41 -43.78
CA ASN EC 339 51.38 -143.22 -43.53
C ASN EC 339 52.13 -143.33 -42.22
N THR EC 340 51.45 -143.78 -41.16
CA THR EC 340 52.06 -143.88 -39.84
C THR EC 340 53.05 -145.04 -39.75
N ILE EC 341 52.76 -146.17 -40.40
CA ILE EC 341 53.71 -147.28 -40.36
C ILE EC 341 55.03 -146.86 -41.01
N LEU EC 342 54.95 -146.03 -42.04
CA LEU EC 342 56.16 -145.51 -42.69
C LEU EC 342 56.82 -144.42 -41.86
N LYS EC 343 56.02 -143.58 -41.21
CA LYS EC 343 56.54 -142.57 -40.29
C LYS EC 343 57.29 -143.19 -39.12
N CYS EC 344 56.94 -144.41 -38.73
CA CYS EC 344 57.62 -145.09 -37.64
C CYS EC 344 59.00 -145.61 -38.01
N LEU EC 345 59.25 -145.86 -39.29
CA LEU EC 345 60.46 -146.56 -39.72
C LEU EC 345 61.66 -145.64 -39.95
N ARG EC 346 61.50 -144.32 -39.84
CA ARG EC 346 62.57 -143.41 -40.19
C ARG EC 346 63.56 -143.17 -39.06
N ARG EC 347 63.12 -143.25 -37.80
CA ARG EC 347 63.95 -142.87 -36.67
C ARG EC 347 64.75 -144.04 -36.08
N PHE EC 348 64.64 -145.24 -36.64
CA PHE EC 348 65.27 -146.42 -36.06
C PHE EC 348 66.35 -147.02 -36.94
N TYR EC 349 66.03 -147.35 -38.19
CA TYR EC 349 66.97 -147.99 -39.11
C TYR EC 349 67.18 -147.14 -40.35
N ALA EC 350 68.44 -147.02 -40.76
CA ALA EC 350 68.76 -146.48 -42.08
C ALA EC 350 68.68 -147.55 -43.16
N PHE EC 351 68.65 -148.82 -42.78
CA PHE EC 351 68.49 -149.94 -43.70
C PHE EC 351 67.06 -150.45 -43.75
N GLY EC 352 66.13 -149.74 -43.14
CA GLY EC 352 64.74 -150.13 -43.14
C GLY EC 352 63.94 -149.68 -44.33
N LYS EC 353 64.59 -149.32 -45.45
CA LYS EC 353 63.83 -148.86 -46.61
C LYS EC 353 63.19 -149.99 -47.39
N LEU EC 354 63.63 -151.23 -47.20
CA LEU EC 354 63.00 -152.33 -47.93
C LEU EC 354 61.53 -152.51 -47.54
N PRO EC 355 61.17 -152.60 -46.25
CA PRO EC 355 59.74 -152.60 -45.90
C PRO EC 355 59.04 -151.30 -46.26
N ALA EC 356 59.75 -150.16 -46.24
CA ALA EC 356 59.14 -148.90 -46.65
C ALA EC 356 58.72 -148.94 -48.12
N LEU EC 357 59.59 -149.42 -49.01
CA LEU EC 357 59.23 -149.59 -50.41
C LEU EC 357 58.15 -150.64 -50.58
N GLN EC 358 58.20 -151.71 -49.79
CA GLN EC 358 57.17 -152.74 -49.89
C GLN EC 358 55.79 -152.19 -49.55
N THR EC 359 55.68 -151.42 -48.46
CA THR EC 359 54.39 -150.83 -48.13
C THR EC 359 54.03 -149.68 -49.06
N LEU EC 360 55.02 -149.00 -49.65
CA LEU EC 360 54.74 -148.02 -50.69
C LEU EC 360 54.02 -148.67 -51.86
N ARG EC 361 54.54 -149.80 -52.35
CA ARG EC 361 53.86 -150.53 -53.41
C ARG EC 361 52.55 -151.15 -52.94
N GLU EC 362 52.46 -151.55 -51.66
CA GLU EC 362 51.21 -152.07 -51.13
C GLU EC 362 50.10 -151.03 -51.17
N MET EC 363 50.42 -149.76 -50.89
CA MET EC 363 49.47 -148.68 -51.09
C MET EC 363 48.95 -148.60 -52.52
N LYS EC 364 49.83 -148.63 -53.52
CA LYS EC 364 49.38 -148.57 -54.91
C LYS EC 364 48.57 -149.79 -55.31
N ALA EC 365 48.87 -150.95 -54.73
CA ALA EC 365 48.16 -152.18 -55.07
C ALA EC 365 46.68 -152.14 -54.72
N ILE EC 366 46.27 -151.31 -53.77
CA ILE EC 366 44.87 -151.26 -53.36
C ILE EC 366 44.04 -150.26 -54.17
N GLY EC 367 44.65 -149.15 -54.59
CA GLY EC 367 43.94 -148.14 -55.36
C GLY EC 367 43.83 -146.79 -54.70
N ILE EC 368 44.54 -146.55 -53.60
CA ILE EC 368 44.52 -145.27 -52.90
C ILE EC 368 45.73 -144.47 -53.34
N GLU EC 369 45.49 -143.25 -53.83
CA GLU EC 369 46.59 -142.40 -54.26
C GLU EC 369 47.31 -141.83 -53.03
N PRO EC 370 48.61 -142.10 -52.87
CA PRO EC 370 49.31 -141.60 -51.69
C PRO EC 370 49.42 -140.08 -51.68
N SER EC 371 49.44 -139.52 -50.47
CA SER EC 371 49.62 -138.09 -50.31
C SER EC 371 51.11 -137.75 -50.34
N LEU EC 372 51.43 -136.51 -49.99
CA LEU EC 372 52.80 -136.03 -50.12
C LEU EC 372 53.71 -136.58 -49.02
N ALA EC 373 53.20 -136.70 -47.80
CA ALA EC 373 54.04 -137.19 -46.69
C ALA EC 373 54.44 -138.64 -46.89
N THR EC 374 53.60 -139.43 -47.57
CA THR EC 374 53.92 -140.82 -47.84
C THR EC 374 55.20 -140.93 -48.68
N TYR EC 375 55.34 -140.06 -49.67
CA TYR EC 375 56.62 -139.99 -50.38
C TYR EC 375 57.69 -139.27 -49.57
N HIS EC 376 57.30 -138.31 -48.72
CA HIS EC 376 58.28 -137.53 -47.97
C HIS EC 376 59.10 -138.37 -47.01
N TYR EC 377 58.46 -139.29 -46.28
CA TYR EC 377 59.23 -140.12 -45.36
C TYR EC 377 60.17 -141.08 -46.08
N VAL EC 378 59.73 -141.62 -47.22
CA VAL EC 378 60.61 -142.44 -48.05
C VAL EC 378 61.81 -141.62 -48.50
N ILE EC 379 61.57 -140.39 -48.97
CA ILE EC 379 62.67 -139.54 -49.42
C ILE EC 379 63.57 -139.16 -48.25
N GLN EC 380 63.01 -139.02 -47.04
CA GLN EC 380 63.82 -138.71 -45.87
C GLN EC 380 64.78 -139.85 -45.55
N LEU EC 381 64.27 -141.09 -45.51
CA LEU EC 381 65.17 -142.21 -45.23
C LEU EC 381 66.17 -142.41 -46.37
N PHE EC 382 65.74 -142.19 -47.62
CA PHE EC 382 66.65 -142.26 -48.75
C PHE EC 382 67.73 -141.19 -48.65
N TYR EC 383 67.38 -140.00 -48.14
CA TYR EC 383 68.38 -138.97 -47.88
C TYR EC 383 69.36 -139.41 -46.81
N GLN EC 384 68.85 -140.08 -45.76
CA GLN EC 384 69.76 -140.60 -44.73
C GLN EC 384 70.75 -141.60 -45.32
N HIS EC 385 70.29 -142.46 -46.22
CA HIS EC 385 71.19 -143.43 -46.85
C HIS EC 385 71.93 -142.84 -48.05
N GLU EC 386 71.62 -141.60 -48.43
CA GLU EC 386 72.22 -141.00 -49.62
C GLU EC 386 73.65 -140.55 -49.40
N SER EC 387 74.01 -140.20 -48.16
CA SER EC 387 75.35 -139.70 -47.88
C SER EC 387 76.44 -140.74 -48.15
N PRO EC 388 76.29 -142.02 -47.73
CA PRO EC 388 77.36 -142.99 -48.01
C PRO EC 388 77.35 -143.48 -49.45
N SER EC 389 76.17 -143.65 -50.03
CA SER EC 389 76.02 -144.15 -51.40
C SER EC 389 75.07 -143.26 -52.16
N LYS EC 390 75.48 -142.84 -53.35
CA LYS EC 390 74.69 -141.94 -54.18
C LYS EC 390 73.69 -142.67 -55.08
N GLY EC 391 73.62 -144.00 -54.99
CA GLY EC 391 72.69 -144.73 -55.83
C GLY EC 391 71.24 -144.51 -55.48
N SER EC 392 70.95 -144.26 -54.21
CA SER EC 392 69.56 -144.00 -53.78
C SER EC 392 69.05 -142.66 -54.29
N SER EC 393 69.94 -141.73 -54.66
CA SER EC 393 69.51 -140.48 -55.26
C SER EC 393 68.74 -140.73 -56.55
N LEU EC 394 69.22 -141.67 -57.37
CA LEU EC 394 68.51 -142.02 -58.60
C LEU EC 394 67.16 -142.66 -58.33
N ILE EC 395 67.02 -143.44 -57.26
CA ILE EC 395 65.71 -143.95 -56.87
C ILE EC 395 64.78 -142.80 -56.50
N ILE EC 396 65.30 -141.83 -55.74
CA ILE EC 396 64.52 -140.64 -55.42
C ILE EC 396 64.08 -139.94 -56.70
N TYR EC 397 64.99 -139.80 -57.66
CA TYR EC 397 64.66 -139.12 -58.91
C TYR EC 397 63.60 -139.87 -59.70
N ASP EC 398 63.71 -141.19 -59.79
CA ASP EC 398 62.74 -141.95 -60.58
C ASP EC 398 61.37 -141.97 -59.92
N ILE EC 399 61.29 -142.03 -58.59
CA ILE EC 399 59.98 -141.95 -57.95
C ILE EC 399 59.40 -140.54 -58.10
N MET EC 400 60.25 -139.51 -58.01
CA MET EC 400 59.77 -138.14 -58.18
C MET EC 400 59.25 -137.90 -59.59
N ASN EC 401 59.90 -138.50 -60.59
CA ASN EC 401 59.44 -138.36 -61.97
C ASN EC 401 58.04 -138.90 -62.16
N GLU EC 402 57.71 -140.02 -61.52
CA GLU EC 402 56.36 -140.57 -61.55
C GLU EC 402 55.39 -139.77 -60.70
N VAL EC 403 55.84 -139.18 -59.60
CA VAL EC 403 54.96 -138.35 -58.77
C VAL EC 403 54.55 -137.07 -59.49
N MET EC 404 55.48 -136.41 -60.19
CA MET EC 404 55.21 -135.08 -60.72
C MET EC 404 54.32 -135.08 -61.96
N GLY EC 405 53.66 -136.20 -62.28
CA GLY EC 405 52.85 -136.29 -63.48
C GLY EC 405 51.40 -135.90 -63.34
N LYS EC 406 50.98 -135.39 -62.18
CA LYS EC 406 49.58 -135.07 -61.95
C LYS EC 406 49.47 -133.82 -61.09
N ARG EC 407 48.28 -133.22 -61.12
CA ARG EC 407 47.96 -132.08 -60.26
C ARG EC 407 47.49 -132.61 -58.92
N PHE EC 408 48.17 -132.20 -57.85
CA PHE EC 408 47.94 -132.74 -56.52
C PHE EC 408 47.09 -131.81 -55.67
N SER EC 409 46.63 -132.34 -54.54
CA SER EC 409 45.83 -131.59 -53.58
C SER EC 409 46.28 -131.92 -52.17
N PRO EC 410 46.62 -130.91 -51.35
CA PRO EC 410 47.11 -131.20 -50.00
C PRO EC 410 46.01 -131.65 -49.05
N ARG EC 411 45.63 -132.93 -49.13
CA ARG EC 411 44.59 -133.49 -48.28
C ARG EC 411 45.16 -134.13 -47.02
N ASP EC 412 46.44 -133.91 -46.71
CA ASP EC 412 47.08 -134.42 -45.51
C ASP EC 412 47.82 -133.28 -44.82
N PRO EC 413 47.62 -133.11 -43.51
CA PRO EC 413 48.28 -132.01 -42.79
C PRO EC 413 49.80 -132.12 -42.76
N ASP EC 414 50.35 -133.31 -42.96
CA ASP EC 414 51.79 -133.52 -42.89
C ASP EC 414 52.47 -133.37 -44.25
N ASP EC 415 51.86 -132.65 -45.18
CA ASP EC 415 52.39 -132.47 -46.52
C ASP EC 415 53.33 -131.27 -46.62
N ASP EC 416 53.77 -130.72 -45.49
CA ASP EC 416 54.57 -129.50 -45.50
C ASP EC 416 56.06 -129.79 -45.75
N MET EC 417 56.58 -130.84 -45.13
CA MET EC 417 58.01 -131.16 -45.19
C MET EC 417 58.44 -131.81 -46.51
N PHE EC 418 57.48 -132.22 -47.35
CA PHE EC 418 57.83 -132.94 -48.56
C PHE EC 418 58.75 -132.15 -49.46
N PHE EC 419 58.40 -130.89 -49.74
CA PHE EC 419 59.21 -130.11 -50.67
C PHE EC 419 60.56 -129.72 -50.07
N GLN EC 420 60.60 -129.48 -48.76
CA GLN EC 420 61.89 -129.32 -48.10
C GLN EC 420 62.80 -130.51 -48.35
N SER EC 421 62.31 -131.72 -48.09
CA SER EC 421 63.14 -132.90 -48.31
C SER EC 421 63.46 -133.11 -49.78
N ALA EC 422 62.50 -132.86 -50.67
CA ALA EC 422 62.66 -133.13 -52.09
C ALA EC 422 63.59 -132.14 -52.77
N MET EC 423 63.83 -130.98 -52.17
CA MET EC 423 64.91 -130.14 -52.68
C MET EC 423 66.19 -130.20 -51.86
N ARG EC 424 66.14 -130.66 -50.60
CA ARG EC 424 67.40 -130.91 -49.93
C ARG EC 424 68.15 -132.07 -50.57
N VAL EC 425 67.41 -133.08 -51.03
CA VAL EC 425 68.04 -134.18 -51.76
C VAL EC 425 68.72 -133.67 -53.03
N CYS EC 426 68.09 -132.72 -53.74
CA CYS EC 426 68.69 -132.17 -54.95
C CYS EC 426 69.82 -131.18 -54.66
N SER EC 427 69.70 -130.38 -53.59
CA SER EC 427 70.72 -129.40 -53.26
C SER EC 427 71.98 -130.04 -52.72
N SER EC 428 71.86 -131.13 -51.97
CA SER EC 428 73.05 -131.83 -51.48
C SER EC 428 73.87 -132.40 -52.63
N LEU EC 429 73.20 -132.97 -53.64
CA LEU EC 429 73.88 -133.61 -54.76
C LEU EC 429 74.02 -132.71 -55.98
N ARG EC 430 73.62 -131.45 -55.89
CA ARG EC 430 73.82 -130.46 -56.95
C ARG EC 430 73.17 -130.90 -58.27
N ASP EC 431 71.84 -130.98 -58.24
CA ASP EC 431 71.05 -131.44 -59.38
C ASP EC 431 70.02 -130.38 -59.75
N LEU EC 432 70.44 -129.42 -60.59
CA LEU EC 432 69.54 -128.38 -61.08
C LEU EC 432 68.52 -128.91 -62.09
N GLU EC 433 68.90 -129.93 -62.87
CA GLU EC 433 67.98 -130.47 -63.87
C GLU EC 433 66.70 -130.99 -63.23
N LEU EC 434 66.79 -131.47 -61.98
CA LEU EC 434 65.60 -131.83 -61.23
C LEU EC 434 65.18 -130.77 -60.22
N ALA EC 435 66.06 -129.83 -59.87
CA ALA EC 435 65.62 -128.70 -59.07
C ALA EC 435 64.55 -127.90 -59.81
N TYR EC 436 64.74 -127.72 -61.12
CA TYR EC 436 63.69 -127.09 -61.92
C TYR EC 436 62.39 -127.87 -61.87
N GLN EC 437 62.44 -129.20 -61.94
CA GLN EC 437 61.22 -129.99 -61.89
C GLN EC 437 60.55 -129.95 -60.53
N VAL EC 438 61.32 -129.88 -59.45
CA VAL EC 438 60.70 -129.73 -58.13
C VAL EC 438 60.06 -128.36 -58.00
N HIS EC 439 60.72 -127.33 -58.55
CA HIS EC 439 60.08 -126.01 -58.60
C HIS EC 439 58.79 -126.04 -59.40
N GLY EC 440 58.75 -126.85 -60.47
CA GLY EC 440 57.55 -126.96 -61.28
C GLY EC 440 56.47 -127.82 -60.68
N LEU EC 441 56.82 -128.71 -59.74
CA LEU EC 441 55.82 -129.57 -59.13
C LEU EC 441 54.83 -128.82 -58.26
N LEU EC 442 55.28 -127.82 -57.50
CA LEU EC 442 54.40 -127.19 -56.52
C LEU EC 442 53.38 -126.27 -57.19
N ASN EC 443 53.78 -125.53 -58.21
CA ASN EC 443 52.86 -124.64 -58.89
C ASN EC 443 51.89 -125.36 -59.82
N THR EC 444 52.07 -126.67 -59.99
CA THR EC 444 51.11 -127.45 -60.78
C THR EC 444 49.76 -127.51 -60.09
N GLY EC 445 49.74 -127.88 -58.81
CA GLY EC 445 48.52 -127.92 -58.05
C GLY EC 445 48.11 -126.59 -57.46
N ASP EC 446 48.97 -126.02 -56.63
CA ASP EC 446 48.73 -124.73 -56.01
C ASP EC 446 50.03 -124.15 -55.47
N ASN EC 447 50.27 -122.87 -55.76
CA ASN EC 447 51.55 -122.26 -55.46
C ASN EC 447 51.77 -122.03 -53.97
N TRP EC 448 50.71 -121.99 -53.17
CA TRP EC 448 50.83 -121.61 -51.76
C TRP EC 448 50.34 -122.65 -50.77
N LYS EC 449 49.39 -123.52 -51.14
CA LYS EC 449 48.75 -124.41 -50.17
C LYS EC 449 49.63 -125.61 -49.80
N LEU EC 450 50.93 -125.57 -50.09
CA LEU EC 450 51.79 -126.73 -49.88
C LEU EC 450 52.83 -126.57 -48.79
N ILE EC 451 53.21 -125.34 -48.44
CA ILE EC 451 54.22 -125.10 -47.40
C ILE EC 451 53.61 -124.17 -46.35
N GLY EC 452 53.58 -124.63 -45.10
CA GLY EC 452 52.89 -123.91 -44.05
C GLY EC 452 53.62 -122.71 -43.47
N SER EC 453 54.85 -122.90 -43.02
CA SER EC 453 55.58 -121.88 -42.27
C SER EC 453 56.61 -121.18 -43.14
N ASP EC 454 56.88 -119.92 -42.79
CA ASP EC 454 57.87 -119.11 -43.50
C ASP EC 454 59.30 -119.54 -43.21
N HIS EC 455 59.55 -120.12 -42.02
CA HIS EC 455 60.87 -120.65 -41.70
C HIS EC 455 61.32 -121.66 -42.75
N ARG EC 456 60.36 -122.39 -43.33
CA ARG EC 456 60.69 -123.39 -44.32
C ARG EC 456 60.70 -122.85 -45.74
N ARG EC 457 59.93 -121.80 -46.02
CA ARG EC 457 59.97 -121.18 -47.35
C ARG EC 457 61.27 -120.43 -47.56
N ASN EC 458 61.81 -119.82 -46.49
CA ASN EC 458 63.14 -119.21 -46.60
C ASN EC 458 64.20 -120.25 -46.95
N PHE EC 459 64.17 -121.40 -46.27
CA PHE EC 459 65.09 -122.49 -46.58
C PHE EC 459 64.86 -123.05 -47.99
N TYR EC 460 63.60 -123.16 -48.41
CA TYR EC 460 63.25 -123.46 -49.80
C TYR EC 460 64.04 -122.60 -50.77
N TYR EC 461 63.83 -121.28 -50.71
CA TYR EC 461 64.42 -120.40 -51.71
C TYR EC 461 65.93 -120.28 -51.58
N SER EC 462 66.48 -120.35 -50.36
CA SER EC 462 67.92 -120.28 -50.19
C SER EC 462 68.62 -121.43 -50.90
N LYS EC 463 68.12 -122.66 -50.72
CA LYS EC 463 68.76 -123.80 -51.37
C LYS EC 463 68.43 -123.87 -52.86
N PHE EC 464 67.31 -123.29 -53.30
CA PHE EC 464 67.10 -123.20 -54.74
C PHE EC 464 68.13 -122.27 -55.39
N PHE EC 465 68.29 -121.07 -54.84
CA PHE EC 465 69.19 -120.11 -55.47
C PHE EC 465 70.66 -120.41 -55.23
N ASN EC 466 70.97 -121.25 -54.23
CA ASN EC 466 72.35 -121.70 -54.06
C ASN EC 466 72.83 -122.48 -55.28
N LEU EC 467 71.96 -123.34 -55.81
CA LEU EC 467 72.23 -124.08 -57.04
C LEU EC 467 72.10 -123.23 -58.31
N LEU EC 468 71.02 -122.46 -58.40
CA LEU EC 468 70.72 -121.70 -59.60
C LEU EC 468 71.80 -120.70 -59.95
N CYS EC 469 72.55 -120.23 -58.96
CA CYS EC 469 73.54 -119.19 -59.20
C CYS EC 469 74.69 -119.75 -60.02
N PHE EC 470 75.16 -120.96 -59.68
CA PHE EC 470 76.40 -121.38 -60.27
C PHE EC 470 76.36 -122.64 -61.14
N MET EC 471 75.22 -123.33 -61.37
CA MET EC 471 75.26 -124.20 -62.55
C MET EC 471 74.93 -123.44 -63.83
N GLU EC 472 73.74 -122.84 -63.89
CA GLU EC 472 73.29 -122.32 -65.16
C GLU EC 472 73.93 -120.96 -65.43
N GLN EC 473 73.62 -120.40 -66.59
CA GLN EC 473 74.31 -119.21 -67.07
C GLN EC 473 73.99 -118.01 -66.18
N ILE EC 474 74.92 -117.04 -66.19
CA ILE EC 474 74.74 -115.80 -65.43
C ILE EC 474 73.50 -115.06 -65.92
N ASP EC 475 73.16 -115.19 -67.20
CA ASP EC 475 71.92 -114.58 -67.69
C ASP EC 475 70.71 -115.15 -66.99
N VAL EC 476 70.63 -116.48 -66.86
CA VAL EC 476 69.51 -117.10 -66.15
C VAL EC 476 69.54 -116.72 -64.67
N THR EC 477 70.73 -116.71 -64.07
CA THR EC 477 70.85 -116.34 -62.66
C THR EC 477 70.32 -114.93 -62.41
N LEU EC 478 70.70 -113.98 -63.26
CA LEU EC 478 70.24 -112.60 -63.09
C LEU EC 478 68.78 -112.45 -63.45
N LYS EC 479 68.27 -113.24 -64.41
CA LYS EC 479 66.86 -113.18 -64.74
C LYS EC 479 65.99 -113.67 -63.60
N TRP EC 480 66.44 -114.70 -62.87
CA TRP EC 480 65.70 -115.19 -61.71
C TRP EC 480 66.00 -114.40 -60.45
N TYR EC 481 67.11 -113.64 -60.41
CA TYR EC 481 67.45 -112.85 -59.23
C TYR EC 481 66.39 -111.80 -58.94
N LYS EC 482 66.00 -111.03 -59.95
CA LYS EC 482 65.00 -109.99 -59.75
C LYS EC 482 63.60 -110.57 -59.53
N ASP EC 483 63.41 -111.86 -59.75
CA ASP EC 483 62.10 -112.48 -59.62
C ASP EC 483 61.91 -113.24 -58.31
N LEU EC 484 62.97 -113.79 -57.74
CA LEU EC 484 62.86 -114.56 -56.51
C LEU EC 484 63.39 -113.82 -55.28
N ILE EC 485 64.41 -113.00 -55.44
CA ILE EC 485 65.08 -112.37 -54.31
C ILE EC 485 64.28 -111.21 -53.73
N PRO EC 486 63.85 -110.20 -54.50
CA PRO EC 486 63.12 -109.09 -53.90
C PRO EC 486 61.62 -109.30 -53.79
N SER EC 487 61.07 -110.32 -54.45
CA SER EC 487 59.63 -110.52 -54.51
C SER EC 487 59.14 -111.47 -53.43
N VAL EC 488 59.65 -112.70 -53.40
CA VAL EC 488 59.07 -113.73 -52.54
C VAL EC 488 59.65 -113.63 -51.13
N PHE EC 489 60.95 -113.85 -50.99
CA PHE EC 489 61.62 -113.72 -49.70
C PHE EC 489 63.05 -113.28 -49.91
N PHE EC 490 63.64 -112.71 -48.86
CA PHE EC 490 64.99 -112.17 -48.79
C PHE EC 490 65.98 -113.24 -48.33
N PRO EC 491 67.12 -113.32 -49.02
CA PRO EC 491 68.10 -114.38 -48.73
C PRO EC 491 68.53 -114.40 -47.27
N HIS EC 492 69.00 -115.57 -46.86
CA HIS EC 492 69.67 -115.75 -45.58
C HIS EC 492 71.17 -115.54 -45.80
N SER EC 493 71.98 -115.73 -44.76
CA SER EC 493 73.42 -115.53 -44.89
C SER EC 493 74.06 -116.53 -45.86
N GLN EC 494 73.49 -117.72 -46.00
CA GLN EC 494 74.08 -118.71 -46.89
C GLN EC 494 73.97 -118.29 -48.36
N THR EC 495 72.85 -117.68 -48.73
CA THR EC 495 72.58 -117.40 -50.14
C THR EC 495 73.52 -116.32 -50.69
N MET EC 496 73.89 -115.34 -49.87
CA MET EC 496 74.64 -114.19 -50.36
C MET EC 496 76.02 -114.58 -50.86
N ILE EC 497 76.66 -115.57 -50.22
CA ILE EC 497 77.97 -116.03 -50.66
C ILE EC 497 77.90 -116.65 -52.05
N ASP EC 498 76.78 -117.32 -52.36
CA ASP EC 498 76.62 -117.91 -53.68
C ASP EC 498 76.58 -116.85 -54.78
N LEU EC 499 76.06 -115.67 -54.48
CA LEU EC 499 76.15 -114.57 -55.45
C LEU EC 499 77.60 -114.25 -55.79
N LEU EC 500 78.45 -114.14 -54.78
CA LEU EC 500 79.86 -113.83 -54.98
C LEU EC 500 80.55 -114.94 -55.77
N GLN EC 501 80.26 -116.20 -55.42
CA GLN EC 501 80.86 -117.32 -56.14
C GLN EC 501 80.37 -117.40 -57.58
N ALA EC 502 79.14 -116.97 -57.87
CA ALA EC 502 78.65 -116.95 -59.24
C ALA EC 502 79.28 -115.84 -60.05
N LEU EC 503 79.44 -114.65 -59.46
CA LEU EC 503 80.11 -113.57 -60.17
C LEU EC 503 81.59 -113.84 -60.40
N ASP EC 504 82.30 -114.42 -59.43
CA ASP EC 504 83.74 -114.62 -59.57
C ASP EC 504 84.11 -115.61 -60.66
N VAL EC 505 83.34 -116.69 -60.82
CA VAL EC 505 83.71 -117.71 -61.80
C VAL EC 505 83.56 -117.18 -63.22
N ALA EC 506 82.53 -116.39 -63.47
CA ALA EC 506 82.29 -115.84 -64.81
C ALA EC 506 82.90 -114.47 -65.02
N ASN EC 507 83.50 -113.88 -63.98
CA ASN EC 507 84.16 -112.58 -64.08
C ASN EC 507 83.18 -111.49 -64.53
N ARG EC 508 82.13 -111.33 -63.72
CA ARG EC 508 81.09 -110.32 -63.95
C ARG EC 508 81.29 -109.21 -62.92
N LEU EC 509 81.50 -107.99 -63.41
CA LEU EC 509 81.80 -106.85 -62.54
C LEU EC 509 80.76 -105.73 -62.61
N ASP EC 510 80.02 -105.61 -63.71
CA ASP EC 510 79.05 -104.53 -63.84
C ASP EC 510 77.88 -104.68 -62.86
N MET EC 511 77.59 -105.90 -62.41
CA MET EC 511 76.48 -106.14 -61.50
C MET EC 511 76.88 -106.15 -60.04
N VAL EC 512 78.18 -106.07 -59.73
CA VAL EC 512 78.61 -106.06 -58.32
C VAL EC 512 78.04 -104.87 -57.57
N PRO EC 513 78.11 -103.62 -58.08
CA PRO EC 513 77.37 -102.54 -57.41
C PRO EC 513 75.86 -102.73 -57.41
N GLN EC 514 75.33 -103.49 -58.37
CA GLN EC 514 73.89 -103.74 -58.39
C GLN EC 514 73.48 -104.73 -57.31
N ILE EC 515 74.30 -105.76 -57.06
CA ILE EC 515 73.99 -106.69 -55.99
C ILE EC 515 74.32 -106.09 -54.63
N TRP EC 516 75.33 -105.21 -54.56
CA TRP EC 516 75.70 -104.63 -53.28
C TRP EC 516 74.63 -103.71 -52.72
N LYS EC 517 73.94 -102.95 -53.58
CA LYS EC 517 72.89 -102.07 -53.09
C LYS EC 517 71.72 -102.84 -52.52
N ASP EC 525 71.42 -104.03 -53.06
CA ASP EC 525 70.39 -104.87 -52.49
C ASP EC 525 70.87 -105.58 -51.24
N SER EC 526 72.15 -105.97 -51.19
CA SER EC 526 72.71 -106.56 -49.99
C SER EC 526 72.76 -105.58 -48.83
N LYS EC 527 72.90 -104.28 -49.12
CA LYS EC 527 72.87 -103.29 -48.05
C LYS EC 527 71.54 -103.31 -47.31
N GLU EC 528 70.43 -103.41 -48.05
CA GLU EC 528 69.12 -103.41 -47.43
C GLU EC 528 68.73 -104.79 -46.89
N TYR EC 529 69.18 -105.87 -47.52
CA TYR EC 529 68.74 -107.19 -47.09
C TYR EC 529 69.64 -107.81 -46.02
N GLY EC 530 70.96 -107.68 -46.12
CA GLY EC 530 71.85 -108.37 -45.21
C GLY EC 530 72.63 -107.46 -44.29
N HIS EC 531 71.96 -106.44 -43.74
CA HIS EC 531 72.62 -105.56 -42.79
C HIS EC 531 73.01 -106.30 -41.51
N THR EC 532 72.20 -107.27 -41.10
CA THR EC 532 72.53 -108.06 -39.91
C THR EC 532 73.80 -108.88 -40.12
N PHE EC 533 73.97 -109.44 -41.32
CA PHE EC 533 75.15 -110.23 -41.66
C PHE EC 533 76.26 -109.39 -42.29
N ARG EC 534 76.10 -108.07 -42.32
CA ARG EC 534 77.08 -107.22 -42.98
C ARG EC 534 78.45 -107.30 -42.30
N ASN EC 535 78.47 -107.35 -40.96
CA ASN EC 535 79.74 -107.38 -40.24
C ASN EC 535 80.49 -108.68 -40.45
N GLU EC 536 79.80 -109.77 -40.80
CA GLU EC 536 80.44 -111.06 -41.00
C GLU EC 536 80.56 -111.47 -42.45
N LEU EC 537 79.97 -110.72 -43.39
CA LEU EC 537 79.97 -111.09 -44.80
C LEU EC 537 80.60 -110.04 -45.71
N LYS EC 538 80.83 -108.82 -45.22
CA LYS EC 538 81.45 -107.79 -46.05
C LYS EC 538 82.87 -108.17 -46.45
N GLU EC 539 83.53 -109.02 -45.66
CA GLU EC 539 84.90 -109.40 -45.98
C GLU EC 539 85.00 -110.15 -47.30
N GLU EC 540 84.03 -110.99 -47.63
CA GLU EC 540 84.09 -111.81 -48.83
C GLU EC 540 83.41 -111.17 -50.04
N ILE EC 541 82.76 -110.01 -49.88
CA ILE EC 541 82.17 -109.37 -51.05
C ILE EC 541 83.20 -108.55 -51.80
N LEU EC 542 84.32 -108.20 -51.14
CA LEU EC 542 85.30 -107.31 -51.76
C LEU EC 542 86.50 -108.04 -52.34
N MET EC 543 86.64 -109.36 -52.15
CA MET EC 543 87.79 -110.02 -52.75
C MET EC 543 87.64 -110.23 -54.25
N LEU EC 544 86.40 -110.22 -54.78
CA LEU EC 544 86.22 -110.39 -56.22
C LEU EC 544 86.89 -109.29 -57.02
N MET EC 545 87.14 -108.13 -56.41
CA MET EC 545 87.77 -107.01 -57.11
C MET EC 545 89.26 -107.25 -57.33
N ALA EC 546 89.91 -108.00 -56.44
CA ALA EC 546 91.33 -108.28 -56.59
C ALA EC 546 91.61 -109.42 -57.57
N ARG EC 547 90.61 -110.23 -57.90
CA ARG EC 547 90.80 -111.33 -58.83
C ARG EC 547 90.63 -110.92 -60.28
N ASP EC 548 89.84 -109.88 -60.55
CA ASP EC 548 89.57 -109.43 -61.90
C ASP EC 548 90.38 -108.16 -62.20
N GLN EC 549 90.30 -107.71 -63.45
CA GLN EC 549 90.98 -106.51 -63.90
C GLN EC 549 90.07 -105.30 -63.70
N HIS EC 550 90.65 -104.12 -63.88
CA HIS EC 550 89.94 -102.86 -63.68
C HIS EC 550 89.86 -102.09 -65.00
N PRO EC 551 88.74 -102.17 -65.71
CA PRO EC 551 88.61 -101.43 -66.97
C PRO EC 551 88.58 -99.94 -66.73
N PRO EC 552 89.00 -99.13 -67.71
CA PRO EC 552 89.00 -97.67 -67.53
C PRO EC 552 87.62 -97.03 -67.61
N GLU EC 553 86.56 -97.82 -67.80
CA GLU EC 553 85.21 -97.26 -67.90
C GLU EC 553 84.40 -97.42 -66.62
N LEU EC 554 84.87 -98.20 -65.65
CA LEU EC 554 84.11 -98.51 -64.45
C LEU EC 554 84.73 -97.88 -63.20
N GLN EC 555 85.48 -96.79 -63.38
CA GLN EC 555 86.12 -96.12 -62.25
C GLN EC 555 85.10 -95.52 -61.29
N VAL EC 556 84.00 -94.98 -61.80
CA VAL EC 556 82.99 -94.41 -60.92
C VAL EC 556 82.29 -95.50 -60.10
N ALA EC 557 82.00 -96.65 -60.70
CA ALA EC 557 81.41 -97.75 -59.95
C ALA EC 557 82.40 -98.31 -58.93
N PHE EC 558 83.69 -98.34 -59.27
CA PHE EC 558 84.70 -98.75 -58.30
C PHE EC 558 84.80 -97.79 -57.14
N ALA EC 559 84.69 -96.48 -57.40
CA ALA EC 559 84.79 -95.48 -56.35
C ALA EC 559 83.56 -95.40 -55.45
N ASP EC 560 82.36 -95.50 -56.03
CA ASP EC 560 81.15 -95.28 -55.22
C ASP EC 560 80.98 -96.35 -54.15
N CYS EC 561 81.17 -97.62 -54.51
CA CYS EC 561 81.00 -98.70 -53.54
C CYS EC 561 82.01 -98.58 -52.40
N ALA EC 562 83.27 -98.31 -52.72
CA ALA EC 562 84.28 -98.13 -51.69
C ALA EC 562 83.98 -96.94 -50.80
N ALA EC 563 83.55 -95.81 -51.39
CA ALA EC 563 83.23 -94.64 -50.57
C ALA EC 563 82.07 -94.92 -49.64
N ASP EC 564 81.01 -95.56 -50.15
CA ASP EC 564 79.86 -95.89 -49.30
C ASP EC 564 80.22 -96.89 -48.21
N ILE EC 565 81.09 -97.85 -48.49
CA ILE EC 565 81.49 -98.81 -47.46
C ILE EC 565 82.34 -98.14 -46.39
N LYS EC 566 83.30 -97.30 -46.79
CA LYS EC 566 84.28 -96.79 -45.84
C LYS EC 566 83.81 -95.52 -45.12
N SER EC 567 82.79 -94.84 -45.63
CA SER EC 567 82.30 -93.64 -44.96
C SER EC 567 81.34 -93.94 -43.82
N THR EC 568 80.85 -95.17 -43.70
CA THR EC 568 79.89 -95.51 -42.67
C THR EC 568 80.54 -96.13 -41.44
N TYR EC 569 81.59 -96.93 -41.63
CA TYR EC 569 82.23 -97.61 -40.51
C TYR EC 569 83.05 -96.65 -39.65
N GLU EC 570 83.62 -95.61 -40.26
CA GLU EC 570 84.39 -94.63 -39.51
C GLU EC 570 83.51 -93.63 -38.76
N SER EC 571 82.21 -93.62 -39.02
CA SER EC 571 81.27 -92.73 -38.34
C SER EC 571 80.53 -93.43 -37.20
N GLN EC 572 80.90 -94.67 -36.88
CA GLN EC 572 80.26 -95.40 -35.80
C GLN EC 572 81.28 -95.74 -34.70
N PRO EC 579 81.86 -102.18 -35.73
CA PRO EC 579 82.24 -102.13 -37.14
C PRO EC 579 83.75 -102.21 -37.34
N GLU EC 580 84.31 -103.41 -37.14
CA GLU EC 580 85.75 -103.60 -37.31
C GLU EC 580 86.14 -103.38 -38.76
N TRP EC 581 87.24 -102.67 -38.98
CA TRP EC 581 87.70 -102.36 -40.32
C TRP EC 581 88.86 -103.27 -40.70
N PRO EC 582 88.67 -104.24 -41.59
CA PRO EC 582 89.76 -105.13 -41.97
C PRO EC 582 90.78 -104.42 -42.85
N ALA EC 583 91.99 -104.97 -42.86
CA ALA EC 583 93.08 -104.39 -43.63
C ALA EC 583 93.05 -104.78 -45.11
N SER EC 584 92.20 -105.74 -45.49
CA SER EC 584 92.16 -106.20 -46.87
C SER EC 584 91.46 -105.20 -47.80
N SER EC 585 90.54 -104.40 -47.28
CA SER EC 585 89.82 -103.44 -48.13
C SER EC 585 90.71 -102.30 -48.58
N LEU EC 586 91.76 -101.99 -47.81
CA LEU EC 586 92.71 -100.97 -48.24
C LEU EC 586 93.48 -101.43 -49.48
N ASN EC 587 93.87 -102.70 -49.53
CA ASN EC 587 94.51 -103.24 -50.71
C ASN EC 587 93.59 -103.21 -51.92
N TYR EC 588 92.27 -103.26 -51.70
CA TYR EC 588 91.31 -103.14 -52.79
C TYR EC 588 91.18 -101.70 -53.26
N VAL EC 589 91.01 -100.76 -52.33
CA VAL EC 589 90.85 -99.37 -52.72
C VAL EC 589 92.10 -98.83 -53.40
N ALA EC 590 93.29 -99.27 -52.95
CA ALA EC 590 94.52 -98.85 -53.60
C ALA EC 590 94.59 -99.31 -55.06
N VAL EC 591 94.25 -100.56 -55.35
CA VAL EC 591 94.28 -101.03 -56.73
C VAL EC 591 93.13 -100.41 -57.55
N LEU EC 592 91.99 -100.11 -56.93
CA LEU EC 592 90.94 -99.40 -57.66
C LEU EC 592 91.40 -98.02 -58.11
N PHE EC 593 92.04 -97.28 -57.22
CA PHE EC 593 92.46 -95.92 -57.56
C PHE EC 593 93.77 -95.86 -58.34
N LEU EC 594 94.57 -96.94 -58.34
CA LEU EC 594 95.80 -96.94 -59.11
C LEU EC 594 95.52 -96.83 -60.61
N ARG EC 595 94.65 -97.68 -61.13
CA ARG EC 595 94.32 -97.63 -62.55
C ARG EC 595 93.40 -96.45 -62.87
N ALA EC 596 92.69 -95.90 -61.88
CA ALA EC 596 91.88 -94.70 -62.10
C ALA EC 596 92.72 -93.43 -62.08
N GLY EC 597 93.95 -93.50 -61.57
CA GLY EC 597 94.82 -92.34 -61.56
C GLY EC 597 94.46 -91.29 -60.53
N ARG EC 598 93.73 -91.66 -59.49
CA ARG EC 598 93.31 -90.74 -58.43
C ARG EC 598 94.12 -91.07 -57.18
N THR EC 599 95.32 -90.50 -57.09
CA THR EC 599 96.18 -90.67 -55.92
C THR EC 599 95.73 -89.80 -54.76
N GLN EC 600 95.09 -88.66 -55.02
CA GLN EC 600 94.67 -87.75 -53.95
C GLN EC 600 93.70 -88.44 -53.00
N GLU EC 601 92.66 -89.07 -53.55
CA GLU EC 601 91.70 -89.78 -52.70
C GLU EC 601 92.26 -91.09 -52.17
N ALA EC 602 93.20 -91.71 -52.89
CA ALA EC 602 93.80 -92.95 -52.39
C ALA EC 602 94.69 -92.72 -51.19
N TRP EC 603 95.41 -91.60 -51.13
CA TRP EC 603 96.30 -91.32 -50.02
C TRP EC 603 95.58 -91.01 -48.71
N LYS EC 604 94.45 -90.30 -48.78
CA LYS EC 604 93.77 -89.90 -47.55
C LYS EC 604 93.27 -91.10 -46.76
N MET EC 605 92.73 -92.11 -47.44
CA MET EC 605 92.15 -93.25 -46.76
C MET EC 605 93.20 -94.20 -46.20
N LEU EC 606 94.44 -94.13 -46.70
CA LEU EC 606 95.49 -95.00 -46.16
C LEU EC 606 95.84 -94.63 -44.73
N GLY EC 607 95.96 -93.33 -44.44
CA GLY EC 607 96.33 -92.90 -43.11
C GLY EC 607 95.25 -93.07 -42.07
N LEU EC 608 93.98 -93.14 -42.50
CA LEU EC 608 92.88 -93.34 -41.55
C LEU EC 608 92.98 -94.69 -40.84
N PHE EC 609 93.60 -95.69 -41.47
CA PHE EC 609 93.82 -96.97 -40.82
C PHE EC 609 95.15 -97.03 -40.09
N ARG EC 610 96.17 -96.32 -40.58
CA ARG EC 610 97.41 -96.21 -39.83
C ARG EC 610 97.22 -95.48 -38.50
N LYS EC 611 96.23 -94.59 -38.43
CA LYS EC 611 95.83 -93.98 -37.18
C LYS EC 611 94.83 -94.82 -36.40
N HIS EC 612 94.44 -95.98 -36.93
CA HIS EC 612 93.50 -96.88 -36.26
C HIS EC 612 94.19 -97.92 -35.40
N ASN EC 613 95.43 -97.65 -34.99
CA ASN EC 613 96.19 -98.54 -34.10
C ASN EC 613 96.41 -99.93 -34.71
N LYS EC 614 96.48 -100.00 -36.04
CA LYS EC 614 96.77 -101.25 -36.72
C LYS EC 614 97.32 -100.94 -38.10
N ILE EC 615 98.29 -101.74 -38.54
CA ILE EC 615 99.00 -101.48 -39.79
C ILE EC 615 98.82 -102.66 -40.74
N PRO EC 616 98.54 -102.43 -42.02
CA PRO EC 616 98.41 -103.52 -42.98
C PRO EC 616 99.78 -104.06 -43.37
N ARG EC 617 99.78 -104.99 -44.32
CA ARG EC 617 101.02 -105.59 -44.79
C ARG EC 617 101.80 -104.60 -45.67
N ALA EC 618 103.08 -104.90 -45.86
CA ALA EC 618 103.97 -104.01 -46.61
C ALA EC 618 103.81 -104.14 -48.12
N GLU EC 619 103.12 -105.17 -48.61
CA GLU EC 619 102.81 -105.23 -50.03
C GLU EC 619 101.95 -104.06 -50.47
N LEU EC 620 100.99 -103.67 -49.62
CA LEU EC 620 100.19 -102.48 -49.90
C LEU EC 620 101.06 -101.23 -49.93
N LEU EC 621 102.01 -101.12 -49.00
CA LEU EC 621 102.89 -99.97 -48.97
C LEU EC 621 103.75 -99.91 -50.23
N ASN EC 622 104.28 -101.04 -50.68
CA ASN EC 622 105.04 -101.09 -51.92
C ASN EC 622 104.18 -100.73 -53.14
N GLU EC 623 102.95 -101.22 -53.19
CA GLU EC 623 102.06 -100.88 -54.30
C GLU EC 623 101.77 -99.39 -54.34
N PHE EC 624 101.49 -98.80 -53.17
CA PHE EC 624 101.23 -97.36 -53.13
C PHE EC 624 102.49 -96.55 -53.41
N LEU EC 625 103.66 -97.10 -53.07
CA LEU EC 625 104.91 -96.44 -53.44
C LEU EC 625 105.10 -96.44 -54.95
N ASP EC 626 104.76 -97.54 -55.61
CA ASP EC 626 104.77 -97.57 -57.07
C ASP EC 626 103.78 -96.56 -57.64
N SER EC 627 102.59 -96.47 -57.04
CA SER EC 627 101.61 -95.47 -57.47
C SER EC 627 102.14 -94.05 -57.31
N ALA EC 628 102.81 -93.75 -56.19
CA ALA EC 628 103.35 -92.42 -55.96
C ALA EC 628 104.48 -92.09 -56.92
N LYS EC 629 105.38 -93.04 -57.16
CA LYS EC 629 106.48 -92.80 -58.09
C LYS EC 629 105.99 -92.73 -59.53
N ALA EC 630 104.84 -93.32 -59.85
CA ALA EC 630 104.25 -93.12 -61.16
C ALA EC 630 103.77 -91.69 -61.37
N SER EC 631 103.24 -91.07 -60.32
CA SER EC 631 102.73 -89.70 -60.39
C SER EC 631 103.76 -88.66 -59.96
N SER EC 632 104.97 -89.09 -59.60
CA SER EC 632 106.06 -88.21 -59.20
C SER EC 632 105.67 -87.39 -57.97
N SER EC 633 105.39 -88.10 -56.88
CA SER EC 633 105.01 -87.49 -55.60
C SER EC 633 105.89 -88.09 -54.51
N PRO EC 634 107.13 -87.64 -54.38
CA PRO EC 634 108.01 -88.17 -53.33
C PRO EC 634 107.64 -87.75 -51.92
N ALA EC 635 106.76 -86.77 -51.75
CA ALA EC 635 106.40 -86.31 -50.41
C ALA EC 635 105.61 -87.36 -49.65
N GLN EC 636 104.88 -88.23 -50.36
CA GLN EC 636 104.10 -89.27 -49.68
C GLN EC 636 104.97 -90.41 -49.19
N ALA EC 637 106.04 -90.74 -49.91
CA ALA EC 637 106.89 -91.87 -49.55
C ALA EC 637 107.61 -91.68 -48.22
N ILE EC 638 108.06 -90.44 -47.93
CA ILE EC 638 108.74 -90.21 -46.66
C ILE EC 638 107.80 -90.44 -45.48
N GLU EC 639 106.56 -89.95 -45.57
CA GLU EC 639 105.60 -90.20 -44.51
C GLU EC 639 105.15 -91.66 -44.46
N LEU EC 640 105.16 -92.36 -45.60
CA LEU EC 640 104.89 -93.79 -45.58
C LEU EC 640 105.97 -94.54 -44.81
N VAL EC 641 107.24 -94.31 -45.15
CA VAL EC 641 108.33 -95.06 -44.53
C VAL EC 641 108.49 -94.67 -43.06
N LYS EC 642 108.29 -93.39 -42.72
CA LYS EC 642 108.46 -92.97 -41.33
C LYS EC 642 107.44 -93.65 -40.43
N LEU EC 643 106.19 -93.77 -40.87
CA LEU EC 643 105.14 -94.40 -40.08
C LEU EC 643 105.07 -95.90 -40.29
N ALA EC 644 105.86 -96.46 -41.20
CA ALA EC 644 105.97 -97.92 -41.32
C ALA EC 644 107.13 -98.51 -40.54
N SER EC 645 108.32 -97.90 -40.63
CA SER EC 645 109.48 -98.41 -39.90
C SER EC 645 109.31 -98.28 -38.39
N ALA EC 646 108.56 -97.28 -37.93
CA ALA EC 646 108.30 -97.16 -36.49
C ALA EC 646 107.43 -98.30 -35.97
N PHE EC 647 106.55 -98.85 -36.80
CA PHE EC 647 105.74 -100.00 -36.44
C PHE EC 647 106.34 -101.31 -36.91
N SER EC 648 107.50 -101.26 -37.56
CA SER EC 648 108.35 -102.44 -37.80
C SER EC 648 107.64 -103.48 -38.68
N LEU EC 649 107.36 -103.08 -39.92
CA LEU EC 649 106.82 -104.00 -40.89
C LEU EC 649 107.88 -105.04 -41.28
N PRO EC 650 107.47 -106.26 -41.65
CA PRO EC 650 108.46 -107.30 -41.97
C PRO EC 650 109.19 -107.06 -43.29
N VAL EC 651 108.72 -106.18 -44.15
CA VAL EC 651 109.33 -105.98 -45.46
C VAL EC 651 109.83 -104.54 -45.49
N CYS EC 652 110.23 -104.04 -44.31
CA CYS EC 652 110.84 -102.72 -44.24
C CYS EC 652 112.16 -102.66 -45.02
N GLU EC 653 112.87 -103.78 -45.12
CA GLU EC 653 114.12 -103.79 -45.88
C GLU EC 653 113.88 -103.51 -47.35
N GLY EC 654 112.78 -104.03 -47.92
CA GLY EC 654 112.43 -103.69 -49.29
C GLY EC 654 111.78 -102.34 -49.42
N LEU EC 655 111.03 -101.92 -48.39
CA LEU EC 655 110.45 -100.58 -48.41
C LEU EC 655 111.54 -99.51 -48.44
N THR EC 656 112.66 -99.74 -47.75
CA THR EC 656 113.78 -98.81 -47.78
C THR EC 656 114.46 -98.77 -49.15
N ARG EC 657 114.50 -99.89 -49.87
CA ARG EC 657 115.09 -99.89 -51.20
C ARG EC 657 114.19 -99.20 -52.21
N ARG EC 658 112.88 -99.41 -52.11
CA ARG EC 658 111.95 -98.77 -53.04
C ARG EC 658 111.97 -97.25 -52.89
N VAL EC 659 112.03 -96.73 -51.66
CA VAL EC 659 112.13 -95.28 -51.49
C VAL EC 659 113.45 -94.75 -52.02
N MET EC 660 114.55 -95.49 -51.90
CA MET EC 660 115.81 -95.06 -52.49
C MET EC 660 115.70 -94.96 -54.01
N ALA EC 661 115.09 -95.97 -54.63
CA ALA EC 661 114.90 -95.93 -56.08
C ALA EC 661 114.02 -94.76 -56.49
N GLU EC 662 112.91 -94.52 -55.76
CA GLU EC 662 112.02 -93.42 -56.08
C GLU EC 662 112.72 -92.07 -55.94
N PHE EC 663 113.50 -91.90 -54.86
CA PHE EC 663 114.23 -90.66 -54.65
C PHE EC 663 115.30 -90.43 -55.71
N THR EC 664 115.99 -91.50 -56.13
CA THR EC 664 116.91 -91.37 -57.25
C THR EC 664 116.20 -90.95 -58.52
N LEU EC 665 115.01 -91.52 -58.79
CA LEU EC 665 114.25 -91.13 -59.96
C LEU EC 665 113.83 -89.66 -59.91
N THR EC 666 113.36 -89.20 -58.75
CA THR EC 666 112.80 -87.86 -58.63
C THR EC 666 113.82 -86.82 -58.19
N GLN EC 667 115.10 -87.18 -58.08
CA GLN EC 667 116.18 -86.26 -57.70
C GLN EC 667 115.94 -85.70 -56.30
N GLU EC 668 115.80 -86.60 -55.34
CA GLU EC 668 115.63 -86.26 -53.93
C GLU EC 668 116.64 -87.00 -53.05
N GLN EC 669 117.91 -87.00 -53.46
CA GLN EC 669 118.94 -87.72 -52.72
C GLN EC 669 119.23 -87.08 -51.36
N ARG EC 670 119.08 -85.75 -51.25
CA ARG EC 670 119.22 -85.10 -49.95
C ARG EC 670 118.20 -85.67 -48.96
N GLU EC 671 116.94 -85.75 -49.36
CA GLU EC 671 115.93 -86.40 -48.54
C GLU EC 671 116.18 -87.89 -48.37
N ALA EC 672 116.78 -88.55 -49.37
CA ALA EC 672 117.10 -89.97 -49.23
C ALA EC 672 118.07 -90.19 -48.08
N LEU EC 673 119.09 -89.34 -47.98
CA LEU EC 673 119.99 -89.41 -46.83
C LEU EC 673 119.32 -88.95 -45.54
N GLY EC 674 118.43 -87.95 -45.62
CA GLY EC 674 117.75 -87.48 -44.43
C GLY EC 674 116.88 -88.55 -43.78
N GLU EC 675 116.14 -89.30 -44.59
CA GLU EC 675 115.32 -90.39 -44.03
C GLU EC 675 116.18 -91.50 -43.47
N LEU EC 676 117.35 -91.77 -44.06
CA LEU EC 676 118.28 -92.70 -43.44
C LEU EC 676 118.76 -92.21 -42.07
N THR EC 677 119.05 -90.92 -41.93
CA THR EC 677 119.36 -90.38 -40.62
C THR EC 677 118.19 -90.56 -39.64
N ALA EC 678 116.97 -90.29 -40.10
CA ALA EC 678 115.80 -90.42 -39.23
C ALA EC 678 115.58 -91.86 -38.77
N LEU EC 679 115.72 -92.83 -39.69
CA LEU EC 679 115.56 -94.22 -39.29
C LEU EC 679 116.71 -94.74 -38.46
N THR EC 680 117.92 -94.19 -38.64
CA THR EC 680 119.01 -94.53 -37.74
C THR EC 680 118.76 -93.99 -36.33
N SER EC 681 118.21 -92.79 -36.23
CA SER EC 681 117.89 -92.21 -34.93
C SER EC 681 116.68 -92.92 -34.31
N SER FC 49 86.09 -71.37 3.72
CA SER FC 49 87.45 -71.15 3.26
C SER FC 49 88.38 -72.24 3.77
N PRO FC 50 88.94 -73.04 2.86
CA PRO FC 50 89.81 -74.14 3.27
C PRO FC 50 91.21 -73.66 3.65
N TYR FC 51 91.69 -72.61 2.99
CA TYR FC 51 93.06 -72.12 3.20
C TYR FC 51 93.25 -71.61 4.63
N LYS FC 52 92.55 -70.54 4.98
CA LYS FC 52 92.54 -69.91 6.30
C LYS FC 52 93.87 -69.27 6.66
N ASP FC 53 94.92 -69.45 5.87
CA ASP FC 53 96.23 -68.90 6.20
C ASP FC 53 96.82 -68.11 5.02
N GLU FC 54 96.58 -68.60 3.80
CA GLU FC 54 97.22 -68.06 2.60
C GLU FC 54 96.13 -67.60 1.65
N PRO FC 55 95.68 -66.35 1.78
CA PRO FC 55 94.57 -65.87 0.94
C PRO FC 55 94.88 -65.87 -0.55
N TRP FC 56 96.14 -65.64 -0.96
CA TRP FC 56 96.46 -65.56 -2.37
C TRP FC 56 96.37 -66.91 -3.08
N LYS FC 57 96.32 -68.01 -2.34
CA LYS FC 57 96.16 -69.31 -2.97
C LYS FC 57 94.83 -69.40 -3.72
N TYR FC 58 93.76 -68.85 -3.14
CA TYR FC 58 92.48 -68.81 -3.86
C TYR FC 58 92.57 -67.97 -5.13
N LEU FC 59 93.23 -66.81 -5.05
CA LEU FC 59 93.39 -65.97 -6.23
C LEU FC 59 94.19 -66.68 -7.32
N ASP FC 60 95.18 -67.48 -6.93
CA ASP FC 60 95.94 -68.26 -7.90
C ASP FC 60 95.24 -69.55 -8.29
N SER FC 61 94.14 -69.91 -7.64
CA SER FC 61 93.45 -71.15 -7.93
C SER FC 61 92.63 -71.03 -9.22
N GLU FC 62 92.06 -72.15 -9.65
CA GLU FC 62 91.28 -72.21 -10.88
C GLU FC 62 89.82 -71.86 -10.68
N GLU FC 63 89.27 -72.09 -9.49
CA GLU FC 63 87.89 -71.73 -9.23
C GLU FC 63 87.68 -70.22 -9.19
N TYR FC 64 88.75 -69.46 -8.96
CA TYR FC 64 88.69 -68.01 -9.16
C TYR FC 64 88.77 -67.67 -10.64
N GLN FC 65 89.63 -68.36 -11.40
CA GLN FC 65 89.82 -68.04 -12.81
C GLN FC 65 88.61 -68.34 -13.65
N ASN FC 66 87.91 -69.45 -13.40
CA ASN FC 66 86.73 -69.78 -14.18
C ASN FC 66 85.52 -68.94 -13.80
N ARG FC 67 85.48 -68.42 -12.58
CA ARG FC 67 84.33 -67.63 -12.13
C ARG FC 67 84.50 -66.16 -12.49
N TYR FC 68 85.62 -65.56 -12.11
CA TYR FC 68 85.82 -64.14 -12.37
C TYR FC 68 86.71 -63.90 -13.59
N GLY FC 69 87.78 -64.68 -13.73
CA GLY FC 69 88.70 -64.49 -14.84
C GLY FC 69 89.60 -63.28 -14.67
N SER FC 70 89.78 -62.52 -15.75
CA SER FC 70 90.62 -61.33 -15.72
C SER FC 70 89.87 -60.09 -15.23
N ARG FC 71 88.58 -60.21 -14.92
CA ARG FC 71 87.74 -59.10 -14.47
C ARG FC 71 87.73 -59.00 -12.95
N PRO FC 72 87.55 -57.80 -12.41
CA PRO FC 72 87.47 -57.64 -10.95
C PRO FC 72 86.22 -58.31 -10.39
N VAL FC 73 86.25 -58.53 -9.08
CA VAL FC 73 85.15 -59.22 -8.41
C VAL FC 73 83.88 -58.37 -8.43
N TRP FC 74 84.01 -57.05 -8.55
CA TRP FC 74 82.87 -56.15 -8.52
C TRP FC 74 82.43 -55.70 -9.91
N ALA FC 75 82.99 -56.31 -10.96
CA ALA FC 75 82.65 -55.88 -12.32
C ALA FC 75 81.20 -56.23 -12.66
N ASP FC 76 80.75 -57.43 -12.28
CA ASP FC 76 79.40 -57.87 -12.59
C ASP FC 76 78.37 -57.48 -11.54
N TYR FC 77 78.80 -56.92 -10.41
CA TYR FC 77 77.88 -56.57 -9.34
C TYR FC 77 77.18 -55.25 -9.64
N ARG FC 78 75.86 -55.24 -9.50
CA ARG FC 78 75.05 -54.05 -9.70
C ARG FC 78 74.22 -53.81 -8.45
N ARG FC 79 74.24 -52.57 -7.95
CA ARG FC 79 73.56 -52.22 -6.71
C ARG FC 79 72.13 -51.79 -7.00
N ASN FC 80 71.20 -52.27 -6.16
CA ASN FC 80 69.80 -51.91 -6.28
C ASN FC 80 69.47 -50.79 -5.30
N HIS FC 81 68.76 -49.77 -5.78
CA HIS FC 81 68.42 -48.62 -4.97
C HIS FC 81 67.07 -48.08 -5.43
N LYS FC 82 66.75 -46.86 -4.99
CA LYS FC 82 65.41 -46.31 -5.13
C LYS FC 82 65.21 -45.49 -6.39
N GLY FC 83 66.26 -44.98 -7.00
CA GLY FC 83 66.15 -44.13 -8.17
C GLY FC 83 67.27 -44.38 -9.16
N GLY FC 84 67.62 -43.34 -9.90
CA GLY FC 84 68.72 -43.42 -10.84
C GLY FC 84 70.04 -43.02 -10.22
N ILE FC 85 69.98 -42.36 -9.07
CA ILE FC 85 71.16 -41.92 -8.34
C ILE FC 85 71.23 -42.71 -7.04
N PRO FC 86 72.24 -43.55 -6.84
CA PRO FC 86 72.30 -44.37 -5.63
C PRO FC 86 72.59 -43.51 -4.40
N PRO FC 87 72.17 -43.96 -3.22
CA PRO FC 87 72.49 -43.21 -2.00
C PRO FC 87 73.99 -43.15 -1.77
N GLN FC 88 74.45 -42.04 -1.19
CA GLN FC 88 75.87 -41.87 -0.92
C GLN FC 88 76.39 -42.84 0.13
N ARG FC 89 75.52 -43.35 0.99
CA ARG FC 89 75.89 -44.34 2.00
C ARG FC 89 75.33 -45.69 1.59
N THR FC 90 76.21 -46.68 1.43
CA THR FC 90 75.80 -48.02 1.05
C THR FC 90 75.27 -48.75 2.27
N ARG FC 91 75.02 -50.05 2.12
CA ARG FC 91 74.56 -50.85 3.25
C ARG FC 91 75.64 -50.93 4.33
N LYS FC 92 75.22 -50.77 5.58
CA LYS FC 92 76.17 -50.76 6.69
C LYS FC 92 76.84 -52.11 6.86
N MET FC 93 76.05 -53.14 7.15
CA MET FC 93 76.53 -54.50 7.25
C MET FC 93 75.42 -55.43 6.78
N CYS FC 94 75.76 -56.33 5.87
CA CYS FC 94 74.73 -57.17 5.25
C CYS FC 94 74.71 -58.57 5.85
N ILE FC 95 75.76 -58.97 6.56
CA ILE FC 95 75.88 -60.31 7.13
C ILE FC 95 75.72 -60.17 8.64
N ARG FC 96 74.51 -60.42 9.14
CA ARG FC 96 74.19 -60.31 10.55
C ARG FC 96 74.10 -61.72 11.12
N GLY FC 97 75.16 -62.15 11.79
CA GLY FC 97 75.21 -63.50 12.32
C GLY FC 97 75.32 -64.54 11.23
N ASN FC 98 74.24 -65.30 11.00
CA ASN FC 98 74.22 -66.29 9.95
C ASN FC 98 73.34 -65.90 8.76
N LYS FC 99 72.54 -64.85 8.89
CA LYS FC 99 71.62 -64.46 7.83
C LYS FC 99 72.31 -63.54 6.84
N VAL FC 100 72.06 -63.76 5.55
CA VAL FC 100 72.57 -62.91 4.49
C VAL FC 100 71.46 -61.98 4.03
N ALA FC 101 71.73 -60.67 4.03
CA ALA FC 101 70.71 -59.67 3.72
C ALA FC 101 70.60 -59.51 2.21
N GLY FC 102 69.72 -60.31 1.62
CA GLY FC 102 69.39 -60.16 0.21
C GLY FC 102 70.60 -60.38 -0.68
N ASN FC 103 70.75 -59.50 -1.67
CA ASN FC 103 71.85 -59.58 -2.62
C ASN FC 103 73.15 -59.19 -1.92
N PRO FC 104 74.13 -60.08 -1.86
CA PRO FC 104 75.36 -59.79 -1.15
C PRO FC 104 76.36 -59.05 -2.03
N CYS FC 105 77.50 -58.72 -1.43
CA CYS FC 105 78.50 -57.83 -1.99
C CYS FC 105 79.50 -58.61 -2.83
N PRO FC 106 80.29 -57.92 -3.67
CA PRO FC 106 81.20 -58.67 -4.57
C PRO FC 106 82.22 -59.55 -3.84
N ILE FC 107 82.90 -59.02 -2.81
CA ILE FC 107 83.84 -59.84 -2.05
C ILE FC 107 83.13 -60.61 -0.96
N CYS FC 108 81.84 -60.38 -0.81
CA CYS FC 108 81.16 -60.62 0.45
C CYS FC 108 80.03 -61.64 0.30
N ARG FC 109 79.72 -62.01 -0.94
CA ARG FC 109 78.82 -63.12 -1.27
C ARG FC 109 79.53 -64.46 -1.25
N ASP FC 110 80.86 -64.45 -1.35
CA ASP FC 110 81.68 -65.65 -1.38
C ASP FC 110 82.65 -65.62 -0.20
N GLN FC 111 82.68 -66.72 0.55
CA GLN FC 111 83.47 -66.77 1.77
C GLN FC 111 84.93 -67.09 1.51
N LYS FC 112 85.31 -67.38 0.26
CA LYS FC 112 86.70 -67.67 -0.08
C LYS FC 112 87.51 -66.41 -0.36
N LEU FC 113 86.89 -65.23 -0.34
CA LEU FC 113 87.61 -63.96 -0.42
C LEU FC 113 87.83 -63.46 1.00
N HIS FC 114 89.08 -63.53 1.45
CA HIS FC 114 89.49 -63.03 2.75
C HIS FC 114 90.16 -61.67 2.57
N VAL FC 115 89.66 -60.66 3.26
CA VAL FC 115 90.27 -59.34 3.23
C VAL FC 115 91.47 -59.38 4.18
N ASP FC 116 92.64 -59.06 3.65
CA ASP FC 116 93.89 -59.18 4.39
C ASP FC 116 94.95 -58.35 3.68
N PHE FC 117 96.08 -58.14 4.35
CA PHE FC 117 97.19 -57.36 3.81
C PHE FC 117 98.12 -58.18 2.93
N ARG FC 118 98.01 -59.51 2.96
CA ARG FC 118 98.98 -60.34 2.25
C ARG FC 118 98.63 -60.48 0.77
N ASN FC 119 97.34 -60.62 0.46
CA ASN FC 119 96.91 -60.81 -0.93
C ASN FC 119 96.85 -59.47 -1.64
N VAL FC 120 97.96 -59.08 -2.25
CA VAL FC 120 98.02 -57.81 -2.98
C VAL FC 120 97.14 -57.81 -4.22
N LYS FC 121 96.90 -58.98 -4.82
CA LYS FC 121 96.07 -59.04 -6.02
C LYS FC 121 94.64 -58.61 -5.74
N LEU FC 122 94.08 -59.04 -4.61
CA LEU FC 122 92.72 -58.62 -4.25
C LEU FC 122 92.66 -57.13 -3.93
N LEU FC 123 93.64 -56.62 -3.20
CA LEU FC 123 93.63 -55.20 -2.83
C LEU FC 123 93.90 -54.28 -4.02
N GLU FC 124 94.60 -54.76 -5.04
CA GLU FC 124 94.85 -53.94 -6.23
C GLU FC 124 93.57 -53.61 -6.99
N GLN FC 125 92.56 -54.48 -6.91
CA GLN FC 125 91.32 -54.23 -7.65
C GLN FC 125 90.58 -53.01 -7.11
N PHE FC 126 90.73 -52.70 -5.82
CA PHE FC 126 90.05 -51.58 -5.20
C PHE FC 126 90.87 -50.30 -5.20
N VAL FC 127 92.08 -50.34 -5.76
CA VAL FC 127 92.94 -49.16 -5.86
C VAL FC 127 93.18 -48.89 -7.34
N CYS FC 128 92.91 -47.65 -7.76
CA CYS FC 128 93.07 -47.30 -9.15
C CYS FC 128 94.54 -47.39 -9.55
N ALA FC 129 94.78 -47.97 -10.73
CA ALA FC 129 96.15 -48.14 -11.20
C ALA FC 129 96.78 -46.82 -11.67
N HIS FC 130 95.95 -45.87 -12.09
CA HIS FC 130 96.46 -44.61 -12.62
C HIS FC 130 96.52 -43.52 -11.56
N THR FC 131 95.40 -43.26 -10.89
CA THR FC 131 95.35 -42.20 -9.88
C THR FC 131 95.84 -42.67 -8.52
N GLY FC 132 95.78 -43.97 -8.24
CA GLY FC 132 96.27 -44.48 -6.98
C GLY FC 132 95.39 -44.22 -5.77
N ILE FC 133 94.11 -43.94 -5.99
CA ILE FC 133 93.19 -43.67 -4.90
C ILE FC 133 92.30 -44.89 -4.68
N ILE FC 134 91.79 -45.02 -3.46
CA ILE FC 134 90.92 -46.14 -3.11
C ILE FC 134 89.50 -45.84 -3.57
N PHE FC 135 88.91 -46.78 -4.32
CA PHE FC 135 87.54 -46.62 -4.77
C PHE FC 135 86.58 -46.62 -3.59
N HIS FC 136 85.54 -45.79 -3.67
CA HIS FC 136 84.60 -45.66 -2.56
C HIS FC 136 83.58 -46.79 -2.61
N ALA FC 137 82.79 -46.87 -1.53
CA ALA FC 137 81.76 -47.89 -1.45
C ALA FC 137 80.70 -47.78 -2.55
N PRO FC 138 80.16 -46.61 -2.89
CA PRO FC 138 79.27 -46.55 -4.06
C PRO FC 138 79.94 -46.97 -5.35
N TYR FC 139 81.26 -46.78 -5.47
CA TYR FC 139 81.96 -47.21 -6.68
C TYR FC 139 82.06 -48.74 -6.74
N THR FC 140 82.45 -49.36 -5.63
CA THR FC 140 82.66 -50.81 -5.65
C THR FC 140 81.35 -51.57 -5.46
N GLY FC 141 80.71 -51.40 -4.31
CA GLY FC 141 79.48 -52.10 -4.00
C GLY FC 141 79.49 -52.90 -2.71
N VAL FC 142 80.57 -52.86 -1.93
CA VAL FC 142 80.62 -53.66 -0.71
C VAL FC 142 79.92 -52.93 0.43
N CYS FC 143 79.46 -53.71 1.42
CA CYS FC 143 78.86 -53.09 2.58
C CYS FC 143 79.92 -52.34 3.38
N MET FC 144 79.46 -51.29 4.08
CA MET FC 144 80.37 -50.34 4.71
C MET FC 144 81.35 -51.00 5.67
N LYS FC 145 80.94 -52.09 6.33
CA LYS FC 145 81.87 -52.83 7.18
C LYS FC 145 83.06 -53.34 6.39
N GLN FC 146 82.80 -54.04 5.29
CA GLN FC 146 83.88 -54.49 4.42
C GLN FC 146 84.62 -53.34 3.77
N HIS FC 147 83.97 -52.18 3.61
CA HIS FC 147 84.67 -51.04 3.04
C HIS FC 147 85.71 -50.48 4.01
N LYS FC 148 85.33 -50.30 5.29
CA LYS FC 148 86.32 -49.84 6.26
C LYS FC 148 87.43 -50.86 6.43
N LYS FC 149 87.07 -52.16 6.47
CA LYS FC 149 88.11 -53.18 6.55
C LYS FC 149 89.02 -53.15 5.34
N LEU FC 150 88.47 -52.90 4.15
CA LEU FC 150 89.30 -52.77 2.95
C LEU FC 150 90.25 -51.59 3.06
N THR FC 151 89.77 -50.44 3.53
CA THR FC 151 90.64 -49.28 3.67
C THR FC 151 91.76 -49.55 4.68
N GLN FC 152 91.41 -50.14 5.83
CA GLN FC 152 92.42 -50.45 6.83
C GLN FC 152 93.45 -51.45 6.29
N ALA FC 153 92.99 -52.49 5.60
CA ALA FC 153 93.91 -53.47 5.03
C ALA FC 153 94.78 -52.86 3.94
N ILE FC 154 94.23 -51.99 3.11
CA ILE FC 154 95.03 -51.32 2.08
C ILE FC 154 96.11 -50.47 2.71
N GLN FC 155 95.77 -49.69 3.74
CA GLN FC 155 96.77 -48.89 4.42
C GLN FC 155 97.83 -49.76 5.10
N LYS FC 156 97.40 -50.86 5.73
CA LYS FC 156 98.32 -51.69 6.49
C LYS FC 156 99.24 -52.48 5.57
N ALA FC 157 98.77 -52.86 4.38
CA ALA FC 157 99.63 -53.46 3.38
C ALA FC 157 100.54 -52.45 2.70
N ARG FC 158 100.07 -51.21 2.53
CA ARG FC 158 100.95 -50.14 2.04
C ARG FC 158 102.10 -49.88 2.98
N ASP FC 159 101.84 -49.87 4.29
CA ASP FC 159 102.88 -49.64 5.28
C ASP FC 159 103.85 -50.81 5.39
N HIS FC 160 103.66 -51.88 4.62
CA HIS FC 160 104.58 -53.02 4.61
C HIS FC 160 105.28 -53.22 3.28
N GLY FC 161 105.08 -52.34 2.31
CA GLY FC 161 105.78 -52.45 1.04
C GLY FC 161 105.20 -53.45 0.07
N LEU FC 162 104.13 -54.14 0.43
CA LEU FC 162 103.50 -55.10 -0.48
C LEU FC 162 102.73 -54.38 -1.59
N LEU FC 163 102.08 -53.28 -1.25
CA LEU FC 163 101.28 -52.51 -2.18
C LEU FC 163 101.98 -51.19 -2.48
N ARG FC 164 102.15 -50.88 -3.76
CA ARG FC 164 102.85 -49.67 -4.17
C ARG FC 164 101.98 -48.44 -3.98
N TYR FC 165 102.64 -47.29 -3.86
CA TYR FC 165 101.96 -46.00 -3.75
C TYR FC 165 102.97 -44.90 -4.06
N HIS FC 166 102.46 -43.68 -4.16
CA HIS FC 166 103.30 -42.55 -4.58
C HIS FC 166 104.30 -42.19 -3.50
N ILE FC 167 105.56 -42.03 -3.90
CA ILE FC 167 106.63 -41.55 -3.04
C ILE FC 167 107.21 -40.29 -3.67
N PRO FC 168 106.77 -39.11 -3.25
CA PRO FC 168 107.33 -37.87 -3.79
C PRO FC 168 108.74 -37.63 -3.29
N GLN FC 169 109.47 -36.78 -4.01
CA GLN FC 169 110.81 -36.37 -3.63
C GLN FC 169 110.69 -35.21 -2.63
N VAL FC 170 111.13 -35.46 -1.40
CA VAL FC 170 111.00 -34.49 -0.31
C VAL FC 170 112.39 -33.94 0.01
N GLU FC 171 112.50 -32.62 0.05
CA GLU FC 171 113.76 -31.97 0.36
C GLU FC 171 114.13 -32.20 1.82
N PRO FC 172 115.42 -32.10 2.15
CA PRO FC 172 115.84 -32.27 3.54
C PRO FC 172 115.25 -31.20 4.45
N ARG FC 173 115.04 -31.57 5.72
CA ARG FC 173 114.41 -30.68 6.67
C ARG FC 173 115.22 -29.42 6.91
N ASP FC 174 116.54 -29.55 7.03
CA ASP FC 174 117.41 -28.44 7.39
C ASP FC 174 118.21 -27.97 6.19
N LEU FC 175 118.19 -26.65 5.96
CA LEU FC 175 118.98 -26.07 4.89
C LEU FC 175 120.47 -26.11 5.21
N ASP FC 176 120.84 -25.76 6.44
CA ASP FC 176 122.23 -25.78 6.89
C ASP FC 176 122.32 -26.66 8.14
N PHE FC 177 123.24 -27.60 8.12
CA PHE FC 177 123.44 -28.53 9.24
C PHE FC 177 124.61 -28.03 10.07
N SER FC 178 124.29 -27.50 11.25
CA SER FC 178 125.29 -26.93 12.16
C SER FC 178 125.06 -27.49 13.55
N THR FC 179 125.98 -28.34 14.00
CA THR FC 179 125.93 -28.94 15.34
C THR FC 179 126.66 -28.08 16.37
N THR FC 180 127.40 -27.06 15.92
CA THR FC 180 128.20 -26.23 16.81
C THR FC 180 127.37 -25.30 17.68
N HIS FC 181 126.07 -25.16 17.42
CA HIS FC 181 125.24 -24.29 18.23
C HIS FC 181 125.04 -24.89 19.63
N GLY FC 182 124.71 -24.02 20.57
CA GLY FC 182 124.50 -24.44 21.94
C GLY FC 182 123.22 -25.23 22.18
N ALA FC 183 122.32 -25.25 21.19
CA ALA FC 183 121.09 -26.02 21.34
C ALA FC 183 121.37 -27.52 21.41
N VAL FC 184 122.30 -28.01 20.60
CA VAL FC 184 122.60 -29.44 20.54
C VAL FC 184 123.92 -29.79 21.20
N SER FC 185 124.81 -28.82 21.39
CA SER FC 185 126.08 -29.07 22.06
C SER FC 185 125.95 -28.82 23.57
N SER FC 186 126.95 -29.27 24.31
CA SER FC 186 126.96 -29.09 25.75
C SER FC 186 127.24 -27.64 26.11
N THR FC 187 126.70 -27.21 27.26
CA THR FC 187 126.89 -25.86 27.78
C THR FC 187 127.84 -25.88 28.96
N PRO FC 188 128.59 -24.80 29.19
CA PRO FC 188 129.47 -24.73 30.36
C PRO FC 188 128.65 -24.76 31.64
N PRO FC 189 128.98 -25.66 32.57
CA PRO FC 189 128.17 -25.81 33.78
C PRO FC 189 128.28 -24.61 34.70
N ALA FC 190 127.24 -24.41 35.50
CA ALA FC 190 127.18 -23.30 36.44
C ALA FC 190 128.06 -23.59 37.67
N PRO FC 191 128.56 -22.54 38.32
CA PRO FC 191 129.30 -22.74 39.57
C PRO FC 191 128.47 -23.41 40.65
N THR FC 192 127.17 -23.12 40.71
CA THR FC 192 126.30 -23.81 41.65
C THR FC 192 125.99 -25.23 41.21
N LEU FC 193 126.03 -25.52 39.91
CA LEU FC 193 125.79 -26.87 39.43
C LEU FC 193 126.99 -27.77 39.70
N VAL FC 194 128.20 -27.27 39.49
CA VAL FC 194 129.39 -28.09 39.72
C VAL FC 194 129.64 -28.33 41.19
N SER FC 195 129.07 -27.51 42.08
CA SER FC 195 129.29 -27.66 43.50
C SER FC 195 128.30 -28.60 44.18
N GLY FC 196 127.14 -28.81 43.57
CA GLY FC 196 126.10 -29.63 44.17
C GLY FC 196 125.01 -28.85 44.89
N ASP FC 197 125.07 -27.53 44.88
CA ASP FC 197 124.15 -26.55 45.46
C ASP FC 197 122.95 -26.35 44.54
N PRO FC 198 121.75 -26.23 45.09
CA PRO FC 198 120.59 -25.88 44.25
C PRO FC 198 120.80 -24.56 43.51
N TRP FC 199 119.94 -24.34 42.52
CA TRP FC 199 120.12 -23.18 41.64
C TRP FC 199 120.02 -21.87 42.40
N TYR FC 200 119.07 -21.77 43.33
CA TYR FC 200 118.93 -20.55 44.10
C TYR FC 200 119.04 -20.84 45.59
N PRO FC 201 119.68 -19.94 46.35
CA PRO FC 201 119.93 -20.22 47.77
C PRO FC 201 118.67 -20.41 48.59
N TRP FC 202 117.53 -19.88 48.16
CA TRP FC 202 116.28 -20.02 48.89
C TRP FC 202 115.51 -21.28 48.50
N TYR FC 203 116.04 -22.09 47.57
CA TYR FC 203 115.40 -23.36 47.24
C TYR FC 203 115.43 -24.31 48.44
N SER FC 204 116.55 -24.36 49.16
CA SER FC 204 116.66 -25.25 50.30
C SER FC 204 115.84 -24.71 51.47
N TRP FC 205 115.49 -25.62 52.38
CA TRP FC 205 114.69 -25.29 53.56
C TRP FC 205 115.61 -24.86 54.68
N LYS FC 206 115.49 -23.61 55.12
CA LYS FC 206 116.29 -23.05 56.19
C LYS FC 206 115.45 -22.93 57.45
N GLN FC 207 116.06 -23.22 58.60
CA GLN FC 207 115.36 -23.17 59.86
C GLN FC 207 115.05 -21.73 60.24
N PRO FC 208 113.79 -21.37 60.45
CA PRO FC 208 113.45 -19.99 60.80
C PRO FC 208 113.92 -19.64 62.20
N PRO FC 209 114.17 -18.37 62.48
CA PRO FC 209 114.58 -17.98 63.84
C PRO FC 209 113.47 -18.20 64.86
N GLU FC 210 113.89 -18.51 66.08
CA GLU FC 210 112.93 -18.73 67.17
C GLU FC 210 112.18 -17.45 67.50
N ARG FC 211 112.85 -16.30 67.43
CA ARG FC 211 112.16 -15.03 67.70
C ARG FC 211 111.06 -14.78 66.67
N GLU FC 212 111.33 -15.04 65.39
CA GLU FC 212 110.30 -14.87 64.37
C GLU FC 212 109.20 -15.91 64.51
N LEU FC 213 109.53 -17.14 64.91
CA LEU FC 213 108.50 -18.13 65.17
C LEU FC 213 107.58 -17.68 66.30
N SER FC 214 108.15 -17.14 67.38
CA SER FC 214 107.34 -16.62 68.48
C SER FC 214 106.50 -15.43 68.04
N ARG FC 215 107.07 -14.54 67.21
CA ARG FC 215 106.31 -13.42 66.68
C ARG FC 215 105.12 -13.89 65.86
N LEU FC 216 105.30 -14.90 65.01
CA LEU FC 216 104.19 -15.47 64.26
C LEU FC 216 103.15 -16.10 65.18
N ARG FC 217 103.60 -16.89 66.15
CA ARG FC 217 102.70 -17.58 67.07
C ARG FC 217 101.89 -16.62 67.93
N ARG FC 218 102.44 -15.47 68.30
CA ARG FC 218 101.70 -14.47 69.06
C ARG FC 218 100.54 -13.91 68.26
N LEU FC 219 100.79 -13.52 67.00
CA LEU FC 219 99.74 -12.94 66.19
C LEU FC 219 98.70 -13.98 65.76
N TYR FC 220 99.12 -15.22 65.51
CA TYR FC 220 98.21 -16.25 65.03
C TYR FC 220 97.75 -17.19 66.14
N GLN FC 221 97.52 -16.65 67.34
CA GLN FC 221 97.01 -17.47 68.44
C GLN FC 221 95.60 -17.96 68.12
N GLY FC 222 95.29 -19.17 68.58
CA GLY FC 222 94.04 -19.83 68.29
C GLY FC 222 94.02 -20.56 66.97
N ARG FC 223 94.89 -20.17 66.04
CA ARG FC 223 95.02 -20.80 64.74
C ARG FC 223 96.32 -21.57 64.62
N LEU FC 224 96.98 -21.82 65.74
CA LEU FC 224 98.29 -22.47 65.74
C LEU FC 224 98.19 -23.92 65.30
N ARG FC 225 99.31 -24.46 64.85
CA ARG FC 225 99.39 -25.86 64.42
C ARG FC 225 100.71 -26.44 64.90
N GLU FC 226 100.82 -27.76 64.77
CA GLU FC 226 102.05 -28.45 65.12
C GLU FC 226 103.17 -28.04 64.17
N GLU FC 227 104.35 -27.82 64.72
CA GLU FC 227 105.50 -27.42 63.93
C GLU FC 227 106.07 -28.60 63.16
N SER FC 228 106.83 -28.29 62.12
CA SER FC 228 107.52 -29.29 61.32
C SER FC 228 108.89 -28.76 60.95
N GLY FC 229 109.93 -29.55 61.27
CA GLY FC 229 111.28 -29.15 61.00
C GLY FC 229 111.67 -29.32 59.54
N PRO FC 230 112.97 -29.43 59.26
CA PRO FC 230 113.42 -29.63 57.89
C PRO FC 230 112.90 -30.94 57.32
N PRO FC 231 112.41 -30.92 56.08
CA PRO FC 231 111.88 -32.15 55.48
C PRO FC 231 113.00 -33.11 55.11
N PRO FC 232 112.72 -34.41 55.06
CA PRO FC 232 113.74 -35.36 54.60
C PRO FC 232 114.12 -35.11 53.15
N GLU FC 233 115.38 -35.38 52.84
CA GLU FC 233 115.89 -35.10 51.50
C GLU FC 233 115.36 -36.10 50.47
N LEU FC 234 115.23 -37.36 50.87
CA LEU FC 234 114.83 -38.43 49.96
C LEU FC 234 113.48 -38.98 50.39
N MET FC 235 112.60 -39.23 49.41
CA MET FC 235 111.28 -39.78 49.70
C MET FC 235 111.35 -41.30 49.75
N PRO FC 236 111.01 -41.94 50.86
CA PRO FC 236 110.91 -43.40 50.87
C PRO FC 236 109.67 -43.86 50.13
N GLU FC 237 109.69 -45.12 49.70
CA GLU FC 237 108.57 -45.72 49.00
C GLU FC 237 107.70 -46.48 49.99
N VAL FC 238 106.67 -47.14 49.46
CA VAL FC 238 105.73 -47.89 50.29
C VAL FC 238 106.31 -49.27 50.62
N ILE GC 64 -38.27 -117.48 128.59
CA ILE GC 64 -37.58 -116.72 127.57
C ILE GC 64 -36.17 -116.36 128.02
N GLN GC 65 -36.01 -116.17 129.34
CA GLN GC 65 -34.67 -115.94 129.88
C GLN GC 65 -33.82 -117.20 129.79
N GLN GC 66 -34.43 -118.37 129.94
CA GLN GC 66 -33.71 -119.62 129.66
C GLN GC 66 -33.29 -119.70 128.20
N LEU GC 67 -34.14 -119.22 127.29
CA LEU GC 67 -33.76 -119.16 125.89
C LEU GC 67 -32.56 -118.24 125.68
N VAL GC 68 -32.56 -117.07 126.33
CA VAL GC 68 -31.45 -116.14 126.22
C VAL GC 68 -30.17 -116.77 126.74
N GLN GC 69 -30.25 -117.45 127.90
CA GLN GC 69 -29.08 -118.11 128.46
C GLN GC 69 -28.57 -119.22 127.55
N ASP GC 70 -29.48 -120.00 126.95
CA ASP GC 70 -29.05 -121.05 126.03
C ASP GC 70 -28.35 -120.47 124.81
N ILE GC 71 -28.90 -119.40 124.23
CA ILE GC 71 -28.25 -118.77 123.08
C ILE GC 71 -26.87 -118.23 123.48
N ALA GC 72 -26.78 -117.60 124.66
CA ALA GC 72 -25.50 -117.10 125.14
C ALA GC 72 -24.51 -118.21 125.48
N SER GC 73 -24.98 -119.42 125.78
CA SER GC 73 -24.10 -120.53 126.11
C SER GC 73 -23.71 -121.37 124.90
N LEU GC 74 -24.34 -121.14 123.75
CA LEU GC 74 -23.96 -121.83 122.52
C LEU GC 74 -22.65 -121.29 121.97
N THR GC 75 -21.99 -122.09 121.14
CA THR GC 75 -20.79 -121.66 120.45
C THR GC 75 -21.17 -121.12 119.07
N LEU GC 76 -20.15 -120.64 118.34
CA LEU GC 76 -20.39 -120.02 117.03
C LEU GC 76 -20.98 -121.01 116.05
N LEU GC 77 -20.49 -122.26 116.04
CA LEU GC 77 -21.02 -123.25 115.10
C LEU GC 77 -22.48 -123.57 115.40
N GLU GC 78 -22.83 -123.69 116.68
CA GLU GC 78 -24.21 -124.00 117.04
C GLU GC 78 -25.15 -122.86 116.67
N ILE GC 79 -24.77 -121.61 116.96
CA ILE GC 79 -25.63 -120.49 116.61
C ILE GC 79 -25.72 -120.31 115.09
N SER GC 80 -24.63 -120.60 114.38
CA SER GC 80 -24.68 -120.55 112.91
C SER GC 80 -25.62 -121.61 112.35
N ASP GC 81 -25.60 -122.81 112.92
CA ASP GC 81 -26.54 -123.84 112.52
C ASP GC 81 -27.98 -123.42 112.84
N LEU GC 82 -28.17 -122.78 114.00
CA LEU GC 82 -29.49 -122.24 114.32
C LEU GC 82 -29.94 -121.26 113.24
N ASN GC 83 -29.05 -120.37 112.83
CA ASN GC 83 -29.36 -119.41 111.76
C ASN GC 83 -29.72 -120.12 110.47
N GLU GC 84 -28.95 -121.16 110.11
CA GLU GC 84 -29.21 -121.86 108.86
C GLU GC 84 -30.57 -122.56 108.88
N LEU GC 85 -30.88 -123.27 109.96
CA LEU GC 85 -32.18 -123.93 110.07
C LEU GC 85 -33.32 -122.92 110.08
N LEU GC 86 -33.17 -121.80 110.79
CA LEU GC 86 -34.22 -120.79 110.80
C LEU GC 86 -34.44 -120.20 109.42
N LYS GC 87 -33.36 -119.91 108.68
CA LYS GC 87 -33.52 -119.30 107.36
C LYS GC 87 -34.04 -120.30 106.33
N LYS GC 88 -33.77 -121.60 106.50
CA LYS GC 88 -34.32 -122.58 105.58
C LYS GC 88 -35.73 -123.01 105.96
N THR GC 89 -36.16 -122.71 107.19
CA THR GC 89 -37.51 -123.07 107.61
C THR GC 89 -38.50 -121.93 107.36
N LEU GC 90 -38.22 -120.74 107.88
CA LEU GC 90 -39.12 -119.62 107.65
C LEU GC 90 -38.98 -119.08 106.23
N ILE HC 64 -30.96 -128.07 119.77
CA ILE HC 64 -31.16 -126.90 118.92
C ILE HC 64 -32.54 -126.95 118.25
N GLN HC 65 -33.01 -128.17 117.98
CA GLN HC 65 -34.36 -128.32 117.45
C GLN HC 65 -35.41 -127.97 118.51
N GLN HC 66 -35.12 -128.27 119.77
CA GLN HC 66 -35.98 -127.79 120.86
C GLN HC 66 -35.99 -126.27 120.90
N LEU HC 67 -34.84 -125.64 120.65
CA LEU HC 67 -34.79 -124.18 120.58
C LEU HC 67 -35.66 -123.66 119.44
N VAL HC 68 -35.60 -124.31 118.27
CA VAL HC 68 -36.41 -123.90 117.14
C VAL HC 68 -37.89 -124.04 117.47
N GLN HC 69 -38.27 -125.16 118.10
CA GLN HC 69 -39.67 -125.36 118.48
C GLN HC 69 -40.14 -124.33 119.50
N ASP HC 70 -39.29 -123.99 120.47
CA ASP HC 70 -39.64 -122.97 121.45
C ASP HC 70 -39.84 -121.61 120.79
N ILE HC 71 -38.94 -121.23 119.89
CA ILE HC 71 -39.10 -119.95 119.18
C ILE HC 71 -40.39 -119.96 118.35
N ALA HC 72 -40.68 -121.08 117.68
CA ALA HC 72 -41.90 -121.19 116.89
C ALA HC 72 -43.16 -121.22 117.75
N SER HC 73 -43.04 -121.62 119.02
CA SER HC 73 -44.19 -121.68 119.91
C SER HC 73 -44.41 -120.39 120.70
N LEU HC 74 -43.45 -119.46 120.66
CA LEU HC 74 -43.61 -118.17 121.31
C LEU HC 74 -44.57 -117.29 120.53
N THR HC 75 -45.13 -116.30 121.21
CA THR HC 75 -45.98 -115.30 120.57
C THR HC 75 -45.13 -114.08 120.18
N LEU HC 76 -45.78 -113.11 119.53
CA LEU HC 76 -45.06 -111.94 119.03
C LEU HC 76 -44.44 -111.14 120.18
N LEU HC 77 -45.17 -110.95 121.28
CA LEU HC 77 -44.62 -110.20 122.41
C LEU HC 77 -43.40 -110.89 123.00
N GLU HC 78 -43.45 -112.22 123.15
CA GLU HC 78 -42.32 -112.94 123.71
C GLU HC 78 -41.09 -112.87 122.81
N ILE HC 79 -41.27 -113.05 121.49
CA ILE HC 79 -40.12 -112.98 120.60
C ILE HC 79 -39.59 -111.55 120.50
N SER HC 80 -40.47 -110.55 120.60
CA SER HC 80 -40.01 -109.16 120.62
C SER HC 80 -39.19 -108.88 121.87
N ASP HC 81 -39.64 -109.39 123.02
CA ASP HC 81 -38.85 -109.25 124.24
C ASP HC 81 -37.51 -109.96 124.12
N LEU HC 82 -37.51 -111.14 123.48
CA LEU HC 82 -36.26 -111.83 123.20
C LEU HC 82 -35.32 -110.95 122.39
N ASN HC 83 -35.86 -110.30 121.35
CA ASN HC 83 -35.07 -109.39 120.53
C ASN HC 83 -34.52 -108.24 121.36
N GLU HC 84 -35.35 -107.66 122.22
CA GLU HC 84 -34.91 -106.52 123.02
C GLU HC 84 -33.80 -106.90 123.98
N LEU HC 85 -33.96 -108.03 124.70
CA LEU HC 85 -32.90 -108.47 125.60
C LEU HC 85 -31.62 -108.82 124.85
N LEU HC 86 -31.73 -109.48 123.70
CA LEU HC 86 -30.53 -109.80 122.93
C LEU HC 86 -29.82 -108.54 122.45
N LYS HC 87 -30.56 -107.53 121.98
CA LYS HC 87 -29.93 -106.32 121.47
C LYS HC 87 -29.36 -105.47 122.60
N LYS HC 88 -29.94 -105.53 123.81
CA LYS HC 88 -29.38 -104.78 124.92
C LYS HC 88 -28.25 -105.53 125.61
N THR HC 89 -28.13 -106.84 125.36
CA THR HC 89 -27.05 -107.62 125.97
C THR HC 89 -25.82 -107.67 125.08
N SER IC 39 -34.33 -0.18 -4.49
CA SER IC 39 -33.86 -1.50 -4.06
C SER IC 39 -34.20 -2.57 -5.09
N LYS IC 40 -34.95 -3.58 -4.65
CA LYS IC 40 -35.36 -4.67 -5.52
C LYS IC 40 -36.85 -4.71 -5.79
N ASN IC 41 -37.67 -4.18 -4.87
CA ASN IC 41 -39.12 -4.14 -5.03
C ASN IC 41 -39.51 -2.73 -5.48
N LEU IC 42 -39.97 -2.61 -6.72
CA LEU IC 42 -40.33 -1.33 -7.31
C LEU IC 42 -41.73 -1.42 -7.92
N GLY IC 43 -42.40 -0.28 -7.96
CA GLY IC 43 -43.71 -0.20 -8.58
C GLY IC 43 -44.85 -0.77 -7.77
N GLY IC 44 -44.64 -1.06 -6.49
CA GLY IC 44 -45.71 -1.62 -5.68
C GLY IC 44 -46.79 -0.64 -5.30
N LYS IC 45 -46.60 0.66 -5.56
CA LYS IC 45 -47.58 1.68 -5.21
C LYS IC 45 -48.60 1.80 -6.34
N SER IC 46 -49.88 1.67 -5.99
CA SER IC 46 -50.97 1.80 -6.94
C SER IC 46 -52.24 2.08 -6.15
N PRO IC 47 -52.95 3.15 -6.46
CA PRO IC 47 -54.17 3.47 -5.71
C PRO IC 47 -55.24 2.42 -5.90
N GLY IC 48 -56.09 2.27 -4.87
CA GLY IC 48 -57.22 1.37 -4.98
C GLY IC 48 -58.19 1.85 -6.04
N LYS IC 49 -58.84 0.89 -6.71
CA LYS IC 49 -59.76 1.18 -7.80
C LYS IC 49 -61.20 1.33 -7.32
N ARG IC 50 -61.43 1.28 -6.01
CA ARG IC 50 -62.77 1.44 -5.44
C ARG IC 50 -63.73 0.37 -5.97
N PHE IC 51 -63.22 -0.84 -6.16
CA PHE IC 51 -64.05 -1.96 -6.59
C PHE IC 51 -64.89 -2.43 -5.43
N GLY IC 52 -66.21 -2.25 -5.53
CA GLY IC 52 -67.08 -2.64 -4.44
C GLY IC 52 -68.53 -2.59 -4.85
N ILE IC 53 -69.40 -2.71 -3.85
CA ILE IC 53 -70.84 -2.71 -4.03
C ILE IC 53 -71.37 -1.33 -3.68
N LYS IC 54 -72.15 -0.75 -4.59
CA LYS IC 54 -72.64 0.63 -4.43
C LYS IC 54 -74.02 0.65 -3.77
N LYS IC 55 -74.98 -0.03 -4.37
CA LYS IC 55 -76.36 -0.02 -3.89
C LYS IC 55 -76.67 -1.33 -3.19
N MET IC 56 -77.23 -1.24 -1.98
CA MET IC 56 -77.60 -2.41 -1.19
C MET IC 56 -79.07 -2.74 -1.42
N GLU IC 57 -79.53 -3.80 -0.77
CA GLU IC 57 -80.92 -4.21 -0.89
C GLU IC 57 -81.84 -3.17 -0.28
N GLY IC 58 -82.94 -2.88 -0.98
CA GLY IC 58 -83.89 -1.89 -0.54
C GLY IC 58 -83.66 -0.49 -1.07
N HIS IC 59 -82.53 -0.25 -1.72
CA HIS IC 59 -82.23 1.07 -2.25
C HIS IC 59 -83.02 1.32 -3.54
N TYR IC 60 -83.70 2.46 -3.59
CA TYR IC 60 -84.48 2.84 -4.77
C TYR IC 60 -83.53 3.51 -5.77
N VAL IC 61 -83.40 2.92 -6.95
CA VAL IC 61 -82.49 3.42 -7.98
C VAL IC 61 -83.29 3.68 -9.24
N HIS IC 62 -82.65 4.36 -10.19
CA HIS IC 62 -83.22 4.65 -11.48
C HIS IC 62 -82.42 3.94 -12.57
N ALA IC 63 -82.89 4.06 -13.81
CA ALA IC 63 -82.20 3.44 -14.93
C ALA IC 63 -80.84 4.09 -15.14
N GLY IC 64 -79.83 3.27 -15.37
CA GLY IC 64 -78.48 3.75 -15.61
C GLY IC 64 -77.61 3.85 -14.37
N ASN IC 65 -78.18 3.70 -13.18
CA ASN IC 65 -77.39 3.75 -11.96
C ASN IC 65 -76.52 2.51 -11.85
N ILE IC 66 -75.24 2.71 -11.56
CA ILE IC 66 -74.31 1.58 -11.42
C ILE IC 66 -74.53 0.94 -10.06
N LEU IC 67 -75.04 -0.31 -10.07
CA LEU IC 67 -75.32 -1.01 -8.82
C LEU IC 67 -74.05 -1.49 -8.14
N ALA IC 68 -73.09 -2.01 -8.92
CA ALA IC 68 -71.85 -2.51 -8.34
C ALA IC 68 -70.79 -2.57 -9.43
N THR IC 69 -69.53 -2.45 -9.02
CA THR IC 69 -68.39 -2.61 -9.91
C THR IC 69 -67.43 -3.62 -9.30
N GLN IC 70 -66.72 -4.34 -10.15
CA GLN IC 70 -65.87 -5.43 -9.69
C GLN IC 70 -64.77 -5.68 -10.71
N ARG IC 71 -63.71 -6.35 -10.25
CA ARG IC 71 -62.64 -6.80 -11.12
C ARG IC 71 -62.89 -8.20 -11.65
N HIS IC 72 -63.25 -9.13 -10.77
CA HIS IC 72 -63.68 -10.46 -11.14
C HIS IC 72 -65.17 -10.61 -10.87
N PHE IC 73 -65.75 -11.66 -11.44
CA PHE IC 73 -67.20 -11.87 -11.35
C PHE IC 73 -67.55 -12.33 -9.93
N ARG IC 74 -67.92 -11.37 -9.09
CA ARG IC 74 -68.37 -11.66 -7.73
C ARG IC 74 -69.89 -11.65 -7.62
N TRP IC 75 -70.54 -10.62 -8.12
CA TRP IC 75 -71.99 -10.54 -8.19
C TRP IC 75 -72.41 -10.61 -9.66
N HIS IC 76 -73.33 -11.49 -9.98
CA HIS IC 76 -73.78 -11.57 -11.35
C HIS IC 76 -75.06 -10.77 -11.54
N PRO IC 77 -75.22 -10.13 -12.70
CA PRO IC 77 -76.48 -9.43 -12.98
C PRO IC 77 -77.60 -10.44 -13.20
N GLY IC 78 -78.80 -10.07 -12.77
CA GLY IC 78 -79.97 -10.89 -12.97
C GLY IC 78 -81.03 -10.17 -13.76
N ALA IC 79 -82.21 -10.04 -13.18
CA ALA IC 79 -83.30 -9.35 -13.85
C ALA IC 79 -83.07 -7.85 -13.84
N HIS IC 80 -83.22 -7.23 -15.02
CA HIS IC 80 -83.18 -5.79 -15.19
C HIS IC 80 -81.84 -5.18 -14.76
N VAL IC 81 -80.76 -5.93 -14.88
CA VAL IC 81 -79.42 -5.43 -14.58
C VAL IC 81 -78.51 -5.77 -15.75
N GLY IC 82 -77.92 -4.75 -16.36
CA GLY IC 82 -77.00 -4.96 -17.46
C GLY IC 82 -75.60 -5.28 -16.99
N LEU IC 83 -74.73 -5.53 -17.97
CA LEU IC 83 -73.34 -5.92 -17.70
C LEU IC 83 -72.44 -5.15 -18.65
N GLY IC 84 -71.71 -4.17 -18.10
CA GLY IC 84 -70.76 -3.43 -18.90
C GLY IC 84 -69.53 -4.25 -19.23
N LYS IC 85 -68.77 -3.76 -20.21
CA LYS IC 85 -67.59 -4.48 -20.68
C LYS IC 85 -66.50 -4.58 -19.62
N ASN IC 86 -66.58 -3.76 -18.57
CA ASN IC 86 -65.65 -3.85 -17.44
C ASN IC 86 -66.29 -4.56 -16.25
N LYS IC 87 -67.25 -5.45 -16.50
CA LYS IC 87 -67.90 -6.27 -15.49
C LYS IC 87 -68.66 -5.44 -14.45
N CYS IC 88 -69.05 -4.22 -14.78
CA CYS IC 88 -69.86 -3.41 -13.90
C CYS IC 88 -71.34 -3.71 -14.12
N LEU IC 89 -72.13 -3.52 -13.07
CA LEU IC 89 -73.55 -3.81 -13.08
C LEU IC 89 -74.34 -2.52 -12.92
N TYR IC 90 -75.22 -2.26 -13.87
CA TYR IC 90 -76.04 -1.05 -13.86
C TYR IC 90 -77.51 -1.41 -14.06
N ALA IC 91 -78.38 -0.76 -13.30
CA ALA IC 91 -79.81 -1.04 -13.40
C ALA IC 91 -80.35 -0.55 -14.74
N LEU IC 92 -81.21 -1.37 -15.35
CA LEU IC 92 -81.86 -1.02 -16.60
C LEU IC 92 -83.25 -0.41 -16.39
N GLU IC 93 -83.88 -0.71 -15.26
CA GLU IC 93 -85.19 -0.16 -14.92
C GLU IC 93 -85.12 0.49 -13.55
N GLU IC 94 -86.10 1.33 -13.27
CA GLU IC 94 -86.18 2.06 -12.01
C GLU IC 94 -86.96 1.23 -11.00
N GLY IC 95 -86.35 0.94 -9.85
CA GLY IC 95 -87.00 0.12 -8.85
C GLY IC 95 -86.17 -0.14 -7.61
N VAL IC 96 -86.40 -1.29 -6.98
CA VAL IC 96 -85.76 -1.65 -5.72
C VAL IC 96 -84.72 -2.73 -5.98
N VAL IC 97 -83.52 -2.53 -5.43
CA VAL IC 97 -82.41 -3.46 -5.63
C VAL IC 97 -82.59 -4.64 -4.67
N ARG IC 98 -82.37 -5.84 -5.17
CA ARG IC 98 -82.44 -7.06 -4.37
C ARG IC 98 -81.25 -7.95 -4.71
N TYR IC 99 -80.86 -8.79 -3.76
CA TYR IC 99 -79.76 -9.72 -3.93
C TYR IC 99 -80.23 -11.12 -3.58
N THR IC 100 -80.08 -12.05 -4.53
CA THR IC 100 -80.64 -13.39 -4.39
C THR IC 100 -79.60 -14.45 -4.70
N LYS IC 101 -79.69 -15.57 -3.99
CA LYS IC 101 -78.87 -16.74 -4.30
C LYS IC 101 -79.63 -17.61 -5.28
N GLU IC 102 -79.04 -17.85 -6.46
CA GLU IC 102 -79.72 -18.57 -7.53
C GLU IC 102 -78.78 -19.60 -8.13
N VAL IC 103 -79.36 -20.46 -8.98
CA VAL IC 103 -78.58 -21.47 -9.67
C VAL IC 103 -77.80 -20.83 -10.82
N TYR IC 104 -76.76 -21.52 -11.26
CA TYR IC 104 -75.87 -21.03 -12.31
C TYR IC 104 -75.92 -21.98 -13.50
N VAL IC 105 -76.53 -21.53 -14.59
CA VAL IC 105 -76.55 -22.29 -15.84
C VAL IC 105 -75.74 -21.51 -16.87
N PRO IC 106 -74.49 -21.90 -17.12
CA PRO IC 106 -73.62 -21.09 -17.98
C PRO IC 106 -73.96 -21.24 -19.46
N ASN IC 107 -73.42 -20.32 -20.24
CA ASN IC 107 -73.58 -20.37 -21.68
C ASN IC 107 -72.88 -21.61 -22.24
N PRO IC 108 -73.51 -22.33 -23.16
CA PRO IC 108 -72.85 -23.50 -23.77
C PRO IC 108 -71.60 -23.14 -24.55
N SER IC 109 -71.45 -21.89 -24.98
CA SER IC 109 -70.26 -21.47 -25.72
C SER IC 109 -69.05 -21.23 -24.83
N ASN IC 110 -69.26 -21.01 -23.53
CA ASN IC 110 -68.15 -20.75 -22.61
C ASN IC 110 -67.51 -22.08 -22.24
N SER IC 111 -66.37 -22.38 -22.87
CA SER IC 111 -65.77 -23.71 -22.78
C SER IC 111 -65.36 -24.06 -21.35
N GLU IC 112 -64.77 -23.10 -20.63
CA GLU IC 112 -64.30 -23.38 -19.27
C GLU IC 112 -65.46 -23.73 -18.35
N ALA IC 113 -66.53 -22.92 -18.38
CA ALA IC 113 -67.69 -23.20 -17.55
C ALA IC 113 -68.37 -24.49 -17.95
N VAL IC 114 -68.44 -24.78 -19.26
CA VAL IC 114 -69.04 -26.03 -19.70
C VAL IC 114 -68.24 -27.22 -19.19
N ASP IC 115 -66.90 -27.15 -19.27
CA ASP IC 115 -66.07 -28.25 -18.77
C ASP IC 115 -66.24 -28.43 -17.27
N LEU IC 116 -66.29 -27.32 -16.52
CA LEU IC 116 -66.54 -27.43 -15.08
C LEU IC 116 -67.88 -28.09 -14.81
N VAL IC 117 -68.91 -27.72 -15.58
CA VAL IC 117 -70.23 -28.29 -15.41
C VAL IC 117 -70.21 -29.80 -15.67
N THR IC 118 -69.58 -30.24 -16.75
CA THR IC 118 -69.52 -31.67 -17.03
C THR IC 118 -68.70 -32.41 -15.98
N ARG IC 119 -67.67 -31.77 -15.41
CA ARG IC 119 -66.91 -32.42 -14.36
C ARG IC 119 -67.59 -32.39 -13.00
N LEU IC 120 -68.65 -31.59 -12.86
CA LEU IC 120 -69.37 -31.57 -11.58
C LEU IC 120 -70.00 -32.93 -11.31
N PRO IC 121 -70.05 -33.36 -10.05
CA PRO IC 121 -70.69 -34.63 -9.72
C PRO IC 121 -72.21 -34.57 -9.90
N GLN IC 122 -72.83 -35.74 -9.78
CA GLN IC 122 -74.24 -35.89 -10.16
C GLN IC 122 -75.18 -35.03 -9.31
N GLY IC 123 -74.80 -34.70 -8.08
CA GLY IC 123 -75.70 -33.94 -7.22
C GLY IC 123 -75.33 -32.47 -7.08
N ALA IC 124 -74.23 -32.06 -7.70
CA ALA IC 124 -73.73 -30.70 -7.53
C ALA IC 124 -74.41 -29.75 -8.51
N VAL IC 125 -74.88 -28.61 -7.99
CA VAL IC 125 -75.45 -27.53 -8.80
C VAL IC 125 -74.78 -26.24 -8.37
N LEU IC 126 -74.23 -25.50 -9.33
CA LEU IC 126 -73.54 -24.26 -9.03
C LEU IC 126 -74.54 -23.20 -8.55
N TYR IC 127 -74.15 -22.44 -7.54
CA TYR IC 127 -74.94 -21.35 -7.01
C TYR IC 127 -74.15 -20.06 -7.04
N LYS IC 128 -74.82 -18.96 -7.40
CA LYS IC 128 -74.20 -17.66 -7.47
C LYS IC 128 -75.11 -16.63 -6.81
N THR IC 129 -74.55 -15.45 -6.59
CA THR IC 129 -75.28 -14.32 -6.03
C THR IC 129 -75.59 -13.32 -7.15
N PHE IC 130 -76.87 -13.11 -7.41
CA PHE IC 130 -77.32 -12.24 -8.48
C PHE IC 130 -77.98 -10.99 -7.90
N VAL IC 131 -77.81 -9.89 -8.61
CA VAL IC 131 -78.42 -8.61 -8.26
C VAL IC 131 -79.56 -8.34 -9.23
N HIS IC 132 -80.74 -8.03 -8.68
CA HIS IC 132 -81.95 -7.78 -9.44
C HIS IC 132 -82.49 -6.38 -9.11
N VAL IC 133 -83.31 -5.86 -10.01
CA VAL IC 133 -84.03 -4.62 -9.80
C VAL IC 133 -85.51 -4.92 -10.00
N VAL IC 134 -86.31 -4.74 -8.96
CA VAL IC 134 -87.75 -4.95 -9.05
C VAL IC 134 -88.40 -3.65 -9.48
N PRO IC 135 -88.97 -3.57 -10.69
CA PRO IC 135 -89.52 -2.31 -11.17
C PRO IC 135 -90.73 -1.88 -10.37
N ALA IC 136 -90.75 -0.61 -9.96
CA ALA IC 136 -91.86 -0.07 -9.19
C ALA IC 136 -92.81 0.76 -10.05
N LYS IC 137 -92.27 1.51 -11.00
CA LYS IC 137 -93.11 2.34 -11.85
C LYS IC 137 -93.75 1.52 -12.96
N PRO IC 138 -95.07 1.56 -13.10
CA PRO IC 138 -95.73 0.89 -14.23
C PRO IC 138 -95.21 1.41 -15.57
N GLU IC 139 -95.47 0.62 -16.61
CA GLU IC 139 -95.09 1.01 -17.96
C GLU IC 139 -95.76 2.31 -18.39
N GLY IC 140 -97.06 2.42 -18.16
CA GLY IC 140 -97.78 3.62 -18.57
C GLY IC 140 -99.23 3.52 -18.17
N THR IC 141 -99.95 4.60 -18.46
CA THR IC 141 -101.37 4.71 -18.15
C THR IC 141 -102.13 5.11 -19.40
N PHE IC 142 -103.34 4.60 -19.53
CA PHE IC 142 -104.21 4.93 -20.67
C PHE IC 142 -105.00 6.18 -20.31
N LYS IC 143 -104.54 7.32 -20.82
CA LYS IC 143 -105.19 8.60 -20.59
C LYS IC 143 -106.05 8.98 -21.79
N LEU IC 144 -107.13 9.69 -21.52
CA LEU IC 144 -108.02 10.14 -22.58
C LEU IC 144 -107.40 11.34 -23.28
N VAL IC 145 -107.36 11.31 -24.60
CA VAL IC 145 -106.82 12.41 -25.39
C VAL IC 145 -107.96 13.30 -25.88
N ALA IC 146 -108.89 12.71 -26.63
CA ALA IC 146 -110.01 13.47 -27.19
C ALA IC 146 -111.22 12.57 -27.30
N MET IC 147 -112.38 13.08 -26.90
CA MET IC 147 -113.64 12.36 -27.02
C MET IC 147 -114.30 12.77 -28.34
N LEU IC 148 -113.93 12.05 -29.39
CA LEU IC 148 -114.46 12.34 -30.73
C LEU IC 148 -115.64 11.43 -31.05
N PRO JC 2 -44.47 73.42 -3.56
CA PRO JC 2 -44.62 74.39 -4.65
C PRO JC 2 -44.37 73.78 -6.03
N LEU JC 3 -45.02 74.34 -7.05
CA LEU JC 3 -44.91 73.83 -8.41
C LEU JC 3 -44.58 74.98 -9.35
N HIS JC 4 -43.91 74.65 -10.46
CA HIS JC 4 -43.61 75.64 -11.48
C HIS JC 4 -44.89 76.10 -12.16
N LYS JC 5 -45.00 77.41 -12.38
CA LYS JC 5 -46.15 77.95 -13.10
C LYS JC 5 -46.16 77.46 -14.54
N VAL JC 6 -45.01 77.45 -15.20
CA VAL JC 6 -44.86 77.00 -16.57
C VAL JC 6 -44.12 75.66 -16.55
N PRO JC 7 -44.55 74.67 -17.32
CA PRO JC 7 -43.86 73.37 -17.32
C PRO JC 7 -42.47 73.49 -17.91
N VAL JC 8 -41.62 72.53 -17.54
CA VAL JC 8 -40.23 72.53 -17.97
C VAL JC 8 -40.11 72.44 -19.50
N GLY JC 9 -41.08 71.80 -20.17
CA GLY JC 9 -41.02 71.67 -21.61
C GLY JC 9 -41.10 72.98 -22.36
N LEU JC 10 -41.65 74.02 -21.74
CA LEU JC 10 -41.76 75.34 -22.35
C LEU JC 10 -40.65 76.29 -21.94
N TRP JC 11 -39.70 75.83 -21.13
CA TRP JC 11 -38.65 76.73 -20.65
C TRP JC 11 -37.79 77.24 -21.80
N LYS JC 12 -37.40 76.34 -22.71
CA LYS JC 12 -36.60 76.76 -23.86
C LYS JC 12 -37.36 77.74 -24.74
N GLN JC 13 -38.65 77.48 -24.97
CA GLN JC 13 -39.45 78.39 -25.78
C GLN JC 13 -39.58 79.77 -25.12
N LEU JC 14 -39.81 79.81 -23.81
CA LEU JC 14 -39.91 81.10 -23.15
C LEU JC 14 -38.58 81.85 -23.12
N ARG JC 15 -37.46 81.14 -22.95
CA ARG JC 15 -36.16 81.79 -23.11
C ARG JC 15 -35.96 82.33 -24.52
N LEU JC 16 -36.38 81.58 -25.54
CA LEU JC 16 -36.27 82.08 -26.91
C LEU JC 16 -37.19 83.27 -27.15
N TRP JC 17 -38.27 83.38 -26.38
CA TRP JC 17 -39.20 84.50 -26.52
C TRP JC 17 -38.73 85.76 -25.82
N GLU JC 18 -37.68 85.69 -25.00
CA GLU JC 18 -37.17 86.85 -24.28
C GLU JC 18 -35.67 86.99 -24.55
N GLY JC 19 -35.07 87.99 -23.91
CA GLY JC 19 -33.66 88.26 -24.12
C GLY JC 19 -33.41 88.77 -25.53
N ILE JC 20 -32.18 88.54 -26.01
CA ILE JC 20 -31.84 88.93 -27.38
C ILE JC 20 -32.44 87.98 -28.41
N TYR JC 21 -32.87 86.78 -27.98
CA TYR JC 21 -33.52 85.86 -28.91
C TYR JC 21 -34.76 86.46 -29.52
N SER JC 22 -35.41 87.40 -28.83
CA SER JC 22 -36.55 88.11 -29.39
C SER JC 22 -36.14 89.10 -30.46
N ARG JC 23 -34.93 89.65 -30.38
CA ARG JC 23 -34.44 90.60 -31.37
C ARG JC 23 -33.95 89.92 -32.64
N LEU JC 24 -33.92 88.59 -32.68
CA LEU JC 24 -33.51 87.88 -33.88
C LEU JC 24 -34.55 88.09 -34.98
N PRO JC 25 -34.13 87.99 -36.25
CA PRO JC 25 -35.07 88.20 -37.35
C PRO JC 25 -36.22 87.21 -37.32
N ARG JC 26 -37.40 87.69 -37.71
CA ARG JC 26 -38.62 86.88 -37.63
C ARG JC 26 -38.58 85.71 -38.61
N HIS JC 27 -37.97 85.90 -39.79
CA HIS JC 27 -37.85 84.77 -40.71
C HIS JC 27 -36.98 83.67 -40.13
N TYR JC 28 -35.88 84.05 -39.47
CA TYR JC 28 -35.04 83.06 -38.78
C TYR JC 28 -35.81 82.37 -37.67
N LEU JC 29 -36.57 83.13 -36.89
CA LEU JC 29 -37.34 82.55 -35.80
C LEU JC 29 -38.38 81.56 -36.31
N ARG JC 30 -39.06 81.91 -37.41
CA ARG JC 30 -40.04 81.01 -37.99
C ARG JC 30 -39.41 79.79 -38.64
N SER JC 31 -38.23 79.94 -39.24
CA SER JC 31 -37.51 78.78 -39.77
C SER JC 31 -37.11 77.82 -38.66
N LEU JC 32 -36.67 78.35 -37.52
CA LEU JC 32 -36.29 77.49 -36.41
C LEU JC 32 -37.49 76.90 -35.66
N GLU JC 33 -38.62 77.60 -35.64
CA GLU JC 33 -39.78 77.09 -34.91
C GLU JC 33 -40.32 75.81 -35.53
N GLU JC 34 -40.42 75.76 -36.85
CA GLU JC 34 -41.00 74.59 -37.51
C GLU JC 34 -40.07 73.40 -37.36
N ALA JC 35 -40.66 72.24 -37.06
CA ALA JC 35 -39.93 70.99 -36.91
C ALA JC 35 -40.45 70.03 -37.98
N ARG JC 36 -39.86 70.10 -39.17
CA ARG JC 36 -40.27 69.23 -40.27
C ARG JC 36 -39.74 67.82 -40.05
N THR JC 37 -40.56 66.85 -40.39
CA THR JC 37 -40.16 65.45 -40.26
C THR JC 37 -39.15 65.11 -41.35
N PRO JC 38 -37.95 64.63 -40.99
CA PRO JC 38 -36.97 64.29 -42.02
C PRO JC 38 -37.39 63.05 -42.80
N THR JC 39 -36.79 62.91 -43.98
CA THR JC 39 -37.12 61.78 -44.84
C THR JC 39 -36.65 60.47 -44.19
N PRO JC 40 -37.38 59.37 -44.39
CA PRO JC 40 -36.94 58.08 -43.86
C PRO JC 40 -35.69 57.61 -44.58
N VAL JC 41 -34.60 57.47 -43.82
CA VAL JC 41 -33.30 57.06 -44.36
C VAL JC 41 -32.98 55.61 -43.99
N HIS JC 42 -33.36 55.18 -42.79
CA HIS JC 42 -33.12 53.81 -42.35
C HIS JC 42 -34.41 52.99 -42.30
N TYR JC 43 -35.43 53.48 -41.59
CA TYR JC 43 -36.70 52.78 -41.53
C TYR JC 43 -37.47 52.96 -42.85
N ARG JC 44 -38.19 51.91 -43.24
CA ARG JC 44 -38.97 51.97 -44.47
C ARG JC 44 -40.44 52.20 -44.12
N PRO JC 45 -41.00 53.36 -44.42
CA PRO JC 45 -42.39 53.63 -44.05
C PRO JC 45 -43.38 52.90 -44.94
N HIS JC 46 -44.57 52.68 -44.38
CA HIS JC 46 -45.68 52.12 -45.13
C HIS JC 46 -46.46 53.23 -45.81
N GLY JC 47 -47.09 52.90 -46.93
CA GLY JC 47 -47.77 53.89 -47.74
C GLY JC 47 -49.03 54.45 -47.12
N ALA JC 48 -50.07 53.62 -47.00
CA ALA JC 48 -51.37 54.09 -46.54
C ALA JC 48 -51.37 54.26 -45.01
N LYS JC 49 -52.30 55.08 -44.54
CA LYS JC 49 -52.50 55.26 -43.11
C LYS JC 49 -53.24 54.10 -42.46
N PHE JC 50 -54.02 53.35 -43.23
CA PHE JC 50 -54.85 52.26 -42.72
C PHE JC 50 -54.37 50.95 -43.35
N LYS JC 51 -54.65 49.84 -42.67
CA LYS JC 51 -54.18 48.55 -43.14
C LYS JC 51 -55.10 47.45 -42.61
N ILE JC 52 -55.23 46.38 -43.39
CA ILE JC 52 -56.00 45.21 -42.97
C ILE JC 52 -55.07 44.26 -42.24
N ASN JC 53 -55.40 43.92 -41.00
CA ASN JC 53 -54.55 43.05 -40.22
C ASN JC 53 -54.64 41.63 -40.76
N PRO JC 54 -53.53 41.01 -41.19
CA PRO JC 54 -53.63 39.66 -41.78
C PRO JC 54 -54.18 38.60 -40.84
N LYS JC 55 -53.96 38.73 -39.53
CA LYS JC 55 -54.49 37.75 -38.59
C LYS JC 55 -55.90 38.08 -38.13
N ASN JC 56 -56.23 39.37 -38.01
CA ASN JC 56 -57.54 39.77 -37.53
C ASN JC 56 -58.53 40.02 -38.65
N TRP JC 57 -58.05 40.29 -39.87
CA TRP JC 57 -58.90 40.58 -41.02
C TRP JC 57 -59.83 41.77 -40.73
N GLN JC 58 -59.26 42.80 -40.11
CA GLN JC 58 -60.00 44.02 -39.79
C GLN JC 58 -59.14 45.23 -40.10
N ARG JC 59 -59.81 46.36 -40.28
CA ARG JC 59 -59.14 47.61 -40.60
C ARG JC 59 -58.57 48.25 -39.34
N GLU JC 60 -57.32 48.69 -39.42
CA GLU JC 60 -56.63 49.30 -38.29
C GLU JC 60 -55.71 50.42 -38.78
N ARG JC 61 -55.59 51.47 -37.98
CA ARG JC 61 -54.71 52.59 -38.31
C ARG JC 61 -53.28 52.25 -37.92
N VAL JC 62 -52.35 52.43 -38.86
CA VAL JC 62 -50.94 52.15 -38.63
C VAL JC 62 -50.15 53.41 -38.96
N GLU JC 63 -49.21 53.76 -38.08
CA GLU JC 63 -48.47 55.01 -38.18
C GLU JC 63 -46.97 54.75 -38.28
N ASP JC 64 -46.29 55.59 -39.05
CA ASP JC 64 -44.85 55.53 -39.19
C ASP JC 64 -44.19 56.16 -37.97
N VAL JC 65 -43.31 55.43 -37.33
CA VAL JC 65 -42.58 55.89 -36.14
C VAL JC 65 -41.13 56.07 -36.53
N PRO JC 66 -40.57 57.28 -36.40
CA PRO JC 66 -39.18 57.50 -36.79
C PRO JC 66 -38.21 56.75 -35.88
N ILE JC 67 -37.27 56.05 -36.49
CA ILE JC 67 -36.26 55.31 -35.72
C ILE JC 67 -35.16 56.27 -35.29
N PRO JC 68 -34.86 56.37 -33.99
CA PRO JC 68 -33.82 57.30 -33.54
C PRO JC 68 -32.46 56.90 -34.08
N VAL JC 69 -31.74 57.87 -34.64
CA VAL JC 69 -30.41 57.67 -35.19
C VAL JC 69 -29.47 58.69 -34.56
N HIS JC 70 -28.25 58.26 -34.26
CA HIS JC 70 -27.26 59.12 -33.64
C HIS JC 70 -26.30 59.67 -34.68
N TYR JC 71 -26.05 60.99 -34.60
CA TYR JC 71 -25.12 61.65 -35.49
C TYR JC 71 -23.84 61.98 -34.74
N PRO JC 72 -22.72 61.33 -35.02
CA PRO JC 72 -21.47 61.65 -34.33
C PRO JC 72 -20.98 63.03 -34.73
N PRO JC 73 -20.17 63.67 -33.89
CA PRO JC 73 -19.69 65.02 -34.21
C PRO JC 73 -18.87 65.09 -35.49
N GLU JC 74 -18.24 63.99 -35.92
CA GLU JC 74 -17.48 63.99 -37.16
C GLU JC 74 -18.38 64.09 -38.39
N SER JC 75 -19.66 63.74 -38.26
CA SER JC 75 -20.56 63.83 -39.40
C SER JC 75 -20.82 65.28 -39.80
N GLN JC 76 -20.74 66.21 -38.85
CA GLN JC 76 -20.96 67.62 -39.15
C GLN JC 76 -19.90 68.20 -40.07
N LEU JC 77 -18.75 67.55 -40.20
CA LEU JC 77 -17.71 67.99 -41.12
C LEU JC 77 -17.89 67.45 -42.54
N GLY JC 78 -18.86 66.56 -42.75
CA GLY JC 78 -19.08 65.99 -44.06
C GLY JC 78 -20.55 65.95 -44.45
N LEU JC 79 -20.85 65.28 -45.56
CA LEU JC 79 -22.21 65.16 -46.08
C LEU JC 79 -22.58 63.68 -46.11
N TRP JC 80 -23.28 63.23 -45.08
CA TRP JC 80 -23.68 61.83 -44.96
C TRP JC 80 -25.06 61.55 -45.53
N GLY JC 81 -25.72 62.54 -46.12
CA GLY JC 81 -27.02 62.33 -46.70
C GLY JC 81 -28.17 62.28 -45.72
N GLY JC 82 -27.95 62.66 -44.47
CA GLY JC 82 -28.99 62.65 -43.47
C GLY JC 82 -29.04 61.42 -42.59
N GLU JC 83 -28.03 60.56 -42.65
CA GLU JC 83 -27.98 59.35 -41.84
C GLU JC 83 -26.87 59.47 -40.79
N GLY JC 84 -26.78 58.46 -39.94
CA GLY JC 84 -25.78 58.44 -38.89
C GLY JC 84 -25.53 57.04 -38.36
N TRP JC 85 -25.37 56.92 -37.05
CA TRP JC 85 -25.14 55.64 -36.40
C TRP JC 85 -26.45 55.14 -35.81
N VAL JC 86 -26.86 53.94 -36.20
CA VAL JC 86 -28.07 53.32 -35.70
C VAL JC 86 -27.70 52.55 -34.44
N LEU JC 87 -28.07 53.08 -33.29
CA LEU JC 87 -27.83 52.44 -32.00
C LEU JC 87 -29.09 51.69 -31.59
N GLY JC 88 -28.96 50.41 -31.29
CA GLY JC 88 -30.14 49.67 -30.89
C GLY JC 88 -29.80 48.30 -30.36
N HIS JC 89 -30.79 47.42 -30.41
CA HIS JC 89 -30.65 46.04 -29.99
C HIS JC 89 -31.06 45.11 -31.13
N ARG JC 90 -30.73 43.83 -30.97
CA ARG JC 90 -31.00 42.84 -31.99
C ARG JC 90 -31.04 41.46 -31.33
N TYR JC 91 -31.59 40.49 -32.05
CA TYR JC 91 -31.66 39.11 -31.61
C TYR JC 91 -30.73 38.28 -32.48
N VAL JC 92 -29.80 37.55 -31.85
CA VAL JC 92 -28.91 36.69 -32.61
C VAL JC 92 -29.68 35.46 -33.10
N ASN JC 93 -29.23 34.92 -34.24
CA ASN JC 93 -29.86 33.78 -34.90
C ASN JC 93 -31.30 34.07 -35.31
N ASN JC 94 -31.68 35.34 -35.39
CA ASN JC 94 -32.99 35.78 -35.85
C ASN JC 94 -34.13 35.16 -35.05
N ASP JC 95 -33.90 34.86 -33.78
CA ASP JC 95 -34.91 34.25 -32.92
C ASP JC 95 -35.19 35.16 -31.73
N LYS JC 96 -36.48 35.41 -31.49
CA LYS JC 96 -36.86 36.26 -30.36
C LYS JC 96 -36.47 35.62 -29.03
N LEU JC 97 -36.66 34.31 -28.91
CA LEU JC 97 -36.35 33.61 -27.66
C LEU JC 97 -34.87 33.51 -27.37
N SER JC 98 -34.02 34.05 -28.22
CA SER JC 98 -32.58 33.99 -28.01
C SER JC 98 -32.11 35.23 -27.22
N LYS JC 99 -30.80 35.42 -27.14
CA LYS JC 99 -30.25 36.53 -26.38
C LYS JC 99 -30.52 37.87 -27.07
N ARG JC 100 -30.37 38.94 -26.31
CA ARG JC 100 -30.50 40.29 -26.81
C ARG JC 100 -29.12 40.94 -26.82
N VAL JC 101 -28.78 41.54 -27.95
CA VAL JC 101 -27.43 42.05 -28.20
C VAL JC 101 -27.51 43.51 -28.61
N ARG JC 102 -26.76 44.37 -27.92
CA ARG JC 102 -26.64 45.75 -28.36
C ARG JC 102 -25.84 45.81 -29.65
N LYS JC 103 -26.37 46.55 -30.63
CA LYS JC 103 -25.79 46.60 -31.96
C LYS JC 103 -25.68 48.04 -32.43
N VAL JC 104 -24.56 48.34 -33.07
CA VAL JC 104 -24.29 49.66 -33.63
C VAL JC 104 -24.09 49.47 -35.12
N TRP JC 105 -24.99 50.04 -35.92
CA TRP JC 105 -24.89 50.00 -37.37
C TRP JC 105 -24.31 51.30 -37.87
N LYS JC 106 -23.25 51.22 -38.67
CA LYS JC 106 -22.55 52.40 -39.14
C LYS JC 106 -22.51 52.44 -40.66
N PRO JC 107 -22.59 53.62 -41.26
CA PRO JC 107 -22.50 53.73 -42.72
C PRO JC 107 -21.07 53.59 -43.20
N GLN JC 108 -20.93 53.39 -44.51
CA GLN JC 108 -19.63 53.24 -45.15
C GLN JC 108 -19.17 54.62 -45.63
N LEU JC 109 -18.19 55.19 -44.94
CA LEU JC 109 -17.70 56.52 -45.27
C LEU JC 109 -16.68 56.46 -46.40
N PHE JC 110 -16.66 57.51 -47.22
CA PHE JC 110 -15.72 57.62 -48.33
C PHE JC 110 -15.19 59.04 -48.39
N GLN JC 111 -13.92 59.16 -48.75
CA GLN JC 111 -13.25 60.45 -48.91
C GLN JC 111 -13.27 60.81 -50.39
N ARG JC 112 -14.14 61.75 -50.76
CA ARG JC 112 -14.31 62.15 -52.15
C ARG JC 112 -14.19 63.65 -52.26
N GLU JC 113 -13.75 64.11 -53.43
CA GLU JC 113 -13.63 65.53 -53.74
C GLU JC 113 -14.79 65.93 -54.65
N LEU JC 114 -15.56 66.93 -54.22
CA LEU JC 114 -16.74 67.38 -54.93
C LEU JC 114 -16.52 68.81 -55.40
N TYR JC 115 -16.84 69.06 -56.67
CA TYR JC 115 -16.68 70.38 -57.29
C TYR JC 115 -18.00 71.11 -57.27
N SER JC 116 -17.98 72.36 -56.81
CA SER JC 116 -19.16 73.21 -56.77
C SER JC 116 -19.09 74.24 -57.90
N GLU JC 117 -20.15 74.29 -58.72
CA GLU JC 117 -20.17 75.21 -59.84
C GLU JC 117 -20.30 76.67 -59.38
N ILE JC 118 -21.00 76.89 -58.26
CA ILE JC 118 -21.23 78.26 -57.80
C ILE JC 118 -20.00 78.82 -57.10
N LEU JC 119 -19.46 78.08 -56.13
CA LEU JC 119 -18.32 78.56 -55.37
C LEU JC 119 -16.99 78.36 -56.10
N ASP JC 120 -16.96 77.52 -57.12
CA ASP JC 120 -15.75 77.25 -57.90
C ASP JC 120 -14.60 76.79 -57.00
N LYS JC 121 -14.86 75.69 -56.29
CA LYS JC 121 -13.86 75.10 -55.40
C LYS JC 121 -14.17 73.62 -55.22
N ARG JC 122 -13.12 72.81 -55.15
CA ARG JC 122 -13.25 71.37 -54.94
C ARG JC 122 -13.01 71.08 -53.47
N PHE JC 123 -14.07 70.67 -52.77
CA PHE JC 123 -13.99 70.36 -51.35
C PHE JC 123 -13.84 68.86 -51.14
N THR JC 124 -12.84 68.47 -50.36
CA THR JC 124 -12.66 67.08 -49.98
C THR JC 124 -13.59 66.79 -48.81
N VAL JC 125 -14.74 66.19 -49.11
CA VAL JC 125 -15.81 65.99 -48.13
C VAL JC 125 -16.00 64.50 -47.93
N THR JC 126 -16.02 64.08 -46.66
CA THR JC 126 -16.31 62.68 -46.34
C THR JC 126 -17.80 62.44 -46.56
N VAL JC 127 -18.11 61.58 -47.54
CA VAL JC 127 -19.49 61.33 -47.93
C VAL JC 127 -19.70 59.82 -48.05
N THR JC 128 -20.96 59.43 -47.90
CA THR JC 128 -21.36 58.04 -48.13
C THR JC 128 -21.89 57.92 -49.56
N MET JC 129 -22.32 56.71 -49.94
CA MET JC 129 -22.85 56.53 -51.29
C MET JC 129 -24.28 57.03 -51.41
N ARG JC 130 -25.02 57.11 -50.30
CA ARG JC 130 -26.36 57.69 -50.36
C ARG JC 130 -26.31 59.17 -50.73
N THR JC 131 -25.33 59.90 -50.20
CA THR JC 131 -25.18 61.31 -50.56
C THR JC 131 -24.95 61.47 -52.06
N LEU JC 132 -24.07 60.65 -52.62
CA LEU JC 132 -23.77 60.74 -54.06
C LEU JC 132 -24.97 60.30 -54.91
N ASP JC 133 -25.69 59.27 -54.47
CA ASP JC 133 -26.90 58.86 -55.18
C ASP JC 133 -27.93 59.96 -55.19
N LEU JC 134 -28.12 60.63 -54.05
CA LEU JC 134 -29.06 61.75 -53.99
C LEU JC 134 -28.57 62.92 -54.84
N ILE JC 135 -27.25 63.11 -54.91
CA ILE JC 135 -26.70 64.15 -55.78
C ILE JC 135 -27.07 63.89 -57.23
N ASP JC 136 -26.89 62.65 -57.69
CA ASP JC 136 -27.29 62.31 -59.05
C ASP JC 136 -28.81 62.42 -59.24
N GLN JC 137 -29.59 62.05 -58.24
CA GLN JC 137 -31.04 62.20 -58.35
C GLN JC 137 -31.43 63.66 -58.51
N ALA JC 138 -30.75 64.57 -57.81
CA ALA JC 138 -30.97 66.00 -57.95
C ALA JC 138 -30.26 66.59 -59.17
N CYS JC 139 -29.45 65.79 -59.85
CA CYS JC 139 -28.75 66.21 -61.08
C CYS JC 139 -27.81 67.39 -60.83
N GLY JC 140 -27.09 67.35 -59.72
CA GLY JC 140 -26.12 68.40 -59.42
C GLY JC 140 -25.80 68.53 -57.95
N PHE JC 141 -24.54 68.81 -57.63
CA PHE JC 141 -24.13 69.00 -56.25
C PHE JC 141 -24.82 70.22 -55.65
N ASP JC 142 -24.72 71.36 -56.34
CA ASP JC 142 -25.37 72.58 -55.86
C ASP JC 142 -26.88 72.44 -55.88
N PHE JC 143 -27.42 71.77 -56.89
CA PHE JC 143 -28.86 71.52 -56.95
C PHE JC 143 -29.32 70.74 -55.73
N TYR JC 144 -28.58 69.68 -55.38
CA TYR JC 144 -28.91 68.88 -54.20
C TYR JC 144 -28.84 69.73 -52.93
N ILE JC 145 -27.77 70.52 -52.78
CA ILE JC 145 -27.60 71.32 -51.57
C ILE JC 145 -28.74 72.32 -51.42
N LEU JC 146 -29.08 73.00 -52.52
CA LEU JC 146 -30.15 74.00 -52.47
C LEU JC 146 -31.53 73.39 -52.37
N LYS JC 147 -31.72 72.15 -52.81
CA LYS JC 147 -33.03 71.51 -52.77
C LYS JC 147 -33.33 70.89 -51.41
N THR JC 148 -32.35 70.23 -50.81
CA THR JC 148 -32.61 69.55 -49.54
C THR JC 148 -32.69 70.56 -48.40
N PRO JC 149 -33.65 70.43 -47.49
CA PRO JC 149 -33.76 71.35 -46.35
C PRO JC 149 -32.79 70.97 -45.24
N LYS JC 150 -32.88 71.71 -44.14
CA LYS JC 150 -32.02 71.45 -42.99
C LYS JC 150 -32.28 70.07 -42.40
N GLU JC 151 -33.55 69.68 -42.29
CA GLU JC 151 -33.88 68.37 -41.71
C GLU JC 151 -33.36 67.22 -42.56
N ASP JC 152 -33.18 67.43 -43.86
CA ASP JC 152 -32.59 66.40 -44.72
C ASP JC 152 -31.07 66.46 -44.74
N LEU JC 153 -30.48 67.65 -44.64
CA LEU JC 153 -29.02 67.76 -44.65
C LEU JC 153 -28.43 67.27 -43.33
N CYS JC 154 -28.89 67.83 -42.21
CA CYS JC 154 -28.41 67.45 -40.88
C CYS JC 154 -26.90 67.61 -40.76
N SER JC 155 -26.34 68.64 -41.39
CA SER JC 155 -24.91 68.88 -41.38
C SER JC 155 -24.64 70.37 -41.33
N LYS JC 156 -23.83 70.80 -40.35
CA LYS JC 156 -23.44 72.20 -40.27
C LYS JC 156 -22.66 72.62 -41.52
N PHE JC 157 -21.78 71.75 -42.01
CA PHE JC 157 -21.02 72.06 -43.22
C PHE JC 157 -21.93 72.21 -44.43
N GLY JC 158 -22.93 71.34 -44.56
CA GLY JC 158 -23.87 71.47 -45.66
C GLY JC 158 -24.72 72.72 -45.56
N MET JC 159 -25.18 73.06 -44.35
CA MET JC 159 -25.92 74.29 -44.15
C MET JC 159 -25.07 75.50 -44.49
N ASP JC 160 -23.78 75.46 -44.13
CA ASP JC 160 -22.89 76.58 -44.43
C ASP JC 160 -22.64 76.69 -45.93
N LEU JC 161 -22.51 75.55 -46.62
CA LEU JC 161 -22.39 75.58 -48.08
C LEU JC 161 -23.63 76.20 -48.71
N LYS JC 162 -24.81 75.79 -48.25
CA LYS JC 162 -26.05 76.36 -48.78
C LYS JC 162 -26.12 77.86 -48.52
N ARG JC 163 -25.76 78.29 -47.31
CA ARG JC 163 -25.80 79.71 -46.98
C ARG JC 163 -24.83 80.50 -47.84
N GLY JC 164 -23.61 79.98 -48.03
CA GLY JC 164 -22.64 80.68 -48.84
C GLY JC 164 -23.07 80.80 -50.29
N MET JC 165 -23.60 79.72 -50.86
CA MET JC 165 -24.07 79.79 -52.25
C MET JC 165 -25.29 80.69 -52.40
N LEU JC 166 -26.20 80.68 -51.41
CA LEU JC 166 -27.35 81.58 -51.46
C LEU JC 166 -26.90 83.04 -51.38
N LEU JC 167 -25.93 83.33 -50.50
CA LEU JC 167 -25.40 84.69 -50.43
C LEU JC 167 -24.73 85.10 -51.73
N ARG JC 168 -23.97 84.19 -52.34
CA ARG JC 168 -23.34 84.50 -53.62
C ARG JC 168 -24.38 84.79 -54.69
N LEU JC 169 -25.43 83.98 -54.77
CA LEU JC 169 -26.48 84.21 -55.75
C LEU JC 169 -27.20 85.54 -55.51
N ALA JC 170 -27.48 85.85 -54.24
CA ALA JC 170 -28.19 87.09 -53.93
C ALA JC 170 -27.32 88.33 -54.18
N ARG JC 171 -26.01 88.21 -53.94
CA ARG JC 171 -25.11 89.35 -54.11
C ARG JC 171 -24.60 89.53 -55.53
N GLN JC 172 -24.72 88.50 -56.38
CA GLN JC 172 -24.23 88.55 -57.76
C GLN JC 172 -22.73 88.87 -57.77
N ASP JC 173 -21.97 87.98 -57.15
CA ASP JC 173 -20.54 88.22 -56.95
C ASP JC 173 -19.79 88.21 -58.28
N PRO JC 174 -19.08 89.29 -58.63
CA PRO JC 174 -18.23 89.25 -59.84
C PRO JC 174 -16.93 88.48 -59.62
N GLN JC 175 -16.59 88.14 -58.38
CA GLN JC 175 -15.35 87.42 -58.10
C GLN JC 175 -15.40 85.97 -58.56
N LEU JC 176 -16.58 85.46 -58.94
CA LEU JC 176 -16.66 84.10 -59.47
C LEU JC 176 -15.88 83.99 -60.78
N HIS JC 177 -16.28 84.76 -61.79
CA HIS JC 177 -15.58 84.79 -63.08
C HIS JC 177 -15.39 86.24 -63.50
N PRO JC 178 -14.44 86.94 -62.86
CA PRO JC 178 -14.18 88.33 -63.26
C PRO JC 178 -13.75 88.47 -64.71
N ASP JC 179 -13.03 87.50 -65.25
CA ASP JC 179 -12.62 87.51 -66.65
C ASP JC 179 -13.79 87.15 -67.57
N ASP JC 180 -14.74 86.34 -67.09
CA ASP JC 180 -15.76 85.70 -67.93
C ASP JC 180 -17.15 86.08 -67.43
N PRO JC 181 -17.61 87.31 -67.73
CA PRO JC 181 -19.00 87.66 -67.36
C PRO JC 181 -20.04 86.79 -68.03
N ALA JC 182 -19.80 86.37 -69.28
CA ALA JC 182 -20.77 85.52 -69.96
C ALA JC 182 -20.94 84.18 -69.25
N ARG JC 183 -19.81 83.54 -68.89
CA ARG JC 183 -19.91 82.28 -68.16
C ARG JC 183 -20.45 82.49 -66.75
N ARG JC 184 -20.16 83.64 -66.13
CA ARG JC 184 -20.75 83.92 -64.83
C ARG JC 184 -22.27 83.98 -64.92
N ALA JC 185 -22.79 84.67 -65.94
CA ALA JC 185 -24.24 84.74 -66.13
C ALA JC 185 -24.80 83.36 -66.49
N ALA JC 186 -24.06 82.57 -67.26
CA ALA JC 186 -24.52 81.23 -67.61
C ALA JC 186 -24.61 80.34 -66.37
N ILE JC 187 -23.67 80.48 -65.44
CA ILE JC 187 -23.76 79.73 -64.19
C ILE JC 187 -24.91 80.24 -63.33
N TYR JC 188 -25.13 81.56 -63.34
CA TYR JC 188 -26.15 82.14 -62.45
C TYR JC 188 -27.57 81.87 -62.93
N ASP JC 189 -27.81 81.77 -64.23
CA ASP JC 189 -29.18 81.69 -64.71
C ASP JC 189 -29.84 80.36 -64.35
N ARG JC 190 -29.05 79.28 -64.33
CA ARG JC 190 -29.62 77.95 -64.10
C ARG JC 190 -30.07 77.77 -62.65
N TYR JC 191 -29.60 78.59 -61.72
CA TYR JC 191 -29.96 78.49 -60.31
C TYR JC 191 -30.90 79.62 -59.89
N LYS JC 192 -31.68 80.15 -60.83
CA LYS JC 192 -32.60 81.24 -60.53
C LYS JC 192 -33.82 80.80 -59.73
N ALA JC 193 -34.05 79.50 -59.59
CA ALA JC 193 -35.22 79.01 -58.87
C ALA JC 193 -35.08 79.15 -57.36
N PHE JC 194 -33.85 79.22 -56.85
CA PHE JC 194 -33.60 79.26 -55.41
C PHE JC 194 -33.06 80.62 -54.96
N VAL JC 195 -33.40 81.69 -55.68
CA VAL JC 195 -32.93 83.02 -55.33
C VAL JC 195 -33.68 83.51 -54.10
N ILE JC 196 -32.93 83.93 -53.08
CA ILE JC 196 -33.50 84.42 -51.83
C ILE JC 196 -32.93 85.81 -51.58
N PRO JC 197 -33.75 86.77 -51.11
CA PRO JC 197 -33.24 88.13 -50.87
C PRO JC 197 -32.13 88.14 -49.84
N GLU JC 198 -31.34 89.22 -49.90
CA GLU JC 198 -30.16 89.33 -49.04
C GLU JC 198 -30.52 89.35 -47.56
N ALA JC 199 -31.68 89.91 -47.21
CA ALA JC 199 -32.07 90.00 -45.81
C ALA JC 199 -32.30 88.63 -45.19
N GLU JC 200 -32.54 87.59 -46.00
CA GLU JC 200 -32.73 86.24 -45.50
C GLU JC 200 -31.67 85.27 -45.97
N ALA JC 201 -30.79 85.65 -46.91
CA ALA JC 201 -29.80 84.74 -47.44
C ALA JC 201 -28.58 84.58 -46.54
N GLU JC 202 -28.43 85.42 -45.51
CA GLU JC 202 -27.31 85.32 -44.58
C GLU JC 202 -27.73 84.83 -43.21
N TRP JC 203 -28.86 84.10 -43.12
CA TRP JC 203 -29.33 83.59 -41.84
C TRP JC 203 -29.86 82.16 -41.94
N VAL JC 204 -29.57 81.43 -43.01
CA VAL JC 204 -30.14 80.09 -43.18
C VAL JC 204 -29.23 79.02 -42.60
N GLY JC 205 -27.93 79.25 -42.57
CA GLY JC 205 -27.00 78.25 -42.08
C GLY JC 205 -26.36 78.62 -40.76
N LEU JC 206 -27.13 79.28 -39.89
CA LEU JC 206 -26.63 79.75 -38.60
C LEU JC 206 -27.32 79.01 -37.47
N THR JC 207 -26.54 78.58 -36.49
CA THR JC 207 -27.07 77.96 -35.29
C THR JC 207 -27.58 79.04 -34.34
N LEU JC 208 -28.13 78.61 -33.19
CA LEU JC 208 -28.64 79.56 -32.22
C LEU JC 208 -27.53 80.45 -31.68
N ASP JC 209 -26.40 79.85 -31.29
CA ASP JC 209 -25.30 80.63 -30.75
C ASP JC 209 -24.71 81.57 -31.80
N GLU JC 210 -24.57 81.09 -33.04
CA GLU JC 210 -24.04 81.95 -34.10
C GLU JC 210 -24.97 83.12 -34.39
N ALA JC 211 -26.29 82.87 -34.40
CA ALA JC 211 -27.25 83.95 -34.61
C ALA JC 211 -27.21 84.94 -33.46
N VAL JC 212 -27.08 84.45 -32.23
CA VAL JC 212 -26.98 85.34 -31.07
C VAL JC 212 -25.74 86.21 -31.19
N GLU JC 213 -24.60 85.61 -31.56
CA GLU JC 213 -23.37 86.37 -31.71
C GLU JC 213 -23.48 87.40 -32.82
N LYS JC 214 -24.13 87.03 -33.94
CA LYS JC 214 -24.32 87.99 -35.02
C LYS JC 214 -25.19 89.16 -34.57
N GLN JC 215 -26.24 88.89 -33.79
CA GLN JC 215 -27.08 89.97 -33.27
C GLN JC 215 -26.32 90.84 -32.29
N ARG JC 216 -25.48 90.24 -31.45
CA ARG JC 216 -24.62 91.03 -30.56
C ARG JC 216 -23.70 91.94 -31.35
N LEU JC 217 -23.09 91.42 -32.42
CA LEU JC 217 -22.19 92.24 -33.24
C LEU JC 217 -22.95 93.36 -33.94
N LEU JC 218 -24.17 93.08 -34.43
CA LEU JC 218 -24.94 94.10 -35.12
C LEU JC 218 -25.43 95.19 -34.17
N GLU JC 219 -25.79 94.81 -32.94
CA GLU JC 219 -26.33 95.76 -31.98
C GLU JC 219 -25.26 96.34 -31.05
N GLU JC 220 -23.99 95.95 -31.23
CA GLU JC 220 -22.92 96.44 -30.38
C GLU JC 220 -22.66 97.91 -30.68
N LYS JC 221 -23.10 98.79 -29.79
CA LYS JC 221 -22.91 100.22 -29.92
C LYS JC 221 -22.23 100.76 -28.67
N ASP JC 222 -21.30 101.68 -28.87
CA ASP JC 222 -20.64 102.33 -27.73
C ASP JC 222 -21.63 103.25 -27.02
N PRO JC 223 -21.59 103.31 -25.69
CA PRO JC 223 -22.49 104.21 -24.96
C PRO JC 223 -22.21 105.66 -25.32
N ILE JC 224 -23.20 106.32 -25.89
CA ILE JC 224 -23.04 107.74 -26.27
C ILE JC 224 -22.90 108.58 -25.01
N PRO JC 225 -22.00 109.55 -24.98
CA PRO JC 225 -21.82 110.36 -23.77
C PRO JC 225 -23.06 111.18 -23.45
N LEU JC 226 -23.27 111.40 -22.15
CA LEU JC 226 -24.37 112.26 -21.72
C LEU JC 226 -24.16 113.71 -22.11
N PHE JC 227 -22.93 114.10 -22.44
CA PHE JC 227 -22.67 115.46 -22.91
C PHE JC 227 -23.43 115.74 -24.19
N LYS JC 228 -23.43 114.79 -25.13
CA LYS JC 228 -24.16 114.97 -26.38
C LYS JC 228 -25.66 115.09 -26.13
N ILE JC 229 -26.21 114.26 -25.24
CA ILE JC 229 -27.63 114.32 -24.93
C ILE JC 229 -27.99 115.67 -24.31
N PHE JC 230 -27.16 116.15 -23.39
CA PHE JC 230 -27.44 117.43 -22.75
C PHE JC 230 -27.29 118.60 -23.74
N VAL JC 231 -26.34 118.51 -24.66
CA VAL JC 231 -26.21 119.54 -25.70
C VAL JC 231 -27.45 119.54 -26.59
N GLU JC 232 -27.95 118.35 -26.94
CA GLU JC 232 -29.16 118.27 -27.74
C GLU JC 232 -30.35 118.87 -26.99
N GLU JC 233 -30.48 118.57 -25.70
CA GLU JC 233 -31.57 119.14 -24.90
C GLU JC 233 -31.46 120.66 -24.84
N LEU JC 234 -30.24 121.17 -24.63
CA LEU JC 234 -30.05 122.61 -24.58
C LEU JC 234 -30.39 123.27 -25.92
N LEU JC 235 -29.99 122.64 -27.03
CA LEU JC 235 -30.31 123.18 -28.35
C LEU JC 235 -31.82 123.20 -28.58
N GLY JC 236 -32.51 122.12 -28.20
CA GLY JC 236 -33.95 122.09 -28.35
C GLY JC 236 -34.63 123.16 -27.52
N GLN JC 237 -34.21 123.31 -26.25
CA GLN JC 237 -34.77 124.36 -25.41
C GLN JC 237 -34.53 125.75 -25.98
N LEU JC 238 -33.29 126.01 -26.43
CA LEU JC 238 -32.96 127.32 -26.96
C LEU JC 238 -33.76 127.63 -28.22
N GLN JC 239 -33.94 126.64 -29.09
CA GLN JC 239 -34.81 126.83 -30.25
C GLN JC 239 -36.25 127.11 -29.83
N GLN JC 240 -36.73 126.41 -28.80
CA GLN JC 240 -38.09 126.63 -28.33
C GLN JC 240 -38.28 128.07 -27.83
N GLN JC 241 -37.34 128.58 -27.04
CA GLN JC 241 -37.50 129.96 -26.57
C GLN JC 241 -37.18 130.98 -27.67
N ALA JC 242 -36.41 130.58 -28.68
CA ALA JC 242 -36.12 131.49 -29.78
C ALA JC 242 -37.33 131.68 -30.68
N LEU JC 243 -38.10 130.61 -30.90
CA LEU JC 243 -39.31 130.70 -31.71
C LEU JC 243 -40.52 131.16 -30.91
N SER JC 244 -40.35 131.40 -29.61
CA SER JC 244 -41.46 131.82 -28.74
C SER JC 244 -41.46 133.31 -28.46
N GLU JC 245 -40.59 134.08 -29.12
CA GLU JC 245 -40.58 135.52 -28.93
C GLU JC 245 -40.66 136.26 -30.26
N GLY KC 65 9.15 115.28 13.04
CA GLY KC 65 7.72 115.46 13.14
C GLY KC 65 6.99 114.20 13.54
N LEU KC 66 7.52 113.52 14.55
CA LEU KC 66 6.94 112.27 15.05
C LEU KC 66 5.94 112.50 16.17
N GLU KC 67 5.72 113.74 16.59
CA GLU KC 67 4.76 114.05 17.64
C GLU KC 67 3.33 114.14 17.12
N GLU KC 68 3.14 114.21 15.80
CA GLU KC 68 1.80 114.31 15.24
C GLU KC 68 0.96 113.05 15.48
N PHE KC 69 1.59 111.94 15.83
CA PHE KC 69 0.87 110.74 16.21
C PHE KC 69 0.26 110.85 17.61
N PHE KC 70 0.62 111.88 18.37
CA PHE KC 70 0.08 112.11 19.70
C PHE KC 70 -0.65 113.45 19.76
N ASP KC 71 -1.52 113.56 20.75
CA ASP KC 71 -2.29 114.77 21.00
C ASP KC 71 -1.44 115.69 21.87
N ASP KC 72 -1.96 116.89 22.19
CA ASP KC 72 -1.21 117.86 22.96
C ASP KC 72 -0.87 117.30 24.35
N PRO KC 73 0.30 117.67 24.89
CA PRO KC 73 0.68 117.15 26.22
C PRO KC 73 -0.30 117.50 27.32
N LYS KC 74 -0.97 118.65 27.24
CA LYS KC 74 -1.93 119.04 28.26
C LYS KC 74 -3.23 118.26 28.18
N ASN KC 75 -3.43 117.47 27.13
CA ASN KC 75 -4.68 116.75 26.91
C ASN KC 75 -4.48 115.23 27.00
N TRP KC 76 -3.36 114.78 27.56
CA TRP KC 76 -3.10 113.35 27.64
C TRP KC 76 -3.90 112.69 28.76
N GLY KC 77 -3.87 113.27 29.95
CA GLY KC 77 -4.55 112.71 31.10
C GLY KC 77 -5.99 113.10 31.27
N GLU KC 78 -6.56 113.85 30.33
CA GLU KC 78 -7.94 114.28 30.45
C GLU KC 78 -8.90 113.10 30.34
N GLU KC 79 -9.89 113.07 31.22
CA GLU KC 79 -10.86 111.99 31.22
C GLU KC 79 -11.83 112.09 30.04
N LYS KC 80 -12.33 113.30 29.77
CA LYS KC 80 -13.26 113.54 28.67
C LYS KC 80 -12.66 114.59 27.76
N VAL KC 81 -12.62 114.29 26.45
CA VAL KC 81 -12.06 115.17 25.45
C VAL KC 81 -13.15 115.43 24.42
N LYS KC 82 -13.62 116.67 24.34
CA LYS KC 82 -14.72 117.00 23.45
C LYS KC 82 -14.20 117.61 22.15
N SER KC 83 -15.05 117.55 21.12
CA SER KC 83 -14.71 118.08 19.81
C SER KC 83 -16.02 118.38 19.07
N GLY KC 84 -15.88 118.87 17.84
CA GLY KC 84 -17.02 119.24 17.04
C GLY KC 84 -17.67 118.03 16.36
N ALA KC 85 -18.67 118.32 15.54
CA ALA KC 85 -19.40 117.29 14.83
C ALA KC 85 -18.62 116.84 13.60
N SER KC 86 -19.14 115.85 12.91
CA SER KC 86 -18.49 115.29 11.73
C SER KC 86 -18.81 116.15 10.50
N TRP KC 87 -17.98 115.97 9.47
CA TRP KC 87 -18.17 116.69 8.21
C TRP KC 87 -19.35 116.11 7.44
N THR KC 88 -20.14 116.99 6.82
CA THR KC 88 -21.32 116.59 6.08
C THR KC 88 -21.04 116.67 4.58
N CYS KC 89 -21.76 115.83 3.81
CA CYS KC 89 -21.55 115.75 2.38
C CYS KC 89 -21.76 117.08 1.68
N GLN KC 90 -22.73 117.88 2.12
CA GLN KC 90 -22.95 119.20 1.52
C GLN KC 90 -21.77 120.12 1.81
N GLN KC 91 -21.25 120.09 3.04
CA GLN KC 91 -20.10 120.91 3.36
C GLN KC 91 -18.87 120.48 2.57
N LEU KC 92 -18.75 119.19 2.26
CA LEU KC 92 -17.66 118.73 1.41
C LEU KC 92 -17.86 119.16 -0.03
N ARG KC 93 -19.09 119.10 -0.53
CA ARG KC 93 -19.37 119.53 -1.90
C ARG KC 93 -19.12 121.01 -2.10
N ASN KC 94 -19.42 121.83 -1.09
CA ASN KC 94 -19.23 123.27 -1.20
C ASN KC 94 -17.76 123.64 -1.40
N LYS KC 95 -16.83 122.81 -0.94
CA LYS KC 95 -15.41 123.14 -1.05
C LYS KC 95 -14.89 122.82 -2.45
N SER KC 96 -13.71 123.37 -2.76
CA SER KC 96 -13.06 123.15 -4.04
C SER KC 96 -12.32 121.82 -4.03
N ASN KC 97 -11.52 121.56 -5.07
CA ASN KC 97 -10.82 120.29 -5.15
C ASN KC 97 -9.56 120.28 -4.29
N GLU KC 98 -8.75 121.34 -4.36
CA GLU KC 98 -7.54 121.40 -3.55
C GLU KC 98 -7.86 121.44 -2.07
N ASP KC 99 -8.96 122.10 -1.69
CA ASP KC 99 -9.37 122.11 -0.29
C ASP KC 99 -9.66 120.70 0.20
N LEU KC 100 -10.37 119.90 -0.61
CA LEU KC 100 -10.62 118.52 -0.24
C LEU KC 100 -9.32 117.70 -0.21
N HIS KC 101 -8.42 117.97 -1.16
CA HIS KC 101 -7.14 117.26 -1.18
C HIS KC 101 -6.34 117.52 0.10
N LYS KC 102 -6.35 118.75 0.60
CA LYS KC 102 -5.65 119.06 1.84
C LYS KC 102 -6.40 118.52 3.06
N LEU KC 103 -7.73 118.63 3.05
CA LEU KC 103 -8.52 118.13 4.17
C LEU KC 103 -8.40 116.62 4.31
N TRP KC 104 -8.13 115.91 3.21
CA TRP KC 104 -7.91 114.47 3.29
C TRP KC 104 -6.74 114.15 4.22
N TYR KC 105 -5.61 114.81 4.02
CA TYR KC 105 -4.45 114.60 4.89
C TYR KC 105 -4.69 115.17 6.28
N VAL KC 106 -5.42 116.28 6.37
CA VAL KC 106 -5.71 116.87 7.69
C VAL KC 106 -6.48 115.86 8.54
N LEU KC 107 -7.50 115.22 7.96
CA LEU KC 107 -8.25 114.22 8.70
C LEU KC 107 -7.46 112.91 8.85
N LEU KC 108 -6.58 112.60 7.90
CA LEU KC 108 -5.78 111.38 8.01
C LEU KC 108 -4.84 111.44 9.20
N LYS KC 109 -4.22 112.59 9.44
CA LYS KC 109 -3.35 112.72 10.61
C LYS KC 109 -4.13 112.52 11.90
N GLU KC 110 -5.33 113.11 11.98
CA GLU KC 110 -6.16 112.94 13.16
C GLU KC 110 -6.58 111.48 13.34
N ARG KC 111 -6.90 110.80 12.23
CA ARG KC 111 -7.27 109.39 12.32
C ARG KC 111 -6.10 108.54 12.80
N ASN KC 112 -4.89 108.82 12.30
CA ASN KC 112 -3.72 108.10 12.79
C ASN KC 112 -3.50 108.34 14.28
N MET KC 113 -3.66 109.59 14.72
CA MET KC 113 -3.51 109.90 16.14
C MET KC 113 -4.54 109.15 16.98
N LEU KC 114 -5.79 109.12 16.50
CA LEU KC 114 -6.85 108.45 17.26
C LEU KC 114 -6.63 106.94 17.31
N LEU KC 115 -6.16 106.34 16.22
CA LEU KC 115 -5.83 104.91 16.23
C LEU KC 115 -4.69 104.63 17.20
N THR KC 116 -3.67 105.48 17.21
CA THR KC 116 -2.57 105.32 18.15
C THR KC 116 -3.06 105.42 19.59
N LEU KC 117 -3.94 106.39 19.87
CA LEU KC 117 -4.47 106.56 21.21
C LEU KC 117 -5.31 105.35 21.63
N GLU KC 118 -6.13 104.82 20.71
CA GLU KC 118 -6.93 103.65 21.02
C GLU KC 118 -6.05 102.43 21.31
N GLN KC 119 -5.00 102.23 20.50
CA GLN KC 119 -4.11 101.10 20.74
C GLN KC 119 -3.37 101.25 22.07
N GLU KC 120 -2.93 102.47 22.39
CA GLU KC 120 -2.25 102.68 23.67
C GLU KC 120 -3.20 102.49 24.84
N ALA KC 121 -4.46 102.91 24.70
CA ALA KC 121 -5.44 102.67 25.76
C ALA KC 121 -5.67 101.17 25.96
N LYS KC 122 -5.75 100.41 24.86
CA LYS KC 122 -5.87 98.97 24.98
C LYS KC 122 -4.64 98.37 25.67
N ARG KC 123 -3.44 98.88 25.32
CA ARG KC 123 -2.22 98.40 25.95
C ARG KC 123 -2.21 98.67 27.45
N GLN KC 124 -2.64 99.87 27.84
CA GLN KC 124 -2.66 100.26 29.25
C GLN KC 124 -3.89 99.77 30.00
N ARG KC 125 -4.82 99.10 29.32
CA ARG KC 125 -6.03 98.56 29.94
C ARG KC 125 -6.88 99.67 30.54
N LEU KC 126 -6.97 100.79 29.82
CA LEU KC 126 -7.80 101.92 30.21
C LEU KC 126 -8.74 102.29 29.07
N PRO KC 127 -9.92 102.80 29.37
CA PRO KC 127 -10.84 103.21 28.30
C PRO KC 127 -10.34 104.45 27.59
N MET KC 128 -10.52 104.46 26.27
CA MET KC 128 -10.11 105.61 25.47
C MET KC 128 -10.99 106.81 25.82
N PRO KC 129 -10.41 107.99 26.06
CA PRO KC 129 -11.23 109.15 26.44
C PRO KC 129 -12.05 109.64 25.25
N SER KC 130 -13.38 109.51 25.38
CA SER KC 130 -14.34 109.94 24.35
C SER KC 130 -13.99 109.32 23.00
N PRO KC 131 -14.22 108.02 22.82
CA PRO KC 131 -13.80 107.36 21.58
C PRO KC 131 -14.63 107.73 20.35
N GLU KC 132 -15.65 108.57 20.49
CA GLU KC 132 -16.48 108.93 19.34
C GLU KC 132 -15.75 109.82 18.35
N ARG KC 133 -14.60 110.39 18.73
CA ARG KC 133 -13.82 111.16 17.76
C ARG KC 133 -13.37 110.30 16.60
N LEU KC 134 -12.99 109.05 16.88
CA LEU KC 134 -12.58 108.15 15.80
C LEU KC 134 -13.72 107.90 14.82
N GLU KC 135 -14.93 107.67 15.33
CA GLU KC 135 -16.05 107.42 14.43
C GLU KC 135 -16.43 108.68 13.68
N LYS KC 136 -16.32 109.85 14.31
CA LYS KC 136 -16.57 111.10 13.60
C LYS KC 136 -15.58 111.31 12.47
N VAL KC 137 -14.29 111.04 12.73
CA VAL KC 137 -13.28 111.19 11.69
C VAL KC 137 -13.51 110.18 10.58
N VAL KC 138 -13.90 108.95 10.92
CA VAL KC 138 -14.19 107.94 9.91
C VAL KC 138 -15.35 108.38 9.04
N ASP KC 139 -16.41 108.92 9.66
CA ASP KC 139 -17.55 109.41 8.89
C ASP KC 139 -17.15 110.56 7.97
N SER KC 140 -16.31 111.47 8.47
CA SER KC 140 -15.84 112.57 7.63
C SER KC 140 -15.01 112.05 6.44
N MET KC 141 -14.14 111.08 6.69
CA MET KC 141 -13.35 110.47 5.61
C MET KC 141 -14.26 109.82 4.58
N ASP KC 142 -15.28 109.08 5.05
CA ASP KC 142 -16.21 108.44 4.13
C ASP KC 142 -16.98 109.46 3.33
N ALA KC 143 -17.40 110.56 3.96
CA ALA KC 143 -18.12 111.61 3.25
C ALA KC 143 -17.24 112.26 2.18
N LEU KC 144 -15.98 112.55 2.52
CA LEU KC 144 -15.07 113.14 1.53
C LEU KC 144 -14.84 112.18 0.37
N ASP KC 145 -14.66 110.90 0.66
CA ASP KC 145 -14.47 109.90 -0.39
C ASP KC 145 -15.71 109.81 -1.27
N LYS KC 146 -16.90 109.86 -0.66
CA LYS KC 146 -18.14 109.81 -1.43
C LYS KC 146 -18.29 111.03 -2.33
N VAL KC 147 -17.93 112.21 -1.83
CA VAL KC 147 -18.03 113.41 -2.67
C VAL KC 147 -17.06 113.35 -3.83
N VAL KC 148 -15.81 112.93 -3.57
CA VAL KC 148 -14.86 112.80 -4.67
C VAL KC 148 -15.33 111.76 -5.68
N GLN KC 149 -15.86 110.65 -5.19
CA GLN KC 149 -16.34 109.59 -6.09
C GLN KC 149 -17.54 110.05 -6.90
N GLU KC 150 -18.46 110.82 -6.32
CA GLU KC 150 -19.61 111.29 -7.07
C GLU KC 150 -19.20 112.33 -8.12
N ARG KC 151 -18.24 113.19 -7.78
CA ARG KC 151 -17.72 114.12 -8.79
C ARG KC 151 -17.06 113.35 -9.93
N GLU KC 152 -16.25 112.34 -9.62
CA GLU KC 152 -15.61 111.52 -10.64
C GLU KC 152 -16.64 110.79 -11.49
N ASP KC 153 -17.68 110.23 -10.86
CA ASP KC 153 -18.70 109.51 -11.59
C ASP KC 153 -19.47 110.44 -12.52
N ALA KC 154 -19.86 111.62 -12.04
CA ALA KC 154 -20.57 112.56 -12.90
C ALA KC 154 -19.70 113.00 -14.06
N LEU KC 155 -18.42 113.29 -13.80
CA LEU KC 155 -17.54 113.75 -14.87
C LEU KC 155 -17.31 112.66 -15.90
N ARG KC 156 -17.14 111.41 -15.46
CA ARG KC 156 -16.93 110.32 -16.41
C ARG KC 156 -18.19 109.97 -17.18
N LEU KC 157 -19.37 110.09 -16.55
CA LEU KC 157 -20.61 109.94 -17.31
C LEU KC 157 -20.76 111.05 -18.35
N LEU KC 158 -20.36 112.27 -18.01
CA LEU KC 158 -20.44 113.36 -18.97
C LEU KC 158 -19.49 113.14 -20.16
N GLN KC 159 -18.27 112.70 -19.89
CA GLN KC 159 -17.30 112.56 -20.99
C GLN KC 159 -17.49 111.26 -21.77
N THR KC 160 -17.46 110.12 -21.09
CA THR KC 160 -17.56 108.82 -21.76
C THR KC 160 -18.96 108.23 -21.71
N GLY KC 161 -19.68 108.39 -20.60
CA GLY KC 161 -20.99 107.80 -20.44
C GLY KC 161 -21.01 106.45 -19.78
N GLN KC 162 -19.85 105.86 -19.49
CA GLN KC 162 -19.80 104.57 -18.84
C GLN KC 162 -20.07 104.71 -17.35
N GLU KC 163 -20.98 103.88 -16.84
CA GLU KC 163 -21.38 103.97 -15.44
C GLU KC 163 -20.28 103.53 -14.49
N LYS KC 164 -19.55 102.47 -14.85
CA LYS KC 164 -18.53 101.89 -13.99
C LYS KC 164 -17.14 102.21 -14.52
N ALA KC 165 -16.23 102.59 -13.63
CA ALA KC 165 -14.89 102.99 -14.00
C ALA KC 165 -13.98 101.83 -14.37
N ARG KC 166 -14.41 100.59 -14.10
CA ARG KC 166 -13.61 99.42 -14.44
C ARG KC 166 -14.35 98.58 -15.46
N PRO KC 167 -13.73 98.24 -16.59
CA PRO KC 167 -14.41 97.44 -17.61
C PRO KC 167 -14.75 96.05 -17.09
N GLY KC 168 -15.86 95.51 -17.60
CA GLY KC 168 -16.29 94.18 -17.21
C GLY KC 168 -17.27 93.61 -18.21
N ALA KC 169 -17.64 92.35 -17.98
CA ALA KC 169 -18.59 91.66 -18.83
C ALA KC 169 -19.44 90.72 -17.99
N TRP KC 170 -20.69 90.55 -18.41
CA TRP KC 170 -21.57 89.54 -17.83
C TRP KC 170 -21.26 88.20 -18.45
N ARG KC 171 -20.56 87.34 -17.72
CA ARG KC 171 -20.14 86.05 -18.23
C ARG KC 171 -20.92 84.94 -17.54
N ARG KC 172 -20.84 83.75 -18.12
CA ARG KC 172 -21.48 82.55 -17.59
C ARG KC 172 -20.39 81.53 -17.35
N ASP KC 173 -19.95 81.39 -16.10
CA ASP KC 173 -18.86 80.49 -15.77
C ASP KC 173 -19.32 79.04 -15.87
N ILE KC 174 -18.38 78.12 -15.60
CA ILE KC 174 -18.69 76.69 -15.66
C ILE KC 174 -19.70 76.26 -14.63
N PHE KC 175 -19.97 77.08 -13.61
CA PHE KC 175 -20.91 76.72 -12.56
C PHE KC 175 -22.35 77.06 -12.93
N GLY KC 176 -22.58 77.67 -14.10
CA GLY KC 176 -23.90 78.02 -14.54
C GLY KC 176 -24.39 79.38 -14.09
N ARG KC 177 -23.75 79.99 -13.11
CA ARG KC 177 -24.20 81.28 -12.62
C ARG KC 177 -23.77 82.39 -13.57
N ILE KC 178 -24.35 83.58 -13.37
CA ILE KC 178 -23.99 84.78 -14.12
C ILE KC 178 -23.07 85.61 -13.23
N ILE KC 179 -21.89 85.93 -13.74
CA ILE KC 179 -20.86 86.61 -12.96
C ILE KC 179 -20.50 87.93 -13.65
N TRP KC 180 -20.27 88.95 -12.82
CA TRP KC 180 -19.81 90.25 -13.28
C TRP KC 180 -18.28 90.18 -13.35
N HIS KC 181 -17.76 89.59 -14.41
CA HIS KC 181 -16.32 89.37 -14.53
C HIS KC 181 -15.66 90.70 -14.89
N LYS KC 182 -14.90 91.26 -13.95
CA LYS KC 182 -14.14 92.47 -14.22
C LYS KC 182 -12.93 92.15 -15.09
N PHE KC 183 -12.35 93.18 -15.68
CA PHE KC 183 -11.21 93.01 -16.57
C PHE KC 183 -9.93 93.47 -15.87
N LYS KC 184 -8.85 92.74 -16.13
CA LYS KC 184 -7.54 93.04 -15.58
C LYS KC 184 -6.63 93.63 -16.65
N GLN KC 185 -5.59 94.30 -16.21
CA GLN KC 185 -4.64 94.93 -17.11
C GLN KC 185 -3.59 93.91 -17.54
N TRP KC 186 -3.43 93.74 -18.85
CA TRP KC 186 -2.45 92.80 -19.38
C TRP KC 186 -1.64 93.47 -20.48
N PRO KC 187 -0.35 93.14 -20.59
CA PRO KC 187 0.47 93.71 -21.68
C PRO KC 187 0.28 93.00 -23.01
N ILE KC 188 -0.43 91.88 -23.05
CA ILE KC 188 -0.61 91.10 -24.27
C ILE KC 188 -2.10 90.89 -24.46
N PRO KC 189 -2.55 90.68 -25.71
CA PRO KC 189 -3.98 90.50 -25.95
C PRO KC 189 -4.54 89.22 -25.34
N TRP KC 190 -5.85 89.03 -25.47
CA TRP KC 190 -6.52 87.91 -24.79
C TRP KC 190 -6.19 86.57 -25.45
N TYR KC 191 -5.83 86.57 -26.73
CA TYR KC 191 -5.59 85.32 -27.43
C TYR KC 191 -4.14 84.84 -27.31
N LEU KC 192 -3.31 85.53 -26.53
CA LEU KC 192 -1.93 85.12 -26.32
C LEU KC 192 -1.61 84.89 -24.85
N ASN KC 193 -2.59 84.95 -23.95
CA ASN KC 193 -2.36 84.84 -22.52
C ASN KC 193 -2.55 83.39 -22.09
N LYS KC 194 -1.48 82.78 -21.58
CA LYS KC 194 -1.56 81.39 -21.14
C LYS KC 194 -2.54 81.22 -20.00
N LYS KC 195 -2.48 82.11 -19.00
CA LYS KC 195 -3.32 81.97 -17.81
C LYS KC 195 -4.79 82.21 -18.15
N TYR KC 196 -5.07 83.17 -19.03
CA TYR KC 196 -6.45 83.53 -19.34
C TYR KC 196 -7.10 82.57 -20.33
N ASN KC 197 -6.33 81.96 -21.24
CA ASN KC 197 -6.93 81.07 -22.23
C ASN KC 197 -7.49 79.81 -21.60
N ARG KC 198 -6.85 79.29 -20.55
CA ARG KC 198 -7.35 78.08 -19.89
C ARG KC 198 -8.57 78.34 -19.02
N LYS KC 199 -9.11 79.56 -19.02
CA LYS KC 199 -10.35 79.84 -18.33
C LYS KC 199 -11.54 79.50 -19.22
N ARG KC 200 -12.66 79.18 -18.59
CA ARG KC 200 -13.88 78.78 -19.28
C ARG KC 200 -14.99 79.74 -18.91
N PHE KC 201 -15.65 80.32 -19.91
CA PHE KC 201 -16.87 81.09 -19.69
C PHE KC 201 -17.97 80.49 -20.58
N PHE KC 202 -18.57 79.41 -20.08
CA PHE KC 202 -19.69 78.71 -20.70
C PHE KC 202 -20.07 77.56 -19.78
N ALA KC 203 -21.29 77.05 -19.96
CA ALA KC 203 -21.82 75.97 -19.16
C ALA KC 203 -21.95 74.70 -19.98
N MET KC 204 -21.49 73.59 -19.40
CA MET KC 204 -21.53 72.30 -20.08
C MET KC 204 -22.91 71.67 -19.96
N PRO KC 205 -23.22 70.70 -20.84
CA PRO KC 205 -24.55 70.06 -20.80
C PRO KC 205 -24.84 69.26 -19.54
N TYR KC 206 -23.97 69.29 -18.54
CA TYR KC 206 -24.27 68.72 -17.24
C TYR KC 206 -24.58 69.77 -16.18
N VAL KC 207 -24.71 71.03 -16.57
CA VAL KC 207 -24.88 72.11 -15.59
C VAL KC 207 -26.33 72.58 -15.49
N GLU KC 208 -27.15 72.35 -16.53
CA GLU KC 208 -28.53 72.83 -16.47
C GLU KC 208 -29.32 72.14 -15.38
N ARG KC 209 -28.99 70.89 -15.06
CA ARG KC 209 -29.66 70.19 -13.97
C ARG KC 209 -29.43 70.90 -12.64
N PHE KC 210 -28.17 71.27 -12.36
CA PHE KC 210 -27.86 71.98 -11.14
C PHE KC 210 -28.42 73.40 -11.15
N VAL KC 211 -28.51 74.02 -12.34
CA VAL KC 211 -29.16 75.33 -12.45
C VAL KC 211 -30.63 75.20 -12.06
N ARG KC 212 -31.30 74.15 -12.55
CA ARG KC 212 -32.69 73.92 -12.19
C ARG KC 212 -32.83 73.63 -10.70
N MET KC 213 -31.87 72.91 -10.12
CA MET KC 213 -31.89 72.68 -8.67
C MET KC 213 -31.74 73.99 -7.89
N ARG KC 214 -30.90 74.90 -8.38
CA ARG KC 214 -30.76 76.20 -7.71
C ARG KC 214 -32.04 77.01 -7.82
N ILE KC 215 -32.65 77.05 -9.01
CA ILE KC 215 -33.95 77.69 -9.16
C ILE KC 215 -34.95 77.07 -8.20
N GLU KC 216 -34.91 75.74 -8.09
CA GLU KC 216 -35.78 74.97 -7.22
C GLU KC 216 -35.64 75.39 -5.76
N LYS KC 217 -34.40 75.41 -5.26
CA LYS KC 217 -34.16 75.76 -3.86
C LYS KC 217 -34.56 77.20 -3.57
N GLN KC 218 -34.24 78.13 -4.48
CA GLN KC 218 -34.64 79.52 -4.25
C GLN KC 218 -36.15 79.67 -4.25
N ALA KC 219 -36.84 78.98 -5.16
CA ALA KC 219 -38.30 79.04 -5.18
C ALA KC 219 -38.89 78.48 -3.90
N ARG KC 220 -38.36 77.35 -3.41
CA ARG KC 220 -38.88 76.77 -2.17
C ARG KC 220 -38.63 77.68 -0.98
N ILE KC 221 -37.44 78.28 -0.89
CA ILE KC 221 -37.14 79.19 0.20
C ILE KC 221 -38.07 80.39 0.17
N LYS KC 222 -38.29 80.96 -1.03
CA LYS KC 222 -39.17 82.11 -1.15
C LYS KC 222 -40.60 81.74 -0.78
N ALA KC 223 -41.07 80.57 -1.21
CA ALA KC 223 -42.42 80.14 -0.90
C ALA KC 223 -42.61 79.94 0.61
N ARG KC 224 -41.63 79.30 1.27
CA ARG KC 224 -41.78 79.09 2.70
C ARG KC 224 -41.65 80.41 3.47
N LYS KC 225 -40.84 81.35 2.98
CA LYS KC 225 -40.79 82.67 3.60
C LYS KC 225 -42.12 83.40 3.45
N ARG KC 226 -42.74 83.29 2.28
CA ARG KC 226 -44.05 83.91 2.08
C ARG KC 226 -45.09 83.29 3.00
N SER KC 227 -45.07 81.96 3.13
CA SER KC 227 -46.00 81.31 4.05
C SER KC 227 -45.74 81.73 5.50
N LEU KC 228 -44.46 81.89 5.85
CA LEU KC 228 -44.10 82.36 7.19
C LEU KC 228 -44.68 83.74 7.45
N GLU KC 229 -44.52 84.65 6.48
CA GLU KC 229 -45.06 86.00 6.64
C GLU KC 229 -46.59 85.97 6.73
N ARG KC 230 -47.23 85.13 5.91
CA ARG KC 230 -48.68 85.01 5.97
C ARG KC 230 -49.14 84.54 7.34
N LYS KC 231 -48.49 83.51 7.88
CA LYS KC 231 -48.86 83.01 9.20
C LYS KC 231 -48.58 84.05 10.28
N LYS KC 232 -47.51 84.82 10.15
CA LYS KC 232 -47.21 85.87 11.12
C LYS KC 232 -48.30 86.94 11.11
N GLU KC 233 -48.69 87.41 9.92
CA GLU KC 233 -49.75 88.40 9.84
C GLU KC 233 -51.07 87.86 10.40
N LYS KC 234 -51.39 86.61 10.07
CA LYS KC 234 -52.57 85.99 10.66
C LYS KC 234 -52.51 86.01 12.18
N PHE KC 235 -51.50 85.34 12.75
CA PHE KC 235 -51.38 85.25 14.20
C PHE KC 235 -51.46 86.62 14.87
N LEU KC 236 -50.83 87.63 14.27
CA LEU KC 236 -50.95 88.98 14.81
C LEU KC 236 -52.39 89.48 14.75
N GLN KC 237 -53.10 89.21 13.65
CA GLN KC 237 -54.46 89.70 13.51
C GLN KC 237 -55.40 89.07 14.53
N GLU KC 238 -55.33 87.74 14.70
CA GLU KC 238 -56.15 87.11 15.74
C GLU KC 238 -55.60 87.27 17.15
N LYS KC 239 -54.38 87.79 17.31
CA LYS KC 239 -53.91 88.09 18.65
C LYS KC 239 -54.34 89.47 19.10
N PHE KC 240 -54.40 90.43 18.18
CA PHE KC 240 -54.84 91.79 18.49
C PHE KC 240 -56.16 92.06 17.78
N PRO KC 241 -57.31 91.87 18.46
CA PRO KC 241 -58.62 92.09 17.84
C PRO KC 241 -59.08 93.55 17.90
N HIS KC 242 -58.20 94.47 17.50
CA HIS KC 242 -58.53 95.88 17.50
C HIS KC 242 -59.29 96.32 16.26
N LEU KC 243 -59.41 95.45 15.26
CA LEU KC 243 -60.13 95.78 14.03
C LEU KC 243 -61.63 95.81 14.28
N LYS LC 35 -57.48 -3.14 16.17
CA LYS LC 35 -58.24 -1.90 16.13
C LYS LC 35 -59.35 -1.90 17.18
N PHE LC 36 -59.58 -0.75 17.80
CA PHE LC 36 -60.62 -0.62 18.81
C PHE LC 36 -61.91 -0.17 18.12
N THR LC 37 -62.93 -1.01 18.20
CA THR LC 37 -64.23 -0.72 17.58
C THR LC 37 -65.34 -0.84 18.61
N ARG LC 38 -66.59 -0.75 18.15
CA ARG LC 38 -67.72 -0.99 19.03
C ARG LC 38 -67.73 -2.45 19.47
N SER LC 39 -68.42 -2.71 20.58
CA SER LC 39 -68.43 -4.03 21.19
C SER LC 39 -69.82 -4.65 21.07
N ARG LC 40 -69.88 -5.84 20.50
CA ARG LC 40 -71.13 -6.59 20.46
C ARG LC 40 -71.32 -7.34 21.76
N ILE LC 41 -72.48 -7.17 22.39
CA ILE LC 41 -72.80 -7.81 23.65
C ILE LC 41 -73.71 -9.00 23.36
N PRO LC 42 -73.31 -10.22 23.70
CA PRO LC 42 -74.16 -11.38 23.41
C PRO LC 42 -75.45 -11.34 24.22
N ASP LC 43 -76.48 -11.99 23.66
CA ASP LC 43 -77.78 -12.02 24.30
C ASP LC 43 -77.78 -12.80 25.62
N LYS LC 44 -76.78 -13.64 25.86
CA LYS LC 44 -76.72 -14.40 27.10
C LYS LC 44 -76.52 -13.51 28.33
N VAL LC 45 -75.99 -12.31 28.13
CA VAL LC 45 -75.78 -11.40 29.26
C VAL LC 45 -77.12 -10.94 29.82
N PHE LC 46 -78.10 -10.71 28.95
CA PHE LC 46 -79.40 -10.18 29.35
C PHE LC 46 -80.44 -11.27 29.57
N GLN LC 47 -80.00 -12.50 29.85
CA GLN LC 47 -80.91 -13.57 30.23
C GLN LC 47 -80.92 -13.67 31.76
N PRO LC 48 -81.90 -13.07 32.42
CA PRO LC 48 -81.90 -13.05 33.89
C PRO LC 48 -82.05 -14.44 34.48
N SER LC 49 -81.35 -14.64 35.59
CA SER LC 49 -81.42 -15.86 36.37
C SER LC 49 -82.57 -15.79 37.37
N PRO LC 50 -83.07 -16.93 37.83
CA PRO LC 50 -84.18 -16.89 38.81
C PRO LC 50 -83.82 -16.17 40.09
N GLU LC 51 -82.57 -16.22 40.54
CA GLU LC 51 -82.14 -15.55 41.76
C GLU LC 51 -82.00 -14.04 41.59
N ASP LC 52 -81.78 -13.56 40.37
CA ASP LC 52 -81.59 -12.13 40.14
C ASP LC 52 -82.82 -11.34 40.55
N HIS LC 53 -84.02 -11.91 40.38
CA HIS LC 53 -85.24 -11.19 40.67
C HIS LC 53 -85.34 -10.84 42.16
N GLU LC 54 -85.12 -11.83 43.04
CA GLU LC 54 -85.19 -11.51 44.47
C GLU LC 54 -83.92 -10.84 44.95
N LYS LC 55 -82.82 -10.94 44.21
CA LYS LC 55 -81.63 -10.18 44.59
C LYS LC 55 -81.82 -8.69 44.35
N TYR LC 56 -82.40 -8.31 43.22
CA TYR LC 56 -82.56 -6.91 42.85
C TYR LC 56 -83.97 -6.38 43.08
N GLY LC 57 -84.85 -7.16 43.71
CA GLY LC 57 -86.18 -6.68 44.02
C GLY LC 57 -87.06 -6.43 42.81
N GLY LC 58 -86.97 -7.29 41.80
CA GLY LC 58 -87.78 -7.16 40.61
C GLY LC 58 -88.89 -8.20 40.55
N ASP LC 59 -89.93 -7.86 39.79
CA ASP LC 59 -91.06 -8.78 39.59
C ASP LC 59 -90.71 -9.75 38.48
N PRO LC 60 -90.71 -11.06 38.73
CA PRO LC 60 -90.25 -12.01 37.70
C PRO LC 60 -91.22 -12.19 36.55
N GLN LC 61 -92.43 -11.63 36.66
CA GLN LC 61 -93.51 -12.01 35.76
C GLN LC 61 -94.19 -10.80 35.09
N TYR LC 62 -94.34 -9.68 35.83
CA TYR LC 62 -94.54 -8.38 35.19
C TYR LC 62 -93.26 -7.56 35.19
N PRO LC 63 -92.74 -7.21 34.02
CA PRO LC 63 -91.66 -6.21 33.96
C PRO LC 63 -92.19 -4.82 34.28
N HIS LC 64 -91.27 -3.96 34.73
CA HIS LC 64 -91.65 -2.60 35.07
C HIS LC 64 -91.89 -1.77 33.80
N LYS LC 65 -92.31 -0.53 34.00
CA LYS LC 65 -92.76 0.32 32.90
C LYS LC 65 -91.78 1.40 32.49
N LEU LC 66 -91.14 2.09 33.44
CA LEU LC 66 -90.32 3.24 33.11
C LEU LC 66 -88.97 3.16 33.80
N HIS LC 67 -87.94 3.65 33.12
CA HIS LC 67 -86.58 3.68 33.61
C HIS LC 67 -86.23 5.07 34.15
N ILE LC 68 -85.70 5.12 35.36
CA ILE LC 68 -85.06 6.30 35.89
C ILE LC 68 -83.56 6.12 35.67
N VAL LC 69 -82.98 6.95 34.81
CA VAL LC 69 -81.60 6.80 34.36
C VAL LC 69 -80.80 8.00 34.85
N THR LC 70 -79.68 7.73 35.50
CA THR LC 70 -78.80 8.76 36.01
C THR LC 70 -77.39 8.51 35.47
N ARG LC 71 -76.68 9.58 35.11
CA ARG LC 71 -75.34 9.47 34.58
C ARG LC 71 -74.34 9.58 35.73
N ILE LC 72 -73.52 8.56 35.92
CA ILE LC 72 -72.54 8.56 37.00
C ILE LC 72 -71.19 9.08 36.52
N LYS LC 73 -70.68 8.50 35.45
CA LYS LC 73 -69.34 8.78 34.96
C LYS LC 73 -69.38 9.82 33.84
N SER LC 74 -68.19 10.22 33.40
CA SER LC 74 -68.04 11.22 32.34
C SER LC 74 -67.81 10.54 31.00
N THR LC 75 -68.16 11.26 29.95
CA THR LC 75 -67.92 10.81 28.58
C THR LC 75 -66.51 11.14 28.10
N LYS LC 76 -65.73 11.85 28.90
CA LYS LC 76 -64.32 12.04 28.57
C LYS LC 76 -63.59 10.72 28.67
N ARG LC 77 -62.59 10.54 27.79
CA ARG LC 77 -61.87 9.28 27.65
C ARG LC 77 -62.82 8.14 27.29
N ARG LC 78 -63.88 8.46 26.54
CA ARG LC 78 -64.85 7.52 26.04
C ARG LC 78 -65.11 7.79 24.57
N PRO LC 79 -65.50 6.78 23.80
CA PRO LC 79 -65.62 6.96 22.35
C PRO LC 79 -66.72 7.93 21.97
N TYR LC 80 -66.57 8.49 20.76
CA TYR LC 80 -67.50 9.49 20.28
C TYR LC 80 -68.91 8.93 20.10
N TRP LC 81 -69.03 7.64 19.75
CA TRP LC 81 -70.37 7.07 19.64
C TRP LC 81 -71.05 7.00 21.00
N GLU LC 82 -70.31 6.65 22.05
CA GLU LC 82 -70.87 6.69 23.40
C GLU LC 82 -71.23 8.11 23.80
N LYS LC 83 -70.40 9.08 23.42
CA LYS LC 83 -70.74 10.48 23.68
C LYS LC 83 -72.06 10.85 23.01
N ASP LC 84 -72.24 10.43 21.76
CA ASP LC 84 -73.47 10.72 21.04
C ASP LC 84 -74.67 10.05 21.68
N ILE LC 85 -74.51 8.80 22.13
CA ILE LC 85 -75.61 8.10 22.80
C ILE LC 85 -76.00 8.83 24.08
N ILE LC 86 -75.02 9.25 24.88
CA ILE LC 86 -75.32 10.01 26.08
C ILE LC 86 -76.00 11.33 25.74
N LYS LC 87 -75.56 12.01 24.68
CA LYS LC 87 -76.21 13.25 24.28
C LYS LC 87 -77.66 13.02 23.86
N MET LC 88 -77.94 11.98 23.07
CA MET LC 88 -79.29 11.74 22.60
C MET LC 88 -80.20 11.13 23.67
N LEU LC 89 -79.62 10.59 24.75
CA LEU LC 89 -80.43 10.10 25.85
C LEU LC 89 -80.82 11.21 26.83
N GLY LC 90 -80.40 12.44 26.58
CA GLY LC 90 -80.71 13.54 27.49
C GLY LC 90 -80.03 13.43 28.84
N LEU LC 91 -78.76 13.02 28.87
CA LEU LC 91 -78.02 12.82 30.10
C LEU LC 91 -76.77 13.70 30.15
N GLU LC 92 -76.89 14.94 29.67
CA GLU LC 92 -75.74 15.84 29.66
C GLU LC 92 -75.25 16.14 31.08
N LYS LC 93 -76.18 16.47 31.97
CA LYS LC 93 -75.83 16.84 33.33
C LYS LC 93 -75.80 15.60 34.21
N ALA LC 94 -74.65 15.36 34.85
CA ALA LC 94 -74.51 14.18 35.69
C ALA LC 94 -75.32 14.31 36.97
N HIS LC 95 -75.68 13.15 37.54
CA HIS LC 95 -76.41 13.08 38.81
C HIS LC 95 -77.77 13.76 38.72
N THR LC 96 -78.37 13.80 37.52
CA THR LC 96 -79.71 14.33 37.31
C THR LC 96 -80.54 13.25 36.65
N PRO LC 97 -81.56 12.72 37.33
CA PRO LC 97 -82.33 11.61 36.74
C PRO LC 97 -83.15 12.05 35.54
N GLN LC 98 -83.36 11.10 34.63
CA GLN LC 98 -84.21 11.29 33.46
C GLN LC 98 -85.09 10.06 33.31
N VAL LC 99 -86.35 10.28 32.93
CA VAL LC 99 -87.30 9.18 32.78
C VAL LC 99 -87.37 8.77 31.31
N HIS LC 100 -87.30 7.47 31.06
CA HIS LC 100 -87.36 6.91 29.72
C HIS LC 100 -88.28 5.71 29.70
N LYS LC 101 -88.69 5.30 28.50
CA LYS LC 101 -89.53 4.14 28.34
C LYS LC 101 -88.73 2.86 28.53
N ASN LC 102 -89.43 1.74 28.65
CA ASN LC 102 -88.83 0.43 28.78
C ASN LC 102 -88.88 -0.35 27.47
N ILE LC 103 -88.76 0.34 26.35
CA ILE LC 103 -88.87 -0.27 25.02
C ILE LC 103 -87.50 -0.72 24.54
N PRO LC 104 -87.42 -1.74 23.69
CA PRO LC 104 -86.10 -2.18 23.18
C PRO LC 104 -85.37 -1.10 22.39
N SER LC 105 -86.08 -0.15 21.80
CA SER LC 105 -85.42 0.90 21.02
C SER LC 105 -84.48 1.71 21.89
N VAL LC 106 -84.93 2.12 23.09
CA VAL LC 106 -84.05 2.81 24.01
C VAL LC 106 -83.21 1.83 24.82
N ASN LC 107 -83.66 0.58 24.97
CA ASN LC 107 -82.85 -0.41 25.67
C ASN LC 107 -81.56 -0.71 24.93
N ALA LC 108 -81.57 -0.61 23.60
CA ALA LC 108 -80.34 -0.82 22.83
C ALA LC 108 -79.29 0.21 23.21
N LYS LC 109 -79.67 1.49 23.24
CA LYS LC 109 -78.72 2.54 23.65
C LYS LC 109 -78.33 2.41 25.11
N LEU LC 110 -79.28 2.00 25.96
CA LEU LC 110 -78.96 1.78 27.37
C LEU LC 110 -77.93 0.67 27.52
N LYS LC 111 -78.04 -0.38 26.72
CA LYS LC 111 -77.02 -1.43 26.71
C LYS LC 111 -75.70 -0.90 26.18
N VAL LC 112 -75.74 -0.01 25.18
CA VAL LC 112 -74.51 0.55 24.63
C VAL LC 112 -73.74 1.33 25.70
N VAL LC 113 -74.46 2.15 26.47
CA VAL LC 113 -73.78 3.01 27.45
C VAL LC 113 -74.09 2.57 28.88
N LYS LC 114 -74.31 1.26 29.08
CA LYS LC 114 -74.69 0.75 30.38
C LYS LC 114 -73.57 0.88 31.43
N HIS LC 115 -72.34 1.16 31.03
CA HIS LC 115 -71.24 1.28 31.97
C HIS LC 115 -71.07 2.69 32.51
N LEU LC 116 -71.93 3.63 32.11
CA LEU LC 116 -71.83 5.01 32.53
C LEU LC 116 -73.04 5.50 33.30
N ILE LC 117 -74.05 4.65 33.50
CA ILE LC 117 -75.34 5.08 34.01
C ILE LC 117 -75.86 4.08 35.04
N ARG LC 118 -76.66 4.60 35.97
CA ARG LC 118 -77.41 3.82 36.93
C ARG LC 118 -78.89 3.88 36.55
N ILE LC 119 -79.53 2.72 36.50
CA ILE LC 119 -80.90 2.60 36.01
C ILE LC 119 -81.74 1.93 37.09
N LYS LC 120 -82.88 2.54 37.41
CA LYS LC 120 -83.81 2.05 38.41
C LYS LC 120 -85.21 1.96 37.81
N PRO LC 121 -86.08 1.13 38.36
CA PRO LC 121 -87.48 1.12 37.91
C PRO LC 121 -88.29 2.19 38.61
N LEU LC 122 -89.08 2.92 37.83
CA LEU LC 122 -89.94 3.96 38.41
C LEU LC 122 -91.07 3.31 39.18
N LYS LC 123 -91.22 3.69 40.45
CA LYS LC 123 -92.24 3.14 41.33
C LYS LC 123 -93.32 4.19 41.56
N LEU LC 124 -94.57 3.77 41.54
CA LEU LC 124 -95.73 4.66 41.67
C LEU LC 124 -96.61 4.12 42.79
N PRO LC 125 -96.23 4.32 44.05
CA PRO LC 125 -97.05 3.82 45.15
C PRO LC 125 -98.45 4.41 45.19
N GLN LC 126 -98.62 5.65 44.73
CA GLN LC 126 -99.91 6.34 44.78
C GLN LC 126 -100.47 6.63 43.40
N GLY LC 127 -100.01 5.90 42.38
CA GLY LC 127 -100.56 6.03 41.04
C GLY LC 127 -99.98 7.20 40.26
N LEU LC 128 -100.43 7.30 39.02
CA LEU LC 128 -99.98 8.37 38.15
C LEU LC 128 -100.49 9.71 38.66
N PRO LC 129 -99.67 10.77 38.60
CA PRO LC 129 -100.13 12.09 39.04
C PRO LC 129 -101.12 12.66 38.04
N THR LC 130 -102.28 13.10 38.55
CA THR LC 130 -103.27 13.74 37.70
C THR LC 130 -102.87 15.19 37.44
N GLU LC 131 -103.71 15.90 36.69
CA GLU LC 131 -103.42 17.30 36.38
C GLU LC 131 -103.52 18.20 37.60
N GLU LC 132 -104.16 17.76 38.67
CA GLU LC 132 -104.29 18.55 39.88
C GLU LC 132 -103.13 18.33 40.86
N ASP LC 133 -102.25 17.36 40.60
CA ASP LC 133 -101.12 17.06 41.47
C ASP LC 133 -99.79 17.24 40.77
N MET LC 134 -99.76 17.96 39.65
CA MET LC 134 -98.51 18.15 38.91
C MET LC 134 -97.54 19.03 39.67
N ALA LC 135 -98.04 20.04 40.39
CA ALA LC 135 -97.18 20.97 41.10
C ALA LC 135 -96.77 20.47 42.48
N ASN LC 136 -97.34 19.38 42.96
CA ASN LC 136 -97.05 18.86 44.30
C ASN LC 136 -96.41 17.47 44.25
N THR LC 137 -95.69 17.18 43.17
CA THR LC 137 -95.04 15.88 43.02
C THR LC 137 -93.57 15.96 43.42
N CYS LC 138 -93.00 14.79 43.73
CA CYS LC 138 -91.60 14.70 44.08
C CYS LC 138 -91.10 13.31 43.73
N LEU LC 139 -89.78 13.20 43.57
CA LEU LC 139 -89.12 11.94 43.23
C LEU LC 139 -88.15 11.59 44.36
N LYS LC 140 -88.57 10.67 45.23
CA LYS LC 140 -87.72 10.22 46.32
C LYS LC 140 -86.55 9.41 45.76
N SER LC 141 -85.42 9.46 46.46
CA SER LC 141 -84.19 8.84 45.95
C SER LC 141 -84.27 7.33 45.90
N ASN LC 142 -85.25 6.70 46.55
CA ASN LC 142 -85.36 5.25 46.49
C ASN LC 142 -85.91 4.75 45.16
N GLY LC 143 -86.32 5.64 44.27
CA GLY LC 143 -86.82 5.28 42.98
C GLY LC 143 -88.32 5.38 42.79
N GLU LC 144 -89.04 6.03 43.70
CA GLU LC 144 -90.49 6.14 43.62
C GLU LC 144 -90.89 7.59 43.43
N LEU LC 145 -92.08 7.77 42.85
CA LEU LC 145 -92.64 9.09 42.57
C LEU LC 145 -93.87 9.29 43.45
N VAL LC 146 -93.78 10.22 44.40
CA VAL LC 146 -94.90 10.53 45.28
C VAL LC 146 -95.68 11.69 44.69
N VAL LC 147 -97.01 11.59 44.74
CA VAL LC 147 -97.87 12.59 44.09
C VAL LC 147 -98.33 13.65 45.09
N ARG LC 148 -98.44 13.30 46.37
CA ARG LC 148 -98.83 14.23 47.41
C ARG LC 148 -97.62 14.51 48.28
N TRP LC 149 -96.92 15.61 47.98
CA TRP LC 149 -95.68 15.97 48.66
C TRP LC 149 -95.90 17.27 49.42
N LEU LC 150 -95.51 17.28 50.70
CA LEU LC 150 -95.60 18.46 51.56
C LEU LC 150 -97.04 18.96 51.65
N LEU LC 151 -97.90 18.12 52.21
CA LEU LC 151 -99.31 18.48 52.42
C LEU LC 151 -99.38 19.56 53.50
N ASN LC 152 -99.64 20.79 53.08
CA ASN LC 152 -99.69 21.95 53.97
C ASN LC 152 -98.41 22.09 54.79
N ASP MC 35 -69.87 -68.19 -26.32
CA ASP MC 35 -69.71 -66.77 -26.03
C ASP MC 35 -68.45 -66.22 -26.69
N CYS MC 36 -67.74 -67.08 -27.40
CA CYS MC 36 -66.51 -66.67 -28.08
C CYS MC 36 -66.78 -65.78 -29.28
N ASN MC 37 -68.02 -65.74 -29.76
CA ASN MC 37 -68.40 -64.91 -30.90
C ASN MC 37 -68.97 -63.56 -30.49
N ARG MC 38 -68.55 -63.04 -29.34
CA ARG MC 38 -69.14 -61.81 -28.81
C ARG MC 38 -68.59 -60.59 -29.54
N ALA MC 39 -67.27 -60.39 -29.49
CA ALA MC 39 -66.62 -59.22 -30.06
C ALA MC 39 -66.01 -59.51 -31.43
N LEU MC 40 -66.53 -60.50 -32.15
CA LEU MC 40 -66.02 -60.86 -33.46
C LEU MC 40 -66.70 -60.08 -34.57
N LEU MC 41 -67.99 -59.77 -34.40
CA LEU MC 41 -68.80 -59.15 -35.46
C LEU MC 41 -68.53 -57.65 -35.50
N THR MC 42 -67.36 -57.30 -36.02
CA THR MC 42 -66.96 -55.91 -36.17
C THR MC 42 -66.20 -55.74 -37.47
N ARG MC 43 -66.06 -54.47 -37.90
CA ARG MC 43 -65.34 -54.12 -39.11
C ARG MC 43 -64.32 -53.04 -38.78
N LEU MC 44 -63.64 -52.54 -39.81
CA LEU MC 44 -62.70 -51.43 -39.65
C LEU MC 44 -63.48 -50.13 -39.52
N HIS MC 45 -63.37 -49.47 -38.37
CA HIS MC 45 -64.10 -48.25 -38.08
C HIS MC 45 -63.39 -47.00 -38.59
N ARG MC 46 -62.48 -47.13 -39.55
CA ARG MC 46 -61.71 -46.01 -40.07
C ARG MC 46 -62.28 -45.57 -41.41
N GLN MC 47 -61.91 -44.34 -41.80
CA GLN MC 47 -62.38 -43.76 -43.05
C GLN MC 47 -61.58 -44.26 -44.25
N THR MC 48 -60.27 -44.04 -44.24
CA THR MC 48 -59.40 -44.44 -45.34
C THR MC 48 -58.65 -45.72 -44.94
N TYR MC 49 -58.84 -46.77 -45.74
CA TYR MC 49 -58.19 -48.05 -45.49
C TYR MC 49 -58.30 -48.90 -46.75
N ALA MC 50 -57.31 -49.77 -46.92
CA ALA MC 50 -57.27 -50.64 -48.08
C ALA MC 50 -58.23 -51.81 -47.91
N ARG MC 51 -58.58 -52.43 -49.03
CA ARG MC 51 -59.43 -53.62 -48.98
C ARG MC 51 -58.64 -54.79 -48.43
N LEU MC 52 -59.22 -55.48 -47.45
CA LEU MC 52 -58.59 -56.61 -46.81
C LEU MC 52 -59.51 -57.82 -46.89
N TYR MC 53 -58.91 -59.01 -46.85
CA TYR MC 53 -59.64 -60.23 -47.14
C TYR MC 53 -59.44 -61.24 -46.02
N PRO MC 54 -60.42 -62.10 -45.77
CA PRO MC 54 -60.32 -63.09 -44.67
C PRO MC 54 -59.46 -64.30 -45.04
N VAL MC 55 -58.15 -64.13 -44.93
CA VAL MC 55 -57.21 -65.21 -45.20
C VAL MC 55 -57.24 -66.20 -44.04
N LEU MC 56 -56.91 -67.45 -44.34
CA LEU MC 56 -56.87 -68.52 -43.36
C LEU MC 56 -55.42 -68.76 -42.98
N LEU MC 57 -55.06 -68.37 -41.76
CA LEU MC 57 -53.69 -68.45 -41.28
C LEU MC 57 -53.51 -69.69 -40.41
N VAL MC 58 -52.55 -70.53 -40.75
CA VAL MC 58 -52.23 -71.73 -39.99
C VAL MC 58 -50.83 -71.57 -39.42
N LYS MC 59 -50.70 -71.79 -38.11
CA LYS MC 59 -49.44 -71.61 -37.41
C LYS MC 59 -48.68 -72.94 -37.38
N GLN MC 60 -47.61 -73.00 -36.57
CA GLN MC 60 -46.85 -74.23 -36.39
C GLN MC 60 -47.47 -75.13 -35.34
N ASP MC 61 -48.77 -75.42 -35.48
CA ASP MC 61 -49.47 -76.26 -34.52
C ASP MC 61 -50.57 -77.11 -35.15
N GLY MC 62 -50.97 -76.85 -36.38
CA GLY MC 62 -52.08 -77.53 -37.00
C GLY MC 62 -53.43 -76.86 -36.85
N SER MC 63 -53.48 -75.67 -36.23
CA SER MC 63 -54.71 -74.93 -36.02
C SER MC 63 -54.73 -73.70 -36.90
N THR MC 64 -55.94 -73.26 -37.26
CA THR MC 64 -56.13 -72.16 -38.18
C THR MC 64 -57.00 -71.07 -37.56
N ILE MC 65 -56.76 -69.84 -38.01
CA ILE MC 65 -57.53 -68.67 -37.60
C ILE MC 65 -57.85 -67.85 -38.85
N HIS MC 66 -58.78 -66.92 -38.69
CA HIS MC 66 -59.17 -66.01 -39.76
C HIS MC 66 -58.52 -64.65 -39.52
N ILE MC 67 -57.77 -64.17 -40.50
CA ILE MC 67 -57.08 -62.89 -40.40
C ILE MC 67 -57.50 -62.01 -41.57
N ARG MC 68 -57.94 -60.80 -41.28
CA ARG MC 68 -58.34 -59.88 -42.34
C ARG MC 68 -57.09 -59.21 -42.90
N TYR MC 69 -56.75 -59.57 -44.14
CA TYR MC 69 -55.44 -59.23 -44.71
C TYR MC 69 -55.59 -58.98 -46.21
N ARG MC 70 -54.76 -58.08 -46.73
CA ARG MC 70 -54.75 -57.79 -48.16
C ARG MC 70 -54.13 -58.96 -48.93
N GLU MC 71 -54.02 -58.78 -50.25
CA GLU MC 71 -53.44 -59.81 -51.12
C GLU MC 71 -54.23 -61.09 -50.97
N PRO MC 72 -55.43 -61.18 -51.55
CA PRO MC 72 -56.38 -62.22 -51.13
C PRO MC 72 -55.95 -63.63 -51.47
N ARG MC 73 -54.88 -64.08 -50.82
CA ARG MC 73 -54.50 -65.48 -50.84
C ARG MC 73 -55.44 -66.27 -49.95
N ARG MC 74 -55.78 -67.49 -50.39
CA ARG MC 74 -56.75 -68.27 -49.65
C ARG MC 74 -56.18 -68.89 -48.38
N MET MC 75 -54.86 -68.92 -48.24
CA MET MC 75 -54.24 -69.58 -47.08
C MET MC 75 -52.84 -69.03 -46.88
N LEU MC 76 -52.46 -68.85 -45.61
CA LEU MC 76 -51.13 -68.45 -45.21
C LEU MC 76 -50.60 -69.42 -44.17
N THR MC 77 -49.29 -69.69 -44.23
CA THR MC 77 -48.66 -70.67 -43.36
C THR MC 77 -47.49 -70.03 -42.62
N MET MC 78 -47.40 -70.32 -41.32
CA MET MC 78 -46.34 -69.79 -40.48
C MET MC 78 -45.20 -70.80 -40.41
N PRO MC 79 -43.99 -70.46 -40.85
CA PRO MC 79 -42.87 -71.39 -40.81
C PRO MC 79 -42.08 -71.27 -39.51
N VAL MC 80 -41.05 -72.11 -39.39
CA VAL MC 80 -40.20 -72.10 -38.22
C VAL MC 80 -38.78 -72.56 -38.56
N ASP MC 81 -37.78 -71.76 -38.17
CA ASP MC 81 -36.38 -72.14 -38.34
C ASP MC 81 -35.56 -71.69 -37.13
N LEU MC 82 -36.21 -71.25 -36.06
CA LEU MC 82 -35.49 -70.66 -34.94
C LEU MC 82 -35.90 -71.20 -33.58
N ASP MC 83 -36.74 -72.24 -33.52
CA ASP MC 83 -37.20 -72.74 -32.24
C ASP MC 83 -36.13 -73.58 -31.55
N SER MC 84 -35.50 -74.49 -32.29
CA SER MC 84 -34.58 -75.45 -31.70
C SER MC 84 -33.13 -74.98 -31.87
N LEU MC 85 -32.21 -75.75 -31.28
CA LEU MC 85 -30.80 -75.41 -31.29
C LEU MC 85 -30.11 -76.07 -32.50
N SER MC 86 -28.77 -76.03 -32.51
CA SER MC 86 -27.98 -76.55 -33.62
C SER MC 86 -28.14 -78.04 -33.83
N PRO MC 87 -28.20 -78.85 -32.77
CA PRO MC 87 -28.34 -80.30 -32.91
C PRO MC 87 -29.65 -80.67 -33.60
N GLU MC 88 -30.77 -80.12 -33.12
CA GLU MC 88 -32.05 -80.42 -33.74
C GLU MC 88 -32.16 -79.79 -35.12
N GLU MC 89 -31.51 -78.64 -35.33
CA GLU MC 89 -31.49 -78.04 -36.67
C GLU MC 89 -30.77 -78.95 -37.66
N ARG MC 90 -29.64 -79.52 -37.25
CA ARG MC 90 -28.92 -80.45 -38.12
C ARG MC 90 -29.73 -81.73 -38.34
N ARG MC 91 -30.42 -82.20 -37.30
CA ARG MC 91 -31.27 -83.38 -37.46
C ARG MC 91 -32.38 -83.12 -38.47
N ALA MC 92 -33.02 -81.95 -38.39
CA ALA MC 92 -34.07 -81.60 -39.35
C ALA MC 92 -33.51 -81.45 -40.75
N ARG MC 93 -32.32 -80.86 -40.88
CA ARG MC 93 -31.70 -80.72 -42.20
C ARG MC 93 -31.38 -82.08 -42.81
N PHE MC 94 -30.87 -83.02 -41.99
CA PHE MC 94 -30.62 -84.37 -42.49
C PHE MC 94 -31.91 -85.08 -42.85
N ARG MC 95 -32.97 -84.91 -42.06
CA ARG MC 95 -34.24 -85.56 -42.36
C ARG MC 95 -34.87 -85.00 -43.63
N LYS MC 96 -34.69 -83.70 -43.90
CA LYS MC 96 -35.26 -83.08 -45.08
C LYS MC 96 -34.49 -83.48 -46.34
N ALA NC 79 -14.69 37.52 34.75
CA ALA NC 79 -16.07 37.05 34.84
C ALA NC 79 -17.05 38.22 34.86
N ALA NC 80 -18.22 38.00 34.29
CA ALA NC 80 -19.25 39.03 34.24
C ALA NC 80 -20.36 38.72 35.24
N PRO NC 81 -20.97 39.75 35.84
CA PRO NC 81 -22.06 39.52 36.79
C PRO NC 81 -23.25 38.84 36.12
N LYS NC 82 -23.93 38.00 36.90
CA LYS NC 82 -25.05 37.24 36.37
C LYS NC 82 -26.35 38.04 36.41
N ASN NC 83 -26.56 38.81 37.47
CA ASN NC 83 -27.78 39.60 37.63
C ASN NC 83 -27.45 40.90 38.35
N ARG NC 84 -28.33 41.88 38.18
CA ARG NC 84 -28.15 43.17 38.83
C ARG NC 84 -28.44 43.05 40.32
N ARG NC 85 -27.52 43.55 41.14
CA ARG NC 85 -27.69 43.51 42.58
C ARG NC 85 -28.69 44.59 43.00
N SER NC 86 -29.67 44.20 43.82
CA SER NC 86 -30.73 45.10 44.22
C SER NC 86 -30.23 46.11 45.26
N ILE NC 87 -31.05 47.14 45.50
CA ILE NC 87 -30.68 48.17 46.45
C ILE NC 87 -30.63 47.62 47.87
N GLU NC 88 -31.43 46.61 48.19
CA GLU NC 88 -31.34 46.00 49.52
C GLU NC 88 -29.95 45.41 49.73
N VAL NC 89 -29.45 44.64 48.76
CA VAL NC 89 -28.12 44.05 48.86
C VAL NC 89 -27.06 45.15 48.89
N ASN NC 90 -27.23 46.17 48.04
CA ASN NC 90 -26.24 47.25 47.99
C ASN NC 90 -26.14 47.98 49.33
N ARG NC 91 -27.29 48.29 49.93
CA ARG NC 91 -27.29 48.97 51.23
C ARG NC 91 -26.70 48.08 52.31
N CYS NC 92 -27.09 46.80 52.33
CA CYS NC 92 -26.53 45.89 53.32
C CYS NC 92 -25.02 45.76 53.16
N ARG NC 93 -24.52 45.92 51.93
CA ARG NC 93 -23.09 45.80 51.70
C ARG NC 93 -22.34 47.05 52.13
N ARG NC 94 -22.80 48.23 51.70
CA ARG NC 94 -22.05 49.46 51.90
C ARG NC 94 -22.58 50.31 53.05
N ARG NC 95 -23.39 49.75 53.94
CA ARG NC 95 -23.71 50.39 55.20
C ARG NC 95 -23.27 49.57 56.40
N ASN NC 96 -22.47 48.54 56.18
CA ASN NC 96 -21.96 47.72 57.28
C ASN NC 96 -21.06 48.56 58.18
N PRO NC 97 -21.05 48.28 59.49
CA PRO NC 97 -20.17 49.04 60.39
C PRO NC 97 -18.70 48.94 60.03
N GLN NC 98 -18.29 47.88 59.32
CA GLN NC 98 -16.90 47.77 58.87
C GLN NC 98 -16.53 48.90 57.92
N LYS NC 99 -17.46 49.33 57.07
CA LYS NC 99 -17.21 50.41 56.13
C LYS NC 99 -17.53 51.79 56.68
N LEU NC 100 -18.27 51.88 57.77
CA LEU NC 100 -18.59 53.17 58.35
C LEU NC 100 -17.37 53.77 59.03
N ILE NC 101 -17.30 55.11 59.02
CA ILE NC 101 -16.19 55.80 59.66
C ILE NC 101 -16.35 55.73 61.17
N LYS NC 102 -15.30 55.29 61.86
CA LYS NC 102 -15.34 55.16 63.30
C LYS NC 102 -15.07 56.49 63.98
N VAL NC 103 -15.70 56.70 65.13
CA VAL NC 103 -15.52 57.92 65.90
C VAL NC 103 -14.19 57.85 66.64
N LYS NC 104 -13.47 58.96 66.69
CA LYS NC 104 -12.18 59.03 67.36
C LYS NC 104 -12.37 59.60 68.76
N ASN NC 105 -11.92 58.85 69.77
CA ASN NC 105 -12.09 59.24 71.16
C ASN NC 105 -10.78 59.65 71.82
N ASN NC 106 -9.73 59.91 71.02
CA ASN NC 106 -8.47 60.44 71.53
C ASN NC 106 -8.35 61.95 71.29
N ILE NC 107 -9.46 62.63 71.03
CA ILE NC 107 -9.42 64.05 70.72
C ILE NC 107 -9.39 64.85 72.02
N ASP NC 108 -8.47 65.81 72.10
CA ASP NC 108 -8.32 66.66 73.27
C ASP NC 108 -7.97 68.07 72.79
N VAL NC 109 -8.07 69.03 73.70
CA VAL NC 109 -7.75 70.42 73.38
C VAL NC 109 -6.39 70.75 73.96
N CYS NC 110 -5.64 71.58 73.23
CA CYS NC 110 -4.30 71.96 73.64
C CYS NC 110 -4.36 72.94 74.81
N PRO NC 111 -3.68 72.66 75.92
CA PRO NC 111 -3.70 73.61 77.05
C PRO NC 111 -3.07 74.96 76.73
N GLU NC 112 -2.22 75.05 75.72
CA GLU NC 112 -1.53 76.31 75.43
C GLU NC 112 -2.41 77.28 74.66
N CYS NC 113 -2.87 76.87 73.47
CA CYS NC 113 -3.64 77.75 72.61
C CYS NC 113 -5.14 77.43 72.58
N GLY NC 114 -5.57 76.32 73.16
CA GLY NC 114 -6.97 75.96 73.17
C GLY NC 114 -7.48 75.31 71.90
N HIS NC 115 -6.60 75.02 70.95
CA HIS NC 115 -7.00 74.37 69.70
C HIS NC 115 -7.09 72.86 69.90
N LEU NC 116 -7.57 72.17 68.87
CA LEU NC 116 -7.80 70.74 68.94
C LEU NC 116 -6.55 69.98 68.53
N LYS NC 117 -6.28 68.87 69.21
CA LYS NC 117 -5.14 68.03 68.90
C LYS NC 117 -5.40 66.62 69.40
N GLN NC 118 -4.61 65.68 68.91
CA GLN NC 118 -4.71 64.30 69.36
C GLN NC 118 -3.74 64.07 70.51
N LYS NC 119 -4.06 63.06 71.33
CA LYS NC 119 -3.29 62.81 72.54
C LYS NC 119 -1.88 62.31 72.25
N HIS NC 120 -1.67 61.66 71.10
CA HIS NC 120 -0.35 61.17 70.72
C HIS NC 120 0.30 62.01 69.62
N ILE NC 121 -0.33 63.09 69.20
CA ILE NC 121 0.16 63.91 68.10
C ILE NC 121 0.34 65.34 68.59
N LEU NC 122 1.46 65.94 68.22
CA LEU NC 122 1.77 67.31 68.62
C LEU NC 122 0.71 68.29 68.10
N CYS NC 123 0.54 69.38 68.84
CA CYS NC 123 -0.48 70.36 68.49
C CYS NC 123 -0.13 71.07 67.19
N GLY NC 124 -1.09 71.11 66.27
CA GLY NC 124 -0.84 71.73 64.97
C GLY NC 124 -0.54 73.21 65.08
N TYR NC 125 -1.29 73.93 65.91
CA TYR NC 125 -1.11 75.37 66.04
C TYR NC 125 0.27 75.70 66.59
N CYS NC 126 0.65 75.09 67.71
CA CYS NC 126 1.94 75.35 68.32
C CYS NC 126 3.08 74.90 67.41
N TYR NC 127 2.91 73.75 66.74
CA TYR NC 127 3.95 73.31 65.83
C TYR NC 127 4.08 74.26 64.64
N GLU NC 128 2.98 74.82 64.16
CA GLU NC 128 3.08 75.81 63.08
C GLU NC 128 3.81 77.06 63.54
N LYS NC 129 3.54 77.52 64.76
CA LYS NC 129 4.30 78.64 65.31
C LYS NC 129 5.79 78.32 65.33
N VAL NC 130 6.15 77.15 65.86
CA VAL NC 130 7.55 76.76 65.97
C VAL NC 130 8.18 76.63 64.59
N ARG NC 131 7.44 76.06 63.63
CA ARG NC 131 7.96 75.89 62.28
C ARG NC 131 8.22 77.22 61.60
N LYS NC 132 7.30 78.19 61.76
CA LYS NC 132 7.52 79.50 61.16
C LYS NC 132 8.72 80.19 61.80
N GLU NC 133 8.84 80.11 63.13
CA GLU NC 133 10.00 80.72 63.78
C GLU NC 133 11.30 80.07 63.32
N THR NC 134 11.30 78.74 63.20
CA THR NC 134 12.47 78.03 62.71
C THR NC 134 12.79 78.43 61.27
N ALA NC 135 11.77 78.61 60.44
CA ALA NC 135 11.99 79.02 59.06
C ALA NC 135 12.64 80.40 59.00
N GLU NC 136 12.17 81.34 59.81
CA GLU NC 136 12.79 82.67 59.84
C GLU NC 136 14.22 82.60 60.35
N ILE NC 137 14.46 81.81 61.40
CA ILE NC 137 15.81 81.68 61.95
C ILE NC 137 16.75 81.09 60.92
N ARG NC 138 16.29 80.05 60.21
CA ARG NC 138 17.13 79.42 59.20
C ARG NC 138 17.36 80.35 58.01
N ARG NC 139 16.35 81.15 57.65
CA ARG NC 139 16.53 82.13 56.59
C ARG NC 139 17.61 83.14 56.96
N GLN NC 140 17.59 83.61 58.21
CA GLN NC 140 18.61 84.57 58.64
C GLN NC 140 20.00 83.93 58.71
N MET NC 141 20.09 82.71 59.25
CA MET NC 141 21.39 82.05 59.35
C MET NC 141 21.95 81.65 57.99
N GLY NC 142 21.08 81.45 56.99
CA GLY NC 142 21.56 81.24 55.63
C GLY NC 142 21.85 82.53 54.88
N LYS NC 143 21.21 83.63 55.27
CA LYS NC 143 21.62 84.93 54.78
C LYS NC 143 23.01 85.30 55.28
N GLN NC 144 23.33 84.88 56.52
CA GLN NC 144 24.68 85.09 57.04
C GLN NC 144 25.73 84.40 56.19
N GLU NC 145 25.43 83.23 55.65
CA GLU NC 145 26.37 82.45 54.84
C GLU NC 145 26.03 82.64 53.37
N GLY NC 146 26.86 83.40 52.66
CA GLY NC 146 26.61 83.70 51.27
C GLY NC 146 26.79 82.54 50.31
N GLY NC 147 27.27 81.39 50.77
CA GLY NC 147 27.51 80.27 49.91
C GLY NC 147 26.75 79.03 50.33
N PRO NC 148 26.68 78.03 49.45
CA PRO NC 148 25.95 76.80 49.77
C PRO NC 148 26.73 75.86 50.68
N PHE NC 149 28.06 75.85 50.55
CA PHE NC 149 28.91 74.94 51.30
C PHE NC 149 29.66 75.62 52.43
N ARG NC 150 29.16 76.76 52.91
CA ARG NC 150 29.77 77.50 54.00
C ARG NC 150 28.93 77.26 55.26
N ALA NC 151 29.25 76.18 55.97
CA ALA NC 151 28.57 75.82 57.21
C ALA NC 151 29.46 76.10 58.40
N PRO NC 152 28.91 76.61 59.50
CA PRO NC 152 29.74 76.94 60.66
C PRO NC 152 30.37 75.69 61.27
N THR NC 153 31.61 75.84 61.72
CA THR NC 153 32.33 74.78 62.41
C THR NC 153 32.19 74.85 63.92
N THR NC 154 31.50 75.87 64.43
CA THR NC 154 31.25 76.04 65.85
C THR NC 154 29.76 76.01 66.12
N GLU NC 155 29.41 76.08 67.41
CA GLU NC 155 28.00 76.13 67.78
C GLU NC 155 27.39 77.47 67.37
N THR NC 156 26.07 77.51 67.39
CA THR NC 156 25.32 78.69 66.97
C THR NC 156 24.30 79.07 68.04
N VAL NC 157 24.08 80.38 68.18
CA VAL NC 157 23.14 80.91 69.16
C VAL NC 157 22.33 82.02 68.50
N VAL NC 158 21.03 82.04 68.74
CA VAL NC 158 20.12 83.05 68.20
C VAL NC 158 19.61 83.91 69.34
N LEU NC 159 19.65 85.23 69.15
CA LEU NC 159 19.13 86.18 70.12
C LEU NC 159 18.19 87.16 69.42
N TYR NC 160 17.32 87.76 70.22
CA TYR NC 160 16.32 88.69 69.76
C TYR NC 160 16.72 90.11 70.15
N SER NC 161 15.94 91.09 69.70
CA SER NC 161 16.20 92.48 70.06
C SER NC 161 16.20 92.65 71.57
N GLY NC 162 17.16 93.45 72.06
CA GLY NC 162 17.27 93.69 73.49
C GLY NC 162 18.00 92.61 74.26
N GLU NC 163 18.90 91.89 73.63
CA GLU NC 163 19.65 90.82 74.27
C GLU NC 163 21.13 90.94 73.95
N THR NC 164 21.96 90.45 74.86
CA THR NC 164 23.40 90.44 74.70
C THR NC 164 23.93 89.04 74.96
N PRO NC 165 24.96 88.62 74.21
CA PRO NC 165 25.52 87.28 74.43
C PRO NC 165 26.22 87.19 75.77
N SER NC 166 25.97 86.10 76.49
CA SER NC 166 26.57 85.90 77.80
C SER NC 166 27.98 85.33 77.64
N GLU NC 167 28.64 85.09 78.77
CA GLU NC 167 29.99 84.52 78.74
C GLU NC 167 29.98 83.10 78.18
N GLN NC 168 28.96 82.31 78.49
CA GLN NC 168 28.85 80.95 77.97
C GLN NC 168 28.32 80.90 76.55
N ASP NC 169 27.79 82.01 76.03
CA ASP NC 169 27.29 82.08 74.67
C ASP NC 169 28.27 82.73 73.70
N GLN NC 170 29.36 83.31 74.20
CA GLN NC 170 30.36 83.92 73.34
C GLN NC 170 31.25 82.85 72.72
N GLY NC 171 31.89 83.21 71.61
CA GLY NC 171 32.71 82.29 70.87
C GLY NC 171 31.97 81.42 69.87
N LYS NC 172 30.66 81.55 69.79
CA LYS NC 172 29.82 80.82 68.85
C LYS NC 172 29.30 81.77 67.78
N ARG NC 173 28.86 81.21 66.66
CA ARG NC 173 28.21 82.03 65.65
C ARG NC 173 26.92 82.59 66.20
N ILE NC 174 26.60 83.83 65.84
CA ILE NC 174 25.51 84.57 66.46
C ILE NC 174 24.52 84.98 65.38
N ILE NC 175 23.24 84.84 65.69
CA ILE NC 175 22.15 85.30 64.82
C ILE NC 175 21.34 86.32 65.62
N GLU NC 176 21.02 87.45 64.99
CA GLU NC 176 20.29 88.53 65.64
C GLU NC 176 18.96 88.74 64.92
N ARG NC 177 17.87 88.78 65.68
CA ARG NC 177 16.55 88.99 65.12
C ARG NC 177 15.92 90.28 65.66
N GLU NC 178 15.21 90.98 64.77
CA GLU NC 178 14.53 92.20 65.16
C GLU NC 178 13.31 91.93 66.02
N ARG NC 179 12.67 90.77 65.84
CA ARG NC 179 11.52 90.39 66.67
C ARG NC 179 11.95 90.21 68.11
N LYS NC 180 11.01 90.45 69.03
CA LYS NC 180 11.25 90.19 70.44
C LYS NC 180 11.21 88.69 70.73
N ARG NC 181 11.75 88.32 71.88
CA ARG NC 181 11.80 86.91 72.24
C ARG NC 181 10.40 86.38 72.52
N PRO NC 182 10.01 85.27 71.89
CA PRO NC 182 8.68 84.71 72.15
C PRO NC 182 8.59 84.13 73.56
N SER NC 183 7.35 84.03 74.03
CA SER NC 183 7.11 83.47 75.36
C SER NC 183 7.50 82.00 75.43
N TRP NC 184 7.23 81.23 74.38
CA TRP NC 184 7.55 79.80 74.40
C TRP NC 184 9.05 79.55 74.29
N PHE NC 185 9.81 80.47 73.67
CA PHE NC 185 11.24 80.29 73.48
C PHE NC 185 11.96 80.77 74.72
N THR NC 186 12.66 79.87 75.40
CA THR NC 186 13.36 80.18 76.64
C THR NC 186 14.83 80.47 76.37
N GLN NC 187 15.40 81.36 77.17
CA GLN NC 187 16.81 81.74 77.02
C GLN NC 187 17.72 80.52 77.11
N ASN NC 188 17.74 79.86 78.27
CA ASN NC 188 18.62 78.73 78.53
C ASN NC 188 20.09 79.07 78.26
N SER OC 13 -39.68 -6.12 -33.74
CA SER OC 13 -40.90 -5.93 -34.52
C SER OC 13 -41.51 -4.55 -34.27
N LYS OC 14 -41.21 -3.60 -35.15
CA LYS OC 14 -41.72 -2.24 -35.03
C LYS OC 14 -43.01 -2.08 -35.82
N THR OC 15 -43.94 -1.34 -35.26
CA THR OC 15 -45.20 -1.03 -35.91
C THR OC 15 -45.07 0.26 -36.71
N ILE OC 16 -46.13 0.60 -37.44
CA ILE OC 16 -46.15 1.79 -38.29
C ILE OC 16 -47.52 2.44 -38.17
N LEU OC 17 -47.56 3.77 -38.12
CA LEU OC 17 -48.81 4.53 -38.06
C LEU OC 17 -49.10 5.09 -39.44
N VAL OC 18 -50.24 4.69 -40.01
CA VAL OC 18 -50.57 5.01 -41.39
C VAL OC 18 -51.91 5.73 -41.44
N LYS OC 19 -51.98 6.79 -42.22
CA LYS OC 19 -53.20 7.55 -42.40
C LYS OC 19 -53.84 7.15 -43.73
N MET OC 20 -55.06 6.65 -43.63
CA MET OC 20 -55.81 6.07 -44.74
C MET OC 20 -57.04 6.95 -45.01
N MET OC 21 -57.29 7.24 -46.28
CA MET OC 21 -58.42 8.07 -46.70
C MET OC 21 -59.44 7.26 -47.49
N SER OC 22 -60.68 7.76 -47.51
CA SER OC 22 -61.79 7.10 -48.16
C SER OC 22 -61.60 7.05 -49.67
N GLN OC 23 -62.18 6.01 -50.28
CA GLN OC 23 -62.25 5.89 -51.73
C GLN OC 23 -63.59 6.32 -52.28
N ALA OC 24 -64.46 6.90 -51.46
CA ALA OC 24 -65.78 7.36 -51.89
C ALA OC 24 -65.77 8.78 -52.43
N GLY OC 25 -64.59 9.36 -52.63
CA GLY OC 25 -64.49 10.70 -53.17
C GLY OC 25 -64.47 11.76 -52.09
N THR OC 26 -65.27 11.56 -51.04
CA THR OC 26 -65.30 12.49 -49.94
C THR OC 26 -63.99 12.45 -49.17
N GLY OC 27 -63.58 13.60 -48.64
CA GLY OC 27 -62.37 13.66 -47.84
C GLY OC 27 -62.60 13.16 -46.44
N PHE OC 28 -62.10 11.97 -46.14
CA PHE OC 28 -62.27 11.39 -44.80
C PHE OC 28 -61.07 10.51 -44.52
N SER OC 29 -60.29 10.87 -43.50
CA SER OC 29 -59.06 10.17 -43.15
C SER OC 29 -59.15 9.64 -41.72
N PHE OC 30 -58.48 8.52 -41.49
CA PHE OC 30 -58.30 8.01 -40.14
C PHE OC 30 -56.98 7.25 -40.05
N ASN OC 31 -56.44 7.19 -38.84
CA ASN OC 31 -55.12 6.62 -38.59
C ASN OC 31 -55.25 5.20 -38.06
N THR OC 32 -54.30 4.35 -38.43
CA THR OC 32 -54.32 2.95 -38.05
C THR OC 32 -52.89 2.48 -37.81
N LYS OC 33 -52.72 1.64 -36.79
CA LYS OC 33 -51.43 1.01 -36.53
C LYS OC 33 -51.29 -0.23 -37.41
N ARG OC 34 -50.11 -0.38 -38.01
CA ARG OC 34 -49.84 -1.47 -38.95
C ARG OC 34 -48.44 -1.99 -38.70
N SER OC 35 -48.17 -3.18 -39.25
CA SER OC 35 -46.84 -3.77 -39.19
C SER OC 35 -46.01 -3.29 -40.37
N ARG OC 36 -44.73 -3.05 -40.10
CA ARG OC 36 -43.85 -2.49 -41.12
C ARG OC 36 -43.65 -3.44 -42.29
N LEU OC 37 -43.55 -4.74 -42.00
CA LEU OC 37 -43.24 -5.75 -43.02
C LEU OC 37 -44.46 -6.20 -43.82
N ARG OC 38 -45.60 -5.54 -43.67
CA ARG OC 38 -46.80 -5.94 -44.38
C ARG OC 38 -46.91 -5.15 -45.70
N GLU OC 39 -47.92 -5.52 -46.49
CA GLU OC 39 -48.15 -4.88 -47.78
C GLU OC 39 -48.88 -3.55 -47.58
N LYS OC 40 -49.30 -2.92 -48.67
CA LYS OC 40 -50.07 -1.69 -48.59
C LYS OC 40 -51.44 -1.98 -47.97
N LEU OC 41 -51.88 -1.10 -47.07
CA LEU OC 41 -53.07 -1.35 -46.29
C LEU OC 41 -54.33 -0.99 -47.06
N THR OC 42 -55.30 -1.90 -47.07
CA THR OC 42 -56.57 -1.68 -47.76
C THR OC 42 -57.65 -2.43 -46.99
N LEU OC 43 -58.65 -1.71 -46.49
CA LEU OC 43 -59.68 -2.29 -45.63
C LEU OC 43 -61.06 -1.79 -46.05
N LEU OC 44 -62.08 -2.26 -45.34
CA LEU OC 44 -63.44 -1.79 -45.47
C LEU OC 44 -63.84 -1.12 -44.17
N HIS OC 45 -63.89 0.21 -44.17
CA HIS OC 45 -64.22 1.01 -43.00
C HIS OC 45 -65.61 1.60 -43.22
N TYR OC 46 -66.11 2.35 -42.23
CA TYR OC 46 -67.41 3.00 -42.30
C TYR OC 46 -67.21 4.49 -42.50
N ASP OC 47 -67.86 5.05 -43.52
CA ASP OC 47 -67.76 6.48 -43.81
C ASP OC 47 -69.05 7.16 -43.38
N PRO OC 48 -68.99 8.07 -42.40
CA PRO OC 48 -70.19 8.78 -41.95
C PRO OC 48 -70.64 9.90 -42.89
N VAL OC 49 -69.75 10.41 -43.75
CA VAL OC 49 -70.16 11.44 -44.70
C VAL OC 49 -71.14 10.85 -45.71
N VAL OC 50 -70.80 9.69 -46.29
CA VAL OC 50 -71.74 8.97 -47.14
C VAL OC 50 -72.51 7.91 -46.37
N LYS OC 51 -72.15 7.67 -45.11
CA LYS OC 51 -72.86 6.72 -44.25
C LYS OC 51 -72.91 5.33 -44.88
N LYS OC 52 -71.76 4.86 -45.33
CA LYS OC 52 -71.70 3.62 -46.10
C LYS OC 52 -70.42 2.85 -45.81
N LYS OC 53 -70.45 1.57 -46.14
CA LYS OC 53 -69.28 0.70 -46.01
C LYS OC 53 -68.37 1.01 -47.19
N VAL OC 54 -67.25 1.67 -46.90
CA VAL OC 54 -66.39 2.23 -47.93
C VAL OC 54 -65.00 1.62 -47.83
N LEU OC 55 -64.42 1.31 -48.99
CA LEU OC 55 -63.05 0.85 -49.07
C LEU OC 55 -62.11 2.00 -48.74
N PHE OC 56 -61.18 1.76 -47.82
CA PHE OC 56 -60.19 2.74 -47.40
C PHE OC 56 -58.81 2.20 -47.73
N VAL OC 57 -57.99 3.02 -48.39
CA VAL OC 57 -56.65 2.62 -48.83
C VAL OC 57 -55.62 3.50 -48.13
N GLU OC 58 -54.40 2.96 -48.02
CA GLU OC 58 -53.29 3.70 -47.45
C GLU OC 58 -52.79 4.76 -48.40
N GLN OC 59 -52.59 5.97 -47.89
CA GLN OC 59 -51.88 6.97 -48.68
C GLN OC 59 -50.68 7.56 -47.93
N LYS OC 60 -50.83 7.87 -46.64
CA LYS OC 60 -49.72 8.52 -45.96
C LYS OC 60 -49.20 7.70 -44.78
N LYS OC 61 -47.93 7.94 -44.46
CA LYS OC 61 -47.26 7.40 -43.28
C LYS OC 61 -47.01 8.56 -42.32
N ILE OC 62 -47.57 8.50 -41.13
CA ILE OC 62 -47.45 9.62 -40.20
C ILE OC 62 -46.33 9.35 -39.20
N ARG OC 63 -46.46 8.28 -38.42
CA ARG OC 63 -45.52 7.98 -37.35
C ARG OC 63 -44.98 6.57 -37.53
N SER OC 64 -43.76 6.37 -37.05
CA SER OC 64 -43.11 5.06 -37.11
C SER OC 64 -43.67 4.13 -36.05
ZN ZN PC . -20.49 -34.80 50.53
MG MG QC . -38.15 48.00 23.87
MG MG RC . -70.25 23.69 36.40
MG MG SC . -24.89 23.05 19.29
MG MG TC . -37.68 20.45 19.51
MG MG UC . 21.82 23.25 41.93
MG MG VC . -5.08 28.79 -2.29
MG MG WC . -4.65 24.43 1.60
MG MG XC . -0.49 28.92 -4.66
MG MG YC . -36.11 10.44 34.11
MG MG ZC . -30.96 9.11 12.37
MG MG AD . -33.40 17.02 18.22
MG MG BD . 6.08 35.12 11.24
MG MG CD . -31.73 46.89 3.51
MG MG DD . -38.40 42.85 3.22
MG MG ED . -23.48 32.63 9.46
MG MG FD . -18.41 24.90 4.43
MG MG GD . -12.61 15.78 29.19
MG MG HD . -14.01 24.65 33.00
MG MG ID . -30.36 33.26 51.54
MG MG JD . -31.21 16.06 39.14
MG MG KD . 27.44 22.77 42.87
MG MG LD . -0.52 11.28 13.23
MG MG MD . -33.35 29.70 17.55
MG MG ND . -27.76 32.24 25.65
MG MG OD . -38.86 37.04 22.34
MG MG PD . -30.36 38.47 27.65
MG MG QD . -32.70 29.49 18.60
MG MG RD . 20.95 23.46 9.60
MG MG SD . 17.35 28.21 23.46
MG MG TD . 27.38 23.49 23.25
MG MG UD . -29.58 39.53 -18.41
MG MG VD . -4.91 48.78 42.03
MG MG WD . -9.10 54.25 46.94
MG MG XD . -23.25 51.62 31.66
MG MG YD . -42.73 8.88 18.22
MG MG ZD . -39.63 11.77 15.09
MG MG AE . -40.39 16.77 12.81
MG MG BE . -39.87 26.70 1.98
MG MG CE . -46.36 22.13 5.62
MG MG DE . -44.94 27.27 8.54
MG MG EE . -30.56 -0.08 20.41
MG MG FE . -36.00 68.44 15.38
MG MG GE . -27.18 43.87 26.86
MG MG HE . 17.56 33.60 3.56
MG MG IE . 16.85 28.63 0.19
MG MG JE . -49.94 54.41 16.34
MG MG KE . 9.27 12.79 15.01
MG MG LE . -25.43 20.51 42.68
MG MG ME . 8.66 28.41 12.51
MG MG NE . 8.12 22.43 40.96
MG MG OE . -21.13 53.77 42.57
MG MG PE . -21.19 54.77 34.77
MG MG QE . -43.74 34.81 15.36
MG MG RE . -15.25 42.65 43.02
MG MG SE . -37.53 24.05 -2.62
MG MG TE . 1.28 36.62 9.07
MG MG UE . -39.90 20.48 49.83
MG MG VE . -38.81 58.85 42.20
MG MG WE . -24.66 10.97 20.59
MG MG XE . -42.46 31.86 53.16
MG MG YE . -21.44 30.92 27.17
MG MG ZE . -7.45 30.68 29.78
MG MG AF . 10.90 12.90 -21.30
MG MG BF . -69.30 9.34 -5.53
MG MG CF . -49.80 19.49 41.26
MG MG DF . -48.80 40.39 23.72
MG MG EF . -42.47 21.19 -11.88
MG MG FF . 10.51 33.79 39.96
MG MG GF . 27.94 27.88 -4.34
MG MG HF . -5.42 53.98 18.51
MG MG IF . -28.50 8.40 4.72
MG MG JF . -27.56 30.97 13.47
MG MG KF . 11.27 89.06 6.17
MG MG LF . 12.70 10.57 7.05
MG MG MF . -8.44 19.23 27.82
MG MG NF . -11.04 49.25 4.16
MG MG OF . -51.30 -2.52 -3.52
MG MG PF . -66.14 29.90 24.07
MG MG QF . -30.52 30.73 -6.88
MG MG RF . -56.12 10.12 16.27
MG MG SF . -28.94 20.04 -6.43
MG MG TF . -26.50 9.13 -7.12
MG MG UF . -39.15 63.49 10.55
MG MG VF . 19.41 -28.70 51.85
MG MG WF . -37.49 35.68 -9.99
MG MG XF . 7.14 41.67 4.93
MG MG YF . -65.61 18.63 49.13
MG MG ZF . -43.75 52.84 27.13
MG MG AG . -44.23 29.17 -16.88
MG MG BG . -31.77 16.99 -0.78
MG MG CG . -78.74 0.82 -27.77
MG MG DG . 4.76 37.01 46.02
MG MG EG . 1.52 29.69 26.14
MG MG FG . -9.33 3.45 46.93
MG MG GG . -31.11 29.26 36.33
MG MG HG . -34.29 31.28 29.51
MG MG IG . -29.65 -33.93 71.94
MG MG JG . 16.96 10.18 -1.97
MG MG KG . -33.89 21.54 29.79
MG MG LG . -9.35 9.43 44.62
MG MG MG . -27.67 30.29 24.36
MG MG NG . -25.13 40.42 23.60
MG MG OG . 8.46 11.39 31.60
MG MG PG . 23.53 21.01 -21.22
MG MG QG . -43.55 21.11 33.42
MG MG RG . 19.03 19.92 -12.34
MG MG SG . 12.72 12.32 27.98
MG MG TG . 7.48 12.76 58.07
MG MG UG . -26.51 50.99 -1.05
MG MG VG . -17.07 17.59 26.19
MG MG WG . -32.88 56.83 0.33
MG MG XG . -3.10 80.61 28.18
MG MG YG . -16.77 -8.05 47.35
MG MG ZG . 31.37 48.94 5.97
MG MG AH . 0.45 60.07 -6.71
MG MG BH . -51.59 11.14 -10.31
MG MG CH . -26.47 18.01 28.44
MG MG DH . 3.20 4.51 2.46
MG MG EH . -4.41 -10.03 49.54
MG MG FH . -67.97 26.90 44.59
MG MG GH . -4.38 42.32 73.26
MG MG HH . 20.70 32.79 37.70
MG MG IH . 11.87 14.58 -4.45
MG MG JH . -19.32 25.35 30.16
MG MG KH . 11.36 26.69 -6.44
MG MG LH . 7.70 42.40 -3.82
MG MG MH . 8.87 75.12 7.37
MG MG NH . 7.36 29.49 -12.05
MG MG OH . 3.09 7.28 -11.50
MG MG PH . 1.77 19.55 12.15
MG MG QH . -36.18 47.28 -16.24
MG MG RH . 4.65 16.64 -18.56
MG MG SH . -1.29 34.15 26.68
MG MG TH . 19.83 1.57 -3.64
MG MG UH . 24.31 -1.55 23.15
MG MG VH . 27.85 40.22 3.01
MG MG WH . 24.32 38.68 11.77
MG MG XH . -48.31 0.11 19.13
MG MG YH . -28.72 39.36 -12.84
MG MG ZH . 3.80 57.10 -3.33
MG MG AI . 23.67 24.57 22.62
MG MG BI . 22.22 25.88 17.65
MG MG CI . -78.95 -4.88 10.57
MG MG DI . -67.82 46.68 -4.89
MG MG EI . -15.48 37.48 46.28
MG MG FI . -57.66 60.01 -28.25
MG MG GI . 5.53 12.25 -10.27
MG MG HI . 18.74 8.48 1.03
MG MG II . 2.80 54.98 43.58
MG MG JI . 6.80 51.43 47.53
MG MG KI . 7.28 59.11 39.41
MG MG LI . -81.87 5.94 8.26
MG MG MI . -8.36 34.91 39.03
MG MG NI . -7.75 57.21 10.71
MG MG OI . 25.48 35.38 6.76
MG MG PI . -14.12 11.86 72.13
MG MG QI . -4.69 16.26 7.51
MG MG RI . -51.37 5.12 -2.74
MG MG SI . -16.46 28.50 38.94
MG MG TI . -33.35 65.56 13.41
MG MG UI . -44.02 15.19 -9.93
MG MG VI . -30.85 36.32 -8.06
MG MG WI . -32.59 34.54 -7.58
MG MG XI . -58.91 49.04 8.23
MG MG YI . -0.93 14.61 -32.14
MG MG ZI . -1.16 12.96 -36.14
MG MG AJ . -20.25 22.36 -24.25
MG MG BJ . -66.16 18.43 31.94
MG MG CJ . -3.72 69.04 15.87
MG MG DJ . 12.88 78.68 16.69
MG MG EJ . -8.09 68.52 38.52
MG MG FJ . 15.93 4.75 6.08
MG MG GJ . -18.32 8.13 25.24
MG MG HJ . -19.48 7.77 20.14
MG MG IJ . 15.59 29.77 6.67
MG MG JJ . -46.17 33.76 -31.96
MG MG KJ . 11.07 43.31 20.37
MG MG LJ . 17.01 28.96 49.65
MG MG MJ . -34.69 11.33 55.78
MG MG NJ . -19.06 32.35 -13.32
MG MG OJ . -17.93 31.99 -15.57
MG MG PJ . -67.42 59.21 18.99
MG MG QJ . -36.68 21.58 47.26
MG MG RJ . -55.96 21.03 20.25
MG MG SJ . -77.75 27.77 40.53
MG MG TJ . -31.55 -51.96 53.37
MG MG UJ . 19.74 44.40 18.44
MG MG VJ . -19.59 -32.41 66.12
MG MG WJ . 13.31 33.09 7.40
MG MG XJ . -43.23 28.47 -16.50
MG MG YJ . -21.93 6.86 30.39
MG MG ZJ . -7.33 41.26 -11.89
MG MG AK . -19.04 38.92 -12.39
MG MG BK . 15.78 36.77 31.00
MG MG CK . -20.15 -11.22 44.30
MG MG DK . -30.68 -4.93 30.58
MG MG EK . 13.74 4.26 11.94
MG MG FK . -35.93 -67.94 48.48
MG MG GK . -14.17 -37.87 30.13
MG MG HK . 16.21 95.98 -3.45
MG MG IK . 7.87 -14.35 61.14
MG MG JK . -40.70 17.38 -10.56
MG MG KK . -34.99 23.31 26.86
MG MG LK . -61.70 42.82 9.56
MG MG MK . -17.30 27.53 13.54
MG MG NK . -47.28 25.27 15.74
MG MG OK . -59.84 27.94 2.10
MG MG PK . 0.15 22.55 16.25
MG MG QK . 13.67 12.09 22.23
MG MG RK . 7.98 23.19 -9.29
P 5GP SK . -36.52 20.97 -31.56
O1P 5GP SK . -35.31 21.55 -32.24
O2P 5GP SK . -37.49 20.26 -32.49
O3P 5GP SK . -36.23 20.23 -30.27
O5' 5GP SK . -37.33 22.25 -31.09
C5' 5GP SK . -38.67 22.13 -30.60
C4' 5GP SK . -38.90 23.03 -29.40
O4' 5GP SK . -40.32 23.08 -29.11
C3' 5GP SK . -38.21 22.58 -28.11
O3' 5GP SK . -37.80 23.73 -27.37
C2' 5GP SK . -39.33 21.87 -27.36
O2' 5GP SK . -39.17 21.82 -25.96
C1' 5GP SK . -40.55 22.71 -27.77
N9 5GP SK . -41.83 22.00 -27.67
C8 5GP SK . -42.92 22.49 -27.06
N7 5GP SK . -43.93 21.59 -27.17
C5 5GP SK . -43.45 20.54 -27.87
C6 5GP SK . -44.02 19.35 -28.29
O6 5GP SK . -45.21 19.08 -28.00
N1 5GP SK . -43.29 18.47 -28.98
C2 5GP SK . -42.01 18.74 -29.28
N2 5GP SK . -41.29 17.84 -30.00
N3 5GP SK . -41.43 19.89 -28.90
C4 5GP SK . -42.13 20.81 -28.19
P 5GP TK . -52.01 24.37 22.27
O1P 5GP TK . -51.98 25.81 22.73
O2P 5GP TK . -53.15 24.04 21.35
O3P 5GP TK . -51.76 23.35 23.36
O5' 5GP TK . -50.71 24.27 21.33
C5' 5GP TK . -50.35 25.35 20.49
C4' 5GP TK . -49.85 24.88 19.15
O4' 5GP TK . -50.74 23.83 18.65
C3' 5GP TK . -49.81 25.95 18.06
O3' 5GP TK . -48.74 25.67 17.16
C2' 5GP TK . -51.15 25.75 17.35
O2' 5GP TK . -51.19 26.23 16.03
C1' 5GP TK . -51.29 24.23 17.40
N9 5GP TK . -52.67 23.75 17.34
C8 5GP TK . -53.57 23.79 18.34
N7 5GP TK . -54.73 23.25 17.91
C5 5GP TK . -54.55 22.85 16.64
C6 5GP TK . -55.37 22.25 15.70
O6 5GP TK . -56.55 21.95 15.99
N1 5GP TK . -54.89 21.98 14.48
C2 5GP TK . -53.63 22.29 14.15
N2 5GP TK . -53.17 22.00 12.91
N3 5GP TK . -52.80 22.88 15.04
C4 5GP TK . -53.24 23.17 16.29
N1 SPM UK . -5.32 52.06 27.89
C2 SPM UK . -5.93 53.10 28.74
C3 SPM UK . -5.64 54.49 28.18
C4 SPM UK . -4.13 54.72 28.13
N5 SPM UK . -3.82 56.04 27.54
C6 SPM UK . -4.34 57.10 28.41
C7 SPM UK . -3.31 57.47 29.49
C8 SPM UK . -3.80 58.72 30.23
C9 SPM UK . -3.93 59.88 29.25
N10 SPM UK . -5.05 60.76 29.62
C11 SPM UK . -5.19 61.82 28.60
C12 SPM UK . -6.58 62.44 28.65
C13 SPM UK . -6.71 63.47 27.53
N14 SPM UK . -8.09 63.93 27.40
N1 SPM VK . 7.51 42.88 61.40
C2 SPM VK . 8.80 42.64 60.75
C3 SPM VK . 9.20 43.83 59.87
C4 SPM VK . 9.25 45.09 60.73
N5 SPM VK . 9.61 46.26 59.92
C6 SPM VK . 9.42 47.48 60.71
C7 SPM VK . 10.49 47.62 61.79
C8 SPM VK . 9.90 48.35 63.00
C9 SPM VK . 11.02 48.97 63.82
N10 SPM VK . 12.16 48.06 63.96
C11 SPM VK . 12.83 48.30 65.24
C12 SPM VK . 11.99 47.74 66.40
C13 SPM VK . 12.79 47.81 67.70
N14 SPM VK . 12.08 47.15 68.80
MG MG WK . -23.50 8.54 15.77
MG MG XK . -5.30 15.54 4.48
MG MG YK . -104.04 -44.76 -16.22
MG MG ZK . 26.61 46.03 -24.01
MG MG AL . 18.56 48.46 -23.36
MG MG BL . 12.15 33.48 -17.28
MG MG CL . 5.39 32.39 33.70
MG MG DL . -41.50 35.63 -3.29
MG MG EL . -76.79 47.27 -23.75
MG MG FL . -55.22 37.36 18.32
MG MG GL . -36.19 -22.21 30.65
MG MG HL . 3.62 35.20 61.22
MG MG IL . -11.03 67.50 7.77
MG MG JL . 5.38 78.48 3.58
MG MG KL . -81.35 43.22 -3.98
MG MG LL . -39.94 4.78 30.69
ZN ZN ML . -56.13 -29.61 65.06
N1 SPM NL . 67.48 6.63 -36.10
C2 SPM NL . 67.02 6.53 -34.72
C3 SPM NL . 66.00 5.40 -34.55
C4 SPM NL . 65.80 5.09 -33.07
N5 SPM NL . 64.95 6.11 -32.43
C6 SPM NL . 64.69 5.70 -31.04
C7 SPM NL . 63.40 6.33 -30.51
C8 SPM NL . 62.96 5.58 -29.25
C9 SPM NL . 61.44 5.68 -29.10
N10 SPM NL . 61.03 7.05 -28.79
C11 SPM NL . 60.56 7.12 -27.40
C12 SPM NL . 59.22 6.41 -27.25
C13 SPM NL . 58.67 6.66 -25.84
N14 SPM NL . 57.25 6.26 -25.75
MG MG OL . 61.04 -52.93 -11.58
MG MG PL . 34.63 -5.31 -30.65
MG MG QL . 23.38 13.72 -39.98
MG MG RL . 42.18 -2.03 -23.86
MG MG SL . 48.69 -38.42 0.76
MG MG TL . 21.37 -3.92 -34.27
MG MG UL . 65.23 -1.23 29.33
MG MG VL . 63.35 -31.95 21.66
MG MG WL . 60.01 -36.86 19.81
MG MG XL . 27.60 -20.95 -35.72
MG MG YL . 54.89 -26.82 32.15
MG MG ZL . 45.18 -32.37 -33.70
MG MG AM . 48.36 -16.82 -45.07
MG MG BM . 35.59 13.02 -34.65
MG MG CM . 41.78 -0.86 -16.33
MG MG DM . 65.29 1.41 -29.78
MG MG EM . 49.14 0.35 -39.75
MG MG FM . 44.17 10.33 -31.70
MG MG GM . 29.71 -14.21 -36.34
MG MG HM . 68.97 9.07 -30.08
MG MG IM . 0.79 -76.46 -48.07
MG MG JM . -4.09 -50.61 -46.24
MG MG KM . 61.17 -12.98 32.26
MG MG LM . 4.74 -83.42 -36.51
MG MG MM . 36.20 -62.67 -59.97
MG MG NM . 63.17 -11.19 15.68
MG MG OM . 48.93 -2.88 -4.77
MG MG PM . 21.47 -59.33 -28.60
MG MG QM . 3.46 -2.51 -51.88
MG MG RM . 2.37 -77.04 -26.22
MG MG SM . 53.49 -47.78 -5.44
MG MG TM . -3.30 -48.45 -50.97
MG MG UM . 26.46 -56.17 -28.96
MG MG VM . 15.30 -76.23 -17.79
MG MG WM . 2.88 -81.02 -22.06
MG MG XM . 54.18 -12.92 -28.62
MG MG YM . 6.34 -60.21 -60.95
MG MG ZM . 56.31 -36.34 28.49
MG MG AN . 23.02 -18.54 -39.64
MG MG BN . 29.34 -59.14 -31.45
MG MG CN . 40.72 -61.96 -7.06
MG MG DN . 9.63 -60.09 -45.94
MG MG EN . 69.03 -11.82 36.32
MG MG FN . 39.88 12.21 -58.45
MG MG GN . 86.85 2.17 18.36
MG MG HN . -11.67 -88.70 -37.88
MG MG IN . 19.92 -2.25 -39.22
MG MG JN . 77.51 -28.59 45.34
MG MG KN . 48.57 -54.51 -1.50
MG MG LN . 29.37 19.86 -61.47
MG MG MN . 57.62 -1.95 -33.96
MG MG NN . 33.06 -8.12 -38.27
MG MG ON . 75.58 -14.71 24.40
MG MG PN . 62.70 -33.49 -20.23
MG MG QN . 8.18 -62.60 -28.97
MG MG RN . 50.02 -1.27 -26.94
MG MG SN . 52.61 -57.66 -54.67
MG MG TN . 30.42 -17.02 -38.83
MG MG UN . 66.89 14.90 -43.23
MG MG VN . 42.83 -19.98 -41.52
MG MG WN . 36.11 -19.79 -40.13
MG MG XN . 13.67 -5.08 -37.71
MG MG YN . 63.78 -20.27 -19.55
MG MG ZN . 48.34 -29.44 -25.26
MG MG AO . 89.79 -23.05 40.05
MG MG BO . 92.12 -22.45 45.02
MG MG CO . 42.88 23.41 -42.02
MG MG DO . 28.38 18.69 -32.99
MG MG EO . 65.68 -2.28 28.69
MG MG FO . -2.31 -56.07 -38.36
MG MG GO . 20.71 22.11 -49.49
MG MG HO . 54.19 -38.76 24.04
MG MG IO . 83.64 -6.76 50.92
MG MG JO . 20.08 6.10 -46.41
MG MG KO . 25.37 -73.96 -24.54
MG MG LO . 93.44 4.68 23.67
MG MG MO . 25.92 -62.23 -55.32
MG MG NO . 51.16 -16.56 -12.48
MG MG OO . 66.08 -22.84 34.27
MG MG PO . 29.49 -21.00 -47.33
MG MG QO . 54.38 -6.35 -31.43
MG MG RO . 45.31 -52.20 -57.61
MG MG SO . -13.56 -62.77 -58.02
MG MG TO . 60.95 6.03 -45.32
MG MG UO . 32.12 -61.48 -68.60
MG MG VO . 30.62 -71.68 -72.20
MG MG WO . 82.46 -30.87 27.21
MG MG XO . 61.51 -2.04 11.70
MG MG YO . 15.35 -58.29 -26.59
MG MG ZO . 19.77 -27.66 -26.23
MG MG AP . 57.55 -46.10 -44.98
MG MG BP . 60.87 -32.49 -42.31
MG MG CP . 70.29 -42.28 15.73
MG MG DP . 49.98 -49.13 0.37
MG MG EP . 21.45 -52.50 -36.58
MG MG FP . 20.49 -67.07 -23.00
MG MG GP . -23.26 -59.92 -55.51
MG MG HP . 23.17 -79.86 -25.11
MG MG IP . 55.61 -33.69 29.68
MG MG JP . 14.12 -45.88 -57.74
MG MG KP . -2.23 -54.80 -55.79
MG MG LP . 75.62 -30.09 -69.93
MG MG MP . 49.22 -44.18 19.18
ZN ZN NP . 62.79 8.67 -71.19
MG MG OP . -10.07 15.55 6.43
MG MG PP . 26.28 -31.04 -34.61
ZN ZN QP . 89.72 -35.01 20.95
PG GTP RP . -19.90 -69.34 -87.61
O1G GTP RP . -20.94 -68.28 -87.38
O2G GTP RP . -18.79 -69.19 -86.58
O3G GTP RP . -20.52 -70.70 -87.46
O3B GTP RP . -19.26 -69.19 -89.08
PB GTP RP . -20.14 -68.74 -90.35
O1B GTP RP . -21.60 -69.09 -90.16
O2B GTP RP . -19.60 -69.36 -91.61
O3A GTP RP . -19.98 -67.14 -90.39
PA GTP RP . -20.68 -66.30 -91.58
O1A GTP RP . -20.33 -66.93 -92.91
O2A GTP RP . -22.17 -66.27 -91.38
O5' GTP RP . -20.04 -64.82 -91.50
C5' GTP RP . -18.66 -64.67 -91.62
C4' GTP RP . -18.35 -63.62 -92.69
O4' GTP RP . -18.13 -64.25 -93.94
C3' GTP RP . -19.51 -62.66 -92.91
O3' GTP RP . -19.32 -61.47 -92.18
C2' GTP RP . -19.49 -62.39 -94.40
O2' GTP RP . -18.99 -61.09 -94.65
C1' GTP RP . -18.57 -63.44 -95.00
N9 GTP RP . -19.31 -64.27 -95.98
C8 GTP RP . -19.30 -65.64 -96.01
N7 GTP RP . -20.06 -66.05 -97.04
C5 GTP RP . -20.55 -64.96 -97.69
C6 GTP RP . -21.38 -64.83 -98.79
O6 GTP RP . -21.80 -65.82 -99.38
N1 GTP RP . -21.71 -63.57 -99.24
C2 GTP RP . -21.24 -62.46 -98.58
N2 GTP RP . -21.57 -61.24 -99.01
N3 GTP RP . -20.42 -62.60 -97.47
C4 GTP RP . -20.07 -63.83 -97.03
MG MG SP . -22.73 -68.49 -88.49
MG MG TP . 47.82 -23.20 -54.18
MG MG UP . 37.00 -15.86 -18.97
ZN ZN VP . 78.33 -57.42 2.55
MG MG WP . -65.48 18.30 30.88
ZN ZN XP . -1.56 74.25 70.87
#